data_6YNX
#
_entry.id   6YNX
#
_cell.length_a   1.00
_cell.length_b   1.00
_cell.length_c   1.00
_cell.angle_alpha   90.00
_cell.angle_beta   90.00
_cell.angle_gamma   90.00
#
_symmetry.space_group_name_H-M   'P 1'
#
loop_
_entity.id
_entity.type
_entity.pdbx_description
1 polymer 'subunit a'
2 polymer 'subunit b'
3 polymer 'subunit d'
4 polymer 'subunit f'
5 polymer 'subunit i/j'
6 polymer 'subunit k'
7 polymer 'subunit 8'
8 polymer ATPTT3
9 polymer ATPTT4
10 polymer ATPTT5
11 polymer ATPTT6
12 polymer ATPTT7
13 polymer ATPTT8
14 polymer ATPTT9
15 polymer ATPTT10
16 polymer ATPTT11
17 polymer ATPTT12
18 polymer ATPTT13
19 polymer ATPTT1
20 polymer 'Inhibitor of F1 (IF1)'
21 polymer ATPTT2
22 non-polymer CARDIOLIPIN
23 non-polymer 1,2-DIACYL-SN-GLYCERO-3-PHOSPHOCHOLINE
24 non-polymer 'PHOSPHATE ION'
25 non-polymer Ubiquinone-8
26 non-polymer "ADENOSINE-5'-TRIPHOSPHATE"
27 non-polymer 'MAGNESIUM ION'
28 non-polymer 1,2-dioleoyl-sn-glycero-3-phosphoethanolamine
29 non-polymer NICOTINAMIDE-ADENINE-DINUCLEOTIDE
#
loop_
_entity_poly.entity_id
_entity_poly.type
_entity_poly.pdbx_seq_one_letter_code
_entity_poly.pdbx_strand_id
1 'polypeptide(L)'
;MGRENVLPVHNDVYEDFVFTTPYFQPESTFKSVPKLFSDILLGGVEWVYTTSESVLAYDYKLWYLWSGVSNLDESFDMFF
NQYWALSLSTSVFQLFYAVILDRYLSVLFQNTPYTNDWFRMMLHSKETALIWLYHPELSWHINGLNQFFTYFYGGILEFV
YFDKSNPDMCILVHTLWIHLLILFLIFTGFVTILFSFYGNPNTEENTIDSDYLAASGTVEAEKEITSIDDYLGLVFAIAY
VFGVFFYVHGWTSMLSHAVLLLSCYSIIIMFLFILGMPTLLLYDFGIFFLAYLKGAGKYISSVAEMMFDYTACLVFYIRI
LAQWIRVVLMVVTFISLSHYVSDFDITNSALIGSENQSDSMNELNTNFSMTYYILTVLPGKFIYWIYEILHTFFVVCSQF
VAFFAIVFWLFLFLYTFFIIEKHEDFFSKKREERKKKLKELWNLKN
;
a,A
2 'polypeptide(L)'
;MHSTLRVFTKNNCLSFTNMNRFSTAAQVAQANYSKFRADYSASVAAFQQRIKTIEKENTGSMKKPMAKAYEHPYNSEHHP
LNFSAVKIAETFHDFIGPEQVSPHYESFAMSRKFLLTFWGGFFVLNFGMATVDLNWIMKSTYIPWIFWFQLMYFYVEGKN
SMFMPLLQRFYRRAAANEIFTMEAFYHENIENKLRNLMRITKGQLEYWDIHTSYGEIRADSINNFLANEYLRLQSHITSR
ALNILKQAQAYETMNQAALLQKLIDDATSAIDNALKGDKKAEVLARSLDSAIDGLSKGYMDYQNDPLLPLILSSIEANVK
KITTLSAQEQANLIGLTAEQLKSIKENDVRARKEFLESQPKLDNNLKNIESVKKILATWGK
;
b,B
3 'polypeptide(L)'
;MSMLAKIAKNVVKTQALKNTTAAQTPSFQAPGNQDKILKWISTLSNKATTGESRSYCTQLSSLVSFYNKQHVEQIPTIDF
NEWKSVISTQGLVDKVKENYESLIKEQYNTDAISKQISSASSKALDDIENELSFHAAIWLNAYADYTMFLFELEEYNDPN
DYLMHENFDFFRGLETELEELTETHNYIPGAKDDVNLRGYLATQFAWGKKVISFYRHPADDFKCAKATKNMLGR
;
d,D
4 'polypeptide(L)'
;MSLHEKMQTDYLWVKDHSQADSWAKARTHGYNYIAHTVPNKKERYEMIWRSMGKSTDWELEKFRLGKKFPDRGNKRRWFK
NLFRLIKNPMGYIFWKTYKARLAKPSLIVTSMFIGFTLGFIKLKAQSIAYSKKQYATLRAGKNIEGSGQVHFGYHDQKWG
MPAIPMFQLMYYELPGNSIVVNPCRNQNYRLYFEMRKKLGILPA
;
f,F
5 'polypeptide(L)'
;MNPIQKAWLKILEPVSYVINEKMAKRTGIIGKLGRFFAIGPREYGVHPINRMFIFMNRKYMAFQAVALHRYSFVKSLTHN
GFHMLRVFRHFAFVLPATVLAGLGLFVYWGDDNKCYSPDRFPYLKKRAGDMALPLNSLNQRTSAHYIEINAIYGAEMMKR
YHKVWENIIEERSKATDQEKKTRYAHPSYQYSPLPVVSIPNVLNPLNLQ
;
i,I
6 'polypeptide(L)'
;MWYKYFSKQSWNLRVWRKANLKYNQDDFGMTQPKYIARFGDFRFRLVRTEGALRGCMFFVGFGCFSIINYLYGRYGYIIN
ESSQKRAAQDLLDNDMAADKILFKNRVGAPTRPLRSLDDMMAFLSGSATYDQLADYASYNHAMDVNQDQQAGLDSWMSEK
DKNMVKYYQRSLGKKVEGI
;
k,K
7 'polypeptide(L)'
;MITILDYLFLLDLNDDLTRKAVFEQVIIFIFIYCTMNFLAWSTVVELIWPTHFFNRRHSSSQEFIRFRTYTEVLLKISAY
NDFFYVLNNYYYNQKLILKN
;
c,C
8 'polypeptide(L)'
;MINRSTAFISKNLRQANLTQSSLAMKTQYNQMGFSSDNPYNKRWEYKWKHSYYTYPRDYEHTEVRKPQDSKDVPPIYFAY
YKDFVDRWLPGMNMWWQRRHRIFDKFNVYFLPGMSLFFYQFADLALGFKIMAAFPLFLAYTRIRDKTLDPDFKETYLRDM
IYQNPEITKYFNEETIHVLDYEFEYLPGYLCPEKFPEYQNKTWQFFNTDTAQAEGFFKFGDVESGATMTLKFKTMPIPGK
FRYQVGEPFYFYDLRAEIKCDGVYKEVVLVDEKESLKKIRPFLFLI
;
g,G
9 'polypeptide(L)'
;MQQRKKIYLRQKRKIYIQLKNKEKKKNNQFIQKREKMGYKIRNKSIFWTRAGWKNNWHPKNFNAPRPSYGEFTMGIRCRN
DHHSFLRYVQTYRNMSRHCKQYFLGDKQLEETFILGLRSLFLVPYDSQCLTDQIKHGGERRFVDQLDRDFELISYNTHPY
QLFTYTVRNEHLAWKNEQYEKIQKGEKTFEQELLDYLDEQVLAEKAKLRDGQNFSIERMTEIALHVFRKARAGKVRPAQD
VRGPDGNVNDFLEQRRPFEHPNPTGVTH
;
h,H
10 'polypeptide(L)'
;MSENKAPGQIYAYDIHNTHYPYVNIKQDSQTQLLASFRRSIASINPFSYRQVPSQDRAAFGLRWGNAWYAPNPYPNGIHF
DRVFPTHYDPLAETNRTKANLQLIKYAPGNYSTLVVTSEKLPRPCIRTIQNYRRCQMVNGTEKCNSEAQDILAICPNWAL
DHMKEKVRFYTKALAINNQTYIRAMQVEEYNQGRTVADVAPKTWIHGTRQHLRPDTMWADDRYTNITQTEINEAIKRVEA
RKAREHEKKPVEQANVNANTGEQPVRVEKSLYP
;
j,J
11 'polypeptide(L)'
;MPVKEGQAKLWFSTKEEADAYDDKMISNIELKSQDYEDENFSPVFNRKTQEYFLEPSEKFKSDFAELLRPLRSLSFNQVV
DRYVLIPPNHTFYRNWTYEKFLGGFGLSYLILRELPLRNFYARVFVMYAFAAKVLDHLGNPFPFSGHGQIVAAADRWNHW
DVRCYDNVMKALKYIRIPTVQNNIPEATRWYGRQPGHLLRADTYWIPNLVSQRFAKHQPAHWDGTQNMPIFRLADPKHKD
SYMVQFR
;
l,L
12 'polypeptide(L)'
;MDNYFTAITLLGLRDQNLPPFKDARLQRYKSIKKMIDLIETTTKLAPPMPVELFMLNPTDPEWDDDMTYPTITHATALYK
SSALAGNLFLYAYNYNNFTANIRLRTMRYLFPVVSLAIFGNIYWDYRSQLVKVNLFDEYIQARAQELVKQNEYLLEHEDV
KRYVWWYEDLKETLARVHRQANNHKACDFKDSEIILQDFIRRYTNPKDNLPIKFHPQGQTF
;
m,M
13 'polypeptide(L)'
;MEGFIQNKRKKEKEGEEEEESKEKRKQINQLNKQKQEEEKIYQQKKDQKRKKYLYQRKEMTIFAETWEASEYQYRNKANL
KTLPVNHLGKLAELKFDFVEYKAHQLIACHLYERMTIHCMNQYGLFKDFYRPECLDAQYYFKTCVELNAAYGIQKKFFPE
HFVGSPYARPVPQFQQLGL
;
n,N
14 'polypeptide(L)'
;MKQKINKLLKNKGVQDKYKYLSKLILLDQEIKGKIKRKNKKEKQKRKNKLILEEMQNTTNIVHVPVHMGHTHYFDYIDSF
PKLKEGPTLEENHITNQKILREQLISGQQGLEQNLCLRNCFKLSQKRYIEFCLDRKCGGADFQRAATILGYTKN
;
o,O
15 'polypeptide(L)'
;MSNIFLELQDGDKTVYTHTSLIEESKQEQIQAIYDKVPQWTNGGRFLGFWLSMEAVNRVQSVAKLPIYYRAGIVATSTLL
GGLVSSLVFWKSGNENQVAKLANGAPVYLKKWEVPELSKLYFFLDDDNNFKPSLNHHAVTQGRQYYKIYQHN
;
p,P
16 'polypeptide(L)'
;MFRNILSLVTKPSKLSQKTFYNFAAAKNEVQVSKKQQQAGAKRDLTQYVEGQIVNRNQLTLKKQEDIEQYVLKLVRGYFR
TTNKQGLNINSVLQDHGLDEFDSIELAMQVEEDLGYVISAETIPVLNKVKHFVNYINHVEQFKAENGKAPIA
;
q,Q
17 'polypeptide(L)'
;MSQDPKIVNPQLWPNPNKLRFADLYKYQGVEMKKINDSIKNYKAAKFYIGGILGGCLVFKFFIDAAVDKYIFGENGNGGK
FLEMQTINSNYDYYYNRQFQRMRYLTEDPAGDDPLQKTKDEHLVDLGFIPKVFGANVEVRKRAPHDKYL
;
r,R
18 'polypeptide(L)'
;MNSLSSKKANSLVFKSIRNFTLQWGSLAERPMVDRVMSTSTWPVPYYQRLFKAYPIREKKDKMSLLLSDIDIDDTNWYQA
KDFLRGSFRGRQIVDYVENNIASNTYILIQQDVANMAKAYVHDICGYIDVANKENVRILSKGDLI
;
s,S
19 'polypeptide(L)'
;MIHCLRNIRTVSALQSKISYNLGGGNKRKKTSGDLDNYDVLFVGANLGGICSNHFDKDTHGKYKCFVSFDQPINQIYSVR
IPYEQQRVRKSEYIHFSKKSINQFTPSEMLAVKEILPEQNAVVLSSGRRIGYNQLVLATGLKHDFSQIKGFYEALEHPEH
PVYANRDPETWRSAQHKYSKYISNFKSGDGYFCIPEYPYAGEVECFNFFVSDEVWKWAQHHGALSPKHTFTIVNANEKFV
HYCDSADAFIKERLEKRGIRVEYNTKLLEVHQDGQKATFINTKTGEKSVRDYNNLYSIVPSKRQEFLDKAGLTNGNGLLN
VDHQTLQHKKYKNIFGLGDAADLPTTKTFWAGWYQIAVVRNNVKRNLQGQTLNAHYDGFSKVPLFTGHQTLTYVAHSYGG
VGNWQHLKHNNGGILAWMRYRSWAKGMAKKFQDFYNGARLGPPYHKVLKSFPELPGSPESQQSSGISKYFPTKTENKAAH
;
e,E
20 'polypeptide(L)'
;MNRSVNIAKNLIQTYRAMSVQSRFAFSTREEEWLDKRTKSQEKVYFDQEDRKAMKRLLEKLNTTSKFVEDSEYLAPQNLE
VENILKRYHINYTQALIDELVDWKTGKN
;
i1,i2
21 'polypeptide(L)'
;MKMEYLQSEEKKDAINKQIHKKEEKEEKEIKIKRKNKVKQRIQIINQIKKYIEAKQQKKQIQSKNQRKYKGRMINTRKQV
FKCLWGAQPAYNFSRIINHLRGDPVYQDNTKDVSLRGTFLRGKYDDLPTMIFFTEACDLTANWIPFFTNPQYDILAHRNV
WLLNPRNFGNSDRHPSFDLQEMSDDVMRFMYSQKISMATLGGHGIGGKIALAVGCYHAERVTGVFSIDSSPMDQRYHEAF
KEFKGYVNALTEINFKTWSDKDVKVFLKENIKDPKWRSIFTNNISKNAKTQSDSFNFEINYLNHNLNFNKADSLGNWAVK
NGIYTGRAHFIFPEYSRWVHLATNTLPMHKVCARVKGFGHDIFYVQGDENPLNHWVYDFENYANVVASKLNKFLHSYDGV
HALLKDRTEIGNFMIPDRIKSRNDSKHIYGDYSPAHLHHNWRFNHIYEKHDELDKKLNEQ
;
t
#
loop_
_chem_comp.id
_chem_comp.type
_chem_comp.name
_chem_comp.formula
ATP non-polymer ADENOSINE-5'-TRIPHOSPHATE 'C10 H16 N5 O13 P3'
CDL non-polymer CARDIOLIPIN 'C81 H156 O17 P2 -2'
MG non-polymer 'MAGNESIUM ION' 'Mg 2'
NAD non-polymer NICOTINAMIDE-ADENINE-DINUCLEOTIDE 'C21 H27 N7 O14 P2'
PC1 non-polymer 1,2-DIACYL-SN-GLYCERO-3-PHOSPHOCHOLINE 'C44 H88 N O8 P'
PEE non-polymer 1,2-dioleoyl-sn-glycero-3-phosphoethanolamine 'C41 H78 N O8 P'
PO4 non-polymer 'PHOSPHATE ION' 'O4 P -3'
UQ8 non-polymer Ubiquinone-8 'C49 H74 O4'
#
# COMPACT_ATOMS: atom_id res chain seq x y z
N TYR A 14 -61.04 -40.39 -8.31
CA TYR A 14 -61.79 -39.50 -9.19
C TYR A 14 -61.78 -40.00 -10.64
N GLU A 15 -61.29 -39.19 -11.57
CA GLU A 15 -61.26 -39.56 -12.98
C GLU A 15 -60.09 -40.50 -13.23
N ASP A 16 -60.30 -41.77 -12.89
CA ASP A 16 -59.29 -42.82 -13.03
C ASP A 16 -58.00 -42.42 -12.30
N PHE A 17 -58.15 -41.96 -11.07
CA PHE A 17 -57.03 -41.58 -10.25
C PHE A 17 -57.41 -41.66 -8.78
N VAL A 18 -56.50 -42.18 -7.96
CA VAL A 18 -56.72 -42.34 -6.53
C VAL A 18 -55.78 -41.40 -5.79
N PHE A 19 -56.33 -40.52 -4.98
CA PHE A 19 -55.56 -39.60 -4.15
C PHE A 19 -55.96 -39.85 -2.71
N THR A 20 -55.14 -40.63 -2.00
CA THR A 20 -55.48 -41.04 -0.65
C THR A 20 -55.30 -39.87 0.32
N THR A 21 -56.38 -39.50 0.99
CA THR A 21 -56.38 -38.46 1.99
C THR A 21 -57.20 -38.93 3.19
N PRO A 22 -56.88 -38.44 4.39
CA PRO A 22 -57.71 -38.78 5.55
C PRO A 22 -59.09 -38.16 5.43
N TYR A 23 -59.96 -38.55 6.35
CA TYR A 23 -61.32 -38.04 6.37
C TYR A 23 -61.31 -36.56 6.67
N PHE A 24 -61.84 -35.76 5.75
CA PHE A 24 -61.87 -34.31 5.91
C PHE A 24 -62.93 -33.90 6.92
N GLN A 25 -62.58 -32.93 7.75
CA GLN A 25 -63.50 -32.40 8.75
C GLN A 25 -64.02 -31.04 8.31
N PRO A 26 -65.27 -30.95 7.83
CA PRO A 26 -65.78 -29.64 7.39
C PRO A 26 -65.95 -28.63 8.51
N GLU A 27 -65.97 -29.06 9.77
CA GLU A 27 -66.12 -28.12 10.87
C GLU A 27 -64.87 -27.25 11.06
N SER A 28 -63.72 -27.68 10.54
CA SER A 28 -62.51 -26.89 10.66
C SER A 28 -62.60 -25.56 9.91
N THR A 29 -63.60 -25.39 9.04
CA THR A 29 -63.73 -24.13 8.31
C THR A 29 -64.04 -22.97 9.25
N PHE A 30 -64.96 -23.17 10.19
CA PHE A 30 -65.35 -22.11 11.12
C PHE A 30 -64.55 -22.15 12.41
N LYS A 31 -63.23 -22.14 12.30
CA LYS A 31 -62.35 -22.14 13.45
C LYS A 31 -61.99 -20.71 13.82
N SER A 32 -62.36 -20.30 15.03
CA SER A 32 -62.13 -18.93 15.50
C SER A 32 -60.65 -18.74 15.78
N VAL A 33 -59.95 -18.08 14.86
CA VAL A 33 -58.53 -17.79 14.99
C VAL A 33 -58.34 -16.29 15.08
N PRO A 34 -58.24 -15.73 16.29
CA PRO A 34 -58.07 -14.28 16.42
C PRO A 34 -56.66 -13.86 16.01
N LYS A 35 -56.58 -12.83 15.17
CA LYS A 35 -55.29 -12.35 14.72
C LYS A 35 -54.57 -11.63 15.84
N LEU A 36 -53.27 -11.90 15.97
CA LEU A 36 -52.44 -11.33 17.00
C LEU A 36 -51.37 -10.43 16.39
N PHE A 37 -50.93 -9.46 17.17
CA PHE A 37 -49.94 -8.52 16.71
C PHE A 37 -48.57 -9.16 16.64
N SER A 38 -47.86 -8.88 15.54
CA SER A 38 -46.48 -9.34 15.36
C SER A 38 -45.84 -8.48 14.31
N ASP A 39 -44.83 -7.71 14.69
CA ASP A 39 -44.16 -6.79 13.79
C ASP A 39 -42.75 -7.26 13.53
N ILE A 40 -42.33 -7.17 12.28
CA ILE A 40 -40.99 -7.54 11.87
C ILE A 40 -40.18 -6.26 11.71
N LEU A 41 -38.97 -6.26 12.26
CA LEU A 41 -38.09 -5.10 12.24
C LEU A 41 -36.85 -5.46 11.42
N LEU A 42 -36.91 -5.14 10.12
CA LEU A 42 -35.73 -5.25 9.27
C LEU A 42 -34.74 -4.18 9.70
N GLY A 43 -33.70 -4.62 10.39
CA GLY A 43 -32.78 -3.71 11.04
C GLY A 43 -33.09 -3.66 12.52
N GLY A 44 -32.33 -4.44 13.28
CA GLY A 44 -32.58 -4.59 14.71
C GLY A 44 -31.29 -4.81 15.44
N VAL A 45 -31.33 -5.66 16.45
CA VAL A 45 -30.20 -5.91 17.33
C VAL A 45 -29.52 -7.22 16.97
N GLU A 46 -28.20 -7.24 17.08
CA GLU A 46 -27.41 -8.44 16.86
C GLU A 46 -27.18 -9.14 18.19
N TRP A 47 -26.40 -10.23 18.16
CA TRP A 47 -26.10 -10.95 19.39
C TRP A 47 -25.03 -10.23 20.20
N VAL A 48 -23.86 -10.02 19.59
CA VAL A 48 -22.74 -9.36 20.25
C VAL A 48 -22.37 -8.10 19.49
N TYR A 49 -21.83 -7.13 20.22
CA TYR A 49 -21.33 -5.91 19.65
C TYR A 49 -19.92 -5.66 20.18
N THR A 50 -19.20 -4.81 19.47
CA THR A 50 -17.82 -4.48 19.78
C THR A 50 -17.74 -3.23 20.64
N THR A 51 -16.97 -3.31 21.72
CA THR A 51 -16.70 -2.18 22.60
C THR A 51 -15.26 -1.70 22.42
N SER A 52 -15.00 -0.52 22.96
CA SER A 52 -13.69 0.11 22.90
C SER A 52 -13.30 0.50 24.32
N GLU A 53 -12.23 -0.12 24.82
CA GLU A 53 -11.73 0.16 26.16
C GLU A 53 -10.22 0.28 26.11
N SER A 54 -9.62 0.35 27.29
CA SER A 54 -8.17 0.46 27.42
C SER A 54 -7.50 -0.83 26.97
N VAL A 55 -6.47 -0.71 26.15
CA VAL A 55 -5.74 -1.85 25.60
C VAL A 55 -4.28 -1.70 26.00
N LEU A 56 -3.68 -2.81 26.41
CA LEU A 56 -2.26 -2.84 26.74
C LEU A 56 -1.44 -3.29 25.55
N ALA A 57 -0.20 -2.81 25.48
CA ALA A 57 0.65 -3.16 24.36
C ALA A 57 1.07 -4.62 24.43
N TYR A 58 1.40 -5.10 25.63
CA TYR A 58 1.81 -6.47 25.85
C TYR A 58 1.01 -7.06 27.01
N ASP A 59 0.55 -8.29 26.83
CA ASP A 59 -0.28 -8.96 27.80
C ASP A 59 0.13 -10.42 27.91
N TYR A 60 -0.26 -11.05 29.00
CA TYR A 60 -0.04 -12.46 29.21
C TYR A 60 -1.39 -13.13 29.47
N LYS A 61 -1.59 -14.29 28.85
CA LYS A 61 -2.80 -15.07 29.02
C LYS A 61 -2.48 -16.37 29.75
N LEU A 62 -3.07 -16.54 30.93
CA LEU A 62 -2.90 -17.77 31.68
C LEU A 62 -3.79 -18.87 31.12
N TRP A 63 -3.36 -20.10 31.30
CA TRP A 63 -4.10 -21.27 30.85
C TRP A 63 -4.12 -22.30 31.99
N TYR A 64 -5.26 -22.41 32.67
CA TYR A 64 -5.44 -23.41 33.73
C TYR A 64 -5.82 -24.76 33.11
N LEU A 65 -4.84 -25.36 32.46
CA LEU A 65 -5.05 -26.59 31.71
C LEU A 65 -5.42 -27.74 32.63
N TRP A 66 -6.53 -28.42 32.31
CA TRP A 66 -6.95 -29.63 33.01
C TRP A 66 -6.33 -30.81 32.30
N SER A 67 -5.04 -31.02 32.52
CA SER A 67 -4.33 -32.11 31.87
C SER A 67 -4.74 -33.46 32.45
N GLY A 68 -4.95 -33.52 33.76
CA GLY A 68 -5.29 -34.76 34.41
C GLY A 68 -4.12 -35.69 34.64
N VAL A 69 -2.91 -35.31 34.25
CA VAL A 69 -1.72 -36.14 34.42
C VAL A 69 -0.72 -35.52 35.37
N SER A 70 -1.07 -34.41 36.02
CA SER A 70 -0.19 -33.71 36.94
C SER A 70 -0.73 -33.87 38.35
N ASN A 71 0.07 -34.46 39.23
CA ASN A 71 -0.29 -34.61 40.63
C ASN A 71 0.03 -33.36 41.45
N LEU A 72 0.42 -32.27 40.81
CA LEU A 72 0.75 -31.05 41.51
C LEU A 72 -0.45 -30.16 41.77
N ASP A 73 -1.51 -30.31 41.00
CA ASP A 73 -2.70 -29.48 41.11
C ASP A 73 -3.93 -30.35 41.37
N GLU A 74 -5.10 -29.72 41.37
CA GLU A 74 -6.35 -30.39 41.67
C GLU A 74 -7.01 -31.01 40.45
N SER A 75 -6.39 -30.94 39.27
CA SER A 75 -6.93 -31.58 38.09
C SER A 75 -6.66 -33.08 38.03
N PHE A 76 -5.83 -33.60 38.93
CA PHE A 76 -5.51 -35.02 38.94
C PHE A 76 -6.70 -35.81 39.47
N ASP A 77 -7.29 -36.64 38.62
CA ASP A 77 -8.45 -37.45 39.01
C ASP A 77 -7.94 -38.59 39.87
N MET A 78 -8.03 -38.41 41.19
CA MET A 78 -7.57 -39.44 42.11
C MET A 78 -8.46 -40.68 42.07
N PHE A 79 -9.77 -40.47 41.89
CA PHE A 79 -10.69 -41.60 41.88
C PHE A 79 -10.46 -42.49 40.66
N PHE A 80 -10.33 -41.89 39.49
CA PHE A 80 -10.19 -42.69 38.28
C PHE A 80 -8.91 -43.52 38.32
N ASN A 81 -7.81 -42.94 38.79
CA ASN A 81 -6.55 -43.68 38.79
C ASN A 81 -6.53 -44.74 39.89
N GLN A 82 -7.11 -44.44 41.05
CA GLN A 82 -7.09 -45.40 42.15
C GLN A 82 -8.00 -46.58 41.87
N TYR A 83 -9.18 -46.32 41.29
CA TYR A 83 -10.10 -47.41 41.00
C TYR A 83 -9.76 -48.15 39.73
N TRP A 84 -9.08 -47.48 38.79
CA TRP A 84 -8.58 -48.18 37.62
C TRP A 84 -7.41 -49.09 37.99
N ALA A 85 -6.50 -48.61 38.83
CA ALA A 85 -5.42 -49.46 39.31
C ALA A 85 -5.94 -50.57 40.20
N LEU A 86 -7.03 -50.31 40.91
CA LEU A 86 -7.62 -51.33 41.76
C LEU A 86 -8.25 -52.45 40.93
N SER A 87 -8.88 -52.09 39.80
CA SER A 87 -9.49 -53.09 38.94
C SER A 87 -8.47 -53.88 38.14
N LEU A 88 -7.21 -53.48 38.16
CA LEU A 88 -6.18 -54.24 37.44
C LEU A 88 -5.80 -55.51 38.18
N SER A 89 -5.89 -55.47 39.51
CA SER A 89 -5.53 -56.63 40.31
C SER A 89 -6.71 -57.59 40.42
N THR A 90 -6.41 -58.87 40.45
CA THR A 90 -7.44 -59.89 40.48
C THR A 90 -8.20 -59.86 41.80
N SER A 91 -9.50 -59.65 41.73
CA SER A 91 -10.35 -59.61 42.91
C SER A 91 -11.73 -60.10 42.52
N VAL A 92 -12.55 -60.36 43.54
CA VAL A 92 -13.91 -60.81 43.30
C VAL A 92 -14.76 -59.66 42.75
N PHE A 93 -14.45 -58.42 43.12
CA PHE A 93 -15.15 -57.25 42.65
C PHE A 93 -14.51 -56.60 41.44
N GLN A 94 -13.72 -57.36 40.68
CA GLN A 94 -13.00 -56.76 39.55
C GLN A 94 -13.96 -56.26 38.48
N LEU A 95 -15.04 -57.00 38.23
CA LEU A 95 -16.05 -56.55 37.29
C LEU A 95 -16.89 -55.39 37.84
N PHE A 96 -17.14 -55.38 39.15
CA PHE A 96 -17.91 -54.31 39.75
C PHE A 96 -17.16 -52.98 39.69
N TYR A 97 -15.84 -53.02 39.85
CA TYR A 97 -15.05 -51.80 39.74
C TYR A 97 -15.08 -51.25 38.32
N ALA A 98 -15.15 -52.12 37.32
CA ALA A 98 -15.23 -51.66 35.95
C ALA A 98 -16.54 -50.94 35.69
N VAL A 99 -17.64 -51.41 36.29
CA VAL A 99 -18.93 -50.76 36.12
C VAL A 99 -18.94 -49.40 36.78
N ILE A 100 -18.32 -49.28 37.95
CA ILE A 100 -18.26 -48.00 38.65
C ILE A 100 -17.48 -46.97 37.84
N LEU A 101 -16.39 -47.41 37.20
CA LEU A 101 -15.61 -46.51 36.37
C LEU A 101 -16.38 -46.05 35.14
N ASP A 102 -17.15 -46.95 34.53
CA ASP A 102 -17.95 -46.58 33.38
C ASP A 102 -19.11 -45.67 33.76
N ARG A 103 -19.64 -45.81 34.96
CA ARG A 103 -20.66 -44.87 35.42
C ARG A 103 -20.07 -43.51 35.72
N TYR A 104 -18.82 -43.46 36.15
CA TYR A 104 -18.16 -42.19 36.42
C TYR A 104 -17.89 -41.42 35.14
N LEU A 105 -17.59 -42.13 34.06
CA LEU A 105 -17.37 -41.46 32.77
C LEU A 105 -18.66 -40.93 32.17
N SER A 106 -19.79 -41.55 32.49
CA SER A 106 -21.08 -41.01 32.05
C SER A 106 -21.48 -39.78 32.84
N VAL A 107 -20.87 -39.56 33.99
CA VAL A 107 -21.13 -38.36 34.77
C VAL A 107 -20.32 -37.17 34.24
N LEU A 108 -19.05 -37.40 33.91
CA LEU A 108 -18.24 -36.35 33.30
C LEU A 108 -18.81 -35.92 31.96
N PHE A 109 -19.55 -36.81 31.31
CA PHE A 109 -20.13 -36.53 30.00
C PHE A 109 -21.28 -35.52 30.10
N GLN A 110 -21.89 -35.38 31.27
CA GLN A 110 -23.03 -34.49 31.47
C GLN A 110 -22.56 -33.20 32.12
N ASN A 111 -22.23 -32.20 31.30
CA ASN A 111 -21.78 -30.90 31.79
C ASN A 111 -22.93 -29.90 31.75
N THR A 112 -23.94 -30.17 32.56
CA THR A 112 -25.12 -29.31 32.64
C THR A 112 -24.93 -28.23 33.69
N PRO A 113 -25.77 -27.20 33.68
CA PRO A 113 -25.68 -26.16 34.71
C PRO A 113 -25.86 -26.68 36.12
N TYR A 114 -26.39 -27.89 36.27
CA TYR A 114 -26.56 -28.50 37.58
C TYR A 114 -25.47 -29.51 37.91
N THR A 115 -24.64 -29.88 36.94
CA THR A 115 -23.54 -30.82 37.14
C THR A 115 -22.30 -30.24 36.47
N ASN A 116 -21.56 -29.39 37.17
CA ASN A 116 -20.36 -28.81 36.58
C ASN A 116 -19.50 -28.19 37.67
N ASP A 117 -18.19 -28.12 37.38
CA ASP A 117 -17.24 -27.55 38.32
C ASP A 117 -17.41 -26.04 38.46
N TRP A 118 -17.90 -25.38 37.41
CA TRP A 118 -17.97 -23.93 37.42
C TRP A 118 -18.88 -23.42 38.54
N PHE A 119 -19.99 -24.10 38.78
CA PHE A 119 -20.90 -23.72 39.84
C PHE A 119 -20.62 -24.49 41.13
N ARG A 120 -19.50 -25.19 41.18
CA ARG A 120 -19.03 -25.87 42.39
C ARG A 120 -20.07 -26.86 42.90
N MET A 121 -20.61 -27.66 41.99
CA MET A 121 -21.55 -28.68 42.39
C MET A 121 -20.84 -29.87 43.02
N MET A 122 -21.54 -30.57 43.89
CA MET A 122 -20.97 -31.73 44.57
C MET A 122 -20.63 -32.84 43.60
N LEU A 123 -19.44 -33.42 43.77
CA LEU A 123 -18.93 -34.53 42.98
C LEU A 123 -18.70 -34.16 41.52
N HIS A 124 -18.64 -32.87 41.23
CA HIS A 124 -18.25 -32.38 39.91
C HIS A 124 -17.12 -31.37 39.97
N SER A 125 -16.92 -30.69 41.08
CA SER A 125 -15.88 -29.69 41.21
C SER A 125 -14.60 -30.31 41.73
N LYS A 126 -13.52 -29.53 41.66
CA LYS A 126 -12.22 -30.01 42.11
C LYS A 126 -12.16 -30.18 43.62
N GLU A 127 -13.01 -29.48 44.37
CA GLU A 127 -13.01 -29.61 45.82
C GLU A 127 -13.43 -31.00 46.26
N THR A 128 -14.47 -31.55 45.64
CA THR A 128 -15.09 -32.78 46.07
C THR A 128 -14.62 -33.99 45.29
N ALA A 129 -13.43 -33.94 44.70
CA ALA A 129 -12.93 -35.08 43.95
C ALA A 129 -12.53 -36.23 44.85
N LEU A 130 -12.19 -35.95 46.11
CA LEU A 130 -11.79 -36.99 47.04
C LEU A 130 -12.97 -37.79 47.56
N ILE A 131 -14.17 -37.23 47.51
CA ILE A 131 -15.34 -37.93 48.06
C ILE A 131 -15.68 -39.14 47.22
N TRP A 132 -15.31 -39.13 45.95
CA TRP A 132 -15.53 -40.28 45.11
C TRP A 132 -14.81 -41.51 45.63
N LEU A 133 -13.67 -41.31 46.31
CA LEU A 133 -12.94 -42.44 46.86
C LEU A 133 -13.73 -43.11 47.98
N TYR A 134 -14.59 -42.36 48.66
CA TYR A 134 -15.36 -42.89 49.77
C TYR A 134 -16.77 -43.32 49.38
N HIS A 135 -17.40 -42.61 48.45
CA HIS A 135 -18.79 -42.89 48.07
C HIS A 135 -18.92 -42.88 46.55
N PRO A 136 -18.46 -43.94 45.88
CA PRO A 136 -18.67 -44.05 44.43
C PRO A 136 -20.08 -44.43 44.02
N GLU A 137 -20.95 -44.74 44.97
CA GLU A 137 -22.32 -45.13 44.69
C GLU A 137 -23.23 -43.96 44.30
N LEU A 138 -22.80 -42.73 44.53
CA LEU A 138 -23.61 -41.55 44.26
C LEU A 138 -23.69 -41.19 42.79
N SER A 139 -23.08 -41.97 41.90
CA SER A 139 -23.16 -41.67 40.48
C SER A 139 -24.59 -41.82 39.95
N TRP A 140 -25.34 -42.80 40.46
CA TRP A 140 -26.73 -42.94 40.05
C TRP A 140 -27.59 -41.81 40.59
N HIS A 141 -27.27 -41.29 41.77
CA HIS A 141 -28.02 -40.16 42.32
C HIS A 141 -27.83 -38.92 41.46
N ILE A 142 -26.61 -38.68 40.99
CA ILE A 142 -26.33 -37.53 40.14
C ILE A 142 -27.01 -37.68 38.79
N ASN A 143 -26.93 -38.86 38.19
CA ASN A 143 -27.50 -39.07 36.87
C ASN A 143 -29.01 -38.83 36.88
N GLY A 144 -29.66 -39.14 37.99
CA GLY A 144 -31.08 -38.91 38.13
C GLY A 144 -31.39 -37.47 38.47
N LEU A 145 -30.56 -36.88 39.32
CA LEU A 145 -30.73 -35.48 39.67
C LEU A 145 -30.57 -34.59 38.45
N ASN A 146 -29.59 -34.89 37.59
CA ASN A 146 -29.41 -34.09 36.39
C ASN A 146 -30.61 -34.20 35.47
N GLN A 147 -31.20 -35.40 35.40
CA GLN A 147 -32.39 -35.60 34.58
C GLN A 147 -33.61 -34.91 35.17
N PHE A 148 -33.68 -34.80 36.49
CA PHE A 148 -34.83 -34.16 37.11
C PHE A 148 -34.87 -32.68 36.74
N PHE A 149 -33.79 -31.96 37.02
CA PHE A 149 -33.77 -30.53 36.76
C PHE A 149 -33.74 -30.23 35.27
N THR A 150 -33.18 -31.15 34.47
CA THR A 150 -33.20 -30.96 33.03
C THR A 150 -34.60 -31.14 32.48
N TYR A 151 -35.33 -32.11 33.01
CA TYR A 151 -36.66 -32.39 32.48
C TYR A 151 -37.64 -31.26 32.79
N PHE A 152 -37.57 -30.72 34.01
CA PHE A 152 -38.53 -29.70 34.40
C PHE A 152 -38.06 -28.28 34.11
N TYR A 153 -36.79 -27.98 34.39
CA TYR A 153 -36.30 -26.60 34.34
C TYR A 153 -35.12 -26.42 33.39
N GLY A 154 -34.85 -27.40 32.52
CA GLY A 154 -33.73 -27.32 31.62
C GLY A 154 -34.16 -27.27 30.16
N GLY A 155 -33.17 -27.07 29.29
CA GLY A 155 -33.39 -27.08 27.87
C GLY A 155 -33.05 -28.43 27.25
N ILE A 156 -32.94 -28.43 25.93
CA ILE A 156 -32.59 -29.63 25.20
C ILE A 156 -31.15 -30.03 25.52
N LEU A 157 -30.91 -31.33 25.59
CA LEU A 157 -29.57 -31.87 25.79
C LEU A 157 -28.80 -31.76 24.47
N GLU A 158 -27.82 -30.86 24.42
CA GLU A 158 -27.06 -30.61 23.21
C GLU A 158 -25.62 -31.06 23.40
N PHE A 159 -25.03 -31.55 22.31
CA PHE A 159 -23.65 -32.02 22.32
C PHE A 159 -22.72 -30.87 21.95
N VAL A 160 -21.79 -30.56 22.85
CA VAL A 160 -20.78 -29.54 22.63
C VAL A 160 -19.42 -30.14 22.95
N TYR A 161 -18.37 -29.42 22.59
CA TYR A 161 -17.01 -29.80 22.89
C TYR A 161 -16.56 -29.00 24.10
N PHE A 162 -16.15 -29.71 25.14
CA PHE A 162 -15.78 -29.12 26.43
C PHE A 162 -14.28 -28.80 26.45
N ASP A 163 -13.96 -27.51 26.35
CA ASP A 163 -12.57 -27.09 26.35
C ASP A 163 -11.97 -27.28 27.73
N LYS A 164 -10.92 -28.08 27.80
CA LYS A 164 -10.24 -28.31 29.07
C LYS A 164 -9.29 -27.18 29.40
N SER A 165 -8.77 -26.49 28.39
CA SER A 165 -7.92 -25.33 28.62
C SER A 165 -8.76 -24.14 29.02
N ASN A 166 -8.43 -23.54 30.16
CA ASN A 166 -9.20 -22.43 30.71
C ASN A 166 -8.37 -21.15 30.62
N PRO A 167 -8.53 -20.37 29.56
CA PRO A 167 -7.75 -19.15 29.43
C PRO A 167 -8.18 -18.09 30.43
N ASP A 168 -7.26 -17.21 30.78
CA ASP A 168 -7.52 -16.13 31.71
C ASP A 168 -6.42 -15.10 31.57
N MET A 169 -6.82 -13.87 31.31
CA MET A 169 -5.86 -12.78 31.21
C MET A 169 -5.33 -12.42 32.59
N CYS A 170 -4.01 -12.47 32.75
CA CYS A 170 -3.40 -12.16 34.02
C CYS A 170 -3.43 -10.65 34.26
N ILE A 171 -4.11 -10.22 35.32
CA ILE A 171 -4.19 -8.81 35.66
C ILE A 171 -2.90 -8.49 36.43
N LEU A 172 -1.96 -7.88 35.75
CA LEU A 172 -0.64 -7.60 36.30
C LEU A 172 -0.45 -6.10 36.50
N VAL A 173 0.67 -5.76 37.11
CA VAL A 173 1.04 -4.38 37.39
C VAL A 173 2.10 -3.86 36.42
N HIS A 174 3.13 -4.65 36.17
CA HIS A 174 4.23 -4.19 35.33
C HIS A 174 3.84 -4.08 33.86
N THR A 175 2.75 -4.70 33.45
CA THR A 175 2.32 -4.55 32.06
C THR A 175 1.87 -3.13 31.75
N LEU A 176 1.28 -2.44 32.73
CA LEU A 176 0.93 -1.04 32.52
C LEU A 176 2.15 -0.14 32.57
N TRP A 177 3.17 -0.54 33.34
CA TRP A 177 4.42 0.20 33.34
C TRP A 177 5.08 0.16 31.95
N ILE A 178 5.10 -1.02 31.35
CA ILE A 178 5.66 -1.14 30.00
C ILE A 178 4.81 -0.37 29.01
N HIS A 179 3.49 -0.43 29.17
CA HIS A 179 2.59 0.29 28.27
C HIS A 179 2.81 1.80 28.35
N LEU A 180 3.04 2.32 29.56
CA LEU A 180 3.34 3.74 29.71
C LEU A 180 4.68 4.09 29.08
N LEU A 181 5.66 3.20 29.19
CA LEU A 181 6.97 3.44 28.61
C LEU A 181 6.89 3.53 27.10
N ILE A 182 6.00 2.74 26.49
CA ILE A 182 5.85 2.76 25.04
C ILE A 182 5.16 4.04 24.60
N LEU A 183 4.11 4.45 25.30
CA LEU A 183 3.45 5.70 24.98
C LEU A 183 4.35 6.90 25.27
N PHE A 184 5.24 6.77 26.25
CA PHE A 184 6.21 7.83 26.54
C PHE A 184 7.21 8.00 25.40
N LEU A 185 7.60 6.91 24.75
CA LEU A 185 8.48 7.00 23.60
C LEU A 185 7.76 7.66 22.42
N ILE A 186 6.48 7.35 22.26
CA ILE A 186 5.69 7.93 21.17
C ILE A 186 5.47 9.41 21.41
N PHE A 187 5.17 9.79 22.65
CA PHE A 187 4.96 11.20 22.94
C PHE A 187 6.25 11.99 22.86
N THR A 188 7.36 11.40 23.30
CA THR A 188 8.64 12.08 23.18
C THR A 188 9.06 12.25 21.73
N GLY A 189 8.78 11.26 20.89
CA GLY A 189 9.03 11.42 19.47
C GLY A 189 8.18 12.51 18.86
N PHE A 190 6.97 12.69 19.36
CA PHE A 190 6.13 13.80 18.93
C PHE A 190 6.75 15.13 19.33
N VAL A 191 7.34 15.19 20.53
CA VAL A 191 7.99 16.41 20.98
C VAL A 191 9.33 16.57 20.28
N THR A 192 10.02 15.47 20.03
CA THR A 192 11.37 15.53 19.44
C THR A 192 11.32 16.09 18.03
N ILE A 193 10.27 15.80 17.28
CA ILE A 193 10.18 16.21 15.90
C ILE A 193 9.53 17.57 15.75
N LEU A 194 8.46 17.83 16.51
CA LEU A 194 7.65 19.01 16.30
C LEU A 194 7.80 20.08 17.38
N PHE A 195 8.42 19.77 18.50
CA PHE A 195 8.55 20.74 19.58
C PHE A 195 9.96 20.72 20.15
N SER A 196 10.95 20.55 19.27
CA SER A 196 12.34 20.62 19.66
C SER A 196 12.97 21.80 18.93
N PHE A 197 13.46 22.76 19.70
CA PHE A 197 14.01 23.98 19.14
C PHE A 197 15.43 24.18 19.62
N TYR A 198 16.23 23.13 19.54
CA TYR A 198 17.59 23.13 20.06
C TYR A 198 18.51 22.73 18.93
N GLY A 199 18.95 23.71 18.16
CA GLY A 199 19.81 23.50 17.03
C GLY A 199 20.10 24.81 16.36
N ASN A 200 20.02 24.83 15.02
CA ASN A 200 20.18 26.08 14.28
C ASN A 200 18.81 26.71 14.12
N PRO A 201 18.50 27.83 14.78
CA PRO A 201 17.18 28.44 14.66
C PRO A 201 16.95 29.12 13.32
N ASN A 202 17.97 29.21 12.48
CA ASN A 202 17.88 29.92 11.21
C ASN A 202 17.79 28.98 10.01
N THR A 203 18.03 27.69 10.20
CA THR A 203 17.94 26.72 9.11
C THR A 203 16.82 25.72 9.31
N GLU A 204 16.45 25.42 10.55
CA GLU A 204 15.40 24.44 10.83
C GLU A 204 14.06 25.15 10.74
N GLU A 205 13.31 24.88 9.68
CA GLU A 205 12.04 25.55 9.46
C GLU A 205 10.98 25.21 10.52
N ASN A 206 11.19 24.17 11.31
CA ASN A 206 10.23 23.87 12.37
C ASN A 206 10.29 24.91 13.49
N THR A 207 11.50 25.32 13.88
CA THR A 207 11.64 26.39 14.87
C THR A 207 11.49 27.77 14.26
N ILE A 208 11.71 27.92 12.95
CA ILE A 208 11.47 29.21 12.32
C ILE A 208 9.98 29.53 12.32
N ASP A 209 9.15 28.54 11.99
CA ASP A 209 7.71 28.76 11.97
C ASP A 209 7.18 29.03 13.36
N SER A 210 7.60 28.21 14.34
CA SER A 210 7.06 28.33 15.69
C SER A 210 7.57 29.58 16.40
N ASP A 211 8.79 30.01 16.11
CA ASP A 211 9.35 31.18 16.78
C ASP A 211 8.71 32.46 16.28
N TYR A 212 8.65 32.63 14.96
CA TYR A 212 8.08 33.83 14.38
C TYR A 212 6.58 33.91 14.59
N LEU A 213 5.90 32.77 14.63
CA LEU A 213 4.47 32.74 14.91
C LEU A 213 4.17 33.16 16.34
N ALA A 214 4.96 32.67 17.30
CA ALA A 214 4.77 33.06 18.69
C ALA A 214 5.09 34.53 18.88
N ALA A 215 6.11 35.04 18.18
CA ALA A 215 6.46 36.44 18.27
C ALA A 215 5.41 37.34 17.64
N SER A 216 4.74 36.87 16.58
CA SER A 216 3.67 37.66 15.97
C SER A 216 2.45 37.75 16.85
N GLY A 217 2.25 36.80 17.76
CA GLY A 217 1.11 36.82 18.65
C GLY A 217 1.33 37.66 19.90
N THR A 218 2.52 37.54 20.48
CA THR A 218 2.84 38.29 21.69
C THR A 218 3.02 39.78 21.39
N VAL A 219 3.44 40.13 20.18
CA VAL A 219 3.55 41.54 19.85
C VAL A 219 2.19 42.21 19.77
N GLU A 220 1.12 41.43 19.66
CA GLU A 220 -0.23 41.96 19.67
C GLU A 220 -0.66 42.44 21.03
N ALA A 221 0.19 42.29 22.04
CA ALA A 221 -0.08 42.92 23.32
C ALA A 221 -0.09 44.43 23.22
N GLU A 222 0.50 44.98 22.16
CA GLU A 222 0.45 46.42 21.94
C GLU A 222 -0.92 46.89 21.49
N LYS A 223 -1.79 45.97 21.04
CA LYS A 223 -3.16 46.33 20.74
C LYS A 223 -3.95 46.68 21.98
N GLU A 224 -3.41 46.40 23.17
CA GLU A 224 -3.99 46.81 24.44
C GLU A 224 -5.38 46.20 24.64
N ILE A 225 -5.43 44.87 24.56
CA ILE A 225 -6.65 44.17 24.93
C ILE A 225 -6.73 43.98 26.44
N THR A 226 -5.76 43.25 26.99
CA THR A 226 -5.58 43.09 28.43
C THR A 226 -4.23 42.44 28.63
N SER A 227 -3.95 42.00 29.85
CA SER A 227 -2.73 41.26 30.13
C SER A 227 -2.64 40.02 29.25
N ILE A 228 -1.65 39.99 28.36
CA ILE A 228 -1.47 38.83 27.50
C ILE A 228 -1.17 37.60 28.33
N ASP A 229 -0.54 37.78 29.49
CA ASP A 229 -0.30 36.65 30.38
C ASP A 229 -1.60 36.02 30.87
N ASP A 230 -2.72 36.72 30.77
CA ASP A 230 -4.01 36.18 31.19
C ASP A 230 -4.71 35.42 30.06
N TYR A 231 -4.95 36.08 28.93
CA TYR A 231 -5.77 35.49 27.88
C TYR A 231 -4.98 34.62 26.90
N LEU A 232 -3.68 34.48 27.08
CA LEU A 232 -2.91 33.60 26.20
C LEU A 232 -3.38 32.15 26.32
N GLY A 233 -3.72 31.72 27.53
CA GLY A 233 -4.28 30.39 27.70
C GLY A 233 -5.64 30.23 27.07
N LEU A 234 -6.42 31.31 27.01
CA LEU A 234 -7.71 31.24 26.33
C LEU A 234 -7.56 31.17 24.83
N VAL A 235 -6.50 31.77 24.29
CA VAL A 235 -6.22 31.66 22.86
C VAL A 235 -5.96 30.22 22.48
N PHE A 236 -5.26 29.48 23.34
CA PHE A 236 -4.97 28.08 23.03
C PHE A 236 -6.24 27.24 23.02
N ALA A 237 -7.15 27.50 23.94
CA ALA A 237 -8.40 26.76 23.96
C ALA A 237 -9.30 27.16 22.80
N ILE A 238 -9.31 28.45 22.48
CA ILE A 238 -10.09 28.92 21.34
C ILE A 238 -9.53 28.36 20.03
N ALA A 239 -8.21 28.16 19.96
CA ALA A 239 -7.59 27.61 18.76
C ALA A 239 -8.02 26.20 18.47
N TYR A 240 -8.63 25.50 19.43
CA TYR A 240 -9.15 24.16 19.20
C TYR A 240 -10.64 24.14 18.93
N VAL A 241 -11.28 25.31 18.89
CA VAL A 241 -12.66 25.42 18.47
C VAL A 241 -12.67 25.68 16.97
N PHE A 242 -12.03 26.77 16.56
CA PHE A 242 -11.94 27.12 15.15
C PHE A 242 -10.84 26.35 14.43
N GLY A 243 -9.91 25.74 15.16
CA GLY A 243 -8.90 24.92 14.52
C GLY A 243 -9.40 23.60 14.01
N VAL A 244 -10.62 23.21 14.38
CA VAL A 244 -11.24 22.03 13.78
C VAL A 244 -11.34 22.18 12.28
N PHE A 245 -11.49 23.41 11.81
CA PHE A 245 -11.53 23.66 10.37
C PHE A 245 -10.21 23.29 9.72
N PHE A 246 -9.10 23.38 10.45
CA PHE A 246 -7.78 23.08 9.92
C PHE A 246 -7.20 21.80 10.49
N TYR A 247 -8.04 20.97 11.12
CA TYR A 247 -7.64 19.64 11.58
C TYR A 247 -6.57 19.70 12.68
N VAL A 248 -6.52 20.79 13.45
CA VAL A 248 -5.49 20.92 14.47
C VAL A 248 -5.72 19.94 15.61
N HIS A 249 -6.91 19.39 15.71
CA HIS A 249 -7.25 18.41 16.74
C HIS A 249 -6.82 17.00 16.39
N GLY A 250 -6.04 16.82 15.33
CA GLY A 250 -5.70 15.48 14.89
C GLY A 250 -4.87 14.70 15.88
N TRP A 251 -3.99 15.40 16.62
CA TRP A 251 -3.09 14.75 17.55
C TRP A 251 -3.79 14.23 18.80
N THR A 252 -5.10 14.45 18.93
CA THR A 252 -5.87 13.99 20.09
C THR A 252 -6.84 12.87 19.72
N SER A 253 -6.55 12.14 18.66
CA SER A 253 -7.49 11.14 18.18
C SER A 253 -7.57 9.94 19.12
N MET A 254 -6.44 9.55 19.72
CA MET A 254 -6.39 8.37 20.57
C MET A 254 -6.44 8.71 22.05
N LEU A 255 -6.56 9.99 22.41
CA LEU A 255 -6.54 10.37 23.81
C LEU A 255 -7.85 10.10 24.52
N SER A 256 -8.92 9.83 23.79
CA SER A 256 -10.21 9.54 24.39
C SER A 256 -11.09 8.86 23.34
N HIS A 257 -12.33 8.58 23.72
CA HIS A 257 -13.29 7.97 22.83
C HIS A 257 -13.96 8.98 21.92
N ALA A 258 -13.68 10.27 22.10
CA ALA A 258 -14.23 11.33 21.27
C ALA A 258 -13.08 12.13 20.69
N VAL A 259 -13.02 12.21 19.36
CA VAL A 259 -11.97 12.97 18.70
C VAL A 259 -12.09 14.45 19.01
N LEU A 260 -13.33 14.94 19.09
CA LEU A 260 -13.59 16.35 19.36
C LEU A 260 -13.86 16.64 20.83
N LEU A 261 -13.29 15.85 21.73
CA LEU A 261 -13.52 16.06 23.16
C LEU A 261 -12.96 17.40 23.62
N LEU A 262 -11.70 17.68 23.27
CA LEU A 262 -11.08 18.93 23.65
C LEU A 262 -11.76 20.12 23.01
N SER A 263 -12.28 19.96 21.80
CA SER A 263 -12.97 21.06 21.14
C SER A 263 -14.33 21.33 21.77
N CYS A 264 -15.04 20.27 22.19
CA CYS A 264 -16.34 20.46 22.82
C CYS A 264 -16.21 21.09 24.20
N TYR A 265 -15.10 20.84 24.91
CA TYR A 265 -14.88 21.51 26.17
C TYR A 265 -14.43 22.95 25.97
N SER A 266 -13.64 23.19 24.92
CA SER A 266 -13.08 24.52 24.69
C SER A 266 -14.15 25.53 24.31
N ILE A 267 -15.19 25.10 23.61
CA ILE A 267 -16.27 26.02 23.24
C ILE A 267 -17.06 26.40 24.48
N ILE A 268 -17.12 25.52 25.47
CA ILE A 268 -17.78 25.83 26.73
C ILE A 268 -16.91 26.76 27.56
N ILE A 269 -15.60 26.50 27.59
CA ILE A 269 -14.68 27.39 28.27
C ILE A 269 -14.68 28.76 27.61
N MET A 270 -14.71 28.78 26.28
CA MET A 270 -14.73 30.03 25.56
C MET A 270 -15.99 30.83 25.85
N PHE A 271 -17.12 30.14 26.04
CA PHE A 271 -18.37 30.84 26.31
C PHE A 271 -18.42 31.39 27.73
N LEU A 272 -17.96 30.60 28.71
CA LEU A 272 -18.07 31.01 30.10
C LEU A 272 -17.12 32.16 30.43
N PHE A 273 -15.88 32.09 29.95
CA PHE A 273 -14.91 33.11 30.29
C PHE A 273 -15.13 34.40 29.51
N ILE A 274 -15.71 34.31 28.32
CA ILE A 274 -16.11 35.52 27.61
C ILE A 274 -17.32 36.16 28.28
N LEU A 275 -18.24 35.34 28.78
CA LEU A 275 -19.40 35.86 29.50
C LEU A 275 -19.00 36.55 30.80
N GLY A 276 -17.92 36.08 31.43
CA GLY A 276 -17.48 36.70 32.67
C GLY A 276 -16.68 37.96 32.49
N MET A 277 -16.19 38.22 31.27
CA MET A 277 -15.40 39.42 31.03
C MET A 277 -16.20 40.70 31.25
N PRO A 278 -17.42 40.85 30.73
CA PRO A 278 -18.18 42.07 31.04
C PRO A 278 -18.57 42.15 32.50
N THR A 279 -18.79 41.02 33.16
CA THR A 279 -19.14 41.02 34.57
C THR A 279 -17.99 41.53 35.43
N LEU A 280 -16.77 41.08 35.14
CA LEU A 280 -15.61 41.55 35.88
C LEU A 280 -15.28 43.00 35.56
N LEU A 281 -15.68 43.46 34.37
CA LEU A 281 -15.44 44.85 34.02
C LEU A 281 -16.37 45.78 34.80
N LEU A 282 -17.62 45.38 34.98
CA LEU A 282 -18.54 46.17 35.80
C LEU A 282 -18.12 46.17 37.25
N TYR A 283 -17.53 45.07 37.73
CA TYR A 283 -17.00 45.04 39.08
C TYR A 283 -15.83 46.01 39.24
N ASP A 284 -15.01 46.13 38.20
CA ASP A 284 -13.89 47.05 38.25
C ASP A 284 -14.35 48.50 38.26
N PHE A 285 -15.47 48.79 37.60
CA PHE A 285 -15.99 50.15 37.60
C PHE A 285 -16.42 50.58 38.99
N GLY A 286 -17.02 49.67 39.74
CA GLY A 286 -17.53 49.97 41.05
C GLY A 286 -19.02 50.24 41.06
N ILE A 287 -19.44 50.99 42.06
CA ILE A 287 -20.85 51.33 42.19
C ILE A 287 -21.27 52.36 41.15
N PHE A 288 -20.32 53.10 40.58
CA PHE A 288 -20.60 54.05 39.51
C PHE A 288 -20.71 53.38 38.14
N PHE A 289 -20.81 52.06 38.10
CA PHE A 289 -20.69 51.34 36.84
C PHE A 289 -21.73 51.77 35.81
N LEU A 290 -22.90 52.22 36.27
CA LEU A 290 -23.94 52.65 35.33
C LEU A 290 -23.57 53.96 34.66
N ALA A 291 -22.79 54.81 35.32
CA ALA A 291 -22.35 56.05 34.69
C ALA A 291 -21.30 55.78 33.62
N TYR A 292 -20.55 54.69 33.74
CA TYR A 292 -19.58 54.33 32.71
C TYR A 292 -20.27 53.86 31.44
N LEU A 293 -21.47 53.32 31.55
CA LEU A 293 -22.18 52.79 30.40
C LEU A 293 -23.04 53.85 29.72
N LYS A 294 -23.98 54.42 30.46
CA LYS A 294 -24.95 55.35 29.89
C LYS A 294 -24.54 56.81 30.03
N GLY A 295 -23.85 57.15 31.11
CA GLY A 295 -23.46 58.52 31.36
C GLY A 295 -24.34 59.17 32.41
N ALA A 296 -24.56 60.47 32.26
CA ALA A 296 -25.35 61.22 33.22
C ALA A 296 -26.84 61.03 32.96
N GLY A 297 -27.61 60.97 34.04
CA GLY A 297 -29.04 60.84 33.94
C GLY A 297 -29.68 62.09 33.40
N LYS A 298 -31.00 62.02 33.24
CA LYS A 298 -31.76 63.14 32.67
C LYS A 298 -32.91 63.54 33.57
N TYR A 299 -33.54 62.59 34.24
CA TYR A 299 -34.70 62.86 35.07
C TYR A 299 -34.36 62.70 36.54
N ILE A 300 -35.10 63.45 37.38
CA ILE A 300 -34.93 63.38 38.81
C ILE A 300 -35.49 62.10 39.40
N SER A 301 -36.32 61.38 38.65
CA SER A 301 -36.93 60.16 39.13
C SER A 301 -35.94 59.01 39.07
N SER A 302 -35.59 58.46 40.22
CA SER A 302 -34.69 57.32 40.26
C SER A 302 -35.36 56.08 39.67
N VAL A 303 -36.67 55.97 39.80
CA VAL A 303 -37.40 54.85 39.20
C VAL A 303 -37.40 54.97 37.68
N ALA A 304 -37.51 56.19 37.16
CA ALA A 304 -37.44 56.37 35.72
C ALA A 304 -36.05 56.05 35.20
N GLU A 305 -35.01 56.53 35.87
CA GLU A 305 -33.66 56.22 35.45
C GLU A 305 -33.33 54.75 35.68
N MET A 306 -33.98 54.11 36.65
CA MET A 306 -33.73 52.70 36.90
C MET A 306 -34.07 51.86 35.69
N MET A 307 -35.08 52.26 34.92
CA MET A 307 -35.43 51.50 33.73
C MET A 307 -34.43 51.71 32.60
N PHE A 308 -33.93 52.94 32.45
CA PHE A 308 -32.93 53.22 31.43
C PHE A 308 -31.59 52.60 31.78
N ASP A 309 -31.28 52.47 33.06
CA ASP A 309 -30.05 51.81 33.47
C ASP A 309 -30.16 50.30 33.30
N TYR A 310 -31.36 49.75 33.46
CA TYR A 310 -31.56 48.33 33.19
C TYR A 310 -31.38 47.99 31.72
N THR A 311 -31.69 48.94 30.83
CA THR A 311 -31.48 48.71 29.41
C THR A 311 -30.00 48.84 29.03
N ALA A 312 -29.31 49.83 29.60
CA ALA A 312 -27.90 50.01 29.28
C ALA A 312 -27.08 48.81 29.73
N CYS A 313 -27.43 48.21 30.86
CA CYS A 313 -26.73 47.02 31.31
C CYS A 313 -27.09 45.81 30.45
N LEU A 314 -28.33 45.76 29.95
CA LEU A 314 -28.71 44.68 29.05
C LEU A 314 -28.01 44.84 27.71
N VAL A 315 -28.05 46.04 27.14
CA VAL A 315 -27.34 46.32 25.91
C VAL A 315 -25.86 46.02 26.07
N PHE A 316 -25.32 46.27 27.27
CA PHE A 316 -23.92 46.00 27.53
C PHE A 316 -23.60 44.52 27.35
N TYR A 317 -24.53 43.64 27.70
CA TYR A 317 -24.33 42.21 27.53
C TYR A 317 -24.74 41.70 26.15
N ILE A 318 -25.70 42.36 25.51
CA ILE A 318 -26.15 41.93 24.18
C ILE A 318 -25.06 42.16 23.15
N ARG A 319 -24.26 43.22 23.32
CA ARG A 319 -23.17 43.49 22.40
C ARG A 319 -22.21 42.31 22.33
N ILE A 320 -22.11 41.53 23.41
CA ILE A 320 -21.24 40.37 23.47
C ILE A 320 -21.98 39.08 23.14
N LEU A 321 -23.14 38.87 23.74
CA LEU A 321 -23.81 37.59 23.59
C LEU A 321 -24.39 37.39 22.20
N ALA A 322 -24.84 38.46 21.56
CA ALA A 322 -25.42 38.33 20.23
C ALA A 322 -24.39 37.96 19.17
N GLN A 323 -23.10 38.07 19.47
CA GLN A 323 -22.08 37.70 18.51
C GLN A 323 -21.91 36.19 18.38
N TRP A 324 -22.48 35.41 19.28
CA TRP A 324 -22.42 33.96 19.15
C TRP A 324 -23.30 33.44 18.04
N ILE A 325 -24.17 34.28 17.47
CA ILE A 325 -24.92 33.89 16.28
C ILE A 325 -23.97 33.79 15.10
N ARG A 326 -22.85 34.51 15.13
CA ARG A 326 -21.83 34.34 14.11
C ARG A 326 -21.20 32.96 14.17
N VAL A 327 -20.99 32.45 15.38
CA VAL A 327 -20.46 31.11 15.55
C VAL A 327 -21.46 30.07 15.09
N VAL A 328 -22.75 30.32 15.31
CA VAL A 328 -23.79 29.42 14.82
C VAL A 328 -23.81 29.40 13.30
N LEU A 329 -23.62 30.56 12.67
CA LEU A 329 -23.58 30.61 11.22
C LEU A 329 -22.38 29.86 10.67
N MET A 330 -21.23 29.96 11.35
CA MET A 330 -20.05 29.25 10.88
C MET A 330 -20.20 27.74 11.02
N VAL A 331 -20.89 27.29 12.06
CA VAL A 331 -21.08 25.86 12.25
C VAL A 331 -22.08 25.31 11.23
N VAL A 332 -23.19 26.01 11.03
CA VAL A 332 -24.20 25.56 10.08
C VAL A 332 -23.64 25.51 8.68
N THR A 333 -22.87 26.53 8.30
CA THR A 333 -22.27 26.54 6.97
C THR A 333 -21.25 25.44 6.80
N PHE A 334 -20.53 25.10 7.88
CA PHE A 334 -19.56 24.01 7.82
C PHE A 334 -20.24 22.64 7.77
N ILE A 335 -21.40 22.51 8.40
CA ILE A 335 -22.12 21.24 8.38
C ILE A 335 -22.73 20.99 7.02
N SER A 336 -23.26 22.04 6.38
CA SER A 336 -23.87 21.87 5.07
C SER A 336 -22.86 21.46 4.02
N LEU A 337 -21.62 21.92 4.15
CA LEU A 337 -20.57 21.47 3.25
C LEU A 337 -20.18 20.02 3.51
N SER A 338 -20.10 19.63 4.79
CA SER A 338 -19.79 18.25 5.11
C SER A 338 -20.91 17.32 4.65
N HIS A 339 -22.15 17.78 4.69
CA HIS A 339 -23.26 16.96 4.22
C HIS A 339 -23.21 16.77 2.71
N TYR A 340 -22.75 17.78 1.98
CA TYR A 340 -22.71 17.66 0.52
C TYR A 340 -21.58 16.74 0.09
N VAL A 341 -20.43 16.82 0.76
CA VAL A 341 -19.29 15.99 0.40
C VAL A 341 -19.52 14.55 0.81
N SER A 342 -20.12 14.33 1.99
CA SER A 342 -20.33 12.97 2.45
C SER A 342 -21.35 12.24 1.61
N ASP A 343 -22.30 12.97 1.03
CA ASP A 343 -23.34 12.38 0.20
C ASP A 343 -23.06 12.56 -1.29
N PHE A 344 -21.83 12.92 -1.65
CA PHE A 344 -21.50 13.11 -3.05
C PHE A 344 -21.47 11.76 -3.76
N ASP A 345 -21.76 11.79 -5.06
CA ASP A 345 -21.96 10.56 -5.81
C ASP A 345 -20.64 9.83 -6.02
N ILE A 346 -20.64 8.54 -5.73
CA ILE A 346 -19.53 7.65 -6.07
C ILE A 346 -20.11 6.26 -6.29
N THR A 347 -19.89 5.70 -7.48
CA THR A 347 -20.49 4.42 -7.84
C THR A 347 -19.41 3.50 -8.40
N ASN A 348 -19.83 2.31 -8.82
CA ASN A 348 -18.93 1.34 -9.41
C ASN A 348 -18.46 1.76 -10.80
N SER A 349 -19.13 2.74 -11.42
CA SER A 349 -18.72 3.24 -12.72
C SER A 349 -17.45 4.06 -12.66
N ALA A 350 -16.95 4.37 -11.45
CA ALA A 350 -15.71 5.09 -11.27
C ALA A 350 -14.61 4.22 -10.69
N LEU A 351 -14.90 2.95 -10.39
CA LEU A 351 -13.93 2.04 -9.83
C LEU A 351 -13.24 1.22 -10.92
N ILE A 352 -11.98 0.87 -10.65
CA ILE A 352 -11.17 0.09 -11.56
C ILE A 352 -11.24 -1.36 -11.14
N GLY A 353 -11.86 -2.19 -11.98
CA GLY A 353 -12.01 -3.61 -11.69
C GLY A 353 -12.77 -3.89 -10.41
N SER A 354 -14.01 -3.44 -10.35
CA SER A 354 -14.80 -3.58 -9.13
C SER A 354 -15.21 -5.03 -8.91
N GLU A 355 -15.29 -5.41 -7.65
CA GLU A 355 -15.81 -6.72 -7.27
C GLU A 355 -17.14 -6.63 -6.56
N ASN A 356 -17.68 -5.42 -6.37
CA ASN A 356 -18.98 -5.23 -5.73
C ASN A 356 -20.08 -5.51 -6.76
N GLN A 357 -20.20 -6.78 -7.13
CA GLN A 357 -21.12 -7.18 -8.19
C GLN A 357 -22.57 -7.01 -7.78
N SER A 358 -22.87 -7.00 -6.50
CA SER A 358 -24.24 -6.84 -6.02
C SER A 358 -24.65 -5.39 -5.83
N ASP A 359 -23.74 -4.44 -6.01
CA ASP A 359 -24.06 -3.02 -5.86
C ASP A 359 -24.27 -2.44 -7.26
N SER A 360 -25.44 -2.74 -7.81
CA SER A 360 -25.94 -2.15 -9.05
C SER A 360 -25.05 -2.45 -10.25
N MET A 361 -24.09 -3.35 -10.11
CA MET A 361 -23.22 -3.69 -11.24
C MET A 361 -23.96 -4.56 -12.26
N ASN A 362 -24.82 -5.46 -11.78
CA ASN A 362 -25.53 -6.39 -12.66
C ASN A 362 -27.01 -6.06 -12.73
N GLU A 363 -27.36 -4.78 -12.67
CA GLU A 363 -28.74 -4.34 -12.75
C GLU A 363 -28.88 -3.28 -13.84
N LEU A 364 -30.10 -3.18 -14.36
CA LEU A 364 -30.41 -2.18 -15.37
C LEU A 364 -30.67 -0.87 -14.64
N ASN A 365 -29.78 0.11 -14.82
CA ASN A 365 -29.84 1.39 -14.13
C ASN A 365 -29.95 2.53 -15.15
N THR A 366 -31.17 2.95 -15.44
CA THR A 366 -31.41 4.15 -16.23
C THR A 366 -31.86 5.27 -15.30
N ASN A 367 -31.80 6.49 -15.83
CA ASN A 367 -32.19 7.67 -15.07
C ASN A 367 -33.12 8.52 -15.91
N PHE A 368 -33.52 9.65 -15.34
CA PHE A 368 -34.39 10.60 -16.02
C PHE A 368 -33.77 12.00 -15.99
N SER A 369 -32.44 12.05 -15.93
CA SER A 369 -31.73 13.31 -15.93
C SER A 369 -31.33 13.70 -17.35
N MET A 370 -30.61 14.81 -17.46
CA MET A 370 -30.06 15.23 -18.74
C MET A 370 -28.98 14.25 -19.19
N THR A 371 -28.96 13.97 -20.49
CA THR A 371 -27.94 13.09 -21.05
C THR A 371 -26.65 13.88 -21.27
N TYR A 372 -25.66 13.24 -21.87
CA TYR A 372 -24.29 13.74 -21.86
C TYR A 372 -23.86 14.03 -20.43
N TYR A 373 -23.86 12.97 -19.62
CA TYR A 373 -23.85 13.12 -18.17
C TYR A 373 -22.59 13.85 -17.72
N ILE A 374 -21.42 13.40 -18.15
CA ILE A 374 -20.16 13.99 -17.71
C ILE A 374 -19.93 15.37 -18.30
N LEU A 375 -20.77 15.79 -19.23
CA LEU A 375 -20.68 17.12 -19.83
C LEU A 375 -21.68 18.10 -19.24
N THR A 376 -22.83 17.62 -18.80
CA THR A 376 -23.89 18.48 -18.30
C THR A 376 -24.17 18.30 -16.81
N VAL A 377 -24.46 17.07 -16.38
CA VAL A 377 -24.90 16.84 -15.02
C VAL A 377 -23.72 16.82 -14.05
N LEU A 378 -22.67 16.08 -14.39
CA LEU A 378 -21.53 15.98 -13.49
C LEU A 378 -20.83 17.31 -13.26
N PRO A 379 -20.57 18.14 -14.27
CA PRO A 379 -20.01 19.46 -13.97
C PRO A 379 -20.94 20.32 -13.14
N GLY A 380 -22.25 20.14 -13.28
CA GLY A 380 -23.17 20.91 -12.46
C GLY A 380 -23.06 20.59 -10.98
N LYS A 381 -22.83 19.32 -10.67
CA LYS A 381 -22.62 18.94 -9.28
C LYS A 381 -21.32 19.50 -8.73
N PHE A 382 -20.32 19.68 -9.60
CA PHE A 382 -19.06 20.26 -9.18
C PHE A 382 -19.15 21.77 -9.07
N ILE A 383 -19.97 22.40 -9.92
CA ILE A 383 -20.17 23.84 -9.81
C ILE A 383 -20.82 24.19 -8.49
N TYR A 384 -21.84 23.43 -8.08
CA TYR A 384 -22.47 23.65 -6.78
C TYR A 384 -21.52 23.35 -5.63
N TRP A 385 -20.60 22.39 -5.83
CA TRP A 385 -19.59 22.11 -4.82
C TRP A 385 -18.68 23.31 -4.61
N ILE A 386 -18.26 23.95 -5.70
CA ILE A 386 -17.40 25.12 -5.58
C ILE A 386 -18.14 26.25 -4.89
N TYR A 387 -19.44 26.40 -5.16
CA TYR A 387 -20.22 27.42 -4.46
C TYR A 387 -20.32 27.12 -2.97
N GLU A 388 -20.49 25.84 -2.61
CA GLU A 388 -20.61 25.49 -1.20
C GLU A 388 -19.36 25.84 -0.42
N ILE A 389 -18.19 25.58 -1.01
CA ILE A 389 -16.95 25.82 -0.27
C ILE A 389 -16.54 27.29 -0.34
N LEU A 390 -16.80 27.97 -1.46
CA LEU A 390 -16.50 29.40 -1.54
C LEU A 390 -17.43 30.19 -0.63
N HIS A 391 -18.68 29.76 -0.51
CA HIS A 391 -19.59 30.40 0.43
C HIS A 391 -19.19 30.11 1.87
N THR A 392 -18.67 28.91 2.12
CA THR A 392 -18.21 28.56 3.46
C THR A 392 -16.96 29.35 3.84
N PHE A 393 -16.00 29.46 2.91
CA PHE A 393 -14.79 30.21 3.19
C PHE A 393 -15.10 31.67 3.47
N PHE A 394 -16.05 32.25 2.74
CA PHE A 394 -16.41 33.64 2.96
C PHE A 394 -17.08 33.83 4.31
N VAL A 395 -17.89 32.87 4.73
CA VAL A 395 -18.62 33.00 5.99
C VAL A 395 -17.69 32.79 7.18
N VAL A 396 -16.95 31.68 7.18
CA VAL A 396 -16.15 31.37 8.35
C VAL A 396 -15.01 32.34 8.54
N CYS A 397 -14.55 32.98 7.46
CA CYS A 397 -13.46 33.93 7.58
C CYS A 397 -13.95 35.31 7.98
N SER A 398 -15.06 35.77 7.40
CA SER A 398 -15.58 37.09 7.76
C SER A 398 -16.18 37.09 9.16
N GLN A 399 -16.88 36.02 9.53
CA GLN A 399 -17.48 35.96 10.86
C GLN A 399 -16.44 35.70 11.94
N PHE A 400 -15.34 35.05 11.59
CA PHE A 400 -14.25 34.86 12.53
C PHE A 400 -13.59 36.18 12.88
N VAL A 401 -13.32 37.02 11.88
CA VAL A 401 -12.74 38.32 12.13
C VAL A 401 -13.73 39.21 12.87
N ALA A 402 -14.99 39.21 12.44
CA ALA A 402 -15.98 40.09 13.06
C ALA A 402 -16.27 39.69 14.49
N PHE A 403 -16.09 38.42 14.83
CA PHE A 403 -16.36 37.99 16.20
C PHE A 403 -15.33 38.56 17.16
N PHE A 404 -14.05 38.39 16.84
CA PHE A 404 -13.00 38.87 17.74
C PHE A 404 -12.81 40.38 17.65
N ALA A 405 -13.11 40.98 16.50
CA ALA A 405 -13.01 42.42 16.34
C ALA A 405 -14.12 43.18 17.06
N ILE A 406 -15.17 42.49 17.48
CA ILE A 406 -16.29 43.11 18.17
C ILE A 406 -16.34 42.71 19.64
N VAL A 407 -16.12 41.44 19.93
CA VAL A 407 -16.21 40.94 21.29
C VAL A 407 -15.09 41.49 22.15
N PHE A 408 -13.89 41.58 21.61
CA PHE A 408 -12.72 42.01 22.36
C PHE A 408 -12.19 43.37 21.94
N TRP A 409 -12.04 43.60 20.63
CA TRP A 409 -11.41 44.83 20.16
C TRP A 409 -12.33 46.02 20.32
N LEU A 410 -13.49 45.98 19.67
CA LEU A 410 -14.40 47.13 19.72
C LEU A 410 -15.01 47.29 21.11
N PHE A 411 -15.28 46.18 21.79
CA PHE A 411 -15.92 46.25 23.10
C PHE A 411 -15.04 46.98 24.09
N LEU A 412 -13.74 46.65 24.12
CA LEU A 412 -12.83 47.30 25.05
C LEU A 412 -12.41 48.69 24.59
N PHE A 413 -12.62 49.01 23.31
CA PHE A 413 -12.37 50.36 22.85
C PHE A 413 -13.44 51.32 23.36
N LEU A 414 -14.66 50.83 23.57
CA LEU A 414 -15.77 51.69 23.95
C LEU A 414 -15.81 51.96 25.45
N TYR A 415 -15.44 50.99 26.27
CA TYR A 415 -15.59 51.09 27.71
C TYR A 415 -14.28 51.26 28.46
N THR A 416 -13.14 51.22 27.76
CA THR A 416 -11.85 51.42 28.40
C THR A 416 -11.03 52.41 27.58
N PHE A 417 -10.03 52.98 28.21
CA PHE A 417 -9.18 53.96 27.55
C PHE A 417 -7.90 54.12 28.35
N PHE A 418 -6.99 54.94 27.84
CA PHE A 418 -5.76 55.31 28.51
C PHE A 418 -5.68 56.81 28.63
N ILE A 419 -5.22 57.29 29.77
CA ILE A 419 -5.11 58.71 30.00
C ILE A 419 -3.89 59.26 29.28
N ILE A 420 -3.96 60.53 28.91
CA ILE A 420 -2.84 61.23 28.30
C ILE A 420 -2.04 62.03 29.32
N GLU A 421 -2.64 62.37 30.46
CA GLU A 421 -1.94 63.12 31.50
C GLU A 421 -1.00 62.20 32.27
N LYS A 422 0.16 62.73 32.64
CA LYS A 422 1.13 61.99 33.43
C LYS A 422 1.23 62.59 34.84
N HIS A 423 1.64 61.75 35.78
CA HIS A 423 1.84 62.15 37.16
C HIS A 423 3.31 62.35 37.53
N GLU A 424 4.24 61.97 36.65
CA GLU A 424 5.66 62.06 36.92
C GLU A 424 6.42 62.01 35.61
N ASP A 425 7.45 62.84 35.49
CA ASP A 425 8.23 62.95 34.25
C ASP A 425 9.72 63.09 34.54
N PHE A 426 10.26 62.26 35.44
CA PHE A 426 11.67 62.40 35.78
C PHE A 426 12.60 61.72 34.77
N PHE A 427 12.09 60.89 33.87
CA PHE A 427 12.97 60.29 32.88
C PHE A 427 13.49 61.31 31.88
N SER A 428 12.65 62.28 31.51
CA SER A 428 13.05 63.25 30.49
C SER A 428 14.21 64.11 30.97
N LYS A 429 14.17 64.54 32.23
CA LYS A 429 15.21 65.41 32.76
C LYS A 429 16.46 64.66 33.18
N LYS A 430 16.34 63.37 33.50
CA LYS A 430 17.54 62.57 33.78
C LYS A 430 18.32 62.27 32.51
N ARG A 431 17.61 62.03 31.40
CA ARG A 431 18.28 61.75 30.14
C ARG A 431 19.04 62.96 29.61
N GLU A 432 18.52 64.16 29.84
CA GLU A 432 19.24 65.35 29.41
C GLU A 432 20.51 65.55 30.21
N GLU A 433 20.44 65.34 31.52
CA GLU A 433 21.62 65.49 32.37
C GLU A 433 22.62 64.37 32.09
N ARG A 434 22.13 63.16 31.83
CA ARG A 434 23.01 62.05 31.49
C ARG A 434 23.70 62.29 30.15
N LYS A 435 23.02 62.95 29.21
CA LYS A 435 23.62 63.22 27.91
C LYS A 435 24.77 64.20 28.01
N LYS A 436 24.69 65.17 28.93
CA LYS A 436 25.79 66.10 29.11
C LYS A 436 26.98 65.44 29.77
N LYS A 437 26.73 64.39 30.56
CA LYS A 437 27.81 63.67 31.22
C LYS A 437 28.63 62.87 30.24
N LEU A 438 28.02 62.37 29.18
CA LEU A 438 28.68 61.57 28.17
C LEU A 438 29.00 62.35 26.91
N LYS A 439 29.12 63.68 27.02
CA LYS A 439 29.39 64.50 25.85
C LYS A 439 30.79 64.23 25.29
N GLU A 440 31.77 64.02 26.17
CA GLU A 440 33.14 63.81 25.71
C GLU A 440 33.27 62.50 24.95
N LEU A 441 32.54 61.47 25.39
CA LEU A 441 32.60 60.20 24.69
C LEU A 441 31.91 60.26 23.34
N TRP A 442 30.76 60.94 23.26
CA TRP A 442 30.11 61.11 21.97
C TRP A 442 30.96 61.91 21.01
N ASN A 443 31.78 62.82 21.52
CA ASN A 443 32.66 63.59 20.65
C ASN A 443 33.69 62.70 19.97
N LEU A 444 34.10 61.61 20.64
CA LEU A 444 34.94 60.63 20.00
C LEU A 444 34.17 59.77 18.99
N LYS A 445 32.87 60.02 18.83
CA LYS A 445 32.03 59.26 17.92
C LYS A 445 31.97 57.80 18.31
N ASN A 446 32.00 57.54 19.61
CA ASN A 446 31.90 56.19 20.17
C ASN A 446 32.68 55.16 19.35
N MET B 62 52.31 39.69 47.35
CA MET B 62 50.95 39.39 46.94
C MET B 62 50.09 39.09 48.16
N LYS B 63 48.99 39.83 48.32
CA LYS B 63 48.09 39.60 49.44
C LYS B 63 47.40 38.26 49.31
N LYS B 64 47.16 37.64 50.45
CA LYS B 64 46.46 36.36 50.47
C LYS B 64 45.00 36.57 50.06
N PRO B 65 44.54 35.98 48.97
CA PRO B 65 43.15 36.21 48.57
C PRO B 65 42.16 35.47 49.45
N MET B 66 40.87 35.66 49.21
CA MET B 66 39.86 34.99 50.00
C MET B 66 39.82 33.50 49.65
N ALA B 67 39.42 32.69 50.62
CA ALA B 67 39.41 31.24 50.42
C ALA B 67 38.37 30.84 49.38
N LYS B 68 37.15 31.35 49.51
CA LYS B 68 36.07 30.98 48.61
C LYS B 68 34.97 32.01 48.73
N ALA B 69 34.13 32.08 47.70
CA ALA B 69 32.95 32.91 47.72
C ALA B 69 31.77 32.09 48.24
N TYR B 70 30.57 32.65 48.13
CA TYR B 70 29.38 31.96 48.60
C TYR B 70 29.08 30.78 47.69
N GLU B 71 28.66 29.67 48.28
CA GLU B 71 28.23 28.49 47.54
C GLU B 71 26.75 28.27 47.79
N HIS B 72 25.95 28.40 46.74
CA HIS B 72 24.52 28.28 46.87
C HIS B 72 24.15 26.83 47.19
N PRO B 73 23.36 26.59 48.24
CA PRO B 73 23.05 25.21 48.62
C PRO B 73 22.00 24.52 47.76
N TYR B 74 21.43 25.19 46.77
CA TYR B 74 20.37 24.61 45.95
C TYR B 74 20.60 24.82 44.46
N ASN B 75 21.84 25.06 44.05
CA ASN B 75 22.16 25.22 42.64
C ASN B 75 23.34 24.31 42.30
N SER B 76 23.14 23.45 41.32
CA SER B 76 24.18 22.55 40.85
C SER B 76 24.20 22.61 39.33
N GLU B 77 25.27 22.04 38.77
CA GLU B 77 25.42 22.08 37.32
C GLU B 77 24.47 21.10 36.64
N HIS B 78 24.21 19.95 37.27
CA HIS B 78 23.28 18.99 36.70
C HIS B 78 21.84 19.32 37.02
N HIS B 79 21.58 19.94 38.18
CA HIS B 79 20.24 20.39 38.55
C HIS B 79 20.29 21.90 38.76
N PRO B 80 20.31 22.68 37.69
CA PRO B 80 20.30 24.14 37.84
C PRO B 80 18.99 24.62 38.41
N LEU B 81 19.07 25.62 39.29
CA LEU B 81 17.88 26.10 39.98
C LEU B 81 16.95 26.80 39.01
N ASN B 82 17.48 27.70 38.20
CA ASN B 82 16.67 28.47 37.26
C ASN B 82 16.59 27.74 35.92
N PHE B 83 15.55 28.10 35.16
CA PHE B 83 15.22 27.42 33.92
C PHE B 83 15.52 28.27 32.69
N SER B 84 15.96 27.60 31.64
CA SER B 84 16.19 28.22 30.34
C SER B 84 16.20 27.11 29.31
N ALA B 85 16.11 27.51 28.04
CA ALA B 85 16.17 26.57 26.94
C ALA B 85 17.56 25.98 26.72
N VAL B 86 18.58 26.57 27.33
CA VAL B 86 19.95 26.08 27.14
C VAL B 86 20.12 24.74 27.83
N LYS B 87 19.64 24.63 29.07
CA LYS B 87 19.77 23.36 29.79
C LYS B 87 18.88 22.29 29.18
N ILE B 88 17.71 22.68 28.68
CA ILE B 88 16.86 21.73 27.98
C ILE B 88 17.54 21.27 26.69
N ALA B 89 18.32 22.15 26.06
CA ALA B 89 19.02 21.77 24.85
C ALA B 89 20.10 20.73 25.14
N GLU B 90 20.80 20.88 26.26
CA GLU B 90 21.82 19.90 26.62
C GLU B 90 21.22 18.56 26.96
N THR B 91 20.13 18.53 27.72
CA THR B 91 19.48 17.27 28.03
C THR B 91 18.87 16.64 26.78
N PHE B 92 18.47 17.46 25.81
CA PHE B 92 17.90 16.93 24.58
C PHE B 92 18.95 16.22 23.74
N HIS B 93 20.11 16.85 23.55
CA HIS B 93 21.15 16.25 22.74
C HIS B 93 21.84 15.10 23.43
N ASP B 94 21.79 15.03 24.75
CA ASP B 94 22.22 13.82 25.43
C ASP B 94 21.27 12.67 25.14
N PHE B 95 19.98 12.96 24.93
CA PHE B 95 19.01 11.92 24.65
C PHE B 95 19.13 11.39 23.23
N ILE B 96 19.02 12.27 22.23
CA ILE B 96 19.16 11.83 20.85
C ILE B 96 20.58 11.46 20.51
N GLY B 97 21.52 11.77 21.39
CA GLY B 97 22.92 11.47 21.16
C GLY B 97 23.54 12.40 20.16
N PRO B 98 24.84 12.25 19.97
CA PRO B 98 25.53 13.09 19.00
C PRO B 98 25.22 12.67 17.57
N GLU B 99 25.69 13.49 16.65
CA GLU B 99 25.54 13.23 15.23
C GLU B 99 26.15 11.89 14.85
N GLN B 100 25.33 11.02 14.25
CA GLN B 100 25.76 9.67 13.89
C GLN B 100 26.53 9.73 12.57
N VAL B 101 27.83 9.95 12.69
CA VAL B 101 28.69 10.09 11.52
C VAL B 101 28.92 8.73 10.88
N SER B 102 28.68 8.66 9.59
CA SER B 102 28.89 7.44 8.83
C SER B 102 30.28 7.45 8.20
N PRO B 103 31.04 6.36 8.28
CA PRO B 103 32.36 6.32 7.64
C PRO B 103 32.36 5.82 6.22
N HIS B 104 31.21 5.48 5.66
CA HIS B 104 31.14 4.85 4.35
C HIS B 104 31.09 5.87 3.22
N TYR B 105 31.20 5.35 2.01
CA TYR B 105 31.26 6.14 0.81
C TYR B 105 29.90 6.28 0.13
N GLU B 106 28.92 5.48 0.55
CA GLU B 106 27.55 5.60 0.08
C GLU B 106 26.62 5.47 1.27
N SER B 107 25.43 6.04 1.14
CA SER B 107 24.47 6.00 2.23
C SER B 107 23.91 4.58 2.39
N PHE B 108 23.36 4.32 3.57
CA PHE B 108 22.87 2.98 3.88
C PHE B 108 21.68 2.61 3.01
N ALA B 109 20.80 3.59 2.73
CA ALA B 109 19.59 3.29 1.98
C ALA B 109 19.90 2.98 0.52
N MET B 110 20.84 3.71 -0.08
CA MET B 110 21.16 3.54 -1.48
C MET B 110 21.97 2.28 -1.72
N SER B 111 22.61 1.73 -0.69
CA SER B 111 23.37 0.50 -0.83
C SER B 111 22.53 -0.74 -0.59
N ARG B 112 21.33 -0.59 -0.01
CA ARG B 112 20.46 -1.71 0.33
C ARG B 112 19.06 -1.54 -0.25
N LYS B 113 18.96 -0.94 -1.44
CA LYS B 113 17.65 -0.67 -2.01
C LYS B 113 16.88 -1.96 -2.29
N PHE B 114 17.57 -2.99 -2.74
CA PHE B 114 16.92 -4.28 -2.97
C PHE B 114 16.49 -4.92 -1.67
N LEU B 115 17.35 -4.87 -0.65
CA LEU B 115 17.03 -5.50 0.63
C LEU B 115 15.95 -4.72 1.38
N LEU B 116 16.03 -3.39 1.37
CA LEU B 116 14.99 -2.59 1.99
C LEU B 116 13.65 -2.75 1.28
N THR B 117 13.69 -2.99 -0.03
CA THR B 117 12.46 -3.24 -0.76
C THR B 117 11.80 -4.53 -0.32
N PHE B 118 12.60 -5.54 0.03
CA PHE B 118 12.05 -6.80 0.52
C PHE B 118 11.33 -6.62 1.85
N TRP B 119 12.02 -6.02 2.83
CA TRP B 119 11.40 -5.83 4.15
C TRP B 119 10.26 -4.83 4.09
N GLY B 120 10.34 -3.83 3.22
CA GLY B 120 9.21 -2.95 3.04
C GLY B 120 7.97 -3.67 2.57
N GLY B 121 8.12 -4.50 1.54
CA GLY B 121 7.00 -5.31 1.10
C GLY B 121 6.65 -6.43 2.04
N PHE B 122 7.61 -6.89 2.83
CA PHE B 122 7.30 -7.92 3.83
C PHE B 122 6.33 -7.38 4.86
N PHE B 123 6.57 -6.17 5.36
CA PHE B 123 5.70 -5.58 6.37
C PHE B 123 4.38 -5.09 5.76
N VAL B 124 4.37 -4.77 4.47
CA VAL B 124 3.12 -4.47 3.79
C VAL B 124 2.26 -5.73 3.70
N LEU B 125 2.88 -6.83 3.27
CA LEU B 125 2.19 -8.11 3.24
C LEU B 125 1.85 -8.59 4.65
N ASN B 126 2.75 -8.32 5.60
CA ASN B 126 2.47 -8.68 6.99
C ASN B 126 1.20 -8.00 7.48
N PHE B 127 1.08 -6.69 7.22
CA PHE B 127 -0.13 -5.98 7.58
C PHE B 127 -1.31 -6.44 6.73
N GLY B 128 -1.07 -6.72 5.46
CA GLY B 128 -2.14 -7.16 4.58
C GLY B 128 -2.64 -8.55 4.91
N MET B 129 -1.73 -9.44 5.31
CA MET B 129 -2.14 -10.77 5.70
C MET B 129 -2.83 -10.76 7.06
N ALA B 130 -2.47 -9.81 7.92
CA ALA B 130 -3.09 -9.69 9.23
C ALA B 130 -4.46 -9.03 9.14
N THR B 131 -4.60 -8.02 8.29
CA THR B 131 -5.83 -7.26 8.13
C THR B 131 -6.76 -7.95 7.15
N VAL B 132 -7.66 -8.78 7.68
CA VAL B 132 -8.63 -9.46 6.84
C VAL B 132 -9.65 -8.49 6.25
N ASP B 133 -9.93 -7.40 6.97
CA ASP B 133 -10.98 -6.46 6.59
C ASP B 133 -10.42 -5.17 6.01
N LEU B 134 -9.38 -5.27 5.18
CA LEU B 134 -8.73 -4.09 4.64
C LEU B 134 -9.67 -3.30 3.73
N ASN B 135 -10.61 -3.98 3.08
CA ASN B 135 -11.57 -3.28 2.24
C ASN B 135 -12.52 -2.43 3.06
N TRP B 136 -12.83 -2.85 4.28
CA TRP B 136 -13.67 -2.04 5.16
C TRP B 136 -12.94 -0.79 5.62
N ILE B 137 -11.62 -0.87 5.78
CA ILE B 137 -10.85 0.31 6.17
C ILE B 137 -10.73 1.28 5.01
N MET B 138 -10.58 0.76 3.80
CA MET B 138 -10.49 1.63 2.63
C MET B 138 -11.77 2.42 2.44
N LYS B 139 -12.92 1.74 2.52
CA LYS B 139 -14.19 2.40 2.33
C LYS B 139 -14.50 3.38 3.46
N SER B 140 -14.07 3.06 4.68
CA SER B 140 -14.30 3.95 5.80
C SER B 140 -13.39 5.18 5.75
N THR B 141 -12.34 5.14 4.92
CA THR B 141 -11.42 6.26 4.75
C THR B 141 -11.75 7.15 3.56
N TYR B 142 -12.72 6.78 2.74
CA TYR B 142 -13.00 7.53 1.53
C TYR B 142 -13.51 8.93 1.84
N ILE B 143 -14.51 9.02 2.71
CA ILE B 143 -15.12 10.32 3.01
C ILE B 143 -14.13 11.29 3.64
N PRO B 144 -13.37 10.92 4.67
CA PRO B 144 -12.39 11.87 5.22
C PRO B 144 -11.28 12.22 4.25
N TRP B 145 -10.95 11.33 3.31
CA TRP B 145 -9.93 11.65 2.33
C TRP B 145 -10.42 12.74 1.38
N ILE B 146 -11.66 12.60 0.89
CA ILE B 146 -12.23 13.61 0.02
C ILE B 146 -12.45 14.91 0.78
N PHE B 147 -12.97 14.81 2.00
CA PHE B 147 -13.37 16.01 2.74
C PHE B 147 -12.17 16.88 3.07
N TRP B 148 -11.15 16.31 3.72
CA TRP B 148 -10.04 17.13 4.17
C TRP B 148 -9.18 17.66 3.04
N PHE B 149 -9.20 17.01 1.89
CA PHE B 149 -8.40 17.49 0.76
C PHE B 149 -9.12 18.60 0.00
N GLN B 150 -10.43 18.49 -0.16
CA GLN B 150 -11.16 19.57 -0.82
C GLN B 150 -11.26 20.80 0.07
N LEU B 151 -11.23 20.60 1.39
CA LEU B 151 -11.38 21.72 2.31
C LEU B 151 -10.09 22.51 2.45
N MET B 152 -8.95 21.83 2.44
CA MET B 152 -7.65 22.44 2.67
C MET B 152 -6.81 22.59 1.41
N TYR B 153 -7.41 22.42 0.23
CA TYR B 153 -6.64 22.52 -0.99
C TYR B 153 -6.11 23.93 -1.20
N PHE B 154 -6.98 24.93 -0.99
CA PHE B 154 -6.59 26.30 -1.28
C PHE B 154 -5.49 26.79 -0.33
N TYR B 155 -5.60 26.44 0.95
CA TYR B 155 -4.65 26.95 1.93
C TYR B 155 -3.29 26.30 1.80
N VAL B 156 -3.22 25.13 1.18
CA VAL B 156 -1.96 24.41 1.02
C VAL B 156 -1.33 24.67 -0.34
N GLU B 157 -2.11 24.52 -1.40
CA GLU B 157 -1.58 24.59 -2.76
C GLU B 157 -2.32 25.56 -3.66
N GLY B 158 -3.64 25.68 -3.51
CA GLY B 158 -4.40 26.50 -4.43
C GLY B 158 -4.06 27.98 -4.34
N LYS B 159 -3.56 28.41 -3.18
CA LYS B 159 -3.22 29.82 -3.00
C LYS B 159 -2.07 30.26 -3.88
N ASN B 160 -1.27 29.33 -4.39
CA ASN B 160 -0.10 29.67 -5.17
C ASN B 160 -0.41 30.11 -6.58
N SER B 161 -1.63 29.86 -7.07
CA SER B 161 -2.02 30.31 -8.40
C SER B 161 -3.43 30.88 -8.43
N MET B 162 -4.07 31.06 -7.29
CA MET B 162 -5.44 31.58 -7.25
C MET B 162 -5.53 32.75 -6.28
N PHE B 163 -6.76 33.14 -5.95
CA PHE B 163 -7.11 34.46 -5.43
C PHE B 163 -6.03 35.15 -4.60
N MET B 164 -5.51 34.51 -3.55
CA MET B 164 -4.55 35.20 -2.70
C MET B 164 -3.30 34.36 -2.48
N PRO B 165 -2.12 34.99 -2.40
CA PRO B 165 -0.89 34.20 -2.21
C PRO B 165 -0.71 33.67 -0.80
N LEU B 166 -1.00 34.47 0.23
CA LEU B 166 -0.78 34.09 1.62
C LEU B 166 0.69 33.74 1.88
N LEU B 167 1.52 34.78 1.75
CA LEU B 167 2.97 34.68 1.84
C LEU B 167 3.51 34.81 3.25
N GLN B 168 2.70 34.53 4.27
CA GLN B 168 3.18 34.67 5.64
C GLN B 168 4.33 33.73 5.93
N ARG B 169 4.21 32.47 5.52
CA ARG B 169 5.27 31.50 5.77
C ARG B 169 6.52 31.80 4.97
N PHE B 170 6.39 32.43 3.80
CA PHE B 170 7.56 32.78 3.02
C PHE B 170 8.35 33.90 3.68
N TYR B 171 7.64 34.89 4.24
CA TYR B 171 8.32 36.01 4.89
C TYR B 171 9.21 35.53 6.02
N ARG B 172 8.83 34.47 6.71
CA ARG B 172 9.63 33.94 7.81
C ARG B 172 10.86 33.20 7.30
N ARG B 173 10.76 32.57 6.13
CA ARG B 173 11.92 31.94 5.52
C ARG B 173 12.92 32.99 5.04
N ALA B 174 12.42 34.09 4.46
CA ALA B 174 13.31 35.12 3.94
C ALA B 174 14.02 35.85 5.07
N ALA B 175 13.33 36.04 6.20
CA ALA B 175 13.98 36.66 7.35
C ALA B 175 15.05 35.75 7.94
N ALA B 176 14.79 34.44 7.97
CA ALA B 176 15.78 33.51 8.48
C ALA B 176 16.96 33.37 7.53
N ASN B 177 16.73 33.46 6.23
CA ASN B 177 17.82 33.37 5.26
C ASN B 177 18.77 34.55 5.38
N GLU B 178 18.24 35.73 5.73
CA GLU B 178 19.09 36.89 5.92
C GLU B 178 19.82 36.82 7.25
N ILE B 179 19.18 36.27 8.28
CA ILE B 179 19.85 36.09 9.56
C ILE B 179 20.93 35.03 9.46
N PHE B 180 20.67 33.97 8.68
CA PHE B 180 21.70 32.97 8.43
C PHE B 180 22.92 33.58 7.77
N THR B 181 22.70 34.52 6.85
CA THR B 181 23.81 35.16 6.17
C THR B 181 24.58 36.08 7.11
N MET B 182 23.88 36.78 8.00
CA MET B 182 24.55 37.65 8.96
C MET B 182 25.43 36.84 9.91
N GLU B 183 24.94 35.69 10.37
CA GLU B 183 25.76 34.83 11.21
C GLU B 183 26.97 34.32 10.46
N ALA B 184 26.83 34.10 9.15
CA ALA B 184 27.96 33.64 8.34
C ALA B 184 29.04 34.70 8.24
N PHE B 185 28.67 35.98 8.30
CA PHE B 185 29.63 37.07 8.26
C PHE B 185 29.77 37.75 9.62
N TYR B 186 29.54 37.01 10.71
CA TYR B 186 29.67 37.60 12.03
C TYR B 186 31.10 38.07 12.29
N HIS B 187 32.08 37.27 11.84
CA HIS B 187 33.47 37.62 12.07
C HIS B 187 33.84 38.92 11.37
N GLU B 188 33.41 39.09 10.12
CA GLU B 188 33.75 40.28 9.37
C GLU B 188 33.06 41.53 9.93
N ASN B 189 31.79 41.40 10.32
CA ASN B 189 31.05 42.55 10.81
C ASN B 189 31.59 43.04 12.15
N ILE B 190 31.89 42.11 13.06
CA ILE B 190 32.40 42.51 14.37
C ILE B 190 33.83 43.01 14.27
N GLU B 191 34.59 42.51 13.30
CA GLU B 191 35.95 42.98 13.13
C GLU B 191 36.00 44.38 12.55
N ASN B 192 35.02 44.73 11.71
CA ASN B 192 34.94 46.10 11.22
C ASN B 192 34.50 47.06 12.31
N LYS B 193 33.66 46.60 13.23
CA LYS B 193 33.22 47.43 14.34
C LYS B 193 34.36 47.72 15.31
N LEU B 194 35.24 46.74 15.52
CA LEU B 194 36.36 46.94 16.44
C LEU B 194 37.44 47.82 15.83
N ARG B 195 37.62 47.76 14.51
CA ARG B 195 38.60 48.60 13.86
C ARG B 195 38.33 50.08 14.12
N ASN B 196 37.07 50.47 14.22
CA ASN B 196 36.75 51.85 14.55
C ASN B 196 37.04 52.15 16.01
N LEU B 197 36.82 51.18 16.90
CA LEU B 197 37.16 51.36 18.30
C LEU B 197 38.66 51.32 18.53
N MET B 198 39.37 50.48 17.78
CA MET B 198 40.82 50.47 17.86
C MET B 198 41.41 51.76 17.31
N ARG B 199 40.72 52.39 16.37
CA ARG B 199 41.16 53.67 15.83
C ARG B 199 41.02 54.78 16.88
N ILE B 200 39.95 54.74 17.65
CA ILE B 200 39.75 55.73 18.71
C ILE B 200 40.72 55.48 19.85
N THR B 201 40.98 54.22 20.17
CA THR B 201 41.87 53.89 21.25
C THR B 201 43.30 54.29 20.93
N LYS B 202 43.74 54.03 19.70
CA LYS B 202 45.07 54.44 19.28
C LYS B 202 45.20 55.97 19.23
N GLY B 203 44.10 56.66 18.92
CA GLY B 203 44.16 58.12 18.91
C GLY B 203 44.36 58.73 20.28
N GLN B 204 43.91 58.04 21.32
CA GLN B 204 44.13 58.52 22.68
C GLN B 204 45.51 58.17 23.19
N LEU B 205 46.11 57.10 22.65
CA LEU B 205 47.45 56.69 23.06
C LEU B 205 48.54 57.54 22.42
N GLU B 206 48.19 58.47 21.53
CA GLU B 206 49.20 59.31 20.91
C GLU B 206 49.72 60.39 21.85
N TYR B 207 49.00 60.67 22.94
CA TYR B 207 49.43 61.68 23.89
C TYR B 207 50.56 61.19 24.79
N TRP B 208 50.53 59.92 25.19
CA TRP B 208 51.61 59.38 26.00
C TRP B 208 52.90 59.27 25.21
N ASP B 209 52.81 59.10 23.89
CA ASP B 209 53.99 59.05 23.06
C ASP B 209 54.66 60.41 22.92
N ILE B 210 53.92 61.49 23.09
CA ILE B 210 54.49 62.83 23.01
C ILE B 210 55.20 63.19 24.30
N HIS B 211 54.62 62.81 25.44
CA HIS B 211 55.21 63.16 26.73
C HIS B 211 56.50 62.41 26.98
N THR B 212 56.63 61.19 26.48
CA THR B 212 57.83 60.41 26.71
C THR B 212 59.06 61.05 26.08
N SER B 213 58.86 61.85 25.04
CA SER B 213 59.96 62.52 24.37
C SER B 213 60.23 63.91 24.91
N TYR B 214 59.42 64.39 25.85
CA TYR B 214 59.65 65.72 26.41
C TYR B 214 60.97 65.77 27.17
N GLY B 215 61.35 64.68 27.82
CA GLY B 215 62.63 64.65 28.51
C GLY B 215 63.80 64.74 27.56
N GLU B 216 63.69 64.15 26.37
CA GLU B 216 64.75 64.26 25.38
C GLU B 216 64.80 65.68 24.80
N ILE B 217 63.64 66.31 24.64
CA ILE B 217 63.61 67.67 24.12
C ILE B 217 64.22 68.63 25.13
N ARG B 218 63.89 68.45 26.41
CA ARG B 218 64.42 69.33 27.44
C ARG B 218 65.92 69.14 27.60
N ALA B 219 66.42 67.93 27.37
CA ALA B 219 67.85 67.68 27.49
C ALA B 219 68.62 68.38 26.39
N ASP B 220 68.13 68.30 25.15
CA ASP B 220 68.81 68.93 24.04
C ASP B 220 68.57 70.43 23.98
N SER B 221 67.48 70.91 24.59
CA SER B 221 67.20 72.34 24.61
C SER B 221 68.14 73.08 25.55
N ILE B 222 68.80 72.37 26.45
CA ILE B 222 69.73 72.96 27.40
C ILE B 222 71.11 72.34 27.21
N LEU C 125 54.98 69.15 36.60
CA LEU C 125 55.30 68.14 35.60
C LEU C 125 54.91 66.75 36.07
N ASP C 126 55.09 66.49 37.37
CA ASP C 126 54.73 65.20 37.92
C ASP C 126 53.22 65.03 38.00
N ASP C 127 52.46 66.12 37.92
CA ASP C 127 51.00 66.00 37.93
C ASP C 127 50.48 65.43 36.62
N ILE C 128 51.01 65.87 35.49
CA ILE C 128 50.60 65.30 34.21
C ILE C 128 51.35 64.02 33.88
N GLU C 129 52.53 63.80 34.47
CA GLU C 129 53.21 62.53 34.29
C GLU C 129 52.38 61.38 34.84
N ASN C 130 51.72 61.60 35.97
CA ASN C 130 50.85 60.60 36.55
C ASN C 130 49.44 60.64 35.98
N GLU C 131 49.03 61.78 35.44
CA GLU C 131 47.71 61.87 34.81
C GLU C 131 47.69 61.14 33.48
N LEU C 132 48.69 61.42 32.63
CA LEU C 132 48.78 60.74 31.34
C LEU C 132 49.14 59.27 31.47
N SER C 133 49.72 58.88 32.61
CA SER C 133 49.99 57.47 32.85
C SER C 133 48.70 56.70 33.09
N PHE C 134 47.85 57.23 33.98
CA PHE C 134 46.56 56.58 34.23
C PHE C 134 45.65 56.69 33.01
N HIS C 135 45.75 57.79 32.28
CA HIS C 135 44.98 57.92 31.05
C HIS C 135 45.39 56.87 30.02
N ALA C 136 46.68 56.58 29.92
CA ALA C 136 47.13 55.54 29.01
C ALA C 136 46.75 54.15 29.52
N ALA C 137 46.77 53.96 30.83
CA ALA C 137 46.40 52.67 31.39
C ALA C 137 44.93 52.34 31.15
N ILE C 138 44.08 53.36 31.07
CA ILE C 138 42.68 53.13 30.79
C ILE C 138 42.51 52.67 29.35
N TRP C 139 43.13 53.37 28.42
CA TRP C 139 42.98 53.05 27.00
C TRP C 139 43.85 51.88 26.56
N LEU C 140 44.90 51.57 27.31
CA LEU C 140 45.61 50.32 27.09
C LEU C 140 44.79 49.13 27.56
N ASN C 141 43.97 49.32 28.59
CA ASN C 141 43.07 48.27 29.03
C ASN C 141 41.97 48.03 28.00
N ALA C 142 41.49 49.09 27.36
CA ALA C 142 40.53 48.93 26.28
C ALA C 142 41.17 48.32 25.05
N TYR C 143 42.43 48.65 24.79
CA TYR C 143 43.15 48.05 23.68
C TYR C 143 43.34 46.56 23.90
N ALA C 144 43.61 46.16 25.14
CA ALA C 144 43.76 44.73 25.44
C ALA C 144 42.44 44.00 25.35
N ASP C 145 41.33 44.69 25.62
CA ASP C 145 40.02 44.07 25.46
C ASP C 145 39.76 43.70 24.02
N TYR C 146 39.97 44.64 23.11
CA TYR C 146 39.73 44.40 21.69
C TYR C 146 40.70 43.37 21.14
N THR C 147 41.95 43.39 21.60
CA THR C 147 42.94 42.45 21.12
C THR C 147 42.62 41.04 21.57
N MET C 148 42.29 40.85 22.84
CA MET C 148 42.02 39.53 23.35
C MET C 148 40.72 38.95 22.81
N PHE C 149 39.79 39.80 22.37
CA PHE C 149 38.59 39.30 21.73
C PHE C 149 38.91 38.69 20.37
N LEU C 150 39.66 39.42 19.55
CA LEU C 150 40.09 38.89 18.26
C LEU C 150 40.94 37.64 18.42
N PHE C 151 41.62 37.51 19.55
CA PHE C 151 42.38 36.30 19.84
C PHE C 151 41.45 35.12 20.15
N GLU C 152 40.44 35.35 20.97
CA GLU C 152 39.48 34.30 21.28
C GLU C 152 38.58 33.98 20.09
N LEU C 153 38.38 34.95 19.21
CA LEU C 153 37.53 34.75 18.06
C LEU C 153 38.10 33.75 17.06
N GLU C 154 39.40 33.45 17.17
CA GLU C 154 40.02 32.51 16.26
C GLU C 154 39.49 31.09 16.48
N GLU C 155 39.08 30.78 17.71
CA GLU C 155 38.54 29.46 18.01
C GLU C 155 37.06 29.34 17.70
N TYR C 156 36.43 30.41 17.24
CA TYR C 156 35.02 30.42 16.89
C TYR C 156 34.90 30.41 15.38
N ASN C 157 34.21 29.41 14.85
CA ASN C 157 34.09 29.26 13.41
C ASN C 157 32.77 28.59 13.04
N ASP C 158 32.13 29.11 12.00
CA ASP C 158 30.84 28.62 11.56
C ASP C 158 29.83 28.74 12.69
N PRO C 159 29.34 29.94 12.99
CA PRO C 159 28.30 30.06 14.03
C PRO C 159 27.04 29.27 13.71
N ASN C 160 26.85 28.87 12.46
CA ASN C 160 25.68 28.10 12.06
C ASN C 160 25.85 26.60 12.26
N ASP C 161 27.06 26.13 12.59
CA ASP C 161 27.32 24.70 12.74
C ASP C 161 27.65 24.32 14.18
N TYR C 162 27.24 25.14 15.14
CA TYR C 162 27.40 24.83 16.55
C TYR C 162 26.04 24.45 17.13
N LEU C 163 26.08 23.62 18.17
CA LEU C 163 24.87 23.32 18.89
C LEU C 163 24.38 24.56 19.64
N MET C 164 23.14 24.49 20.10
CA MET C 164 22.54 25.62 20.79
C MET C 164 23.30 25.96 22.06
N HIS C 165 23.56 24.95 22.88
CA HIS C 165 24.23 25.18 24.16
C HIS C 165 25.72 25.42 24.03
N GLU C 166 26.34 25.05 22.92
CA GLU C 166 27.76 25.36 22.75
C GLU C 166 27.95 26.80 22.30
N ASN C 167 27.06 27.31 21.47
CA ASN C 167 27.12 28.71 21.08
C ASN C 167 26.92 29.64 22.27
N PHE C 168 26.07 29.23 23.21
CA PHE C 168 25.87 30.02 24.42
C PHE C 168 27.05 29.93 25.36
N ASP C 169 27.88 28.91 25.23
CA ASP C 169 29.07 28.80 26.07
C ASP C 169 30.18 29.71 25.57
N PHE C 170 30.30 29.88 24.26
CA PHE C 170 31.22 30.86 23.73
C PHE C 170 30.88 32.26 24.22
N PHE C 171 29.59 32.60 24.17
CA PHE C 171 29.10 33.88 24.65
C PHE C 171 28.59 33.73 26.08
N ARG C 172 29.53 33.41 26.95
CA ARG C 172 29.19 33.23 28.36
C ARG C 172 28.52 34.47 28.90
N GLY C 173 27.43 34.28 29.62
CA GLY C 173 26.61 35.36 30.13
C GLY C 173 25.27 35.49 29.44
N LEU C 174 25.14 34.97 28.21
CA LEU C 174 23.87 35.02 27.51
C LEU C 174 22.86 34.05 28.12
N GLU C 175 23.31 32.92 28.65
CA GLU C 175 22.38 31.99 29.29
C GLU C 175 21.82 32.60 30.57
N THR C 176 22.65 33.33 31.30
CA THR C 176 22.19 33.98 32.52
C THR C 176 21.17 35.06 32.22
N GLU C 177 21.43 35.90 31.21
CA GLU C 177 20.44 36.89 30.81
C GLU C 177 19.16 36.24 30.33
N LEU C 178 19.27 35.08 29.66
CA LEU C 178 18.09 34.35 29.24
C LEU C 178 17.32 33.78 30.42
N GLU C 179 18.02 33.44 31.51
CA GLU C 179 17.33 32.95 32.70
C GLU C 179 16.62 34.09 33.42
N GLU C 180 17.19 35.29 33.42
CA GLU C 180 16.53 36.42 34.05
C GLU C 180 15.22 36.77 33.36
N LEU C 181 15.20 36.65 32.03
CA LEU C 181 13.98 36.89 31.28
C LEU C 181 12.92 35.85 31.59
N THR C 182 13.33 34.60 31.77
CA THR C 182 12.38 33.54 32.03
C THR C 182 11.85 33.61 33.45
N GLU C 183 12.72 33.86 34.42
CA GLU C 183 12.29 33.87 35.82
C GLU C 183 11.42 35.07 36.15
N THR C 184 11.60 36.19 35.45
CA THR C 184 10.73 37.34 35.63
C THR C 184 9.55 37.34 34.66
N HIS C 185 9.40 36.26 33.88
CA HIS C 185 8.31 36.11 32.94
C HIS C 185 8.29 37.23 31.90
N ASN C 186 9.47 37.60 31.42
CA ASN C 186 9.58 38.51 30.29
C ASN C 186 9.73 37.72 29.00
N TYR C 187 8.73 36.88 28.74
CA TYR C 187 8.75 35.96 27.61
C TYR C 187 8.23 36.57 26.32
N ILE C 188 8.19 37.90 26.25
CA ILE C 188 7.96 38.59 24.98
C ILE C 188 9.33 38.86 24.35
N PRO C 189 9.63 38.26 23.20
CA PRO C 189 11.01 38.34 22.68
C PRO C 189 11.39 39.76 22.30
N GLY C 190 12.57 40.18 22.76
CA GLY C 190 13.11 41.48 22.45
C GLY C 190 12.56 42.63 23.25
N ALA C 191 11.87 42.37 24.35
CA ALA C 191 11.26 43.45 25.12
C ALA C 191 12.31 44.28 25.84
N LYS C 192 13.37 43.64 26.33
CA LYS C 192 14.42 44.35 27.05
C LYS C 192 15.60 44.67 26.16
N ASP C 193 15.45 44.55 24.85
CA ASP C 193 16.48 44.95 23.90
C ASP C 193 16.16 46.32 23.35
N ASP C 194 17.14 47.22 23.39
CA ASP C 194 16.90 48.57 22.91
C ASP C 194 16.61 48.57 21.41
N VAL C 195 17.45 47.86 20.65
CA VAL C 195 17.20 47.69 19.22
C VAL C 195 16.84 46.23 18.93
N ASN C 196 15.56 45.93 18.89
CA ASN C 196 15.09 44.58 18.60
C ASN C 196 15.15 44.36 17.09
N LEU C 197 16.38 44.25 16.60
CA LEU C 197 16.61 44.06 15.17
C LEU C 197 15.93 42.81 14.66
N ARG C 198 15.94 41.76 15.48
CA ARG C 198 15.21 40.53 15.13
C ARG C 198 13.72 40.79 15.03
N GLY C 199 13.19 41.69 15.86
CA GLY C 199 11.78 42.03 15.78
C GLY C 199 11.44 42.79 14.52
N TYR C 200 12.36 43.60 14.02
CA TYR C 200 12.13 44.35 12.79
C TYR C 200 12.27 43.44 11.56
N LEU C 201 13.19 42.49 11.61
CA LEU C 201 13.33 41.56 10.49
C LEU C 201 12.12 40.67 10.35
N ALA C 202 11.45 40.37 11.46
CA ALA C 202 10.29 39.50 11.43
C ALA C 202 9.03 40.22 11.00
N THR C 203 9.01 41.55 11.02
CA THR C 203 7.81 42.31 10.74
C THR C 203 7.99 43.21 9.52
N GLN C 204 8.86 42.84 8.60
CA GLN C 204 9.09 43.67 7.43
C GLN C 204 7.84 43.77 6.57
N PHE C 205 6.97 42.77 6.63
CA PHE C 205 5.77 42.74 5.83
C PHE C 205 4.54 42.44 6.68
N ALA C 206 4.61 42.75 7.96
CA ALA C 206 3.51 42.46 8.87
C ALA C 206 2.43 43.51 8.77
N TRP C 207 1.19 43.07 8.92
CA TRP C 207 0.06 43.99 8.95
C TRP C 207 0.07 44.78 10.25
N GLY C 208 -0.07 46.09 10.16
CA GLY C 208 0.12 46.93 11.33
C GLY C 208 1.52 46.81 11.86
N LYS C 209 2.50 47.11 11.01
CA LYS C 209 3.90 46.88 11.36
C LYS C 209 4.25 47.59 12.66
N LYS C 210 4.63 46.81 13.66
CA LYS C 210 5.00 47.37 14.94
C LYS C 210 5.89 46.38 15.68
N VAL C 211 6.72 46.91 16.56
CA VAL C 211 7.55 46.08 17.43
C VAL C 211 7.07 46.29 18.86
N ILE C 212 7.48 45.37 19.73
CA ILE C 212 7.08 45.44 21.13
C ILE C 212 7.68 46.68 21.77
N SER C 213 6.93 47.29 22.68
CA SER C 213 7.44 48.45 23.37
C SER C 213 8.52 48.04 24.36
N PHE C 214 9.40 48.99 24.66
CA PHE C 214 10.58 48.70 25.46
C PHE C 214 10.21 48.29 26.88
N TYR C 215 10.75 47.17 27.33
CA TYR C 215 10.54 46.65 28.69
C TYR C 215 9.07 46.33 28.95
N ARG C 216 8.36 45.89 27.93
CA ARG C 216 6.95 45.52 28.07
C ARG C 216 6.83 44.15 28.71
N HIS C 217 6.19 44.08 29.87
CA HIS C 217 5.96 42.81 30.54
C HIS C 217 4.59 42.26 30.13
N PRO C 218 4.47 40.95 29.89
CA PRO C 218 3.17 40.40 29.44
C PRO C 218 2.08 40.44 30.48
N ALA C 219 2.37 40.84 31.71
CA ALA C 219 1.39 40.85 32.78
C ALA C 219 0.89 42.24 33.14
N ASP C 220 1.61 43.29 32.78
CA ASP C 220 1.21 44.63 33.14
C ASP C 220 -0.01 45.06 32.33
N ASP C 221 -0.87 45.86 32.96
CA ASP C 221 -2.09 46.34 32.34
C ASP C 221 -2.34 47.76 32.82
N PHE C 222 -2.20 48.74 31.93
CA PHE C 222 -2.38 50.14 32.25
C PHE C 222 -3.73 50.67 31.79
N LYS C 223 -4.70 49.78 31.59
CA LYS C 223 -6.03 50.20 31.15
C LYS C 223 -6.70 51.08 32.20
N CYS C 224 -7.35 52.13 31.73
CA CYS C 224 -8.12 53.03 32.58
C CYS C 224 -9.59 52.98 32.16
N ALA C 225 -10.41 53.68 32.93
CA ALA C 225 -11.84 53.74 32.66
C ALA C 225 -12.42 54.96 33.36
N LYS C 226 -13.24 55.73 32.65
CA LYS C 226 -13.84 56.92 33.21
C LYS C 226 -15.32 56.99 32.86
N ALA C 227 -16.07 57.65 33.72
CA ALA C 227 -17.49 57.91 33.51
C ALA C 227 -17.71 59.41 33.33
N THR C 228 -18.31 59.79 32.22
CA THR C 228 -18.58 61.18 31.90
C THR C 228 -20.07 61.39 31.82
N LYS C 229 -20.47 62.62 31.46
CA LYS C 229 -21.88 62.91 31.28
C LYS C 229 -22.44 62.24 30.03
N ASN C 230 -21.58 61.94 29.07
CA ASN C 230 -21.98 61.27 27.84
C ASN C 230 -21.80 59.76 27.98
N MET C 231 -22.41 59.02 27.06
CA MET C 231 -22.32 57.58 27.10
C MET C 231 -20.95 57.10 26.61
N LEU C 232 -20.63 55.87 26.98
CA LEU C 232 -19.37 55.22 26.57
C LEU C 232 -18.15 56.01 27.01
N GLY C 233 -18.27 56.79 28.08
CA GLY C 233 -17.13 57.52 28.59
C GLY C 233 -16.65 58.65 27.71
N ARG C 234 -17.48 59.13 26.79
CA ARG C 234 -17.12 60.23 25.93
C ARG C 234 -17.63 61.56 26.50
N SER D 2 62.38 14.13 -18.88
CA SER D 2 63.27 13.41 -17.96
C SER D 2 62.88 13.68 -16.52
N LEU D 3 62.47 14.93 -16.25
CA LEU D 3 62.04 15.29 -14.90
C LEU D 3 60.77 14.54 -14.53
N HIS D 4 59.92 14.22 -15.50
CA HIS D 4 58.71 13.48 -15.20
C HIS D 4 59.05 12.07 -14.73
N GLU D 5 59.93 11.38 -15.46
CA GLU D 5 60.38 10.06 -15.02
C GLU D 5 61.31 10.14 -13.82
N LYS D 6 61.95 11.29 -13.60
CA LYS D 6 62.82 11.45 -12.45
C LYS D 6 62.03 11.37 -11.15
N MET D 7 60.83 11.97 -11.12
CA MET D 7 60.02 11.96 -9.91
C MET D 7 59.22 10.67 -9.76
N GLN D 8 58.94 9.97 -10.87
CA GLN D 8 58.24 8.70 -10.77
C GLN D 8 59.13 7.64 -10.13
N THR D 9 60.43 7.71 -10.36
CA THR D 9 61.37 6.75 -9.79
C THR D 9 61.80 7.13 -8.39
N ASP D 10 61.80 8.43 -8.07
CA ASP D 10 62.28 8.88 -6.77
C ASP D 10 61.45 8.26 -5.66
N TYR D 11 62.13 7.60 -4.73
CA TYR D 11 61.43 6.92 -3.65
C TYR D 11 60.78 7.91 -2.69
N LEU D 12 61.40 9.06 -2.48
CA LEU D 12 60.82 10.04 -1.56
C LEU D 12 59.50 10.58 -2.06
N TRP D 13 59.32 10.66 -3.38
CA TRP D 13 58.10 11.24 -3.92
C TRP D 13 56.94 10.26 -3.88
N VAL D 14 57.19 8.98 -4.12
CA VAL D 14 56.18 7.94 -4.08
C VAL D 14 56.59 6.96 -2.99
N LYS D 15 56.09 7.19 -1.77
CA LYS D 15 56.45 6.37 -0.64
C LYS D 15 55.38 6.54 0.42
N ASP D 16 54.85 5.42 0.91
CA ASP D 16 53.90 5.47 1.99
C ASP D 16 54.58 5.92 3.28
N HIS D 17 53.80 6.53 4.17
CA HIS D 17 54.31 6.88 5.48
C HIS D 17 54.59 5.62 6.29
N SER D 18 55.35 5.79 7.37
CA SER D 18 55.71 4.63 8.19
C SER D 18 54.48 3.97 8.80
N GLN D 19 53.45 4.75 9.13
CA GLN D 19 52.24 4.24 9.75
C GLN D 19 51.17 3.86 8.74
N ALA D 20 51.48 3.89 7.44
CA ALA D 20 50.47 3.63 6.43
C ALA D 20 49.93 2.22 6.51
N ASP D 21 50.76 1.26 6.93
CA ASP D 21 50.30 -0.12 7.03
C ASP D 21 49.23 -0.26 8.09
N SER D 22 49.35 0.49 9.19
CA SER D 22 48.41 0.37 10.29
C SER D 22 47.10 1.11 10.03
N TRP D 23 47.10 2.06 9.11
CA TRP D 23 45.93 2.88 8.88
C TRP D 23 44.80 2.07 8.24
N ALA D 24 43.58 2.53 8.44
CA ALA D 24 42.44 1.93 7.78
C ALA D 24 42.53 2.22 6.28
N LYS D 25 42.36 1.18 5.48
CA LYS D 25 42.54 1.27 4.04
C LYS D 25 41.22 1.02 3.33
N ALA D 26 40.84 1.92 2.44
CA ALA D 26 39.73 1.67 1.54
C ALA D 26 40.17 0.64 0.52
N ARG D 27 39.63 -0.58 0.62
CA ARG D 27 40.04 -1.67 -0.23
C ARG D 27 39.18 -1.80 -1.48
N THR D 28 38.55 -0.71 -1.91
CA THR D 28 37.74 -0.73 -3.11
C THR D 28 38.03 0.53 -3.92
N HIS D 29 37.81 0.42 -5.23
CA HIS D 29 37.90 1.54 -6.12
C HIS D 29 36.58 2.28 -6.29
N GLY D 30 35.49 1.73 -5.75
CA GLY D 30 34.19 2.33 -5.85
C GLY D 30 33.21 1.67 -6.80
N TYR D 31 33.56 0.55 -7.40
CA TYR D 31 32.67 -0.11 -8.35
C TYR D 31 31.69 -1.07 -7.69
N ASN D 32 31.79 -1.28 -6.38
CA ASN D 32 30.88 -2.19 -5.71
C ASN D 32 29.53 -1.54 -5.45
N TYR D 33 29.52 -0.33 -4.93
CA TYR D 33 28.31 0.45 -4.71
C TYR D 33 28.45 1.77 -5.45
N ILE D 34 27.67 1.94 -6.50
CA ILE D 34 27.77 3.08 -7.39
C ILE D 34 26.52 3.94 -7.25
N ALA D 35 26.71 5.25 -7.32
CA ALA D 35 25.61 6.20 -7.32
C ALA D 35 25.07 6.32 -8.73
N HIS D 36 23.82 5.92 -8.93
CA HIS D 36 23.25 5.78 -10.26
C HIS D 36 22.44 6.98 -10.72
N THR D 37 21.81 7.71 -9.79
CA THR D 37 20.85 8.74 -10.16
C THR D 37 21.31 10.15 -9.79
N VAL D 38 22.55 10.31 -9.33
CA VAL D 38 23.05 11.62 -8.96
C VAL D 38 23.45 12.37 -10.22
N PRO D 39 23.43 13.70 -10.22
CA PRO D 39 23.79 14.45 -11.43
C PRO D 39 25.27 14.37 -11.77
N ASN D 40 26.13 14.07 -10.80
CA ASN D 40 27.55 13.87 -11.06
C ASN D 40 27.90 12.40 -11.26
N LYS D 41 26.94 11.61 -11.75
CA LYS D 41 27.16 10.17 -11.87
C LYS D 41 28.36 9.86 -12.76
N LYS D 42 28.50 10.57 -13.88
CA LYS D 42 29.58 10.29 -14.80
C LYS D 42 30.93 10.70 -14.24
N GLU D 43 30.96 11.74 -13.40
CA GLU D 43 32.20 12.14 -12.77
C GLU D 43 32.66 11.12 -11.74
N ARG D 44 31.72 10.43 -11.09
CA ARG D 44 32.10 9.36 -10.18
C ARG D 44 32.80 8.22 -10.91
N TYR D 45 32.29 7.86 -12.09
CA TYR D 45 32.90 6.78 -12.87
C TYR D 45 34.31 7.12 -13.31
N GLU D 46 34.57 8.39 -13.60
CA GLU D 46 35.91 8.81 -13.98
C GLU D 46 36.91 8.58 -12.85
N MET D 47 36.50 8.88 -11.62
CA MET D 47 37.37 8.69 -10.47
C MET D 47 37.62 7.21 -10.19
N ILE D 48 36.62 6.36 -10.42
CA ILE D 48 36.82 4.92 -10.29
C ILE D 48 37.83 4.44 -11.33
N TRP D 49 37.66 4.89 -12.56
CA TRP D 49 38.58 4.50 -13.63
C TRP D 49 39.98 5.03 -13.36
N ARG D 50 40.08 6.24 -12.82
CA ARG D 50 41.39 6.80 -12.51
C ARG D 50 42.05 6.08 -11.35
N SER D 51 41.25 5.60 -10.39
CA SER D 51 41.80 4.85 -9.26
C SER D 51 42.30 3.48 -9.70
N MET D 52 41.57 2.83 -10.61
CA MET D 52 41.99 1.54 -11.11
C MET D 52 43.26 1.66 -11.97
N GLY D 53 43.44 2.79 -12.65
CA GLY D 53 44.62 2.96 -13.48
C GLY D 53 45.89 3.19 -12.67
N LYS D 54 45.79 3.90 -11.56
CA LYS D 54 46.96 4.13 -10.73
C LYS D 54 47.44 2.84 -10.08
N SER D 55 46.52 1.93 -9.79
CA SER D 55 46.89 0.68 -9.14
C SER D 55 47.70 -0.21 -10.06
N THR D 56 47.49 -0.11 -11.37
CA THR D 56 48.16 -0.97 -12.35
C THR D 56 49.08 -0.18 -13.26
N ASP D 57 49.42 1.06 -12.92
CA ASP D 57 50.23 1.91 -13.76
C ASP D 57 49.63 2.02 -15.16
N TRP D 58 48.30 2.10 -15.20
CA TRP D 58 47.53 2.19 -16.43
C TRP D 58 47.78 1.01 -17.36
N GLU D 59 48.15 -0.14 -16.80
CA GLU D 59 48.19 -1.40 -17.52
C GLU D 59 47.07 -2.26 -16.96
N LEU D 60 45.86 -2.05 -17.47
CA LEU D 60 44.66 -2.67 -16.92
C LEU D 60 44.61 -4.16 -17.16
N GLU D 61 45.56 -4.73 -17.90
CA GLU D 61 45.63 -6.18 -18.03
C GLU D 61 45.96 -6.83 -16.70
N LYS D 62 46.72 -6.13 -15.85
CA LYS D 62 47.00 -6.66 -14.53
C LYS D 62 45.73 -6.76 -13.70
N PHE D 63 44.80 -5.82 -13.89
CA PHE D 63 43.53 -5.89 -13.18
C PHE D 63 42.69 -7.03 -13.72
N ARG D 64 42.73 -7.25 -15.04
CA ARG D 64 41.93 -8.32 -15.62
C ARG D 64 42.40 -9.68 -15.15
N LEU D 65 43.70 -9.86 -14.96
CA LEU D 65 44.22 -11.13 -14.51
C LEU D 65 44.12 -11.28 -12.99
N GLY D 66 44.17 -10.18 -12.26
CA GLY D 66 44.15 -10.23 -10.83
C GLY D 66 42.80 -10.65 -10.29
N LYS D 67 42.73 -10.70 -8.96
CA LYS D 67 41.51 -11.06 -8.26
C LYS D 67 40.67 -9.81 -8.02
N LYS D 68 39.35 -9.96 -8.15
CA LYS D 68 38.40 -8.90 -7.89
C LYS D 68 37.70 -9.19 -6.57
N PHE D 69 37.59 -8.17 -5.73
CA PHE D 69 37.01 -8.36 -4.41
C PHE D 69 35.83 -7.43 -4.20
N PRO D 70 34.85 -7.84 -3.41
CA PRO D 70 33.75 -6.94 -3.05
C PRO D 70 34.20 -5.92 -2.01
N ASP D 71 33.29 -5.02 -1.67
CA ASP D 71 33.50 -4.02 -0.63
C ASP D 71 33.20 -4.67 0.72
N ARG D 72 34.23 -5.21 1.36
CA ARG D 72 34.03 -5.92 2.61
C ARG D 72 33.69 -4.98 3.76
N GLY D 73 33.94 -3.68 3.61
CA GLY D 73 33.56 -2.73 4.63
C GLY D 73 32.07 -2.54 4.80
N ASN D 74 31.27 -2.97 3.84
CA ASN D 74 29.82 -2.89 3.93
C ASN D 74 29.19 -4.15 4.46
N LYS D 75 30.00 -5.09 4.94
CA LYS D 75 29.46 -6.34 5.45
C LYS D 75 28.63 -6.11 6.70
N ARG D 76 27.51 -6.81 6.77
CA ARG D 76 26.64 -6.81 7.95
C ARG D 76 26.17 -5.41 8.32
N ARG D 77 26.05 -4.53 7.31
CA ARG D 77 25.66 -3.15 7.57
C ARG D 77 24.19 -3.04 7.90
N TRP D 78 23.35 -3.92 7.33
CA TRP D 78 21.93 -3.88 7.64
C TRP D 78 21.65 -4.34 9.05
N PHE D 79 22.43 -5.29 9.57
CA PHE D 79 22.28 -5.70 10.96
C PHE D 79 22.67 -4.59 11.91
N LYS D 80 23.77 -3.90 11.61
CA LYS D 80 24.28 -2.87 12.51
C LYS D 80 23.35 -1.68 12.60
N ASN D 81 22.69 -1.31 11.51
CA ASN D 81 21.71 -0.23 11.58
C ASN D 81 20.46 -0.65 12.33
N LEU D 82 20.13 -1.94 12.27
CA LEU D 82 18.97 -2.44 13.01
C LEU D 82 19.21 -2.38 14.51
N PHE D 83 20.41 -2.76 14.96
CA PHE D 83 20.70 -2.74 16.38
C PHE D 83 20.82 -1.32 16.91
N ARG D 84 21.32 -0.39 16.09
CA ARG D 84 21.37 1.01 16.49
C ARG D 84 19.97 1.61 16.57
N LEU D 85 19.04 1.15 15.74
CA LEU D 85 17.66 1.60 15.85
C LEU D 85 17.01 1.07 17.12
N ILE D 86 17.32 -0.17 17.49
CA ILE D 86 16.77 -0.72 18.73
C ILE D 86 17.39 -0.04 19.95
N LYS D 87 18.68 0.30 19.86
CA LYS D 87 19.37 0.91 20.99
C LYS D 87 18.74 2.25 21.33
N ASN D 88 18.60 3.12 20.33
CA ASN D 88 18.03 4.46 20.51
C ASN D 88 17.20 4.79 19.28
N PRO D 89 15.95 4.37 19.25
CA PRO D 89 15.14 4.58 18.04
C PRO D 89 14.89 6.03 17.70
N MET D 90 14.66 6.88 18.71
CA MET D 90 14.38 8.28 18.43
C MET D 90 15.65 9.02 18.02
N GLY D 91 16.79 8.66 18.60
CA GLY D 91 18.04 9.26 18.17
C GLY D 91 18.46 8.82 16.78
N TYR D 92 18.14 7.58 16.42
CA TYR D 92 18.45 7.11 15.08
C TYR D 92 17.54 7.78 14.06
N ILE D 93 16.25 7.83 14.35
CA ILE D 93 15.28 8.44 13.45
C ILE D 93 15.52 9.94 13.34
N PHE D 94 15.95 10.58 14.43
CA PHE D 94 16.17 12.03 14.41
C PHE D 94 17.26 12.41 13.42
N TRP D 95 18.42 11.76 13.53
CA TRP D 95 19.55 12.15 12.70
C TRP D 95 19.44 11.62 11.28
N LYS D 96 18.77 10.49 11.08
CA LYS D 96 18.56 10.00 9.73
C LYS D 96 17.59 10.85 8.94
N THR D 97 16.74 11.63 9.62
CA THR D 97 15.76 12.48 8.97
C THR D 97 16.03 13.96 9.18
N TYR D 98 17.22 14.32 9.66
CA TYR D 98 17.48 15.72 9.99
C TYR D 98 17.42 16.61 8.76
N LYS D 99 18.17 16.26 7.73
CA LYS D 99 18.22 17.10 6.54
C LYS D 99 16.88 17.15 5.84
N ALA D 100 16.11 16.07 5.91
CA ALA D 100 14.77 16.08 5.32
C ALA D 100 13.82 16.96 6.12
N ARG D 101 13.96 17.00 7.44
CA ARG D 101 13.08 17.80 8.28
C ARG D 101 13.45 19.27 8.28
N LEU D 102 14.51 19.67 7.58
CA LEU D 102 14.83 21.09 7.46
C LEU D 102 13.72 21.84 6.73
N ALA D 103 13.04 21.17 5.81
CA ALA D 103 11.89 21.73 5.11
C ALA D 103 10.65 21.23 5.83
N LYS D 104 10.01 22.10 6.57
CA LYS D 104 8.88 21.70 7.37
C LYS D 104 7.58 22.14 6.70
N PRO D 105 6.62 21.24 6.49
CA PRO D 105 5.36 21.66 5.87
C PRO D 105 4.51 22.49 6.81
N SER D 106 3.36 22.93 6.32
CA SER D 106 2.51 23.78 7.14
C SER D 106 1.88 22.98 8.29
N LEU D 107 1.25 23.72 9.19
CA LEU D 107 0.50 23.09 10.28
C LEU D 107 -0.64 22.24 9.76
N ILE D 108 -1.22 22.64 8.64
CA ILE D 108 -2.32 21.88 8.06
C ILE D 108 -1.83 20.53 7.59
N VAL D 109 -0.75 20.52 6.82
CA VAL D 109 -0.23 19.26 6.28
C VAL D 109 0.22 18.34 7.40
N THR D 110 0.91 18.89 8.40
CA THR D 110 1.34 18.08 9.54
C THR D 110 0.15 17.51 10.29
N SER D 111 -0.91 18.29 10.42
CA SER D 111 -2.11 17.82 11.10
C SER D 111 -2.82 16.74 10.29
N MET D 112 -2.81 16.88 8.97
CA MET D 112 -3.44 15.86 8.13
C MET D 112 -2.67 14.54 8.20
N PHE D 113 -1.35 14.61 8.28
CA PHE D 113 -0.56 13.40 8.44
C PHE D 113 -0.94 12.67 9.73
N ILE D 114 -0.95 13.38 10.84
CA ILE D 114 -1.30 12.77 12.12
C ILE D 114 -2.76 12.35 12.14
N GLY D 115 -3.63 13.17 11.58
CA GLY D 115 -5.04 12.86 11.62
C GLY D 115 -5.38 11.61 10.84
N PHE D 116 -4.82 11.48 9.64
CA PHE D 116 -5.09 10.31 8.81
C PHE D 116 -4.36 9.07 9.32
N THR D 117 -3.19 9.24 9.93
CA THR D 117 -2.45 8.10 10.45
C THR D 117 -3.17 7.51 11.67
N LEU D 118 -3.51 8.34 12.64
CA LEU D 118 -4.21 7.86 13.82
C LEU D 118 -5.61 7.37 13.48
N GLY D 119 -6.23 7.94 12.45
CA GLY D 119 -7.52 7.44 12.02
C GLY D 119 -7.44 6.07 11.40
N PHE D 120 -6.36 5.79 10.67
CA PHE D 120 -6.15 4.47 10.10
C PHE D 120 -5.86 3.45 11.19
N ILE D 121 -5.11 3.87 12.22
CA ILE D 121 -4.82 2.98 13.34
C ILE D 121 -6.08 2.72 14.17
N LYS D 122 -6.95 3.72 14.28
CA LYS D 122 -8.19 3.53 15.02
C LYS D 122 -9.11 2.54 14.33
N LEU D 123 -9.21 2.60 13.00
CA LEU D 123 -10.01 1.65 12.25
C LEU D 123 -9.39 0.25 12.29
N LYS D 124 -8.07 0.18 12.36
CA LYS D 124 -7.40 -1.11 12.47
C LYS D 124 -7.73 -1.78 13.78
N ALA D 125 -7.82 -1.00 14.86
CA ALA D 125 -8.18 -1.54 16.16
C ALA D 125 -9.63 -2.01 16.17
N GLN D 126 -10.52 -1.29 15.49
CA GLN D 126 -11.92 -1.72 15.40
C GLN D 126 -12.07 -2.96 14.56
N SER D 127 -11.18 -3.16 13.59
CA SER D 127 -11.21 -4.39 12.80
C SER D 127 -10.71 -5.57 13.61
N ILE D 128 -9.74 -5.33 14.49
CA ILE D 128 -9.27 -6.40 15.37
C ILE D 128 -10.37 -6.80 16.34
N ALA D 129 -11.07 -5.82 16.89
CA ALA D 129 -12.15 -6.12 17.81
C ALA D 129 -13.31 -6.81 17.13
N TYR D 130 -13.53 -6.56 15.84
CA TYR D 130 -14.58 -7.28 15.13
C TYR D 130 -14.18 -8.72 14.88
N SER D 131 -12.89 -8.99 14.72
CA SER D 131 -12.43 -10.36 14.55
C SER D 131 -12.64 -11.19 15.82
N LYS D 132 -12.55 -10.55 16.99
CA LYS D 132 -12.88 -11.26 18.22
C LYS D 132 -14.38 -11.51 18.33
N LYS D 133 -15.18 -10.66 17.70
CA LYS D 133 -16.62 -10.88 17.66
C LYS D 133 -16.95 -12.07 16.77
N GLN D 134 -16.23 -12.23 15.65
CA GLN D 134 -16.48 -13.37 14.79
C GLN D 134 -15.96 -14.66 15.40
N TYR D 135 -14.89 -14.59 16.19
CA TYR D 135 -14.41 -15.78 16.87
C TYR D 135 -15.38 -16.23 17.94
N ALA D 136 -15.96 -15.28 18.67
CA ALA D 136 -16.98 -15.64 19.66
C ALA D 136 -18.22 -16.18 18.98
N THR D 137 -18.56 -15.64 17.82
CA THR D 137 -19.68 -16.17 17.04
C THR D 137 -19.39 -17.58 16.57
N LEU D 138 -18.14 -17.85 16.18
CA LEU D 138 -17.75 -19.19 15.77
C LEU D 138 -17.86 -20.17 16.93
N ARG D 139 -17.36 -19.78 18.11
CA ARG D 139 -17.45 -20.65 19.27
C ARG D 139 -18.89 -20.81 19.73
N ALA D 140 -19.75 -19.83 19.45
CA ALA D 140 -21.15 -19.91 19.82
C ALA D 140 -21.94 -20.84 18.93
N GLY D 141 -21.35 -21.35 17.85
CA GLY D 141 -21.98 -22.34 17.01
C GLY D 141 -22.43 -21.87 15.64
N LYS D 142 -21.79 -20.83 15.11
CA LYS D 142 -22.12 -20.31 13.79
C LYS D 142 -20.86 -20.32 12.93
N ASN D 143 -20.81 -21.25 11.98
CA ASN D 143 -19.71 -21.31 11.04
C ASN D 143 -19.71 -20.08 10.16
N ILE D 144 -18.53 -19.62 9.78
CA ILE D 144 -18.37 -18.35 9.10
C ILE D 144 -17.61 -18.58 7.80
N GLU D 145 -18.29 -18.33 6.68
CA GLU D 145 -17.64 -18.28 5.38
C GLU D 145 -17.21 -16.84 5.11
N GLY D 146 -16.11 -16.71 4.39
CA GLY D 146 -15.59 -15.40 4.13
C GLY D 146 -15.09 -14.76 5.42
N SER D 147 -15.01 -13.44 5.38
CA SER D 147 -14.50 -12.67 6.51
C SER D 147 -14.92 -11.22 6.35
N GLY D 148 -14.68 -10.45 7.39
CA GLY D 148 -14.99 -9.05 7.37
C GLY D 148 -16.47 -8.78 7.62
N GLN D 149 -16.83 -7.51 7.47
CA GLN D 149 -18.20 -7.05 7.66
C GLN D 149 -18.74 -6.34 6.43
N VAL D 150 -18.04 -6.39 5.30
CA VAL D 150 -18.55 -5.81 4.06
C VAL D 150 -19.40 -6.89 3.41
N HIS D 151 -20.65 -6.97 3.85
CA HIS D 151 -21.53 -8.07 3.48
C HIS D 151 -21.86 -7.99 2.00
N PHE D 152 -21.52 -9.03 1.26
CA PHE D 152 -21.77 -9.06 -0.17
C PHE D 152 -23.25 -9.23 -0.47
N GLY D 153 -23.98 -9.90 0.40
CA GLY D 153 -25.37 -10.24 0.18
C GLY D 153 -26.35 -9.21 0.65
N TYR D 154 -27.52 -9.69 1.07
CA TYR D 154 -28.62 -8.81 1.47
C TYR D 154 -28.55 -8.57 2.97
N HIS D 155 -27.61 -7.72 3.36
CA HIS D 155 -27.42 -7.35 4.75
C HIS D 155 -27.06 -5.87 4.82
N ASP D 156 -27.36 -5.27 5.96
CA ASP D 156 -26.92 -3.91 6.25
C ASP D 156 -25.45 -3.91 6.62
N GLN D 157 -24.71 -2.97 6.04
CA GLN D 157 -23.31 -2.76 6.39
C GLN D 157 -23.20 -1.57 7.33
N LYS D 158 -22.15 -1.58 8.14
CA LYS D 158 -21.88 -0.49 9.07
C LYS D 158 -20.43 -0.07 8.86
N TRP D 159 -20.22 0.89 7.98
CA TRP D 159 -18.89 1.41 7.75
C TRP D 159 -18.36 2.11 9.01
N GLY D 160 -17.05 2.29 9.05
CA GLY D 160 -16.46 3.05 10.13
C GLY D 160 -16.93 4.49 10.13
N MET D 161 -16.97 5.08 11.31
CA MET D 161 -17.40 6.46 11.44
C MET D 161 -16.52 7.34 10.57
N PRO D 162 -17.08 8.17 9.69
CA PRO D 162 -16.25 9.09 8.91
C PRO D 162 -15.50 10.02 9.85
N ALA D 163 -14.18 10.08 9.68
CA ALA D 163 -13.33 10.86 10.55
C ALA D 163 -13.38 12.35 10.18
N ILE D 164 -14.60 12.88 10.16
CA ILE D 164 -14.84 14.28 9.89
C ILE D 164 -15.68 14.83 11.03
N PRO D 165 -15.61 16.13 11.35
CA PRO D 165 -16.29 16.64 12.53
C PRO D 165 -17.80 16.48 12.51
N MET D 166 -18.41 16.40 11.33
CA MET D 166 -19.87 16.27 11.27
C MET D 166 -20.33 14.99 11.96
N PHE D 167 -19.74 13.85 11.58
CA PHE D 167 -20.14 12.58 12.18
C PHE D 167 -19.57 12.41 13.57
N GLN D 168 -18.45 13.04 13.85
CA GLN D 168 -17.83 12.96 15.16
C GLN D 168 -18.59 13.76 16.22
N LEU D 169 -19.49 14.64 15.81
CA LEU D 169 -20.35 15.34 16.76
C LEU D 169 -21.65 14.60 17.02
N MET D 170 -22.11 13.81 16.06
CA MET D 170 -23.34 13.05 16.20
C MET D 170 -23.13 11.70 16.87
N TYR D 171 -21.99 11.05 16.61
CA TYR D 171 -21.74 9.71 17.09
C TYR D 171 -20.53 9.69 18.02
N TYR D 172 -20.44 8.63 18.81
CA TYR D 172 -19.21 8.30 19.52
C TYR D 172 -19.23 6.82 19.83
N GLU D 173 -18.04 6.22 19.80
CA GLU D 173 -17.94 4.78 19.97
C GLU D 173 -18.42 4.36 21.35
N LEU D 174 -18.90 3.13 21.42
CA LEU D 174 -19.41 2.57 22.66
C LEU D 174 -18.29 2.36 23.67
N PRO D 175 -18.28 3.06 24.81
CA PRO D 175 -17.27 2.79 25.83
C PRO D 175 -17.66 1.62 26.71
N GLY D 176 -16.91 0.53 26.62
CA GLY D 176 -17.24 -0.67 27.36
C GLY D 176 -17.23 -0.46 28.87
N ASN D 177 -16.44 0.49 29.35
CA ASN D 177 -16.36 0.77 30.77
C ASN D 177 -17.63 1.40 31.32
N SER D 178 -18.56 1.81 30.46
CA SER D 178 -19.81 2.41 30.88
C SER D 178 -20.92 1.37 31.08
N ILE D 179 -20.68 0.12 30.70
CA ILE D 179 -21.61 -0.97 30.97
C ILE D 179 -21.27 -1.53 32.35
N VAL D 180 -22.20 -1.37 33.29
CA VAL D 180 -21.93 -1.59 34.69
C VAL D 180 -22.88 -2.64 35.26
N VAL D 181 -22.54 -3.12 36.45
CA VAL D 181 -23.42 -3.93 37.27
C VAL D 181 -24.46 -3.03 37.92
N ASN D 182 -25.71 -3.47 37.93
CA ASN D 182 -26.77 -2.64 38.48
C ASN D 182 -26.52 -2.36 39.97
N PRO D 183 -26.67 -1.12 40.44
CA PRO D 183 -26.42 -0.84 41.85
C PRO D 183 -27.35 -1.55 42.81
N CYS D 184 -28.45 -2.13 42.33
CA CYS D 184 -29.31 -2.91 43.21
C CYS D 184 -28.59 -4.09 43.82
N ARG D 185 -27.44 -4.47 43.25
CA ARG D 185 -26.61 -5.50 43.83
C ARG D 185 -26.15 -5.14 45.24
N ASN D 186 -25.92 -3.85 45.49
CA ASN D 186 -25.48 -3.41 46.81
C ASN D 186 -26.55 -3.59 47.89
N GLN D 187 -27.81 -3.73 47.51
CA GLN D 187 -28.86 -3.94 48.48
C GLN D 187 -28.84 -5.33 49.11
N ASN D 188 -28.08 -6.27 48.54
CA ASN D 188 -27.93 -7.57 49.17
C ASN D 188 -27.12 -7.48 50.46
N TYR D 189 -26.36 -6.41 50.64
CA TYR D 189 -25.62 -6.23 51.88
C TYR D 189 -26.55 -5.99 53.06
N ARG D 190 -27.81 -5.64 52.79
CA ARG D 190 -28.77 -5.52 53.88
C ARG D 190 -28.93 -6.83 54.62
N LEU D 191 -28.75 -7.95 53.93
CA LEU D 191 -28.78 -9.25 54.57
C LEU D 191 -27.63 -9.42 55.55
N TYR D 192 -26.47 -8.86 55.24
CA TYR D 192 -25.30 -9.02 56.09
C TYR D 192 -25.48 -8.26 57.39
N PHE D 193 -25.99 -7.03 57.31
CA PHE D 193 -26.19 -6.21 58.49
C PHE D 193 -27.24 -6.80 59.41
N GLU D 194 -28.26 -7.46 58.85
CA GLU D 194 -29.28 -8.10 59.67
C GLU D 194 -28.78 -9.41 60.28
N MET D 195 -27.95 -10.16 59.55
CA MET D 195 -27.40 -11.39 60.10
C MET D 195 -26.44 -11.09 61.24
N ARG D 196 -25.67 -10.01 61.12
CA ARG D 196 -24.74 -9.64 62.17
C ARG D 196 -25.47 -9.28 63.46
N LYS D 197 -26.59 -8.57 63.36
CA LYS D 197 -27.33 -8.21 64.56
C LYS D 197 -28.06 -9.40 65.16
N LYS D 198 -28.44 -10.38 64.33
CA LYS D 198 -29.09 -11.56 64.85
C LYS D 198 -28.11 -12.44 65.61
N LEU D 199 -26.87 -12.50 65.16
CA LEU D 199 -25.83 -13.28 65.80
C LEU D 199 -25.13 -12.52 66.93
N GLY D 200 -25.57 -11.30 67.24
CA GLY D 200 -24.95 -10.55 68.29
C GLY D 200 -23.56 -10.05 67.97
N ILE D 201 -23.24 -9.89 66.69
CA ILE D 201 -21.94 -9.42 66.27
C ILE D 201 -21.87 -7.91 66.38
N MET E 1 29.25 5.60 33.25
CA MET E 1 29.61 4.79 34.43
C MET E 1 28.67 5.06 35.61
N ASN E 2 28.20 4.00 36.23
CA ASN E 2 27.28 4.07 37.37
C ASN E 2 27.67 2.99 38.36
N PRO E 3 27.20 3.09 39.60
CA PRO E 3 27.56 2.08 40.61
C PRO E 3 27.15 0.66 40.25
N ILE E 4 26.07 0.48 39.49
CA ILE E 4 25.67 -0.87 39.10
C ILE E 4 26.72 -1.48 38.18
N GLN E 5 27.31 -0.67 37.30
CA GLN E 5 28.39 -1.18 36.47
C GLN E 5 29.64 -1.49 37.29
N LYS E 6 29.89 -0.72 38.34
CA LYS E 6 31.02 -1.02 39.22
C LYS E 6 30.79 -2.28 40.02
N ALA E 7 29.54 -2.55 40.40
CA ALA E 7 29.23 -3.79 41.10
C ALA E 7 29.41 -4.99 40.19
N TRP E 8 29.13 -4.85 38.90
CA TRP E 8 29.39 -5.94 37.97
C TRP E 8 30.89 -6.21 37.87
N LEU E 9 31.70 -5.14 37.92
CA LEU E 9 33.14 -5.29 37.76
C LEU E 9 33.77 -6.02 38.95
N LYS E 10 33.21 -5.89 40.15
CA LYS E 10 33.75 -6.61 41.29
C LYS E 10 33.46 -8.09 41.17
N ILE E 11 32.27 -8.44 40.68
CA ILE E 11 31.89 -9.84 40.58
C ILE E 11 32.60 -10.50 39.41
N LEU E 12 32.76 -9.77 38.31
CA LEU E 12 33.38 -10.30 37.10
C LEU E 12 34.89 -10.18 37.12
N GLU E 13 35.49 -9.87 38.25
CA GLU E 13 36.94 -9.74 38.31
C GLU E 13 37.66 -11.02 37.95
N PRO E 14 37.26 -12.20 38.45
CA PRO E 14 37.88 -13.44 37.96
C PRO E 14 37.55 -13.72 36.50
N VAL E 15 36.34 -13.40 36.06
CA VAL E 15 35.99 -13.60 34.66
C VAL E 15 36.79 -12.65 33.79
N SER E 16 37.02 -11.44 34.26
CA SER E 16 37.80 -10.48 33.48
C SER E 16 39.23 -10.96 33.29
N TYR E 17 39.75 -11.73 34.24
CA TYR E 17 41.11 -12.24 34.11
C TYR E 17 41.18 -13.38 33.11
N VAL E 18 40.12 -14.18 32.98
CA VAL E 18 40.15 -15.29 32.04
C VAL E 18 40.03 -14.79 30.61
N ILE E 19 39.18 -13.80 30.39
CA ILE E 19 38.91 -13.36 29.03
C ILE E 19 39.96 -12.36 28.56
N ASN E 20 40.17 -11.30 29.34
CA ASN E 20 41.05 -10.22 28.89
C ASN E 20 42.52 -10.63 28.96
N GLU E 21 42.94 -11.25 30.06
CA GLU E 21 44.34 -11.60 30.21
C GLU E 21 44.73 -12.81 29.37
N LYS E 22 43.90 -13.86 29.40
CA LYS E 22 44.26 -15.13 28.77
C LYS E 22 43.74 -15.24 27.35
N MET E 23 42.42 -15.16 27.17
CA MET E 23 41.82 -15.46 25.88
C MET E 23 42.02 -14.34 24.87
N ALA E 24 42.05 -13.09 25.34
CA ALA E 24 42.02 -11.96 24.42
C ALA E 24 43.28 -11.88 23.57
N LYS E 25 44.44 -12.11 24.18
CA LYS E 25 45.71 -11.96 23.50
C LYS E 25 46.18 -13.23 22.80
N ARG E 26 45.36 -14.28 22.77
CA ARG E 26 45.68 -15.46 21.99
C ARG E 26 45.30 -15.21 20.54
N THR E 27 45.58 -16.19 19.68
CA THR E 27 45.20 -16.14 18.29
C THR E 27 44.18 -17.24 17.99
N GLY E 28 43.62 -17.17 16.79
CA GLY E 28 42.65 -18.16 16.37
C GLY E 28 41.24 -17.86 16.86
N ILE E 29 40.45 -18.92 16.98
CA ILE E 29 39.06 -18.78 17.40
C ILE E 29 38.98 -18.33 18.86
N ILE E 30 39.91 -18.80 19.69
CA ILE E 30 39.89 -18.40 21.09
C ILE E 30 40.23 -16.93 21.24
N GLY E 31 41.11 -16.42 20.38
CA GLY E 31 41.44 -15.00 20.42
C GLY E 31 40.29 -14.14 19.95
N LYS E 32 39.64 -14.52 18.86
CA LYS E 32 38.50 -13.77 18.37
C LYS E 32 37.37 -13.75 19.38
N LEU E 33 37.20 -14.85 20.12
CA LEU E 33 36.13 -14.90 21.11
C LEU E 33 36.43 -14.02 22.30
N GLY E 34 37.70 -13.94 22.71
CA GLY E 34 38.05 -13.13 23.87
C GLY E 34 38.00 -11.64 23.58
N ARG E 35 38.48 -11.24 22.40
CA ARG E 35 38.44 -9.83 22.04
C ARG E 35 37.01 -9.35 21.83
N PHE E 36 36.11 -10.25 21.46
CA PHE E 36 34.74 -9.87 21.22
C PHE E 36 33.97 -9.69 22.54
N PHE E 37 34.26 -10.55 23.52
CA PHE E 37 33.59 -10.49 24.81
C PHE E 37 34.48 -9.88 25.88
N ALA E 38 35.32 -8.93 25.50
CA ALA E 38 36.19 -8.29 26.47
C ALA E 38 35.36 -7.51 27.49
N ILE E 39 35.83 -7.53 28.74
CA ILE E 39 35.09 -6.93 29.84
C ILE E 39 35.75 -5.61 30.22
N GLY E 40 34.93 -4.58 30.34
CA GLY E 40 35.39 -3.27 30.75
C GLY E 40 34.26 -2.27 30.80
N PRO E 41 34.56 -1.01 30.53
CA PRO E 41 33.51 -0.02 30.40
C PRO E 41 32.82 -0.12 29.04
N ARG E 42 31.53 0.19 29.05
CA ARG E 42 30.68 -0.06 27.90
C ARG E 42 30.88 0.95 26.80
N GLU E 43 31.06 0.46 25.57
CA GLU E 43 30.97 1.30 24.39
C GLU E 43 29.50 1.46 24.03
N TYR E 44 29.09 2.71 23.82
CA TYR E 44 27.70 3.04 23.60
C TYR E 44 26.84 2.55 24.76
N GLY E 45 27.34 2.72 25.98
CA GLY E 45 26.67 2.27 27.17
C GLY E 45 25.63 3.22 27.73
N VAL E 46 25.39 4.33 27.04
CA VAL E 46 24.40 5.29 27.49
C VAL E 46 23.01 4.66 27.44
N HIS E 47 22.18 5.03 28.41
CA HIS E 47 20.81 4.54 28.47
C HIS E 47 19.87 5.60 27.93
N PRO E 48 19.33 5.45 26.72
CA PRO E 48 18.44 6.48 26.18
C PRO E 48 17.16 6.69 26.98
N ILE E 49 16.65 5.67 27.65
CA ILE E 49 15.44 5.83 28.46
C ILE E 49 15.71 6.77 29.64
N ASN E 50 16.82 6.57 30.33
CA ASN E 50 17.21 7.48 31.39
C ASN E 50 17.40 8.89 30.85
N ARG E 51 17.99 9.01 29.67
CA ARG E 51 18.18 10.31 29.04
C ARG E 51 16.85 10.89 28.55
N MET E 52 15.90 10.05 28.16
CA MET E 52 14.60 10.54 27.73
C MET E 52 13.84 11.14 28.89
N PHE E 53 13.97 10.56 30.08
CA PHE E 53 13.30 11.11 31.25
C PHE E 53 13.89 12.46 31.64
N ILE E 54 15.21 12.57 31.64
CA ILE E 54 15.85 13.81 32.06
C ILE E 54 15.45 14.96 31.15
N PHE E 55 15.33 14.70 29.86
CA PHE E 55 14.91 15.74 28.93
C PHE E 55 13.46 16.15 29.15
N MET E 56 12.56 15.18 29.18
CA MET E 56 11.14 15.49 29.35
C MET E 56 10.87 16.08 30.72
N ASN E 57 11.63 15.67 31.73
CA ASN E 57 11.47 16.24 33.06
C ASN E 57 11.85 17.70 33.09
N ARG E 58 12.97 18.05 32.46
CA ARG E 58 13.40 19.44 32.44
C ARG E 58 12.47 20.30 31.60
N LYS E 59 11.99 19.75 30.48
CA LYS E 59 11.11 20.52 29.61
C LYS E 59 9.74 20.72 30.24
N TYR E 60 9.20 19.68 30.89
CA TYR E 60 7.91 19.81 31.54
C TYR E 60 7.98 20.64 32.81
N MET E 61 9.14 20.67 33.44
CA MET E 61 9.28 21.45 34.67
C MET E 61 9.31 22.94 34.39
N ALA E 62 9.96 23.34 33.29
CA ALA E 62 9.93 24.73 32.89
C ALA E 62 8.52 25.20 32.56
N PHE E 63 7.67 24.28 32.10
CA PHE E 63 6.26 24.62 31.88
C PHE E 63 5.52 24.78 33.19
N GLN E 64 5.85 23.96 34.19
CA GLN E 64 5.21 24.09 35.49
C GLN E 64 5.51 25.44 36.12
N ALA E 65 6.74 25.91 35.96
CA ALA E 65 7.12 27.19 36.55
C ALA E 65 6.36 28.35 35.92
N VAL E 66 6.03 28.25 34.65
CA VAL E 66 5.30 29.32 33.98
C VAL E 66 3.82 29.27 34.37
N ALA E 67 3.25 28.07 34.40
CA ALA E 67 1.82 27.94 34.66
C ALA E 67 1.49 28.22 36.12
N LEU E 68 2.41 27.95 37.03
CA LEU E 68 2.15 28.14 38.45
C LEU E 68 2.48 29.55 38.92
N HIS E 69 3.37 30.25 38.22
CA HIS E 69 3.81 31.58 38.61
C HIS E 69 2.86 32.61 38.02
N ARG E 70 1.69 32.73 38.64
CA ARG E 70 0.67 33.65 38.17
C ARG E 70 0.42 34.72 39.21
N TYR E 71 -0.13 35.85 38.75
CA TYR E 71 -0.57 36.90 39.64
C TYR E 71 -1.90 36.51 40.27
N SER E 72 -2.04 36.80 41.56
CA SER E 72 -3.18 36.30 42.31
C SER E 72 -4.48 36.95 41.85
N PHE E 73 -5.53 36.11 41.75
CA PHE E 73 -6.88 36.61 41.51
C PHE E 73 -7.44 37.33 42.72
N VAL E 74 -7.06 36.89 43.92
CA VAL E 74 -7.58 37.47 45.15
C VAL E 74 -7.01 38.86 45.37
N LYS E 75 -5.71 39.04 45.13
CA LYS E 75 -5.06 40.32 45.36
C LYS E 75 -5.53 41.40 44.40
N SER E 76 -6.02 41.03 43.23
CA SER E 76 -6.50 42.00 42.25
C SER E 76 -7.93 42.45 42.49
N LEU E 77 -8.60 41.93 43.52
CA LEU E 77 -9.99 42.28 43.76
C LEU E 77 -10.13 43.65 44.39
N THR E 78 -9.15 44.08 45.18
CA THR E 78 -9.24 45.35 45.90
C THR E 78 -8.78 46.54 45.10
N HIS E 79 -8.19 46.32 43.93
CA HIS E 79 -7.66 47.38 43.07
C HIS E 79 -6.59 48.19 43.79
N ASN E 80 -5.88 47.58 44.74
CA ASN E 80 -4.82 48.29 45.44
C ASN E 80 -3.44 47.70 45.24
N GLY E 81 -3.31 46.51 44.66
CA GLY E 81 -1.98 46.03 44.31
C GLY E 81 -1.84 45.60 42.87
N PHE E 82 -1.11 46.41 42.11
CA PHE E 82 -0.57 46.09 40.79
C PHE E 82 -1.64 45.86 39.72
N HIS E 83 -2.90 45.77 40.11
CA HIS E 83 -3.95 45.38 39.18
C HIS E 83 -5.19 46.21 39.46
N MET E 84 -5.51 47.13 38.54
CA MET E 84 -6.75 47.89 38.63
C MET E 84 -7.83 47.22 37.78
N LEU E 85 -7.60 47.11 36.48
CA LEU E 85 -8.55 46.51 35.55
C LEU E 85 -7.93 45.22 35.00
N ARG E 86 -8.53 44.09 35.37
CA ARG E 86 -8.07 42.78 34.90
C ARG E 86 -9.34 42.03 34.51
N VAL E 87 -9.71 42.12 33.23
CA VAL E 87 -10.96 41.54 32.75
C VAL E 87 -10.91 40.02 32.62
N PHE E 88 -9.73 39.42 32.68
CA PHE E 88 -9.60 37.98 32.64
C PHE E 88 -8.92 37.44 33.90
N ARG E 89 -9.18 38.10 35.04
CA ARG E 89 -8.63 37.63 36.31
C ARG E 89 -9.20 36.29 36.73
N HIS E 90 -10.38 35.94 36.25
CA HIS E 90 -11.01 34.68 36.58
C HIS E 90 -10.40 33.49 35.85
N PHE E 91 -9.35 33.71 35.06
CA PHE E 91 -8.60 32.64 34.42
C PHE E 91 -7.26 32.39 35.09
N ALA E 92 -6.96 33.11 36.19
CA ALA E 92 -5.62 33.08 36.76
C ALA E 92 -5.24 31.73 37.34
N PHE E 93 -6.19 30.98 37.89
CA PHE E 93 -5.88 29.73 38.56
C PHE E 93 -6.20 28.50 37.71
N VAL E 94 -6.50 28.68 36.43
CA VAL E 94 -6.82 27.55 35.58
C VAL E 94 -5.57 26.76 35.22
N LEU E 95 -4.47 27.44 34.91
CA LEU E 95 -3.23 26.72 34.61
C LEU E 95 -2.64 26.06 35.84
N PRO E 96 -2.57 26.71 37.00
CA PRO E 96 -2.08 26.00 38.19
C PRO E 96 -2.93 24.80 38.56
N ALA E 97 -4.25 24.94 38.51
CA ALA E 97 -5.11 23.81 38.85
C ALA E 97 -4.95 22.69 37.84
N THR E 98 -4.63 23.03 36.60
CA THR E 98 -4.43 22.00 35.58
C THR E 98 -3.12 21.25 35.79
N VAL E 99 -2.08 21.98 36.21
CA VAL E 99 -0.79 21.34 36.46
C VAL E 99 -0.86 20.46 37.69
N LEU E 100 -1.55 20.92 38.74
CA LEU E 100 -1.70 20.10 39.94
C LEU E 100 -2.49 18.84 39.66
N ALA E 101 -3.45 18.91 38.74
CA ALA E 101 -4.18 17.72 38.34
C ALA E 101 -3.31 16.76 37.54
N GLY E 102 -2.23 17.24 36.93
CA GLY E 102 -1.33 16.35 36.23
C GLY E 102 -0.54 15.42 37.12
N LEU E 103 -0.59 15.63 38.43
CA LEU E 103 0.07 14.72 39.35
C LEU E 103 -0.59 13.35 39.34
N GLY E 104 -1.89 13.30 39.04
CA GLY E 104 -2.59 12.04 38.99
C GLY E 104 -2.69 11.50 37.58
N LEU E 105 -1.83 11.97 36.69
CA LEU E 105 -1.86 11.53 35.31
C LEU E 105 -1.62 10.03 35.21
N PHE E 106 -0.63 9.53 35.93
CA PHE E 106 -0.30 8.11 35.88
C PHE E 106 -1.03 7.31 36.95
N VAL E 107 -1.43 7.95 38.05
CA VAL E 107 -2.20 7.23 39.05
C VAL E 107 -3.54 6.80 38.47
N TYR E 108 -4.16 7.68 37.68
CA TYR E 108 -5.43 7.38 37.06
C TYR E 108 -5.19 7.32 35.56
N TRP E 109 -4.74 6.16 35.10
CA TRP E 109 -4.50 5.90 33.69
C TRP E 109 -5.33 4.69 33.30
N GLY E 110 -6.13 4.86 32.28
CA GLY E 110 -7.01 3.81 31.83
C GLY E 110 -8.26 3.73 32.67
N ASP E 111 -9.10 2.77 32.30
CA ASP E 111 -10.40 2.61 32.92
C ASP E 111 -10.32 1.98 34.30
N ASP E 112 -9.43 1.02 34.49
CA ASP E 112 -9.39 0.25 35.73
C ASP E 112 -8.99 1.09 36.94
N ASN E 113 -8.24 2.16 36.73
CA ASN E 113 -7.75 2.97 37.82
C ASN E 113 -8.73 4.06 38.24
N LYS E 114 -9.81 4.26 37.49
CA LYS E 114 -10.79 5.29 37.78
C LYS E 114 -12.05 4.72 38.41
N CYS E 115 -12.14 3.41 38.60
CA CYS E 115 -13.35 2.79 39.12
C CYS E 115 -12.99 1.44 39.71
N TYR E 116 -14.02 0.72 40.17
CA TYR E 116 -13.91 -0.65 40.60
C TYR E 116 -14.13 -1.52 39.36
N SER E 117 -13.04 -2.01 38.79
CA SER E 117 -13.11 -2.66 37.49
C SER E 117 -13.97 -3.91 37.47
N PRO E 118 -14.00 -4.76 38.50
CA PRO E 118 -14.86 -5.94 38.44
C PRO E 118 -16.33 -5.66 38.24
N ASP E 119 -16.78 -4.41 38.40
CA ASP E 119 -18.16 -4.07 38.13
C ASP E 119 -18.36 -3.54 36.72
N ARG E 120 -17.31 -3.53 35.90
CA ARG E 120 -17.40 -3.05 34.54
C ARG E 120 -17.30 -4.21 33.56
N PHE E 121 -17.83 -3.99 32.36
CA PHE E 121 -17.85 -5.01 31.34
C PHE E 121 -16.48 -5.48 30.87
N PRO E 122 -15.49 -4.61 30.66
CA PRO E 122 -14.19 -5.09 30.17
C PRO E 122 -13.52 -6.12 31.08
N TYR E 123 -13.80 -6.08 32.38
CA TYR E 123 -13.20 -7.08 33.27
C TYR E 123 -13.66 -8.49 32.92
N LEU E 124 -14.91 -8.62 32.49
CA LEU E 124 -15.44 -9.93 32.11
C LEU E 124 -14.76 -10.48 30.88
N LYS E 125 -14.48 -9.62 29.90
CA LYS E 125 -13.82 -10.08 28.69
C LYS E 125 -12.41 -10.55 28.98
N LYS E 126 -11.73 -9.92 29.95
CA LYS E 126 -10.39 -10.35 30.32
C LYS E 126 -10.42 -11.71 31.00
N ARG E 127 -11.39 -11.94 31.88
CA ARG E 127 -11.46 -13.22 32.58
C ARG E 127 -11.91 -14.36 31.68
N ALA E 128 -12.54 -14.04 30.55
CA ALA E 128 -12.93 -15.04 29.56
C ALA E 128 -11.83 -15.29 28.53
N GLY E 129 -10.61 -14.86 28.82
CA GLY E 129 -9.52 -15.06 27.88
C GLY E 129 -9.47 -14.03 26.78
N ASP E 130 -9.77 -12.77 27.10
CA ASP E 130 -9.82 -11.70 26.11
C ASP E 130 -10.76 -12.08 24.99
N MET E 131 -11.96 -12.50 25.36
CA MET E 131 -12.97 -12.97 24.42
C MET E 131 -14.18 -12.05 24.47
N ALA E 132 -14.74 -11.78 23.30
CA ALA E 132 -15.93 -10.95 23.22
C ALA E 132 -17.14 -11.64 23.82
N LEU E 133 -17.90 -10.89 24.59
CA LEU E 133 -19.09 -11.36 25.26
C LEU E 133 -20.26 -10.47 24.89
N PRO E 134 -21.49 -10.98 24.99
CA PRO E 134 -22.65 -10.10 24.84
C PRO E 134 -22.64 -9.01 25.89
N LEU E 135 -23.18 -7.85 25.51
CA LEU E 135 -23.09 -6.65 26.34
C LEU E 135 -23.82 -6.78 27.67
N ASN E 136 -24.76 -7.72 27.78
CA ASN E 136 -25.51 -7.91 29.02
C ASN E 136 -24.98 -9.06 29.85
N SER E 137 -23.71 -9.42 29.68
CA SER E 137 -23.14 -10.54 30.40
C SER E 137 -23.05 -10.28 31.90
N LEU E 138 -22.94 -9.02 32.31
CA LEU E 138 -22.89 -8.70 33.73
C LEU E 138 -24.21 -8.95 34.45
N ASN E 139 -25.31 -9.15 33.72
CA ASN E 139 -26.61 -9.34 34.33
C ASN E 139 -27.02 -10.79 34.43
N GLN E 140 -26.72 -11.60 33.42
CA GLN E 140 -27.09 -13.01 33.45
C GLN E 140 -26.07 -13.74 34.31
N ARG E 141 -26.37 -13.81 35.60
CA ARG E 141 -25.45 -14.40 36.55
C ARG E 141 -26.20 -15.19 37.60
N THR E 142 -25.60 -16.30 38.01
CA THR E 142 -26.09 -17.07 39.14
C THR E 142 -25.56 -16.46 40.44
N SER E 143 -26.37 -16.58 41.49
CA SER E 143 -26.04 -15.96 42.77
C SER E 143 -24.73 -16.51 43.32
N ALA E 144 -23.81 -15.61 43.64
CA ALA E 144 -22.57 -16.02 44.29
C ALA E 144 -22.83 -16.59 45.67
N HIS E 145 -23.93 -16.20 46.30
CA HIS E 145 -24.33 -16.82 47.55
C HIS E 145 -24.63 -18.30 47.36
N TYR E 146 -25.35 -18.65 46.30
CA TYR E 146 -25.69 -20.04 46.06
C TYR E 146 -24.46 -20.89 45.81
N ILE E 147 -23.52 -20.39 45.00
CA ILE E 147 -22.37 -21.19 44.60
C ILE E 147 -21.52 -21.54 45.81
N GLU E 148 -21.34 -20.60 46.73
CA GLU E 148 -20.49 -20.82 47.88
C GLU E 148 -21.23 -21.50 49.01
N ILE E 149 -22.50 -21.16 49.22
CA ILE E 149 -23.28 -21.78 50.28
C ILE E 149 -23.59 -23.24 49.96
N ASN E 150 -23.91 -23.52 48.69
CA ASN E 150 -24.18 -24.89 48.29
C ASN E 150 -22.94 -25.76 48.33
N ALA E 151 -21.77 -25.17 48.08
CA ALA E 151 -20.52 -25.92 48.17
C ALA E 151 -20.24 -26.35 49.60
N ILE E 152 -20.54 -25.48 50.57
CA ILE E 152 -20.38 -25.84 51.97
C ILE E 152 -21.50 -26.79 52.41
N TYR E 153 -22.72 -26.52 51.97
CA TYR E 153 -23.84 -27.34 52.38
C TYR E 153 -23.66 -28.78 51.92
N GLY E 154 -23.22 -28.98 50.68
CA GLY E 154 -23.06 -30.34 50.18
C GLY E 154 -22.04 -31.14 50.94
N ALA E 155 -20.90 -30.52 51.27
CA ALA E 155 -19.86 -31.23 51.99
C ALA E 155 -20.24 -31.50 53.43
N GLU E 156 -20.98 -30.59 54.05
CA GLU E 156 -21.44 -30.81 55.42
C GLU E 156 -22.47 -31.92 55.47
N MET E 157 -23.36 -31.99 54.49
CA MET E 157 -24.34 -33.07 54.42
C MET E 157 -23.72 -34.39 54.01
N MET E 158 -22.56 -34.36 53.35
CA MET E 158 -21.87 -35.61 53.00
C MET E 158 -21.29 -36.29 54.23
N LYS E 159 -20.84 -35.49 55.20
CA LYS E 159 -20.33 -36.06 56.44
C LYS E 159 -21.44 -36.74 57.23
N ARG E 160 -22.65 -36.20 57.17
CA ARG E 160 -23.78 -36.79 57.87
C ARG E 160 -24.34 -37.98 57.12
N TYR E 161 -24.20 -38.01 55.79
CA TYR E 161 -24.59 -39.19 55.03
C TYR E 161 -23.61 -40.34 55.26
N HIS E 162 -22.33 -40.04 55.47
CA HIS E 162 -21.35 -41.09 55.70
C HIS E 162 -21.66 -41.83 56.99
N LYS E 163 -22.14 -41.13 58.00
CA LYS E 163 -22.50 -41.79 59.26
C LYS E 163 -23.74 -42.65 59.10
N VAL E 164 -24.73 -42.16 58.35
CA VAL E 164 -25.92 -42.97 58.08
C VAL E 164 -25.56 -44.14 57.18
N TRP E 165 -24.65 -43.92 56.23
CA TRP E 165 -24.25 -44.97 55.31
C TRP E 165 -23.60 -46.13 56.05
N GLU E 166 -22.86 -45.85 57.11
CA GLU E 166 -22.23 -46.92 57.88
C GLU E 166 -23.26 -47.75 58.64
N ASN E 167 -24.28 -47.10 59.18
CA ASN E 167 -25.32 -47.81 59.92
C ASN E 167 -26.18 -48.66 59.02
N ILE E 168 -26.32 -48.28 57.74
CA ILE E 168 -27.10 -49.07 56.81
C ILE E 168 -26.32 -50.31 56.37
N ILE E 169 -25.03 -50.14 56.09
CA ILE E 169 -24.22 -51.28 55.67
C ILE E 169 -24.10 -52.29 56.80
N GLU E 170 -23.93 -51.82 58.02
CA GLU E 170 -23.82 -52.73 59.16
C GLU E 170 -25.13 -53.46 59.40
N GLU E 171 -26.25 -52.75 59.32
CA GLU E 171 -27.54 -53.38 59.53
C GLU E 171 -27.90 -54.35 58.42
N ARG E 172 -27.44 -54.09 57.19
CA ARG E 172 -27.68 -55.00 56.09
C ARG E 172 -26.77 -56.21 56.13
N SER E 173 -25.62 -56.10 56.79
CA SER E 173 -24.73 -57.25 56.90
C SER E 173 -25.33 -58.35 57.75
N LYS E 174 -26.11 -57.97 58.78
CA LYS E 174 -26.76 -58.93 59.66
C LYS E 174 -28.12 -59.36 59.15
N ALA E 175 -28.40 -59.14 57.85
CA ALA E 175 -29.67 -59.50 57.25
C ALA E 175 -29.51 -60.76 56.40
N THR E 176 -30.54 -61.59 56.43
CA THR E 176 -30.52 -62.82 55.64
C THR E 176 -30.56 -62.50 54.15
N ASP E 177 -29.97 -63.40 53.36
CA ASP E 177 -30.01 -63.23 51.91
C ASP E 177 -31.44 -63.15 51.40
N GLN E 178 -32.36 -63.87 52.04
CA GLN E 178 -33.77 -63.76 51.70
C GLN E 178 -34.29 -62.35 51.97
N GLU E 179 -33.86 -61.75 53.07
CA GLU E 179 -34.36 -60.43 53.44
C GLU E 179 -33.76 -59.33 52.58
N LYS E 180 -32.47 -59.41 52.30
CA LYS E 180 -31.82 -58.35 51.54
C LYS E 180 -32.20 -58.35 50.07
N LYS E 181 -32.90 -59.38 49.61
CA LYS E 181 -33.36 -59.45 48.24
C LYS E 181 -34.86 -59.26 48.08
N THR E 182 -35.64 -59.51 49.13
CA THR E 182 -37.08 -59.31 49.05
C THR E 182 -37.50 -57.94 49.56
N ARG E 183 -36.79 -57.39 50.52
CA ARG E 183 -37.03 -56.03 50.95
C ARG E 183 -36.65 -55.06 49.85
N TYR E 184 -37.50 -54.05 49.63
CA TYR E 184 -37.30 -53.07 48.58
C TYR E 184 -37.32 -53.69 47.19
N ALA E 185 -37.93 -54.87 47.06
CA ALA E 185 -38.03 -55.55 45.78
C ALA E 185 -39.38 -55.29 45.15
N HIS E 186 -39.47 -55.60 43.86
CA HIS E 186 -40.71 -55.39 43.14
C HIS E 186 -41.77 -56.39 43.62
N PRO E 187 -43.03 -55.98 43.73
CA PRO E 187 -44.05 -56.91 44.25
C PRO E 187 -44.22 -58.15 43.40
N SER E 188 -43.97 -58.04 42.10
CA SER E 188 -44.14 -59.16 41.18
C SER E 188 -42.99 -60.17 41.24
N TYR E 189 -42.00 -59.95 42.09
CA TYR E 189 -40.83 -60.81 42.12
C TYR E 189 -41.03 -61.97 43.09
N GLN E 190 -40.80 -63.18 42.60
CA GLN E 190 -40.80 -64.37 43.42
C GLN E 190 -39.36 -64.73 43.76
N TYR E 191 -39.07 -64.85 45.04
CA TYR E 191 -37.71 -65.15 45.48
C TYR E 191 -37.36 -66.60 45.21
N SER E 192 -36.15 -66.83 44.71
CA SER E 192 -35.60 -68.16 44.55
C SER E 192 -34.13 -68.08 44.97
N PRO E 193 -33.69 -68.91 45.91
CA PRO E 193 -32.35 -68.74 46.45
C PRO E 193 -31.25 -69.03 45.44
N LEU E 194 -30.13 -68.38 45.64
CA LEU E 194 -28.90 -68.61 44.89
C LEU E 194 -27.98 -69.52 45.67
N PRO E 195 -27.06 -70.22 45.00
CA PRO E 195 -26.07 -70.99 45.74
C PRO E 195 -25.21 -70.09 46.62
N VAL E 196 -24.89 -70.58 47.81
CA VAL E 196 -24.13 -69.80 48.77
C VAL E 196 -22.68 -69.70 48.31
N VAL E 197 -22.22 -68.48 48.07
CA VAL E 197 -20.83 -68.23 47.72
C VAL E 197 -20.22 -67.33 48.78
N SER E 198 -18.89 -67.32 48.82
CA SER E 198 -18.15 -66.50 49.79
C SER E 198 -17.77 -65.20 49.12
N ILE E 199 -18.42 -64.11 49.53
CA ILE E 199 -18.14 -62.77 49.03
C ILE E 199 -17.80 -61.87 50.21
N PRO E 200 -16.61 -61.28 50.27
CA PRO E 200 -16.24 -60.46 51.43
C PRO E 200 -17.08 -59.20 51.52
N ASN E 201 -17.15 -58.68 52.75
CA ASN E 201 -17.89 -57.45 53.06
C ASN E 201 -16.85 -56.38 53.36
N VAL E 202 -16.47 -55.63 52.32
CA VAL E 202 -15.46 -54.58 52.42
C VAL E 202 -16.16 -53.24 52.38
N LEU E 203 -15.93 -52.43 53.43
CA LEU E 203 -16.51 -51.10 53.45
C LEU E 203 -15.90 -50.21 52.37
N ASN E 204 -14.60 -50.02 52.41
CA ASN E 204 -13.89 -49.20 51.43
C ASN E 204 -12.85 -50.08 50.76
N PRO E 205 -12.91 -50.26 49.43
CA PRO E 205 -11.90 -51.10 48.78
C PRO E 205 -10.49 -50.63 49.03
N LEU E 206 -10.23 -49.34 48.81
CA LEU E 206 -9.01 -48.73 49.31
C LEU E 206 -9.08 -48.68 50.83
N ASN E 207 -7.94 -48.89 51.48
CA ASN E 207 -7.95 -48.98 52.93
C ASN E 207 -8.13 -47.60 53.55
N LEU E 208 -9.31 -47.04 53.41
CA LEU E 208 -9.67 -45.73 53.92
C LEU E 208 -10.66 -45.85 55.07
N GLN E 209 -10.83 -44.75 55.78
CA GLN E 209 -11.70 -44.70 56.95
C GLN E 209 -12.87 -43.76 56.71
N MET F 1 13.08 65.01 46.72
CA MET F 1 12.59 66.05 45.77
C MET F 1 11.56 65.47 44.83
N TRP F 2 10.70 64.58 45.34
CA TRP F 2 9.73 63.94 44.47
C TRP F 2 8.76 64.95 43.86
N TYR F 3 8.46 66.02 44.58
CA TYR F 3 7.54 67.01 44.05
C TYR F 3 8.14 67.76 42.86
N LYS F 4 9.46 67.82 42.79
CA LYS F 4 10.10 68.45 41.63
C LYS F 4 9.76 67.70 40.35
N TYR F 5 9.63 66.38 40.44
CA TYR F 5 9.29 65.56 39.29
C TYR F 5 7.81 65.23 39.21
N PHE F 6 7.02 65.81 40.11
CA PHE F 6 5.58 65.67 40.00
C PHE F 6 5.04 66.50 38.85
N SER F 7 4.12 65.93 38.09
CA SER F 7 3.53 66.60 36.94
C SER F 7 2.19 67.20 37.34
N LYS F 8 2.09 68.52 37.28
CA LYS F 8 0.86 69.20 37.68
C LYS F 8 -0.26 69.02 36.68
N GLN F 9 0.01 68.42 35.52
CA GLN F 9 -1.07 68.20 34.57
C GLN F 9 -2.03 67.13 35.03
N SER F 10 -1.73 66.43 36.13
CA SER F 10 -2.67 65.50 36.74
C SER F 10 -3.65 66.20 37.66
N TRP F 11 -3.53 67.52 37.82
CA TRP F 11 -4.47 68.28 38.63
C TRP F 11 -5.78 68.56 37.91
N ASN F 12 -5.96 68.02 36.71
CA ASN F 12 -7.21 68.22 35.99
C ASN F 12 -8.39 67.58 36.70
N LEU F 13 -8.13 66.57 37.53
CA LEU F 13 -9.16 65.90 38.32
C LEU F 13 -8.81 66.01 39.79
N ARG F 14 -9.84 65.87 40.62
CA ARG F 14 -9.67 65.77 42.08
C ARG F 14 -10.39 64.48 42.47
N VAL F 15 -9.67 63.37 42.44
CA VAL F 15 -10.27 62.07 42.66
C VAL F 15 -10.34 61.79 44.15
N TRP F 16 -11.53 61.43 44.62
CA TRP F 16 -11.75 61.10 46.02
C TRP F 16 -12.90 60.10 46.08
N ARG F 17 -12.62 58.91 46.58
CA ARG F 17 -13.58 57.82 46.61
C ARG F 17 -14.09 57.52 45.19
N LYS F 18 -13.14 57.42 44.26
CA LYS F 18 -13.39 57.05 42.88
C LYS F 18 -14.32 58.03 42.16
N ALA F 19 -14.39 59.27 42.63
CA ALA F 19 -15.24 60.27 42.03
C ALA F 19 -14.48 61.57 41.82
N ASN F 20 -14.65 62.16 40.65
CA ASN F 20 -14.03 63.45 40.34
C ASN F 20 -14.85 64.55 41.00
N LEU F 21 -14.21 65.30 41.89
CA LEU F 21 -14.91 66.33 42.62
C LEU F 21 -15.20 67.56 41.77
N LYS F 22 -14.42 67.80 40.71
CA LYS F 22 -14.67 68.93 39.84
C LYS F 22 -15.68 68.59 38.75
N TYR F 23 -16.79 67.96 39.12
CA TYR F 23 -17.79 67.53 38.15
C TYR F 23 -18.98 68.47 38.25
N ASN F 24 -19.36 69.07 37.13
CA ASN F 24 -20.44 70.04 37.10
C ASN F 24 -21.77 69.30 37.18
N GLN F 25 -22.11 68.90 38.40
CA GLN F 25 -23.39 68.23 38.64
C GLN F 25 -24.55 69.20 38.70
N ASP F 26 -24.29 70.50 38.73
CA ASP F 26 -25.36 71.49 38.72
C ASP F 26 -25.87 71.78 37.31
N ASP F 27 -25.16 71.34 36.28
CA ASP F 27 -25.57 71.56 34.91
C ASP F 27 -25.84 70.27 34.14
N PHE F 28 -25.39 69.13 34.64
CA PHE F 28 -25.58 67.85 33.97
C PHE F 28 -26.03 66.81 34.98
N GLY F 29 -26.92 65.92 34.54
CA GLY F 29 -27.34 64.81 35.36
C GLY F 29 -28.65 65.03 36.06
N MET F 30 -28.96 64.07 36.92
CA MET F 30 -30.19 64.10 37.69
C MET F 30 -30.19 65.24 38.71
N THR F 31 -29.01 65.71 39.10
CA THR F 31 -28.88 66.80 40.06
C THR F 31 -28.99 68.17 39.43
N GLN F 32 -29.17 68.24 38.11
CA GLN F 32 -29.27 69.54 37.45
C GLN F 32 -30.58 70.25 37.77
N PRO F 33 -31.74 69.60 37.72
CA PRO F 33 -32.98 70.32 38.01
C PRO F 33 -33.01 70.83 39.44
N LYS F 34 -33.26 72.12 39.57
CA LYS F 34 -33.29 72.76 40.88
C LYS F 34 -34.68 72.76 41.48
N TYR F 35 -35.67 72.25 40.75
CA TYR F 35 -37.04 72.19 41.25
C TYR F 35 -37.33 70.89 41.99
N ILE F 36 -36.30 70.23 42.50
CA ILE F 36 -36.51 68.99 43.24
C ILE F 36 -37.10 69.30 44.60
N ALA F 37 -37.90 68.39 45.10
CA ALA F 37 -38.64 68.60 46.34
C ALA F 37 -37.82 68.11 47.53
N ARG F 38 -38.47 68.00 48.68
CA ARG F 38 -37.77 67.67 49.91
C ARG F 38 -37.21 66.25 49.88
N PHE F 39 -37.94 65.31 49.28
CA PHE F 39 -37.49 63.93 49.28
C PHE F 39 -36.29 63.75 48.35
N GLY F 40 -36.39 64.26 47.13
CA GLY F 40 -35.27 64.13 46.21
C GLY F 40 -34.05 64.92 46.63
N ASP F 41 -34.25 66.03 47.34
CA ASP F 41 -33.11 66.80 47.83
C ASP F 41 -32.39 66.06 48.94
N PHE F 42 -33.15 65.46 49.86
CA PHE F 42 -32.53 64.71 50.95
C PHE F 42 -31.88 63.43 50.44
N ARG F 43 -32.38 62.88 49.33
CA ARG F 43 -31.78 61.67 48.79
C ARG F 43 -30.44 61.96 48.14
N PHE F 44 -30.35 63.05 47.36
CA PHE F 44 -29.08 63.45 46.79
C PHE F 44 -28.12 63.97 47.84
N ARG F 45 -28.64 64.47 48.95
CA ARG F 45 -27.79 64.91 50.05
C ARG F 45 -27.04 63.75 50.68
N LEU F 46 -27.66 62.58 50.74
CA LEU F 46 -27.03 61.43 51.38
C LEU F 46 -25.93 60.84 50.50
N VAL F 47 -26.16 60.75 49.20
CA VAL F 47 -25.25 60.05 48.31
C VAL F 47 -24.28 61.02 47.61
N ARG F 48 -24.71 62.28 47.47
CA ARG F 48 -23.86 63.33 46.94
C ARG F 48 -23.61 63.20 45.44
N THR F 49 -24.04 62.09 44.84
CA THR F 49 -23.79 61.83 43.43
C THR F 49 -24.92 61.00 42.85
N GLU F 50 -25.12 61.13 41.55
CA GLU F 50 -26.10 60.32 40.87
C GLU F 50 -25.55 58.94 40.51
N GLY F 51 -24.24 58.85 40.27
CA GLY F 51 -23.66 57.57 39.90
C GLY F 51 -23.71 56.55 41.00
N ALA F 52 -23.58 57.00 42.25
CA ALA F 52 -23.68 56.09 43.39
C ALA F 52 -25.13 55.73 43.68
N LEU F 53 -26.04 56.67 43.52
CA LEU F 53 -27.46 56.40 43.76
C LEU F 53 -28.01 55.43 42.75
N ARG F 54 -27.73 55.66 41.46
CA ARG F 54 -28.21 54.75 40.44
C ARG F 54 -27.64 53.36 40.60
N GLY F 55 -26.41 53.24 41.07
CA GLY F 55 -25.82 51.92 41.28
C GLY F 55 -26.51 51.13 42.36
N CYS F 56 -27.00 51.81 43.42
CA CYS F 56 -27.68 51.11 44.49
C CYS F 56 -29.11 50.75 44.13
N MET F 57 -29.81 51.66 43.44
CA MET F 57 -31.16 51.37 43.00
C MET F 57 -31.20 50.25 41.97
N PHE F 58 -30.08 49.97 41.32
CA PHE F 58 -30.00 48.86 40.39
C PHE F 58 -30.28 47.54 41.10
N PHE F 59 -29.72 47.37 42.30
CA PHE F 59 -29.90 46.14 43.07
C PHE F 59 -31.16 46.16 43.92
N VAL F 60 -31.50 47.31 44.49
CA VAL F 60 -32.74 47.44 45.24
C VAL F 60 -33.96 47.28 44.33
N GLY F 61 -33.84 47.69 43.07
CA GLY F 61 -34.93 47.49 42.14
C GLY F 61 -35.23 46.03 41.87
N PHE F 62 -34.19 45.22 41.74
CA PHE F 62 -34.39 43.78 41.55
C PHE F 62 -35.09 43.17 42.76
N GLY F 63 -34.75 43.63 43.96
CA GLY F 63 -35.41 43.10 45.14
C GLY F 63 -36.87 43.54 45.23
N CYS F 64 -37.13 44.81 44.96
CA CYS F 64 -38.50 45.31 45.02
C CYS F 64 -39.37 44.65 43.96
N PHE F 65 -38.85 44.49 42.75
CA PHE F 65 -39.63 43.86 41.69
C PHE F 65 -39.87 42.39 41.99
N SER F 66 -38.89 41.71 42.59
CA SER F 66 -39.05 40.30 42.93
C SER F 66 -39.95 40.11 44.13
N ILE F 67 -40.03 41.12 45.01
CA ILE F 67 -40.90 41.02 46.17
C ILE F 67 -42.36 41.25 45.78
N ILE F 68 -42.62 42.30 44.99
CA ILE F 68 -43.99 42.55 44.57
C ILE F 68 -44.49 41.46 43.63
N ASN F 69 -43.57 40.75 42.96
CA ASN F 69 -43.98 39.60 42.17
C ASN F 69 -44.42 38.45 43.05
N TYR F 70 -43.83 38.34 44.25
CA TYR F 70 -44.22 37.30 45.18
C TYR F 70 -45.53 37.66 45.87
N LEU F 71 -45.66 38.91 46.32
CA LEU F 71 -46.88 39.30 47.03
C LEU F 71 -48.09 39.21 46.13
N TYR F 72 -47.92 39.45 44.83
CA TYR F 72 -48.99 39.25 43.88
C TYR F 72 -49.22 37.78 43.58
N GLY F 73 -48.27 36.91 43.94
CA GLY F 73 -48.43 35.48 43.78
C GLY F 73 -49.14 34.87 44.97
N ARG F 74 -48.57 35.09 46.16
CA ARG F 74 -49.22 34.63 47.39
C ARG F 74 -50.57 35.30 47.55
N TYR F 75 -50.57 36.62 47.66
CA TYR F 75 -51.80 37.39 47.70
C TYR F 75 -52.22 37.74 46.27
N GLY F 76 -53.14 38.68 46.13
CA GLY F 76 -53.61 39.10 44.83
C GLY F 76 -55.10 38.86 44.64
N TYR F 77 -55.56 37.68 45.08
CA TYR F 77 -56.99 37.40 45.04
C TYR F 77 -57.79 38.32 45.94
N ILE F 78 -57.12 39.11 46.78
CA ILE F 78 -57.85 40.11 47.57
C ILE F 78 -58.46 41.18 46.68
N ILE F 79 -57.89 41.40 45.50
CA ILE F 79 -58.30 42.50 44.64
C ILE F 79 -58.68 42.00 43.25
N ASN F 80 -58.13 40.87 42.83
CA ASN F 80 -58.33 40.37 41.47
C ASN F 80 -59.19 39.11 41.39
N GLU F 81 -59.69 38.60 42.51
CA GLU F 81 -60.51 37.39 42.44
C GLU F 81 -61.89 37.67 41.87
N SER F 82 -62.36 38.92 41.95
CA SER F 82 -63.66 39.26 41.39
C SER F 82 -63.62 39.36 39.87
N SER F 83 -62.57 39.99 39.32
CA SER F 83 -62.43 40.12 37.89
C SER F 83 -62.12 38.80 37.20
N GLN F 84 -61.71 37.77 37.95
CA GLN F 84 -61.51 36.45 37.37
C GLN F 84 -62.80 35.63 37.38
N LYS F 85 -63.56 35.69 38.47
CA LYS F 85 -64.88 35.07 38.47
C LYS F 85 -65.83 35.74 37.50
N ARG F 86 -65.67 37.06 37.30
CA ARG F 86 -66.48 37.76 36.31
C ARG F 86 -66.17 37.28 34.91
N ALA F 87 -64.88 37.17 34.57
CA ALA F 87 -64.48 36.67 33.26
C ALA F 87 -64.70 35.17 33.12
N ALA F 88 -64.83 34.44 34.24
CA ALA F 88 -65.10 33.02 34.15
C ALA F 88 -66.50 32.76 33.62
N GLN F 89 -67.51 33.37 34.25
CA GLN F 89 -68.88 33.21 33.75
C GLN F 89 -69.08 33.92 32.42
N ASP F 90 -68.35 35.01 32.18
CA ASP F 90 -68.44 35.68 30.88
C ASP F 90 -67.89 34.78 29.77
N LEU F 91 -66.85 34.01 30.09
CA LEU F 91 -66.28 33.10 29.12
C LEU F 91 -67.25 31.98 28.77
N LEU F 92 -68.15 31.66 29.70
CA LEU F 92 -69.16 30.62 29.45
C LEU F 92 -70.44 31.19 28.87
N ASP F 93 -70.75 32.45 29.17
CA ASP F 93 -72.00 33.03 28.70
C ASP F 93 -71.95 33.27 27.20
N ASN F 94 -70.82 33.75 26.69
CA ASN F 94 -70.67 33.98 25.27
C ASN F 94 -70.43 32.69 24.50
N ASP F 95 -69.88 31.66 25.16
CA ASP F 95 -69.75 30.36 24.53
C ASP F 95 -71.12 29.74 24.26
N MET F 96 -71.99 29.76 25.27
CA MET F 96 -73.34 29.26 25.09
C MET F 96 -74.12 30.11 24.10
N ALA F 97 -73.87 31.42 24.09
CA ALA F 97 -74.50 32.29 23.11
C ALA F 97 -74.02 31.99 21.70
N ALA F 98 -72.80 31.48 21.57
CA ALA F 98 -72.28 31.13 20.25
C ALA F 98 -72.98 29.90 19.69
N ASP F 99 -73.19 28.89 20.52
CA ASP F 99 -73.82 27.65 20.04
C ASP F 99 -75.25 27.90 19.58
N LYS F 100 -75.91 28.90 20.15
CA LYS F 100 -77.29 29.20 19.77
C LYS F 100 -77.35 29.77 18.36
N ILE F 101 -76.50 30.74 18.05
CA ILE F 101 -76.47 31.38 16.74
C ILE F 101 -75.09 31.15 16.15
N LEU F 102 -74.97 30.09 15.37
CA LEU F 102 -73.77 29.80 14.61
C LEU F 102 -74.07 28.62 13.70
N PHE F 103 -73.56 28.66 12.47
CA PHE F 103 -73.79 27.58 11.54
C PHE F 103 -72.80 26.46 11.81
N LYS F 104 -73.31 25.27 12.12
CA LYS F 104 -72.51 24.08 12.30
C LYS F 104 -72.79 23.13 11.14
N ASN F 105 -71.74 22.69 10.47
CA ASN F 105 -71.90 21.77 9.35
C ASN F 105 -72.15 20.38 9.92
N ARG F 106 -72.15 19.37 9.04
CA ARG F 106 -72.49 18.02 9.46
C ARG F 106 -71.52 17.50 10.51
N VAL F 107 -70.31 18.04 10.56
CA VAL F 107 -69.43 17.86 11.69
C VAL F 107 -69.41 19.17 12.47
N GLY F 108 -69.09 19.08 13.76
CA GLY F 108 -69.23 20.22 14.65
C GLY F 108 -68.17 21.27 14.43
N ALA F 109 -68.19 21.93 13.26
CA ALA F 109 -67.23 22.96 12.93
C ALA F 109 -67.95 24.19 12.38
N PRO F 110 -67.74 25.38 12.96
CA PRO F 110 -68.38 26.61 12.42
C PRO F 110 -67.71 27.10 11.14
N THR F 111 -68.10 26.52 10.01
CA THR F 111 -67.45 26.83 8.76
C THR F 111 -67.93 28.13 8.14
N ARG F 112 -68.96 28.76 8.70
CA ARG F 112 -69.45 30.05 8.20
C ARG F 112 -69.50 31.05 9.34
N PRO F 113 -68.36 31.59 9.75
CA PRO F 113 -68.38 32.65 10.76
C PRO F 113 -68.73 34.01 10.20
N LEU F 114 -68.51 34.22 8.90
CA LEU F 114 -68.77 35.48 8.23
C LEU F 114 -70.14 35.51 7.56
N ARG F 115 -71.07 34.69 8.03
CA ARG F 115 -72.40 34.69 7.44
C ARG F 115 -73.09 36.02 7.69
N SER F 116 -72.96 36.55 8.91
CA SER F 116 -73.55 37.82 9.26
C SER F 116 -72.64 38.51 10.28
N LEU F 117 -72.98 39.75 10.60
CA LEU F 117 -72.20 40.51 11.57
C LEU F 117 -72.29 39.91 12.97
N ASP F 118 -73.46 39.38 13.33
CA ASP F 118 -73.61 38.75 14.64
C ASP F 118 -72.86 37.44 14.74
N ASP F 119 -72.63 36.78 13.60
CA ASP F 119 -71.88 35.52 13.62
C ASP F 119 -70.38 35.77 13.78
N MET F 120 -69.87 36.82 13.14
CA MET F 120 -68.45 37.13 13.28
C MET F 120 -68.10 37.48 14.72
N MET F 121 -68.96 38.24 15.40
CA MET F 121 -68.69 38.60 16.78
C MET F 121 -68.87 37.41 17.71
N ALA F 122 -69.88 36.58 17.45
CA ALA F 122 -70.08 35.38 18.27
C ALA F 122 -68.93 34.40 18.09
N PHE F 123 -68.37 34.32 16.89
CA PHE F 123 -67.23 33.44 16.67
C PHE F 123 -65.98 33.99 17.33
N LEU F 124 -65.80 35.31 17.30
CA LEU F 124 -64.61 35.92 17.90
C LEU F 124 -64.69 35.90 19.42
N SER F 125 -65.87 36.15 19.97
CA SER F 125 -66.04 36.20 21.42
C SER F 125 -66.09 34.83 22.06
N GLY F 126 -66.11 33.75 21.27
CA GLY F 126 -66.15 32.43 21.83
C GLY F 126 -64.77 31.87 22.11
N SER F 127 -64.72 30.90 23.02
CA SER F 127 -63.46 30.27 23.40
C SER F 127 -63.18 29.02 22.57
N ALA F 128 -64.14 28.11 22.50
CA ALA F 128 -63.97 26.88 21.73
C ALA F 128 -64.22 27.06 20.24
N THR F 129 -64.76 28.19 19.82
CA THR F 129 -65.02 28.40 18.40
C THR F 129 -63.73 28.38 17.59
N TYR F 130 -62.65 28.89 18.17
CA TYR F 130 -61.36 28.84 17.49
C TYR F 130 -60.83 27.41 17.41
N ASP F 131 -61.10 26.59 18.43
CA ASP F 131 -60.57 25.24 18.46
C ASP F 131 -61.34 24.30 17.56
N GLN F 132 -62.65 24.45 17.49
CA GLN F 132 -63.46 23.55 16.67
C GLN F 132 -63.14 23.72 15.20
N LEU F 133 -62.91 24.96 14.76
CA LEU F 133 -62.59 25.22 13.37
C LEU F 133 -61.14 24.89 13.04
N ALA F 134 -60.23 25.07 14.00
CA ALA F 134 -58.83 24.76 13.76
C ALA F 134 -58.60 23.25 13.69
N ASP F 135 -59.23 22.50 14.57
CA ASP F 135 -59.07 21.05 14.56
C ASP F 135 -59.69 20.42 13.33
N TYR F 136 -60.75 21.04 12.79
CA TYR F 136 -61.36 20.54 11.56
C TYR F 136 -60.49 20.89 10.35
N ALA F 137 -59.91 22.08 10.34
CA ALA F 137 -59.05 22.46 9.23
C ALA F 137 -57.72 21.74 9.26
N SER F 138 -57.27 21.29 10.42
CA SER F 138 -56.01 20.58 10.52
C SER F 138 -56.16 19.09 10.30
N TYR F 139 -57.37 18.56 10.34
CA TYR F 139 -57.60 17.14 10.06
C TYR F 139 -57.51 16.94 8.55
N ASN F 140 -56.50 16.21 8.10
CA ASN F 140 -56.27 16.04 6.67
C ASN F 140 -57.39 15.24 6.01
N HIS F 141 -57.92 14.24 6.70
CA HIS F 141 -58.98 13.43 6.10
C HIS F 141 -60.27 14.23 5.93
N ALA F 142 -60.63 15.05 6.92
CA ALA F 142 -61.82 15.87 6.77
C ALA F 142 -61.69 16.85 5.63
N MET F 143 -60.48 17.31 5.34
CA MET F 143 -60.26 18.20 4.22
C MET F 143 -60.26 17.44 2.90
N ASP F 144 -59.85 16.18 2.92
CA ASP F 144 -59.93 15.35 1.72
C ASP F 144 -61.38 15.03 1.39
N VAL F 145 -62.19 14.81 2.41
CA VAL F 145 -63.62 14.61 2.20
C VAL F 145 -64.26 15.89 1.69
N ASN F 146 -63.88 17.02 2.26
CA ASN F 146 -64.43 18.30 1.82
C ASN F 146 -63.99 18.62 0.39
N GLN F 147 -62.78 18.20 0.00
CA GLN F 147 -62.34 18.41 -1.36
C GLN F 147 -63.16 17.58 -2.34
N ASP F 148 -63.57 16.38 -1.93
CA ASP F 148 -64.42 15.54 -2.78
C ASP F 148 -65.83 16.12 -2.89
N GLN F 149 -66.32 16.72 -1.80
CA GLN F 149 -67.65 17.30 -1.82
C GLN F 149 -67.73 18.46 -2.79
N GLN F 150 -66.67 19.28 -2.85
CA GLN F 150 -66.64 20.38 -3.79
C GLN F 150 -66.57 19.90 -5.22
N ALA F 151 -65.97 18.73 -5.45
CA ALA F 151 -65.90 18.16 -6.79
C ALA F 151 -67.17 17.45 -7.21
N GLY F 152 -68.11 17.24 -6.29
CA GLY F 152 -69.39 16.63 -6.63
C GLY F 152 -69.69 15.31 -5.95
N LEU F 153 -68.83 14.83 -5.06
CA LEU F 153 -69.03 13.54 -4.40
C LEU F 153 -69.48 13.78 -2.97
N ASP F 154 -70.76 13.54 -2.71
CA ASP F 154 -71.32 13.78 -1.39
C ASP F 154 -72.39 12.73 -1.14
N SER F 155 -72.64 12.48 0.13
CA SER F 155 -73.61 11.47 0.54
C SER F 155 -74.03 11.76 1.98
N TRP F 156 -74.84 10.86 2.52
CA TRP F 156 -75.26 10.99 3.91
C TRP F 156 -74.18 10.48 4.84
N MET F 157 -74.25 10.91 6.09
CA MET F 157 -73.25 10.59 7.09
C MET F 157 -73.90 9.85 8.25
N SER F 158 -73.23 8.80 8.72
CA SER F 158 -73.67 8.09 9.91
C SER F 158 -73.24 8.84 11.16
N GLU F 159 -73.66 8.34 12.32
CA GLU F 159 -73.30 8.98 13.57
C GLU F 159 -71.81 8.91 13.81
N LYS F 160 -71.16 7.85 13.32
CA LYS F 160 -69.73 7.71 13.48
C LYS F 160 -68.97 8.67 12.58
N ASP F 161 -69.51 8.98 11.40
CA ASP F 161 -68.86 9.92 10.50
C ASP F 161 -68.95 11.34 11.04
N LYS F 162 -70.07 11.68 11.69
CA LYS F 162 -70.25 13.03 12.22
C LYS F 162 -69.31 13.34 13.36
N ASN F 163 -68.68 12.33 13.96
CA ASN F 163 -67.73 12.52 15.04
C ASN F 163 -66.29 12.39 14.60
N MET F 164 -66.02 12.40 13.30
CA MET F 164 -64.66 12.20 12.82
C MET F 164 -63.70 13.25 13.37
N VAL F 165 -64.21 14.45 13.65
CA VAL F 165 -63.37 15.47 14.26
C VAL F 165 -63.23 15.24 15.75
N LYS F 166 -64.24 14.68 16.40
CA LYS F 166 -64.12 14.40 17.83
C LYS F 166 -63.09 13.30 18.08
N TYR F 167 -63.05 12.30 17.21
CA TYR F 167 -62.02 11.27 17.34
C TYR F 167 -60.63 11.87 17.13
N TYR F 168 -60.50 12.79 16.18
CA TYR F 168 -59.22 13.44 15.94
C TYR F 168 -58.77 14.27 17.14
N GLN F 169 -59.72 14.88 17.84
CA GLN F 169 -59.38 15.66 19.03
C GLN F 169 -58.96 14.75 20.18
N ARG F 170 -59.67 13.63 20.36
CA ARG F 170 -59.31 12.71 21.43
C ARG F 170 -57.93 12.11 21.20
N SER F 171 -57.60 11.81 19.96
CA SER F 171 -56.29 11.22 19.67
C SER F 171 -55.18 12.17 20.05
N LEU F 172 -55.40 13.47 19.85
CA LEU F 172 -54.41 14.47 20.23
C LEU F 172 -54.31 14.62 21.74
N GLY F 173 -55.33 14.20 22.47
CA GLY F 173 -55.34 14.28 23.93
C GLY F 173 -56.41 15.18 24.50
N LYS F 174 -57.26 15.79 23.68
CA LYS F 174 -58.31 16.64 24.20
C LYS F 174 -59.35 15.80 24.92
N LYS F 175 -60.09 16.45 25.81
CA LYS F 175 -61.13 15.79 26.60
C LYS F 175 -62.46 16.15 25.96
N VAL F 176 -62.88 15.33 25.00
CA VAL F 176 -64.14 15.50 24.30
C VAL F 176 -65.05 14.34 24.65
N GLU F 177 -66.22 14.66 25.20
CA GLU F 177 -67.22 13.67 25.58
C GLU F 177 -68.36 13.69 24.58
N GLY F 178 -69.17 12.64 24.62
CA GLY F 178 -70.25 12.49 23.67
C GLY F 178 -69.89 11.79 22.39
N ILE F 179 -68.85 10.96 22.40
CA ILE F 179 -68.42 10.28 21.18
C ILE F 179 -69.46 9.26 20.76
N ILE G 4 -13.21 10.71 59.84
CA ILE G 4 -14.43 10.11 60.36
C ILE G 4 -15.64 10.76 59.72
N LEU G 5 -15.49 12.03 59.37
CA LEU G 5 -16.60 12.78 58.80
C LEU G 5 -16.98 12.26 57.42
N ASP G 6 -18.19 12.60 57.01
CA ASP G 6 -18.73 12.19 55.72
C ASP G 6 -18.12 12.94 54.55
N TYR G 7 -17.32 13.98 54.79
CA TYR G 7 -16.65 14.65 53.68
C TYR G 7 -15.58 13.76 53.06
N LEU G 8 -15.04 12.82 53.82
CA LEU G 8 -14.07 11.87 53.30
C LEU G 8 -14.69 10.86 52.35
N PHE G 9 -16.02 10.84 52.23
CA PHE G 9 -16.67 9.93 51.30
C PHE G 9 -16.35 10.30 49.86
N LEU G 10 -15.87 11.51 49.63
CA LEU G 10 -15.50 11.95 48.28
C LEU G 10 -14.29 11.21 47.74
N LEU G 11 -13.58 10.46 48.59
CA LEU G 11 -12.45 9.67 48.13
C LEU G 11 -12.87 8.37 47.47
N ASP G 12 -14.16 8.07 47.44
CA ASP G 12 -14.64 6.80 46.93
C ASP G 12 -14.66 6.80 45.41
N LEU G 13 -14.17 5.71 44.81
CA LEU G 13 -14.32 5.47 43.39
C LEU G 13 -14.88 4.09 43.09
N ASN G 14 -15.04 3.22 44.10
CA ASN G 14 -15.66 1.92 43.87
C ASN G 14 -17.13 2.07 43.51
N ASP G 15 -17.83 2.96 44.19
CA ASP G 15 -19.27 3.12 44.02
C ASP G 15 -19.63 4.49 43.44
N ASP G 16 -18.74 5.05 42.61
CA ASP G 16 -19.01 6.34 42.00
C ASP G 16 -20.16 6.26 40.99
N LEU G 17 -20.43 5.07 40.44
CA LEU G 17 -21.58 4.91 39.56
C LEU G 17 -22.90 5.02 40.28
N THR G 18 -22.90 4.99 41.61
CA THR G 18 -24.14 5.13 42.34
C THR G 18 -24.55 6.59 42.50
N ARG G 19 -23.64 7.53 42.33
CA ARG G 19 -23.94 8.94 42.53
C ARG G 19 -23.89 9.77 41.26
N LYS G 20 -22.76 9.85 40.57
CA LYS G 20 -22.67 10.67 39.36
C LYS G 20 -21.92 10.01 38.21
N ALA G 21 -20.86 9.27 38.50
CA ALA G 21 -20.00 8.68 37.48
C ALA G 21 -19.46 9.71 36.49
N VAL G 22 -19.22 10.93 36.95
CA VAL G 22 -18.73 12.01 36.09
C VAL G 22 -17.23 12.21 36.26
N PHE G 23 -16.70 11.92 37.44
CA PHE G 23 -15.28 12.12 37.68
C PHE G 23 -14.42 11.33 36.69
N GLU G 24 -14.84 10.11 36.35
CA GLU G 24 -14.02 9.24 35.52
C GLU G 24 -13.85 9.77 34.10
N GLN G 25 -14.70 10.69 33.65
CA GLN G 25 -14.61 11.23 32.30
C GLN G 25 -14.06 12.64 32.24
N VAL G 26 -14.21 13.43 33.30
CA VAL G 26 -13.76 14.82 33.27
C VAL G 26 -12.24 14.90 33.36
N ILE G 27 -11.62 14.04 34.17
CA ILE G 27 -10.18 14.08 34.31
C ILE G 27 -9.46 13.73 33.02
N ILE G 28 -10.13 13.03 32.12
CA ILE G 28 -9.54 12.74 30.81
C ILE G 28 -9.31 14.04 30.05
N PHE G 29 -10.28 14.94 30.07
CA PHE G 29 -10.11 16.23 29.44
C PHE G 29 -9.02 17.05 30.13
N ILE G 30 -8.98 17.00 31.45
CA ILE G 30 -8.00 17.79 32.20
C ILE G 30 -6.59 17.35 31.88
N PHE G 31 -6.37 16.04 31.74
CA PHE G 31 -5.07 15.54 31.35
C PHE G 31 -4.72 15.95 29.92
N ILE G 32 -5.71 15.92 29.02
CA ILE G 32 -5.50 16.41 27.67
C ILE G 32 -5.24 17.91 27.67
N TYR G 33 -5.98 18.65 28.49
CA TYR G 33 -5.82 20.09 28.54
C TYR G 33 -4.44 20.48 29.08
N CYS G 34 -3.91 19.69 30.01
CA CYS G 34 -2.56 19.98 30.51
C CYS G 34 -1.51 19.66 29.47
N THR G 35 -1.72 18.60 28.70
CA THR G 35 -0.78 18.26 27.63
C THR G 35 -0.75 19.35 26.57
N MET G 36 -1.93 19.88 26.22
CA MET G 36 -1.99 20.93 25.21
C MET G 36 -1.29 22.20 25.69
N ASN G 37 -1.57 22.63 26.92
CA ASN G 37 -0.93 23.84 27.43
C ASN G 37 0.56 23.64 27.62
N PHE G 38 1.00 22.42 27.91
CA PHE G 38 2.41 22.13 27.99
C PHE G 38 3.11 22.34 26.65
N LEU G 39 2.49 21.88 25.57
CA LEU G 39 3.10 22.04 24.26
C LEU G 39 3.09 23.50 23.83
N ALA G 40 2.05 24.25 24.19
CA ALA G 40 1.91 25.63 23.77
C ALA G 40 2.78 26.56 24.59
N TRP G 41 2.71 26.44 25.92
CA TRP G 41 3.42 27.38 26.77
C TRP G 41 4.93 27.17 26.70
N SER G 42 5.38 25.91 26.67
CA SER G 42 6.81 25.67 26.58
C SER G 42 7.37 26.22 25.28
N THR G 43 6.58 26.19 24.21
CA THR G 43 7.03 26.75 22.93
C THR G 43 7.21 28.25 23.00
N VAL G 44 6.31 28.94 23.71
CA VAL G 44 6.37 30.40 23.77
C VAL G 44 7.55 30.85 24.62
N VAL G 45 7.70 30.26 25.80
CA VAL G 45 8.69 30.74 26.75
C VAL G 45 10.09 30.34 26.32
N GLU G 46 10.24 29.14 25.75
CA GLU G 46 11.56 28.70 25.33
C GLU G 46 12.06 29.45 24.11
N LEU G 47 11.16 29.85 23.22
CA LEU G 47 11.55 30.42 21.94
C LEU G 47 11.84 31.91 21.99
N ILE G 48 12.16 32.45 23.16
CA ILE G 48 12.70 33.80 23.23
C ILE G 48 14.21 33.81 23.02
N TRP G 49 14.85 32.65 23.00
CA TRP G 49 16.30 32.57 22.93
C TRP G 49 16.87 32.91 21.56
N PRO G 50 16.22 32.57 20.43
CA PRO G 50 16.80 32.98 19.15
C PRO G 50 16.84 34.49 18.99
N THR G 51 15.81 35.18 19.46
CA THR G 51 15.80 36.64 19.43
C THR G 51 16.89 37.22 20.32
N HIS G 52 17.03 36.68 21.53
CA HIS G 52 18.04 37.17 22.45
C HIS G 52 19.44 36.90 21.93
N PHE G 53 19.66 35.72 21.36
CA PHE G 53 20.98 35.37 20.86
C PHE G 53 21.38 36.21 19.66
N PHE G 54 20.42 36.60 18.82
CA PHE G 54 20.73 37.38 17.63
C PHE G 54 20.94 38.85 17.96
N ASN G 55 20.07 39.43 18.78
CA ASN G 55 20.17 40.85 19.08
C ASN G 55 21.45 41.17 19.84
N ARG G 56 21.78 40.36 20.84
CA ARG G 56 22.96 40.60 21.66
C ARG G 56 24.26 40.38 20.91
N ARG G 57 24.20 39.95 19.65
CA ARG G 57 25.40 39.71 18.85
C ARG G 57 25.40 40.44 17.51
N HIS G 58 24.28 41.01 17.10
CA HIS G 58 24.17 41.66 15.80
C HIS G 58 23.48 43.01 15.80
N SER G 59 22.93 43.47 16.92
CA SER G 59 22.17 44.70 16.94
C SER G 59 23.01 45.94 17.23
N SER G 60 24.30 45.78 17.49
CA SER G 60 25.14 46.94 17.76
C SER G 60 25.56 47.63 16.47
N SER G 61 25.75 48.94 16.56
CA SER G 61 26.15 49.75 15.43
C SER G 61 27.22 50.72 15.89
N GLN G 62 27.91 51.33 14.93
CA GLN G 62 29.03 52.20 15.25
C GLN G 62 28.59 53.62 15.57
N GLU G 63 27.43 54.06 15.08
CA GLU G 63 26.97 55.40 15.39
C GLU G 63 26.26 55.47 16.73
N PHE G 64 26.25 54.40 17.51
CA PHE G 64 25.65 54.40 18.84
C PHE G 64 26.63 53.79 19.83
N ILE G 65 26.39 54.08 21.10
CA ILE G 65 27.20 53.55 22.18
C ILE G 65 26.60 52.24 22.66
N ARG G 66 27.43 51.20 22.72
CA ARG G 66 27.04 49.93 23.32
C ARG G 66 27.43 49.97 24.80
N PHE G 67 26.44 49.89 25.68
CA PHE G 67 26.68 49.96 27.11
C PHE G 67 26.84 48.58 27.71
N ARG G 68 27.74 48.48 28.69
CA ARG G 68 28.06 47.21 29.29
C ARG G 68 26.94 46.76 30.22
N THR G 69 26.56 45.49 30.11
CA THR G 69 25.53 44.92 30.95
C THR G 69 26.13 44.39 32.25
N TYR G 70 25.28 43.86 33.12
CA TYR G 70 25.74 43.36 34.41
C TYR G 70 26.72 42.21 34.22
N THR G 71 26.34 41.23 33.39
CA THR G 71 27.19 40.07 33.18
C THR G 71 28.51 40.46 32.54
N GLU G 72 28.50 41.43 31.64
CA GLU G 72 29.73 41.85 31.01
C GLU G 72 30.64 42.62 31.94
N VAL G 73 30.10 43.19 33.01
CA VAL G 73 30.93 43.81 34.04
C VAL G 73 31.64 42.75 34.87
N LEU G 74 30.91 41.72 35.30
CA LEU G 74 31.49 40.68 36.13
C LEU G 74 32.48 39.82 35.35
N LEU G 75 32.25 39.62 34.06
CA LEU G 75 33.15 38.78 33.27
C LEU G 75 34.47 39.48 32.98
N LYS G 76 34.45 40.79 32.80
CA LYS G 76 35.68 41.51 32.52
C LYS G 76 36.55 41.67 33.76
N ILE G 77 35.91 41.83 34.92
CA ILE G 77 36.63 42.16 36.14
C ILE G 77 36.97 40.92 36.95
N SER G 78 36.09 39.91 36.95
CA SER G 78 36.27 38.76 37.81
C SER G 78 36.31 37.45 37.03
N ALA G 79 36.41 37.49 35.71
CA ALA G 79 36.46 36.27 34.92
C ALA G 79 37.47 36.38 33.78
N TYR G 80 38.49 37.22 33.94
CA TYR G 80 39.54 37.29 32.95
C TYR G 80 40.50 36.12 33.10
N ASN G 81 41.03 35.68 31.97
CA ASN G 81 41.97 34.56 31.98
C ASN G 81 43.38 35.07 32.22
N ASP G 82 44.35 34.16 32.16
CA ASP G 82 45.73 34.53 32.42
C ASP G 82 46.34 35.34 31.28
N PHE G 83 45.91 35.06 30.06
CA PHE G 83 46.44 35.79 28.91
C PHE G 83 46.04 37.26 28.95
N PHE G 84 44.84 37.56 29.43
CA PHE G 84 44.41 38.95 29.56
C PHE G 84 45.19 39.66 30.66
N TYR G 85 45.43 38.98 31.78
CA TYR G 85 46.19 39.57 32.86
C TYR G 85 47.61 39.89 32.43
N VAL G 86 48.21 39.01 31.63
CA VAL G 86 49.58 39.22 31.17
C VAL G 86 49.65 40.38 30.20
N LEU G 87 48.72 40.44 29.25
CA LEU G 87 48.78 41.46 28.21
C LEU G 87 48.67 42.86 28.80
N ASN G 88 47.85 43.05 29.84
CA ASN G 88 47.74 44.35 30.47
C ASN G 88 49.02 44.73 31.21
N ASN G 89 49.53 43.82 32.04
CA ASN G 89 50.78 44.12 32.75
C ASN G 89 51.95 44.20 31.78
N TYR G 90 51.88 43.49 30.65
CA TYR G 90 52.91 43.63 29.63
C TYR G 90 52.87 45.01 29.00
N TYR G 91 51.67 45.52 28.74
CA TYR G 91 51.54 46.86 28.20
C TYR G 91 51.98 47.90 29.21
N TYR G 92 51.62 47.71 30.48
CA TYR G 92 51.92 48.70 31.51
C TYR G 92 53.41 48.76 31.80
N ASN G 93 54.06 47.61 31.84
CA ASN G 93 55.49 47.59 32.14
C ASN G 93 56.31 48.19 31.00
N GLN G 94 55.94 47.89 29.76
CA GLN G 94 56.74 48.33 28.63
C GLN G 94 56.56 49.81 28.34
N LYS G 95 55.35 50.33 28.50
CA LYS G 95 55.05 51.71 28.12
C LYS G 95 54.99 52.67 29.29
N LEU G 96 54.44 52.26 30.42
CA LEU G 96 54.27 53.18 31.53
C LEU G 96 55.45 53.17 32.49
N ILE G 97 56.16 52.05 32.58
CA ILE G 97 57.29 51.90 33.49
C ILE G 97 58.62 51.96 32.75
N LEU G 98 58.83 51.06 31.80
CA LEU G 98 60.05 51.05 31.00
C LEU G 98 60.01 52.01 29.82
N LYS G 99 58.93 52.76 29.66
CA LYS G 99 58.79 53.68 28.54
C LYS G 99 59.00 52.94 27.22
N GLN H 31 -1.52 59.10 62.80
CA GLN H 31 -0.90 57.79 62.84
C GLN H 31 -1.26 56.98 61.60
N MET H 32 -0.27 56.31 61.04
CA MET H 32 -0.49 55.48 59.85
C MET H 32 -1.16 54.18 60.28
N GLY H 33 -2.34 53.92 59.72
CA GLY H 33 -3.08 52.72 60.10
C GLY H 33 -2.50 51.44 59.50
N PHE H 34 -2.06 51.51 58.26
CA PHE H 34 -1.47 50.36 57.59
C PHE H 34 0.03 50.36 57.88
N SER H 35 0.48 49.39 58.67
CA SER H 35 1.87 49.32 59.09
C SER H 35 2.26 47.86 59.23
N SER H 36 3.32 47.46 58.53
CA SER H 36 3.86 46.12 58.65
C SER H 36 5.16 46.18 59.45
N ASP H 37 5.85 45.05 59.55
CA ASP H 37 7.16 45.02 60.19
C ASP H 37 8.24 45.61 59.31
N ASN H 38 7.88 46.17 58.16
CA ASN H 38 8.86 46.78 57.30
C ASN H 38 9.32 48.11 57.91
N PRO H 39 10.63 48.37 57.96
CA PRO H 39 11.10 49.56 58.67
C PRO H 39 11.11 50.84 57.85
N TYR H 40 11.13 50.72 56.53
CA TYR H 40 11.31 51.87 55.66
C TYR H 40 9.99 52.39 55.10
N ASN H 41 9.94 53.70 54.91
CA ASN H 41 8.87 54.38 54.19
C ASN H 41 7.50 54.06 54.79
N LYS H 42 7.32 54.46 56.05
CA LYS H 42 6.09 54.15 56.76
C LYS H 42 4.91 54.94 56.21
N ARG H 43 5.13 56.18 55.79
CA ARG H 43 4.05 57.01 55.29
C ARG H 43 3.70 56.71 53.84
N TRP H 44 4.39 55.79 53.20
CA TRP H 44 4.09 55.40 51.82
C TRP H 44 3.69 53.94 51.70
N GLU H 45 3.53 53.22 52.81
CA GLU H 45 3.32 51.78 52.74
C GLU H 45 1.97 51.45 52.11
N TYR H 46 0.94 52.22 52.41
CA TYR H 46 -0.38 51.97 51.84
C TYR H 46 -0.50 52.47 50.41
N LYS H 47 0.35 53.43 50.00
CA LYS H 47 0.25 54.03 48.68
C LYS H 47 1.00 53.22 47.62
N TRP H 48 2.13 52.64 47.98
CA TRP H 48 2.99 51.97 47.01
C TRP H 48 2.39 50.63 46.60
N LYS H 49 2.23 50.44 45.30
CA LYS H 49 1.67 49.21 44.74
C LYS H 49 2.78 48.44 44.04
N HIS H 50 3.37 47.48 44.75
CA HIS H 50 4.48 46.72 44.20
C HIS H 50 4.01 45.70 43.18
N SER H 51 4.87 45.43 42.20
CA SER H 51 4.61 44.41 41.19
C SER H 51 5.10 43.04 41.63
N TYR H 52 5.30 42.85 42.93
CA TYR H 52 5.73 41.55 43.41
C TYR H 52 4.67 40.50 43.15
N TYR H 53 5.12 39.33 42.72
CA TYR H 53 4.22 38.17 42.68
C TYR H 53 3.85 37.76 44.10
N THR H 54 4.84 37.59 44.96
CA THR H 54 4.64 37.36 46.37
C THR H 54 5.51 38.33 47.16
N TYR H 55 5.61 38.15 48.44
CA TYR H 55 6.36 39.12 49.21
C TYR H 55 7.83 38.74 49.28
N PRO H 56 8.72 39.70 49.51
CA PRO H 56 10.13 39.35 49.69
C PRO H 56 10.34 38.42 50.86
N ARG H 57 11.44 37.66 50.80
CA ARG H 57 11.71 36.66 51.82
C ARG H 57 11.83 37.31 53.19
N ASP H 58 12.60 38.38 53.27
CA ASP H 58 12.79 39.14 54.50
C ASP H 58 12.26 40.55 54.30
N TYR H 59 12.04 41.24 55.41
CA TYR H 59 11.75 42.66 55.32
C TYR H 59 13.01 43.41 54.91
N GLU H 60 12.81 44.64 54.46
CA GLU H 60 13.92 45.42 53.93
C GLU H 60 15.01 45.57 54.98
N HIS H 61 16.22 45.15 54.63
CA HIS H 61 17.33 45.20 55.57
C HIS H 61 17.72 46.63 55.86
N THR H 62 18.04 46.89 57.13
CA THR H 62 18.55 48.19 57.56
C THR H 62 20.07 48.24 57.51
N GLU H 63 20.72 47.10 57.29
CA GLU H 63 22.17 47.05 57.13
C GLU H 63 22.51 45.74 56.44
N VAL H 64 23.77 45.64 56.02
CA VAL H 64 24.25 44.42 55.40
C VAL H 64 24.31 43.32 56.44
N ARG H 65 23.73 42.17 56.11
CA ARG H 65 23.61 41.06 57.04
C ARG H 65 24.49 39.90 56.59
N LYS H 66 24.52 38.86 57.40
CA LYS H 66 25.29 37.66 57.12
C LYS H 66 24.42 36.61 56.46
N PRO H 67 25.00 35.70 55.70
CA PRO H 67 24.19 34.66 55.05
C PRO H 67 23.43 33.80 56.03
N GLN H 68 23.94 33.64 57.25
CA GLN H 68 23.27 32.86 58.28
C GLN H 68 22.26 33.68 59.07
N ASP H 69 22.17 34.98 58.82
CA ASP H 69 21.15 35.78 59.51
C ASP H 69 19.77 35.46 58.97
N SER H 70 19.65 35.29 57.66
CA SER H 70 18.39 34.94 57.04
C SER H 70 18.27 33.44 56.86
N LYS H 71 17.03 32.99 56.76
CA LYS H 71 16.69 31.58 56.65
C LYS H 71 16.56 31.20 55.19
N ASP H 72 17.46 30.35 54.71
CA ASP H 72 17.36 29.83 53.35
C ASP H 72 16.07 29.04 53.19
N VAL H 73 15.55 29.06 51.97
CA VAL H 73 14.32 28.35 51.60
C VAL H 73 13.27 28.51 52.69
N PRO H 74 12.60 29.65 52.77
CA PRO H 74 11.61 29.86 53.82
C PRO H 74 10.63 28.70 53.89
N PRO H 75 10.00 28.51 55.04
CA PRO H 75 9.20 27.30 55.25
C PRO H 75 8.03 27.21 54.29
N ILE H 76 7.44 26.03 54.25
CA ILE H 76 6.30 25.79 53.39
C ILE H 76 5.13 26.68 53.83
N TYR H 77 4.33 27.10 52.84
CA TYR H 77 3.22 28.03 53.05
C TYR H 77 3.69 29.39 53.56
N PHE H 78 4.86 29.83 53.09
CA PHE H 78 5.38 31.13 53.47
C PHE H 78 4.66 32.28 52.77
N ALA H 79 4.31 32.09 51.49
CA ALA H 79 3.62 33.13 50.74
C ALA H 79 2.23 33.41 51.30
N TYR H 80 1.55 32.38 51.77
CA TYR H 80 0.25 32.58 52.38
C TYR H 80 0.37 33.28 53.73
N TYR H 81 1.42 32.95 54.49
CA TYR H 81 1.64 33.59 55.77
C TYR H 81 2.00 35.06 55.61
N LYS H 82 2.79 35.39 54.59
CA LYS H 82 3.21 36.77 54.39
C LYS H 82 2.02 37.64 54.00
N ASP H 83 1.12 37.12 53.17
CA ASP H 83 -0.04 37.90 52.76
C ASP H 83 -0.97 38.16 53.92
N PHE H 84 -0.98 37.28 54.92
CA PHE H 84 -1.85 37.50 56.07
C PHE H 84 -1.26 38.53 57.03
N VAL H 85 0.06 38.53 57.20
CA VAL H 85 0.69 39.43 58.16
C VAL H 85 1.13 40.74 57.55
N ASP H 86 1.20 40.82 56.21
CA ASP H 86 1.57 42.05 55.54
C ASP H 86 0.43 42.73 54.80
N ARG H 87 -0.66 42.01 54.51
CA ARG H 87 -1.82 42.59 53.87
C ARG H 87 -3.09 42.48 54.69
N TRP H 88 -3.40 41.29 55.21
CA TRP H 88 -4.62 41.08 55.97
C TRP H 88 -4.55 41.73 57.35
N LEU H 89 -3.52 41.37 58.11
CA LEU H 89 -3.41 41.81 59.50
C LEU H 89 -3.30 43.32 59.63
N PRO H 90 -2.42 44.00 58.90
CA PRO H 90 -2.39 45.47 59.02
C PRO H 90 -3.65 46.14 58.51
N GLY H 91 -4.42 45.48 57.64
CA GLY H 91 -5.70 46.03 57.25
C GLY H 91 -6.73 45.96 58.35
N MET H 92 -6.68 44.91 59.15
CA MET H 92 -7.57 44.81 60.30
C MET H 92 -7.12 45.72 61.43
N ASN H 93 -5.81 45.96 61.57
CA ASN H 93 -5.36 46.91 62.57
C ASN H 93 -5.77 48.32 62.20
N MET H 94 -5.91 48.61 60.90
CA MET H 94 -6.40 49.90 60.48
C MET H 94 -7.85 50.10 60.89
N TRP H 95 -8.67 49.07 60.71
CA TRP H 95 -10.06 49.14 61.14
C TRP H 95 -10.18 49.23 62.64
N TRP H 96 -9.30 48.54 63.37
CA TRP H 96 -9.37 48.56 64.82
C TRP H 96 -8.91 49.89 65.38
N GLN H 97 -7.88 50.48 64.77
CA GLN H 97 -7.37 51.76 65.26
C GLN H 97 -8.41 52.85 65.14
N ARG H 98 -9.21 52.83 64.07
CA ARG H 98 -10.24 53.82 63.82
C ARG H 98 -11.65 53.22 63.93
N ARG H 99 -11.83 52.32 64.89
CA ARG H 99 -13.14 51.70 65.09
C ARG H 99 -14.15 52.66 65.66
N HIS H 100 -13.72 53.78 66.23
CA HIS H 100 -14.65 54.74 66.82
C HIS H 100 -15.38 55.56 65.78
N ARG H 101 -14.94 55.56 64.52
CA ARG H 101 -15.58 56.35 63.48
C ARG H 101 -16.73 55.61 62.80
N ILE H 102 -16.94 54.34 63.11
CA ILE H 102 -17.98 53.52 62.49
C ILE H 102 -19.08 53.15 63.45
N PHE H 103 -19.02 53.62 64.70
CA PHE H 103 -20.01 53.25 65.70
C PHE H 103 -21.13 54.28 65.78
N ASP H 104 -21.84 54.41 64.67
CA ASP H 104 -23.00 55.29 64.58
C ASP H 104 -24.27 54.48 64.57
N LYS H 105 -25.37 55.12 64.98
CA LYS H 105 -26.65 54.43 65.07
C LYS H 105 -27.11 53.89 63.72
N PHE H 106 -26.61 54.47 62.63
CA PHE H 106 -26.96 53.97 61.30
C PHE H 106 -26.25 52.65 60.99
N ASN H 107 -24.95 52.58 61.29
CA ASN H 107 -24.22 51.35 61.04
C ASN H 107 -24.49 50.28 62.08
N VAL H 108 -24.82 50.67 63.30
CA VAL H 108 -24.93 49.73 64.40
C VAL H 108 -26.32 49.13 64.50
N TYR H 109 -27.37 49.95 64.39
CA TYR H 109 -28.73 49.50 64.60
C TYR H 109 -29.57 49.46 63.34
N PHE H 110 -29.53 50.50 62.52
CA PHE H 110 -30.44 50.60 61.39
C PHE H 110 -30.09 49.59 60.31
N LEU H 111 -28.84 49.57 59.87
CA LEU H 111 -28.46 48.67 58.78
C LEU H 111 -28.57 47.20 59.18
N PRO H 112 -28.03 46.77 60.34
CA PRO H 112 -28.25 45.38 60.75
C PRO H 112 -29.70 45.06 61.07
N GLY H 113 -30.46 46.03 61.59
CA GLY H 113 -31.86 45.79 61.84
C GLY H 113 -32.65 45.61 60.56
N MET H 114 -32.28 46.36 59.52
CA MET H 114 -32.93 46.21 58.22
C MET H 114 -32.57 44.87 57.60
N SER H 115 -31.32 44.43 57.76
CA SER H 115 -30.90 43.15 57.20
C SER H 115 -31.61 41.98 57.86
N LEU H 116 -31.91 42.10 59.15
CA LEU H 116 -32.59 41.00 59.84
C LEU H 116 -34.06 40.94 59.51
N PHE H 117 -34.67 42.06 59.18
CA PHE H 117 -36.09 42.05 58.82
C PHE H 117 -36.33 41.28 57.54
N PHE H 118 -35.48 41.47 56.53
CA PHE H 118 -35.63 40.76 55.28
C PHE H 118 -35.03 39.36 55.32
N TYR H 119 -34.11 39.08 56.25
CA TYR H 119 -33.56 37.75 56.36
C TYR H 119 -34.59 36.73 56.86
N GLN H 120 -35.62 37.19 57.56
CA GLN H 120 -36.66 36.27 58.01
C GLN H 120 -37.50 35.73 56.87
N PHE H 121 -37.51 36.42 55.72
CA PHE H 121 -38.24 35.97 54.55
C PHE H 121 -37.30 35.57 53.42
N ALA H 122 -36.08 35.17 53.77
CA ALA H 122 -35.07 34.86 52.76
C ALA H 122 -35.48 33.68 51.90
N ASP H 123 -36.31 32.78 52.42
CA ASP H 123 -36.75 31.62 51.68
C ASP H 123 -37.98 31.87 50.83
N LEU H 124 -38.64 33.01 51.00
CA LEU H 124 -39.85 33.29 50.24
C LEU H 124 -39.53 33.64 48.79
N ALA H 125 -38.50 34.44 48.59
CA ALA H 125 -38.13 34.87 47.24
C ALA H 125 -36.68 35.33 47.26
N LEU H 126 -36.14 35.56 46.05
CA LEU H 126 -34.78 36.03 45.92
C LEU H 126 -34.63 37.49 46.32
N GLY H 127 -35.67 38.29 46.11
CA GLY H 127 -35.58 39.70 46.43
C GLY H 127 -35.36 39.98 47.91
N PHE H 128 -35.75 39.06 48.78
CA PHE H 128 -35.50 39.26 50.20
C PHE H 128 -34.04 39.03 50.55
N LYS H 129 -33.36 38.12 49.84
CA LYS H 129 -31.95 37.91 50.06
C LYS H 129 -31.14 39.14 49.68
N ILE H 130 -31.54 39.82 48.60
CA ILE H 130 -30.82 41.02 48.17
C ILE H 130 -31.07 42.17 49.12
N MET H 131 -32.32 42.36 49.52
CA MET H 131 -32.65 43.44 50.44
C MET H 131 -32.09 43.19 51.83
N ALA H 132 -31.70 41.96 52.15
CA ALA H 132 -31.06 41.67 53.41
C ALA H 132 -29.54 41.73 53.35
N ALA H 133 -28.96 41.68 52.15
CA ALA H 133 -27.52 41.75 51.99
C ALA H 133 -27.03 43.14 51.60
N PHE H 134 -27.88 43.94 50.98
CA PHE H 134 -27.46 45.28 50.57
C PHE H 134 -27.07 46.16 51.74
N PRO H 135 -27.84 46.25 52.83
CA PRO H 135 -27.39 47.06 53.97
C PRO H 135 -26.10 46.55 54.58
N LEU H 136 -25.75 45.29 54.38
CA LEU H 136 -24.46 44.79 54.84
C LEU H 136 -23.33 45.29 53.96
N PHE H 137 -23.53 45.25 52.64
CA PHE H 137 -22.53 45.79 51.72
C PHE H 137 -22.40 47.30 51.88
N LEU H 138 -23.51 47.98 52.13
CA LEU H 138 -23.46 49.42 52.38
C LEU H 138 -22.71 49.73 53.67
N ALA H 139 -22.88 48.90 54.70
CA ALA H 139 -22.14 49.09 55.93
C ALA H 139 -20.65 48.88 55.72
N TYR H 140 -20.27 47.88 54.92
CA TYR H 140 -18.86 47.63 54.67
C TYR H 140 -18.22 48.81 53.95
N THR H 141 -18.94 49.41 53.01
CA THR H 141 -18.37 50.52 52.25
C THR H 141 -18.14 51.74 53.13
N ARG H 142 -19.07 52.00 54.06
CA ARG H 142 -18.88 53.13 54.98
C ARG H 142 -17.72 52.86 55.92
N ILE H 143 -17.58 51.60 56.36
CA ILE H 143 -16.47 51.24 57.22
C ILE H 143 -15.16 51.29 56.45
N ARG H 144 -15.18 50.85 55.19
CA ARG H 144 -13.96 50.82 54.40
C ARG H 144 -13.42 52.22 54.15
N ASP H 145 -14.31 53.17 53.87
CA ASP H 145 -13.87 54.52 53.54
C ASP H 145 -13.50 55.32 54.78
N LYS H 146 -14.18 55.09 55.90
CA LYS H 146 -13.92 55.85 57.11
C LYS H 146 -12.69 55.40 57.86
N THR H 147 -12.23 54.17 57.64
CA THR H 147 -11.08 53.65 58.36
C THR H 147 -9.77 53.89 57.62
N LEU H 148 -9.82 54.36 56.39
CA LEU H 148 -8.60 54.65 55.66
C LEU H 148 -7.86 55.83 56.30
N ASP H 149 -6.58 55.91 56.01
CA ASP H 149 -5.80 57.02 56.51
C ASP H 149 -6.29 58.31 55.87
N PRO H 150 -6.40 59.40 56.63
CA PRO H 150 -6.75 60.69 56.03
C PRO H 150 -5.64 61.18 55.11
N ASP H 151 -5.95 61.28 53.83
CA ASP H 151 -4.98 61.68 52.81
C ASP H 151 -5.41 63.01 52.22
N PHE H 152 -4.66 64.06 52.52
CA PHE H 152 -4.89 65.34 51.87
C PHE H 152 -4.10 65.40 50.57
N LYS H 153 -4.42 66.40 49.76
CA LYS H 153 -3.72 66.63 48.51
C LYS H 153 -2.40 67.32 48.84
N GLU H 154 -1.36 66.51 49.05
CA GLU H 154 -0.08 67.04 49.50
C GLU H 154 0.57 67.93 48.44
N THR H 155 0.31 67.67 47.16
CA THR H 155 0.85 68.52 46.11
C THR H 155 0.23 69.92 46.13
N TYR H 156 -0.99 70.05 46.64
CA TYR H 156 -1.55 71.37 46.85
C TYR H 156 -0.85 72.08 48.00
N LEU H 157 -0.49 71.32 49.04
CA LEU H 157 0.15 71.89 50.21
C LEU H 157 1.55 72.40 49.89
N ARG H 158 2.36 71.56 49.23
CA ARG H 158 3.71 72.00 48.89
C ARG H 158 3.70 73.13 47.89
N ASP H 159 2.71 73.17 47.00
CA ASP H 159 2.56 74.33 46.12
C ASP H 159 2.20 75.57 46.91
N MET H 160 1.55 75.42 48.07
CA MET H 160 1.17 76.60 48.85
C MET H 160 2.32 77.14 49.68
N ILE H 161 3.17 76.26 50.22
CA ILE H 161 4.25 76.73 51.07
C ILE H 161 5.43 77.25 50.27
N TYR H 162 5.57 76.82 49.00
CA TYR H 162 6.64 77.28 48.15
C TYR H 162 6.30 78.59 47.45
N GLN H 163 5.09 79.09 47.63
CA GLN H 163 4.71 80.41 47.15
C GLN H 163 4.92 81.48 48.20
N ASN H 164 5.12 81.10 49.46
CA ASN H 164 5.38 82.05 50.52
C ASN H 164 6.84 82.47 50.48
N PRO H 165 7.15 83.76 50.47
CA PRO H 165 8.55 84.18 50.42
C PRO H 165 9.32 83.93 51.70
N GLU H 166 8.64 83.91 52.85
CA GLU H 166 9.33 83.69 54.10
C GLU H 166 9.75 82.24 54.28
N ILE H 167 9.08 81.31 53.61
CA ILE H 167 9.45 79.90 53.68
C ILE H 167 10.51 79.56 52.65
N THR H 168 10.38 80.07 51.43
CA THR H 168 11.35 79.79 50.39
C THR H 168 12.70 80.42 50.68
N LYS H 169 12.78 81.32 51.67
CA LYS H 169 14.07 81.85 52.07
C LYS H 169 14.93 80.78 52.73
N TYR H 170 14.30 79.84 53.44
CA TYR H 170 15.01 78.80 54.16
C TYR H 170 14.74 77.40 53.63
N PHE H 171 13.74 77.21 52.76
CA PHE H 171 13.35 75.89 52.31
C PHE H 171 13.17 75.86 50.81
N ASN H 172 13.50 74.71 50.22
CA ASN H 172 13.34 74.47 48.80
C ASN H 172 13.06 73.00 48.61
N GLU H 173 12.35 72.67 47.53
CA GLU H 173 11.96 71.29 47.30
C GLU H 173 13.17 70.39 47.12
N GLU H 174 14.24 70.90 46.53
CA GLU H 174 15.43 70.11 46.25
C GLU H 174 16.30 69.87 47.47
N THR H 175 16.03 70.55 48.59
CA THR H 175 16.87 70.41 49.77
C THR H 175 16.06 70.15 51.04
N ILE H 176 14.78 69.85 50.92
CA ILE H 176 13.92 69.63 52.08
C ILE H 176 13.80 68.14 52.34
N HIS H 177 13.67 67.78 53.60
CA HIS H 177 13.47 66.39 53.98
C HIS H 177 12.51 66.30 55.15
N VAL H 178 11.78 65.20 55.22
CA VAL H 178 10.75 65.00 56.22
C VAL H 178 11.33 64.30 57.43
N LEU H 179 11.18 64.91 58.60
CA LEU H 179 11.62 64.33 59.86
C LEU H 179 10.51 63.61 60.60
N ASP H 180 9.27 64.08 60.51
CA ASP H 180 8.15 63.45 61.18
C ASP H 180 6.85 63.87 60.51
N TYR H 181 5.90 62.95 60.47
CA TYR H 181 4.61 63.19 59.84
C TYR H 181 3.51 62.60 60.70
N GLU H 182 2.48 63.39 60.96
CA GLU H 182 1.34 62.93 61.74
C GLU H 182 0.09 63.58 61.19
N PHE H 183 -0.97 62.79 61.02
CA PHE H 183 -2.24 63.28 60.50
C PHE H 183 -3.31 62.27 60.85
N GLU H 184 -4.26 62.67 61.68
CA GLU H 184 -5.27 61.76 62.17
C GLU H 184 -6.58 62.50 62.36
N TYR H 185 -7.68 61.77 62.24
CA TYR H 185 -8.99 62.36 62.46
C TYR H 185 -9.17 62.76 63.91
N LEU H 186 -10.01 63.75 64.13
CA LEU H 186 -10.37 64.20 65.46
C LEU H 186 -11.57 63.42 65.97
N PRO H 187 -11.52 62.88 67.18
CA PRO H 187 -12.63 62.08 67.68
C PRO H 187 -13.78 62.91 68.23
N GLY H 188 -14.98 62.37 68.09
CA GLY H 188 -16.15 63.00 68.64
C GLY H 188 -16.51 64.32 67.98
N TYR H 189 -17.50 64.97 68.57
CA TYR H 189 -17.94 66.28 68.11
C TYR H 189 -17.11 67.35 68.80
N LEU H 190 -16.80 68.42 68.08
CA LEU H 190 -15.92 69.45 68.59
C LEU H 190 -16.67 70.37 69.53
N CYS H 191 -16.07 71.51 69.85
CA CYS H 191 -16.69 72.48 70.73
C CYS H 191 -17.97 73.01 70.08
N PRO H 192 -19.11 72.95 70.77
CA PRO H 192 -20.36 73.41 70.14
C PRO H 192 -20.54 74.92 70.22
N GLU H 193 -19.47 75.65 70.05
CA GLU H 193 -19.45 77.09 69.87
C GLU H 193 -18.62 77.49 68.68
N LYS H 194 -17.50 76.80 68.45
CA LYS H 194 -16.70 77.03 67.26
C LYS H 194 -17.31 76.34 66.06
N PHE H 195 -18.00 75.21 66.26
CA PHE H 195 -18.65 74.47 65.18
C PHE H 195 -20.04 74.06 65.64
N PRO H 196 -21.04 74.96 65.52
CA PRO H 196 -22.41 74.58 65.85
C PRO H 196 -23.03 73.62 64.85
N GLU H 197 -22.37 73.40 63.70
CA GLU H 197 -22.93 72.56 62.67
C GLU H 197 -23.15 71.14 63.15
N TYR H 198 -22.28 70.64 64.03
CA TYR H 198 -22.31 69.24 64.41
C TYR H 198 -23.31 68.94 65.51
N GLN H 199 -24.04 69.93 66.00
CA GLN H 199 -25.14 69.68 66.93
C GLN H 199 -26.45 69.45 66.17
N ASN H 200 -26.39 68.55 65.20
CA ASN H 200 -27.51 68.24 64.32
C ASN H 200 -27.87 66.78 64.51
N LYS H 201 -29.08 66.53 65.00
CA LYS H 201 -29.48 65.18 65.35
C LYS H 201 -29.54 64.28 64.12
N THR H 202 -29.87 64.84 62.96
CA THR H 202 -29.91 64.05 61.74
C THR H 202 -28.50 63.67 61.30
N TRP H 203 -27.55 64.59 61.46
CA TRP H 203 -26.17 64.29 61.08
C TRP H 203 -25.53 63.33 62.08
N GLN H 204 -25.85 63.48 63.36
CA GLN H 204 -25.29 62.59 64.38
C GLN H 204 -25.77 61.16 64.23
N PHE H 205 -26.90 60.96 63.56
CA PHE H 205 -27.39 59.60 63.35
C PHE H 205 -26.46 58.81 62.44
N PHE H 206 -25.81 59.47 61.49
CA PHE H 206 -24.92 58.81 60.55
C PHE H 206 -23.46 58.92 60.93
N ASN H 207 -23.09 59.97 61.66
CA ASN H 207 -21.71 60.27 61.97
C ASN H 207 -21.49 60.30 63.48
N THR H 208 -20.40 59.67 63.92
CA THR H 208 -19.99 59.76 65.30
C THR H 208 -18.80 60.68 65.50
N ASP H 209 -18.10 61.02 64.42
CA ASP H 209 -16.98 61.94 64.46
C ASP H 209 -17.28 63.14 63.58
N THR H 210 -16.32 64.05 63.50
CA THR H 210 -16.46 65.31 62.78
C THR H 210 -15.79 65.32 61.42
N ALA H 211 -15.16 64.23 61.00
CA ALA H 211 -14.46 64.14 59.73
C ALA H 211 -13.34 65.18 59.58
N GLN H 212 -13.05 65.95 60.62
CA GLN H 212 -11.92 66.85 60.62
C GLN H 212 -10.68 66.13 61.12
N ALA H 213 -9.52 66.58 60.64
CA ALA H 213 -8.25 65.99 60.98
C ALA H 213 -7.25 67.07 61.38
N GLU H 214 -6.23 66.65 62.09
CA GLU H 214 -5.22 67.56 62.62
C GLU H 214 -3.88 66.86 62.62
N GLY H 215 -2.83 67.60 62.32
CA GLY H 215 -1.50 67.02 62.32
C GLY H 215 -0.44 68.09 62.15
N PHE H 216 0.78 67.63 61.92
CA PHE H 216 1.92 68.52 61.75
C PHE H 216 2.89 67.91 60.76
N PHE H 217 3.96 68.66 60.48
CA PHE H 217 5.00 68.25 59.54
C PHE H 217 6.32 68.78 60.06
N LYS H 218 7.22 67.88 60.44
CA LYS H 218 8.57 68.25 60.87
C LYS H 218 9.48 68.26 59.64
N PHE H 219 9.89 69.44 59.22
CA PHE H 219 10.70 69.62 58.03
C PHE H 219 12.11 70.04 58.39
N GLY H 220 13.01 69.85 57.44
CA GLY H 220 14.38 70.30 57.58
C GLY H 220 14.97 70.59 56.23
N ASP H 221 15.88 71.56 56.20
CA ASP H 221 16.56 71.97 54.97
C ASP H 221 18.05 71.69 55.12
N VAL H 222 18.57 70.79 54.28
CA VAL H 222 19.98 70.43 54.34
C VAL H 222 20.90 71.50 53.78
N GLU H 223 20.35 72.51 53.09
CA GLU H 223 21.17 73.56 52.50
C GLU H 223 21.33 74.75 53.44
N SER H 224 20.24 75.14 54.11
CA SER H 224 20.27 76.27 55.03
C SER H 224 20.37 75.86 56.48
N GLY H 225 20.15 74.59 56.81
CA GLY H 225 20.21 74.13 58.18
C GLY H 225 19.03 74.52 59.03
N ALA H 226 17.94 74.96 58.43
CA ALA H 226 16.76 75.38 59.17
C ALA H 226 15.74 74.26 59.27
N THR H 227 14.93 74.32 60.33
CA THR H 227 13.87 73.37 60.57
C THR H 227 12.58 74.12 60.89
N MET H 228 11.45 73.49 60.59
CA MET H 228 10.17 74.10 60.89
C MET H 228 9.13 73.02 61.16
N THR H 229 8.16 73.37 61.99
CA THR H 229 7.02 72.51 62.29
C THR H 229 5.79 73.11 61.63
N LEU H 230 5.28 72.43 60.61
CA LEU H 230 4.14 72.91 59.83
C LEU H 230 2.88 72.26 60.40
N LYS H 231 2.23 72.95 61.33
CA LYS H 231 0.99 72.47 61.91
C LYS H 231 -0.20 72.87 61.05
N PHE H 232 -1.18 71.98 60.96
CA PHE H 232 -2.34 72.25 60.13
C PHE H 232 -3.57 71.55 60.69
N LYS H 233 -4.71 72.19 60.46
CA LYS H 233 -6.03 71.64 60.75
C LYS H 233 -6.86 71.64 59.48
N THR H 234 -7.55 70.54 59.20
CA THR H 234 -8.34 70.40 57.99
C THR H 234 -9.79 70.09 58.33
N MET H 235 -10.66 70.33 57.35
CA MET H 235 -12.07 70.01 57.47
C MET H 235 -12.66 69.93 56.08
N PRO H 236 -13.71 69.15 55.88
CA PRO H 236 -14.36 69.12 54.56
C PRO H 236 -15.22 70.34 54.34
N ILE H 237 -15.13 70.89 53.14
CA ILE H 237 -15.88 72.09 52.77
C ILE H 237 -16.70 71.84 51.52
N PRO H 238 -17.81 72.52 51.32
CA PRO H 238 -18.54 72.42 50.06
C PRO H 238 -17.95 73.36 49.02
N GLY H 239 -17.99 72.93 47.77
CA GLY H 239 -17.51 73.77 46.70
C GLY H 239 -18.30 73.75 45.42
N LYS H 240 -18.82 74.91 45.03
CA LYS H 240 -19.32 75.17 43.69
C LYS H 240 -20.53 74.34 43.31
N PHE H 241 -20.94 73.40 44.16
CA PHE H 241 -22.03 72.51 43.82
C PHE H 241 -22.91 72.28 45.04
N ARG H 242 -24.05 71.66 44.81
CA ARG H 242 -25.08 71.59 45.84
C ARG H 242 -24.85 70.44 46.80
N TYR H 243 -24.58 69.24 46.29
CA TYR H 243 -24.51 68.06 47.13
C TYR H 243 -23.12 67.50 47.31
N GLN H 244 -22.24 67.64 46.33
CA GLN H 244 -20.90 67.06 46.42
C GLN H 244 -19.99 67.93 47.27
N VAL H 245 -19.13 67.26 48.03
CA VAL H 245 -18.12 67.98 48.80
C VAL H 245 -17.09 68.57 47.85
N GLY H 246 -16.64 69.78 48.17
CA GLY H 246 -15.65 70.44 47.35
C GLY H 246 -14.24 69.95 47.60
N GLU H 247 -13.86 69.93 48.87
CA GLU H 247 -12.54 69.47 49.26
C GLU H 247 -12.63 68.79 50.62
N PRO H 248 -12.39 67.48 50.70
CA PRO H 248 -12.53 66.78 51.99
C PRO H 248 -11.51 67.20 53.02
N PHE H 249 -10.36 67.73 52.62
CA PHE H 249 -9.33 68.16 53.55
C PHE H 249 -8.88 69.56 53.16
N TYR H 250 -9.59 70.56 53.65
CA TYR H 250 -9.28 71.97 53.40
C TYR H 250 -8.56 72.54 54.62
N PHE H 251 -7.35 73.03 54.40
CA PHE H 251 -6.55 73.61 55.47
C PHE H 251 -7.16 74.94 55.89
N TYR H 252 -7.93 74.93 56.96
CA TYR H 252 -8.47 76.17 57.49
C TYR H 252 -7.56 76.79 58.54
N ASP H 253 -6.51 76.09 58.94
CA ASP H 253 -5.49 76.65 59.82
C ASP H 253 -4.16 76.04 59.41
N LEU H 254 -3.21 76.90 59.06
CA LEU H 254 -1.91 76.46 58.56
C LEU H 254 -0.85 77.38 59.14
N ARG H 255 0.03 76.82 59.96
CA ARG H 255 1.00 77.58 60.72
C ARG H 255 2.37 76.94 60.58
N ALA H 256 3.41 77.76 60.53
CA ALA H 256 4.78 77.31 60.39
C ALA H 256 5.65 77.98 61.45
N GLU H 257 6.29 77.16 62.29
CA GLU H 257 7.21 77.64 63.31
C GLU H 257 8.61 77.38 62.80
N ILE H 258 9.16 78.33 62.06
CA ILE H 258 10.48 78.17 61.46
C ILE H 258 11.56 78.47 62.48
N LYS H 259 12.53 77.57 62.59
CA LYS H 259 13.67 77.74 63.48
C LYS H 259 14.93 77.71 62.63
N CYS H 260 15.82 78.68 62.90
CA CYS H 260 17.07 78.80 62.17
C CYS H 260 18.23 78.81 63.15
N ASP H 261 19.42 79.20 62.68
CA ASP H 261 20.59 79.23 63.53
C ASP H 261 20.29 80.01 64.82
N GLY H 262 19.90 81.28 64.67
CA GLY H 262 19.57 82.09 65.83
C GLY H 262 18.29 82.88 65.64
N VAL H 263 17.52 82.56 64.61
CA VAL H 263 16.31 83.28 64.26
C VAL H 263 15.13 82.31 64.32
N TYR H 264 14.11 82.67 65.08
CA TYR H 264 12.88 81.89 65.18
C TYR H 264 11.74 82.71 64.58
N LYS H 265 11.21 82.26 63.46
CA LYS H 265 10.12 82.93 62.78
C LYS H 265 8.84 82.10 62.88
N GLU H 266 7.70 82.79 62.89
CA GLU H 266 6.40 82.17 62.98
C GLU H 266 5.55 82.68 61.83
N VAL H 267 5.33 81.83 60.83
CA VAL H 267 4.61 82.20 59.62
C VAL H 267 3.20 81.62 59.70
N VAL H 268 2.21 82.45 59.38
CA VAL H 268 0.82 82.05 59.41
C VAL H 268 0.29 82.10 57.98
N LEU H 269 0.19 80.93 57.35
CA LEU H 269 -0.29 80.85 55.99
C LEU H 269 -1.81 80.99 55.93
N VAL H 270 -2.52 80.23 56.77
CA VAL H 270 -3.98 80.29 56.85
C VAL H 270 -4.37 80.42 58.32
N ASP H 271 -5.01 81.53 58.67
CA ASP H 271 -5.48 81.76 60.02
C ASP H 271 -6.92 81.32 60.14
N GLU H 272 -7.23 80.59 61.22
CA GLU H 272 -8.57 80.04 61.39
C GLU H 272 -9.60 81.09 61.72
N LYS H 273 -9.19 82.19 62.37
CA LYS H 273 -10.14 83.25 62.68
C LYS H 273 -10.66 83.94 61.43
N GLU H 274 -9.83 84.03 60.38
CA GLU H 274 -10.26 84.61 59.12
C GLU H 274 -10.86 83.59 58.18
N SER H 275 -10.54 82.31 58.34
CA SER H 275 -11.03 81.27 57.43
C SER H 275 -12.40 80.77 57.83
N LEU H 276 -12.67 80.65 59.12
CA LEU H 276 -13.94 80.12 59.58
C LEU H 276 -15.09 81.12 59.44
N LYS H 277 -14.80 82.38 59.14
CA LYS H 277 -15.84 83.36 58.89
C LYS H 277 -16.34 83.32 57.46
N LYS H 278 -15.62 82.66 56.55
CA LYS H 278 -15.97 82.59 55.14
C LYS H 278 -16.58 81.26 54.74
N ILE H 279 -16.08 80.16 55.30
CA ILE H 279 -16.49 78.83 54.88
C ILE H 279 -16.78 78.00 56.12
N ARG H 280 -17.70 77.05 55.97
CA ARG H 280 -18.15 76.17 57.04
C ARG H 280 -18.02 74.72 56.61
N PRO H 281 -17.96 73.79 57.56
CA PRO H 281 -17.77 72.38 57.20
C PRO H 281 -18.93 71.82 56.39
N PHE H 282 -18.74 70.59 55.90
CA PHE H 282 -19.63 69.98 54.94
C PHE H 282 -20.66 69.02 55.55
N LEU H 283 -20.34 68.36 56.65
CA LEU H 283 -21.28 67.46 57.34
C LEU H 283 -21.70 66.31 56.41
N PHE H 284 -20.72 65.45 56.13
CA PHE H 284 -20.97 64.23 55.39
C PHE H 284 -22.14 63.45 55.97
N LEU H 285 -22.94 62.89 55.07
CA LEU H 285 -23.95 61.92 55.42
C LEU H 285 -23.68 60.65 54.63
N ILE H 286 -24.01 59.51 55.23
CA ILE H 286 -23.75 58.23 54.61
C ILE H 286 -22.26 58.13 54.29
N GLY I 38 31.32 43.17 5.70
CA GLY I 38 30.81 41.80 5.69
C GLY I 38 29.43 41.71 5.08
N TYR I 39 28.40 42.01 5.86
CA TYR I 39 27.03 41.94 5.38
C TYR I 39 26.22 43.01 6.08
N LYS I 40 25.54 43.85 5.31
CA LYS I 40 24.68 44.90 5.81
C LYS I 40 23.25 44.64 5.37
N ILE I 41 22.30 45.04 6.21
CA ILE I 41 20.89 44.97 5.83
C ILE I 41 20.63 45.94 4.69
N ARG I 42 20.05 45.43 3.60
CA ARG I 42 19.81 46.25 2.43
C ARG I 42 18.47 46.95 2.44
N ASN I 43 17.49 46.41 3.16
CA ASN I 43 16.16 47.01 3.23
C ASN I 43 16.24 48.36 3.96
N LYS I 44 15.96 49.43 3.24
CA LYS I 44 16.01 50.76 3.84
C LYS I 44 14.83 51.01 4.76
N SER I 45 13.77 50.21 4.67
CA SER I 45 12.60 50.34 5.52
C SER I 45 12.60 49.33 6.67
N ILE I 46 13.77 48.89 7.11
CA ILE I 46 13.83 47.85 8.13
C ILE I 46 13.40 48.40 9.48
N PHE I 47 13.71 49.67 9.76
CA PHE I 47 13.40 50.29 11.04
C PHE I 47 12.13 51.11 11.00
N TRP I 48 11.32 50.96 9.96
CA TRP I 48 10.07 51.69 9.86
C TRP I 48 8.98 51.01 10.66
N THR I 49 8.21 51.80 11.38
CA THR I 49 7.01 51.34 12.07
C THR I 49 5.89 52.30 11.75
N ARG I 50 4.66 51.87 12.02
CA ARG I 50 3.51 52.72 11.78
C ARG I 50 3.53 53.96 12.67
N ALA I 51 4.34 53.98 13.71
CA ALA I 51 4.48 55.12 14.60
C ALA I 51 5.68 55.97 14.30
N GLY I 52 6.48 55.61 13.30
CA GLY I 52 7.64 56.37 12.91
C GLY I 52 8.85 55.49 12.75
N TRP I 53 10.01 56.12 12.63
CA TRP I 53 11.26 55.40 12.43
C TRP I 53 11.78 54.88 13.76
N LYS I 54 11.95 53.57 13.84
CA LYS I 54 12.60 52.92 14.97
C LYS I 54 11.88 53.20 16.28
N ASN I 55 10.57 53.37 16.21
CA ASN I 55 9.74 53.72 17.36
C ASN I 55 9.39 52.47 18.15
N ASN I 56 10.08 52.26 19.26
CA ASN I 56 9.76 51.17 20.17
C ASN I 56 9.30 51.69 21.53
N TRP I 57 8.93 52.96 21.60
CA TRP I 57 8.40 53.52 22.84
C TRP I 57 6.90 53.73 22.81
N HIS I 58 6.33 54.03 21.66
CA HIS I 58 4.88 54.23 21.54
C HIS I 58 4.38 53.62 20.24
N PRO I 59 4.23 52.30 20.21
CA PRO I 59 3.67 51.64 19.03
C PRO I 59 2.25 52.10 18.79
N LYS I 60 1.89 52.21 17.51
CA LYS I 60 0.59 52.76 17.11
C LYS I 60 -0.47 51.68 17.24
N ASN I 61 -1.47 51.94 18.10
CA ASN I 61 -2.62 51.07 18.24
C ASN I 61 -3.88 51.92 18.14
N PHE I 62 -5.02 51.24 18.08
CA PHE I 62 -6.29 51.94 17.85
C PHE I 62 -6.73 52.70 19.09
N ASN I 63 -6.74 52.04 20.25
CA ASN I 63 -7.16 52.67 21.50
C ASN I 63 -6.03 53.58 21.96
N ALA I 64 -5.98 54.73 21.40
CA ALA I 64 -4.93 55.68 21.71
C ALA I 64 -5.29 56.50 22.95
N PRO I 65 -4.30 56.99 23.68
CA PRO I 65 -4.58 57.81 24.86
C PRO I 65 -5.26 59.11 24.49
N ARG I 66 -6.29 59.47 25.26
CA ARG I 66 -7.07 60.66 25.03
C ARG I 66 -7.26 61.42 26.34
N PRO I 67 -7.39 62.74 26.28
CA PRO I 67 -7.40 63.54 27.50
C PRO I 67 -8.71 63.43 28.26
N SER I 68 -8.68 63.91 29.50
CA SER I 68 -9.82 63.95 30.37
C SER I 68 -10.07 65.39 30.81
N TYR I 69 -11.35 65.72 31.03
CA TYR I 69 -11.75 67.05 31.42
C TYR I 69 -12.45 66.98 32.77
N GLY I 70 -12.05 67.85 33.68
CA GLY I 70 -12.60 67.81 35.03
C GLY I 70 -14.11 68.02 35.05
N GLU I 71 -14.57 69.06 34.37
CA GLU I 71 -15.98 69.43 34.43
C GLU I 71 -16.89 68.29 33.97
N PHE I 72 -16.42 67.46 33.05
CA PHE I 72 -17.26 66.45 32.41
C PHE I 72 -17.05 65.04 32.92
N THR I 73 -16.08 64.83 33.80
CA THR I 73 -15.74 63.49 34.27
C THR I 73 -16.41 63.25 35.63
N MET I 74 -17.18 62.17 35.72
CA MET I 74 -17.80 61.80 36.98
C MET I 74 -16.83 61.01 37.85
N GLY I 75 -16.38 59.85 37.36
CA GLY I 75 -15.43 59.04 38.07
C GLY I 75 -14.42 58.44 37.11
N ILE I 76 -13.36 57.88 37.69
CA ILE I 76 -12.28 57.32 36.89
C ILE I 76 -11.61 56.20 37.67
N ARG I 77 -11.13 55.19 36.94
CA ARG I 77 -10.36 54.09 37.51
C ARG I 77 -8.98 54.10 36.83
N CYS I 78 -7.98 54.65 37.53
CA CYS I 78 -6.62 54.74 37.00
C CYS I 78 -5.64 54.28 38.06
N ARG I 79 -4.59 53.59 37.62
CA ARG I 79 -3.56 53.07 38.52
C ARG I 79 -2.29 53.90 38.53
N ASN I 80 -2.19 54.92 37.69
CA ASN I 80 -0.99 55.74 37.64
C ASN I 80 -0.93 56.68 38.85
N ASP I 81 0.28 56.86 39.36
CA ASP I 81 0.52 57.73 40.49
C ASP I 81 1.90 58.38 40.33
N HIS I 82 2.34 59.09 41.36
CA HIS I 82 3.64 59.76 41.35
C HIS I 82 4.58 59.14 42.40
N HIS I 83 4.57 57.82 42.50
CA HIS I 83 5.37 57.10 43.48
C HIS I 83 6.57 56.39 42.87
N SER I 84 6.79 56.52 41.56
CA SER I 84 7.82 55.75 40.90
C SER I 84 9.22 56.24 41.23
N PHE I 85 9.39 57.54 41.47
CA PHE I 85 10.72 58.07 41.76
C PHE I 85 11.26 57.52 43.07
N LEU I 86 10.47 57.61 44.15
CA LEU I 86 10.92 57.09 45.43
C LEU I 86 11.01 55.57 45.43
N ARG I 87 10.16 54.90 44.67
CA ARG I 87 10.28 53.46 44.51
C ARG I 87 11.54 53.09 43.74
N TYR I 88 12.01 53.98 42.86
CA TYR I 88 13.25 53.72 42.14
C TYR I 88 14.45 53.81 43.08
N VAL I 89 14.40 54.74 44.02
CA VAL I 89 15.49 54.91 44.98
C VAL I 89 15.54 53.76 45.97
N GLN I 90 14.38 53.36 46.48
CA GLN I 90 14.34 52.29 47.47
C GLN I 90 14.70 50.95 46.86
N THR I 91 14.29 50.72 45.62
CA THR I 91 14.61 49.45 44.96
C THR I 91 16.12 49.30 44.80
N TYR I 92 16.82 50.38 44.51
CA TYR I 92 18.27 50.32 44.42
C TYR I 92 18.90 49.96 45.77
N ARG I 93 18.45 50.64 46.83
CA ARG I 93 18.98 50.35 48.15
C ARG I 93 18.72 48.92 48.56
N ASN I 94 17.56 48.39 48.19
CA ASN I 94 17.23 47.01 48.54
C ASN I 94 18.06 46.03 47.74
N MET I 95 18.10 46.20 46.42
CA MET I 95 18.85 45.28 45.57
C MET I 95 20.34 45.33 45.89
N SER I 96 20.85 46.49 46.29
CA SER I 96 22.26 46.60 46.62
C SER I 96 22.57 45.92 47.95
N ARG I 97 21.75 46.17 48.96
CA ARG I 97 22.03 45.69 50.30
C ARG I 97 21.71 44.20 50.45
N HIS I 98 20.62 43.74 49.83
CA HIS I 98 20.25 42.35 49.95
C HIS I 98 21.21 41.43 49.19
N CYS I 99 21.91 41.96 48.19
CA CYS I 99 22.91 41.18 47.48
C CYS I 99 24.24 41.12 48.22
N LYS I 100 24.60 42.19 48.93
CA LYS I 100 25.84 42.20 49.70
C LYS I 100 25.80 41.25 50.88
N GLN I 101 24.63 40.72 51.19
CA GLN I 101 24.53 39.75 52.28
C GLN I 101 25.33 38.49 51.98
N TYR I 102 25.42 38.10 50.71
CA TYR I 102 26.12 36.89 50.32
C TYR I 102 27.45 37.17 49.63
N PHE I 103 28.03 38.34 49.86
CA PHE I 103 29.35 38.65 49.32
C PHE I 103 30.48 38.34 50.30
N LEU I 104 30.15 38.01 51.55
CA LEU I 104 31.14 37.59 52.54
C LEU I 104 32.20 38.66 52.78
N GLY I 105 31.83 39.92 52.58
CA GLY I 105 32.75 41.02 52.80
C GLY I 105 33.81 41.21 51.75
N ASP I 106 33.66 40.58 50.59
CA ASP I 106 34.62 40.74 49.50
C ASP I 106 34.47 42.15 48.96
N LYS I 107 35.44 43.01 49.29
CA LYS I 107 35.33 44.42 48.95
C LYS I 107 35.39 44.64 47.43
N GLN I 108 36.26 43.92 46.75
CA GLN I 108 36.36 44.05 45.30
C GLN I 108 35.12 43.52 44.60
N LEU I 109 34.45 42.54 45.18
CA LEU I 109 33.21 42.05 44.61
C LEU I 109 32.07 43.02 44.84
N GLU I 110 32.07 43.71 45.98
CA GLU I 110 31.02 44.70 46.25
C GLU I 110 31.11 45.87 45.27
N GLU I 111 32.33 46.32 44.99
CA GLU I 111 32.48 47.44 44.06
C GLU I 111 32.19 47.00 42.62
N THR I 112 32.52 45.76 42.27
CA THR I 112 32.17 45.26 40.95
C THR I 112 30.66 45.13 40.78
N PHE I 113 29.98 44.69 41.84
CA PHE I 113 28.54 44.55 41.80
C PHE I 113 27.85 45.90 41.64
N ILE I 114 28.39 46.94 42.28
CA ILE I 114 27.82 48.27 42.18
C ILE I 114 27.87 48.76 40.73
N LEU I 115 29.01 48.57 40.07
CA LEU I 115 29.14 48.95 38.68
C LEU I 115 28.15 48.18 37.80
N GLY I 116 27.89 46.93 38.13
CA GLY I 116 26.94 46.13 37.39
C GLY I 116 25.50 46.50 37.71
N LEU I 117 25.24 46.85 38.96
CA LEU I 117 23.90 47.24 39.35
C LEU I 117 23.53 48.58 38.73
N ARG I 118 24.50 49.49 38.60
CA ARG I 118 24.24 50.78 37.98
C ARG I 118 23.95 50.64 36.50
N SER I 119 24.60 49.71 35.81
CA SER I 119 24.31 49.50 34.40
C SER I 119 22.89 49.04 34.19
N LEU I 120 22.29 48.40 35.19
CA LEU I 120 20.91 47.97 35.09
C LEU I 120 19.92 49.09 35.39
N PHE I 121 20.30 50.04 36.24
CA PHE I 121 19.43 51.17 36.55
C PHE I 121 19.58 52.32 35.57
N LEU I 122 20.71 52.40 34.86
CA LEU I 122 20.95 53.44 33.88
C LEU I 122 20.42 53.11 32.50
N VAL I 123 19.71 52.00 32.35
CA VAL I 123 19.15 51.66 31.04
C VAL I 123 18.18 52.72 30.55
N PRO I 124 17.21 53.20 31.33
CA PRO I 124 16.26 54.18 30.81
C PRO I 124 16.89 55.53 30.50
N TYR I 125 18.04 55.85 31.08
CA TYR I 125 18.64 57.17 30.88
C TYR I 125 19.54 57.23 29.66
N ASP I 126 20.03 56.10 29.18
CA ASP I 126 21.01 56.07 28.10
C ASP I 126 20.52 55.39 26.83
N SER I 127 19.39 54.71 26.88
CA SER I 127 18.91 53.95 25.74
C SER I 127 18.52 54.88 24.59
N GLN I 128 18.56 54.32 23.38
CA GLN I 128 18.06 55.05 22.21
C GLN I 128 16.58 55.28 22.31
N CYS I 129 15.87 54.38 22.98
CA CYS I 129 14.43 54.50 23.14
C CYS I 129 14.10 55.72 23.99
N LEU I 130 13.14 56.52 23.52
CA LEU I 130 12.71 57.68 24.27
C LEU I 130 11.85 57.24 25.44
N THR I 131 12.49 56.92 26.56
CA THR I 131 11.78 56.35 27.68
C THR I 131 10.79 57.32 28.30
N ASP I 132 10.95 58.63 28.07
CA ASP I 132 9.97 59.59 28.53
C ASP I 132 8.73 59.64 27.64
N GLN I 133 8.73 58.95 26.50
CA GLN I 133 7.60 58.93 25.59
C GLN I 133 6.92 57.57 25.53
N ILE I 134 7.21 56.68 26.49
CA ILE I 134 6.60 55.37 26.47
C ILE I 134 5.10 55.48 26.69
N LYS I 135 4.38 54.49 26.15
CA LYS I 135 2.94 54.54 26.02
C LYS I 135 2.22 55.08 27.25
N HIS I 136 2.34 54.38 28.37
CA HIS I 136 1.54 54.70 29.55
C HIS I 136 2.41 55.02 30.75
N GLY I 137 3.58 55.61 30.52
CA GLY I 137 4.48 55.94 31.60
C GLY I 137 5.63 54.97 31.69
N GLY I 138 6.80 55.37 31.19
CA GLY I 138 7.95 54.49 31.24
C GLY I 138 8.54 54.36 32.63
N GLU I 139 8.37 55.37 33.47
CA GLU I 139 8.89 55.32 34.82
C GLU I 139 8.22 54.20 35.62
N ARG I 140 6.89 54.13 35.56
CA ARG I 140 6.18 53.08 36.27
C ARG I 140 6.56 51.70 35.74
N ARG I 141 6.74 51.59 34.42
CA ARG I 141 7.03 50.30 33.82
C ARG I 141 8.38 49.77 34.28
N PHE I 142 9.40 50.62 34.33
CA PHE I 142 10.72 50.16 34.72
C PHE I 142 10.80 49.87 36.22
N VAL I 143 10.08 50.65 37.02
CA VAL I 143 10.07 50.43 38.46
C VAL I 143 9.44 49.09 38.80
N ASP I 144 8.31 48.76 38.16
CA ASP I 144 7.69 47.46 38.38
C ASP I 144 8.56 46.33 37.84
N GLN I 145 9.39 46.61 36.84
CA GLN I 145 10.27 45.59 36.30
C GLN I 145 11.41 45.28 37.27
N LEU I 146 11.91 46.29 37.96
CA LEU I 146 12.99 46.08 38.91
C LEU I 146 12.49 45.44 40.19
N ASP I 147 11.23 45.65 40.54
CA ASP I 147 10.67 45.01 41.72
C ASP I 147 10.61 43.50 41.53
N ARG I 148 10.31 43.05 40.31
CA ARG I 148 10.33 41.62 40.04
C ARG I 148 11.74 41.05 40.16
N ASP I 149 12.76 41.86 39.83
CA ASP I 149 14.13 41.41 40.01
C ASP I 149 14.49 41.34 41.49
N PHE I 150 14.06 42.33 42.27
CA PHE I 150 14.40 42.33 43.69
C PHE I 150 13.72 41.18 44.43
N GLU I 151 12.50 40.84 44.04
CA GLU I 151 11.81 39.72 44.68
C GLU I 151 12.64 38.45 44.56
N LEU I 152 13.22 38.20 43.40
CA LEU I 152 14.12 37.07 43.23
C LEU I 152 15.42 37.27 43.99
N ILE I 153 15.85 38.53 44.15
CA ILE I 153 17.09 38.81 44.88
C ILE I 153 16.91 38.52 46.36
N SER I 154 15.74 38.87 46.91
CA SER I 154 15.52 38.67 48.34
C SER I 154 15.55 37.19 48.71
N TYR I 155 15.26 36.32 47.76
CA TYR I 155 15.31 34.88 47.97
C TYR I 155 16.65 34.27 47.57
N ASN I 156 17.61 35.08 47.14
CA ASN I 156 18.91 34.59 46.69
C ASN I 156 18.77 33.58 45.56
N THR I 157 17.80 33.80 44.67
CA THR I 157 17.57 32.92 43.54
C THR I 157 17.66 33.63 42.21
N HIS I 158 18.13 34.87 42.19
CA HIS I 158 18.25 35.60 40.93
C HIS I 158 19.42 35.05 40.12
N PRO I 159 19.25 34.82 38.82
CA PRO I 159 20.35 34.26 38.02
C PRO I 159 21.59 35.13 37.97
N TYR I 160 21.48 36.43 38.21
CA TYR I 160 22.67 37.27 38.32
C TYR I 160 23.46 36.96 39.58
N GLN I 161 22.76 36.59 40.65
CA GLN I 161 23.44 36.25 41.90
C GLN I 161 24.18 34.92 41.77
N LEU I 162 23.52 33.91 41.25
CA LEU I 162 24.14 32.60 41.08
C LEU I 162 25.31 32.66 40.11
N PHE I 163 25.23 33.55 39.12
CA PHE I 163 26.32 33.75 38.18
C PHE I 163 27.50 34.44 38.84
N THR I 164 27.24 35.34 39.78
CA THR I 164 28.31 36.02 40.49
C THR I 164 29.05 35.07 41.41
N TYR I 165 28.33 34.17 42.07
CA TYR I 165 28.97 33.22 42.97
C TYR I 165 29.85 32.25 42.20
N THR I 166 29.39 31.81 41.03
CA THR I 166 30.17 30.87 40.23
C THR I 166 31.42 31.53 39.67
N VAL I 167 31.28 32.74 39.13
CA VAL I 167 32.41 33.45 38.56
C VAL I 167 33.45 33.78 39.62
N ARG I 168 33.01 34.19 40.80
CA ARG I 168 33.96 34.60 41.84
C ARG I 168 34.71 33.39 42.41
N ASN I 169 34.03 32.25 42.53
CA ASN I 169 34.67 31.06 43.05
C ASN I 169 35.77 30.56 42.11
N GLU I 170 35.54 30.63 40.80
CA GLU I 170 36.58 30.24 39.86
C GLU I 170 37.74 31.22 39.86
N HIS I 171 37.46 32.49 40.10
CA HIS I 171 38.50 33.50 40.15
C HIS I 171 39.35 33.36 41.40
N LEU I 172 38.71 33.10 42.54
CA LEU I 172 39.45 32.93 43.78
C LEU I 172 40.25 31.64 43.80
N ALA I 173 39.75 30.60 43.14
CA ALA I 173 40.52 29.36 43.02
C ALA I 173 41.77 29.56 42.21
N TRP I 174 41.72 30.41 41.19
CA TRP I 174 42.89 30.70 40.39
C TRP I 174 43.85 31.64 41.10
N LYS I 175 43.34 32.55 41.92
CA LYS I 175 44.21 33.40 42.72
C LYS I 175 44.85 32.62 43.86
N ASN I 176 44.12 31.68 44.45
CA ASN I 176 44.70 30.85 45.49
C ASN I 176 45.76 29.92 44.93
N GLU I 177 45.61 29.50 43.67
CA GLU I 177 46.64 28.66 43.05
C GLU I 177 47.92 29.47 42.86
N GLN I 178 47.78 30.73 42.43
CA GLN I 178 48.96 31.58 42.28
C GLN I 178 49.61 31.89 43.62
N TYR I 179 48.80 32.03 44.67
CA TYR I 179 49.35 32.36 45.97
C TYR I 179 50.12 31.17 46.56
N GLU I 180 49.59 29.96 46.40
CA GLU I 180 50.27 28.79 46.93
C GLU I 180 51.57 28.49 46.20
N LYS I 181 51.67 28.87 44.93
CA LYS I 181 52.92 28.70 44.21
C LYS I 181 53.95 29.74 44.62
N ILE I 182 53.50 30.94 44.98
CA ILE I 182 54.42 31.99 45.40
C ILE I 182 54.94 31.71 46.79
N GLN I 183 54.09 31.20 47.69
CA GLN I 183 54.54 30.86 49.02
C GLN I 183 55.62 29.78 48.99
N LYS I 184 55.60 28.93 47.96
CA LYS I 184 56.61 27.91 47.77
C LYS I 184 57.83 28.44 47.03
N GLY I 185 57.93 29.75 46.81
CA GLY I 185 59.03 30.29 46.05
C GLY I 185 59.01 29.98 44.57
N GLU I 186 58.01 29.23 44.10
CA GLU I 186 57.93 28.88 42.70
C GLU I 186 57.46 30.06 41.86
N LYS I 187 57.72 29.97 40.56
CA LYS I 187 57.32 31.00 39.60
C LYS I 187 55.96 30.65 39.01
N THR I 188 55.08 31.64 38.94
CA THR I 188 53.78 31.40 38.35
C THR I 188 53.87 31.37 36.83
N PHE I 189 52.85 30.78 36.21
CA PHE I 189 52.81 30.73 34.76
C PHE I 189 52.65 32.11 34.14
N GLU I 190 51.98 33.02 34.86
CA GLU I 190 51.81 34.38 34.36
C GLU I 190 53.12 35.16 34.45
N GLN I 191 53.89 34.94 35.51
CA GLN I 191 55.16 35.64 35.66
C GLN I 191 56.20 35.15 34.65
N GLU I 192 56.14 33.87 34.28
CA GLU I 192 57.08 33.36 33.28
C GLU I 192 56.77 33.90 31.90
N LEU I 193 55.50 34.14 31.60
CA LEU I 193 55.15 34.76 30.32
C LEU I 193 55.63 36.20 30.26
N LEU I 194 55.45 36.95 31.35
CA LEU I 194 55.88 38.34 31.37
C LEU I 194 57.39 38.46 31.22
N ASP I 195 58.15 37.62 31.94
CA ASP I 195 59.59 37.65 31.82
C ASP I 195 60.05 37.21 30.43
N TYR I 196 59.34 36.25 29.83
CA TYR I 196 59.67 35.82 28.48
C TYR I 196 59.32 36.88 27.46
N LEU I 197 58.22 37.60 27.68
CA LEU I 197 57.87 38.69 26.78
C LEU I 197 58.81 39.88 26.94
N ASP I 198 59.30 40.12 28.15
CA ASP I 198 60.21 41.23 28.37
C ASP I 198 61.54 41.02 27.64
N GLU I 199 62.00 39.77 27.54
CA GLU I 199 63.27 39.50 26.88
C GLU I 199 63.14 39.48 25.37
N GLN I 200 61.96 39.16 24.84
CA GLN I 200 61.77 39.20 23.40
C GLN I 200 61.70 40.63 22.89
N VAL I 201 61.17 41.54 23.70
CA VAL I 201 61.13 42.95 23.32
C VAL I 201 62.55 43.51 23.23
N LEU I 202 63.41 43.13 24.18
CA LEU I 202 64.79 43.59 24.14
C LEU I 202 65.50 43.08 22.89
N ALA I 203 65.20 41.84 22.50
CA ALA I 203 65.83 41.28 21.32
C ALA I 203 65.34 41.96 20.05
N GLU I 204 64.04 42.27 19.97
CA GLU I 204 63.51 42.88 18.77
C GLU I 204 63.89 44.36 18.65
N LYS I 205 64.12 45.03 19.78
CA LYS I 205 64.50 46.44 19.72
C LYS I 205 66.01 46.65 19.61
N ALA I 206 66.80 45.62 19.86
CA ALA I 206 68.24 45.72 19.67
C ALA I 206 68.63 45.64 18.21
N LYS I 207 67.75 45.10 17.38
CA LYS I 207 67.95 45.05 15.93
C LYS I 207 67.19 46.14 15.21
N LEU I 208 66.33 46.89 15.91
CA LEU I 208 65.52 47.95 15.32
C LEU I 208 66.25 49.27 15.53
N ARG I 209 67.16 49.58 14.61
CA ARG I 209 67.94 50.82 14.69
C ARG I 209 67.53 51.85 13.66
N ASP I 210 67.18 51.42 12.44
CA ASP I 210 66.69 52.34 11.44
C ASP I 210 65.45 53.06 11.93
N GLY I 211 64.42 52.30 12.30
CA GLY I 211 63.29 52.85 13.00
C GLY I 211 63.47 52.76 14.50
N GLN I 212 62.78 53.64 15.22
CA GLN I 212 62.85 53.66 16.68
C GLN I 212 61.47 53.74 17.31
N ASN I 213 60.43 53.45 16.55
CA ASN I 213 59.05 53.46 17.05
C ASN I 213 58.59 52.03 17.27
N PHE I 214 58.82 51.51 18.48
CA PHE I 214 58.35 50.17 18.83
C PHE I 214 56.88 50.30 19.22
N SER I 215 56.03 50.30 18.19
CA SER I 215 54.63 50.61 18.36
C SER I 215 53.92 49.54 19.19
N ILE I 216 52.71 49.88 19.61
CA ILE I 216 51.87 48.93 20.33
C ILE I 216 51.39 47.82 19.41
N GLU I 217 51.36 48.08 18.10
CA GLU I 217 51.00 47.03 17.15
C GLU I 217 52.06 45.93 17.13
N ARG I 218 53.34 46.32 17.13
CA ARG I 218 54.41 45.34 17.10
C ARG I 218 54.50 44.57 18.40
N MET I 219 54.29 45.24 19.53
CA MET I 219 54.30 44.57 20.81
C MET I 219 53.19 43.53 20.90
N THR I 220 52.03 43.84 20.32
CA THR I 220 50.88 42.97 20.45
C THR I 220 51.08 41.66 19.69
N GLU I 221 51.56 41.74 18.44
CA GLU I 221 51.74 40.53 17.64
C GLU I 221 52.84 39.64 18.20
N ILE I 222 53.79 40.20 18.94
CA ILE I 222 54.78 39.38 19.63
C ILE I 222 54.14 38.61 20.77
N ALA I 223 53.29 39.27 21.55
CA ALA I 223 52.63 38.61 22.66
C ALA I 223 51.58 37.61 22.18
N LEU I 224 50.88 37.94 21.10
CA LEU I 224 49.88 37.04 20.57
C LEU I 224 50.51 35.77 20.00
N HIS I 225 51.70 35.88 19.43
CA HIS I 225 52.36 34.69 18.91
C HIS I 225 52.80 33.77 20.04
N VAL I 226 53.27 34.36 21.14
CA VAL I 226 53.60 33.55 22.31
C VAL I 226 52.34 32.95 22.91
N PHE I 227 51.23 33.69 22.88
CA PHE I 227 49.99 33.20 23.45
C PHE I 227 49.46 31.99 22.68
N ARG I 228 49.53 32.03 21.35
CA ARG I 228 49.03 30.91 20.56
C ARG I 228 49.84 29.66 20.82
N LYS I 229 51.15 29.79 20.99
CA LYS I 229 51.98 28.63 21.28
C LYS I 229 51.77 28.17 22.72
N ALA I 230 51.53 29.11 23.64
CA ALA I 230 51.27 28.74 25.02
C ALA I 230 49.89 28.14 25.17
N ARG I 231 48.91 28.61 24.40
CA ARG I 231 47.57 28.05 24.46
C ARG I 231 47.55 26.63 23.93
N ALA I 232 48.25 26.39 22.81
CA ALA I 232 48.35 25.04 22.29
C ALA I 232 49.17 24.14 23.20
N GLY I 233 50.01 24.74 24.05
CA GLY I 233 50.81 23.95 24.98
C GLY I 233 50.05 23.41 26.16
N LYS I 234 48.86 23.95 26.43
CA LYS I 234 48.09 23.46 27.55
C LYS I 234 47.52 22.08 27.28
N VAL I 235 47.00 21.87 26.07
CA VAL I 235 46.47 20.56 25.72
C VAL I 235 47.61 19.59 25.45
N ARG I 236 48.74 20.07 24.95
CA ARG I 236 49.90 19.23 24.69
C ARG I 236 51.11 19.89 25.34
N PRO I 237 51.49 19.47 26.54
CA PRO I 237 52.58 20.16 27.25
C PRO I 237 53.92 19.99 26.55
N ALA I 238 54.88 20.75 27.04
CA ALA I 238 56.23 20.76 26.49
C ALA I 238 57.09 19.74 27.23
N GLN I 239 57.58 18.74 26.50
CA GLN I 239 58.45 17.72 27.08
C GLN I 239 59.92 18.00 26.90
N ASP I 240 60.32 18.46 25.72
CA ASP I 240 61.72 18.63 25.36
C ASP I 240 61.97 20.02 24.81
N VAL I 241 63.13 20.22 24.19
CA VAL I 241 63.48 21.52 23.63
C VAL I 241 62.49 21.94 22.56
N ARG I 242 61.80 20.97 21.96
CA ARG I 242 60.87 21.27 20.88
C ARG I 242 59.84 22.32 21.30
N GLY I 243 59.51 22.36 22.58
CA GLY I 243 58.64 23.38 23.11
C GLY I 243 57.22 22.91 23.26
N PRO I 244 56.32 23.83 23.60
CA PRO I 244 54.91 23.48 23.72
C PRO I 244 54.32 23.10 22.37
N ASP I 245 53.72 21.91 22.31
CA ASP I 245 53.10 21.40 21.09
C ASP I 245 54.11 21.40 19.93
N GLY I 246 55.21 20.69 20.13
CA GLY I 246 56.21 20.58 19.09
C GLY I 246 56.48 19.17 18.63
N ASN I 247 55.57 18.25 18.92
CA ASN I 247 55.73 16.84 18.58
C ASN I 247 54.80 16.49 17.43
N VAL I 248 55.38 15.98 16.34
CA VAL I 248 54.55 15.57 15.21
C VAL I 248 53.88 14.22 15.45
N ASN I 249 54.42 13.41 16.34
CA ASN I 249 53.85 12.09 16.58
C ASN I 249 52.50 12.17 17.29
N ASP I 250 52.20 13.29 17.94
CA ASP I 250 50.92 13.44 18.60
C ASP I 250 49.77 13.41 17.61
N PHE I 251 50.03 13.82 16.37
CA PHE I 251 48.99 13.95 15.36
C PHE I 251 48.95 12.75 14.42
N LEU I 252 49.66 11.69 14.73
CA LEU I 252 49.44 10.43 14.05
C LEU I 252 48.13 9.81 14.52
N GLU I 253 47.77 8.68 13.94
CA GLU I 253 46.50 8.05 14.26
C GLU I 253 46.48 7.59 15.72
N GLN I 254 45.46 8.04 16.44
CA GLN I 254 45.27 7.73 17.85
C GLN I 254 43.93 7.03 18.04
N ARG I 255 43.83 6.29 19.13
CA ARG I 255 42.62 5.56 19.44
C ARG I 255 42.23 5.84 20.89
N ARG I 256 40.95 5.65 21.19
CA ARG I 256 40.51 5.83 22.56
C ARG I 256 41.13 4.75 23.45
N PRO I 257 41.42 5.08 24.71
CA PRO I 257 41.95 4.08 25.62
C PRO I 257 40.93 3.00 25.90
N PHE I 258 41.43 1.84 26.35
CA PHE I 258 40.56 0.71 26.60
C PHE I 258 39.59 0.98 27.74
N GLU I 259 40.01 1.77 28.73
CA GLU I 259 39.15 2.05 29.87
C GLU I 259 38.19 3.20 29.65
N HIS I 260 38.21 3.82 28.47
CA HIS I 260 37.32 4.93 28.16
C HIS I 260 36.93 4.86 26.70
N PRO I 261 36.02 3.97 26.34
CA PRO I 261 35.54 3.89 24.97
C PRO I 261 34.54 5.00 24.68
N ASN I 262 34.06 5.00 23.45
CA ASN I 262 33.05 5.97 23.05
C ASN I 262 31.75 5.68 23.80
N PRO I 263 31.31 6.57 24.69
CA PRO I 263 30.14 6.25 25.52
C PRO I 263 28.82 6.51 24.83
N THR I 264 28.79 7.36 23.81
CA THR I 264 27.56 7.89 23.27
C THR I 264 27.12 7.24 21.97
N GLY I 265 28.05 6.65 21.21
CA GLY I 265 27.70 6.10 19.91
C GLY I 265 28.51 4.88 19.56
N VAL I 266 28.19 4.31 18.42
CA VAL I 266 28.91 3.15 17.89
C VAL I 266 30.24 3.60 17.32
N THR I 267 31.23 2.72 17.40
CA THR I 267 32.55 2.97 16.86
C THR I 267 32.74 2.40 15.46
N HIS I 268 31.99 1.36 15.11
CA HIS I 268 32.11 0.74 13.80
C HIS I 268 30.81 0.03 13.43
N LYS J 5 -5.68 -18.97 61.51
CA LYS J 5 -6.12 -18.31 60.29
C LYS J 5 -5.10 -18.52 59.17
N ALA J 6 -4.43 -19.67 59.20
CA ALA J 6 -3.44 -19.98 58.18
C ALA J 6 -4.10 -20.29 56.84
N PRO J 7 -3.42 -19.98 55.74
CA PRO J 7 -4.00 -20.29 54.42
C PRO J 7 -4.20 -21.77 54.23
N GLY J 8 -5.28 -22.13 53.54
CA GLY J 8 -5.56 -23.52 53.29
C GLY J 8 -4.67 -24.10 52.21
N GLN J 9 -4.33 -25.38 52.38
CA GLN J 9 -3.50 -26.12 51.44
C GLN J 9 -4.31 -27.24 50.82
N ILE J 10 -4.04 -27.49 49.53
CA ILE J 10 -4.74 -28.55 48.81
C ILE J 10 -4.10 -29.89 49.13
N TYR J 11 -4.77 -30.97 48.74
CA TYR J 11 -4.28 -32.30 49.08
C TYR J 11 -2.94 -32.61 48.42
N ALA J 12 -2.64 -31.97 47.29
CA ALA J 12 -1.37 -32.22 46.63
C ALA J 12 -0.19 -31.75 47.45
N TYR J 13 -0.39 -30.75 48.30
CA TYR J 13 0.71 -30.23 49.10
C TYR J 13 1.20 -31.26 50.10
N ASP J 14 0.29 -32.06 50.67
CA ASP J 14 0.69 -33.09 51.59
C ASP J 14 1.36 -34.28 50.90
N ILE J 15 1.19 -34.41 49.60
CA ILE J 15 1.88 -35.48 48.87
C ILE J 15 3.35 -35.13 48.69
N HIS J 16 3.64 -33.87 48.38
CA HIS J 16 5.00 -33.43 48.09
C HIS J 16 5.64 -32.70 49.27
N ASN J 17 4.84 -32.18 50.19
CA ASN J 17 5.29 -31.46 51.37
C ASN J 17 6.03 -30.17 51.04
N THR J 18 6.04 -29.76 49.77
CA THR J 18 6.67 -28.52 49.37
C THR J 18 5.81 -27.82 48.34
N HIS J 19 5.90 -26.50 48.31
CA HIS J 19 5.27 -25.70 47.27
C HIS J 19 6.15 -25.53 46.04
N TYR J 20 7.41 -25.93 46.09
CA TYR J 20 8.36 -25.73 45.00
C TYR J 20 8.99 -27.03 44.55
N PRO J 21 8.21 -27.94 43.99
CA PRO J 21 8.80 -29.08 43.28
C PRO J 21 9.15 -28.68 41.86
N TYR J 22 10.44 -28.56 41.58
CA TYR J 22 10.90 -28.11 40.27
C TYR J 22 10.75 -29.26 39.29
N VAL J 23 9.53 -29.41 38.80
CA VAL J 23 9.19 -30.48 37.87
C VAL J 23 9.32 -29.97 36.45
N ASN J 24 10.29 -30.51 35.73
CA ASN J 24 10.51 -30.19 34.33
C ASN J 24 10.39 -31.48 33.53
N ILE J 25 9.61 -31.42 32.45
CA ILE J 25 9.34 -32.61 31.66
C ILE J 25 10.47 -32.89 30.67
N LYS J 26 11.21 -31.88 30.28
CA LYS J 26 12.31 -32.04 29.34
C LYS J 26 13.41 -32.87 29.98
N GLN J 27 13.66 -34.06 29.43
CA GLN J 27 14.57 -35.03 30.05
C GLN J 27 15.95 -34.94 29.40
N ASP J 28 16.60 -33.80 29.62
CA ASP J 28 18.00 -33.65 29.27
C ASP J 28 18.79 -33.38 30.54
N SER J 29 20.10 -33.65 30.47
CA SER J 29 20.94 -33.59 31.65
C SER J 29 21.02 -32.18 32.21
N GLN J 30 21.07 -31.18 31.33
CA GLN J 30 21.17 -29.80 31.78
C GLN J 30 19.91 -29.39 32.53
N THR J 31 18.74 -29.79 32.04
CA THR J 31 17.50 -29.35 32.66
C THR J 31 17.28 -30.01 34.01
N GLN J 32 17.54 -31.32 34.10
CA GLN J 32 17.29 -32.04 35.35
C GLN J 32 18.33 -31.72 36.41
N LEU J 33 19.55 -31.38 36.01
CA LEU J 33 20.56 -30.97 36.97
C LEU J 33 20.23 -29.61 37.57
N LEU J 34 19.84 -28.66 36.73
CA LEU J 34 19.44 -27.35 37.22
C LEU J 34 18.18 -27.43 38.06
N ALA J 35 17.28 -28.35 37.72
CA ALA J 35 16.05 -28.51 38.51
C ALA J 35 16.36 -29.09 39.88
N SER J 36 17.31 -30.01 39.95
CA SER J 36 17.68 -30.59 41.25
C SER J 36 18.36 -29.55 42.13
N PHE J 37 19.18 -28.70 41.53
CA PHE J 37 19.83 -27.64 42.31
C PHE J 37 18.82 -26.60 42.76
N ARG J 38 17.90 -26.22 41.87
CA ARG J 38 16.87 -25.26 42.24
C ARG J 38 15.88 -25.84 43.23
N ARG J 39 15.67 -27.15 43.19
CA ARG J 39 14.76 -27.78 44.14
C ARG J 39 15.32 -27.74 45.56
N SER J 40 16.64 -27.68 45.70
CA SER J 40 17.26 -27.71 47.01
C SER J 40 17.35 -26.33 47.66
N ILE J 41 17.48 -25.27 46.85
CA ILE J 41 17.65 -23.92 47.36
C ILE J 41 16.35 -23.14 47.34
N ALA J 42 15.23 -23.80 47.06
CA ALA J 42 13.97 -23.09 46.88
C ALA J 42 13.54 -22.33 48.12
N SER J 43 14.07 -22.71 49.29
CA SER J 43 13.70 -22.04 50.52
C SER J 43 14.33 -20.65 50.61
N ILE J 44 15.55 -20.49 50.10
CA ILE J 44 16.26 -19.22 50.17
C ILE J 44 16.48 -18.61 48.80
N ASN J 45 15.82 -19.14 47.77
CA ASN J 45 16.01 -18.65 46.41
C ASN J 45 14.99 -17.56 46.10
N PRO J 46 15.40 -16.32 45.84
CA PRO J 46 14.42 -15.30 45.47
C PRO J 46 13.78 -15.56 44.12
N PHE J 47 14.46 -16.30 43.25
CA PHE J 47 13.94 -16.65 41.94
C PHE J 47 13.22 -17.99 41.97
N SER J 48 12.30 -18.16 42.91
CA SER J 48 11.58 -19.40 43.09
C SER J 48 10.11 -19.20 42.71
N TYR J 49 9.56 -20.19 42.00
CA TYR J 49 8.17 -20.14 41.58
C TYR J 49 7.46 -21.40 42.04
N ARG J 50 6.20 -21.24 42.46
CA ARG J 50 5.42 -22.36 42.94
C ARG J 50 4.82 -23.13 41.78
N GLN J 51 4.75 -24.45 41.94
CA GLN J 51 4.03 -25.31 41.03
C GLN J 51 2.91 -26.06 41.74
N VAL J 52 2.75 -25.87 43.04
CA VAL J 52 1.64 -26.42 43.82
C VAL J 52 0.77 -25.25 44.28
N PRO J 53 -0.46 -25.14 43.81
CA PRO J 53 -1.30 -23.99 44.19
C PRO J 53 -1.75 -24.08 45.64
N SER J 54 -2.20 -22.93 46.14
CA SER J 54 -2.67 -22.81 47.52
C SER J 54 -3.83 -21.83 47.54
N GLN J 55 -4.36 -21.59 48.73
CA GLN J 55 -5.43 -20.62 48.88
C GLN J 55 -4.93 -19.20 48.75
N ASP J 56 -3.70 -18.93 49.19
CA ASP J 56 -3.16 -17.58 49.20
C ASP J 56 -2.32 -17.27 47.97
N ARG J 57 -1.82 -18.29 47.26
CA ARG J 57 -0.93 -18.06 46.13
C ARG J 57 -1.30 -19.01 45.01
N ALA J 58 -1.36 -18.47 43.80
CA ALA J 58 -1.52 -19.30 42.62
C ALA J 58 -0.18 -19.96 42.28
N ALA J 59 -0.19 -20.84 41.29
CA ALA J 59 1.01 -21.57 40.92
C ALA J 59 1.08 -21.75 39.42
N PHE J 60 2.25 -22.15 38.96
CA PHE J 60 2.50 -22.40 37.55
C PHE J 60 2.29 -23.88 37.24
N GLY J 61 2.14 -24.16 35.96
CA GLY J 61 2.03 -25.52 35.48
C GLY J 61 3.37 -26.22 35.39
N LEU J 62 3.37 -27.33 34.68
CA LEU J 62 4.58 -28.09 34.46
C LEU J 62 5.48 -27.35 33.48
N ARG J 63 6.78 -27.33 33.77
CA ARG J 63 7.75 -26.63 32.96
C ARG J 63 8.32 -27.54 31.88
N TRP J 64 8.63 -26.94 30.74
CA TRP J 64 9.30 -27.62 29.62
C TRP J 64 10.50 -26.76 29.26
N GLY J 65 11.64 -27.10 29.82
CA GLY J 65 12.83 -26.28 29.62
C GLY J 65 12.59 -24.90 30.19
N ASN J 66 12.65 -23.89 29.33
CA ASN J 66 12.32 -22.53 29.71
C ASN J 66 10.85 -22.21 29.44
N ALA J 67 10.20 -22.94 28.55
CA ALA J 67 8.81 -22.75 28.22
C ALA J 67 7.94 -23.63 29.12
N TRP J 68 6.66 -23.77 28.77
CA TRP J 68 5.71 -24.54 29.55
C TRP J 68 5.28 -25.80 28.81
N TYR J 69 4.82 -26.78 29.59
CA TYR J 69 4.47 -28.09 29.06
C TYR J 69 2.96 -28.24 28.94
N ALA J 70 2.54 -28.92 27.87
CA ALA J 70 1.18 -29.37 27.70
C ALA J 70 1.28 -30.63 26.86
N PRO J 71 0.48 -31.66 27.15
CA PRO J 71 0.57 -32.88 26.36
C PRO J 71 0.21 -32.63 24.91
N ASN J 72 0.64 -33.55 24.05
CA ASN J 72 0.22 -33.50 22.66
C ASN J 72 -1.29 -33.63 22.59
N PRO J 73 -1.98 -32.77 21.86
CA PRO J 73 -3.43 -32.92 21.71
C PRO J 73 -3.78 -34.28 21.12
N TYR J 74 -4.89 -34.84 21.59
CA TYR J 74 -5.30 -36.14 21.11
C TYR J 74 -5.45 -36.11 19.59
N PRO J 75 -5.01 -37.15 18.88
CA PRO J 75 -4.98 -37.09 17.43
C PRO J 75 -6.35 -36.84 16.82
N ASN J 76 -6.40 -35.89 15.90
CA ASN J 76 -7.62 -35.48 15.23
C ASN J 76 -7.31 -35.29 13.76
N GLY J 77 -8.11 -35.95 12.91
CA GLY J 77 -7.89 -35.85 11.48
C GLY J 77 -8.47 -34.62 10.83
N ILE J 78 -9.27 -33.86 11.55
CA ILE J 78 -9.91 -32.68 10.97
C ILE J 78 -8.87 -31.58 10.81
N HIS J 79 -8.82 -30.99 9.63
CA HIS J 79 -7.91 -29.90 9.35
C HIS J 79 -8.48 -29.13 8.15
N PHE J 80 -7.86 -28.00 7.87
CA PHE J 80 -8.32 -27.13 6.79
C PHE J 80 -7.10 -26.64 6.03
N ASP J 81 -7.09 -26.91 4.72
CA ASP J 81 -5.95 -26.59 3.88
C ASP J 81 -6.00 -25.14 3.40
N ARG J 82 -4.83 -24.63 3.04
CA ARG J 82 -4.69 -23.25 2.58
C ARG J 82 -4.20 -23.15 1.15
N VAL J 83 -3.06 -23.73 0.83
CA VAL J 83 -2.45 -23.61 -0.49
C VAL J 83 -2.60 -24.89 -1.29
N PHE J 84 -2.32 -26.03 -0.68
CA PHE J 84 -2.40 -27.32 -1.34
C PHE J 84 -2.89 -28.36 -0.35
N PRO J 85 -3.49 -29.42 -0.84
CA PRO J 85 -3.91 -30.50 0.06
C PRO J 85 -2.76 -31.22 0.73
N THR J 86 -2.66 -31.10 2.06
CA THR J 86 -1.53 -31.65 2.78
C THR J 86 -1.71 -33.10 3.17
N HIS J 87 -2.94 -33.61 3.13
CA HIS J 87 -3.25 -34.97 3.53
C HIS J 87 -2.73 -35.24 4.94
N TYR J 88 -3.18 -34.41 5.88
CA TYR J 88 -2.70 -34.48 7.25
C TYR J 88 -3.11 -35.80 7.89
N ASP J 89 -2.14 -36.47 8.48
CA ASP J 89 -2.36 -37.72 9.20
C ASP J 89 -1.91 -37.54 10.63
N PRO J 90 -2.82 -37.49 11.61
CA PRO J 90 -2.40 -37.29 13.00
C PRO J 90 -1.61 -38.43 13.57
N LEU J 91 -1.59 -39.58 12.91
CA LEU J 91 -0.89 -40.76 13.39
C LEU J 91 0.46 -40.95 12.73
N ALA J 92 0.84 -40.06 11.81
CA ALA J 92 2.10 -40.21 11.09
C ALA J 92 3.28 -39.68 11.86
N GLU J 93 3.06 -38.81 12.83
CA GLU J 93 4.12 -38.21 13.60
C GLU J 93 3.81 -38.34 15.09
N THR J 94 4.85 -38.24 15.90
CA THR J 94 4.67 -38.31 17.35
C THR J 94 4.10 -37.01 17.89
N ASN J 95 4.82 -35.91 17.69
CA ASN J 95 4.39 -34.59 18.09
C ASN J 95 3.76 -33.87 16.91
N ARG J 96 2.67 -33.17 17.17
CA ARG J 96 1.98 -32.43 16.12
C ARG J 96 2.79 -31.20 15.73
N THR J 97 3.10 -31.08 14.44
CA THR J 97 3.83 -29.92 13.95
C THR J 97 2.95 -28.68 14.04
N LYS J 98 3.60 -27.53 14.23
CA LYS J 98 2.86 -26.29 14.38
C LYS J 98 2.16 -25.94 13.07
N ALA J 99 1.02 -25.26 13.20
CA ALA J 99 0.23 -24.87 12.05
C ALA J 99 0.81 -23.60 11.44
N ASN J 100 1.27 -23.70 10.20
CA ASN J 100 1.71 -22.53 9.46
C ASN J 100 0.52 -21.91 8.74
N LEU J 101 0.60 -20.60 8.51
CA LEU J 101 -0.53 -19.88 7.92
C LEU J 101 -0.85 -20.38 6.51
N GLN J 102 0.17 -20.68 5.73
CA GLN J 102 -0.01 -21.05 4.34
C GLN J 102 -0.17 -22.55 4.13
N LEU J 103 -0.10 -23.35 5.20
CA LEU J 103 -0.11 -24.80 5.08
C LEU J 103 -1.41 -25.41 5.59
N ILE J 104 -1.79 -25.13 6.84
CA ILE J 104 -2.85 -25.89 7.47
C ILE J 104 -3.40 -25.10 8.64
N LYS J 105 -4.67 -25.37 8.97
CA LYS J 105 -5.27 -24.96 10.23
C LYS J 105 -5.90 -26.17 10.85
N TYR J 106 -5.56 -26.45 12.11
CA TYR J 106 -6.09 -27.62 12.78
C TYR J 106 -7.49 -27.35 13.31
N ALA J 107 -8.14 -28.43 13.73
CA ALA J 107 -9.47 -28.35 14.29
C ALA J 107 -9.46 -27.60 15.62
N PRO J 108 -10.58 -27.01 16.00
CA PRO J 108 -10.65 -26.33 17.29
C PRO J 108 -10.61 -27.32 18.43
N GLY J 109 -10.27 -26.80 19.60
CA GLY J 109 -10.20 -27.61 20.80
C GLY J 109 -9.01 -28.55 20.86
N ASN J 110 -7.81 -27.99 20.99
CA ASN J 110 -6.64 -28.84 21.15
C ASN J 110 -6.80 -29.77 22.33
N TYR J 111 -7.36 -29.26 23.42
CA TYR J 111 -7.61 -30.04 24.63
C TYR J 111 -9.10 -29.92 24.93
N SER J 112 -9.89 -30.78 24.32
CA SER J 112 -11.34 -30.71 24.47
C SER J 112 -11.92 -32.11 24.37
N THR J 113 -13.04 -32.31 25.04
CA THR J 113 -13.78 -33.56 25.01
C THR J 113 -15.21 -33.29 24.60
N LEU J 114 -15.93 -34.37 24.34
CA LEU J 114 -17.32 -34.32 23.92
C LEU J 114 -18.22 -34.51 25.14
N VAL J 115 -19.05 -33.52 25.42
CA VAL J 115 -20.00 -33.59 26.51
C VAL J 115 -21.38 -33.22 26.00
N VAL J 116 -22.37 -33.42 26.85
CA VAL J 116 -23.74 -33.00 26.59
C VAL J 116 -24.07 -31.89 27.57
N THR J 117 -24.67 -30.82 27.08
CA THR J 117 -25.02 -29.67 27.90
C THR J 117 -26.48 -29.32 27.67
N SER J 118 -26.97 -28.40 28.49
CA SER J 118 -28.35 -27.97 28.40
C SER J 118 -28.42 -26.50 28.74
N GLU J 119 -29.29 -25.77 28.05
CA GLU J 119 -29.54 -24.39 28.38
C GLU J 119 -30.42 -24.31 29.62
N LYS J 120 -30.30 -23.21 30.35
CA LYS J 120 -31.09 -22.99 31.55
C LYS J 120 -32.29 -22.11 31.19
N LEU J 121 -33.49 -22.65 31.38
CA LEU J 121 -34.69 -21.92 31.07
C LEU J 121 -34.77 -20.64 31.90
N PRO J 122 -35.43 -19.61 31.38
CA PRO J 122 -35.50 -18.35 32.12
C PRO J 122 -36.16 -18.52 33.48
N ARG J 123 -35.75 -17.66 34.40
CA ARG J 123 -36.28 -17.71 35.76
C ARG J 123 -37.80 -17.53 35.81
N PRO J 124 -38.39 -16.55 35.13
CA PRO J 124 -39.86 -16.46 35.14
C PRO J 124 -40.54 -17.68 34.56
N CYS J 125 -39.95 -18.31 33.55
CA CYS J 125 -40.53 -19.52 33.00
C CYS J 125 -40.44 -20.68 33.98
N ILE J 126 -39.36 -20.73 34.77
CA ILE J 126 -39.22 -21.76 35.79
C ILE J 126 -40.25 -21.58 36.89
N ARG J 127 -40.53 -20.34 37.26
CA ARG J 127 -41.49 -20.07 38.32
C ARG J 127 -42.90 -20.49 37.94
N THR J 128 -43.25 -20.35 36.66
CA THR J 128 -44.57 -20.79 36.20
C THR J 128 -44.69 -22.30 36.22
N ILE J 129 -43.60 -23.01 35.97
CA ILE J 129 -43.61 -24.47 36.03
C ILE J 129 -43.73 -24.94 37.47
N GLN J 130 -43.03 -24.28 38.38
CA GLN J 130 -43.15 -24.63 39.79
C GLN J 130 -44.54 -24.33 40.32
N ASN J 131 -45.18 -23.28 39.80
CA ASN J 131 -46.54 -22.95 40.22
C ASN J 131 -47.54 -23.98 39.72
N TYR J 132 -47.33 -24.50 38.51
CA TYR J 132 -48.26 -25.49 37.96
C TYR J 132 -48.11 -26.83 38.68
N ARG J 133 -46.87 -27.26 38.89
CA ARG J 133 -46.65 -28.52 39.57
C ARG J 133 -47.18 -28.48 41.00
N ARG J 134 -46.94 -27.38 41.69
CA ARG J 134 -47.43 -27.24 43.06
C ARG J 134 -48.95 -27.20 43.10
N CYS J 135 -49.56 -26.47 42.17
CA CYS J 135 -51.02 -26.41 42.11
C CYS J 135 -51.61 -27.73 41.66
N GLN J 136 -50.82 -28.54 40.95
CA GLN J 136 -51.30 -29.84 40.48
C GLN J 136 -51.35 -30.85 41.61
N MET J 137 -50.28 -30.95 42.40
CA MET J 137 -50.26 -31.95 43.46
C MET J 137 -51.19 -31.59 44.62
N VAL J 138 -51.68 -30.36 44.66
CA VAL J 138 -52.57 -29.93 45.73
C VAL J 138 -54.03 -29.92 45.29
N ASN J 139 -54.30 -29.43 44.08
CA ASN J 139 -55.66 -29.26 43.60
C ASN J 139 -56.02 -30.20 42.46
N GLY J 140 -55.07 -30.94 41.92
CA GLY J 140 -55.32 -31.79 40.78
C GLY J 140 -55.11 -31.06 39.46
N THR J 141 -55.00 -31.84 38.39
CA THR J 141 -54.76 -31.28 37.08
C THR J 141 -55.95 -30.50 36.55
N GLU J 142 -57.16 -30.95 36.86
CA GLU J 142 -58.36 -30.34 36.29
C GLU J 142 -58.58 -28.90 36.75
N LYS J 143 -57.89 -28.47 37.81
CA LYS J 143 -58.02 -27.11 38.32
C LYS J 143 -56.70 -26.35 38.22
N CYS J 144 -56.01 -26.51 37.08
CA CYS J 144 -54.74 -25.84 36.84
C CYS J 144 -54.65 -25.24 35.45
N ASN J 145 -55.79 -24.93 34.83
CA ASN J 145 -55.78 -24.37 33.48
C ASN J 145 -55.13 -23.00 33.44
N SER J 146 -55.42 -22.16 34.44
CA SER J 146 -54.84 -20.82 34.48
C SER J 146 -53.33 -20.89 34.64
N GLU J 147 -52.84 -21.79 35.48
CA GLU J 147 -51.40 -21.94 35.65
C GLU J 147 -50.76 -22.51 34.40
N ALA J 148 -51.47 -23.38 33.68
CA ALA J 148 -50.95 -23.89 32.41
C ALA J 148 -50.90 -22.80 31.35
N GLN J 149 -51.85 -21.88 31.36
CA GLN J 149 -51.85 -20.78 30.40
C GLN J 149 -50.73 -19.79 30.68
N ASP J 150 -50.37 -19.63 31.96
CA ASP J 150 -49.28 -18.73 32.30
C ASP J 150 -47.96 -19.25 31.76
N ILE J 151 -47.80 -20.57 31.66
CA ILE J 151 -46.59 -21.14 31.08
C ILE J 151 -46.52 -20.85 29.59
N LEU J 152 -47.65 -21.01 28.89
CA LEU J 152 -47.68 -20.77 27.46
C LEU J 152 -47.52 -19.30 27.11
N ALA J 153 -47.79 -18.40 28.04
CA ALA J 153 -47.73 -16.98 27.77
C ALA J 153 -46.41 -16.35 28.19
N ILE J 154 -45.91 -16.72 29.35
CA ILE J 154 -44.72 -16.08 29.89
C ILE J 154 -43.45 -16.71 29.35
N CYS J 155 -43.41 -18.02 29.24
CA CYS J 155 -42.23 -18.69 28.72
C CYS J 155 -42.02 -18.28 27.27
N PRO J 156 -40.84 -17.82 26.88
CA PRO J 156 -40.61 -17.51 25.48
C PRO J 156 -40.78 -18.74 24.60
N ASN J 157 -40.98 -18.49 23.30
CA ASN J 157 -41.30 -19.57 22.39
C ASN J 157 -40.16 -20.57 22.23
N TRP J 158 -38.90 -20.11 22.33
CA TRP J 158 -37.80 -21.05 22.27
C TRP J 158 -37.81 -21.99 23.46
N ALA J 159 -38.21 -21.50 24.63
CA ALA J 159 -38.27 -22.35 25.79
C ALA J 159 -39.35 -23.41 25.63
N LEU J 160 -40.50 -23.03 25.05
CA LEU J 160 -41.56 -24.00 24.81
C LEU J 160 -41.14 -25.05 23.78
N ASP J 161 -40.32 -24.67 22.82
CA ASP J 161 -39.81 -25.63 21.85
C ASP J 161 -38.81 -26.58 22.50
N HIS J 162 -38.05 -26.09 23.48
CA HIS J 162 -37.14 -26.96 24.22
C HIS J 162 -37.93 -27.92 25.10
N MET J 163 -38.99 -27.43 25.74
CA MET J 163 -39.84 -28.29 26.57
C MET J 163 -40.53 -29.35 25.73
N LYS J 164 -40.96 -28.99 24.52
CA LYS J 164 -41.60 -29.95 23.63
C LYS J 164 -40.62 -31.01 23.16
N GLU J 165 -39.36 -30.64 22.93
CA GLU J 165 -38.37 -31.59 22.42
C GLU J 165 -37.87 -32.54 23.50
N LYS J 166 -37.81 -32.08 24.75
CA LYS J 166 -37.37 -32.96 25.83
C LYS J 166 -38.29 -34.16 25.97
N VAL J 167 -39.59 -33.96 25.82
CA VAL J 167 -40.53 -35.07 25.91
C VAL J 167 -40.31 -36.04 24.77
N ARG J 168 -40.00 -35.53 23.58
CA ARG J 168 -39.78 -36.41 22.43
C ARG J 168 -38.46 -37.15 22.53
N PHE J 169 -37.44 -36.54 23.13
CA PHE J 169 -36.17 -37.24 23.30
C PHE J 169 -36.31 -38.35 24.33
N TYR J 170 -36.89 -38.04 25.48
CA TYR J 170 -37.05 -39.05 26.53
C TYR J 170 -38.02 -40.14 26.14
N THR J 171 -38.92 -39.86 25.20
CA THR J 171 -39.72 -40.94 24.64
C THR J 171 -38.86 -41.86 23.79
N LYS J 172 -37.94 -41.28 23.02
CA LYS J 172 -37.00 -42.08 22.24
C LYS J 172 -36.06 -42.86 23.13
N ALA J 173 -35.52 -42.21 24.15
CA ALA J 173 -34.61 -42.90 25.07
C ALA J 173 -35.32 -43.98 25.86
N LEU J 174 -36.62 -43.81 26.10
CA LEU J 174 -37.38 -44.83 26.80
C LEU J 174 -37.55 -46.08 25.95
N ALA J 175 -37.81 -45.90 24.66
CA ALA J 175 -37.94 -47.05 23.78
C ALA J 175 -36.61 -47.74 23.57
N ILE J 176 -35.52 -46.99 23.58
CA ILE J 176 -34.20 -47.59 23.40
C ILE J 176 -33.80 -48.38 24.63
N ASN J 177 -34.08 -47.85 25.83
CA ASN J 177 -33.78 -48.59 27.04
C ASN J 177 -34.64 -49.84 27.18
N ASN J 178 -35.87 -49.81 26.65
CA ASN J 178 -36.74 -50.97 26.74
C ASN J 178 -36.39 -52.02 25.70
N GLN J 179 -35.88 -51.61 24.54
CA GLN J 179 -35.40 -52.60 23.57
C GLN J 179 -34.15 -53.30 24.09
N THR J 180 -33.30 -52.58 24.82
CA THR J 180 -32.18 -53.23 25.47
C THR J 180 -32.66 -54.20 26.53
N TYR J 181 -33.77 -53.88 27.21
CA TYR J 181 -34.34 -54.77 28.20
C TYR J 181 -34.79 -56.08 27.57
N ILE J 182 -35.46 -56.00 26.43
CA ILE J 182 -35.99 -57.20 25.78
C ILE J 182 -34.87 -58.09 25.29
N ARG J 183 -33.82 -57.50 24.71
CA ARG J 183 -32.69 -58.31 24.27
C ARG J 183 -31.95 -58.91 25.46
N ALA J 184 -31.88 -58.18 26.57
CA ALA J 184 -31.17 -58.68 27.73
C ALA J 184 -31.97 -59.78 28.42
N MET J 185 -33.27 -59.59 28.57
CA MET J 185 -34.12 -60.53 29.27
C MET J 185 -34.61 -61.65 28.37
N GLN J 186 -34.14 -61.71 27.13
CA GLN J 186 -34.52 -62.79 26.25
C GLN J 186 -33.78 -64.06 26.64
N VAL J 187 -34.53 -65.15 26.76
CA VAL J 187 -33.95 -66.44 27.15
C VAL J 187 -33.41 -67.13 25.89
N GLU J 188 -32.11 -67.35 25.87
CA GLU J 188 -31.47 -67.97 24.71
C GLU J 188 -31.77 -69.46 24.69
N GLU J 189 -31.31 -70.13 23.63
CA GLU J 189 -31.60 -71.56 23.47
C GLU J 189 -30.79 -72.41 24.44
N TYR J 190 -29.62 -71.92 24.86
CA TYR J 190 -28.78 -72.68 25.78
C TYR J 190 -29.17 -72.48 27.25
N ASN J 191 -30.18 -71.67 27.55
CA ASN J 191 -30.62 -71.45 28.92
C ASN J 191 -32.09 -71.84 29.11
N GLN J 192 -32.61 -72.72 28.26
CA GLN J 192 -34.00 -73.13 28.37
C GLN J 192 -34.21 -73.97 29.63
N GLY J 193 -35.18 -73.57 30.44
CA GLY J 193 -35.52 -74.28 31.65
C GLY J 193 -34.55 -74.13 32.79
N ARG J 194 -33.48 -73.36 32.62
CA ARG J 194 -32.48 -73.17 33.67
C ARG J 194 -32.86 -71.99 34.54
N THR J 195 -32.72 -72.18 35.86
CA THR J 195 -33.03 -71.13 36.82
C THR J 195 -31.83 -70.87 37.71
N VAL J 196 -32.03 -70.09 38.78
CA VAL J 196 -30.94 -69.77 39.68
C VAL J 196 -30.44 -70.99 40.42
N ALA J 197 -31.23 -72.07 40.46
CA ALA J 197 -30.80 -73.28 41.13
C ALA J 197 -29.73 -74.03 40.34
N ASP J 198 -29.65 -73.82 39.03
CA ASP J 198 -28.68 -74.50 38.20
C ASP J 198 -27.36 -73.74 38.11
N VAL J 199 -27.28 -72.56 38.72
CA VAL J 199 -26.04 -71.79 38.69
C VAL J 199 -25.01 -72.42 39.61
N ALA J 200 -23.76 -72.38 39.18
CA ALA J 200 -22.67 -72.95 39.97
C ALA J 200 -22.23 -71.97 41.05
N PRO J 201 -21.81 -72.46 42.21
CA PRO J 201 -21.35 -71.55 43.27
C PRO J 201 -19.95 -71.01 43.00
N LYS J 202 -19.86 -70.15 41.99
CA LYS J 202 -18.60 -69.56 41.57
C LYS J 202 -18.73 -68.05 41.55
N THR J 203 -17.61 -67.38 41.77
CA THR J 203 -17.51 -65.93 41.70
C THR J 203 -16.61 -65.54 40.54
N TRP J 204 -16.36 -64.23 40.42
CA TRP J 204 -15.61 -63.72 39.28
C TRP J 204 -14.21 -64.31 39.22
N ILE J 205 -13.60 -64.60 40.37
CA ILE J 205 -12.23 -65.12 40.38
C ILE J 205 -12.15 -66.53 39.83
N HIS J 206 -13.25 -67.28 39.84
CA HIS J 206 -13.23 -68.65 39.35
C HIS J 206 -13.18 -68.74 37.84
N GLY J 207 -13.35 -67.63 37.14
CA GLY J 207 -13.23 -67.58 35.71
C GLY J 207 -11.96 -66.93 35.22
N THR J 208 -10.99 -66.65 36.09
CA THR J 208 -9.79 -65.95 35.70
C THR J 208 -8.71 -66.95 35.28
N ARG J 209 -7.49 -66.46 35.11
CA ARG J 209 -6.41 -67.28 34.58
C ARG J 209 -5.99 -68.37 35.55
N GLN J 210 -6.13 -68.13 36.85
CA GLN J 210 -5.65 -69.09 37.84
C GLN J 210 -6.53 -70.32 37.88
N HIS J 211 -7.83 -70.18 37.65
CA HIS J 211 -8.78 -71.28 37.75
C HIS J 211 -9.31 -71.77 36.41
N LEU J 212 -9.46 -70.89 35.43
CA LEU J 212 -9.93 -71.26 34.11
C LEU J 212 -8.81 -70.99 33.11
N ARG J 213 -8.30 -72.04 32.49
CA ARG J 213 -7.16 -71.89 31.61
C ARG J 213 -7.56 -71.12 30.36
N PRO J 214 -6.78 -70.15 29.93
CA PRO J 214 -7.08 -69.45 28.67
C PRO J 214 -6.92 -70.39 27.49
N ASP J 215 -7.44 -69.95 26.35
CA ASP J 215 -7.39 -70.75 25.12
C ASP J 215 -6.10 -70.48 24.35
N THR J 216 -4.98 -70.60 25.03
CA THR J 216 -3.66 -70.47 24.43
C THR J 216 -2.77 -71.61 24.92
N MET J 217 -1.84 -72.05 24.07
CA MET J 217 -1.08 -73.24 24.37
C MET J 217 -0.02 -73.01 25.44
N TRP J 218 0.45 -71.77 25.63
CA TRP J 218 1.51 -71.49 26.60
C TRP J 218 1.02 -70.63 27.75
N ALA J 219 -0.27 -70.68 28.05
CA ALA J 219 -0.78 -69.97 29.22
C ALA J 219 -0.19 -70.54 30.50
N ASP J 220 0.06 -71.85 30.52
CA ASP J 220 0.70 -72.51 31.64
C ASP J 220 1.60 -73.61 31.08
N ASP J 221 2.04 -74.51 31.95
CA ASP J 221 2.92 -75.61 31.58
C ASP J 221 2.17 -76.88 31.20
N ARG J 222 0.96 -76.75 30.64
CA ARG J 222 0.16 -77.93 30.34
C ARG J 222 0.75 -78.76 29.21
N TYR J 223 1.30 -78.10 28.18
CA TYR J 223 1.83 -78.78 27.00
C TYR J 223 3.35 -78.68 26.90
N THR J 224 4.04 -78.43 28.00
CA THR J 224 5.49 -78.26 27.94
C THR J 224 6.23 -79.58 27.84
N ASN J 225 5.59 -80.70 28.15
CA ASN J 225 6.21 -82.01 28.06
C ASN J 225 5.78 -82.79 26.82
N ILE J 226 5.17 -82.11 25.86
CA ILE J 226 4.69 -82.77 24.64
C ILE J 226 5.84 -82.93 23.66
N THR J 227 6.12 -84.18 23.29
CA THR J 227 7.17 -84.49 22.34
C THR J 227 6.60 -84.51 20.92
N GLN J 228 7.51 -84.56 19.94
CA GLN J 228 7.10 -84.52 18.55
C GLN J 228 6.33 -85.77 18.15
N THR J 229 6.64 -86.91 18.77
CA THR J 229 5.92 -88.13 18.48
C THR J 229 4.46 -88.01 18.87
N GLU J 230 4.18 -87.45 20.04
CA GLU J 230 2.79 -87.25 20.45
C GLU J 230 2.08 -86.25 19.56
N ILE J 231 2.82 -85.31 18.96
CA ILE J 231 2.22 -84.36 18.04
C ILE J 231 1.75 -85.05 16.77
N ASN J 232 2.59 -85.92 16.21
CA ASN J 232 2.21 -86.65 15.01
C ASN J 232 1.03 -87.57 15.28
N GLU J 233 0.96 -88.17 16.46
CA GLU J 233 -0.16 -89.02 16.79
C GLU J 233 -1.44 -88.22 16.96
N ALA J 234 -1.32 -86.97 17.37
CA ALA J 234 -2.50 -86.11 17.51
C ALA J 234 -3.02 -85.64 16.16
N ILE J 235 -2.11 -85.37 15.22
CA ILE J 235 -2.54 -84.95 13.88
C ILE J 235 -3.34 -86.06 13.22
N LYS J 236 -3.00 -87.32 13.51
CA LYS J 236 -3.75 -88.43 12.97
C LYS J 236 -5.16 -88.49 13.57
N ARG J 237 -5.28 -88.21 14.87
CA ARG J 237 -6.59 -88.30 15.52
C ARG J 237 -7.49 -87.15 15.11
N VAL J 238 -6.94 -85.95 14.95
CA VAL J 238 -7.76 -84.82 14.54
C VAL J 238 -8.18 -84.96 13.08
N GLU J 239 -7.41 -85.69 12.28
CA GLU J 239 -7.83 -86.00 10.93
C GLU J 239 -8.84 -87.13 10.88
N ALA J 240 -8.85 -88.01 11.89
CA ALA J 240 -9.86 -89.06 11.94
C ALA J 240 -11.23 -88.47 12.25
N ARG J 241 -11.28 -87.46 13.12
CA ARG J 241 -12.54 -86.80 13.41
C ARG J 241 -13.04 -86.00 12.21
N LYS J 242 -12.13 -85.49 11.38
CA LYS J 242 -12.55 -84.72 10.21
C LYS J 242 -13.17 -85.61 9.14
N ALA J 243 -13.07 -86.92 9.27
CA ALA J 243 -13.79 -87.82 8.37
C ALA J 243 -15.29 -87.80 8.64
N ARG J 244 -15.73 -87.09 9.68
CA ARG J 244 -17.14 -86.95 9.99
C ARG J 244 -17.60 -85.50 10.02
N GLU J 245 -16.70 -84.54 10.19
CA GLU J 245 -17.07 -83.13 10.23
C GLU J 245 -16.99 -82.48 8.86
N HIS J 246 -16.01 -82.89 8.05
CA HIS J 246 -15.80 -82.30 6.73
C HIS J 246 -16.88 -82.67 5.73
N GLU J 247 -17.76 -83.61 6.09
CA GLU J 247 -18.78 -84.06 5.15
C GLU J 247 -19.75 -82.95 4.76
N LYS J 248 -19.94 -81.97 5.63
CA LYS J 248 -20.86 -80.87 5.40
C LYS J 248 -20.12 -79.55 5.36
N LYS J 249 -20.54 -78.67 4.44
CA LYS J 249 -19.94 -77.36 4.28
C LYS J 249 -21.03 -76.40 3.81
N PRO J 250 -21.14 -75.21 4.41
CA PRO J 250 -22.20 -74.28 3.99
C PRO J 250 -22.07 -73.89 2.54
N VAL J 251 -23.22 -73.63 1.92
CA VAL J 251 -23.27 -73.31 0.50
C VAL J 251 -22.90 -71.84 0.29
N GLU J 252 -22.22 -71.57 -0.82
CA GLU J 252 -21.86 -70.20 -1.16
C GLU J 252 -23.10 -69.37 -1.45
N GLN J 253 -23.20 -68.21 -0.81
CA GLN J 253 -24.33 -67.31 -1.01
C GLN J 253 -24.07 -66.39 -2.20
N ALA J 254 -25.14 -65.82 -2.74
CA ALA J 254 -25.02 -64.90 -3.86
C ALA J 254 -24.48 -63.56 -3.38
N ASN J 255 -23.71 -62.90 -4.26
CA ASN J 255 -23.10 -61.63 -3.94
C ASN J 255 -24.15 -60.52 -4.08
N VAL J 256 -24.51 -59.90 -2.96
CA VAL J 256 -25.47 -58.81 -2.99
C VAL J 256 -24.87 -57.51 -3.52
N ASN J 257 -23.54 -57.40 -3.54
CA ASN J 257 -22.85 -56.20 -4.03
C ASN J 257 -22.25 -56.41 -5.41
N ALA J 258 -22.93 -57.16 -6.27
CA ALA J 258 -22.40 -57.43 -7.60
C ALA J 258 -22.38 -56.16 -8.45
N ASN J 259 -23.48 -55.43 -8.46
CA ASN J 259 -23.60 -54.21 -9.24
C ASN J 259 -22.84 -53.08 -8.54
N THR J 260 -21.79 -52.59 -9.19
CA THR J 260 -21.03 -51.48 -8.66
C THR J 260 -21.70 -50.14 -8.85
N GLY J 261 -22.79 -50.09 -9.61
CA GLY J 261 -23.55 -48.87 -9.76
C GLY J 261 -24.71 -48.81 -8.78
N GLU J 262 -24.62 -49.59 -7.71
CA GLU J 262 -25.64 -49.66 -6.68
C GLU J 262 -25.00 -49.47 -5.33
N GLN J 263 -25.71 -48.78 -4.45
CA GLN J 263 -25.25 -48.58 -3.08
C GLN J 263 -25.02 -49.93 -2.41
N PRO J 264 -23.78 -50.27 -2.08
CA PRO J 264 -23.53 -51.61 -1.54
C PRO J 264 -23.93 -51.73 -0.08
N VAL J 265 -24.23 -52.96 0.32
CA VAL J 265 -24.54 -53.27 1.70
C VAL J 265 -23.26 -53.32 2.52
N ARG J 266 -23.31 -52.78 3.72
CA ARG J 266 -22.17 -52.84 4.63
C ARG J 266 -22.05 -54.26 5.16
N VAL J 267 -21.58 -55.18 4.33
CA VAL J 267 -21.48 -56.57 4.73
C VAL J 267 -20.25 -56.76 5.64
N GLU J 268 -20.28 -57.83 6.42
CA GLU J 268 -19.16 -58.12 7.30
C GLU J 268 -17.90 -58.36 6.47
N LYS J 269 -16.86 -57.60 6.77
CA LYS J 269 -15.63 -57.70 6.00
C LYS J 269 -14.92 -59.02 6.27
N SER J 270 -14.26 -59.53 5.24
CA SER J 270 -13.54 -60.79 5.38
C SER J 270 -12.42 -60.65 6.41
N LEU J 271 -12.16 -61.75 7.12
CA LEU J 271 -11.12 -61.71 8.14
C LEU J 271 -9.76 -61.42 7.54
N TYR J 272 -9.52 -61.92 6.32
CA TYR J 272 -8.26 -61.76 5.64
C TYR J 272 -8.50 -61.29 4.22
N PRO J 273 -7.63 -60.43 3.67
CA PRO J 273 -7.80 -59.88 2.32
C PRO J 273 -7.90 -60.95 1.23
N PRO K 2 3.08 -85.93 27.32
CA PRO K 2 1.82 -86.08 28.06
C PRO K 2 1.30 -84.75 28.61
N VAL K 3 -0.02 -84.63 28.71
CA VAL K 3 -0.63 -83.41 29.23
C VAL K 3 -0.38 -83.29 30.73
N LYS K 4 0.18 -82.16 31.13
CA LYS K 4 0.44 -81.89 32.54
C LYS K 4 -0.77 -81.19 33.15
N GLU K 5 -1.18 -81.64 34.32
CA GLU K 5 -2.33 -81.08 35.01
C GLU K 5 -1.91 -79.94 35.94
N GLY K 6 -2.80 -78.97 36.09
CA GLY K 6 -2.52 -77.83 36.94
C GLY K 6 -3.74 -77.28 37.63
N GLN K 7 -3.58 -76.12 38.28
CA GLN K 7 -4.70 -75.51 38.99
C GLN K 7 -5.73 -74.95 38.02
N ALA K 8 -5.28 -74.38 36.90
CA ALA K 8 -6.18 -73.86 35.89
C ALA K 8 -6.68 -75.01 35.02
N LYS K 9 -7.96 -75.30 35.12
CA LYS K 9 -8.56 -76.44 34.44
C LYS K 9 -9.38 -75.98 33.24
N LEU K 10 -9.81 -76.95 32.46
CA LEU K 10 -10.58 -76.70 31.25
C LEU K 10 -12.03 -76.43 31.61
N TRP K 11 -12.89 -76.36 30.61
CA TRP K 11 -14.28 -75.96 30.77
C TRP K 11 -15.23 -76.91 30.06
N PHE K 12 -14.82 -78.16 29.89
CA PHE K 12 -15.61 -79.13 29.17
C PHE K 12 -16.25 -80.12 30.14
N SER K 13 -17.47 -80.55 29.80
CA SER K 13 -18.22 -81.44 30.68
C SER K 13 -17.69 -82.86 30.57
N THR K 14 -17.77 -83.44 29.37
CA THR K 14 -17.29 -84.79 29.16
C THR K 14 -15.79 -84.79 28.90
N LYS K 15 -15.18 -85.96 29.10
CA LYS K 15 -13.76 -86.14 28.86
C LYS K 15 -13.42 -86.25 27.38
N GLU K 16 -14.39 -86.65 26.55
CA GLU K 16 -14.16 -86.72 25.12
C GLU K 16 -14.02 -85.33 24.51
N GLU K 17 -14.81 -84.37 24.99
CA GLU K 17 -14.65 -83.00 24.53
C GLU K 17 -13.33 -82.40 24.99
N ALA K 18 -12.87 -82.77 26.18
CA ALA K 18 -11.58 -82.27 26.66
C ALA K 18 -10.43 -82.89 25.90
N ASP K 19 -10.46 -84.20 25.68
CA ASP K 19 -9.39 -84.84 24.94
C ASP K 19 -9.35 -84.36 23.49
N ALA K 20 -10.52 -84.10 22.91
CA ALA K 20 -10.55 -83.56 21.56
C ALA K 20 -9.95 -82.15 21.50
N TYR K 21 -10.02 -81.42 22.62
CA TYR K 21 -9.42 -80.10 22.67
C TYR K 21 -7.89 -80.18 22.79
N ASP K 22 -7.40 -81.13 23.58
CA ASP K 22 -5.95 -81.27 23.72
C ASP K 22 -5.32 -81.70 22.41
N ASP K 23 -5.91 -82.69 21.75
CA ASP K 23 -5.42 -83.10 20.44
C ASP K 23 -5.51 -81.96 19.43
N LYS K 24 -6.52 -81.12 19.56
CA LYS K 24 -6.64 -79.95 18.70
C LYS K 24 -5.50 -78.97 18.93
N MET K 25 -5.11 -78.78 20.19
CA MET K 25 -4.05 -77.84 20.50
C MET K 25 -2.69 -78.47 20.27
N ILE K 26 -2.55 -79.77 20.57
CA ILE K 26 -1.27 -80.43 20.41
C ILE K 26 -0.91 -80.56 18.93
N SER K 27 -1.91 -80.81 18.09
CA SER K 27 -1.63 -80.95 16.66
C SER K 27 -1.19 -79.65 16.02
N ASN K 28 -1.27 -78.53 16.73
CA ASN K 28 -0.83 -77.23 16.22
C ASN K 28 0.53 -76.83 16.74
N ILE K 29 1.12 -77.61 17.65
CA ILE K 29 2.39 -77.23 18.24
C ILE K 29 3.50 -77.37 17.21
N GLU K 30 4.29 -76.31 17.06
CA GLU K 30 5.48 -76.30 16.21
C GLU K 30 6.68 -76.19 17.15
N LEU K 31 7.35 -77.32 17.38
CA LEU K 31 8.51 -77.34 18.25
C LEU K 31 9.67 -76.63 17.56
N LYS K 32 10.36 -75.77 18.30
CA LYS K 32 11.53 -75.05 17.77
C LYS K 32 12.66 -75.21 18.77
N SER K 33 13.50 -76.23 18.58
CA SER K 33 14.59 -76.48 19.50
C SER K 33 15.83 -75.69 19.11
N GLN K 34 16.70 -75.48 20.09
CA GLN K 34 17.90 -74.66 19.93
C GLN K 34 19.15 -75.47 19.65
N ASP K 35 19.07 -76.80 19.71
CA ASP K 35 20.23 -77.66 19.59
C ASP K 35 20.33 -78.25 18.19
N TYR K 36 21.55 -78.30 17.68
CA TYR K 36 21.80 -78.91 16.38
C TYR K 36 21.53 -80.42 16.45
N GLU K 37 21.53 -81.04 15.28
CA GLU K 37 21.23 -82.48 15.17
C GLU K 37 19.84 -82.81 15.70
N ASP K 38 18.92 -81.85 15.64
CA ASP K 38 17.54 -82.06 16.07
C ASP K 38 16.62 -81.83 14.87
N GLU K 39 15.56 -82.63 14.79
CA GLU K 39 14.67 -82.53 13.64
C GLU K 39 13.94 -81.20 13.61
N ASN K 40 13.77 -80.54 14.75
CA ASN K 40 13.17 -79.21 14.83
C ASN K 40 14.24 -78.28 15.40
N PHE K 41 15.10 -77.77 14.52
CA PHE K 41 16.20 -76.91 14.92
C PHE K 41 16.01 -75.52 14.34
N SER K 42 16.06 -74.50 15.20
CA SER K 42 15.86 -73.11 14.81
C SER K 42 16.91 -72.25 15.47
N PRO K 43 17.98 -71.88 14.74
CA PRO K 43 18.92 -70.92 15.32
C PRO K 43 18.28 -69.59 15.66
N VAL K 44 17.56 -69.01 14.71
CA VAL K 44 16.73 -67.84 14.95
C VAL K 44 15.28 -68.27 14.87
N PHE K 45 14.39 -67.40 15.36
CA PHE K 45 12.95 -67.65 15.39
C PHE K 45 12.64 -68.83 16.30
N ASN K 46 13.23 -68.83 17.49
CA ASN K 46 12.94 -69.82 18.51
C ASN K 46 11.80 -69.29 19.37
N ARG K 47 10.63 -69.93 19.28
CA ARG K 47 9.48 -69.46 19.99
C ARG K 47 9.56 -69.77 21.48
N LYS K 48 9.12 -68.83 22.30
CA LYS K 48 9.02 -69.04 23.73
C LYS K 48 7.83 -69.93 24.05
N THR K 49 7.98 -70.75 25.09
CA THR K 49 6.92 -71.65 25.53
C THR K 49 6.18 -71.14 26.76
N GLN K 50 6.43 -69.91 27.19
CA GLN K 50 5.73 -69.31 28.31
C GLN K 50 5.19 -67.95 27.90
N GLU K 51 3.91 -67.72 28.16
CA GLU K 51 3.24 -66.50 27.78
C GLU K 51 3.46 -65.42 28.81
N TYR K 52 3.63 -64.18 28.34
CA TYR K 52 3.79 -63.03 29.22
C TYR K 52 2.44 -62.43 29.57
N PHE K 53 2.31 -61.96 30.80
CA PHE K 53 1.08 -61.36 31.29
C PHE K 53 1.39 -60.02 31.94
N LEU K 54 0.79 -58.96 31.42
CA LEU K 54 0.97 -57.61 31.95
C LEU K 54 0.23 -57.48 33.27
N GLU K 55 0.97 -57.28 34.35
CA GLU K 55 0.39 -57.15 35.67
C GLU K 55 0.96 -55.94 36.38
N PRO K 56 0.17 -55.29 37.24
CA PRO K 56 0.69 -54.20 38.06
C PRO K 56 1.68 -54.73 39.10
N SER K 57 2.91 -54.23 39.06
CA SER K 57 3.96 -54.73 39.92
C SER K 57 3.82 -54.15 41.33
N GLU K 58 4.81 -54.43 42.18
CA GLU K 58 4.80 -53.90 43.54
C GLU K 58 5.14 -52.41 43.55
N LYS K 59 6.05 -51.98 42.67
CA LYS K 59 6.32 -50.57 42.53
C LYS K 59 5.10 -49.81 42.03
N PHE K 60 4.24 -50.49 41.28
CA PHE K 60 3.00 -49.89 40.82
C PHE K 60 2.06 -49.64 42.00
N LYS K 61 1.77 -50.67 42.78
CA LYS K 61 0.80 -50.58 43.85
C LYS K 61 1.31 -49.81 45.06
N SER K 62 2.63 -49.71 45.24
CA SER K 62 3.15 -48.98 46.39
C SER K 62 3.01 -47.47 46.21
N ASP K 63 3.13 -46.98 44.97
CA ASP K 63 3.00 -45.56 44.73
C ASP K 63 1.56 -45.11 44.70
N PHE K 64 0.64 -45.95 44.23
CA PHE K 64 -0.78 -45.62 44.32
C PHE K 64 -1.26 -45.61 45.76
N ALA K 65 -0.68 -46.46 46.61
CA ALA K 65 -0.96 -46.42 48.04
C ALA K 65 -0.24 -45.28 48.73
N GLU K 66 0.82 -44.75 48.14
CA GLU K 66 1.52 -43.61 48.71
C GLU K 66 0.75 -42.32 48.47
N LEU K 67 -0.01 -42.24 47.38
CA LEU K 67 -0.84 -41.07 47.13
C LEU K 67 -1.95 -40.93 48.16
N LEU K 68 -2.35 -42.03 48.79
CA LEU K 68 -3.41 -42.03 49.80
C LEU K 68 -2.87 -42.08 51.22
N ARG K 69 -1.57 -41.82 51.41
CA ARG K 69 -0.99 -41.90 52.75
C ARG K 69 -1.57 -40.86 53.70
N PRO K 70 -1.68 -39.58 53.33
CA PRO K 70 -2.28 -38.60 54.25
C PRO K 70 -3.76 -38.78 54.50
N LEU K 71 -4.42 -39.74 53.85
CA LEU K 71 -5.83 -39.99 54.08
C LEU K 71 -6.10 -41.16 55.02
N ARG K 72 -5.16 -42.09 55.14
CA ARG K 72 -5.43 -43.28 55.95
C ARG K 72 -5.42 -42.96 57.43
N SER K 73 -4.72 -41.90 57.83
CA SER K 73 -4.67 -41.52 59.24
C SER K 73 -5.84 -40.65 59.65
N LEU K 74 -6.71 -40.27 58.72
CA LEU K 74 -7.81 -39.37 58.99
C LEU K 74 -9.15 -40.06 58.78
N SER K 75 -10.16 -39.58 59.50
CA SER K 75 -11.52 -40.00 59.26
C SER K 75 -12.14 -39.18 58.14
N PHE K 76 -13.33 -39.57 57.73
CA PHE K 76 -13.99 -38.88 56.63
C PHE K 76 -14.33 -37.45 57.02
N ASN K 77 -14.80 -37.26 58.25
CA ASN K 77 -15.10 -35.92 58.73
C ASN K 77 -13.86 -35.04 58.77
N GLN K 78 -12.71 -35.62 59.14
CA GLN K 78 -11.48 -34.85 59.16
C GLN K 78 -11.00 -34.54 57.75
N VAL K 79 -11.22 -35.47 56.82
CA VAL K 79 -10.82 -35.25 55.44
C VAL K 79 -11.62 -34.10 54.83
N VAL K 80 -12.93 -34.08 55.09
CA VAL K 80 -13.76 -33.02 54.53
C VAL K 80 -13.40 -31.67 55.12
N ASP K 81 -13.15 -31.63 56.44
CA ASP K 81 -12.79 -30.37 57.07
C ASP K 81 -11.39 -29.92 56.70
N ARG K 82 -10.52 -30.86 56.34
CA ARG K 82 -9.13 -30.53 56.04
C ARG K 82 -8.97 -30.05 54.61
N TYR K 83 -9.51 -30.80 53.64
CA TYR K 83 -9.24 -30.56 52.25
C TYR K 83 -10.42 -30.03 51.45
N VAL K 84 -11.64 -30.18 51.94
CA VAL K 84 -12.83 -29.76 51.22
C VAL K 84 -13.38 -28.46 51.77
N LEU K 85 -13.61 -28.39 53.07
CA LEU K 85 -14.22 -27.22 53.70
C LEU K 85 -13.14 -26.27 54.22
N ILE K 86 -12.32 -25.81 53.30
CA ILE K 86 -11.34 -24.77 53.64
C ILE K 86 -12.08 -23.46 53.89
N PRO K 87 -11.89 -22.81 55.04
CA PRO K 87 -12.64 -21.60 55.36
C PRO K 87 -12.43 -20.53 54.29
N PRO K 88 -13.49 -19.89 53.83
CA PRO K 88 -13.35 -18.90 52.75
C PRO K 88 -12.57 -17.68 53.22
N ASN K 89 -11.55 -17.32 52.43
CA ASN K 89 -10.75 -16.12 52.69
C ASN K 89 -10.28 -15.60 51.33
N HIS K 90 -11.00 -14.60 50.82
CA HIS K 90 -10.74 -14.04 49.49
C HIS K 90 -9.97 -12.73 49.57
N THR K 91 -9.06 -12.61 50.53
CA THR K 91 -8.28 -11.40 50.72
C THR K 91 -6.84 -11.53 50.22
N PHE K 92 -6.43 -12.72 49.79
CA PHE K 92 -5.05 -12.92 49.39
C PHE K 92 -4.79 -12.43 47.98
N TYR K 93 -3.58 -11.92 47.76
CA TYR K 93 -3.11 -11.55 46.42
C TYR K 93 -2.56 -12.81 45.76
N ARG K 94 -3.47 -13.62 45.23
CA ARG K 94 -3.07 -14.90 44.64
C ARG K 94 -2.20 -14.72 43.41
N ASN K 95 -2.43 -13.66 42.63
CA ASN K 95 -1.68 -13.43 41.41
C ASN K 95 -0.29 -12.85 41.65
N TRP K 96 0.16 -12.76 42.89
CA TRP K 96 1.51 -12.28 43.14
C TRP K 96 2.55 -13.26 42.62
N THR K 97 2.20 -14.54 42.53
CA THR K 97 3.10 -15.53 41.94
C THR K 97 3.47 -15.17 40.52
N TYR K 98 2.50 -14.73 39.72
CA TYR K 98 2.77 -14.36 38.33
C TYR K 98 3.44 -13.00 38.24
N GLU K 99 3.06 -12.06 39.10
CA GLU K 99 3.67 -10.73 39.08
C GLU K 99 5.15 -10.80 39.42
N LYS K 100 5.52 -11.69 40.33
CA LYS K 100 6.92 -11.85 40.71
C LYS K 100 7.72 -12.50 39.59
N PHE K 101 7.16 -13.54 38.97
CA PHE K 101 7.86 -14.25 37.91
C PHE K 101 8.02 -13.38 36.68
N LEU K 102 6.91 -12.93 36.11
CA LEU K 102 6.98 -12.14 34.88
C LEU K 102 7.59 -10.76 35.13
N GLY K 103 7.34 -10.19 36.31
CA GLY K 103 7.98 -8.94 36.66
C GLY K 103 9.48 -9.04 36.84
N GLY K 104 9.98 -10.25 37.06
CA GLY K 104 11.42 -10.44 37.18
C GLY K 104 12.16 -10.19 35.88
N PHE K 105 11.49 -10.34 34.75
CA PHE K 105 12.12 -10.02 33.47
C PHE K 105 12.50 -8.55 33.41
N GLY K 106 11.63 -7.68 33.90
CA GLY K 106 11.96 -6.26 33.93
C GLY K 106 13.05 -5.93 34.92
N LEU K 107 13.04 -6.57 36.09
CA LEU K 107 14.10 -6.34 37.06
C LEU K 107 15.42 -6.91 36.56
N SER K 108 15.38 -8.06 35.89
CA SER K 108 16.60 -8.63 35.34
C SER K 108 17.17 -7.75 34.24
N TYR K 109 16.30 -7.06 33.49
CA TYR K 109 16.78 -6.16 32.45
C TYR K 109 17.49 -4.96 33.04
N LEU K 110 17.01 -4.47 34.18
CA LEU K 110 17.66 -3.32 34.81
C LEU K 110 19.08 -3.65 35.22
N ILE K 111 19.31 -4.89 35.67
CA ILE K 111 20.65 -5.31 36.03
C ILE K 111 21.45 -5.66 34.78
N LEU K 112 20.81 -6.28 33.80
CA LEU K 112 21.53 -6.77 32.62
C LEU K 112 21.90 -5.64 31.67
N ARG K 113 21.18 -4.53 31.68
CA ARG K 113 21.51 -3.40 30.82
C ARG K 113 22.77 -2.69 31.26
N GLU K 114 23.43 -3.15 32.32
CA GLU K 114 24.64 -2.54 32.85
C GLU K 114 25.84 -3.46 32.70
N LEU K 115 25.79 -4.40 31.78
CA LEU K 115 26.87 -5.37 31.64
C LEU K 115 28.15 -4.67 31.18
N PRO K 116 29.29 -4.91 31.82
CA PRO K 116 30.52 -4.21 31.44
C PRO K 116 31.17 -4.77 30.19
N LEU K 117 30.45 -5.54 29.39
CA LEU K 117 30.99 -5.96 28.10
C LEU K 117 31.28 -4.74 27.26
N ARG K 118 32.56 -4.56 26.89
CA ARG K 118 32.96 -3.36 26.19
C ARG K 118 32.33 -3.28 24.81
N ASN K 119 32.42 -4.35 24.03
CA ASN K 119 31.89 -4.34 22.68
C ASN K 119 30.37 -4.20 22.70
N PHE K 120 29.87 -3.25 21.93
CA PHE K 120 28.43 -3.03 21.85
C PHE K 120 27.72 -4.23 21.22
N TYR K 121 28.30 -4.81 20.19
CA TYR K 121 27.69 -5.95 19.52
C TYR K 121 27.75 -7.23 20.34
N ALA K 122 28.64 -7.30 21.33
CA ALA K 122 28.60 -8.41 22.28
C ALA K 122 27.36 -8.36 23.15
N ARG K 123 27.01 -7.17 23.64
CA ARG K 123 25.80 -7.02 24.42
C ARG K 123 24.55 -7.19 23.56
N VAL K 124 24.66 -6.90 22.27
CA VAL K 124 23.57 -7.21 21.35
C VAL K 124 23.26 -8.69 21.36
N PHE K 125 24.30 -9.52 21.43
CA PHE K 125 24.09 -10.96 21.50
C PHE K 125 23.48 -11.37 22.84
N VAL K 126 23.88 -10.71 23.91
CA VAL K 126 23.35 -11.05 25.23
C VAL K 126 21.90 -10.65 25.35
N MET K 127 21.55 -9.45 24.90
CA MET K 127 20.16 -9.02 24.92
C MET K 127 19.30 -9.87 23.99
N TYR K 128 19.85 -10.32 22.87
CA TYR K 128 19.10 -11.21 22.00
C TYR K 128 18.84 -12.54 22.69
N ALA K 129 19.81 -13.04 23.44
CA ALA K 129 19.60 -14.28 24.18
C ALA K 129 18.59 -14.08 25.31
N PHE K 130 18.63 -12.92 25.96
CA PHE K 130 17.65 -12.63 27.00
C PHE K 130 16.26 -12.44 26.41
N ALA K 131 16.17 -11.84 25.22
CA ALA K 131 14.88 -11.72 24.56
C ALA K 131 14.32 -13.06 24.15
N ALA K 132 15.19 -14.02 23.84
CA ALA K 132 14.73 -15.37 23.53
C ALA K 132 14.11 -16.03 24.75
N LYS K 133 14.60 -15.71 25.94
CA LYS K 133 14.02 -16.27 27.16
C LYS K 133 12.62 -15.71 27.40
N VAL K 134 12.42 -14.43 27.11
CA VAL K 134 11.14 -13.80 27.35
C VAL K 134 10.13 -14.21 26.28
N LEU K 135 10.56 -14.28 25.02
CA LEU K 135 9.65 -14.58 23.94
C LEU K 135 9.10 -15.99 24.00
N ASP K 136 9.70 -16.88 24.78
CA ASP K 136 9.08 -18.18 25.01
C ASP K 136 7.75 -18.05 25.71
N HIS K 137 7.54 -16.96 26.45
CA HIS K 137 6.26 -16.69 27.10
C HIS K 137 5.45 -15.61 26.39
N LEU K 138 6.10 -14.55 25.92
CA LEU K 138 5.38 -13.44 25.31
C LEU K 138 4.89 -13.81 23.91
N GLY K 139 5.68 -14.56 23.16
CA GLY K 139 5.27 -15.03 21.86
C GLY K 139 5.49 -14.03 20.74
N ASN K 140 4.64 -13.00 20.67
CA ASN K 140 4.74 -12.02 19.61
C ASN K 140 5.51 -10.80 20.09
N PRO K 141 6.62 -10.44 19.45
CA PRO K 141 7.40 -9.28 19.91
C PRO K 141 6.77 -7.94 19.58
N PHE K 142 5.84 -7.90 18.64
CA PHE K 142 5.23 -6.63 18.29
C PHE K 142 4.12 -6.27 19.26
N PRO K 143 3.95 -4.99 19.56
CA PRO K 143 2.88 -4.57 20.45
C PRO K 143 1.51 -4.56 19.77
N PHE K 144 0.49 -4.70 20.60
CA PHE K 144 -0.90 -4.71 20.16
C PHE K 144 -1.19 -5.81 19.15
N SER K 145 -0.44 -6.91 19.22
CA SER K 145 -0.57 -8.00 18.25
C SER K 145 -1.22 -9.24 18.85
N GLY K 146 -0.72 -9.74 19.96
CA GLY K 146 -1.29 -10.92 20.59
C GLY K 146 -1.12 -10.88 22.08
N HIS K 147 -1.10 -12.05 22.69
CA HIS K 147 -0.93 -12.21 24.13
C HIS K 147 0.16 -13.23 24.43
N GLY K 148 0.77 -13.07 25.59
CA GLY K 148 1.68 -14.08 26.08
C GLY K 148 0.96 -15.35 26.45
N GLN K 149 1.72 -16.43 26.57
CA GLN K 149 1.20 -17.75 26.86
C GLN K 149 1.87 -18.29 28.11
N ILE K 150 1.10 -18.46 29.18
CA ILE K 150 1.56 -18.99 30.45
C ILE K 150 0.62 -20.12 30.86
N VAL K 151 1.18 -21.30 31.09
CA VAL K 151 0.40 -22.44 31.58
C VAL K 151 0.42 -22.39 33.09
N ALA K 152 -0.77 -22.33 33.69
CA ALA K 152 -0.93 -22.21 35.13
C ALA K 152 -1.56 -23.46 35.71
N ALA K 153 -1.46 -23.57 37.03
CA ALA K 153 -2.00 -24.71 37.74
C ALA K 153 -3.52 -24.60 37.87
N ALA K 154 -4.18 -25.74 37.83
CA ALA K 154 -5.63 -25.83 37.93
C ALA K 154 -6.01 -26.06 39.39
N ASP K 155 -6.65 -25.09 40.01
CA ASP K 155 -7.09 -25.20 41.39
C ASP K 155 -8.56 -24.81 41.49
N ARG K 156 -9.10 -24.90 42.71
CA ARG K 156 -10.49 -24.58 42.93
C ARG K 156 -10.75 -23.08 42.90
N TRP K 157 -9.72 -22.26 42.91
CA TRP K 157 -9.84 -20.81 42.93
C TRP K 157 -9.64 -20.21 41.54
N ASN K 158 -9.56 -21.02 40.50
CA ASN K 158 -9.50 -20.49 39.14
C ASN K 158 -10.83 -19.84 38.80
N HIS K 159 -10.77 -18.59 38.35
CA HIS K 159 -11.97 -17.83 38.00
C HIS K 159 -12.95 -17.74 39.16
N TRP K 160 -12.42 -17.69 40.39
CA TRP K 160 -13.30 -17.78 41.55
C TRP K 160 -14.25 -16.60 41.65
N ASP K 161 -13.84 -15.42 41.20
CA ASP K 161 -14.65 -14.22 41.35
C ASP K 161 -15.55 -13.95 40.16
N VAL K 162 -15.56 -14.82 39.15
CA VAL K 162 -16.47 -14.71 38.02
C VAL K 162 -17.31 -15.98 37.86
N ARG K 163 -17.38 -16.82 38.89
CA ARG K 163 -18.21 -18.01 38.80
C ARG K 163 -19.69 -17.67 38.67
N CYS K 164 -20.09 -16.47 39.09
CA CYS K 164 -21.49 -16.09 39.02
C CYS K 164 -21.94 -15.89 37.58
N TYR K 165 -21.06 -15.41 36.72
CA TYR K 165 -21.47 -15.07 35.36
C TYR K 165 -21.56 -16.32 34.51
N ASP K 166 -22.68 -16.46 33.79
CA ASP K 166 -22.92 -17.63 32.96
C ASP K 166 -22.25 -17.52 31.60
N ASN K 167 -22.24 -16.32 31.01
CA ASN K 167 -21.65 -16.14 29.69
C ASN K 167 -20.14 -16.32 29.71
N VAL K 168 -19.49 -16.07 30.84
CA VAL K 168 -18.07 -16.33 30.95
C VAL K 168 -17.80 -17.83 30.93
N MET K 169 -18.68 -18.62 31.54
CA MET K 169 -18.49 -20.07 31.51
C MET K 169 -18.69 -20.63 30.12
N LYS K 170 -19.70 -20.16 29.40
CA LYS K 170 -19.95 -20.67 28.06
C LYS K 170 -18.84 -20.29 27.09
N ALA K 171 -18.24 -19.11 27.27
CA ALA K 171 -17.17 -18.69 26.39
C ALA K 171 -15.89 -19.47 26.64
N LEU K 172 -15.67 -19.93 27.86
CA LEU K 172 -14.45 -20.63 28.21
C LEU K 172 -14.54 -22.13 27.96
N LYS K 173 -15.70 -22.72 28.23
CA LYS K 173 -15.83 -24.16 28.30
C LYS K 173 -16.34 -24.79 27.01
N TYR K 174 -17.34 -24.18 26.38
CA TYR K 174 -18.13 -24.83 25.36
C TYR K 174 -17.68 -24.37 23.98
N ILE K 175 -17.40 -25.33 23.12
CA ILE K 175 -17.16 -25.11 21.69
C ILE K 175 -18.33 -25.72 20.96
N ARG K 176 -19.33 -24.90 20.65
CA ARG K 176 -20.55 -25.42 20.06
C ARG K 176 -20.32 -25.85 18.62
N ILE K 177 -21.12 -26.82 18.19
CA ILE K 177 -21.01 -27.43 16.87
C ILE K 177 -22.02 -26.76 15.95
N PRO K 178 -21.60 -26.09 14.89
CA PRO K 178 -22.57 -25.48 13.98
C PRO K 178 -23.33 -26.53 13.20
N THR K 179 -24.62 -26.28 13.01
CA THR K 179 -25.49 -27.21 12.33
C THR K 179 -25.74 -26.75 10.90
N VAL K 180 -26.60 -27.46 10.19
CA VAL K 180 -26.91 -27.09 8.81
C VAL K 180 -27.61 -25.74 8.76
N GLN K 181 -28.59 -25.54 9.65
CA GLN K 181 -29.15 -24.21 9.84
C GLN K 181 -28.14 -23.39 10.63
N ASN K 182 -27.23 -22.75 9.92
CA ASN K 182 -26.07 -22.11 10.54
C ASN K 182 -26.45 -20.85 11.29
N ASN K 183 -26.86 -20.99 12.54
CA ASN K 183 -27.25 -19.86 13.36
C ASN K 183 -26.81 -20.10 14.80
N ILE K 184 -26.63 -19.00 15.52
CA ILE K 184 -26.44 -19.11 16.97
C ILE K 184 -27.68 -19.73 17.58
N PRO K 185 -27.56 -20.57 18.61
CA PRO K 185 -28.76 -21.11 19.25
C PRO K 185 -29.72 -20.02 19.69
N GLU K 186 -31.01 -20.28 19.48
CA GLU K 186 -32.03 -19.27 19.72
C GLU K 186 -32.07 -18.84 21.17
N ALA K 187 -31.83 -19.76 22.11
CA ALA K 187 -31.77 -19.40 23.51
C ALA K 187 -30.67 -18.39 23.77
N THR K 188 -29.53 -18.57 23.12
CA THR K 188 -28.40 -17.65 23.30
C THR K 188 -28.72 -16.27 22.74
N ARG K 189 -29.36 -16.23 21.56
CA ARG K 189 -29.71 -14.95 20.97
C ARG K 189 -30.76 -14.22 21.80
N TRP K 190 -31.70 -14.98 22.39
CA TRP K 190 -32.73 -14.35 23.21
C TRP K 190 -32.13 -13.76 24.48
N TYR K 191 -31.25 -14.48 25.16
CA TYR K 191 -30.60 -13.94 26.34
C TYR K 191 -29.76 -12.73 26.02
N GLY K 192 -29.21 -12.67 24.81
CA GLY K 192 -28.37 -11.55 24.44
C GLY K 192 -29.12 -10.27 24.16
N ARG K 193 -30.42 -10.36 23.90
CA ARG K 193 -31.20 -9.17 23.61
C ARG K 193 -31.72 -8.49 24.87
N GLN K 194 -31.76 -9.20 26.00
CA GLN K 194 -32.13 -8.57 27.25
C GLN K 194 -31.09 -7.49 27.54
N PRO K 195 -31.49 -6.22 27.53
CA PRO K 195 -30.49 -5.15 27.47
C PRO K 195 -29.69 -5.02 28.75
N GLY K 196 -28.41 -4.68 28.57
CA GLY K 196 -27.56 -4.36 29.71
C GLY K 196 -27.68 -2.91 30.10
N HIS K 197 -27.11 -2.59 31.25
CA HIS K 197 -27.22 -1.25 31.82
C HIS K 197 -26.03 -0.40 31.41
N LEU K 198 -26.32 0.75 30.80
CA LEU K 198 -25.31 1.68 30.32
C LEU K 198 -25.45 2.99 31.07
N LEU K 199 -24.33 3.51 31.55
CA LEU K 199 -24.35 4.72 32.37
C LEU K 199 -24.89 5.90 31.58
N ARG K 200 -25.65 6.75 32.27
CA ARG K 200 -26.19 7.96 31.66
C ARG K 200 -25.12 9.05 31.56
N ALA K 201 -24.20 9.10 32.51
CA ALA K 201 -23.15 10.11 32.49
C ALA K 201 -22.33 9.98 31.21
N ASP K 202 -22.24 11.08 30.48
CA ASP K 202 -21.59 11.07 29.17
C ASP K 202 -21.12 12.47 28.85
N THR K 203 -19.83 12.61 28.59
CA THR K 203 -19.25 13.88 28.16
C THR K 203 -18.83 13.83 26.70
N TYR K 204 -19.00 12.69 26.04
CA TYR K 204 -18.57 12.53 24.66
C TYR K 204 -19.55 13.17 23.69
N TRP K 205 -20.83 13.19 24.03
CA TRP K 205 -21.85 13.86 23.23
C TRP K 205 -22.02 15.27 23.78
N ILE K 206 -21.83 16.28 22.93
CA ILE K 206 -21.85 17.66 23.39
C ILE K 206 -23.23 18.11 23.91
N PRO K 207 -24.35 17.53 23.48
CA PRO K 207 -25.62 17.87 24.15
C PRO K 207 -25.68 17.41 25.59
N ASN K 208 -25.18 16.20 25.88
CA ASN K 208 -25.19 15.72 27.26
C ASN K 208 -24.15 16.44 28.09
N LEU K 209 -23.03 16.82 27.48
CA LEU K 209 -21.99 17.54 28.20
C LEU K 209 -22.50 18.86 28.75
N VAL K 210 -23.46 19.47 28.07
CA VAL K 210 -24.04 20.72 28.52
C VAL K 210 -25.29 20.48 29.35
N SER K 211 -26.17 19.58 28.90
CA SER K 211 -27.45 19.40 29.55
C SER K 211 -27.28 18.79 30.95
N GLN K 212 -26.38 17.83 31.08
CA GLN K 212 -26.23 17.12 32.35
C GLN K 212 -25.61 17.98 33.44
N ARG K 213 -25.11 19.16 33.11
CA ARG K 213 -24.66 20.08 34.15
C ARG K 213 -25.83 20.72 34.89
N PHE K 214 -27.04 20.59 34.37
CA PHE K 214 -28.24 21.11 35.00
C PHE K 214 -29.17 20.02 35.49
N ALA K 215 -28.78 18.76 35.35
CA ALA K 215 -29.60 17.65 35.81
C ALA K 215 -29.46 17.47 37.31
N LYS K 216 -30.57 17.10 37.95
CA LYS K 216 -30.61 16.91 39.39
C LYS K 216 -30.70 15.42 39.68
N HIS K 217 -29.70 14.90 40.41
CA HIS K 217 -29.67 13.49 40.77
C HIS K 217 -30.64 13.23 41.90
N GLN K 218 -31.67 12.49 41.61
CA GLN K 218 -32.70 12.15 42.57
C GLN K 218 -32.50 10.74 43.12
N PRO K 219 -32.83 10.52 44.39
CA PRO K 219 -32.66 9.19 44.98
C PRO K 219 -33.53 8.16 44.30
N ALA K 220 -32.90 7.09 43.82
CA ALA K 220 -33.60 5.98 43.17
C ALA K 220 -33.91 4.95 44.24
N HIS K 221 -35.12 4.99 44.78
CA HIS K 221 -35.50 4.10 45.86
C HIS K 221 -35.65 2.68 45.34
N TRP K 222 -35.01 1.75 46.04
CA TRP K 222 -35.03 0.34 45.66
C TRP K 222 -36.42 -0.24 45.81
N ASP K 223 -36.93 -0.82 44.72
CA ASP K 223 -38.26 -1.40 44.67
C ASP K 223 -38.26 -2.91 44.88
N GLY K 224 -37.12 -3.47 45.26
CA GLY K 224 -37.01 -4.88 45.56
C GLY K 224 -36.51 -5.74 44.42
N THR K 225 -36.07 -5.14 43.32
CA THR K 225 -35.59 -5.86 42.17
C THR K 225 -34.09 -5.63 41.97
N GLN K 226 -33.53 -6.43 41.07
CA GLN K 226 -32.12 -6.36 40.72
C GLN K 226 -31.91 -5.85 39.30
N ASN K 227 -32.94 -5.27 38.69
CA ASN K 227 -32.86 -4.81 37.31
C ASN K 227 -33.47 -3.44 37.14
N MET K 228 -33.43 -2.61 38.17
CA MET K 228 -33.98 -1.28 38.08
C MET K 228 -33.23 -0.50 36.99
N PRO K 229 -33.89 -0.13 35.91
CA PRO K 229 -33.17 0.61 34.85
C PRO K 229 -33.04 2.09 35.19
N ILE K 230 -32.22 2.38 36.21
CA ILE K 230 -32.02 3.76 36.63
C ILE K 230 -31.05 4.51 35.73
N PHE K 231 -30.42 3.82 34.79
CA PHE K 231 -29.60 4.44 33.76
C PHE K 231 -30.22 4.12 32.41
N ARG K 232 -29.51 4.46 31.34
CA ARG K 232 -29.93 4.03 30.02
C ARG K 232 -29.54 2.58 29.77
N LEU K 233 -30.09 2.02 28.71
CA LEU K 233 -29.90 0.61 28.37
C LEU K 233 -28.93 0.47 27.21
N ALA K 234 -28.12 -0.59 27.26
CA ALA K 234 -27.09 -0.84 26.25
C ALA K 234 -27.73 -1.50 25.03
N ASP K 235 -28.54 -0.72 24.32
CA ASP K 235 -29.24 -1.18 23.14
C ASP K 235 -29.18 -0.07 22.09
N PRO K 236 -28.90 -0.42 20.83
CA PRO K 236 -28.82 0.62 19.80
C PRO K 236 -30.12 1.35 19.56
N LYS K 237 -31.25 0.76 19.91
CA LYS K 237 -32.55 1.33 19.63
C LYS K 237 -33.12 2.12 20.80
N HIS K 238 -32.40 2.19 21.92
CA HIS K 238 -32.86 2.96 23.06
C HIS K 238 -32.82 4.44 22.75
N LYS K 239 -33.82 5.18 23.26
CA LYS K 239 -33.94 6.60 22.94
C LYS K 239 -32.85 7.46 23.54
N ASP K 240 -32.04 6.92 24.46
CA ASP K 240 -30.94 7.66 25.05
C ASP K 240 -29.58 7.09 24.65
N SER K 241 -29.56 6.10 23.78
CA SER K 241 -28.32 5.45 23.37
C SER K 241 -28.17 5.37 21.86
N TYR K 242 -29.04 6.04 21.11
CA TYR K 242 -28.99 5.95 19.66
C TYR K 242 -27.76 6.61 19.05
N MET K 243 -27.16 7.57 19.76
CA MET K 243 -25.95 8.20 19.28
C MET K 243 -24.72 7.35 19.49
N VAL K 244 -24.85 6.22 20.17
CA VAL K 244 -23.74 5.32 20.43
C VAL K 244 -23.65 4.33 19.28
N GLN K 245 -22.44 4.06 18.83
CA GLN K 245 -22.20 3.18 17.70
C GLN K 245 -21.96 1.77 18.21
N PHE K 246 -22.95 0.91 18.04
CA PHE K 246 -22.86 -0.49 18.39
C PHE K 246 -22.42 -1.27 17.16
N ARG K 247 -21.14 -1.62 17.11
CA ARG K 247 -20.59 -2.33 15.95
C ARG K 247 -19.89 -3.61 16.39
N MET L 1 -17.63 -46.57 21.51
CA MET L 1 -17.05 -47.60 22.42
C MET L 1 -17.25 -47.26 23.89
N ASP L 2 -18.51 -47.31 24.32
CA ASP L 2 -18.86 -47.12 25.72
C ASP L 2 -18.76 -48.44 26.47
N ASN L 3 -18.88 -48.35 27.80
CA ASN L 3 -18.66 -49.49 28.69
C ASN L 3 -17.31 -50.14 28.40
N TYR L 4 -16.28 -49.30 28.30
CA TYR L 4 -14.95 -49.78 27.94
C TYR L 4 -14.42 -50.74 28.99
N PHE L 5 -14.33 -50.29 30.23
CA PHE L 5 -13.74 -51.12 31.28
C PHE L 5 -14.55 -52.39 31.53
N THR L 6 -15.86 -52.33 31.32
CA THR L 6 -16.67 -53.53 31.46
C THR L 6 -16.35 -54.52 30.35
N ALA L 7 -16.26 -54.06 29.11
CA ALA L 7 -15.98 -54.94 27.99
C ALA L 7 -14.58 -55.54 28.09
N ILE L 8 -13.59 -54.72 28.46
CA ILE L 8 -12.23 -55.21 28.61
C ILE L 8 -12.18 -56.28 29.68
N THR L 9 -12.94 -56.09 30.76
CA THR L 9 -12.93 -57.05 31.86
C THR L 9 -13.63 -58.35 31.47
N LEU L 10 -14.72 -58.25 30.71
CA LEU L 10 -15.44 -59.45 30.29
C LEU L 10 -14.63 -60.25 29.29
N LEU L 11 -13.83 -59.58 28.45
CA LEU L 11 -12.98 -60.27 27.51
C LEU L 11 -11.82 -60.98 28.18
N GLY L 12 -11.53 -60.64 29.44
CA GLY L 12 -10.43 -61.24 30.16
C GLY L 12 -9.10 -60.55 30.01
N LEU L 13 -9.07 -59.35 29.47
CA LEU L 13 -7.80 -58.66 29.26
C LEU L 13 -7.17 -58.20 30.56
N ARG L 14 -7.86 -58.36 31.69
CA ARG L 14 -7.27 -58.00 32.98
C ARG L 14 -6.39 -59.10 33.53
N ASP L 15 -6.53 -60.33 33.05
CA ASP L 15 -5.80 -61.46 33.58
C ASP L 15 -5.13 -62.34 32.54
N GLN L 16 -5.57 -62.30 31.28
CA GLN L 16 -5.02 -63.17 30.26
C GLN L 16 -4.84 -62.36 28.98
N ASN L 17 -4.53 -63.05 27.89
CA ASN L 17 -4.32 -62.44 26.59
C ASN L 17 -5.30 -63.05 25.59
N LEU L 18 -5.71 -62.23 24.64
CA LEU L 18 -6.62 -62.68 23.60
C LEU L 18 -5.94 -63.66 22.65
N PRO L 19 -6.71 -64.52 22.00
CA PRO L 19 -6.13 -65.42 21.01
C PRO L 19 -5.49 -64.64 19.88
N PRO L 20 -4.32 -65.07 19.40
CA PRO L 20 -3.57 -64.25 18.43
C PRO L 20 -4.15 -64.27 17.02
N PHE L 21 -5.17 -65.06 16.75
CA PHE L 21 -5.73 -65.17 15.41
C PHE L 21 -7.09 -64.46 15.34
N LYS L 22 -7.31 -63.79 14.21
CA LYS L 22 -8.48 -62.93 14.07
C LYS L 22 -9.80 -63.69 14.21
N ASP L 23 -9.83 -64.96 13.83
CA ASP L 23 -11.09 -65.70 13.85
C ASP L 23 -11.62 -65.85 15.26
N ALA L 24 -10.85 -66.49 16.14
CA ALA L 24 -11.31 -66.67 17.51
C ALA L 24 -11.36 -65.36 18.27
N ARG L 25 -10.54 -64.39 17.89
CA ARG L 25 -10.51 -63.12 18.59
C ARG L 25 -11.77 -62.31 18.31
N LEU L 26 -12.21 -62.28 17.05
CA LEU L 26 -13.38 -61.50 16.70
C LEU L 26 -14.67 -62.16 17.18
N GLN L 27 -14.66 -63.48 17.35
CA GLN L 27 -15.80 -64.14 17.96
C GLN L 27 -15.92 -63.79 19.44
N ARG L 28 -14.79 -63.62 20.11
CA ARG L 28 -14.80 -63.28 21.53
C ARG L 28 -15.33 -61.88 21.75
N TYR L 29 -15.14 -60.98 20.78
CA TYR L 29 -15.69 -59.63 20.90
C TYR L 29 -17.21 -59.66 20.86
N LYS L 30 -17.78 -60.42 19.93
CA LYS L 30 -19.22 -60.53 19.79
C LYS L 30 -19.86 -61.37 20.89
N SER L 31 -19.07 -62.05 21.73
CA SER L 31 -19.63 -62.93 22.75
C SER L 31 -20.14 -62.18 23.97
N ILE L 32 -19.65 -60.98 24.22
CA ILE L 32 -20.05 -60.19 25.38
C ILE L 32 -21.20 -59.26 25.02
N LYS L 33 -21.73 -59.42 23.81
CA LYS L 33 -22.78 -58.54 23.34
C LYS L 33 -24.05 -58.66 24.20
N LYS L 34 -24.38 -59.88 24.61
CA LYS L 34 -25.54 -60.08 25.47
C LYS L 34 -25.31 -59.54 26.88
N MET L 35 -24.09 -59.74 27.41
CA MET L 35 -23.82 -59.31 28.78
C MET L 35 -23.79 -57.79 28.90
N ILE L 36 -23.38 -57.08 27.85
CA ILE L 36 -23.38 -55.63 27.90
C ILE L 36 -24.80 -55.09 27.99
N ASP L 37 -25.73 -55.71 27.28
CA ASP L 37 -27.12 -55.29 27.38
C ASP L 37 -27.70 -55.58 28.76
N LEU L 38 -27.22 -56.63 29.42
CA LEU L 38 -27.69 -56.95 30.77
C LEU L 38 -27.14 -55.97 31.79
N ILE L 39 -25.85 -55.70 31.73
CA ILE L 39 -25.23 -54.78 32.69
C ILE L 39 -25.71 -53.36 32.46
N GLU L 40 -25.98 -53.00 31.20
CA GLU L 40 -26.55 -51.68 30.92
C GLU L 40 -27.93 -51.54 31.53
N THR L 41 -28.71 -52.63 31.50
CA THR L 41 -30.06 -52.59 32.05
C THR L 41 -30.04 -52.52 33.57
N THR L 42 -29.09 -53.22 34.20
CA THR L 42 -29.02 -53.21 35.66
C THR L 42 -28.74 -51.81 36.18
N THR L 43 -27.89 -51.06 35.49
CA THR L 43 -27.52 -49.73 35.93
C THR L 43 -28.61 -48.70 35.72
N LYS L 44 -29.76 -49.10 35.15
CA LYS L 44 -30.87 -48.18 34.94
C LYS L 44 -32.06 -48.52 35.83
N LEU L 45 -31.81 -49.20 36.95
CA LEU L 45 -32.86 -49.60 37.88
C LEU L 45 -32.65 -48.99 39.26
N ALA L 46 -31.82 -47.96 39.36
CA ALA L 46 -31.53 -47.39 40.66
C ALA L 46 -32.72 -46.61 41.18
N PRO L 47 -33.07 -46.77 42.45
CA PRO L 47 -34.19 -46.04 43.01
C PRO L 47 -33.80 -44.60 43.28
N PRO L 48 -34.76 -43.68 43.31
CA PRO L 48 -34.42 -42.28 43.52
C PRO L 48 -34.15 -41.95 44.99
N MET L 49 -33.47 -40.83 45.19
CA MET L 49 -33.13 -40.29 46.48
C MET L 49 -33.40 -38.80 46.44
N PRO L 50 -33.68 -38.17 47.58
CA PRO L 50 -33.97 -36.73 47.56
C PRO L 50 -32.86 -35.91 46.93
N VAL L 51 -33.24 -35.08 45.96
CA VAL L 51 -32.25 -34.24 45.29
C VAL L 51 -31.76 -33.15 46.22
N GLU L 52 -32.56 -32.78 47.21
CA GLU L 52 -32.16 -31.76 48.18
C GLU L 52 -31.37 -32.38 49.33
N LEU L 53 -30.37 -33.18 48.99
CA LEU L 53 -29.55 -33.89 49.96
C LEU L 53 -28.13 -33.35 50.02
N PHE L 54 -27.48 -33.22 48.88
CA PHE L 54 -26.16 -32.62 48.79
C PHE L 54 -26.16 -31.41 47.88
N MET L 55 -27.34 -30.91 47.50
CA MET L 55 -27.45 -29.80 46.56
C MET L 55 -28.67 -28.97 46.90
N LEU L 56 -28.44 -27.70 47.23
CA LEU L 56 -29.54 -26.78 47.40
C LEU L 56 -30.24 -26.53 46.08
N ASN L 57 -31.55 -26.36 46.15
CA ASN L 57 -32.35 -26.15 44.96
C ASN L 57 -32.01 -24.80 44.32
N PRO L 58 -31.47 -24.79 43.11
CA PRO L 58 -31.09 -23.50 42.51
C PRO L 58 -32.27 -22.66 42.09
N THR L 59 -33.47 -23.22 42.00
CA THR L 59 -34.66 -22.46 41.65
C THR L 59 -35.35 -21.86 42.85
N ASP L 60 -34.74 -21.93 44.02
CA ASP L 60 -35.33 -21.34 45.21
C ASP L 60 -35.33 -19.81 45.09
N PRO L 61 -36.42 -19.15 45.49
CA PRO L 61 -36.44 -17.68 45.42
C PRO L 61 -35.38 -17.01 46.26
N GLU L 62 -34.73 -17.73 47.17
CA GLU L 62 -33.69 -17.12 47.98
C GLU L 62 -32.51 -16.66 47.14
N TRP L 63 -32.22 -17.36 46.05
CA TRP L 63 -31.06 -17.06 45.22
C TRP L 63 -31.37 -16.09 44.10
N ASP L 64 -32.49 -15.39 44.17
CA ASP L 64 -32.81 -14.35 43.20
C ASP L 64 -32.05 -13.06 43.44
N ASP L 65 -31.20 -13.02 44.46
CA ASP L 65 -30.43 -11.82 44.73
C ASP L 65 -29.42 -11.54 43.62
N ASP L 66 -28.93 -12.57 42.95
CA ASP L 66 -27.94 -12.44 41.90
C ASP L 66 -26.73 -11.66 42.40
N MET L 67 -26.31 -12.00 43.62
CA MET L 67 -25.17 -11.36 44.23
C MET L 67 -23.90 -11.69 43.47
N THR L 68 -22.98 -10.72 43.40
CA THR L 68 -21.70 -10.92 42.79
C THR L 68 -20.63 -11.24 43.83
N TYR L 69 -19.41 -11.44 43.36
CA TYR L 69 -18.28 -11.72 44.23
C TYR L 69 -17.54 -10.42 44.55
N PRO L 70 -17.50 -9.98 45.80
CA PRO L 70 -16.64 -8.84 46.15
C PRO L 70 -15.17 -9.22 46.16
N THR L 71 -14.36 -8.45 45.43
CA THR L 71 -12.94 -8.74 45.30
C THR L 71 -12.13 -7.52 45.72
N ILE L 72 -10.85 -7.77 45.98
CA ILE L 72 -9.86 -6.73 46.25
C ILE L 72 -8.97 -6.61 45.03
N THR L 73 -8.96 -5.42 44.41
CA THR L 73 -8.11 -5.18 43.25
C THR L 73 -6.70 -4.90 43.74
N HIS L 74 -5.98 -5.97 44.06
CA HIS L 74 -4.61 -5.83 44.54
C HIS L 74 -3.71 -5.19 43.49
N ALA L 75 -3.88 -5.60 42.22
CA ALA L 75 -3.06 -5.07 41.15
C ALA L 75 -3.29 -3.59 40.92
N THR L 76 -4.54 -3.14 41.05
CA THR L 76 -4.84 -1.73 40.89
C THR L 76 -4.26 -0.92 42.04
N ALA L 77 -4.43 -1.39 43.27
CA ALA L 77 -3.89 -0.66 44.41
C ALA L 77 -2.37 -0.62 44.39
N LEU L 78 -1.74 -1.67 43.88
CA LEU L 78 -0.29 -1.70 43.83
C LEU L 78 0.25 -0.81 42.71
N TYR L 79 -0.46 -0.74 41.58
CA TYR L 79 -0.02 0.16 40.53
C TYR L 79 -0.14 1.61 40.97
N LYS L 80 -1.31 1.99 41.47
CA LYS L 80 -1.53 3.38 41.87
C LYS L 80 -0.62 3.78 43.02
N SER L 81 -0.21 2.82 43.85
CA SER L 81 0.77 3.12 44.89
C SER L 81 2.14 3.39 44.28
N SER L 82 2.49 2.66 43.21
CA SER L 82 3.76 2.89 42.54
C SER L 82 3.75 4.18 41.74
N ALA L 83 2.60 4.54 41.18
CA ALA L 83 2.49 5.82 40.49
C ALA L 83 2.57 6.98 41.46
N LEU L 84 2.02 6.82 42.67
CA LEU L 84 2.19 7.83 43.70
C LEU L 84 3.64 7.90 44.16
N ALA L 85 4.30 6.75 44.29
CA ALA L 85 5.72 6.75 44.60
C ALA L 85 6.54 7.36 43.49
N GLY L 86 6.08 7.24 42.24
CA GLY L 86 6.75 7.91 41.15
C GLY L 86 6.69 9.42 41.26
N ASN L 87 5.57 9.93 41.78
CA ASN L 87 5.48 11.37 42.03
C ASN L 87 6.43 11.78 43.15
N LEU L 88 6.59 10.94 44.16
CA LEU L 88 7.52 11.27 45.23
C LEU L 88 8.95 11.28 44.73
N PHE L 89 9.29 10.43 43.77
CA PHE L 89 10.62 10.47 43.18
C PHE L 89 10.79 11.72 42.32
N LEU L 90 9.75 12.09 41.58
CA LEU L 90 9.82 13.27 40.74
C LEU L 90 10.06 14.52 41.57
N TYR L 91 9.49 14.57 42.77
CA TYR L 91 9.75 15.70 43.66
C TYR L 91 11.16 15.62 44.23
N ALA L 92 11.58 14.43 44.64
CA ALA L 92 12.91 14.28 45.22
C ALA L 92 13.98 14.53 44.18
N TYR L 93 13.77 14.05 42.95
CA TYR L 93 14.74 14.30 41.89
C TYR L 93 14.86 15.78 41.61
N ASN L 94 13.76 16.52 41.74
CA ASN L 94 13.72 17.95 41.49
C ASN L 94 13.52 18.72 42.79
N TYR L 95 14.18 18.29 43.87
CA TYR L 95 13.94 18.87 45.18
C TYR L 95 14.37 20.33 45.22
N ASN L 96 15.56 20.61 44.71
CA ASN L 96 16.13 21.95 44.84
C ASN L 96 15.30 23.00 44.10
N ASN L 97 14.69 22.62 42.98
CA ASN L 97 13.87 23.58 42.24
C ASN L 97 12.52 23.78 42.92
N PHE L 98 11.88 22.69 43.35
CA PHE L 98 10.59 22.79 44.02
C PHE L 98 10.70 23.52 45.35
N THR L 99 11.87 23.50 45.98
CA THR L 99 12.04 24.10 47.29
C THR L 99 12.51 25.54 47.24
N ALA L 100 13.42 25.88 46.35
CA ALA L 100 14.03 27.21 46.35
C ALA L 100 13.43 28.13 45.30
N ASN L 101 13.11 27.63 44.12
CA ASN L 101 12.52 28.46 43.08
C ASN L 101 11.10 28.83 43.46
N ILE L 102 10.83 30.13 43.61
CA ILE L 102 9.53 30.58 44.06
C ILE L 102 8.48 30.42 42.98
N ARG L 103 8.90 30.25 41.73
CA ARG L 103 7.92 30.03 40.69
C ARG L 103 7.23 28.68 40.82
N LEU L 104 7.81 27.76 41.59
CA LEU L 104 7.22 26.45 41.84
C LEU L 104 6.67 26.34 43.26
N ARG L 105 6.32 27.47 43.87
CA ARG L 105 5.86 27.46 45.25
C ARG L 105 4.53 26.73 45.39
N THR L 106 3.65 26.87 44.41
CA THR L 106 2.34 26.23 44.47
C THR L 106 2.47 24.71 44.42
N MET L 107 3.42 24.20 43.63
CA MET L 107 3.68 22.77 43.64
C MET L 107 4.24 22.32 44.99
N ARG L 108 5.12 23.13 45.57
CA ARG L 108 5.68 22.79 46.87
C ARG L 108 4.61 22.80 47.94
N TYR L 109 3.65 23.72 47.86
CA TYR L 109 2.68 23.87 48.92
C TYR L 109 1.56 22.84 48.80
N LEU L 110 1.14 22.52 47.58
CA LEU L 110 -0.03 21.70 47.35
C LEU L 110 0.28 20.28 46.88
N PHE L 111 1.56 19.95 46.68
CA PHE L 111 1.92 18.57 46.38
C PHE L 111 1.48 17.60 47.47
N PRO L 112 1.72 17.87 48.76
CA PRO L 112 1.27 16.93 49.79
C PRO L 112 -0.24 16.86 49.92
N VAL L 113 -0.96 17.93 49.61
CA VAL L 113 -2.41 17.89 49.65
C VAL L 113 -2.94 16.95 48.56
N VAL L 114 -2.39 17.05 47.36
CA VAL L 114 -2.78 16.14 46.29
C VAL L 114 -2.31 14.72 46.59
N SER L 115 -1.12 14.59 47.16
CA SER L 115 -0.59 13.26 47.48
C SER L 115 -1.44 12.58 48.55
N LEU L 116 -1.91 13.32 49.54
CA LEU L 116 -2.77 12.75 50.56
C LEU L 116 -4.14 12.38 49.99
N ALA L 117 -4.67 13.20 49.09
CA ALA L 117 -5.93 12.88 48.44
C ALA L 117 -5.79 11.66 47.54
N ILE L 118 -4.63 11.50 46.91
CA ILE L 118 -4.38 10.33 46.08
C ILE L 118 -4.24 9.08 46.95
N PHE L 119 -3.47 9.18 48.03
CA PHE L 119 -3.38 8.07 48.98
C PHE L 119 -4.74 7.78 49.59
N GLY L 120 -5.52 8.81 49.89
CA GLY L 120 -6.82 8.59 50.48
C GLY L 120 -7.73 7.76 49.59
N ASN L 121 -7.67 7.98 48.28
CA ASN L 121 -8.48 7.21 47.36
C ASN L 121 -7.96 5.77 47.23
N ILE L 122 -6.64 5.60 47.23
CA ILE L 122 -6.09 4.27 47.09
C ILE L 122 -6.45 3.40 48.29
N TYR L 123 -6.32 3.96 49.50
CA TYR L 123 -6.59 3.17 50.70
C TYR L 123 -8.08 3.03 50.96
N TRP L 124 -8.87 4.04 50.61
CA TRP L 124 -10.31 3.95 50.79
C TRP L 124 -10.87 2.77 49.99
N ASP L 125 -10.53 2.69 48.71
CA ASP L 125 -11.03 1.61 47.88
C ASP L 125 -10.57 0.26 48.41
N TYR L 126 -9.31 0.15 48.82
CA TYR L 126 -8.81 -1.09 49.38
C TYR L 126 -9.51 -1.43 50.69
N ARG L 127 -9.68 -0.43 51.55
CA ARG L 127 -10.30 -0.68 52.85
C ARG L 127 -11.76 -1.05 52.70
N SER L 128 -12.47 -0.40 51.78
CA SER L 128 -13.88 -0.72 51.57
C SER L 128 -14.05 -2.10 50.94
N GLN L 129 -13.17 -2.44 50.00
CA GLN L 129 -13.23 -3.77 49.41
C GLN L 129 -12.93 -4.85 50.44
N LEU L 130 -12.01 -4.56 51.36
CA LEU L 130 -11.69 -5.52 52.41
C LEU L 130 -12.86 -5.77 53.34
N VAL L 131 -13.63 -4.73 53.64
CA VAL L 131 -14.78 -4.88 54.52
C VAL L 131 -15.87 -5.71 53.84
N LYS L 132 -16.08 -5.48 52.55
CA LYS L 132 -17.11 -6.20 51.83
C LYS L 132 -16.78 -7.69 51.68
N VAL L 133 -15.51 -8.00 51.46
CA VAL L 133 -15.10 -9.40 51.37
C VAL L 133 -15.31 -10.11 52.69
N ASN L 134 -15.03 -9.43 53.80
CA ASN L 134 -15.23 -10.05 55.10
C ASN L 134 -16.70 -10.21 55.43
N LEU L 135 -17.54 -9.26 55.01
CA LEU L 135 -18.98 -9.40 55.19
C LEU L 135 -19.54 -10.55 54.37
N PHE L 136 -18.99 -10.78 53.19
CA PHE L 136 -19.45 -11.86 52.33
C PHE L 136 -19.04 -13.21 52.89
N ASP L 137 -17.79 -13.32 53.35
CA ASP L 137 -17.30 -14.60 53.85
C ASP L 137 -18.04 -15.04 55.10
N GLU L 138 -18.34 -14.11 56.01
CA GLU L 138 -19.01 -14.47 57.25
C GLU L 138 -20.49 -14.78 57.06
N TYR L 139 -21.09 -14.33 55.96
CA TYR L 139 -22.51 -14.61 55.75
C TYR L 139 -22.73 -15.99 55.16
N ILE L 140 -21.92 -16.36 54.16
CA ILE L 140 -22.09 -17.66 53.51
C ILE L 140 -21.80 -18.79 54.48
N GLN L 141 -20.92 -18.56 55.47
CA GLN L 141 -20.67 -19.58 56.47
C GLN L 141 -21.83 -19.67 57.45
N ALA L 142 -22.34 -18.54 57.90
CA ALA L 142 -23.45 -18.55 58.84
C ALA L 142 -24.72 -19.06 58.19
N ARG L 143 -24.99 -18.64 56.95
CA ARG L 143 -26.20 -19.06 56.28
C ARG L 143 -26.15 -20.54 55.91
N ALA L 144 -24.96 -21.07 55.60
CA ALA L 144 -24.85 -22.47 55.23
C ALA L 144 -25.15 -23.38 56.42
N GLN L 145 -24.71 -23.00 57.62
CA GLN L 145 -24.97 -23.83 58.79
C GLN L 145 -26.45 -23.84 59.15
N GLU L 146 -27.16 -22.75 58.84
CA GLU L 146 -28.60 -22.73 59.10
C GLU L 146 -29.33 -23.66 58.17
N LEU L 147 -28.90 -23.75 56.92
CA LEU L 147 -29.54 -24.63 55.96
C LEU L 147 -29.21 -26.09 56.19
N VAL L 148 -28.05 -26.38 56.79
CA VAL L 148 -27.70 -27.76 57.10
C VAL L 148 -28.63 -28.31 58.18
N LYS L 149 -28.72 -27.61 59.31
CA LYS L 149 -29.61 -28.03 60.37
C LYS L 149 -31.06 -28.07 59.93
N GLN L 150 -31.41 -27.32 58.90
CA GLN L 150 -32.79 -27.31 58.43
C GLN L 150 -33.12 -28.55 57.62
N ASN L 151 -32.16 -29.09 56.89
CA ASN L 151 -32.39 -30.21 55.99
C ASN L 151 -31.71 -31.50 56.43
N GLU L 152 -31.25 -31.58 57.68
CA GLU L 152 -30.61 -32.81 58.17
C GLU L 152 -31.57 -33.97 58.18
N TYR L 153 -32.86 -33.71 58.40
CA TYR L 153 -33.85 -34.76 58.55
C TYR L 153 -34.02 -35.57 57.28
N LEU L 154 -33.72 -34.99 56.12
CA LEU L 154 -33.91 -35.70 54.86
C LEU L 154 -33.05 -36.94 54.76
N LEU L 155 -31.96 -37.01 55.51
CA LEU L 155 -31.14 -38.21 55.56
C LEU L 155 -31.76 -39.33 56.37
N GLU L 156 -32.87 -39.07 57.05
CA GLU L 156 -33.58 -40.08 57.81
C GLU L 156 -34.68 -40.77 57.01
N HIS L 157 -34.87 -40.40 55.75
CA HIS L 157 -35.88 -41.03 54.92
C HIS L 157 -35.44 -42.42 54.48
N GLU L 158 -36.42 -43.29 54.27
CA GLU L 158 -36.13 -44.67 53.90
C GLU L 158 -35.61 -44.79 52.47
N ASP L 159 -35.82 -43.78 51.63
CA ASP L 159 -35.29 -43.82 50.27
C ASP L 159 -33.78 -43.87 50.26
N VAL L 160 -33.13 -43.32 51.28
CA VAL L 160 -31.68 -43.43 51.39
C VAL L 160 -31.26 -44.86 51.65
N LYS L 161 -32.01 -45.55 52.51
CA LYS L 161 -31.72 -46.95 52.78
C LYS L 161 -32.06 -47.82 51.59
N ARG L 162 -33.16 -47.53 50.91
CA ARG L 162 -33.51 -48.27 49.69
C ARG L 162 -32.47 -48.10 48.61
N TYR L 163 -31.83 -46.92 48.55
CA TYR L 163 -30.82 -46.67 47.54
C TYR L 163 -29.54 -47.45 47.82
N VAL L 164 -29.13 -47.52 49.09
CA VAL L 164 -27.90 -48.20 49.44
C VAL L 164 -28.05 -49.71 49.30
N TRP L 165 -29.20 -50.24 49.69
CA TRP L 165 -29.45 -51.67 49.57
C TRP L 165 -29.41 -52.12 48.12
N TRP L 166 -29.89 -51.28 47.21
CA TRP L 166 -29.84 -51.59 45.80
C TRP L 166 -28.40 -51.62 45.29
N TYR L 167 -27.58 -50.68 45.75
CA TYR L 167 -26.19 -50.64 45.34
C TYR L 167 -25.43 -51.85 45.84
N GLU L 168 -25.67 -52.26 47.09
CA GLU L 168 -25.03 -53.45 47.63
C GLU L 168 -25.52 -54.73 46.96
N ASP L 169 -26.78 -54.75 46.50
CA ASP L 169 -27.26 -55.89 45.75
C ASP L 169 -26.58 -55.98 44.40
N LEU L 170 -26.27 -54.83 43.79
CA LEU L 170 -25.56 -54.86 42.52
C LEU L 170 -24.11 -55.29 42.70
N LYS L 171 -23.50 -54.89 43.82
CA LYS L 171 -22.12 -55.29 44.06
C LYS L 171 -22.02 -56.79 44.28
N GLU L 172 -22.92 -57.36 45.08
CA GLU L 172 -22.90 -58.80 45.31
C GLU L 172 -23.24 -59.57 44.04
N THR L 173 -24.11 -59.01 43.20
CA THR L 173 -24.49 -59.69 41.97
C THR L 173 -23.34 -59.68 40.97
N LEU L 174 -22.70 -58.53 40.76
CA LEU L 174 -21.59 -58.46 39.83
C LEU L 174 -20.37 -59.25 40.32
N ALA L 175 -20.28 -59.48 41.62
CA ALA L 175 -19.20 -60.32 42.13
C ALA L 175 -19.45 -61.79 41.84
N ARG L 176 -20.72 -62.18 41.75
CA ARG L 176 -21.08 -63.56 41.42
C ARG L 176 -20.96 -63.84 39.94
N VAL L 177 -21.04 -62.82 39.10
CA VAL L 177 -20.87 -62.99 37.66
C VAL L 177 -19.48 -63.51 37.39
N HIS L 178 -19.38 -64.48 36.48
CA HIS L 178 -18.11 -65.12 36.22
C HIS L 178 -18.10 -65.68 34.81
N ARG L 179 -16.90 -65.77 34.24
CA ARG L 179 -16.71 -66.46 32.98
C ARG L 179 -16.72 -67.96 33.23
N GLN L 180 -17.48 -68.69 32.41
CA GLN L 180 -17.69 -70.11 32.60
C GLN L 180 -16.87 -70.95 31.64
N ALA L 181 -16.62 -70.46 30.43
CA ALA L 181 -15.88 -71.20 29.42
C ALA L 181 -15.04 -70.24 28.61
N ASN L 182 -14.26 -70.79 27.68
CA ASN L 182 -13.41 -70.04 26.77
C ASN L 182 -13.64 -70.49 25.35
N ASN L 183 -14.88 -70.80 25.00
CA ASN L 183 -15.25 -71.17 23.64
C ASN L 183 -15.49 -69.98 22.75
N HIS L 184 -15.29 -68.76 23.26
CA HIS L 184 -15.50 -67.53 22.50
C HIS L 184 -16.93 -67.42 22.01
N LYS L 185 -17.88 -67.93 22.78
CA LYS L 185 -19.29 -67.86 22.45
C LYS L 185 -20.03 -67.13 23.56
N ALA L 186 -21.29 -66.78 23.28
CA ALA L 186 -22.11 -66.13 24.28
C ALA L 186 -22.40 -67.02 25.48
N CYS L 187 -22.32 -68.34 25.30
CA CYS L 187 -22.55 -69.26 26.39
C CYS L 187 -21.40 -69.32 27.39
N ASP L 188 -20.34 -68.55 27.17
CA ASP L 188 -19.27 -68.46 28.15
C ASP L 188 -19.72 -67.78 29.43
N PHE L 189 -20.79 -66.99 29.37
CA PHE L 189 -21.43 -66.39 30.53
C PHE L 189 -22.85 -66.91 30.69
N LYS L 190 -23.00 -68.22 30.50
CA LYS L 190 -24.32 -68.84 30.51
C LYS L 190 -24.99 -68.71 31.87
N ASP L 191 -24.28 -69.05 32.95
CA ASP L 191 -24.84 -68.92 34.29
C ASP L 191 -24.96 -67.47 34.73
N SER L 192 -24.14 -66.58 34.17
CA SER L 192 -24.20 -65.17 34.56
C SER L 192 -25.45 -64.48 34.03
N GLU L 193 -25.96 -64.94 32.88
CA GLU L 193 -27.21 -64.37 32.37
C GLU L 193 -28.35 -64.61 33.35
N ILE L 194 -28.40 -65.81 33.95
CA ILE L 194 -29.46 -66.13 34.90
C ILE L 194 -29.33 -65.26 36.14
N ILE L 195 -28.10 -64.94 36.54
CA ILE L 195 -27.89 -64.14 37.74
C ILE L 195 -28.36 -62.71 37.51
N LEU L 196 -27.97 -62.13 36.37
CA LEU L 196 -28.33 -60.76 36.06
C LEU L 196 -29.80 -60.63 35.72
N GLN L 197 -30.36 -61.63 35.03
CA GLN L 197 -31.78 -61.61 34.74
C GLN L 197 -32.61 -61.70 36.01
N ASP L 198 -32.12 -62.42 37.02
CA ASP L 198 -32.80 -62.45 38.31
C ASP L 198 -32.72 -61.11 39.01
N PHE L 199 -31.63 -60.37 38.83
CA PHE L 199 -31.52 -59.04 39.39
C PHE L 199 -32.49 -58.08 38.70
N ILE L 200 -32.58 -58.15 37.37
CA ILE L 200 -33.48 -57.26 36.65
C ILE L 200 -34.92 -57.60 36.97
N ARG L 201 -35.23 -58.89 37.08
CA ARG L 201 -36.57 -59.32 37.44
C ARG L 201 -36.92 -58.95 38.87
N ARG L 202 -35.91 -58.60 39.68
CA ARG L 202 -36.15 -58.29 41.07
C ARG L 202 -36.64 -56.87 41.27
N TYR L 203 -36.28 -55.96 40.37
CA TYR L 203 -36.65 -54.56 40.50
C TYR L 203 -37.56 -54.07 39.39
N THR L 204 -37.95 -54.93 38.45
CA THR L 204 -38.88 -54.57 37.40
C THR L 204 -39.87 -55.71 37.20
N ASN L 205 -40.86 -55.45 36.34
CA ASN L 205 -41.86 -56.45 35.96
C ASN L 205 -41.68 -56.79 34.50
N PRO L 206 -41.11 -57.94 34.15
CA PRO L 206 -40.85 -58.24 32.74
C PRO L 206 -42.11 -58.32 31.90
N LYS L 207 -43.21 -58.79 32.48
CA LYS L 207 -44.47 -58.93 31.74
C LYS L 207 -45.29 -57.65 31.77
N ASP L 208 -44.65 -56.55 31.43
CA ASP L 208 -45.31 -55.26 31.26
C ASP L 208 -45.05 -54.76 29.86
N ASN L 209 -45.88 -53.81 29.41
CA ASN L 209 -45.64 -53.18 28.12
C ASN L 209 -44.36 -52.36 28.16
N LEU L 210 -44.13 -51.64 29.27
CA LEU L 210 -42.91 -50.88 29.49
C LEU L 210 -42.33 -51.30 30.83
N PRO L 211 -41.47 -52.32 30.86
CA PRO L 211 -40.84 -52.71 32.12
C PRO L 211 -40.03 -51.59 32.76
N ILE L 212 -39.26 -50.87 31.95
CA ILE L 212 -38.53 -49.70 32.41
C ILE L 212 -39.41 -48.48 32.18
N LYS L 213 -39.89 -47.89 33.26
CA LYS L 213 -40.78 -46.75 33.19
C LYS L 213 -40.01 -45.47 33.46
N PHE L 214 -40.44 -44.40 32.81
CA PHE L 214 -39.77 -43.11 32.93
C PHE L 214 -40.31 -42.33 34.12
N HIS L 215 -39.39 -41.75 34.87
CA HIS L 215 -39.74 -40.77 35.88
C HIS L 215 -38.65 -39.71 35.88
N PRO L 216 -38.99 -38.47 36.23
CA PRO L 216 -38.03 -37.37 36.06
C PRO L 216 -36.71 -37.58 36.79
N GLN L 217 -36.69 -38.37 37.85
CA GLN L 217 -35.46 -38.66 38.58
C GLN L 217 -34.92 -40.04 38.25
N GLY L 218 -35.08 -40.47 37.00
CA GLY L 218 -34.67 -41.78 36.56
C GLY L 218 -33.29 -41.80 35.93
N GLN L 219 -32.96 -42.95 35.37
CA GLN L 219 -31.67 -43.21 34.74
C GLN L 219 -31.87 -43.38 33.25
N THR L 220 -31.26 -42.52 32.46
CA THR L 220 -31.29 -42.61 31.01
C THR L 220 -29.91 -42.90 30.45
N PHE L 221 -28.92 -42.07 30.77
CA PHE L 221 -27.56 -42.29 30.31
C PHE L 221 -26.76 -43.08 31.32
N THR M 61 -21.10 -49.72 22.39
CA THR M 61 -19.85 -50.46 22.53
C THR M 61 -19.43 -51.06 21.19
N ILE M 62 -18.21 -50.76 20.76
CA ILE M 62 -17.67 -51.35 19.54
C ILE M 62 -17.25 -52.78 19.85
N PHE M 63 -17.83 -53.72 19.12
CA PHE M 63 -17.56 -55.15 19.31
C PHE M 63 -16.57 -55.68 18.28
N ALA M 64 -15.57 -54.88 17.92
CA ALA M 64 -14.55 -55.31 16.98
C ALA M 64 -13.27 -54.53 17.24
N GLU M 65 -12.24 -54.86 16.47
CA GLU M 65 -10.99 -54.11 16.53
C GLU M 65 -11.03 -52.85 15.67
N THR M 66 -11.84 -52.88 14.61
CA THR M 66 -11.89 -51.78 13.65
C THR M 66 -13.31 -51.26 13.52
N TRP M 67 -13.42 -49.99 13.16
CA TRP M 67 -14.69 -49.34 12.93
C TRP M 67 -14.58 -48.40 11.74
N GLU M 68 -15.68 -48.24 11.04
CA GLU M 68 -15.73 -47.32 9.91
C GLU M 68 -15.58 -45.89 10.41
N ALA M 69 -14.57 -45.19 9.90
CA ALA M 69 -14.36 -43.81 10.34
C ALA M 69 -15.54 -42.92 10.01
N SER M 70 -16.24 -43.21 8.91
CA SER M 70 -17.39 -42.39 8.52
C SER M 70 -18.62 -42.67 9.37
N GLU M 71 -18.72 -43.85 9.99
CA GLU M 71 -19.87 -44.14 10.82
C GLU M 71 -19.90 -43.32 12.10
N TYR M 72 -18.81 -42.64 12.45
CA TYR M 72 -18.77 -41.79 13.62
C TYR M 72 -18.60 -40.31 13.24
N GLN M 73 -18.85 -39.98 11.98
CA GLN M 73 -18.88 -38.60 11.52
C GLN M 73 -20.33 -38.12 11.50
N TYR M 74 -20.53 -36.86 11.84
CA TYR M 74 -21.86 -36.28 11.84
C TYR M 74 -22.29 -35.95 10.42
N ARG M 75 -23.57 -36.14 10.13
CA ARG M 75 -24.11 -35.84 8.81
C ARG M 75 -24.73 -34.45 8.73
N ASN M 76 -25.50 -34.04 9.74
CA ASN M 76 -26.15 -32.74 9.74
C ASN M 76 -25.44 -31.74 10.65
N LYS M 77 -24.19 -32.00 11.00
CA LYS M 77 -23.41 -31.11 11.84
C LYS M 77 -21.98 -31.06 11.35
N ALA M 78 -21.30 -29.96 11.64
CA ALA M 78 -19.91 -29.82 11.25
C ALA M 78 -19.05 -30.84 11.97
N ASN M 79 -18.10 -31.42 11.23
CA ASN M 79 -17.21 -32.45 11.75
C ASN M 79 -15.92 -31.77 12.21
N LEU M 80 -15.81 -31.59 13.52
CA LEU M 80 -14.66 -30.97 14.13
C LEU M 80 -13.75 -31.95 14.83
N LYS M 81 -14.19 -33.20 14.99
CA LYS M 81 -13.38 -34.25 15.59
C LYS M 81 -13.56 -35.54 14.82
N THR M 82 -12.53 -36.38 14.88
CA THR M 82 -12.57 -37.74 14.38
C THR M 82 -12.38 -38.69 15.54
N LEU M 83 -12.62 -39.97 15.27
CA LEU M 83 -12.40 -41.05 16.23
C LEU M 83 -11.29 -41.93 15.66
N PRO M 84 -10.04 -41.51 15.78
CA PRO M 84 -8.95 -42.21 15.10
C PRO M 84 -8.61 -43.52 15.77
N VAL M 85 -7.89 -44.35 15.02
CA VAL M 85 -7.41 -45.62 15.56
C VAL M 85 -6.27 -45.33 16.53
N ASN M 86 -5.87 -46.33 17.30
CA ASN M 86 -4.81 -46.13 18.27
C ASN M 86 -3.50 -45.72 17.58
N HIS M 87 -2.84 -44.72 18.14
CA HIS M 87 -1.59 -44.21 17.59
C HIS M 87 -0.47 -45.19 17.91
N LEU M 88 -0.18 -46.10 16.97
CA LEU M 88 0.86 -47.09 17.17
C LEU M 88 2.25 -46.50 17.23
N GLY M 89 2.46 -45.31 16.66
CA GLY M 89 3.76 -44.69 16.69
C GLY M 89 4.19 -44.28 18.08
N LYS M 90 3.23 -44.02 18.97
CA LYS M 90 3.57 -43.64 20.34
C LYS M 90 4.18 -44.80 21.11
N LEU M 91 3.97 -46.03 20.64
CA LEU M 91 4.51 -47.18 21.36
C LEU M 91 6.02 -47.26 21.22
N ALA M 92 6.57 -46.76 20.11
CA ALA M 92 8.01 -46.77 19.88
C ALA M 92 8.74 -45.65 20.59
N GLU M 93 8.02 -44.77 21.28
CA GLU M 93 8.67 -43.71 22.04
C GLU M 93 9.14 -44.18 23.40
N LEU M 94 8.65 -45.31 23.88
CA LEU M 94 9.10 -45.88 25.14
C LEU M 94 10.49 -46.43 24.97
N LYS M 95 11.43 -45.94 25.79
CA LYS M 95 12.82 -46.32 25.63
C LYS M 95 13.13 -47.67 26.28
N PHE M 96 12.43 -47.99 27.36
CA PHE M 96 12.70 -49.23 28.07
C PHE M 96 12.16 -50.43 27.28
N ASP M 97 12.53 -51.61 27.75
CA ASP M 97 12.12 -52.86 27.12
C ASP M 97 10.81 -53.33 27.71
N PHE M 98 9.93 -53.82 26.84
CA PHE M 98 8.62 -54.30 27.26
C PHE M 98 8.13 -55.32 26.24
N VAL M 99 7.16 -56.12 26.67
CA VAL M 99 6.55 -57.14 25.83
C VAL M 99 5.12 -56.73 25.53
N GLU M 100 4.82 -56.52 24.26
CA GLU M 100 3.48 -56.15 23.81
C GLU M 100 3.11 -57.01 22.61
N TYR M 101 1.92 -57.60 22.65
CA TYR M 101 1.46 -58.42 21.56
C TYR M 101 0.65 -57.59 20.59
N LYS M 102 0.74 -57.93 19.31
CA LYS M 102 0.00 -57.21 18.29
C LYS M 102 -1.50 -57.43 18.38
N ALA M 103 -1.94 -58.50 19.04
CA ALA M 103 -3.35 -58.80 19.12
C ALA M 103 -4.12 -57.88 20.07
N HIS M 104 -3.43 -56.94 20.72
CA HIS M 104 -4.07 -56.04 21.67
C HIS M 104 -4.00 -54.57 21.27
N GLN M 105 -3.35 -54.25 20.15
CA GLN M 105 -3.07 -52.86 19.81
C GLN M 105 -4.18 -52.18 19.04
N LEU M 106 -5.11 -52.94 18.48
CA LEU M 106 -6.15 -52.34 17.64
C LEU M 106 -7.41 -51.99 18.42
N ILE M 107 -7.73 -52.74 19.47
CA ILE M 107 -8.94 -52.45 20.23
C ILE M 107 -8.82 -51.07 20.86
N ALA M 108 -9.94 -50.35 20.87
CA ALA M 108 -9.92 -48.92 21.18
C ALA M 108 -9.44 -48.64 22.59
N CYS M 109 -8.51 -47.70 22.69
CA CYS M 109 -8.07 -47.10 23.95
C CYS M 109 -7.26 -48.04 24.82
N HIS M 110 -7.14 -49.31 24.44
CA HIS M 110 -6.48 -50.29 25.30
C HIS M 110 -4.96 -50.21 25.19
N LEU M 111 -4.43 -49.89 24.01
CA LEU M 111 -2.99 -49.77 23.87
C LEU M 111 -2.43 -48.68 24.76
N TYR M 112 -3.12 -47.53 24.83
CA TYR M 112 -2.67 -46.45 25.69
C TYR M 112 -2.69 -46.86 27.14
N GLU M 113 -3.65 -47.71 27.53
CA GLU M 113 -3.71 -48.19 28.90
C GLU M 113 -2.54 -49.11 29.22
N ARG M 114 -2.23 -50.04 28.30
CA ARG M 114 -1.11 -50.94 28.52
C ARG M 114 0.21 -50.20 28.54
N MET M 115 0.32 -49.13 27.73
CA MET M 115 1.51 -48.28 27.80
C MET M 115 1.61 -47.59 29.16
N THR M 116 0.49 -47.15 29.70
CA THR M 116 0.51 -46.49 31.00
C THR M 116 0.95 -47.45 32.09
N ILE M 117 0.51 -48.71 32.02
CA ILE M 117 0.93 -49.71 32.99
C ILE M 117 2.40 -50.02 32.86
N HIS M 118 2.90 -50.11 31.62
CA HIS M 118 4.32 -50.34 31.41
C HIS M 118 5.14 -49.19 31.95
N CYS M 119 4.68 -47.96 31.77
CA CYS M 119 5.40 -46.80 32.27
C CYS M 119 5.30 -46.71 33.79
N MET M 120 4.15 -47.05 34.36
CA MET M 120 4.00 -47.04 35.81
C MET M 120 4.66 -48.23 36.49
N ASN M 121 5.13 -49.22 35.73
CA ASN M 121 5.90 -50.31 36.30
C ASN M 121 7.39 -50.03 36.22
N GLN M 122 7.85 -49.55 35.06
CA GLN M 122 9.24 -49.16 34.92
C GLN M 122 9.55 -48.01 35.88
N TYR M 123 8.83 -46.90 35.70
CA TYR M 123 8.92 -45.77 36.60
C TYR M 123 7.77 -45.85 37.58
N GLY M 124 7.74 -44.91 38.51
CA GLY M 124 6.67 -44.86 39.49
C GLY M 124 5.59 -43.89 39.13
N LEU M 125 5.27 -43.01 40.07
CA LEU M 125 4.35 -41.90 39.86
C LEU M 125 4.95 -40.58 40.32
N PHE M 126 6.25 -40.54 40.63
CA PHE M 126 6.87 -39.37 41.24
C PHE M 126 8.22 -39.11 40.58
N LYS M 127 8.30 -38.03 39.81
CA LYS M 127 9.57 -37.47 39.34
C LYS M 127 10.29 -38.36 38.33
N ASP M 128 9.78 -39.55 38.09
CA ASP M 128 10.31 -40.44 37.06
C ASP M 128 9.27 -40.75 36.00
N PHE M 129 8.00 -40.81 36.37
CA PHE M 129 6.92 -40.96 35.41
C PHE M 129 6.70 -39.69 34.61
N TYR M 130 7.17 -38.55 35.12
CA TYR M 130 6.91 -37.26 34.49
C TYR M 130 7.95 -37.03 33.38
N ARG M 131 7.74 -37.75 32.29
CA ARG M 131 8.51 -37.66 31.07
C ARG M 131 7.53 -37.63 29.91
N PRO M 132 7.89 -37.00 28.79
CA PRO M 132 6.89 -36.75 27.75
C PRO M 132 6.24 -38.00 27.19
N GLU M 133 7.00 -39.09 27.05
CA GLU M 133 6.44 -40.30 26.46
C GLU M 133 5.44 -40.99 27.38
N CYS M 134 5.60 -40.84 28.69
CA CYS M 134 4.72 -41.52 29.63
C CYS M 134 3.49 -40.70 29.97
N LEU M 135 3.61 -39.38 30.00
CA LEU M 135 2.45 -38.53 30.29
C LEU M 135 1.47 -38.48 29.11
N ASP M 136 1.97 -38.56 27.88
CA ASP M 136 1.09 -38.61 26.72
C ASP M 136 0.30 -39.91 26.66
N ALA M 137 0.89 -41.00 27.14
CA ALA M 137 0.18 -42.27 27.16
C ALA M 137 -0.97 -42.22 28.15
N GLN M 138 -0.73 -41.64 29.33
CA GLN M 138 -1.79 -41.50 30.32
C GLN M 138 -2.84 -40.50 29.87
N TYR M 139 -2.44 -39.44 29.18
CA TYR M 139 -3.40 -38.46 28.70
C TYR M 139 -4.24 -39.01 27.56
N TYR M 140 -3.62 -39.75 26.64
CA TYR M 140 -4.37 -40.36 25.54
C TYR M 140 -5.35 -41.40 26.05
N PHE M 141 -4.96 -42.19 27.05
CA PHE M 141 -5.85 -43.19 27.61
C PHE M 141 -7.05 -42.55 28.29
N LYS M 142 -6.83 -41.50 29.06
CA LYS M 142 -7.92 -40.82 29.73
C LYS M 142 -8.82 -40.12 28.72
N THR M 143 -8.24 -39.53 27.67
CA THR M 143 -9.03 -38.83 26.67
C THR M 143 -9.77 -39.81 25.76
N CYS M 144 -9.15 -40.96 25.46
CA CYS M 144 -9.78 -41.93 24.57
C CYS M 144 -11.04 -42.51 25.18
N VAL M 145 -10.97 -42.92 26.45
CA VAL M 145 -12.14 -43.50 27.11
C VAL M 145 -13.21 -42.45 27.37
N GLU M 146 -12.84 -41.18 27.42
CA GLU M 146 -13.85 -40.13 27.59
C GLU M 146 -14.59 -39.86 26.28
N LEU M 147 -13.86 -39.80 25.16
CA LEU M 147 -14.51 -39.60 23.88
C LEU M 147 -15.35 -40.81 23.49
N ASN M 148 -14.79 -42.01 23.68
CA ASN M 148 -15.51 -43.21 23.29
C ASN M 148 -16.76 -43.43 24.14
N ALA M 149 -16.73 -43.01 25.40
CA ALA M 149 -17.94 -43.06 26.20
C ALA M 149 -18.97 -42.06 25.70
N ALA M 150 -18.51 -40.90 25.23
CA ALA M 150 -19.43 -39.90 24.71
C ALA M 150 -19.96 -40.30 23.34
N TYR M 151 -19.09 -40.81 22.45
CA TYR M 151 -19.56 -41.26 21.15
C TYR M 151 -20.42 -42.51 21.26
N GLY M 152 -20.15 -43.35 22.26
CA GLY M 152 -20.95 -44.55 22.43
C GLY M 152 -22.37 -44.23 22.88
N ILE M 153 -22.50 -43.27 23.80
CA ILE M 153 -23.82 -42.85 24.25
C ILE M 153 -24.55 -42.13 23.13
N GLN M 154 -23.83 -41.29 22.39
CA GLN M 154 -24.44 -40.61 21.25
C GLN M 154 -24.80 -41.60 20.14
N LYS M 155 -24.09 -42.71 20.06
CA LYS M 155 -24.42 -43.76 19.11
C LYS M 155 -25.64 -44.57 19.54
N LYS M 156 -25.92 -44.61 20.83
CA LYS M 156 -27.04 -45.40 21.35
C LYS M 156 -28.33 -44.60 21.33
N PHE M 157 -28.28 -43.35 21.81
CA PHE M 157 -29.48 -42.55 21.94
C PHE M 157 -29.63 -41.50 20.83
N PHE M 158 -28.59 -41.27 20.03
CA PHE M 158 -28.68 -40.35 18.89
C PHE M 158 -28.09 -41.01 17.66
N PRO M 159 -28.65 -42.13 17.22
CA PRO M 159 -28.08 -42.81 16.05
C PRO M 159 -28.26 -42.04 14.76
N GLU M 160 -29.28 -41.19 14.68
CA GLU M 160 -29.57 -40.43 13.47
C GLU M 160 -28.66 -39.22 13.28
N HIS M 161 -27.66 -39.02 14.15
CA HIS M 161 -26.73 -37.92 13.99
C HIS M 161 -25.56 -38.26 13.09
N PHE M 162 -25.33 -39.54 12.84
CA PHE M 162 -24.13 -40.02 12.17
C PHE M 162 -24.39 -40.41 10.72
N VAL M 163 -23.33 -40.32 9.93
CA VAL M 163 -23.38 -40.77 8.54
C VAL M 163 -23.55 -42.27 8.52
N GLY M 164 -24.41 -42.74 7.61
CA GLY M 164 -24.69 -44.15 7.46
C GLY M 164 -25.97 -44.60 8.12
N SER M 165 -26.54 -43.79 8.99
CA SER M 165 -27.79 -44.17 9.61
C SER M 165 -28.94 -43.89 8.64
N PRO M 166 -29.91 -44.81 8.54
CA PRO M 166 -31.06 -44.57 7.67
C PRO M 166 -32.01 -43.51 8.20
N TYR M 167 -31.83 -43.06 9.42
CA TYR M 167 -32.68 -42.03 10.00
C TYR M 167 -32.04 -40.65 9.94
N ALA M 168 -30.78 -40.55 9.53
CA ALA M 168 -30.17 -39.24 9.33
C ALA M 168 -30.88 -38.49 8.22
N ARG M 169 -31.18 -39.17 7.12
CA ARG M 169 -32.04 -38.63 6.07
C ARG M 169 -33.01 -39.74 5.67
N PRO M 170 -34.20 -39.77 6.27
CA PRO M 170 -35.12 -40.88 6.04
C PRO M 170 -35.62 -40.90 4.61
N VAL M 171 -35.54 -42.06 3.98
CA VAL M 171 -36.16 -42.27 2.67
C VAL M 171 -37.66 -42.51 2.86
N PRO M 172 -38.52 -41.81 2.12
CA PRO M 172 -39.95 -41.97 2.34
C PRO M 172 -40.48 -43.29 1.82
N GLN M 173 -41.59 -43.72 2.42
CA GLN M 173 -42.31 -44.88 1.91
C GLN M 173 -42.95 -44.53 0.57
N PHE M 174 -43.28 -45.57 -0.21
CA PHE M 174 -43.85 -45.33 -1.52
C PHE M 174 -45.24 -44.74 -1.43
N GLN M 175 -45.95 -44.99 -0.34
CA GLN M 175 -47.29 -44.44 -0.16
C GLN M 175 -47.27 -42.93 0.01
N GLN M 176 -46.13 -42.35 0.36
CA GLN M 176 -46.02 -40.92 0.55
C GLN M 176 -45.77 -40.18 -0.75
N LEU M 177 -45.50 -40.89 -1.83
CA LEU M 177 -45.21 -40.26 -3.12
C LEU M 177 -46.47 -39.93 -3.90
N GLY M 178 -47.61 -40.50 -3.54
CA GLY M 178 -48.86 -40.20 -4.21
C GLY M 178 -48.91 -40.65 -5.65
N LEU M 179 -48.30 -41.79 -5.97
CA LEU M 179 -48.33 -42.33 -7.32
C LEU M 179 -49.29 -43.51 -7.41
N MET N 55 -31.29 -14.78 5.16
CA MET N 55 -32.15 -13.82 5.84
C MET N 55 -31.30 -12.72 6.48
N GLN N 56 -31.81 -11.50 6.53
CA GLN N 56 -31.03 -10.40 7.09
C GLN N 56 -30.58 -10.72 8.50
N ASN N 57 -29.30 -10.47 8.77
CA ASN N 57 -28.74 -10.82 10.07
C ASN N 57 -29.37 -9.98 11.18
N THR N 58 -29.72 -8.74 10.89
CA THR N 58 -30.41 -7.88 11.83
C THR N 58 -31.92 -7.93 11.56
N THR N 59 -32.50 -9.05 11.94
CA THR N 59 -33.94 -9.28 11.80
C THR N 59 -34.49 -9.72 13.14
N ASN N 60 -35.49 -8.99 13.63
CA ASN N 60 -36.14 -9.33 14.88
C ASN N 60 -37.65 -9.35 14.67
N ILE N 61 -38.33 -10.15 15.47
CA ILE N 61 -39.78 -10.19 15.49
C ILE N 61 -40.22 -9.70 16.86
N VAL N 62 -41.04 -8.64 16.89
CA VAL N 62 -41.48 -8.03 18.13
C VAL N 62 -42.98 -8.24 18.26
N HIS N 63 -43.43 -8.57 19.47
CA HIS N 63 -44.83 -8.86 19.71
C HIS N 63 -45.61 -7.68 20.26
N VAL N 64 -44.93 -6.62 20.70
CA VAL N 64 -45.62 -5.43 21.21
C VAL N 64 -45.35 -4.27 20.26
N PRO N 65 -46.27 -3.31 20.15
CA PRO N 65 -46.05 -2.20 19.21
C PRO N 65 -44.93 -1.27 19.67
N VAL N 66 -44.16 -0.79 18.69
CA VAL N 66 -43.11 0.18 18.92
C VAL N 66 -43.24 1.28 17.87
N HIS N 67 -42.66 2.44 18.17
CA HIS N 67 -42.66 3.55 17.23
C HIS N 67 -41.23 4.02 17.00
N MET N 68 -40.85 4.14 15.75
CA MET N 68 -39.51 4.53 15.36
C MET N 68 -39.41 6.03 15.12
N GLY N 69 -38.20 6.56 15.36
CA GLY N 69 -37.97 7.97 15.14
C GLY N 69 -37.74 8.28 13.67
N HIS N 70 -38.31 9.39 13.23
CA HIS N 70 -38.13 9.88 11.87
C HIS N 70 -37.07 10.99 11.86
N THR N 71 -35.85 10.59 12.22
CA THR N 71 -34.73 11.49 12.33
C THR N 71 -33.60 11.04 11.41
N HIS N 72 -32.93 12.01 10.79
CA HIS N 72 -31.82 11.69 9.92
C HIS N 72 -30.62 11.22 10.73
N TYR N 73 -29.88 10.27 10.16
CA TYR N 73 -28.65 9.71 10.70
C TYR N 73 -28.86 8.88 11.95
N PHE N 74 -30.09 8.72 12.43
CA PHE N 74 -30.36 7.96 13.64
C PHE N 74 -31.53 7.01 13.42
N ASP N 75 -31.51 5.91 14.17
CA ASP N 75 -32.53 4.88 14.08
C ASP N 75 -32.73 4.32 15.48
N TYR N 76 -33.92 4.54 16.04
CA TYR N 76 -34.19 4.11 17.41
C TYR N 76 -35.68 4.10 17.65
N ILE N 77 -36.06 3.56 18.81
CA ILE N 77 -37.44 3.54 19.25
C ILE N 77 -37.66 4.75 20.16
N ASP N 78 -38.41 5.72 19.67
CA ASP N 78 -38.61 6.96 20.41
C ASP N 78 -39.77 6.89 21.40
N SER N 79 -40.73 6.00 21.20
CA SER N 79 -41.87 5.93 22.10
C SER N 79 -42.58 4.61 21.94
N PHE N 80 -43.37 4.27 22.96
CA PHE N 80 -44.24 3.10 22.93
C PHE N 80 -45.69 3.55 22.93
N PRO N 81 -46.54 3.02 22.07
CA PRO N 81 -47.94 3.47 22.05
C PRO N 81 -48.67 3.15 23.34
N LYS N 82 -49.44 4.13 23.82
CA LYS N 82 -50.27 3.99 25.01
C LYS N 82 -49.45 3.64 26.23
N LEU N 83 -48.27 4.22 26.34
CA LEU N 83 -47.40 4.01 27.50
C LEU N 83 -47.85 4.92 28.64
N LYS N 84 -48.38 4.32 29.69
CA LYS N 84 -48.82 5.05 30.86
C LYS N 84 -47.73 5.05 31.92
N GLU N 85 -47.53 6.19 32.55
CA GLU N 85 -46.56 6.31 33.62
C GLU N 85 -47.25 6.04 34.95
N GLY N 86 -46.74 5.07 35.69
CA GLY N 86 -47.26 4.80 37.01
C GLY N 86 -46.72 5.78 38.03
N PRO N 87 -46.83 5.42 39.30
CA PRO N 87 -46.28 6.27 40.36
C PRO N 87 -44.75 6.32 40.30
N THR N 88 -44.21 7.40 40.85
CA THR N 88 -42.77 7.59 40.83
C THR N 88 -42.08 6.59 41.74
N LEU N 89 -40.75 6.60 41.69
CA LEU N 89 -39.96 5.75 42.57
C LEU N 89 -40.14 6.14 44.03
N GLU N 90 -40.44 7.41 44.28
CA GLU N 90 -40.69 7.86 45.65
C GLU N 90 -42.10 7.52 46.10
N GLU N 91 -43.09 7.62 45.22
CA GLU N 91 -44.45 7.23 45.59
C GLU N 91 -44.56 5.74 45.84
N ASN N 92 -43.85 4.93 45.05
CA ASN N 92 -43.84 3.49 45.29
C ASN N 92 -43.12 3.16 46.59
N HIS N 93 -42.07 3.90 46.91
CA HIS N 93 -41.33 3.65 48.15
C HIS N 93 -42.22 3.89 49.36
N ILE N 94 -42.94 5.00 49.37
CA ILE N 94 -43.84 5.28 50.49
C ILE N 94 -44.93 4.23 50.57
N THR N 95 -45.39 3.75 49.42
CA THR N 95 -46.40 2.70 49.41
C THR N 95 -45.85 1.41 50.02
N ASN N 96 -44.62 1.05 49.69
CA ASN N 96 -44.03 -0.17 50.22
C ASN N 96 -43.69 -0.04 51.69
N GLN N 97 -43.30 1.15 52.14
CA GLN N 97 -42.99 1.34 53.56
C GLN N 97 -44.22 1.09 54.42
N LYS N 98 -45.40 1.47 53.95
CA LYS N 98 -46.62 1.23 54.71
C LYS N 98 -46.93 -0.26 54.79
N ILE N 99 -46.62 -1.01 53.74
CA ILE N 99 -46.86 -2.45 53.77
C ILE N 99 -45.83 -3.12 54.65
N LEU N 100 -44.58 -2.69 54.58
CA LEU N 100 -43.53 -3.28 55.41
C LEU N 100 -43.67 -2.91 56.87
N ARG N 101 -44.25 -1.74 57.17
CA ARG N 101 -44.41 -1.33 58.55
C ARG N 101 -45.46 -2.17 59.25
N GLU N 102 -46.59 -2.40 58.60
CA GLU N 102 -47.65 -3.22 59.18
C GLU N 102 -47.20 -4.67 59.34
N GLN N 103 -46.38 -5.15 58.39
CA GLN N 103 -45.85 -6.50 58.47
C GLN N 103 -44.83 -6.63 59.59
N LEU N 104 -44.16 -5.53 59.94
CA LEU N 104 -43.17 -5.56 61.01
C LEU N 104 -43.83 -5.49 62.39
N ILE N 105 -44.91 -4.73 62.49
CA ILE N 105 -45.57 -4.50 63.77
C ILE N 105 -46.59 -5.59 64.08
N SER N 106 -47.41 -5.95 63.09
CA SER N 106 -48.53 -6.85 63.31
C SER N 106 -48.42 -8.18 62.58
N GLY N 107 -47.32 -8.45 61.86
CA GLY N 107 -47.24 -9.67 61.09
C GLY N 107 -46.05 -10.54 61.40
N GLN N 108 -45.66 -10.61 62.67
CA GLN N 108 -44.52 -11.40 63.09
C GLN N 108 -44.85 -12.51 64.06
N GLN N 109 -46.06 -12.55 64.61
CA GLN N 109 -46.42 -13.63 65.52
C GLN N 109 -46.85 -14.85 64.73
N GLY N 110 -46.44 -16.03 65.21
CA GLY N 110 -46.72 -17.25 64.50
C GLY N 110 -46.01 -17.35 63.17
N LEU N 111 -44.89 -16.66 63.03
CA LEU N 111 -44.19 -16.64 61.74
C LEU N 111 -43.29 -17.86 61.57
N GLU N 112 -42.75 -18.37 62.67
CA GLU N 112 -41.84 -19.52 62.58
C GLU N 112 -42.55 -20.74 62.04
N GLN N 113 -43.84 -20.90 62.36
CA GLN N 113 -44.57 -22.06 61.88
C GLN N 113 -44.88 -21.96 60.39
N ASN N 114 -45.21 -20.76 59.92
CA ASN N 114 -45.53 -20.58 58.51
C ASN N 114 -44.29 -20.70 57.63
N LEU N 115 -43.13 -20.29 58.14
CA LEU N 115 -41.90 -20.43 57.38
C LEU N 115 -41.51 -21.89 57.22
N CYS N 116 -41.78 -22.72 58.22
CA CYS N 116 -41.49 -24.14 58.09
C CYS N 116 -42.42 -24.79 57.06
N LEU N 117 -43.69 -24.39 57.04
CA LEU N 117 -44.59 -24.90 56.04
C LEU N 117 -44.17 -24.48 54.64
N ARG N 118 -43.63 -23.27 54.51
CA ARG N 118 -43.22 -22.80 53.19
C ARG N 118 -41.97 -23.52 52.71
N ASN N 119 -41.03 -23.77 53.62
CA ASN N 119 -39.81 -24.45 53.24
C ASN N 119 -40.07 -25.91 52.90
N CYS N 120 -41.07 -26.53 53.53
CA CYS N 120 -41.39 -27.92 53.24
C CYS N 120 -42.01 -28.05 51.85
N PHE N 121 -42.81 -27.08 51.45
CA PHE N 121 -43.50 -27.13 50.17
C PHE N 121 -42.61 -26.79 48.98
N LYS N 122 -41.34 -26.44 49.22
CA LYS N 122 -40.41 -26.21 48.13
C LYS N 122 -39.63 -27.46 47.77
N LEU N 123 -40.02 -28.61 48.30
CA LEU N 123 -39.35 -29.86 47.99
C LEU N 123 -39.84 -30.41 46.66
N SER N 124 -39.05 -31.33 46.10
CA SER N 124 -39.32 -31.82 44.76
C SER N 124 -40.53 -32.76 44.74
N GLN N 125 -40.52 -33.77 45.60
CA GLN N 125 -41.55 -34.79 45.60
C GLN N 125 -42.55 -34.55 46.73
N LYS N 126 -43.78 -35.01 46.51
CA LYS N 126 -44.82 -34.84 47.51
C LYS N 126 -44.55 -35.67 48.75
N ARG N 127 -44.01 -36.88 48.57
CA ARG N 127 -43.73 -37.73 49.71
C ARG N 127 -42.66 -37.14 50.61
N TYR N 128 -41.77 -36.32 50.07
CA TYR N 128 -40.80 -35.62 50.88
C TYR N 128 -41.42 -34.42 51.59
N ILE N 129 -42.43 -33.79 50.97
CA ILE N 129 -43.17 -32.72 51.62
C ILE N 129 -43.92 -33.26 52.83
N GLU N 130 -44.58 -34.40 52.68
CA GLU N 130 -45.29 -35.01 53.79
C GLU N 130 -44.34 -35.43 54.90
N PHE N 131 -43.14 -35.88 54.54
CA PHE N 131 -42.14 -36.20 55.54
C PHE N 131 -41.64 -34.94 56.24
N CYS N 132 -41.50 -33.85 55.48
CA CYS N 132 -41.05 -32.59 56.09
C CYS N 132 -42.09 -32.03 57.04
N LEU N 133 -43.36 -32.08 56.65
CA LEU N 133 -44.43 -31.56 57.50
C LEU N 133 -44.56 -32.38 58.78
N ASP N 134 -44.41 -33.70 58.67
CA ASP N 134 -44.57 -34.56 59.82
C ASP N 134 -43.36 -34.50 60.75
N ARG N 135 -42.17 -34.33 60.18
CA ARG N 135 -40.93 -34.35 60.94
C ARG N 135 -40.58 -32.97 61.51
N LYS N 136 -40.79 -31.90 60.74
CA LYS N 136 -40.34 -30.58 61.14
C LYS N 136 -41.45 -29.64 61.58
N CYS N 137 -42.67 -29.80 61.07
CA CYS N 137 -43.76 -28.88 61.36
C CYS N 137 -44.72 -29.40 62.42
N GLY N 138 -44.28 -30.32 63.29
CA GLY N 138 -45.15 -30.81 64.33
C GLY N 138 -46.30 -31.67 63.86
N GLY N 139 -46.18 -32.31 62.71
CA GLY N 139 -47.22 -33.19 62.21
C GLY N 139 -48.39 -32.48 61.57
N ALA N 140 -48.11 -31.57 60.65
CA ALA N 140 -49.17 -30.86 59.96
C ALA N 140 -49.70 -31.68 58.78
N ASP N 141 -50.92 -31.36 58.38
CA ASP N 141 -51.56 -32.03 57.26
C ASP N 141 -51.21 -31.34 55.95
N PHE N 142 -51.13 -32.14 54.88
CA PHE N 142 -50.74 -31.60 53.59
C PHE N 142 -51.76 -30.58 53.08
N GLN N 143 -53.03 -30.97 53.01
CA GLN N 143 -54.06 -30.07 52.50
C GLN N 143 -54.35 -28.94 53.49
N ARG N 144 -54.16 -29.17 54.78
CA ARG N 144 -54.42 -28.14 55.76
C ARG N 144 -53.35 -27.06 55.71
N ALA N 145 -52.09 -27.45 55.52
CA ALA N 145 -51.02 -26.47 55.37
C ALA N 145 -51.06 -25.79 54.00
N ALA N 146 -51.55 -26.49 52.98
CA ALA N 146 -51.66 -25.86 51.66
C ALA N 146 -52.73 -24.78 51.65
N THR N 147 -53.75 -24.91 52.50
CA THR N 147 -54.77 -23.87 52.60
C THR N 147 -54.26 -22.66 53.36
N ILE N 148 -53.41 -22.89 54.36
CA ILE N 148 -52.83 -21.78 55.11
C ILE N 148 -51.95 -20.93 54.21
N LEU N 149 -51.08 -21.58 53.44
CA LEU N 149 -50.18 -20.87 52.55
C LEU N 149 -50.88 -20.29 51.32
N GLY N 150 -52.11 -20.70 51.06
CA GLY N 150 -52.86 -20.17 49.94
C GLY N 150 -52.66 -20.89 48.63
N TYR N 151 -52.35 -22.19 48.67
CA TYR N 151 -52.14 -22.96 47.46
C TYR N 151 -53.37 -23.74 47.04
N THR N 152 -54.43 -23.70 47.84
CA THR N 152 -55.66 -24.43 47.55
C THR N 152 -56.61 -23.57 46.75
N LYS N 153 -57.25 -24.19 45.75
CA LYS N 153 -58.24 -23.49 44.93
C LYS N 153 -59.61 -23.52 45.60
N SER O 2 -37.14 11.20 56.54
CA SER O 2 -37.16 11.37 57.99
C SER O 2 -36.40 10.24 58.66
N ASN O 3 -35.12 10.46 58.89
CA ASN O 3 -34.22 9.49 59.52
C ASN O 3 -33.79 10.07 60.87
N ILE O 4 -34.60 9.83 61.89
CA ILE O 4 -34.34 10.34 63.23
C ILE O 4 -34.53 9.21 64.23
N PHE O 5 -33.56 9.03 65.13
CA PHE O 5 -33.65 8.07 66.21
C PHE O 5 -34.20 8.77 67.45
N LEU O 6 -35.29 8.24 67.98
CA LEU O 6 -35.97 8.82 69.15
C LEU O 6 -35.57 8.08 70.41
N GLU O 7 -35.46 8.81 71.51
CA GLU O 7 -35.19 8.25 72.83
C GLU O 7 -36.36 8.63 73.72
N LEU O 8 -37.26 7.67 73.95
CA LEU O 8 -38.49 7.90 74.70
C LEU O 8 -38.38 7.39 76.12
N GLN O 9 -39.13 8.02 77.01
CA GLN O 9 -39.15 7.67 78.43
C GLN O 9 -40.36 6.79 78.71
N ASP O 10 -40.12 5.48 78.85
CA ASP O 10 -41.18 4.52 79.16
C ASP O 10 -41.11 4.25 80.66
N GLY O 11 -41.67 5.15 81.44
CA GLY O 11 -41.60 5.03 82.88
C GLY O 11 -40.18 5.14 83.39
N ASP O 12 -39.64 4.03 83.90
CA ASP O 12 -38.26 3.99 84.35
C ASP O 12 -37.31 3.59 83.23
N LYS O 13 -37.77 2.82 82.26
CA LYS O 13 -36.94 2.44 81.13
C LYS O 13 -36.79 3.61 80.16
N THR O 14 -35.64 3.64 79.48
CA THR O 14 -35.39 4.59 78.40
C THR O 14 -35.37 3.78 77.11
N VAL O 15 -36.47 3.85 76.36
CA VAL O 15 -36.65 3.07 75.16
C VAL O 15 -36.26 3.88 73.94
N TYR O 16 -36.02 3.19 72.84
CA TYR O 16 -35.55 3.81 71.60
C TYR O 16 -36.41 3.33 70.43
N THR O 17 -36.50 4.19 69.41
CA THR O 17 -37.23 3.85 68.20
C THR O 17 -36.70 4.73 67.07
N HIS O 18 -37.23 4.50 65.86
CA HIS O 18 -36.87 5.25 64.68
C HIS O 18 -38.13 5.79 64.02
N THR O 19 -38.01 6.99 63.44
CA THR O 19 -39.18 7.64 62.85
C THR O 19 -39.75 6.87 61.65
N SER O 20 -38.95 6.01 61.02
CA SER O 20 -39.45 5.22 59.91
C SER O 20 -40.47 4.19 60.36
N LEU O 21 -40.54 3.91 61.65
CA LEU O 21 -41.51 2.98 62.21
C LEU O 21 -42.84 3.65 62.51
N ILE O 22 -42.95 4.95 62.25
CA ILE O 22 -44.17 5.71 62.46
C ILE O 22 -44.78 6.03 61.10
N GLU O 23 -46.10 6.14 61.07
CA GLU O 23 -46.78 6.44 59.82
C GLU O 23 -46.32 7.79 59.28
N GLU O 24 -46.40 7.94 57.95
CA GLU O 24 -45.89 9.13 57.30
C GLU O 24 -46.68 10.39 57.69
N SER O 25 -47.92 10.23 58.13
CA SER O 25 -48.72 11.37 58.54
C SER O 25 -48.12 12.06 59.77
N LYS O 26 -47.50 11.30 60.65
CA LYS O 26 -46.89 11.85 61.86
C LYS O 26 -45.39 12.09 61.71
N GLN O 27 -44.73 11.46 60.75
CA GLN O 27 -43.33 11.78 60.49
C GLN O 27 -43.17 13.22 60.07
N GLU O 28 -44.13 13.76 59.32
CA GLU O 28 -44.07 15.15 58.91
C GLU O 28 -44.21 16.09 60.10
N GLN O 29 -45.05 15.74 61.07
CA GLN O 29 -45.18 16.59 62.25
C GLN O 29 -43.94 16.52 63.13
N ILE O 30 -43.27 15.38 63.16
CA ILE O 30 -42.02 15.27 63.93
C ILE O 30 -40.90 16.02 63.23
N GLN O 31 -40.79 15.86 61.91
CA GLN O 31 -39.75 16.56 61.18
C GLN O 31 -39.95 18.06 61.24
N ALA O 32 -41.19 18.52 61.31
CA ALA O 32 -41.45 19.95 61.41
C ALA O 32 -40.97 20.51 62.75
N ILE O 33 -40.97 19.70 63.80
CA ILE O 33 -40.50 20.16 65.09
C ILE O 33 -38.98 20.24 65.12
N TYR O 34 -38.31 19.24 64.56
CA TYR O 34 -36.85 19.29 64.50
C TYR O 34 -36.36 20.34 63.53
N ASP O 35 -37.22 20.85 62.64
CA ASP O 35 -36.84 21.92 61.74
C ASP O 35 -36.93 23.29 62.39
N LYS O 36 -37.69 23.42 63.48
CA LYS O 36 -37.80 24.69 64.20
C LYS O 36 -36.80 24.82 65.33
N VAL O 37 -36.01 23.78 65.60
CA VAL O 37 -34.97 23.85 66.63
C VAL O 37 -33.86 24.80 66.21
N PRO O 38 -33.34 24.71 64.98
CA PRO O 38 -32.33 25.69 64.58
C PRO O 38 -32.87 27.11 64.50
N GLN O 39 -34.16 27.28 64.22
CA GLN O 39 -34.73 28.62 64.23
C GLN O 39 -34.78 29.20 65.64
N TRP O 40 -34.98 28.34 66.64
CA TRP O 40 -34.92 28.78 68.03
C TRP O 40 -33.50 28.86 68.54
N THR O 41 -32.62 27.99 68.03
CA THR O 41 -31.22 28.00 68.45
C THR O 41 -30.50 29.22 67.91
N ASN O 42 -30.61 29.46 66.59
CA ASN O 42 -29.97 30.62 66.00
C ASN O 42 -30.59 31.91 66.50
N GLY O 43 -31.91 31.92 66.71
CA GLY O 43 -32.55 33.10 67.25
C GLY O 43 -32.10 33.42 68.67
N GLY O 44 -31.92 32.39 69.49
CA GLY O 44 -31.41 32.61 70.83
C GLY O 44 -29.96 33.04 70.85
N ARG O 45 -29.17 32.59 69.87
CA ARG O 45 -27.79 33.04 69.76
C ARG O 45 -27.71 34.53 69.47
N PHE O 46 -28.68 35.07 68.74
CA PHE O 46 -28.68 36.49 68.43
C PHE O 46 -28.97 37.31 69.67
N LEU O 47 -29.98 36.92 70.44
CA LEU O 47 -30.29 37.63 71.69
C LEU O 47 -29.13 37.55 72.66
N GLY O 48 -28.52 36.37 72.79
CA GLY O 48 -27.35 36.25 73.63
C GLY O 48 -26.19 37.09 73.14
N PHE O 49 -26.10 37.28 71.82
CA PHE O 49 -25.07 38.15 71.27
C PHE O 49 -25.45 39.63 71.39
N TRP O 50 -26.73 39.95 71.26
CA TRP O 50 -27.15 41.34 71.33
C TRP O 50 -27.08 41.86 72.76
N LEU O 51 -27.72 41.16 73.70
CA LEU O 51 -27.74 41.62 75.09
C LEU O 51 -26.34 41.69 75.67
N SER O 52 -25.46 40.79 75.24
CA SER O 52 -24.09 40.80 75.75
C SER O 52 -23.31 41.99 75.21
N MET O 53 -23.47 42.30 73.92
CA MET O 53 -22.81 43.46 73.35
C MET O 53 -23.34 44.76 73.96
N GLU O 54 -24.63 44.80 74.30
CA GLU O 54 -25.19 45.98 74.93
C GLU O 54 -24.68 46.17 76.36
N ALA O 55 -24.22 45.10 77.00
CA ALA O 55 -23.77 45.18 78.38
C ALA O 55 -22.28 45.46 78.50
N VAL O 56 -21.47 44.94 77.55
CA VAL O 56 -20.02 45.13 77.62
C VAL O 56 -19.61 46.49 77.07
N ASN O 57 -20.54 47.26 76.55
CA ASN O 57 -20.29 48.59 76.00
C ASN O 57 -20.97 49.69 76.79
N ARG O 58 -22.28 49.58 77.03
CA ARG O 58 -23.01 50.67 77.66
C ARG O 58 -22.83 50.68 79.17
N VAL O 59 -22.62 49.51 79.78
CA VAL O 59 -22.38 49.44 81.22
C VAL O 59 -20.91 49.78 81.45
N GLN O 60 -20.66 50.93 82.07
CA GLN O 60 -19.28 51.37 82.26
C GLN O 60 -18.66 50.70 83.49
N SER O 61 -18.79 49.38 83.58
CA SER O 61 -18.06 48.60 84.56
C SER O 61 -17.40 47.41 83.88
N VAL O 62 -17.97 46.97 82.76
CA VAL O 62 -17.42 45.90 81.96
C VAL O 62 -16.62 46.50 80.82
N ALA O 63 -16.98 47.72 80.42
CA ALA O 63 -16.27 48.39 79.34
C ALA O 63 -14.85 48.73 79.75
N LYS O 64 -14.63 48.99 81.04
CA LYS O 64 -13.29 49.25 81.57
C LYS O 64 -12.57 47.95 81.90
N LEU O 65 -12.50 47.05 80.92
CA LEU O 65 -11.87 45.75 81.09
C LEU O 65 -11.10 45.43 79.82
N PRO O 66 -10.15 44.50 79.91
CA PRO O 66 -9.46 44.05 78.70
C PRO O 66 -10.44 43.50 77.67
N ILE O 67 -10.08 43.66 76.40
CA ILE O 67 -10.96 43.24 75.32
C ILE O 67 -11.14 41.72 75.35
N TYR O 68 -10.12 40.99 75.77
CA TYR O 68 -10.20 39.54 75.81
C TYR O 68 -11.24 39.06 76.81
N TYR O 69 -11.41 39.76 77.94
CA TYR O 69 -12.47 39.43 78.87
C TYR O 69 -13.83 39.84 78.33
N ARG O 70 -13.90 40.97 77.63
CA ARG O 70 -15.16 41.44 77.07
C ARG O 70 -15.62 40.53 75.94
N ALA O 71 -14.68 40.06 75.10
CA ALA O 71 -15.05 39.17 74.01
C ALA O 71 -15.47 37.80 74.52
N GLY O 72 -14.89 37.35 75.62
CA GLY O 72 -15.28 36.06 76.18
C GLY O 72 -16.71 36.06 76.71
N ILE O 73 -17.16 37.19 77.25
CA ILE O 73 -18.53 37.29 77.73
C ILE O 73 -19.51 37.20 76.58
N VAL O 74 -19.25 37.95 75.50
CA VAL O 74 -20.12 37.90 74.34
C VAL O 74 -20.08 36.52 73.69
N ALA O 75 -18.91 35.89 73.68
CA ALA O 75 -18.82 34.55 73.12
C ALA O 75 -19.56 33.54 73.98
N THR O 76 -19.43 33.65 75.30
CA THR O 76 -20.13 32.73 76.19
C THR O 76 -21.63 32.97 76.17
N SER O 77 -22.05 34.24 76.21
CA SER O 77 -23.48 34.54 76.20
C SER O 77 -24.13 34.22 74.87
N THR O 78 -23.34 34.10 73.80
CA THR O 78 -23.90 33.82 72.48
C THR O 78 -24.39 32.37 72.39
N LEU O 79 -23.50 31.41 72.65
CA LEU O 79 -23.90 30.01 72.58
C LEU O 79 -24.75 29.60 73.77
N LEU O 80 -24.60 30.30 74.90
CA LEU O 80 -25.47 30.01 76.03
C LEU O 80 -26.90 30.45 75.76
N GLY O 81 -27.09 31.53 75.01
CA GLY O 81 -28.42 31.93 74.61
C GLY O 81 -29.09 30.98 73.64
N GLY O 82 -28.30 30.21 72.89
CA GLY O 82 -28.85 29.22 71.99
C GLY O 82 -29.21 27.93 72.70
N LEU O 83 -28.41 27.56 73.70
CA LEU O 83 -28.72 26.35 74.46
C LEU O 83 -29.95 26.54 75.32
N VAL O 84 -30.15 27.75 75.83
CA VAL O 84 -31.33 28.02 76.65
C VAL O 84 -32.59 28.02 75.79
N SER O 85 -32.53 28.66 74.62
CA SER O 85 -33.70 28.70 73.75
C SER O 85 -34.07 27.32 73.24
N SER O 86 -33.08 26.45 73.06
CA SER O 86 -33.37 25.07 72.66
C SER O 86 -34.08 24.32 73.76
N LEU O 87 -33.73 24.59 75.02
CA LEU O 87 -34.42 23.95 76.13
C LEU O 87 -35.86 24.44 76.25
N VAL O 88 -36.07 25.75 76.12
CA VAL O 88 -37.42 26.29 76.18
C VAL O 88 -38.27 25.72 75.06
N PHE O 89 -37.68 25.44 73.91
CA PHE O 89 -38.42 24.88 72.81
C PHE O 89 -38.91 23.48 73.12
N TRP O 90 -38.00 22.61 73.59
CA TRP O 90 -38.39 21.23 73.86
C TRP O 90 -39.23 21.12 75.12
N LYS O 91 -38.78 21.75 76.20
CA LYS O 91 -39.44 21.59 77.49
C LYS O 91 -40.84 22.19 77.51
N SER O 92 -41.13 23.17 76.66
CA SER O 92 -42.45 23.79 76.68
C SER O 92 -43.54 22.79 76.33
N GLY O 93 -43.59 22.34 75.08
CA GLY O 93 -44.56 21.34 74.70
C GLY O 93 -44.10 20.42 73.58
N ASN O 94 -42.84 20.52 73.18
CA ASN O 94 -42.36 19.81 72.01
C ASN O 94 -41.71 18.47 72.35
N GLU O 95 -40.98 18.39 73.47
CA GLU O 95 -40.43 17.11 73.87
C GLU O 95 -41.52 16.13 74.23
N ASN O 96 -42.67 16.63 74.69
CA ASN O 96 -43.82 15.77 74.97
C ASN O 96 -44.69 15.55 73.74
N GLN O 97 -44.63 16.43 72.76
CA GLN O 97 -45.42 16.26 71.54
C GLN O 97 -44.87 15.14 70.68
N VAL O 98 -43.55 15.04 70.58
CA VAL O 98 -42.96 13.95 69.81
C VAL O 98 -43.21 12.61 70.49
N ALA O 99 -43.31 12.62 71.82
CA ALA O 99 -43.65 11.39 72.53
C ALA O 99 -45.07 10.96 72.24
N LYS O 100 -45.99 11.92 72.14
CA LYS O 100 -47.36 11.59 71.80
C LYS O 100 -47.47 11.19 70.33
N LEU O 101 -46.67 11.81 69.46
CA LEU O 101 -46.70 11.45 68.05
C LEU O 101 -46.13 10.06 67.80
N ALA O 102 -45.29 9.56 68.71
CA ALA O 102 -44.73 8.23 68.60
C ALA O 102 -45.62 7.18 69.26
N ASN O 103 -46.88 7.49 69.52
CA ASN O 103 -47.77 6.54 70.16
C ASN O 103 -48.17 5.49 69.13
N GLY O 104 -48.01 4.22 69.49
CA GLY O 104 -48.29 3.12 68.60
C GLY O 104 -47.07 2.58 67.88
N ALA O 105 -45.93 3.25 67.99
CA ALA O 105 -44.73 2.77 67.33
C ALA O 105 -44.00 1.76 68.21
N PRO O 106 -43.38 0.76 67.61
CA PRO O 106 -42.61 -0.21 68.40
C PRO O 106 -41.32 0.39 68.92
N VAL O 107 -40.99 0.06 70.16
CA VAL O 107 -39.79 0.55 70.80
C VAL O 107 -38.90 -0.63 71.16
N TYR O 108 -37.66 -0.32 71.49
CA TYR O 108 -36.63 -1.31 71.78
C TYR O 108 -35.86 -0.89 73.01
N LEU O 109 -35.30 -1.87 73.72
CA LEU O 109 -34.58 -1.58 74.94
C LEU O 109 -33.22 -0.97 74.67
N LYS O 110 -32.58 -1.36 73.57
CA LYS O 110 -31.27 -0.84 73.20
C LYS O 110 -31.33 -0.19 71.82
N LYS O 111 -30.55 0.88 71.67
CA LYS O 111 -30.55 1.62 70.41
C LYS O 111 -30.01 0.76 69.27
N TRP O 112 -29.09 -0.16 69.57
CA TRP O 112 -28.51 -1.01 68.54
C TRP O 112 -29.53 -1.95 67.93
N GLU O 113 -30.62 -2.23 68.63
CA GLU O 113 -31.65 -3.14 68.16
C GLU O 113 -32.69 -2.47 67.28
N VAL O 114 -32.62 -1.16 67.15
CA VAL O 114 -33.63 -0.40 66.39
C VAL O 114 -33.36 -0.49 64.90
N PRO O 115 -34.27 -1.04 64.11
CA PRO O 115 -34.06 -1.09 62.66
C PRO O 115 -34.59 0.13 61.93
N GLU O 116 -33.98 0.39 60.78
CA GLU O 116 -34.44 1.43 59.88
C GLU O 116 -35.24 0.75 58.77
N LEU O 117 -36.51 1.13 58.64
CA LEU O 117 -37.40 0.44 57.72
C LEU O 117 -36.92 0.57 56.28
N SER O 118 -36.27 1.66 55.94
CA SER O 118 -35.73 1.86 54.60
C SER O 118 -34.48 1.04 54.34
N LYS O 119 -33.85 0.50 55.37
CA LYS O 119 -32.64 -0.30 55.23
C LYS O 119 -32.90 -1.79 55.29
N LEU O 120 -34.14 -2.20 55.54
CA LEU O 120 -34.46 -3.62 55.66
C LEU O 120 -34.51 -4.28 54.30
N TYR O 121 -34.17 -5.56 54.27
CA TYR O 121 -34.21 -6.35 53.05
C TYR O 121 -35.61 -6.90 52.86
N PHE O 122 -36.10 -6.82 51.62
CA PHE O 122 -37.43 -7.33 51.31
C PHE O 122 -37.42 -7.87 49.90
N PHE O 123 -38.50 -8.56 49.55
CA PHE O 123 -38.66 -9.13 48.23
C PHE O 123 -40.12 -9.00 47.80
N LEU O 124 -40.36 -9.19 46.51
CA LEU O 124 -41.70 -9.15 45.95
C LEU O 124 -42.27 -10.56 45.95
N ASP O 125 -43.26 -10.80 46.81
CA ASP O 125 -43.77 -12.14 47.03
C ASP O 125 -44.71 -12.53 45.91
N ASP O 126 -44.31 -13.50 45.09
CA ASP O 126 -45.15 -13.95 44.00
C ASP O 126 -46.46 -14.53 44.51
N ASP O 127 -46.45 -15.15 45.68
CA ASP O 127 -47.64 -15.75 46.26
C ASP O 127 -48.60 -14.75 46.87
N ASN O 128 -48.28 -13.46 46.82
CA ASN O 128 -49.12 -12.43 47.42
C ASN O 128 -49.19 -11.23 46.49
N ASN O 129 -49.41 -11.49 45.21
CA ASN O 129 -49.57 -10.45 44.20
C ASN O 129 -48.35 -9.55 44.12
N PHE O 130 -47.17 -10.12 44.35
CA PHE O 130 -45.91 -9.40 44.25
C PHE O 130 -45.85 -8.21 45.19
N LYS O 131 -46.49 -8.31 46.35
CA LYS O 131 -46.34 -7.26 47.33
C LYS O 131 -45.00 -7.38 48.04
N PRO O 132 -44.43 -6.25 48.46
CA PRO O 132 -43.18 -6.32 49.23
C PRO O 132 -43.39 -7.00 50.56
N SER O 133 -42.47 -7.92 50.90
CA SER O 133 -42.59 -8.73 52.09
C SER O 133 -41.25 -8.82 52.80
N LEU O 134 -41.28 -8.61 54.11
CA LEU O 134 -40.09 -8.78 54.93
C LEU O 134 -39.77 -10.24 55.21
N ASN O 135 -40.74 -11.12 55.03
CA ASN O 135 -40.55 -12.55 55.33
C ASN O 135 -39.99 -13.26 54.10
N HIS O 136 -38.75 -12.89 53.77
CA HIS O 136 -38.11 -13.49 52.61
C HIS O 136 -37.66 -14.91 52.93
N HIS O 137 -37.21 -15.61 51.89
CA HIS O 137 -36.90 -17.03 51.99
C HIS O 137 -35.65 -17.33 52.78
N ALA O 138 -35.00 -16.32 53.35
CA ALA O 138 -33.85 -16.51 54.23
C ALA O 138 -34.15 -16.21 55.68
N VAL O 139 -35.37 -15.80 55.99
CA VAL O 139 -35.78 -15.50 57.35
C VAL O 139 -36.00 -16.80 58.11
N THR O 140 -35.63 -16.80 59.39
CA THR O 140 -35.75 -17.99 60.23
C THR O 140 -36.73 -17.83 61.38
N GLN O 141 -36.64 -16.75 62.15
CA GLN O 141 -37.41 -16.62 63.38
C GLN O 141 -38.42 -15.48 63.35
N GLY O 142 -37.99 -14.25 63.11
CA GLY O 142 -38.86 -13.11 63.21
C GLY O 142 -38.13 -11.93 63.83
N ARG O 143 -38.89 -10.86 64.08
CA ARG O 143 -38.35 -9.59 64.56
C ARG O 143 -38.44 -9.46 66.08
N GLN O 144 -39.65 -9.54 66.63
CA GLN O 144 -39.87 -9.62 68.08
C GLN O 144 -39.31 -8.38 68.80
N TYR O 145 -39.94 -7.25 68.53
CA TYR O 145 -39.59 -6.01 69.22
C TYR O 145 -39.98 -6.11 70.69
N TYR O 146 -39.66 -5.05 71.44
CA TYR O 146 -39.89 -5.05 72.88
C TYR O 146 -41.35 -4.81 73.22
N LYS O 147 -41.89 -3.65 72.83
CA LYS O 147 -43.30 -3.33 73.11
C LYS O 147 -43.73 -2.18 72.22
N ILE O 148 -45.04 -1.94 72.21
CA ILE O 148 -45.63 -0.81 71.52
C ILE O 148 -45.70 0.37 72.47
N TYR O 149 -45.16 1.51 72.05
CA TYR O 149 -45.11 2.69 72.90
C TYR O 149 -46.51 3.24 73.14
N GLN O 150 -46.75 3.68 74.38
CA GLN O 150 -48.03 4.23 74.79
C GLN O 150 -47.80 5.53 75.54
N HIS O 151 -48.44 6.60 75.09
CA HIS O 151 -48.32 7.90 75.73
C HIS O 151 -49.66 8.63 75.74
N LEU P 45 24.93 42.52 64.83
CA LEU P 45 25.97 43.49 65.13
C LEU P 45 27.29 43.12 64.44
N THR P 46 27.37 41.88 63.97
CA THR P 46 28.57 41.37 63.32
C THR P 46 28.37 41.29 61.82
N GLN P 47 29.45 41.52 61.08
CA GLN P 47 29.43 41.47 59.62
C GLN P 47 30.70 40.82 59.13
N TYR P 48 30.63 40.29 57.91
CA TYR P 48 31.79 39.70 57.26
C TYR P 48 32.68 40.79 56.68
N VAL P 49 33.97 40.68 56.92
CA VAL P 49 34.96 41.59 56.34
C VAL P 49 36.06 40.72 55.74
N GLU P 50 36.07 40.62 54.41
CA GLU P 50 37.08 39.82 53.70
C GLU P 50 37.06 38.37 54.16
N GLY P 51 35.85 37.86 54.42
CA GLY P 51 35.67 36.48 54.82
C GLY P 51 35.74 36.23 56.30
N GLN P 52 36.02 37.25 57.11
CA GLN P 52 36.11 37.12 58.55
C GLN P 52 35.00 37.89 59.23
N ILE P 53 34.40 37.26 60.24
CA ILE P 53 33.31 37.88 61.00
C ILE P 53 33.91 38.87 61.99
N VAL P 54 33.59 40.15 61.81
CA VAL P 54 34.09 41.23 62.64
C VAL P 54 32.91 41.99 63.20
N ASN P 55 32.96 42.29 64.50
CA ASN P 55 31.88 43.02 65.14
C ASN P 55 31.86 44.46 64.64
N ARG P 56 30.70 44.92 64.20
CA ARG P 56 30.56 46.28 63.71
C ARG P 56 30.36 47.23 64.88
N ASN P 57 31.09 48.32 64.89
CA ASN P 57 30.98 49.34 65.93
C ASN P 57 30.26 50.56 65.38
N GLN P 58 29.54 51.24 66.26
CA GLN P 58 28.74 52.41 65.90
C GLN P 58 29.38 53.67 66.48
N LEU P 59 29.19 54.77 65.77
CA LEU P 59 29.73 56.07 66.16
C LEU P 59 28.62 56.97 66.67
N THR P 60 28.99 57.87 67.57
CA THR P 60 28.09 58.93 68.05
C THR P 60 28.88 60.23 68.01
N LEU P 61 28.52 61.11 67.08
CA LEU P 61 29.32 62.29 66.78
C LEU P 61 29.06 63.40 67.79
N LYS P 62 27.84 63.93 67.81
CA LYS P 62 27.42 64.93 68.79
C LYS P 62 28.38 66.12 68.82
N LYS P 63 28.96 66.47 67.68
CA LYS P 63 29.85 67.61 67.61
C LYS P 63 30.07 67.99 66.16
N GLN P 64 30.05 69.30 65.88
CA GLN P 64 30.09 69.78 64.51
C GLN P 64 31.41 69.42 63.82
N GLU P 65 32.53 69.54 64.54
CA GLU P 65 33.83 69.23 63.95
C GLU P 65 33.96 67.76 63.61
N ASP P 66 33.33 66.89 64.39
CA ASP P 66 33.42 65.45 64.13
C ASP P 66 32.54 65.01 62.97
N ILE P 67 31.43 65.72 62.75
CA ILE P 67 30.55 65.37 61.64
C ILE P 67 31.20 65.69 60.31
N GLU P 68 31.88 66.83 60.21
CA GLU P 68 32.55 67.19 58.97
C GLU P 68 33.69 66.22 58.65
N GLN P 69 34.43 65.80 59.68
CA GLN P 69 35.52 64.86 59.45
C GLN P 69 34.99 63.49 59.02
N TYR P 70 33.86 63.07 59.59
CA TYR P 70 33.31 61.76 59.22
C TYR P 70 32.80 61.77 57.79
N VAL P 71 32.10 62.83 57.38
CA VAL P 71 31.53 62.86 56.04
C VAL P 71 32.64 62.90 54.99
N LEU P 72 33.69 63.67 55.25
CA LEU P 72 34.82 63.72 54.33
C LEU P 72 35.49 62.36 54.22
N LYS P 73 35.73 61.71 55.36
CA LYS P 73 36.28 60.36 55.33
C LYS P 73 35.31 59.39 54.66
N LEU P 74 34.01 59.60 54.83
CA LEU P 74 33.02 58.75 54.19
C LEU P 74 33.07 58.89 52.68
N VAL P 75 33.06 60.14 52.19
CA VAL P 75 33.03 60.38 50.75
C VAL P 75 34.35 60.02 50.12
N ARG P 76 35.46 60.29 50.82
CA ARG P 76 36.75 59.92 50.26
C ARG P 76 36.92 58.42 50.18
N GLY P 77 36.31 57.68 51.11
CA GLY P 77 36.43 56.23 51.09
C GLY P 77 35.69 55.56 49.95
N TYR P 78 34.77 56.28 49.32
CA TYR P 78 34.01 55.69 48.22
C TYR P 78 34.91 55.57 46.99
N PHE P 79 34.84 54.41 46.34
CA PHE P 79 35.75 54.09 45.25
C PHE P 79 35.48 54.88 43.98
N ARG P 80 34.33 55.53 43.86
CA ARG P 80 34.02 56.33 42.69
C ARG P 80 34.37 57.80 42.85
N THR P 81 34.78 58.22 44.04
CA THR P 81 35.06 59.63 44.29
C THR P 81 36.36 60.06 43.64
N THR P 82 36.29 61.14 42.85
CA THR P 82 37.48 61.72 42.23
C THR P 82 37.90 62.97 42.97
N ASN P 83 39.19 63.29 42.87
CA ASN P 83 39.78 64.48 43.49
C ASN P 83 39.49 64.50 44.99
N LYS P 84 39.99 63.47 45.67
CA LYS P 84 39.65 63.29 47.08
C LYS P 84 40.21 64.39 47.96
N GLN P 85 41.35 64.96 47.60
CA GLN P 85 41.93 66.03 48.41
C GLN P 85 41.30 67.38 48.10
N GLY P 86 40.80 67.57 46.89
CA GLY P 86 40.06 68.75 46.56
C GLY P 86 38.68 68.81 47.16
N LEU P 87 38.29 67.75 47.87
CA LEU P 87 36.97 67.69 48.50
C LEU P 87 36.97 68.51 49.77
N ASN P 88 35.96 69.37 49.92
CA ASN P 88 35.83 70.22 51.09
C ASN P 88 34.37 70.22 51.51
N ILE P 89 34.04 71.13 52.41
CA ILE P 89 32.68 71.18 52.96
C ILE P 89 31.69 71.66 51.90
N ASN P 90 32.13 72.52 50.99
CA ASN P 90 31.26 73.09 49.97
C ASN P 90 31.43 72.40 48.62
N SER P 91 31.80 71.12 48.61
CA SER P 91 32.06 70.39 47.39
C SER P 91 30.79 69.71 46.91
N VAL P 92 30.41 69.98 45.65
CA VAL P 92 29.28 69.31 45.05
C VAL P 92 29.71 67.91 44.64
N LEU P 93 28.92 66.91 45.02
CA LEU P 93 29.27 65.53 44.72
C LEU P 93 29.33 65.26 43.22
N GLN P 94 28.58 66.04 42.43
CA GLN P 94 28.63 65.88 40.99
C GLN P 94 30.01 66.21 40.44
N ASP P 95 30.70 67.17 41.05
CA ASP P 95 32.03 67.56 40.60
C ASP P 95 33.08 66.53 40.95
N HIS P 96 32.73 65.46 41.65
CA HIS P 96 33.67 64.43 42.04
C HIS P 96 33.24 63.05 41.53
N GLY P 97 32.51 63.02 40.42
CA GLY P 97 32.16 61.76 39.79
C GLY P 97 31.05 60.99 40.46
N LEU P 98 30.15 61.65 41.17
CA LEU P 98 29.08 61.00 41.90
C LEU P 98 27.73 61.43 41.35
N ASP P 99 26.82 60.47 41.22
CA ASP P 99 25.48 60.71 40.73
C ASP P 99 24.46 60.34 41.81
N GLU P 100 23.18 60.32 41.42
CA GLU P 100 22.11 60.03 42.37
C GLU P 100 22.28 58.66 43.02
N PHE P 101 22.76 57.69 42.25
CA PHE P 101 22.90 56.34 42.79
C PHE P 101 24.07 56.23 43.75
N ASP P 102 25.09 57.06 43.56
CA ASP P 102 26.21 57.05 44.50
C ASP P 102 25.82 57.67 45.84
N SER P 103 24.89 58.61 45.83
CA SER P 103 24.38 59.17 47.08
C SER P 103 23.60 58.13 47.87
N ILE P 104 22.96 57.18 47.20
CA ILE P 104 22.27 56.10 47.90
C ILE P 104 23.28 55.20 48.60
N GLU P 105 24.37 54.87 47.92
CA GLU P 105 25.41 54.05 48.53
C GLU P 105 26.06 54.77 49.70
N LEU P 106 26.22 56.08 49.60
CA LEU P 106 26.77 56.84 50.72
C LEU P 106 25.80 56.90 51.88
N ALA P 107 24.51 57.10 51.59
CA ALA P 107 23.51 57.10 52.64
C ALA P 107 23.41 55.73 53.29
N MET P 108 23.56 54.67 52.50
CA MET P 108 23.56 53.32 53.04
C MET P 108 24.73 53.11 53.99
N GLN P 109 25.86 53.75 53.72
CA GLN P 109 27.01 53.61 54.61
C GLN P 109 26.82 54.40 55.90
N VAL P 110 26.08 55.51 55.83
CA VAL P 110 25.77 56.28 57.04
C VAL P 110 24.90 55.46 57.98
N GLU P 111 23.95 54.70 57.43
CA GLU P 111 23.14 53.83 58.28
C GLU P 111 23.99 52.74 58.93
N GLU P 112 25.05 52.30 58.26
CA GLU P 112 25.91 51.27 58.82
C GLU P 112 26.75 51.82 59.96
N ASP P 113 27.28 53.03 59.82
CA ASP P 113 28.20 53.56 60.80
C ASP P 113 27.48 54.19 61.98
N LEU P 114 26.35 54.86 61.73
CA LEU P 114 25.67 55.62 62.77
C LEU P 114 24.41 54.94 63.27
N GLY P 115 23.94 53.89 62.61
CA GLY P 115 22.72 53.21 63.01
C GLY P 115 21.45 53.92 62.62
N TYR P 116 21.52 54.86 61.69
CA TYR P 116 20.33 55.58 61.25
C TYR P 116 19.47 54.70 60.36
N VAL P 117 18.20 55.09 60.23
CA VAL P 117 17.27 54.49 59.29
C VAL P 117 16.77 55.62 58.41
N ILE P 118 17.44 55.85 57.29
CA ILE P 118 17.17 56.98 56.42
C ILE P 118 16.10 56.58 55.41
N SER P 119 15.05 57.37 55.33
CA SER P 119 13.97 57.08 54.40
C SER P 119 14.40 57.37 52.96
N ALA P 120 13.66 56.76 52.03
CA ALA P 120 13.94 56.96 50.61
C ALA P 120 13.60 58.37 50.15
N GLU P 121 12.82 59.11 50.93
CA GLU P 121 12.47 60.48 50.56
C GLU P 121 13.57 61.47 50.85
N THR P 122 14.48 61.14 51.76
CA THR P 122 15.56 62.04 52.15
C THR P 122 16.80 61.88 51.30
N ILE P 123 17.05 60.67 50.81
CA ILE P 123 18.29 60.40 50.08
C ILE P 123 18.46 61.32 48.88
N PRO P 124 17.47 61.52 48.02
CA PRO P 124 17.71 62.28 46.79
C PRO P 124 18.02 63.75 46.99
N VAL P 125 18.01 64.27 48.22
CA VAL P 125 18.37 65.66 48.46
C VAL P 125 19.78 65.80 49.00
N LEU P 126 20.50 64.70 49.17
CA LEU P 126 21.88 64.72 49.65
C LEU P 126 22.81 64.74 48.45
N ASN P 127 23.15 65.94 47.99
CA ASN P 127 23.99 66.11 46.82
C ASN P 127 25.27 66.88 47.10
N LYS P 128 25.49 67.30 48.34
CA LYS P 128 26.71 68.01 48.69
C LYS P 128 27.21 67.49 50.03
N VAL P 129 28.46 67.83 50.34
CA VAL P 129 29.04 67.46 51.63
C VAL P 129 28.34 68.19 52.76
N LYS P 130 27.92 69.43 52.51
CA LYS P 130 27.18 70.20 53.49
C LYS P 130 25.83 69.58 53.80
N HIS P 131 25.20 68.93 52.82
CA HIS P 131 23.90 68.33 53.03
C HIS P 131 23.96 67.16 54.00
N PHE P 132 25.02 66.36 53.91
CA PHE P 132 25.19 65.26 54.85
C PHE P 132 25.46 65.77 56.25
N VAL P 133 26.23 66.85 56.38
CA VAL P 133 26.51 67.40 57.70
C VAL P 133 25.27 67.98 58.34
N ASN P 134 24.45 68.69 57.57
CA ASN P 134 23.24 69.28 58.13
C ASN P 134 22.20 68.22 58.45
N TYR P 135 22.12 67.17 57.64
CA TYR P 135 21.15 66.12 57.91
C TYR P 135 21.50 65.37 59.19
N ILE P 136 22.78 65.07 59.39
CA ILE P 136 23.20 64.40 60.61
C ILE P 136 22.90 65.27 61.82
N ASN P 137 23.09 66.58 61.70
CA ASN P 137 22.76 67.49 62.78
C ASN P 137 21.28 67.50 63.09
N HIS P 138 20.45 67.51 62.04
CA HIS P 138 19.01 67.50 62.22
C HIS P 138 18.52 66.22 62.88
N VAL P 139 19.17 65.10 62.59
CA VAL P 139 18.76 63.83 63.19
C VAL P 139 19.13 63.82 64.67
N GLU P 140 20.31 64.32 65.01
CA GLU P 140 20.71 64.36 66.41
C GLU P 140 19.86 65.35 67.19
N GLN P 141 19.50 66.47 66.57
CA GLN P 141 18.63 67.43 67.26
C GLN P 141 17.23 66.85 67.43
N PHE P 142 16.74 66.10 66.44
CA PHE P 142 15.41 65.53 66.53
C PHE P 142 15.32 64.51 67.65
N LYS P 143 16.33 63.65 67.78
CA LYS P 143 16.31 62.64 68.83
C LYS P 143 16.55 63.26 70.20
N ALA P 144 17.28 64.38 70.26
CA ALA P 144 17.50 65.06 71.53
C ALA P 144 16.29 65.84 71.99
N GLU P 145 15.37 66.18 71.08
CA GLU P 145 14.17 66.94 71.41
C GLU P 145 12.94 66.06 71.50
N ASN P 146 12.78 65.12 70.58
CA ASN P 146 11.60 64.28 70.51
C ASN P 146 11.81 62.91 71.17
N GLY P 147 13.05 62.56 71.48
CA GLY P 147 13.34 61.29 72.12
C GLY P 147 13.15 60.07 71.25
N LYS P 148 12.98 60.25 69.94
CA LYS P 148 12.79 59.13 69.04
C LYS P 148 13.47 59.43 67.71
N ALA P 149 13.64 58.38 66.92
CA ALA P 149 14.24 58.54 65.61
C ALA P 149 13.22 59.17 64.65
N PRO P 150 13.68 59.92 63.65
CA PRO P 150 12.76 60.46 62.67
C PRO P 150 12.05 59.37 61.89
N ILE P 151 10.93 59.74 61.27
CA ILE P 151 10.12 58.75 60.56
C ILE P 151 10.94 58.22 59.39
N ALA P 152 10.88 56.90 59.20
CA ALA P 152 11.64 56.26 58.15
C ALA P 152 10.74 55.83 57.01
N PRO Q 5 36.97 0.19 40.81
CA PRO Q 5 37.67 -1.09 40.66
C PRO Q 5 38.60 -1.12 39.46
N LYS Q 6 39.65 -1.94 39.54
CA LYS Q 6 40.60 -2.05 38.46
C LYS Q 6 40.02 -2.87 37.30
N ILE Q 7 40.32 -2.42 36.08
CA ILE Q 7 39.83 -3.05 34.86
C ILE Q 7 41.01 -3.72 34.17
N VAL Q 8 40.87 -5.01 33.86
CA VAL Q 8 41.95 -5.73 33.23
C VAL Q 8 42.13 -5.24 31.80
N ASN Q 9 43.36 -4.89 31.45
CA ASN Q 9 43.66 -4.35 30.13
C ASN Q 9 44.36 -5.41 29.28
N PRO Q 10 43.80 -5.80 28.13
CA PRO Q 10 44.51 -6.76 27.28
C PRO Q 10 45.80 -6.21 26.72
N GLN Q 11 45.99 -4.90 26.76
CA GLN Q 11 47.19 -4.24 26.26
C GLN Q 11 47.43 -4.55 24.78
N LEU Q 12 46.34 -4.61 24.01
CA LEU Q 12 46.46 -4.83 22.58
C LEU Q 12 46.91 -3.58 21.86
N TRP Q 13 46.72 -2.40 22.46
CA TRP Q 13 47.22 -1.14 21.93
C TRP Q 13 47.56 -0.24 23.11
N PRO Q 14 48.54 0.64 22.95
CA PRO Q 14 48.90 1.57 24.04
C PRO Q 14 47.88 2.68 24.13
N ASN Q 15 47.46 3.00 25.34
CA ASN Q 15 46.51 4.08 25.50
C ASN Q 15 47.22 5.42 25.32
N PRO Q 16 46.50 6.46 24.89
CA PRO Q 16 47.12 7.77 24.74
C PRO Q 16 47.52 8.36 26.08
N ASN Q 17 48.55 9.20 26.05
CA ASN Q 17 49.02 9.85 27.26
C ASN Q 17 47.95 10.79 27.81
N LYS Q 18 47.71 10.72 29.11
CA LYS Q 18 46.69 11.54 29.74
C LYS Q 18 47.01 13.02 29.62
N LEU Q 19 48.29 13.38 29.68
CA LEU Q 19 48.68 14.78 29.57
C LEU Q 19 48.52 15.30 28.16
N ARG Q 20 48.81 14.45 27.17
CA ARG Q 20 48.69 14.87 25.78
C ARG Q 20 47.24 14.83 25.32
N PHE Q 21 46.47 13.85 25.80
CA PHE Q 21 45.08 13.65 25.42
C PHE Q 21 44.25 13.58 26.69
N ALA Q 22 43.82 14.74 27.20
CA ALA Q 22 43.07 14.78 28.44
C ALA Q 22 41.56 14.63 28.23
N ASP Q 23 41.06 15.06 27.08
CA ASP Q 23 39.63 15.01 26.82
C ASP Q 23 39.08 13.59 26.74
N LEU Q 24 39.94 12.62 26.42
CA LEU Q 24 39.50 11.24 26.25
C LEU Q 24 39.18 10.56 27.56
N TYR Q 25 39.56 11.15 28.70
CA TYR Q 25 39.39 10.52 30.01
C TYR Q 25 38.38 11.24 30.89
N LYS Q 26 37.67 12.24 30.38
CA LYS Q 26 36.85 13.10 31.23
C LYS Q 26 35.40 12.62 31.36
N TYR Q 27 34.88 11.90 30.38
CA TYR Q 27 33.44 11.64 30.35
C TYR Q 27 33.00 10.80 31.55
N GLN Q 28 33.84 9.85 31.96
CA GLN Q 28 33.46 8.98 33.08
C GLN Q 28 33.25 9.78 34.35
N GLY Q 29 34.07 10.80 34.58
CA GLY Q 29 33.99 11.55 35.82
C GLY Q 29 32.77 12.45 35.89
N VAL Q 30 32.47 13.15 34.79
CA VAL Q 30 31.34 14.07 34.80
C VAL Q 30 30.04 13.30 34.87
N GLU Q 31 30.05 12.02 34.50
CA GLU Q 31 28.84 11.21 34.56
C GLU Q 31 28.49 10.86 36.01
N MET Q 32 29.50 10.45 36.78
CA MET Q 32 29.28 10.17 38.20
C MET Q 32 29.03 11.45 38.97
N LYS Q 33 29.56 12.57 38.49
CA LYS Q 33 29.32 13.86 39.15
C LYS Q 33 27.86 14.25 39.06
N LYS Q 34 27.21 13.93 37.94
CA LYS Q 34 25.79 14.19 37.81
C LYS Q 34 24.98 13.36 38.80
N ILE Q 35 25.36 12.11 39.00
CA ILE Q 35 24.64 11.25 39.93
C ILE Q 35 24.81 11.74 41.36
N ASN Q 36 25.99 12.24 41.70
CA ASN Q 36 26.20 12.77 43.04
C ASN Q 36 25.32 13.98 43.32
N ASP Q 37 25.07 14.80 42.30
CA ASP Q 37 24.17 15.93 42.48
C ASP Q 37 22.74 15.47 42.68
N SER Q 38 22.36 14.36 42.06
CA SER Q 38 21.01 13.83 42.24
C SER Q 38 20.83 13.23 43.63
N ILE Q 39 21.89 12.61 44.17
CA ILE Q 39 21.81 12.03 45.50
C ILE Q 39 21.66 13.12 46.55
N LYS Q 40 22.27 14.28 46.32
CA LYS Q 40 22.09 15.40 47.24
C LYS Q 40 20.63 15.82 47.30
N ASN Q 41 19.91 15.72 46.19
CA ASN Q 41 18.49 16.03 46.18
C ASN Q 41 17.68 14.93 46.87
N TYR Q 42 18.07 13.67 46.70
CA TYR Q 42 17.36 12.58 47.35
C TYR Q 42 17.46 12.68 48.86
N LYS Q 43 18.66 13.00 49.37
CA LYS Q 43 18.85 13.08 50.80
C LYS Q 43 18.16 14.31 51.39
N ALA Q 44 18.20 15.44 50.68
CA ALA Q 44 17.59 16.66 51.19
C ALA Q 44 16.07 16.56 51.23
N ALA Q 45 15.49 15.63 50.47
CA ALA Q 45 14.05 15.44 50.38
C ALA Q 45 13.53 14.41 51.38
N LYS Q 46 14.33 14.07 52.39
CA LYS Q 46 13.92 13.02 53.32
C LYS Q 46 12.79 13.50 54.23
N PHE Q 47 12.83 14.77 54.66
CA PHE Q 47 11.83 15.28 55.57
C PHE Q 47 10.52 15.61 54.87
N TYR Q 48 10.60 16.07 53.62
CA TYR Q 48 9.41 16.37 52.85
C TYR Q 48 8.65 15.10 52.50
N ILE Q 49 9.36 14.10 51.98
CA ILE Q 49 8.72 12.84 51.64
C ILE Q 49 8.26 12.12 52.90
N GLY Q 50 9.08 12.14 53.95
CA GLY Q 50 8.70 11.49 55.19
C GLY Q 50 7.49 12.13 55.85
N GLY Q 51 7.39 13.45 55.77
CA GLY Q 51 6.22 14.12 56.32
C GLY Q 51 4.95 13.76 55.60
N ILE Q 52 5.03 13.55 54.29
CA ILE Q 52 3.87 13.11 53.53
C ILE Q 52 3.50 11.68 53.89
N LEU Q 53 4.50 10.79 53.98
CA LEU Q 53 4.23 9.41 54.37
C LEU Q 53 3.71 9.35 55.79
N GLY Q 54 4.20 10.23 56.66
CA GLY Q 54 3.66 10.30 58.01
C GLY Q 54 2.22 10.76 58.02
N GLY Q 55 1.88 11.70 57.14
CA GLY Q 55 0.50 12.14 57.05
C GLY Q 55 -0.42 11.05 56.53
N CYS Q 56 0.09 10.23 55.60
CA CYS Q 56 -0.70 9.11 55.12
C CYS Q 56 -0.96 8.10 56.22
N LEU Q 57 0.01 7.90 57.11
CA LEU Q 57 -0.17 6.97 58.21
C LEU Q 57 -1.24 7.46 59.18
N VAL Q 58 -1.32 8.77 59.40
CA VAL Q 58 -2.35 9.32 60.27
C VAL Q 58 -3.68 9.37 59.54
N PHE Q 59 -3.66 9.65 58.24
CA PHE Q 59 -4.88 9.67 57.45
C PHE Q 59 -5.50 8.29 57.34
N LYS Q 60 -4.69 7.23 57.51
CA LYS Q 60 -5.20 5.87 57.39
C LYS Q 60 -6.22 5.56 58.46
N PHE Q 61 -6.06 6.10 59.66
CA PHE Q 61 -6.97 5.81 60.75
C PHE Q 61 -8.30 6.53 60.61
N PHE Q 62 -8.30 7.71 60.01
CA PHE Q 62 -9.55 8.41 59.75
C PHE Q 62 -10.32 7.79 58.60
N ILE Q 63 -9.62 7.26 57.61
CA ILE Q 63 -10.27 6.58 56.50
C ILE Q 63 -10.91 5.28 56.95
N ASP Q 64 -10.29 4.59 57.90
CA ASP Q 64 -10.88 3.37 58.44
C ASP Q 64 -12.23 3.65 59.09
N ALA Q 65 -12.29 4.69 59.92
CA ALA Q 65 -13.54 5.03 60.59
C ALA Q 65 -14.58 5.58 59.62
N ALA Q 66 -14.15 6.16 58.52
CA ALA Q 66 -15.11 6.70 57.55
C ALA Q 66 -15.69 5.61 56.67
N VAL Q 67 -14.93 4.56 56.40
CA VAL Q 67 -15.43 3.47 55.59
C VAL Q 67 -16.52 2.71 56.34
N ASP Q 68 -16.28 2.41 57.62
CA ASP Q 68 -17.30 1.75 58.42
C ASP Q 68 -18.53 2.63 58.61
N LYS Q 69 -18.32 3.94 58.68
CA LYS Q 69 -19.46 4.87 58.71
C LYS Q 69 -20.19 4.87 57.38
N TYR Q 70 -19.45 4.75 56.28
CA TYR Q 70 -20.06 4.76 54.95
C TYR Q 70 -20.83 3.49 54.69
N ILE Q 71 -20.37 2.36 55.20
CA ILE Q 71 -20.99 1.07 54.92
C ILE Q 71 -22.05 0.71 55.95
N PHE Q 72 -21.71 0.82 57.23
CA PHE Q 72 -22.61 0.37 58.27
C PHE Q 72 -23.58 1.44 58.74
N GLY Q 73 -23.17 2.69 58.70
CA GLY Q 73 -24.04 3.77 59.11
C GLY Q 73 -23.92 4.07 60.58
N GLU Q 74 -24.98 4.68 61.11
CA GLU Q 74 -24.98 5.11 62.51
C GLU Q 74 -25.26 3.95 63.44
N ASN Q 75 -26.25 3.12 63.12
CA ASN Q 75 -26.71 2.06 64.02
C ASN Q 75 -26.48 0.68 63.40
N GLY Q 76 -25.50 0.56 62.52
CA GLY Q 76 -25.17 -0.72 61.91
C GLY Q 76 -26.22 -1.31 61.01
N ASN Q 77 -27.06 -0.47 60.40
CA ASN Q 77 -28.07 -0.94 59.46
C ASN Q 77 -27.74 -0.64 58.01
N GLY Q 78 -26.68 0.10 57.74
CA GLY Q 78 -26.32 0.50 56.38
C GLY Q 78 -26.28 2.02 56.26
N GLY Q 79 -25.20 2.50 55.65
CA GLY Q 79 -24.97 3.92 55.47
C GLY Q 79 -25.30 4.39 54.07
N LYS Q 80 -24.60 5.44 53.65
CA LYS Q 80 -24.79 5.99 52.30
C LYS Q 80 -24.35 5.03 51.21
N PHE Q 81 -23.68 3.93 51.56
CA PHE Q 81 -23.31 2.94 50.58
C PHE Q 81 -24.53 2.32 49.91
N LEU Q 82 -25.66 2.27 50.63
CA LEU Q 82 -26.88 1.72 50.09
C LEU Q 82 -27.67 2.70 49.24
N GLU Q 83 -27.21 3.95 49.12
CA GLU Q 83 -27.93 4.95 48.36
C GLU Q 83 -27.54 4.92 46.89
N MET Q 84 -28.55 4.99 46.03
CA MET Q 84 -28.34 5.08 44.60
C MET Q 84 -29.31 6.10 44.03
N GLN Q 85 -28.81 6.96 43.15
CA GLN Q 85 -29.58 8.06 42.60
C GLN Q 85 -29.56 7.99 41.08
N THR Q 86 -30.36 8.83 40.45
CA THR Q 86 -30.53 8.80 39.01
C THR Q 86 -30.99 10.17 38.52
N ILE Q 87 -30.78 10.40 37.23
CA ILE Q 87 -31.26 11.60 36.56
C ILE Q 87 -32.42 11.31 35.63
N ASN Q 88 -32.85 10.06 35.54
CA ASN Q 88 -33.98 9.70 34.69
C ASN Q 88 -35.26 10.29 35.27
N SER Q 89 -36.07 10.88 34.40
CA SER Q 89 -37.38 11.33 34.82
C SER Q 89 -38.30 10.12 35.01
N ASN Q 90 -39.55 10.39 35.41
CA ASN Q 90 -40.49 9.32 35.60
C ASN Q 90 -40.88 8.67 34.27
N TYR Q 91 -40.91 9.46 33.19
CA TYR Q 91 -41.18 8.89 31.88
C TYR Q 91 -40.01 8.05 31.39
N ASP Q 92 -38.78 8.51 31.65
CA ASP Q 92 -37.62 7.76 31.21
C ASP Q 92 -37.56 6.39 31.87
N TYR Q 93 -38.00 6.32 33.13
CA TYR Q 93 -37.95 5.05 33.85
C TYR Q 93 -38.96 4.06 33.30
N TYR Q 94 -40.20 4.52 33.08
CA TYR Q 94 -41.23 3.62 32.55
C TYR Q 94 -41.04 3.33 31.06
N TYR Q 95 -40.27 4.14 30.35
CA TYR Q 95 -39.86 3.76 29.00
C TYR Q 95 -38.88 2.60 29.04
N ASN Q 96 -37.94 2.63 29.99
CA ASN Q 96 -36.96 1.56 30.09
C ASN Q 96 -37.59 0.24 30.50
N ARG Q 97 -38.59 0.30 31.38
CA ARG Q 97 -39.28 -0.92 31.79
C ARG Q 97 -40.04 -1.53 30.62
N GLN Q 98 -40.72 -0.70 29.84
CA GLN Q 98 -41.41 -1.21 28.66
C GLN Q 98 -40.41 -1.67 27.60
N PHE Q 99 -39.25 -1.02 27.55
CA PHE Q 99 -38.18 -1.47 26.66
C PHE Q 99 -37.69 -2.85 27.08
N GLN Q 100 -37.70 -3.13 28.39
CA GLN Q 100 -37.33 -4.45 28.87
C GLN Q 100 -38.39 -5.49 28.54
N ARG Q 101 -39.66 -5.12 28.67
CA ARG Q 101 -40.74 -6.03 28.27
C ARG Q 101 -40.71 -6.29 26.77
N MET Q 102 -40.36 -5.27 25.98
CA MET Q 102 -40.32 -5.45 24.54
C MET Q 102 -39.22 -6.41 24.12
N ARG Q 103 -38.05 -6.31 24.75
CA ARG Q 103 -36.96 -7.22 24.43
C ARG Q 103 -37.24 -8.62 24.93
N TYR Q 104 -38.01 -8.75 26.00
CA TYR Q 104 -38.42 -10.08 26.44
C TYR Q 104 -39.33 -10.72 25.40
N LEU Q 105 -40.17 -9.91 24.76
CA LEU Q 105 -41.08 -10.37 23.72
C LEU Q 105 -40.50 -10.19 22.33
N THR Q 106 -39.18 -10.10 22.21
CA THR Q 106 -38.50 -9.99 20.93
C THR Q 106 -37.85 -11.32 20.64
N GLU Q 107 -38.43 -12.07 19.69
CA GLU Q 107 -37.91 -13.37 19.32
C GLU Q 107 -37.33 -13.32 17.91
N ASP Q 108 -36.57 -14.28 17.61
CA ASP Q 108 -36.02 -14.42 16.28
C ASP Q 108 -36.83 -15.43 15.48
N PRO Q 109 -36.81 -15.33 14.16
CA PRO Q 109 -37.59 -16.25 13.34
C PRO Q 109 -36.96 -17.63 13.23
N ALA Q 110 -37.82 -18.59 12.89
CA ALA Q 110 -37.46 -19.93 12.48
C ALA Q 110 -36.97 -20.83 13.61
N GLY Q 111 -36.78 -20.27 14.80
CA GLY Q 111 -36.38 -21.08 15.92
C GLY Q 111 -35.04 -21.76 15.69
N ASP Q 112 -34.97 -23.03 16.07
CA ASP Q 112 -33.77 -23.83 15.91
C ASP Q 112 -33.92 -24.83 14.77
N ASP Q 113 -32.83 -25.51 14.47
CA ASP Q 113 -32.77 -26.44 13.35
C ASP Q 113 -33.66 -27.65 13.64
N PRO Q 114 -34.69 -27.91 12.83
CA PRO Q 114 -35.52 -29.10 13.09
C PRO Q 114 -34.82 -30.42 12.84
N LEU Q 115 -33.74 -30.41 12.06
CA LEU Q 115 -33.02 -31.66 11.77
C LEU Q 115 -32.20 -32.14 12.95
N GLN Q 116 -31.99 -31.31 13.96
CA GLN Q 116 -31.28 -31.71 15.16
C GLN Q 116 -32.23 -32.20 16.25
N LYS Q 117 -33.48 -32.45 15.90
CA LYS Q 117 -34.50 -32.89 16.84
C LYS Q 117 -34.94 -34.31 16.51
N THR Q 118 -35.64 -34.91 17.47
CA THR Q 118 -36.11 -36.29 17.32
C THR Q 118 -37.08 -36.42 16.16
N LYS Q 119 -36.78 -37.33 15.24
CA LYS Q 119 -37.63 -37.52 14.08
C LYS Q 119 -38.86 -38.33 14.44
N ASP Q 120 -39.96 -38.08 13.73
CA ASP Q 120 -41.15 -38.90 13.88
C ASP Q 120 -41.02 -40.24 13.18
N GLU Q 121 -40.24 -40.30 12.10
CA GLU Q 121 -39.98 -41.56 11.42
C GLU Q 121 -39.16 -42.50 12.30
N HIS Q 122 -38.31 -41.96 13.16
CA HIS Q 122 -37.49 -42.78 14.04
C HIS Q 122 -38.30 -43.33 15.21
N LEU Q 123 -39.25 -42.53 15.71
CA LEU Q 123 -40.07 -42.97 16.82
C LEU Q 123 -41.00 -44.11 16.42
N VAL Q 124 -41.48 -44.11 15.17
CA VAL Q 124 -42.35 -45.18 14.72
C VAL Q 124 -41.61 -46.50 14.73
N ASP Q 125 -40.38 -46.50 14.21
CA ASP Q 125 -39.57 -47.71 14.17
C ASP Q 125 -39.04 -48.11 15.53
N LEU Q 126 -39.14 -47.25 16.53
CA LEU Q 126 -38.73 -47.58 17.89
C LEU Q 126 -39.88 -48.11 18.73
N GLY Q 127 -41.12 -48.04 18.23
CA GLY Q 127 -42.27 -48.59 18.90
C GLY Q 127 -43.27 -47.59 19.42
N PHE Q 128 -43.06 -46.30 19.19
CA PHE Q 128 -43.94 -45.25 19.67
C PHE Q 128 -44.45 -44.44 18.49
N ILE Q 129 -45.72 -44.60 18.17
CA ILE Q 129 -46.35 -43.85 17.08
C ILE Q 129 -46.80 -42.50 17.63
N PRO Q 130 -46.16 -41.39 17.25
CA PRO Q 130 -46.53 -40.10 17.83
C PRO Q 130 -47.87 -39.61 17.33
N LYS Q 131 -48.55 -38.85 18.18
CA LYS Q 131 -49.82 -38.23 17.84
C LYS Q 131 -49.58 -36.81 17.37
N VAL Q 132 -50.27 -36.43 16.31
CA VAL Q 132 -50.10 -35.11 15.70
C VAL Q 132 -51.06 -34.14 16.38
N PHE Q 133 -50.53 -32.99 16.81
CA PHE Q 133 -51.31 -31.97 17.48
C PHE Q 133 -51.49 -30.76 16.56
N GLY Q 134 -52.51 -29.97 16.87
CA GLY Q 134 -52.74 -28.74 16.16
C GLY Q 134 -52.06 -27.55 16.82
N ALA Q 135 -51.93 -26.47 16.06
CA ALA Q 135 -51.30 -25.27 16.57
C ALA Q 135 -52.18 -24.57 17.59
N ASN Q 136 -51.57 -24.13 18.68
CA ASN Q 136 -52.26 -23.40 19.74
C ASN Q 136 -52.37 -21.94 19.30
N VAL Q 137 -53.51 -21.59 18.70
CA VAL Q 137 -53.70 -20.29 18.07
C VAL Q 137 -54.37 -19.28 19.00
N GLU Q 138 -54.55 -19.63 20.27
CA GLU Q 138 -55.30 -18.78 21.19
C GLU Q 138 -54.45 -18.13 22.27
N VAL Q 139 -53.20 -18.51 22.42
CA VAL Q 139 -52.35 -18.00 23.50
C VAL Q 139 -51.66 -16.73 23.05
N ARG Q 140 -51.54 -15.79 23.97
CA ARG Q 140 -50.90 -14.50 23.73
C ARG Q 140 -49.69 -14.37 24.64
N LYS Q 141 -48.54 -14.10 24.05
CA LYS Q 141 -47.31 -13.92 24.81
C LYS Q 141 -47.36 -12.63 25.61
N ARG Q 142 -46.95 -12.70 26.87
CA ARG Q 142 -46.89 -11.52 27.71
C ARG Q 142 -45.61 -11.53 28.52
N ALA Q 143 -45.23 -10.35 28.98
CA ALA Q 143 -44.03 -10.20 29.76
C ALA Q 143 -44.30 -10.53 31.22
N PRO Q 144 -43.31 -11.07 31.93
CA PRO Q 144 -43.51 -11.35 33.34
C PRO Q 144 -43.45 -10.09 34.19
N HIS Q 145 -43.48 -10.26 35.51
CA HIS Q 145 -43.31 -9.12 36.40
C HIS Q 145 -41.94 -8.49 36.16
N ASP Q 146 -41.82 -7.23 36.60
CA ASP Q 146 -40.58 -6.49 36.37
C ASP Q 146 -39.39 -7.13 37.06
N LYS Q 147 -39.62 -7.85 38.17
CA LYS Q 147 -38.53 -8.48 38.90
C LYS Q 147 -37.84 -9.57 38.08
N TYR Q 148 -38.47 -10.06 37.02
CA TYR Q 148 -37.92 -11.13 36.20
C TYR Q 148 -37.37 -10.62 34.88
N LEU Q 149 -37.45 -9.32 34.61
CA LEU Q 149 -36.94 -8.77 33.38
C LEU Q 149 -35.43 -8.57 33.44
N LEU R 22 61.55 26.92 32.16
CA LEU R 22 60.63 26.14 31.35
C LEU R 22 60.91 26.31 29.86
N GLN R 23 60.63 25.27 29.09
CA GLN R 23 60.91 25.30 27.66
C GLN R 23 59.88 26.13 26.92
N TRP R 24 60.34 26.86 25.92
CA TRP R 24 59.49 27.67 25.05
C TRP R 24 59.58 27.30 23.59
N GLY R 25 60.55 26.50 23.19
CA GLY R 25 60.70 26.15 21.79
C GLY R 25 61.27 27.30 20.99
N SER R 26 60.94 27.33 19.71
CA SER R 26 61.40 28.36 18.80
C SER R 26 60.33 29.43 18.64
N LEU R 27 60.69 30.69 18.89
CA LEU R 27 59.75 31.77 18.68
C LEU R 27 59.37 31.93 17.23
N ALA R 28 60.27 31.54 16.32
CA ALA R 28 60.00 31.71 14.90
C ALA R 28 58.96 30.72 14.39
N GLU R 29 58.81 29.58 15.05
CA GLU R 29 57.89 28.56 14.59
C GLU R 29 56.50 28.75 15.19
N ARG R 30 55.53 28.13 14.57
CA ARG R 30 54.15 28.12 15.03
C ARG R 30 53.84 26.79 15.69
N PRO R 31 52.70 26.67 16.38
CA PRO R 31 52.32 25.37 16.93
C PRO R 31 52.22 24.31 15.85
N MET R 32 52.43 23.06 16.26
CA MET R 32 52.45 21.97 15.31
C MET R 32 51.08 21.68 14.73
N VAL R 33 50.01 22.08 15.43
CA VAL R 33 48.66 21.87 14.90
C VAL R 33 48.51 22.61 13.58
N ASP R 34 49.11 23.78 13.48
CA ASP R 34 48.99 24.57 12.26
C ASP R 34 49.77 23.95 11.12
N ARG R 35 50.84 23.21 11.43
CA ARG R 35 51.70 22.64 10.40
C ARG R 35 51.26 21.27 9.92
N VAL R 36 50.54 20.52 10.75
CA VAL R 36 50.06 19.20 10.34
C VAL R 36 48.94 19.39 9.33
N MET R 37 48.91 18.52 8.33
CA MET R 37 47.89 18.61 7.30
C MET R 37 47.44 17.21 6.90
N SER R 38 46.36 17.16 6.13
CA SER R 38 45.81 15.92 5.62
C SER R 38 45.25 16.16 4.24
N THR R 39 45.34 15.14 3.40
CA THR R 39 44.85 15.19 2.04
C THR R 39 43.80 14.12 1.83
N SER R 40 43.01 14.31 0.78
CA SER R 40 41.91 13.40 0.49
C SER R 40 42.32 12.42 -0.60
N THR R 41 41.42 11.49 -0.89
CA THR R 41 41.61 10.52 -1.94
C THR R 41 40.26 9.94 -2.29
N TRP R 42 40.24 9.10 -3.31
CA TRP R 42 39.05 8.41 -3.72
C TRP R 42 39.12 6.96 -3.28
N PRO R 43 38.04 6.39 -2.73
CA PRO R 43 36.74 7.00 -2.48
C PRO R 43 36.72 7.94 -1.29
N VAL R 44 35.69 8.77 -1.21
CA VAL R 44 35.57 9.75 -0.14
C VAL R 44 34.28 9.55 0.65
N PRO R 45 34.31 9.60 1.97
CA PRO R 45 33.08 9.48 2.76
C PRO R 45 32.00 10.44 2.29
N TYR R 46 30.78 9.93 2.11
CA TYR R 46 29.70 10.79 1.65
C TYR R 46 29.20 11.73 2.74
N TYR R 47 29.41 11.40 4.00
CA TYR R 47 28.72 12.09 5.09
C TYR R 47 29.22 13.52 5.24
N GLN R 48 28.27 14.44 5.39
CA GLN R 48 28.56 15.84 5.62
C GLN R 48 28.28 16.16 7.08
N ARG R 49 29.27 16.69 7.78
CA ARG R 49 29.10 17.00 9.18
C ARG R 49 28.08 18.13 9.36
N LEU R 50 27.14 17.92 10.27
CA LEU R 50 26.08 18.89 10.53
C LEU R 50 26.49 19.89 11.61
N PHE R 51 26.91 19.39 12.77
CA PHE R 51 27.31 20.22 13.89
C PHE R 51 28.66 19.79 14.40
N LYS R 52 29.31 20.68 15.15
CA LYS R 52 30.52 20.32 15.86
C LYS R 52 30.19 19.56 17.13
N ALA R 53 30.93 18.50 17.39
CA ALA R 53 30.70 17.69 18.55
C ALA R 53 30.98 18.48 19.82
N TYR R 54 30.12 18.30 20.82
CA TYR R 54 30.25 18.96 22.11
C TYR R 54 29.85 17.98 23.20
N PRO R 55 30.66 16.93 23.39
CA PRO R 55 30.26 15.86 24.32
C PRO R 55 30.31 16.28 25.78
N ILE R 56 31.23 17.15 26.14
CA ILE R 56 31.40 17.61 27.52
C ILE R 56 31.28 19.12 27.51
N ARG R 57 30.44 19.64 28.41
CA ARG R 57 30.15 21.07 28.46
C ARG R 57 31.18 21.75 29.37
N GLU R 58 32.35 22.00 28.80
CA GLU R 58 33.43 22.67 29.52
C GLU R 58 34.17 23.57 28.55
N LYS R 59 34.22 24.86 28.87
CA LYS R 59 34.89 25.87 28.06
C LYS R 59 35.73 26.79 28.94
N LYS R 60 36.52 26.19 29.82
CA LYS R 60 37.28 26.95 30.80
C LYS R 60 38.44 27.70 30.16
N ASP R 61 38.89 28.73 30.88
CA ASP R 61 40.03 29.58 30.54
C ASP R 61 39.83 30.40 29.28
N LYS R 62 38.63 30.43 28.72
CA LYS R 62 38.32 31.23 27.55
C LYS R 62 37.39 32.36 27.95
N MET R 63 37.70 33.57 27.50
CA MET R 63 36.89 34.73 27.82
C MET R 63 35.65 34.78 26.93
N SER R 64 34.60 35.41 27.44
CA SER R 64 33.34 35.49 26.72
C SER R 64 33.48 36.35 25.47
N LEU R 65 32.86 35.91 24.39
CA LEU R 65 32.85 36.66 23.15
C LEU R 65 31.87 37.82 23.17
N LEU R 66 31.09 37.98 24.24
CA LEU R 66 30.25 39.16 24.38
C LEU R 66 31.09 40.42 24.55
N LEU R 67 32.28 40.28 25.12
CA LEU R 67 33.19 41.39 25.36
C LEU R 67 33.92 41.73 24.06
N SER R 68 33.16 42.29 23.12
CA SER R 68 33.63 42.48 21.76
C SER R 68 33.83 43.93 21.36
N ASP R 69 32.78 44.75 21.40
CA ASP R 69 32.85 46.11 20.90
C ASP R 69 32.16 47.07 21.84
N ILE R 70 32.36 46.88 23.13
CA ILE R 70 31.83 47.80 24.11
C ILE R 70 32.72 49.04 24.18
N ASP R 71 32.10 50.21 24.30
CA ASP R 71 32.86 51.44 24.40
C ASP R 71 33.54 51.56 25.76
N ILE R 72 34.35 52.60 25.90
CA ILE R 72 35.03 52.88 27.15
C ILE R 72 33.99 53.19 28.23
N ASP R 73 34.25 52.74 29.45
CA ASP R 73 33.28 52.91 30.51
C ASP R 73 34.01 52.83 31.87
N ASP R 74 33.23 52.65 32.94
CA ASP R 74 33.79 52.63 34.28
C ASP R 74 34.65 51.41 34.55
N THR R 75 34.35 50.29 33.90
CA THR R 75 35.11 49.06 34.11
C THR R 75 36.54 49.18 33.65
N ASN R 76 36.83 50.15 32.79
CA ASN R 76 38.18 50.30 32.26
C ASN R 76 39.11 50.92 33.30
N TRP R 77 38.69 52.01 33.95
CA TRP R 77 39.54 52.60 34.97
C TRP R 77 39.54 51.78 36.25
N TYR R 78 38.48 51.01 36.50
CA TYR R 78 38.46 50.16 37.68
C TYR R 78 39.44 49.01 37.55
N GLN R 79 39.45 48.35 36.39
CA GLN R 79 40.40 47.27 36.16
C GLN R 79 41.82 47.77 35.97
N ALA R 80 41.98 49.01 35.53
CA ALA R 80 43.31 49.61 35.42
C ALA R 80 43.95 49.75 36.79
N LYS R 81 43.19 50.28 37.75
CA LYS R 81 43.71 50.39 39.11
C LYS R 81 44.02 49.02 39.69
N ASP R 82 43.22 48.02 39.37
CA ASP R 82 43.46 46.69 39.90
C ASP R 82 44.79 46.14 39.44
N PHE R 83 45.12 46.33 38.15
CA PHE R 83 46.38 45.83 37.64
C PHE R 83 47.54 46.76 37.98
N LEU R 84 47.28 48.07 38.07
CA LEU R 84 48.34 49.00 38.44
C LEU R 84 48.78 48.79 39.88
N ARG R 85 47.83 48.51 40.77
CA ARG R 85 48.16 48.33 42.17
C ARG R 85 48.99 47.08 42.41
N GLY R 86 49.22 46.27 41.39
CA GLY R 86 50.11 45.14 41.50
C GLY R 86 51.57 45.47 41.36
N SER R 87 51.88 46.72 41.06
CA SER R 87 53.25 47.17 40.91
C SER R 87 53.50 48.36 41.84
N PHE R 88 54.78 48.63 42.07
CA PHE R 88 55.15 49.75 42.93
C PHE R 88 54.86 51.09 42.25
N ARG R 89 55.30 51.23 41.00
CA ARG R 89 55.05 52.45 40.26
C ARG R 89 53.56 52.65 40.01
N GLY R 90 52.84 51.56 39.77
CA GLY R 90 51.40 51.67 39.55
C GLY R 90 50.65 52.13 40.78
N ARG R 91 51.11 51.73 41.98
CA ARG R 91 50.47 52.18 43.20
C ARG R 91 50.66 53.68 43.42
N GLN R 92 51.77 54.24 42.95
CA GLN R 92 51.97 55.67 43.08
C GLN R 92 51.06 56.44 42.14
N ILE R 93 50.83 55.91 40.95
CA ILE R 93 49.98 56.58 39.97
C ILE R 93 48.53 56.61 40.46
N VAL R 94 48.06 55.48 40.98
CA VAL R 94 46.67 55.39 41.42
C VAL R 94 46.41 56.37 42.56
N ASP R 95 47.30 56.38 43.56
CA ASP R 95 47.07 57.25 44.71
C ASP R 95 47.17 58.72 44.33
N TYR R 96 48.01 59.06 43.36
CA TYR R 96 48.15 60.46 42.97
C TYR R 96 46.94 60.94 42.17
N VAL R 97 46.44 60.08 41.28
CA VAL R 97 45.34 60.49 40.42
C VAL R 97 44.05 60.64 41.21
N GLU R 98 43.77 59.70 42.11
CA GLU R 98 42.54 59.77 42.89
C GLU R 98 42.57 60.86 43.95
N ASN R 99 43.68 61.55 44.13
CA ASN R 99 43.81 62.57 45.16
C ASN R 99 44.16 63.95 44.64
N ASN R 100 45.05 64.04 43.66
CA ASN R 100 45.62 65.32 43.24
C ASN R 100 45.35 65.63 41.78
N ILE R 101 44.17 65.27 41.29
CA ILE R 101 43.77 65.57 39.93
C ILE R 101 42.33 66.06 39.94
N ALA R 102 42.12 67.30 39.55
CA ALA R 102 40.80 67.91 39.54
C ALA R 102 40.04 67.48 38.30
N SER R 103 39.41 66.32 38.38
CA SER R 103 38.59 65.81 37.29
C SER R 103 37.29 65.29 37.88
N ASN R 104 36.20 65.52 37.16
CA ASN R 104 34.89 65.07 37.60
C ASN R 104 34.58 63.64 37.16
N THR R 105 35.59 62.92 36.67
CA THR R 105 35.38 61.55 36.22
C THR R 105 36.72 60.86 36.12
N TYR R 106 36.71 59.56 36.37
CA TYR R 106 37.89 58.74 36.18
C TYR R 106 38.04 58.27 34.74
N ILE R 107 37.08 58.56 33.87
CA ILE R 107 37.16 58.20 32.46
C ILE R 107 37.87 59.38 31.80
N LEU R 108 39.20 59.34 31.84
CA LEU R 108 40.03 60.42 31.32
C LEU R 108 40.08 60.36 29.79
N ILE R 109 39.69 61.46 29.15
CA ILE R 109 39.72 61.56 27.69
C ILE R 109 40.52 62.80 27.35
N GLN R 110 41.56 62.63 26.55
CA GLN R 110 42.41 63.73 26.10
C GLN R 110 41.91 64.20 24.74
N GLN R 111 41.32 65.39 24.69
CA GLN R 111 40.93 66.01 23.45
C GLN R 111 41.66 67.33 23.19
N ASP R 112 42.56 67.72 24.07
CA ASP R 112 43.34 68.95 23.92
C ASP R 112 44.64 68.79 24.66
N VAL R 113 45.64 69.57 24.25
CA VAL R 113 46.96 69.52 24.87
C VAL R 113 47.18 70.77 25.72
N ALA R 114 46.10 71.34 26.23
CA ALA R 114 46.22 72.53 27.07
C ALA R 114 46.96 72.21 28.36
N ASN R 115 46.51 71.19 29.08
CA ASN R 115 47.15 70.78 30.32
C ASN R 115 48.53 70.19 30.07
N MET R 116 48.82 69.72 28.86
CA MET R 116 50.13 69.16 28.56
C MET R 116 51.13 70.25 28.23
N ALA R 117 50.75 71.20 27.37
CA ALA R 117 51.66 72.26 26.98
C ALA R 117 51.95 73.22 28.12
N LYS R 118 50.92 73.60 28.87
CA LYS R 118 51.11 74.54 29.96
C LYS R 118 51.89 73.92 31.10
N ALA R 119 51.85 72.60 31.24
CA ALA R 119 52.69 71.94 32.23
C ALA R 119 54.14 71.87 31.78
N TYR R 120 54.41 72.05 30.49
CA TYR R 120 55.77 72.06 29.99
C TYR R 120 56.41 73.44 30.06
N VAL R 121 55.62 74.49 29.85
CA VAL R 121 56.17 75.84 29.90
C VAL R 121 56.48 76.24 31.33
N HIS R 122 55.77 75.67 32.30
CA HIS R 122 56.07 75.93 33.70
C HIS R 122 57.30 75.19 34.19
N ASP R 123 57.80 74.22 33.43
CA ASP R 123 58.96 73.44 33.82
C ASP R 123 60.20 73.74 32.99
N ILE R 124 60.02 74.12 31.73
CA ILE R 124 61.17 74.39 30.85
C ILE R 124 61.79 75.76 31.09
N CYS R 125 61.19 76.59 31.95
CA CYS R 125 61.78 77.90 32.23
C CYS R 125 63.11 77.77 32.96
N GLY R 126 63.26 76.76 33.80
CA GLY R 126 64.50 76.55 34.54
C GLY R 126 65.50 75.75 33.75
N LYS S 27 -49.51 88.82 -0.98
CA LYS S 27 -50.58 89.76 -1.30
C LYS S 27 -50.19 91.17 -0.87
N ARG S 28 -50.23 91.40 0.44
CA ARG S 28 -49.90 92.71 1.00
C ARG S 28 -48.39 92.93 0.96
N LYS S 29 -48.00 94.16 0.58
CA LYS S 29 -46.60 94.54 0.58
C LYS S 29 -46.23 95.16 1.92
N LYS S 30 -45.00 94.87 2.36
CA LYS S 30 -44.54 95.37 3.65
C LYS S 30 -44.44 96.89 3.63
N THR S 31 -44.95 97.53 4.67
CA THR S 31 -44.84 98.98 4.77
C THR S 31 -43.38 99.40 4.87
N SER S 32 -43.11 100.64 4.48
CA SER S 32 -41.74 101.12 4.39
C SER S 32 -41.30 101.73 5.72
N GLY S 33 -39.98 101.68 5.95
CA GLY S 33 -39.40 102.29 7.13
C GLY S 33 -38.62 103.56 6.83
N ASP S 34 -38.38 103.81 5.55
CA ASP S 34 -37.63 105.00 5.11
C ASP S 34 -38.61 106.11 4.74
N LEU S 35 -39.37 106.55 5.73
CA LEU S 35 -40.36 107.60 5.57
C LEU S 35 -40.02 108.77 6.47
N ASP S 36 -40.68 109.90 6.22
CA ASP S 36 -40.49 111.11 7.00
C ASP S 36 -41.51 111.26 8.11
N ASN S 37 -42.67 110.61 7.99
CA ASN S 37 -43.70 110.69 9.02
C ASN S 37 -44.60 109.48 8.91
N TYR S 38 -45.30 109.20 10.01
CA TYR S 38 -46.26 108.11 10.10
C TYR S 38 -47.53 108.65 10.77
N ASP S 39 -48.49 107.75 10.97
CA ASP S 39 -49.72 108.09 11.69
C ASP S 39 -49.77 107.51 13.08
N VAL S 40 -49.17 106.34 13.30
CA VAL S 40 -49.04 105.75 14.63
C VAL S 40 -47.58 105.37 14.82
N LEU S 41 -47.06 105.64 16.02
CA LEU S 41 -45.67 105.35 16.36
C LEU S 41 -45.63 104.69 17.72
N PHE S 42 -45.13 103.46 17.76
CA PHE S 42 -44.97 102.72 19.00
C PHE S 42 -43.52 102.78 19.46
N VAL S 43 -43.32 103.17 20.72
CA VAL S 43 -41.99 103.27 21.30
C VAL S 43 -41.87 102.17 22.34
N GLY S 44 -41.27 101.05 21.95
CA GLY S 44 -41.11 99.90 22.80
C GLY S 44 -41.43 98.63 22.04
N ALA S 45 -40.84 97.53 22.49
CA ALA S 45 -41.02 96.23 21.85
C ALA S 45 -41.74 95.21 22.70
N ASN S 46 -41.55 95.24 24.01
CA ASN S 46 -42.20 94.27 24.89
C ASN S 46 -43.72 94.42 24.83
N LEU S 47 -44.23 95.57 25.26
CA LEU S 47 -45.64 95.87 25.17
C LEU S 47 -45.98 96.79 24.01
N GLY S 48 -45.00 97.51 23.47
CA GLY S 48 -45.22 98.30 22.27
C GLY S 48 -45.31 97.48 21.00
N GLY S 49 -44.79 96.25 21.03
CA GLY S 49 -44.82 95.37 19.88
C GLY S 49 -46.10 94.54 19.85
N ILE S 50 -46.54 94.09 21.01
CA ILE S 50 -47.78 93.34 21.08
C ILE S 50 -48.97 94.23 20.75
N CYS S 51 -48.91 95.49 21.16
CA CYS S 51 -49.98 96.42 20.82
C CYS S 51 -50.04 96.68 19.33
N SER S 52 -48.88 96.91 18.70
CA SER S 52 -48.86 97.11 17.26
C SER S 52 -49.36 95.88 16.51
N ASN S 53 -49.01 94.69 16.99
CA ASN S 53 -49.50 93.49 16.33
C ASN S 53 -51.00 93.33 16.50
N HIS S 54 -51.53 93.74 17.66
CA HIS S 54 -52.97 93.74 17.88
C HIS S 54 -53.65 94.94 17.26
N PHE S 55 -52.91 96.01 16.99
CA PHE S 55 -53.49 97.18 16.34
C PHE S 55 -53.74 96.93 14.87
N ASP S 56 -52.74 96.39 14.17
CA ASP S 56 -52.88 96.20 12.73
C ASP S 56 -53.92 95.14 12.39
N LYS S 57 -53.94 94.05 13.15
CA LYS S 57 -54.91 92.99 12.89
C LYS S 57 -56.33 93.46 13.09
N ASP S 58 -56.56 94.45 13.95
CA ASP S 58 -57.91 94.96 14.13
C ASP S 58 -58.28 95.94 13.02
N THR S 59 -57.33 96.73 12.55
CA THR S 59 -57.58 97.69 11.49
C THR S 59 -57.30 97.12 10.11
N HIS S 60 -56.93 95.84 10.02
CA HIS S 60 -56.67 95.18 8.73
C HIS S 60 -55.56 95.89 7.95
N GLY S 61 -54.62 96.51 8.66
CA GLY S 61 -53.47 97.13 8.01
C GLY S 61 -53.78 98.40 7.28
N LYS S 62 -54.78 99.17 7.74
CA LYS S 62 -55.13 100.42 7.07
C LYS S 62 -54.12 101.53 7.33
N TYR S 63 -53.22 101.35 8.30
CA TYR S 63 -52.29 102.40 8.70
C TYR S 63 -50.86 101.87 8.66
N LYS S 64 -49.93 102.79 8.39
CA LYS S 64 -48.50 102.49 8.35
C LYS S 64 -47.85 103.02 9.62
N CYS S 65 -47.40 102.12 10.49
CA CYS S 65 -46.87 102.46 11.79
C CYS S 65 -45.42 102.00 11.89
N PHE S 66 -44.64 102.73 12.69
CA PHE S 66 -43.23 102.46 12.90
C PHE S 66 -42.97 102.18 14.39
N VAL S 67 -42.03 101.27 14.65
CA VAL S 67 -41.66 100.88 16.00
C VAL S 67 -40.18 101.13 16.21
N SER S 68 -39.83 101.69 17.37
CA SER S 68 -38.44 102.02 17.69
C SER S 68 -38.17 101.61 19.14
N PHE S 69 -37.49 100.48 19.31
CA PHE S 69 -37.12 100.00 20.63
C PHE S 69 -35.65 100.32 20.89
N ASP S 70 -35.14 99.83 22.02
CA ASP S 70 -33.78 100.16 22.46
C ASP S 70 -32.93 98.92 22.72
N GLN S 71 -33.53 97.85 23.25
CA GLN S 71 -32.79 96.65 23.59
C GLN S 71 -33.15 95.52 22.63
N PRO S 72 -32.18 94.69 22.24
CA PRO S 72 -32.49 93.62 21.29
C PRO S 72 -33.15 92.39 21.90
N ILE S 73 -33.09 92.23 23.22
CA ILE S 73 -33.57 91.04 23.90
C ILE S 73 -34.60 91.44 24.94
N ASN S 74 -35.70 90.68 24.99
CA ASN S 74 -36.76 90.88 25.98
C ASN S 74 -36.85 89.62 26.82
N GLN S 75 -36.36 89.71 28.06
CA GLN S 75 -36.46 88.59 28.98
C GLN S 75 -37.88 88.48 29.52
N ILE S 76 -38.34 87.25 29.69
CA ILE S 76 -39.71 87.00 30.17
C ILE S 76 -39.63 86.94 31.70
N TYR S 77 -39.68 88.13 32.31
CA TYR S 77 -39.60 88.20 33.77
C TYR S 77 -40.80 87.58 34.46
N SER S 78 -41.89 87.32 33.73
CA SER S 78 -43.06 86.70 34.32
C SER S 78 -42.80 85.25 34.73
N VAL S 79 -41.77 84.62 34.17
CA VAL S 79 -41.41 83.25 34.53
C VAL S 79 -40.00 83.25 35.10
N ARG S 80 -39.62 84.34 35.76
CA ARG S 80 -38.27 84.45 36.29
C ARG S 80 -38.00 83.40 37.36
N ILE S 81 -38.94 83.19 38.26
CA ILE S 81 -38.77 82.23 39.35
C ILE S 81 -38.80 80.79 38.85
N PRO S 82 -39.71 80.40 37.96
CA PRO S 82 -39.57 79.09 37.33
C PRO S 82 -38.29 78.95 36.52
N TYR S 83 -37.75 80.06 36.03
CA TYR S 83 -36.48 80.03 35.32
C TYR S 83 -35.33 79.76 36.28
N GLU S 84 -35.36 80.38 37.47
CA GLU S 84 -34.35 80.09 38.47
C GLU S 84 -34.46 78.67 38.97
N GLN S 85 -35.66 78.11 39.01
CA GLN S 85 -35.84 76.71 39.36
C GLN S 85 -35.55 75.78 38.18
N GLN S 86 -35.18 76.34 37.04
CA GLN S 86 -34.86 75.57 35.84
C GLN S 86 -36.03 74.69 35.43
N ARG S 87 -37.26 75.17 35.63
CA ARG S 87 -38.42 74.60 34.98
C ARG S 87 -38.63 75.20 33.59
N VAL S 88 -37.79 76.16 33.21
CA VAL S 88 -37.89 76.84 31.92
C VAL S 88 -36.48 76.94 31.35
N ARG S 89 -36.29 76.44 30.14
CA ARG S 89 -35.00 76.53 29.50
C ARG S 89 -34.68 77.98 29.12
N LYS S 90 -33.39 78.24 28.91
CA LYS S 90 -32.96 79.60 28.60
C LYS S 90 -33.52 80.07 27.27
N SER S 91 -33.79 79.14 26.35
CA SER S 91 -34.37 79.53 25.07
C SER S 91 -35.80 80.01 25.21
N GLU S 92 -36.53 79.49 26.18
CA GLU S 92 -37.91 79.90 26.43
C GLU S 92 -38.01 81.11 27.34
N TYR S 93 -36.89 81.57 27.90
CA TYR S 93 -36.85 82.76 28.73
C TYR S 93 -36.27 83.97 28.01
N ILE S 94 -35.47 83.74 26.97
CA ILE S 94 -34.83 84.81 26.20
C ILE S 94 -35.55 84.93 24.87
N HIS S 95 -36.05 86.12 24.58
CA HIS S 95 -36.73 86.40 23.32
C HIS S 95 -36.18 87.67 22.69
N PHE S 96 -36.08 87.66 21.38
CA PHE S 96 -35.64 88.84 20.64
C PHE S 96 -36.78 89.85 20.54
N SER S 97 -36.39 91.12 20.37
CA SER S 97 -37.39 92.18 20.24
C SER S 97 -38.08 92.18 18.89
N LYS S 98 -37.39 91.76 17.83
CA LYS S 98 -38.00 91.73 16.52
C LYS S 98 -39.16 90.75 16.45
N LYS S 99 -39.15 89.72 17.30
CA LYS S 99 -40.19 88.69 17.21
C LYS S 99 -41.54 89.21 17.69
N SER S 100 -41.54 90.19 18.59
CA SER S 100 -42.80 90.75 19.06
C SER S 100 -43.49 91.55 17.97
N ILE S 101 -42.72 92.18 17.09
CA ILE S 101 -43.25 93.03 16.04
C ILE S 101 -43.52 92.18 14.82
N ASN S 102 -44.60 92.49 14.11
CA ASN S 102 -44.97 91.73 12.92
C ASN S 102 -44.05 92.09 11.76
N GLN S 103 -44.23 91.38 10.64
CA GLN S 103 -43.36 91.56 9.49
C GLN S 103 -43.81 92.72 8.62
N PHE S 104 -45.11 93.02 8.62
CA PHE S 104 -45.62 94.09 7.77
C PHE S 104 -45.08 95.45 8.23
N THR S 105 -44.90 95.63 9.53
CA THR S 105 -44.43 96.91 10.05
C THR S 105 -42.92 96.93 10.15
N PRO S 106 -42.28 98.06 9.85
CA PRO S 106 -40.82 98.16 10.00
C PRO S 106 -40.44 98.50 11.43
N SER S 107 -39.18 98.21 11.74
CA SER S 107 -38.67 98.45 13.08
C SER S 107 -37.20 98.85 12.98
N GLU S 108 -36.69 99.39 14.09
CA GLU S 108 -35.30 99.83 14.15
C GLU S 108 -34.89 99.93 15.61
N MET S 109 -33.72 99.37 15.93
CA MET S 109 -33.21 99.40 17.30
C MET S 109 -32.40 100.68 17.49
N LEU S 110 -33.13 101.78 17.62
CA LEU S 110 -32.53 103.08 17.92
C LEU S 110 -33.43 103.82 18.88
N ALA S 111 -32.90 104.15 20.06
CA ALA S 111 -33.68 104.85 21.07
C ALA S 111 -33.92 106.30 20.67
N VAL S 112 -35.00 106.87 21.17
CA VAL S 112 -35.37 108.24 20.86
C VAL S 112 -34.50 109.18 21.69
N LYS S 113 -33.97 110.22 21.03
CA LYS S 113 -33.13 111.20 21.71
C LYS S 113 -33.94 112.31 22.35
N GLU S 114 -34.94 112.82 21.63
CA GLU S 114 -35.83 113.84 22.17
C GLU S 114 -37.17 113.75 21.46
N ILE S 115 -38.20 114.26 22.13
CA ILE S 115 -39.56 114.21 21.62
C ILE S 115 -40.15 115.61 21.65
N LEU S 116 -40.79 116.01 20.55
CA LEU S 116 -41.41 117.32 20.42
C LEU S 116 -42.92 117.15 20.33
N PRO S 117 -43.64 117.20 21.46
CA PRO S 117 -45.09 117.00 21.39
C PRO S 117 -45.81 118.16 20.72
N GLU S 118 -45.26 119.37 20.79
CA GLU S 118 -45.91 120.51 20.17
C GLU S 118 -45.82 120.44 18.65
N GLN S 119 -44.79 119.77 18.12
CA GLN S 119 -44.60 119.67 16.68
C GLN S 119 -45.06 118.32 16.13
N ASN S 120 -45.42 117.37 17.00
CA ASN S 120 -45.82 116.04 16.57
C ASN S 120 -44.70 115.39 15.74
N ALA S 121 -43.54 115.24 16.37
CA ALA S 121 -42.39 114.63 15.73
C ALA S 121 -41.48 114.06 16.80
N VAL S 122 -40.69 113.07 16.39
CA VAL S 122 -39.79 112.36 17.29
C VAL S 122 -38.42 112.23 16.63
N VAL S 123 -37.38 112.67 17.32
CA VAL S 123 -36.01 112.59 16.83
C VAL S 123 -35.31 111.41 17.50
N LEU S 124 -34.63 110.60 16.71
CA LEU S 124 -33.95 109.42 17.21
C LEU S 124 -32.52 109.77 17.64
N SER S 125 -31.83 108.78 18.20
CA SER S 125 -30.45 108.99 18.62
C SER S 125 -29.55 109.24 17.42
N SER S 126 -29.88 108.65 16.27
CA SER S 126 -29.08 108.88 15.07
C SER S 126 -29.17 110.34 14.63
N GLY S 127 -30.36 110.94 14.74
CA GLY S 127 -30.56 112.33 14.36
C GLY S 127 -31.64 112.55 13.33
N ARG S 128 -32.34 111.52 12.86
CA ARG S 128 -33.39 111.70 11.86
C ARG S 128 -34.71 112.00 12.54
N ARG S 129 -35.34 113.11 12.15
CA ARG S 129 -36.66 113.47 12.65
C ARG S 129 -37.73 112.65 11.95
N ILE S 130 -38.66 112.10 12.72
CA ILE S 130 -39.77 111.32 12.21
C ILE S 130 -41.06 111.93 12.75
N GLY S 131 -42.03 112.17 11.86
CA GLY S 131 -43.30 112.72 12.28
C GLY S 131 -44.30 111.63 12.61
N TYR S 132 -45.36 112.03 13.33
CA TYR S 132 -46.39 111.10 13.73
C TYR S 132 -47.69 111.83 13.95
N ASN S 133 -48.78 111.06 13.98
CA ASN S 133 -50.09 111.55 14.36
C ASN S 133 -50.55 111.04 15.71
N GLN S 134 -50.16 109.82 16.08
CA GLN S 134 -50.45 109.24 17.39
C GLN S 134 -49.19 108.59 17.91
N LEU S 135 -48.90 108.80 19.20
CA LEU S 135 -47.71 108.27 19.85
C LEU S 135 -48.10 107.39 21.02
N VAL S 136 -47.61 106.15 21.01
CA VAL S 136 -47.83 105.19 22.08
C VAL S 136 -46.49 104.91 22.73
N LEU S 137 -46.33 105.37 23.97
CA LEU S 137 -45.07 105.24 24.70
C LEU S 137 -45.11 104.01 25.59
N ALA S 138 -44.22 103.06 25.33
CA ALA S 138 -44.10 101.83 26.10
C ALA S 138 -42.66 101.61 26.51
N THR S 139 -42.01 102.67 26.97
CA THR S 139 -40.61 102.60 27.38
C THR S 139 -40.43 101.94 28.73
N GLY S 140 -41.49 101.81 29.52
CA GLY S 140 -41.43 101.13 30.78
C GLY S 140 -40.41 101.76 31.72
N LEU S 141 -39.89 100.94 32.63
CA LEU S 141 -38.90 101.36 33.61
C LEU S 141 -37.54 100.82 33.18
N LYS S 142 -36.63 101.73 32.83
CA LYS S 142 -35.32 101.33 32.33
C LYS S 142 -34.42 100.94 33.50
N HIS S 143 -33.81 99.76 33.38
CA HIS S 143 -32.89 99.29 34.40
C HIS S 143 -31.64 100.14 34.45
N ASP S 144 -31.10 100.32 35.66
CA ASP S 144 -29.86 101.08 35.86
C ASP S 144 -29.00 100.32 36.86
N PHE S 145 -28.02 99.57 36.34
CA PHE S 145 -27.08 98.88 37.21
C PHE S 145 -26.10 99.83 37.89
N SER S 146 -25.94 101.04 37.34
CA SER S 146 -24.99 101.99 37.90
C SER S 146 -25.48 102.66 39.17
N GLN S 147 -26.76 102.47 39.55
CA GLN S 147 -27.22 103.01 40.81
C GLN S 147 -26.49 102.36 41.99
N ILE S 148 -25.96 101.16 41.79
CA ILE S 148 -25.21 100.45 42.82
C ILE S 148 -23.82 100.19 42.26
N LYS S 149 -22.82 100.79 42.89
CA LYS S 149 -21.45 100.71 42.40
C LYS S 149 -20.93 99.27 42.51
N GLY S 150 -20.35 98.78 41.41
CA GLY S 150 -19.78 97.45 41.38
C GLY S 150 -20.78 96.32 41.35
N PHE S 151 -22.07 96.61 41.28
CA PHE S 151 -23.07 95.54 41.34
C PHE S 151 -23.10 94.72 40.05
N TYR S 152 -23.02 95.38 38.90
CA TYR S 152 -23.10 94.64 37.65
C TYR S 152 -21.90 93.72 37.47
N GLU S 153 -20.71 94.18 37.81
CA GLU S 153 -19.52 93.34 37.65
C GLU S 153 -19.54 92.16 38.60
N ALA S 154 -20.15 92.31 39.76
CA ALA S 154 -20.29 91.19 40.69
C ALA S 154 -21.39 90.21 40.25
N LEU S 155 -22.32 90.68 39.42
CA LEU S 155 -23.34 89.79 38.88
C LEU S 155 -22.81 88.99 37.71
N GLU S 156 -22.08 89.63 36.81
CA GLU S 156 -21.53 88.95 35.64
C GLU S 156 -20.46 87.95 36.02
N HIS S 157 -19.83 88.11 37.18
CA HIS S 157 -18.81 87.17 37.60
C HIS S 157 -19.45 85.79 37.79
N PRO S 158 -18.91 84.73 37.17
CA PRO S 158 -19.58 83.42 37.22
C PRO S 158 -19.46 82.70 38.55
N GLU S 159 -18.75 83.26 39.54
CA GLU S 159 -18.55 82.60 40.82
C GLU S 159 -19.00 83.44 42.01
N HIS S 160 -19.05 84.75 41.88
CA HIS S 160 -19.37 85.60 43.02
C HIS S 160 -20.82 85.35 43.44
N PRO S 161 -21.12 85.39 44.74
CA PRO S 161 -22.48 85.07 45.20
C PRO S 161 -23.46 86.23 45.09
N VAL S 162 -23.16 87.22 44.28
CA VAL S 162 -24.08 88.33 44.04
C VAL S 162 -24.99 87.93 42.89
N TYR S 163 -26.30 87.91 43.14
CA TYR S 163 -27.30 87.56 42.15
C TYR S 163 -28.26 88.71 41.95
N ALA S 164 -28.91 88.72 40.78
CA ALA S 164 -29.82 89.80 40.44
C ALA S 164 -31.11 89.27 39.85
N ASN S 165 -31.98 90.18 39.40
CA ASN S 165 -33.29 89.81 38.88
C ASN S 165 -33.27 89.48 37.40
N ARG S 166 -32.27 89.94 36.66
CA ARG S 166 -32.16 89.68 35.24
C ARG S 166 -30.73 89.28 34.91
N ASP S 167 -30.59 88.57 33.80
CA ASP S 167 -29.28 88.09 33.39
C ASP S 167 -28.57 89.14 32.54
N PRO S 168 -27.26 89.30 32.71
CA PRO S 168 -26.51 90.17 31.80
C PRO S 168 -26.43 89.54 30.41
N GLU S 169 -26.27 90.40 29.41
CA GLU S 169 -26.28 89.95 28.03
C GLU S 169 -24.96 89.33 27.60
N THR S 170 -23.95 89.31 28.47
CA THR S 170 -22.66 88.72 28.13
C THR S 170 -22.56 87.25 28.49
N TRP S 171 -23.60 86.68 29.11
CA TRP S 171 -23.60 85.27 29.45
C TRP S 171 -23.91 84.43 28.23
N ARG S 172 -23.24 83.28 28.13
CA ARG S 172 -23.51 82.33 27.07
C ARG S 172 -24.62 81.38 27.50
N SER S 173 -24.95 80.43 26.62
CA SER S 173 -26.00 79.47 26.90
C SER S 173 -25.61 78.47 27.98
N ALA S 174 -24.32 78.37 28.31
CA ALA S 174 -23.85 77.41 29.28
C ALA S 174 -23.69 78.00 30.68
N GLN S 175 -24.03 79.27 30.87
CA GLN S 175 -23.93 79.91 32.17
C GLN S 175 -25.27 79.81 32.88
N HIS S 176 -25.29 79.15 34.04
CA HIS S 176 -26.50 78.94 34.82
C HIS S 176 -26.30 79.42 36.25
N LYS S 177 -25.57 80.53 36.40
CA LYS S 177 -25.35 81.10 37.72
C LYS S 177 -26.65 81.54 38.37
N TYR S 178 -27.62 81.96 37.56
CA TYR S 178 -28.87 82.47 38.10
C TYR S 178 -29.55 81.45 39.01
N SER S 179 -29.42 80.17 38.70
CA SER S 179 -30.09 79.12 39.44
C SER S 179 -29.35 78.70 40.70
N LYS S 180 -28.18 79.27 40.98
CA LYS S 180 -27.39 78.87 42.13
C LYS S 180 -27.61 79.78 43.33
N TYR S 181 -28.56 80.72 43.25
CA TYR S 181 -28.83 81.58 44.40
C TYR S 181 -29.37 80.79 45.57
N ILE S 182 -30.33 79.92 45.32
CA ILE S 182 -30.91 79.13 46.40
C ILE S 182 -30.07 77.91 46.72
N SER S 183 -29.46 77.30 45.70
CA SER S 183 -28.69 76.09 45.92
C SER S 183 -27.42 76.37 46.72
N ASN S 184 -26.61 77.31 46.25
CA ASN S 184 -25.33 77.61 46.86
C ASN S 184 -25.49 78.70 47.91
N PHE S 185 -26.08 78.31 49.03
CA PHE S 185 -26.23 79.14 50.22
C PHE S 185 -25.82 78.36 51.45
N LYS S 186 -24.63 77.77 51.39
CA LYS S 186 -24.19 76.89 52.46
C LYS S 186 -24.13 77.61 53.80
N SER S 187 -23.73 78.88 53.79
CA SER S 187 -23.62 79.63 55.04
C SER S 187 -23.51 81.11 54.71
N GLY S 188 -23.32 81.90 55.76
CA GLY S 188 -23.08 83.33 55.63
C GLY S 188 -24.33 84.15 55.83
N ASP S 189 -24.18 85.44 55.55
CA ASP S 189 -25.27 86.40 55.66
C ASP S 189 -25.90 86.60 54.30
N GLY S 190 -27.21 86.41 54.23
CA GLY S 190 -27.96 86.56 53.00
C GLY S 190 -28.85 87.78 53.04
N TYR S 191 -28.88 88.53 51.93
CA TYR S 191 -29.62 89.77 51.85
C TYR S 191 -30.42 89.79 50.56
N PHE S 192 -31.72 90.05 50.68
CA PHE S 192 -32.61 90.27 49.55
C PHE S 192 -32.95 91.76 49.53
N CYS S 193 -32.47 92.46 48.51
CA CYS S 193 -32.56 93.91 48.44
C CYS S 193 -33.65 94.33 47.46
N ILE S 194 -34.56 95.18 47.92
CA ILE S 194 -35.63 95.74 47.11
C ILE S 194 -35.34 97.23 46.91
N PRO S 195 -35.23 97.71 45.68
CA PRO S 195 -34.89 99.11 45.43
C PRO S 195 -36.08 100.03 45.72
N GLU S 196 -35.88 101.31 45.44
CA GLU S 196 -36.90 102.31 45.70
C GLU S 196 -37.96 102.26 44.60
N TYR S 197 -39.22 102.25 45.02
CA TYR S 197 -40.32 102.30 44.08
C TYR S 197 -40.28 103.63 43.32
N PRO S 198 -40.61 103.65 42.03
CA PRO S 198 -41.06 102.53 41.19
C PRO S 198 -39.93 101.64 40.68
N TYR S 199 -40.11 100.33 40.78
CA TYR S 199 -39.19 99.37 40.21
C TYR S 199 -39.95 98.29 39.47
N ALA S 200 -39.30 97.67 38.50
CA ALA S 200 -39.93 96.67 37.66
C ALA S 200 -39.90 95.30 38.34
N GLY S 201 -41.01 94.58 38.23
CA GLY S 201 -41.11 93.25 38.81
C GLY S 201 -41.35 93.27 40.29
N GLU S 202 -42.48 93.83 40.70
CA GLU S 202 -42.76 93.98 42.12
C GLU S 202 -43.04 92.63 42.77
N VAL S 203 -44.07 91.93 42.31
CA VAL S 203 -44.47 90.66 42.90
C VAL S 203 -43.94 89.47 42.11
N GLU S 204 -43.76 89.64 40.80
CA GLU S 204 -43.33 88.54 39.97
C GLU S 204 -41.88 88.13 40.23
N CYS S 205 -41.12 88.94 40.97
CA CYS S 205 -39.72 88.64 41.25
C CYS S 205 -39.48 88.48 42.75
N PHE S 206 -40.52 88.19 43.52
CA PHE S 206 -40.40 87.96 44.95
C PHE S 206 -40.17 86.47 45.18
N ASN S 207 -38.92 86.07 45.37
CA ASN S 207 -38.53 84.68 45.54
C ASN S 207 -38.07 84.37 46.96
N PHE S 208 -38.44 85.18 47.94
CA PHE S 208 -38.08 84.92 49.32
C PHE S 208 -38.96 83.89 50.00
N PHE S 209 -40.07 83.51 49.39
CA PHE S 209 -40.91 82.42 49.90
C PHE S 209 -40.49 81.06 49.38
N VAL S 210 -39.96 80.99 48.17
CA VAL S 210 -39.48 79.72 47.65
C VAL S 210 -38.12 79.38 48.23
N SER S 211 -37.27 80.38 48.48
CA SER S 211 -35.97 80.11 49.08
C SER S 211 -36.10 79.72 50.54
N ASP S 212 -37.10 80.25 51.24
CA ASP S 212 -37.25 79.93 52.65
C ASP S 212 -37.57 78.45 52.84
N GLU S 213 -38.43 77.90 51.98
CA GLU S 213 -38.80 76.50 52.10
C GLU S 213 -37.62 75.59 51.74
N VAL S 214 -36.83 75.98 50.74
CA VAL S 214 -35.67 75.18 50.37
C VAL S 214 -34.58 75.30 51.41
N TRP S 215 -34.39 76.50 51.96
CA TRP S 215 -33.40 76.69 53.02
C TRP S 215 -33.84 76.08 54.33
N LYS S 216 -35.12 75.82 54.51
CA LYS S 216 -35.56 75.06 55.68
C LYS S 216 -35.13 73.61 55.58
N TRP S 217 -35.16 73.05 54.38
CA TRP S 217 -34.66 71.70 54.17
C TRP S 217 -33.16 71.62 54.43
N ALA S 218 -32.42 72.62 53.97
CA ALA S 218 -30.97 72.62 54.14
C ALA S 218 -30.57 72.69 55.60
N GLN S 219 -31.37 73.36 56.43
CA GLN S 219 -31.07 73.39 57.86
C GLN S 219 -31.40 72.07 58.54
N HIS S 220 -32.18 71.22 57.89
CA HIS S 220 -32.57 69.97 58.52
C HIS S 220 -31.47 68.92 58.43
N HIS S 221 -30.80 68.80 57.29
CA HIS S 221 -29.76 67.79 57.12
C HIS S 221 -28.37 68.39 57.13
N GLY S 222 -28.22 69.65 57.54
CA GLY S 222 -26.92 70.23 57.76
C GLY S 222 -26.30 70.91 56.57
N ALA S 223 -26.98 70.96 55.43
CA ALA S 223 -26.41 71.61 54.26
C ALA S 223 -26.23 73.10 54.49
N LEU S 224 -27.17 73.72 55.20
CA LEU S 224 -27.09 75.12 55.57
C LEU S 224 -26.63 75.25 57.02
N SER S 225 -25.56 76.02 57.23
CA SER S 225 -25.01 76.17 58.56
C SER S 225 -26.05 76.75 59.52
N PRO S 226 -26.06 76.34 60.79
CA PRO S 226 -27.05 76.88 61.73
C PRO S 226 -26.85 78.35 62.01
N LYS S 227 -25.64 78.88 61.84
CA LYS S 227 -25.39 80.31 62.04
C LYS S 227 -25.33 80.97 60.67
N HIS S 228 -26.52 81.30 60.18
CA HIS S 228 -26.69 82.04 58.95
C HIS S 228 -27.77 83.08 59.19
N THR S 229 -27.71 84.16 58.43
CA THR S 229 -28.66 85.26 58.58
C THR S 229 -29.25 85.59 57.23
N PHE S 230 -30.57 85.73 57.19
CA PHE S 230 -31.28 86.17 56.00
C PHE S 230 -32.26 87.26 56.39
N THR S 231 -32.13 88.42 55.76
CA THR S 231 -33.06 89.52 55.99
C THR S 231 -33.41 90.16 54.67
N ILE S 232 -34.59 90.73 54.60
CA ILE S 232 -35.09 91.41 53.41
C ILE S 232 -34.85 92.90 53.60
N VAL S 233 -33.97 93.46 52.78
CA VAL S 233 -33.64 94.88 52.85
C VAL S 233 -34.55 95.60 51.85
N ASN S 234 -35.62 96.22 52.35
CA ASN S 234 -36.60 96.90 51.52
C ASN S 234 -36.41 98.40 51.67
N ALA S 235 -36.18 99.07 50.54
CA ALA S 235 -36.01 100.52 50.59
C ALA S 235 -37.33 101.21 50.84
N ASN S 236 -38.42 100.66 50.32
CA ASN S 236 -39.75 101.23 50.50
C ASN S 236 -40.31 100.81 51.85
N GLU S 237 -41.46 101.40 52.19
CA GLU S 237 -42.13 101.07 53.44
C GLU S 237 -43.03 99.86 53.32
N LYS S 238 -43.50 99.53 52.12
CA LYS S 238 -44.43 98.42 51.92
C LYS S 238 -43.99 97.63 50.69
N PHE S 239 -44.43 96.38 50.63
CA PHE S 239 -44.02 95.50 49.54
C PHE S 239 -44.90 95.69 48.30
N VAL S 240 -46.21 95.79 48.48
CA VAL S 240 -47.15 96.04 47.40
C VAL S 240 -47.80 97.39 47.68
N HIS S 241 -47.53 98.36 46.83
CA HIS S 241 -47.94 99.73 47.11
C HIS S 241 -49.41 99.96 46.84
N TYR S 242 -49.91 99.49 45.70
CA TYR S 242 -51.27 99.80 45.26
C TYR S 242 -52.27 98.72 45.63
N CYS S 243 -51.86 97.67 46.34
CA CYS S 243 -52.78 96.64 46.81
C CYS S 243 -52.41 96.32 48.26
N ASP S 244 -53.14 96.92 49.20
CA ASP S 244 -52.87 96.71 50.61
C ASP S 244 -53.35 95.36 51.10
N SER S 245 -54.29 94.74 50.39
CA SER S 245 -54.73 93.39 50.75
C SER S 245 -53.60 92.39 50.60
N ALA S 246 -52.90 92.42 49.47
CA ALA S 246 -51.77 91.53 49.28
C ALA S 246 -50.55 91.95 50.09
N ASP S 247 -50.36 93.24 50.31
CA ASP S 247 -49.21 93.69 51.09
C ASP S 247 -49.35 93.26 52.54
N ALA S 248 -50.57 93.27 53.08
CA ALA S 248 -50.76 92.78 54.44
C ALA S 248 -50.53 91.28 54.53
N PHE S 249 -50.84 90.55 53.46
CA PHE S 249 -50.64 89.11 53.47
C PHE S 249 -49.17 88.76 53.46
N ILE S 250 -48.36 89.51 52.72
CA ILE S 250 -46.94 89.22 52.62
C ILE S 250 -46.28 89.41 53.98
N LYS S 251 -46.47 90.58 54.59
CA LYS S 251 -45.87 90.85 55.88
C LYS S 251 -46.41 89.90 56.95
N GLU S 252 -47.66 89.49 56.82
CA GLU S 252 -48.20 88.50 57.75
C GLU S 252 -47.55 87.14 57.58
N ARG S 253 -47.28 86.76 56.33
CA ARG S 253 -46.64 85.47 56.07
C ARG S 253 -45.14 85.50 56.37
N LEU S 254 -44.49 86.64 56.15
CA LEU S 254 -43.07 86.76 56.48
C LEU S 254 -42.84 86.61 57.98
N GLU S 255 -43.78 87.09 58.79
CA GLU S 255 -43.65 86.94 60.24
C GLU S 255 -43.89 85.49 60.65
N LYS S 256 -44.85 84.83 60.00
CA LYS S 256 -45.13 83.44 60.33
C LYS S 256 -43.96 82.54 59.96
N ARG S 257 -43.29 82.85 58.85
CA ARG S 257 -42.14 82.07 58.43
C ARG S 257 -40.93 82.34 59.30
N GLY S 258 -40.78 83.58 59.79
CA GLY S 258 -39.68 83.96 60.63
C GLY S 258 -38.67 84.85 59.97
N ILE S 259 -38.94 85.32 58.75
CA ILE S 259 -38.01 86.17 58.02
C ILE S 259 -38.01 87.58 58.62
N ARG S 260 -36.82 88.16 58.75
CA ARG S 260 -36.66 89.50 59.26
C ARG S 260 -36.60 90.49 58.11
N VAL S 261 -37.26 91.64 58.29
CA VAL S 261 -37.34 92.67 57.26
C VAL S 261 -36.81 93.98 57.84
N GLU S 262 -36.10 94.73 57.01
CA GLU S 262 -35.59 96.05 57.37
C GLU S 262 -36.08 97.03 56.32
N TYR S 263 -36.93 97.96 56.72
CA TYR S 263 -37.50 98.95 55.81
C TYR S 263 -36.65 100.21 55.75
N ASN S 264 -36.93 101.03 54.74
CA ASN S 264 -36.28 102.31 54.54
C ASN S 264 -34.77 102.18 54.31
N THR S 265 -34.30 101.00 53.97
CA THR S 265 -32.89 100.76 53.70
C THR S 265 -32.73 100.26 52.27
N LYS S 266 -31.82 100.90 51.52
CA LYS S 266 -31.55 100.54 50.14
C LYS S 266 -30.08 100.19 49.97
N LEU S 267 -29.82 99.23 49.08
CA LEU S 267 -28.46 98.85 48.75
C LEU S 267 -27.78 99.94 47.95
N LEU S 268 -26.56 100.29 48.33
CA LEU S 268 -25.85 101.41 47.73
C LEU S 268 -24.55 101.03 47.04
N GLU S 269 -23.79 100.08 47.58
CA GLU S 269 -22.52 99.71 46.99
C GLU S 269 -22.18 98.27 47.34
N VAL S 270 -21.57 97.56 46.39
CA VAL S 270 -21.18 96.17 46.53
C VAL S 270 -19.68 96.07 46.30
N HIS S 271 -18.94 95.67 47.33
CA HIS S 271 -17.50 95.49 47.25
C HIS S 271 -17.21 94.02 46.98
N GLN S 272 -16.74 93.74 45.77
CA GLN S 272 -16.49 92.35 45.36
C GLN S 272 -15.26 91.76 46.02
N ASP S 273 -14.36 92.60 46.56
CA ASP S 273 -13.12 92.08 47.10
C ASP S 273 -13.34 91.36 48.43
N GLY S 274 -13.82 92.07 49.44
CA GLY S 274 -14.10 91.50 50.74
C GLY S 274 -15.54 91.12 50.99
N GLN S 275 -16.38 91.10 49.96
CA GLN S 275 -17.80 90.84 50.10
C GLN S 275 -18.43 91.75 51.15
N LYS S 276 -18.30 93.04 50.91
CA LYS S 276 -18.92 94.06 51.75
C LYS S 276 -20.06 94.72 50.98
N ALA S 277 -21.17 94.94 51.67
CA ALA S 277 -22.34 95.57 51.07
C ALA S 277 -22.70 96.83 51.86
N THR S 278 -22.70 97.96 51.18
CA THR S 278 -22.98 99.24 51.81
C THR S 278 -24.48 99.52 51.72
N PHE S 279 -25.16 99.50 52.86
CA PHE S 279 -26.57 99.85 52.94
C PHE S 279 -26.71 101.23 53.57
N ILE S 280 -27.81 101.89 53.26
CA ILE S 280 -28.10 103.21 53.82
C ILE S 280 -29.57 103.29 54.18
N ASN S 281 -29.85 103.73 55.40
CA ASN S 281 -31.22 103.92 55.90
C ASN S 281 -31.72 105.27 55.43
N THR S 282 -32.53 105.27 54.37
CA THR S 282 -32.99 106.52 53.77
C THR S 282 -33.83 107.34 54.74
N LYS S 283 -34.38 106.72 55.78
CA LYS S 283 -35.15 107.46 56.77
C LYS S 283 -34.25 108.39 57.57
N THR S 284 -33.17 107.86 58.13
CA THR S 284 -32.25 108.63 58.96
C THR S 284 -30.98 109.02 58.23
N GLY S 285 -30.81 108.61 56.97
CA GLY S 285 -29.60 108.96 56.26
C GLY S 285 -28.36 108.31 56.81
N GLU S 286 -28.50 107.18 57.51
CA GLU S 286 -27.38 106.49 58.13
C GLU S 286 -26.98 105.29 57.29
N LYS S 287 -25.72 105.24 56.90
CA LYS S 287 -25.19 104.14 56.10
C LYS S 287 -24.37 103.21 56.97
N SER S 288 -24.27 101.95 56.53
CA SER S 288 -23.53 100.92 57.25
C SER S 288 -22.87 99.99 56.25
N VAL S 289 -21.94 99.18 56.76
CA VAL S 289 -21.20 98.21 55.96
C VAL S 289 -21.46 96.82 56.55
N ARG S 290 -21.92 95.90 55.71
CA ARG S 290 -22.31 94.58 56.16
C ARG S 290 -21.62 93.52 55.31
N ASP S 291 -21.12 92.47 55.98
CA ASP S 291 -20.59 91.32 55.27
C ASP S 291 -21.73 90.49 54.71
N TYR S 292 -21.59 90.08 53.44
CA TYR S 292 -22.57 89.22 52.80
C TYR S 292 -21.91 87.98 52.23
N ASN S 293 -22.73 86.94 52.05
CA ASN S 293 -22.32 85.73 51.36
C ASN S 293 -23.30 85.28 50.29
N ASN S 294 -24.49 85.87 50.23
CA ASN S 294 -25.46 85.53 49.20
C ASN S 294 -26.36 86.76 49.02
N LEU S 295 -26.10 87.54 47.98
CA LEU S 295 -26.76 88.83 47.78
C LEU S 295 -27.66 88.76 46.55
N TYR S 296 -28.93 89.07 46.75
CA TYR S 296 -29.91 89.19 45.67
C TYR S 296 -30.54 90.57 45.72
N SER S 297 -30.61 91.22 44.57
CA SER S 297 -31.17 92.56 44.48
C SER S 297 -31.98 92.69 43.19
N ILE S 298 -33.19 93.24 43.31
CA ILE S 298 -33.96 93.59 42.13
C ILE S 298 -33.32 94.81 41.47
N VAL S 299 -33.09 94.72 40.17
CA VAL S 299 -32.39 95.78 39.46
C VAL S 299 -33.16 97.09 39.62
N PRO S 300 -32.55 98.17 40.08
CA PRO S 300 -33.29 99.43 40.25
C PRO S 300 -33.52 100.13 38.93
N SER S 301 -34.63 100.84 38.85
CA SER S 301 -35.01 101.57 37.66
C SER S 301 -34.44 102.99 37.70
N LYS S 302 -34.62 103.71 36.59
CA LYS S 302 -34.14 105.08 36.48
C LYS S 302 -35.04 105.83 35.51
N ARG S 303 -35.52 106.99 35.96
CA ARG S 303 -36.37 107.82 35.11
C ARG S 303 -35.56 108.41 33.96
N GLN S 304 -36.10 108.31 32.75
CA GLN S 304 -35.40 108.79 31.56
C GLN S 304 -35.58 110.31 31.44
N GLU S 305 -34.48 111.01 31.22
CA GLU S 305 -34.49 112.47 31.32
C GLU S 305 -35.25 113.12 30.17
N PHE S 306 -35.26 112.51 28.99
CA PHE S 306 -35.94 113.13 27.85
C PHE S 306 -37.44 113.21 28.07
N LEU S 307 -38.01 112.26 28.81
CA LEU S 307 -39.43 112.31 29.12
C LEU S 307 -39.76 113.43 30.10
N ASP S 308 -38.74 113.98 30.77
CA ASP S 308 -38.90 115.15 31.63
C ASP S 308 -38.63 116.44 30.88
N LYS S 309 -37.70 116.43 29.94
CA LYS S 309 -37.43 117.62 29.13
C LYS S 309 -38.60 117.95 28.22
N ALA S 310 -39.35 116.94 27.78
CA ALA S 310 -40.53 117.17 26.95
C ALA S 310 -41.77 117.47 27.77
N GLY S 311 -41.70 117.37 29.09
CA GLY S 311 -42.83 117.69 29.95
C GLY S 311 -43.96 116.71 29.83
N LEU S 312 -43.65 115.42 29.94
CA LEU S 312 -44.64 114.35 29.87
C LEU S 312 -44.80 113.61 31.18
N THR S 313 -43.74 113.46 31.96
CA THR S 313 -43.79 112.78 33.24
C THR S 313 -44.15 113.76 34.35
N ASN S 314 -44.50 113.20 35.51
CA ASN S 314 -44.86 113.98 36.68
C ASN S 314 -44.31 113.32 37.92
N GLY S 315 -43.63 114.10 38.75
CA GLY S 315 -43.16 113.58 40.02
C GLY S 315 -42.10 112.51 39.91
N ASN S 316 -42.48 111.27 40.20
CA ASN S 316 -41.53 110.16 40.21
C ASN S 316 -40.87 109.95 38.86
N GLY S 317 -41.50 110.38 37.78
CA GLY S 317 -40.93 110.20 36.46
C GLY S 317 -41.74 109.29 35.56
N LEU S 318 -42.98 109.03 35.96
CA LEU S 318 -43.88 108.21 35.16
C LEU S 318 -44.81 109.08 34.32
N LEU S 319 -45.35 108.48 33.27
CA LEU S 319 -46.23 109.20 32.36
C LEU S 319 -47.50 109.63 33.07
N ASN S 320 -47.90 110.89 32.85
CA ASN S 320 -49.08 111.47 33.48
C ASN S 320 -50.24 111.33 32.49
N VAL S 321 -50.93 110.19 32.55
CA VAL S 321 -52.02 109.90 31.63
C VAL S 321 -53.30 109.68 32.42
N ASP S 322 -54.42 109.62 31.69
CA ASP S 322 -55.70 109.34 32.30
C ASP S 322 -55.74 107.90 32.80
N HIS S 323 -56.31 107.71 33.99
CA HIS S 323 -56.42 106.37 34.55
C HIS S 323 -57.44 105.51 33.83
N GLN S 324 -58.38 106.13 33.11
CA GLN S 324 -59.46 105.41 32.45
C GLN S 324 -59.11 105.06 31.01
N THR S 325 -58.80 106.06 30.20
CA THR S 325 -58.58 105.87 28.77
C THR S 325 -57.10 105.77 28.41
N LEU S 326 -56.20 105.91 29.37
CA LEU S 326 -54.76 105.85 29.16
C LEU S 326 -54.25 106.97 28.26
N GLN S 327 -55.06 108.01 28.03
CA GLN S 327 -54.63 109.16 27.25
C GLN S 327 -53.92 110.17 28.15
N HIS S 328 -52.87 110.79 27.62
CA HIS S 328 -52.14 111.78 28.37
C HIS S 328 -53.04 112.97 28.69
N LYS S 329 -52.69 113.69 29.76
CA LYS S 329 -53.46 114.86 30.16
C LYS S 329 -53.49 115.88 29.04
N LYS S 330 -52.33 116.40 28.67
CA LYS S 330 -52.18 117.24 27.49
C LYS S 330 -51.60 116.40 26.35
N TYR S 331 -51.60 116.99 25.15
CA TYR S 331 -51.15 116.30 23.95
C TYR S 331 -51.97 115.03 23.72
N LYS S 332 -53.27 115.24 23.49
CA LYS S 332 -54.22 114.13 23.39
C LYS S 332 -53.82 113.11 22.34
N ASN S 333 -52.89 113.44 21.46
CA ASN S 333 -52.39 112.49 20.47
C ASN S 333 -51.32 111.55 21.04
N ILE S 334 -50.97 111.70 22.32
CA ILE S 334 -49.94 110.89 22.95
C ILE S 334 -50.59 110.02 24.02
N PHE S 335 -50.26 108.73 24.01
CA PHE S 335 -50.76 107.76 24.97
C PHE S 335 -49.60 107.19 25.78
N GLY S 336 -49.92 106.23 26.64
CA GLY S 336 -48.92 105.59 27.47
C GLY S 336 -49.47 104.34 28.16
N LEU S 337 -48.66 103.30 28.27
CA LEU S 337 -49.11 102.05 28.86
C LEU S 337 -47.90 101.28 29.36
N GLY S 338 -48.19 100.25 30.17
CA GLY S 338 -47.14 99.40 30.70
C GLY S 338 -46.65 99.89 32.05
N ASP S 339 -45.32 99.98 32.19
CA ASP S 339 -44.72 100.41 33.45
C ASP S 339 -44.48 101.91 33.49
N ALA S 340 -44.22 102.54 32.34
CA ALA S 340 -43.95 103.97 32.32
C ALA S 340 -45.17 104.80 32.70
N ALA S 341 -46.37 104.24 32.55
CA ALA S 341 -47.58 104.95 32.92
C ALA S 341 -47.78 104.96 34.42
N ASP S 342 -48.26 106.09 34.94
CA ASP S 342 -48.54 106.24 36.37
C ASP S 342 -49.98 105.85 36.62
N LEU S 343 -50.19 104.57 36.93
CA LEU S 343 -51.51 104.05 37.17
C LEU S 343 -51.59 103.43 38.56
N PRO S 344 -52.63 103.72 39.36
CA PRO S 344 -52.69 103.15 40.70
C PRO S 344 -52.94 101.65 40.70
N THR S 345 -52.02 100.88 40.15
CA THR S 345 -52.14 99.43 40.10
C THR S 345 -50.76 98.83 40.01
N THR S 346 -50.70 97.51 40.16
CA THR S 346 -49.44 96.78 40.11
C THR S 346 -48.97 96.65 38.67
N LYS S 347 -47.72 97.07 38.43
CA LYS S 347 -47.14 97.05 37.09
C LYS S 347 -46.75 95.62 36.74
N THR S 348 -47.73 94.86 36.31
CA THR S 348 -47.54 93.48 35.88
C THR S 348 -47.68 93.38 34.37
N PHE S 349 -47.58 92.16 33.86
CA PHE S 349 -47.75 91.91 32.44
C PHE S 349 -49.20 91.69 32.06
N TRP S 350 -49.95 90.96 32.90
CA TRP S 350 -51.37 90.78 32.64
C TRP S 350 -52.11 92.11 32.71
N ALA S 351 -51.60 93.07 33.48
CA ALA S 351 -52.12 94.42 33.42
C ALA S 351 -51.93 95.00 32.04
N GLY S 352 -50.81 94.70 31.40
CA GLY S 352 -50.56 95.15 30.04
C GLY S 352 -51.45 94.48 29.02
N TRP S 353 -51.98 93.29 29.31
CA TRP S 353 -52.92 92.67 28.39
C TRP S 353 -54.18 93.51 28.25
N TYR S 354 -54.63 94.11 29.34
CA TYR S 354 -55.82 94.96 29.32
C TYR S 354 -55.50 96.41 29.03
N GLN S 355 -54.22 96.79 28.96
CA GLN S 355 -53.84 98.14 28.58
C GLN S 355 -53.60 98.29 27.08
N ILE S 356 -53.29 97.20 26.39
CA ILE S 356 -53.10 97.28 24.94
C ILE S 356 -54.45 97.27 24.23
N ALA S 357 -55.45 96.61 24.81
CA ALA S 357 -56.79 96.64 24.22
C ALA S 357 -57.40 98.03 24.32
N VAL S 358 -57.06 98.79 25.36
CA VAL S 358 -57.57 100.14 25.49
C VAL S 358 -56.80 101.10 24.61
N VAL S 359 -55.49 100.92 24.48
CA VAL S 359 -54.69 101.82 23.65
C VAL S 359 -55.03 101.60 22.18
N ARG S 360 -55.04 100.35 21.74
CA ARG S 360 -55.36 100.07 20.35
C ARG S 360 -56.77 100.49 19.99
N ASN S 361 -57.64 100.66 20.99
CA ASN S 361 -58.98 101.16 20.73
C ASN S 361 -59.00 102.68 20.65
N ASN S 362 -58.47 103.34 21.67
CA ASN S 362 -58.52 104.80 21.72
C ASN S 362 -57.69 105.42 20.60
N VAL S 363 -56.56 104.80 20.24
CA VAL S 363 -55.79 105.27 19.10
C VAL S 363 -56.61 105.11 17.82
N LYS S 364 -57.34 104.01 17.70
CA LYS S 364 -58.23 103.83 16.56
C LYS S 364 -59.31 104.91 16.52
N ARG S 365 -59.74 105.41 17.68
CA ARG S 365 -60.79 106.41 17.70
C ARG S 365 -60.27 107.80 17.36
N ASN S 366 -59.01 108.11 17.72
CA ASN S 366 -58.44 109.41 17.38
C ASN S 366 -58.02 109.48 15.92
N LEU S 367 -57.71 108.34 15.30
CA LEU S 367 -57.45 108.33 13.87
C LEU S 367 -58.71 108.62 13.06
N GLN S 368 -59.88 108.41 13.66
CA GLN S 368 -61.16 108.69 13.02
C GLN S 368 -61.92 109.82 13.71
N GLY S 369 -61.32 110.46 14.71
CA GLY S 369 -61.95 111.57 15.40
C GLY S 369 -63.06 111.19 16.34
N GLN S 370 -63.38 109.91 16.47
CA GLN S 370 -64.48 109.48 17.30
C GLN S 370 -64.12 109.61 18.78
N THR S 371 -65.09 109.30 19.64
CA THR S 371 -64.89 109.39 21.08
C THR S 371 -64.16 108.16 21.61
N LEU S 372 -63.79 108.24 22.88
CA LEU S 372 -63.05 107.17 23.55
C LEU S 372 -64.00 106.42 24.47
N ASN S 373 -64.40 105.20 24.06
CA ASN S 373 -65.29 104.38 24.86
C ASN S 373 -64.57 103.24 25.57
N ALA S 374 -63.26 103.16 25.46
CA ALA S 374 -62.48 102.12 26.12
C ALA S 374 -61.93 102.65 27.43
N HIS S 375 -62.30 101.99 28.53
CA HIS S 375 -61.85 102.37 29.86
C HIS S 375 -61.02 101.24 30.46
N TYR S 376 -59.97 101.60 31.18
CA TYR S 376 -59.12 100.64 31.87
C TYR S 376 -59.50 100.61 33.34
N ASP S 377 -59.98 99.46 33.81
CA ASP S 377 -60.46 99.32 35.17
C ASP S 377 -59.35 99.15 36.19
N GLY S 378 -58.10 99.00 35.75
CA GLY S 378 -57.00 98.82 36.67
C GLY S 378 -56.75 97.38 37.08
N PHE S 379 -57.13 96.43 36.25
CA PHE S 379 -56.93 95.03 36.58
C PHE S 379 -55.47 94.64 36.37
N SER S 380 -54.93 93.87 37.32
CA SER S 380 -53.56 93.41 37.25
C SER S 380 -53.46 92.07 37.98
N LYS S 381 -52.85 91.08 37.33
CA LYS S 381 -52.76 89.74 37.89
C LYS S 381 -51.31 89.29 37.86
N VAL S 382 -50.80 88.88 39.02
CA VAL S 382 -49.43 88.37 39.12
C VAL S 382 -49.42 87.23 40.13
N PRO S 383 -48.77 86.11 39.82
CA PRO S 383 -48.68 85.02 40.79
C PRO S 383 -47.67 85.32 41.89
N LEU S 384 -48.00 84.92 43.10
CA LEU S 384 -47.12 85.05 44.26
C LEU S 384 -46.75 83.65 44.73
N PHE S 385 -45.50 83.26 44.46
CA PHE S 385 -45.01 81.93 44.81
C PHE S 385 -44.87 81.82 46.32
N THR S 386 -45.84 81.14 46.95
CA THR S 386 -45.85 80.96 48.39
C THR S 386 -45.05 79.75 48.84
N GLY S 387 -44.59 78.92 47.92
CA GLY S 387 -43.82 77.75 48.28
C GLY S 387 -43.00 77.28 47.11
N HIS S 388 -42.22 76.22 47.35
CA HIS S 388 -41.36 75.67 46.32
C HIS S 388 -42.15 75.23 45.11
N GLN S 389 -43.37 74.73 45.31
CA GLN S 389 -44.19 74.23 44.21
C GLN S 389 -45.65 74.69 44.34
N THR S 390 -45.91 75.76 45.08
CA THR S 390 -47.25 76.28 45.25
C THR S 390 -47.23 77.79 45.12
N LEU S 391 -48.36 78.35 44.70
CA LEU S 391 -48.49 79.78 44.55
C LEU S 391 -49.94 80.20 44.77
N THR S 392 -50.14 81.52 44.83
CA THR S 392 -51.45 82.13 44.87
C THR S 392 -51.40 83.36 43.98
N TYR S 393 -52.57 83.75 43.47
CA TYR S 393 -52.66 84.85 42.53
C TYR S 393 -52.99 86.16 43.23
N VAL S 394 -52.27 87.20 42.84
CA VAL S 394 -52.50 88.56 43.34
C VAL S 394 -53.21 89.32 42.22
N ALA S 395 -54.54 89.36 42.29
CA ALA S 395 -55.35 90.06 41.31
C ALA S 395 -56.17 91.12 42.03
N HIS S 396 -56.19 92.33 41.47
CA HIS S 396 -56.87 93.45 42.11
C HIS S 396 -57.24 94.48 41.06
N SER S 397 -58.25 95.28 41.40
CA SER S 397 -58.73 96.34 40.53
C SER S 397 -58.02 97.65 40.88
N TYR S 398 -58.52 98.76 40.36
CA TYR S 398 -57.88 100.05 40.59
C TYR S 398 -57.92 100.44 42.06
N GLY S 399 -59.01 100.14 42.75
CA GLY S 399 -59.13 100.49 44.15
C GLY S 399 -58.55 99.46 45.10
N GLY S 400 -57.63 98.65 44.61
CA GLY S 400 -57.04 97.60 45.43
C GLY S 400 -57.95 96.46 45.81
N VAL S 401 -59.18 96.43 45.30
CA VAL S 401 -60.11 95.36 45.64
C VAL S 401 -59.82 94.15 44.74
N GLY S 402 -59.71 92.97 45.36
CA GLY S 402 -59.41 91.78 44.62
C GLY S 402 -60.63 91.04 44.14
N ASN S 403 -60.43 90.20 43.12
CA ASN S 403 -61.49 89.40 42.54
C ASN S 403 -61.59 88.06 43.27
N TRP S 404 -62.30 87.11 42.67
CA TRP S 404 -62.46 85.79 43.26
C TRP S 404 -61.15 85.04 43.40
N GLN S 405 -60.12 85.44 42.66
CA GLN S 405 -58.82 84.76 42.70
C GLN S 405 -57.87 85.38 43.70
N HIS S 406 -58.16 86.56 44.23
CA HIS S 406 -57.20 87.28 45.04
C HIS S 406 -56.90 86.52 46.31
N LEU S 407 -55.64 86.10 46.46
CA LEU S 407 -55.14 85.49 47.69
C LEU S 407 -55.94 84.24 48.07
N LYS S 408 -56.28 83.45 47.06
CA LYS S 408 -56.94 82.17 47.28
C LYS S 408 -55.93 81.03 47.28
N HIS S 409 -56.29 79.94 47.96
CA HIS S 409 -55.41 78.80 48.17
C HIS S 409 -53.98 79.26 48.46
N ASN S 410 -53.87 80.13 49.47
CA ASN S 410 -52.59 80.76 49.76
C ASN S 410 -51.72 79.95 50.71
N ASN S 411 -52.29 78.99 51.43
CA ASN S 411 -51.55 78.20 52.40
C ASN S 411 -51.10 76.86 51.83
N GLY S 412 -51.04 76.73 50.51
CA GLY S 412 -50.60 75.50 49.89
C GLY S 412 -51.70 74.46 49.81
N GLY S 413 -51.41 73.38 49.10
CA GLY S 413 -52.34 72.30 48.88
C GLY S 413 -52.39 71.90 47.42
N ILE S 414 -53.31 70.98 47.12
CA ILE S 414 -53.44 70.48 45.75
C ILE S 414 -53.89 71.58 44.81
N LEU S 415 -54.81 72.44 45.26
CA LEU S 415 -55.27 73.53 44.41
C LEU S 415 -54.14 74.51 44.11
N ALA S 416 -53.30 74.79 45.11
CA ALA S 416 -52.16 75.67 44.89
C ALA S 416 -51.08 74.97 44.07
N TRP S 417 -50.98 73.65 44.18
CA TRP S 417 -49.94 72.92 43.45
C TRP S 417 -50.28 72.82 41.97
N MET S 418 -51.55 72.62 41.63
CA MET S 418 -51.93 72.51 40.22
C MET S 418 -51.77 73.84 39.51
N ARG S 419 -52.14 74.94 40.17
CA ARG S 419 -51.98 76.26 39.57
C ARG S 419 -50.52 76.62 39.38
N TYR S 420 -49.63 76.05 40.20
CA TYR S 420 -48.20 76.32 40.04
C TYR S 420 -47.65 75.64 38.78
N ARG S 421 -48.02 74.38 38.56
CA ARG S 421 -47.49 73.66 37.41
C ARG S 421 -47.99 74.25 36.10
N SER S 422 -49.19 74.84 36.11
CA SER S 422 -49.72 75.47 34.91
C SER S 422 -48.97 76.74 34.55
N TRP S 423 -48.39 77.42 35.54
CA TRP S 423 -47.62 78.63 35.27
C TRP S 423 -46.13 78.34 35.08
N ALA S 424 -45.62 77.29 35.73
CA ALA S 424 -44.21 76.98 35.61
C ALA S 424 -43.88 76.23 34.33
N LYS S 425 -44.69 75.22 33.99
CA LYS S 425 -44.41 74.38 32.83
C LYS S 425 -45.20 74.74 31.59
N GLY S 426 -46.22 75.60 31.70
CA GLY S 426 -47.08 75.84 30.57
C GLY S 426 -47.31 77.30 30.23
N MET S 427 -46.51 78.19 30.81
CA MET S 427 -46.63 79.61 30.53
C MET S 427 -45.52 80.15 29.64
N ALA S 428 -44.30 79.64 29.76
CA ALA S 428 -43.21 80.14 28.93
C ALA S 428 -43.43 79.82 27.47
N LYS S 429 -44.05 78.68 27.18
CA LYS S 429 -44.36 78.31 25.80
C LYS S 429 -45.48 79.16 25.20
N LYS S 430 -46.19 79.92 26.03
CA LYS S 430 -47.27 80.76 25.54
C LYS S 430 -46.79 82.13 25.09
N PHE S 431 -45.64 82.59 25.60
CA PHE S 431 -45.09 83.87 25.19
C PHE S 431 -44.54 83.84 23.77
N GLN S 432 -44.35 82.66 23.19
CA GLN S 432 -43.98 82.58 21.79
C GLN S 432 -45.15 83.00 20.91
N ASP S 433 -46.37 82.56 21.26
CA ASP S 433 -47.55 82.97 20.51
C ASP S 433 -47.90 84.42 20.75
N PHE S 434 -47.60 84.94 21.95
CA PHE S 434 -47.90 86.34 22.24
C PHE S 434 -47.13 87.27 21.31
N TYR S 435 -45.85 86.96 21.08
CA TYR S 435 -45.03 87.81 20.21
C TYR S 435 -45.32 87.55 18.74
N ASN S 436 -45.61 86.30 18.37
CA ASN S 436 -45.95 86.02 16.98
C ASN S 436 -47.32 86.60 16.63
N GLY S 437 -48.33 86.30 17.43
CA GLY S 437 -49.68 86.77 17.20
C GLY S 437 -50.70 85.66 17.15
N ALA S 438 -50.27 84.43 17.45
CA ALA S 438 -51.17 83.29 17.39
C ALA S 438 -52.20 83.35 18.50
N ARG S 439 -51.79 83.73 19.70
CA ARG S 439 -52.67 83.80 20.86
C ARG S 439 -52.70 85.24 21.37
N LEU S 440 -53.91 85.75 21.60
CA LEU S 440 -54.13 87.08 22.11
C LEU S 440 -54.19 87.04 23.63
N GLY S 441 -54.67 88.11 24.25
CA GLY S 441 -54.75 88.19 25.69
C GLY S 441 -55.75 87.20 26.25
N PRO S 442 -56.02 87.28 27.54
CA PRO S 442 -56.92 86.33 28.18
C PRO S 442 -58.31 86.35 27.57
N PRO S 443 -58.92 87.54 27.40
CA PRO S 443 -60.26 87.54 26.82
C PRO S 443 -60.25 87.34 25.32
N TYR T 14 -46.22 -43.63 37.30
CA TYR T 14 -45.17 -44.32 38.05
C TYR T 14 -45.12 -43.79 39.49
N GLU T 15 -44.03 -43.11 39.86
CA GLU T 15 -43.87 -42.61 41.23
C GLU T 15 -44.57 -41.25 41.35
N ASP T 16 -45.89 -41.32 41.32
CA ASP T 16 -46.75 -40.14 41.37
C ASP T 16 -46.40 -39.17 40.25
N PHE T 17 -46.14 -39.70 39.06
CA PHE T 17 -45.87 -38.88 37.89
C PHE T 17 -46.39 -39.62 36.66
N VAL T 18 -47.09 -38.89 35.79
CA VAL T 18 -47.70 -39.44 34.59
C VAL T 18 -46.92 -38.94 33.39
N PHE T 19 -46.37 -39.88 32.61
CA PHE T 19 -45.63 -39.59 31.39
C PHE T 19 -46.42 -40.26 30.26
N THR T 20 -47.26 -39.48 29.59
CA THR T 20 -48.16 -40.03 28.60
C THR T 20 -47.37 -40.45 27.36
N THR T 21 -47.46 -41.73 27.00
CA THR T 21 -46.81 -42.26 25.83
C THR T 21 -47.77 -43.21 25.14
N PRO T 22 -47.67 -43.36 23.82
CA PRO T 22 -48.48 -44.35 23.13
C PRO T 22 -48.07 -45.76 23.54
N TYR T 23 -48.85 -46.73 23.07
CA TYR T 23 -48.60 -48.12 23.40
C TYR T 23 -47.30 -48.57 22.73
N PHE T 24 -46.40 -49.14 23.52
CA PHE T 24 -45.12 -49.59 23.01
C PHE T 24 -45.29 -50.92 22.29
N GLN T 25 -44.59 -51.07 21.16
CA GLN T 25 -44.64 -52.30 20.39
C GLN T 25 -43.30 -53.02 20.50
N PRO T 26 -43.21 -54.09 21.30
CA PRO T 26 -41.93 -54.80 21.44
C PRO T 26 -41.46 -55.47 20.17
N GLU T 27 -42.33 -55.66 19.18
CA GLU T 27 -41.91 -56.27 17.93
C GLU T 27 -40.91 -55.41 17.17
N SER T 28 -40.89 -54.10 17.45
CA SER T 28 -39.93 -53.21 16.82
C SER T 28 -38.49 -53.48 17.24
N THR T 29 -38.29 -54.34 18.23
CA THR T 29 -36.93 -54.62 18.69
C THR T 29 -36.16 -55.42 17.65
N PHE T 30 -36.75 -56.50 17.14
CA PHE T 30 -36.08 -57.37 16.17
C PHE T 30 -36.45 -56.96 14.75
N LYS T 31 -36.14 -55.72 14.42
CA LYS T 31 -36.40 -55.17 13.10
C LYS T 31 -35.16 -55.34 12.23
N SER T 32 -35.33 -55.98 11.07
CA SER T 32 -34.22 -56.25 10.15
C SER T 32 -33.79 -54.96 9.49
N VAL T 33 -32.69 -54.38 9.96
CA VAL T 33 -32.15 -53.14 9.41
C VAL T 33 -30.77 -53.37 8.81
N PRO T 34 -30.66 -53.64 7.52
CA PRO T 34 -29.34 -53.86 6.92
C PRO T 34 -28.56 -52.56 6.82
N LYS T 35 -27.29 -52.61 7.21
CA LYS T 35 -26.42 -51.45 7.11
C LYS T 35 -25.98 -51.25 5.67
N LEU T 36 -26.12 -50.02 5.20
CA LEU T 36 -25.76 -49.66 3.83
C LEU T 36 -24.52 -48.79 3.82
N PHE T 37 -23.75 -48.90 2.74
CA PHE T 37 -22.52 -48.12 2.62
C PHE T 37 -22.83 -46.64 2.44
N SER T 38 -22.03 -45.80 3.08
CA SER T 38 -22.17 -44.36 2.95
C SER T 38 -20.88 -43.72 3.43
N ASP T 39 -20.22 -42.97 2.56
CA ASP T 39 -18.96 -42.31 2.89
C ASP T 39 -19.14 -40.81 2.80
N ILE T 40 -18.58 -40.10 3.78
CA ILE T 40 -18.58 -38.65 3.81
C ILE T 40 -17.20 -38.17 3.43
N LEU T 41 -17.13 -37.23 2.50
CA LEU T 41 -15.86 -36.72 1.98
C LEU T 41 -15.71 -35.28 2.47
N LEU T 42 -15.03 -35.10 3.60
CA LEU T 42 -14.70 -33.76 4.06
C LEU T 42 -13.66 -33.18 3.11
N GLY T 43 -14.11 -32.31 2.23
CA GLY T 43 -13.32 -31.83 1.13
C GLY T 43 -13.71 -32.52 -0.16
N GLY T 44 -14.55 -31.84 -0.92
CA GLY T 44 -15.09 -32.40 -2.15
C GLY T 44 -15.30 -31.32 -3.16
N VAL T 45 -16.45 -31.35 -3.83
CA VAL T 45 -16.75 -30.42 -4.91
C VAL T 45 -17.80 -29.41 -4.47
N GLU T 46 -17.69 -28.21 -5.02
CA GLU T 46 -18.62 -27.12 -4.79
C GLU T 46 -19.66 -27.10 -5.92
N TRP T 47 -20.50 -26.06 -5.93
CA TRP T 47 -21.52 -25.95 -6.97
C TRP T 47 -20.97 -25.33 -8.24
N VAL T 48 -20.34 -24.16 -8.14
CA VAL T 48 -19.77 -23.48 -9.29
C VAL T 48 -18.27 -23.31 -9.06
N TYR T 49 -17.55 -23.19 -10.18
CA TYR T 49 -16.13 -22.93 -10.15
C TYR T 49 -15.78 -21.88 -11.18
N THR T 50 -14.72 -21.14 -10.91
CA THR T 50 -14.29 -20.05 -11.77
C THR T 50 -13.42 -20.56 -12.91
N THR T 51 -13.70 -20.09 -14.12
CA THR T 51 -12.90 -20.37 -15.29
C THR T 51 -12.09 -19.13 -15.69
N SER T 52 -11.04 -19.36 -16.46
CA SER T 52 -10.19 -18.30 -16.97
C SER T 52 -10.18 -18.41 -18.49
N GLU T 53 -10.63 -17.34 -19.16
CA GLU T 53 -10.63 -17.30 -20.62
C GLU T 53 -10.31 -15.88 -21.06
N SER T 54 -10.50 -15.62 -22.36
CA SER T 54 -10.25 -14.31 -22.92
C SER T 54 -11.27 -13.30 -22.39
N VAL T 55 -10.80 -12.10 -22.10
CA VAL T 55 -11.64 -11.02 -21.58
C VAL T 55 -11.33 -9.75 -22.36
N LEU T 56 -12.38 -9.08 -22.83
CA LEU T 56 -12.22 -7.84 -23.57
C LEU T 56 -12.14 -6.65 -22.62
N ALA T 57 -11.44 -5.61 -23.06
CA ALA T 57 -11.25 -4.43 -22.24
C ALA T 57 -12.56 -3.67 -22.04
N TYR T 58 -13.28 -3.43 -23.12
CA TYR T 58 -14.57 -2.76 -23.07
C TYR T 58 -15.62 -3.63 -23.75
N ASP T 59 -16.79 -3.71 -23.13
CA ASP T 59 -17.87 -4.55 -23.64
C ASP T 59 -19.19 -3.82 -23.48
N TYR T 60 -20.22 -4.40 -24.08
CA TYR T 60 -21.58 -3.91 -23.99
C TYR T 60 -22.51 -5.05 -23.60
N LYS T 61 -23.41 -4.78 -22.66
CA LYS T 61 -24.41 -5.74 -22.22
C LYS T 61 -25.78 -5.26 -22.67
N LEU T 62 -26.46 -6.07 -23.47
CA LEU T 62 -27.80 -5.77 -23.91
C LEU T 62 -28.80 -6.13 -22.83
N TRP T 63 -29.93 -5.41 -22.83
CA TRP T 63 -31.00 -5.66 -21.88
C TRP T 63 -32.31 -5.73 -22.67
N TYR T 64 -32.85 -6.93 -22.84
CA TYR T 64 -34.16 -7.13 -23.48
C TYR T 64 -35.25 -6.95 -22.43
N LEU T 65 -35.50 -5.70 -22.08
CA LEU T 65 -36.42 -5.36 -21.01
C LEU T 65 -37.86 -5.67 -21.41
N TRP T 66 -38.55 -6.47 -20.59
CA TRP T 66 -39.97 -6.73 -20.76
C TRP T 66 -40.75 -5.66 -19.99
N SER T 67 -40.74 -4.45 -20.54
CA SER T 67 -41.41 -3.34 -19.88
C SER T 67 -42.93 -3.46 -19.98
N GLY T 68 -43.43 -3.95 -21.11
CA GLY T 68 -44.85 -4.08 -21.30
C GLY T 68 -45.57 -2.79 -21.62
N VAL T 69 -44.85 -1.67 -21.72
CA VAL T 69 -45.44 -0.38 -22.02
C VAL T 69 -45.04 0.13 -23.39
N SER T 70 -44.38 -0.70 -24.19
CA SER T 70 -43.91 -0.33 -25.51
C SER T 70 -44.59 -1.18 -26.56
N ASN T 71 -45.31 -0.54 -27.47
CA ASN T 71 -45.94 -1.23 -28.58
C ASN T 71 -45.02 -1.40 -29.77
N LEU T 72 -43.73 -1.14 -29.59
CA LEU T 72 -42.78 -1.31 -30.68
C LEU T 72 -42.29 -2.75 -30.80
N ASP T 73 -42.28 -3.48 -29.70
CA ASP T 73 -41.78 -4.84 -29.66
C ASP T 73 -42.88 -5.80 -29.23
N GLU T 74 -42.51 -7.06 -29.02
CA GLU T 74 -43.45 -8.11 -28.67
C GLU T 74 -43.74 -8.19 -27.17
N SER T 75 -43.15 -7.33 -26.35
CA SER T 75 -43.45 -7.33 -24.94
C SER T 75 -44.79 -6.68 -24.62
N PHE T 76 -45.41 -6.02 -25.59
CA PHE T 76 -46.69 -5.37 -25.36
C PHE T 76 -47.79 -6.41 -25.17
N ASP T 77 -48.36 -6.46 -23.98
CA ASP T 77 -49.42 -7.41 -23.67
C ASP T 77 -50.71 -6.93 -24.33
N MET T 78 -50.96 -7.40 -25.54
CA MET T 78 -52.13 -6.95 -26.29
C MET T 78 -53.42 -7.44 -25.67
N PHE T 79 -53.43 -8.68 -25.17
CA PHE T 79 -54.65 -9.23 -24.60
C PHE T 79 -55.04 -8.48 -23.33
N PHE T 80 -54.08 -8.24 -22.45
CA PHE T 80 -54.40 -7.58 -21.18
C PHE T 80 -54.94 -6.18 -21.41
N ASN T 81 -54.37 -5.46 -22.37
CA ASN T 81 -54.81 -4.09 -22.60
C ASN T 81 -56.15 -4.04 -23.34
N GLN T 82 -56.38 -4.97 -24.27
CA GLN T 82 -57.63 -4.94 -25.03
C GLN T 82 -58.80 -5.39 -24.19
N TYR T 83 -58.59 -6.40 -23.34
CA TYR T 83 -59.67 -6.90 -22.50
C TYR T 83 -59.85 -6.06 -21.25
N TRP T 84 -58.82 -5.33 -20.83
CA TRP T 84 -58.99 -4.38 -19.75
C TRP T 84 -59.77 -3.17 -20.23
N ALA T 85 -59.39 -2.64 -21.40
CA ALA T 85 -60.14 -1.53 -21.99
C ALA T 85 -61.55 -1.96 -22.37
N LEU T 86 -61.75 -3.24 -22.65
CA LEU T 86 -63.07 -3.76 -22.96
C LEU T 86 -63.94 -3.82 -21.71
N SER T 87 -63.34 -4.17 -20.57
CA SER T 87 -64.10 -4.26 -19.33
C SER T 87 -64.43 -2.90 -18.75
N LEU T 88 -63.83 -1.83 -19.28
CA LEU T 88 -64.13 -0.50 -18.77
C LEU T 88 -65.48 -0.01 -19.24
N SER T 89 -65.89 -0.42 -20.43
CA SER T 89 -67.17 -0.01 -20.99
C SER T 89 -68.28 -0.90 -20.48
N THR T 90 -69.44 -0.31 -20.25
CA THR T 90 -70.57 -1.03 -19.68
C THR T 90 -71.06 -2.09 -20.65
N SER T 91 -71.10 -3.34 -20.19
CA SER T 91 -71.55 -4.44 -21.01
C SER T 91 -72.18 -5.49 -20.10
N VAL T 92 -72.89 -6.43 -20.71
CA VAL T 92 -73.49 -7.51 -19.95
C VAL T 92 -72.43 -8.51 -19.48
N PHE T 93 -71.28 -8.55 -20.16
CA PHE T 93 -70.18 -9.43 -19.81
C PHE T 93 -69.08 -8.71 -19.04
N GLN T 94 -69.40 -7.60 -18.39
CA GLN T 94 -68.38 -6.81 -17.72
C GLN T 94 -67.72 -7.57 -16.58
N LEU T 95 -68.51 -8.31 -15.80
CA LEU T 95 -67.95 -9.13 -14.72
C LEU T 95 -67.22 -10.35 -15.27
N PHE T 96 -67.67 -10.89 -16.39
CA PHE T 96 -66.99 -12.05 -16.98
C PHE T 96 -65.61 -11.68 -17.50
N TYR T 97 -65.45 -10.48 -18.04
CA TYR T 97 -64.14 -10.06 -18.52
C TYR T 97 -63.16 -9.88 -17.37
N ALA T 98 -63.64 -9.46 -16.21
CA ALA T 98 -62.78 -9.32 -15.04
C ALA T 98 -62.29 -10.66 -14.55
N VAL T 99 -63.13 -11.68 -14.62
CA VAL T 99 -62.72 -13.02 -14.21
C VAL T 99 -61.69 -13.57 -15.18
N ILE T 100 -61.83 -13.28 -16.47
CA ILE T 100 -60.87 -13.74 -17.46
C ILE T 100 -59.51 -13.09 -17.22
N LEU T 101 -59.51 -11.79 -16.90
CA LEU T 101 -58.25 -11.12 -16.64
C LEU T 101 -57.57 -11.62 -15.38
N ASP T 102 -58.35 -12.02 -14.37
CA ASP T 102 -57.75 -12.57 -13.16
C ASP T 102 -57.18 -13.97 -13.40
N ARG T 103 -57.85 -14.75 -14.25
CA ARG T 103 -57.29 -16.06 -14.59
C ARG T 103 -56.05 -15.93 -15.45
N TYR T 104 -55.96 -14.87 -16.24
CA TYR T 104 -54.76 -14.65 -17.03
C TYR T 104 -53.58 -14.26 -16.16
N LEU T 105 -53.84 -13.48 -15.10
CA LEU T 105 -52.78 -13.10 -14.17
C LEU T 105 -52.33 -14.27 -13.32
N SER T 106 -53.17 -15.27 -13.11
CA SER T 106 -52.76 -16.47 -12.38
C SER T 106 -51.96 -17.41 -13.27
N VAL T 107 -52.05 -17.24 -14.59
CA VAL T 107 -51.27 -18.04 -15.51
C VAL T 107 -49.86 -17.51 -15.63
N LEU T 108 -49.70 -16.20 -15.72
CA LEU T 108 -48.36 -15.60 -15.76
C LEU T 108 -47.62 -15.83 -14.46
N PHE T 109 -48.35 -16.07 -13.37
CA PHE T 109 -47.74 -16.31 -12.07
C PHE T 109 -47.04 -17.65 -12.00
N GLN T 110 -47.36 -18.58 -12.90
CA GLN T 110 -46.81 -19.93 -12.89
C GLN T 110 -45.74 -20.04 -13.98
N ASN T 111 -44.50 -19.78 -13.60
CA ASN T 111 -43.38 -19.85 -14.54
C ASN T 111 -42.64 -21.17 -14.40
N THR T 112 -43.33 -22.25 -14.76
CA THR T 112 -42.76 -23.58 -14.69
C THR T 112 -42.10 -23.95 -16.01
N PRO T 113 -41.31 -25.02 -16.02
CA PRO T 113 -40.68 -25.46 -17.28
C PRO T 113 -41.69 -25.82 -18.35
N TYR T 114 -42.95 -26.04 -17.98
CA TYR T 114 -44.00 -26.37 -18.92
C TYR T 114 -44.84 -25.17 -19.29
N THR T 115 -44.71 -24.06 -18.57
CA THR T 115 -45.44 -22.83 -18.86
C THR T 115 -44.44 -21.67 -18.78
N ASN T 116 -43.77 -21.38 -19.89
CA ASN T 116 -42.84 -20.27 -19.89
C ASN T 116 -42.47 -19.90 -21.32
N ASP T 117 -41.97 -18.67 -21.47
CA ASP T 117 -41.58 -18.16 -22.77
C ASP T 117 -40.25 -18.71 -23.26
N TRP T 118 -39.38 -19.13 -22.34
CA TRP T 118 -38.05 -19.57 -22.71
C TRP T 118 -38.10 -20.79 -23.62
N PHE T 119 -38.97 -21.74 -23.30
CA PHE T 119 -39.12 -22.94 -24.11
C PHE T 119 -40.19 -22.79 -25.17
N ARG T 120 -40.70 -21.58 -25.35
CA ARG T 120 -41.65 -21.26 -26.41
C ARG T 120 -42.92 -22.09 -26.29
N MET T 121 -43.47 -22.14 -25.09
CA MET T 121 -44.71 -22.85 -24.87
C MET T 121 -45.90 -22.02 -25.35
N MET T 122 -46.93 -22.72 -25.81
CA MET T 122 -48.13 -22.06 -26.32
C MET T 122 -48.80 -21.23 -25.23
N LEU T 123 -49.20 -20.01 -25.59
CA LEU T 123 -49.86 -19.06 -24.72
C LEU T 123 -49.00 -18.63 -23.55
N HIS T 124 -47.68 -18.76 -23.67
CA HIS T 124 -46.74 -18.24 -22.70
C HIS T 124 -45.60 -17.47 -23.33
N SER T 125 -45.34 -17.67 -24.61
CA SER T 125 -44.27 -16.98 -25.31
C SER T 125 -44.79 -15.72 -26.00
N LYS T 126 -43.85 -14.92 -26.48
CA LYS T 126 -44.21 -13.71 -27.23
C LYS T 126 -44.83 -14.06 -28.57
N GLU T 127 -44.48 -15.21 -29.14
CA GLU T 127 -45.00 -15.59 -30.44
C GLU T 127 -46.52 -15.76 -30.41
N THR T 128 -47.03 -16.45 -29.40
CA THR T 128 -48.43 -16.80 -29.31
C THR T 128 -49.22 -15.86 -28.41
N ALA T 129 -48.80 -14.61 -28.33
CA ALA T 129 -49.51 -13.65 -27.48
C ALA T 129 -50.83 -13.22 -28.09
N LEU T 130 -50.92 -13.22 -29.43
CA LEU T 130 -52.15 -12.81 -30.09
C LEU T 130 -53.24 -13.85 -30.01
N ILE T 131 -52.91 -15.09 -29.70
CA ILE T 131 -53.92 -16.14 -29.63
C ILE T 131 -54.85 -15.93 -28.44
N TRP T 132 -54.37 -15.24 -27.41
CA TRP T 132 -55.23 -14.90 -26.29
C TRP T 132 -56.40 -14.04 -26.72
N LEU T 133 -56.23 -13.25 -27.78
CA LEU T 133 -57.31 -12.41 -28.24
C LEU T 133 -58.47 -13.22 -28.78
N TYR T 134 -58.20 -14.41 -29.29
CA TYR T 134 -59.22 -15.25 -29.90
C TYR T 134 -59.74 -16.32 -28.98
N HIS T 135 -58.92 -16.84 -28.07
CA HIS T 135 -59.29 -17.94 -27.19
C HIS T 135 -58.81 -17.67 -25.78
N PRO T 136 -59.50 -16.78 -25.05
CA PRO T 136 -59.15 -16.56 -23.64
C PRO T 136 -59.61 -17.67 -22.71
N GLU T 137 -60.33 -18.66 -23.23
CA GLU T 137 -60.83 -19.76 -22.41
C GLU T 137 -59.78 -20.83 -22.12
N LEU T 138 -58.60 -20.74 -22.72
CA LEU T 138 -57.57 -21.75 -22.54
C LEU T 138 -56.72 -21.55 -21.30
N SER T 139 -57.06 -20.57 -20.45
CA SER T 139 -56.31 -20.40 -19.21
C SER T 139 -56.54 -21.55 -18.24
N TRP T 140 -57.76 -22.08 -18.20
CA TRP T 140 -58.03 -23.24 -17.35
C TRP T 140 -57.32 -24.48 -17.84
N HIS T 141 -57.19 -24.64 -19.16
CA HIS T 141 -56.43 -25.76 -19.71
C HIS T 141 -54.96 -25.66 -19.32
N ILE T 142 -54.42 -24.45 -19.33
CA ILE T 142 -53.02 -24.24 -18.98
C ILE T 142 -52.78 -24.50 -17.50
N ASN T 143 -53.66 -23.98 -16.64
CA ASN T 143 -53.48 -24.15 -15.21
C ASN T 143 -53.56 -25.62 -14.81
N GLY T 144 -54.40 -26.39 -15.50
CA GLY T 144 -54.53 -27.80 -15.25
C GLY T 144 -53.40 -28.60 -15.83
N LEU T 145 -52.95 -28.23 -17.04
CA LEU T 145 -51.81 -28.90 -17.65
C LEU T 145 -50.55 -28.71 -16.82
N ASN T 146 -50.35 -27.51 -16.27
CA ASN T 146 -49.18 -27.26 -15.45
C ASN T 146 -49.21 -28.10 -14.19
N GLN T 147 -50.40 -28.27 -13.59
CA GLN T 147 -50.51 -29.10 -12.40
C GLN T 147 -50.26 -30.56 -12.72
N PHE T 148 -50.59 -31.01 -13.93
CA PHE T 148 -50.39 -32.41 -14.28
C PHE T 148 -48.91 -32.74 -14.35
N PHE T 149 -48.15 -31.95 -15.10
CA PHE T 149 -46.72 -32.24 -15.24
C PHE T 149 -45.96 -31.93 -13.97
N THR T 150 -46.46 -30.99 -13.16
CA THR T 150 -45.81 -30.70 -11.89
C THR T 150 -46.04 -31.80 -10.88
N TYR T 151 -47.24 -32.37 -10.87
CA TYR T 151 -47.56 -33.41 -9.89
C TYR T 151 -46.78 -34.69 -10.17
N PHE T 152 -46.61 -35.05 -11.44
CA PHE T 152 -45.97 -36.30 -11.78
C PHE T 152 -44.47 -36.15 -12.04
N TYR T 153 -44.06 -35.12 -12.78
CA TYR T 153 -42.69 -35.00 -13.24
C TYR T 153 -42.00 -33.74 -12.76
N GLY T 154 -42.62 -32.97 -11.87
CA GLY T 154 -42.07 -31.73 -11.40
C GLY T 154 -41.61 -31.81 -9.95
N GLY T 155 -41.00 -30.71 -9.51
CA GLY T 155 -40.56 -30.56 -8.16
C GLY T 155 -41.50 -29.71 -7.33
N ILE T 156 -40.98 -29.23 -6.20
CA ILE T 156 -41.76 -28.39 -5.30
C ILE T 156 -42.00 -27.03 -5.95
N LEU T 157 -43.22 -26.54 -5.82
CA LEU T 157 -43.56 -25.19 -6.29
C LEU T 157 -42.92 -24.18 -5.35
N GLU T 158 -41.89 -23.49 -5.82
CA GLU T 158 -41.17 -22.52 -5.01
C GLU T 158 -41.45 -21.11 -5.53
N PHE T 159 -41.43 -20.16 -4.61
CA PHE T 159 -41.63 -18.76 -4.94
C PHE T 159 -40.29 -18.10 -5.23
N VAL T 160 -40.16 -17.54 -6.43
CA VAL T 160 -38.97 -16.81 -6.83
C VAL T 160 -39.40 -15.47 -7.39
N TYR T 161 -38.42 -14.62 -7.64
CA TYR T 161 -38.64 -13.32 -8.27
C TYR T 161 -38.25 -13.45 -9.74
N PHE T 162 -39.21 -13.25 -10.63
CA PHE T 162 -39.01 -13.40 -12.07
C PHE T 162 -38.44 -12.12 -12.64
N ASP T 163 -37.17 -12.15 -13.04
CA ASP T 163 -36.50 -10.97 -13.55
C ASP T 163 -36.97 -10.70 -14.98
N LYS T 164 -37.52 -9.50 -15.19
CA LYS T 164 -37.97 -9.11 -16.52
C LYS T 164 -36.82 -8.60 -17.38
N SER T 165 -35.82 -7.99 -16.77
CA SER T 165 -34.65 -7.57 -17.51
C SER T 165 -33.83 -8.78 -17.93
N ASN T 166 -33.61 -8.91 -19.23
CA ASN T 166 -32.93 -10.07 -19.81
C ASN T 166 -31.57 -9.64 -20.33
N PRO T 167 -30.52 -9.76 -19.54
CA PRO T 167 -29.20 -9.35 -20.00
C PRO T 167 -28.64 -10.29 -21.05
N ASP T 168 -27.77 -9.73 -21.90
CA ASP T 168 -27.12 -10.51 -22.96
C ASP T 168 -25.93 -9.70 -23.45
N MET T 169 -24.74 -10.29 -23.35
CA MET T 169 -23.53 -9.65 -23.83
C MET T 169 -23.55 -9.58 -25.34
N CYS T 170 -23.43 -8.38 -25.90
CA CYS T 170 -23.45 -8.22 -27.34
C CYS T 170 -22.16 -8.72 -27.94
N ILE T 171 -22.26 -9.66 -28.86
CA ILE T 171 -21.11 -10.24 -29.54
C ILE T 171 -20.79 -9.33 -30.72
N LEU T 172 -19.78 -8.49 -30.55
CA LEU T 172 -19.42 -7.47 -31.51
C LEU T 172 -18.09 -7.78 -32.18
N VAL T 173 -17.81 -7.01 -33.22
CA VAL T 173 -16.55 -7.12 -33.97
C VAL T 173 -15.56 -6.04 -33.57
N HIS T 174 -16.04 -4.81 -33.43
CA HIS T 174 -15.14 -3.69 -33.16
C HIS T 174 -14.59 -3.68 -31.75
N THR T 175 -15.22 -4.42 -30.83
CA THR T 175 -14.70 -4.47 -29.47
C THR T 175 -13.35 -5.16 -29.39
N LEU T 176 -13.11 -6.13 -30.27
CA LEU T 176 -11.80 -6.76 -30.33
C LEU T 176 -10.77 -5.86 -30.99
N TRP T 177 -11.20 -4.98 -31.90
CA TRP T 177 -10.29 -4.00 -32.45
C TRP T 177 -9.82 -3.03 -31.37
N ILE T 178 -10.73 -2.61 -30.50
CA ILE T 178 -10.37 -1.73 -29.39
C ILE T 178 -9.43 -2.46 -28.44
N HIS T 179 -9.70 -3.74 -28.20
CA HIS T 179 -8.87 -4.51 -27.28
C HIS T 179 -7.46 -4.69 -27.84
N LEU T 180 -7.35 -4.95 -29.14
CA LEU T 180 -6.03 -5.09 -29.75
C LEU T 180 -5.26 -3.78 -29.72
N LEU T 181 -5.95 -2.66 -29.90
CA LEU T 181 -5.28 -1.36 -29.86
C LEU T 181 -4.72 -1.09 -28.48
N ILE T 182 -5.46 -1.46 -27.43
CA ILE T 182 -5.00 -1.25 -26.07
C ILE T 182 -3.79 -2.12 -25.79
N LEU T 183 -3.84 -3.39 -26.21
CA LEU T 183 -2.69 -4.27 -26.04
C LEU T 183 -1.53 -3.86 -26.94
N PHE T 184 -1.83 -3.27 -28.09
CA PHE T 184 -0.79 -2.72 -28.95
C PHE T 184 -0.06 -1.57 -28.28
N LEU T 185 -0.78 -0.77 -27.50
CA LEU T 185 -0.17 0.31 -26.74
C LEU T 185 0.66 -0.23 -25.59
N ILE T 186 0.18 -1.28 -24.93
CA ILE T 186 0.91 -1.89 -23.83
C ILE T 186 2.18 -2.55 -24.33
N PHE T 187 2.11 -3.23 -25.48
CA PHE T 187 3.30 -3.87 -26.02
C PHE T 187 4.28 -2.85 -26.55
N THR T 188 3.79 -1.78 -27.18
CA THR T 188 4.68 -0.74 -27.67
C THR T 188 5.40 -0.04 -26.53
N GLY T 189 4.72 0.17 -25.41
CA GLY T 189 5.38 0.73 -24.25
C GLY T 189 6.46 -0.18 -23.72
N PHE T 190 6.23 -1.49 -23.80
CA PHE T 190 7.25 -2.46 -23.42
C PHE T 190 8.45 -2.35 -24.35
N VAL T 191 8.21 -2.10 -25.64
CA VAL T 191 9.31 -1.91 -26.58
C VAL T 191 9.90 -0.53 -26.43
N THR T 192 9.07 0.48 -26.14
CA THR T 192 9.57 1.84 -26.03
C THR T 192 10.54 1.99 -24.88
N ILE T 193 10.29 1.31 -23.76
CA ILE T 193 11.09 1.48 -22.56
C ILE T 193 12.31 0.56 -22.57
N LEU T 194 12.15 -0.67 -23.06
CA LEU T 194 13.19 -1.68 -22.92
C LEU T 194 13.91 -2.04 -24.21
N PHE T 195 13.29 -1.80 -25.36
CA PHE T 195 13.87 -2.21 -26.63
C PHE T 195 13.93 -1.06 -27.61
N SER T 196 14.17 0.15 -27.11
CA SER T 196 14.37 1.32 -27.94
C SER T 196 15.81 1.77 -27.77
N PHE T 197 16.58 1.68 -28.84
CA PHE T 197 17.99 2.01 -28.80
C PHE T 197 18.27 3.18 -29.72
N TYR T 198 17.44 4.20 -29.67
CA TYR T 198 17.49 5.32 -30.61
C TYR T 198 17.67 6.61 -29.81
N GLY T 199 18.92 6.90 -29.48
CA GLY T 199 19.24 8.07 -28.68
C GLY T 199 20.73 8.16 -28.47
N ASN T 200 21.17 8.45 -27.24
CA ASN T 200 22.58 8.49 -26.93
C ASN T 200 23.01 7.10 -26.47
N PRO T 201 23.83 6.38 -27.24
CA PRO T 201 24.25 5.03 -26.84
C PRO T 201 25.26 5.02 -25.71
N ASN T 202 25.70 6.18 -25.23
CA ASN T 202 26.73 6.27 -24.20
C ASN T 202 26.19 6.73 -22.86
N THR T 203 24.95 7.22 -22.79
CA THR T 203 24.36 7.66 -21.54
C THR T 203 23.18 6.79 -21.11
N GLU T 204 22.45 6.23 -22.07
CA GLU T 204 21.29 5.40 -21.75
C GLU T 204 21.77 4.00 -21.42
N GLU T 205 21.68 3.62 -20.15
CA GLU T 205 22.14 2.31 -19.72
C GLU T 205 21.33 1.17 -20.29
N ASN T 206 20.14 1.45 -20.83
CA ASN T 206 19.36 0.41 -21.46
C ASN T 206 20.00 -0.05 -22.76
N THR T 207 20.44 0.88 -23.60
CA THR T 207 21.13 0.51 -24.84
C THR T 207 22.58 0.14 -24.60
N ILE T 208 23.16 0.52 -23.45
CA ILE T 208 24.51 0.11 -23.13
C ILE T 208 24.55 -1.37 -22.76
N ASP T 209 23.61 -1.80 -21.91
CA ASP T 209 23.59 -3.19 -21.50
C ASP T 209 23.33 -4.12 -22.68
N SER T 210 22.32 -3.80 -23.49
CA SER T 210 21.94 -4.67 -24.60
C SER T 210 23.00 -4.69 -25.69
N ASP T 211 23.71 -3.58 -25.90
CA ASP T 211 24.69 -3.52 -26.98
C ASP T 211 25.93 -4.33 -26.63
N TYR T 212 26.48 -4.12 -25.43
CA TYR T 212 27.69 -4.83 -25.05
C TYR T 212 27.41 -6.30 -24.78
N LEU T 213 26.19 -6.63 -24.34
CA LEU T 213 25.82 -8.02 -24.14
C LEU T 213 25.73 -8.75 -25.47
N ALA T 214 25.09 -8.14 -26.46
CA ALA T 214 24.99 -8.76 -27.77
C ALA T 214 26.35 -8.85 -28.44
N ALA T 215 27.21 -7.86 -28.23
CA ALA T 215 28.55 -7.89 -28.79
C ALA T 215 29.41 -8.95 -28.12
N SER T 216 29.25 -9.13 -26.81
CA SER T 216 29.99 -10.18 -26.11
C SER T 216 29.52 -11.57 -26.49
N GLY T 217 28.31 -11.70 -27.00
CA GLY T 217 27.82 -12.98 -27.43
C GLY T 217 28.25 -13.37 -28.83
N THR T 218 28.21 -12.40 -29.76
CA THR T 218 28.62 -12.68 -31.11
C THR T 218 30.14 -12.78 -31.27
N VAL T 219 30.90 -12.18 -30.37
CA VAL T 219 32.35 -12.30 -30.45
C VAL T 219 32.81 -13.70 -30.12
N GLU T 220 31.95 -14.51 -29.51
CA GLU T 220 32.27 -15.91 -29.24
C GLU T 220 32.15 -16.78 -30.47
N ALA T 221 31.88 -16.18 -31.63
CA ALA T 221 31.96 -16.92 -32.88
C ALA T 221 33.38 -17.37 -33.18
N GLU T 222 34.38 -16.72 -32.58
CA GLU T 222 35.75 -17.15 -32.72
C GLU T 222 36.03 -18.44 -31.98
N LYS T 223 35.15 -18.87 -31.08
CA LYS T 223 35.30 -20.19 -30.47
C LYS T 223 35.10 -21.31 -31.47
N GLU T 224 34.51 -21.00 -32.63
CA GLU T 224 34.39 -21.95 -33.73
C GLU T 224 33.53 -23.14 -33.33
N ILE T 225 32.37 -22.85 -32.74
CA ILE T 225 31.38 -23.89 -32.51
C ILE T 225 30.71 -24.28 -33.83
N THR T 226 30.01 -23.34 -34.43
CA THR T 226 29.42 -23.47 -35.76
C THR T 226 28.98 -22.09 -36.19
N SER T 227 28.21 -22.02 -37.28
CA SER T 227 27.69 -20.75 -37.74
C SER T 227 26.84 -20.10 -36.65
N ILE T 228 27.26 -18.92 -36.21
CA ILE T 228 26.49 -18.19 -35.21
C ILE T 228 25.14 -17.77 -35.78
N ASP T 229 25.04 -17.66 -37.10
CA ASP T 229 23.75 -17.39 -37.74
C ASP T 229 22.76 -18.53 -37.55
N ASP T 230 23.24 -19.73 -37.24
CA ASP T 230 22.38 -20.88 -37.08
C ASP T 230 21.90 -21.06 -35.64
N TYR T 231 22.81 -21.10 -34.69
CA TYR T 231 22.45 -21.43 -33.32
C TYR T 231 22.10 -20.24 -32.46
N LEU T 232 22.09 -19.02 -33.00
CA LEU T 232 21.70 -17.88 -32.19
C LEU T 232 20.24 -17.96 -31.78
N GLY T 233 19.38 -18.50 -32.65
CA GLY T 233 17.99 -18.71 -32.29
C GLY T 233 17.79 -19.77 -31.23
N LEU T 234 18.66 -20.79 -31.21
CA LEU T 234 18.55 -21.80 -30.17
C LEU T 234 19.01 -21.28 -28.82
N VAL T 235 19.97 -20.34 -28.81
CA VAL T 235 20.38 -19.71 -27.57
C VAL T 235 19.21 -18.97 -26.94
N PHE T 236 18.38 -18.34 -27.76
CA PHE T 236 17.23 -17.61 -27.24
C PHE T 236 16.22 -18.55 -26.61
N ALA T 237 16.04 -19.74 -27.19
CA ALA T 237 15.15 -20.72 -26.59
C ALA T 237 15.75 -21.31 -25.33
N ILE T 238 17.05 -21.58 -25.34
CA ILE T 238 17.71 -22.13 -24.16
C ILE T 238 17.69 -21.11 -23.02
N ALA T 239 17.74 -19.82 -23.36
CA ALA T 239 17.73 -18.80 -22.32
C ALA T 239 16.43 -18.78 -21.54
N TYR T 240 15.36 -19.35 -22.08
CA TYR T 240 14.10 -19.44 -21.37
C TYR T 240 13.91 -20.77 -20.68
N VAL T 241 14.88 -21.67 -20.80
CA VAL T 241 14.88 -22.91 -20.02
C VAL T 241 15.58 -22.61 -18.71
N PHE T 242 16.80 -22.10 -18.80
CA PHE T 242 17.61 -21.79 -17.62
C PHE T 242 17.35 -20.39 -17.08
N GLY T 243 16.76 -19.50 -17.87
CA GLY T 243 16.41 -18.19 -17.38
C GLY T 243 15.24 -18.18 -16.44
N VAL T 244 14.55 -19.31 -16.29
CA VAL T 244 13.52 -19.43 -15.28
C VAL T 244 14.10 -19.19 -13.90
N PHE T 245 15.37 -19.55 -13.72
CA PHE T 245 16.04 -19.27 -12.45
C PHE T 245 16.10 -17.78 -12.18
N PHE T 246 16.15 -16.96 -13.22
CA PHE T 246 16.25 -15.52 -13.07
C PHE T 246 14.96 -14.81 -13.47
N TYR T 247 13.87 -15.54 -13.59
CA TYR T 247 12.54 -14.96 -13.81
C TYR T 247 12.44 -14.24 -15.15
N VAL T 248 13.21 -14.68 -16.16
CA VAL T 248 13.15 -14.02 -17.46
C VAL T 248 11.83 -14.27 -18.17
N HIS T 249 11.07 -15.25 -17.72
CA HIS T 249 9.77 -15.58 -18.27
C HIS T 249 8.65 -14.70 -17.73
N GLY T 250 8.97 -13.67 -16.95
CA GLY T 250 7.94 -12.89 -16.29
C GLY T 250 7.05 -12.14 -17.25
N TRP T 251 7.60 -11.69 -18.38
CA TRP T 251 6.82 -10.90 -19.33
C TRP T 251 5.82 -11.72 -20.11
N THR T 252 5.78 -13.04 -19.93
CA THR T 252 4.84 -13.90 -20.61
C THR T 252 3.77 -14.45 -19.68
N SER T 253 3.50 -13.75 -18.57
CA SER T 253 2.57 -14.27 -17.58
C SER T 253 1.13 -14.21 -18.06
N MET T 254 0.79 -13.22 -18.90
CA MET T 254 -0.57 -13.06 -19.38
C MET T 254 -0.77 -13.55 -20.80
N LEU T 255 0.28 -14.08 -21.43
CA LEU T 255 0.17 -14.52 -22.81
C LEU T 255 -0.52 -15.87 -22.95
N SER T 256 -0.71 -16.60 -21.84
CA SER T 256 -1.39 -17.88 -21.88
C SER T 256 -1.80 -18.24 -20.46
N HIS T 257 -2.46 -19.39 -20.34
CA HIS T 257 -2.89 -19.90 -19.04
C HIS T 257 -1.78 -20.61 -18.30
N ALA T 258 -0.60 -20.73 -18.89
CA ALA T 258 0.55 -21.35 -18.24
C ALA T 258 1.71 -20.38 -18.31
N VAL T 259 2.26 -20.03 -17.15
CA VAL T 259 3.34 -19.07 -17.08
C VAL T 259 4.60 -19.61 -17.74
N LEU T 260 4.85 -20.92 -17.60
CA LEU T 260 6.04 -21.56 -18.14
C LEU T 260 5.78 -22.26 -19.48
N LEU T 261 4.83 -21.75 -20.26
CA LEU T 261 4.54 -22.38 -21.55
C LEU T 261 5.74 -22.33 -22.49
N LEU T 262 6.37 -21.15 -22.59
CA LEU T 262 7.52 -21.01 -23.47
C LEU T 262 8.72 -21.79 -22.97
N SER T 263 8.85 -21.95 -21.66
CA SER T 263 9.95 -22.72 -21.10
C SER T 263 9.73 -24.22 -21.30
N CYS T 264 8.49 -24.67 -21.19
CA CYS T 264 8.18 -26.08 -21.39
C CYS T 264 8.36 -26.49 -22.85
N TYR T 265 8.10 -25.59 -23.80
CA TYR T 265 8.35 -25.90 -25.20
C TYR T 265 9.83 -25.81 -25.53
N SER T 266 10.54 -24.88 -24.90
CA SER T 266 11.95 -24.65 -25.23
C SER T 266 12.83 -25.82 -24.77
N ILE T 267 12.47 -26.47 -23.66
CA ILE T 267 13.26 -27.61 -23.19
C ILE T 267 13.12 -28.77 -24.16
N ILE T 268 11.98 -28.88 -24.83
CA ILE T 268 11.80 -29.92 -25.84
C ILE T 268 12.52 -29.54 -27.11
N ILE T 269 12.44 -28.26 -27.50
CA ILE T 269 13.18 -27.76 -28.64
C ILE T 269 14.67 -27.95 -28.42
N MET T 270 15.15 -27.61 -27.23
CA MET T 270 16.56 -27.78 -26.91
C MET T 270 16.97 -29.24 -26.97
N PHE T 271 16.07 -30.16 -26.62
CA PHE T 271 16.41 -31.57 -26.64
C PHE T 271 16.44 -32.14 -28.05
N LEU T 272 15.49 -31.74 -28.89
CA LEU T 272 15.39 -32.32 -30.23
C LEU T 272 16.52 -31.86 -31.13
N PHE T 273 16.85 -30.58 -31.10
CA PHE T 273 17.88 -30.06 -32.01
C PHE T 273 19.28 -30.41 -31.54
N ILE T 274 19.46 -30.58 -30.23
CA ILE T 274 20.73 -31.09 -29.73
C ILE T 274 20.88 -32.56 -30.08
N LEU T 275 19.79 -33.32 -30.03
CA LEU T 275 19.85 -34.71 -30.43
C LEU T 275 20.16 -34.85 -31.91
N GLY T 276 19.77 -33.87 -32.71
CA GLY T 276 20.04 -33.90 -34.13
C GLY T 276 21.41 -33.43 -34.54
N MET T 277 22.12 -32.74 -33.65
CA MET T 277 23.47 -32.28 -33.97
C MET T 277 24.41 -33.43 -34.26
N PRO T 278 24.46 -34.50 -33.46
CA PRO T 278 25.32 -35.63 -33.83
C PRO T 278 24.87 -36.35 -35.09
N THR T 279 23.56 -36.40 -35.33
CA THR T 279 23.06 -37.10 -36.51
C THR T 279 23.45 -36.39 -37.80
N LEU T 280 23.35 -35.06 -37.82
CA LEU T 280 23.77 -34.31 -38.99
C LEU T 280 25.28 -34.32 -39.15
N LEU T 281 26.02 -34.46 -38.05
CA LEU T 281 27.47 -34.51 -38.13
C LEU T 281 27.94 -35.80 -38.78
N LEU T 282 27.32 -36.92 -38.44
CA LEU T 282 27.66 -38.17 -39.10
C LEU T 282 27.28 -38.14 -40.57
N TYR T 283 26.16 -37.49 -40.89
CA TYR T 283 25.79 -37.33 -42.29
C TYR T 283 26.84 -36.52 -43.04
N ASP T 284 27.43 -35.53 -42.38
CA ASP T 284 28.48 -34.75 -43.02
C ASP T 284 29.74 -35.56 -43.23
N PHE T 285 30.00 -36.55 -42.36
CA PHE T 285 31.19 -37.38 -42.52
C PHE T 285 31.08 -38.25 -43.76
N GLY T 286 29.89 -38.74 -44.05
CA GLY T 286 29.68 -39.63 -45.17
C GLY T 286 29.66 -41.08 -44.75
N ILE T 287 29.94 -41.94 -45.73
CA ILE T 287 29.97 -43.36 -45.46
C ILE T 287 31.16 -43.75 -44.60
N PHE T 288 32.23 -42.94 -44.61
CA PHE T 288 33.40 -43.16 -43.79
C PHE T 288 33.19 -42.73 -42.34
N PHE T 289 31.95 -42.47 -41.94
CA PHE T 289 31.71 -41.82 -40.65
C PHE T 289 32.25 -42.63 -39.48
N LEU T 290 32.36 -43.95 -39.64
CA LEU T 290 32.87 -44.78 -38.56
C LEU T 290 34.37 -44.60 -38.38
N ALA T 291 35.09 -44.31 -39.46
CA ALA T 291 36.53 -44.07 -39.34
C ALA T 291 36.82 -42.75 -38.67
N TYR T 292 35.87 -41.80 -38.75
CA TYR T 292 36.04 -40.53 -38.06
C TYR T 292 35.91 -40.69 -36.55
N LEU T 293 35.15 -41.68 -36.11
CA LEU T 293 34.89 -41.89 -34.69
C LEU T 293 35.93 -42.78 -34.04
N LYS T 294 36.07 -44.01 -34.53
CA LYS T 294 36.94 -45.00 -33.92
C LYS T 294 38.33 -45.05 -34.55
N GLY T 295 38.42 -44.76 -35.85
CA GLY T 295 39.68 -44.84 -36.54
C GLY T 295 39.78 -46.08 -37.40
N ALA T 296 40.98 -46.64 -37.50
CA ALA T 296 41.20 -47.83 -38.31
C ALA T 296 40.84 -49.08 -37.54
N GLY T 297 40.34 -50.07 -38.27
CA GLY T 297 40.01 -51.35 -37.68
C GLY T 297 41.26 -52.11 -37.27
N LYS T 298 41.04 -53.24 -36.64
CA LYS T 298 42.13 -54.07 -36.15
C LYS T 298 42.03 -55.50 -36.65
N TYR T 299 40.82 -56.04 -36.77
CA TYR T 299 40.60 -57.41 -37.19
C TYR T 299 40.04 -57.45 -38.60
N ILE T 300 40.31 -58.56 -39.30
CA ILE T 300 39.85 -58.72 -40.67
C ILE T 300 38.37 -59.06 -40.76
N SER T 301 37.76 -59.47 -39.66
CA SER T 301 36.35 -59.86 -39.66
C SER T 301 35.47 -58.61 -39.62
N SER T 302 34.66 -58.43 -40.66
CA SER T 302 33.76 -57.29 -40.69
C SER T 302 32.67 -57.41 -39.64
N VAL T 303 32.27 -58.65 -39.31
CA VAL T 303 31.30 -58.85 -38.25
C VAL T 303 31.87 -58.45 -36.90
N ALA T 304 33.15 -58.75 -36.66
CA ALA T 304 33.77 -58.37 -35.40
C ALA T 304 33.88 -56.86 -35.28
N GLU T 305 34.36 -56.20 -36.34
CA GLU T 305 34.46 -54.75 -36.30
C GLU T 305 33.10 -54.09 -36.21
N MET T 306 32.07 -54.72 -36.79
CA MET T 306 30.73 -54.16 -36.71
C MET T 306 30.31 -53.95 -35.27
N MET T 307 30.66 -54.89 -34.39
CA MET T 307 30.29 -54.73 -32.97
C MET T 307 31.08 -53.61 -32.31
N PHE T 308 32.35 -53.45 -32.69
CA PHE T 308 33.13 -52.33 -32.19
C PHE T 308 32.68 -51.01 -32.80
N ASP T 309 32.22 -51.05 -34.05
CA ASP T 309 31.70 -49.84 -34.69
C ASP T 309 30.35 -49.44 -34.11
N TYR T 310 29.54 -50.42 -33.73
CA TYR T 310 28.26 -50.12 -33.10
C TYR T 310 28.45 -49.46 -31.74
N THR T 311 29.43 -49.92 -30.97
CA THR T 311 29.73 -49.29 -29.70
C THR T 311 30.37 -47.92 -29.89
N ALA T 312 31.15 -47.74 -30.96
CA ALA T 312 31.73 -46.43 -31.21
C ALA T 312 30.65 -45.40 -31.51
N CYS T 313 29.60 -45.79 -32.22
CA CYS T 313 28.50 -44.88 -32.49
C CYS T 313 27.60 -44.73 -31.28
N LEU T 314 27.53 -45.75 -30.44
CA LEU T 314 26.74 -45.66 -29.22
C LEU T 314 27.36 -44.66 -28.26
N VAL T 315 28.68 -44.72 -28.10
CA VAL T 315 29.39 -43.77 -27.25
C VAL T 315 29.29 -42.38 -27.82
N PHE T 316 29.20 -42.26 -29.15
CA PHE T 316 29.09 -40.96 -29.78
C PHE T 316 27.84 -40.23 -29.29
N TYR T 317 26.73 -40.95 -29.13
CA TYR T 317 25.51 -40.33 -28.64
C TYR T 317 25.41 -40.28 -27.13
N ILE T 318 26.06 -41.20 -26.42
CA ILE T 318 26.03 -41.19 -24.97
C ILE T 318 26.74 -39.96 -24.41
N ARG T 319 27.78 -39.49 -25.09
CA ARG T 319 28.49 -38.29 -24.65
C ARG T 319 27.57 -37.09 -24.58
N ILE T 320 26.48 -37.12 -25.34
CA ILE T 320 25.52 -36.03 -25.39
C ILE T 320 24.32 -36.29 -24.49
N LEU T 321 23.70 -37.46 -24.64
CA LEU T 321 22.47 -37.73 -23.91
C LEU T 321 22.71 -37.84 -22.41
N ALA T 322 23.89 -38.31 -22.00
CA ALA T 322 24.18 -38.42 -20.58
C ALA T 322 24.33 -37.07 -19.90
N GLN T 323 24.59 -36.00 -20.66
CA GLN T 323 24.71 -34.69 -20.07
C GLN T 323 23.38 -34.12 -19.60
N TRP T 324 22.27 -34.71 -20.03
CA TRP T 324 20.96 -34.28 -19.56
C TRP T 324 20.68 -34.72 -18.13
N ILE T 325 21.49 -35.61 -17.57
CA ILE T 325 21.40 -35.92 -16.16
C ILE T 325 21.82 -34.71 -15.33
N ARG T 326 22.70 -33.87 -15.89
CA ARG T 326 23.06 -32.63 -15.21
C ARG T 326 21.86 -31.68 -15.12
N VAL T 327 21.01 -31.69 -16.15
CA VAL T 327 19.81 -30.86 -16.14
C VAL T 327 18.83 -31.37 -15.10
N VAL T 328 18.73 -32.69 -14.92
CA VAL T 328 17.86 -33.24 -13.90
C VAL T 328 18.33 -32.84 -12.51
N LEU T 329 19.65 -32.82 -12.31
CA LEU T 329 20.20 -32.41 -11.02
C LEU T 329 19.84 -30.97 -10.70
N MET T 330 19.87 -30.09 -11.70
CA MET T 330 19.52 -28.70 -11.45
C MET T 330 18.05 -28.53 -11.13
N VAL T 331 17.19 -29.31 -11.75
CA VAL T 331 15.76 -29.20 -11.48
C VAL T 331 15.44 -29.77 -10.11
N VAL T 332 16.03 -30.91 -9.78
CA VAL T 332 15.79 -31.52 -8.47
C VAL T 332 16.28 -30.60 -7.36
N THR T 333 17.45 -29.99 -7.56
CA THR T 333 17.99 -29.09 -6.55
C THR T 333 17.16 -27.81 -6.47
N PHE T 334 16.64 -27.35 -7.60
CA PHE T 334 15.80 -26.15 -7.62
C PHE T 334 14.45 -26.40 -6.96
N ILE T 335 13.92 -27.62 -7.09
CA ILE T 335 12.64 -27.96 -6.49
C ILE T 335 12.78 -28.11 -4.98
N SER T 336 13.88 -28.70 -4.52
CA SER T 336 14.08 -28.89 -3.09
C SER T 336 14.15 -27.55 -2.36
N LEU T 337 14.76 -26.55 -3.00
CA LEU T 337 14.80 -25.23 -2.38
C LEU T 337 13.43 -24.58 -2.39
N SER T 338 12.68 -24.74 -3.47
CA SER T 338 11.33 -24.20 -3.53
C SER T 338 10.42 -24.87 -2.52
N HIS T 339 10.61 -26.17 -2.28
CA HIS T 339 9.80 -26.86 -1.30
C HIS T 339 10.10 -26.42 0.12
N TYR T 340 11.35 -26.07 0.40
CA TYR T 340 11.71 -25.64 1.75
C TYR T 340 11.22 -24.22 2.02
N VAL T 341 11.32 -23.34 1.02
CA VAL T 341 10.91 -21.96 1.20
C VAL T 341 9.39 -21.86 1.28
N SER T 342 8.69 -22.59 0.41
CA SER T 342 7.23 -22.50 0.39
C SER T 342 6.60 -23.07 1.65
N ASP T 343 7.31 -23.94 2.35
CA ASP T 343 6.80 -24.55 3.58
C ASP T 343 7.47 -23.97 4.82
N PHE T 344 8.20 -22.87 4.67
CA PHE T 344 8.86 -22.26 5.81
C PHE T 344 7.85 -21.66 6.77
N ASP T 345 8.24 -21.57 8.04
CA ASP T 345 7.30 -21.21 9.10
C ASP T 345 6.87 -19.75 8.99
N ILE T 346 5.56 -19.53 9.07
CA ILE T 346 5.01 -18.18 9.20
C ILE T 346 3.72 -18.30 9.98
N THR T 347 3.64 -17.63 11.14
CA THR T 347 2.48 -17.75 12.00
C THR T 347 2.02 -16.36 12.45
N ASN T 348 0.96 -16.35 13.26
CA ASN T 348 0.45 -15.08 13.80
C ASN T 348 1.40 -14.45 14.80
N SER T 349 2.39 -15.20 15.29
CA SER T 349 3.37 -14.63 16.20
C SER T 349 4.33 -13.69 15.49
N ALA T 350 4.32 -13.67 14.16
CA ALA T 350 5.14 -12.77 13.36
C ALA T 350 4.32 -11.71 12.67
N LEU T 351 3.03 -11.63 12.94
CA LEU T 351 2.15 -10.65 12.32
C LEU T 351 1.87 -9.49 13.28
N ILE T 352 1.71 -8.31 12.70
CA ILE T 352 1.40 -7.10 13.44
C ILE T 352 -0.11 -6.92 13.42
N GLY T 353 -0.73 -7.02 14.58
CA GLY T 353 -2.17 -6.86 14.70
C GLY T 353 -2.96 -7.87 13.90
N SER T 354 -2.76 -9.16 14.18
CA SER T 354 -3.42 -10.18 13.38
C SER T 354 -4.89 -10.29 13.74
N GLU T 355 -5.73 -10.40 12.72
CA GLU T 355 -7.15 -10.62 12.89
C GLU T 355 -7.56 -12.05 12.62
N ASN T 356 -6.59 -12.92 12.29
CA ASN T 356 -6.85 -14.34 12.07
C ASN T 356 -6.97 -15.05 13.41
N GLN T 357 -8.05 -14.73 14.12
CA GLN T 357 -8.25 -15.22 15.48
C GLN T 357 -8.47 -16.72 15.54
N SER T 358 -8.93 -17.34 14.46
CA SER T 358 -9.18 -18.77 14.46
C SER T 358 -7.96 -19.58 14.04
N ASP T 359 -6.86 -18.93 13.67
CA ASP T 359 -5.65 -19.63 13.25
C ASP T 359 -4.69 -19.67 14.43
N SER T 360 -5.00 -20.55 15.38
CA SER T 360 -4.15 -20.86 16.53
C SER T 360 -3.86 -19.66 17.42
N MET T 361 -4.55 -18.54 17.21
CA MET T 361 -4.31 -17.37 18.04
C MET T 361 -4.89 -17.52 19.44
N ASN T 362 -6.03 -18.19 19.56
CA ASN T 362 -6.71 -18.34 20.84
C ASN T 362 -6.62 -19.77 21.36
N GLU T 363 -5.52 -20.45 21.06
CA GLU T 363 -5.28 -21.81 21.47
C GLU T 363 -4.02 -21.89 22.31
N LEU T 364 -3.92 -22.97 23.08
CA LEU T 364 -2.74 -23.27 23.86
C LEU T 364 -1.80 -24.03 22.94
N ASN T 365 -0.71 -23.39 22.53
CA ASN T 365 0.23 -23.96 21.57
C ASN T 365 1.58 -24.14 22.27
N THR T 366 1.84 -25.34 22.75
CA THR T 366 3.14 -25.71 23.27
C THR T 366 3.84 -26.62 22.29
N ASN T 367 5.15 -26.78 22.47
CA ASN T 367 5.96 -27.62 21.61
C ASN T 367 6.85 -28.51 22.46
N PHE T 368 7.60 -29.37 21.79
CA PHE T 368 8.53 -30.27 22.44
C PHE T 368 9.92 -30.13 21.83
N SER T 369 10.21 -28.95 21.29
CA SER T 369 11.52 -28.65 20.74
C SER T 369 12.40 -27.99 21.80
N MET T 370 13.58 -27.57 21.40
CA MET T 370 14.45 -26.82 22.30
C MET T 370 13.85 -25.46 22.59
N THR T 371 14.01 -24.99 23.82
CA THR T 371 13.54 -23.67 24.19
C THR T 371 14.56 -22.62 23.75
N TYR T 372 14.33 -21.37 24.15
CA TYR T 372 15.03 -20.22 23.58
C TYR T 372 14.90 -20.25 22.06
N TYR T 373 13.65 -20.22 21.60
CA TYR T 373 13.32 -20.60 20.24
C TYR T 373 14.06 -19.76 19.22
N ILE T 374 14.03 -18.43 19.36
CA ILE T 374 14.65 -17.54 18.40
C ILE T 374 16.16 -17.56 18.54
N LEU T 375 16.68 -18.30 19.51
CA LEU T 375 18.11 -18.44 19.68
C LEU T 375 18.64 -19.78 19.20
N THR T 376 17.84 -20.84 19.30
CA THR T 376 18.28 -22.18 18.97
C THR T 376 17.59 -22.76 17.75
N VAL T 377 16.25 -22.82 17.76
CA VAL T 377 15.51 -23.48 16.70
C VAL T 377 15.40 -22.62 15.46
N LEU T 378 15.00 -21.36 15.63
CA LEU T 378 14.83 -20.49 14.48
C LEU T 378 16.14 -20.25 13.73
N PRO T 379 17.27 -19.99 14.39
CA PRO T 379 18.52 -19.90 13.63
C PRO T 379 18.90 -21.20 12.96
N GLY T 380 18.52 -22.34 13.52
CA GLY T 380 18.80 -23.60 12.86
C GLY T 380 18.05 -23.74 11.55
N LYS T 381 16.83 -23.22 11.49
CA LYS T 381 16.06 -23.22 10.25
C LYS T 381 16.68 -22.30 9.20
N PHE T 382 17.33 -21.23 9.63
CA PHE T 382 17.98 -20.33 8.68
C PHE T 382 19.35 -20.87 8.26
N ILE T 383 20.02 -21.61 9.13
CA ILE T 383 21.26 -22.28 8.74
C ILE T 383 21.01 -23.31 7.66
N TYR T 384 19.92 -24.07 7.78
CA TYR T 384 19.58 -25.03 6.73
C TYR T 384 19.13 -24.32 5.46
N TRP T 385 18.52 -23.14 5.60
CA TRP T 385 18.11 -22.37 4.44
C TRP T 385 19.32 -21.88 3.66
N ILE T 386 20.34 -21.39 4.36
CA ILE T 386 21.55 -20.93 3.69
C ILE T 386 22.24 -22.08 2.98
N TYR T 387 22.21 -23.28 3.58
CA TYR T 387 22.79 -24.44 2.91
C TYR T 387 22.01 -24.83 1.66
N GLU T 388 20.68 -24.77 1.74
CA GLU T 388 19.87 -25.16 0.59
C GLU T 388 20.15 -24.28 -0.62
N ILE T 389 20.37 -22.99 -0.40
CA ILE T 389 20.59 -22.09 -1.52
C ILE T 389 22.06 -22.09 -1.95
N LEU T 390 22.99 -22.28 -1.02
CA LEU T 390 24.39 -22.41 -1.40
C LEU T 390 24.64 -23.70 -2.18
N HIS T 391 23.98 -24.79 -1.79
CA HIS T 391 24.11 -26.03 -2.53
C HIS T 391 23.45 -25.92 -3.90
N THR T 392 22.33 -25.21 -3.97
CA THR T 392 21.66 -25.01 -5.25
C THR T 392 22.50 -24.16 -6.18
N PHE T 393 23.08 -23.07 -5.67
CA PHE T 393 23.91 -22.22 -6.51
C PHE T 393 25.09 -22.99 -7.07
N PHE T 394 25.74 -23.81 -6.24
CA PHE T 394 26.91 -24.57 -6.69
C PHE T 394 26.52 -25.57 -7.77
N VAL T 395 25.36 -26.21 -7.62
CA VAL T 395 24.95 -27.23 -8.57
C VAL T 395 24.54 -26.59 -9.89
N VAL T 396 23.66 -25.59 -9.83
CA VAL T 396 23.14 -25.02 -11.06
C VAL T 396 24.21 -24.25 -11.82
N CYS T 397 25.23 -23.76 -11.14
CA CYS T 397 26.27 -23.01 -11.82
C CYS T 397 27.34 -23.94 -12.39
N SER T 398 27.68 -25.01 -11.68
CA SER T 398 28.69 -25.93 -12.19
C SER T 398 28.14 -26.84 -13.27
N GLN T 399 26.90 -27.33 -13.10
CA GLN T 399 26.31 -28.21 -14.11
C GLN T 399 25.93 -27.43 -15.37
N PHE T 400 25.63 -26.15 -15.23
CA PHE T 400 25.34 -25.33 -16.39
C PHE T 400 26.57 -25.19 -17.28
N VAL T 401 27.70 -24.84 -16.69
CA VAL T 401 28.94 -24.72 -17.46
C VAL T 401 29.36 -26.07 -18.00
N ALA T 402 29.27 -27.12 -17.17
CA ALA T 402 29.68 -28.45 -17.61
C ALA T 402 28.81 -28.98 -18.74
N PHE T 403 27.58 -28.50 -18.86
CA PHE T 403 26.72 -28.96 -19.94
C PHE T 403 27.19 -28.41 -21.28
N PHE T 404 27.31 -27.08 -21.39
CA PHE T 404 27.68 -26.49 -22.66
C PHE T 404 29.16 -26.65 -22.97
N ALA T 405 30.00 -26.84 -21.96
CA ALA T 405 31.42 -27.08 -22.19
C ALA T 405 31.70 -28.49 -22.67
N ILE T 406 30.71 -29.36 -22.65
CA ILE T 406 30.87 -30.75 -23.06
C ILE T 406 30.03 -31.07 -24.28
N VAL T 407 28.77 -30.63 -24.30
CA VAL T 407 27.87 -30.95 -25.39
C VAL T 407 28.32 -30.27 -26.67
N PHE T 408 28.86 -29.07 -26.57
CA PHE T 408 29.27 -28.30 -27.74
C PHE T 408 30.77 -28.09 -27.83
N TRP T 409 31.37 -27.55 -26.77
CA TRP T 409 32.78 -27.16 -26.84
C TRP T 409 33.70 -28.37 -26.92
N LEU T 410 33.52 -29.34 -26.03
CA LEU T 410 34.39 -30.51 -26.03
C LEU T 410 34.00 -31.48 -27.12
N PHE T 411 32.70 -31.61 -27.38
CA PHE T 411 32.24 -32.56 -28.37
C PHE T 411 32.75 -32.20 -29.76
N LEU T 412 32.72 -30.92 -30.10
CA LEU T 412 33.18 -30.49 -31.41
C LEU T 412 34.70 -30.37 -31.49
N PHE T 413 35.38 -30.24 -30.36
CA PHE T 413 36.83 -30.25 -30.37
C PHE T 413 37.37 -31.64 -30.67
N LEU T 414 36.60 -32.68 -30.35
CA LEU T 414 37.06 -34.05 -30.53
C LEU T 414 36.78 -34.61 -31.92
N TYR T 415 35.76 -34.09 -32.59
CA TYR T 415 35.33 -34.64 -33.87
C TYR T 415 35.47 -33.68 -35.04
N THR T 416 35.82 -32.42 -34.80
CA THR T 416 36.03 -31.46 -35.86
C THR T 416 37.32 -30.71 -35.62
N PHE T 417 37.92 -30.20 -36.71
CA PHE T 417 39.20 -29.53 -36.61
C PHE T 417 39.34 -28.55 -37.77
N PHE T 418 40.46 -27.82 -37.76
CA PHE T 418 40.81 -26.90 -38.83
C PHE T 418 42.17 -27.26 -39.39
N ILE T 419 42.29 -27.21 -40.70
CA ILE T 419 43.54 -27.52 -41.36
C ILE T 419 44.49 -26.32 -41.26
N ILE T 420 45.78 -26.61 -41.26
CA ILE T 420 46.81 -25.59 -41.25
C ILE T 420 47.40 -25.36 -42.64
N GLU T 421 47.29 -26.33 -43.54
CA GLU T 421 47.76 -26.15 -44.90
C GLU T 421 46.82 -25.24 -45.68
N LYS T 422 47.39 -24.38 -46.50
CA LYS T 422 46.62 -23.45 -47.32
C LYS T 422 46.71 -23.86 -48.79
N HIS T 423 45.68 -23.47 -49.54
CA HIS T 423 45.61 -23.75 -50.97
C HIS T 423 45.93 -22.54 -51.84
N GLU T 424 45.95 -21.34 -51.27
CA GLU T 424 46.18 -20.12 -52.02
C GLU T 424 46.78 -19.06 -51.10
N ASP T 425 47.75 -18.31 -51.61
CA ASP T 425 48.50 -17.35 -50.80
C ASP T 425 48.77 -16.07 -51.59
N PHE T 426 47.78 -15.52 -52.28
CA PHE T 426 48.03 -14.32 -53.05
C PHE T 426 47.89 -13.02 -52.27
N PHE T 427 47.24 -13.04 -51.10
CA PHE T 427 47.14 -11.82 -50.31
C PHE T 427 48.50 -11.37 -49.80
N SER T 428 49.36 -12.32 -49.44
CA SER T 428 50.66 -11.96 -48.88
C SER T 428 51.54 -11.23 -49.90
N LYS T 429 51.55 -11.71 -51.14
CA LYS T 429 52.40 -11.11 -52.16
C LYS T 429 51.80 -9.84 -52.75
N LYS T 430 50.49 -9.65 -52.65
CA LYS T 430 49.88 -8.40 -53.09
C LYS T 430 50.14 -7.28 -52.08
N ARG T 431 50.12 -7.60 -50.79
CA ARG T 431 50.38 -6.59 -49.77
C ARG T 431 51.81 -6.08 -49.84
N GLU T 432 52.75 -6.95 -50.20
CA GLU T 432 54.14 -6.51 -50.34
C GLU T 432 54.30 -5.56 -51.52
N GLU T 433 53.69 -5.91 -52.66
CA GLU T 433 53.78 -5.04 -53.83
C GLU T 433 52.99 -3.76 -53.63
N ARG T 434 51.86 -3.85 -52.92
CA ARG T 434 51.06 -2.67 -52.65
C ARG T 434 51.80 -1.70 -51.72
N LYS T 435 52.58 -2.23 -50.79
CA LYS T 435 53.33 -1.38 -49.88
C LYS T 435 54.44 -0.63 -50.59
N LYS T 436 55.06 -1.26 -51.59
CA LYS T 436 56.07 -0.56 -52.37
C LYS T 436 55.44 0.50 -53.27
N LYS T 437 54.19 0.31 -53.66
CA LYS T 437 53.50 1.30 -54.45
C LYS T 437 53.23 2.57 -53.66
N LEU T 438 53.01 2.43 -52.35
CA LEU T 438 52.74 3.55 -51.45
C LEU T 438 53.97 3.96 -50.64
N LYS T 439 55.16 3.76 -51.19
CA LYS T 439 56.38 4.06 -50.44
C LYS T 439 56.56 5.55 -50.21
N GLU T 440 56.16 6.37 -51.18
CA GLU T 440 56.36 7.81 -51.05
C GLU T 440 55.41 8.41 -50.03
N LEU T 441 54.19 7.88 -49.94
CA LEU T 441 53.22 8.42 -49.00
C LEU T 441 53.60 8.08 -47.57
N TRP T 442 54.11 6.87 -47.34
CA TRP T 442 54.59 6.53 -46.00
C TRP T 442 55.80 7.37 -45.64
N ASN T 443 56.60 7.77 -46.63
CA ASN T 443 57.79 8.56 -46.36
C ASN T 443 57.42 9.92 -45.78
N LEU T 444 56.28 10.47 -46.19
CA LEU T 444 55.74 11.70 -45.63
C LEU T 444 55.14 11.52 -44.27
N LYS T 445 55.30 10.35 -43.66
CA LYS T 445 54.66 10.02 -42.40
C LYS T 445 53.14 10.10 -42.53
N ASN T 446 52.63 9.53 -43.62
CA ASN T 446 51.21 9.54 -43.94
C ASN T 446 50.55 10.87 -43.63
N MET U 62 29.92 26.67 -70.93
CA MET U 62 29.60 25.55 -70.06
C MET U 62 28.85 24.46 -70.84
N LYS U 63 29.38 23.24 -70.80
CA LYS U 63 28.72 22.14 -71.49
C LYS U 63 27.43 21.74 -70.77
N LYS U 64 26.43 21.37 -71.54
CA LYS U 64 25.15 21.00 -70.97
C LYS U 64 25.28 19.66 -70.27
N PRO U 65 25.01 19.58 -68.97
CA PRO U 65 25.14 18.30 -68.25
C PRO U 65 23.95 17.39 -68.53
N MET U 66 24.01 16.19 -67.99
CA MET U 66 22.91 15.25 -68.15
C MET U 66 21.68 15.75 -67.40
N ALA U 67 20.51 15.39 -67.92
CA ALA U 67 19.27 15.86 -67.33
C ALA U 67 19.04 15.26 -65.94
N LYS U 68 19.28 13.97 -65.79
CA LYS U 68 19.06 13.31 -64.52
C LYS U 68 19.77 11.97 -64.53
N ALA U 69 19.96 11.42 -63.34
CA ALA U 69 20.52 10.08 -63.18
C ALA U 69 19.38 9.06 -63.19
N TYR U 70 19.70 7.81 -62.86
CA TYR U 70 18.68 6.78 -62.77
C TYR U 70 17.84 6.99 -61.52
N GLU U 71 16.52 6.81 -61.66
CA GLU U 71 15.59 6.96 -60.55
C GLU U 71 15.04 5.57 -60.22
N HIS U 72 15.35 5.10 -59.02
CA HIS U 72 14.94 3.76 -58.63
C HIS U 72 13.42 3.72 -58.43
N PRO U 73 12.72 2.76 -59.03
CA PRO U 73 11.26 2.72 -58.92
C PRO U 73 10.72 2.12 -57.63
N TYR U 74 11.57 1.64 -56.72
CA TYR U 74 11.11 0.99 -55.50
C TYR U 74 11.84 1.50 -54.27
N ASN U 75 12.34 2.73 -54.33
CA ASN U 75 13.02 3.34 -53.21
C ASN U 75 12.47 4.74 -53.01
N SER U 76 12.05 5.05 -51.78
CA SER U 76 11.54 6.36 -51.46
C SER U 76 12.10 6.77 -50.11
N GLU U 77 11.79 8.01 -49.71
CA GLU U 77 12.29 8.52 -48.44
C GLU U 77 11.44 8.02 -47.28
N HIS U 78 10.12 7.96 -47.47
CA HIS U 78 9.25 7.47 -46.42
C HIS U 78 9.21 5.95 -46.37
N HIS U 79 9.45 5.29 -47.49
CA HIS U 79 9.52 3.83 -47.55
C HIS U 79 10.85 3.42 -48.17
N PRO U 80 11.94 3.53 -47.43
CA PRO U 80 13.24 3.14 -47.99
C PRO U 80 13.31 1.64 -48.20
N LEU U 81 14.01 1.26 -49.27
CA LEU U 81 14.05 -0.14 -49.67
C LEU U 81 14.84 -0.97 -48.66
N ASN U 82 15.98 -0.45 -48.21
CA ASN U 82 16.87 -1.14 -47.30
C ASN U 82 16.64 -0.68 -45.86
N PHE U 83 17.11 -1.49 -44.93
CA PHE U 83 16.83 -1.31 -43.51
C PHE U 83 18.05 -0.93 -42.71
N SER U 84 17.81 -0.11 -41.68
CA SER U 84 18.83 0.27 -40.72
C SER U 84 18.12 0.86 -39.50
N ALA U 85 18.86 0.98 -38.42
CA ALA U 85 18.33 1.56 -37.19
C ALA U 85 18.03 3.05 -37.34
N VAL U 86 18.58 3.70 -38.37
CA VAL U 86 18.40 5.14 -38.53
C VAL U 86 16.97 5.46 -38.93
N LYS U 87 16.41 4.72 -39.88
CA LYS U 87 15.03 4.97 -40.26
C LYS U 87 14.07 4.60 -39.14
N ILE U 88 14.37 3.54 -38.41
CA ILE U 88 13.56 3.16 -37.25
C ILE U 88 13.64 4.24 -36.18
N ALA U 89 14.81 4.86 -36.03
CA ALA U 89 14.96 5.91 -35.05
C ALA U 89 14.14 7.14 -35.42
N GLU U 90 14.00 7.40 -36.72
CA GLU U 90 13.21 8.54 -37.16
C GLU U 90 11.74 8.33 -36.87
N THR U 91 11.22 7.14 -37.19
CA THR U 91 9.82 6.86 -36.92
C THR U 91 9.55 6.75 -35.43
N PHE U 92 10.57 6.39 -34.63
CA PHE U 92 10.38 6.30 -33.20
C PHE U 92 10.17 7.67 -32.58
N HIS U 93 10.98 8.65 -32.99
CA HIS U 93 10.84 9.99 -32.46
C HIS U 93 9.65 10.75 -33.01
N ASP U 94 9.14 10.35 -34.18
CA ASP U 94 7.85 10.87 -34.61
C ASP U 94 6.74 10.36 -33.72
N PHE U 95 6.88 9.14 -33.21
CA PHE U 95 5.85 8.56 -32.35
C PHE U 95 5.87 9.18 -30.96
N ILE U 96 7.01 9.13 -30.27
CA ILE U 96 7.08 9.72 -28.95
C ILE U 96 7.06 11.24 -29.00
N GLY U 97 7.18 11.81 -30.19
CA GLY U 97 7.11 13.24 -30.36
C GLY U 97 8.38 13.93 -29.91
N PRO U 98 8.38 15.25 -29.99
CA PRO U 98 9.54 16.01 -29.54
C PRO U 98 9.69 15.96 -28.03
N GLU U 99 10.85 16.39 -27.58
CA GLU U 99 11.14 16.45 -26.17
C GLU U 99 10.19 17.44 -25.50
N GLN U 100 9.41 16.96 -24.55
CA GLN U 100 8.39 17.78 -23.90
C GLN U 100 9.08 18.73 -22.95
N VAL U 101 9.51 19.86 -23.48
CA VAL U 101 10.23 20.85 -22.70
C VAL U 101 9.24 21.65 -21.88
N SER U 102 9.48 21.73 -20.61
CA SER U 102 8.68 22.52 -19.72
C SER U 102 9.15 23.96 -19.71
N PRO U 103 8.28 24.93 -19.95
CA PRO U 103 8.69 26.34 -19.91
C PRO U 103 8.65 26.97 -18.53
N HIS U 104 8.28 26.21 -17.51
CA HIS U 104 8.01 26.79 -16.20
C HIS U 104 9.29 26.95 -15.40
N TYR U 105 9.13 27.61 -14.25
CA TYR U 105 10.22 27.83 -13.32
C TYR U 105 10.40 26.68 -12.34
N GLU U 106 9.38 25.86 -12.15
CA GLU U 106 9.45 24.72 -11.25
C GLU U 106 8.83 23.51 -11.93
N SER U 107 9.28 22.33 -11.51
CA SER U 107 8.77 21.10 -12.08
C SER U 107 7.33 20.84 -11.63
N PHE U 108 6.61 20.07 -12.46
CA PHE U 108 5.19 19.87 -12.24
C PHE U 108 4.89 19.09 -10.96
N ALA U 109 5.75 18.15 -10.58
CA ALA U 109 5.47 17.32 -9.42
C ALA U 109 5.57 18.12 -8.13
N MET U 110 6.64 18.91 -7.99
CA MET U 110 6.83 19.66 -6.75
C MET U 110 5.83 20.77 -6.59
N SER U 111 5.25 21.28 -7.68
CA SER U 111 4.28 22.34 -7.57
C SER U 111 2.89 21.83 -7.21
N ARG U 112 2.63 20.54 -7.41
CA ARG U 112 1.32 19.95 -7.18
C ARG U 112 1.41 18.74 -6.26
N LYS U 113 2.29 18.80 -5.27
CA LYS U 113 2.48 17.64 -4.40
C LYS U 113 1.20 17.30 -3.63
N PHE U 114 0.52 18.32 -3.11
CA PHE U 114 -0.71 18.09 -2.38
C PHE U 114 -1.81 17.54 -3.29
N LEU U 115 -1.89 18.06 -4.51
CA LEU U 115 -2.92 17.60 -5.44
C LEU U 115 -2.62 16.19 -5.95
N LEU U 116 -1.38 15.93 -6.33
CA LEU U 116 -1.02 14.60 -6.80
C LEU U 116 -1.14 13.57 -5.68
N THR U 117 -0.95 14.00 -4.43
CA THR U 117 -1.12 13.10 -3.29
C THR U 117 -2.58 12.72 -3.13
N PHE U 118 -3.49 13.66 -3.38
CA PHE U 118 -4.91 13.34 -3.35
C PHE U 118 -5.26 12.29 -4.40
N TRP U 119 -4.92 12.56 -5.66
CA TRP U 119 -5.21 11.62 -6.73
C TRP U 119 -4.40 10.35 -6.61
N GLY U 120 -3.23 10.40 -5.97
CA GLY U 120 -2.51 9.19 -5.66
C GLY U 120 -3.26 8.30 -4.69
N GLY U 121 -3.81 8.90 -3.63
CA GLY U 121 -4.58 8.13 -2.68
C GLY U 121 -5.99 7.83 -3.12
N PHE U 122 -6.53 8.63 -4.04
CA PHE U 122 -7.85 8.34 -4.59
C PHE U 122 -7.85 7.01 -5.32
N PHE U 123 -6.83 6.78 -6.15
CA PHE U 123 -6.74 5.54 -6.91
C PHE U 123 -6.34 4.37 -6.03
N VAL U 124 -5.61 4.62 -4.96
CA VAL U 124 -5.32 3.57 -3.98
C VAL U 124 -6.61 3.15 -3.29
N LEU U 125 -7.39 4.12 -2.84
CA LEU U 125 -8.69 3.83 -2.27
C LEU U 125 -9.63 3.25 -3.32
N ASN U 126 -9.56 3.77 -4.54
CA ASN U 126 -10.37 3.23 -5.63
C ASN U 126 -10.09 1.74 -5.83
N PHE U 127 -8.81 1.37 -5.90
CA PHE U 127 -8.47 -0.04 -5.98
C PHE U 127 -8.81 -0.76 -4.68
N GLY U 128 -8.65 -0.09 -3.54
CA GLY U 128 -8.94 -0.71 -2.27
C GLY U 128 -10.41 -0.95 -2.04
N MET U 129 -11.24 0.01 -2.46
CA MET U 129 -12.67 -0.14 -2.33
C MET U 129 -13.21 -1.16 -3.33
N ALA U 130 -12.57 -1.25 -4.50
CA ALA U 130 -13.02 -2.19 -5.52
C ALA U 130 -12.63 -3.62 -5.20
N THR U 131 -11.42 -3.81 -4.67
CA THR U 131 -10.89 -5.13 -4.34
C THR U 131 -11.40 -5.58 -2.98
N VAL U 132 -12.50 -6.33 -2.98
CA VAL U 132 -13.07 -6.84 -1.75
C VAL U 132 -12.30 -8.01 -1.17
N ASP U 133 -11.50 -8.70 -1.99
CA ASP U 133 -10.72 -9.86 -1.55
C ASP U 133 -9.23 -9.53 -1.49
N LEU U 134 -8.90 -8.34 -1.02
CA LEU U 134 -7.52 -7.89 -1.02
C LEU U 134 -6.66 -8.73 -0.08
N ASN U 135 -7.26 -9.29 0.98
CA ASN U 135 -6.49 -10.13 1.89
C ASN U 135 -6.10 -11.44 1.23
N TRP U 136 -6.95 -11.95 0.33
CA TRP U 136 -6.58 -13.14 -0.42
C TRP U 136 -5.42 -12.89 -1.36
N ILE U 137 -5.30 -11.65 -1.87
CA ILE U 137 -4.18 -11.34 -2.76
C ILE U 137 -2.90 -11.14 -1.97
N MET U 138 -2.98 -10.57 -0.77
CA MET U 138 -1.79 -10.39 0.05
C MET U 138 -1.20 -11.73 0.46
N LYS U 139 -2.06 -12.66 0.87
CA LYS U 139 -1.58 -13.98 1.27
C LYS U 139 -1.08 -14.77 0.08
N SER U 140 -1.72 -14.62 -1.08
CA SER U 140 -1.28 -15.35 -2.26
C SER U 140 0.06 -14.86 -2.77
N THR U 141 0.46 -13.65 -2.41
CA THR U 141 1.73 -13.05 -2.83
C THR U 141 2.87 -13.31 -1.87
N TYR U 142 2.61 -13.87 -0.69
CA TYR U 142 3.66 -14.04 0.31
C TYR U 142 4.73 -15.02 -0.16
N ILE U 143 4.32 -16.18 -0.67
CA ILE U 143 5.30 -17.18 -1.07
C ILE U 143 6.21 -16.69 -2.20
N PRO U 144 5.71 -16.16 -3.31
CA PRO U 144 6.62 -15.68 -4.35
C PRO U 144 7.46 -14.50 -3.93
N TRP U 145 6.97 -13.66 -3.02
CA TRP U 145 7.76 -12.54 -2.54
C TRP U 145 8.97 -13.03 -1.75
N ILE U 146 8.78 -14.02 -0.90
CA ILE U 146 9.90 -14.57 -0.15
C ILE U 146 10.84 -15.33 -1.08
N PHE U 147 10.29 -16.11 -2.01
CA PHE U 147 11.10 -17.00 -2.83
C PHE U 147 12.02 -16.22 -3.76
N TRP U 148 11.46 -15.29 -4.54
CA TRP U 148 12.27 -14.61 -5.55
C TRP U 148 13.29 -13.66 -4.95
N PHE U 149 13.01 -13.12 -3.77
CA PHE U 149 13.97 -12.19 -3.17
C PHE U 149 15.14 -12.92 -2.53
N GLN U 150 14.89 -14.08 -1.92
CA GLN U 150 15.99 -14.84 -1.34
C GLN U 150 16.83 -15.49 -2.43
N LEU U 151 16.23 -15.77 -3.59
CA LEU U 151 16.94 -16.44 -4.66
C LEU U 151 17.84 -15.49 -5.42
N MET U 152 17.40 -14.23 -5.61
CA MET U 152 18.12 -13.27 -6.43
C MET U 152 18.84 -12.22 -5.59
N TYR U 153 18.94 -12.42 -4.28
CA TYR U 153 19.58 -11.41 -3.44
C TYR U 153 21.06 -11.27 -3.78
N PHE U 154 21.76 -12.39 -3.89
CA PHE U 154 23.20 -12.32 -4.13
C PHE U 154 23.52 -11.71 -5.48
N TYR U 155 22.75 -12.07 -6.51
CA TYR U 155 23.04 -11.58 -7.85
C TYR U 155 22.74 -10.10 -8.00
N VAL U 156 21.89 -9.54 -7.14
CA VAL U 156 21.54 -8.13 -7.22
C VAL U 156 22.32 -7.29 -6.22
N GLU U 157 22.37 -7.72 -4.97
CA GLU U 157 22.95 -6.92 -3.90
C GLU U 157 24.02 -7.64 -3.11
N GLY U 158 23.85 -8.92 -2.84
CA GLY U 158 24.79 -9.62 -1.99
C GLY U 158 26.20 -9.68 -2.55
N LYS U 159 26.32 -9.66 -3.88
CA LYS U 159 27.63 -9.72 -4.50
C LYS U 159 28.48 -8.51 -4.19
N ASN U 160 27.87 -7.42 -3.74
CA ASN U 160 28.63 -6.20 -3.49
C ASN U 160 29.45 -6.28 -2.22
N SER U 161 29.17 -7.25 -1.34
CA SER U 161 29.95 -7.39 -0.12
C SER U 161 30.24 -8.85 0.21
N MET U 162 29.96 -9.79 -0.69
CA MET U 162 30.18 -11.21 -0.42
C MET U 162 30.96 -11.85 -1.57
N PHE U 163 30.99 -13.18 -1.58
CA PHE U 163 31.99 -13.97 -2.28
C PHE U 163 32.54 -13.37 -3.57
N MET U 164 31.68 -12.98 -4.52
CA MET U 164 32.19 -12.49 -5.80
C MET U 164 31.58 -11.16 -6.17
N PRO U 165 32.35 -10.25 -6.77
CA PRO U 165 31.78 -8.94 -7.15
C PRO U 165 30.87 -9.00 -8.37
N LEU U 166 31.24 -9.78 -9.39
CA LEU U 166 30.49 -9.87 -10.64
C LEU U 166 30.34 -8.50 -11.31
N LEU U 167 31.48 -7.95 -11.71
CA LEU U 167 31.60 -6.60 -12.24
C LEU U 167 31.35 -6.51 -13.73
N GLN U 168 30.63 -7.46 -14.31
CA GLN U 168 30.42 -7.43 -15.75
C GLN U 168 29.65 -6.19 -16.17
N ARG U 169 28.59 -5.83 -15.43
CA ARG U 169 27.80 -4.67 -15.80
C ARG U 169 28.53 -3.37 -15.54
N PHE U 170 29.47 -3.36 -14.59
CA PHE U 170 30.26 -2.15 -14.36
C PHE U 170 31.22 -1.90 -15.51
N TYR U 171 31.81 -2.97 -16.05
CA TYR U 171 32.70 -2.82 -17.18
C TYR U 171 32.01 -2.18 -18.36
N ARG U 172 30.71 -2.45 -18.53
CA ARG U 172 29.95 -1.84 -19.60
C ARG U 172 29.66 -0.37 -19.33
N ARG U 173 29.52 0.01 -18.06
CA ARG U 173 29.37 1.42 -17.72
C ARG U 173 30.68 2.19 -17.89
N ALA U 174 31.79 1.57 -17.48
CA ALA U 174 33.07 2.25 -17.54
C ALA U 174 33.52 2.48 -18.98
N ALA U 175 33.25 1.53 -19.86
CA ALA U 175 33.60 1.72 -21.26
C ALA U 175 32.74 2.79 -21.90
N ALA U 176 31.44 2.79 -21.60
CA ALA U 176 30.55 3.80 -22.14
C ALA U 176 30.84 5.18 -21.58
N ASN U 177 31.28 5.26 -20.32
CA ASN U 177 31.61 6.55 -19.76
C ASN U 177 32.85 7.13 -20.41
N GLU U 178 33.78 6.27 -20.86
CA GLU U 178 34.96 6.75 -21.55
C GLU U 178 34.63 7.18 -22.98
N ILE U 179 33.69 6.47 -23.63
CA ILE U 179 33.26 6.86 -24.96
C ILE U 179 32.52 8.18 -24.93
N PHE U 180 31.78 8.44 -23.85
CA PHE U 180 31.11 9.73 -23.71
C PHE U 180 32.12 10.86 -23.73
N THR U 181 33.28 10.65 -23.12
CA THR U 181 34.33 11.66 -23.12
C THR U 181 35.00 11.78 -24.48
N MET U 182 35.20 10.67 -25.17
CA MET U 182 35.82 10.72 -26.49
C MET U 182 34.94 11.46 -27.49
N GLU U 183 33.62 11.28 -27.37
CA GLU U 183 32.72 12.03 -28.23
C GLU U 183 32.68 13.50 -27.87
N ALA U 184 32.82 13.81 -26.58
CA ALA U 184 32.86 15.20 -26.16
C ALA U 184 34.11 15.90 -26.66
N PHE U 185 35.21 15.18 -26.81
CA PHE U 185 36.46 15.73 -27.32
C PHE U 185 36.71 15.35 -28.77
N TYR U 186 35.65 15.12 -29.54
CA TYR U 186 35.81 14.72 -30.93
C TYR U 186 36.47 15.81 -31.76
N HIS U 187 36.02 17.05 -31.59
CA HIS U 187 36.55 18.15 -32.38
C HIS U 187 38.03 18.37 -32.11
N GLU U 188 38.46 18.15 -30.86
CA GLU U 188 39.86 18.33 -30.51
C GLU U 188 40.74 17.27 -31.13
N ASN U 189 40.33 16.01 -31.02
CA ASN U 189 41.15 14.92 -31.52
C ASN U 189 41.26 14.94 -33.03
N ILE U 190 40.18 15.28 -33.72
CA ILE U 190 40.22 15.31 -35.18
C ILE U 190 41.02 16.52 -35.67
N GLU U 191 41.03 17.60 -34.89
CA GLU U 191 41.79 18.78 -35.29
C GLU U 191 43.29 18.56 -35.16
N ASN U 192 43.71 17.78 -34.17
CA ASN U 192 45.13 17.46 -34.04
C ASN U 192 45.59 16.55 -35.16
N LYS U 193 44.74 15.62 -35.59
CA LYS U 193 45.09 14.75 -36.70
C LYS U 193 45.25 15.52 -37.99
N LEU U 194 44.46 16.59 -38.17
CA LEU U 194 44.57 17.41 -39.36
C LEU U 194 45.78 18.33 -39.33
N ARG U 195 46.23 18.73 -38.14
CA ARG U 195 47.41 19.57 -38.05
C ARG U 195 48.63 18.88 -38.64
N ASN U 196 48.69 17.55 -38.57
CA ASN U 196 49.81 16.83 -39.16
C ASN U 196 49.64 16.67 -40.67
N LEU U 197 48.40 16.49 -41.13
CA LEU U 197 48.16 16.39 -42.56
C LEU U 197 48.31 17.74 -43.24
N MET U 198 47.88 18.81 -42.57
CA MET U 198 48.07 20.15 -43.11
C MET U 198 49.55 20.49 -43.18
N ARG U 199 50.34 19.99 -42.23
CA ARG U 199 51.78 20.21 -42.26
C ARG U 199 52.41 19.53 -43.47
N ILE U 200 51.93 18.34 -43.82
CA ILE U 200 52.44 17.64 -44.99
C ILE U 200 52.02 18.37 -46.25
N THR U 201 50.78 18.86 -46.29
CA THR U 201 50.30 19.57 -47.47
C THR U 201 51.05 20.88 -47.66
N LYS U 202 51.28 21.62 -46.58
CA LYS U 202 52.03 22.87 -46.69
C LYS U 202 53.45 22.63 -47.14
N GLY U 203 54.05 21.50 -46.76
CA GLY U 203 55.40 21.20 -47.20
C GLY U 203 55.51 20.94 -48.69
N GLN U 204 54.47 20.35 -49.28
CA GLN U 204 54.47 20.10 -50.71
C GLN U 204 54.19 21.36 -51.51
N LEU U 205 53.49 22.32 -50.93
CA LEU U 205 53.19 23.57 -51.61
C LEU U 205 54.36 24.53 -51.62
N GLU U 206 55.48 24.17 -50.97
CA GLU U 206 56.65 25.03 -50.97
C GLU U 206 57.43 24.96 -52.27
N TYR U 207 57.25 23.89 -53.05
CA TYR U 207 57.96 23.77 -54.31
C TYR U 207 57.40 24.71 -55.36
N TRP U 208 56.10 24.99 -55.32
CA TRP U 208 55.52 25.94 -56.25
C TRP U 208 55.91 27.37 -55.94
N ASP U 209 56.17 27.68 -54.67
CA ASP U 209 56.60 29.02 -54.30
C ASP U 209 58.01 29.31 -54.82
N ILE U 210 58.85 28.28 -54.89
CA ILE U 210 60.20 28.45 -55.41
C ILE U 210 60.18 28.64 -56.92
N HIS U 211 59.31 27.91 -57.62
CA HIS U 211 59.28 27.99 -59.07
C HIS U 211 58.77 29.34 -59.55
N THR U 212 57.83 29.94 -58.83
CA THR U 212 57.27 31.22 -59.26
C THR U 212 58.25 32.37 -59.16
N SER U 213 59.38 32.18 -58.47
CA SER U 213 60.41 33.20 -58.38
C SER U 213 61.54 33.00 -59.37
N TYR U 214 61.56 31.89 -60.11
CA TYR U 214 62.63 31.65 -61.06
C TYR U 214 62.63 32.67 -62.19
N GLY U 215 61.44 33.09 -62.64
CA GLY U 215 61.39 34.08 -63.69
C GLY U 215 61.96 35.41 -63.26
N GLU U 216 61.75 35.78 -62.00
CA GLU U 216 62.34 37.00 -61.47
C GLU U 216 63.84 36.83 -61.25
N ILE U 217 64.26 35.65 -60.81
CA ILE U 217 65.67 35.39 -60.60
C ILE U 217 66.42 35.40 -61.93
N ARG U 218 65.85 34.77 -62.95
CA ARG U 218 66.51 34.73 -64.24
C ARG U 218 66.58 36.11 -64.88
N ALA U 219 65.60 36.97 -64.61
CA ALA U 219 65.62 38.31 -65.17
C ALA U 219 66.61 39.22 -64.44
N ASP U 220 66.65 39.13 -63.11
CA ASP U 220 67.57 39.96 -62.35
C ASP U 220 69.01 39.51 -62.49
N SER U 221 69.23 38.22 -62.81
CA SER U 221 70.58 37.73 -63.03
C SER U 221 71.13 38.13 -64.38
N ILE U 222 70.31 38.74 -65.23
CA ILE U 222 70.73 39.17 -66.56
C ILE U 222 70.55 40.68 -66.68
N LEU V 125 61.56 23.84 -69.90
CA LEU V 125 61.04 24.51 -68.72
C LEU V 125 59.53 24.31 -68.59
N ASP V 126 58.85 24.26 -69.73
CA ASP V 126 57.40 24.06 -69.72
C ASP V 126 57.02 22.69 -69.17
N ASP V 127 57.97 21.77 -69.04
CA ASP V 127 57.66 20.46 -68.49
C ASP V 127 57.41 20.53 -66.98
N ILE V 128 58.29 21.21 -66.26
CA ILE V 128 58.09 21.37 -64.82
C ILE V 128 57.12 22.48 -64.49
N GLU V 129 56.93 23.44 -65.39
CA GLU V 129 55.93 24.47 -65.16
C GLU V 129 54.54 23.85 -65.06
N ASN V 130 54.25 22.88 -65.93
CA ASN V 130 52.97 22.19 -65.88
C ASN V 130 52.96 21.02 -64.92
N GLU V 131 54.12 20.43 -64.64
CA GLU V 131 54.19 19.36 -63.65
C GLU V 131 53.95 19.91 -62.25
N LEU V 132 54.66 20.98 -61.90
CA LEU V 132 54.49 21.60 -60.58
C LEU V 132 53.12 22.26 -60.45
N SER V 133 52.54 22.68 -61.57
CA SER V 133 51.20 23.24 -61.53
C SER V 133 50.17 22.20 -61.18
N PHE V 134 50.29 21.00 -61.76
CA PHE V 134 49.36 19.93 -61.44
C PHE V 134 49.66 19.36 -60.05
N HIS V 135 50.93 19.31 -59.68
CA HIS V 135 51.29 18.88 -58.33
C HIS V 135 50.73 19.82 -57.27
N ALA V 136 50.72 21.12 -57.54
CA ALA V 136 50.15 22.05 -56.59
C ALA V 136 48.64 21.95 -56.52
N ALA V 137 47.99 21.66 -57.64
CA ALA V 137 46.54 21.53 -57.65
C ALA V 137 46.08 20.31 -56.86
N ILE V 138 46.90 19.26 -56.82
CA ILE V 138 46.55 18.07 -56.06
C ILE V 138 46.56 18.38 -54.57
N TRP V 139 47.55 19.11 -54.09
CA TRP V 139 47.68 19.41 -52.68
C TRP V 139 46.91 20.65 -52.27
N LEU V 140 46.56 21.50 -53.23
CA LEU V 140 45.57 22.54 -52.97
C LEU V 140 44.18 21.95 -52.80
N ASN V 141 43.87 20.89 -53.54
CA ASN V 141 42.60 20.19 -53.35
C ASN V 141 42.57 19.51 -52.00
N ALA V 142 43.70 18.96 -51.55
CA ALA V 142 43.77 18.38 -50.22
C ALA V 142 43.68 19.46 -49.14
N TYR V 143 44.26 20.63 -49.40
CA TYR V 143 44.19 21.71 -48.43
C TYR V 143 42.75 22.22 -48.29
N ALA V 144 42.01 22.27 -49.40
CA ALA V 144 40.62 22.70 -49.33
C ALA V 144 39.75 21.68 -48.63
N ASP V 145 40.12 20.40 -48.70
CA ASP V 145 39.38 19.38 -47.99
C ASP V 145 39.47 19.57 -46.48
N TYR V 146 40.69 19.72 -45.98
CA TYR V 146 40.88 19.92 -44.55
C TYR V 146 40.36 21.28 -44.10
N THR V 147 40.46 22.29 -44.95
CA THR V 147 39.96 23.61 -44.61
C THR V 147 38.45 23.62 -44.53
N MET V 148 37.79 23.01 -45.52
CA MET V 148 36.33 23.00 -45.54
C MET V 148 35.77 22.13 -44.43
N PHE V 149 36.47 21.07 -44.03
CA PHE V 149 35.99 20.23 -42.94
C PHE V 149 36.01 20.99 -41.62
N LEU V 150 37.11 21.66 -41.32
CA LEU V 150 37.18 22.50 -40.14
C LEU V 150 36.16 23.63 -40.18
N PHE V 151 35.72 24.02 -41.38
CA PHE V 151 34.68 25.03 -41.51
C PHE V 151 33.31 24.48 -41.17
N GLU V 152 32.98 23.30 -41.70
CA GLU V 152 31.69 22.69 -41.37
C GLU V 152 31.65 22.20 -39.93
N LEU V 153 32.81 21.85 -39.37
CA LEU V 153 32.88 21.38 -37.99
C LEU V 153 32.53 22.47 -36.98
N GLU V 154 32.50 23.73 -37.41
CA GLU V 154 32.20 24.82 -36.51
C GLU V 154 30.75 24.78 -36.04
N GLU V 155 29.85 24.23 -36.86
CA GLU V 155 28.45 24.14 -36.50
C GLU V 155 28.11 22.86 -35.75
N TYR V 156 29.00 21.88 -35.75
CA TYR V 156 28.80 20.63 -35.04
C TYR V 156 29.45 20.70 -33.68
N ASN V 157 28.65 20.52 -32.63
CA ASN V 157 29.18 20.56 -31.27
C ASN V 157 28.45 19.57 -30.39
N ASP V 158 29.19 18.95 -29.47
CA ASP V 158 28.66 18.02 -28.48
C ASP V 158 27.83 16.93 -29.15
N PRO V 159 28.47 15.93 -29.76
CA PRO V 159 27.72 14.83 -30.36
C PRO V 159 26.74 14.17 -29.41
N ASN V 160 26.98 14.32 -28.11
CA ASN V 160 26.08 13.75 -27.12
C ASN V 160 24.75 14.49 -27.03
N ASP V 161 24.64 15.64 -27.69
CA ASP V 161 23.45 16.48 -27.60
C ASP V 161 22.59 16.40 -28.85
N TYR V 162 22.97 15.56 -29.81
CA TYR V 162 22.19 15.36 -31.02
C TYR V 162 21.47 14.02 -30.95
N LEU V 163 20.34 13.94 -31.64
CA LEU V 163 19.63 12.68 -31.74
C LEU V 163 20.43 11.71 -32.62
N MET V 164 19.99 10.45 -32.60
CA MET V 164 20.69 9.41 -33.33
C MET V 164 20.66 9.65 -34.83
N HIS V 165 19.47 9.86 -35.39
CA HIS V 165 19.35 10.01 -36.83
C HIS V 165 19.87 11.36 -37.33
N GLU V 166 20.05 12.33 -36.44
CA GLU V 166 20.64 13.60 -36.88
C GLU V 166 22.15 13.54 -36.93
N ASN V 167 22.76 12.81 -35.98
CA ASN V 167 24.21 12.61 -36.04
C ASN V 167 24.64 11.89 -37.31
N PHE V 168 23.81 10.96 -37.78
CA PHE V 168 24.12 10.27 -39.03
C PHE V 168 23.98 11.20 -40.23
N ASP V 169 23.13 12.22 -40.13
CA ASP V 169 22.98 13.15 -41.25
C ASP V 169 24.17 14.08 -41.36
N PHE V 170 24.77 14.46 -40.22
CA PHE V 170 26.02 15.22 -40.29
C PHE V 170 27.11 14.39 -40.94
N PHE V 171 27.20 13.12 -40.57
CA PHE V 171 28.16 12.18 -41.15
C PHE V 171 27.48 11.36 -42.25
N ARG V 172 27.07 12.05 -43.29
CA ARG V 172 26.38 11.39 -44.39
C ARG V 172 27.25 10.28 -44.96
N GLY V 173 26.61 9.14 -45.26
CA GLY V 173 27.30 7.95 -45.71
C GLY V 173 27.38 6.85 -44.67
N LEU V 174 27.33 7.20 -43.39
CA LEU V 174 27.33 6.17 -42.36
C LEU V 174 26.06 5.35 -42.39
N GLU V 175 24.92 5.97 -42.70
CA GLU V 175 23.68 5.22 -42.81
C GLU V 175 23.72 4.25 -43.97
N THR V 176 24.38 4.62 -45.05
CA THR V 176 24.51 3.74 -46.21
C THR V 176 25.35 2.52 -45.87
N GLU V 177 26.50 2.73 -45.23
CA GLU V 177 27.34 1.62 -44.83
C GLU V 177 26.67 0.75 -43.77
N LEU V 178 25.83 1.35 -42.94
CA LEU V 178 25.07 0.57 -41.96
C LEU V 178 24.04 -0.31 -42.63
N GLU V 179 23.45 0.15 -43.73
CA GLU V 179 22.53 -0.68 -44.49
C GLU V 179 23.26 -1.81 -45.20
N GLU V 180 24.51 -1.58 -45.60
CA GLU V 180 25.29 -2.63 -46.24
C GLU V 180 25.61 -3.75 -45.26
N LEU V 181 25.91 -3.39 -44.01
CA LEU V 181 26.14 -4.40 -42.99
C LEU V 181 24.88 -5.20 -42.69
N THR V 182 23.73 -4.56 -42.81
CA THR V 182 22.48 -5.22 -42.48
C THR V 182 22.01 -6.12 -43.62
N GLU V 183 22.08 -5.63 -44.86
CA GLU V 183 21.57 -6.39 -45.99
C GLU V 183 22.44 -7.60 -46.31
N THR V 184 23.73 -7.53 -46.01
CA THR V 184 24.62 -8.67 -46.18
C THR V 184 24.70 -9.52 -44.93
N HIS V 185 23.89 -9.21 -43.92
CA HIS V 185 23.85 -9.95 -42.66
C HIS V 185 25.22 -9.98 -41.99
N ASN V 186 25.94 -8.87 -42.05
CA ASN V 186 27.18 -8.71 -41.28
C ASN V 186 26.87 -8.02 -39.96
N TYR V 187 26.03 -8.69 -39.16
CA TYR V 187 25.54 -8.13 -37.93
C TYR V 187 26.43 -8.45 -36.74
N ILE V 188 27.70 -8.78 -36.97
CA ILE V 188 28.70 -8.87 -35.92
C ILE V 188 29.38 -7.51 -35.81
N PRO V 189 29.20 -6.78 -34.70
CA PRO V 189 29.68 -5.40 -34.67
C PRO V 189 31.20 -5.31 -34.76
N GLY V 190 31.67 -4.48 -35.69
CA GLY V 190 33.08 -4.25 -35.88
C GLY V 190 33.80 -5.29 -36.70
N ALA V 191 33.08 -6.13 -37.43
CA ALA V 191 33.74 -7.18 -38.20
C ALA V 191 34.49 -6.60 -39.40
N LYS V 192 33.93 -5.57 -40.03
CA LYS V 192 34.54 -4.97 -41.21
C LYS V 192 35.37 -3.74 -40.88
N ASP V 193 35.51 -3.41 -39.61
CA ASP V 193 36.36 -2.29 -39.19
C ASP V 193 37.77 -2.80 -38.99
N ASP V 194 38.74 -2.12 -39.61
CA ASP V 194 40.12 -2.57 -39.50
C ASP V 194 40.60 -2.51 -38.06
N VAL V 195 40.34 -1.41 -37.37
CA VAL V 195 40.61 -1.28 -35.94
C VAL V 195 39.28 -1.12 -35.22
N ASN V 196 38.73 -2.24 -34.74
CA ASN V 196 37.47 -2.22 -34.00
C ASN V 196 37.75 -1.69 -32.58
N LEU V 197 38.03 -0.40 -32.52
CA LEU V 197 38.36 0.24 -31.25
C LEU V 197 37.25 0.09 -30.24
N ARG V 198 36.00 0.11 -30.69
CA ARG V 198 34.87 -0.17 -29.81
C ARG V 198 34.91 -1.59 -29.27
N GLY V 199 35.42 -2.54 -30.07
CA GLY V 199 35.53 -3.91 -29.60
C GLY V 199 36.59 -4.09 -28.54
N TYR V 200 37.65 -3.29 -28.59
CA TYR V 200 38.69 -3.36 -27.57
C TYR V 200 38.23 -2.72 -26.27
N LEU V 201 37.47 -1.63 -26.36
CA LEU V 201 36.96 -0.98 -25.17
C LEU V 201 35.96 -1.86 -24.44
N ALA V 202 35.23 -2.68 -25.17
CA ALA V 202 34.22 -3.53 -24.57
C ALA V 202 34.82 -4.77 -23.92
N THR V 203 36.03 -5.15 -24.30
CA THR V 203 36.64 -6.39 -23.83
C THR V 203 37.89 -6.12 -22.98
N GLN V 204 37.95 -4.95 -22.35
CA GLN V 204 39.14 -4.61 -21.57
C GLN V 204 39.32 -5.56 -20.39
N PHE V 205 38.24 -6.17 -19.92
CA PHE V 205 38.31 -7.06 -18.77
C PHE V 205 37.54 -8.35 -19.04
N ALA V 206 37.40 -8.71 -20.30
CA ALA V 206 36.67 -9.91 -20.67
C ALA V 206 37.53 -11.16 -20.51
N TRP V 207 36.85 -12.27 -20.24
CA TRP V 207 37.50 -13.56 -20.16
C TRP V 207 37.76 -14.11 -21.56
N GLY V 208 38.96 -14.61 -21.79
CA GLY V 208 39.36 -14.97 -23.14
C GLY V 208 39.35 -13.75 -24.03
N LYS V 209 40.11 -12.73 -23.66
CA LYS V 209 40.04 -11.45 -24.34
C LYS V 209 40.35 -11.61 -25.82
N LYS V 210 39.38 -11.27 -26.66
CA LYS V 210 39.57 -11.35 -28.09
C LYS V 210 38.59 -10.43 -28.79
N VAL V 211 38.96 -9.99 -29.97
CA VAL V 211 38.08 -9.24 -30.84
C VAL V 211 37.73 -10.11 -32.04
N ILE V 212 36.64 -9.77 -32.70
CA ILE V 212 36.19 -10.55 -33.85
C ILE V 212 37.24 -10.47 -34.95
N SER V 213 37.37 -11.56 -35.70
CA SER V 213 38.32 -11.58 -36.79
C SER V 213 37.83 -10.71 -37.94
N PHE V 214 38.77 -10.22 -38.73
CA PHE V 214 38.46 -9.25 -39.78
C PHE V 214 37.53 -9.85 -40.83
N TYR V 215 36.45 -9.14 -41.12
CA TYR V 215 35.47 -9.53 -42.14
C TYR V 215 34.84 -10.89 -41.85
N ARG V 216 34.64 -11.20 -40.57
CA ARG V 216 34.01 -12.44 -40.17
C ARG V 216 32.51 -12.35 -40.39
N HIS V 217 31.97 -13.23 -41.21
CA HIS V 217 30.52 -13.25 -41.40
C HIS V 217 29.89 -14.26 -40.44
N PRO V 218 28.74 -13.94 -39.85
CA PRO V 218 28.15 -14.87 -38.86
C PRO V 218 27.68 -16.18 -39.43
N ALA V 219 27.66 -16.34 -40.75
CA ALA V 219 27.16 -17.55 -41.38
C ALA V 219 28.25 -18.47 -41.89
N ASP V 220 29.46 -17.96 -42.10
CA ASP V 220 30.49 -18.81 -42.68
C ASP V 220 30.98 -19.83 -41.65
N ASP V 221 31.39 -20.99 -42.15
CA ASP V 221 31.82 -22.09 -41.30
C ASP V 221 32.93 -22.84 -42.02
N PHE V 222 34.16 -22.69 -41.55
CA PHE V 222 35.31 -23.33 -42.17
C PHE V 222 35.73 -24.60 -41.44
N LYS V 223 34.81 -25.21 -40.70
CA LYS V 223 35.13 -26.43 -39.98
C LYS V 223 35.44 -27.56 -40.94
N CYS V 224 36.43 -28.37 -40.58
CA CYS V 224 36.83 -29.53 -41.34
C CYS V 224 36.66 -30.78 -40.47
N ALA V 225 36.92 -31.94 -41.07
CA ALA V 225 36.84 -33.22 -40.35
C ALA V 225 37.63 -34.25 -41.13
N LYS V 226 38.47 -35.00 -40.42
CA LYS V 226 39.30 -36.03 -41.04
C LYS V 226 39.22 -37.32 -40.24
N ALA V 227 39.45 -38.42 -40.95
CA ALA V 227 39.52 -39.75 -40.37
C ALA V 227 40.96 -40.25 -40.51
N THR V 228 41.57 -40.61 -39.39
CA THR V 228 42.93 -41.11 -39.36
C THR V 228 42.93 -42.57 -38.94
N LYS V 229 44.13 -43.12 -38.78
CA LYS V 229 44.25 -44.49 -38.30
C LYS V 229 43.88 -44.60 -36.83
N ASN V 230 43.96 -43.50 -36.09
CA ASN V 230 43.63 -43.46 -34.68
C ASN V 230 42.22 -42.93 -34.49
N MET V 231 41.76 -42.99 -33.25
CA MET V 231 40.42 -42.52 -32.93
C MET V 231 40.40 -40.99 -32.86
N LEU V 232 39.19 -40.44 -32.97
CA LEU V 232 38.96 -39.00 -32.88
C LEU V 232 39.72 -38.22 -33.93
N GLY V 233 40.09 -38.86 -35.04
CA GLY V 233 40.82 -38.18 -36.08
C GLY V 233 42.16 -37.66 -35.68
N ARG V 234 42.77 -38.24 -34.64
CA ARG V 234 44.08 -37.80 -34.18
C ARG V 234 45.20 -38.49 -34.94
N SER W 2 13.34 26.21 -42.39
CA SER W 2 13.08 25.78 -43.76
C SER W 2 11.67 26.12 -44.19
N LEU W 3 11.27 25.62 -45.37
CA LEU W 3 9.99 25.98 -45.94
C LEU W 3 8.84 25.51 -45.07
N HIS W 4 8.86 24.24 -44.67
CA HIS W 4 7.74 23.63 -43.94
C HIS W 4 8.01 23.54 -42.44
N GLU W 5 8.95 24.35 -41.93
CA GLU W 5 9.31 24.22 -40.52
C GLU W 5 8.23 24.78 -39.61
N LYS W 6 7.81 26.03 -39.85
CA LYS W 6 6.83 26.65 -38.97
C LYS W 6 5.51 25.91 -38.98
N MET W 7 5.14 25.32 -40.13
CA MET W 7 3.89 24.56 -40.20
C MET W 7 4.01 23.24 -39.45
N GLN W 8 5.14 22.57 -39.57
CA GLN W 8 5.31 21.26 -38.96
C GLN W 8 5.55 21.36 -37.46
N THR W 9 6.31 22.37 -37.03
CA THR W 9 6.59 22.54 -35.61
C THR W 9 5.30 22.87 -34.85
N ASP W 10 4.42 23.66 -35.46
CA ASP W 10 3.14 23.95 -34.83
C ASP W 10 2.24 22.72 -34.81
N TYR W 11 2.39 21.85 -35.81
CA TYR W 11 1.55 20.65 -35.90
C TYR W 11 2.01 19.56 -34.94
N LEU W 12 3.27 19.60 -34.51
CA LEU W 12 3.85 18.52 -33.72
C LEU W 12 3.66 18.71 -32.23
N TRP W 13 3.74 19.96 -31.76
CA TRP W 13 3.77 20.25 -30.34
C TRP W 13 2.83 21.41 -30.04
N VAL W 14 2.44 21.52 -28.78
CA VAL W 14 1.53 22.55 -28.32
C VAL W 14 2.33 23.65 -27.62
N LYS W 15 1.90 24.89 -27.81
CA LYS W 15 2.51 26.03 -27.15
C LYS W 15 1.57 26.56 -26.07
N ASP W 16 2.08 27.53 -25.32
CA ASP W 16 1.30 28.13 -24.25
C ASP W 16 0.50 29.30 -24.80
N HIS W 17 -0.79 29.33 -24.46
CA HIS W 17 -1.70 30.35 -24.97
C HIS W 17 -1.95 31.47 -23.97
N SER W 18 -1.56 31.28 -22.72
CA SER W 18 -1.76 32.32 -21.71
C SER W 18 -0.77 33.44 -21.92
N GLN W 19 -1.19 34.64 -21.57
CA GLN W 19 -0.34 35.83 -21.58
C GLN W 19 -0.18 36.32 -20.16
N ALA W 20 0.01 35.37 -19.24
CA ALA W 20 0.05 35.68 -17.82
C ALA W 20 1.14 36.68 -17.49
N ASP W 21 2.29 36.57 -18.13
CA ASP W 21 3.42 37.44 -17.84
C ASP W 21 3.37 38.75 -18.61
N SER W 22 2.35 38.97 -19.43
CA SER W 22 2.25 40.25 -20.13
C SER W 22 2.02 41.40 -19.15
N TRP W 23 1.26 41.15 -18.10
CA TRP W 23 1.09 42.15 -17.06
C TRP W 23 2.37 42.23 -16.22
N ALA W 24 2.91 43.43 -16.09
CA ALA W 24 4.22 43.58 -15.48
C ALA W 24 4.19 43.32 -13.97
N LYS W 25 3.31 44.02 -13.24
CA LYS W 25 3.35 43.96 -11.79
C LYS W 25 2.93 42.61 -11.25
N ALA W 26 2.20 41.81 -12.03
CA ALA W 26 1.76 40.51 -11.55
C ALA W 26 2.85 39.45 -11.63
N ARG W 27 3.95 39.73 -12.33
CA ARG W 27 5.02 38.76 -12.48
C ARG W 27 5.56 38.35 -11.12
N THR W 28 5.78 37.05 -10.95
CA THR W 28 6.23 36.54 -9.67
C THR W 28 7.73 36.73 -9.52
N HIS W 29 8.16 36.85 -8.26
CA HIS W 29 9.55 36.87 -7.88
C HIS W 29 10.06 35.49 -7.52
N GLY W 30 9.19 34.48 -7.50
CA GLY W 30 9.55 33.13 -7.17
C GLY W 30 9.12 32.67 -5.80
N TYR W 31 8.34 33.46 -5.07
CA TYR W 31 7.93 33.09 -3.73
C TYR W 31 6.63 32.29 -3.71
N ASN W 32 6.07 31.96 -4.86
CA ASN W 32 4.84 31.17 -4.89
C ASN W 32 5.13 29.67 -4.87
N TYR W 33 6.04 29.22 -5.72
CA TYR W 33 6.47 27.83 -5.76
C TYR W 33 7.96 27.81 -5.47
N ILE W 34 8.33 27.39 -4.27
CA ILE W 34 9.71 27.44 -3.80
C ILE W 34 10.25 26.04 -3.66
N ALA W 35 11.48 25.84 -4.12
CA ALA W 35 12.19 24.59 -3.92
C ALA W 35 12.80 24.58 -2.52
N HIS W 36 12.48 23.54 -1.75
CA HIS W 36 12.81 23.51 -0.34
C HIS W 36 14.06 22.69 -0.01
N THR W 37 14.42 21.69 -0.82
CA THR W 37 15.46 20.76 -0.43
C THR W 37 16.69 20.78 -1.33
N VAL W 38 16.71 21.60 -2.37
CA VAL W 38 17.84 21.65 -3.28
C VAL W 38 19.05 22.17 -2.53
N PRO W 39 20.27 21.79 -2.91
CA PRO W 39 21.45 22.25 -2.17
C PRO W 39 21.73 23.73 -2.30
N ASN W 40 21.23 24.37 -3.36
CA ASN W 40 21.33 25.82 -3.51
C ASN W 40 20.07 26.53 -3.06
N LYS W 41 19.40 25.98 -2.06
CA LYS W 41 18.14 26.53 -1.58
C LYS W 41 18.27 27.98 -1.17
N LYS W 42 19.30 28.29 -0.37
CA LYS W 42 19.48 29.64 0.14
C LYS W 42 19.88 30.63 -0.95
N GLU W 43 20.46 30.15 -2.04
CA GLU W 43 20.74 31.03 -3.16
C GLU W 43 19.45 31.38 -3.90
N ARG W 44 18.48 30.47 -3.89
CA ARG W 44 17.17 30.79 -4.45
C ARG W 44 16.47 31.88 -3.66
N TYR W 45 16.52 31.80 -2.33
CA TYR W 45 15.87 32.80 -1.51
C TYR W 45 16.54 34.17 -1.66
N GLU W 46 17.85 34.20 -1.84
CA GLU W 46 18.54 35.46 -2.02
C GLU W 46 18.17 36.12 -3.36
N MET W 47 17.96 35.33 -4.39
CA MET W 47 17.53 35.87 -5.67
C MET W 47 16.10 36.38 -5.61
N ILE W 48 15.25 35.72 -4.83
CA ILE W 48 13.89 36.21 -4.61
C ILE W 48 13.95 37.54 -3.87
N TRP W 49 14.80 37.63 -2.86
CA TRP W 49 14.94 38.86 -2.10
C TRP W 49 15.52 39.97 -2.96
N ARG W 50 16.46 39.64 -3.84
CA ARG W 50 17.02 40.63 -4.74
C ARG W 50 15.97 41.12 -5.74
N SER W 51 15.08 40.22 -6.19
CA SER W 51 14.04 40.62 -7.10
C SER W 51 13.04 41.55 -6.42
N MET W 52 12.74 41.28 -5.15
CA MET W 52 11.82 42.13 -4.41
C MET W 52 12.44 43.48 -4.09
N GLY W 53 13.76 43.51 -3.87
CA GLY W 53 14.41 44.77 -3.57
C GLY W 53 14.60 45.67 -4.78
N LYS W 54 14.82 45.09 -5.95
CA LYS W 54 14.96 45.90 -7.15
C LYS W 54 13.63 46.48 -7.60
N SER W 55 12.53 45.80 -7.28
CA SER W 55 11.22 46.31 -7.68
C SER W 55 10.82 47.53 -6.86
N THR W 56 11.33 47.64 -5.64
CA THR W 56 11.00 48.74 -4.75
C THR W 56 12.18 49.65 -4.47
N ASP W 57 13.27 49.50 -5.22
CA ASP W 57 14.49 50.26 -4.96
C ASP W 57 14.95 50.07 -3.52
N TRP W 58 14.80 48.84 -3.03
CA TRP W 58 15.21 48.46 -1.68
C TRP W 58 14.47 49.26 -0.61
N GLU W 59 13.24 49.66 -0.90
CA GLU W 59 12.31 50.18 0.10
C GLU W 59 11.14 49.21 0.15
N LEU W 60 11.30 48.15 0.93
CA LEU W 60 10.34 47.06 0.96
C LEU W 60 9.02 47.44 1.60
N GLU W 61 8.92 48.65 2.15
CA GLU W 61 7.62 49.12 2.63
C GLU W 61 6.65 49.29 1.46
N LYS W 62 7.17 49.57 0.26
CA LYS W 62 6.33 49.64 -0.91
C LYS W 62 5.74 48.27 -1.24
N PHE W 63 6.49 47.21 -1.00
CA PHE W 63 5.96 45.87 -1.22
C PHE W 63 4.91 45.51 -0.18
N ARG W 64 5.09 45.97 1.06
CA ARG W 64 4.14 45.67 2.11
C ARG W 64 2.81 46.34 1.85
N LEU W 65 2.83 47.55 1.30
CA LEU W 65 1.59 48.27 1.01
C LEU W 65 0.96 47.84 -0.31
N GLY W 66 1.78 47.41 -1.26
CA GLY W 66 1.26 46.96 -2.53
C GLY W 66 0.54 45.63 -2.43
N LYS W 67 -0.11 45.28 -3.52
CA LYS W 67 -0.86 44.02 -3.58
C LYS W 67 0.07 42.88 -3.99
N LYS W 68 -0.14 41.72 -3.39
CA LYS W 68 0.61 40.53 -3.72
C LYS W 68 -0.23 39.63 -4.62
N PHE W 69 0.41 39.06 -5.63
CA PHE W 69 -0.31 38.28 -6.60
C PHE W 69 0.16 36.82 -6.59
N PRO W 70 -0.72 35.89 -6.92
CA PRO W 70 -0.28 34.51 -7.14
C PRO W 70 0.41 34.38 -8.48
N ASP W 71 0.96 33.19 -8.72
CA ASP W 71 1.63 32.89 -9.97
C ASP W 71 0.57 32.47 -10.98
N ARG W 72 0.15 33.41 -11.83
CA ARG W 72 -0.89 33.14 -12.81
C ARG W 72 -0.42 32.18 -13.89
N GLY W 73 0.90 32.08 -14.11
CA GLY W 73 1.43 31.17 -15.10
C GLY W 73 1.23 29.70 -14.78
N ASN W 74 0.97 29.36 -13.53
CA ASN W 74 0.75 27.98 -13.12
C ASN W 74 -0.72 27.59 -13.14
N LYS W 75 -1.59 28.46 -13.62
CA LYS W 75 -3.00 28.16 -13.66
C LYS W 75 -3.30 27.03 -14.64
N ARG W 76 -4.16 26.11 -14.19
CA ARG W 76 -4.64 25.01 -15.00
C ARG W 76 -3.51 24.12 -15.51
N ARG W 77 -2.45 24.01 -14.72
CA ARG W 77 -1.29 23.22 -15.14
C ARG W 77 -1.56 21.72 -15.02
N TRP W 78 -2.35 21.31 -14.03
CA TRP W 78 -2.69 19.91 -13.87
C TRP W 78 -3.60 19.43 -14.98
N PHE W 79 -4.51 20.28 -15.44
CA PHE W 79 -5.35 19.91 -16.57
C PHE W 79 -4.53 19.78 -17.85
N LYS W 80 -3.59 20.70 -18.06
CA LYS W 80 -2.79 20.69 -19.27
C LYS W 80 -1.91 19.46 -19.36
N ASN W 81 -1.39 18.97 -18.23
CA ASN W 81 -0.62 17.73 -18.27
C ASN W 81 -1.52 16.53 -18.49
N LEU W 82 -2.75 16.56 -17.98
CA LEU W 82 -3.67 15.46 -18.19
C LEU W 82 -4.04 15.34 -19.66
N PHE W 83 -4.21 16.47 -20.34
CA PHE W 83 -4.58 16.44 -21.75
C PHE W 83 -3.42 15.97 -22.62
N ARG W 84 -2.18 16.28 -22.24
CA ARG W 84 -1.03 15.76 -22.96
C ARG W 84 -0.86 14.27 -22.72
N LEU W 85 -1.20 13.79 -21.53
CA LEU W 85 -1.13 12.37 -21.24
C LEU W 85 -2.16 11.59 -22.04
N ILE W 86 -3.33 12.17 -22.29
CA ILE W 86 -4.33 11.50 -23.09
C ILE W 86 -4.01 11.63 -24.57
N LYS W 87 -3.41 12.74 -24.97
CA LYS W 87 -3.10 12.93 -26.39
C LYS W 87 -2.06 11.92 -26.85
N ASN W 88 -0.97 11.80 -26.09
CA ASN W 88 0.12 10.88 -26.42
C ASN W 88 0.63 10.26 -25.13
N PRO W 89 -0.03 9.20 -24.63
CA PRO W 89 0.36 8.65 -23.34
C PRO W 89 1.76 8.08 -23.29
N MET W 90 2.22 7.43 -24.35
CA MET W 90 3.55 6.84 -24.34
C MET W 90 4.63 7.90 -24.53
N GLY W 91 4.35 8.94 -25.32
CA GLY W 91 5.31 10.03 -25.46
C GLY W 91 5.45 10.84 -24.19
N TYR W 92 4.37 10.99 -23.43
CA TYR W 92 4.43 11.70 -22.16
C TYR W 92 5.20 10.88 -21.13
N ILE W 93 4.93 9.58 -21.08
CA ILE W 93 5.62 8.71 -20.13
C ILE W 93 7.09 8.59 -20.48
N PHE W 94 7.42 8.52 -21.78
CA PHE W 94 8.81 8.36 -22.19
C PHE W 94 9.66 9.53 -21.73
N TRP W 95 9.23 10.75 -22.02
CA TRP W 95 10.04 11.92 -21.73
C TRP W 95 10.04 12.27 -20.25
N LYS W 96 8.95 11.98 -19.54
CA LYS W 96 8.91 12.24 -18.11
C LYS W 96 9.77 11.26 -17.33
N THR W 97 10.10 10.11 -17.90
CA THR W 97 10.92 9.11 -17.24
C THR W 97 12.30 8.96 -17.87
N TYR W 98 12.69 9.87 -18.76
CA TYR W 98 13.99 9.72 -19.42
C TYR W 98 15.12 9.79 -18.41
N LYS W 99 15.11 10.79 -17.54
CA LYS W 99 16.18 10.94 -16.57
C LYS W 99 16.20 9.78 -15.59
N ALA W 100 15.04 9.25 -15.24
CA ALA W 100 14.99 8.10 -14.34
C ALA W 100 15.45 6.83 -15.04
N ARG W 101 15.17 6.70 -16.34
CA ARG W 101 15.56 5.52 -17.07
C ARG W 101 17.00 5.56 -17.56
N LEU W 102 17.75 6.62 -17.24
CA LEU W 102 19.17 6.63 -17.56
C LEU W 102 19.91 5.58 -16.75
N ALA W 103 19.42 5.29 -15.54
CA ALA W 103 19.96 4.23 -14.70
C ALA W 103 19.08 3.01 -14.90
N LYS W 104 19.62 2.00 -15.59
CA LYS W 104 18.84 0.82 -15.92
C LYS W 104 19.19 -0.31 -14.98
N PRO W 105 18.25 -0.85 -14.21
CA PRO W 105 18.55 -2.00 -13.35
C PRO W 105 18.82 -3.24 -14.19
N SER W 106 19.26 -4.28 -13.50
CA SER W 106 19.63 -5.51 -14.17
C SER W 106 18.40 -6.19 -14.80
N LEU W 107 18.67 -7.19 -15.62
CA LEU W 107 17.62 -8.00 -16.21
C LEU W 107 16.80 -8.70 -15.14
N ILE W 108 17.44 -9.01 -14.00
CA ILE W 108 16.74 -9.67 -12.91
C ILE W 108 15.73 -8.73 -12.27
N VAL W 109 16.14 -7.50 -12.00
CA VAL W 109 15.25 -6.55 -11.34
C VAL W 109 14.09 -6.19 -12.25
N THR W 110 14.36 -5.97 -13.54
CA THR W 110 13.28 -5.67 -14.48
C THR W 110 12.32 -6.84 -14.56
N SER W 111 12.84 -8.06 -14.55
CA SER W 111 11.98 -9.23 -14.61
C SER W 111 11.16 -9.39 -13.33
N MET W 112 11.70 -8.99 -12.18
CA MET W 112 10.95 -9.05 -10.93
C MET W 112 9.83 -8.02 -10.93
N PHE W 113 10.08 -6.82 -11.46
CA PHE W 113 9.05 -5.80 -11.56
C PHE W 113 7.90 -6.28 -12.43
N ILE W 114 8.22 -6.78 -13.63
CA ILE W 114 7.19 -7.24 -14.55
C ILE W 114 6.48 -8.47 -14.01
N GLY W 115 7.22 -9.38 -13.38
CA GLY W 115 6.61 -10.60 -12.89
C GLY W 115 5.63 -10.34 -11.76
N PHE W 116 6.05 -9.58 -10.75
CA PHE W 116 5.18 -9.30 -9.63
C PHE W 116 4.02 -8.39 -10.02
N THR W 117 4.22 -7.52 -10.99
CA THR W 117 3.14 -6.64 -11.44
C THR W 117 2.09 -7.43 -12.20
N LEU W 118 2.52 -8.24 -13.18
CA LEU W 118 1.58 -9.07 -13.93
C LEU W 118 0.96 -10.15 -13.06
N GLY W 119 1.71 -10.67 -12.09
CA GLY W 119 1.16 -11.63 -11.17
C GLY W 119 0.09 -11.04 -10.26
N PHE W 120 0.25 -9.77 -9.90
CA PHE W 120 -0.75 -9.11 -9.08
C PHE W 120 -2.02 -8.85 -9.88
N ILE W 121 -1.88 -8.46 -11.15
CA ILE W 121 -3.03 -8.26 -12.00
C ILE W 121 -3.76 -9.58 -12.25
N LYS W 122 -3.01 -10.68 -12.35
CA LYS W 122 -3.62 -11.98 -12.55
C LYS W 122 -4.47 -12.39 -11.35
N LEU W 123 -3.99 -12.14 -10.14
CA LEU W 123 -4.78 -12.42 -8.94
C LEU W 123 -5.98 -11.51 -8.85
N LYS W 124 -5.87 -10.28 -9.33
CA LYS W 124 -7.00 -9.36 -9.34
C LYS W 124 -8.07 -9.86 -10.30
N ALA W 125 -7.67 -10.39 -11.45
CA ALA W 125 -8.63 -10.93 -12.40
C ALA W 125 -9.37 -12.12 -11.82
N GLN W 126 -8.66 -12.99 -11.10
CA GLN W 126 -9.32 -14.12 -10.47
C GLN W 126 -10.22 -13.67 -9.32
N SER W 127 -9.83 -12.60 -8.62
CA SER W 127 -10.68 -12.08 -7.56
C SER W 127 -11.97 -11.51 -8.12
N ILE W 128 -11.90 -10.90 -9.30
CA ILE W 128 -13.10 -10.41 -9.96
C ILE W 128 -13.98 -11.57 -10.40
N ALA W 129 -13.38 -12.62 -10.93
CA ALA W 129 -14.16 -13.77 -11.35
C ALA W 129 -14.82 -14.48 -10.18
N TYR W 130 -14.17 -14.48 -9.01
CA TYR W 130 -14.79 -15.06 -7.83
C TYR W 130 -15.97 -14.23 -7.36
N SER W 131 -15.92 -12.92 -7.55
CA SER W 131 -17.06 -12.08 -7.19
C SER W 131 -18.27 -12.39 -8.07
N LYS W 132 -18.06 -12.77 -9.32
CA LYS W 132 -19.17 -13.20 -10.16
C LYS W 132 -19.72 -14.53 -9.71
N LYS W 133 -18.86 -15.39 -9.17
CA LYS W 133 -19.34 -16.65 -8.60
C LYS W 133 -20.22 -16.39 -7.38
N GLN W 134 -19.82 -15.46 -6.52
CA GLN W 134 -20.64 -15.13 -5.37
C GLN W 134 -21.95 -14.49 -5.77
N TYR W 135 -21.96 -13.70 -6.85
CA TYR W 135 -23.22 -13.12 -7.31
C TYR W 135 -24.14 -14.19 -7.85
N ALA W 136 -23.60 -15.17 -8.57
CA ALA W 136 -24.41 -16.29 -9.03
C ALA W 136 -24.90 -17.14 -7.86
N THR W 137 -24.08 -17.27 -6.82
CA THR W 137 -24.51 -17.99 -5.62
C THR W 137 -25.62 -17.22 -4.91
N LEU W 138 -25.51 -15.90 -4.88
CA LEU W 138 -26.53 -15.08 -4.25
C LEU W 138 -27.85 -15.19 -5.00
N ARG W 139 -27.80 -15.10 -6.33
CA ARG W 139 -29.03 -15.21 -7.11
C ARG W 139 -29.61 -16.61 -7.03
N ALA W 140 -28.77 -17.62 -6.80
CA ALA W 140 -29.22 -19.00 -6.71
C ALA W 140 -29.93 -19.29 -5.39
N GLY W 141 -29.94 -18.36 -4.46
CA GLY W 141 -30.68 -18.49 -3.23
C GLY W 141 -29.86 -18.66 -1.96
N LYS W 142 -28.60 -18.24 -1.95
CA LYS W 142 -27.76 -18.35 -0.76
C LYS W 142 -27.27 -16.95 -0.39
N ASN W 143 -27.81 -16.42 0.71
CA ASN W 143 -27.38 -15.11 1.20
C ASN W 143 -25.95 -15.19 1.72
N ILE W 144 -25.20 -14.12 1.51
CA ILE W 144 -23.77 -14.11 1.77
C ILE W 144 -23.46 -13.05 2.81
N GLU W 145 -22.98 -13.48 3.97
CA GLU W 145 -22.44 -12.58 4.97
C GLU W 145 -20.93 -12.45 4.74
N GLY W 146 -20.43 -11.24 4.91
CA GLY W 146 -19.04 -11.01 4.61
C GLY W 146 -18.80 -11.13 3.12
N SER W 147 -17.55 -11.35 2.77
CA SER W 147 -17.15 -11.47 1.38
C SER W 147 -15.77 -12.11 1.34
N GLY W 148 -15.35 -12.45 0.13
CA GLY W 148 -14.07 -13.08 -0.07
C GLY W 148 -14.14 -14.57 0.12
N GLN W 149 -12.97 -15.20 -0.08
CA GLN W 149 -12.82 -16.65 0.06
C GLN W 149 -11.84 -17.03 1.17
N VAL W 150 -11.43 -16.08 2.00
CA VAL W 150 -10.58 -16.38 3.14
C VAL W 150 -11.52 -16.69 4.30
N HIS W 151 -11.93 -17.95 4.39
CA HIS W 151 -12.96 -18.36 5.33
C HIS W 151 -12.44 -18.29 6.76
N PHE W 152 -13.12 -17.51 7.58
CA PHE W 152 -12.74 -17.40 8.98
C PHE W 152 -13.08 -18.67 9.76
N GLY W 153 -14.13 -19.37 9.37
CA GLY W 153 -14.62 -20.50 10.10
C GLY W 153 -14.00 -21.82 9.73
N TYR W 154 -14.81 -22.86 9.80
CA TYR W 154 -14.33 -24.23 9.60
C TYR W 154 -14.55 -24.64 8.15
N HIS W 155 -13.71 -24.09 7.28
CA HIS W 155 -13.75 -24.38 5.86
C HIS W 155 -12.34 -24.42 5.30
N ASP W 156 -12.21 -25.12 4.18
CA ASP W 156 -10.96 -25.13 3.44
C ASP W 156 -10.82 -23.87 2.61
N GLN W 157 -9.61 -23.34 2.55
CA GLN W 157 -9.29 -22.20 1.71
C GLN W 157 -8.41 -22.65 0.55
N LYS W 158 -8.43 -21.88 -0.53
CA LYS W 158 -7.48 -22.05 -1.62
C LYS W 158 -6.89 -20.68 -1.92
N TRP W 159 -5.61 -20.52 -1.59
CA TRP W 159 -4.95 -19.22 -1.62
C TRP W 159 -4.64 -18.71 -3.01
N GLY W 160 -4.55 -19.56 -3.99
CA GLY W 160 -4.10 -19.13 -5.30
C GLY W 160 -2.68 -19.57 -5.56
N MET W 161 -2.41 -19.87 -6.83
CA MET W 161 -1.17 -20.49 -7.23
C MET W 161 0.02 -19.60 -6.87
N PRO W 162 0.96 -20.06 -6.05
CA PRO W 162 2.17 -19.28 -5.82
C PRO W 162 2.94 -19.11 -7.12
N ALA W 163 3.28 -17.86 -7.43
CA ALA W 163 3.88 -17.54 -8.71
C ALA W 163 5.35 -17.92 -8.73
N ILE W 164 5.64 -19.17 -8.42
CA ILE W 164 7.00 -19.71 -8.48
C ILE W 164 6.97 -20.94 -9.37
N PRO W 165 8.08 -21.28 -10.03
CA PRO W 165 8.05 -22.36 -11.01
C PRO W 165 7.65 -23.71 -10.45
N MET W 166 7.83 -23.94 -9.15
CA MET W 166 7.48 -25.25 -8.59
C MET W 166 5.99 -25.52 -8.72
N PHE W 167 5.16 -24.57 -8.29
CA PHE W 167 3.72 -24.77 -8.39
C PHE W 167 3.21 -24.55 -9.80
N GLN W 168 3.90 -23.72 -10.58
CA GLN W 168 3.49 -23.48 -11.96
C GLN W 168 3.79 -24.66 -12.87
N LEU W 169 4.55 -25.65 -12.42
CA LEU W 169 4.76 -26.87 -13.17
C LEU W 169 3.76 -27.95 -12.80
N MET W 170 3.29 -27.96 -11.55
CA MET W 170 2.34 -28.97 -11.11
C MET W 170 0.90 -28.58 -11.44
N TYR W 171 0.57 -27.30 -11.31
CA TYR W 171 -0.78 -26.81 -11.47
C TYR W 171 -0.91 -25.92 -12.70
N TYR W 172 -2.13 -25.85 -13.22
CA TYR W 172 -2.49 -24.82 -14.18
C TYR W 172 -3.98 -24.52 -14.06
N GLU W 173 -4.32 -23.27 -14.30
CA GLU W 173 -5.69 -22.81 -14.12
C GLU W 173 -6.62 -23.48 -15.12
N LEU W 174 -7.89 -23.55 -14.74
CA LEU W 174 -8.91 -24.17 -15.56
C LEU W 174 -9.19 -23.33 -16.81
N PRO W 175 -8.90 -23.83 -18.01
CA PRO W 175 -9.25 -23.10 -19.23
C PRO W 175 -10.71 -23.35 -19.61
N GLY W 176 -11.52 -22.29 -19.54
CA GLY W 176 -12.93 -22.43 -19.83
C GLY W 176 -13.24 -22.87 -21.24
N ASN W 177 -12.37 -22.52 -22.19
CA ASN W 177 -12.59 -22.89 -23.59
C ASN W 177 -12.41 -24.37 -23.85
N SER W 178 -11.91 -25.12 -22.87
CA SER W 178 -11.75 -26.56 -23.00
C SER W 178 -12.96 -27.35 -22.55
N ILE W 179 -13.93 -26.70 -21.91
CA ILE W 179 -15.19 -27.35 -21.54
C ILE W 179 -16.12 -27.24 -22.74
N VAL W 180 -16.45 -28.39 -23.33
CA VAL W 180 -17.10 -28.42 -24.63
C VAL W 180 -18.42 -29.19 -24.55
N VAL W 181 -19.24 -28.98 -25.58
CA VAL W 181 -20.39 -29.83 -25.82
C VAL W 181 -19.92 -31.19 -26.31
N ASN W 182 -20.57 -32.25 -25.82
CA ASN W 182 -20.13 -33.59 -26.20
C ASN W 182 -20.32 -33.80 -27.70
N PRO W 183 -19.34 -34.40 -28.38
CA PRO W 183 -19.45 -34.57 -29.84
C PRO W 183 -20.58 -35.50 -30.27
N CYS W 184 -21.20 -36.23 -29.35
CA CYS W 184 -22.34 -37.06 -29.69
C CYS W 184 -23.52 -36.25 -30.19
N ARG W 185 -23.49 -34.93 -29.96
CA ARG W 185 -24.50 -34.04 -30.51
C ARG W 185 -24.53 -34.13 -32.04
N ASN W 186 -23.38 -34.29 -32.67
CA ASN W 186 -23.31 -34.36 -34.12
C ASN W 186 -24.00 -35.60 -34.69
N GLN W 187 -24.26 -36.61 -33.87
CA GLN W 187 -24.96 -37.79 -34.36
C GLN W 187 -26.45 -37.57 -34.57
N ASN W 188 -27.00 -36.46 -34.06
CA ASN W 188 -28.37 -36.12 -34.36
C ASN W 188 -28.56 -35.73 -35.81
N TYR W 189 -27.47 -35.38 -36.50
CA TYR W 189 -27.56 -35.04 -37.92
C TYR W 189 -27.88 -36.25 -38.76
N ARG W 190 -27.74 -37.46 -38.20
CA ARG W 190 -28.17 -38.66 -38.90
C ARG W 190 -29.66 -38.64 -39.17
N LEU W 191 -30.43 -38.02 -38.27
CA LEU W 191 -31.86 -37.85 -38.48
C LEU W 191 -32.16 -37.01 -39.70
N TYR W 192 -31.31 -36.02 -39.99
CA TYR W 192 -31.54 -35.14 -41.12
C TYR W 192 -31.27 -35.87 -42.44
N PHE W 193 -30.20 -36.65 -42.48
CA PHE W 193 -29.84 -37.35 -43.70
C PHE W 193 -30.89 -38.40 -44.06
N GLU W 194 -31.43 -39.09 -43.06
CA GLU W 194 -32.47 -40.07 -43.32
C GLU W 194 -33.79 -39.41 -43.73
N MET W 195 -34.10 -38.24 -43.16
CA MET W 195 -35.34 -37.55 -43.54
C MET W 195 -35.25 -37.03 -44.96
N ARG W 196 -34.08 -36.55 -45.37
CA ARG W 196 -33.92 -36.03 -46.72
C ARG W 196 -34.11 -37.12 -47.76
N LYS W 197 -33.65 -38.33 -47.46
CA LYS W 197 -33.83 -39.43 -48.40
C LYS W 197 -35.28 -39.91 -48.43
N LYS W 198 -35.97 -39.86 -47.30
CA LYS W 198 -37.37 -40.28 -47.28
C LYS W 198 -38.23 -39.32 -48.08
N LEU W 199 -37.97 -38.01 -47.97
CA LEU W 199 -38.71 -37.01 -48.71
C LEU W 199 -38.27 -36.89 -50.16
N GLY W 200 -37.30 -37.69 -50.59
CA GLY W 200 -36.82 -37.62 -51.95
C GLY W 200 -36.03 -36.38 -52.28
N ILE W 201 -35.37 -35.78 -51.30
CA ILE W 201 -34.58 -34.59 -51.52
C ILE W 201 -33.25 -34.96 -52.15
N MET X 1 -1.18 17.73 -42.03
CA MET X 1 -2.33 17.93 -42.95
C MET X 1 -2.55 16.70 -43.83
N ASN X 2 -3.80 16.24 -43.89
CA ASN X 2 -4.15 15.05 -44.65
C ASN X 2 -5.43 15.30 -45.42
N PRO X 3 -5.78 14.44 -46.39
CA PRO X 3 -6.99 14.67 -47.17
C PRO X 3 -8.26 14.76 -46.34
N ILE X 4 -8.31 14.09 -45.19
CA ILE X 4 -9.50 14.17 -44.35
C ILE X 4 -9.61 15.54 -43.72
N GLN X 5 -8.48 16.16 -43.39
CA GLN X 5 -8.52 17.52 -42.85
C GLN X 5 -8.89 18.53 -43.93
N LYS X 6 -8.46 18.29 -45.16
CA LYS X 6 -8.83 19.19 -46.26
C LYS X 6 -10.29 19.04 -46.64
N ALA X 7 -10.86 17.84 -46.47
CA ALA X 7 -12.28 17.66 -46.74
C ALA X 7 -13.13 18.41 -45.72
N TRP X 8 -12.68 18.45 -44.46
CA TRP X 8 -13.39 19.22 -43.45
C TRP X 8 -13.40 20.70 -43.79
N LEU X 9 -12.33 21.19 -44.42
CA LEU X 9 -12.22 22.61 -44.73
C LEU X 9 -13.26 23.07 -45.74
N LYS X 10 -13.48 22.27 -46.78
CA LYS X 10 -14.48 22.67 -47.78
C LYS X 10 -15.88 22.65 -47.20
N ILE X 11 -16.15 21.73 -46.27
CA ILE X 11 -17.46 21.68 -45.64
C ILE X 11 -17.61 22.82 -44.65
N LEU X 12 -16.56 23.13 -43.90
CA LEU X 12 -16.57 24.18 -42.89
C LEU X 12 -16.08 25.51 -43.42
N GLU X 13 -16.02 25.68 -44.74
CA GLU X 13 -15.54 26.95 -45.29
C GLU X 13 -16.41 28.12 -44.87
N PRO X 14 -17.75 28.05 -44.95
CA PRO X 14 -18.56 29.17 -44.46
C PRO X 14 -18.54 29.32 -42.95
N VAL X 15 -18.41 28.21 -42.21
CA VAL X 15 -18.34 28.31 -40.76
C VAL X 15 -17.05 28.98 -40.33
N SER X 16 -15.96 28.70 -41.02
CA SER X 16 -14.69 29.35 -40.73
C SER X 16 -14.77 30.85 -40.97
N TYR X 17 -15.53 31.27 -41.98
CA TYR X 17 -15.68 32.70 -42.25
C TYR X 17 -16.43 33.40 -41.13
N VAL X 18 -17.47 32.76 -40.59
CA VAL X 18 -18.24 33.37 -39.52
C VAL X 18 -17.43 33.46 -38.24
N ILE X 19 -16.61 32.45 -37.97
CA ILE X 19 -15.86 32.42 -36.72
C ILE X 19 -14.63 33.31 -36.81
N ASN X 20 -13.83 33.13 -37.86
CA ASN X 20 -12.55 33.81 -37.93
C ASN X 20 -12.69 35.28 -38.30
N GLU X 21 -13.64 35.61 -39.18
CA GLU X 21 -13.75 36.98 -39.66
C GLU X 21 -14.71 37.82 -38.83
N LYS X 22 -15.83 37.24 -38.41
CA LYS X 22 -16.86 37.98 -37.69
C LYS X 22 -16.72 37.82 -36.18
N MET X 23 -16.75 36.60 -35.67
CA MET X 23 -16.78 36.38 -34.23
C MET X 23 -15.40 36.61 -33.61
N ALA X 24 -14.34 36.20 -34.29
CA ALA X 24 -13.01 36.22 -33.69
C ALA X 24 -12.47 37.62 -33.46
N LYS X 25 -13.17 38.66 -33.91
CA LYS X 25 -12.67 40.01 -33.74
C LYS X 25 -13.75 41.01 -33.36
N ARG X 26 -14.97 40.58 -33.06
CA ARG X 26 -16.04 41.52 -32.80
C ARG X 26 -15.72 42.33 -31.54
N THR X 27 -15.76 41.69 -30.37
CA THR X 27 -15.42 42.36 -29.12
C THR X 27 -15.60 41.37 -27.98
N GLY X 28 -14.95 41.70 -26.86
CA GLY X 28 -15.31 41.10 -25.58
C GLY X 28 -15.37 39.58 -25.58
N ILE X 29 -16.49 39.06 -25.09
CA ILE X 29 -16.64 37.62 -24.92
C ILE X 29 -16.80 36.92 -26.27
N ILE X 30 -17.56 37.51 -27.18
CA ILE X 30 -17.74 36.91 -28.49
C ILE X 30 -16.40 36.82 -29.21
N GLY X 31 -15.51 37.78 -28.99
CA GLY X 31 -14.18 37.72 -29.57
C GLY X 31 -13.34 36.60 -28.98
N LYS X 32 -13.35 36.48 -27.65
CA LYS X 32 -12.60 35.41 -27.01
C LYS X 32 -13.14 34.04 -27.41
N LEU X 33 -14.46 33.92 -27.51
CA LEU X 33 -15.06 32.64 -27.87
C LEU X 33 -14.76 32.28 -29.32
N GLY X 34 -14.72 33.28 -30.21
CA GLY X 34 -14.40 33.01 -31.60
C GLY X 34 -12.93 32.72 -31.84
N ARG X 35 -12.05 33.36 -31.07
CA ARG X 35 -10.63 33.07 -31.19
C ARG X 35 -10.24 31.74 -30.56
N PHE X 36 -11.08 31.19 -29.69
CA PHE X 36 -10.79 29.92 -29.08
C PHE X 36 -11.18 28.76 -30.00
N PHE X 37 -12.30 28.90 -30.70
CA PHE X 37 -12.77 27.90 -31.64
C PHE X 37 -12.39 28.26 -33.08
N ALA X 38 -11.24 28.92 -33.25
CA ALA X 38 -10.79 29.29 -34.58
C ALA X 38 -10.52 28.04 -35.42
N ILE X 39 -10.64 28.21 -36.73
CA ILE X 39 -10.45 27.12 -37.68
C ILE X 39 -9.16 27.39 -38.46
N GLY X 40 -8.30 26.38 -38.52
CA GLY X 40 -7.06 26.50 -39.25
C GLY X 40 -6.22 25.24 -39.16
N PRO X 41 -4.90 25.40 -39.26
CA PRO X 41 -4.01 24.25 -39.10
C PRO X 41 -4.02 23.76 -37.66
N ARG X 42 -4.16 22.46 -37.50
CA ARG X 42 -4.29 21.86 -36.18
C ARG X 42 -3.00 22.00 -35.38
N GLU X 43 -3.08 22.73 -34.27
CA GLU X 43 -1.97 22.76 -33.33
C GLU X 43 -1.92 21.45 -32.57
N TYR X 44 -0.74 20.82 -32.56
CA TYR X 44 -0.55 19.51 -31.94
C TYR X 44 -1.51 18.49 -32.54
N GLY X 45 -1.69 18.55 -33.86
CA GLY X 45 -2.62 17.69 -34.55
C GLY X 45 -2.07 16.36 -34.99
N VAL X 46 -0.88 15.98 -34.55
CA VAL X 46 -0.31 14.70 -34.93
C VAL X 46 -1.11 13.57 -34.29
N HIS X 47 -1.22 12.46 -35.02
CA HIS X 47 -1.93 11.28 -34.53
C HIS X 47 -0.94 10.25 -34.03
N PRO X 48 -0.78 10.07 -32.72
CA PRO X 48 0.21 9.10 -32.23
C PRO X 48 -0.07 7.66 -32.60
N ILE X 49 -1.34 7.28 -32.79
CA ILE X 49 -1.66 5.91 -33.16
C ILE X 49 -1.15 5.60 -34.56
N ASN X 50 -1.31 6.55 -35.49
CA ASN X 50 -0.70 6.41 -36.80
C ASN X 50 0.80 6.22 -36.69
N ARG X 51 1.44 7.06 -35.88
CA ARG X 51 2.88 7.01 -35.70
C ARG X 51 3.33 5.75 -34.96
N MET X 52 2.50 5.23 -34.07
CA MET X 52 2.85 4.00 -33.37
C MET X 52 2.92 2.83 -34.36
N PHE X 53 2.02 2.81 -35.34
CA PHE X 53 2.04 1.77 -36.36
C PHE X 53 3.28 1.89 -37.24
N ILE X 54 3.60 3.11 -37.68
CA ILE X 54 4.72 3.29 -38.60
C ILE X 54 6.01 2.84 -37.95
N PHE X 55 6.18 3.12 -36.66
CA PHE X 55 7.39 2.71 -35.95
C PHE X 55 7.44 1.20 -35.77
N MET X 56 6.35 0.62 -35.27
CA MET X 56 6.32 -0.81 -35.00
C MET X 56 6.35 -1.62 -36.29
N ASN X 57 5.75 -1.11 -37.36
CA ASN X 57 5.82 -1.79 -38.64
C ASN X 57 7.24 -1.85 -39.16
N ARG X 58 7.98 -0.74 -39.01
CA ARG X 58 9.35 -0.71 -39.52
C ARG X 58 10.26 -1.60 -38.69
N LYS X 59 10.10 -1.60 -37.36
CA LYS X 59 10.95 -2.41 -36.51
C LYS X 59 10.68 -3.90 -36.70
N TYR X 60 9.41 -4.27 -36.86
CA TYR X 60 9.08 -5.67 -37.07
C TYR X 60 9.46 -6.13 -38.47
N MET X 61 9.53 -5.21 -39.42
CA MET X 61 9.91 -5.58 -40.78
C MET X 61 11.40 -5.85 -40.88
N ALA X 62 12.21 -5.08 -40.16
CA ALA X 62 13.64 -5.36 -40.12
C ALA X 62 13.92 -6.72 -39.49
N PHE X 63 13.06 -7.17 -38.58
CA PHE X 63 13.20 -8.51 -38.03
C PHE X 63 12.78 -9.57 -39.03
N GLN X 64 11.73 -9.29 -39.81
CA GLN X 64 11.32 -10.22 -40.84
C GLN X 64 12.41 -10.40 -41.88
N ALA X 65 13.12 -9.32 -42.20
CA ALA X 65 14.18 -9.40 -43.19
C ALA X 65 15.33 -10.28 -42.72
N VAL X 66 15.56 -10.33 -41.42
CA VAL X 66 16.64 -11.15 -40.88
C VAL X 66 16.20 -12.59 -40.75
N ALA X 67 15.00 -12.82 -40.24
CA ALA X 67 14.55 -14.18 -39.98
C ALA X 67 14.26 -14.93 -41.28
N LEU X 68 13.82 -14.22 -42.31
CA LEU X 68 13.50 -14.85 -43.58
C LEU X 68 14.69 -15.01 -44.50
N HIS X 69 15.78 -14.29 -44.23
CA HIS X 69 16.97 -14.33 -45.07
C HIS X 69 17.96 -15.33 -44.48
N ARG X 70 17.76 -16.60 -44.81
CA ARG X 70 18.57 -17.68 -44.28
C ARG X 70 19.17 -18.51 -45.41
N TYR X 71 20.31 -19.11 -45.13
CA TYR X 71 20.90 -20.07 -46.05
C TYR X 71 20.09 -21.36 -46.06
N SER X 72 19.90 -21.91 -47.26
CA SER X 72 18.97 -23.02 -47.43
C SER X 72 19.48 -24.28 -46.75
N PHE X 73 18.54 -25.04 -46.19
CA PHE X 73 18.85 -26.36 -45.66
C PHE X 73 19.07 -27.37 -46.78
N VAL X 74 18.33 -27.22 -47.87
CA VAL X 74 18.43 -28.16 -49.00
C VAL X 74 19.76 -27.99 -49.73
N LYS X 75 20.19 -26.74 -49.93
CA LYS X 75 21.42 -26.49 -50.67
C LYS X 75 22.65 -26.99 -49.93
N SER X 76 22.57 -27.10 -48.61
CA SER X 76 23.71 -27.55 -47.82
C SER X 76 23.82 -29.07 -47.73
N LEU X 77 22.86 -29.81 -48.26
CA LEU X 77 22.89 -31.25 -48.14
C LEU X 77 23.94 -31.90 -49.04
N THR X 78 24.25 -31.27 -50.18
CA THR X 78 25.18 -31.85 -51.13
C THR X 78 26.64 -31.57 -50.82
N HIS X 79 26.92 -30.64 -49.92
CA HIS X 79 28.28 -30.23 -49.58
C HIS X 79 29.02 -29.70 -50.79
N ASN X 80 28.30 -29.16 -51.76
CA ASN X 80 28.93 -28.57 -52.93
C ASN X 80 28.72 -27.08 -53.05
N GLY X 81 27.82 -26.48 -52.25
CA GLY X 81 27.76 -25.03 -52.24
C GLY X 81 27.82 -24.42 -50.85
N PHE X 82 28.94 -23.78 -50.56
CA PHE X 82 29.14 -22.85 -49.46
C PHE X 82 29.02 -23.49 -48.08
N HIS X 83 28.63 -24.74 -48.00
CA HIS X 83 28.38 -25.38 -46.71
C HIS X 83 28.87 -26.81 -46.72
N MET X 84 29.96 -27.07 -45.99
CA MET X 84 30.46 -28.42 -45.81
C MET X 84 29.94 -29.05 -44.53
N LEU X 85 30.20 -28.42 -43.38
CA LEU X 85 29.75 -28.90 -42.08
C LEU X 85 28.81 -27.89 -41.47
N ARG X 86 27.54 -28.24 -41.37
CA ARG X 86 26.51 -27.39 -40.77
C ARG X 86 25.71 -28.29 -39.83
N VAL X 87 26.16 -28.39 -38.58
CA VAL X 87 25.53 -29.28 -37.63
C VAL X 87 24.18 -28.77 -37.14
N PHE X 88 23.83 -27.53 -37.46
CA PHE X 88 22.54 -26.96 -37.12
C PHE X 88 21.81 -26.47 -38.36
N ARG X 89 21.94 -27.22 -39.45
CA ARG X 89 21.23 -26.88 -40.68
C ARG X 89 19.74 -27.12 -40.54
N HIS X 90 19.34 -28.06 -39.67
CA HIS X 90 17.94 -28.37 -39.43
C HIS X 90 17.22 -27.28 -38.64
N PHE X 91 17.88 -26.19 -38.31
CA PHE X 91 17.25 -25.04 -37.68
C PHE X 91 17.04 -23.89 -38.65
N ALA X 92 17.41 -24.07 -39.92
CA ALA X 92 17.42 -22.96 -40.87
C ALA X 92 16.03 -22.42 -41.19
N PHE X 93 15.00 -23.26 -41.10
CA PHE X 93 13.66 -22.84 -41.50
C PHE X 93 12.71 -22.63 -40.32
N VAL X 94 13.24 -22.58 -39.09
CA VAL X 94 12.39 -22.34 -37.93
C VAL X 94 11.96 -20.87 -37.86
N LEU X 95 12.90 -19.97 -38.04
CA LEU X 95 12.57 -18.54 -38.02
C LEU X 95 11.69 -18.14 -39.19
N PRO X 96 11.96 -18.59 -40.41
CA PRO X 96 11.02 -18.27 -41.50
C PRO X 96 9.63 -18.80 -41.24
N ALA X 97 9.51 -20.04 -40.77
CA ALA X 97 8.18 -20.60 -40.51
C ALA X 97 7.49 -19.87 -39.36
N THR X 98 8.27 -19.32 -38.43
CA THR X 98 7.71 -18.62 -37.29
C THR X 98 7.19 -17.24 -37.69
N VAL X 99 7.89 -16.57 -38.60
CA VAL X 99 7.44 -15.27 -39.08
C VAL X 99 6.19 -15.42 -39.94
N LEU X 100 6.15 -16.45 -40.78
CA LEU X 100 4.97 -16.70 -41.59
C LEU X 100 3.77 -17.06 -40.74
N ALA X 101 3.99 -17.75 -39.61
CA ALA X 101 2.92 -18.04 -38.69
C ALA X 101 2.42 -16.79 -37.98
N GLY X 102 3.24 -15.75 -37.90
CA GLY X 102 2.81 -14.49 -37.32
C GLY X 102 1.78 -13.74 -38.14
N LEU X 103 1.49 -14.21 -39.35
CA LEU X 103 0.44 -13.59 -40.15
C LEU X 103 -0.94 -13.90 -39.60
N GLY X 104 -1.10 -15.00 -38.88
CA GLY X 104 -2.37 -15.33 -38.27
C GLY X 104 -2.44 -14.88 -36.84
N LEU X 105 -1.56 -13.95 -36.47
CA LEU X 105 -1.52 -13.47 -35.09
C LEU X 105 -2.83 -12.81 -34.70
N PHE X 106 -3.31 -11.89 -35.53
CA PHE X 106 -4.56 -11.19 -35.25
C PHE X 106 -5.77 -11.93 -35.76
N VAL X 107 -5.61 -12.77 -36.79
CA VAL X 107 -6.74 -13.55 -37.28
C VAL X 107 -7.21 -14.52 -36.21
N TYR X 108 -6.28 -15.20 -35.57
CA TYR X 108 -6.58 -16.12 -34.50
C TYR X 108 -6.12 -15.48 -33.20
N TRP X 109 -6.97 -14.62 -32.64
CA TRP X 109 -6.71 -13.97 -31.38
C TRP X 109 -7.85 -14.32 -30.45
N GLY X 110 -7.52 -14.80 -29.27
CA GLY X 110 -8.51 -15.23 -28.32
C GLY X 110 -9.06 -16.60 -28.67
N ASP X 111 -9.97 -17.06 -27.81
CA ASP X 111 -10.52 -18.39 -27.93
C ASP X 111 -11.62 -18.49 -28.99
N ASP X 112 -12.39 -17.42 -29.18
CA ASP X 112 -13.52 -17.46 -30.10
C ASP X 112 -13.07 -17.60 -31.55
N ASN X 113 -11.87 -17.16 -31.87
CA ASN X 113 -11.39 -17.17 -33.25
C ASN X 113 -10.69 -18.48 -33.63
N LYS X 114 -10.44 -19.36 -32.67
CA LYS X 114 -9.75 -20.61 -32.94
C LYS X 114 -10.69 -21.80 -32.98
N CYS X 115 -11.98 -21.60 -32.76
CA CYS X 115 -12.93 -22.71 -32.70
C CYS X 115 -14.33 -22.18 -32.94
N TYR X 116 -15.30 -23.07 -32.84
CA TYR X 116 -16.71 -22.72 -32.90
C TYR X 116 -17.14 -22.38 -31.48
N SER X 117 -17.26 -21.08 -31.20
CA SER X 117 -17.48 -20.63 -29.83
C SER X 117 -18.78 -21.14 -29.22
N PRO X 118 -19.89 -21.25 -29.95
CA PRO X 118 -21.13 -21.72 -29.31
C PRO X 118 -21.03 -23.11 -28.71
N ASP X 119 -20.02 -23.89 -29.05
CA ASP X 119 -19.84 -25.21 -28.45
C ASP X 119 -18.97 -25.16 -27.21
N ARG X 120 -18.54 -23.98 -26.80
CA ARG X 120 -17.68 -23.80 -25.64
C ARG X 120 -18.47 -23.18 -24.50
N PHE X 121 -17.98 -23.39 -23.28
CA PHE X 121 -18.60 -22.89 -22.07
C PHE X 121 -18.60 -21.36 -21.95
N PRO X 122 -17.51 -20.67 -22.31
CA PRO X 122 -17.53 -19.21 -22.17
C PRO X 122 -18.61 -18.51 -22.97
N TYR X 123 -19.08 -19.12 -24.05
CA TYR X 123 -20.16 -18.50 -24.81
C TYR X 123 -21.47 -18.48 -24.02
N LEU X 124 -21.69 -19.49 -23.18
CA LEU X 124 -22.90 -19.55 -22.38
C LEU X 124 -22.93 -18.45 -21.34
N LYS X 125 -21.77 -18.10 -20.78
CA LYS X 125 -21.74 -17.05 -19.78
C LYS X 125 -22.02 -15.69 -20.42
N LYS X 126 -21.55 -15.47 -21.63
CA LYS X 126 -21.81 -14.20 -22.30
C LYS X 126 -23.30 -14.05 -22.61
N ARG X 127 -23.95 -15.12 -23.05
CA ARG X 127 -25.38 -15.03 -23.34
C ARG X 127 -26.21 -14.97 -22.07
N ALA X 128 -25.63 -15.34 -20.93
CA ALA X 128 -26.27 -15.21 -19.64
C ALA X 128 -25.97 -13.88 -18.97
N GLY X 129 -25.49 -12.90 -19.73
CA GLY X 129 -25.16 -11.60 -19.17
C GLY X 129 -23.83 -11.56 -18.45
N ASP X 130 -22.83 -12.28 -18.95
CA ASP X 130 -21.54 -12.38 -18.30
C ASP X 130 -21.70 -12.81 -16.84
N MET X 131 -22.33 -13.96 -16.68
CA MET X 131 -22.65 -14.50 -15.37
C MET X 131 -22.02 -15.87 -15.20
N ALA X 132 -21.60 -16.16 -13.97
CA ALA X 132 -21.00 -17.44 -13.66
C ALA X 132 -22.05 -18.54 -13.71
N LEU X 133 -21.69 -19.65 -14.32
CA LEU X 133 -22.56 -20.81 -14.46
C LEU X 133 -21.84 -22.04 -13.97
N PRO X 134 -22.58 -23.07 -13.55
CA PRO X 134 -21.93 -24.34 -13.24
C PRO X 134 -21.27 -24.92 -14.48
N LEU X 135 -20.16 -25.62 -14.25
CA LEU X 135 -19.32 -26.07 -15.35
C LEU X 135 -20.02 -27.06 -16.29
N ASN X 136 -21.08 -27.72 -15.82
CA ASN X 136 -21.81 -28.68 -16.65
C ASN X 136 -23.03 -28.06 -17.31
N SER X 137 -23.01 -26.74 -17.54
CA SER X 137 -24.18 -26.08 -18.11
C SER X 137 -24.43 -26.47 -19.56
N LEU X 138 -23.39 -26.86 -20.28
CA LEU X 138 -23.55 -27.29 -21.66
C LEU X 138 -24.24 -28.63 -21.81
N ASN X 139 -24.26 -29.44 -20.75
CA ASN X 139 -24.91 -30.74 -20.79
C ASN X 139 -26.38 -30.67 -20.42
N GLN X 140 -26.72 -29.92 -19.39
CA GLN X 140 -28.10 -29.82 -18.94
C GLN X 140 -28.88 -28.95 -19.90
N ARG X 141 -29.46 -29.57 -20.93
CA ARG X 141 -30.16 -28.83 -21.96
C ARG X 141 -31.38 -29.59 -22.44
N THR X 142 -32.42 -28.82 -22.77
CA THR X 142 -33.61 -29.35 -23.40
C THR X 142 -33.45 -29.35 -24.92
N SER X 143 -33.99 -30.39 -25.55
CA SER X 143 -33.80 -30.54 -26.99
C SER X 143 -34.31 -29.33 -27.76
N ALA X 144 -33.44 -28.78 -28.60
CA ALA X 144 -33.85 -27.69 -29.48
C ALA X 144 -34.85 -28.16 -30.53
N HIS X 145 -34.87 -29.47 -30.82
CA HIS X 145 -35.90 -30.02 -31.68
C HIS X 145 -37.27 -29.87 -31.06
N TYR X 146 -37.38 -30.14 -29.76
CA TYR X 146 -38.68 -30.01 -29.09
C TYR X 146 -39.14 -28.57 -29.07
N ILE X 147 -38.23 -27.65 -28.76
CA ILE X 147 -38.63 -26.26 -28.58
C ILE X 147 -39.19 -25.69 -29.87
N GLU X 148 -38.56 -26.01 -31.00
CA GLU X 148 -38.99 -25.42 -32.26
C GLU X 148 -40.15 -26.21 -32.86
N ILE X 149 -40.13 -27.53 -32.72
CA ILE X 149 -41.21 -28.33 -33.27
C ILE X 149 -42.49 -28.14 -32.47
N ASN X 150 -42.36 -28.07 -31.15
CA ASN X 150 -43.53 -27.83 -30.31
C ASN X 150 -44.12 -26.45 -30.52
N ALA X 151 -43.29 -25.47 -30.86
CA ALA X 151 -43.77 -24.14 -31.16
C ALA X 151 -44.61 -24.12 -32.44
N ILE X 152 -44.22 -24.91 -33.42
CA ILE X 152 -45.00 -25.02 -34.64
C ILE X 152 -46.21 -25.91 -34.44
N TYR X 153 -46.03 -27.02 -33.73
CA TYR X 153 -47.14 -27.96 -33.52
C TYR X 153 -48.29 -27.29 -32.78
N GLY X 154 -47.97 -26.49 -31.76
CA GLY X 154 -49.03 -25.85 -31.00
C GLY X 154 -49.86 -24.88 -31.79
N ALA X 155 -49.23 -24.15 -32.72
CA ALA X 155 -49.95 -23.18 -33.51
C ALA X 155 -50.76 -23.85 -34.62
N GLU X 156 -50.21 -24.89 -35.23
CA GLU X 156 -50.94 -25.61 -36.25
C GLU X 156 -52.17 -26.29 -35.66
N MET X 157 -52.06 -26.81 -34.45
CA MET X 157 -53.20 -27.42 -33.78
C MET X 157 -54.20 -26.39 -33.28
N MET X 158 -53.76 -25.15 -33.08
CA MET X 158 -54.69 -24.10 -32.68
C MET X 158 -55.61 -23.69 -33.81
N LYS X 159 -55.10 -23.73 -35.05
CA LYS X 159 -55.93 -23.42 -36.20
C LYS X 159 -57.01 -24.48 -36.39
N ARG X 160 -56.67 -25.74 -36.13
CA ARG X 160 -57.65 -26.81 -36.24
C ARG X 160 -58.60 -26.82 -35.05
N TYR X 161 -58.16 -26.33 -33.90
CA TYR X 161 -59.06 -26.20 -32.76
C TYR X 161 -60.03 -25.04 -32.96
N HIS X 162 -59.61 -23.98 -33.64
CA HIS X 162 -60.49 -22.84 -33.88
C HIS X 162 -61.68 -23.24 -34.73
N LYS X 163 -61.47 -24.14 -35.68
CA LYS X 163 -62.59 -24.60 -36.51
C LYS X 163 -63.52 -25.50 -35.71
N VAL X 164 -62.96 -26.36 -34.87
CA VAL X 164 -63.80 -27.20 -34.01
C VAL X 164 -64.54 -26.35 -32.99
N TRP X 165 -63.89 -25.31 -32.47
CA TRP X 165 -64.54 -24.43 -31.52
C TRP X 165 -65.71 -23.69 -32.13
N GLU X 166 -65.63 -23.34 -33.41
CA GLU X 166 -66.73 -22.64 -34.06
C GLU X 166 -67.94 -23.54 -34.22
N ASN X 167 -67.72 -24.82 -34.49
CA ASN X 167 -68.84 -25.75 -34.63
C ASN X 167 -69.51 -26.03 -33.30
N ILE X 168 -68.75 -26.04 -32.22
CA ILE X 168 -69.33 -26.29 -30.90
C ILE X 168 -70.18 -25.13 -30.45
N ILE X 169 -69.70 -23.90 -30.66
CA ILE X 169 -70.48 -22.72 -30.31
C ILE X 169 -71.75 -22.65 -31.14
N GLU X 170 -71.65 -23.00 -32.42
CA GLU X 170 -72.83 -22.98 -33.29
C GLU X 170 -73.85 -24.03 -32.85
N GLU X 171 -73.38 -25.22 -32.50
CA GLU X 171 -74.29 -26.30 -32.12
C GLU X 171 -74.90 -26.06 -30.75
N ARG X 172 -74.16 -25.44 -29.84
CA ARG X 172 -74.69 -25.18 -28.51
C ARG X 172 -75.68 -24.03 -28.52
N SER X 173 -75.49 -23.06 -29.41
CA SER X 173 -76.42 -21.94 -29.47
C SER X 173 -77.81 -22.39 -29.87
N LYS X 174 -77.91 -23.49 -30.63
CA LYS X 174 -79.17 -24.06 -31.05
C LYS X 174 -79.69 -25.09 -30.06
N ALA X 175 -79.25 -25.02 -28.80
CA ALA X 175 -79.66 -25.96 -27.76
C ALA X 175 -80.54 -25.26 -26.74
N THR X 176 -81.48 -26.00 -26.19
CA THR X 176 -82.35 -25.47 -25.16
C THR X 176 -81.57 -25.23 -23.86
N ASP X 177 -82.08 -24.32 -23.04
CA ASP X 177 -81.46 -24.06 -21.75
C ASP X 177 -81.42 -25.31 -20.89
N GLN X 178 -82.40 -26.21 -21.05
CA GLN X 178 -82.38 -27.47 -20.34
C GLN X 178 -81.21 -28.34 -20.77
N GLU X 179 -80.97 -28.43 -22.08
CA GLU X 179 -79.92 -29.30 -22.58
C GLU X 179 -78.54 -28.75 -22.28
N LYS X 180 -78.36 -27.43 -22.38
CA LYS X 180 -77.05 -26.85 -22.15
C LYS X 180 -76.73 -26.72 -20.66
N LYS X 181 -77.62 -27.15 -19.78
CA LYS X 181 -77.34 -27.17 -18.36
C LYS X 181 -77.30 -28.56 -17.75
N THR X 182 -77.94 -29.55 -18.39
CA THR X 182 -77.94 -30.91 -17.88
C THR X 182 -76.92 -31.80 -18.55
N ARG X 183 -76.62 -31.56 -19.82
CA ARG X 183 -75.55 -32.28 -20.47
C ARG X 183 -74.23 -31.90 -19.84
N TYR X 184 -73.38 -32.90 -19.60
CA TYR X 184 -72.09 -32.72 -18.94
C TYR X 184 -72.25 -32.23 -17.51
N ALA X 185 -73.44 -32.35 -16.95
CA ALA X 185 -73.68 -31.95 -15.58
C ALA X 185 -73.50 -33.13 -14.63
N HIS X 186 -73.30 -32.81 -13.36
CA HIS X 186 -73.10 -33.85 -12.37
C HIS X 186 -74.39 -34.67 -12.21
N PRO X 187 -74.27 -35.98 -12.00
CA PRO X 187 -75.48 -36.81 -11.91
C PRO X 187 -76.42 -36.39 -10.79
N SER X 188 -75.89 -35.80 -9.72
CA SER X 188 -76.69 -35.41 -8.57
C SER X 188 -77.40 -34.08 -8.74
N TYR X 189 -77.24 -33.42 -9.89
CA TYR X 189 -77.85 -32.11 -10.10
C TYR X 189 -79.26 -32.26 -10.64
N GLN X 190 -80.21 -31.59 -9.98
CA GLN X 190 -81.58 -31.50 -10.45
C GLN X 190 -81.78 -30.15 -11.12
N TYR X 191 -82.23 -30.18 -12.36
CA TYR X 191 -82.41 -28.95 -13.12
C TYR X 191 -83.65 -28.20 -12.64
N SER X 192 -83.50 -26.89 -12.49
CA SER X 192 -84.60 -26.02 -12.11
C SER X 192 -84.45 -24.75 -12.93
N PRO X 193 -85.49 -24.33 -13.67
CA PRO X 193 -85.31 -23.24 -14.63
C PRO X 193 -85.03 -21.89 -13.98
N LEU X 194 -84.30 -21.06 -14.71
CA LEU X 194 -84.04 -19.68 -14.39
C LEU X 194 -84.87 -18.76 -15.26
N PRO X 195 -85.24 -17.57 -14.78
CA PRO X 195 -86.00 -16.65 -15.62
C PRO X 195 -85.24 -16.28 -16.87
N VAL X 196 -85.99 -16.23 -17.98
CA VAL X 196 -85.39 -15.97 -19.29
C VAL X 196 -84.93 -14.51 -19.36
N VAL X 197 -83.63 -14.31 -19.56
CA VAL X 197 -83.05 -12.99 -19.72
C VAL X 197 -82.42 -12.91 -21.10
N SER X 198 -82.16 -11.67 -21.54
CA SER X 198 -81.59 -11.43 -22.85
C SER X 198 -80.07 -11.34 -22.72
N ILE X 199 -79.38 -12.39 -23.14
CA ILE X 199 -77.92 -12.42 -23.11
C ILE X 199 -77.40 -12.69 -24.52
N PRO X 200 -76.70 -11.74 -25.14
CA PRO X 200 -76.25 -11.96 -26.52
C PRO X 200 -75.26 -13.10 -26.64
N ASN X 201 -75.20 -13.67 -27.83
CA ASN X 201 -74.27 -14.74 -28.18
C ASN X 201 -73.24 -14.12 -29.12
N VAL X 202 -72.14 -13.65 -28.54
CA VAL X 202 -71.07 -13.01 -29.29
C VAL X 202 -69.89 -13.96 -29.34
N LEU X 203 -69.44 -14.27 -30.56
CA LEU X 203 -68.31 -15.17 -30.72
C LEU X 203 -67.03 -14.59 -30.13
N ASN X 204 -66.63 -13.43 -30.63
CA ASN X 204 -65.43 -12.75 -30.14
C ASN X 204 -65.81 -11.35 -29.68
N PRO X 205 -65.52 -10.96 -28.44
CA PRO X 205 -65.87 -9.61 -28.00
C PRO X 205 -65.28 -8.51 -28.86
N LEU X 206 -63.97 -8.54 -29.06
CA LEU X 206 -63.35 -7.72 -30.09
C LEU X 206 -63.83 -8.20 -31.45
N ASN X 207 -64.02 -7.27 -32.36
CA ASN X 207 -64.58 -7.62 -33.66
C ASN X 207 -63.54 -8.31 -34.54
N LEU X 208 -63.15 -9.51 -34.15
CA LEU X 208 -62.14 -10.29 -34.85
C LEU X 208 -62.79 -11.51 -35.50
N GLN X 209 -62.15 -11.99 -36.56
CA GLN X 209 -62.67 -13.13 -37.32
C GLN X 209 -61.97 -14.41 -36.90
N MET Y 1 47.33 -16.67 -64.20
CA MET Y 1 48.48 -17.08 -63.36
C MET Y 1 48.02 -17.61 -62.02
N TRP Y 2 46.89 -18.31 -62.02
CA TRP Y 2 46.36 -18.82 -60.77
C TRP Y 2 47.28 -19.86 -60.16
N TYR Y 3 48.04 -20.58 -60.98
CA TYR Y 3 48.96 -21.58 -60.45
C TYR Y 3 50.12 -20.93 -59.72
N LYS Y 4 50.45 -19.68 -60.07
CA LYS Y 4 51.50 -18.96 -59.35
C LYS Y 4 51.15 -18.78 -57.88
N TYR Y 5 49.88 -18.58 -57.58
CA TYR Y 5 49.44 -18.37 -56.22
C TYR Y 5 48.91 -19.64 -55.56
N PHE Y 6 48.95 -20.76 -56.25
CA PHE Y 6 48.59 -22.03 -55.66
C PHE Y 6 49.69 -22.47 -54.68
N SER Y 7 49.27 -22.99 -53.54
CA SER Y 7 50.19 -23.41 -52.50
C SER Y 7 50.38 -24.92 -52.58
N LYS Y 8 51.62 -25.35 -52.81
CA LYS Y 8 51.91 -26.78 -52.95
C LYS Y 8 51.86 -27.52 -51.63
N GLN Y 9 51.72 -26.83 -50.51
CA GLN Y 9 51.62 -27.53 -49.24
C GLN Y 9 50.28 -28.22 -49.07
N SER Y 10 49.36 -28.02 -50.01
CA SER Y 10 48.13 -28.79 -50.05
C SER Y 10 48.30 -30.13 -50.73
N TRP Y 11 49.49 -30.43 -51.24
CA TRP Y 11 49.78 -31.73 -51.84
C TRP Y 11 50.06 -32.81 -50.81
N ASN Y 12 49.90 -32.50 -49.52
CA ASN Y 12 50.09 -33.50 -48.49
C ASN Y 12 49.06 -34.61 -48.59
N LEU Y 13 47.90 -34.33 -49.16
CA LEU Y 13 46.87 -35.32 -49.39
C LEU Y 13 46.57 -35.41 -50.88
N ARG Y 14 46.02 -36.54 -51.28
CA ARG Y 14 45.50 -36.74 -52.64
C ARG Y 14 44.04 -37.16 -52.47
N VAL Y 15 43.16 -36.18 -52.37
CA VAL Y 15 41.76 -36.43 -52.06
C VAL Y 15 41.02 -36.82 -53.33
N TRP Y 16 40.29 -37.93 -53.25
CA TRP Y 16 39.47 -38.40 -54.37
C TRP Y 16 38.36 -39.24 -53.78
N ARG Y 17 37.11 -38.83 -54.06
CA ARG Y 17 35.93 -39.48 -53.49
C ARG Y 17 35.99 -39.46 -51.97
N LYS Y 18 36.35 -38.30 -51.42
CA LYS Y 18 36.39 -38.08 -49.98
C LYS Y 18 37.36 -39.02 -49.27
N ALA Y 19 38.39 -39.48 -49.98
CA ALA Y 19 39.37 -40.38 -49.41
C ALA Y 19 40.78 -39.96 -49.81
N ASN Y 20 41.70 -40.01 -48.85
CA ASN Y 20 43.09 -39.69 -49.11
C ASN Y 20 43.76 -40.90 -49.74
N LEU Y 21 44.23 -40.75 -50.97
CA LEU Y 21 44.85 -41.86 -51.68
C LEU Y 21 46.20 -42.24 -51.09
N LYS Y 22 46.87 -41.32 -50.39
CA LYS Y 22 48.15 -41.62 -49.77
C LYS Y 22 47.99 -42.23 -48.39
N TYR Y 23 47.11 -43.21 -48.23
CA TYR Y 23 46.84 -43.81 -46.94
C TYR Y 23 47.49 -45.19 -46.89
N ASN Y 24 48.31 -45.39 -45.86
CA ASN Y 24 49.05 -46.65 -45.70
C ASN Y 24 48.10 -47.73 -45.19
N GLN Y 25 47.23 -48.19 -46.09
CA GLN Y 25 46.28 -49.22 -45.74
C GLN Y 25 46.93 -50.59 -45.62
N ASP Y 26 48.16 -50.75 -46.11
CA ASP Y 26 48.87 -52.02 -45.99
C ASP Y 26 49.51 -52.19 -44.61
N ASP Y 27 49.65 -51.12 -43.84
CA ASP Y 27 50.25 -51.20 -42.52
C ASP Y 27 49.28 -50.92 -41.38
N PHE Y 28 48.11 -50.35 -41.67
CA PHE Y 28 47.13 -50.05 -40.66
C PHE Y 28 45.74 -50.43 -41.15
N GLY Y 29 44.92 -50.92 -40.24
CA GLY Y 29 43.53 -51.21 -40.55
C GLY Y 29 43.26 -52.66 -40.86
N MET Y 30 42.02 -52.90 -41.25
CA MET Y 30 41.57 -54.24 -41.59
C MET Y 30 42.29 -54.77 -42.83
N THR Y 31 42.81 -53.89 -43.68
CA THR Y 31 43.53 -54.28 -44.88
C THR Y 31 44.99 -54.57 -44.62
N GLN Y 32 45.43 -54.47 -43.36
CA GLN Y 32 46.84 -54.70 -43.07
C GLN Y 32 47.21 -56.17 -43.14
N PRO Y 33 46.48 -57.09 -42.51
CA PRO Y 33 46.89 -58.50 -42.54
C PRO Y 33 46.89 -59.04 -43.96
N LYS Y 34 48.01 -59.65 -44.33
CA LYS Y 34 48.18 -60.20 -45.67
C LYS Y 34 47.76 -61.65 -45.75
N TYR Y 35 47.32 -62.25 -44.65
CA TYR Y 35 46.90 -63.64 -44.64
C TYR Y 35 45.41 -63.79 -44.90
N ILE Y 36 44.80 -62.80 -45.53
CA ILE Y 36 43.38 -62.86 -45.81
C ILE Y 36 43.14 -63.81 -46.98
N ALA Y 37 41.98 -64.46 -46.96
CA ALA Y 37 41.66 -65.50 -47.92
C ALA Y 37 40.98 -64.90 -49.16
N ARG Y 38 40.39 -65.77 -49.98
CA ARG Y 38 39.83 -65.35 -51.26
C ARG Y 38 38.63 -64.43 -51.05
N PHE Y 39 37.76 -64.76 -50.11
CA PHE Y 39 36.57 -63.95 -49.89
C PHE Y 39 36.93 -62.59 -49.30
N GLY Y 40 37.84 -62.55 -48.33
CA GLY Y 40 38.23 -61.29 -47.75
C GLY Y 40 38.96 -60.39 -48.73
N ASP Y 41 39.77 -60.98 -49.60
CA ASP Y 41 40.46 -60.20 -50.61
C ASP Y 41 39.49 -59.65 -51.64
N PHE Y 42 38.55 -60.47 -52.09
CA PHE Y 42 37.59 -60.00 -53.08
C PHE Y 42 36.66 -58.94 -52.50
N ARG Y 43 36.46 -58.96 -51.19
CA ARG Y 43 35.61 -57.95 -50.56
C ARG Y 43 36.33 -56.59 -50.52
N PHE Y 44 37.60 -56.58 -50.12
CA PHE Y 44 38.38 -55.35 -50.13
C PHE Y 44 38.67 -54.88 -51.55
N ARG Y 45 38.69 -55.81 -52.51
CA ARG Y 45 38.90 -55.43 -53.89
C ARG Y 45 37.75 -54.61 -54.43
N LEU Y 46 36.54 -54.83 -53.94
CA LEU Y 46 35.38 -54.10 -54.41
C LEU Y 46 35.33 -52.70 -53.83
N VAL Y 47 35.33 -52.61 -52.50
CA VAL Y 47 35.24 -51.33 -51.82
C VAL Y 47 36.50 -50.51 -52.03
N ARG Y 48 37.66 -51.14 -51.91
CA ARG Y 48 39.00 -50.58 -52.02
C ARG Y 48 39.38 -49.88 -50.73
N THR Y 49 38.53 -49.92 -49.70
CA THR Y 49 38.82 -49.27 -48.43
C THR Y 49 38.00 -49.94 -47.34
N GLU Y 50 38.41 -49.72 -46.10
CA GLU Y 50 37.69 -50.26 -44.96
C GLU Y 50 36.61 -49.32 -44.45
N GLY Y 51 36.80 -48.02 -44.63
CA GLY Y 51 35.82 -47.06 -44.16
C GLY Y 51 34.49 -47.19 -44.88
N ALA Y 52 34.54 -47.36 -46.20
CA ALA Y 52 33.31 -47.56 -46.96
C ALA Y 52 32.68 -48.92 -46.67
N LEU Y 53 33.51 -49.93 -46.43
CA LEU Y 53 32.99 -51.25 -46.10
C LEU Y 53 32.33 -51.25 -44.73
N ARG Y 54 32.99 -50.65 -43.74
CA ARG Y 54 32.43 -50.61 -42.40
C ARG Y 54 31.15 -49.80 -42.35
N GLY Y 55 31.09 -48.71 -43.10
CA GLY Y 55 29.88 -47.89 -43.11
C GLY Y 55 28.68 -48.61 -43.70
N CYS Y 56 28.91 -49.46 -44.70
CA CYS Y 56 27.80 -50.21 -45.29
C CYS Y 56 27.38 -51.37 -44.40
N MET Y 57 28.35 -52.06 -43.79
CA MET Y 57 28.01 -53.13 -42.86
C MET Y 57 27.32 -52.62 -41.61
N PHE Y 58 27.40 -51.32 -41.34
CA PHE Y 58 26.68 -50.73 -40.24
C PHE Y 58 25.17 -50.87 -40.43
N PHE Y 59 24.69 -50.55 -41.64
CA PHE Y 59 23.27 -50.61 -41.92
C PHE Y 59 22.81 -52.02 -42.30
N VAL Y 60 23.68 -52.79 -42.96
CA VAL Y 60 23.35 -54.18 -43.25
C VAL Y 60 23.22 -55.00 -41.97
N GLY Y 61 24.01 -54.67 -40.95
CA GLY Y 61 23.91 -55.40 -39.70
C GLY Y 61 22.57 -55.20 -39.02
N PHE Y 62 22.08 -53.95 -38.98
CA PHE Y 62 20.75 -53.70 -38.44
C PHE Y 62 19.68 -54.45 -39.21
N GLY Y 63 19.84 -54.53 -40.53
CA GLY Y 63 18.88 -55.29 -41.32
C GLY Y 63 18.95 -56.78 -41.05
N CYS Y 64 20.15 -57.33 -40.97
CA CYS Y 64 20.30 -58.76 -40.70
C CYS Y 64 19.85 -59.11 -39.30
N PHE Y 65 20.21 -58.29 -38.31
CA PHE Y 65 19.81 -58.56 -36.94
C PHE Y 65 18.30 -58.49 -36.77
N SER Y 66 17.64 -57.59 -37.51
CA SER Y 66 16.19 -57.48 -37.43
C SER Y 66 15.51 -58.59 -38.21
N ILE Y 67 16.17 -59.12 -39.24
CA ILE Y 67 15.58 -60.19 -40.03
C ILE Y 67 15.66 -61.52 -39.28
N ILE Y 68 16.84 -61.86 -38.77
CA ILE Y 68 16.97 -63.13 -38.05
C ILE Y 68 16.22 -63.09 -36.72
N ASN Y 69 15.96 -61.91 -36.19
CA ASN Y 69 15.08 -61.80 -35.03
C ASN Y 69 13.63 -62.05 -35.40
N TYR Y 70 13.25 -61.70 -36.63
CA TYR Y 70 11.90 -61.99 -37.10
C TYR Y 70 11.74 -63.48 -37.38
N LEU Y 71 12.73 -64.08 -38.04
CA LEU Y 71 12.65 -65.50 -38.35
C LEU Y 71 12.61 -66.35 -37.09
N TYR Y 72 13.29 -65.91 -36.04
CA TYR Y 72 13.24 -66.63 -34.77
C TYR Y 72 11.90 -66.46 -34.08
N GLY Y 73 11.10 -65.49 -34.50
CA GLY Y 73 9.77 -65.31 -33.95
C GLY Y 73 8.73 -66.11 -34.71
N ARG Y 74 8.67 -65.91 -36.02
CA ARG Y 74 7.78 -66.70 -36.85
C ARG Y 74 8.15 -68.17 -36.78
N TYR Y 75 9.38 -68.48 -37.16
CA TYR Y 75 9.92 -69.83 -37.02
C TYR Y 75 10.65 -69.93 -35.68
N GLY Y 76 11.42 -70.99 -35.50
CA GLY Y 76 12.21 -71.16 -34.29
C GLY Y 76 11.79 -72.40 -33.50
N TYR Y 77 10.49 -72.60 -33.37
CA TYR Y 77 9.99 -73.81 -32.71
C TYR Y 77 10.34 -75.08 -33.48
N ILE Y 78 10.81 -74.95 -34.71
CA ILE Y 78 11.27 -76.12 -35.45
C ILE Y 78 12.46 -76.77 -34.76
N ILE Y 79 13.22 -76.02 -33.98
CA ILE Y 79 14.44 -76.52 -33.36
C ILE Y 79 14.45 -76.39 -31.85
N ASN Y 80 13.62 -75.54 -31.25
CA ASN Y 80 13.65 -75.33 -29.81
C ASN Y 80 12.35 -75.71 -29.11
N GLU Y 81 11.39 -76.31 -29.83
CA GLU Y 81 10.15 -76.73 -29.18
C GLU Y 81 10.34 -77.93 -28.28
N SER Y 82 11.43 -78.69 -28.46
CA SER Y 82 11.70 -79.84 -27.61
C SER Y 82 12.15 -79.40 -26.22
N SER Y 83 12.99 -78.37 -26.15
CA SER Y 83 13.47 -77.87 -24.86
C SER Y 83 12.41 -77.12 -24.09
N GLN Y 84 11.38 -76.59 -24.77
CA GLN Y 84 10.32 -75.86 -24.07
C GLN Y 84 9.28 -76.82 -23.50
N LYS Y 85 8.90 -77.85 -24.26
CA LYS Y 85 8.02 -78.87 -23.70
C LYS Y 85 8.69 -79.64 -22.58
N ARG Y 86 10.02 -79.81 -22.64
CA ARG Y 86 10.74 -80.45 -21.56
C ARG Y 86 10.68 -79.62 -20.28
N ALA Y 87 11.06 -78.34 -20.37
CA ALA Y 87 11.02 -77.47 -19.21
C ALA Y 87 9.60 -77.24 -18.70
N ALA Y 88 8.59 -77.53 -19.52
CA ALA Y 88 7.21 -77.39 -19.05
C ALA Y 88 6.87 -78.48 -18.03
N GLN Y 89 7.19 -79.73 -18.35
CA GLN Y 89 6.93 -80.81 -17.40
C GLN Y 89 7.99 -80.89 -16.32
N ASP Y 90 9.23 -80.50 -16.62
CA ASP Y 90 10.29 -80.54 -15.62
C ASP Y 90 10.03 -79.52 -14.52
N LEU Y 91 9.52 -78.34 -14.90
CA LEU Y 91 9.22 -77.33 -13.90
C LEU Y 91 8.07 -77.77 -13.00
N LEU Y 92 7.21 -78.65 -13.49
CA LEU Y 92 6.16 -79.23 -12.67
C LEU Y 92 6.62 -80.49 -11.95
N ASP Y 93 7.62 -81.18 -12.51
CA ASP Y 93 8.11 -82.40 -11.88
C ASP Y 93 8.83 -82.08 -10.57
N ASN Y 94 9.73 -81.09 -10.59
CA ASN Y 94 10.43 -80.71 -9.38
C ASN Y 94 9.53 -79.91 -8.43
N ASP Y 95 8.46 -79.31 -8.93
CA ASP Y 95 7.48 -78.70 -8.05
C ASP Y 95 6.70 -79.75 -7.27
N MET Y 96 6.28 -80.82 -7.95
CA MET Y 96 5.60 -81.91 -7.28
C MET Y 96 6.52 -82.60 -6.28
N ALA Y 97 7.82 -82.65 -6.56
CA ALA Y 97 8.76 -83.23 -5.61
C ALA Y 97 9.05 -82.30 -4.44
N ALA Y 98 8.96 -80.98 -4.65
CA ALA Y 98 9.19 -80.05 -3.56
C ALA Y 98 8.09 -80.14 -2.51
N ASP Y 99 6.86 -80.41 -2.92
CA ASP Y 99 5.78 -80.60 -1.97
C ASP Y 99 5.95 -81.87 -1.15
N LYS Y 100 6.68 -82.86 -1.67
CA LYS Y 100 6.84 -84.12 -0.97
C LYS Y 100 7.79 -83.97 0.21
N ILE Y 101 8.92 -83.30 -0.01
CA ILE Y 101 9.95 -83.15 1.02
C ILE Y 101 10.17 -81.66 1.20
N LEU Y 102 9.43 -81.07 2.14
CA LEU Y 102 9.61 -79.68 2.53
C LEU Y 102 8.76 -79.42 3.75
N PHE Y 103 9.30 -78.65 4.68
CA PHE Y 103 8.57 -78.30 5.89
C PHE Y 103 7.61 -77.16 5.59
N LYS Y 104 6.32 -77.40 5.81
CA LYS Y 104 5.30 -76.38 5.66
C LYS Y 104 4.67 -76.08 7.01
N ASN Y 105 4.66 -74.80 7.38
CA ASN Y 105 4.05 -74.36 8.61
C ASN Y 105 2.54 -74.34 8.45
N ARG Y 106 1.84 -74.15 9.56
CA ARG Y 106 0.38 -74.23 9.56
C ARG Y 106 -0.26 -73.44 8.43
N VAL Y 107 0.44 -72.46 7.86
CA VAL Y 107 0.05 -71.87 6.60
C VAL Y 107 0.96 -72.41 5.50
N GLY Y 108 0.50 -72.34 4.26
CA GLY Y 108 1.22 -72.99 3.18
C GLY Y 108 2.50 -72.26 2.82
N ALA Y 109 3.46 -72.19 3.73
CA ALA Y 109 4.72 -71.51 3.51
C ALA Y 109 5.91 -72.40 3.86
N PRO Y 110 6.89 -72.55 2.94
CA PRO Y 110 8.11 -73.32 3.26
C PRO Y 110 9.10 -72.53 4.12
N THR Y 111 8.85 -72.51 5.43
CA THR Y 111 9.65 -71.68 6.31
C THR Y 111 10.99 -72.29 6.69
N ARG Y 112 11.25 -73.55 6.36
CA ARG Y 112 12.51 -74.21 6.68
C ARG Y 112 13.12 -74.79 5.41
N PRO Y 113 13.73 -73.94 4.57
CA PRO Y 113 14.37 -74.46 3.37
C PRO Y 113 15.77 -74.99 3.64
N LEU Y 114 16.43 -74.53 4.70
CA LEU Y 114 17.78 -74.95 5.04
C LEU Y 114 17.78 -76.05 6.10
N ARG Y 115 16.69 -76.80 6.22
CA ARG Y 115 16.65 -77.88 7.20
C ARG Y 115 17.67 -78.96 6.84
N SER Y 116 17.79 -79.28 5.57
CA SER Y 116 18.75 -80.27 5.11
C SER Y 116 19.24 -79.89 3.73
N LEU Y 117 20.27 -80.59 3.27
CA LEU Y 117 20.80 -80.33 1.93
C LEU Y 117 19.78 -80.68 0.85
N ASP Y 118 18.96 -81.71 1.08
CA ASP Y 118 17.93 -82.06 0.13
C ASP Y 118 16.85 -81.01 0.05
N ASP Y 119 16.61 -80.30 1.15
CA ASP Y 119 15.59 -79.25 1.17
C ASP Y 119 16.08 -77.98 0.47
N MET Y 120 17.37 -77.66 0.62
CA MET Y 120 17.89 -76.47 -0.04
C MET Y 120 17.82 -76.62 -1.55
N MET Y 121 18.10 -77.81 -2.06
CA MET Y 121 18.07 -78.03 -3.51
C MET Y 121 16.64 -78.11 -4.03
N ALA Y 122 15.75 -78.75 -3.28
CA ALA Y 122 14.36 -78.85 -3.70
C ALA Y 122 13.67 -77.50 -3.69
N PHE Y 123 14.03 -76.65 -2.72
CA PHE Y 123 13.44 -75.32 -2.65
C PHE Y 123 13.90 -74.46 -3.82
N LEU Y 124 15.17 -74.58 -4.22
CA LEU Y 124 15.70 -73.76 -5.29
C LEU Y 124 15.25 -74.24 -6.66
N SER Y 125 15.11 -75.55 -6.84
CA SER Y 125 14.68 -76.08 -8.13
C SER Y 125 13.18 -75.91 -8.36
N GLY Y 126 12.45 -75.31 -7.43
CA GLY Y 126 11.03 -75.12 -7.58
C GLY Y 126 10.69 -73.75 -8.13
N SER Y 127 9.47 -73.61 -8.64
CA SER Y 127 8.96 -72.36 -9.15
C SER Y 127 8.09 -71.62 -8.15
N ALA Y 128 7.12 -72.32 -7.55
CA ALA Y 128 6.22 -71.70 -6.60
C ALA Y 128 6.78 -71.59 -5.19
N THR Y 129 7.91 -72.24 -4.91
CA THR Y 129 8.48 -72.16 -3.57
C THR Y 129 8.95 -70.75 -3.24
N TYR Y 130 9.46 -70.03 -4.24
CA TYR Y 130 9.88 -68.65 -4.00
C TYR Y 130 8.69 -67.76 -3.70
N ASP Y 131 7.54 -68.02 -4.33
CA ASP Y 131 6.38 -67.14 -4.16
C ASP Y 131 5.62 -67.44 -2.87
N GLN Y 132 5.53 -68.71 -2.48
CA GLN Y 132 4.83 -69.05 -1.26
C GLN Y 132 5.53 -68.48 -0.04
N LEU Y 133 6.85 -68.38 -0.07
CA LEU Y 133 7.60 -67.83 1.04
C LEU Y 133 7.66 -66.31 0.99
N ALA Y 134 7.69 -65.73 -0.21
CA ALA Y 134 7.75 -64.28 -0.32
C ALA Y 134 6.43 -63.64 0.03
N ASP Y 135 5.32 -64.27 -0.37
CA ASP Y 135 4.01 -63.72 -0.04
C ASP Y 135 3.72 -63.82 1.45
N TYR Y 136 4.24 -64.85 2.11
CA TYR Y 136 4.06 -64.98 3.55
C TYR Y 136 4.94 -63.98 4.29
N ALA Y 137 6.17 -63.80 3.83
CA ALA Y 137 7.09 -62.86 4.47
C ALA Y 137 6.68 -61.41 4.24
N SER Y 138 5.90 -61.13 3.20
CA SER Y 138 5.48 -59.76 2.94
C SER Y 138 4.13 -59.43 3.56
N TYR Y 139 3.33 -60.43 3.88
CA TYR Y 139 2.04 -60.21 4.52
C TYR Y 139 2.28 -59.66 5.93
N ASN Y 140 1.91 -58.40 6.14
CA ASN Y 140 2.23 -57.74 7.41
C ASN Y 140 1.54 -58.42 8.58
N HIS Y 141 0.27 -58.81 8.42
CA HIS Y 141 -0.44 -59.43 9.52
C HIS Y 141 0.15 -60.78 9.90
N ALA Y 142 0.53 -61.58 8.92
CA ALA Y 142 1.11 -62.88 9.23
C ALA Y 142 2.42 -62.74 9.99
N MET Y 143 3.20 -61.71 9.68
CA MET Y 143 4.46 -61.50 10.39
C MET Y 143 4.22 -60.95 11.79
N ASP Y 144 3.14 -60.20 11.97
CA ASP Y 144 2.77 -59.76 13.31
C ASP Y 144 2.31 -60.93 14.17
N VAL Y 145 1.61 -61.88 13.57
CA VAL Y 145 1.24 -63.09 14.31
C VAL Y 145 2.47 -63.90 14.65
N ASN Y 146 3.39 -64.05 13.69
CA ASN Y 146 4.62 -64.77 13.96
C ASN Y 146 5.45 -64.07 15.01
N GLN Y 147 5.39 -62.74 15.07
CA GLN Y 147 6.12 -62.00 16.10
C GLN Y 147 5.53 -62.26 17.48
N ASP Y 148 4.22 -62.52 17.56
CA ASP Y 148 3.59 -62.87 18.82
C ASP Y 148 3.87 -64.31 19.22
N GLN Y 149 4.03 -65.20 18.23
CA GLN Y 149 4.37 -66.59 18.52
C GLN Y 149 5.75 -66.69 19.15
N GLN Y 150 6.69 -65.87 18.69
CA GLN Y 150 8.03 -65.90 19.27
C GLN Y 150 8.04 -65.36 20.69
N ALA Y 151 7.09 -64.49 21.02
CA ALA Y 151 7.02 -63.93 22.36
C ALA Y 151 6.30 -64.84 23.35
N GLY Y 152 5.57 -65.83 22.87
CA GLY Y 152 4.90 -66.79 23.74
C GLY Y 152 3.41 -66.90 23.53
N LEU Y 153 2.82 -66.16 22.59
CA LEU Y 153 1.38 -66.19 22.36
C LEU Y 153 1.10 -67.00 21.11
N ASP Y 154 0.59 -68.21 21.30
CA ASP Y 154 0.24 -69.08 20.19
C ASP Y 154 -0.98 -69.90 20.60
N SER Y 155 -1.70 -70.38 19.59
CA SER Y 155 -2.92 -71.14 19.82
C SER Y 155 -3.15 -72.00 18.59
N TRP Y 156 -4.31 -72.66 18.56
CA TRP Y 156 -4.71 -73.43 17.40
C TRP Y 156 -5.29 -72.50 16.35
N MET Y 157 -5.21 -72.95 15.10
CA MET Y 157 -5.70 -72.18 13.97
C MET Y 157 -6.91 -72.88 13.34
N SER Y 158 -7.89 -72.09 12.93
CA SER Y 158 -9.05 -72.65 12.25
C SER Y 158 -8.74 -72.84 10.77
N GLU Y 159 -9.74 -73.32 10.03
CA GLU Y 159 -9.54 -73.55 8.60
C GLU Y 159 -9.39 -72.24 7.85
N LYS Y 160 -10.04 -71.19 8.33
CA LYS Y 160 -9.92 -69.89 7.68
C LYS Y 160 -8.60 -69.20 8.04
N ASP Y 161 -8.10 -69.42 9.25
CA ASP Y 161 -6.81 -68.85 9.64
C ASP Y 161 -5.68 -69.43 8.82
N LYS Y 162 -5.74 -70.73 8.53
CA LYS Y 162 -4.67 -71.40 7.80
C LYS Y 162 -4.59 -70.94 6.35
N ASN Y 163 -5.65 -70.33 5.82
CA ASN Y 163 -5.69 -69.82 4.45
C ASN Y 163 -5.42 -68.33 4.38
N MET Y 164 -4.86 -67.73 5.43
CA MET Y 164 -4.68 -66.28 5.43
C MET Y 164 -3.77 -65.82 4.31
N VAL Y 165 -2.80 -66.64 3.92
CA VAL Y 165 -1.93 -66.26 2.82
C VAL Y 165 -2.65 -66.41 1.49
N LYS Y 166 -3.55 -67.39 1.36
CA LYS Y 166 -4.29 -67.54 0.12
C LYS Y 166 -5.20 -66.35 -0.13
N TYR Y 167 -5.79 -65.80 0.93
CA TYR Y 167 -6.59 -64.59 0.78
C TYR Y 167 -5.72 -63.41 0.39
N TYR Y 168 -4.54 -63.30 1.00
CA TYR Y 168 -3.63 -62.21 0.67
C TYR Y 168 -3.13 -62.31 -0.76
N GLN Y 169 -2.90 -63.52 -1.24
CA GLN Y 169 -2.46 -63.69 -2.62
C GLN Y 169 -3.58 -63.35 -3.59
N ARG Y 170 -4.81 -63.75 -3.27
CA ARG Y 170 -5.93 -63.43 -4.14
C ARG Y 170 -6.13 -61.92 -4.25
N SER Y 171 -5.92 -61.20 -3.15
CA SER Y 171 -6.11 -59.75 -3.19
C SER Y 171 -5.08 -59.09 -4.10
N LEU Y 172 -3.87 -59.64 -4.15
CA LEU Y 172 -2.86 -59.11 -5.06
C LEU Y 172 -3.16 -59.44 -6.51
N GLY Y 173 -4.04 -60.39 -6.76
CA GLY Y 173 -4.44 -60.75 -8.10
C GLY Y 173 -4.03 -62.14 -8.53
N LYS Y 174 -3.53 -62.96 -7.62
CA LYS Y 174 -3.07 -64.30 -7.97
C LYS Y 174 -4.25 -65.23 -8.19
N LYS Y 175 -3.98 -66.34 -8.87
CA LYS Y 175 -4.98 -67.37 -9.11
C LYS Y 175 -4.72 -68.50 -8.13
N VAL Y 176 -5.33 -68.40 -6.95
CA VAL Y 176 -5.12 -69.35 -5.87
C VAL Y 176 -6.43 -70.09 -5.62
N GLU Y 177 -6.37 -71.41 -5.62
CA GLU Y 177 -7.51 -72.26 -5.34
C GLU Y 177 -7.42 -72.83 -3.92
N GLY Y 178 -8.53 -73.40 -3.47
CA GLY Y 178 -8.60 -73.98 -2.15
C GLY Y 178 -9.06 -73.05 -1.05
N ILE Y 179 -9.79 -72.01 -1.40
CA ILE Y 179 -10.28 -71.06 -0.40
C ILE Y 179 -11.46 -71.67 0.34
N ILE Z 4 -12.26 -30.12 -53.41
CA ILE Z 4 -13.16 -31.26 -53.40
C ILE Z 4 -12.53 -32.40 -52.62
N LEU Z 5 -11.20 -32.51 -52.71
CA LEU Z 5 -10.49 -33.58 -52.03
C LEU Z 5 -10.62 -33.43 -50.51
N ASP Z 6 -10.37 -34.54 -49.82
CA ASP Z 6 -10.43 -34.58 -48.37
C ASP Z 6 -9.30 -33.83 -47.70
N TYR Z 7 -8.29 -33.38 -48.46
CA TYR Z 7 -7.20 -32.62 -47.86
C TYR Z 7 -7.66 -31.26 -47.39
N LEU Z 8 -8.72 -30.71 -47.98
CA LEU Z 8 -9.27 -29.45 -47.54
C LEU Z 8 -10.00 -29.54 -46.21
N PHE Z 9 -10.20 -30.75 -45.69
CA PHE Z 9 -10.83 -30.90 -44.38
C PHE Z 9 -9.98 -30.31 -43.28
N LEU Z 10 -8.68 -30.12 -43.53
CA LEU Z 10 -7.79 -29.56 -42.53
C LEU Z 10 -8.12 -28.11 -42.21
N LEU Z 11 -8.86 -27.43 -43.08
CA LEU Z 11 -9.26 -26.05 -42.84
C LEU Z 11 -10.34 -25.93 -41.79
N ASP Z 12 -10.83 -27.04 -41.25
CA ASP Z 12 -11.95 -27.02 -40.32
C ASP Z 12 -11.46 -26.70 -38.92
N LEU Z 13 -12.11 -25.73 -38.28
CA LEU Z 13 -11.91 -25.47 -36.86
C LEU Z 13 -13.20 -25.52 -36.08
N ASN Z 14 -14.34 -25.74 -36.73
CA ASN Z 14 -15.60 -25.90 -36.01
C ASN Z 14 -15.61 -27.18 -35.21
N ASP Z 15 -15.16 -28.29 -35.82
CA ASP Z 15 -15.24 -29.61 -35.22
C ASP Z 15 -13.87 -30.19 -34.94
N ASP Z 16 -12.89 -29.33 -34.68
CA ASP Z 16 -11.55 -29.81 -34.38
C ASP Z 16 -11.51 -30.55 -33.05
N LEU Z 17 -12.46 -30.29 -32.16
CA LEU Z 17 -12.53 -31.03 -30.90
C LEU Z 17 -12.87 -32.49 -31.10
N THR Z 18 -13.28 -32.87 -32.31
CA THR Z 18 -13.59 -34.27 -32.58
C THR Z 18 -12.38 -35.06 -33.02
N ARG Z 19 -11.27 -34.41 -33.39
CA ARG Z 19 -10.07 -35.13 -33.82
C ARG Z 19 -8.89 -34.96 -32.87
N LYS Z 20 -8.38 -33.73 -32.69
CA LYS Z 20 -7.26 -33.53 -31.78
C LYS Z 20 -7.44 -32.38 -30.81
N ALA Z 21 -8.02 -31.26 -31.24
CA ALA Z 21 -8.13 -30.05 -30.43
C ALA Z 21 -6.76 -29.56 -29.94
N VAL Z 22 -5.71 -29.80 -30.72
CA VAL Z 22 -4.36 -29.40 -30.34
C VAL Z 22 -3.93 -28.13 -31.08
N PHE Z 23 -4.48 -27.91 -32.27
CA PHE Z 23 -4.11 -26.72 -33.04
C PHE Z 23 -4.38 -25.44 -32.26
N GLU Z 24 -5.48 -25.41 -31.51
CA GLU Z 24 -5.86 -24.18 -30.81
C GLU Z 24 -4.89 -23.79 -29.70
N GLN Z 25 -4.06 -24.72 -29.23
CA GLN Z 25 -3.11 -24.41 -28.16
C GLN Z 25 -1.68 -24.26 -28.65
N VAL Z 26 -1.32 -24.93 -29.75
CA VAL Z 26 0.05 -24.85 -30.24
C VAL Z 26 0.34 -23.50 -30.88
N ILE Z 27 -0.64 -22.91 -31.57
CA ILE Z 27 -0.41 -21.64 -32.23
C ILE Z 27 -0.19 -20.52 -31.23
N ILE Z 28 -0.65 -20.70 -29.99
CA ILE Z 28 -0.37 -19.73 -28.94
C ILE Z 28 1.13 -19.67 -28.68
N PHE Z 29 1.77 -20.83 -28.56
CA PHE Z 29 3.21 -20.86 -28.37
C PHE Z 29 3.94 -20.26 -29.56
N ILE Z 30 3.48 -20.55 -30.77
CA ILE Z 30 4.15 -20.06 -31.97
C ILE Z 30 4.10 -18.54 -32.03
N PHE Z 31 2.98 -17.95 -31.63
CA PHE Z 31 2.89 -16.50 -31.58
C PHE Z 31 3.80 -15.91 -30.51
N ILE Z 32 3.90 -16.59 -29.37
CA ILE Z 32 4.82 -16.16 -28.33
C ILE Z 32 6.26 -16.33 -28.77
N TYR Z 33 6.57 -17.45 -29.43
CA TYR Z 33 7.93 -17.68 -29.88
C TYR Z 33 8.35 -16.67 -30.94
N CYS Z 34 7.40 -16.25 -31.80
CA CYS Z 34 7.71 -15.22 -32.77
C CYS Z 34 7.97 -13.88 -32.10
N THR Z 35 7.20 -13.57 -31.06
CA THR Z 35 7.39 -12.33 -30.32
C THR Z 35 8.73 -12.31 -29.62
N MET Z 36 9.15 -13.44 -29.04
CA MET Z 36 10.43 -13.48 -28.34
C MET Z 36 11.58 -13.29 -29.30
N ASN Z 37 11.55 -13.97 -30.45
CA ASN Z 37 12.62 -13.79 -31.43
C ASN Z 37 12.62 -12.41 -32.04
N PHE Z 38 11.45 -11.77 -32.13
CA PHE Z 38 11.41 -10.40 -32.62
C PHE Z 38 12.14 -9.45 -31.69
N LEU Z 39 11.96 -9.61 -30.39
CA LEU Z 39 12.65 -8.75 -29.44
C LEU Z 39 14.14 -9.04 -29.42
N ALA Z 40 14.54 -10.30 -29.59
CA ALA Z 40 15.93 -10.68 -29.49
C ALA Z 40 16.70 -10.34 -30.76
N TRP Z 41 16.16 -10.73 -31.91
CA TRP Z 41 16.88 -10.54 -33.17
C TRP Z 41 16.94 -9.07 -33.56
N SER Z 42 15.86 -8.33 -33.32
CA SER Z 42 15.89 -6.90 -33.64
C SER Z 42 16.93 -6.18 -32.80
N THR Z 43 17.17 -6.67 -31.58
CA THR Z 43 18.19 -6.06 -30.74
C THR Z 43 19.58 -6.32 -31.29
N VAL Z 44 19.84 -7.55 -31.74
CA VAL Z 44 21.17 -7.91 -32.21
C VAL Z 44 21.51 -7.15 -33.48
N VAL Z 45 20.58 -7.11 -34.44
CA VAL Z 45 20.88 -6.54 -35.74
C VAL Z 45 20.92 -5.02 -35.66
N GLU Z 46 19.99 -4.42 -34.93
CA GLU Z 46 19.95 -2.96 -34.85
C GLU Z 46 21.14 -2.40 -34.10
N LEU Z 47 21.64 -3.12 -33.09
CA LEU Z 47 22.66 -2.58 -32.22
C LEU Z 47 24.07 -2.73 -32.76
N ILE Z 48 24.23 -2.88 -34.08
CA ILE Z 48 25.54 -2.77 -34.68
C ILE Z 48 25.90 -1.33 -35.01
N TRP Z 49 24.96 -0.40 -34.87
CA TRP Z 49 25.21 0.99 -35.25
C TRP Z 49 26.09 1.76 -34.27
N PRO Z 50 26.00 1.54 -32.95
CA PRO Z 50 26.88 2.31 -32.06
C PRO Z 50 28.35 2.00 -32.29
N THR Z 51 28.68 0.74 -32.54
CA THR Z 51 30.05 0.38 -32.88
C THR Z 51 30.47 1.00 -34.20
N HIS Z 52 29.61 0.93 -35.21
CA HIS Z 52 29.95 1.48 -36.50
C HIS Z 52 30.08 2.99 -36.44
N PHE Z 53 29.17 3.66 -35.73
CA PHE Z 53 29.22 5.10 -35.65
C PHE Z 53 30.47 5.58 -34.92
N PHE Z 54 30.92 4.82 -33.93
CA PHE Z 54 32.10 5.21 -33.16
C PHE Z 54 33.39 4.93 -33.93
N ASN Z 55 33.49 3.75 -34.52
CA ASN Z 55 34.74 3.35 -35.18
C ASN Z 55 35.04 4.24 -36.37
N ARG Z 56 34.02 4.58 -37.15
CA ARG Z 56 34.22 5.40 -38.34
C ARG Z 56 34.56 6.85 -38.02
N ARG Z 57 34.65 7.21 -36.73
CA ARG Z 57 34.90 8.57 -36.32
C ARG Z 57 36.00 8.71 -35.27
N HIS Z 58 36.45 7.63 -34.65
CA HIS Z 58 37.45 7.71 -33.60
C HIS Z 58 38.60 6.72 -33.75
N SER Z 59 38.53 5.79 -34.69
CA SER Z 59 39.51 4.72 -34.80
C SER Z 59 40.75 5.09 -35.61
N SER Z 60 40.79 6.26 -36.21
CA SER Z 60 41.95 6.65 -37.01
C SER Z 60 43.08 7.16 -36.12
N SER Z 61 44.30 6.92 -36.58
CA SER Z 61 45.50 7.35 -35.88
C SER Z 61 46.48 7.96 -36.88
N GLN Z 62 47.29 8.90 -36.40
CA GLN Z 62 48.17 9.66 -37.28
C GLN Z 62 49.37 8.87 -37.76
N GLU Z 63 49.68 7.73 -37.14
CA GLU Z 63 50.76 6.89 -37.61
C GLU Z 63 50.30 5.82 -38.60
N PHE Z 64 49.05 5.91 -39.08
CA PHE Z 64 48.54 4.99 -40.07
C PHE Z 64 47.85 5.78 -41.18
N ILE Z 65 47.70 5.15 -42.33
CA ILE Z 65 47.03 5.75 -43.47
C ILE Z 65 45.55 5.40 -43.38
N ARG Z 66 44.70 6.42 -43.38
CA ARG Z 66 43.26 6.23 -43.45
C ARG Z 66 42.85 6.22 -44.91
N PHE Z 67 42.40 5.07 -45.41
CA PHE Z 67 42.04 4.93 -46.80
C PHE Z 67 40.58 5.28 -47.03
N ARG Z 68 40.32 5.88 -48.18
CA ARG Z 68 38.99 6.37 -48.51
C ARG Z 68 38.06 5.21 -48.88
N THR Z 69 36.83 5.28 -48.38
CA THR Z 69 35.83 4.28 -48.68
C THR Z 69 35.01 4.68 -49.90
N TYR Z 70 34.04 3.84 -50.25
CA TYR Z 70 33.22 4.10 -51.43
C TYR Z 70 32.39 5.36 -51.25
N THR Z 71 31.69 5.47 -50.12
CA THR Z 71 30.83 6.61 -49.88
C THR Z 71 31.62 7.91 -49.83
N GLU Z 72 32.86 7.87 -49.34
CA GLU Z 72 33.67 9.07 -49.28
C GLU Z 72 34.20 9.47 -50.65
N VAL Z 73 34.33 8.52 -51.58
CA VAL Z 73 34.71 8.87 -52.94
C VAL Z 73 33.57 9.58 -53.65
N LEU Z 74 32.35 9.09 -53.48
CA LEU Z 74 31.21 9.69 -54.15
C LEU Z 74 30.86 11.05 -53.57
N LEU Z 75 30.96 11.18 -52.25
CA LEU Z 75 30.60 12.44 -51.61
C LEU Z 75 31.59 13.54 -51.96
N LYS Z 76 32.87 13.20 -52.08
CA LYS Z 76 33.88 14.21 -52.40
C LYS Z 76 33.76 14.67 -53.83
N ILE Z 77 33.45 13.76 -54.75
CA ILE Z 77 33.49 14.07 -56.18
C ILE Z 77 32.13 14.54 -56.68
N SER Z 78 31.05 13.98 -56.16
CA SER Z 78 29.72 14.23 -56.70
C SER Z 78 28.77 14.85 -55.69
N ALA Z 79 29.27 15.25 -54.51
CA ALA Z 79 28.38 15.82 -53.50
C ALA Z 79 29.05 17.00 -52.79
N TYR Z 80 29.93 17.71 -53.47
CA TYR Z 80 30.54 18.89 -52.88
C TYR Z 80 29.58 20.06 -52.98
N ASN Z 81 29.67 20.97 -52.01
CA ASN Z 81 28.79 22.11 -51.97
C ASN Z 81 29.40 23.27 -52.77
N ASP Z 82 28.80 24.44 -52.66
CA ASP Z 82 29.26 25.59 -53.44
C ASP Z 82 30.55 26.18 -52.87
N PHE Z 83 30.68 26.19 -51.56
CA PHE Z 83 31.88 26.76 -50.94
C PHE Z 83 33.13 25.95 -51.28
N PHE Z 84 33.00 24.63 -51.37
CA PHE Z 84 34.14 23.80 -51.75
C PHE Z 84 34.54 24.05 -53.19
N TYR Z 85 33.56 24.25 -54.07
CA TYR Z 85 33.86 24.56 -55.46
C TYR Z 85 34.56 25.90 -55.57
N VAL Z 86 34.10 26.88 -54.80
CA VAL Z 86 34.69 28.21 -54.85
C VAL Z 86 36.10 28.19 -54.31
N LEU Z 87 36.30 27.52 -53.17
CA LEU Z 87 37.61 27.53 -52.54
C LEU Z 87 38.66 26.87 -53.41
N ASN Z 88 38.29 25.83 -54.15
CA ASN Z 88 39.24 25.17 -55.04
C ASN Z 88 39.64 26.09 -56.19
N ASN Z 89 38.67 26.65 -56.90
CA ASN Z 89 38.98 27.55 -58.00
C ASN Z 89 39.64 28.83 -57.50
N TYR Z 90 39.29 29.27 -56.29
CA TYR Z 90 39.94 30.45 -55.72
C TYR Z 90 41.42 30.18 -55.50
N TYR Z 91 41.77 28.98 -55.04
CA TYR Z 91 43.17 28.64 -54.86
C TYR Z 91 43.85 28.47 -56.22
N TYR Z 92 43.14 27.91 -57.20
CA TYR Z 92 43.75 27.67 -58.51
C TYR Z 92 43.97 28.97 -59.27
N ASN Z 93 42.99 29.86 -59.27
CA ASN Z 93 43.12 31.10 -60.01
C ASN Z 93 44.23 31.98 -59.43
N GLN Z 94 44.32 32.05 -58.10
CA GLN Z 94 45.27 32.96 -57.48
C GLN Z 94 46.70 32.44 -57.57
N LYS Z 95 46.92 31.16 -57.31
CA LYS Z 95 48.27 30.63 -57.21
C LYS Z 95 48.77 29.97 -58.49
N LEU Z 96 47.90 29.30 -59.24
CA LEU Z 96 48.34 28.61 -60.44
C LEU Z 96 48.28 29.48 -61.68
N ILE Z 97 47.36 30.44 -61.71
CA ILE Z 97 47.14 31.30 -62.86
C ILE Z 97 47.71 32.70 -62.63
N LEU Z 98 47.21 33.40 -61.61
CA LEU Z 98 47.64 34.76 -61.34
C LEU Z 98 48.93 34.84 -60.53
N LYS Z 99 49.39 33.72 -59.98
CA LYS Z 99 50.56 33.73 -59.11
C LYS Z 99 50.39 34.75 -57.99
N GLN AA 31 34.06 -32.73 -72.44
CA GLN AA 31 32.90 -31.84 -72.38
C GLN AA 31 32.47 -31.61 -70.93
N MET AA 32 32.20 -30.36 -70.58
CA MET AA 32 31.76 -30.04 -69.24
C MET AA 32 30.30 -30.45 -69.06
N GLY AA 33 30.04 -31.32 -68.09
CA GLY AA 33 28.69 -31.79 -67.87
C GLY AA 33 27.80 -30.75 -67.23
N PHE AA 34 28.30 -30.09 -66.20
CA PHE AA 34 27.54 -29.06 -65.48
C PHE AA 34 27.75 -27.72 -66.16
N SER AA 35 26.70 -27.22 -66.82
CA SER AA 35 26.77 -25.97 -67.56
C SER AA 35 25.42 -25.30 -67.53
N SER AA 36 25.39 -24.05 -67.10
CA SER AA 36 24.19 -23.24 -67.13
C SER AA 36 24.26 -22.29 -68.31
N ASP AA 37 23.29 -21.38 -68.40
CA ASP AA 37 23.32 -20.37 -69.44
C ASP AA 37 24.32 -19.27 -69.15
N ASN AA 38 25.08 -19.40 -68.07
CA ASN AA 38 26.10 -18.41 -67.74
C ASN AA 38 27.22 -18.50 -68.77
N PRO AA 39 27.68 -17.37 -69.31
CA PRO AA 39 28.65 -17.43 -70.41
C PRO AA 39 30.10 -17.55 -69.99
N TYR AA 40 30.44 -17.15 -68.78
CA TYR AA 40 31.82 -17.07 -68.34
C TYR AA 40 32.22 -18.29 -67.52
N ASN AA 41 33.51 -18.62 -67.58
CA ASN AA 41 34.15 -19.59 -66.70
C ASN AA 41 33.45 -20.95 -66.77
N LYS AA 42 33.48 -21.55 -67.96
CA LYS AA 42 32.75 -22.78 -68.19
C LYS AA 42 33.41 -23.97 -67.49
N ARG AA 43 34.74 -24.05 -67.55
CA ARG AA 43 35.45 -25.15 -66.93
C ARG AA 43 35.56 -25.01 -65.42
N TRP AA 44 35.06 -23.91 -64.84
CA TRP AA 44 35.08 -23.72 -63.41
C TRP AA 44 33.68 -23.68 -62.80
N GLU AA 45 32.64 -23.93 -63.61
CA GLU AA 45 31.28 -23.72 -63.12
C GLU AA 45 30.93 -24.69 -62.01
N TYR AA 46 31.36 -25.94 -62.12
CA TYR AA 46 31.05 -26.94 -61.10
C TYR AA 46 31.95 -26.80 -59.88
N LYS AA 47 33.13 -26.20 -60.03
CA LYS AA 47 34.10 -26.10 -58.94
C LYS AA 47 33.84 -24.92 -58.04
N TRP AA 48 33.42 -23.78 -58.60
CA TRP AA 48 33.28 -22.55 -57.85
C TRP AA 48 32.05 -22.60 -56.96
N LYS AA 49 32.25 -22.44 -55.66
CA LYS AA 49 31.18 -22.50 -54.68
C LYS AA 49 30.88 -21.08 -54.20
N HIS AA 50 29.89 -20.44 -54.80
CA HIS AA 50 29.54 -19.08 -54.47
C HIS AA 50 28.81 -19.01 -53.13
N SER AA 51 29.00 -17.89 -52.42
CA SER AA 51 28.35 -17.64 -51.16
C SER AA 51 27.01 -16.95 -51.32
N TYR AA 52 26.45 -16.98 -52.53
CA TYR AA 52 25.16 -16.35 -52.76
C TYR AA 52 24.09 -17.01 -51.89
N TYR AA 53 23.19 -16.19 -51.35
CA TYR AA 53 21.98 -16.73 -50.74
C TYR AA 53 21.08 -17.34 -51.80
N THR AA 54 20.70 -16.55 -52.79
CA THR AA 54 20.06 -17.03 -53.99
C THR AA 54 20.86 -16.57 -55.20
N TYR AA 55 20.36 -16.89 -56.36
CA TYR AA 55 21.13 -16.64 -57.56
C TYR AA 55 20.97 -15.19 -58.01
N PRO AA 56 21.96 -14.66 -58.73
CA PRO AA 56 21.83 -13.30 -59.25
C PRO AA 56 20.61 -13.16 -60.15
N ARG AA 57 20.12 -11.93 -60.25
CA ARG AA 57 18.92 -11.67 -61.02
C ARG AA 57 19.10 -12.08 -62.47
N ASP AA 58 20.22 -11.69 -63.06
CA ASP AA 58 20.55 -12.03 -64.44
C ASP AA 58 21.85 -12.82 -64.46
N TYR AA 59 22.08 -13.50 -65.57
CA TYR AA 59 23.38 -14.10 -65.78
C TYR AA 59 24.43 -13.01 -65.97
N GLU AA 60 25.69 -13.40 -65.84
CA GLU AA 60 26.77 -12.43 -65.90
C GLU AA 60 26.78 -11.72 -67.25
N HIS AA 61 26.71 -10.39 -67.20
CA HIS AA 61 26.65 -9.61 -68.42
C HIS AA 61 27.96 -9.69 -69.18
N THR AA 62 27.85 -9.81 -70.51
CA THR AA 62 29.00 -9.80 -71.39
C THR AA 62 29.33 -8.40 -71.90
N GLU AA 63 28.44 -7.43 -71.66
CA GLU AA 63 28.70 -6.04 -71.99
C GLU AA 63 27.74 -5.20 -71.16
N VAL AA 64 28.01 -3.91 -71.10
CA VAL AA 64 27.16 -3.00 -70.35
C VAL AA 64 25.82 -2.88 -71.05
N ARG AA 65 24.74 -3.04 -70.28
CA ARG AA 65 23.40 -3.06 -70.81
C ARG AA 65 22.62 -1.84 -70.32
N LYS AA 66 21.42 -1.70 -70.84
CA LYS AA 66 20.54 -0.61 -70.50
C LYS AA 66 19.63 -1.00 -69.34
N PRO AA 67 19.13 -0.02 -68.58
CA PRO AA 67 18.24 -0.37 -67.46
C PRO AA 67 17.01 -1.14 -67.87
N GLN AA 68 16.51 -0.91 -69.08
CA GLN AA 68 15.35 -1.63 -69.59
C GLN AA 68 15.72 -2.96 -70.24
N ASP AA 69 17.01 -3.24 -70.41
CA ASP AA 69 17.40 -4.52 -70.97
C ASP AA 69 17.06 -5.66 -70.02
N SER AA 70 17.17 -5.41 -68.72
CA SER AA 70 16.83 -6.38 -67.70
C SER AA 70 15.45 -6.09 -67.13
N LYS AA 71 14.95 -7.04 -66.34
CA LYS AA 71 13.63 -6.99 -65.75
C LYS AA 71 13.74 -6.66 -64.27
N ASP AA 72 13.31 -5.46 -63.90
CA ASP AA 72 13.22 -5.10 -62.50
C ASP AA 72 12.23 -6.00 -61.78
N VAL AA 73 12.44 -6.14 -60.47
CA VAL AA 73 11.59 -6.95 -59.61
C VAL AA 73 11.25 -8.27 -60.31
N PRO AA 74 12.17 -9.22 -60.37
CA PRO AA 74 11.89 -10.48 -61.05
C PRO AA 74 10.59 -11.09 -60.56
N PRO AA 75 9.95 -11.94 -61.36
CA PRO AA 75 8.62 -12.43 -61.01
C PRO AA 75 8.66 -13.24 -59.73
N ILE AA 76 7.47 -13.56 -59.24
CA ILE AA 76 7.34 -14.31 -58.02
C ILE AA 76 7.82 -15.74 -58.23
N TYR AA 77 8.39 -16.33 -57.18
CA TYR AA 77 9.00 -17.66 -57.23
C TYR AA 77 10.19 -17.72 -58.18
N PHE AA 78 10.94 -16.63 -58.28
CA PHE AA 78 12.11 -16.57 -59.14
C PHE AA 78 13.29 -17.32 -58.56
N ALA AA 79 13.48 -17.23 -57.24
CA ALA AA 79 14.58 -17.92 -56.59
C ALA AA 79 14.43 -19.44 -56.68
N TYR AA 80 13.20 -19.94 -56.64
CA TYR AA 80 12.98 -21.37 -56.79
C TYR AA 80 13.20 -21.80 -58.24
N TYR AA 81 12.84 -20.93 -59.18
CA TYR AA 81 13.06 -21.23 -60.59
C TYR AA 81 14.54 -21.25 -60.94
N LYS AA 82 15.30 -20.29 -60.40
CA LYS AA 82 16.73 -20.24 -60.70
C LYS AA 82 17.46 -21.46 -60.17
N ASP AA 83 17.09 -21.93 -58.98
CA ASP AA 83 17.74 -23.12 -58.42
C ASP AA 83 17.42 -24.35 -59.23
N PHE AA 84 16.31 -24.36 -59.97
CA PHE AA 84 16.01 -25.50 -60.81
C PHE AA 84 16.77 -25.46 -62.13
N VAL AA 85 16.88 -24.27 -62.74
CA VAL AA 85 17.51 -24.16 -64.04
C VAL AA 85 19.01 -23.93 -63.95
N ASP AA 86 19.54 -23.63 -62.76
CA ASP AA 86 20.96 -23.42 -62.59
C ASP AA 86 21.65 -24.44 -61.71
N ARG AA 87 20.90 -25.19 -60.90
CA ARG AA 87 21.46 -26.26 -60.07
C ARG AA 87 20.88 -27.63 -60.39
N TRP AA 88 19.55 -27.76 -60.46
CA TRP AA 88 18.93 -29.05 -60.71
C TRP AA 88 19.09 -29.48 -62.16
N LEU AA 89 18.73 -28.62 -63.09
CA LEU AA 89 18.71 -28.99 -64.50
C LEU AA 89 20.08 -29.31 -65.06
N PRO AA 90 21.12 -28.51 -64.84
CA PRO AA 90 22.45 -28.90 -65.31
C PRO AA 90 23.00 -30.11 -64.60
N GLY AA 91 22.53 -30.40 -63.38
CA GLY AA 91 22.95 -31.60 -62.71
C GLY AA 91 22.35 -32.85 -63.32
N MET AA 92 21.13 -32.74 -63.84
CA MET AA 92 20.51 -33.86 -64.54
C MET AA 92 21.07 -34.01 -65.95
N ASN AA 93 21.48 -32.91 -66.59
CA ASN AA 93 22.12 -33.02 -67.89
C ASN AA 93 23.50 -33.65 -67.78
N MET AA 94 24.11 -33.58 -66.59
CA MET AA 94 25.37 -34.28 -66.38
C MET AA 94 25.16 -35.78 -66.33
N TRP AA 95 24.08 -36.23 -65.69
CA TRP AA 95 23.79 -37.65 -65.67
C TRP AA 95 23.36 -38.15 -67.04
N TRP AA 96 22.60 -37.35 -67.78
CA TRP AA 96 22.13 -37.80 -69.08
C TRP AA 96 23.26 -37.83 -70.09
N GLN AA 97 24.22 -36.92 -69.96
CA GLN AA 97 25.34 -36.89 -70.90
C GLN AA 97 26.23 -38.10 -70.71
N ARG AA 98 26.41 -38.56 -69.48
CA ARG AA 98 27.26 -39.70 -69.15
C ARG AA 98 26.44 -40.90 -68.68
N ARG AA 99 25.26 -41.08 -69.25
CA ARG AA 99 24.40 -42.19 -68.87
C ARG AA 99 24.95 -43.53 -69.35
N HIS AA 100 25.85 -43.52 -70.34
CA HIS AA 100 26.41 -44.76 -70.84
C HIS AA 100 27.39 -45.41 -69.88
N ARG AA 101 27.79 -44.71 -68.82
CA ARG AA 101 28.75 -45.24 -67.86
C ARG AA 101 28.09 -45.96 -66.70
N ILE AA 102 26.76 -45.91 -66.59
CA ILE AA 102 26.03 -46.54 -65.50
C ILE AA 102 25.16 -47.69 -65.96
N PHE AA 103 25.22 -48.07 -67.23
CA PHE AA 103 24.37 -49.13 -67.76
C PHE AA 103 25.14 -50.45 -67.77
N ASP AA 104 25.43 -50.92 -66.56
CA ASP AA 104 26.05 -52.22 -66.37
C ASP AA 104 25.08 -53.17 -65.69
N LYS AA 105 25.40 -54.47 -65.78
CA LYS AA 105 24.52 -55.49 -65.25
C LYS AA 105 24.37 -55.41 -63.73
N PHE AA 106 25.35 -54.84 -63.05
CA PHE AA 106 25.28 -54.71 -61.60
C PHE AA 106 24.28 -53.62 -61.20
N ASN AA 107 24.36 -52.46 -61.84
CA ASN AA 107 23.46 -51.37 -61.51
C ASN AA 107 22.06 -51.59 -62.05
N VAL AA 108 21.94 -52.27 -63.18
CA VAL AA 108 20.66 -52.40 -63.87
C VAL AA 108 19.86 -53.58 -63.36
N TYR AA 109 20.49 -54.73 -63.13
CA TYR AA 109 19.78 -55.96 -62.80
C TYR AA 109 19.98 -56.42 -61.37
N PHE AA 110 21.20 -56.42 -60.86
CA PHE AA 110 21.48 -56.99 -59.55
C PHE AA 110 20.88 -56.13 -58.44
N LEU AA 111 21.22 -54.83 -58.43
CA LEU AA 111 20.78 -53.97 -57.33
C LEU AA 111 19.27 -53.78 -57.34
N PRO AA 112 18.61 -53.50 -58.47
CA PRO AA 112 17.14 -53.46 -58.42
C PRO AA 112 16.51 -54.81 -58.14
N GLY AA 113 17.11 -55.89 -58.65
CA GLY AA 113 16.59 -57.21 -58.35
C GLY AA 113 16.69 -57.54 -56.87
N MET AA 114 17.77 -57.11 -56.22
CA MET AA 114 17.92 -57.31 -54.79
C MET AA 114 16.93 -56.43 -54.02
N SER AA 115 16.69 -55.21 -54.51
CA SER AA 115 15.76 -54.32 -53.84
C SER AA 115 14.33 -54.81 -53.94
N LEU AA 116 13.99 -55.53 -55.01
CA LEU AA 116 12.65 -56.06 -55.16
C LEU AA 116 12.44 -57.32 -54.34
N PHE AA 117 13.48 -58.10 -54.11
CA PHE AA 117 13.34 -59.33 -53.35
C PHE AA 117 12.98 -59.03 -51.90
N PHE AA 118 13.62 -58.02 -51.31
CA PHE AA 118 13.33 -57.68 -49.92
C PHE AA 118 12.13 -56.75 -49.79
N TYR AA 119 11.69 -56.13 -50.88
CA TYR AA 119 10.53 -55.26 -50.81
C TYR AA 119 9.25 -56.05 -50.62
N GLN AA 120 9.22 -57.32 -51.00
CA GLN AA 120 8.04 -58.14 -50.81
C GLN AA 120 7.79 -58.43 -49.33
N PHE AA 121 8.82 -58.31 -48.50
CA PHE AA 121 8.71 -58.58 -47.07
C PHE AA 121 8.91 -57.31 -46.25
N ALA AA 122 8.76 -56.14 -46.86
CA ALA AA 122 9.03 -54.88 -46.17
C ALA AA 122 8.06 -54.64 -45.02
N ASP AA 123 6.88 -55.26 -45.05
CA ASP AA 123 5.92 -55.13 -43.98
C ASP AA 123 6.16 -56.09 -42.83
N LEU AA 124 6.99 -57.12 -43.03
CA LEU AA 124 7.21 -58.10 -41.98
C LEU AA 124 8.04 -57.50 -40.85
N ALA AA 125 9.14 -56.82 -41.20
CA ALA AA 125 10.00 -56.22 -40.20
C ALA AA 125 10.75 -55.06 -40.84
N LEU AA 126 11.43 -54.30 -39.98
CA LEU AA 126 12.22 -53.16 -40.44
C LEU AA 126 13.48 -53.57 -41.17
N GLY AA 127 14.01 -54.76 -40.90
CA GLY AA 127 15.23 -55.19 -41.54
C GLY AA 127 15.10 -55.36 -43.04
N PHE AA 128 13.89 -55.66 -43.52
CA PHE AA 128 13.69 -55.77 -44.96
C PHE AA 128 13.62 -54.42 -45.63
N LYS AA 129 13.13 -53.40 -44.93
CA LYS AA 129 13.12 -52.04 -45.50
C LYS AA 129 14.54 -51.53 -45.69
N ILE AA 130 15.44 -51.85 -44.78
CA ILE AA 130 16.82 -51.41 -44.89
C ILE AA 130 17.52 -52.13 -46.03
N MET AA 131 17.37 -53.45 -46.10
CA MET AA 131 18.01 -54.24 -47.14
C MET AA 131 17.39 -54.03 -48.51
N ALA AA 132 16.21 -53.43 -48.58
CA ALA AA 132 15.60 -53.08 -49.85
C ALA AA 132 15.95 -51.68 -50.31
N ALA AA 133 16.42 -50.82 -49.41
CA ALA AA 133 16.82 -49.47 -49.75
C ALA AA 133 18.32 -49.31 -49.90
N PHE AA 134 19.11 -50.14 -49.24
CA PHE AA 134 20.56 -50.03 -49.33
C PHE AA 134 21.07 -50.19 -50.76
N PRO AA 135 20.65 -51.21 -51.52
CA PRO AA 135 21.12 -51.29 -52.91
C PRO AA 135 20.68 -50.12 -53.77
N LEU AA 136 19.61 -49.41 -53.38
CA LEU AA 136 19.22 -48.20 -54.09
C LEU AA 136 20.15 -47.05 -53.77
N PHE AA 137 20.51 -46.88 -52.49
CA PHE AA 137 21.49 -45.87 -52.13
C PHE AA 137 22.85 -46.21 -52.69
N LEU AA 138 23.19 -47.49 -52.75
CA LEU AA 138 24.44 -47.89 -53.38
C LEU AA 138 24.43 -47.62 -54.88
N ALA AA 139 23.27 -47.79 -55.52
CA ALA AA 139 23.17 -47.49 -56.94
C ALA AA 139 23.31 -46.00 -57.18
N TYR AA 140 22.77 -45.17 -56.30
CA TYR AA 140 22.86 -43.73 -56.47
C TYR AA 140 24.31 -43.27 -56.36
N THR AA 141 25.07 -43.84 -55.43
CA THR AA 141 26.43 -43.38 -55.21
C THR AA 141 27.33 -43.72 -56.39
N ARG AA 142 27.13 -44.89 -57.00
CA ARG AA 142 27.90 -45.22 -58.19
C ARG AA 142 27.55 -44.31 -59.36
N ILE AA 143 26.27 -43.96 -59.48
CA ILE AA 143 25.85 -43.03 -60.53
C ILE AA 143 26.38 -41.64 -60.25
N ARG AA 144 26.34 -41.22 -58.99
CA ARG AA 144 26.83 -39.90 -58.64
C ARG AA 144 28.32 -39.78 -58.91
N ASP AA 145 29.08 -40.82 -58.60
CA ASP AA 145 30.52 -40.78 -58.78
C ASP AA 145 30.94 -40.92 -60.23
N LYS AA 146 30.19 -41.67 -61.03
CA LYS AA 146 30.59 -41.95 -62.39
C LYS AA 146 30.14 -40.89 -63.38
N THR AA 147 29.14 -40.09 -63.04
CA THR AA 147 28.64 -39.07 -63.94
C THR AA 147 29.33 -37.72 -63.77
N LEU AA 148 30.16 -37.57 -62.75
CA LEU AA 148 30.87 -36.32 -62.57
C LEU AA 148 31.89 -36.12 -63.70
N ASP AA 149 32.27 -34.88 -63.89
CA ASP AA 149 33.29 -34.58 -64.88
C ASP AA 149 34.62 -35.20 -64.46
N PRO AA 150 35.37 -35.77 -65.39
CA PRO AA 150 36.70 -36.27 -65.04
C PRO AA 150 37.65 -35.17 -64.65
N ASP AA 151 38.04 -35.12 -63.38
CA ASP AA 151 38.91 -34.06 -62.87
C ASP AA 151 40.25 -34.67 -62.53
N PHE AA 152 41.27 -34.32 -63.30
CA PHE AA 152 42.63 -34.69 -62.98
C PHE AA 152 43.25 -33.63 -62.07
N LYS AA 153 44.38 -33.99 -61.49
CA LYS AA 153 45.14 -33.07 -60.65
C LYS AA 153 45.92 -32.14 -61.57
N GLU AA 154 45.30 -31.01 -61.91
CA GLU AA 154 45.87 -30.09 -62.88
C GLU AA 154 47.14 -29.43 -62.37
N THR AA 155 47.27 -29.26 -61.05
CA THR AA 155 48.49 -28.70 -60.50
C THR AA 155 49.68 -29.63 -60.68
N TYR AA 156 49.44 -30.93 -60.76
CA TYR AA 156 50.50 -31.86 -61.13
C TYR AA 156 50.92 -31.67 -62.57
N LEU AA 157 49.95 -31.39 -63.45
CA LEU AA 157 50.22 -31.26 -64.87
C LEU AA 157 51.04 -30.02 -65.16
N ARG AA 158 50.64 -28.88 -64.60
CA ARG AA 158 51.39 -27.65 -64.82
C ARG AA 158 52.77 -27.73 -64.22
N ASP AA 159 52.90 -28.38 -63.06
CA ASP AA 159 54.21 -28.63 -62.48
C ASP AA 159 55.05 -29.51 -63.40
N MET AA 160 54.41 -30.39 -64.18
CA MET AA 160 55.15 -31.29 -65.04
C MET AA 160 55.64 -30.58 -66.31
N ILE AA 161 54.82 -29.71 -66.89
CA ILE AA 161 55.21 -29.06 -68.13
C ILE AA 161 56.14 -27.89 -67.91
N TYR AA 162 56.10 -27.27 -66.73
CA TYR AA 162 56.98 -26.15 -66.42
C TYR AA 162 58.36 -26.60 -66.00
N GLN AA 163 58.61 -27.91 -65.96
CA GLN AA 163 59.94 -28.45 -65.75
C GLN AA 163 60.65 -28.73 -67.06
N ASN AA 164 59.92 -28.83 -68.15
CA ASN AA 164 60.51 -29.16 -69.44
C ASN AA 164 61.14 -27.91 -70.04
N PRO AA 165 62.40 -27.96 -70.45
CA PRO AA 165 63.04 -26.76 -70.99
C PRO AA 165 62.50 -26.35 -72.36
N GLU AA 166 62.00 -27.31 -73.14
CA GLU AA 166 61.47 -26.97 -74.46
C GLU AA 166 60.11 -26.30 -74.38
N ILE AA 167 59.39 -26.47 -73.28
CA ILE AA 167 58.10 -25.79 -73.10
C ILE AA 167 58.29 -24.44 -72.44
N THR AA 168 59.13 -24.36 -71.41
CA THR AA 168 59.34 -23.10 -70.72
C THR AA 168 60.10 -22.10 -71.57
N LYS AA 169 60.65 -22.53 -72.70
CA LYS AA 169 61.28 -21.59 -73.62
C LYS AA 169 60.26 -20.63 -74.22
N TYR AA 170 59.01 -21.07 -74.36
CA TYR AA 170 57.96 -20.26 -74.95
C TYR AA 170 56.78 -20.02 -74.04
N PHE AA 171 56.66 -20.74 -72.92
CA PHE AA 171 55.50 -20.64 -72.06
C PHE AA 171 55.92 -20.43 -70.61
N ASN AA 172 55.19 -19.54 -69.93
CA ASN AA 172 55.40 -19.26 -68.53
C ASN AA 172 54.04 -19.06 -67.88
N GLU AA 173 53.95 -19.39 -66.59
CA GLU AA 173 52.67 -19.34 -65.91
C GLU AA 173 52.10 -17.93 -65.90
N GLU AA 174 52.97 -16.93 -65.81
CA GLU AA 174 52.53 -15.55 -65.75
C GLU AA 174 52.14 -14.99 -67.11
N THR AA 175 52.25 -15.78 -68.18
CA THR AA 175 51.92 -15.28 -69.51
C THR AA 175 51.11 -16.28 -70.32
N ILE AA 176 50.62 -17.35 -69.73
CA ILE AA 176 49.90 -18.40 -70.43
C ILE AA 176 48.41 -18.20 -70.26
N HIS AA 177 47.64 -18.56 -71.29
CA HIS AA 177 46.20 -18.47 -71.21
C HIS AA 177 45.58 -19.63 -71.97
N VAL AA 178 44.39 -20.02 -71.54
CA VAL AA 178 43.71 -21.20 -72.09
C VAL AA 178 42.77 -20.76 -73.20
N LEU AA 179 42.97 -21.32 -74.39
CA LEU AA 179 42.07 -21.06 -75.51
C LEU AA 179 40.96 -22.08 -75.63
N ASP AA 180 41.22 -23.33 -75.25
CA ASP AA 180 40.22 -24.38 -75.31
C ASP AA 180 40.64 -25.52 -74.38
N TYR AA 181 39.65 -26.22 -73.85
CA TYR AA 181 39.88 -27.31 -72.92
C TYR AA 181 38.81 -28.37 -73.14
N GLU AA 182 39.25 -29.62 -73.26
CA GLU AA 182 38.33 -30.73 -73.49
C GLU AA 182 38.89 -31.94 -72.77
N PHE AA 183 38.00 -32.66 -72.08
CA PHE AA 183 38.41 -33.84 -71.33
C PHE AA 183 37.16 -34.65 -71.05
N GLU AA 184 37.12 -35.88 -71.56
CA GLU AA 184 35.94 -36.72 -71.43
C GLU AA 184 36.37 -38.18 -71.38
N TYR AA 185 35.58 -38.98 -70.70
CA TYR AA 185 35.84 -40.41 -70.64
C TYR AA 185 35.70 -41.04 -72.02
N LEU AA 186 36.42 -42.12 -72.21
CA LEU AA 186 36.36 -42.88 -73.46
C LEU AA 186 35.26 -43.93 -73.38
N PRO AA 187 34.39 -44.04 -74.38
CA PRO AA 187 33.28 -44.98 -74.29
C PRO AA 187 33.68 -46.40 -74.61
N GLY AA 188 33.01 -47.34 -73.93
CA GLY AA 188 33.19 -48.74 -74.20
C GLY AA 188 34.57 -49.26 -73.84
N TYR AA 189 34.77 -50.54 -74.14
CA TYR AA 189 36.04 -51.19 -73.91
C TYR AA 189 36.99 -50.84 -75.05
N LEU AA 190 38.27 -50.75 -74.71
CA LEU AA 190 39.27 -50.32 -75.67
C LEU AA 190 39.68 -51.49 -76.56
N CYS AA 191 40.75 -51.30 -77.32
CA CYS AA 191 41.24 -52.34 -78.21
C CYS AA 191 41.73 -53.52 -77.39
N PRO AA 192 41.20 -54.73 -77.59
CA PRO AA 192 41.64 -55.86 -76.75
C PRO AA 192 42.94 -56.49 -77.23
N GLU AA 193 43.87 -55.67 -77.63
CA GLU AA 193 45.26 -56.04 -77.86
C GLU AA 193 46.19 -55.08 -77.16
N LYS AA 194 45.85 -53.79 -77.12
CA LYS AA 194 46.59 -52.82 -76.34
C LYS AA 194 46.23 -52.91 -74.86
N PHE AA 195 45.01 -53.32 -74.56
CA PHE AA 195 44.53 -53.43 -73.17
C PHE AA 195 43.76 -54.72 -73.02
N PRO AA 196 44.45 -55.84 -72.79
CA PRO AA 196 43.74 -57.10 -72.50
C PRO AA 196 43.11 -57.14 -71.13
N GLU AA 197 43.36 -56.14 -70.29
CA GLU AA 197 42.83 -56.15 -68.93
C GLU AA 197 41.31 -56.11 -68.92
N TYR AA 198 40.71 -55.36 -69.83
CA TYR AA 198 39.28 -55.13 -69.81
C TYR AA 198 38.47 -56.28 -70.36
N GLN AA 199 39.13 -57.34 -70.83
CA GLN AA 199 38.44 -58.57 -71.23
C GLN AA 199 38.28 -59.52 -70.06
N ASN AA 200 37.72 -59.00 -68.97
CA ASN AA 200 37.49 -59.75 -67.74
C ASN AA 200 36.01 -59.72 -67.45
N LYS AA 201 35.39 -60.90 -67.41
CA LYS AA 201 33.94 -60.96 -67.26
C LYS AA 201 33.49 -60.46 -65.90
N THR AA 202 34.33 -60.65 -64.87
CA THR AA 202 33.99 -60.12 -63.55
C THR AA 202 34.00 -58.60 -63.55
N TRP AA 203 35.00 -57.99 -64.18
CA TRP AA 203 35.08 -56.54 -64.22
C TRP AA 203 33.98 -55.95 -65.10
N GLN AA 204 33.67 -56.63 -66.21
CA GLN AA 204 32.62 -56.12 -67.10
C GLN AA 204 31.25 -56.16 -66.46
N PHE AA 205 31.04 -57.01 -65.46
CA PHE AA 205 29.76 -57.05 -64.78
C PHE AA 205 29.50 -55.78 -64.00
N PHE AA 206 30.56 -55.12 -63.52
CA PHE AA 206 30.41 -53.89 -62.75
C PHE AA 206 30.61 -52.63 -63.55
N ASN AA 207 31.35 -52.70 -64.66
CA ASN AA 207 31.72 -51.53 -65.45
C ASN AA 207 31.35 -51.74 -66.90
N THR AA 208 30.75 -50.72 -67.50
CA THR AA 208 30.47 -50.71 -68.93
C THR AA 208 31.43 -49.82 -69.71
N ASP AA 209 32.23 -49.02 -69.01
CA ASP AA 209 33.22 -48.17 -69.64
C ASP AA 209 34.61 -48.51 -69.10
N THR AA 210 35.59 -47.71 -69.50
CA THR AA 210 36.99 -47.97 -69.22
C THR AA 210 37.53 -47.19 -68.03
N ALA AA 211 36.90 -46.08 -67.65
CA ALA AA 211 37.42 -45.13 -66.69
C ALA AA 211 38.66 -44.40 -67.20
N GLN AA 212 39.02 -44.58 -68.46
CA GLN AA 212 40.07 -43.79 -69.09
C GLN AA 212 39.47 -42.56 -69.75
N ALA AA 213 40.29 -41.52 -69.87
CA ALA AA 213 39.85 -40.27 -70.43
C ALA AA 213 40.93 -39.72 -71.35
N GLU AA 214 40.49 -38.92 -72.33
CA GLU AA 214 41.39 -38.32 -73.31
C GLU AA 214 40.91 -36.92 -73.62
N GLY AA 215 41.87 -36.01 -73.81
CA GLY AA 215 41.52 -34.66 -74.16
C GLY AA 215 42.72 -33.88 -74.65
N PHE AA 216 42.58 -32.56 -74.64
CA PHE AA 216 43.64 -31.68 -75.08
C PHE AA 216 43.56 -30.36 -74.32
N PHE AA 217 44.56 -29.52 -74.54
CA PHE AA 217 44.66 -28.21 -73.90
C PHE AA 217 45.22 -27.23 -74.91
N LYS AA 218 44.40 -26.29 -75.37
CA LYS AA 218 44.85 -25.24 -76.27
C LYS AA 218 45.43 -24.10 -75.44
N PHE AA 219 46.73 -23.84 -75.61
CA PHE AA 219 47.44 -22.86 -74.83
C PHE AA 219 47.97 -21.74 -75.72
N GLY AA 220 48.16 -20.59 -75.10
CA GLY AA 220 48.77 -19.45 -75.77
C GLY AA 220 49.57 -18.65 -74.78
N ASP AA 221 50.66 -18.04 -75.27
CA ASP AA 221 51.56 -17.25 -74.45
C ASP AA 221 51.57 -15.82 -74.98
N VAL AA 222 51.17 -14.89 -74.12
CA VAL AA 222 51.04 -13.50 -74.55
C VAL AA 222 52.39 -12.82 -74.70
N GLU AA 223 53.46 -13.39 -74.13
CA GLU AA 223 54.78 -12.77 -74.25
C GLU AA 223 55.48 -13.15 -75.54
N SER AA 224 55.55 -14.44 -75.83
CA SER AA 224 56.19 -14.93 -77.04
C SER AA 224 55.24 -15.09 -78.21
N GLY AA 225 53.93 -15.07 -77.99
CA GLY AA 225 53.01 -15.26 -79.07
C GLY AA 225 52.89 -16.69 -79.54
N ALA AA 226 53.41 -17.65 -78.79
CA ALA AA 226 53.41 -19.04 -79.19
C ALA AA 226 52.15 -19.74 -78.69
N THR AA 227 51.73 -20.75 -79.43
CA THR AA 227 50.60 -21.59 -79.09
C THR AA 227 51.01 -23.05 -79.15
N MET AA 228 50.32 -23.88 -78.38
CA MET AA 228 50.60 -25.30 -78.40
C MET AA 228 49.32 -26.05 -78.06
N THR AA 229 49.25 -27.28 -78.55
CA THR AA 229 48.16 -28.20 -78.25
C THR AA 229 48.73 -29.31 -77.39
N LEU AA 230 48.21 -29.45 -76.18
CA LEU AA 230 48.70 -30.41 -75.21
C LEU AA 230 47.70 -31.57 -75.15
N LYS AA 231 47.92 -32.56 -76.00
CA LYS AA 231 47.09 -33.75 -76.05
C LYS AA 231 47.56 -34.76 -75.02
N PHE AA 232 46.61 -35.38 -74.33
CA PHE AA 232 46.96 -36.32 -73.28
C PHE AA 232 45.92 -37.42 -73.18
N LYS AA 233 46.38 -38.59 -72.74
CA LYS AA 233 45.54 -39.73 -72.45
C LYS AA 233 45.81 -40.19 -71.02
N THR AA 234 44.76 -40.43 -70.26
CA THR AA 234 44.89 -40.81 -68.86
C THR AA 234 44.24 -42.16 -68.62
N MET AA 235 44.70 -42.83 -67.56
CA MET AA 235 44.14 -44.09 -67.11
C MET AA 235 44.38 -44.21 -65.62
N PRO AA 236 43.50 -44.91 -64.89
CA PRO AA 236 43.74 -45.14 -63.47
C PRO AA 236 44.79 -46.22 -63.27
N ILE AA 237 45.73 -45.96 -62.36
CA ILE AA 237 46.81 -46.91 -62.08
C ILE AA 237 46.82 -47.28 -60.61
N PRO AA 238 47.30 -48.47 -60.26
CA PRO AA 238 47.50 -48.81 -58.85
C PRO AA 238 48.80 -48.24 -58.33
N GLY AA 239 48.77 -47.82 -57.06
CA GLY AA 239 49.99 -47.29 -56.48
C GLY AA 239 50.24 -47.67 -55.04
N LYS AA 240 51.36 -48.34 -54.81
CA LYS AA 240 51.96 -48.49 -53.48
C LYS AA 240 51.12 -49.33 -52.52
N PHE AA 241 49.92 -49.73 -52.91
CA PHE AA 241 49.03 -50.44 -52.02
C PHE AA 241 48.30 -51.52 -52.79
N ARG AA 242 47.54 -52.33 -52.06
CA ARG AA 242 46.97 -53.54 -52.62
C ARG AA 242 45.61 -53.31 -53.28
N TYR AA 243 44.72 -52.57 -52.63
CA TYR AA 243 43.36 -52.42 -53.09
C TYR AA 243 43.02 -51.03 -53.60
N GLN AA 244 43.58 -49.99 -53.01
CA GLN AA 244 43.23 -48.63 -53.37
C GLN AA 244 43.96 -48.19 -54.63
N VAL AA 245 43.25 -47.41 -55.46
CA VAL AA 245 43.85 -46.87 -56.67
C VAL AA 245 44.90 -45.84 -56.29
N GLY AA 246 46.00 -45.84 -57.05
CA GLY AA 246 47.07 -44.90 -56.79
C GLY AA 246 46.78 -43.52 -57.33
N GLU AA 247 46.39 -43.46 -58.59
CA GLU AA 247 46.09 -42.20 -59.26
C GLU AA 247 44.99 -42.42 -60.29
N PRO AA 248 43.78 -41.91 -60.06
CA PRO AA 248 42.69 -42.18 -61.00
C PRO AA 248 42.90 -41.59 -62.38
N PHE AA 249 43.72 -40.54 -62.53
CA PHE AA 249 44.00 -39.92 -63.82
C PHE AA 249 45.51 -39.77 -63.96
N TYR AA 250 46.15 -40.82 -64.45
CA TYR AA 250 47.59 -40.84 -64.67
C TYR AA 250 47.87 -40.64 -66.15
N PHE AA 251 48.60 -39.58 -66.46
CA PHE AA 251 48.94 -39.26 -67.85
C PHE AA 251 49.97 -40.26 -68.36
N TYR AA 252 49.51 -41.25 -69.12
CA TYR AA 252 50.42 -42.21 -69.73
C TYR AA 252 50.81 -41.80 -71.14
N ASP AA 253 50.21 -40.75 -71.68
CA ASP AA 253 50.62 -40.20 -72.97
C ASP AA 253 50.39 -38.70 -72.90
N LEU AA 254 51.46 -37.92 -72.95
CA LEU AA 254 51.38 -36.47 -72.83
C LEU AA 254 52.23 -35.88 -73.96
N ARG AA 255 51.57 -35.22 -74.90
CA ARG AA 255 52.20 -34.75 -76.11
C ARG AA 255 51.86 -33.28 -76.32
N ALA AA 256 52.82 -32.53 -76.87
CA ALA AA 256 52.65 -31.10 -77.08
C ALA AA 256 53.18 -30.75 -78.46
N GLU AA 257 52.35 -30.08 -79.24
CA GLU AA 257 52.73 -29.57 -80.55
C GLU AA 257 52.85 -28.06 -80.44
N ILE AA 258 54.06 -27.58 -80.15
CA ILE AA 258 54.31 -26.17 -79.97
C ILE AA 258 54.46 -25.51 -81.33
N LYS AA 259 53.71 -24.44 -81.55
CA LYS AA 259 53.77 -23.67 -82.78
C LYS AA 259 54.09 -22.23 -82.42
N CYS AA 260 55.09 -21.67 -83.07
CA CYS AA 260 55.54 -20.30 -82.83
C CYS AA 260 55.50 -19.51 -84.13
N ASP AA 261 56.14 -18.35 -84.12
CA ASP AA 261 56.11 -17.46 -85.28
C ASP AA 261 56.42 -18.22 -86.56
N GLY AA 262 57.49 -18.99 -86.57
CA GLY AA 262 57.85 -19.76 -87.75
C GLY AA 262 58.44 -21.12 -87.44
N VAL AA 263 58.34 -21.56 -86.19
CA VAL AA 263 58.94 -22.80 -85.73
C VAL AA 263 57.83 -23.71 -85.21
N TYR AA 264 57.81 -24.95 -85.69
CA TYR AA 264 56.90 -25.97 -85.21
C TYR AA 264 57.69 -27.07 -84.53
N LYS AA 265 57.43 -27.26 -83.24
CA LYS AA 265 58.10 -28.29 -82.46
C LYS AA 265 57.08 -29.26 -81.89
N GLU AA 266 57.52 -30.50 -81.68
CA GLU AA 266 56.70 -31.54 -81.08
C GLU AA 266 57.45 -32.09 -79.89
N VAL AA 267 56.88 -31.93 -78.70
CA VAL AA 267 57.51 -32.33 -77.45
C VAL AA 267 56.75 -33.52 -76.88
N VAL AA 268 57.48 -34.58 -76.56
CA VAL AA 268 56.90 -35.80 -76.03
C VAL AA 268 57.28 -35.89 -74.56
N LEU AA 269 56.36 -35.53 -73.69
CA LEU AA 269 56.60 -35.59 -72.25
C LEU AA 269 56.47 -37.02 -71.73
N VAL AA 270 55.38 -37.69 -72.08
CA VAL AA 270 55.14 -39.08 -71.72
C VAL AA 270 54.72 -39.83 -72.97
N ASP AA 271 55.47 -40.88 -73.32
CA ASP AA 271 55.19 -41.69 -74.50
C ASP AA 271 54.47 -42.96 -74.05
N GLU AA 272 53.40 -43.32 -74.76
CA GLU AA 272 52.60 -44.47 -74.36
C GLU AA 272 53.28 -45.79 -74.66
N LYS AA 273 54.16 -45.84 -75.67
CA LYS AA 273 54.84 -47.08 -75.96
C LYS AA 273 55.80 -47.48 -74.84
N GLU AA 274 56.29 -46.51 -74.08
CA GLU AA 274 57.19 -46.78 -72.97
C GLU AA 274 56.49 -46.78 -71.62
N SER AA 275 55.40 -46.03 -71.49
CA SER AA 275 54.70 -45.95 -70.21
C SER AA 275 53.84 -47.17 -69.96
N LEU AA 276 53.28 -47.76 -71.01
CA LEU AA 276 52.44 -48.94 -70.86
C LEU AA 276 53.24 -50.22 -70.62
N LYS AA 277 54.57 -50.15 -70.75
CA LYS AA 277 55.41 -51.30 -70.45
C LYS AA 277 55.72 -51.42 -68.97
N LYS AA 278 55.48 -50.37 -68.18
CA LYS AA 278 55.80 -50.36 -66.77
C LYS AA 278 54.58 -50.49 -65.86
N ILE AA 279 53.46 -49.87 -66.23
CA ILE AA 279 52.28 -49.83 -65.39
C ILE AA 279 51.06 -50.18 -66.23
N ARG AA 280 50.06 -50.75 -65.59
CA ARG AA 280 48.82 -51.17 -66.22
C ARG AA 280 47.63 -50.52 -65.51
N PRO AA 281 46.48 -50.44 -66.17
CA PRO AA 281 45.32 -49.80 -65.54
C PRO AA 281 44.85 -50.55 -64.29
N PHE AA 282 43.90 -49.92 -63.60
CA PHE AA 282 43.47 -50.35 -62.28
C PHE AA 282 42.22 -51.22 -62.27
N LEU AA 283 41.29 -51.00 -63.22
CA LEU AA 283 40.07 -51.81 -63.32
C LEU AA 283 39.20 -51.69 -62.05
N PHE AA 284 38.66 -50.49 -61.89
CA PHE AA 284 37.73 -50.22 -60.80
C PHE AA 284 36.63 -51.26 -60.73
N LEU AA 285 36.25 -51.62 -59.51
CA LEU AA 285 35.05 -52.39 -59.23
C LEU AA 285 34.20 -51.60 -58.25
N ILE AA 286 32.89 -51.67 -58.40
CA ILE AA 286 31.98 -50.93 -57.54
C ILE AA 286 32.32 -49.45 -57.61
N GLY BA 38 43.48 17.14 -26.41
CA GLY BA 38 42.20 16.47 -26.41
C GLY BA 38 42.12 15.37 -25.38
N TYR BA 39 41.71 14.18 -25.82
CA TYR BA 39 41.60 13.03 -24.94
C TYR BA 39 42.19 11.82 -25.63
N LYS BA 40 43.02 11.08 -24.89
CA LYS BA 40 43.66 9.87 -25.39
C LYS BA 40 43.32 8.71 -24.48
N ILE BA 41 43.26 7.51 -25.07
CA ILE BA 41 43.04 6.32 -24.26
C ILE BA 41 44.23 6.15 -23.32
N ARG BA 42 43.94 6.00 -22.03
CA ARG BA 42 44.99 5.87 -21.03
C ARG BA 42 45.39 4.43 -20.74
N ASN BA 43 44.50 3.48 -20.99
CA ASN BA 43 44.83 2.08 -20.77
C ASN BA 43 45.89 1.64 -21.79
N LYS BA 44 47.07 1.29 -21.29
CA LYS BA 44 48.16 0.85 -22.16
C LYS BA 44 47.90 -0.52 -22.76
N SER BA 45 47.04 -1.33 -22.14
CA SER BA 45 46.71 -2.67 -22.61
C SER BA 45 45.43 -2.69 -23.44
N ILE BA 46 45.11 -1.57 -24.09
CA ILE BA 46 43.84 -1.47 -24.81
C ILE BA 46 43.82 -2.41 -26.00
N PHE BA 47 44.94 -2.56 -26.70
CA PHE BA 47 45.03 -3.38 -27.89
C PHE BA 47 45.62 -4.75 -27.64
N TRP BA 48 45.66 -5.19 -26.39
CA TRP BA 48 46.18 -6.51 -26.07
C TRP BA 48 45.08 -7.56 -26.19
N THR BA 49 45.38 -8.64 -26.90
CA THR BA 49 44.50 -9.79 -27.00
C THR BA 49 45.29 -11.01 -26.56
N ARG BA 50 44.58 -12.12 -26.36
CA ARG BA 50 45.27 -13.35 -25.99
C ARG BA 50 46.19 -13.86 -27.08
N ALA BA 51 46.02 -13.37 -28.31
CA ALA BA 51 46.86 -13.78 -29.42
C ALA BA 51 47.96 -12.77 -29.75
N GLY BA 52 47.96 -11.61 -29.13
CA GLY BA 52 48.99 -10.63 -29.35
C GLY BA 52 48.40 -9.24 -29.42
N TRP BA 53 49.26 -8.28 -29.75
CA TRP BA 53 48.86 -6.89 -29.84
C TRP BA 53 48.07 -6.64 -31.12
N LYS BA 54 46.86 -6.11 -30.97
CA LYS BA 54 46.02 -5.69 -32.09
C LYS BA 54 45.77 -6.83 -33.06
N ASN BA 55 45.63 -8.05 -32.54
CA ASN BA 55 45.45 -9.23 -33.37
C ASN BA 55 43.96 -9.43 -33.64
N ASN BA 56 43.53 -9.05 -34.84
CA ASN BA 56 42.17 -9.30 -35.30
C ASN BA 56 42.15 -10.18 -36.53
N TRP BA 57 43.23 -10.92 -36.78
CA TRP BA 57 43.29 -11.86 -37.89
C TRP BA 57 43.25 -13.31 -37.45
N HIS BA 58 43.89 -13.65 -36.34
CA HIS BA 58 43.90 -15.02 -35.83
C HIS BA 58 43.69 -14.99 -34.32
N PRO BA 59 42.46 -14.78 -33.88
CA PRO BA 59 42.18 -14.82 -32.45
C PRO BA 59 42.42 -16.20 -31.86
N LYS BA 60 42.81 -16.21 -30.60
CA LYS BA 60 43.17 -17.45 -29.91
C LYS BA 60 41.92 -18.17 -29.43
N ASN BA 61 41.76 -19.41 -29.85
CA ASN BA 61 40.68 -20.26 -29.36
C ASN BA 61 41.23 -21.65 -29.14
N PHE BA 62 40.44 -22.50 -28.49
CA PHE BA 62 40.92 -23.80 -28.06
C PHE BA 62 41.15 -24.72 -29.27
N ASN BA 63 40.17 -24.81 -30.17
CA ASN BA 63 40.29 -25.66 -31.34
C ASN BA 63 41.16 -24.96 -32.37
N ALA BA 64 42.42 -25.09 -32.17
CA ALA BA 64 43.40 -24.46 -33.04
C ALA BA 64 43.70 -25.33 -34.25
N PRO BA 65 44.10 -24.73 -35.37
CA PRO BA 65 44.42 -25.53 -36.55
C PRO BA 65 45.66 -26.39 -36.32
N ARG BA 66 45.58 -27.61 -36.81
CA ARG BA 66 46.67 -28.57 -36.68
C ARG BA 66 46.93 -29.24 -38.03
N PRO BA 67 48.16 -29.68 -38.27
CA PRO BA 67 48.49 -30.26 -39.57
C PRO BA 67 47.90 -31.64 -39.76
N SER BA 68 47.82 -32.05 -41.02
CA SER BA 68 47.37 -33.39 -41.40
C SER BA 68 48.49 -34.11 -42.13
N TYR BA 69 48.63 -35.40 -41.85
CA TYR BA 69 49.69 -36.22 -42.43
C TYR BA 69 49.07 -37.22 -43.39
N GLY BA 70 49.62 -37.26 -44.61
CA GLY BA 70 49.01 -38.06 -45.66
C GLY BA 70 48.97 -39.54 -45.32
N GLU BA 71 50.08 -40.07 -44.85
CA GLU BA 71 50.18 -41.51 -44.61
C GLU BA 71 49.18 -42.01 -43.58
N PHE BA 72 48.69 -41.12 -42.71
CA PHE BA 72 47.83 -41.52 -41.60
C PHE BA 72 46.39 -41.08 -41.77
N THR BA 73 46.07 -40.31 -42.81
CA THR BA 73 44.73 -39.78 -43.01
C THR BA 73 43.96 -40.66 -43.97
N MET BA 74 42.81 -41.16 -43.52
CA MET BA 74 41.97 -41.99 -44.37
C MET BA 74 41.11 -41.13 -45.30
N GLY BA 75 40.25 -40.30 -44.71
CA GLY BA 75 39.43 -39.39 -45.49
C GLY BA 75 39.31 -38.06 -44.78
N ILE BA 76 38.86 -37.06 -45.53
CA ILE BA 76 38.77 -35.70 -45.02
C ILE BA 76 37.60 -34.99 -45.66
N ARG BA 77 37.00 -34.06 -44.91
CA ARG BA 77 35.93 -33.19 -45.38
C ARG BA 77 36.40 -31.75 -45.23
N CYS BA 78 36.79 -31.12 -46.34
CA CYS BA 78 37.25 -29.74 -46.31
C CYS BA 78 36.62 -28.98 -47.46
N ARG BA 79 36.33 -27.70 -47.22
CA ARG BA 79 35.71 -26.83 -48.21
C ARG BA 79 36.69 -25.84 -48.82
N ASN BA 80 37.93 -25.80 -48.34
CA ASN BA 80 38.94 -24.91 -48.89
C ASN BA 80 39.35 -25.36 -50.28
N ASP BA 81 39.69 -24.38 -51.13
CA ASP BA 81 40.15 -24.64 -52.47
C ASP BA 81 41.02 -23.48 -52.93
N HIS BA 82 41.51 -23.57 -54.16
CA HIS BA 82 42.39 -22.56 -54.74
C HIS BA 82 41.70 -21.75 -55.82
N HIS BA 83 40.41 -21.47 -55.63
CA HIS BA 83 39.60 -20.78 -56.62
C HIS BA 83 39.31 -19.33 -56.28
N SER BA 84 39.81 -18.84 -55.14
CA SER BA 84 39.46 -17.48 -54.71
C SER BA 84 40.10 -16.41 -55.60
N PHE BA 85 41.25 -16.70 -56.20
CA PHE BA 85 41.93 -15.70 -57.01
C PHE BA 85 41.12 -15.34 -58.25
N LEU BA 86 40.68 -16.35 -58.99
CA LEU BA 86 39.90 -16.09 -60.19
C LEU BA 86 38.49 -15.64 -59.85
N ARG BA 87 37.94 -16.11 -58.73
CA ARG BA 87 36.66 -15.59 -58.27
C ARG BA 87 36.76 -14.14 -57.86
N TYR BA 88 37.93 -13.71 -57.39
CA TYR BA 88 38.10 -12.31 -57.04
C TYR BA 88 38.15 -11.44 -58.29
N VAL BA 89 38.72 -11.97 -59.37
CA VAL BA 89 38.77 -11.23 -60.64
C VAL BA 89 37.40 -11.14 -61.28
N GLN BA 90 36.66 -12.25 -61.30
CA GLN BA 90 35.35 -12.25 -61.93
C GLN BA 90 34.35 -11.40 -61.15
N THR BA 91 34.48 -11.38 -59.82
CA THR BA 91 33.57 -10.58 -59.01
C THR BA 91 33.74 -9.10 -59.29
N TYR BA 92 34.98 -8.65 -59.50
CA TYR BA 92 35.20 -7.25 -59.83
C TYR BA 92 34.58 -6.90 -61.17
N ARG BA 93 34.68 -7.79 -62.15
CA ARG BA 93 34.10 -7.54 -63.46
C ARG BA 93 32.59 -7.52 -63.40
N ASN BA 94 32.01 -8.38 -62.57
CA ASN BA 94 30.56 -8.44 -62.43
C ASN BA 94 30.03 -7.19 -61.73
N MET BA 95 30.66 -6.80 -60.63
CA MET BA 95 30.19 -5.65 -59.88
C MET BA 95 30.34 -4.37 -60.70
N SER BA 96 31.42 -4.26 -61.47
CA SER BA 96 31.63 -3.07 -62.29
C SER BA 96 30.62 -3.00 -63.41
N ARG BA 97 30.42 -4.11 -64.12
CA ARG BA 97 29.57 -4.10 -65.30
C ARG BA 97 28.10 -4.03 -64.95
N HIS BA 98 27.69 -4.69 -63.86
CA HIS BA 98 26.28 -4.67 -63.49
C HIS BA 98 25.86 -3.34 -62.88
N CYS BA 99 26.80 -2.60 -62.28
CA CYS BA 99 26.46 -1.27 -61.79
C CYS BA 99 26.42 -0.25 -62.90
N LYS BA 100 27.26 -0.41 -63.93
CA LYS BA 100 27.26 0.52 -65.05
C LYS BA 100 26.01 0.41 -65.91
N GLN BA 101 25.17 -0.59 -65.66
CA GLN BA 101 23.93 -0.70 -66.41
C GLN BA 101 23.02 0.49 -66.12
N TYR BA 102 23.03 1.00 -64.89
CA TYR BA 102 22.13 2.06 -64.48
C TYR BA 102 22.82 3.41 -64.37
N PHE BA 103 23.96 3.59 -65.05
CA PHE BA 103 24.63 4.88 -65.05
C PHE BA 103 24.27 5.74 -66.23
N LEU BA 104 23.51 5.22 -67.19
CA LEU BA 104 23.01 5.98 -68.33
C LEU BA 104 24.15 6.61 -69.14
N GLY BA 105 25.30 5.93 -69.18
CA GLY BA 105 26.43 6.42 -69.92
C GLY BA 105 27.14 7.60 -69.31
N ASP BA 106 26.86 7.94 -68.07
CA ASP BA 106 27.55 9.05 -67.41
C ASP BA 106 29.01 8.67 -67.22
N LYS BA 107 29.88 9.26 -68.05
CA LYS BA 107 31.28 8.88 -68.04
C LYS BA 107 31.97 9.26 -66.74
N GLN BA 108 31.68 10.45 -66.22
CA GLN BA 108 32.28 10.88 -64.96
C GLN BA 108 31.80 10.02 -63.81
N LEU BA 109 30.55 9.58 -63.84
CA LEU BA 109 30.04 8.71 -62.78
C LEU BA 109 30.67 7.33 -62.85
N GLU BA 110 30.91 6.83 -64.06
CA GLU BA 110 31.57 5.54 -64.20
C GLU BA 110 33.00 5.59 -63.67
N GLU BA 111 33.73 6.65 -63.99
CA GLU BA 111 35.09 6.77 -63.51
C GLU BA 111 35.13 6.99 -61.99
N THR BA 112 34.16 7.73 -61.46
CA THR BA 112 34.07 7.90 -60.02
C THR BA 112 33.72 6.58 -59.33
N PHE BA 113 32.81 5.82 -59.93
CA PHE BA 113 32.44 4.53 -59.36
C PHE BA 113 33.61 3.56 -59.37
N ILE BA 114 34.46 3.63 -60.38
CA ILE BA 114 35.62 2.76 -60.45
C ILE BA 114 36.57 3.03 -59.29
N LEU BA 115 36.80 4.31 -59.00
CA LEU BA 115 37.64 4.67 -57.85
C LEU BA 115 37.03 4.17 -56.55
N GLY BA 116 35.70 4.18 -56.45
CA GLY BA 116 35.06 3.68 -55.25
C GLY BA 116 35.08 2.16 -55.18
N LEU BA 117 34.93 1.51 -56.33
CA LEU BA 117 34.95 0.05 -56.35
C LEU BA 117 36.34 -0.48 -56.02
N ARG BA 118 37.39 0.19 -56.48
CA ARG BA 118 38.74 -0.23 -56.15
C ARG BA 118 39.01 -0.09 -54.66
N SER BA 119 38.48 0.95 -54.02
CA SER BA 119 38.68 1.11 -52.60
C SER BA 119 38.04 -0.01 -51.81
N LEU BA 120 37.04 -0.68 -52.37
CA LEU BA 120 36.41 -1.82 -51.71
C LEU BA 120 37.22 -3.09 -51.89
N PHE BA 121 37.90 -3.24 -53.02
CA PHE BA 121 38.68 -4.43 -53.29
C PHE BA 121 40.10 -4.32 -52.75
N LEU BA 122 40.59 -3.11 -52.49
CA LEU BA 122 41.92 -2.89 -51.97
C LEU BA 122 41.98 -2.94 -50.45
N VAL BA 123 40.89 -3.36 -49.80
CA VAL BA 123 40.90 -3.44 -48.34
C VAL BA 123 41.90 -4.47 -47.83
N PRO BA 124 41.94 -5.70 -48.34
CA PRO BA 124 42.89 -6.68 -47.80
C PRO BA 124 44.34 -6.40 -48.14
N TYR BA 125 44.61 -5.55 -49.13
CA TYR BA 125 45.97 -5.29 -49.54
C TYR BA 125 46.65 -4.21 -48.73
N ASP BA 126 45.89 -3.37 -48.03
CA ASP BA 126 46.45 -2.24 -47.32
C ASP BA 126 46.09 -2.19 -45.84
N SER BA 127 45.20 -3.06 -45.37
CA SER BA 127 44.74 -3.00 -43.99
C SER BA 127 45.86 -3.33 -43.02
N GLN BA 128 45.75 -2.76 -41.82
CA GLN BA 128 46.69 -3.10 -40.75
C GLN BA 128 46.58 -4.59 -40.42
N CYS BA 129 45.38 -5.14 -40.49
CA CYS BA 129 45.19 -6.56 -40.25
C CYS BA 129 45.98 -7.38 -41.25
N LEU BA 130 46.71 -8.37 -40.74
CA LEU BA 130 47.46 -9.26 -41.61
C LEU BA 130 46.50 -10.20 -42.31
N THR BA 131 45.98 -9.78 -43.46
CA THR BA 131 44.98 -10.58 -44.14
C THR BA 131 45.53 -11.90 -44.65
N ASP BA 132 46.86 -12.02 -44.75
CA ASP BA 132 47.45 -13.29 -45.13
C ASP BA 132 47.54 -14.27 -43.97
N GLN BA 133 47.41 -13.81 -42.73
CA GLN BA 133 47.47 -14.69 -41.56
C GLN BA 133 46.09 -14.94 -40.96
N ILE BA 134 45.02 -14.68 -41.70
CA ILE BA 134 43.69 -14.88 -41.15
C ILE BA 134 43.45 -16.37 -40.88
N LYS BA 135 42.59 -16.64 -39.91
CA LYS BA 135 42.41 -17.97 -39.34
C LYS BA 135 42.38 -19.10 -40.36
N HIS BA 136 41.37 -19.08 -41.24
CA HIS BA 136 41.10 -20.22 -42.11
C HIS BA 136 41.12 -19.82 -43.57
N GLY BA 137 42.00 -18.90 -43.92
CA GLY BA 137 42.09 -18.41 -45.29
C GLY BA 137 41.40 -17.08 -45.48
N GLY BA 138 42.17 -16.01 -45.51
CA GLY BA 138 41.59 -14.69 -45.69
C GLY BA 138 41.07 -14.47 -47.10
N GLU BA 139 41.71 -15.10 -48.09
CA GLU BA 139 41.28 -14.93 -49.47
C GLU BA 139 39.87 -15.46 -49.69
N ARG BA 140 39.59 -16.65 -49.17
CA ARG BA 140 38.25 -17.22 -49.32
C ARG BA 140 37.22 -16.38 -48.60
N ARG BA 141 37.56 -15.86 -47.42
CA ARG BA 141 36.61 -15.08 -46.65
C ARG BA 141 36.18 -13.82 -47.37
N PHE BA 142 37.13 -13.10 -47.97
CA PHE BA 142 36.78 -11.85 -48.64
C PHE BA 142 36.02 -12.10 -49.93
N VAL BA 143 36.35 -13.17 -50.64
CA VAL BA 143 35.64 -13.48 -51.88
C VAL BA 143 34.19 -13.83 -51.61
N ASP BA 144 33.94 -14.65 -50.59
CA ASP BA 144 32.56 -14.95 -50.21
C ASP BA 144 31.84 -13.70 -49.71
N GLN BA 145 32.57 -12.78 -49.09
CA GLN BA 145 31.94 -11.56 -48.60
C GLN BA 145 31.56 -10.64 -49.74
N LEU BA 146 32.37 -10.60 -50.79
CA LEU BA 146 32.06 -9.76 -51.94
C LEU BA 146 30.97 -10.35 -52.80
N ASP BA 147 30.83 -11.68 -52.80
CA ASP BA 147 29.76 -12.30 -53.56
C ASP BA 147 28.39 -11.93 -53.00
N ARG BA 148 28.30 -11.76 -51.68
CA ARG BA 148 27.05 -11.30 -51.08
C ARG BA 148 26.72 -9.88 -51.51
N ASP BA 149 27.75 -9.06 -51.77
CA ASP BA 149 27.51 -7.71 -52.26
C ASP BA 149 27.00 -7.72 -53.69
N PHE BA 150 27.61 -8.55 -54.54
CA PHE BA 150 27.21 -8.57 -55.95
C PHE BA 150 25.81 -9.13 -56.14
N GLU BA 151 25.39 -10.07 -55.28
CA GLU BA 151 24.03 -10.57 -55.36
C GLU BA 151 23.03 -9.42 -55.21
N LEU BA 152 23.29 -8.52 -54.26
CA LEU BA 152 22.45 -7.33 -54.13
C LEU BA 152 22.60 -6.39 -55.31
N ILE BA 153 23.80 -6.33 -55.88
CA ILE BA 153 24.05 -5.45 -57.01
C ILE BA 153 23.31 -5.93 -58.25
N SER BA 154 23.26 -7.24 -58.44
CA SER BA 154 22.59 -7.78 -59.62
C SER BA 154 21.10 -7.50 -59.59
N TYR BA 155 20.53 -7.31 -58.40
CA TYR BA 155 19.12 -6.95 -58.26
C TYR BA 155 18.90 -5.45 -58.19
N ASN BA 156 19.95 -4.66 -58.30
CA ASN BA 156 19.85 -3.20 -58.20
C ASN BA 156 19.23 -2.78 -56.87
N THR BA 157 19.65 -3.41 -55.79
CA THR BA 157 19.13 -3.10 -54.46
C THR BA 157 20.23 -2.81 -53.45
N HIS BA 158 21.48 -2.74 -53.88
CA HIS BA 158 22.56 -2.51 -52.95
C HIS BA 158 22.53 -1.06 -52.47
N PRO BA 159 22.73 -0.81 -51.17
CA PRO BA 159 22.68 0.57 -50.67
C PRO BA 159 23.71 1.50 -51.28
N TYR BA 160 24.86 0.98 -51.72
CA TYR BA 160 25.82 1.83 -52.41
C TYR BA 160 25.29 2.31 -53.75
N GLN BA 161 24.43 1.51 -54.39
CA GLN BA 161 23.81 1.91 -55.64
C GLN BA 161 22.75 2.98 -55.41
N LEU BA 162 21.85 2.75 -54.45
CA LEU BA 162 20.81 3.71 -54.17
C LEU BA 162 21.38 5.04 -53.68
N PHE BA 163 22.51 4.97 -52.99
CA PHE BA 163 23.20 6.18 -52.56
C PHE BA 163 23.82 6.92 -53.74
N THR BA 164 24.30 6.18 -54.74
CA THR BA 164 24.90 6.81 -55.91
C THR BA 164 23.86 7.55 -56.75
N TYR BA 165 22.68 6.95 -56.95
CA TYR BA 165 21.65 7.60 -57.73
C TYR BA 165 21.16 8.88 -57.06
N THR BA 166 21.01 8.85 -55.74
CA THR BA 166 20.56 10.02 -55.02
C THR BA 166 21.59 11.13 -55.06
N VAL BA 167 22.86 10.79 -54.83
CA VAL BA 167 23.92 11.79 -54.85
C VAL BA 167 24.08 12.39 -56.25
N ARG BA 168 23.97 11.57 -57.29
CA ARG BA 168 24.15 12.08 -58.64
C ARG BA 168 22.98 12.94 -59.08
N ASN BA 169 21.77 12.59 -58.68
CA ASN BA 169 20.60 13.40 -59.01
C ASN BA 169 20.67 14.77 -58.33
N GLU BA 170 21.10 14.81 -57.07
CA GLU BA 170 21.26 16.08 -56.38
C GLU BA 170 22.37 16.93 -57.00
N HIS BA 171 23.39 16.28 -57.54
CA HIS BA 171 24.50 16.98 -58.18
C HIS BA 171 24.11 17.54 -59.55
N LEU BA 172 23.41 16.74 -60.34
CA LEU BA 172 23.02 17.19 -61.68
C LEU BA 172 21.94 18.27 -61.62
N ALA BA 173 21.09 18.24 -60.59
CA ALA BA 173 20.10 19.28 -60.42
C ALA BA 173 20.76 20.63 -60.16
N TRP BA 174 21.87 20.63 -59.43
CA TRP BA 174 22.58 21.87 -59.18
C TRP BA 174 23.38 22.32 -60.40
N LYS BA 175 23.93 21.36 -61.16
CA LYS BA 175 24.63 21.74 -62.38
C LYS BA 175 23.68 22.27 -63.44
N ASN BA 176 22.45 21.75 -63.48
CA ASN BA 176 21.47 22.26 -64.43
C ASN BA 176 20.99 23.66 -64.03
N GLU BA 177 20.96 23.95 -62.74
CA GLU BA 177 20.60 25.29 -62.31
C GLU BA 177 21.63 26.31 -62.77
N GLN BA 178 22.91 25.93 -62.68
CA GLN BA 178 23.97 26.84 -63.13
C GLN BA 178 23.92 27.02 -64.65
N TYR BA 179 23.63 25.95 -65.38
CA TYR BA 179 23.60 26.04 -66.83
C TYR BA 179 22.47 26.95 -67.30
N GLU BA 180 21.32 26.91 -66.64
CA GLU BA 180 20.22 27.77 -67.03
C GLU BA 180 20.51 29.22 -66.72
N LYS BA 181 21.29 29.49 -65.68
CA LYS BA 181 21.65 30.86 -65.34
C LYS BA 181 22.72 31.42 -66.27
N ILE BA 182 23.57 30.57 -66.80
CA ILE BA 182 24.62 31.03 -67.71
C ILE BA 182 24.05 31.25 -69.11
N GLN BA 183 23.10 30.43 -69.53
CA GLN BA 183 22.47 30.65 -70.83
C GLN BA 183 21.68 31.94 -70.83
N LYS BA 184 21.13 32.33 -69.68
CA LYS BA 184 20.38 33.57 -69.55
C LYS BA 184 21.28 34.77 -69.33
N GLY BA 185 22.60 34.62 -69.51
CA GLY BA 185 23.52 35.71 -69.26
C GLY BA 185 23.69 36.08 -67.80
N GLU BA 186 22.95 35.45 -66.90
CA GLU BA 186 23.07 35.75 -65.49
C GLU BA 186 24.34 35.16 -64.90
N LYS BA 187 24.79 35.78 -63.81
CA LYS BA 187 25.99 35.34 -63.10
C LYS BA 187 25.60 34.37 -61.98
N THR BA 188 26.30 33.24 -61.92
CA THR BA 188 26.02 32.24 -60.91
C THR BA 188 26.50 32.72 -59.54
N PHE BA 189 25.91 32.14 -58.49
CA PHE BA 189 26.30 32.48 -57.14
C PHE BA 189 27.76 32.14 -56.88
N GLU BA 190 28.27 31.11 -57.54
CA GLU BA 190 29.68 30.75 -57.37
C GLU BA 190 30.61 31.75 -58.05
N GLN BA 191 30.19 32.32 -59.18
CA GLN BA 191 31.01 33.33 -59.83
C GLN BA 191 31.00 34.64 -59.07
N GLU BA 192 29.92 34.94 -58.35
CA GLU BA 192 29.88 36.18 -57.59
C GLU BA 192 30.88 36.14 -56.45
N LEU BA 193 31.02 34.99 -55.79
CA LEU BA 193 32.02 34.88 -54.74
C LEU BA 193 33.42 34.87 -55.31
N LEU BA 194 33.64 34.17 -56.43
CA LEU BA 194 34.95 34.16 -57.05
C LEU BA 194 35.37 35.57 -57.47
N ASP BA 195 34.43 36.34 -58.03
CA ASP BA 195 34.75 37.71 -58.40
C ASP BA 195 34.92 38.58 -57.17
N TYR BA 196 34.12 38.34 -56.13
CA TYR BA 196 34.25 39.08 -54.89
C TYR BA 196 35.55 38.75 -54.17
N LEU BA 197 36.00 37.50 -54.27
CA LEU BA 197 37.25 37.12 -53.62
C LEU BA 197 38.47 37.61 -54.39
N ASP BA 198 38.36 37.80 -55.70
CA ASP BA 198 39.48 38.31 -56.46
C ASP BA 198 39.78 39.76 -56.12
N GLU BA 199 38.74 40.56 -55.91
CA GLU BA 199 38.95 41.96 -55.55
C GLU BA 199 39.37 42.15 -54.10
N GLN BA 200 39.15 41.14 -53.24
CA GLN BA 200 39.62 41.22 -51.87
C GLN BA 200 41.12 41.00 -51.78
N VAL BA 201 41.66 40.15 -52.64
CA VAL BA 201 43.09 39.91 -52.65
C VAL BA 201 43.83 41.13 -53.21
N LEU BA 202 43.25 41.78 -54.22
CA LEU BA 202 43.85 42.99 -54.75
C LEU BA 202 43.88 44.08 -53.70
N ALA BA 203 42.79 44.21 -52.93
CA ALA BA 203 42.74 45.23 -51.89
C ALA BA 203 43.72 44.94 -50.77
N GLU BA 204 43.94 43.67 -50.45
CA GLU BA 204 44.84 43.34 -49.35
C GLU BA 204 46.30 43.42 -49.78
N LYS BA 205 46.60 43.03 -51.02
CA LYS BA 205 47.97 43.10 -51.50
C LYS BA 205 48.36 44.50 -51.95
N ALA BA 206 47.38 45.39 -52.12
CA ALA BA 206 47.68 46.78 -52.44
C ALA BA 206 47.97 47.60 -51.20
N LYS BA 207 47.54 47.13 -50.03
CA LYS BA 207 47.84 47.80 -48.77
C LYS BA 207 48.98 47.13 -48.02
N LEU BA 208 49.29 45.88 -48.33
CA LEU BA 208 50.39 45.15 -47.72
C LEU BA 208 51.60 45.30 -48.63
N ARG BA 209 52.32 46.41 -48.46
CA ARG BA 209 53.51 46.69 -49.24
C ARG BA 209 54.80 46.40 -48.47
N ASP BA 210 54.76 46.43 -47.15
CA ASP BA 210 55.93 46.08 -46.36
C ASP BA 210 56.37 44.66 -46.67
N GLY BA 211 55.49 43.69 -46.45
CA GLY BA 211 55.71 42.32 -46.87
C GLY BA 211 55.00 42.03 -48.17
N GLN BA 212 55.59 41.12 -48.95
CA GLN BA 212 55.04 40.76 -50.25
C GLN BA 212 54.85 39.25 -50.39
N ASN BA 213 54.74 38.55 -49.27
CA ASN BA 213 54.51 37.10 -49.26
C ASN BA 213 53.06 36.87 -48.86
N PHE BA 214 52.19 36.71 -49.85
CA PHE BA 214 50.77 36.46 -49.61
C PHE BA 214 50.58 34.96 -49.47
N SER BA 215 50.61 34.49 -48.23
CA SER BA 215 50.60 33.07 -47.95
C SER BA 215 49.21 32.49 -48.22
N ILE BA 216 49.17 31.15 -48.29
CA ILE BA 216 47.91 30.45 -48.44
C ILE BA 216 47.08 30.51 -47.18
N GLU BA 217 47.72 30.74 -46.03
CA GLU BA 217 46.98 30.94 -44.79
C GLU BA 217 46.14 32.21 -44.84
N ARG BA 218 46.75 33.30 -45.31
CA ARG BA 218 46.02 34.55 -45.42
C ARG BA 218 44.94 34.48 -46.51
N MET BA 219 45.25 33.81 -47.63
CA MET BA 219 44.25 33.62 -48.66
C MET BA 219 43.05 32.84 -48.15
N THR BA 220 43.28 31.90 -47.24
CA THR BA 220 42.20 31.07 -46.73
C THR BA 220 41.27 31.85 -45.81
N GLU BA 221 41.84 32.59 -44.85
CA GLU BA 221 41.00 33.29 -43.89
C GLU BA 221 40.23 34.44 -44.53
N ILE BA 222 40.62 34.87 -45.73
CA ILE BA 222 39.81 35.83 -46.47
C ILE BA 222 38.55 35.17 -46.99
N ALA BA 223 38.70 33.96 -47.54
CA ALA BA 223 37.54 33.24 -48.05
C ALA BA 223 36.62 32.78 -46.93
N LEU BA 224 37.20 32.30 -45.84
CA LEU BA 224 36.39 31.83 -44.73
C LEU BA 224 35.60 32.97 -44.10
N HIS BA 225 36.17 34.17 -44.07
CA HIS BA 225 35.43 35.30 -43.55
C HIS BA 225 34.25 35.64 -44.44
N VAL BA 226 34.38 35.40 -45.74
CA VAL BA 226 33.27 35.60 -46.66
C VAL BA 226 32.30 34.43 -46.58
N PHE BA 227 32.80 33.22 -46.33
CA PHE BA 227 31.92 32.05 -46.28
C PHE BA 227 31.03 32.10 -45.05
N ARG BA 228 31.58 32.49 -43.89
CA ARG BA 228 30.77 32.59 -42.69
C ARG BA 228 29.70 33.65 -42.84
N LYS BA 229 30.05 34.80 -43.40
CA LYS BA 229 29.07 35.86 -43.59
C LYS BA 229 27.97 35.42 -44.54
N ALA BA 230 28.33 34.65 -45.57
CA ALA BA 230 27.32 34.18 -46.52
C ALA BA 230 26.46 33.08 -45.92
N ARG BA 231 27.07 32.19 -45.14
CA ARG BA 231 26.30 31.12 -44.51
C ARG BA 231 25.35 31.68 -43.45
N ALA BA 232 25.77 32.71 -42.73
CA ALA BA 232 24.89 33.33 -41.75
C ALA BA 232 23.78 34.12 -42.42
N GLY BA 233 23.99 34.53 -43.67
CA GLY BA 233 22.96 35.27 -44.38
C GLY BA 233 21.82 34.40 -44.85
N LYS BA 234 22.09 33.13 -45.14
CA LYS BA 234 21.05 32.24 -45.62
C LYS BA 234 20.10 31.85 -44.51
N VAL BA 235 18.88 31.51 -44.90
CA VAL BA 235 17.87 31.04 -43.95
C VAL BA 235 18.02 29.52 -43.89
N ARG BA 236 18.94 29.08 -43.10
CA ARG BA 236 19.23 27.67 -42.96
C ARG BA 236 18.61 27.14 -41.67
N PRO BA 237 18.25 25.86 -41.61
CA PRO BA 237 17.88 25.28 -40.32
C PRO BA 237 19.05 25.28 -39.34
N ALA BA 238 18.72 25.48 -38.07
CA ALA BA 238 19.74 25.56 -37.03
C ALA BA 238 20.53 24.27 -36.97
N GLN BA 239 21.83 24.34 -37.17
CA GLN BA 239 22.70 23.18 -37.11
C GLN BA 239 23.35 23.00 -35.76
N ASP BA 240 23.83 24.08 -35.15
CA ASP BA 240 24.47 23.98 -33.85
C ASP BA 240 23.42 23.84 -32.77
N VAL BA 241 23.80 23.17 -31.69
CA VAL BA 241 22.86 22.95 -30.59
C VAL BA 241 22.51 24.27 -29.93
N ARG BA 242 23.54 25.05 -29.58
CA ARG BA 242 23.37 26.25 -28.78
C ARG BA 242 23.71 27.48 -29.61
N GLY BA 243 22.88 28.51 -29.48
CA GLY BA 243 23.13 29.77 -30.14
C GLY BA 243 24.16 30.59 -29.43
N PRO BA 244 24.07 31.93 -29.53
CA PRO BA 244 25.01 32.77 -28.78
C PRO BA 244 24.94 32.56 -27.28
N ASP BA 245 23.73 32.42 -26.74
CA ASP BA 245 23.56 32.03 -25.35
C ASP BA 245 23.73 30.52 -25.24
N GLY BA 246 23.68 30.01 -24.01
CA GLY BA 246 23.74 28.58 -23.82
C GLY BA 246 22.48 27.85 -24.21
N ASN BA 247 21.41 28.57 -24.52
CA ASN BA 247 20.13 27.95 -24.82
C ASN BA 247 20.17 27.28 -26.19
N VAL BA 248 19.32 26.26 -26.33
CA VAL BA 248 19.21 25.57 -27.61
C VAL BA 248 18.43 26.42 -28.60
N ASN BA 249 18.71 26.22 -29.90
CA ASN BA 249 18.11 26.99 -30.98
C ASN BA 249 16.92 26.28 -31.61
N ASP BA 250 16.16 25.53 -30.83
CA ASP BA 250 15.02 24.79 -31.37
C ASP BA 250 13.73 25.57 -31.15
N PHE BA 251 12.67 25.06 -31.77
CA PHE BA 251 11.34 25.60 -31.56
C PHE BA 251 10.81 25.26 -30.18
N LEU BA 252 11.33 24.21 -29.55
CA LEU BA 252 10.92 23.86 -28.21
C LEU BA 252 11.51 24.75 -27.14
N GLU BA 253 12.57 25.50 -27.45
CA GLU BA 253 13.23 26.34 -26.46
C GLU BA 253 12.51 27.69 -26.32
N GLN BA 254 11.26 27.60 -25.88
CA GLN BA 254 10.46 28.76 -25.52
C GLN BA 254 10.00 28.57 -24.08
N ARG BA 255 10.57 29.35 -23.19
CA ARG BA 255 10.27 29.28 -21.78
C ARG BA 255 9.47 30.49 -21.36
N ARG BA 256 9.21 30.60 -20.06
CA ARG BA 256 8.64 31.82 -19.53
C ARG BA 256 9.61 32.96 -19.78
N PRO BA 257 9.12 34.20 -19.84
CA PRO BA 257 7.74 34.64 -19.65
C PRO BA 257 6.77 34.28 -20.79
N PHE BA 258 5.52 34.05 -20.43
CA PHE BA 258 4.48 33.69 -21.39
C PHE BA 258 3.90 34.97 -21.99
N GLU BA 259 4.11 35.16 -23.30
CA GLU BA 259 3.65 36.38 -23.94
C GLU BA 259 2.98 36.13 -25.28
N HIS BA 260 2.52 34.91 -25.55
CA HIS BA 260 1.87 34.59 -26.81
C HIS BA 260 0.39 34.29 -26.59
N PRO BA 261 -0.50 34.85 -27.41
CA PRO BA 261 -1.93 34.59 -27.22
C PRO BA 261 -2.39 33.29 -27.87
N ASN BA 262 -3.70 33.08 -27.90
CA ASN BA 262 -4.24 31.92 -28.60
C ASN BA 262 -3.82 31.95 -30.06
N PRO BA 263 -3.66 30.79 -30.69
CA PRO BA 263 -3.36 30.77 -32.13
C PRO BA 263 -4.54 31.22 -32.96
N THR BA 264 -4.25 32.05 -33.95
CA THR BA 264 -5.27 32.62 -34.82
C THR BA 264 -5.52 31.72 -36.03
N GLY BA 265 -6.74 31.78 -36.54
CA GLY BA 265 -7.15 30.96 -37.65
C GLY BA 265 -6.80 31.54 -39.00
N VAL BA 266 -7.24 30.84 -40.04
CA VAL BA 266 -6.94 31.23 -41.41
C VAL BA 266 -7.81 32.42 -41.81
N THR BA 267 -7.26 33.24 -42.69
CA THR BA 267 -7.96 34.42 -43.19
C THR BA 267 -8.65 34.11 -44.51
N HIS BA 268 -9.79 34.75 -44.71
CA HIS BA 268 -10.53 34.63 -45.95
C HIS BA 268 -10.35 35.87 -46.81
N LYS CA 5 -38.35 -15.64 -49.98
CA LYS CA 5 -37.55 -15.74 -48.77
C LYS CA 5 -37.44 -14.39 -48.07
N ALA CA 6 -38.56 -13.70 -47.94
CA ALA CA 6 -38.53 -12.42 -47.24
C ALA CA 6 -38.50 -12.65 -45.73
N PRO CA 7 -37.78 -11.83 -44.98
CA PRO CA 7 -37.76 -12.00 -43.53
C PRO CA 7 -39.12 -11.74 -42.92
N GLY CA 8 -39.40 -12.46 -41.83
CA GLY CA 8 -40.67 -12.29 -41.16
C GLY CA 8 -40.70 -11.00 -40.36
N GLN CA 9 -41.87 -10.38 -40.33
CA GLN CA 9 -42.11 -9.15 -39.59
C GLN CA 9 -43.08 -9.42 -38.45
N ILE CA 10 -42.83 -8.77 -37.32
CA ILE CA 10 -43.69 -8.92 -36.15
C ILE CA 10 -44.93 -8.07 -36.33
N TYR CA 11 -45.93 -8.29 -35.47
CA TYR CA 11 -47.18 -7.56 -35.57
C TYR CA 11 -47.00 -6.06 -35.38
N ALA CA 12 -46.01 -5.67 -34.57
CA ALA CA 12 -45.79 -4.25 -34.33
C ALA CA 12 -45.37 -3.50 -35.58
N TYR CA 13 -44.80 -4.20 -36.57
CA TYR CA 13 -44.42 -3.54 -37.81
C TYR CA 13 -45.64 -3.09 -38.59
N ASP CA 14 -46.74 -3.82 -38.49
CA ASP CA 14 -47.97 -3.43 -39.17
C ASP CA 14 -48.72 -2.34 -38.42
N ILE CA 15 -48.36 -2.05 -37.17
CA ILE CA 15 -48.97 -0.92 -36.48
C ILE CA 15 -48.32 0.38 -36.91
N HIS CA 16 -47.00 0.37 -37.07
CA HIS CA 16 -46.25 1.57 -37.40
C HIS CA 16 -45.83 1.65 -38.85
N ASN CA 17 -45.87 0.53 -39.56
CA ASN CA 17 -45.54 0.45 -40.99
C ASN CA 17 -44.10 0.85 -41.28
N THR CA 18 -43.26 0.98 -40.26
CA THR CA 18 -41.86 1.31 -40.46
C THR CA 18 -41.03 0.63 -39.39
N HIS CA 19 -39.75 0.46 -39.69
CA HIS CA 19 -38.78 -0.03 -38.73
C HIS CA 19 -38.07 1.08 -37.97
N TYR CA 20 -38.31 2.35 -38.32
CA TYR CA 20 -37.61 3.48 -37.71
C TYR CA 20 -38.60 4.49 -37.13
N PRO CA 21 -39.36 4.10 -36.11
CA PRO CA 21 -40.10 5.09 -35.33
C PRO CA 21 -39.20 5.70 -34.27
N TYR CA 22 -38.79 6.94 -34.48
CA TYR CA 22 -37.85 7.59 -33.58
C TYR CA 22 -38.58 8.01 -32.32
N VAL CA 23 -38.79 7.04 -31.45
CA VAL CA 23 -39.50 7.25 -30.20
C VAL CA 23 -38.50 7.64 -29.12
N ASN CA 24 -38.63 8.87 -28.63
CA ASN CA 24 -37.83 9.35 -27.52
C ASN CA 24 -38.78 9.83 -26.42
N ILE CA 25 -38.54 9.36 -25.21
CA ILE CA 25 -39.44 9.66 -24.10
C ILE CA 25 -39.17 11.03 -23.51
N LYS CA 26 -37.97 11.58 -23.72
CA LYS CA 26 -37.62 12.87 -23.16
C LYS CA 26 -38.39 13.96 -23.88
N GLN CA 27 -39.26 14.64 -23.14
CA GLN CA 27 -40.20 15.61 -23.73
C GLN CA 27 -39.65 17.03 -23.66
N ASP CA 28 -38.52 17.22 -24.31
CA ASP CA 28 -37.97 18.56 -24.50
C ASP CA 28 -38.00 18.91 -25.97
N SER CA 29 -37.93 20.20 -26.25
CA SER CA 29 -38.12 20.68 -27.62
C SER CA 29 -37.00 20.20 -28.52
N GLN CA 30 -35.78 20.23 -28.03
CA GLN CA 30 -34.63 19.81 -28.83
C GLN CA 30 -34.73 18.33 -29.20
N THR CA 31 -35.18 17.49 -28.27
CA THR CA 31 -35.24 16.06 -28.54
C THR CA 31 -36.33 15.72 -29.55
N GLN CA 32 -37.53 16.27 -29.36
CA GLN CA 32 -38.65 15.90 -30.23
C GLN CA 32 -38.53 16.50 -31.61
N LEU CA 33 -37.87 17.65 -31.75
CA LEU CA 33 -37.64 18.23 -33.06
C LEU CA 33 -36.61 17.42 -33.84
N LEU CA 34 -35.53 17.01 -33.17
CA LEU CA 34 -34.54 16.16 -33.82
C LEU CA 34 -35.13 14.78 -34.14
N ALA CA 35 -36.04 14.29 -33.30
CA ALA CA 35 -36.66 13.00 -33.58
C ALA CA 35 -37.58 13.08 -34.78
N SER CA 36 -38.26 14.21 -34.96
CA SER CA 36 -39.12 14.35 -36.12
C SER CA 36 -38.30 14.47 -37.40
N PHE CA 37 -37.19 15.20 -37.33
CA PHE CA 37 -36.35 15.33 -38.51
C PHE CA 37 -35.69 14.00 -38.86
N ARG CA 38 -35.19 13.30 -37.85
CA ARG CA 38 -34.57 12.00 -38.08
C ARG CA 38 -35.60 10.96 -38.50
N ARG CA 39 -36.85 11.13 -38.10
CA ARG CA 39 -37.89 10.18 -38.50
C ARG CA 39 -38.20 10.29 -39.97
N SER CA 40 -38.08 11.48 -40.55
CA SER CA 40 -38.43 11.69 -41.95
C SER CA 40 -37.32 11.23 -42.88
N ILE CA 41 -36.07 11.38 -42.48
CA ILE CA 41 -34.94 11.00 -43.31
C ILE CA 41 -34.43 9.59 -43.04
N ALA CA 42 -35.12 8.83 -42.18
CA ALA CA 42 -34.61 7.53 -41.79
C ALA CA 42 -34.48 6.58 -42.96
N SER CA 43 -35.19 6.83 -44.06
CA SER CA 43 -35.09 5.96 -45.22
C SER CA 43 -33.77 6.14 -45.95
N ILE CA 44 -33.18 7.33 -45.90
CA ILE CA 44 -31.94 7.62 -46.59
C ILE CA 44 -30.84 8.07 -45.62
N ASN CA 45 -31.00 7.76 -44.34
CA ASN CA 45 -30.06 8.23 -43.34
C ASN CA 45 -29.09 7.11 -42.97
N PRO CA 46 -27.78 7.28 -43.14
CA PRO CA 46 -26.85 6.22 -42.71
C PRO CA 46 -26.80 6.06 -41.20
N PHE CA 47 -27.05 7.13 -40.44
CA PHE CA 47 -27.04 7.06 -38.98
C PHE CA 47 -28.43 6.74 -38.43
N SER CA 48 -29.06 5.71 -38.96
CA SER CA 48 -30.41 5.33 -38.58
C SER CA 48 -30.39 3.99 -37.85
N TYR CA 49 -31.15 3.91 -36.77
CA TYR CA 49 -31.23 2.70 -35.97
C TYR CA 49 -32.68 2.28 -35.84
N ARG CA 50 -32.89 0.97 -35.84
CA ARG CA 50 -34.24 0.42 -35.77
C ARG CA 50 -34.70 0.33 -34.32
N GLN CA 51 -35.99 0.58 -34.11
CA GLN CA 51 -36.62 0.36 -32.84
C GLN CA 51 -37.74 -0.67 -32.93
N VAL CA 52 -37.97 -1.23 -34.12
CA VAL CA 52 -38.94 -2.31 -34.30
C VAL CA 52 -38.17 -3.55 -34.75
N PRO CA 53 -38.14 -4.62 -33.95
CA PRO CA 53 -37.35 -5.79 -34.32
C PRO CA 53 -37.99 -6.57 -35.45
N SER CA 54 -37.15 -7.33 -36.15
CA SER CA 54 -37.58 -8.16 -37.26
C SER CA 54 -36.85 -9.49 -37.16
N GLN CA 55 -37.18 -10.40 -38.08
CA GLN CA 55 -36.52 -11.71 -38.09
C GLN CA 55 -35.05 -11.60 -38.49
N ASP CA 56 -34.72 -10.61 -39.32
CA ASP CA 56 -33.37 -10.49 -39.84
C ASP CA 56 -32.51 -9.47 -39.09
N ARG CA 57 -33.14 -8.55 -38.35
CA ARG CA 57 -32.41 -7.50 -37.67
C ARG CA 57 -32.98 -7.28 -36.29
N ALA CA 58 -32.10 -7.19 -35.29
CA ALA CA 58 -32.51 -6.82 -33.96
C ALA CA 58 -32.77 -5.32 -33.90
N ALA CA 59 -33.27 -4.86 -32.76
CA ALA CA 59 -33.64 -3.46 -32.61
C ALA CA 59 -33.27 -2.96 -31.24
N PHE CA 60 -33.36 -1.64 -31.09
CA PHE CA 60 -33.09 -0.97 -29.83
C PHE CA 60 -34.40 -0.69 -29.11
N GLY CA 61 -34.29 -0.41 -27.83
CA GLY CA 61 -35.42 -0.05 -27.00
C GLY CA 61 -35.78 1.42 -27.15
N LEU CA 62 -36.57 1.90 -26.21
CA LEU CA 62 -36.98 3.28 -26.21
C LEU CA 62 -35.80 4.17 -25.82
N ARG CA 63 -35.64 5.27 -26.54
CA ARG CA 63 -34.56 6.20 -26.32
C ARG CA 63 -34.96 7.25 -25.28
N TRP CA 64 -33.96 7.71 -24.53
CA TRP CA 64 -34.11 8.80 -23.56
C TRP CA 64 -32.98 9.77 -23.84
N GLY CA 65 -33.26 10.76 -24.67
CA GLY CA 65 -32.23 11.69 -25.08
C GLY CA 65 -31.16 10.96 -25.86
N ASN CA 66 -29.94 10.99 -25.35
CA ASN CA 66 -28.85 10.21 -25.91
C ASN CA 66 -28.72 8.85 -25.26
N ALA CA 67 -29.23 8.69 -24.05
CA ALA CA 67 -29.20 7.43 -23.33
C ALA CA 67 -30.46 6.62 -23.64
N TRP CA 68 -30.71 5.58 -22.86
CA TRP CA 68 -31.84 4.69 -23.06
C TRP CA 68 -32.86 4.82 -21.94
N TYR CA 69 -34.08 4.43 -22.24
CA TYR CA 69 -35.21 4.58 -21.32
C TYR CA 69 -35.57 3.25 -20.68
N ALA CA 70 -35.96 3.32 -19.40
CA ALA CA 70 -36.55 2.22 -18.68
C ALA CA 70 -37.45 2.85 -17.63
N PRO CA 71 -38.63 2.28 -17.36
CA PRO CA 71 -39.53 2.89 -16.39
C PRO CA 71 -38.91 2.92 -14.99
N ASN CA 72 -39.47 3.78 -14.15
CA ASN CA 72 -39.07 3.78 -12.76
C ASN CA 72 -39.41 2.43 -12.13
N PRO CA 73 -38.48 1.80 -11.43
CA PRO CA 73 -38.80 0.53 -10.80
C PRO CA 73 -39.95 0.68 -9.81
N TYR CA 74 -40.75 -0.36 -9.70
CA TYR CA 74 -41.87 -0.33 -8.78
C TYR CA 74 -41.36 -0.07 -7.36
N PRO CA 75 -42.07 0.73 -6.57
CA PRO CA 75 -41.59 1.07 -5.23
C PRO CA 75 -41.33 -0.15 -4.36
N ASN CA 76 -40.13 -0.22 -3.81
CA ASN CA 76 -39.69 -1.30 -2.96
C ASN CA 76 -38.96 -0.70 -1.76
N GLY CA 77 -39.51 -0.88 -0.58
CA GLY CA 77 -38.92 -0.31 0.62
C GLY CA 77 -37.68 -1.01 1.12
N ILE CA 78 -37.32 -2.14 0.53
CA ILE CA 78 -36.16 -2.90 0.97
C ILE CA 78 -34.90 -2.20 0.50
N HIS CA 79 -33.96 -1.99 1.42
CA HIS CA 79 -32.70 -1.35 1.12
C HIS CA 79 -31.69 -1.78 2.16
N PHE CA 80 -30.43 -1.43 1.93
CA PHE CA 80 -29.35 -1.82 2.81
C PHE CA 80 -28.41 -0.63 2.97
N ASP CA 81 -28.23 -0.20 4.21
CA ASP CA 81 -27.42 0.97 4.52
C ASP CA 81 -25.94 0.62 4.56
N ARG CA 82 -25.11 1.63 4.34
CA ARG CA 82 -23.67 1.47 4.37
C ARG CA 82 -23.04 2.26 5.52
N VAL CA 83 -23.28 3.57 5.58
CA VAL CA 83 -22.68 4.45 6.57
C VAL CA 83 -23.65 4.80 7.68
N PHE CA 84 -24.85 5.25 7.32
CA PHE CA 84 -25.83 5.66 8.31
C PHE CA 84 -27.21 5.26 7.82
N PRO CA 85 -28.17 5.10 8.73
CA PRO CA 85 -29.54 4.78 8.34
C PRO CA 85 -30.21 5.91 7.57
N THR CA 86 -30.54 5.68 6.30
CA THR CA 86 -31.10 6.72 5.47
C THR CA 86 -32.61 6.84 5.58
N HIS CA 87 -33.28 5.82 6.13
CA HIS CA 87 -34.74 5.78 6.22
C HIS CA 87 -35.36 5.97 4.83
N TYR CA 88 -34.95 5.11 3.91
CA TYR CA 88 -35.38 5.23 2.53
C TYR CA 88 -36.88 5.03 2.40
N ASP CA 89 -37.53 5.96 1.73
CA ASP CA 89 -38.96 5.89 1.47
C ASP CA 89 -39.17 5.93 -0.03
N PRO CA 90 -39.60 4.83 -0.66
CA PRO CA 90 -39.78 4.84 -2.11
C PRO CA 90 -40.92 5.72 -2.59
N LEU CA 91 -41.79 6.15 -1.68
CA LEU CA 91 -42.92 7.00 -2.04
C LEU CA 91 -42.66 8.48 -1.82
N ALA CA 92 -41.47 8.83 -1.32
CA ALA CA 92 -41.16 10.22 -1.05
C ALA CA 92 -40.65 10.96 -2.28
N GLU CA 93 -40.21 10.24 -3.30
CA GLU CA 93 -39.69 10.85 -4.51
C GLU CA 93 -40.33 10.20 -5.72
N THR CA 94 -40.33 10.95 -6.83
CA THR CA 94 -40.90 10.45 -8.07
C THR CA 94 -39.96 9.45 -8.74
N ASN CA 95 -38.76 9.89 -9.09
CA ASN CA 95 -37.74 9.05 -9.67
C ASN CA 95 -36.81 8.56 -8.57
N ARG CA 96 -36.49 7.28 -8.59
CA ARG CA 96 -35.61 6.71 -7.58
C ARG CA 96 -34.20 7.24 -7.76
N THR CA 97 -33.66 7.86 -6.72
CA THR CA 97 -32.30 8.38 -6.77
C THR CA 97 -31.31 7.25 -6.92
N LYS CA 98 -30.20 7.53 -7.59
CA LYS CA 98 -29.21 6.49 -7.82
C LYS CA 98 -28.55 6.09 -6.51
N ALA CA 99 -28.10 4.84 -6.47
CA ALA CA 99 -27.49 4.27 -5.28
C ALA CA 99 -26.01 4.63 -5.24
N ASN CA 100 -25.61 5.35 -4.20
CA ASN CA 100 -24.21 5.63 -3.99
C ASN CA 100 -23.59 4.54 -3.12
N LEU CA 101 -22.29 4.32 -3.31
CA LEU CA 101 -21.62 3.20 -2.64
C LEU CA 101 -21.63 3.36 -1.13
N GLN CA 102 -21.54 4.58 -0.64
CA GLN CA 102 -21.45 4.83 0.80
C GLN CA 102 -22.79 5.12 1.43
N LEU CA 103 -23.88 5.14 0.66
CA LEU CA 103 -25.18 5.54 1.16
C LEU CA 103 -26.17 4.38 1.26
N ILE CA 104 -26.37 3.62 0.19
CA ILE CA 104 -27.46 2.67 0.14
C ILE CA 104 -27.20 1.64 -0.95
N LYS CA 105 -27.79 0.46 -0.79
CA LYS CA 105 -27.94 -0.52 -1.86
C LYS CA 105 -29.38 -0.98 -1.88
N TYR CA 106 -30.01 -0.90 -3.05
CA TYR CA 106 -31.40 -1.26 -3.16
C TYR CA 106 -31.57 -2.77 -3.28
N ALA CA 107 -32.81 -3.21 -3.16
CA ALA CA 107 -33.15 -4.61 -3.29
C ALA CA 107 -32.90 -5.08 -4.72
N PRO CA 108 -32.63 -6.37 -4.90
CA PRO CA 108 -32.38 -6.88 -6.24
C PRO CA 108 -33.65 -6.88 -7.07
N GLY CA 109 -33.46 -6.95 -8.38
CA GLY CA 109 -34.56 -7.02 -9.30
C GLY CA 109 -35.30 -5.71 -9.46
N ASN CA 110 -34.62 -4.72 -10.04
CA ASN CA 110 -35.27 -3.45 -10.31
C ASN CA 110 -36.57 -3.65 -11.09
N TYR CA 111 -36.56 -4.62 -12.01
CA TYR CA 111 -37.71 -4.96 -12.84
C TYR CA 111 -37.95 -6.44 -12.67
N SER CA 112 -38.71 -6.81 -11.63
CA SER CA 112 -38.94 -8.21 -11.33
C SER CA 112 -40.28 -8.37 -10.64
N THR CA 113 -40.90 -9.52 -10.87
CA THR CA 113 -42.17 -9.88 -10.27
C THR CA 113 -42.03 -11.18 -9.49
N LEU CA 114 -43.08 -11.50 -8.76
CA LEU CA 114 -43.15 -12.71 -7.94
C LEU CA 114 -43.89 -13.79 -8.72
N VAL CA 115 -43.22 -14.91 -8.96
CA VAL CA 115 -43.83 -16.05 -9.62
C VAL CA 115 -43.54 -17.30 -8.81
N VAL CA 116 -44.19 -18.38 -9.20
CA VAL CA 116 -43.95 -19.70 -8.62
C VAL CA 116 -43.32 -20.56 -9.70
N THR CA 117 -42.25 -21.26 -9.36
CA THR CA 117 -41.54 -22.11 -10.30
C THR CA 117 -41.32 -23.47 -9.67
N SER CA 118 -40.86 -24.39 -10.50
CA SER CA 118 -40.65 -25.77 -10.08
C SER CA 118 -39.42 -26.32 -10.78
N GLU CA 119 -38.62 -27.08 -10.05
CA GLU CA 119 -37.51 -27.79 -10.67
C GLU CA 119 -38.05 -28.97 -11.48
N LYS CA 120 -37.27 -29.37 -12.46
CA LYS CA 120 -37.62 -30.49 -13.33
C LYS CA 120 -36.91 -31.73 -12.81
N LEU CA 121 -37.68 -32.77 -12.52
CA LEU CA 121 -37.11 -33.99 -12.00
C LEU CA 121 -36.18 -34.62 -13.04
N PRO CA 122 -35.17 -35.37 -12.60
CA PRO CA 122 -34.23 -35.95 -13.56
C PRO CA 122 -34.94 -36.86 -14.54
N ARG CA 123 -34.38 -36.92 -15.75
CA ARG CA 123 -34.96 -37.74 -16.81
C ARG CA 123 -35.07 -39.21 -16.43
N PRO CA 124 -34.06 -39.85 -15.84
CA PRO CA 124 -34.25 -41.24 -15.42
C PRO CA 124 -35.30 -41.41 -14.34
N CYS CA 125 -35.44 -40.44 -13.45
CA CYS CA 125 -36.49 -40.51 -12.44
C CYS CA 125 -37.87 -40.39 -13.07
N ILE CA 126 -37.98 -39.62 -14.14
CA ILE CA 126 -39.25 -39.48 -14.84
C ILE CA 126 -39.61 -40.76 -15.58
N ARG CA 127 -38.62 -41.41 -16.19
CA ARG CA 127 -38.90 -42.64 -16.94
C ARG CA 127 -39.39 -43.75 -16.03
N THR CA 128 -38.92 -43.79 -14.78
CA THR CA 128 -39.40 -44.81 -13.85
C THR CA 128 -40.81 -44.50 -13.37
N ILE CA 129 -41.17 -43.23 -13.28
CA ILE CA 129 -42.53 -42.84 -12.92
C ILE CA 129 -43.50 -43.18 -14.04
N GLN CA 130 -43.10 -42.94 -15.29
CA GLN CA 130 -43.96 -43.30 -16.41
C GLN CA 130 -44.13 -44.82 -16.51
N ASN CA 131 -43.07 -45.58 -16.22
CA ASN CA 131 -43.16 -47.03 -16.28
C ASN CA 131 -44.08 -47.58 -15.20
N TYR CA 132 -44.08 -46.95 -14.03
CA TYR CA 132 -44.96 -47.39 -12.95
C TYR CA 132 -46.42 -47.07 -13.28
N ARG CA 133 -46.68 -45.89 -13.82
CA ARG CA 133 -48.05 -45.52 -14.15
C ARG CA 133 -48.60 -46.42 -15.25
N ARG CA 134 -47.78 -46.67 -16.27
CA ARG CA 134 -48.21 -47.52 -17.37
C ARG CA 134 -48.44 -48.96 -16.90
N CYS CA 135 -47.53 -49.47 -16.07
CA CYS CA 135 -47.71 -50.81 -15.53
C CYS CA 135 -48.89 -50.85 -14.58
N GLN CA 136 -49.21 -49.72 -13.95
CA GLN CA 136 -50.33 -49.67 -13.02
C GLN CA 136 -51.65 -49.73 -13.77
N MET CA 137 -51.81 -48.90 -14.81
CA MET CA 137 -53.06 -48.87 -15.54
C MET CA 137 -53.29 -50.11 -16.39
N VAL CA 138 -52.26 -50.91 -16.61
CA VAL CA 138 -52.37 -52.12 -17.43
C VAL CA 138 -52.53 -53.36 -16.56
N ASN CA 139 -51.72 -53.47 -15.50
CA ASN CA 139 -51.69 -54.66 -14.68
C ASN CA 139 -52.30 -54.47 -13.30
N GLY CA 140 -52.48 -53.24 -12.85
CA GLY CA 140 -52.99 -52.97 -11.54
C GLY CA 140 -51.89 -52.63 -10.54
N THR CA 141 -52.31 -52.06 -9.41
CA THR CA 141 -51.36 -51.56 -8.43
C THR CA 141 -50.57 -52.69 -7.77
N GLU CA 142 -51.23 -53.82 -7.50
CA GLU CA 142 -50.62 -54.88 -6.72
C GLU CA 142 -49.51 -55.61 -7.47
N LYS CA 143 -49.36 -55.41 -8.77
CA LYS CA 143 -48.32 -56.06 -9.56
C LYS CA 143 -47.30 -55.07 -10.10
N CYS CA 144 -47.00 -54.03 -9.32
CA CYS CA 144 -46.04 -53.01 -9.70
C CYS CA 144 -44.99 -52.80 -8.61
N ASN CA 145 -44.71 -53.84 -7.83
CA ASN CA 145 -43.75 -53.70 -6.75
C ASN CA 145 -42.33 -53.49 -7.28
N SER CA 146 -42.01 -54.13 -8.41
CA SER CA 146 -40.70 -53.97 -9.01
C SER CA 146 -40.50 -52.56 -9.53
N GLU CA 147 -41.54 -51.99 -10.15
CA GLU CA 147 -41.44 -50.63 -10.67
C GLU CA 147 -41.48 -49.60 -9.55
N ALA CA 148 -42.16 -49.92 -8.45
CA ALA CA 148 -42.18 -49.01 -7.31
C ALA CA 148 -40.83 -48.93 -6.63
N GLN CA 149 -40.09 -50.03 -6.59
CA GLN CA 149 -38.77 -50.02 -5.98
C GLN CA 149 -37.74 -49.35 -6.87
N ASP CA 150 -37.92 -49.41 -8.19
CA ASP CA 150 -37.00 -48.72 -9.09
C ASP CA 150 -37.09 -47.22 -8.90
N ILE CA 151 -38.27 -46.71 -8.54
CA ILE CA 151 -38.42 -45.28 -8.28
C ILE CA 151 -37.63 -44.89 -7.03
N LEU CA 152 -37.79 -45.66 -5.96
CA LEU CA 152 -37.09 -45.34 -4.72
C LEU CA 152 -35.59 -45.49 -4.84
N ALA CA 153 -35.12 -46.28 -5.80
CA ALA CA 153 -33.69 -46.52 -5.95
C ALA CA 153 -33.04 -45.57 -6.94
N ILE CA 154 -33.69 -45.36 -8.09
CA ILE CA 154 -33.06 -44.57 -9.15
C ILE CA 154 -33.26 -43.09 -8.91
N CYS CA 155 -34.44 -42.69 -8.49
CA CYS CA 155 -34.69 -41.27 -8.23
C CYS CA 155 -33.80 -40.83 -7.07
N PRO CA 156 -33.03 -39.76 -7.21
CA PRO CA 156 -32.24 -39.29 -6.08
C PRO CA 156 -33.13 -38.87 -4.91
N ASN CA 157 -32.52 -38.81 -3.73
CA ASN CA 157 -33.28 -38.56 -2.51
C ASN CA 157 -33.94 -37.19 -2.52
N TRP CA 158 -33.30 -36.19 -3.12
CA TRP CA 158 -33.93 -34.88 -3.18
C TRP CA 158 -35.20 -34.91 -4.02
N ALA CA 159 -35.26 -35.77 -5.02
CA ALA CA 159 -36.48 -35.91 -5.81
C ALA CA 159 -37.57 -36.57 -5.00
N LEU CA 160 -37.22 -37.57 -4.20
CA LEU CA 160 -38.20 -38.24 -3.35
C LEU CA 160 -38.73 -37.31 -2.27
N ASP CA 161 -37.92 -36.36 -1.83
CA ASP CA 161 -38.39 -35.36 -0.88
C ASP CA 161 -39.37 -34.39 -1.55
N HIS CA 162 -39.09 -34.02 -2.80
CA HIS CA 162 -40.00 -33.17 -3.54
C HIS CA 162 -41.31 -33.87 -3.83
N MET CA 163 -41.24 -35.14 -4.23
CA MET CA 163 -42.45 -35.90 -4.50
C MET CA 163 -43.29 -36.06 -3.24
N LYS CA 164 -42.64 -36.26 -2.10
CA LYS CA 164 -43.37 -36.38 -0.84
C LYS CA 164 -44.01 -35.06 -0.45
N GLU CA 165 -43.35 -33.94 -0.72
CA GLU CA 165 -43.87 -32.64 -0.32
C GLU CA 165 -44.97 -32.14 -1.25
N LYS CA 166 -44.91 -32.49 -2.53
CA LYS CA 166 -45.99 -32.12 -3.44
C LYS CA 166 -47.32 -32.68 -2.99
N VAL CA 167 -47.31 -33.92 -2.48
CA VAL CA 167 -48.53 -34.53 -1.99
C VAL CA 167 -49.07 -33.78 -0.79
N ARG CA 168 -48.19 -33.31 0.09
CA ARG CA 168 -48.63 -32.57 1.26
C ARG CA 168 -49.15 -31.19 0.90
N PHE CA 169 -48.55 -30.56 -0.11
CA PHE CA 169 -49.03 -29.25 -0.54
C PHE CA 169 -50.42 -29.35 -1.16
N TYR CA 170 -50.58 -30.24 -2.13
CA TYR CA 170 -51.87 -30.40 -2.79
C TYR CA 170 -52.93 -30.90 -1.82
N THR CA 171 -52.53 -31.60 -0.77
CA THR CA 171 -53.47 -31.93 0.30
C THR CA 171 -53.87 -30.69 1.07
N LYS CA 172 -52.92 -29.79 1.29
CA LYS CA 172 -53.24 -28.51 1.94
C LYS CA 172 -54.11 -27.65 1.04
N ALA CA 173 -53.75 -27.57 -0.25
CA ALA CA 173 -54.54 -26.77 -1.18
C ALA CA 173 -55.92 -27.35 -1.40
N LEU CA 174 -56.06 -28.67 -1.27
CA LEU CA 174 -57.37 -29.30 -1.43
C LEU CA 174 -58.30 -28.90 -0.29
N ALA CA 175 -57.79 -28.84 0.94
CA ALA CA 175 -58.62 -28.44 2.05
C ALA CA 175 -58.95 -26.95 2.00
N ILE CA 176 -58.02 -26.14 1.50
CA ILE CA 176 -58.27 -24.71 1.40
C ILE CA 176 -59.33 -24.41 0.35
N ASN CA 177 -59.32 -25.16 -0.76
CA ASN CA 177 -60.35 -24.97 -1.77
C ASN CA 177 -61.71 -25.44 -1.29
N ASN CA 178 -61.76 -26.49 -0.47
CA ASN CA 178 -63.03 -26.99 0.03
C ASN CA 178 -63.60 -26.12 1.14
N GLN CA 179 -62.74 -25.50 1.95
CA GLN CA 179 -63.25 -24.57 2.96
C GLN CA 179 -63.86 -23.34 2.31
N THR CA 180 -63.29 -22.88 1.21
CA THR CA 180 -63.92 -21.82 0.45
C THR CA 180 -65.24 -22.28 -0.15
N TYR CA 181 -65.31 -23.55 -0.56
CA TYR CA 181 -66.56 -24.11 -1.06
C TYR CA 181 -67.64 -24.07 0.01
N ILE CA 182 -67.29 -24.47 1.23
CA ILE CA 182 -68.27 -24.55 2.30
C ILE CA 182 -68.77 -23.17 2.68
N ARG CA 183 -67.89 -22.17 2.66
CA ARG CA 183 -68.33 -20.80 2.93
C ARG CA 183 -69.17 -20.26 1.79
N ALA CA 184 -68.83 -20.64 0.56
CA ALA CA 184 -69.56 -20.15 -0.60
C ALA CA 184 -70.94 -20.78 -0.70
N MET CA 185 -71.03 -22.08 -0.44
CA MET CA 185 -72.28 -22.81 -0.56
C MET CA 185 -73.11 -22.73 0.71
N GLN CA 186 -72.71 -21.91 1.67
CA GLN CA 186 -73.47 -21.74 2.90
C GLN CA 186 -74.69 -20.87 2.62
N VAL CA 187 -75.83 -21.29 3.17
CA VAL CA 187 -77.08 -20.57 3.00
C VAL CA 187 -77.18 -19.50 4.07
N GLU CA 188 -77.22 -18.24 3.66
CA GLU CA 188 -77.28 -17.14 4.60
C GLU CA 188 -78.70 -16.98 5.15
N GLU CA 189 -78.83 -16.08 6.13
CA GLU CA 189 -80.13 -15.88 6.76
C GLU CA 189 -81.07 -15.10 5.86
N TYR CA 190 -80.55 -14.29 4.95
CA TYR CA 190 -81.37 -13.54 4.02
C TYR CA 190 -81.76 -14.34 2.79
N ASN CA 191 -81.23 -15.55 2.61
CA ASN CA 191 -81.55 -16.39 1.47
C ASN CA 191 -82.20 -17.71 1.87
N GLN CA 192 -82.72 -17.78 3.10
CA GLN CA 192 -83.36 -19.01 3.56
C GLN CA 192 -84.63 -19.28 2.77
N GLY CA 193 -84.71 -20.47 2.18
CA GLY CA 193 -85.87 -20.88 1.42
C GLY CA 193 -86.00 -20.28 0.04
N ARG CA 194 -84.99 -19.57 -0.43
CA ARG CA 194 -85.02 -18.99 -1.77
C ARG CA 194 -84.30 -19.90 -2.75
N THR CA 195 -84.89 -20.05 -3.94
CA THR CA 195 -84.33 -20.91 -4.98
C THR CA 195 -84.15 -20.12 -6.26
N VAL CA 196 -83.81 -20.82 -7.35
CA VAL CA 196 -83.63 -20.15 -8.63
C VAL CA 196 -84.94 -19.58 -9.15
N ALA CA 197 -86.08 -20.06 -8.65
CA ALA CA 197 -87.36 -19.52 -9.09
C ALA CA 197 -87.61 -18.11 -8.58
N ASP CA 198 -86.95 -17.72 -7.50
CA ASP CA 198 -87.16 -16.42 -6.89
C ASP CA 198 -86.18 -15.36 -7.41
N VAL CA 199 -85.35 -15.71 -8.38
CA VAL CA 199 -84.38 -14.77 -8.92
C VAL CA 199 -85.06 -13.83 -9.90
N ALA CA 200 -84.67 -12.56 -9.85
CA ALA CA 200 -85.25 -11.57 -10.74
C ALA CA 200 -84.64 -11.70 -12.14
N PRO CA 201 -85.43 -11.53 -13.19
CA PRO CA 201 -84.89 -11.63 -14.55
C PRO CA 201 -84.05 -10.40 -14.90
N LYS CA 202 -82.85 -10.31 -14.35
CA LYS CA 202 -81.98 -9.17 -14.58
C LYS CA 202 -80.58 -9.66 -14.96
N THR CA 203 -79.81 -8.78 -15.57
CA THR CA 203 -78.43 -9.04 -15.93
C THR CA 203 -77.52 -8.01 -15.25
N TRP CA 204 -76.23 -8.09 -15.58
CA TRP CA 204 -75.25 -7.23 -14.92
C TRP CA 204 -75.55 -5.76 -15.14
N ILE CA 205 -76.05 -5.40 -16.33
CA ILE CA 205 -76.29 -4.00 -16.63
C ILE CA 205 -77.42 -3.42 -15.80
N HIS CA 206 -78.31 -4.26 -15.26
CA HIS CA 206 -79.42 -3.77 -14.47
C HIS CA 206 -79.00 -3.31 -13.09
N GLY CA 207 -77.77 -3.60 -12.68
CA GLY CA 207 -77.22 -3.09 -11.44
C GLY CA 207 -76.22 -1.98 -11.61
N THR CA 208 -76.13 -1.37 -12.79
CA THR CA 208 -75.18 -0.32 -13.05
C THR CA 208 -75.79 1.04 -12.74
N ARG CA 209 -75.09 2.11 -13.13
CA ARG CA 209 -75.52 3.46 -12.78
C ARG CA 209 -76.76 3.89 -13.55
N GLN CA 210 -76.95 3.38 -14.76
CA GLN CA 210 -78.09 3.82 -15.56
C GLN CA 210 -79.40 3.30 -15.01
N HIS CA 211 -79.39 2.13 -14.40
CA HIS CA 211 -80.59 1.48 -13.91
C HIS CA 211 -80.74 1.50 -12.40
N LEU CA 212 -79.63 1.32 -11.67
CA LEU CA 212 -79.62 1.35 -10.22
C LEU CA 212 -78.85 2.57 -9.76
N ARG CA 213 -79.53 3.48 -9.07
CA ARG CA 213 -78.90 4.73 -8.68
C ARG CA 213 -77.85 4.47 -7.61
N PRO CA 214 -76.66 5.08 -7.74
CA PRO CA 214 -75.66 4.90 -6.69
C PRO CA 214 -76.10 5.57 -5.40
N ASP CA 215 -75.35 5.30 -4.34
CA ASP CA 215 -75.68 5.83 -3.02
C ASP CA 215 -74.96 7.16 -2.77
N THR CA 216 -75.11 8.08 -3.71
CA THR CA 216 -74.58 9.44 -3.58
C THR CA 216 -75.67 10.42 -4.00
N MET CA 217 -75.62 11.62 -3.43
CA MET CA 217 -76.68 12.58 -3.64
C MET CA 217 -76.62 13.27 -5.00
N TRP CA 218 -75.44 13.33 -5.63
CA TRP CA 218 -75.32 14.00 -6.93
C TRP CA 218 -74.97 13.02 -8.04
N ALA CA 219 -75.35 11.76 -7.88
CA ALA CA 219 -75.14 10.79 -8.96
C ALA CA 219 -75.97 11.14 -10.18
N ASP CA 220 -77.17 11.66 -9.96
CA ASP CA 220 -78.03 12.15 -11.04
C ASP CA 220 -78.72 13.42 -10.54
N ASP CA 221 -79.77 13.82 -11.25
CA ASP CA 221 -80.52 15.05 -10.95
C ASP CA 221 -81.72 14.78 -10.04
N ARG CA 222 -81.63 13.81 -9.14
CA ARG CA 222 -82.78 13.47 -8.30
C ARG CA 222 -83.06 14.55 -7.28
N TYR CA 223 -82.02 15.10 -6.65
CA TYR CA 223 -82.18 16.08 -5.58
C TYR CA 223 -81.78 17.48 -6.01
N THR CA 224 -81.80 17.77 -7.30
CA THR CA 224 -81.38 19.08 -7.78
C THR CA 224 -82.43 20.17 -7.60
N ASN CA 225 -83.68 19.79 -7.33
CA ASN CA 225 -84.77 20.74 -7.14
C ASN CA 225 -85.17 20.88 -5.68
N ILE CA 226 -84.32 20.44 -4.76
CA ILE CA 226 -84.61 20.49 -3.33
C ILE CA 226 -84.19 21.85 -2.80
N THR CA 227 -85.08 22.48 -2.05
CA THR CA 227 -84.82 23.77 -1.44
C THR CA 227 -84.54 23.62 0.04
N GLN CA 228 -84.13 24.73 0.67
CA GLN CA 228 -83.83 24.71 2.09
C GLN CA 228 -85.07 24.33 2.91
N THR CA 229 -86.23 24.80 2.47
CA THR CA 229 -87.46 24.55 3.21
C THR CA 229 -87.73 23.05 3.33
N GLU CA 230 -87.60 22.32 2.23
CA GLU CA 230 -87.83 20.88 2.28
C GLU CA 230 -86.77 20.16 3.10
N ILE CA 231 -85.56 20.74 3.15
CA ILE CA 231 -84.51 20.15 3.97
C ILE CA 231 -84.85 20.25 5.44
N ASN CA 232 -85.35 21.40 5.88
CA ASN CA 232 -85.71 21.56 7.29
C ASN CA 232 -86.81 20.61 7.70
N GLU CA 233 -87.79 20.41 6.82
CA GLU CA 233 -88.88 19.48 7.12
C GLU CA 233 -88.38 18.03 7.14
N ALA CA 234 -87.38 17.72 6.30
CA ALA CA 234 -86.82 16.37 6.31
C ALA CA 234 -86.02 16.11 7.57
N ILE CA 235 -85.37 17.13 8.13
CA ILE CA 235 -84.65 16.96 9.38
C ILE CA 235 -85.62 16.64 10.51
N LYS CA 236 -86.79 17.27 10.49
CA LYS CA 236 -87.79 16.99 11.52
C LYS CA 236 -88.30 15.57 11.44
N ARG CA 237 -88.28 14.97 10.24
CA ARG CA 237 -88.79 13.62 10.08
C ARG CA 237 -87.74 12.57 10.46
N VAL CA 238 -86.46 12.83 10.14
CA VAL CA 238 -85.43 11.87 10.49
C VAL CA 238 -85.18 11.88 11.99
N GLU CA 239 -85.41 13.02 12.65
CA GLU CA 239 -85.29 13.07 14.10
C GLU CA 239 -86.51 12.44 14.76
N ALA CA 240 -87.67 12.46 14.09
CA ALA CA 240 -88.84 11.79 14.64
C ALA CA 240 -88.68 10.28 14.62
N ARG CA 241 -88.04 9.74 13.58
CA ARG CA 241 -87.79 8.31 13.53
C ARG CA 241 -86.77 7.88 14.58
N LYS CA 242 -85.88 8.79 14.99
CA LYS CA 242 -84.90 8.48 16.01
C LYS CA 242 -85.51 8.46 17.41
N ALA CA 243 -86.79 8.80 17.54
CA ALA CA 243 -87.47 8.68 18.82
C ALA CA 243 -87.80 7.24 19.18
N ARG CA 244 -87.41 6.28 18.33
CA ARG CA 244 -87.67 4.88 18.58
C ARG CA 244 -86.44 3.99 18.48
N GLU CA 245 -85.36 4.46 17.84
CA GLU CA 245 -84.16 3.66 17.66
C GLU CA 245 -83.09 3.95 18.68
N HIS CA 246 -83.04 5.17 19.22
CA HIS CA 246 -82.02 5.55 20.19
C HIS CA 246 -82.16 4.79 21.51
N GLU CA 247 -83.23 4.03 21.68
CA GLU CA 247 -83.44 3.26 22.90
C GLU CA 247 -82.49 2.09 23.03
N LYS CA 248 -81.76 1.73 21.97
CA LYS CA 248 -80.84 0.61 21.98
C LYS CA 248 -79.43 1.09 21.66
N LYS CA 249 -78.47 0.61 22.44
CA LYS CA 249 -77.06 0.94 22.23
C LYS CA 249 -76.19 -0.14 22.86
N PRO CA 250 -75.16 -0.65 22.17
CA PRO CA 250 -74.35 -1.70 22.76
C PRO CA 250 -73.63 -1.24 24.02
N VAL CA 251 -73.37 -2.20 24.90
CA VAL CA 251 -72.70 -1.91 26.17
C VAL CA 251 -71.21 -1.85 25.92
N GLU CA 252 -70.51 -1.03 26.71
CA GLU CA 252 -69.07 -0.91 26.59
C GLU CA 252 -68.39 -2.21 27.02
N GLN CA 253 -67.61 -2.80 26.13
CA GLN CA 253 -66.95 -4.07 26.41
C GLN CA 253 -65.60 -3.83 27.08
N ALA CA 254 -64.96 -4.92 27.50
CA ALA CA 254 -63.66 -4.83 28.13
C ALA CA 254 -62.56 -4.70 27.08
N ASN CA 255 -61.53 -3.93 27.42
CA ASN CA 255 -60.39 -3.74 26.52
C ASN CA 255 -59.48 -4.96 26.64
N VAL CA 256 -59.43 -5.77 25.59
CA VAL CA 256 -58.59 -6.97 25.62
C VAL CA 256 -57.11 -6.63 25.52
N ASN CA 257 -56.77 -5.43 25.09
CA ASN CA 257 -55.38 -4.99 24.98
C ASN CA 257 -55.02 -4.00 26.08
N ALA CA 258 -55.58 -4.19 27.28
CA ALA CA 258 -55.31 -3.26 28.37
C ALA CA 258 -53.88 -3.39 28.88
N ASN CA 259 -53.35 -4.61 28.90
CA ASN CA 259 -52.00 -4.86 29.36
C ASN CA 259 -51.02 -4.55 28.23
N THR CA 260 -50.11 -3.61 28.47
CA THR CA 260 -49.12 -3.22 27.48
C THR CA 260 -47.98 -4.22 27.35
N GLY CA 261 -47.72 -5.02 28.38
CA GLY CA 261 -46.70 -6.02 28.31
C GLY CA 261 -47.22 -7.34 27.80
N GLU CA 262 -48.34 -7.29 27.08
CA GLU CA 262 -48.98 -8.47 26.52
C GLU CA 262 -49.18 -8.27 25.03
N GLN CA 263 -48.97 -9.35 24.28
CA GLN CA 263 -49.16 -9.35 22.84
C GLN CA 263 -50.59 -8.92 22.50
N PRO CA 264 -50.78 -7.75 21.90
CA PRO CA 264 -52.14 -7.27 21.66
C PRO CA 264 -52.80 -8.00 20.50
N VAL CA 265 -54.13 -8.07 20.58
CA VAL CA 265 -54.92 -8.67 19.51
C VAL CA 265 -54.99 -7.69 18.34
N ARG CA 266 -54.80 -8.22 17.12
CA ARG CA 266 -54.92 -7.39 15.94
C ARG CA 266 -56.39 -7.08 15.70
N VAL CA 267 -56.95 -6.22 16.54
CA VAL CA 267 -58.36 -5.89 16.43
C VAL CA 267 -58.58 -4.87 15.33
N GLU CA 268 -59.82 -4.80 14.85
CA GLU CA 268 -60.14 -3.86 13.79
C GLU CA 268 -59.92 -2.44 14.28
N LYS CA 269 -59.20 -1.66 13.47
CA LYS CA 269 -58.91 -0.29 13.85
C LYS CA 269 -60.16 0.57 13.75
N SER CA 270 -60.15 1.67 14.50
CA SER CA 270 -61.25 2.62 14.46
C SER CA 270 -61.26 3.34 13.12
N LEU CA 271 -62.45 3.74 12.68
CA LEU CA 271 -62.56 4.46 11.42
C LEU CA 271 -61.83 5.79 11.49
N TYR CA 272 -61.83 6.43 12.66
CA TYR CA 272 -61.21 7.72 12.85
C TYR CA 272 -60.41 7.71 14.14
N PRO CA 273 -59.27 8.42 14.17
CA PRO CA 273 -58.37 8.42 15.33
C PRO CA 273 -59.03 8.91 16.62
N PRO DA 2 -88.75 19.44 -4.91
CA PRO DA 2 -89.19 18.06 -4.68
C PRO DA 2 -88.29 17.04 -5.36
N VAL DA 3 -88.46 15.76 -5.00
CA VAL DA 3 -87.64 14.71 -5.57
C VAL DA 3 -88.02 14.49 -7.04
N LYS DA 4 -87.01 14.48 -7.91
CA LYS DA 4 -87.21 14.23 -9.32
C LYS DA 4 -86.92 12.77 -9.63
N GLU DA 5 -87.79 12.16 -10.44
CA GLU DA 5 -87.62 10.78 -10.84
C GLU DA 5 -86.82 10.69 -12.13
N GLY DA 6 -86.16 9.56 -12.33
CA GLY DA 6 -85.34 9.36 -13.51
C GLY DA 6 -85.20 7.91 -13.90
N GLN DA 7 -84.25 7.62 -14.78
CA GLN DA 7 -84.06 6.25 -15.23
C GLN DA 7 -83.44 5.38 -14.14
N ALA DA 8 -82.55 5.96 -13.34
CA ALA DA 8 -81.90 5.21 -12.26
C ALA DA 8 -82.85 5.15 -11.06
N LYS DA 9 -83.31 3.96 -10.74
CA LYS DA 9 -84.27 3.76 -9.65
C LYS DA 9 -83.56 3.28 -8.40
N LEU DA 10 -84.28 3.36 -7.28
CA LEU DA 10 -83.77 2.93 -6.00
C LEU DA 10 -83.89 1.42 -5.87
N TRP DA 11 -83.68 0.89 -4.67
CA TRP DA 11 -83.58 -0.54 -4.44
C TRP DA 11 -84.40 -0.97 -3.22
N PHE DA 12 -85.52 -0.31 -2.97
CA PHE DA 12 -86.33 -0.58 -1.80
C PHE DA 12 -87.66 -1.20 -2.21
N SER DA 13 -88.15 -2.10 -1.35
CA SER DA 13 -89.37 -2.83 -1.63
C SER DA 13 -90.60 -1.96 -1.42
N THR DA 14 -90.71 -1.36 -0.24
CA THR DA 14 -91.84 -0.51 0.10
C THR DA 14 -91.54 0.96 -0.18
N LYS DA 15 -92.59 1.77 -0.12
CA LYS DA 15 -92.44 3.21 -0.32
C LYS DA 15 -91.98 3.92 0.95
N GLU DA 16 -92.29 3.36 2.12
CA GLU DA 16 -91.82 3.95 3.37
C GLU DA 16 -90.31 3.84 3.49
N GLU DA 17 -89.73 2.71 3.06
CA GLU DA 17 -88.28 2.59 3.05
C GLU DA 17 -87.66 3.55 2.05
N ALA DA 18 -88.29 3.74 0.90
CA ALA DA 18 -87.76 4.67 -0.09
C ALA DA 18 -87.86 6.10 0.40
N ASP DA 19 -89.00 6.50 0.95
CA ASP DA 19 -89.15 7.85 1.45
C ASP DA 19 -88.23 8.11 2.64
N ALA DA 20 -87.94 7.09 3.44
CA ALA DA 20 -87.00 7.24 4.53
C ALA DA 20 -85.59 7.47 4.02
N TYR DA 21 -85.24 6.86 2.89
CA TYR DA 21 -83.90 7.06 2.33
C TYR DA 21 -83.75 8.46 1.75
N ASP DA 22 -84.80 8.98 1.12
CA ASP DA 22 -84.75 10.34 0.61
C ASP DA 22 -84.65 11.35 1.74
N ASP DA 23 -85.39 11.12 2.82
CA ASP DA 23 -85.32 12.03 3.96
C ASP DA 23 -83.94 12.03 4.59
N LYS DA 24 -83.30 10.86 4.64
CA LYS DA 24 -81.94 10.80 5.18
C LYS DA 24 -80.95 11.52 4.28
N MET DA 25 -81.14 11.42 2.96
CA MET DA 25 -80.21 12.06 2.03
C MET DA 25 -80.48 13.56 1.95
N ILE DA 26 -81.74 13.97 2.01
CA ILE DA 26 -82.07 15.38 1.92
C ILE DA 26 -81.62 16.11 3.17
N SER DA 27 -81.77 15.48 4.33
CA SER DA 27 -81.37 16.13 5.58
C SER DA 27 -79.87 16.35 5.66
N ASN DA 28 -79.09 15.76 4.77
CA ASN DA 28 -77.65 15.95 4.72
C ASN DA 28 -77.23 16.92 3.62
N ILE DA 29 -78.17 17.41 2.81
CA ILE DA 29 -77.83 18.35 1.77
C ILE DA 29 -77.49 19.70 2.38
N GLU DA 30 -76.42 20.30 1.89
CA GLU DA 30 -76.00 21.64 2.29
C GLU DA 30 -75.89 22.48 1.04
N LEU DA 31 -76.82 23.42 0.87
CA LEU DA 31 -76.85 24.25 -0.33
C LEU DA 31 -75.73 25.27 -0.27
N LYS DA 32 -75.05 25.46 -1.40
CA LYS DA 32 -73.99 26.45 -1.51
C LYS DA 32 -74.27 27.29 -2.76
N SER DA 33 -74.83 28.47 -2.57
CA SER DA 33 -75.17 29.34 -3.69
C SER DA 33 -74.12 30.44 -3.87
N GLN DA 34 -74.03 30.94 -5.09
CA GLN DA 34 -73.06 31.95 -5.46
C GLN DA 34 -73.63 33.36 -5.47
N ASP DA 35 -74.92 33.51 -5.22
CA ASP DA 35 -75.57 34.80 -5.26
C ASP DA 35 -75.69 35.38 -3.86
N TYR DA 36 -75.43 36.68 -3.74
CA TYR DA 36 -75.53 37.36 -2.47
C TYR DA 36 -77.00 37.41 -2.03
N GLU DA 37 -77.20 37.83 -0.78
CA GLU DA 37 -78.54 37.93 -0.19
C GLU DA 37 -79.24 36.57 -0.14
N ASP DA 38 -78.47 35.49 0.03
CA ASP DA 38 -79.03 34.16 0.16
C ASP DA 38 -78.63 33.59 1.51
N GLU DA 39 -79.54 32.82 2.12
CA GLU DA 39 -79.23 32.19 3.40
C GLU DA 39 -78.10 31.18 3.29
N ASN DA 40 -77.87 30.64 2.10
CA ASN DA 40 -76.77 29.72 1.84
C ASN DA 40 -75.90 30.34 0.76
N PHE DA 41 -74.96 31.19 1.17
CA PHE DA 41 -74.09 31.92 0.26
C PHE DA 41 -72.65 31.52 0.51
N SER DA 42 -71.92 31.18 -0.54
CA SER DA 42 -70.53 30.74 -0.43
C SER DA 42 -69.77 31.22 -1.65
N PRO DA 43 -69.00 32.30 -1.52
CA PRO DA 43 -68.17 32.72 -2.67
C PRO DA 43 -67.12 31.68 -3.02
N VAL DA 44 -66.35 31.25 -2.04
CA VAL DA 44 -65.44 30.14 -2.21
C VAL DA 44 -66.04 28.91 -1.54
N PHE DA 45 -65.48 27.75 -1.86
CA PHE DA 45 -65.94 26.48 -1.29
C PHE DA 45 -67.40 26.22 -1.66
N ASN DA 46 -67.72 26.46 -2.92
CA ASN DA 46 -69.04 26.13 -3.44
C ASN DA 46 -69.00 24.73 -4.03
N ARG DA 47 -69.93 23.89 -3.59
CA ARG DA 47 -69.93 22.51 -4.02
C ARG DA 47 -70.66 22.35 -5.35
N LYS DA 48 -70.16 21.41 -6.16
CA LYS DA 48 -70.83 21.03 -7.39
C LYS DA 48 -71.98 20.09 -7.07
N THR DA 49 -72.97 20.07 -7.96
CA THR DA 49 -74.15 19.23 -7.80
C THR DA 49 -74.20 18.10 -8.82
N GLN DA 50 -73.13 17.86 -9.56
CA GLN DA 50 -73.06 16.75 -10.50
C GLN DA 50 -71.79 15.96 -10.26
N GLU DA 51 -71.93 14.66 -10.08
CA GLU DA 51 -70.81 13.78 -9.80
C GLU DA 51 -70.09 13.42 -11.10
N TYR DA 52 -68.76 13.45 -11.03
CA TYR DA 52 -67.94 13.10 -12.18
C TYR DA 52 -67.70 11.60 -12.24
N PHE DA 53 -67.70 11.07 -13.46
CA PHE DA 53 -67.52 9.64 -13.71
C PHE DA 53 -66.39 9.46 -14.71
N LEU DA 54 -65.42 8.62 -14.35
CA LEU DA 54 -64.30 8.31 -15.21
C LEU DA 54 -64.70 7.24 -16.22
N GLU DA 55 -64.71 7.61 -17.50
CA GLU DA 55 -65.08 6.69 -18.55
C GLU DA 55 -64.06 6.73 -19.67
N PRO DA 56 -63.90 5.64 -20.42
CA PRO DA 56 -63.03 5.66 -21.60
C PRO DA 56 -63.63 6.55 -22.69
N SER DA 57 -62.87 7.55 -23.11
CA SER DA 57 -63.37 8.49 -24.09
C SER DA 57 -63.41 7.85 -25.47
N GLU DA 58 -63.79 8.67 -26.47
CA GLU DA 58 -63.84 8.20 -27.85
C GLU DA 58 -62.43 8.01 -28.41
N LYS DA 59 -61.50 8.88 -28.02
CA LYS DA 59 -60.11 8.69 -28.42
C LYS DA 59 -59.52 7.44 -27.77
N PHE DA 60 -60.01 7.10 -26.58
CA PHE DA 60 -59.54 5.89 -25.91
C PHE DA 60 -59.90 4.65 -26.71
N LYS DA 61 -61.18 4.48 -27.02
CA LYS DA 61 -61.65 3.27 -27.69
C LYS DA 61 -61.28 3.22 -29.16
N SER DA 62 -61.02 4.37 -29.79
CA SER DA 62 -60.65 4.37 -31.20
C SER DA 62 -59.21 3.97 -31.40
N ASP DA 63 -58.33 4.30 -30.45
CA ASP DA 63 -56.93 3.92 -30.56
C ASP DA 63 -56.69 2.46 -30.17
N PHE DA 64 -57.48 1.93 -29.23
CA PHE DA 64 -57.39 0.51 -28.94
C PHE DA 64 -57.92 -0.33 -30.10
N ALA DA 65 -58.89 0.19 -30.85
CA ALA DA 65 -59.37 -0.45 -32.05
C ALA DA 65 -58.41 -0.27 -33.22
N GLU DA 66 -57.53 0.73 -33.15
CA GLU DA 66 -56.54 0.94 -34.20
C GLU DA 66 -55.38 -0.04 -34.08
N LEU DA 67 -55.11 -0.55 -32.88
CA LEU DA 67 -54.08 -1.55 -32.71
C LEU DA 67 -54.46 -2.88 -33.35
N LEU DA 68 -55.76 -3.15 -33.52
CA LEU DA 68 -56.24 -4.41 -34.07
C LEU DA 68 -56.70 -4.27 -35.52
N ARG DA 69 -56.27 -3.22 -36.21
CA ARG DA 69 -56.71 -3.04 -37.60
C ARG DA 69 -56.24 -4.15 -38.51
N PRO DA 70 -54.96 -4.53 -38.52
CA PRO DA 70 -54.52 -5.60 -39.44
C PRO DA 70 -55.05 -6.97 -39.07
N LEU DA 71 -55.71 -7.13 -37.92
CA LEU DA 71 -56.27 -8.42 -37.56
C LEU DA 71 -57.69 -8.62 -38.04
N ARG DA 72 -58.41 -7.54 -38.34
CA ARG DA 72 -59.81 -7.67 -38.72
C ARG DA 72 -59.96 -8.14 -40.17
N SER DA 73 -59.06 -7.73 -41.05
CA SER DA 73 -59.11 -8.15 -42.43
C SER DA 73 -58.65 -9.58 -42.62
N LEU DA 74 -58.10 -10.21 -41.60
CA LEU DA 74 -57.57 -11.56 -41.68
C LEU DA 74 -58.42 -12.53 -40.88
N SER DA 75 -58.40 -13.79 -41.32
CA SER DA 75 -58.97 -14.87 -40.54
C SER DA 75 -57.93 -15.40 -39.55
N PHE DA 76 -58.38 -16.28 -38.67
CA PHE DA 76 -57.48 -16.78 -37.63
C PHE DA 76 -56.34 -17.58 -38.23
N ASN DA 77 -56.64 -18.42 -39.24
CA ASN DA 77 -55.60 -19.18 -39.90
C ASN DA 77 -54.61 -18.27 -40.60
N GLN DA 78 -55.08 -17.14 -41.15
CA GLN DA 78 -54.16 -16.19 -41.76
C GLN DA 78 -53.36 -15.43 -40.72
N VAL DA 79 -53.95 -15.19 -39.54
CA VAL DA 79 -53.22 -14.50 -38.49
C VAL DA 79 -52.08 -15.36 -37.98
N VAL DA 80 -52.34 -16.64 -37.76
CA VAL DA 80 -51.30 -17.54 -37.24
C VAL DA 80 -50.21 -17.73 -38.29
N ASP DA 81 -50.59 -17.92 -39.55
CA ASP DA 81 -49.60 -18.13 -40.59
C ASP DA 81 -48.81 -16.87 -40.88
N ARG DA 82 -49.31 -15.71 -40.47
CA ARG DA 82 -48.65 -14.44 -40.73
C ARG DA 82 -47.71 -14.04 -39.60
N TYR DA 83 -48.21 -14.02 -38.37
CA TYR DA 83 -47.46 -13.47 -37.25
C TYR DA 83 -46.93 -14.51 -36.27
N VAL DA 84 -47.49 -15.72 -36.27
CA VAL DA 84 -47.06 -16.78 -35.37
C VAL DA 84 -46.12 -17.77 -36.04
N LEU DA 85 -46.53 -18.28 -37.20
CA LEU DA 85 -45.76 -19.29 -37.91
C LEU DA 85 -44.83 -18.65 -38.94
N ILE DA 86 -43.93 -17.83 -38.42
CA ILE DA 86 -42.88 -17.27 -39.27
C ILE DA 86 -41.88 -18.37 -39.64
N PRO DA 87 -41.58 -18.58 -40.91
CA PRO DA 87 -40.70 -19.68 -41.29
C PRO DA 87 -39.33 -19.54 -40.66
N PRO DA 88 -38.78 -20.62 -40.08
CA PRO DA 88 -37.47 -20.52 -39.43
C PRO DA 88 -36.36 -20.23 -40.43
N ASN DA 89 -35.60 -19.17 -40.15
CA ASN DA 89 -34.43 -18.81 -40.95
C ASN DA 89 -33.41 -18.19 -39.99
N HIS DA 90 -32.49 -19.03 -39.51
CA HIS DA 90 -31.50 -18.63 -38.52
C HIS DA 90 -30.17 -18.27 -39.16
N THR DA 91 -30.19 -17.73 -40.37
CA THR DA 91 -28.97 -17.38 -41.09
C THR DA 91 -28.69 -15.88 -41.09
N PHE DA 92 -29.62 -15.06 -40.60
CA PHE DA 92 -29.43 -13.62 -40.66
C PHE DA 92 -28.45 -13.15 -39.61
N TYR DA 93 -27.84 -11.99 -39.88
CA TYR DA 93 -26.94 -11.33 -38.93
C TYR DA 93 -27.76 -10.29 -38.19
N ARG DA 94 -28.47 -10.76 -37.16
CA ARG DA 94 -29.36 -9.89 -36.42
C ARG DA 94 -28.62 -8.79 -35.67
N ASN DA 95 -27.48 -9.12 -35.10
CA ASN DA 95 -26.73 -8.16 -34.30
C ASN DA 95 -26.04 -7.11 -35.12
N TRP DA 96 -26.27 -7.06 -36.43
CA TRP DA 96 -25.69 -6.00 -37.23
C TRP DA 96 -26.23 -4.64 -36.83
N THR DA 97 -27.44 -4.60 -36.29
CA THR DA 97 -28.00 -3.34 -35.82
C THR DA 97 -27.15 -2.74 -34.72
N TYR DA 98 -26.71 -3.56 -33.76
CA TYR DA 98 -25.88 -3.06 -32.68
C TYR DA 98 -24.45 -2.79 -33.15
N GLU DA 99 -23.96 -3.57 -34.10
CA GLU DA 99 -22.61 -3.39 -34.60
C GLU DA 99 -22.46 -2.08 -35.35
N LYS DA 100 -23.45 -1.73 -36.17
CA LYS DA 100 -23.39 -0.49 -36.92
C LYS DA 100 -23.52 0.72 -36.01
N PHE DA 101 -24.39 0.64 -35.01
CA PHE DA 101 -24.59 1.75 -34.09
C PHE DA 101 -23.37 1.96 -33.20
N LEU DA 102 -22.97 0.93 -32.47
CA LEU DA 102 -21.84 1.07 -31.55
C LEU DA 102 -20.52 1.21 -32.30
N GLY DA 103 -20.37 0.52 -33.43
CA GLY DA 103 -19.19 0.69 -34.25
C GLY DA 103 -19.07 2.05 -34.88
N GLY DA 104 -20.19 2.77 -35.02
CA GLY DA 104 -20.15 4.11 -35.54
C GLY DA 104 -19.44 5.10 -34.64
N PHE DA 105 -19.37 4.81 -33.35
CA PHE DA 105 -18.59 5.64 -32.45
C PHE DA 105 -17.12 5.66 -32.87
N GLY DA 106 -16.58 4.49 -33.22
CA GLY DA 106 -15.20 4.43 -33.68
C GLY DA 106 -15.00 5.09 -35.02
N LEU DA 107 -15.95 4.90 -35.94
CA LEU DA 107 -15.84 5.54 -37.23
C LEU DA 107 -16.03 7.05 -37.13
N SER DA 108 -16.89 7.49 -36.22
CA SER DA 108 -17.05 8.94 -36.01
C SER DA 108 -15.79 9.55 -35.44
N TYR DA 109 -15.05 8.81 -34.61
CA TYR DA 109 -13.83 9.34 -34.04
C TYR DA 109 -12.75 9.50 -35.09
N LEU DA 110 -12.73 8.63 -36.10
CA LEU DA 110 -11.77 8.78 -37.18
C LEU DA 110 -11.95 10.10 -37.90
N ILE DA 111 -13.20 10.49 -38.14
CA ILE DA 111 -13.45 11.76 -38.82
C ILE DA 111 -13.34 12.92 -37.87
N LEU DA 112 -13.71 12.72 -36.60
CA LEU DA 112 -13.71 13.81 -35.65
C LEU DA 112 -12.30 14.16 -35.20
N ARG DA 113 -11.36 13.21 -35.27
CA ARG DA 113 -9.98 13.48 -34.87
C ARG DA 113 -9.24 14.34 -35.88
N GLU DA 114 -9.86 14.66 -37.02
CA GLU DA 114 -9.25 15.45 -38.07
C GLU DA 114 -9.89 16.82 -38.19
N LEU DA 115 -10.46 17.33 -37.11
CA LEU DA 115 -11.12 18.62 -37.15
C LEU DA 115 -10.09 19.74 -37.34
N PRO DA 116 -10.37 20.70 -38.23
CA PRO DA 116 -9.38 21.76 -38.49
C PRO DA 116 -9.32 22.82 -37.41
N LEU DA 117 -9.89 22.54 -36.24
CA LEU DA 117 -9.82 23.48 -35.13
C LEU DA 117 -8.37 23.82 -34.82
N ARG DA 118 -8.07 25.12 -34.79
CA ARG DA 118 -6.70 25.56 -34.62
C ARG DA 118 -6.18 25.26 -33.22
N ASN DA 119 -6.94 25.62 -32.20
CA ASN DA 119 -6.51 25.46 -30.83
C ASN DA 119 -6.59 24.00 -30.39
N PHE DA 120 -5.53 23.54 -29.74
CA PHE DA 120 -5.50 22.17 -29.24
C PHE DA 120 -6.52 21.97 -28.12
N TYR DA 121 -6.67 22.97 -27.24
CA TYR DA 121 -7.61 22.87 -26.14
C TYR DA 121 -9.07 23.03 -26.57
N ALA DA 122 -9.32 23.56 -27.77
CA ALA DA 122 -10.68 23.56 -28.31
C ALA DA 122 -11.11 22.16 -28.70
N ARG DA 123 -10.20 21.38 -29.27
CA ARG DA 123 -10.48 19.98 -29.58
C ARG DA 123 -10.51 19.12 -28.34
N VAL DA 124 -9.84 19.56 -27.27
CA VAL DA 124 -9.98 18.89 -25.98
C VAL DA 124 -11.43 18.97 -25.51
N PHE DA 125 -12.09 20.11 -25.75
CA PHE DA 125 -13.49 20.24 -25.39
C PHE DA 125 -14.39 19.38 -26.27
N VAL DA 126 -14.08 19.31 -27.55
CA VAL DA 126 -14.90 18.52 -28.48
C VAL DA 126 -14.83 17.03 -28.11
N MET DA 127 -13.62 16.53 -27.89
CA MET DA 127 -13.48 15.13 -27.51
C MET DA 127 -14.11 14.84 -26.17
N TYR DA 128 -14.13 15.83 -25.27
CA TYR DA 128 -14.82 15.62 -24.00
C TYR DA 128 -16.32 15.52 -24.21
N ALA DA 129 -16.86 16.26 -25.17
CA ALA DA 129 -18.29 16.14 -25.48
C ALA DA 129 -18.59 14.83 -26.20
N PHE DA 130 -17.68 14.38 -27.05
CA PHE DA 130 -17.87 13.11 -27.73
C PHE DA 130 -17.75 11.93 -26.79
N ALA DA 131 -16.84 12.02 -25.81
CA ALA DA 131 -16.74 10.97 -24.80
C ALA DA 131 -17.98 10.93 -23.92
N ALA DA 132 -18.62 12.08 -23.71
CA ALA DA 132 -19.87 12.12 -22.96
C ALA DA 132 -20.96 11.37 -23.70
N LYS DA 133 -20.98 11.47 -25.02
CA LYS DA 133 -21.98 10.76 -25.80
C LYS DA 133 -21.78 9.25 -25.72
N VAL DA 134 -20.52 8.81 -25.73
CA VAL DA 134 -20.24 7.38 -25.68
C VAL DA 134 -20.45 6.84 -24.27
N LEU DA 135 -20.02 7.59 -23.26
CA LEU DA 135 -20.08 7.12 -21.88
C LEU DA 135 -21.50 6.96 -21.37
N ASP DA 136 -22.49 7.54 -22.05
CA ASP DA 136 -23.87 7.26 -21.68
C ASP DA 136 -24.20 5.80 -21.93
N HIS DA 137 -23.53 5.17 -22.88
CA HIS DA 137 -23.73 3.75 -23.17
C HIS DA 137 -22.65 2.86 -22.56
N LEU DA 138 -21.41 3.34 -22.51
CA LEU DA 138 -20.30 2.52 -22.03
C LEU DA 138 -20.26 2.48 -20.51
N GLY DA 139 -20.56 3.60 -19.86
CA GLY DA 139 -20.62 3.64 -18.42
C GLY DA 139 -19.29 3.89 -17.73
N ASN DA 140 -18.46 2.86 -17.63
CA ASN DA 140 -17.19 2.98 -16.94
C ASN DA 140 -16.08 3.26 -17.93
N PRO DA 141 -15.34 4.36 -17.77
CA PRO DA 141 -14.29 4.68 -18.75
C PRO DA 141 -13.05 3.81 -18.60
N PHE DA 142 -12.84 3.18 -17.45
CA PHE DA 142 -11.67 2.36 -17.27
C PHE DA 142 -11.87 0.98 -17.90
N PRO DA 143 -10.81 0.40 -18.45
CA PRO DA 143 -10.91 -0.94 -19.02
C PRO DA 143 -10.90 -2.03 -17.97
N PHE DA 144 -11.45 -3.18 -18.37
CA PHE DA 144 -11.54 -4.37 -17.52
C PHE DA 144 -12.27 -4.07 -16.21
N SER DA 145 -13.18 -3.11 -16.24
CA SER DA 145 -13.87 -2.67 -15.03
C SER DA 145 -15.35 -3.03 -15.05
N GLY DA 146 -16.06 -2.77 -16.14
CA GLY DA 146 -17.47 -3.10 -16.21
C GLY DA 146 -17.94 -3.40 -17.62
N HIS DA 147 -19.24 -3.27 -17.84
CA HIS DA 147 -19.84 -3.48 -19.15
C HIS DA 147 -20.67 -2.27 -19.54
N GLY DA 148 -20.84 -2.10 -20.84
CA GLY DA 148 -21.78 -1.12 -21.33
C GLY DA 148 -23.21 -1.54 -21.10
N GLN DA 149 -24.11 -0.57 -21.20
CA GLN DA 149 -25.54 -0.78 -20.95
C GLN DA 149 -26.33 -0.31 -22.16
N ILE DA 150 -26.97 -1.26 -22.86
CA ILE DA 150 -27.80 -0.98 -24.02
C ILE DA 150 -29.15 -1.65 -23.82
N VAL DA 151 -30.21 -0.86 -23.82
CA VAL DA 151 -31.56 -1.41 -23.74
C VAL DA 151 -32.01 -1.78 -25.15
N ALA DA 152 -32.32 -3.05 -25.36
CA ALA DA 152 -32.71 -3.56 -26.66
C ALA DA 152 -34.17 -3.99 -26.66
N ALA DA 153 -34.70 -4.13 -27.86
CA ALA DA 153 -36.09 -4.53 -28.03
C ALA DA 153 -36.27 -6.00 -27.70
N ALA DA 154 -37.44 -6.32 -27.16
CA ALA DA 154 -37.78 -7.68 -26.75
C ALA DA 154 -38.58 -8.36 -27.86
N ASP DA 155 -37.99 -9.36 -28.50
CA ASP DA 155 -38.63 -10.09 -29.57
C ASP DA 155 -38.51 -11.58 -29.31
N ARG DA 156 -39.12 -12.38 -30.18
CA ARG DA 156 -39.11 -13.82 -30.02
C ARG DA 156 -37.75 -14.43 -30.28
N TRP DA 157 -36.83 -13.67 -30.86
CA TRP DA 157 -35.50 -14.16 -31.22
C TRP DA 157 -34.46 -13.79 -30.19
N ASN DA 158 -34.87 -13.29 -29.02
CA ASN DA 158 -33.93 -13.05 -27.95
C ASN DA 158 -33.44 -14.38 -27.40
N HIS DA 159 -32.12 -14.54 -27.31
CA HIS DA 159 -31.52 -15.76 -26.78
C HIS DA 159 -31.95 -17.00 -27.57
N TRP DA 160 -32.18 -16.85 -28.87
CA TRP DA 160 -32.80 -17.94 -29.63
C TRP DA 160 -31.91 -19.17 -29.69
N ASP DA 161 -30.59 -18.99 -29.67
CA ASP DA 161 -29.68 -20.12 -29.83
C ASP DA 161 -29.24 -20.73 -28.51
N VAL DA 162 -29.76 -20.25 -27.38
CA VAL DA 162 -29.47 -20.81 -26.07
C VAL DA 162 -30.72 -21.21 -25.32
N ARG DA 163 -31.86 -21.29 -26.01
CA ARG DA 163 -33.08 -21.71 -25.36
C ARG DA 163 -32.98 -23.16 -24.87
N CYS DA 164 -32.05 -23.93 -25.42
CA CYS DA 164 -31.94 -25.33 -25.06
C CYS DA 164 -31.33 -25.51 -23.67
N TYR DA 165 -30.51 -24.57 -23.23
CA TYR DA 165 -29.79 -24.70 -21.97
C TYR DA 165 -30.66 -24.24 -20.81
N ASP DA 166 -30.75 -25.07 -19.77
CA ASP DA 166 -31.59 -24.78 -18.62
C ASP DA 166 -30.93 -23.80 -17.65
N ASN DA 167 -29.62 -23.95 -17.43
CA ASN DA 167 -28.92 -23.09 -16.48
C ASN DA 167 -28.88 -21.64 -16.94
N VAL DA 168 -28.92 -21.41 -18.25
CA VAL DA 168 -28.97 -20.03 -18.76
C VAL DA 168 -30.32 -19.39 -18.43
N MET DA 169 -31.40 -20.18 -18.49
CA MET DA 169 -32.72 -19.65 -18.15
C MET DA 169 -32.81 -19.31 -16.67
N LYS DA 170 -32.25 -20.15 -15.81
CA LYS DA 170 -32.32 -19.90 -14.37
C LYS DA 170 -31.49 -18.69 -13.97
N ALA DA 171 -30.33 -18.52 -14.59
CA ALA DA 171 -29.46 -17.39 -14.25
C ALA DA 171 -30.06 -16.06 -14.72
N LEU DA 172 -30.77 -16.07 -15.83
CA LEU DA 172 -31.32 -14.83 -16.38
C LEU DA 172 -32.63 -14.45 -15.72
N LYS DA 173 -33.49 -15.42 -15.46
CA LYS DA 173 -34.87 -15.15 -15.09
C LYS DA 173 -35.12 -15.15 -13.60
N TYR DA 174 -34.57 -16.10 -12.86
CA TYR DA 174 -34.99 -16.36 -11.50
C TYR DA 174 -34.05 -15.71 -10.50
N ILE DA 175 -34.62 -14.96 -9.56
CA ILE DA 175 -33.91 -14.44 -8.40
C ILE DA 175 -34.49 -15.18 -7.20
N ARG DA 176 -33.77 -16.18 -6.73
CA ARG DA 176 -34.27 -17.03 -5.66
C ARG DA 176 -34.15 -16.32 -4.32
N ILE DA 177 -35.03 -16.70 -3.40
CA ILE DA 177 -35.14 -16.05 -2.10
C ILE DA 177 -34.43 -16.92 -1.07
N PRO DA 178 -33.38 -16.45 -0.42
CA PRO DA 178 -32.69 -17.27 0.56
C PRO DA 178 -33.55 -17.54 1.80
N THR DA 179 -33.50 -18.77 2.27
CA THR DA 179 -34.26 -19.21 3.42
C THR DA 179 -33.40 -19.14 4.68
N VAL DA 180 -33.98 -19.59 5.79
CA VAL DA 180 -33.24 -19.59 7.05
C VAL DA 180 -32.11 -20.60 6.98
N GLN DA 181 -32.39 -21.79 6.43
CA GLN DA 181 -31.32 -22.71 6.09
C GLN DA 181 -30.64 -22.16 4.84
N ASN DA 182 -29.63 -21.34 5.02
CA ASN DA 182 -29.04 -20.58 3.93
C ASN DA 182 -28.21 -21.49 3.03
N ASN DA 183 -28.83 -22.04 2.00
CA ASN DA 183 -28.15 -22.94 1.08
C ASN DA 183 -28.74 -22.82 -0.31
N ILE DA 184 -27.92 -23.15 -1.29
CA ILE DA 184 -28.42 -23.34 -2.65
C ILE DA 184 -29.38 -24.52 -2.66
N PRO DA 185 -30.46 -24.47 -3.43
CA PRO DA 185 -31.38 -25.62 -3.48
C PRO DA 185 -30.66 -26.92 -3.81
N GLU DA 186 -31.08 -27.98 -3.13
CA GLU DA 186 -30.38 -29.26 -3.27
C GLU DA 186 -30.45 -29.79 -4.69
N ALA DA 187 -31.57 -29.57 -5.37
CA ALA DA 187 -31.67 -29.95 -6.77
C ALA DA 187 -30.63 -29.25 -7.61
N THR DA 188 -30.37 -27.98 -7.31
CA THR DA 188 -29.36 -27.23 -8.06
C THR DA 188 -27.96 -27.75 -7.77
N ARG DA 189 -27.67 -28.08 -6.51
CA ARG DA 189 -26.36 -28.62 -6.19
C ARG DA 189 -26.16 -29.99 -6.81
N TRP DA 190 -27.21 -30.80 -6.86
CA TRP DA 190 -27.09 -32.15 -7.43
C TRP DA 190 -26.86 -32.10 -8.93
N TYR DA 191 -27.60 -31.24 -9.64
CA TYR DA 191 -27.37 -31.10 -11.07
C TYR DA 191 -25.98 -30.56 -11.36
N GLY DA 192 -25.42 -29.77 -10.44
CA GLY DA 192 -24.11 -29.20 -10.65
C GLY DA 192 -22.96 -30.15 -10.52
N ARG DA 193 -23.18 -31.31 -9.88
CA ARG DA 193 -22.10 -32.27 -9.69
C ARG DA 193 -21.95 -33.21 -10.86
N GLN DA 194 -22.99 -33.38 -11.68
CA GLN DA 194 -22.86 -34.21 -12.86
C GLN DA 194 -21.79 -33.61 -13.75
N PRO DA 195 -20.65 -34.27 -13.90
CA PRO DA 195 -19.48 -33.60 -14.45
C PRO DA 195 -19.63 -33.27 -15.91
N GLY DA 196 -19.13 -32.10 -16.29
CA GLY DA 196 -19.04 -31.75 -17.69
C GLY DA 196 -17.84 -32.35 -18.35
N HIS DA 197 -17.75 -32.17 -19.66
CA HIS DA 197 -16.70 -32.78 -20.46
C HIS DA 197 -15.58 -31.78 -20.68
N LEU DA 198 -14.37 -32.19 -20.30
CA LEU DA 198 -13.17 -31.41 -20.46
C LEU DA 198 -12.23 -32.07 -21.44
N LEU DA 199 -11.67 -31.29 -22.35
CA LEU DA 199 -10.85 -31.84 -23.43
C LEU DA 199 -9.58 -32.47 -22.86
N ARG DA 200 -9.14 -33.55 -23.51
CA ARG DA 200 -7.89 -34.20 -23.14
C ARG DA 200 -6.68 -33.42 -23.63
N ALA DA 201 -6.81 -32.75 -24.77
CA ALA DA 201 -5.71 -31.98 -25.32
C ALA DA 201 -5.27 -30.88 -24.37
N ASP DA 202 -4.01 -30.95 -23.96
CA ASP DA 202 -3.49 -30.06 -22.93
C ASP DA 202 -1.99 -29.91 -23.13
N THR DA 203 -1.57 -28.72 -23.53
CA THR DA 203 -0.16 -28.38 -23.67
C THR DA 203 0.34 -27.55 -22.50
N TYR DA 204 -0.49 -27.34 -21.50
CA TYR DA 204 -0.14 -26.55 -20.34
C TYR DA 204 0.56 -27.35 -19.26
N TRP DA 205 0.37 -28.66 -19.25
CA TRP DA 205 1.05 -29.56 -18.31
C TRP DA 205 2.20 -30.25 -19.03
N ILE DA 206 3.40 -30.12 -18.50
CA ILE DA 206 4.59 -30.66 -19.19
C ILE DA 206 4.47 -32.15 -19.47
N PRO DA 207 3.94 -33.00 -18.57
CA PRO DA 207 3.84 -34.42 -18.93
C PRO DA 207 2.95 -34.69 -20.12
N ASN DA 208 1.82 -33.98 -20.24
CA ASN DA 208 0.92 -34.19 -21.36
C ASN DA 208 1.49 -33.60 -22.64
N LEU DA 209 2.29 -32.54 -22.52
CA LEU DA 209 2.90 -31.96 -23.71
C LEU DA 209 3.83 -32.95 -24.38
N VAL DA 210 4.43 -33.85 -23.60
CA VAL DA 210 5.31 -34.88 -24.14
C VAL DA 210 4.54 -36.16 -24.43
N SER DA 211 3.69 -36.58 -23.50
CA SER DA 211 3.03 -37.87 -23.63
C SER DA 211 2.02 -37.88 -24.77
N GLN DA 212 1.30 -36.78 -24.97
CA GLN DA 212 0.25 -36.78 -25.98
C GLN DA 212 0.80 -36.73 -27.40
N ARG DA 213 2.11 -36.58 -27.57
CA ARG DA 213 2.70 -36.68 -28.88
C ARG DA 213 2.85 -38.11 -29.33
N PHE DA 214 2.74 -39.06 -28.41
CA PHE DA 214 2.83 -40.48 -28.71
C PHE DA 214 1.50 -41.20 -28.57
N ALA DA 215 0.45 -40.49 -28.20
CA ALA DA 215 -0.87 -41.11 -28.07
C ALA DA 215 -1.53 -41.25 -29.43
N LYS DA 216 -2.27 -42.33 -29.61
CA LYS DA 216 -2.94 -42.62 -30.86
C LYS DA 216 -4.43 -42.34 -30.70
N HIS DA 217 -4.96 -41.49 -31.57
CA HIS DA 217 -6.38 -41.17 -31.55
C HIS DA 217 -7.15 -42.32 -32.19
N GLN DA 218 -7.89 -43.06 -31.38
CA GLN DA 218 -8.69 -44.15 -31.89
C GLN DA 218 -10.14 -43.73 -32.06
N PRO DA 219 -10.82 -44.23 -33.09
CA PRO DA 219 -12.21 -43.82 -33.32
C PRO DA 219 -13.11 -44.23 -32.16
N ALA DA 220 -13.87 -43.25 -31.67
CA ALA DA 220 -14.84 -43.50 -30.59
C ALA DA 220 -16.19 -43.81 -31.22
N HIS DA 221 -16.52 -45.09 -31.30
CA HIS DA 221 -17.76 -45.49 -31.94
C HIS DA 221 -18.95 -45.13 -31.06
N TRP DA 222 -19.93 -44.47 -31.66
CA TRP DA 222 -21.10 -44.01 -30.94
C TRP DA 222 -21.93 -45.20 -30.43
N ASP DA 223 -22.23 -45.19 -29.14
CA ASP DA 223 -22.99 -46.24 -28.51
C ASP DA 223 -24.47 -45.90 -28.37
N GLY DA 224 -24.90 -44.77 -28.92
CA GLY DA 224 -26.29 -44.37 -28.88
C GLY DA 224 -26.65 -43.41 -27.78
N THR DA 225 -25.68 -42.90 -27.04
CA THR DA 225 -25.92 -41.97 -25.95
C THR DA 225 -25.34 -40.59 -26.30
N GLN DA 226 -25.66 -39.63 -25.44
CA GLN DA 226 -25.24 -38.25 -25.58
C GLN DA 226 -24.23 -37.83 -24.52
N ASN DA 227 -23.75 -38.77 -23.71
CA ASN DA 227 -22.85 -38.46 -22.62
C ASN DA 227 -21.63 -39.36 -22.64
N MET DA 228 -21.18 -39.75 -23.82
CA MET DA 228 -20.01 -40.60 -23.92
C MET DA 228 -18.80 -39.85 -23.39
N PRO DA 229 -18.17 -40.31 -22.32
CA PRO DA 229 -17.01 -39.59 -21.76
C PRO DA 229 -15.73 -39.91 -22.50
N ILE DA 230 -15.65 -39.47 -23.75
CA ILE DA 230 -14.46 -39.71 -24.57
C ILE DA 230 -13.33 -38.76 -24.25
N PHE DA 231 -13.57 -37.79 -23.38
CA PHE DA 231 -12.53 -36.92 -22.84
C PHE DA 231 -12.47 -37.12 -21.34
N ARG DA 232 -11.71 -36.28 -20.67
CA ARG DA 232 -11.76 -36.24 -19.23
C ARG DA 232 -12.98 -35.46 -18.78
N LEU DA 233 -13.22 -35.44 -17.47
CA LEU DA 233 -14.37 -34.79 -16.87
C LEU DA 233 -13.94 -33.56 -16.10
N ALA DA 234 -14.82 -32.55 -16.08
CA ALA DA 234 -14.55 -31.27 -15.42
C ALA DA 234 -14.89 -31.39 -13.93
N ASP DA 235 -14.10 -32.22 -13.24
CA ASP DA 235 -14.26 -32.43 -11.82
C ASP DA 235 -12.88 -32.41 -11.18
N PRO DA 236 -12.72 -31.71 -10.05
CA PRO DA 236 -11.39 -31.63 -9.42
C PRO DA 236 -10.84 -32.97 -8.97
N LYS DA 237 -11.69 -33.97 -8.78
CA LYS DA 237 -11.28 -35.26 -8.28
C LYS DA 237 -11.07 -36.29 -9.36
N HIS DA 238 -11.21 -35.92 -10.63
CA HIS DA 238 -10.96 -36.85 -11.71
C HIS DA 238 -9.46 -37.12 -11.81
N LYS DA 239 -9.11 -38.36 -12.13
CA LYS DA 239 -7.71 -38.76 -12.18
C LYS DA 239 -6.93 -38.12 -13.32
N ASP DA 240 -7.60 -37.47 -14.26
CA ASP DA 240 -6.95 -36.77 -15.35
C ASP DA 240 -7.12 -35.26 -15.27
N SER DA 241 -7.73 -34.76 -14.20
CA SER DA 241 -8.00 -33.33 -14.05
C SER DA 241 -7.56 -32.80 -12.69
N TYR DA 242 -6.85 -33.60 -11.90
CA TYR DA 242 -6.46 -33.19 -10.56
C TYR DA 242 -5.44 -32.06 -10.57
N MET DA 243 -4.69 -31.90 -11.65
CA MET DA 243 -3.74 -30.81 -11.75
C MET DA 243 -4.38 -29.49 -12.13
N VAL DA 244 -5.66 -29.49 -12.45
CA VAL DA 244 -6.36 -28.28 -12.83
C VAL DA 244 -6.88 -27.58 -11.59
N GLN DA 245 -6.72 -26.26 -11.54
CA GLN DA 245 -7.10 -25.46 -10.39
C GLN DA 245 -8.55 -25.02 -10.56
N PHE DA 246 -9.44 -25.64 -9.78
CA PHE DA 246 -10.86 -25.30 -9.77
C PHE DA 246 -11.09 -24.32 -8.61
N ARG DA 247 -11.22 -23.04 -8.94
CA ARG DA 247 -11.44 -22.02 -7.93
C ARG DA 247 -12.58 -21.09 -8.30
N MET EA 1 -53.98 -9.06 -2.43
CA MET EA 1 -55.09 -8.48 -3.25
C MET EA 1 -55.23 -9.18 -4.60
N ASP EA 2 -55.64 -10.44 -4.55
CA ASP EA 2 -56.00 -11.18 -5.75
C ASP EA 2 -57.45 -10.93 -6.13
N ASN EA 3 -57.82 -11.36 -7.33
CA ASN EA 3 -59.13 -11.09 -7.90
C ASN EA 3 -59.39 -9.59 -7.92
N TYR EA 4 -58.39 -8.83 -8.39
CA TYR EA 4 -58.48 -7.38 -8.38
C TYR EA 4 -59.62 -6.90 -9.27
N PHE EA 5 -59.60 -7.29 -10.54
CA PHE EA 5 -60.61 -6.81 -11.47
C PHE EA 5 -62.00 -7.27 -11.08
N THR EA 6 -62.11 -8.46 -10.49
CA THR EA 6 -63.41 -8.93 -10.02
C THR EA 6 -63.92 -8.08 -8.87
N ALA EA 7 -63.06 -7.79 -7.90
CA ALA EA 7 -63.47 -6.99 -6.75
C ALA EA 7 -63.78 -5.55 -7.16
N ILE EA 8 -62.98 -4.98 -8.05
CA ILE EA 8 -63.24 -3.63 -8.52
C ILE EA 8 -64.57 -3.56 -9.26
N THR EA 9 -64.90 -4.62 -9.99
CA THR EA 9 -66.15 -4.63 -10.74
C THR EA 9 -67.34 -4.79 -9.81
N LEU EA 10 -67.21 -5.62 -8.78
CA LEU EA 10 -68.31 -5.83 -7.85
C LEU EA 10 -68.58 -4.59 -7.01
N LEU EA 11 -67.55 -3.82 -6.69
CA LEU EA 11 -67.73 -2.59 -5.94
C LEU EA 11 -68.40 -1.50 -6.76
N GLY EA 12 -68.46 -1.65 -8.07
CA GLY EA 12 -69.08 -0.67 -8.94
C GLY EA 12 -68.16 0.42 -9.43
N LEU EA 13 -66.85 0.25 -9.30
CA LEU EA 13 -65.91 1.29 -9.72
C LEU EA 13 -65.82 1.41 -11.22
N ARG EA 14 -66.46 0.52 -11.98
CA ARG EA 14 -66.45 0.64 -13.43
C ARG EA 14 -67.53 1.58 -13.95
N ASP EA 15 -68.50 1.96 -13.10
CA ASP EA 15 -69.58 2.83 -13.53
C ASP EA 15 -69.88 3.96 -12.56
N GLN EA 16 -69.53 3.84 -11.29
CA GLN EA 16 -69.89 4.83 -10.30
C GLN EA 16 -68.70 5.07 -9.38
N ASN EA 17 -68.93 5.82 -8.31
CA ASN EA 17 -67.91 6.16 -7.34
C ASN EA 17 -68.31 5.69 -5.95
N LEU EA 18 -67.31 5.34 -5.16
CA LEU EA 18 -67.54 4.88 -3.80
C LEU EA 18 -68.05 6.02 -2.92
N PRO EA 19 -68.75 5.68 -1.84
CA PRO EA 19 -69.18 6.70 -0.90
C PRO EA 19 -68.00 7.44 -0.31
N PRO EA 20 -68.09 8.75 -0.13
CA PRO EA 20 -66.93 9.53 0.32
C PRO EA 20 -66.56 9.33 1.78
N PHE EA 21 -67.35 8.61 2.56
CA PHE EA 21 -67.10 8.44 3.98
C PHE EA 21 -66.66 7.01 4.28
N LYS EA 22 -65.73 6.88 5.22
CA LYS EA 22 -65.09 5.60 5.47
C LYS EA 22 -66.05 4.54 5.99
N ASP EA 23 -67.12 4.95 6.66
CA ASP EA 23 -68.02 3.97 7.27
C ASP EA 23 -68.69 3.11 6.20
N ALA EA 24 -69.44 3.74 5.30
CA ALA EA 24 -70.12 2.99 4.26
C ALA EA 24 -69.14 2.45 3.23
N ARG EA 25 -68.03 3.15 3.01
CA ARG EA 25 -67.05 2.70 2.03
C ARG EA 25 -66.39 1.40 2.47
N LEU EA 26 -66.09 1.28 3.76
CA LEU EA 26 -65.45 0.08 4.28
C LEU EA 26 -66.44 -1.08 4.42
N GLN EA 27 -67.73 -0.78 4.62
CA GLN EA 27 -68.73 -1.83 4.61
C GLN EA 27 -68.93 -2.39 3.21
N ARG EA 28 -68.78 -1.55 2.18
CA ARG EA 28 -68.93 -2.03 0.81
C ARG EA 28 -67.80 -2.97 0.42
N TYR EA 29 -66.63 -2.83 1.04
CA TYR EA 29 -65.54 -3.75 0.76
C TYR EA 29 -65.85 -5.13 1.29
N LYS EA 30 -66.34 -5.22 2.53
CA LYS EA 30 -66.67 -6.50 3.14
C LYS EA 30 -67.92 -7.13 2.55
N SER EA 31 -68.65 -6.43 1.69
CA SER EA 31 -69.89 -6.98 1.14
C SER EA 31 -69.64 -7.99 0.03
N ILE EA 32 -68.50 -7.89 -0.65
CA ILE EA 32 -68.19 -8.78 -1.77
C ILE EA 32 -67.44 -10.01 -1.32
N LYS EA 33 -67.22 -10.16 -0.01
CA LYS EA 33 -66.43 -11.28 0.50
C LYS EA 33 -67.08 -12.61 0.19
N LYS EA 34 -68.41 -12.67 0.24
CA LYS EA 34 -69.12 -13.89 -0.10
C LYS EA 34 -69.03 -14.18 -1.60
N MET EA 35 -69.10 -13.14 -2.42
CA MET EA 35 -69.09 -13.34 -3.86
C MET EA 35 -67.73 -13.78 -4.37
N ILE EA 36 -66.65 -13.32 -3.75
CA ILE EA 36 -65.33 -13.74 -4.16
C ILE EA 36 -65.13 -15.21 -3.88
N ASP EA 37 -65.65 -15.70 -2.74
CA ASP EA 37 -65.58 -17.11 -2.44
C ASP EA 37 -66.38 -17.94 -3.43
N LEU EA 38 -67.46 -17.39 -3.96
CA LEU EA 38 -68.27 -18.09 -4.94
C LEU EA 38 -67.61 -18.11 -6.31
N ILE EA 39 -67.12 -16.96 -6.75
CA ILE EA 39 -66.52 -16.87 -8.08
C ILE EA 39 -65.23 -17.66 -8.14
N GLU EA 40 -64.46 -17.68 -7.05
CA GLU EA 40 -63.24 -18.46 -7.03
C GLU EA 40 -63.55 -19.95 -7.07
N THR EA 41 -64.64 -20.37 -6.44
CA THR EA 41 -65.03 -21.77 -6.47
C THR EA 41 -65.47 -22.20 -7.85
N THR EA 42 -66.15 -21.31 -8.58
CA THR EA 42 -66.61 -21.66 -9.92
C THR EA 42 -65.44 -21.89 -10.86
N THR EA 43 -64.39 -21.08 -10.73
CA THR EA 43 -63.26 -21.19 -11.64
C THR EA 43 -62.44 -22.45 -11.40
N LYS EA 44 -62.74 -23.23 -10.37
CA LYS EA 44 -62.01 -24.45 -10.06
C LYS EA 44 -62.80 -25.70 -10.42
N LEU EA 45 -63.79 -25.58 -11.30
CA LEU EA 45 -64.64 -26.69 -11.69
C LEU EA 45 -64.49 -27.00 -13.16
N ALA EA 46 -63.43 -26.52 -13.80
CA ALA EA 46 -63.27 -26.72 -15.22
C ALA EA 46 -62.89 -28.17 -15.51
N PRO EA 47 -63.51 -28.80 -16.49
CA PRO EA 47 -63.19 -30.18 -16.81
C PRO EA 47 -61.86 -30.28 -17.52
N PRO EA 48 -61.21 -31.45 -17.50
CA PRO EA 48 -59.93 -31.58 -18.16
C PRO EA 48 -60.08 -31.81 -19.66
N MET EA 49 -59.03 -31.45 -20.38
CA MET EA 49 -58.92 -31.59 -21.82
C MET EA 49 -57.55 -32.18 -22.11
N PRO EA 50 -57.40 -32.95 -23.20
CA PRO EA 50 -56.10 -33.57 -23.48
C PRO EA 50 -54.92 -32.61 -23.46
N VAL EA 51 -53.92 -32.92 -22.62
CA VAL EA 51 -52.75 -32.06 -22.52
C VAL EA 51 -51.93 -32.10 -23.81
N GLU EA 52 -52.04 -33.18 -24.57
CA GLU EA 52 -51.32 -33.30 -25.83
C GLU EA 52 -52.12 -32.70 -26.99
N LEU EA 53 -52.59 -31.48 -26.79
CA LEU EA 53 -53.40 -30.77 -27.77
C LEU EA 53 -52.63 -29.65 -28.44
N PHE EA 54 -51.99 -28.80 -27.65
CA PHE EA 54 -51.13 -27.73 -28.14
C PHE EA 54 -49.72 -27.85 -27.61
N MET EA 55 -49.37 -29.00 -27.03
CA MET EA 55 -48.06 -29.17 -26.41
C MET EA 55 -47.63 -30.61 -26.54
N LEU EA 56 -46.50 -30.83 -27.20
CA LEU EA 56 -45.90 -32.16 -27.25
C LEU EA 56 -45.37 -32.55 -25.89
N ASN EA 57 -45.51 -33.81 -25.55
CA ASN EA 57 -45.05 -34.30 -24.26
C ASN EA 57 -43.53 -34.16 -24.18
N PRO EA 58 -43.02 -33.33 -23.27
CA PRO EA 58 -41.56 -33.14 -23.21
C PRO EA 58 -40.81 -34.35 -22.67
N THR EA 59 -41.49 -35.29 -22.04
CA THR EA 59 -40.86 -36.49 -21.53
C THR EA 59 -40.77 -37.60 -22.55
N ASP EA 60 -41.14 -37.34 -23.80
CA ASP EA 60 -41.09 -38.36 -24.82
C ASP EA 60 -39.64 -38.71 -25.14
N PRO EA 61 -39.32 -39.98 -25.34
CA PRO EA 61 -37.94 -40.36 -25.66
C PRO EA 61 -37.42 -39.76 -26.95
N GLU EA 62 -38.29 -39.23 -27.80
CA GLU EA 62 -37.81 -38.61 -29.03
C GLU EA 62 -36.95 -37.39 -28.74
N TRP EA 63 -37.20 -36.72 -27.62
CA TRP EA 63 -36.48 -35.50 -27.27
C TRP EA 63 -35.27 -35.76 -26.38
N ASP EA 64 -34.80 -37.00 -26.32
CA ASP EA 64 -33.57 -37.30 -25.60
C ASP EA 64 -32.32 -36.96 -26.39
N ASP EA 65 -32.47 -36.48 -27.62
CA ASP EA 65 -31.30 -36.15 -28.42
C ASP EA 65 -30.54 -34.97 -27.83
N ASP EA 66 -31.23 -34.09 -27.11
CA ASP EA 66 -30.60 -32.92 -26.50
C ASP EA 66 -29.84 -32.12 -27.54
N MET EA 67 -30.46 -31.96 -28.71
CA MET EA 67 -29.84 -31.23 -29.80
C MET EA 67 -29.63 -29.77 -29.43
N THR EA 68 -28.52 -29.20 -29.90
CA THR EA 68 -28.24 -27.79 -29.72
C THR EA 68 -28.69 -26.99 -30.93
N TYR EA 69 -28.63 -25.67 -30.79
CA TYR EA 69 -28.98 -24.76 -31.87
C TYR EA 69 -27.74 -24.47 -32.72
N PRO EA 70 -27.69 -24.91 -33.98
CA PRO EA 70 -26.58 -24.53 -34.84
C PRO EA 70 -26.68 -23.07 -35.27
N THR EA 71 -25.59 -22.33 -35.08
CA THR EA 71 -25.56 -20.90 -35.36
C THR EA 71 -24.47 -20.60 -36.38
N ILE EA 72 -24.52 -19.38 -36.90
CA ILE EA 72 -23.47 -18.82 -37.74
C ILE EA 72 -22.80 -17.70 -36.99
N THR EA 73 -21.50 -17.86 -36.73
CA THR EA 73 -20.74 -16.85 -36.01
C THR EA 73 -20.35 -15.75 -37.01
N HIS EA 74 -21.32 -14.86 -37.27
CA HIS EA 74 -21.09 -13.76 -38.19
C HIS EA 74 -20.00 -12.81 -37.67
N ALA EA 75 -20.00 -12.56 -36.37
CA ALA EA 75 -19.01 -11.65 -35.80
C ALA EA 75 -17.60 -12.23 -35.87
N THR EA 76 -17.47 -13.53 -35.65
CA THR EA 76 -16.17 -14.18 -35.77
C THR EA 76 -15.70 -14.16 -37.21
N ALA EA 77 -16.59 -14.50 -38.15
CA ALA EA 77 -16.21 -14.52 -39.56
C ALA EA 77 -15.92 -13.12 -40.08
N LEU EA 78 -16.55 -12.10 -39.50
CA LEU EA 78 -16.30 -10.73 -39.92
C LEU EA 78 -14.99 -10.20 -39.37
N TYR EA 79 -14.66 -10.55 -38.13
CA TYR EA 79 -13.39 -10.08 -37.56
C TYR EA 79 -12.21 -10.71 -38.30
N LYS EA 80 -12.26 -12.03 -38.49
CA LYS EA 80 -11.17 -12.71 -39.17
C LYS EA 80 -11.02 -12.27 -40.62
N SER EA 81 -12.12 -11.85 -41.24
CA SER EA 81 -12.04 -11.28 -42.57
C SER EA 81 -11.39 -9.91 -42.55
N SER EA 82 -11.63 -9.14 -41.49
CA SER EA 82 -11.00 -7.83 -41.36
C SER EA 82 -9.54 -7.94 -40.96
N ALA EA 83 -9.20 -8.96 -40.18
CA ALA EA 83 -7.80 -9.20 -39.86
C ALA EA 83 -7.03 -9.67 -41.08
N LEU EA 84 -7.64 -10.52 -41.90
CA LEU EA 84 -7.02 -10.90 -43.16
C LEU EA 84 -6.87 -9.71 -44.09
N ALA EA 85 -7.86 -8.81 -44.09
CA ALA EA 85 -7.72 -7.58 -44.87
C ALA EA 85 -6.62 -6.70 -44.30
N GLY EA 86 -6.37 -6.76 -42.99
CA GLY EA 86 -5.27 -6.03 -42.42
C GLY EA 86 -3.92 -6.52 -42.91
N ASN EA 87 -3.79 -7.83 -43.14
CA ASN EA 87 -2.55 -8.34 -43.70
C ASN EA 87 -2.34 -7.87 -45.12
N LEU EA 88 -3.42 -7.77 -45.90
CA LEU EA 88 -3.28 -7.29 -47.27
C LEU EA 88 -2.88 -5.82 -47.29
N PHE EA 89 -3.30 -5.04 -46.28
CA PHE EA 89 -2.85 -3.67 -46.18
C PHE EA 89 -1.38 -3.61 -45.76
N LEU EA 90 -0.98 -4.50 -44.86
CA LEU EA 90 0.41 -4.52 -44.42
C LEU EA 90 1.34 -4.84 -45.58
N TYR EA 91 0.90 -5.71 -46.50
CA TYR EA 91 1.71 -5.98 -47.67
C TYR EA 91 1.68 -4.81 -48.63
N ALA EA 92 0.51 -4.21 -48.82
CA ALA EA 92 0.40 -3.08 -49.74
C ALA EA 92 1.17 -1.88 -49.21
N TYR EA 93 1.09 -1.62 -47.90
CA TYR EA 93 1.81 -0.50 -47.33
C TYR EA 93 3.31 -0.69 -47.46
N ASN EA 94 3.77 -1.94 -47.48
CA ASN EA 94 5.18 -2.27 -47.60
C ASN EA 94 5.47 -2.99 -48.91
N TYR EA 95 4.83 -2.56 -50.01
CA TYR EA 95 4.93 -3.31 -51.26
C TYR EA 95 6.34 -3.27 -51.82
N ASN EA 96 6.99 -2.11 -51.75
CA ASN EA 96 8.30 -1.96 -52.36
C ASN EA 96 9.35 -2.80 -51.65
N ASN EA 97 9.22 -2.98 -50.34
CA ASN EA 97 10.20 -3.78 -49.61
C ASN EA 97 9.97 -5.27 -49.82
N PHE EA 98 8.70 -5.69 -49.80
CA PHE EA 98 8.38 -7.10 -49.99
C PHE EA 98 8.66 -7.56 -51.42
N THR EA 99 8.65 -6.66 -52.38
CA THR EA 99 8.80 -7.01 -53.78
C THR EA 99 10.23 -6.88 -54.29
N ALA EA 100 10.96 -5.83 -53.90
CA ALA EA 100 12.28 -5.58 -54.44
C ALA EA 100 13.40 -6.10 -53.56
N ASN EA 101 13.21 -6.11 -52.24
CA ASN EA 101 14.24 -6.59 -51.33
C ASN EA 101 14.21 -8.11 -51.27
N ILE EA 102 15.31 -8.73 -51.69
CA ILE EA 102 15.34 -10.18 -51.76
C ILE EA 102 15.38 -10.83 -50.38
N ARG EA 103 15.73 -10.07 -49.34
CA ARG EA 103 15.70 -10.62 -48.00
C ARG EA 103 14.29 -10.94 -47.54
N LEU EA 104 13.27 -10.39 -48.20
CA LEU EA 104 11.89 -10.67 -47.88
C LEU EA 104 11.21 -11.54 -48.93
N ARG EA 105 12.00 -12.28 -49.72
CA ARG EA 105 11.44 -13.06 -50.81
C ARG EA 105 10.52 -14.17 -50.32
N THR EA 106 10.81 -14.73 -49.15
CA THR EA 106 9.99 -15.82 -48.64
C THR EA 106 8.59 -15.32 -48.28
N MET EA 107 8.49 -14.11 -47.74
CA MET EA 107 7.18 -13.52 -47.50
C MET EA 107 6.46 -13.26 -48.81
N ARG EA 108 7.16 -12.71 -49.80
CA ARG EA 108 6.53 -12.43 -51.07
C ARG EA 108 6.01 -13.71 -51.71
N TYR EA 109 6.75 -14.80 -51.55
CA TYR EA 109 6.36 -16.04 -52.22
C TYR EA 109 5.23 -16.75 -51.48
N LEU EA 110 5.28 -16.77 -50.15
CA LEU EA 110 4.38 -17.58 -49.34
C LEU EA 110 3.28 -16.80 -48.66
N PHE EA 111 3.26 -15.47 -48.80
CA PHE EA 111 2.12 -14.68 -48.31
C PHE EA 111 0.81 -15.09 -48.97
N PRO EA 112 0.73 -15.30 -50.28
CA PRO EA 112 -0.54 -15.72 -50.88
C PRO EA 112 -0.95 -17.13 -50.51
N VAL EA 113 -0.01 -18.00 -50.15
CA VAL EA 113 -0.36 -19.34 -49.72
C VAL EA 113 -0.98 -19.32 -48.34
N VAL EA 114 -0.40 -18.53 -47.43
CA VAL EA 114 -0.95 -18.44 -46.08
C VAL EA 114 -2.29 -17.71 -46.11
N SER EA 115 -2.43 -16.70 -46.96
CA SER EA 115 -3.68 -15.95 -47.04
C SER EA 115 -4.81 -16.83 -47.55
N LEU EA 116 -4.51 -17.71 -48.52
CA LEU EA 116 -5.52 -18.63 -49.03
C LEU EA 116 -5.95 -19.64 -47.97
N ALA EA 117 -5.00 -20.10 -47.15
CA ALA EA 117 -5.34 -21.01 -46.07
C ALA EA 117 -6.18 -20.33 -45.00
N ILE EA 118 -5.92 -19.05 -44.76
CA ILE EA 118 -6.71 -18.29 -43.81
C ILE EA 118 -8.12 -18.08 -44.34
N PHE EA 119 -8.24 -17.66 -45.60
CA PHE EA 119 -9.55 -17.55 -46.21
C PHE EA 119 -10.24 -18.91 -46.25
N GLY EA 120 -9.49 -19.97 -46.52
CA GLY EA 120 -10.07 -21.29 -46.54
C GLY EA 120 -10.69 -21.67 -45.21
N ASN EA 121 -10.01 -21.34 -44.11
CA ASN EA 121 -10.56 -21.64 -42.80
C ASN EA 121 -11.76 -20.75 -42.49
N ILE EA 122 -11.68 -19.47 -42.84
CA ILE EA 122 -12.80 -18.57 -42.58
C ILE EA 122 -14.03 -19.01 -43.35
N TYR EA 123 -13.87 -19.26 -44.66
CA TYR EA 123 -15.03 -19.59 -45.48
C TYR EA 123 -15.51 -21.01 -45.23
N TRP EA 124 -14.60 -21.93 -44.88
CA TRP EA 124 -15.02 -23.27 -44.54
C TRP EA 124 -15.93 -23.27 -43.32
N ASP EA 125 -15.54 -22.55 -42.27
CA ASP EA 125 -16.35 -22.50 -41.06
C ASP EA 125 -17.70 -21.86 -41.33
N TYR EA 126 -17.73 -20.77 -42.11
CA TYR EA 126 -19.00 -20.12 -42.42
C TYR EA 126 -19.87 -21.01 -43.28
N ARG EA 127 -19.27 -21.69 -44.26
CA ARG EA 127 -20.04 -22.52 -45.17
C ARG EA 127 -20.62 -23.73 -44.44
N SER EA 128 -19.82 -24.40 -43.62
CA SER EA 128 -20.30 -25.56 -42.89
C SER EA 128 -21.36 -25.16 -41.87
N GLN EA 129 -21.20 -24.00 -41.24
CA GLN EA 129 -22.21 -23.50 -40.33
C GLN EA 129 -23.53 -23.24 -41.06
N LEU EA 130 -23.45 -22.72 -42.28
CA LEU EA 130 -24.65 -22.43 -43.05
C LEU EA 130 -25.38 -23.69 -43.46
N VAL EA 131 -24.65 -24.76 -43.77
CA VAL EA 131 -25.28 -26.01 -44.16
C VAL EA 131 -25.99 -26.65 -42.97
N LYS EA 132 -25.36 -26.59 -41.80
CA LYS EA 132 -25.97 -27.18 -40.62
C LYS EA 132 -27.23 -26.45 -40.20
N VAL EA 133 -27.29 -25.13 -40.39
CA VAL EA 133 -28.49 -24.37 -40.06
C VAL EA 133 -29.64 -24.73 -41.00
N ASN EA 134 -29.35 -24.91 -42.28
CA ASN EA 134 -30.39 -25.26 -43.24
C ASN EA 134 -30.95 -26.65 -42.99
N LEU EA 135 -30.08 -27.59 -42.59
CA LEU EA 135 -30.57 -28.93 -42.26
C LEU EA 135 -31.46 -28.91 -41.03
N PHE EA 136 -31.12 -28.07 -40.05
CA PHE EA 136 -31.93 -27.96 -38.85
C PHE EA 136 -33.28 -27.32 -39.15
N ASP EA 137 -33.28 -26.26 -39.95
CA ASP EA 137 -34.53 -25.57 -40.25
C ASP EA 137 -35.48 -26.46 -41.04
N GLU EA 138 -34.97 -27.18 -42.03
CA GLU EA 138 -35.82 -28.02 -42.86
C GLU EA 138 -36.32 -29.26 -42.13
N TYR EA 139 -35.67 -29.66 -41.04
CA TYR EA 139 -36.10 -30.85 -40.32
C TYR EA 139 -37.21 -30.52 -39.33
N ILE EA 140 -37.08 -29.43 -38.58
CA ILE EA 140 -38.09 -29.08 -37.61
C ILE EA 140 -39.41 -28.74 -38.27
N GLN EA 141 -39.39 -28.31 -39.53
CA GLN EA 141 -40.62 -28.05 -40.25
C GLN EA 141 -41.24 -29.33 -40.76
N ALA EA 142 -40.43 -30.25 -41.27
CA ALA EA 142 -40.96 -31.51 -41.77
C ALA EA 142 -41.45 -32.40 -40.63
N ARG EA 143 -40.70 -32.44 -39.53
CA ARG EA 143 -41.10 -33.28 -38.41
C ARG EA 143 -42.32 -32.73 -37.69
N ALA EA 144 -42.48 -31.41 -37.67
CA ALA EA 144 -43.64 -30.83 -37.00
C ALA EA 144 -44.93 -31.19 -37.73
N GLN EA 145 -44.89 -31.24 -39.07
CA GLN EA 145 -46.08 -31.57 -39.84
C GLN EA 145 -46.48 -33.03 -39.66
N GLU EA 146 -45.51 -33.93 -39.48
CA GLU EA 146 -45.85 -35.33 -39.25
C GLU EA 146 -46.55 -35.50 -37.91
N LEU EA 147 -46.08 -34.80 -36.88
CA LEU EA 147 -46.69 -34.90 -35.57
C LEU EA 147 -48.06 -34.24 -35.52
N VAL EA 148 -48.33 -33.29 -36.40
CA VAL EA 148 -49.65 -32.67 -36.46
C VAL EA 148 -50.67 -33.65 -37.02
N LYS EA 149 -50.36 -34.25 -38.18
CA LYS EA 149 -51.26 -35.22 -38.76
C LYS EA 149 -51.45 -36.44 -37.88
N GLN EA 150 -50.48 -36.72 -37.00
CA GLN EA 150 -50.60 -37.85 -36.10
C GLN EA 150 -51.57 -37.58 -34.95
N ASN EA 151 -51.65 -36.33 -34.48
CA ASN EA 151 -52.44 -35.98 -33.31
C ASN EA 151 -53.66 -35.13 -33.65
N GLU EA 152 -54.02 -35.01 -34.93
CA GLU EA 152 -55.21 -34.23 -35.30
C GLU EA 152 -56.48 -34.82 -34.72
N TYR EA 153 -56.51 -36.14 -34.50
CA TYR EA 153 -57.71 -36.80 -34.02
C TYR EA 153 -58.08 -36.40 -32.60
N LEU EA 154 -57.13 -35.92 -31.81
CA LEU EA 154 -57.42 -35.60 -30.42
C LEU EA 154 -58.42 -34.46 -30.29
N LEU EA 155 -58.54 -33.61 -31.30
CA LEU EA 155 -59.52 -32.53 -31.29
C LEU EA 155 -60.95 -33.02 -31.52
N GLU EA 156 -61.13 -34.31 -31.76
CA GLU EA 156 -62.47 -34.86 -31.95
C GLU EA 156 -63.03 -35.50 -30.68
N HIS EA 157 -62.24 -35.57 -29.62
CA HIS EA 157 -62.71 -36.16 -28.39
C HIS EA 157 -63.77 -35.28 -27.74
N GLU EA 158 -64.74 -35.91 -27.09
CA GLU EA 158 -65.86 -35.17 -26.53
C GLU EA 158 -65.45 -34.28 -25.36
N ASP EA 159 -64.29 -34.54 -24.75
CA ASP EA 159 -63.82 -33.69 -23.67
C ASP EA 159 -63.55 -32.27 -24.13
N VAL EA 160 -63.22 -32.09 -25.41
CA VAL EA 160 -63.06 -30.74 -25.96
C VAL EA 160 -64.39 -30.02 -25.98
N LYS EA 161 -65.45 -30.74 -26.35
CA LYS EA 161 -66.78 -30.14 -26.35
C LYS EA 161 -67.26 -29.88 -24.93
N ARG EA 162 -66.96 -30.79 -24.01
CA ARG EA 162 -67.35 -30.59 -22.61
C ARG EA 162 -66.63 -29.40 -22.01
N TYR EA 163 -65.41 -29.12 -22.44
CA TYR EA 163 -64.67 -27.98 -21.92
C TYR EA 163 -65.29 -26.67 -22.38
N VAL EA 164 -65.66 -26.59 -23.65
CA VAL EA 164 -66.24 -25.36 -24.20
C VAL EA 164 -67.61 -25.09 -23.61
N TRP EA 165 -68.41 -26.14 -23.40
CA TRP EA 165 -69.74 -25.97 -22.84
C TRP EA 165 -69.66 -25.44 -21.41
N TRP EA 166 -68.65 -25.87 -20.65
CA TRP EA 166 -68.47 -25.36 -19.30
C TRP EA 166 -68.10 -23.89 -19.32
N TYR EA 167 -67.26 -23.48 -20.27
CA TYR EA 167 -66.85 -22.09 -20.36
C TYR EA 167 -68.01 -21.19 -20.77
N GLU EA 168 -68.86 -21.66 -21.69
CA GLU EA 168 -70.02 -20.88 -22.08
C GLU EA 168 -71.06 -20.79 -20.96
N ASP EA 169 -71.17 -21.84 -20.14
CA ASP EA 169 -72.07 -21.77 -19.00
C ASP EA 169 -71.59 -20.77 -17.98
N LEU EA 170 -70.28 -20.68 -17.79
CA LEU EA 170 -69.74 -19.69 -16.86
C LEU EA 170 -69.94 -18.28 -17.38
N LYS EA 171 -69.88 -18.10 -18.71
CA LYS EA 171 -70.10 -16.78 -19.28
C LYS EA 171 -71.54 -16.34 -19.10
N GLU EA 172 -72.50 -17.23 -19.37
CA GLU EA 172 -73.90 -16.89 -19.19
C GLU EA 172 -74.25 -16.70 -17.73
N THR EA 173 -73.61 -17.46 -16.85
CA THR EA 173 -73.87 -17.31 -15.43
C THR EA 173 -73.36 -15.98 -14.90
N LEU EA 174 -72.14 -15.61 -15.29
CA LEU EA 174 -71.57 -14.35 -14.85
C LEU EA 174 -72.24 -13.16 -15.52
N ALA EA 175 -72.87 -13.36 -16.68
CA ALA EA 175 -73.60 -12.28 -17.31
C ALA EA 175 -74.92 -12.03 -16.59
N ARG EA 176 -75.49 -13.07 -15.97
CA ARG EA 176 -76.73 -12.93 -15.23
C ARG EA 176 -76.50 -12.37 -13.83
N VAL EA 177 -75.29 -12.51 -13.30
CA VAL EA 177 -74.97 -11.94 -12.00
C VAL EA 177 -75.11 -10.43 -12.05
N HIS EA 178 -75.71 -9.86 -11.01
CA HIS EA 178 -76.00 -8.44 -11.00
C HIS EA 178 -76.00 -7.94 -9.57
N ARG EA 179 -75.77 -6.64 -9.45
CA ARG EA 179 -75.94 -5.96 -8.17
C ARG EA 179 -77.41 -5.62 -7.98
N GLN EA 180 -77.93 -5.91 -6.80
CA GLN EA 180 -79.35 -5.76 -6.53
C GLN EA 180 -79.67 -4.51 -5.74
N ALA EA 181 -78.79 -4.09 -4.83
CA ALA EA 181 -79.03 -2.93 -4.00
C ALA EA 181 -77.72 -2.20 -3.77
N ASN EA 182 -77.79 -1.12 -3.01
CA ASN EA 182 -76.64 -0.31 -2.63
C ASN EA 182 -76.65 -0.03 -1.13
N ASN EA 183 -77.02 -1.04 -0.34
CA ASN EA 183 -77.00 -0.94 1.10
C ASN EA 183 -75.62 -1.23 1.67
N HIS EA 184 -74.63 -1.48 0.82
CA HIS EA 184 -73.26 -1.77 1.25
C HIS EA 184 -73.21 -3.00 2.14
N LYS EA 185 -74.11 -3.95 1.90
CA LYS EA 185 -74.15 -5.19 2.66
C LYS EA 185 -74.00 -6.36 1.69
N ALA EA 186 -73.84 -7.55 2.26
CA ALA EA 186 -73.71 -8.76 1.45
C ALA EA 186 -74.98 -9.10 0.70
N CYS EA 187 -76.13 -8.65 1.19
CA CYS EA 187 -77.39 -8.91 0.50
C CYS EA 187 -77.57 -8.11 -0.77
N ASP EA 188 -76.62 -7.23 -1.11
CA ASP EA 188 -76.69 -6.54 -2.38
C ASP EA 188 -76.55 -7.48 -3.57
N PHE EA 189 -76.03 -8.67 -3.34
CA PHE EA 189 -75.94 -9.73 -4.34
C PHE EA 189 -76.73 -10.95 -3.89
N LYS EA 190 -77.91 -10.71 -3.33
CA LYS EA 190 -78.70 -11.79 -2.74
C LYS EA 190 -79.11 -12.81 -3.80
N ASP EA 191 -79.66 -12.35 -4.92
CA ASP EA 191 -80.07 -13.24 -5.99
C ASP EA 191 -78.89 -13.85 -6.74
N SER EA 192 -77.77 -13.14 -6.79
CA SER EA 192 -76.60 -13.65 -7.50
C SER EA 192 -75.98 -14.84 -6.78
N GLU EA 193 -76.08 -14.89 -5.45
CA GLU EA 193 -75.56 -16.04 -4.71
C GLU EA 193 -76.29 -17.31 -5.10
N ILE EA 194 -77.58 -17.21 -5.39
CA ILE EA 194 -78.34 -18.38 -5.80
C ILE EA 194 -77.94 -18.82 -7.20
N ILE EA 195 -77.65 -17.86 -8.08
CA ILE EA 195 -77.26 -18.19 -9.44
C ILE EA 195 -75.92 -18.92 -9.44
N LEU EA 196 -74.97 -18.44 -8.66
CA LEU EA 196 -73.65 -19.05 -8.63
C LEU EA 196 -73.68 -20.38 -7.88
N GLN EA 197 -74.45 -20.44 -6.80
CA GLN EA 197 -74.60 -21.71 -6.09
C GLN EA 197 -75.25 -22.77 -6.96
N ASP EA 198 -76.11 -22.37 -7.89
CA ASP EA 198 -76.68 -23.33 -8.83
C ASP EA 198 -75.62 -23.83 -9.80
N PHE EA 199 -74.72 -22.94 -10.23
CA PHE EA 199 -73.63 -23.36 -11.11
C PHE EA 199 -72.70 -24.33 -10.41
N ILE EA 200 -72.35 -24.04 -9.15
CA ILE EA 200 -71.48 -24.93 -8.40
C ILE EA 200 -72.17 -26.25 -8.13
N ARG EA 201 -73.47 -26.20 -7.80
CA ARG EA 201 -74.24 -27.41 -7.58
C ARG EA 201 -74.39 -28.21 -8.86
N ARG EA 202 -74.16 -27.60 -10.01
CA ARG EA 202 -74.34 -28.27 -11.29
C ARG EA 202 -73.14 -29.15 -11.64
N TYR EA 203 -71.96 -28.85 -11.13
CA TYR EA 203 -70.76 -29.61 -11.46
C TYR EA 203 -70.11 -30.28 -10.26
N THR EA 204 -70.69 -30.15 -9.07
CA THR EA 204 -70.20 -30.83 -7.89
C THR EA 204 -71.36 -31.47 -7.15
N ASN EA 205 -71.04 -32.18 -6.07
CA ASN EA 205 -72.04 -32.76 -5.17
C ASN EA 205 -71.85 -32.12 -3.81
N PRO EA 206 -72.70 -31.17 -3.42
CA PRO EA 206 -72.45 -30.46 -2.15
C PRO EA 206 -72.46 -31.37 -0.94
N LYS EA 207 -73.26 -32.43 -0.96
CA LYS EA 207 -73.37 -33.33 0.19
C LYS EA 207 -72.37 -34.47 0.10
N ASP EA 208 -71.11 -34.12 -0.10
CA ASP EA 208 -70.00 -35.05 -0.08
C ASP EA 208 -69.00 -34.58 0.98
N ASN EA 209 -68.13 -35.50 1.40
CA ASN EA 209 -67.07 -35.11 2.32
C ASN EA 209 -66.11 -34.13 1.65
N LEU EA 210 -65.76 -34.38 0.40
CA LEU EA 210 -64.92 -33.48 -0.39
C LEU EA 210 -65.62 -33.18 -1.70
N PRO EA 211 -66.46 -32.14 -1.75
CA PRO EA 211 -67.13 -31.81 -3.02
C PRO EA 211 -66.16 -31.49 -4.14
N ILE EA 212 -65.06 -30.84 -3.83
CA ILE EA 212 -63.99 -30.58 -4.79
C ILE EA 212 -62.95 -31.68 -4.61
N LYS EA 213 -62.88 -32.58 -5.58
CA LYS EA 213 -61.97 -33.71 -5.54
C LYS EA 213 -60.73 -33.40 -6.35
N PHE EA 214 -59.59 -33.90 -5.88
CA PHE EA 214 -58.31 -33.63 -6.52
C PHE EA 214 -58.04 -34.62 -7.63
N HIS EA 215 -57.58 -34.11 -8.77
CA HIS EA 215 -57.02 -34.93 -9.82
C HIS EA 215 -55.87 -34.16 -10.46
N PRO EA 216 -54.84 -34.86 -10.92
CA PRO EA 216 -53.61 -34.16 -11.34
C PRO EA 216 -53.81 -33.13 -12.42
N GLN EA 217 -54.86 -33.24 -13.23
CA GLN EA 217 -55.15 -32.25 -14.26
C GLN EA 217 -56.26 -31.30 -13.82
N GLY EA 218 -56.30 -30.97 -12.53
CA GLY EA 218 -57.33 -30.13 -11.96
C GLY EA 218 -56.89 -28.68 -11.83
N GLN EA 219 -57.71 -27.92 -11.10
CA GLN EA 219 -57.49 -26.51 -10.87
C GLN EA 219 -57.18 -26.29 -9.39
N THR EA 220 -56.04 -25.67 -9.12
CA THR EA 220 -55.63 -25.32 -7.77
C THR EA 220 -55.52 -23.83 -7.58
N PHE EA 221 -54.90 -23.12 -8.52
CA PHE EA 221 -54.71 -21.67 -8.43
C PHE EA 221 -55.74 -20.95 -9.27
N THR FA 61 -57.83 -11.83 -1.45
CA THR FA 61 -58.29 -10.49 -1.78
C THR FA 61 -58.29 -9.62 -0.53
N ILE FA 62 -57.71 -8.42 -0.64
CA ILE FA 62 -57.76 -7.46 0.45
C ILE FA 62 -59.10 -6.74 0.41
N PHE FA 63 -59.84 -6.82 1.50
CA PHE FA 63 -61.18 -6.23 1.63
C PHE FA 63 -61.14 -4.92 2.39
N ALA FA 64 -60.10 -4.11 2.18
CA ALA FA 64 -59.98 -2.82 2.83
C ALA FA 64 -59.07 -1.92 2.02
N GLU FA 65 -59.01 -0.66 2.43
CA GLU FA 65 -58.11 0.31 1.80
C GLU FA 65 -56.69 0.17 2.31
N THR FA 66 -56.51 -0.27 3.55
CA THR FA 66 -55.20 -0.34 4.17
C THR FA 66 -54.92 -1.75 4.65
N TRP FA 67 -53.65 -2.12 4.60
CA TRP FA 67 -53.19 -3.43 5.05
C TRP FA 67 -51.91 -3.25 5.86
N GLU FA 68 -51.72 -4.15 6.82
CA GLU FA 68 -50.50 -4.12 7.61
C GLU FA 68 -49.33 -4.53 6.74
N ALA FA 69 -48.29 -3.69 6.71
CA ALA FA 69 -47.14 -4.01 5.87
C ALA FA 69 -46.43 -5.25 6.35
N SER FA 70 -46.41 -5.49 7.66
CA SER FA 70 -45.73 -6.65 8.19
C SER FA 70 -46.45 -7.96 7.87
N GLU FA 71 -47.76 -7.92 7.60
CA GLU FA 71 -48.47 -9.15 7.30
C GLU FA 71 -48.15 -9.70 5.92
N TYR FA 72 -47.48 -8.92 5.08
CA TYR FA 72 -47.07 -9.39 3.76
C TYR FA 72 -45.56 -9.52 3.66
N GLN FA 73 -44.87 -9.56 4.79
CA GLN FA 73 -43.45 -9.86 4.86
C GLN FA 73 -43.26 -11.30 5.30
N TYR FA 74 -42.24 -11.94 4.77
CA TYR FA 74 -41.96 -13.34 5.08
C TYR FA 74 -41.27 -13.45 6.43
N ARG FA 75 -41.57 -14.53 7.15
CA ARG FA 75 -40.96 -14.77 8.44
C ARG FA 75 -39.74 -15.69 8.35
N ASN FA 76 -39.78 -16.71 7.50
CA ASN FA 76 -38.69 -17.66 7.38
C ASN FA 76 -37.88 -17.48 6.10
N LYS FA 77 -38.04 -16.36 5.41
CA LYS FA 77 -37.32 -16.10 4.18
C LYS FA 77 -36.86 -14.66 4.19
N ALA FA 78 -35.83 -14.38 3.39
CA ALA FA 78 -35.35 -13.01 3.26
C ALA FA 78 -36.40 -12.12 2.60
N ASN FA 79 -36.54 -10.91 3.13
CA ASN FA 79 -37.52 -9.96 2.64
C ASN FA 79 -36.85 -9.05 1.63
N LEU FA 80 -37.10 -9.31 0.36
CA LEU FA 80 -36.52 -8.54 -0.73
C LEU FA 80 -37.52 -7.63 -1.42
N LYS FA 81 -38.81 -7.78 -1.14
CA LYS FA 81 -39.84 -6.92 -1.67
C LYS FA 81 -40.87 -6.62 -0.59
N THR FA 82 -41.52 -5.47 -0.72
CA THR FA 82 -42.64 -5.10 0.12
C THR FA 82 -43.87 -4.90 -0.76
N LEU FA 83 -45.00 -4.73 -0.11
CA LEU FA 83 -46.24 -4.44 -0.81
C LEU FA 83 -46.67 -3.03 -0.43
N PRO FA 84 -46.08 -2.02 -1.06
CA PRO FA 84 -46.31 -0.65 -0.62
C PRO FA 84 -47.67 -0.12 -1.04
N VAL FA 85 -48.10 0.93 -0.35
CA VAL FA 85 -49.35 1.58 -0.68
C VAL FA 85 -49.17 2.38 -1.97
N ASN FA 86 -50.27 2.87 -2.52
CA ASN FA 86 -50.22 3.60 -3.78
C ASN FA 86 -49.32 4.83 -3.66
N HIS FA 87 -48.52 5.07 -4.69
CA HIS FA 87 -47.60 6.21 -4.75
C HIS FA 87 -48.40 7.43 -5.19
N LEU FA 88 -48.91 8.19 -4.20
CA LEU FA 88 -49.74 9.34 -4.51
C LEU FA 88 -48.94 10.47 -5.16
N GLY FA 89 -47.62 10.48 -5.00
CA GLY FA 89 -46.82 11.52 -5.61
C GLY FA 89 -46.80 11.46 -7.12
N LYS FA 90 -46.99 10.27 -7.70
CA LYS FA 90 -47.05 10.16 -9.14
C LYS FA 90 -48.29 10.83 -9.71
N LEU FA 91 -49.32 11.01 -8.89
CA LEU FA 91 -50.55 11.64 -9.37
C LEU FA 91 -50.35 13.12 -9.67
N ALA FA 92 -49.35 13.75 -9.05
CA ALA FA 92 -49.08 15.17 -9.26
C ALA FA 92 -48.19 15.42 -10.46
N GLU FA 93 -47.67 14.38 -11.10
CA GLU FA 93 -46.82 14.56 -12.26
C GLU FA 93 -47.61 14.68 -13.56
N LEU FA 94 -48.91 14.45 -13.51
CA LEU FA 94 -49.74 14.62 -14.69
C LEU FA 94 -49.92 16.10 -14.96
N LYS FA 95 -49.58 16.53 -16.17
CA LYS FA 95 -49.59 17.95 -16.48
C LYS FA 95 -50.99 18.48 -16.75
N PHE FA 96 -51.87 17.65 -17.30
CA PHE FA 96 -53.20 18.09 -17.69
C PHE FA 96 -54.11 18.16 -16.48
N ASP FA 97 -55.32 18.67 -16.73
CA ASP FA 97 -56.34 18.77 -15.70
C ASP FA 97 -57.20 17.52 -15.69
N PHE FA 98 -57.54 17.06 -14.49
CA PHE FA 98 -58.35 15.87 -14.33
C PHE FA 98 -59.01 15.93 -12.97
N VAL FA 99 -60.07 15.14 -12.80
CA VAL FA 99 -60.82 15.07 -11.56
C VAL FA 99 -60.54 13.73 -10.90
N GLU FA 100 -60.07 13.77 -9.66
CA GLU FA 100 -59.79 12.57 -8.89
C GLU FA 100 -60.33 12.76 -7.48
N TYR FA 101 -61.05 11.76 -6.99
CA TYR FA 101 -61.57 11.80 -5.63
C TYR FA 101 -60.60 11.07 -4.71
N LYS FA 102 -60.47 11.60 -3.49
CA LYS FA 102 -59.60 10.98 -2.51
C LYS FA 102 -60.12 9.64 -2.01
N ALA FA 103 -61.37 9.31 -2.30
CA ALA FA 103 -61.94 8.05 -1.83
C ALA FA 103 -61.51 6.86 -2.66
N HIS FA 104 -60.78 7.08 -3.75
CA HIS FA 104 -60.37 6.00 -4.65
C HIS FA 104 -58.87 5.79 -4.68
N GLN FA 105 -58.10 6.54 -3.89
CA GLN FA 105 -56.65 6.52 -4.04
C GLN FA 105 -55.96 5.50 -3.15
N LEU FA 106 -56.65 4.96 -2.15
CA LEU FA 106 -56.00 4.05 -1.22
C LEU FA 106 -56.17 2.59 -1.59
N ILE FA 107 -57.25 2.23 -2.26
CA ILE FA 107 -57.45 0.84 -2.64
C ILE FA 107 -56.34 0.42 -3.59
N ALA FA 108 -55.88 -0.81 -3.42
CA ALA FA 108 -54.65 -1.26 -4.05
C ALA FA 108 -54.76 -1.25 -5.57
N CYS FA 109 -53.74 -0.66 -6.20
CA CYS FA 109 -53.49 -0.71 -7.63
C CYS FA 109 -54.52 0.05 -8.47
N HIS FA 110 -55.56 0.61 -7.84
CA HIS FA 110 -56.61 1.27 -8.62
C HIS FA 110 -56.23 2.68 -9.02
N LEU FA 111 -55.45 3.37 -8.20
CA LEU FA 111 -55.00 4.71 -8.55
C LEU FA 111 -54.18 4.69 -9.84
N TYR FA 112 -53.29 3.71 -9.97
CA TYR FA 112 -52.50 3.59 -11.20
C TYR FA 112 -53.39 3.25 -12.38
N GLU FA 113 -54.49 2.54 -12.15
CA GLU FA 113 -55.42 2.23 -13.23
C GLU FA 113 -56.14 3.49 -13.69
N ARG FA 114 -56.58 4.32 -12.75
CA ARG FA 114 -57.28 5.55 -13.11
C ARG FA 114 -56.35 6.55 -13.76
N MET FA 115 -55.09 6.59 -13.32
CA MET FA 115 -54.09 7.44 -13.96
C MET FA 115 -53.87 7.03 -15.40
N THR FA 116 -53.88 5.72 -15.67
CA THR FA 116 -53.69 5.24 -17.03
C THR FA 116 -54.85 5.64 -17.93
N ILE FA 117 -56.07 5.60 -17.40
CA ILE FA 117 -57.24 5.99 -18.17
C ILE FA 117 -57.22 7.48 -18.46
N HIS FA 118 -56.83 8.29 -17.46
CA HIS FA 118 -56.73 9.72 -17.67
C HIS FA 118 -55.68 10.05 -18.73
N CYS FA 119 -54.57 9.33 -18.72
CA CYS FA 119 -53.52 9.56 -19.70
C CYS FA 119 -53.93 9.08 -21.07
N MET FA 120 -54.64 7.96 -21.15
CA MET FA 120 -55.11 7.45 -22.44
C MET FA 120 -56.33 8.18 -22.96
N ASN FA 121 -56.96 9.04 -22.16
CA ASN FA 121 -58.02 9.91 -22.65
C ASN FA 121 -57.47 11.24 -23.15
N GLN FA 122 -56.52 11.83 -22.41
CA GLN FA 122 -55.88 13.05 -22.85
C GLN FA 122 -55.08 12.80 -24.11
N TYR FA 123 -54.13 11.88 -24.03
CA TYR FA 123 -53.38 11.44 -25.18
C TYR FA 123 -53.99 10.15 -25.70
N GLY FA 124 -53.40 9.61 -26.75
CA GLY FA 124 -53.87 8.35 -27.28
C GLY FA 124 -53.03 7.17 -26.84
N LEU FA 125 -52.55 6.40 -27.81
CA LEU FA 125 -51.61 5.31 -27.59
C LEU FA 125 -50.44 5.38 -28.56
N PHE FA 126 -50.25 6.52 -29.22
CA PHE FA 126 -49.25 6.63 -30.30
C PHE FA 126 -48.56 7.99 -30.22
N LYS FA 127 -47.30 7.96 -29.81
CA LYS FA 127 -46.40 9.11 -29.92
C LYS FA 127 -46.76 10.28 -29.02
N ASP FA 128 -47.90 10.22 -28.35
CA ASP FA 128 -48.28 11.20 -27.35
C ASP FA 128 -48.40 10.62 -25.97
N PHE FA 129 -48.84 9.36 -25.86
CA PHE FA 129 -48.85 8.66 -24.58
C PHE FA 129 -47.46 8.31 -24.12
N TYR FA 130 -46.47 8.34 -25.02
CA TYR FA 130 -45.11 7.93 -24.71
C TYR FA 130 -44.37 9.11 -24.10
N ARG FA 131 -44.68 9.34 -22.83
CA ARG FA 131 -44.03 10.33 -21.99
C ARG FA 131 -43.81 9.71 -20.62
N PRO FA 132 -42.82 10.18 -19.87
CA PRO FA 132 -42.44 9.46 -18.64
C PRO FA 132 -43.55 9.36 -17.61
N GLU FA 133 -44.43 10.34 -17.52
CA GLU FA 133 -45.48 10.29 -16.51
C GLU FA 133 -46.56 9.28 -16.85
N CYS FA 134 -46.80 9.05 -18.14
CA CYS FA 134 -47.85 8.13 -18.55
C CYS FA 134 -47.38 6.68 -18.62
N LEU FA 135 -46.14 6.46 -19.04
CA LEU FA 135 -45.60 5.11 -19.09
C LEU FA 135 -45.34 4.52 -17.71
N ASP FA 136 -44.94 5.34 -16.75
CA ASP FA 136 -44.78 4.85 -15.38
C ASP FA 136 -46.11 4.49 -14.75
N ALA FA 137 -47.18 5.18 -15.12
CA ALA FA 137 -48.50 4.85 -14.60
C ALA FA 137 -48.98 3.51 -15.13
N GLN FA 138 -48.75 3.25 -16.41
CA GLN FA 138 -49.15 1.96 -16.98
C GLN FA 138 -48.26 0.84 -16.47
N TYR FA 139 -46.97 1.11 -16.31
CA TYR FA 139 -46.07 0.08 -15.79
C TYR FA 139 -46.39 -0.24 -14.34
N TYR FA 140 -46.68 0.78 -13.54
CA TYR FA 140 -47.03 0.54 -12.14
C TYR FA 140 -48.34 -0.24 -12.02
N PHE FA 141 -49.31 0.08 -12.86
CA PHE FA 141 -50.60 -0.63 -12.81
C PHE FA 141 -50.43 -2.10 -13.18
N LYS FA 142 -49.64 -2.38 -14.21
CA LYS FA 142 -49.43 -3.76 -14.61
C LYS FA 142 -48.63 -4.51 -13.55
N THR FA 143 -47.61 -3.87 -12.99
CA THR FA 143 -46.78 -4.51 -11.99
C THR FA 143 -47.54 -4.70 -10.68
N CYS FA 144 -48.39 -3.74 -10.32
CA CYS FA 144 -49.14 -3.82 -9.07
C CYS FA 144 -50.12 -4.99 -9.08
N VAL FA 145 -50.86 -5.17 -10.17
CA VAL FA 145 -51.84 -6.24 -10.21
C VAL FA 145 -51.18 -7.60 -10.35
N GLU FA 146 -49.94 -7.64 -10.84
CA GLU FA 146 -49.19 -8.89 -10.89
C GLU FA 146 -48.66 -9.27 -9.51
N LEU FA 147 -48.09 -8.31 -8.78
CA LEU FA 147 -47.58 -8.61 -7.45
C LEU FA 147 -48.71 -8.96 -6.49
N ASN FA 148 -49.83 -8.25 -6.57
CA ASN FA 148 -50.95 -8.52 -5.69
C ASN FA 148 -51.60 -9.86 -6.00
N ALA FA 149 -51.62 -10.26 -7.26
CA ALA FA 149 -52.14 -11.58 -7.60
C ALA FA 149 -51.26 -12.68 -7.04
N ALA FA 150 -49.94 -12.47 -7.05
CA ALA FA 150 -49.02 -13.46 -6.50
C ALA FA 150 -49.09 -13.48 -4.99
N TYR FA 151 -49.07 -12.30 -4.36
CA TYR FA 151 -49.21 -12.24 -2.90
C TYR FA 151 -50.57 -12.74 -2.44
N GLY FA 152 -51.61 -12.54 -3.25
CA GLY FA 152 -52.92 -13.03 -2.87
C GLY FA 152 -53.00 -14.54 -2.85
N ILE FA 153 -52.42 -15.18 -3.86
CA ILE FA 153 -52.37 -16.63 -3.90
C ILE FA 153 -51.49 -17.16 -2.80
N GLN FA 154 -50.35 -16.51 -2.56
CA GLN FA 154 -49.45 -16.94 -1.50
C GLN FA 154 -50.09 -16.76 -0.14
N LYS FA 155 -50.93 -15.74 0.02
CA LYS FA 155 -51.66 -15.56 1.27
C LYS FA 155 -52.73 -16.61 1.44
N LYS FA 156 -53.25 -17.15 0.35
CA LYS FA 156 -54.35 -18.10 0.42
C LYS FA 156 -53.86 -19.53 0.63
N PHE FA 157 -52.79 -19.91 -0.07
CA PHE FA 157 -52.29 -21.27 -0.03
C PHE FA 157 -50.98 -21.42 0.73
N PHE FA 158 -50.33 -20.32 1.09
CA PHE FA 158 -49.13 -20.36 1.92
C PHE FA 158 -49.22 -19.30 3.01
N PRO FA 159 -50.24 -19.35 3.86
CA PRO FA 159 -50.37 -18.34 4.91
C PRO FA 159 -49.28 -18.42 5.95
N GLU FA 160 -48.64 -19.57 6.09
CA GLU FA 160 -47.60 -19.78 7.08
C GLU FA 160 -46.27 -19.14 6.71
N HIS FA 161 -46.18 -18.51 5.53
CA HIS FA 161 -44.94 -17.87 5.13
C HIS FA 161 -44.79 -16.47 5.71
N PHE FA 162 -45.87 -15.89 6.20
CA PHE FA 162 -45.91 -14.47 6.54
C PHE FA 162 -45.86 -14.24 8.04
N VAL FA 163 -45.34 -13.05 8.40
CA VAL FA 163 -45.31 -12.64 9.79
C VAL FA 163 -46.72 -12.38 10.28
N GLY FA 164 -47.02 -12.84 11.48
CA GLY FA 164 -48.32 -12.69 12.08
C GLY FA 164 -49.19 -13.92 11.99
N SER FA 165 -48.84 -14.87 11.15
CA SER FA 165 -49.62 -16.08 11.06
C SER FA 165 -49.31 -17.01 12.24
N PRO FA 166 -50.34 -17.64 12.83
CA PRO FA 166 -50.09 -18.55 13.94
C PRO FA 166 -49.41 -19.84 13.54
N TYR FA 167 -49.27 -20.11 12.25
CA TYR FA 167 -48.60 -21.32 11.79
C TYR FA 167 -47.19 -21.07 11.29
N ALA FA 168 -46.73 -19.82 11.24
CA ALA FA 168 -45.36 -19.55 10.86
C ALA FA 168 -44.39 -20.16 11.86
N ARG FA 169 -44.67 -19.99 13.15
CA ARG FA 169 -43.98 -20.70 14.21
C ARG FA 169 -45.03 -21.17 15.21
N PRO FA 170 -45.53 -22.39 15.05
CA PRO FA 170 -46.68 -22.84 15.85
C PRO FA 170 -46.33 -22.96 17.33
N VAL FA 171 -47.22 -22.45 18.18
CA VAL FA 171 -47.08 -22.66 19.62
C VAL FA 171 -47.65 -24.01 19.98
N PRO FA 172 -46.94 -24.83 20.74
CA PRO FA 172 -47.43 -26.18 21.04
C PRO FA 172 -48.58 -26.19 22.03
N GLN FA 173 -49.35 -27.27 21.96
CA GLN FA 173 -50.37 -27.51 22.97
C GLN FA 173 -49.69 -27.85 24.30
N PHE FA 174 -50.44 -27.66 25.39
CA PHE FA 174 -49.87 -27.94 26.69
C PHE FA 174 -49.64 -29.42 26.92
N GLN FA 175 -50.33 -30.28 26.16
CA GLN FA 175 -50.16 -31.72 26.30
C GLN FA 175 -48.84 -32.22 25.73
N GLN FA 176 -48.13 -31.38 24.99
CA GLN FA 176 -46.84 -31.76 24.40
C GLN FA 176 -45.67 -31.39 25.29
N LEU FA 177 -45.89 -30.64 26.36
CA LEU FA 177 -44.83 -30.15 27.23
C LEU FA 177 -44.46 -31.14 28.32
N GLY FA 178 -45.27 -32.15 28.57
CA GLY FA 178 -44.93 -33.18 29.53
C GLY FA 178 -44.87 -32.71 30.96
N LEU FA 179 -45.86 -31.91 31.38
CA LEU FA 179 -45.93 -31.42 32.74
C LEU FA 179 -47.16 -31.95 33.45
N MET GA 55 -21.16 -26.20 8.96
CA MET GA 55 -20.98 -27.36 8.10
C MET GA 55 -19.98 -27.00 7.01
N GLN GA 56 -18.98 -27.85 6.78
CA GLN GA 56 -18.02 -27.56 5.72
C GLN GA 56 -18.71 -27.47 4.37
N ASN GA 57 -18.31 -26.46 3.60
CA ASN GA 57 -18.99 -26.17 2.34
C ASN GA 57 -18.69 -27.23 1.29
N THR GA 58 -17.49 -27.79 1.32
CA THR GA 58 -17.08 -28.84 0.38
C THR GA 58 -17.32 -30.24 0.95
N THR GA 59 -18.53 -30.49 1.42
CA THR GA 59 -18.90 -31.76 2.02
C THR GA 59 -19.80 -32.53 1.07
N ASN GA 60 -19.48 -33.81 0.85
CA ASN GA 60 -20.26 -34.65 -0.04
C ASN GA 60 -20.48 -36.00 0.62
N ILE GA 61 -21.68 -36.54 0.43
CA ILE GA 61 -22.03 -37.88 0.91
C ILE GA 61 -22.10 -38.78 -0.32
N VAL GA 62 -21.18 -39.73 -0.40
CA VAL GA 62 -21.11 -40.63 -1.55
C VAL GA 62 -21.64 -41.99 -1.14
N HIS GA 63 -22.40 -42.63 -2.03
CA HIS GA 63 -23.01 -43.92 -1.76
C HIS GA 63 -22.25 -45.09 -2.37
N VAL GA 64 -21.19 -44.83 -3.12
CA VAL GA 64 -20.38 -45.90 -3.69
C VAL GA 64 -18.94 -45.75 -3.20
N PRO GA 65 -18.19 -46.83 -3.02
CA PRO GA 65 -16.82 -46.71 -2.55
C PRO GA 65 -15.92 -46.04 -3.57
N VAL GA 66 -15.08 -45.14 -3.08
CA VAL GA 66 -14.04 -44.49 -3.88
C VAL GA 66 -12.72 -44.68 -3.16
N HIS GA 67 -11.63 -44.54 -3.91
CA HIS GA 67 -10.30 -44.61 -3.33
C HIS GA 67 -9.55 -43.34 -3.68
N MET GA 68 -9.01 -42.67 -2.67
CA MET GA 68 -8.31 -41.41 -2.83
C MET GA 68 -6.81 -41.63 -2.91
N GLY GA 69 -6.17 -40.92 -3.83
CA GLY GA 69 -4.74 -41.04 -3.99
C GLY GA 69 -3.98 -40.33 -2.88
N HIS GA 70 -2.94 -40.99 -2.38
CA HIS GA 70 -2.10 -40.44 -1.33
C HIS GA 70 -0.84 -39.82 -1.92
N THR GA 71 -1.05 -38.80 -2.74
CA THR GA 71 0.02 -38.10 -3.43
C THR GA 71 0.11 -36.66 -2.93
N HIS GA 72 1.34 -36.19 -2.75
CA HIS GA 72 1.55 -34.84 -2.27
C HIS GA 72 1.04 -33.82 -3.28
N TYR GA 73 0.47 -32.73 -2.75
CA TYR GA 73 -0.01 -31.58 -3.50
C TYR GA 73 -1.26 -31.86 -4.33
N PHE GA 74 -1.78 -33.08 -4.32
CA PHE GA 74 -2.93 -33.44 -5.14
C PHE GA 74 -3.93 -34.25 -4.33
N ASP GA 75 -5.21 -34.04 -4.64
CA ASP GA 75 -6.30 -34.78 -4.01
C ASP GA 75 -7.30 -35.16 -5.09
N TYR GA 76 -7.49 -36.46 -5.29
CA TYR GA 76 -8.37 -36.94 -6.34
C TYR GA 76 -8.73 -38.38 -6.09
N ILE GA 77 -9.67 -38.88 -6.89
CA ILE GA 77 -10.09 -40.28 -6.85
C ILE GA 77 -9.29 -41.04 -7.90
N ASP GA 78 -8.34 -41.85 -7.44
CA ASP GA 78 -7.45 -42.55 -8.35
C ASP GA 78 -8.02 -43.87 -8.86
N SER GA 79 -8.97 -44.46 -8.16
CA SER GA 79 -9.53 -45.74 -8.59
C SER GA 79 -10.85 -45.98 -7.88
N PHE GA 80 -11.62 -46.90 -8.45
CA PHE GA 80 -12.85 -47.38 -7.87
C PHE GA 80 -12.70 -48.85 -7.50
N PRO GA 81 -13.05 -49.26 -6.28
CA PRO GA 81 -12.87 -50.66 -5.91
C PRO GA 81 -13.71 -51.61 -6.75
N LYS GA 82 -13.07 -52.69 -7.19
CA LYS GA 82 -13.75 -53.74 -7.95
C LYS GA 82 -14.36 -53.20 -9.24
N LEU GA 83 -13.62 -52.33 -9.91
CA LEU GA 83 -14.05 -51.78 -11.19
C LEU GA 83 -13.74 -52.79 -12.29
N LYS GA 84 -14.78 -53.23 -12.99
CA LYS GA 84 -14.64 -54.19 -14.07
C LYS GA 84 -14.72 -53.46 -15.40
N GLU GA 85 -13.74 -53.70 -16.27
CA GLU GA 85 -13.73 -53.11 -17.60
C GLU GA 85 -14.49 -54.03 -18.55
N GLY GA 86 -15.48 -53.47 -19.23
CA GLY GA 86 -16.23 -54.22 -20.20
C GLY GA 86 -15.60 -54.25 -21.57
N PRO GA 87 -16.38 -54.60 -22.58
CA PRO GA 87 -15.86 -54.60 -23.95
C PRO GA 87 -15.54 -53.19 -24.41
N THR GA 88 -14.62 -53.11 -25.36
CA THR GA 88 -14.17 -51.82 -25.83
C THR GA 88 -15.27 -51.15 -26.66
N LEU GA 89 -15.00 -49.91 -27.07
CA LEU GA 89 -15.96 -49.19 -27.90
C LEU GA 89 -16.13 -49.87 -29.25
N GLU GA 90 -15.08 -50.52 -29.75
CA GLU GA 90 -15.18 -51.23 -31.02
C GLU GA 90 -15.94 -52.54 -30.88
N GLU GA 91 -15.73 -53.26 -29.78
CA GLU GA 91 -16.45 -54.51 -29.57
C GLU GA 91 -17.94 -54.25 -29.37
N ASN GA 92 -18.28 -53.18 -28.67
CA ASN GA 92 -19.69 -52.81 -28.53
C ASN GA 92 -20.26 -52.40 -29.87
N HIS GA 93 -19.44 -51.74 -30.71
CA HIS GA 93 -19.91 -51.33 -32.02
C HIS GA 93 -20.21 -52.54 -32.90
N ILE GA 94 -19.35 -53.55 -32.88
CA ILE GA 94 -19.60 -54.75 -33.67
C ILE GA 94 -20.81 -55.50 -33.13
N THR GA 95 -20.99 -55.49 -31.81
CA THR GA 95 -22.16 -56.14 -31.23
C THR GA 95 -23.44 -55.41 -31.60
N ASN GA 96 -23.42 -54.08 -31.57
CA ASN GA 96 -24.61 -53.32 -31.91
C ASN GA 96 -24.96 -53.44 -33.39
N GLN GA 97 -23.94 -53.50 -34.25
CA GLN GA 97 -24.20 -53.64 -35.68
C GLN GA 97 -24.88 -54.96 -36.01
N LYS GA 98 -24.55 -56.03 -35.27
CA LYS GA 98 -25.21 -57.30 -35.50
C LYS GA 98 -26.69 -57.23 -35.13
N ILE GA 99 -27.03 -56.42 -34.13
CA ILE GA 99 -28.43 -56.26 -33.74
C ILE GA 99 -29.15 -55.36 -34.74
N LEU GA 100 -28.51 -54.27 -35.15
CA LEU GA 100 -29.15 -53.36 -36.09
C LEU GA 100 -29.29 -53.97 -37.47
N ARG GA 101 -28.38 -54.87 -37.84
CA ARG GA 101 -28.47 -55.50 -39.15
C ARG GA 101 -29.64 -56.48 -39.21
N GLU GA 102 -29.84 -57.25 -38.15
CA GLU GA 102 -30.99 -58.15 -38.08
C GLU GA 102 -32.30 -57.38 -38.06
N GLN GA 103 -32.31 -56.24 -37.37
CA GLN GA 103 -33.52 -55.43 -37.27
C GLN GA 103 -33.85 -54.76 -38.60
N LEU GA 104 -32.82 -54.46 -39.40
CA LEU GA 104 -33.03 -53.84 -40.70
C LEU GA 104 -33.53 -54.85 -41.72
N ILE GA 105 -33.03 -56.09 -41.64
CA ILE GA 105 -33.33 -57.10 -42.65
C ILE GA 105 -34.67 -57.77 -42.37
N SER GA 106 -34.88 -58.22 -41.13
CA SER GA 106 -36.04 -59.02 -40.79
C SER GA 106 -36.97 -58.37 -39.78
N GLY GA 107 -36.73 -57.13 -39.38
CA GLY GA 107 -37.57 -56.51 -38.39
C GLY GA 107 -38.26 -55.25 -38.86
N GLN GA 108 -38.68 -55.22 -40.13
CA GLN GA 108 -39.36 -54.07 -40.69
C GLN GA 108 -40.73 -54.38 -41.27
N GLN GA 109 -41.17 -55.64 -41.24
CA GLN GA 109 -42.50 -55.99 -41.71
C GLN GA 109 -43.51 -55.83 -40.60
N GLY GA 110 -44.66 -55.24 -40.94
CA GLY GA 110 -45.68 -54.98 -39.95
C GLY GA 110 -45.25 -54.01 -38.88
N LEU GA 111 -44.37 -53.08 -39.22
CA LEU GA 111 -43.86 -52.15 -38.22
C LEU GA 111 -44.80 -50.98 -37.99
N GLU GA 112 -45.52 -50.56 -39.03
CA GLU GA 112 -46.38 -49.39 -38.90
C GLU GA 112 -47.47 -49.60 -37.86
N GLN GA 113 -47.97 -50.83 -37.73
CA GLN GA 113 -48.99 -51.09 -36.73
C GLN GA 113 -48.42 -51.00 -35.33
N ASN GA 114 -47.22 -51.54 -35.11
CA ASN GA 114 -46.60 -51.49 -33.79
C ASN GA 114 -46.21 -50.06 -33.41
N LEU GA 115 -45.78 -49.25 -34.37
CA LEU GA 115 -45.44 -47.87 -34.07
C LEU GA 115 -46.68 -47.06 -33.66
N CYS GA 116 -47.83 -47.37 -34.25
CA CYS GA 116 -49.05 -46.69 -33.86
C CYS GA 116 -49.49 -47.09 -32.46
N LEU GA 117 -49.32 -48.37 -32.11
CA LEU GA 117 -49.67 -48.80 -30.78
C LEU GA 117 -48.74 -48.19 -29.74
N ARG GA 118 -47.47 -48.02 -30.09
CA ARG GA 118 -46.52 -47.45 -29.14
C ARG GA 118 -46.81 -45.97 -28.92
N ASN GA 119 -47.20 -45.26 -29.97
CA ASN GA 119 -47.48 -43.83 -29.82
C ASN GA 119 -48.76 -43.60 -29.03
N CYS GA 120 -49.72 -44.51 -29.13
CA CYS GA 120 -50.96 -44.34 -28.39
C CYS GA 120 -50.75 -44.50 -26.89
N PHE GA 121 -49.83 -45.38 -26.49
CA PHE GA 121 -49.57 -45.64 -25.08
C PHE GA 121 -48.70 -44.57 -24.42
N LYS GA 122 -48.28 -43.54 -25.15
CA LYS GA 122 -47.55 -42.43 -24.56
C LYS GA 122 -48.46 -41.27 -24.21
N LEU GA 123 -49.77 -41.47 -24.31
CA LEU GA 123 -50.72 -40.44 -23.93
C LEU GA 123 -50.89 -40.42 -22.41
N SER GA 124 -51.44 -39.31 -21.92
CA SER GA 124 -51.49 -39.09 -20.48
C SER GA 124 -52.53 -39.96 -19.81
N GLN GA 125 -53.78 -39.90 -20.27
CA GLN GA 125 -54.88 -40.62 -19.65
C GLN GA 125 -55.20 -41.88 -20.42
N LYS GA 126 -55.85 -42.82 -19.71
CA LYS GA 126 -56.21 -44.09 -20.33
C LYS GA 126 -57.35 -43.92 -21.33
N ARG GA 127 -58.30 -43.02 -21.05
CA ARG GA 127 -59.40 -42.79 -21.96
C ARG GA 127 -58.92 -42.23 -23.29
N TYR GA 128 -57.79 -41.53 -23.30
CA TYR GA 128 -57.23 -41.04 -24.55
C TYR GA 128 -56.46 -42.12 -25.29
N ILE GA 129 -55.87 -43.06 -24.56
CA ILE GA 129 -55.21 -44.20 -25.19
C ILE GA 129 -56.23 -45.06 -25.94
N GLU GA 130 -57.35 -45.34 -25.29
CA GLU GA 130 -58.41 -46.13 -25.94
C GLU GA 130 -58.97 -45.39 -27.15
N PHE GA 131 -59.12 -44.08 -27.05
CA PHE GA 131 -59.57 -43.29 -28.19
C PHE GA 131 -58.55 -43.33 -29.32
N CYS GA 132 -57.26 -43.38 -28.97
CA CYS GA 132 -56.22 -43.47 -29.99
C CYS GA 132 -56.23 -44.83 -30.68
N LEU GA 133 -56.39 -45.90 -29.89
CA LEU GA 133 -56.42 -47.24 -30.47
C LEU GA 133 -57.63 -47.44 -31.36
N ASP GA 134 -58.78 -46.89 -30.96
CA ASP GA 134 -59.99 -47.08 -31.74
C ASP GA 134 -59.97 -46.26 -33.02
N ARG GA 135 -59.37 -45.07 -32.96
CA ARG GA 135 -59.39 -44.15 -34.10
C ARG GA 135 -58.22 -44.37 -35.03
N LYS GA 136 -57.03 -44.62 -34.50
CA LYS GA 136 -55.82 -44.70 -35.32
C LYS GA 136 -55.34 -46.11 -35.59
N CYS GA 137 -55.49 -47.03 -34.64
CA CYS GA 137 -54.93 -48.37 -34.76
C CYS GA 137 -55.94 -49.40 -35.26
N GLY GA 138 -57.04 -48.96 -35.87
CA GLY GA 138 -58.01 -49.89 -36.41
C GLY GA 138 -58.82 -50.63 -35.39
N GLY GA 139 -59.14 -50.02 -34.27
CA GLY GA 139 -59.97 -50.65 -33.26
C GLY GA 139 -59.28 -51.74 -32.49
N ALA GA 140 -58.08 -51.47 -32.00
CA ALA GA 140 -57.36 -52.44 -31.20
C ALA GA 140 -57.81 -52.37 -29.73
N ASP GA 141 -57.62 -53.48 -29.03
CA ASP GA 141 -58.00 -53.58 -27.63
C ASP GA 141 -56.84 -53.15 -26.74
N PHE GA 142 -57.19 -52.55 -25.60
CA PHE GA 142 -56.18 -52.02 -24.70
C PHE GA 142 -55.29 -53.13 -24.16
N GLN GA 143 -55.89 -54.17 -23.57
CA GLN GA 143 -55.11 -55.25 -23.00
C GLN GA 143 -54.42 -56.09 -24.07
N ARG GA 144 -54.98 -56.15 -25.28
CA ARG GA 144 -54.36 -56.92 -26.35
C ARG GA 144 -53.14 -56.19 -26.90
N ALA GA 145 -53.22 -54.87 -27.05
CA ALA GA 145 -52.09 -54.12 -27.54
C ALA GA 145 -50.98 -54.02 -26.50
N ALA GA 146 -51.33 -54.04 -25.21
CA ALA GA 146 -50.33 -54.00 -24.16
C ALA GA 146 -49.53 -55.30 -24.11
N THR GA 147 -50.13 -56.42 -24.51
CA THR GA 147 -49.41 -57.68 -24.55
C THR GA 147 -48.42 -57.70 -25.71
N ILE GA 148 -48.80 -57.10 -26.84
CA ILE GA 148 -47.90 -57.05 -27.98
C ILE GA 148 -46.67 -56.21 -27.66
N LEU GA 149 -46.88 -55.07 -27.00
CA LEU GA 149 -45.78 -54.18 -26.65
C LEU GA 149 -44.94 -54.68 -25.49
N GLY GA 150 -45.44 -55.65 -24.74
CA GLY GA 150 -44.68 -56.20 -23.63
C GLY GA 150 -44.90 -55.51 -22.31
N TYR GA 151 -46.02 -54.82 -22.13
CA TYR GA 151 -46.29 -54.12 -20.89
C TYR GA 151 -47.07 -54.97 -19.89
N THR GA 152 -47.50 -56.16 -20.30
CA THR GA 152 -48.29 -57.03 -19.45
C THR GA 152 -47.37 -57.95 -18.65
N LYS GA 153 -47.74 -58.17 -17.40
CA LYS GA 153 -46.99 -59.07 -16.53
C LYS GA 153 -47.32 -60.53 -16.82
N SER HA 2 -14.68 -51.71 -42.96
CA SER HA 2 -15.12 -52.08 -44.29
C SER HA 2 -16.28 -51.20 -44.74
N ASN HA 3 -15.95 -50.17 -45.53
CA ASN HA 3 -16.92 -49.24 -46.08
C ASN HA 3 -16.77 -49.28 -47.60
N ILE HA 4 -17.47 -50.22 -48.23
CA ILE HA 4 -17.39 -50.44 -49.67
C ILE HA 4 -18.79 -50.57 -50.24
N PHE HA 5 -19.07 -49.80 -51.29
CA PHE HA 5 -20.31 -49.93 -52.04
C PHE HA 5 -20.12 -50.96 -53.14
N LEU HA 6 -21.04 -51.92 -53.22
CA LEU HA 6 -20.98 -52.98 -54.20
C LEU HA 6 -22.05 -52.79 -55.26
N GLU HA 7 -21.70 -53.12 -56.50
CA GLU HA 7 -22.64 -53.10 -57.62
C GLU HA 7 -22.77 -54.52 -58.16
N LEU HA 8 -23.92 -55.13 -57.93
CA LEU HA 8 -24.15 -56.53 -58.25
C LEU HA 8 -25.09 -56.64 -59.45
N GLN HA 9 -25.10 -57.84 -60.03
CA GLN HA 9 -25.93 -58.15 -61.19
C GLN HA 9 -27.05 -59.10 -60.77
N ASP HA 10 -28.27 -58.58 -60.68
CA ASP HA 10 -29.44 -59.39 -60.39
C ASP HA 10 -30.10 -59.73 -61.72
N GLY HA 11 -29.51 -60.70 -62.42
CA GLY HA 11 -29.96 -61.03 -63.75
C GLY HA 11 -29.66 -59.90 -64.72
N ASP HA 12 -30.69 -59.20 -65.17
CA ASP HA 12 -30.51 -58.04 -66.03
C ASP HA 12 -30.34 -56.75 -65.23
N LYS HA 13 -30.95 -56.67 -64.06
CA LYS HA 13 -30.84 -55.48 -63.23
C LYS HA 13 -29.46 -55.39 -62.59
N THR HA 14 -28.99 -54.16 -62.42
CA THR HA 14 -27.77 -53.87 -61.68
C THR HA 14 -28.19 -53.30 -60.33
N VAL HA 15 -28.00 -54.09 -59.28
CA VAL HA 15 -28.43 -53.72 -57.94
C VAL HA 15 -27.22 -53.23 -57.15
N TYR HA 16 -27.49 -52.57 -56.03
CA TYR HA 16 -26.46 -51.96 -55.21
C TYR HA 16 -26.65 -52.35 -53.74
N THR HA 17 -25.53 -52.45 -53.03
CA THR HA 17 -25.55 -52.75 -51.61
C THR HA 17 -24.27 -52.21 -50.99
N HIS HA 18 -24.19 -52.31 -49.66
CA HIS HA 18 -23.05 -51.85 -48.90
C HIS HA 18 -22.55 -52.99 -48.03
N THR HA 19 -21.23 -53.05 -47.84
CA THR HA 19 -20.63 -54.14 -47.07
C THR HA 19 -21.06 -54.13 -45.62
N SER HA 20 -21.53 -53.00 -45.11
CA SER HA 20 -22.03 -52.95 -43.74
C SER HA 20 -23.28 -53.79 -43.56
N LEU HA 21 -23.99 -54.11 -44.63
CA LEU HA 21 -25.20 -54.91 -44.57
C LEU HA 21 -24.89 -56.40 -44.61
N ILE HA 22 -23.61 -56.78 -44.56
CA ILE HA 22 -23.18 -58.16 -44.58
C ILE HA 22 -22.56 -58.49 -43.23
N GLU HA 23 -22.70 -59.75 -42.82
CA GLU HA 23 -22.13 -60.18 -41.55
C GLU HA 23 -20.62 -59.97 -41.55
N GLU HA 24 -20.07 -59.75 -40.36
CA GLU HA 24 -18.67 -59.37 -40.23
C GLU HA 24 -17.72 -60.50 -40.64
N SER HA 25 -18.19 -61.75 -40.57
CA SER HA 25 -17.36 -62.87 -41.00
C SER HA 25 -17.06 -62.79 -42.49
N LYS HA 26 -17.97 -62.23 -43.28
CA LYS HA 26 -17.77 -62.07 -44.71
C LYS HA 26 -17.27 -60.69 -45.11
N GLN HA 27 -17.38 -59.70 -44.22
CA GLN HA 27 -16.80 -58.39 -44.51
C GLN HA 27 -15.29 -58.47 -44.58
N GLU HA 28 -14.68 -59.32 -43.77
CA GLU HA 28 -13.23 -59.49 -43.80
C GLU HA 28 -12.78 -60.18 -45.08
N GLN HA 29 -13.56 -61.15 -45.56
CA GLN HA 29 -13.17 -61.85 -46.78
C GLN HA 29 -13.32 -60.96 -48.00
N ILE HA 30 -14.34 -60.09 -48.00
CA ILE HA 30 -14.48 -59.12 -49.08
C ILE HA 30 -13.39 -58.06 -49.01
N GLN HA 31 -13.08 -57.60 -47.80
CA GLN HA 31 -12.00 -56.62 -47.66
C GLN HA 31 -10.67 -57.23 -48.04
N ALA HA 32 -10.47 -58.52 -47.76
CA ALA HA 32 -9.22 -59.18 -48.12
C ALA HA 32 -9.04 -59.26 -49.62
N ILE HA 33 -10.14 -59.33 -50.37
CA ILE HA 33 -10.05 -59.34 -51.83
C ILE HA 33 -9.71 -57.96 -52.35
N TYR HA 34 -10.34 -56.92 -51.81
CA TYR HA 34 -10.04 -55.56 -52.24
C TYR HA 34 -8.66 -55.11 -51.79
N ASP HA 35 -8.06 -55.80 -50.83
CA ASP HA 35 -6.72 -55.45 -50.36
C ASP HA 35 -5.61 -56.05 -51.21
N LYS HA 36 -5.92 -57.02 -52.07
CA LYS HA 36 -4.94 -57.59 -52.99
C LYS HA 36 -4.98 -56.95 -54.36
N VAL HA 37 -5.93 -56.05 -54.60
CA VAL HA 37 -6.00 -55.38 -55.91
C VAL HA 37 -4.78 -54.51 -56.16
N PRO HA 38 -4.33 -53.67 -55.22
CA PRO HA 38 -3.14 -52.87 -55.51
C PRO HA 38 -1.88 -53.70 -55.68
N GLN HA 39 -1.79 -54.86 -55.02
CA GLN HA 39 -0.62 -55.70 -55.19
C GLN HA 39 -0.53 -56.24 -56.60
N TRP HA 40 -1.68 -56.50 -57.24
CA TRP HA 40 -1.69 -56.90 -58.64
C TRP HA 40 -1.55 -55.70 -59.57
N THR HA 41 -2.07 -54.55 -59.16
CA THR HA 41 -1.91 -53.34 -59.97
C THR HA 41 -0.47 -52.88 -59.97
N ASN HA 42 0.15 -52.80 -58.80
CA ASN HA 42 1.57 -52.45 -58.73
C ASN HA 42 2.43 -53.52 -59.38
N GLY HA 43 2.15 -54.80 -59.08
CA GLY HA 43 2.89 -55.88 -59.70
C GLY HA 43 2.70 -55.94 -61.20
N GLY HA 44 1.52 -55.53 -61.68
CA GLY HA 44 1.30 -55.47 -63.11
C GLY HA 44 1.99 -54.31 -63.77
N ARG HA 45 2.07 -53.17 -63.08
CA ARG HA 45 2.77 -52.02 -63.63
C ARG HA 45 4.26 -52.28 -63.79
N PHE HA 46 4.85 -53.06 -62.88
CA PHE HA 46 6.27 -53.38 -62.99
C PHE HA 46 6.54 -54.24 -64.21
N LEU HA 47 5.70 -55.24 -64.47
CA LEU HA 47 5.87 -56.08 -65.65
C LEU HA 47 5.72 -55.27 -66.93
N GLY HA 48 4.71 -54.40 -66.98
CA GLY HA 48 4.57 -53.52 -68.14
C GLY HA 48 5.71 -52.54 -68.28
N PHE HA 49 6.32 -52.14 -67.16
CA PHE HA 49 7.48 -51.25 -67.24
C PHE HA 49 8.73 -52.02 -67.60
N TRP HA 50 8.89 -53.24 -67.07
CA TRP HA 50 10.10 -54.02 -67.34
C TRP HA 50 10.13 -54.49 -68.78
N LEU HA 51 9.05 -55.09 -69.26
CA LEU HA 51 9.03 -55.60 -70.62
C LEU HA 51 9.19 -54.48 -71.65
N SER HA 52 8.67 -53.30 -71.34
CA SER HA 52 8.83 -52.16 -72.25
C SER HA 52 10.27 -51.66 -72.26
N MET HA 53 10.92 -51.61 -71.09
CA MET HA 53 12.31 -51.19 -71.03
C MET HA 53 13.22 -52.18 -71.74
N GLU HA 54 12.91 -53.48 -71.67
CA GLU HA 54 13.70 -54.46 -72.39
C GLU HA 54 13.47 -54.39 -73.89
N ALA HA 55 12.35 -53.83 -74.33
CA ALA HA 55 12.01 -53.78 -75.74
C ALA HA 55 12.56 -52.54 -76.44
N VAL HA 56 12.38 -51.36 -75.81
CA VAL HA 56 12.82 -50.12 -76.43
C VAL HA 56 14.33 -49.94 -76.38
N ASN HA 57 15.06 -50.82 -75.70
CA ASN HA 57 16.50 -50.74 -75.59
C ASN HA 57 17.24 -51.80 -76.38
N ARG HA 58 16.75 -53.04 -76.37
CA ARG HA 58 17.46 -54.13 -77.01
C ARG HA 58 17.06 -54.28 -78.48
N VAL HA 59 15.78 -54.08 -78.78
CA VAL HA 59 15.32 -54.15 -80.17
C VAL HA 59 15.87 -52.92 -80.89
N GLN HA 60 16.78 -53.14 -81.84
CA GLN HA 60 17.39 -52.01 -82.55
C GLN HA 60 16.49 -51.53 -83.67
N SER HA 61 15.20 -51.35 -83.37
CA SER HA 61 14.28 -50.71 -84.29
C SER HA 61 13.51 -49.61 -83.57
N VAL HA 62 13.30 -49.79 -82.27
CA VAL HA 62 12.63 -48.81 -81.43
C VAL HA 62 13.67 -47.92 -80.76
N ALA HA 63 14.85 -48.50 -80.50
CA ALA HA 63 15.94 -47.71 -79.93
C ALA HA 63 16.37 -46.59 -80.86
N LYS HA 64 16.17 -46.78 -82.16
CA LYS HA 64 16.49 -45.74 -83.14
C LYS HA 64 15.31 -44.81 -83.33
N LEU HA 65 14.80 -44.27 -82.23
CA LEU HA 65 13.68 -43.34 -82.24
C LEU HA 65 13.98 -42.21 -81.25
N PRO HA 66 13.30 -41.08 -81.40
CA PRO HA 66 13.44 -40.02 -80.39
C PRO HA 66 13.07 -40.54 -79.01
N ILE HA 67 13.70 -39.93 -78.00
CA ILE HA 67 13.52 -40.38 -76.62
C ILE HA 67 12.09 -40.22 -76.17
N TYR HA 68 11.39 -39.20 -76.68
CA TYR HA 68 10.00 -38.96 -76.28
C TYR HA 68 9.09 -40.09 -76.78
N TYR HA 69 9.36 -40.62 -77.97
CA TYR HA 69 8.56 -41.74 -78.46
C TYR HA 69 8.82 -42.99 -77.63
N ARG HA 70 10.09 -43.24 -77.29
CA ARG HA 70 10.42 -44.39 -76.46
C ARG HA 70 9.89 -44.23 -75.04
N ALA HA 71 9.92 -43.01 -74.51
CA ALA HA 71 9.38 -42.77 -73.17
C ALA HA 71 7.87 -42.93 -73.13
N GLY HA 72 7.19 -42.57 -74.22
CA GLY HA 72 5.74 -42.76 -74.28
C GLY HA 72 5.34 -44.22 -74.31
N ILE HA 73 6.17 -45.07 -74.91
CA ILE HA 73 5.88 -46.50 -74.93
C ILE HA 73 5.97 -47.08 -73.53
N VAL HA 74 7.06 -46.78 -72.82
CA VAL HA 74 7.24 -47.32 -71.48
C VAL HA 74 6.18 -46.77 -70.53
N ALA HA 75 5.83 -45.49 -70.68
CA ALA HA 75 4.82 -44.91 -69.81
C ALA HA 75 3.44 -45.52 -70.08
N THR HA 76 3.10 -45.70 -71.36
CA THR HA 76 1.82 -46.32 -71.68
C THR HA 76 1.77 -47.77 -71.24
N SER HA 77 2.84 -48.53 -71.50
CA SER HA 77 2.86 -49.93 -71.10
C SER HA 77 2.87 -50.12 -69.59
N THR HA 78 3.27 -49.10 -68.83
CA THR HA 78 3.33 -49.24 -67.38
C THR HA 78 1.93 -49.31 -66.79
N LEU HA 79 1.10 -48.31 -67.07
CA LEU HA 79 -0.25 -48.29 -66.53
C LEU HA 79 -1.18 -49.25 -67.25
N LEU HA 80 -0.87 -49.59 -68.51
CA LEU HA 80 -1.70 -50.56 -69.22
C LEU HA 80 -1.59 -51.94 -68.59
N GLY HA 81 -0.39 -52.31 -68.15
CA GLY HA 81 -0.23 -53.57 -67.44
C GLY HA 81 -0.92 -53.61 -66.10
N GLY HA 82 -1.08 -52.45 -65.47
CA GLY HA 82 -1.80 -52.40 -64.20
C GLY HA 82 -3.29 -52.57 -64.38
N LEU HA 83 -3.84 -51.97 -65.44
CA LEU HA 83 -5.27 -52.13 -65.71
C LEU HA 83 -5.59 -53.54 -66.17
N VAL HA 84 -4.68 -54.15 -66.93
CA VAL HA 84 -4.89 -55.54 -67.37
C VAL HA 84 -4.86 -56.48 -66.17
N SER HA 85 -3.89 -56.29 -65.27
CA SER HA 85 -3.80 -57.15 -64.10
C SER HA 85 -4.99 -56.96 -63.18
N SER HA 86 -5.56 -55.76 -63.14
CA SER HA 86 -6.76 -55.55 -62.33
C SER HA 86 -7.96 -56.30 -62.92
N LEU HA 87 -8.05 -56.36 -64.25
CA LEU HA 87 -9.12 -57.13 -64.87
C LEU HA 87 -8.92 -58.62 -64.68
N VAL HA 88 -7.68 -59.10 -64.85
CA VAL HA 88 -7.40 -60.52 -64.65
C VAL HA 88 -7.70 -60.92 -63.21
N PHE HA 89 -7.48 -60.00 -62.26
CA PHE HA 89 -7.75 -60.31 -60.87
C PHE HA 89 -9.24 -60.51 -60.63
N TRP HA 90 -10.06 -59.57 -61.09
CA TRP HA 90 -11.50 -59.65 -60.85
C TRP HA 90 -12.14 -60.75 -61.69
N LYS HA 91 -11.80 -60.79 -62.98
CA LYS HA 91 -12.48 -61.69 -63.90
C LYS HA 91 -12.17 -63.15 -63.61
N SER HA 92 -11.00 -63.45 -63.07
CA SER HA 92 -10.63 -64.84 -62.85
C SER HA 92 -11.56 -65.53 -61.85
N GLY HA 93 -11.50 -65.15 -60.58
CA GLY HA 93 -12.38 -65.73 -59.59
C GLY HA 93 -12.80 -64.83 -58.46
N ASN HA 94 -12.44 -63.54 -58.54
CA ASN HA 94 -12.66 -62.63 -57.43
C ASN HA 94 -13.97 -61.87 -57.53
N GLU HA 95 -14.31 -61.38 -58.73
CA GLU HA 95 -15.57 -60.66 -58.89
C GLU HA 95 -16.76 -61.56 -58.58
N ASN HA 96 -16.66 -62.83 -58.94
CA ASN HA 96 -17.72 -63.78 -58.62
C ASN HA 96 -17.70 -64.15 -57.14
N GLN HA 97 -16.55 -64.06 -56.51
CA GLN HA 97 -16.44 -64.41 -55.09
C GLN HA 97 -17.04 -63.35 -54.19
N VAL HA 98 -16.88 -62.07 -54.52
CA VAL HA 98 -17.49 -61.02 -53.70
C VAL HA 98 -19.00 -61.03 -53.87
N ALA HA 99 -19.49 -61.49 -55.02
CA ALA HA 99 -20.93 -61.62 -55.21
C ALA HA 99 -21.49 -62.77 -54.39
N LYS HA 100 -20.72 -63.85 -54.27
CA LYS HA 100 -21.16 -64.98 -53.45
C LYS HA 100 -21.18 -64.60 -51.98
N LEU HA 101 -20.19 -63.84 -51.52
CA LEU HA 101 -20.16 -63.40 -50.14
C LEU HA 101 -21.24 -62.40 -49.83
N ALA HA 102 -21.90 -61.84 -50.85
CA ALA HA 102 -23.02 -60.95 -50.67
C ALA HA 102 -24.36 -61.69 -50.68
N ASN HA 103 -24.33 -63.01 -50.61
CA ASN HA 103 -25.57 -63.78 -50.64
C ASN HA 103 -26.28 -63.65 -49.30
N GLY HA 104 -27.47 -63.06 -49.31
CA GLY HA 104 -28.23 -62.82 -48.11
C GLY HA 104 -28.34 -61.36 -47.72
N ALA HA 105 -27.58 -60.49 -48.35
CA ALA HA 105 -27.64 -59.07 -48.03
C ALA HA 105 -28.72 -58.38 -48.84
N PRO HA 106 -29.40 -57.39 -48.26
CA PRO HA 106 -30.42 -56.66 -49.01
C PRO HA 106 -29.79 -55.73 -50.03
N VAL HA 107 -30.35 -55.74 -51.23
CA VAL HA 107 -29.88 -54.91 -52.33
C VAL HA 107 -30.93 -53.84 -52.61
N TYR HA 108 -30.56 -52.89 -53.45
CA TYR HA 108 -31.39 -51.73 -53.76
C TYR HA 108 -31.29 -51.43 -55.25
N LEU HA 109 -32.36 -50.87 -55.79
CA LEU HA 109 -32.38 -50.56 -57.22
C LEU HA 109 -31.54 -49.33 -57.55
N LYS HA 110 -31.41 -48.40 -56.61
CA LYS HA 110 -30.62 -47.20 -56.81
C LYS HA 110 -29.55 -47.11 -55.73
N LYS HA 111 -28.40 -46.59 -56.11
CA LYS HA 111 -27.30 -46.45 -55.16
C LYS HA 111 -27.65 -45.45 -54.06
N TRP HA 112 -28.42 -44.43 -54.39
CA TRP HA 112 -28.77 -43.40 -53.41
C TRP HA 112 -29.66 -43.95 -52.30
N GLU HA 113 -30.30 -45.08 -52.52
CA GLU HA 113 -31.17 -45.69 -51.51
C GLU HA 113 -30.40 -46.60 -50.56
N VAL HA 114 -29.10 -46.80 -50.79
CA VAL HA 114 -28.31 -47.72 -49.99
C VAL HA 114 -27.89 -47.06 -48.69
N PRO HA 115 -28.30 -47.58 -47.54
CA PRO HA 115 -27.87 -47.03 -46.26
C PRO HA 115 -26.59 -47.65 -45.74
N GLU HA 116 -25.84 -46.84 -45.00
CA GLU HA 116 -24.66 -47.30 -44.29
C GLU HA 116 -25.05 -47.55 -42.84
N LEU HA 117 -24.95 -48.81 -42.43
CA LEU HA 117 -25.46 -49.20 -41.12
C LEU HA 117 -24.78 -48.44 -40.00
N SER HA 118 -23.50 -48.12 -40.17
CA SER HA 118 -22.78 -47.35 -39.18
C SER HA 118 -23.18 -45.88 -39.14
N LYS HA 119 -23.98 -45.42 -40.09
CA LYS HA 119 -24.42 -44.03 -40.15
C LYS HA 119 -25.86 -43.85 -39.74
N LEU HA 120 -26.60 -44.92 -39.48
CA LEU HA 120 -28.00 -44.82 -39.13
C LEU HA 120 -28.18 -44.36 -37.69
N TYR HA 121 -29.26 -43.64 -37.45
CA TYR HA 121 -29.59 -43.18 -36.11
C TYR HA 121 -30.33 -44.28 -35.36
N PHE HA 122 -29.94 -44.49 -34.11
CA PHE HA 122 -30.56 -45.51 -33.29
C PHE HA 122 -30.58 -45.04 -31.85
N PHE HA 123 -31.34 -45.75 -31.04
CA PHE HA 123 -31.46 -45.43 -29.62
C PHE HA 123 -31.49 -46.73 -28.83
N LEU HA 124 -31.22 -46.61 -27.54
CA LEU HA 124 -31.25 -47.74 -26.62
C LEU HA 124 -32.67 -47.89 -26.07
N ASP HA 125 -33.37 -48.93 -26.50
CA ASP HA 125 -34.77 -49.11 -26.15
C ASP HA 125 -34.89 -49.60 -24.71
N ASP HA 126 -35.45 -48.76 -23.85
CA ASP HA 126 -35.55 -49.10 -22.43
C ASP HA 126 -36.38 -50.35 -22.23
N ASP HA 127 -37.47 -50.50 -22.99
CA ASP HA 127 -38.37 -51.63 -22.85
C ASP HA 127 -37.83 -52.90 -23.48
N ASN HA 128 -36.63 -52.86 -24.06
CA ASN HA 128 -36.02 -54.01 -24.72
C ASN HA 128 -34.64 -54.25 -24.14
N ASN HA 129 -34.52 -54.13 -22.82
CA ASN HA 129 -33.26 -54.35 -22.12
C ASN HA 129 -32.17 -53.41 -22.64
N PHE HA 130 -32.57 -52.22 -23.06
CA PHE HA 130 -31.64 -51.19 -23.53
C PHE HA 130 -30.81 -51.69 -24.72
N LYS HA 131 -31.46 -52.44 -25.59
CA LYS HA 131 -30.77 -52.86 -26.81
C LYS HA 131 -30.85 -51.77 -27.87
N PRO HA 132 -29.84 -51.66 -28.73
CA PRO HA 132 -29.92 -50.69 -29.82
C PRO HA 132 -31.03 -51.04 -30.80
N SER HA 133 -31.85 -50.04 -31.11
CA SER HA 133 -33.02 -50.23 -31.95
C SER HA 133 -33.08 -49.14 -33.00
N LEU HA 134 -33.32 -49.55 -34.25
CA LEU HA 134 -33.51 -48.59 -35.34
C LEU HA 134 -34.90 -47.98 -35.32
N ASN HA 135 -35.84 -48.60 -34.62
CA ASN HA 135 -37.22 -48.11 -34.56
C ASN HA 135 -37.37 -47.08 -33.45
N HIS HA 136 -36.71 -45.94 -33.65
CA HIS HA 136 -36.79 -44.88 -32.66
C HIS HA 136 -38.15 -44.18 -32.77
N HIS HA 137 -38.41 -43.31 -31.80
CA HIS HA 137 -39.73 -42.69 -31.69
C HIS HA 137 -40.02 -41.65 -32.76
N ALA HA 138 -39.13 -41.46 -33.72
CA ALA HA 138 -39.40 -40.60 -34.86
C ALA HA 138 -39.64 -41.38 -36.14
N VAL HA 139 -39.56 -42.70 -36.10
CA VAL HA 139 -39.80 -43.54 -37.26
C VAL HA 139 -41.29 -43.59 -37.55
N THR HA 140 -41.66 -43.54 -38.82
CA THR HA 140 -43.05 -43.54 -39.22
C THR HA 140 -43.45 -44.74 -40.07
N GLN HA 141 -42.64 -45.14 -41.05
CA GLN HA 141 -43.02 -46.17 -41.99
C GLN HA 141 -42.17 -47.43 -41.91
N GLY HA 142 -40.86 -47.33 -42.09
CA GLY HA 142 -40.01 -48.49 -42.20
C GLY HA 142 -39.01 -48.37 -43.33
N ARG HA 143 -38.14 -49.37 -43.46
CA ARG HA 143 -37.01 -49.32 -44.40
C ARG HA 143 -37.38 -49.78 -45.79
N GLN HA 144 -37.87 -51.01 -45.92
CA GLN HA 144 -38.43 -51.53 -47.17
C GLN HA 144 -37.41 -51.51 -48.30
N TYR HA 145 -36.41 -52.38 -48.16
CA TYR HA 145 -35.42 -52.57 -49.22
C TYR HA 145 -36.07 -53.28 -50.41
N TYR HA 146 -35.25 -53.53 -51.43
CA TYR HA 146 -35.76 -54.14 -52.67
C TYR HA 146 -35.93 -55.65 -52.54
N LYS HA 147 -34.83 -56.36 -52.30
CA LYS HA 147 -34.88 -57.81 -52.14
C LYS HA 147 -33.58 -58.29 -51.53
N ILE HA 148 -33.58 -59.55 -51.14
CA ILE HA 148 -32.39 -60.22 -50.62
C ILE HA 148 -31.61 -60.81 -51.79
N TYR HA 149 -30.32 -60.53 -51.85
CA TYR HA 149 -29.51 -60.97 -52.97
C TYR HA 149 -29.30 -62.48 -52.90
N GLN HA 150 -29.35 -63.13 -54.06
CA GLN HA 150 -29.18 -64.57 -54.16
C GLN HA 150 -28.18 -64.88 -55.25
N HIS HA 151 -27.16 -65.65 -54.91
CA HIS HA 151 -26.09 -66.00 -55.84
C HIS HA 151 -25.64 -67.44 -55.64
N LEU IA 45 22.38 -4.28 -78.61
CA LEU IA 45 23.53 -3.73 -79.34
C LEU IA 45 23.65 -2.23 -79.13
N THR IA 46 22.67 -1.65 -78.44
CA THR IA 46 22.62 -0.23 -78.14
C THR IA 46 22.97 0.03 -76.69
N GLN IA 47 23.60 1.17 -76.44
CA GLN IA 47 24.00 1.56 -75.10
C GLN IA 47 23.72 3.04 -74.90
N TYR IA 48 23.63 3.43 -73.63
CA TYR IA 48 23.50 4.83 -73.27
C TYR IA 48 24.86 5.49 -73.30
N VAL IA 49 24.93 6.68 -73.90
CA VAL IA 49 26.14 7.48 -73.92
C VAL IA 49 25.74 8.90 -73.53
N GLU IA 50 26.06 9.29 -72.30
CA GLU IA 50 25.72 10.61 -71.78
C GLU IA 50 24.20 10.84 -71.85
N GLY IA 51 23.44 9.84 -71.44
CA GLY IA 51 22.00 9.94 -71.40
C GLY IA 51 21.29 9.69 -72.70
N GLN IA 52 22.02 9.50 -73.79
CA GLN IA 52 21.42 9.25 -75.10
C GLN IA 52 21.73 7.83 -75.54
N ILE IA 53 20.72 7.17 -76.10
CA ILE IA 53 20.87 5.82 -76.63
C ILE IA 53 21.58 5.90 -77.97
N VAL IA 54 22.71 5.21 -78.08
CA VAL IA 54 23.52 5.21 -79.29
C VAL IA 54 23.79 3.77 -79.70
N ASN IA 55 23.71 3.52 -81.01
CA ASN IA 55 24.00 2.19 -81.54
C ASN IA 55 25.51 1.93 -81.50
N ARG IA 56 25.89 0.82 -80.88
CA ARG IA 56 27.29 0.48 -80.72
C ARG IA 56 27.78 -0.33 -81.92
N ASN IA 57 29.01 -0.05 -82.35
CA ASN IA 57 29.63 -0.73 -83.46
C ASN IA 57 30.74 -1.64 -82.98
N GLN IA 58 30.95 -2.74 -83.71
CA GLN IA 58 32.00 -3.70 -83.40
C GLN IA 58 33.12 -3.59 -84.42
N LEU IA 59 34.33 -3.87 -83.97
CA LEU IA 59 35.52 -3.76 -84.80
C LEU IA 59 36.01 -5.14 -85.22
N THR IA 60 36.64 -5.19 -86.39
CA THR IA 60 37.29 -6.39 -86.89
C THR IA 60 38.67 -5.98 -87.37
N LEU IA 61 39.69 -6.30 -86.58
CA LEU IA 61 41.04 -5.82 -86.84
C LEU IA 61 41.72 -6.65 -87.92
N LYS IA 62 41.96 -7.93 -87.63
CA LYS IA 62 42.49 -8.88 -88.59
C LYS IA 62 43.80 -8.42 -89.24
N LYS IA 63 44.55 -7.55 -88.56
CA LYS IA 63 45.80 -7.07 -89.10
C LYS IA 63 46.67 -6.55 -87.96
N GLN IA 64 47.96 -6.84 -88.02
CA GLN IA 64 48.86 -6.54 -86.92
C GLN IA 64 48.93 -5.06 -86.61
N GLU IA 65 49.01 -4.22 -87.64
CA GLU IA 65 49.10 -2.78 -87.41
C GLU IA 65 47.80 -2.21 -86.85
N ASP IA 66 46.65 -2.77 -87.25
CA ASP IA 66 45.39 -2.30 -86.68
C ASP IA 66 45.24 -2.70 -85.22
N ILE IA 67 45.84 -3.84 -84.83
CA ILE IA 67 45.77 -4.29 -83.45
C ILE IA 67 46.61 -3.40 -82.55
N GLU IA 68 47.82 -3.04 -82.98
CA GLU IA 68 48.68 -2.21 -82.16
C GLU IA 68 48.11 -0.81 -82.00
N GLN IA 69 47.53 -0.26 -83.06
CA GLN IA 69 46.94 1.08 -82.96
C GLN IA 69 45.68 1.08 -82.11
N TYR IA 70 44.92 -0.02 -82.12
CA TYR IA 70 43.73 -0.09 -81.28
C TYR IA 70 44.09 -0.19 -79.80
N VAL IA 71 45.04 -1.06 -79.48
CA VAL IA 71 45.41 -1.26 -78.08
C VAL IA 71 46.00 0.00 -77.49
N LEU IA 72 46.86 0.68 -78.25
CA LEU IA 72 47.41 1.94 -77.77
C LEU IA 72 46.32 2.97 -77.53
N LYS IA 73 45.37 3.09 -78.46
CA LYS IA 73 44.25 3.99 -78.25
C LYS IA 73 43.39 3.53 -77.07
N LEU IA 74 43.29 2.22 -76.86
CA LEU IA 74 42.51 1.70 -75.74
C LEU IA 74 43.13 2.12 -74.41
N VAL IA 75 44.43 1.91 -74.26
CA VAL IA 75 45.09 2.20 -72.99
C VAL IA 75 45.18 3.70 -72.76
N ARG IA 76 45.42 4.46 -73.83
CA ARG IA 76 45.50 5.92 -73.66
C ARG IA 76 44.16 6.50 -73.23
N GLY IA 77 43.05 5.90 -73.67
CA GLY IA 77 41.75 6.42 -73.30
C GLY IA 77 41.37 6.16 -71.86
N TYR IA 78 41.99 5.18 -71.21
CA TYR IA 78 41.68 4.88 -69.83
C TYR IA 78 42.16 6.03 -68.94
N PHE IA 79 41.27 6.49 -68.05
CA PHE IA 79 41.52 7.71 -67.30
C PHE IA 79 42.63 7.57 -66.27
N ARG IA 80 43.08 6.35 -65.97
CA ARG IA 80 44.16 6.15 -65.00
C ARG IA 80 45.52 6.06 -65.65
N THR IA 81 45.59 6.02 -66.98
CA THR IA 81 46.86 5.85 -67.67
C THR IA 81 47.68 7.13 -67.62
N THR IA 82 48.92 7.02 -67.16
CA THR IA 82 49.86 8.13 -67.15
C THR IA 82 50.88 7.98 -68.29
N ASN IA 83 51.44 9.12 -68.69
CA ASN IA 83 52.43 9.17 -69.76
C ASN IA 83 51.88 8.52 -71.03
N LYS IA 84 50.81 9.10 -71.54
CA LYS IA 84 50.12 8.49 -72.66
C LYS IA 84 50.97 8.48 -73.93
N GLN IA 85 51.85 9.46 -74.09
CA GLN IA 85 52.69 9.50 -75.29
C GLN IA 85 53.92 8.61 -75.15
N GLY IA 86 54.41 8.42 -73.93
CA GLY IA 86 55.48 7.48 -73.72
C GLY IA 86 55.07 6.03 -73.84
N LEU IA 87 53.80 5.79 -74.11
CA LEU IA 87 53.26 4.44 -74.24
C LEU IA 87 53.65 3.88 -75.60
N ASN IA 88 54.35 2.74 -75.59
CA ASN IA 88 54.74 2.08 -76.82
C ASN IA 88 54.31 0.63 -76.78
N ILE IA 89 54.75 -0.17 -77.76
CA ILE IA 89 54.37 -1.57 -77.80
C ILE IA 89 54.96 -2.33 -76.63
N ASN IA 90 56.15 -1.93 -76.18
CA ASN IA 90 56.84 -2.61 -75.09
C ASN IA 90 56.66 -1.92 -73.75
N SER IA 91 55.51 -1.28 -73.55
CA SER IA 91 55.24 -0.54 -72.33
C SER IA 91 54.55 -1.42 -71.30
N VAL IA 92 55.09 -1.44 -70.08
CA VAL IA 92 54.46 -2.16 -68.99
C VAL IA 92 53.39 -1.28 -68.37
N LEU IA 93 52.21 -1.85 -68.15
CA LEU IA 93 51.09 -1.07 -67.65
C LEU IA 93 51.34 -0.57 -66.23
N GLN IA 94 52.15 -1.30 -65.46
CA GLN IA 94 52.48 -0.85 -64.11
C GLN IA 94 53.28 0.44 -64.16
N ASP IA 95 54.06 0.65 -65.21
CA ASP IA 95 54.84 1.87 -65.36
C ASP IA 95 53.99 3.05 -65.81
N HIS IA 96 52.69 2.84 -66.05
CA HIS IA 96 51.79 3.91 -66.43
C HIS IA 96 50.63 4.08 -65.45
N GLY IA 97 50.79 3.61 -64.22
CA GLY IA 97 49.77 3.81 -63.21
C GLY IA 97 48.61 2.85 -63.26
N LEU IA 98 48.83 1.63 -63.77
CA LEU IA 98 47.78 0.64 -63.90
C LEU IA 98 48.11 -0.61 -63.08
N ASP IA 99 47.11 -1.15 -62.41
CA ASP IA 99 47.28 -2.34 -61.57
C ASP IA 99 46.41 -3.48 -62.12
N GLU IA 100 46.33 -4.56 -61.35
CA GLU IA 100 45.59 -5.73 -61.81
C GLU IA 100 44.12 -5.44 -62.06
N PHE IA 101 43.53 -4.53 -61.28
CA PHE IA 101 42.13 -4.19 -61.48
C PHE IA 101 41.92 -3.31 -62.70
N ASP IA 102 42.91 -2.49 -63.05
CA ASP IA 102 42.80 -1.68 -64.25
C ASP IA 102 42.91 -2.53 -65.51
N SER IA 103 43.60 -3.67 -65.43
CA SER IA 103 43.65 -4.58 -66.55
C SER IA 103 42.30 -5.26 -66.80
N ILE IA 104 41.52 -5.46 -65.74
CA ILE IA 104 40.17 -5.98 -65.91
C ILE IA 104 39.29 -4.98 -66.63
N GLU IA 105 39.39 -3.70 -66.25
CA GLU IA 105 38.61 -2.67 -66.92
C GLU IA 105 39.02 -2.53 -68.38
N LEU IA 106 40.31 -2.70 -68.67
CA LEU IA 106 40.78 -2.65 -70.05
C LEU IA 106 40.25 -3.84 -70.84
N ALA IA 107 40.28 -5.03 -70.25
CA ALA IA 107 39.74 -6.20 -70.92
C ALA IA 107 38.23 -6.11 -71.07
N MET IA 108 37.56 -5.51 -70.09
CA MET IA 108 36.12 -5.30 -70.20
C MET IA 108 35.80 -4.40 -71.39
N GLN IA 109 36.68 -3.45 -71.70
CA GLN IA 109 36.48 -2.58 -72.84
C GLN IA 109 36.80 -3.26 -74.16
N VAL IA 110 37.64 -4.29 -74.14
CA VAL IA 110 37.91 -5.07 -75.34
C VAL IA 110 36.69 -5.88 -75.73
N GLU IA 111 36.00 -6.46 -74.74
CA GLU IA 111 34.77 -7.19 -75.02
C GLU IA 111 33.69 -6.28 -75.56
N GLU IA 112 33.74 -4.99 -75.22
CA GLU IA 112 32.77 -4.04 -75.74
C GLU IA 112 33.04 -3.73 -77.20
N ASP IA 113 34.30 -3.49 -77.55
CA ASP IA 113 34.63 -3.04 -78.89
C ASP IA 113 34.75 -4.20 -79.87
N LEU IA 114 35.39 -5.30 -79.46
CA LEU IA 114 35.64 -6.41 -80.36
C LEU IA 114 34.60 -7.52 -80.26
N GLY IA 115 33.81 -7.55 -79.20
CA GLY IA 115 32.83 -8.59 -79.02
C GLY IA 115 33.36 -9.89 -78.46
N TYR IA 116 34.55 -9.87 -77.86
CA TYR IA 116 35.10 -11.07 -77.27
C TYR IA 116 34.38 -11.43 -75.98
N VAL IA 117 34.57 -12.68 -75.56
CA VAL IA 117 34.14 -13.17 -74.25
C VAL IA 117 35.39 -13.71 -73.58
N ILE IA 118 36.07 -12.87 -72.81
CA ILE IA 118 37.35 -13.21 -72.20
C ILE IA 118 37.10 -13.81 -70.83
N SER IA 119 37.63 -15.01 -70.59
CA SER IA 119 37.46 -15.65 -69.31
C SER IA 119 38.31 -14.97 -68.24
N ALA IA 120 37.93 -15.20 -66.99
CA ALA IA 120 38.65 -14.61 -65.87
C ALA IA 120 40.04 -15.21 -65.69
N GLU IA 121 40.31 -16.36 -66.30
CA GLU IA 121 41.62 -16.96 -66.17
C GLU IA 121 42.66 -16.25 -67.03
N THR IA 122 42.22 -15.60 -68.12
CA THR IA 122 43.15 -14.94 -69.03
C THR IA 122 43.46 -13.52 -68.60
N ILE IA 123 42.55 -12.86 -67.90
CA ILE IA 123 42.73 -11.45 -67.57
C ILE IA 123 44.00 -11.20 -66.75
N PRO IA 124 44.29 -11.97 -65.69
CA PRO IA 124 45.44 -11.63 -64.84
C PRO IA 124 46.79 -11.72 -65.53
N VAL IA 125 46.86 -12.23 -66.76
CA VAL IA 125 48.13 -12.32 -67.47
C VAL IA 125 48.34 -11.16 -68.43
N LEU IA 126 47.35 -10.29 -68.60
CA LEU IA 126 47.46 -9.15 -69.50
C LEU IA 126 48.02 -7.97 -68.71
N ASN IA 127 49.34 -7.84 -68.73
CA ASN IA 127 50.03 -6.81 -67.96
C ASN IA 127 50.89 -5.89 -68.83
N LYS IA 128 50.91 -6.11 -70.14
CA LYS IA 128 51.67 -5.25 -71.05
C LYS IA 128 50.83 -4.98 -72.28
N VAL IA 129 51.24 -3.94 -73.01
CA VAL IA 129 50.61 -3.65 -74.30
C VAL IA 129 50.83 -4.79 -75.27
N LYS IA 130 52.02 -5.38 -75.22
CA LYS IA 130 52.33 -6.53 -76.06
C LYS IA 130 51.42 -7.72 -75.75
N HIS IA 131 51.00 -7.85 -74.50
CA HIS IA 131 50.16 -8.99 -74.13
C HIS IA 131 48.77 -8.87 -74.73
N PHE IA 132 48.23 -7.65 -74.79
CA PHE IA 132 46.94 -7.45 -75.44
C PHE IA 132 47.02 -7.70 -76.95
N VAL IA 133 48.13 -7.29 -77.57
CA VAL IA 133 48.27 -7.50 -79.01
C VAL IA 133 48.37 -8.98 -79.35
N ASN IA 134 49.18 -9.73 -78.59
CA ASN IA 134 49.33 -11.15 -78.87
C ASN IA 134 48.06 -11.92 -78.55
N TYR IA 135 47.31 -11.51 -77.53
CA TYR IA 135 46.08 -12.21 -77.20
C TYR IA 135 45.03 -12.02 -78.29
N ILE IA 136 44.91 -10.81 -78.83
CA ILE IA 136 43.95 -10.57 -79.90
C ILE IA 136 44.30 -11.38 -81.13
N ASN IA 137 45.60 -11.50 -81.44
CA ASN IA 137 46.01 -12.36 -82.55
C ASN IA 137 45.66 -13.82 -82.31
N HIS IA 138 45.84 -14.28 -81.07
CA HIS IA 138 45.54 -15.67 -80.75
C HIS IA 138 44.05 -15.96 -80.84
N VAL IA 139 43.20 -14.98 -80.52
CA VAL IA 139 41.76 -15.21 -80.61
C VAL IA 139 41.33 -15.27 -82.07
N GLU IA 140 41.85 -14.38 -82.90
CA GLU IA 140 41.46 -14.37 -84.31
C GLU IA 140 41.99 -15.59 -85.04
N GLN IA 141 43.18 -16.05 -84.68
CA GLN IA 141 43.72 -17.25 -85.29
C GLN IA 141 42.97 -18.49 -84.83
N PHE IA 142 42.55 -18.51 -83.57
CA PHE IA 142 41.79 -19.64 -83.06
C PHE IA 142 40.44 -19.74 -83.75
N LYS IA 143 39.79 -18.60 -84.01
CA LYS IA 143 38.51 -18.62 -84.69
C LYS IA 143 38.66 -18.93 -86.17
N ALA IA 144 39.81 -18.64 -86.76
CA ALA IA 144 40.02 -18.91 -88.17
C ALA IA 144 40.26 -20.38 -88.45
N GLU IA 145 40.71 -21.15 -87.46
CA GLU IA 145 41.02 -22.56 -87.63
C GLU IA 145 39.97 -23.46 -86.99
N ASN IA 146 39.61 -23.18 -85.72
CA ASN IA 146 38.66 -24.02 -85.02
C ASN IA 146 37.21 -23.69 -85.38
N GLY IA 147 36.98 -22.54 -86.00
CA GLY IA 147 35.63 -22.15 -86.37
C GLY IA 147 34.75 -21.77 -85.20
N LYS IA 148 35.32 -21.52 -84.02
CA LYS IA 148 34.53 -21.13 -82.87
C LYS IA 148 35.37 -20.23 -81.98
N ALA IA 149 34.69 -19.56 -81.08
CA ALA IA 149 35.36 -18.68 -80.14
C ALA IA 149 36.07 -19.49 -79.06
N PRO IA 150 37.14 -18.96 -78.48
CA PRO IA 150 37.82 -19.66 -77.39
C PRO IA 150 36.90 -19.83 -76.19
N ILE IA 151 37.26 -20.81 -75.35
CA ILE IA 151 36.42 -21.16 -74.22
C ILE IA 151 36.35 -20.00 -73.24
N ALA IA 152 35.17 -19.78 -72.69
CA ALA IA 152 34.94 -18.67 -71.77
C ALA IA 152 34.62 -19.19 -70.37
N PRO JA 10 11.29 32.83 -49.19
CA PRO JA 10 11.87 32.93 -47.84
C PRO JA 10 10.90 33.59 -46.87
N GLN JA 11 10.48 34.82 -47.18
CA GLN JA 11 9.47 35.49 -46.38
C GLN JA 11 8.06 35.14 -46.83
N LEU JA 12 7.91 34.39 -47.91
CA LEU JA 12 6.62 33.91 -48.38
C LEU JA 12 6.35 32.49 -47.89
N TRP JA 13 7.19 31.96 -47.02
CA TRP JA 13 6.96 30.63 -46.49
C TRP JA 13 5.70 30.61 -45.65
N PRO JA 14 4.94 29.51 -45.69
CA PRO JA 14 3.65 29.48 -44.98
C PRO JA 14 3.80 29.59 -43.48
N ASN JA 15 2.95 30.41 -42.89
CA ASN JA 15 2.88 30.62 -41.46
C ASN JA 15 1.56 30.07 -40.95
N PRO JA 16 1.57 29.20 -39.93
CA PRO JA 16 0.30 28.66 -39.44
C PRO JA 16 -0.64 29.72 -38.88
N ASN JA 17 -0.12 30.87 -38.46
CA ASN JA 17 -0.97 31.94 -37.97
C ASN JA 17 -1.46 32.85 -39.10
N LYS JA 18 -0.54 33.34 -39.93
CA LYS JA 18 -0.89 34.23 -41.03
C LYS JA 18 -1.03 33.39 -42.30
N LEU JA 19 -2.15 32.69 -42.39
CA LEU JA 19 -2.42 31.78 -43.49
C LEU JA 19 -3.79 32.03 -44.07
N ARG JA 20 -3.90 31.93 -45.40
CA ARG JA 20 -5.20 32.03 -46.04
C ARG JA 20 -5.89 30.66 -46.04
N PHE JA 21 -7.20 30.70 -46.24
CA PHE JA 21 -7.96 29.46 -46.32
C PHE JA 21 -7.58 28.66 -47.56
N ALA JA 22 -7.42 29.33 -48.70
CA ALA JA 22 -7.04 28.65 -49.92
C ALA JA 22 -5.62 28.09 -49.87
N ASP JA 23 -4.73 28.75 -49.14
CA ASP JA 23 -3.36 28.25 -49.04
C ASP JA 23 -3.29 27.02 -48.16
N LEU JA 24 -4.08 26.98 -47.09
CA LEU JA 24 -4.12 25.79 -46.24
C LEU JA 24 -4.72 24.61 -46.98
N TYR JA 25 -5.72 24.86 -47.82
CA TYR JA 25 -6.35 23.77 -48.54
C TYR JA 25 -5.43 23.16 -49.58
N LYS JA 26 -4.50 23.94 -50.12
CA LYS JA 26 -3.52 23.46 -51.10
C LYS JA 26 -2.11 23.46 -50.55
N TYR JA 27 -1.95 23.18 -49.25
CA TYR JA 27 -0.62 23.27 -48.62
C TYR JA 27 0.34 22.25 -49.20
N GLN JA 28 0.00 20.97 -49.11
CA GLN JA 28 0.84 19.89 -49.62
C GLN JA 28 2.24 19.89 -48.99
N GLY JA 29 2.28 19.65 -47.69
CA GLY JA 29 3.51 19.67 -46.94
C GLY JA 29 4.16 18.31 -46.85
N VAL JA 30 5.05 18.17 -45.85
CA VAL JA 30 5.80 16.94 -45.69
C VAL JA 30 4.90 15.80 -45.26
N GLU JA 31 3.75 16.09 -44.65
CA GLU JA 31 2.83 15.03 -44.28
C GLU JA 31 2.19 14.41 -45.51
N MET JA 32 1.86 15.24 -46.51
CA MET JA 32 1.26 14.73 -47.74
C MET JA 32 2.29 14.02 -48.60
N LYS JA 33 3.56 14.40 -48.49
CA LYS JA 33 4.60 13.76 -49.28
C LYS JA 33 4.79 12.31 -48.85
N LYS JA 34 4.64 12.03 -47.56
CA LYS JA 34 4.70 10.66 -47.08
C LYS JA 34 3.51 9.87 -47.59
N ILE JA 35 2.32 10.45 -47.53
CA ILE JA 35 1.11 9.74 -47.95
C ILE JA 35 1.16 9.43 -49.43
N ASN JA 36 1.65 10.37 -50.23
CA ASN JA 36 1.75 10.13 -51.67
C ASN JA 36 2.71 8.99 -51.98
N ASP JA 37 3.71 8.77 -51.12
CA ASP JA 37 4.59 7.62 -51.29
C ASP JA 37 3.88 6.33 -50.94
N SER JA 38 3.07 6.35 -49.89
CA SER JA 38 2.29 5.16 -49.53
C SER JA 38 1.27 4.83 -50.59
N ILE JA 39 0.69 5.86 -51.22
CA ILE JA 39 -0.30 5.64 -52.27
C ILE JA 39 0.35 4.97 -53.48
N LYS JA 40 1.59 5.33 -53.78
CA LYS JA 40 2.30 4.67 -54.88
C LYS JA 40 2.45 3.18 -54.60
N ASN JA 41 2.65 2.81 -53.34
CA ASN JA 41 2.73 1.39 -53.00
C ASN JA 41 1.37 0.72 -53.07
N TYR JA 42 0.31 1.43 -52.67
CA TYR JA 42 -1.04 0.87 -52.75
C TYR JA 42 -1.43 0.58 -54.18
N LYS JA 43 -1.09 1.48 -55.10
CA LYS JA 43 -1.45 1.30 -56.50
C LYS JA 43 -0.63 0.18 -57.13
N ALA JA 44 0.65 0.11 -56.81
CA ALA JA 44 1.51 -0.91 -57.41
C ALA JA 44 1.18 -2.32 -56.91
N ALA JA 45 0.44 -2.43 -55.81
CA ALA JA 45 0.06 -3.72 -55.25
C ALA JA 45 -1.30 -4.20 -55.74
N LYS JA 46 -1.80 -3.63 -56.84
CA LYS JA 46 -3.14 -3.97 -57.28
C LYS JA 46 -3.21 -5.40 -57.81
N PHE JA 47 -2.21 -5.83 -58.57
CA PHE JA 47 -2.23 -7.16 -59.15
C PHE JA 47 -1.94 -8.24 -58.12
N TYR JA 48 -1.06 -7.94 -57.17
CA TYR JA 48 -0.73 -8.91 -56.13
C TYR JA 48 -1.93 -9.14 -55.21
N ILE JA 49 -2.52 -8.06 -54.71
CA ILE JA 49 -3.71 -8.21 -53.88
C ILE JA 49 -4.88 -8.73 -54.68
N GLY JA 50 -5.02 -8.27 -55.93
CA GLY JA 50 -6.09 -8.78 -56.77
C GLY JA 50 -5.93 -10.25 -57.12
N GLY JA 51 -4.69 -10.72 -57.24
CA GLY JA 51 -4.46 -12.12 -57.51
C GLY JA 51 -4.84 -13.01 -56.34
N ILE JA 52 -4.61 -12.53 -55.12
CA ILE JA 52 -4.99 -13.30 -53.93
C ILE JA 52 -6.50 -13.40 -53.81
N LEU JA 53 -7.19 -12.28 -54.00
CA LEU JA 53 -8.65 -12.27 -53.92
C LEU JA 53 -9.25 -13.12 -55.03
N GLY JA 54 -8.70 -13.02 -56.23
CA GLY JA 54 -9.17 -13.85 -57.33
C GLY JA 54 -8.96 -15.33 -57.05
N GLY JA 55 -7.84 -15.67 -56.41
CA GLY JA 55 -7.64 -17.04 -56.00
C GLY JA 55 -8.57 -17.48 -54.89
N CYS JA 56 -8.97 -16.56 -54.02
CA CYS JA 56 -9.94 -16.89 -53.01
C CYS JA 56 -11.32 -17.14 -53.62
N LEU JA 57 -11.65 -16.43 -54.69
CA LEU JA 57 -12.92 -16.65 -55.36
C LEU JA 57 -12.96 -18.01 -56.04
N VAL JA 58 -11.82 -18.49 -56.53
CA VAL JA 58 -11.76 -19.82 -57.13
C VAL JA 58 -11.70 -20.87 -56.04
N PHE JA 59 -10.95 -20.61 -54.97
CA PHE JA 59 -10.87 -21.55 -53.87
C PHE JA 59 -12.22 -21.74 -53.20
N LYS JA 60 -13.12 -20.77 -53.32
CA LYS JA 60 -14.43 -20.86 -52.69
C LYS JA 60 -15.25 -22.00 -53.28
N PHE JA 61 -15.18 -22.18 -54.60
CA PHE JA 61 -15.98 -23.21 -55.24
C PHE JA 61 -15.47 -24.61 -54.91
N PHE JA 62 -14.20 -24.76 -54.59
CA PHE JA 62 -13.69 -26.05 -54.15
C PHE JA 62 -14.08 -26.34 -52.71
N ILE JA 63 -14.16 -25.31 -51.87
CA ILE JA 63 -14.54 -25.49 -50.47
C ILE JA 63 -16.00 -25.87 -50.36
N ASP JA 64 -16.84 -25.33 -51.23
CA ASP JA 64 -18.26 -25.66 -51.21
C ASP JA 64 -18.48 -27.15 -51.43
N ALA JA 65 -17.80 -27.72 -52.41
CA ALA JA 65 -17.93 -29.14 -52.67
C ALA JA 65 -17.26 -29.98 -51.59
N ALA JA 66 -16.20 -29.48 -50.98
CA ALA JA 66 -15.54 -30.23 -49.93
C ALA JA 66 -16.35 -30.23 -48.64
N VAL JA 67 -17.07 -29.16 -48.37
CA VAL JA 67 -17.92 -29.12 -47.19
C VAL JA 67 -19.07 -30.12 -47.32
N ASP JA 68 -19.71 -30.16 -48.50
CA ASP JA 68 -20.77 -31.13 -48.71
C ASP JA 68 -20.25 -32.56 -48.65
N LYS JA 69 -19.04 -32.79 -49.15
CA LYS JA 69 -18.41 -34.09 -49.03
C LYS JA 69 -18.13 -34.43 -47.57
N TYR JA 70 -17.73 -33.42 -46.78
CA TYR JA 70 -17.43 -33.66 -45.38
C TYR JA 70 -18.68 -33.93 -44.57
N ILE JA 71 -19.80 -33.29 -44.92
CA ILE JA 71 -21.02 -33.41 -44.13
C ILE JA 71 -21.88 -34.57 -44.62
N PHE JA 72 -22.13 -34.64 -45.93
CA PHE JA 72 -23.03 -35.63 -46.49
C PHE JA 72 -22.33 -36.92 -46.87
N GLY JA 73 -21.04 -36.86 -47.19
CA GLY JA 73 -20.31 -38.06 -47.52
C GLY JA 73 -20.45 -38.46 -48.97
N GLU JA 74 -20.33 -39.76 -49.22
CA GLU JA 74 -20.35 -40.28 -50.58
C GLU JA 74 -21.77 -40.39 -51.12
N ASN JA 75 -22.68 -40.96 -50.32
CA ASN JA 75 -24.03 -41.29 -50.77
C ASN JA 75 -25.08 -40.60 -49.93
N GLY JA 76 -24.79 -39.38 -49.48
CA GLY JA 76 -25.74 -38.60 -48.71
C GLY JA 76 -26.13 -39.19 -47.39
N ASN JA 77 -25.30 -40.04 -46.80
CA ASN JA 77 -25.58 -40.63 -45.50
C ASN JA 77 -24.77 -40.01 -44.36
N GLY JA 78 -23.82 -39.13 -44.68
CA GLY JA 78 -22.95 -38.55 -43.66
C GLY JA 78 -21.49 -38.92 -43.87
N GLY JA 79 -20.65 -37.91 -43.85
CA GLY JA 79 -19.22 -38.07 -44.06
C GLY JA 79 -18.44 -38.11 -42.77
N LYS JA 80 -17.18 -37.66 -42.85
CA LYS JA 80 -16.29 -37.61 -41.70
C LYS JA 80 -16.74 -36.61 -40.65
N PHE JA 81 -17.78 -35.84 -40.91
CA PHE JA 81 -18.31 -34.95 -39.90
C PHE JA 81 -18.84 -35.72 -38.70
N LEU JA 82 -19.33 -36.93 -38.91
CA LEU JA 82 -19.88 -37.76 -37.85
C LEU JA 82 -18.83 -38.53 -37.07
N GLU JA 83 -17.56 -38.41 -37.43
CA GLU JA 83 -16.52 -39.18 -36.77
C GLU JA 83 -15.98 -38.44 -35.55
N MET JA 84 -15.77 -39.18 -34.47
CA MET JA 84 -15.14 -38.66 -33.28
C MET JA 84 -14.19 -39.71 -32.75
N GLN JA 85 -12.98 -39.27 -32.37
CA GLN JA 85 -11.95 -40.17 -31.90
C GLN JA 85 -11.42 -39.70 -30.55
N THR JA 86 -10.74 -40.61 -29.85
CA THR JA 86 -10.30 -40.35 -28.49
C THR JA 86 -8.97 -41.03 -28.25
N ILE JA 87 -8.28 -40.56 -27.21
CA ILE JA 87 -7.02 -41.16 -26.76
C ILE JA 87 -7.19 -41.91 -25.46
N ASN JA 88 -8.40 -41.98 -24.93
CA ASN JA 88 -8.65 -42.72 -23.70
C ASN JA 88 -8.51 -44.21 -23.95
N SER JA 89 -7.90 -44.90 -22.99
CA SER JA 89 -7.88 -46.35 -23.04
C SER JA 89 -9.23 -46.90 -22.64
N ASN JA 90 -9.35 -48.23 -22.66
CA ASN JA 90 -10.58 -48.86 -22.23
C ASN JA 90 -10.81 -48.69 -20.74
N TYR JA 91 -9.72 -48.65 -19.96
CA TYR JA 91 -9.86 -48.44 -18.52
C TYR JA 91 -10.25 -47.00 -18.20
N ASP JA 92 -9.68 -46.04 -18.94
CA ASP JA 92 -10.03 -44.64 -18.70
C ASP JA 92 -11.49 -44.38 -19.00
N TYR JA 93 -12.04 -45.06 -20.01
CA TYR JA 93 -13.43 -44.87 -20.36
C TYR JA 93 -14.35 -45.43 -19.29
N TYR JA 94 -14.09 -46.66 -18.84
CA TYR JA 94 -14.93 -47.25 -17.81
C TYR JA 94 -14.70 -46.64 -16.44
N TYR JA 95 -13.59 -45.92 -16.27
CA TYR JA 95 -13.42 -45.11 -15.07
C TYR JA 95 -14.34 -43.90 -15.11
N ASN JA 96 -14.48 -43.27 -16.27
CA ASN JA 96 -15.32 -42.09 -16.38
C ASN JA 96 -16.79 -42.43 -16.22
N ARG JA 97 -17.21 -43.60 -16.70
CA ARG JA 97 -18.60 -44.02 -16.52
C ARG JA 97 -18.89 -44.25 -15.04
N GLN JA 98 -17.99 -44.91 -14.33
CA GLN JA 98 -18.17 -45.11 -12.90
C GLN JA 98 -18.08 -43.79 -12.15
N PHE JA 99 -17.28 -42.86 -12.67
CA PHE JA 99 -17.25 -41.52 -12.10
C PHE JA 99 -18.58 -40.82 -12.27
N GLN JA 100 -19.28 -41.09 -13.37
CA GLN JA 100 -20.59 -40.50 -13.58
C GLN JA 100 -21.63 -41.12 -12.66
N ARG JA 101 -21.54 -42.43 -12.41
CA ARG JA 101 -22.43 -43.07 -11.45
C ARG JA 101 -22.16 -42.60 -10.03
N MET JA 102 -20.90 -42.30 -9.71
CA MET JA 102 -20.58 -41.83 -8.38
C MET JA 102 -21.13 -40.43 -8.13
N ARG JA 103 -21.08 -39.56 -9.13
CA ARG JA 103 -21.64 -38.24 -8.97
C ARG JA 103 -23.16 -38.26 -8.98
N TYR JA 104 -23.75 -39.25 -9.65
CA TYR JA 104 -25.19 -39.42 -9.57
C TYR JA 104 -25.61 -39.83 -8.17
N LEU JA 105 -24.79 -40.65 -7.53
CA LEU JA 105 -25.04 -41.11 -6.18
C LEU JA 105 -24.32 -40.27 -5.14
N THR JA 106 -23.97 -39.03 -5.49
CA THR JA 106 -23.33 -38.10 -4.57
C THR JA 106 -24.36 -37.07 -4.16
N GLU JA 107 -24.81 -37.14 -2.91
CA GLU JA 107 -25.81 -36.21 -2.41
C GLU JA 107 -25.22 -35.34 -1.31
N ASP JA 108 -25.89 -34.30 -1.04
CA ASP JA 108 -25.53 -33.38 0.03
C ASP JA 108 -26.37 -33.64 1.27
N PRO JA 109 -25.85 -33.28 2.44
CA PRO JA 109 -26.58 -33.58 3.68
C PRO JA 109 -27.76 -32.64 3.92
N ALA JA 110 -28.68 -33.13 4.74
CA ALA JA 110 -29.77 -32.35 5.31
C ALA JA 110 -30.88 -31.98 4.33
N GLY JA 111 -30.68 -32.25 3.05
CA GLY JA 111 -31.71 -31.94 2.08
C GLY JA 111 -32.01 -30.46 2.00
N ASP JA 112 -33.31 -30.14 1.93
CA ASP JA 112 -33.77 -28.76 1.84
C ASP JA 112 -34.32 -28.30 3.19
N ASP JA 113 -34.71 -27.04 3.23
CA ASP JA 113 -35.17 -26.42 4.46
C ASP JA 113 -36.50 -27.03 4.91
N PRO JA 114 -36.58 -27.64 6.09
CA PRO JA 114 -37.86 -28.20 6.54
C PRO JA 114 -38.90 -27.14 6.90
N LEU JA 115 -38.49 -25.93 7.24
CA LEU JA 115 -39.44 -24.89 7.60
C LEU JA 115 -40.13 -24.26 6.40
N GLN JA 116 -39.78 -24.68 5.19
CA GLN JA 116 -40.39 -24.15 3.98
C GLN JA 116 -41.42 -25.13 3.41
N LYS JA 117 -41.69 -26.21 4.12
CA LYS JA 117 -42.62 -27.23 3.67
C LYS JA 117 -43.90 -27.19 4.48
N THR JA 118 -44.89 -27.92 4.02
CA THR JA 118 -46.19 -27.94 4.66
C THR JA 118 -46.10 -28.50 6.06
N LYS JA 119 -46.61 -27.74 7.04
CA LYS JA 119 -46.57 -28.17 8.42
C LYS JA 119 -47.65 -29.20 8.70
N ASP JA 120 -47.40 -30.04 9.71
CA ASP JA 120 -48.40 -30.99 10.16
C ASP JA 120 -49.43 -30.33 11.07
N GLU JA 121 -49.00 -29.38 11.89
CA GLU JA 121 -49.93 -28.63 12.73
C GLU JA 121 -50.90 -27.81 11.91
N HIS JA 122 -50.51 -27.40 10.71
CA HIS JA 122 -51.39 -26.63 9.85
C HIS JA 122 -52.41 -27.51 9.16
N LEU JA 123 -52.01 -28.72 8.76
CA LEU JA 123 -52.93 -29.65 8.13
C LEU JA 123 -54.03 -30.09 9.10
N VAL JA 124 -53.68 -30.28 10.37
CA VAL JA 124 -54.67 -30.69 11.35
C VAL JA 124 -55.75 -29.63 11.48
N ASP JA 125 -55.34 -28.36 11.56
CA ASP JA 125 -56.30 -27.28 11.70
C ASP JA 125 -57.04 -26.98 10.39
N LEU JA 126 -56.68 -27.65 9.30
CA LEU JA 126 -57.38 -27.52 8.04
C LEU JA 126 -58.39 -28.63 7.81
N GLY JA 127 -58.36 -29.69 8.62
CA GLY JA 127 -59.28 -30.79 8.50
C GLY JA 127 -58.67 -32.09 8.07
N PHE JA 128 -57.35 -32.18 7.97
CA PHE JA 128 -56.65 -33.38 7.55
C PHE JA 128 -55.64 -33.75 8.62
N ILE JA 129 -55.84 -34.89 9.27
CA ILE JA 129 -54.92 -35.39 10.28
C ILE JA 129 -53.89 -36.28 9.57
N PRO JA 130 -52.63 -35.86 9.49
CA PRO JA 130 -51.66 -36.66 8.74
C PRO JA 130 -51.31 -37.94 9.47
N LYS JA 131 -50.96 -38.96 8.68
CA LYS JA 131 -50.52 -40.24 9.20
C LYS JA 131 -48.99 -40.28 9.21
N VAL JA 132 -48.44 -40.80 10.30
CA VAL JA 132 -46.99 -40.86 10.45
C VAL JA 132 -46.49 -42.18 9.90
N PHE JA 133 -45.42 -42.12 9.11
CA PHE JA 133 -44.83 -43.29 8.48
C PHE JA 133 -43.48 -43.57 9.12
N GLY JA 134 -42.90 -44.72 8.76
CA GLY JA 134 -41.56 -45.06 9.16
C GLY JA 134 -40.55 -44.87 8.03
N ALA JA 135 -39.28 -44.94 8.41
CA ALA JA 135 -38.21 -44.80 7.44
C ALA JA 135 -38.09 -46.05 6.58
N ASN JA 136 -37.88 -45.85 5.27
CA ASN JA 136 -37.69 -46.95 4.33
C ASN JA 136 -36.21 -47.33 4.40
N VAL JA 137 -35.89 -48.28 5.27
CA VAL JA 137 -34.51 -48.65 5.55
C VAL JA 137 -34.03 -49.77 4.64
N GLU JA 138 -34.82 -50.12 3.63
CA GLU JA 138 -34.57 -51.28 2.81
C GLU JA 138 -34.16 -50.95 1.38
N VAL JA 139 -34.28 -49.71 0.96
CA VAL JA 139 -34.00 -49.33 -0.42
C VAL JA 139 -32.52 -48.98 -0.55
N ARG JA 140 -31.93 -49.37 -1.67
CA ARG JA 140 -30.55 -49.08 -1.99
C ARG JA 140 -30.50 -48.24 -3.25
N LYS JA 141 -29.89 -47.07 -3.15
CA LYS JA 141 -29.77 -46.18 -4.30
C LYS JA 141 -28.86 -46.79 -5.35
N ARG JA 142 -29.25 -46.63 -6.61
CA ARG JA 142 -28.42 -47.10 -7.72
C ARG JA 142 -28.53 -46.14 -8.88
N ALA JA 143 -27.46 -46.08 -9.65
CA ALA JA 143 -27.41 -45.23 -10.81
C ALA JA 143 -28.20 -45.85 -11.96
N PRO JA 144 -28.83 -45.04 -12.80
CA PRO JA 144 -29.57 -45.58 -13.93
C PRO JA 144 -28.64 -46.04 -15.04
N HIS JA 145 -29.22 -46.42 -16.17
CA HIS JA 145 -28.42 -46.79 -17.33
C HIS JA 145 -27.54 -45.63 -17.76
N ASP JA 146 -26.47 -45.97 -18.48
CA ASP JA 146 -25.48 -44.97 -18.88
C ASP JA 146 -26.10 -43.85 -19.70
N LYS JA 147 -27.16 -44.13 -20.46
CA LYS JA 147 -27.79 -43.12 -21.31
C LYS JA 147 -28.41 -41.99 -20.53
N TYR JA 148 -28.58 -42.13 -19.22
CA TYR JA 148 -29.25 -41.14 -18.38
C TYR JA 148 -28.28 -40.40 -17.48
N LEU JA 149 -27.00 -40.74 -17.50
CA LEU JA 149 -26.01 -40.10 -16.66
C LEU JA 149 -25.66 -38.70 -17.15
N THR KA 21 28.37 16.07 -4.30
CA THR KA 21 27.64 15.50 -3.17
C THR KA 21 26.69 14.40 -3.64
N LEU KA 22 26.20 13.62 -2.69
CA LEU KA 22 25.24 12.57 -2.95
C LEU KA 22 23.87 12.85 -2.35
N GLN KA 23 23.70 14.00 -1.69
CA GLN KA 23 22.44 14.37 -1.07
C GLN KA 23 21.96 15.64 -1.75
N TRP KA 24 21.11 15.49 -2.75
CA TRP KA 24 20.66 16.60 -3.58
C TRP KA 24 19.27 17.10 -3.24
N GLY KA 25 18.48 16.32 -2.52
CA GLY KA 25 17.20 16.76 -2.06
C GLY KA 25 16.20 15.66 -2.16
N SER KA 26 14.93 16.06 -2.18
CA SER KA 26 13.83 15.13 -2.28
C SER KA 26 13.69 14.64 -3.72
N LEU KA 27 12.87 13.61 -3.89
CA LEU KA 27 12.65 13.06 -5.22
C LEU KA 27 11.87 14.01 -6.10
N ALA KA 28 10.92 14.75 -5.51
CA ALA KA 28 10.10 15.67 -6.30
C ALA KA 28 10.91 16.83 -6.85
N GLU KA 29 11.92 17.28 -6.12
CA GLU KA 29 12.77 18.40 -6.54
C GLU KA 29 14.04 17.93 -7.21
N ARG KA 30 14.07 16.68 -7.69
CA ARG KA 30 15.27 16.17 -8.36
C ARG KA 30 15.54 16.85 -9.68
N PRO KA 31 14.56 17.08 -10.57
CA PRO KA 31 14.87 17.74 -11.84
C PRO KA 31 15.21 19.21 -11.71
N MET KA 32 15.27 19.74 -10.48
CA MET KA 32 15.55 21.14 -10.27
C MET KA 32 17.04 21.46 -10.32
N VAL KA 33 17.88 20.51 -9.93
CA VAL KA 33 19.31 20.77 -9.71
C VAL KA 33 20.13 20.66 -10.98
N ASP KA 34 19.48 20.49 -12.12
CA ASP KA 34 20.19 20.20 -13.36
C ASP KA 34 20.55 21.45 -14.16
N ARG KA 35 19.71 22.47 -14.11
CA ARG KA 35 19.88 23.65 -14.95
C ARG KA 35 21.06 24.49 -14.49
N VAL KA 36 21.84 24.97 -15.45
CA VAL KA 36 22.94 25.90 -15.18
C VAL KA 36 22.88 26.98 -16.23
N MET KA 37 22.66 28.21 -15.78
CA MET KA 37 22.42 29.34 -16.67
C MET KA 37 23.71 30.10 -16.95
N SER KA 38 23.80 30.65 -18.16
CA SER KA 38 24.90 31.53 -18.54
C SER KA 38 24.58 32.99 -18.34
N THR KA 39 23.38 33.32 -17.86
CA THR KA 39 22.98 34.70 -17.60
C THR KA 39 22.43 34.81 -16.20
N SER KA 40 22.31 36.05 -15.74
CA SER KA 40 21.70 36.35 -14.45
C SER KA 40 20.26 36.74 -14.69
N THR KA 41 19.40 35.74 -14.79
CA THR KA 41 17.98 35.96 -14.99
C THR KA 41 17.21 35.17 -13.94
N TRP KA 42 16.13 35.77 -13.44
CA TRP KA 42 15.35 35.18 -12.39
C TRP KA 42 13.88 35.50 -12.59
N PRO KA 43 12.98 34.52 -12.40
CA PRO KA 43 13.29 33.13 -12.07
C PRO KA 43 13.89 32.37 -13.24
N VAL KA 44 14.47 31.21 -12.97
CA VAL KA 44 15.18 30.42 -13.97
C VAL KA 44 14.27 29.28 -14.43
N PRO KA 45 14.07 29.08 -15.73
CA PRO KA 45 13.39 27.87 -16.21
C PRO KA 45 14.20 26.63 -15.92
N TYR KA 46 13.58 25.69 -15.20
CA TYR KA 46 14.33 24.57 -14.63
C TYR KA 46 14.77 23.56 -15.68
N TYR KA 47 14.03 23.41 -16.76
CA TYR KA 47 14.21 22.25 -17.62
C TYR KA 47 15.57 22.28 -18.29
N GLN KA 48 16.30 21.17 -18.17
CA GLN KA 48 17.61 21.01 -18.80
C GLN KA 48 17.42 20.24 -20.10
N ARG KA 49 17.81 20.86 -21.21
CA ARG KA 49 17.58 20.26 -22.52
C ARG KA 49 18.47 19.05 -22.72
N LEU KA 50 17.86 17.94 -23.14
CA LEU KA 50 18.59 16.70 -23.36
C LEU KA 50 19.22 16.67 -24.75
N PHE KA 51 18.41 16.86 -25.78
CA PHE KA 51 18.89 16.79 -27.14
C PHE KA 51 18.44 18.02 -27.90
N LYS KA 52 18.90 18.12 -29.14
CA LYS KA 52 18.44 19.12 -30.08
C LYS KA 52 17.27 18.55 -30.87
N ALA KA 53 16.20 19.33 -30.98
CA ALA KA 53 15.04 18.86 -31.72
C ALA KA 53 15.37 18.77 -33.19
N TYR KA 54 14.87 17.72 -33.83
CA TYR KA 54 15.10 17.46 -35.26
C TYR KA 54 13.75 17.13 -35.87
N PRO KA 55 12.93 18.15 -36.12
CA PRO KA 55 11.55 17.86 -36.58
C PRO KA 55 11.48 17.40 -38.02
N ILE KA 56 12.27 18.00 -38.91
CA ILE KA 56 12.24 17.66 -40.33
C ILE KA 56 13.58 17.09 -40.72
N ARG KA 57 13.55 15.89 -41.30
CA ARG KA 57 14.74 15.21 -41.79
C ARG KA 57 15.17 15.87 -43.10
N GLU KA 58 15.79 17.04 -42.96
CA GLU KA 58 16.21 17.82 -44.11
C GLU KA 58 17.62 17.46 -44.54
N LYS KA 59 17.82 17.35 -45.84
CA LYS KA 59 19.16 17.09 -46.36
C LYS KA 59 20.00 18.36 -46.22
N LYS KA 60 21.07 18.25 -45.45
CA LYS KA 60 21.88 19.41 -45.09
C LYS KA 60 22.76 19.85 -46.26
N ASP KA 61 22.81 21.16 -46.49
CA ASP KA 61 23.74 21.70 -47.48
C ASP KA 61 25.18 21.50 -47.07
N LYS KA 62 25.43 21.27 -45.78
CA LYS KA 62 26.77 21.03 -45.28
C LYS KA 62 27.37 19.77 -45.88
N MET KA 63 28.66 19.80 -46.15
CA MET KA 63 29.35 18.60 -46.61
C MET KA 63 29.52 17.61 -45.45
N SER KA 64 29.73 16.35 -45.81
CA SER KA 64 29.84 15.31 -44.80
C SER KA 64 31.07 15.50 -43.94
N LEU KA 65 30.93 15.20 -42.65
CA LEU KA 65 32.04 15.30 -41.72
C LEU KA 65 32.92 14.07 -41.73
N LEU KA 66 32.61 13.08 -42.57
CA LEU KA 66 33.48 11.92 -42.73
C LEU KA 66 34.76 12.30 -43.46
N LEU KA 67 34.67 13.29 -44.36
CA LEU KA 67 35.81 13.76 -45.13
C LEU KA 67 36.67 14.64 -44.22
N SER KA 68 37.36 13.99 -43.29
CA SER KA 68 38.04 14.69 -42.22
C SER KA 68 39.56 14.59 -42.30
N ASP KA 69 40.12 13.38 -42.23
CA ASP KA 69 41.57 13.20 -42.14
C ASP KA 69 42.02 12.09 -43.06
N ILE KA 70 41.47 12.07 -44.27
CA ILE KA 70 41.87 11.08 -45.26
C ILE KA 70 43.15 11.55 -45.93
N ASP KA 71 44.13 10.64 -46.04
CA ASP KA 71 45.37 10.98 -46.70
C ASP KA 71 45.15 11.21 -48.18
N ILE KA 72 46.22 11.67 -48.85
CA ILE KA 72 46.17 11.92 -50.28
C ILE KA 72 45.93 10.61 -51.01
N ASP KA 73 45.12 10.67 -52.08
CA ASP KA 73 44.75 9.47 -52.82
C ASP KA 73 44.34 9.88 -54.23
N ASP KA 74 43.69 8.95 -54.93
CA ASP KA 74 43.34 9.16 -56.34
C ASP KA 74 42.26 10.22 -56.52
N THR KA 75 41.37 10.37 -55.54
CA THR KA 75 40.29 11.35 -55.66
C THR KA 75 40.81 12.77 -55.70
N ASN KA 76 42.03 13.01 -55.24
CA ASN KA 76 42.58 14.36 -55.24
C ASN KA 76 42.96 14.80 -56.65
N TRP KA 77 43.65 13.94 -57.40
CA TRP KA 77 43.99 14.32 -58.76
C TRP KA 77 42.81 14.21 -59.72
N TYR KA 78 41.87 13.29 -59.44
CA TYR KA 78 40.70 13.19 -60.30
C TYR KA 78 39.83 14.43 -60.19
N GLN KA 79 39.68 14.96 -58.98
CA GLN KA 79 38.92 16.19 -58.80
C GLN KA 79 39.71 17.42 -59.21
N ALA KA 80 41.04 17.36 -59.14
CA ALA KA 80 41.85 18.47 -59.63
C ALA KA 80 41.68 18.66 -61.12
N LYS KA 81 41.67 17.57 -61.88
CA LYS KA 81 41.43 17.66 -63.31
C LYS KA 81 40.04 18.20 -63.62
N ASP KA 82 39.06 17.81 -62.82
CA ASP KA 82 37.69 18.25 -63.09
C ASP KA 82 37.54 19.76 -62.85
N PHE KA 83 38.24 20.28 -61.85
CA PHE KA 83 38.18 21.71 -61.58
C PHE KA 83 39.14 22.50 -62.47
N LEU KA 84 40.26 21.90 -62.85
CA LEU KA 84 41.17 22.58 -63.76
C LEU KA 84 40.57 22.67 -65.15
N ARG KA 85 39.84 21.64 -65.59
CA ARG KA 85 39.23 21.68 -66.90
C ARG KA 85 38.15 22.73 -67.01
N GLY KA 86 37.78 23.38 -65.92
CA GLY KA 86 36.88 24.50 -65.96
C GLY KA 86 37.50 25.79 -66.40
N SER KA 87 38.82 25.79 -66.60
CA SER KA 87 39.55 26.97 -67.06
C SER KA 87 40.31 26.62 -68.33
N PHE KA 88 40.66 27.68 -69.08
CA PHE KA 88 41.45 27.48 -70.29
C PHE KA 88 42.88 27.11 -69.96
N ARG KA 89 43.46 27.77 -68.95
CA ARG KA 89 44.82 27.43 -68.52
C ARG KA 89 44.87 26.05 -67.90
N GLY KA 90 43.83 25.67 -67.16
CA GLY KA 90 43.81 24.36 -66.55
C GLY KA 90 43.69 23.23 -67.54
N ARG KA 91 42.98 23.47 -68.65
CA ARG KA 91 42.88 22.45 -69.69
C ARG KA 91 44.23 22.19 -70.35
N GLN KA 92 45.07 23.22 -70.46
CA GLN KA 92 46.40 23.01 -71.00
C GLN KA 92 47.29 22.26 -70.03
N ILE KA 93 47.11 22.50 -68.73
CA ILE KA 93 47.93 21.82 -67.73
C ILE KA 93 47.62 20.34 -67.71
N VAL KA 94 46.33 20.00 -67.71
CA VAL KA 94 45.93 18.60 -67.61
C VAL KA 94 46.39 17.82 -68.83
N ASP KA 95 46.24 18.39 -70.02
CA ASP KA 95 46.59 17.67 -71.24
C ASP KA 95 48.07 17.41 -71.33
N TYR KA 96 48.90 18.37 -70.90
CA TYR KA 96 50.34 18.18 -70.99
C TYR KA 96 50.83 17.19 -69.94
N VAL KA 97 50.18 17.15 -68.78
CA VAL KA 97 50.63 16.26 -67.72
C VAL KA 97 50.29 14.81 -68.04
N GLU KA 98 49.08 14.57 -68.53
CA GLU KA 98 48.66 13.20 -68.80
C GLU KA 98 49.30 12.62 -70.05
N ASN KA 99 49.97 13.42 -70.85
CA ASN KA 99 50.60 12.95 -72.08
C ASN KA 99 52.13 12.98 -72.04
N ASN KA 100 52.71 14.05 -71.49
CA ASN KA 100 54.14 14.30 -71.64
C ASN KA 100 54.86 14.39 -70.30
N ILE KA 101 54.50 13.53 -69.35
CA ILE KA 101 55.19 13.46 -68.07
C ILE KA 101 55.43 12.00 -67.73
N ALA KA 102 56.70 11.60 -67.67
CA ALA KA 102 57.08 10.22 -67.41
C ALA KA 102 56.97 9.94 -65.91
N SER KA 103 55.77 9.60 -65.48
CA SER KA 103 55.50 9.26 -64.10
C SER KA 103 54.59 8.04 -64.08
N ASN KA 104 54.80 7.18 -63.09
CA ASN KA 104 54.00 5.97 -62.95
C ASN KA 104 52.80 6.18 -62.05
N THR KA 105 52.44 7.43 -61.78
CA THR KA 105 51.28 7.73 -60.95
C THR KA 105 50.91 9.19 -61.14
N TYR KA 106 49.64 9.48 -60.91
CA TYR KA 106 49.14 10.85 -60.90
C TYR KA 106 49.22 11.47 -59.52
N ILE KA 107 49.57 10.70 -58.50
CA ILE KA 107 49.72 11.24 -57.14
C ILE KA 107 51.15 11.74 -57.06
N LEU KA 108 51.35 12.96 -57.54
CA LEU KA 108 52.67 13.56 -57.60
C LEU KA 108 53.12 13.98 -56.21
N ILE KA 109 54.30 13.54 -55.82
CA ILE KA 109 54.88 13.87 -54.54
C ILE KA 109 56.29 14.39 -54.77
N GLN KA 110 56.56 15.60 -54.33
CA GLN KA 110 57.87 16.21 -54.49
C GLN KA 110 58.71 15.89 -53.25
N GLN KA 111 59.69 15.03 -53.43
CA GLN KA 111 60.59 14.65 -52.34
C GLN KA 111 62.02 15.09 -52.61
N ASP KA 112 62.28 15.75 -53.74
CA ASP KA 112 63.60 16.21 -54.11
C ASP KA 112 63.45 17.29 -55.16
N VAL KA 113 64.54 18.03 -55.39
CA VAL KA 113 64.55 19.12 -56.35
C VAL KA 113 65.36 18.73 -57.57
N ALA KA 114 65.47 17.43 -57.84
CA ALA KA 114 66.24 16.96 -58.97
C ALA KA 114 65.63 17.42 -60.28
N ASN KA 115 64.34 17.14 -60.47
CA ASN KA 115 63.64 17.55 -61.68
C ASN KA 115 63.52 19.07 -61.80
N MET KA 116 63.58 19.80 -60.69
CA MET KA 116 63.46 21.24 -60.75
C MET KA 116 64.79 21.89 -61.09
N ALA KA 117 65.87 21.50 -60.40
CA ALA KA 117 67.16 22.13 -60.61
C ALA KA 117 67.72 21.81 -61.99
N LYS KA 118 67.55 20.57 -62.45
CA LYS KA 118 68.04 20.19 -63.76
C LYS KA 118 67.27 20.86 -64.89
N ALA KA 119 66.04 21.30 -64.62
CA ALA KA 119 65.27 22.03 -65.61
C ALA KA 119 65.69 23.49 -65.70
N TYR KA 120 66.38 24.00 -64.68
CA TYR KA 120 66.83 25.38 -64.66
C TYR KA 120 68.23 25.53 -65.26
N VAL KA 121 69.09 24.53 -65.04
CA VAL KA 121 70.43 24.57 -65.65
C VAL KA 121 70.34 24.29 -67.14
N HIS KA 122 69.30 23.57 -67.58
CA HIS KA 122 69.09 23.35 -69.00
C HIS KA 122 68.35 24.51 -69.66
N ASP KA 123 68.00 25.54 -68.90
CA ASP KA 123 67.24 26.67 -69.41
C ASP KA 123 67.99 28.00 -69.32
N ILE KA 124 68.80 28.20 -68.29
CA ILE KA 124 69.48 29.47 -68.06
C ILE KA 124 70.77 29.62 -68.87
N CYS KA 125 71.14 28.61 -69.66
CA CYS KA 125 72.36 28.73 -70.45
C CYS KA 125 72.28 29.87 -71.47
N GLY KA 126 71.08 30.23 -71.90
CA GLY KA 126 70.91 31.31 -72.84
C GLY KA 126 71.09 32.67 -72.20
N LYS LA 27 74.26 -68.68 -5.93
CA LYS LA 27 74.87 -69.98 -5.69
C LYS LA 27 76.00 -70.24 -6.68
N ARG LA 28 75.63 -70.52 -7.93
CA ARG LA 28 76.63 -70.72 -8.97
C ARG LA 28 77.09 -69.40 -9.54
N LYS LA 29 78.39 -69.30 -9.78
CA LYS LA 29 78.99 -68.09 -10.34
C LYS LA 29 79.22 -68.28 -11.84
N LYS LA 30 79.04 -67.19 -12.58
CA LYS LA 30 79.25 -67.22 -14.02
C LYS LA 30 80.74 -67.38 -14.33
N THR LA 31 81.04 -68.25 -15.29
CA THR LA 31 82.43 -68.47 -15.67
C THR LA 31 82.99 -67.23 -16.36
N SER LA 32 84.32 -67.16 -16.41
CA SER LA 32 85.00 -66.00 -16.96
C SER LA 32 85.18 -66.14 -18.46
N GLY LA 33 85.11 -65.00 -19.16
CA GLY LA 33 85.31 -64.97 -20.59
C GLY LA 33 86.71 -64.51 -20.96
N ASP LA 34 87.41 -63.92 -20.00
CA ASP LA 34 88.77 -63.43 -20.22
C ASP LA 34 89.78 -64.47 -19.72
N LEU LA 35 89.79 -65.60 -20.42
CA LEU LA 35 90.71 -66.70 -20.12
C LEU LA 35 91.55 -66.98 -21.36
N ASP LA 36 92.50 -67.91 -21.20
CA ASP LA 36 93.39 -68.29 -22.28
C ASP LA 36 92.95 -69.56 -23.00
N ASN LA 37 92.25 -70.46 -22.31
CA ASN LA 37 91.81 -71.71 -22.91
C ASN LA 37 90.54 -72.17 -22.24
N TYR LA 38 89.81 -73.04 -22.93
CA TYR LA 38 88.58 -73.64 -22.42
C TYR LA 38 88.59 -75.11 -22.78
N ASP LA 39 87.60 -75.84 -22.26
CA ASP LA 39 87.47 -77.26 -22.54
C ASP LA 39 86.50 -77.57 -23.67
N VAL LA 40 85.52 -76.71 -23.90
CA VAL LA 40 84.62 -76.82 -25.05
C VAL LA 40 84.47 -75.44 -25.67
N LEU LA 41 84.53 -75.39 -27.00
CA LEU LA 41 84.45 -74.13 -27.73
C LEU LA 41 83.37 -74.24 -28.80
N PHE LA 42 82.45 -73.28 -28.81
CA PHE LA 42 81.37 -73.22 -29.78
C PHE LA 42 81.58 -72.02 -30.69
N VAL LA 43 81.34 -72.23 -31.98
CA VAL LA 43 81.45 -71.16 -32.98
C VAL LA 43 80.09 -71.08 -33.67
N GLY LA 44 79.23 -70.22 -33.15
CA GLY LA 44 77.88 -70.04 -33.67
C GLY LA 44 76.91 -69.83 -32.52
N ALA LA 45 75.82 -69.13 -32.82
CA ALA LA 45 74.80 -68.80 -31.83
C ALA LA 45 73.45 -69.41 -32.12
N ASN LA 46 73.08 -69.60 -33.38
CA ASN LA 46 71.78 -70.16 -33.71
C ASN LA 46 71.65 -71.57 -33.18
N LEU LA 47 72.51 -72.48 -33.65
CA LEU LA 47 72.56 -73.83 -33.13
C LEU LA 47 73.73 -74.05 -32.16
N GLY LA 48 74.75 -73.18 -32.21
CA GLY LA 48 75.83 -73.25 -31.26
C GLY LA 48 75.44 -72.76 -29.88
N GLY LA 49 74.37 -71.99 -29.78
CA GLY LA 49 73.86 -71.52 -28.51
C GLY LA 49 72.87 -72.48 -27.88
N ILE LA 50 72.05 -73.11 -28.71
CA ILE LA 50 71.10 -74.10 -28.21
C ILE LA 50 71.82 -75.32 -27.70
N CYS LA 51 72.92 -75.71 -28.35
CA CYS LA 51 73.69 -76.85 -27.87
C CYS LA 51 74.47 -76.49 -26.60
N SER LA 52 75.00 -75.27 -26.53
CA SER LA 52 75.72 -74.85 -25.34
C SER LA 52 74.82 -74.86 -24.11
N ASN LA 53 73.59 -74.35 -24.25
CA ASN LA 53 72.67 -74.38 -23.13
C ASN LA 53 72.22 -75.80 -22.83
N HIS LA 54 72.05 -76.62 -23.88
CA HIS LA 54 71.71 -78.02 -23.66
C HIS LA 54 72.89 -78.81 -23.11
N PHE LA 55 74.10 -78.42 -23.49
CA PHE LA 55 75.29 -79.09 -22.98
C PHE LA 55 75.47 -78.86 -21.49
N ASP LA 56 75.11 -77.68 -20.99
CA ASP LA 56 75.27 -77.40 -19.57
C ASP LA 56 74.30 -78.23 -18.73
N LYS LA 57 73.04 -78.30 -19.15
CA LYS LA 57 72.07 -79.11 -18.44
C LYS LA 57 72.40 -80.60 -18.50
N ASP LA 58 73.28 -81.00 -19.43
CA ASP LA 58 73.71 -82.40 -19.47
C ASP LA 58 74.82 -82.67 -18.47
N THR LA 59 75.74 -81.73 -18.31
CA THR LA 59 76.86 -81.87 -17.39
C THR LA 59 76.68 -81.07 -16.11
N HIS LA 60 75.56 -80.37 -15.94
CA HIS LA 60 75.30 -79.58 -14.74
C HIS LA 60 76.36 -78.52 -14.50
N GLY LA 61 76.99 -78.04 -15.58
CA GLY LA 61 77.98 -76.99 -15.45
C GLY LA 61 79.32 -77.40 -14.91
N LYS LA 62 79.75 -78.64 -15.16
CA LYS LA 62 81.07 -79.07 -14.72
C LYS LA 62 82.19 -78.48 -15.56
N TYR LA 63 81.87 -77.98 -16.76
CA TYR LA 63 82.86 -77.46 -17.68
C TYR LA 63 82.58 -75.99 -18.00
N LYS LA 64 83.63 -75.27 -18.36
CA LYS LA 64 83.56 -73.87 -18.75
C LYS LA 64 83.74 -73.77 -20.26
N CYS LA 65 82.64 -73.53 -20.97
CA CYS LA 65 82.62 -73.49 -22.42
C CYS LA 65 82.40 -72.07 -22.92
N PHE LA 66 83.08 -71.72 -24.00
CA PHE LA 66 83.05 -70.38 -24.58
C PHE LA 66 82.40 -70.42 -25.95
N VAL LA 67 81.65 -69.36 -26.28
CA VAL LA 67 80.95 -69.25 -27.55
C VAL LA 67 81.33 -67.93 -28.21
N SER LA 68 81.58 -67.98 -29.52
CA SER LA 68 81.93 -66.78 -30.27
C SER LA 68 81.17 -66.81 -31.59
N PHE LA 69 80.17 -65.96 -31.74
CA PHE LA 69 79.41 -65.84 -32.96
C PHE LA 69 79.93 -64.65 -33.76
N ASP LA 70 79.25 -64.33 -34.84
CA ASP LA 70 79.66 -63.24 -35.73
C ASP LA 70 78.56 -62.21 -35.94
N GLN LA 71 77.30 -62.64 -36.02
CA GLN LA 71 76.19 -61.75 -36.28
C GLN LA 71 75.40 -61.51 -35.01
N PRO LA 72 74.90 -60.29 -34.78
CA PRO LA 72 74.15 -60.03 -33.54
C PRO LA 72 72.71 -60.50 -33.56
N ILE LA 73 72.12 -60.69 -34.74
CA ILE LA 73 70.70 -61.01 -34.87
C ILE LA 73 70.55 -62.32 -35.63
N ASN LA 74 69.74 -63.22 -35.08
CA ASN LA 74 69.42 -64.50 -35.69
C ASN LA 74 67.95 -64.50 -36.10
N GLN LA 75 67.68 -64.38 -37.39
CA GLN LA 75 66.32 -64.37 -37.88
C GLN LA 75 65.76 -65.79 -37.89
N ILE LA 76 64.46 -65.88 -37.61
CA ILE LA 76 63.78 -67.18 -37.56
C ILE LA 76 63.25 -67.47 -38.96
N TYR LA 77 64.11 -68.08 -39.79
CA TYR LA 77 63.75 -68.39 -41.16
C TYR LA 77 62.75 -69.53 -41.27
N SER LA 78 62.52 -70.27 -40.18
CA SER LA 78 61.53 -71.35 -40.20
C SER LA 78 60.11 -70.85 -40.35
N VAL LA 79 59.86 -69.59 -40.02
CA VAL LA 79 58.53 -68.99 -40.12
C VAL LA 79 58.58 -67.79 -41.06
N ARG LA 80 59.47 -67.83 -42.04
CA ARG LA 80 59.63 -66.70 -42.95
C ARG LA 80 58.37 -66.45 -43.76
N ILE LA 81 57.72 -67.52 -44.24
CA ILE LA 81 56.52 -67.38 -45.05
C ILE LA 81 55.33 -66.91 -44.21
N PRO LA 82 55.11 -67.47 -43.02
CA PRO LA 82 54.13 -66.86 -42.12
C PRO LA 82 54.48 -65.43 -41.75
N TYR LA 83 55.77 -65.10 -41.75
CA TYR LA 83 56.19 -63.73 -41.49
C TYR LA 83 55.83 -62.82 -42.65
N GLU LA 84 56.00 -63.31 -43.88
CA GLU LA 84 55.62 -62.51 -45.05
C GLU LA 84 54.12 -62.37 -45.17
N GLN LA 85 53.34 -63.28 -44.57
CA GLN LA 85 51.90 -63.14 -44.49
C GLN LA 85 51.47 -62.33 -43.27
N GLN LA 86 52.43 -61.79 -42.52
CA GLN LA 86 52.14 -61.00 -41.34
C GLN LA 86 51.30 -61.78 -40.33
N ARG LA 87 51.55 -63.08 -40.24
CA ARG LA 87 51.04 -63.88 -39.13
C ARG LA 87 52.01 -63.90 -37.96
N VAL LA 88 53.22 -63.39 -38.15
CA VAL LA 88 54.24 -63.32 -37.13
C VAL LA 88 54.74 -61.89 -37.05
N ARG LA 89 54.69 -61.31 -35.86
CA ARG LA 89 55.17 -59.96 -35.68
C ARG LA 89 56.68 -59.92 -35.82
N LYS LA 90 57.19 -58.74 -36.16
CA LYS LA 90 58.63 -58.57 -36.36
C LYS LA 90 59.42 -58.84 -35.08
N SER LA 91 58.79 -58.65 -33.92
CA SER LA 91 59.46 -58.95 -32.66
C SER LA 91 59.57 -60.44 -32.41
N GLU LA 92 58.71 -61.25 -33.02
CA GLU LA 92 58.78 -62.70 -32.91
C GLU LA 92 59.66 -63.32 -33.98
N TYR LA 93 60.11 -62.52 -34.95
CA TYR LA 93 60.96 -63.01 -36.03
C TYR LA 93 62.42 -62.59 -35.88
N ILE LA 94 62.69 -61.55 -35.11
CA ILE LA 94 64.04 -61.04 -34.89
C ILE LA 94 64.45 -61.35 -33.46
N HIS LA 95 65.52 -62.14 -33.32
CA HIS LA 95 66.05 -62.51 -32.02
C HIS LA 95 67.54 -62.22 -31.98
N PHE LA 96 67.99 -61.65 -30.86
CA PHE LA 96 69.41 -61.38 -30.69
C PHE LA 96 70.18 -62.68 -30.46
N SER LA 97 71.47 -62.64 -30.78
CA SER LA 97 72.30 -63.83 -30.61
C SER LA 97 72.56 -64.15 -29.14
N LYS LA 98 72.64 -63.13 -28.29
CA LYS LA 98 72.91 -63.36 -26.87
C LYS LA 98 71.79 -64.10 -26.18
N LYS LA 99 70.56 -64.03 -26.70
CA LYS LA 99 69.44 -64.67 -26.06
C LYS LA 99 69.54 -66.19 -26.11
N SER LA 100 70.19 -66.72 -27.14
CA SER LA 100 70.34 -68.17 -27.25
C SER LA 100 71.33 -68.70 -26.23
N ILE LA 101 72.40 -67.95 -25.99
CA ILE LA 101 73.43 -68.38 -25.05
C ILE LA 101 72.96 -68.12 -23.63
N ASN LA 102 73.18 -69.09 -22.76
CA ASN LA 102 72.72 -68.98 -21.39
C ASN LA 102 73.54 -67.93 -20.64
N GLN LA 103 73.12 -67.65 -19.40
CA GLN LA 103 73.75 -66.60 -18.62
C GLN LA 103 75.10 -67.03 -18.07
N PHE LA 104 75.30 -68.34 -17.90
CA PHE LA 104 76.50 -68.83 -17.23
C PHE LA 104 77.70 -68.82 -18.16
N THR LA 105 77.48 -69.13 -19.44
CA THR LA 105 78.62 -69.21 -20.34
C THR LA 105 78.91 -67.85 -20.98
N PRO LA 106 80.16 -67.47 -21.11
CA PRO LA 106 80.49 -66.17 -21.70
C PRO LA 106 80.32 -66.18 -23.20
N SER LA 107 80.17 -64.98 -23.76
CA SER LA 107 79.97 -64.82 -25.19
C SER LA 107 80.74 -63.58 -25.66
N GLU LA 108 80.90 -63.49 -26.97
CA GLU LA 108 81.55 -62.33 -27.58
C GLU LA 108 81.28 -62.35 -29.08
N MET LA 109 81.00 -61.17 -29.64
CA MET LA 109 80.68 -61.06 -31.06
C MET LA 109 81.96 -60.73 -31.82
N LEU LA 110 82.83 -61.74 -31.91
CA LEU LA 110 84.05 -61.65 -32.69
C LEU LA 110 84.17 -62.91 -33.53
N ALA LA 111 84.29 -62.74 -34.85
CA ALA LA 111 84.43 -63.88 -35.75
C ALA LA 111 85.81 -64.51 -35.62
N VAL LA 112 85.86 -65.82 -35.80
CA VAL LA 112 87.14 -66.52 -35.75
C VAL LA 112 87.91 -66.23 -37.04
N LYS LA 113 89.16 -65.82 -36.89
CA LYS LA 113 89.96 -65.45 -38.04
C LYS LA 113 90.66 -66.65 -38.68
N GLU LA 114 91.10 -67.61 -37.87
CA GLU LA 114 91.74 -68.81 -38.37
C GLU LA 114 91.71 -69.87 -37.28
N ILE LA 115 91.72 -71.13 -37.71
CA ILE LA 115 91.66 -72.28 -36.82
C ILE LA 115 92.93 -73.08 -36.98
N LEU LA 116 93.58 -73.39 -35.86
CA LEU LA 116 94.81 -74.20 -35.82
C LEU LA 116 94.50 -75.55 -35.21
N PRO LA 117 94.16 -76.57 -36.01
CA PRO LA 117 93.79 -77.86 -35.42
C PRO LA 117 94.95 -78.55 -34.74
N GLU LA 118 96.18 -78.33 -35.20
CA GLU LA 118 97.32 -79.02 -34.61
C GLU LA 118 97.63 -78.47 -33.22
N GLN LA 119 97.40 -77.18 -32.99
CA GLN LA 119 97.72 -76.55 -31.72
C GLN LA 119 96.53 -76.51 -30.77
N ASN LA 120 95.34 -76.89 -31.23
CA ASN LA 120 94.13 -76.84 -30.42
C ASN LA 120 93.90 -75.43 -29.88
N ALA LA 121 93.92 -74.45 -30.79
CA ALA LA 121 93.70 -73.07 -30.43
C ALA LA 121 92.98 -72.38 -31.58
N VAL LA 122 92.43 -71.20 -31.30
CA VAL LA 122 91.67 -70.43 -32.27
C VAL LA 122 92.08 -68.97 -32.17
N VAL LA 123 92.42 -68.38 -33.32
CA VAL LA 123 92.75 -66.96 -33.40
C VAL LA 123 91.50 -66.20 -33.81
N LEU LA 124 91.10 -65.25 -32.99
CA LEU LA 124 89.91 -64.45 -33.26
C LEU LA 124 90.25 -63.30 -34.21
N SER LA 125 89.25 -62.46 -34.47
CA SER LA 125 89.48 -61.31 -35.34
C SER LA 125 90.46 -60.33 -34.70
N SER LA 126 90.29 -60.05 -33.42
CA SER LA 126 91.20 -59.14 -32.73
C SER LA 126 92.60 -59.72 -32.64
N GLY LA 127 92.73 -61.04 -32.49
CA GLY LA 127 94.01 -61.70 -32.44
C GLY LA 127 94.28 -62.49 -31.18
N ARG LA 128 93.37 -62.53 -30.20
CA ARG LA 128 93.61 -63.25 -28.97
C ARG LA 128 93.48 -64.75 -29.20
N ARG LA 129 94.57 -65.48 -29.02
CA ARG LA 129 94.55 -66.93 -29.15
C ARG LA 129 93.82 -67.54 -27.97
N ILE LA 130 92.86 -68.42 -28.27
CA ILE LA 130 92.09 -69.12 -27.24
C ILE LA 130 92.21 -70.62 -27.50
N GLY LA 131 92.71 -71.35 -26.51
CA GLY LA 131 92.86 -72.78 -26.65
C GLY LA 131 91.58 -73.53 -26.30
N TYR LA 132 91.48 -74.75 -26.82
CA TYR LA 132 90.28 -75.55 -26.61
C TYR LA 132 90.64 -77.02 -26.53
N ASN LA 133 89.71 -77.80 -25.98
CA ASN LA 133 89.79 -79.25 -26.01
C ASN LA 133 88.74 -79.88 -26.91
N GLN LA 134 87.60 -79.23 -27.08
CA GLN LA 134 86.56 -79.66 -28.00
C GLN LA 134 86.12 -78.47 -28.84
N LEU LA 135 85.99 -78.67 -30.15
CA LEU LA 135 85.60 -77.63 -31.08
C LEU LA 135 84.31 -78.03 -31.79
N VAL LA 136 83.26 -77.25 -31.60
CA VAL LA 136 81.97 -77.47 -32.23
C VAL LA 136 81.73 -76.30 -33.17
N LEU LA 137 81.75 -76.58 -34.47
CA LEU LA 137 81.57 -75.57 -35.51
C LEU LA 137 80.13 -75.55 -35.97
N ALA LA 138 79.47 -74.41 -35.85
CA ALA LA 138 78.11 -74.20 -36.31
C ALA LA 138 77.99 -72.91 -37.08
N THR LA 139 78.97 -72.63 -37.95
CA THR LA 139 78.97 -71.40 -38.72
C THR LA 139 77.88 -71.40 -39.79
N GLY LA 140 77.34 -72.55 -40.13
CA GLY LA 140 76.32 -72.61 -41.16
C GLY LA 140 76.84 -72.09 -42.49
N LEU LA 141 75.93 -71.59 -43.31
CA LEU LA 141 76.26 -71.01 -44.61
C LEU LA 141 76.12 -69.50 -44.51
N LYS LA 142 77.25 -68.80 -44.55
CA LYS LA 142 77.24 -67.35 -44.43
C LYS LA 142 76.71 -66.71 -45.71
N HIS LA 143 75.68 -65.87 -45.57
CA HIS LA 143 75.10 -65.22 -46.73
C HIS LA 143 76.09 -64.24 -47.34
N ASP LA 144 76.06 -64.14 -48.67
CA ASP LA 144 76.89 -63.21 -49.42
C ASP LA 144 76.00 -62.49 -50.43
N PHE LA 145 75.67 -61.24 -50.13
CA PHE LA 145 74.88 -60.41 -51.04
C PHE LA 145 75.71 -59.90 -52.22
N SER LA 146 77.03 -60.04 -52.17
CA SER LA 146 77.87 -59.55 -53.26
C SER LA 146 77.95 -60.52 -54.43
N GLN LA 147 77.46 -61.75 -54.27
CA GLN LA 147 77.39 -62.66 -55.41
C GLN LA 147 76.52 -62.07 -56.51
N ILE LA 148 75.52 -61.27 -56.14
CA ILE LA 148 74.60 -60.64 -57.08
C ILE LA 148 74.80 -59.14 -56.98
N LYS LA 149 75.39 -58.55 -58.01
CA LYS LA 149 75.71 -57.13 -57.98
C LYS LA 149 74.43 -56.29 -57.95
N GLY LA 150 74.44 -55.26 -57.11
CA GLY LA 150 73.29 -54.37 -57.00
C GLY LA 150 72.07 -54.97 -56.35
N PHE LA 151 72.17 -56.17 -55.80
CA PHE LA 151 71.00 -56.84 -55.22
C PHE LA 151 70.65 -56.26 -53.85
N TYR LA 152 71.65 -56.10 -52.98
CA TYR LA 152 71.38 -55.62 -51.64
C TYR LA 152 70.84 -54.19 -51.66
N GLU LA 153 71.35 -53.36 -52.57
CA GLU LA 153 70.90 -51.98 -52.64
C GLU LA 153 69.44 -51.88 -53.09
N ALA LA 154 69.00 -52.77 -53.97
CA ALA LA 154 67.62 -52.75 -54.42
C ALA LA 154 66.67 -53.40 -53.42
N LEU LA 155 67.18 -54.34 -52.62
CA LEU LA 155 66.37 -54.92 -51.55
C LEU LA 155 66.19 -53.93 -50.41
N GLU LA 156 67.27 -53.24 -50.03
CA GLU LA 156 67.18 -52.23 -48.98
C GLU LA 156 66.25 -51.09 -49.38
N HIS LA 157 66.10 -50.84 -50.67
CA HIS LA 157 65.21 -49.77 -51.12
C HIS LA 157 63.78 -50.13 -50.74
N PRO LA 158 63.05 -49.22 -50.07
CA PRO LA 158 61.71 -49.58 -49.57
C PRO LA 158 60.63 -49.66 -50.64
N GLU LA 159 60.90 -49.22 -51.87
CA GLU LA 159 59.89 -49.21 -52.91
C GLU LA 159 60.22 -50.13 -54.09
N HIS LA 160 61.49 -50.46 -54.30
CA HIS LA 160 61.85 -51.27 -55.45
C HIS LA 160 61.25 -52.67 -55.30
N PRO LA 161 60.80 -53.29 -56.39
CA PRO LA 161 60.10 -54.57 -56.27
C PRO LA 161 61.02 -55.76 -56.14
N VAL LA 162 62.28 -55.54 -55.77
CA VAL LA 162 63.22 -56.60 -55.50
C VAL LA 162 63.04 -57.05 -54.05
N TYR LA 163 62.81 -58.34 -53.87
CA TYR LA 163 62.65 -58.94 -52.55
C TYR LA 163 63.63 -60.09 -52.37
N ALA LA 164 63.93 -60.40 -51.12
CA ALA LA 164 64.90 -61.44 -50.80
C ALA LA 164 64.39 -62.36 -49.69
N ASN LA 165 65.27 -63.22 -49.21
CA ASN LA 165 64.90 -64.24 -48.24
C ASN LA 165 65.00 -63.76 -46.81
N ARG LA 166 65.87 -62.78 -46.53
CA ARG LA 166 66.02 -62.25 -45.19
C ARG LA 166 65.96 -60.74 -45.23
N ASP LA 167 65.66 -60.15 -44.09
CA ASP LA 167 65.53 -58.70 -44.01
C ASP LA 167 66.91 -58.07 -43.78
N PRO LA 168 67.23 -56.97 -44.46
CA PRO LA 168 68.47 -56.25 -44.13
C PRO LA 168 68.39 -55.61 -42.75
N GLU LA 169 69.57 -55.33 -42.19
CA GLU LA 169 69.64 -54.78 -40.85
C GLU LA 169 69.39 -53.29 -40.79
N THR LA 170 69.15 -52.64 -41.93
CA THR LA 170 68.92 -51.20 -41.97
C THR LA 170 67.44 -50.86 -41.87
N TRP LA 171 66.56 -51.85 -41.82
CA TRP LA 171 65.14 -51.61 -41.69
C TRP LA 171 64.77 -51.45 -40.22
N ARG LA 172 63.80 -50.58 -39.95
CA ARG LA 172 63.28 -50.39 -38.62
C ARG LA 172 62.00 -51.22 -38.44
N SER LA 173 61.33 -51.01 -37.31
CA SER LA 173 60.12 -51.76 -37.01
C SER LA 173 58.95 -51.38 -37.89
N ALA LA 174 58.98 -50.21 -38.53
CA ALA LA 174 57.86 -49.73 -39.32
C ALA LA 174 58.01 -50.01 -40.81
N GLN LA 175 58.97 -50.84 -41.21
CA GLN LA 175 59.15 -51.20 -42.60
C GLN LA 175 58.60 -52.61 -42.82
N HIS LA 176 57.67 -52.75 -43.75
CA HIS LA 176 57.02 -54.02 -44.03
C HIS LA 176 57.07 -54.33 -45.52
N LYS LA 177 58.20 -54.05 -46.14
CA LYS LA 177 58.36 -54.33 -47.56
C LYS LA 177 58.32 -55.83 -47.84
N TYR LA 178 58.75 -56.63 -46.88
CA TYR LA 178 58.80 -58.08 -47.09
C TYR LA 178 57.42 -58.64 -47.42
N SER LA 179 56.38 -58.07 -46.84
CA SER LA 179 55.03 -58.59 -47.04
C SER LA 179 54.37 -58.07 -48.31
N LYS LA 180 55.05 -57.25 -49.11
CA LYS LA 180 54.49 -56.71 -50.32
C LYS LA 180 54.92 -57.45 -51.57
N TYR LA 181 55.68 -58.54 -51.43
CA TYR LA 181 56.11 -59.30 -52.60
C TYR LA 181 54.92 -59.93 -53.30
N ILE LA 182 53.99 -60.50 -52.55
CA ILE LA 182 52.83 -61.15 -53.13
C ILE LA 182 51.71 -60.16 -53.41
N SER LA 183 51.49 -59.21 -52.50
CA SER LA 183 50.39 -58.27 -52.67
C SER LA 183 50.62 -57.35 -53.86
N ASN LA 184 51.79 -56.72 -53.91
CA ASN LA 184 52.10 -55.74 -54.95
C ASN LA 184 52.78 -56.43 -56.12
N PHE LA 185 51.98 -57.16 -56.88
CA PHE LA 185 52.38 -57.79 -58.14
C PHE LA 185 51.33 -57.50 -59.20
N LYS LA 186 50.99 -56.23 -59.35
CA LYS LA 186 49.92 -55.84 -60.24
C LYS LA 186 50.19 -56.29 -61.67
N SER LA 187 51.44 -56.22 -62.11
CA SER LA 187 51.78 -56.61 -63.47
C SER LA 187 53.28 -56.79 -63.58
N GLY LA 188 53.71 -57.18 -64.77
CA GLY LA 188 55.12 -57.32 -65.08
C GLY LA 188 55.61 -58.75 -64.98
N ASP LA 189 56.90 -58.91 -65.24
CA ASP LA 189 57.54 -60.21 -65.21
C ASP LA 189 58.05 -60.52 -63.82
N GLY LA 190 57.63 -61.67 -63.28
CA GLY LA 190 58.05 -62.11 -61.97
C GLY LA 190 59.08 -63.23 -62.07
N TYR LA 191 60.07 -63.17 -61.18
CA TYR LA 191 61.15 -64.13 -61.17
C TYR LA 191 61.41 -64.59 -59.74
N PHE LA 192 61.42 -65.90 -59.53
CA PHE LA 192 61.82 -66.51 -58.27
C PHE LA 192 63.14 -67.23 -58.53
N CYS LA 193 64.23 -66.63 -58.07
CA CYS LA 193 65.58 -67.10 -58.35
C CYS LA 193 66.10 -67.94 -57.20
N ILE LA 194 66.60 -69.13 -57.52
CA ILE LA 194 67.18 -70.04 -56.55
C ILE LA 194 68.68 -70.13 -56.81
N PRO LA 195 69.54 -69.85 -55.84
CA PRO LA 195 70.98 -69.82 -56.07
C PRO LA 195 71.56 -71.23 -56.18
N GLU LA 196 72.88 -71.29 -56.32
CA GLU LA 196 73.56 -72.57 -56.47
C GLU LA 196 73.71 -73.26 -55.12
N TYR LA 197 73.50 -74.56 -55.13
CA TYR LA 197 73.69 -75.36 -53.92
C TYR LA 197 75.16 -75.36 -53.53
N PRO LA 198 75.48 -75.35 -52.23
CA PRO LA 198 74.57 -75.34 -51.08
C PRO LA 198 74.09 -73.94 -50.70
N TYR LA 199 72.78 -73.80 -50.47
CA TYR LA 199 72.20 -72.56 -50.00
C TYR LA 199 71.30 -72.83 -48.81
N ALA LA 200 71.03 -71.78 -48.05
CA ALA LA 200 70.23 -71.89 -46.84
C ALA LA 200 68.75 -71.68 -47.14
N GLY LA 201 67.91 -72.50 -46.53
CA GLY LA 201 66.49 -72.40 -46.70
C GLY LA 201 65.99 -73.10 -47.94
N GLU LA 202 66.30 -74.39 -48.05
CA GLU LA 202 65.96 -75.13 -49.26
C GLU LA 202 64.44 -75.24 -49.43
N VAL LA 203 63.74 -75.73 -48.40
CA VAL LA 203 62.30 -75.89 -48.47
C VAL LA 203 61.56 -74.82 -47.69
N GLU LA 204 62.14 -74.35 -46.58
CA GLU LA 204 61.44 -73.42 -45.72
C GLU LA 204 61.30 -72.03 -46.31
N CYS LA 205 61.94 -71.77 -47.45
CA CYS LA 205 61.86 -70.46 -48.11
C CYS LA 205 61.21 -70.58 -49.49
N PHE LA 206 60.53 -71.68 -49.75
CA PHE LA 206 59.83 -71.90 -51.03
C PHE LA 206 58.40 -71.42 -50.88
N ASN LA 207 58.12 -70.22 -51.35
CA ASN LA 207 56.80 -69.61 -51.24
C ASN LA 207 56.10 -69.44 -52.58
N PHE LA 208 56.60 -70.08 -53.64
CA PHE LA 208 55.95 -69.99 -54.93
C PHE LA 208 54.64 -70.76 -55.01
N PHE LA 209 54.27 -71.50 -53.97
CA PHE LA 209 52.97 -72.14 -53.89
C PHE LA 209 51.91 -71.28 -53.20
N VAL LA 210 52.32 -70.46 -52.24
CA VAL LA 210 51.36 -69.55 -51.61
C VAL LA 210 51.13 -68.33 -52.50
N SER LA 211 52.12 -67.95 -53.30
CA SER LA 211 51.95 -66.82 -54.20
C SER LA 211 51.12 -67.19 -55.42
N ASP LA 212 51.18 -68.45 -55.84
CA ASP LA 212 50.40 -68.86 -57.01
C ASP LA 212 48.91 -68.79 -56.72
N GLU LA 213 48.50 -69.19 -55.52
CA GLU LA 213 47.09 -69.19 -55.18
C GLU LA 213 46.57 -67.77 -54.99
N VAL LA 214 47.37 -66.90 -54.37
CA VAL LA 214 46.96 -65.51 -54.20
C VAL LA 214 46.89 -64.81 -55.54
N TRP LA 215 47.86 -65.06 -56.41
CA TRP LA 215 47.86 -64.49 -57.75
C TRP LA 215 46.79 -65.12 -58.63
N LYS LA 216 46.27 -66.28 -58.26
CA LYS LA 216 45.12 -66.84 -58.95
C LYS LA 216 43.87 -66.01 -58.67
N TRP LA 217 43.73 -65.53 -57.44
CA TRP LA 217 42.61 -64.67 -57.10
C TRP LA 217 42.73 -63.31 -57.81
N ALA LA 218 43.95 -62.79 -57.91
CA ALA LA 218 44.14 -61.49 -58.52
C ALA LA 218 43.82 -61.49 -60.00
N GLN LA 219 44.09 -62.61 -60.68
CA GLN LA 219 43.72 -62.72 -62.08
C GLN LA 219 42.22 -62.81 -62.28
N HIS LA 220 41.49 -63.22 -61.24
CA HIS LA 220 40.05 -63.40 -61.38
C HIS LA 220 39.31 -62.07 -61.34
N HIS LA 221 39.72 -61.14 -60.48
CA HIS LA 221 39.04 -59.86 -60.37
C HIS LA 221 39.86 -58.71 -60.95
N GLY LA 222 40.91 -59.00 -61.71
CA GLY LA 222 41.61 -58.01 -62.48
C GLY LA 222 42.72 -57.26 -61.78
N ALA LA 223 43.01 -57.59 -60.52
CA ALA LA 223 44.09 -56.90 -59.82
C ALA LA 223 45.44 -57.19 -60.46
N LEU LA 224 45.61 -58.39 -61.01
CA LEU LA 224 46.83 -58.76 -61.72
C LEU LA 224 46.54 -58.76 -63.21
N SER LA 225 47.37 -58.04 -63.97
CA SER LA 225 47.17 -57.93 -65.40
C SER LA 225 47.24 -59.30 -66.06
N PRO LA 226 46.40 -59.55 -67.08
CA PRO LA 226 46.40 -60.88 -67.71
C PRO LA 226 47.69 -61.20 -68.41
N LYS LA 227 48.44 -60.18 -68.85
CA LYS LA 227 49.73 -60.40 -69.51
C LYS LA 227 50.81 -60.15 -68.48
N HIS LA 228 51.12 -61.20 -67.73
CA HIS LA 228 52.18 -61.21 -66.74
C HIS LA 228 52.88 -62.55 -66.84
N THR LA 229 54.15 -62.58 -66.48
CA THR LA 229 54.93 -63.81 -66.53
C THR LA 229 55.60 -64.05 -65.18
N PHE LA 230 55.50 -65.27 -64.70
CA PHE LA 230 56.20 -65.69 -63.49
C PHE LA 230 56.88 -67.01 -63.78
N THR LA 231 58.20 -67.06 -63.58
CA THR LA 231 58.96 -68.27 -63.79
C THR LA 231 59.93 -68.46 -62.64
N ILE LA 232 60.30 -69.71 -62.40
CA ILE LA 232 61.24 -70.07 -61.35
C ILE LA 232 62.59 -70.26 -62.00
N VAL LA 233 63.54 -69.37 -61.69
CA VAL LA 233 64.89 -69.45 -62.24
C VAL LA 233 65.74 -70.23 -61.24
N ASN LA 234 65.93 -71.52 -61.51
CA ASN LA 234 66.63 -72.40 -60.60
C ASN LA 234 68.04 -72.63 -61.15
N ALA LA 235 69.04 -72.32 -60.33
CA ALA LA 235 70.42 -72.56 -60.73
C ALA LA 235 70.75 -74.04 -60.67
N ASN LA 236 70.20 -74.74 -59.70
CA ASN LA 236 70.44 -76.16 -59.54
C ASN LA 236 69.53 -76.96 -60.45
N GLU LA 237 69.85 -78.25 -60.61
CA GLU LA 237 69.05 -79.11 -61.47
C GLU LA 237 67.75 -79.53 -60.80
N LYS LA 238 67.70 -79.54 -59.47
CA LYS LA 238 66.54 -80.02 -58.74
C LYS LA 238 66.31 -79.14 -57.52
N PHE LA 239 65.09 -79.17 -56.99
CA PHE LA 239 64.75 -78.34 -55.84
C PHE LA 239 65.24 -78.95 -54.53
N VAL LA 240 65.05 -80.24 -54.34
CA VAL LA 240 65.48 -80.94 -53.14
C VAL LA 240 66.56 -81.92 -53.54
N HIS LA 241 67.77 -81.70 -53.04
CA HIS LA 241 68.92 -82.51 -53.46
C HIS LA 241 68.91 -83.88 -52.81
N TYR LA 242 68.55 -83.96 -51.54
CA TYR LA 242 68.71 -85.19 -50.76
C TYR LA 242 67.39 -85.89 -50.47
N CYS LA 243 66.31 -85.52 -51.17
CA CYS LA 243 65.05 -86.25 -51.05
C CYS LA 243 64.36 -86.21 -52.41
N ASP LA 244 64.49 -87.29 -53.17
CA ASP LA 244 63.91 -87.33 -54.51
C ASP LA 244 62.39 -87.41 -54.46
N SER LA 245 61.85 -88.06 -53.43
CA SER LA 245 60.40 -88.18 -53.31
C SER LA 245 59.75 -86.82 -53.12
N ALA LA 246 60.35 -85.96 -52.30
CA ALA LA 246 59.83 -84.61 -52.15
C ALA LA 246 60.09 -83.77 -53.40
N ASP LA 247 61.25 -83.97 -54.03
CA ASP LA 247 61.58 -83.19 -55.22
C ASP LA 247 60.66 -83.54 -56.38
N ALA LA 248 60.23 -84.80 -56.48
CA ALA LA 248 59.30 -85.17 -57.54
C ALA LA 248 57.93 -84.57 -57.29
N PHE LA 249 57.53 -84.45 -56.03
CA PHE LA 249 56.22 -83.88 -55.72
C PHE LA 249 56.19 -82.39 -56.07
N ILE LA 250 57.28 -81.68 -55.78
CA ILE LA 250 57.33 -80.26 -56.10
C ILE LA 250 57.28 -80.05 -57.61
N LYS LA 251 58.07 -80.80 -58.36
CA LYS LA 251 58.07 -80.65 -59.81
C LYS LA 251 56.76 -81.10 -60.42
N GLU LA 252 56.07 -82.04 -59.78
CA GLU LA 252 54.77 -82.46 -60.27
C GLU LA 252 53.70 -81.40 -59.98
N ARG LA 253 53.74 -80.80 -58.79
CA ARG LA 253 52.75 -79.81 -58.43
C ARG LA 253 52.91 -78.53 -59.25
N LEU LA 254 54.15 -78.17 -59.60
CA LEU LA 254 54.37 -76.99 -60.43
C LEU LA 254 53.76 -77.18 -61.82
N GLU LA 255 53.90 -78.37 -62.38
CA GLU LA 255 53.33 -78.63 -63.70
C GLU LA 255 51.81 -78.60 -63.64
N LYS LA 256 51.22 -79.11 -62.56
CA LYS LA 256 49.78 -79.07 -62.43
C LYS LA 256 49.27 -77.64 -62.26
N ARG LA 257 49.98 -76.83 -61.47
CA ARG LA 257 49.59 -75.45 -61.28
C ARG LA 257 49.84 -74.62 -62.53
N GLY LA 258 50.85 -74.99 -63.32
CA GLY LA 258 51.15 -74.28 -64.55
C GLY LA 258 52.37 -73.38 -64.48
N ILE LA 259 53.15 -73.48 -63.41
CA ILE LA 259 54.33 -72.64 -63.24
C ILE LA 259 55.48 -73.16 -64.09
N ARG LA 260 56.16 -72.24 -64.77
CA ARG LA 260 57.27 -72.59 -65.63
C ARG LA 260 58.58 -72.49 -64.85
N VAL LA 261 59.47 -73.45 -65.08
CA VAL LA 261 60.75 -73.51 -64.40
C VAL LA 261 61.87 -73.47 -65.44
N GLU LA 262 62.97 -72.79 -65.09
CA GLU LA 262 64.17 -72.74 -65.92
C GLU LA 262 65.35 -73.19 -65.07
N TYR LA 263 65.92 -74.33 -65.41
CA TYR LA 263 67.00 -74.92 -64.64
C TYR LA 263 68.37 -74.46 -65.15
N ASN LA 264 69.38 -74.66 -64.31
CA ASN LA 264 70.78 -74.36 -64.63
C ASN LA 264 71.00 -72.88 -64.92
N THR LA 265 70.06 -72.02 -64.54
CA THR LA 265 70.20 -70.58 -64.69
C THR LA 265 70.23 -69.94 -63.33
N LYS LA 266 71.20 -69.04 -63.10
CA LYS LA 266 71.33 -68.35 -61.83
C LYS LA 266 71.33 -66.85 -62.05
N LEU LA 267 70.81 -66.13 -61.06
CA LEU LA 267 70.81 -64.68 -61.10
C LEU LA 267 72.22 -64.13 -60.94
N LEU LA 268 72.56 -63.13 -61.73
CA LEU LA 268 73.91 -62.59 -61.76
C LEU LA 268 74.00 -61.10 -61.44
N GLU LA 269 73.03 -60.30 -61.87
CA GLU LA 269 73.10 -58.86 -61.63
C GLU LA 269 71.69 -58.28 -61.63
N VAL LA 270 71.50 -57.26 -60.81
CA VAL LA 270 70.23 -56.56 -60.68
C VAL LA 270 70.47 -55.08 -60.96
N HIS LA 271 69.88 -54.58 -62.05
CA HIS LA 271 69.98 -53.18 -62.42
C HIS LA 271 68.78 -52.44 -61.86
N GLN LA 272 69.01 -51.62 -60.83
CA GLN LA 272 67.92 -50.93 -60.18
C GLN LA 272 67.38 -49.78 -61.02
N ASP LA 273 68.21 -49.18 -61.86
CA ASP LA 273 67.79 -48.00 -62.60
C ASP LA 273 66.73 -48.34 -63.65
N GLY LA 274 66.99 -49.36 -64.47
CA GLY LA 274 66.06 -49.77 -65.51
C GLY LA 274 65.30 -51.04 -65.21
N GLN LA 275 65.42 -51.60 -64.02
CA GLN LA 275 64.80 -52.88 -63.67
C GLN LA 275 65.18 -53.96 -64.67
N LYS LA 276 66.49 -54.15 -64.82
CA LYS LA 276 67.04 -55.20 -65.67
C LYS LA 276 67.70 -56.24 -64.81
N ALA LA 277 67.45 -57.52 -65.11
CA ALA LA 277 68.03 -58.64 -64.39
C ALA LA 277 68.88 -59.46 -65.35
N THR LA 278 70.17 -59.53 -65.07
CA THR LA 278 71.11 -60.28 -65.90
C THR LA 278 71.20 -61.69 -65.35
N PHE LA 279 70.73 -62.67 -66.12
CA PHE LA 279 70.83 -64.08 -65.76
C PHE LA 279 71.95 -64.73 -66.55
N ILE LA 280 72.30 -65.95 -66.16
CA ILE LA 280 73.32 -66.71 -66.87
C ILE LA 280 73.06 -68.19 -66.70
N ASN LA 281 73.13 -68.93 -67.79
CA ASN LA 281 72.89 -70.37 -67.79
C ASN LA 281 74.21 -71.08 -67.49
N THR LA 282 74.28 -71.70 -66.31
CA THR LA 282 75.52 -72.35 -65.90
C THR LA 282 75.85 -73.54 -66.79
N LYS LA 283 74.85 -74.15 -67.43
CA LYS LA 283 75.10 -75.30 -68.27
C LYS LA 283 75.81 -74.89 -69.55
N THR LA 284 75.22 -73.96 -70.31
CA THR LA 284 75.76 -73.56 -71.60
C THR LA 284 76.56 -72.27 -71.56
N GLY LA 285 76.61 -71.59 -70.41
CA GLY LA 285 77.37 -70.36 -70.32
C GLY LA 285 76.77 -69.20 -71.07
N GLU LA 286 75.48 -69.27 -71.41
CA GLU LA 286 74.81 -68.20 -72.12
C GLU LA 286 74.06 -67.31 -71.14
N LYS LA 287 74.40 -66.02 -71.13
CA LYS LA 287 73.76 -65.05 -70.26
C LYS LA 287 72.69 -64.26 -71.02
N SER LA 288 71.69 -63.81 -70.27
CA SER LA 288 70.59 -63.03 -70.84
C SER LA 288 70.26 -61.89 -69.89
N VAL LA 289 69.62 -60.85 -70.45
CA VAL LA 289 69.18 -59.69 -69.70
C VAL LA 289 67.68 -59.56 -69.90
N ARG LA 290 66.93 -59.59 -68.80
CA ARG LA 290 65.48 -59.63 -68.85
C ARG LA 290 64.90 -58.57 -67.93
N ASP LA 291 63.84 -57.92 -68.40
CA ASP LA 291 63.12 -56.96 -67.58
C ASP LA 291 62.33 -57.67 -66.49
N TYR LA 292 62.31 -57.09 -65.29
CA TYR LA 292 61.56 -57.64 -64.18
C TYR LA 292 60.70 -56.54 -63.55
N ASN LA 293 59.64 -56.97 -62.88
CA ASN LA 293 58.82 -56.08 -62.07
C ASN LA 293 58.51 -56.65 -60.69
N ASN LA 294 58.87 -57.89 -60.41
CA ASN LA 294 58.74 -58.45 -59.07
C ASN LA 294 59.73 -59.60 -58.96
N LEU LA 295 60.85 -59.36 -58.28
CA LEU LA 295 61.97 -60.29 -58.24
C LEU LA 295 62.20 -60.76 -56.81
N TYR LA 296 62.16 -62.08 -56.63
CA TYR LA 296 62.47 -62.73 -55.35
C TYR LA 296 63.64 -63.66 -55.55
N SER LA 297 64.64 -63.55 -54.69
CA SER LA 297 65.83 -64.38 -54.77
C SER LA 297 66.25 -64.82 -53.38
N ILE LA 298 66.55 -66.11 -53.24
CA ILE LA 298 67.11 -66.63 -52.01
C ILE LA 298 68.58 -66.22 -51.95
N VAL LA 299 68.99 -65.64 -50.82
CA VAL LA 299 70.33 -65.09 -50.69
C VAL LA 299 71.35 -66.20 -50.88
N PRO LA 300 72.29 -66.05 -51.82
CA PRO LA 300 73.31 -67.08 -52.02
C PRO LA 300 74.37 -67.06 -50.92
N SER LA 301 74.88 -68.24 -50.61
CA SER LA 301 75.87 -68.39 -49.57
C SER LA 301 77.28 -68.31 -50.17
N LYS LA 302 78.28 -68.37 -49.30
CA LYS LA 302 79.67 -68.36 -49.74
C LYS LA 302 80.51 -69.04 -48.67
N ARG LA 303 81.42 -69.91 -49.12
CA ARG LA 303 82.32 -70.58 -48.19
C ARG LA 303 83.32 -69.58 -47.61
N GLN LA 304 83.74 -69.85 -46.38
CA GLN LA 304 84.73 -69.00 -45.72
C GLN LA 304 86.12 -69.60 -45.90
N GLU LA 305 87.12 -68.72 -45.94
CA GLU LA 305 88.48 -69.16 -46.26
C GLU LA 305 89.17 -69.81 -45.07
N PHE LA 306 88.82 -69.44 -43.84
CA PHE LA 306 89.50 -70.00 -42.68
C PHE LA 306 89.19 -71.47 -42.47
N LEU LA 307 88.11 -71.98 -43.08
CA LEU LA 307 87.78 -73.39 -42.97
C LEU LA 307 88.53 -74.23 -43.99
N ASP LA 308 88.95 -73.64 -45.10
CA ASP LA 308 89.74 -74.33 -46.11
C ASP LA 308 91.24 -74.17 -45.89
N LYS LA 309 91.66 -73.02 -45.37
CA LYS LA 309 93.05 -72.85 -45.00
C LYS LA 309 93.44 -73.78 -43.86
N ALA LA 310 92.50 -74.07 -42.96
CA ALA LA 310 92.74 -75.01 -41.87
C ALA LA 310 92.58 -76.46 -42.31
N GLY LA 311 92.03 -76.70 -43.50
CA GLY LA 311 91.87 -78.05 -44.00
C GLY LA 311 90.82 -78.84 -43.25
N LEU LA 312 89.60 -78.32 -43.21
CA LEU LA 312 88.47 -78.98 -42.58
C LEU LA 312 87.36 -79.32 -43.56
N THR LA 313 87.09 -78.45 -44.51
CA THR LA 313 86.01 -78.67 -45.47
C THR LA 313 86.51 -79.51 -46.64
N ASN LA 314 85.56 -80.16 -47.31
CA ASN LA 314 85.84 -81.02 -48.44
C ASN LA 314 84.98 -80.60 -49.62
N GLY LA 315 85.63 -80.31 -50.75
CA GLY LA 315 84.91 -79.98 -51.96
C GLY LA 315 84.22 -78.63 -51.95
N ASN LA 316 82.90 -78.66 -51.87
CA ASN LA 316 82.11 -77.43 -51.99
C ASN LA 316 82.42 -76.46 -50.86
N GLY LA 317 82.85 -76.96 -49.71
CA GLY LA 317 83.15 -76.08 -48.59
C GLY LA 317 82.39 -76.42 -47.33
N LEU LA 318 81.84 -77.63 -47.26
CA LEU LA 318 81.16 -78.09 -46.07
C LEU LA 318 82.08 -78.98 -45.23
N LEU LA 319 81.79 -79.02 -43.94
CA LEU LA 319 82.63 -79.76 -43.00
C LEU LA 319 82.63 -81.25 -43.34
N ASN LA 320 83.84 -81.84 -43.36
CA ASN LA 320 84.01 -83.26 -43.66
C ASN LA 320 83.93 -84.02 -42.34
N VAL LA 321 82.71 -84.34 -41.92
CA VAL LA 321 82.47 -85.03 -40.65
C VAL LA 321 81.74 -86.34 -40.91
N ASP LA 322 81.66 -87.14 -39.86
CA ASP LA 322 80.97 -88.42 -39.95
C ASP LA 322 79.47 -88.22 -40.11
N HIS LA 323 78.84 -89.15 -40.82
CA HIS LA 323 77.40 -89.06 -41.03
C HIS LA 323 76.62 -89.50 -39.79
N GLN LA 324 77.18 -90.41 -38.99
CA GLN LA 324 76.48 -90.94 -37.83
C GLN LA 324 76.81 -90.15 -36.56
N THR LA 325 78.09 -90.03 -36.24
CA THR LA 325 78.52 -89.39 -35.00
C THR LA 325 78.74 -87.89 -35.15
N LEU LA 326 78.67 -87.36 -36.36
CA LEU LA 326 78.92 -85.95 -36.64
C LEU LA 326 80.32 -85.51 -36.22
N GLN LA 327 81.22 -86.47 -35.99
CA GLN LA 327 82.60 -86.15 -35.65
C GLN LA 327 83.43 -85.98 -36.91
N HIS LA 328 84.35 -85.02 -36.87
CA HIS LA 328 85.22 -84.79 -38.01
C HIS LA 328 86.06 -86.03 -38.30
N LYS LA 329 86.36 -86.24 -39.58
CA LYS LA 329 87.15 -87.40 -39.97
C LYS LA 329 88.50 -87.39 -39.26
N LYS LA 330 89.31 -86.38 -39.54
CA LYS LA 330 90.53 -86.12 -38.79
C LYS LA 330 90.25 -85.09 -37.70
N TYR LA 331 91.19 -84.97 -36.77
CA TYR LA 331 91.04 -84.07 -35.63
C TYR LA 331 89.80 -84.43 -34.83
N LYS LA 332 89.83 -85.64 -34.27
CA LYS LA 332 88.65 -86.22 -33.63
C LYS LA 332 88.05 -85.33 -32.56
N ASN LA 333 88.80 -84.34 -32.07
CA ASN LA 333 88.27 -83.40 -31.09
C ASN LA 333 87.48 -82.27 -31.72
N ILE LA 334 87.29 -82.27 -33.03
CA ILE LA 334 86.54 -81.24 -33.74
C ILE LA 334 85.22 -81.84 -34.18
N PHE LA 335 84.13 -81.15 -33.86
CA PHE LA 335 82.78 -81.54 -34.25
C PHE LA 335 82.16 -80.45 -35.11
N GLY LA 336 80.96 -80.72 -35.62
CA GLY LA 336 80.26 -79.78 -36.46
C GLY LA 336 78.84 -80.22 -36.74
N LEU LA 337 77.92 -79.26 -36.85
CA LEU LA 337 76.52 -79.58 -37.09
C LEU LA 337 75.86 -78.40 -37.77
N GLY LA 338 74.60 -78.59 -38.15
CA GLY LA 338 73.82 -77.52 -38.77
C GLY LA 338 73.94 -77.54 -40.27
N ASP LA 339 74.20 -76.38 -40.86
CA ASP LA 339 74.33 -76.25 -42.31
C ASP LA 339 75.77 -76.38 -42.78
N ALA LA 340 76.74 -76.11 -41.92
CA ALA LA 340 78.14 -76.20 -42.31
C ALA LA 340 78.58 -77.64 -42.53
N ALA LA 341 77.86 -78.60 -41.97
CA ALA LA 341 78.24 -80.00 -42.10
C ALA LA 341 77.75 -80.58 -43.41
N ASP LA 342 78.56 -81.46 -44.00
CA ASP LA 342 78.23 -82.12 -45.25
C ASP LA 342 77.49 -83.42 -44.91
N LEU LA 343 76.16 -83.35 -44.91
CA LEU LA 343 75.34 -84.49 -44.56
C LEU LA 343 74.33 -84.75 -45.66
N PRO LA 344 74.12 -86.02 -46.05
CA PRO LA 344 73.13 -86.30 -47.09
C PRO LA 344 71.70 -86.13 -46.62
N THR LA 345 71.34 -84.92 -46.19
CA THR LA 345 69.99 -84.64 -45.74
C THR LA 345 69.68 -83.17 -45.94
N THR LA 346 68.41 -82.83 -45.78
CA THR LA 346 67.96 -81.46 -45.96
C THR LA 346 68.35 -80.62 -44.75
N LYS LA 347 69.03 -79.51 -45.01
CA LYS LA 347 69.52 -78.62 -43.96
C LYS LA 347 68.37 -77.79 -43.42
N THR LA 348 67.66 -78.37 -42.45
CA THR LA 348 66.56 -77.70 -41.78
C THR LA 348 66.89 -77.51 -40.31
N PHE LA 349 66.00 -76.81 -39.61
CA PHE LA 349 66.21 -76.57 -38.19
C PHE LA 349 65.82 -77.78 -37.36
N TRP LA 350 64.75 -78.48 -37.76
CA TRP LA 350 64.39 -79.73 -37.10
C TRP LA 350 65.43 -80.80 -37.35
N ALA LA 351 66.13 -80.74 -38.48
CA ALA LA 351 67.31 -81.59 -38.66
C ALA LA 351 68.39 -81.22 -37.67
N GLY LA 352 68.58 -79.92 -37.44
CA GLY LA 352 69.52 -79.47 -36.45
C GLY LA 352 69.13 -79.80 -35.03
N TRP LA 353 67.84 -80.03 -34.78
CA TRP LA 353 67.40 -80.40 -33.43
C TRP LA 353 68.01 -81.73 -33.01
N TYR LA 354 67.88 -82.76 -33.86
CA TYR LA 354 68.44 -84.07 -33.55
C TYR LA 354 69.96 -84.09 -33.63
N GLN LA 355 70.58 -83.07 -34.25
CA GLN LA 355 72.02 -82.96 -34.22
C GLN LA 355 72.55 -82.34 -32.93
N ILE LA 356 71.70 -81.62 -32.20
CA ILE LA 356 72.13 -81.05 -30.92
C ILE LA 356 72.42 -82.16 -29.92
N ALA LA 357 71.50 -83.11 -29.77
CA ALA LA 357 71.68 -84.17 -28.79
C ALA LA 357 72.82 -85.10 -29.15
N VAL LA 358 73.13 -85.23 -30.45
CA VAL LA 358 74.22 -86.12 -30.84
C VAL LA 358 75.56 -85.47 -30.54
N VAL LA 359 75.71 -84.19 -30.86
CA VAL LA 359 76.99 -83.53 -30.64
C VAL LA 359 77.28 -83.40 -29.15
N ARG LA 360 76.31 -82.92 -28.38
CA ARG LA 360 76.52 -82.74 -26.94
C ARG LA 360 76.76 -84.07 -26.25
N ASN LA 361 76.27 -85.17 -26.81
CA ASN LA 361 76.53 -86.47 -26.21
C ASN LA 361 77.97 -86.90 -26.44
N ASN LA 362 78.45 -86.83 -27.68
CA ASN LA 362 79.81 -87.26 -27.97
C ASN LA 362 80.84 -86.33 -27.34
N VAL LA 363 80.56 -85.03 -27.32
CA VAL LA 363 81.46 -84.09 -26.65
C VAL LA 363 81.56 -84.42 -25.17
N LYS LA 364 80.45 -84.78 -24.56
CA LYS LA 364 80.47 -85.26 -23.18
C LYS LA 364 81.26 -86.56 -23.08
N ARG LA 365 81.10 -87.44 -24.07
CA ARG LA 365 81.83 -88.70 -24.06
C ARG LA 365 83.30 -88.49 -24.37
N ASN LA 366 83.62 -87.53 -25.25
CA ASN LA 366 85.02 -87.27 -25.57
C ASN LA 366 85.75 -86.57 -24.43
N LEU LA 367 85.03 -85.77 -23.64
CA LEU LA 367 85.63 -85.18 -22.45
C LEU LA 367 85.94 -86.23 -21.39
N GLN LA 368 85.32 -87.39 -21.47
CA GLN LA 368 85.60 -88.50 -20.57
C GLN LA 368 86.42 -89.59 -21.24
N GLY LA 369 86.87 -89.37 -22.47
CA GLY LA 369 87.65 -90.35 -23.19
C GLY LA 369 86.90 -91.58 -23.62
N GLN LA 370 85.61 -91.66 -23.33
CA GLN LA 370 84.82 -92.85 -23.62
C GLN LA 370 84.44 -92.89 -25.10
N THR LA 371 83.72 -93.95 -25.49
CA THR LA 371 83.34 -94.15 -26.87
C THR LA 371 82.19 -93.22 -27.25
N LEU LA 372 81.82 -93.26 -28.53
CA LEU LA 372 80.74 -92.45 -29.09
C LEU LA 372 79.54 -93.37 -29.32
N ASN LA 373 78.48 -93.18 -28.54
CA ASN LA 373 77.28 -94.00 -28.64
C ASN LA 373 76.11 -93.25 -29.25
N ALA LA 374 76.32 -92.04 -29.74
CA ALA LA 374 75.26 -91.22 -30.33
C ALA LA 374 75.41 -91.21 -31.84
N HIS LA 375 74.40 -91.72 -32.53
CA HIS LA 375 74.38 -91.76 -33.99
C HIS LA 375 73.20 -90.96 -34.51
N TYR LA 376 73.47 -90.06 -35.44
CA TYR LA 376 72.41 -89.24 -36.06
C TYR LA 376 71.87 -89.98 -37.27
N ASP LA 377 70.58 -90.34 -37.21
CA ASP LA 377 69.97 -91.12 -38.28
C ASP LA 377 69.70 -90.32 -39.53
N GLY LA 378 69.95 -89.01 -39.51
CA GLY LA 378 69.73 -88.19 -40.69
C GLY LA 378 68.32 -87.66 -40.83
N PHE LA 379 67.63 -87.42 -39.72
CA PHE LA 379 66.25 -86.96 -39.79
C PHE LA 379 66.21 -85.47 -40.07
N SER LA 380 65.31 -85.07 -40.96
CA SER LA 380 65.10 -83.67 -41.30
C SER LA 380 63.62 -83.45 -41.52
N LYS LA 381 63.08 -82.38 -40.91
CA LYS LA 381 61.64 -82.10 -40.96
C LYS LA 381 61.45 -80.64 -41.30
N VAL LA 382 60.62 -80.38 -42.30
CA VAL LA 382 60.36 -79.01 -42.75
C VAL LA 382 58.97 -78.93 -43.37
N PRO LA 383 58.20 -77.88 -43.08
CA PRO LA 383 56.90 -77.72 -43.74
C PRO LA 383 57.04 -77.16 -45.15
N LEU LA 384 56.23 -77.71 -46.05
CA LEU LA 384 56.14 -77.24 -47.44
C LEU LA 384 54.76 -76.62 -47.64
N PHE LA 385 54.72 -75.30 -47.66
CA PHE LA 385 53.46 -74.57 -47.81
C PHE LA 385 52.93 -74.77 -49.21
N THR LA 386 51.86 -75.54 -49.34
CA THR LA 386 51.27 -75.84 -50.64
C THR LA 386 50.14 -74.89 -51.00
N GLY LA 387 49.75 -74.00 -50.09
CA GLY LA 387 48.67 -73.08 -50.36
C GLY LA 387 48.73 -71.91 -49.41
N HIS LA 388 47.74 -71.03 -49.56
CA HIS LA 388 47.68 -69.84 -48.72
C HIS LA 388 47.56 -70.20 -47.25
N GLN LA 389 46.84 -71.27 -46.94
CA GLN LA 389 46.62 -71.69 -45.56
C GLN LA 389 46.73 -73.20 -45.40
N THR LA 390 47.52 -73.85 -46.25
CA THR LA 390 47.73 -75.29 -46.15
C THR LA 390 49.20 -75.61 -46.34
N LEU LA 391 49.65 -76.67 -45.67
CA LEU LA 391 51.02 -77.11 -45.78
C LEU LA 391 51.10 -78.62 -45.64
N THR LA 392 52.26 -79.16 -45.98
CA THR LA 392 52.58 -80.56 -45.76
C THR LA 392 54.02 -80.63 -45.30
N TYR LA 393 54.32 -81.65 -44.50
CA TYR LA 393 55.64 -81.80 -43.92
C TYR LA 393 56.54 -82.66 -44.81
N VAL LA 394 57.75 -82.18 -45.02
CA VAL LA 394 58.76 -82.91 -45.77
C VAL LA 394 59.72 -83.49 -44.73
N ALA LA 395 59.49 -84.74 -44.35
CA ALA LA 395 60.30 -85.44 -43.37
C ALA LA 395 60.92 -86.66 -44.02
N HIS LA 396 62.24 -86.81 -43.87
CA HIS LA 396 62.94 -87.92 -44.48
C HIS LA 396 64.19 -88.23 -43.67
N SER LA 397 64.65 -89.47 -43.80
CA SER LA 397 65.85 -89.95 -43.13
C SER LA 397 67.06 -89.74 -44.04
N TYR LA 398 68.18 -90.37 -43.68
CA TYR LA 398 69.39 -90.25 -44.48
C TYR LA 398 69.20 -90.82 -45.87
N GLY LA 399 68.48 -91.93 -45.99
CA GLY LA 399 68.29 -92.57 -47.27
C GLY LA 399 67.16 -91.99 -48.08
N GLY LA 400 66.82 -90.72 -47.83
CA GLY LA 400 65.76 -90.07 -48.54
C GLY LA 400 64.38 -90.64 -48.32
N VAL LA 401 64.27 -91.63 -47.43
CA VAL LA 401 62.98 -92.27 -47.17
C VAL LA 401 62.20 -91.44 -46.17
N GLY LA 402 60.90 -91.32 -46.40
CA GLY LA 402 60.04 -90.51 -45.56
C GLY LA 402 59.35 -91.31 -44.48
N ASN LA 403 58.98 -90.60 -43.41
CA ASN LA 403 58.31 -91.20 -42.27
C ASN LA 403 56.79 -91.11 -42.47
N TRP LA 404 56.04 -91.34 -41.39
CA TRP LA 404 54.59 -91.29 -41.45
C TRP LA 404 54.06 -89.93 -41.88
N GLN LA 405 54.86 -88.86 -41.75
CA GLN LA 405 54.41 -87.51 -42.07
C GLN LA 405 54.85 -87.04 -43.45
N HIS LA 406 55.70 -87.79 -44.14
CA HIS LA 406 56.28 -87.31 -45.39
C HIS LA 406 55.20 -87.10 -46.44
N LEU LA 407 55.01 -85.84 -46.84
CA LEU LA 407 54.13 -85.49 -47.95
C LEU LA 407 52.71 -85.99 -47.73
N LYS LA 408 52.22 -85.85 -46.50
CA LYS LA 408 50.85 -86.20 -46.18
C LYS LA 408 49.95 -84.99 -46.35
N HIS LA 409 48.68 -85.26 -46.65
CA HIS LA 409 47.68 -84.22 -46.94
C HIS LA 409 48.30 -83.10 -47.78
N ASN LA 410 48.92 -83.49 -48.89
CA ASN LA 410 49.61 -82.54 -49.75
C ASN LA 410 48.66 -81.73 -50.62
N ASN LA 411 47.43 -82.21 -50.83
CA ASN LA 411 46.47 -81.54 -51.69
C ASN LA 411 45.55 -80.60 -50.92
N GLY LA 412 45.95 -80.17 -49.73
CA GLY LA 412 45.11 -79.30 -48.94
C GLY LA 412 43.96 -80.05 -48.29
N GLY LA 413 43.14 -79.29 -47.58
CA GLY LA 413 41.99 -79.83 -46.89
C GLY LA 413 41.96 -79.36 -45.46
N ILE LA 414 41.04 -79.96 -44.69
CA ILE LA 414 40.87 -79.58 -43.29
C ILE LA 414 42.11 -79.95 -42.48
N LEU LA 415 42.69 -81.12 -42.74
CA LEU LA 415 43.85 -81.55 -41.97
C LEU LA 415 45.04 -80.66 -42.24
N ALA LA 416 45.30 -80.32 -43.50
CA ALA LA 416 46.42 -79.44 -43.81
C ALA LA 416 46.17 -78.03 -43.30
N TRP LA 417 44.91 -77.61 -43.23
CA TRP LA 417 44.60 -76.28 -42.71
C TRP LA 417 44.90 -76.18 -41.23
N MET LA 418 44.60 -77.24 -40.47
CA MET LA 418 44.89 -77.22 -39.04
C MET LA 418 46.40 -77.24 -38.78
N ARG LA 419 47.15 -77.99 -39.58
CA ARG LA 419 48.60 -78.03 -39.41
C ARG LA 419 49.25 -76.71 -39.78
N TYR LA 420 48.59 -75.89 -40.61
CA TYR LA 420 49.15 -74.59 -40.96
C TYR LA 420 49.06 -73.62 -39.79
N ARG LA 421 47.87 -73.47 -39.22
CA ARG LA 421 47.71 -72.57 -38.09
C ARG LA 421 48.54 -73.01 -36.89
N SER LA 422 48.81 -74.30 -36.78
CA SER LA 422 49.67 -74.78 -35.70
C SER LA 422 51.11 -74.33 -35.88
N TRP LA 423 51.55 -74.12 -37.12
CA TRP LA 423 52.90 -73.67 -37.41
C TRP LA 423 52.98 -72.18 -37.68
N ALA LA 424 51.97 -71.62 -38.35
CA ALA LA 424 52.00 -70.20 -38.70
C ALA LA 424 51.71 -69.31 -37.50
N LYS LA 425 50.96 -69.81 -36.51
CA LYS LA 425 50.55 -69.00 -35.37
C LYS LA 425 51.25 -69.35 -34.06
N GLY LA 426 51.84 -70.54 -33.95
CA GLY LA 426 52.35 -70.99 -32.67
C GLY LA 426 53.77 -71.50 -32.67
N MET LA 427 54.53 -71.25 -33.74
CA MET LA 427 55.91 -71.69 -33.80
C MET LA 427 56.89 -70.60 -33.44
N ALA LA 428 56.62 -69.35 -33.83
CA ALA LA 428 57.51 -68.25 -33.46
C ALA LA 428 57.50 -68.01 -31.95
N LYS LA 429 56.36 -68.26 -31.30
CA LYS LA 429 56.31 -68.11 -29.85
C LYS LA 429 57.13 -69.17 -29.13
N LYS LA 430 57.48 -70.26 -29.82
CA LYS LA 430 58.25 -71.32 -29.20
C LYS LA 430 59.76 -71.11 -29.32
N PHE LA 431 60.20 -70.32 -30.30
CA PHE LA 431 61.63 -70.09 -30.46
C PHE LA 431 62.24 -69.29 -29.32
N GLN LA 432 61.41 -68.60 -28.53
CA GLN LA 432 61.94 -67.91 -27.37
C GLN LA 432 62.36 -68.91 -26.29
N ASP LA 433 61.55 -69.94 -26.08
CA ASP LA 433 61.91 -71.00 -25.14
C ASP LA 433 63.10 -71.80 -25.65
N PHE LA 434 63.23 -71.96 -26.96
CA PHE LA 434 64.38 -72.66 -27.52
C PHE LA 434 65.67 -71.94 -27.17
N TYR LA 435 65.66 -70.61 -27.24
CA TYR LA 435 66.85 -69.83 -26.94
C TYR LA 435 67.03 -69.60 -25.45
N ASN LA 436 65.93 -69.45 -24.71
CA ASN LA 436 66.04 -69.29 -23.26
C ASN LA 436 66.41 -70.61 -22.59
N GLY LA 437 65.61 -71.64 -22.82
CA GLY LA 437 65.84 -72.95 -22.25
C GLY LA 437 64.60 -73.54 -21.62
N ALA LA 438 63.48 -72.82 -21.72
CA ALA LA 438 62.24 -73.30 -21.14
C ALA LA 438 61.73 -74.56 -21.81
N ARG LA 439 62.00 -74.72 -23.11
CA ARG LA 439 61.60 -75.90 -23.85
C ARG LA 439 62.80 -76.51 -24.53
N LEU LA 440 62.91 -77.83 -24.44
CA LEU LA 440 64.01 -78.59 -25.01
C LEU LA 440 63.65 -79.00 -26.44
N GLY LA 441 64.41 -79.93 -27.00
CA GLY LA 441 64.18 -80.39 -28.35
C GLY LA 441 62.86 -81.12 -28.49
N PRO LA 442 62.63 -81.69 -29.66
CA PRO LA 442 61.36 -82.39 -29.91
C PRO LA 442 61.15 -83.52 -28.92
N PRO LA 443 62.18 -84.35 -28.67
CA PRO LA 443 61.94 -85.44 -27.71
C PRO LA 443 62.15 -85.00 -26.26
N LEU MA 79 58.08 54.70 -17.39
CA LEU MA 79 56.91 54.86 -16.49
C LEU MA 79 56.80 53.66 -15.56
N GLU MA 80 57.91 52.97 -15.28
CA GLU MA 80 57.98 51.78 -14.40
C GLU MA 80 57.60 52.20 -12.96
N VAL MA 81 58.06 53.38 -12.53
CA VAL MA 81 57.79 53.95 -11.18
C VAL MA 81 56.28 54.18 -11.04
N GLU MA 82 55.64 54.67 -12.10
CA GLU MA 82 54.17 54.92 -12.14
C GLU MA 82 53.40 53.60 -12.02
N ASN MA 83 53.87 52.56 -12.72
CA ASN MA 83 53.22 51.22 -12.79
C ASN MA 83 53.22 50.51 -11.42
N ILE MA 84 54.34 50.50 -10.70
CA ILE MA 84 54.45 49.82 -9.37
C ILE MA 84 53.53 50.53 -8.37
N LEU MA 85 53.50 51.86 -8.41
CA LEU MA 85 52.65 52.70 -7.51
C LEU MA 85 51.18 52.41 -7.81
N LYS MA 86 50.84 52.25 -9.09
CA LYS MA 86 49.46 51.96 -9.59
C LYS MA 86 49.02 50.59 -9.07
N ARG MA 87 49.94 49.62 -9.02
CA ARG MA 87 49.70 48.23 -8.56
C ARG MA 87 49.28 48.21 -7.09
N TYR MA 88 49.90 49.06 -6.26
CA TYR MA 88 49.65 49.18 -4.79
C TYR MA 88 48.44 50.06 -4.47
N HIS MA 89 47.88 50.76 -5.47
CA HIS MA 89 46.69 51.65 -5.38
C HIS MA 89 46.99 52.84 -4.46
N ILE MA 90 48.18 53.42 -4.62
CA ILE MA 90 48.65 54.58 -3.86
C ILE MA 90 48.51 55.80 -4.74
N ASN MA 91 47.75 56.80 -4.27
CA ASN MA 91 47.64 58.06 -4.98
C ASN MA 91 49.00 58.75 -5.03
N TYR MA 92 49.54 58.92 -6.23
CA TYR MA 92 50.87 59.49 -6.41
C TYR MA 92 50.76 60.83 -7.13
N THR MA 93 51.55 61.79 -6.67
CA THR MA 93 51.65 63.08 -7.34
C THR MA 93 52.79 63.04 -8.35
N GLN MA 94 52.84 64.07 -9.20
CA GLN MA 94 53.91 64.16 -10.19
C GLN MA 94 55.26 64.45 -9.54
N ALA MA 95 55.26 65.20 -8.44
CA ALA MA 95 56.51 65.52 -7.76
C ALA MA 95 57.15 64.27 -7.18
N LEU MA 96 56.34 63.34 -6.67
CA LEU MA 96 56.89 62.12 -6.09
C LEU MA 96 57.56 61.27 -7.17
N ILE MA 97 56.97 61.21 -8.36
CA ILE MA 97 57.54 60.40 -9.43
C ILE MA 97 58.91 60.92 -9.82
N ASP MA 98 59.08 62.24 -9.86
CA ASP MA 98 60.36 62.81 -10.26
C ASP MA 98 61.44 62.55 -9.21
N GLU MA 99 61.08 62.64 -7.92
CA GLU MA 99 62.05 62.35 -6.88
C GLU MA 99 62.51 60.90 -6.95
N LEU MA 100 61.60 59.99 -7.29
CA LEU MA 100 61.97 58.59 -7.40
C LEU MA 100 62.82 58.32 -8.63
N VAL MA 101 62.49 58.96 -9.76
CA VAL MA 101 63.29 58.80 -10.96
C VAL MA 101 64.69 59.38 -10.76
N ASP MA 102 64.77 60.56 -10.13
CA ASP MA 102 66.07 61.13 -9.82
C ASP MA 102 66.83 60.26 -8.84
N TRP MA 103 66.12 59.59 -7.93
CA TRP MA 103 66.80 58.72 -6.97
C TRP MA 103 67.46 57.53 -7.67
N LYS MA 104 66.82 57.00 -8.71
CA LYS MA 104 67.40 55.88 -9.45
C LYS MA 104 68.51 56.36 -10.38
N THR MA 105 68.23 57.41 -11.16
CA THR MA 105 69.21 57.88 -12.13
C THR MA 105 70.42 58.49 -11.43
N GLY MA 106 70.20 59.28 -10.40
CA GLY MA 106 71.28 59.94 -9.68
C GLY MA 106 72.21 58.96 -8.99
N ALA NA 75 69.77 47.59 2.58
CA ALA NA 75 69.47 48.24 3.86
C ALA NA 75 69.61 49.76 3.78
N PRO NA 76 70.70 50.26 3.21
CA PRO NA 76 70.80 51.72 3.04
C PRO NA 76 69.84 52.27 2.01
N GLN NA 77 69.58 51.51 0.93
CA GLN NA 77 68.63 51.98 -0.08
C GLN NA 77 67.21 51.96 0.45
N ASN NA 78 66.92 51.12 1.44
CA ASN NA 78 65.60 51.13 2.06
C ASN NA 78 65.34 52.46 2.76
N LEU NA 79 66.36 53.03 3.40
CA LEU NA 79 66.17 54.30 4.08
C LEU NA 79 65.99 55.45 3.10
N GLU NA 80 66.61 55.37 1.92
CA GLU NA 80 66.47 56.45 0.95
C GLU NA 80 65.04 56.53 0.43
N VAL NA 81 64.45 55.38 0.07
CA VAL NA 81 63.09 55.38 -0.44
C VAL NA 81 62.10 55.72 0.67
N GLU NA 82 62.33 55.19 1.87
CA GLU NA 82 61.39 55.39 2.96
C GLU NA 82 61.29 56.87 3.32
N ASN NA 83 62.42 57.58 3.30
CA ASN NA 83 62.41 59.00 3.59
C ASN NA 83 61.67 59.78 2.52
N ILE NA 84 61.82 59.38 1.26
CA ILE NA 84 61.10 60.02 0.17
C ILE NA 84 59.59 59.82 0.34
N LEU NA 85 59.19 58.58 0.64
CA LEU NA 85 57.78 58.31 0.89
C LEU NA 85 57.32 58.97 2.19
N LYS NA 86 58.24 59.24 3.11
CA LYS NA 86 57.88 59.89 4.36
C LYS NA 86 57.42 61.32 4.13
N ARG NA 87 58.12 62.06 3.27
CA ARG NA 87 57.81 63.47 3.08
C ARG NA 87 56.44 63.66 2.44
N TYR NA 88 56.03 62.76 1.56
CA TYR NA 88 54.73 62.84 0.91
C TYR NA 88 53.62 62.23 1.75
N HIS NA 89 53.91 61.90 3.01
CA HIS NA 89 52.94 61.30 3.93
C HIS NA 89 52.12 60.22 3.23
N ILE NA 90 52.80 59.37 2.49
CA ILE NA 90 52.17 58.27 1.75
C ILE NA 90 52.38 56.99 2.54
N ASN NA 91 51.31 56.23 2.71
CA ASN NA 91 51.42 54.93 3.38
C ASN NA 91 52.27 53.98 2.56
N TYR NA 92 53.29 53.41 3.19
CA TYR NA 92 54.24 52.53 2.52
C TYR NA 92 54.33 51.20 3.24
N THR NA 93 54.61 50.15 2.46
CA THR NA 93 54.78 48.80 2.99
C THR NA 93 56.14 48.27 2.58
N GLN NA 94 56.62 47.27 3.31
CA GLN NA 94 57.92 46.69 3.01
C GLN NA 94 57.94 46.05 1.63
N ALA NA 95 56.80 45.56 1.15
CA ALA NA 95 56.74 44.99 -0.18
C ALA NA 95 56.96 46.05 -1.25
N LEU NA 96 56.37 47.24 -1.05
CA LEU NA 96 56.57 48.32 -2.01
C LEU NA 96 58.03 48.76 -2.04
N ILE NA 97 58.65 48.89 -0.86
CA ILE NA 97 60.05 49.30 -0.82
C ILE NA 97 60.93 48.24 -1.45
N ASP NA 98 60.67 46.97 -1.15
CA ASP NA 98 61.45 45.91 -1.77
C ASP NA 98 61.30 45.92 -3.28
N GLU NA 99 60.10 46.23 -3.77
CA GLU NA 99 59.89 46.29 -5.21
C GLU NA 99 60.59 47.51 -5.81
N LEU NA 100 60.51 48.65 -5.12
CA LEU NA 100 61.18 49.84 -5.62
C LEU NA 100 62.69 49.68 -5.60
N VAL NA 101 63.22 49.07 -4.52
CA VAL NA 101 64.66 48.81 -4.46
C VAL NA 101 65.06 47.84 -5.55
N ASP NA 102 64.28 46.78 -5.74
CA ASP NA 102 64.55 45.86 -6.84
C ASP NA 102 64.43 46.57 -8.18
N TRP NA 103 63.51 47.54 -8.28
CA TRP NA 103 63.37 48.30 -9.52
C TRP NA 103 64.58 49.18 -9.77
N LYS NA 104 65.24 49.65 -8.72
CA LYS NA 104 66.42 50.49 -8.89
C LYS NA 104 67.59 49.66 -9.40
N THR NA 105 67.83 48.49 -8.77
CA THR NA 105 68.91 47.63 -9.21
C THR NA 105 68.62 47.00 -10.56
N GLY NA 106 67.36 46.71 -10.84
CA GLY NA 106 66.98 46.12 -12.12
C GLY NA 106 67.10 47.09 -13.27
N SER OA 94 63.48 41.32 -2.83
CA SER OA 94 64.65 41.18 -1.97
C SER OA 94 64.59 39.89 -1.18
N ARG OA 95 63.99 39.93 0.01
CA ARG OA 95 63.85 38.75 0.85
C ARG OA 95 62.45 38.16 0.77
N ILE OA 96 61.42 38.98 0.95
CA ILE OA 96 60.07 38.46 0.91
C ILE OA 96 59.64 38.14 -0.51
N ILE OA 97 60.05 38.96 -1.48
CA ILE OA 97 59.65 38.81 -2.87
C ILE OA 97 60.82 38.17 -3.62
N ASN OA 98 60.63 36.93 -4.04
CA ASN OA 98 61.66 36.19 -4.77
C ASN OA 98 61.01 35.51 -5.96
N HIS OA 99 61.24 36.05 -7.16
CA HIS OA 99 60.74 35.48 -8.40
C HIS OA 99 61.92 34.98 -9.21
N LEU OA 100 61.98 33.66 -9.38
CA LEU OA 100 63.01 33.02 -10.16
C LEU OA 100 62.92 33.42 -11.64
N ARG OA 101 64.06 33.79 -12.21
CA ARG OA 101 64.12 34.28 -13.58
C ARG OA 101 64.47 33.14 -14.53
N GLY OA 102 63.67 32.99 -15.58
CA GLY OA 102 63.92 31.98 -16.59
C GLY OA 102 63.38 32.49 -17.91
N ASP OA 103 63.63 31.73 -18.96
CA ASP OA 103 63.15 32.06 -20.29
C ASP OA 103 62.15 31.01 -20.76
N PRO OA 104 61.01 31.40 -21.31
CA PRO OA 104 60.07 30.41 -21.82
C PRO OA 104 60.68 29.57 -22.93
N VAL OA 105 60.44 28.27 -22.87
CA VAL OA 105 60.97 27.32 -23.84
C VAL OA 105 59.79 26.62 -24.50
N TYR OA 106 59.74 26.68 -25.83
CA TYR OA 106 58.73 25.96 -26.57
C TYR OA 106 59.03 24.47 -26.57
N GLN OA 107 58.10 23.68 -26.05
CA GLN OA 107 58.31 22.25 -25.82
C GLN OA 107 57.40 21.44 -26.75
N ASP OA 108 57.98 20.39 -27.34
CA ASP OA 108 57.17 19.48 -28.14
C ASP OA 108 56.48 18.45 -27.27
N ASN OA 109 57.11 18.05 -26.17
CA ASN OA 109 56.53 17.08 -25.25
C ASN OA 109 55.80 17.83 -24.14
N THR OA 110 54.58 17.40 -23.85
CA THR OA 110 53.78 18.08 -22.85
C THR OA 110 54.28 17.84 -21.43
N LYS OA 111 55.19 16.87 -21.25
CA LYS OA 111 55.70 16.55 -19.93
C LYS OA 111 56.98 17.29 -19.61
N ASP OA 112 57.65 17.86 -20.60
CA ASP OA 112 58.85 18.66 -20.36
C ASP OA 112 58.51 20.13 -20.25
N VAL OA 113 57.53 20.44 -19.40
CA VAL OA 113 57.03 21.80 -19.23
C VAL OA 113 57.30 22.22 -17.79
N SER OA 114 58.03 23.31 -17.62
CA SER OA 114 58.38 23.83 -16.31
C SER OA 114 57.67 25.16 -16.08
N LEU OA 115 57.19 25.36 -14.87
CA LEU OA 115 56.44 26.55 -14.52
C LEU OA 115 57.33 27.50 -13.72
N ARG OA 116 57.18 28.79 -13.98
CA ARG OA 116 57.91 29.83 -13.27
C ARG OA 116 56.91 30.76 -12.59
N GLY OA 117 57.40 31.44 -11.56
CA GLY OA 117 56.54 32.36 -10.83
C GLY OA 117 57.30 33.01 -9.70
N THR OA 118 56.56 33.81 -8.94
CA THR OA 118 57.10 34.53 -7.80
C THR OA 118 56.82 33.75 -6.52
N PHE OA 119 57.80 33.72 -5.63
CA PHE OA 119 57.68 33.09 -4.32
C PHE OA 119 57.68 34.16 -3.24
N LEU OA 120 56.73 34.07 -2.31
CA LEU OA 120 56.63 35.02 -1.21
C LEU OA 120 56.90 34.27 0.09
N ARG OA 121 57.99 34.63 0.75
CA ARG OA 121 58.40 33.96 1.97
C ARG OA 121 57.53 34.40 3.14
N GLY OA 122 57.11 33.43 3.95
CA GLY OA 122 56.28 33.72 5.10
C GLY OA 122 57.03 34.35 6.24
N LYS OA 123 56.25 34.77 7.25
CA LYS OA 123 56.84 35.42 8.42
C LYS OA 123 57.59 34.44 9.30
N TYR OA 124 57.17 33.18 9.31
CA TYR OA 124 57.69 32.18 10.22
C TYR OA 124 58.47 31.11 9.46
N ASP OA 125 59.24 30.34 10.23
CA ASP OA 125 60.24 29.44 9.68
C ASP OA 125 59.65 28.37 8.78
N ASP OA 126 58.85 27.46 9.35
CA ASP OA 126 58.29 26.34 8.62
C ASP OA 126 56.79 26.51 8.55
N LEU OA 127 56.29 26.89 7.38
CA LEU OA 127 54.87 27.01 7.12
C LEU OA 127 54.53 26.23 5.88
N PRO OA 128 53.32 25.69 5.80
CA PRO OA 128 52.88 25.07 4.55
C PRO OA 128 52.89 26.09 3.42
N THR OA 129 52.96 25.59 2.20
CA THR OA 129 53.01 26.46 1.03
C THR OA 129 51.66 26.55 0.35
N MET OA 130 51.42 27.67 -0.32
CA MET OA 130 50.23 27.89 -1.11
C MET OA 130 50.65 28.20 -2.54
N ILE OA 131 49.99 27.56 -3.50
CA ILE OA 131 50.22 27.81 -4.91
C ILE OA 131 48.98 28.49 -5.48
N PHE OA 132 49.16 29.69 -6.01
CA PHE OA 132 48.05 30.51 -6.46
C PHE OA 132 48.20 30.82 -7.94
N PHE OA 133 47.11 30.70 -8.68
CA PHE OA 133 47.09 30.96 -10.11
C PHE OA 133 46.26 32.21 -10.39
N THR OA 134 46.86 33.15 -11.11
CA THR OA 134 46.17 34.37 -11.50
C THR OA 134 45.18 34.07 -12.63
N GLU OA 135 44.32 35.05 -12.90
CA GLU OA 135 43.44 34.96 -14.05
C GLU OA 135 44.24 34.80 -15.32
N ALA OA 136 43.59 34.22 -16.34
CA ALA OA 136 44.25 34.04 -17.63
C ALA OA 136 44.67 35.38 -18.20
N CYS OA 137 45.92 35.45 -18.63
CA CYS OA 137 46.51 36.67 -19.16
C CYS OA 137 46.43 37.80 -18.14
N ASP OA 138 46.87 37.51 -16.92
CA ASP OA 138 46.93 38.51 -15.86
C ASP OA 138 48.26 38.40 -15.13
N LEU OA 139 48.76 39.55 -14.69
CA LEU OA 139 50.07 39.60 -14.04
C LEU OA 139 50.03 39.01 -12.64
N THR OA 140 51.08 38.27 -12.30
CA THR OA 140 51.21 37.75 -10.94
C THR OA 140 51.51 38.87 -9.96
N ALA OA 141 52.12 39.95 -10.43
CA ALA OA 141 52.53 41.03 -9.54
C ALA OA 141 51.34 41.80 -8.98
N ASN OA 142 50.19 41.74 -9.66
CA ASN OA 142 49.02 42.46 -9.17
C ASN OA 142 48.52 41.92 -7.85
N TRP OA 143 48.84 40.66 -7.53
CA TRP OA 143 48.43 40.03 -6.29
C TRP OA 143 49.48 40.15 -5.18
N ILE OA 144 50.63 40.75 -5.47
CA ILE OA 144 51.66 40.90 -4.45
C ILE OA 144 51.20 41.81 -3.31
N PRO OA 145 50.62 42.98 -3.57
CA PRO OA 145 50.13 43.80 -2.45
C PRO OA 145 49.03 43.13 -1.67
N PHE OA 146 48.30 42.20 -2.27
CA PHE OA 146 47.26 41.48 -1.54
C PHE OA 146 47.90 40.50 -0.56
N PHE OA 147 48.82 39.69 -1.04
CA PHE OA 147 49.46 38.68 -0.20
C PHE OA 147 50.54 39.25 0.71
N THR OA 148 50.91 40.52 0.58
CA THR OA 148 51.92 41.13 1.44
C THR OA 148 51.34 42.31 2.22
N ASN OA 149 50.04 42.30 2.45
CA ASN OA 149 49.40 43.38 3.17
C ASN OA 149 49.45 43.08 4.66
N PRO OA 150 50.04 43.95 5.48
CA PRO OA 150 50.11 43.66 6.92
C PRO OA 150 48.75 43.53 7.58
N GLN OA 151 47.74 44.24 7.06
CA GLN OA 151 46.40 44.15 7.63
C GLN OA 151 45.83 42.74 7.43
N TYR OA 152 46.03 42.16 6.25
CA TYR OA 152 45.51 40.82 6.01
C TYR OA 152 46.39 39.76 6.65
N ASP OA 153 47.72 39.93 6.54
CA ASP OA 153 48.68 39.06 7.22
C ASP OA 153 48.54 37.61 6.78
N ILE OA 154 48.51 37.40 5.46
CA ILE OA 154 48.35 36.07 4.92
C ILE OA 154 49.65 35.28 5.05
N LEU OA 155 50.78 35.96 4.89
CA LEU OA 155 52.07 35.29 4.98
C LEU OA 155 52.34 34.74 6.37
N ALA OA 156 51.61 35.22 7.38
CA ALA OA 156 51.73 34.63 8.71
C ALA OA 156 51.25 33.19 8.73
N HIS OA 157 50.45 32.78 7.75
CA HIS OA 157 49.94 31.42 7.68
C HIS OA 157 50.77 30.54 6.75
N ARG OA 158 51.06 30.99 5.53
CA ARG OA 158 51.66 30.10 4.56
C ARG OA 158 52.55 30.87 3.60
N ASN OA 159 53.52 30.15 3.04
CA ASN OA 159 54.32 30.66 1.93
C ASN OA 159 53.52 30.59 0.65
N VAL OA 160 53.63 31.63 -0.17
CA VAL OA 160 52.80 31.79 -1.35
C VAL OA 160 53.67 31.73 -2.60
N TRP OA 161 53.27 30.88 -3.54
CA TRP OA 161 53.87 30.79 -4.86
C TRP OA 161 52.89 31.36 -5.86
N LEU OA 162 53.22 32.52 -6.43
CA LEU OA 162 52.40 33.13 -7.47
C LEU OA 162 52.88 32.58 -8.80
N LEU OA 163 52.28 31.47 -9.20
CA LEU OA 163 52.78 30.64 -10.28
C LEU OA 163 52.01 30.90 -11.57
N ASN OA 164 52.74 30.96 -12.68
CA ASN OA 164 52.11 31.12 -13.98
C ASN OA 164 51.83 29.75 -14.61
N PRO OA 165 50.65 29.56 -15.21
CA PRO OA 165 50.44 28.32 -15.97
C PRO OA 165 51.22 28.30 -17.27
N ARG OA 166 51.16 27.18 -17.99
CA ARG OA 166 51.84 27.08 -19.27
C ARG OA 166 51.28 28.10 -20.25
N ASN OA 167 52.14 28.54 -21.16
CA ASN OA 167 51.81 29.53 -22.18
C ASN OA 167 51.47 30.89 -21.60
N PHE OA 168 51.71 31.08 -20.31
CA PHE OA 168 51.40 32.34 -19.64
C PHE OA 168 52.66 32.87 -18.96
N GLY OA 169 52.93 34.14 -19.17
CA GLY OA 169 54.01 34.81 -18.46
C GLY OA 169 55.36 34.21 -18.78
N ASN OA 170 55.99 33.65 -17.76
CA ASN OA 170 57.38 33.22 -17.81
C ASN OA 170 57.54 31.73 -18.02
N SER OA 171 56.46 30.95 -17.91
CA SER OA 171 56.56 29.51 -17.97
C SER OA 171 56.74 29.04 -19.42
N ASP OA 172 57.01 27.75 -19.57
CA ASP OA 172 57.19 27.17 -20.89
C ASP OA 172 55.87 27.18 -21.66
N ARG OA 173 55.99 27.12 -22.99
CA ARG OA 173 54.85 27.18 -23.89
C ARG OA 173 54.58 25.80 -24.49
N HIS OA 174 53.32 25.41 -24.51
CA HIS OA 174 52.88 24.20 -25.18
C HIS OA 174 51.48 24.43 -25.71
N PRO OA 175 51.18 23.99 -26.94
CA PRO OA 175 49.87 24.30 -27.54
C PRO OA 175 48.70 23.71 -26.80
N SER OA 176 48.89 22.63 -26.05
CA SER OA 176 47.79 22.00 -25.34
C SER OA 176 47.46 22.76 -24.06
N PHE OA 177 46.17 22.86 -23.77
CA PHE OA 177 45.68 23.47 -22.54
C PHE OA 177 44.89 22.47 -21.71
N ASP OA 178 45.17 21.18 -21.88
CA ASP OA 178 44.46 20.17 -21.13
C ASP OA 178 44.69 20.39 -19.64
N LEU OA 179 43.61 20.33 -18.86
CA LEU OA 179 43.72 20.58 -17.43
C LEU OA 179 44.50 19.46 -16.74
N GLN OA 180 44.47 18.26 -17.28
CA GLN OA 180 45.25 17.17 -16.70
C GLN OA 180 46.73 17.37 -16.97
N GLU OA 181 47.09 17.79 -18.19
CA GLU OA 181 48.49 18.04 -18.49
C GLU OA 181 49.01 19.24 -17.71
N MET OA 182 48.20 20.30 -17.59
CA MET OA 182 48.60 21.44 -16.79
C MET OA 182 48.68 21.11 -15.31
N SER OA 183 47.88 20.14 -14.87
CA SER OA 183 47.94 19.72 -13.47
C SER OA 183 49.21 18.94 -13.18
N ASP OA 184 49.69 18.15 -14.15
CA ASP OA 184 50.93 17.41 -13.95
C ASP OA 184 52.13 18.34 -13.96
N ASP OA 185 52.01 19.50 -14.60
CA ASP OA 185 53.06 20.52 -14.54
C ASP OA 185 53.30 20.97 -13.11
N VAL OA 186 52.22 21.18 -12.36
CA VAL OA 186 52.34 21.63 -10.97
C VAL OA 186 53.01 20.58 -10.13
N MET OA 187 52.77 19.30 -10.43
CA MET OA 187 53.35 18.23 -9.64
C MET OA 187 54.85 18.13 -9.88
N ARG OA 188 55.30 18.39 -11.12
CA ARG OA 188 56.72 18.45 -11.37
C ARG OA 188 57.34 19.69 -10.74
N PHE OA 189 56.57 20.78 -10.67
CA PHE OA 189 57.06 21.98 -9.99
C PHE OA 189 57.19 21.74 -8.50
N MET OA 190 56.21 21.08 -7.89
CA MET OA 190 56.29 20.75 -6.48
C MET OA 190 57.44 19.82 -6.18
N TYR OA 191 57.74 18.90 -7.11
CA TYR OA 191 58.86 17.99 -6.91
C TYR OA 191 60.19 18.72 -7.03
N SER OA 192 60.36 19.52 -8.08
CA SER OA 192 61.61 20.24 -8.26
C SER OA 192 61.85 21.23 -7.13
N GLN OA 193 60.77 21.77 -6.58
CA GLN OA 193 60.87 22.69 -5.45
C GLN OA 193 60.81 21.97 -4.12
N LYS OA 194 60.72 20.64 -4.13
CA LYS OA 194 60.68 19.83 -2.90
C LYS OA 194 59.51 20.23 -2.01
N ILE OA 195 58.32 20.17 -2.59
CA ILE OA 195 57.07 20.45 -1.88
C ILE OA 195 56.27 19.16 -1.86
N SER OA 196 55.92 18.69 -0.67
CA SER OA 196 55.17 17.44 -0.54
C SER OA 196 53.69 17.63 -0.88
N MET OA 197 53.09 18.68 -0.32
CA MET OA 197 51.69 19.00 -0.55
C MET OA 197 51.50 20.49 -0.31
N ALA OA 198 50.52 21.06 -1.00
CA ALA OA 198 50.34 22.50 -0.97
C ALA OA 198 48.87 22.85 -1.07
N THR OA 199 48.56 24.05 -0.60
CA THR OA 199 47.25 24.63 -0.80
C THR OA 199 47.20 25.24 -2.19
N LEU OA 200 46.04 25.17 -2.82
CA LEU OA 200 45.85 25.67 -4.17
C LEU OA 200 44.84 26.80 -4.17
N GLY OA 201 45.18 27.88 -4.86
CA GLY OA 201 44.27 28.99 -5.01
C GLY OA 201 44.22 29.43 -6.46
N GLY OA 202 43.17 30.18 -6.77
CA GLY OA 202 42.99 30.66 -8.12
C GLY OA 202 41.98 31.79 -8.19
N HIS OA 203 42.12 32.57 -9.26
CA HIS OA 203 41.20 33.65 -9.56
C HIS OA 203 40.68 33.44 -10.96
N GLY OA 204 39.36 33.45 -11.10
CA GLY OA 204 38.76 33.22 -12.41
C GLY OA 204 39.14 31.87 -12.98
N ILE OA 205 39.67 31.89 -14.20
CA ILE OA 205 40.15 30.66 -14.84
C ILE OA 205 41.24 30.01 -14.01
N GLY OA 206 42.04 30.81 -13.30
CA GLY OA 206 43.01 30.24 -12.39
C GLY OA 206 42.36 29.44 -11.29
N GLY OA 207 41.10 29.75 -10.97
CA GLY OA 207 40.38 28.93 -10.00
C GLY OA 207 40.05 27.57 -10.55
N LYS OA 208 39.74 27.49 -11.85
CA LYS OA 208 39.51 26.19 -12.47
C LYS OA 208 40.78 25.36 -12.49
N ILE OA 209 41.91 25.99 -12.78
CA ILE OA 209 43.19 25.28 -12.83
C ILE OA 209 43.53 24.74 -11.45
N ALA OA 210 43.35 25.55 -10.41
CA ALA OA 210 43.65 25.11 -9.06
C ALA OA 210 42.77 23.94 -8.64
N LEU OA 211 41.48 24.00 -8.99
CA LEU OA 211 40.58 22.92 -8.63
C LEU OA 211 40.84 21.67 -9.44
N ALA OA 212 41.37 21.82 -10.65
CA ALA OA 212 41.68 20.66 -11.48
C ALA OA 212 42.84 19.88 -10.90
N VAL OA 213 43.80 20.57 -10.28
CA VAL OA 213 44.93 19.88 -9.67
C VAL OA 213 44.45 19.04 -8.50
N GLY OA 214 43.47 19.53 -7.74
CA GLY OA 214 42.89 18.72 -6.70
C GLY OA 214 42.10 17.55 -7.24
N CYS OA 215 41.57 17.67 -8.46
CA CYS OA 215 40.82 16.56 -9.03
C CYS OA 215 41.75 15.45 -9.47
N TYR OA 216 42.91 15.79 -10.04
CA TYR OA 216 43.82 14.79 -10.56
C TYR OA 216 44.84 14.34 -9.53
N HIS OA 217 45.25 15.21 -8.61
CA HIS OA 217 46.18 14.85 -7.53
C HIS OA 217 45.59 15.35 -6.22
N ALA OA 218 44.72 14.55 -5.62
CA ALA OA 218 44.09 14.96 -4.37
C ALA OA 218 44.99 14.69 -3.18
N GLU OA 219 45.86 13.69 -3.28
CA GLU OA 219 46.74 13.34 -2.18
C GLU OA 219 47.87 14.34 -2.00
N ARG OA 220 48.10 15.21 -2.97
CA ARG OA 220 49.14 16.22 -2.90
C ARG OA 220 48.59 17.60 -2.58
N VAL OA 221 47.28 17.72 -2.41
CA VAL OA 221 46.60 19.01 -2.26
C VAL OA 221 45.82 18.99 -0.95
N THR OA 222 46.05 20.01 -0.13
CA THR OA 222 45.35 20.11 1.15
C THR OA 222 43.98 20.77 1.00
N GLY OA 223 43.89 21.78 0.15
CA GLY OA 223 42.62 22.46 -0.07
C GLY OA 223 42.71 23.34 -1.29
N VAL OA 224 41.53 23.84 -1.70
CA VAL OA 224 41.41 24.70 -2.86
C VAL OA 224 40.55 25.90 -2.47
N PHE OA 225 41.06 27.10 -2.74
CA PHE OA 225 40.35 28.35 -2.49
C PHE OA 225 40.17 29.08 -3.81
N SER OA 226 38.94 29.04 -4.35
CA SER OA 226 38.64 29.58 -5.66
C SER OA 226 37.94 30.92 -5.54
N ILE OA 227 38.45 31.92 -6.25
CA ILE OA 227 37.95 33.29 -6.19
C ILE OA 227 37.28 33.61 -7.51
N ASP OA 228 35.97 33.84 -7.47
CA ASP OA 228 35.18 34.24 -8.62
C ASP OA 228 35.33 33.24 -9.78
N SER OA 229 35.04 31.98 -9.47
CA SER OA 229 35.06 30.93 -10.47
C SER OA 229 34.23 29.77 -9.97
N SER OA 230 33.96 28.84 -10.89
CA SER OA 230 33.19 27.65 -10.60
C SER OA 230 33.50 26.62 -11.67
N PRO OA 231 33.50 25.34 -11.33
CA PRO OA 231 33.81 24.32 -12.34
C PRO OA 231 32.65 24.10 -13.31
N MET OA 232 32.41 25.09 -14.16
CA MET OA 232 31.30 25.02 -15.09
C MET OA 232 31.71 25.57 -16.45
N ASP OA 233 30.98 25.12 -17.47
CA ASP OA 233 31.17 25.56 -18.83
C ASP OA 233 30.80 27.04 -18.93
N GLN OA 234 31.79 27.89 -19.17
CA GLN OA 234 31.58 29.33 -19.26
C GLN OA 234 31.77 29.85 -20.67
N ARG OA 235 31.68 28.99 -21.67
CA ARG OA 235 31.94 29.41 -23.03
C ARG OA 235 30.92 30.41 -23.53
N TYR OA 236 29.73 30.44 -22.93
CA TYR OA 236 28.64 31.30 -23.38
C TYR OA 236 28.35 32.42 -22.40
N HIS OA 237 29.14 32.58 -21.34
CA HIS OA 237 29.01 33.75 -20.49
C HIS OA 237 29.52 34.97 -21.24
N GLU OA 238 28.82 36.09 -21.08
CA GLU OA 238 29.20 37.31 -21.79
C GLU OA 238 30.58 37.80 -21.37
N ALA OA 239 30.95 37.61 -20.11
CA ALA OA 239 32.27 38.03 -19.65
C ALA OA 239 33.37 37.25 -20.34
N PHE OA 240 33.19 35.94 -20.53
CA PHE OA 240 34.19 35.14 -21.22
C PHE OA 240 34.23 35.45 -22.70
N LYS OA 241 33.08 35.76 -23.31
CA LYS OA 241 33.05 36.08 -24.72
C LYS OA 241 33.85 37.34 -25.01
N GLU OA 242 33.78 38.33 -24.12
CA GLU OA 242 34.56 39.55 -24.28
C GLU OA 242 36.05 39.26 -24.19
N PHE OA 243 36.46 38.48 -23.20
CA PHE OA 243 37.86 38.08 -23.09
C PHE OA 243 38.28 37.29 -24.32
N LYS OA 244 37.42 36.38 -24.78
CA LYS OA 244 37.70 35.62 -25.99
C LYS OA 244 37.78 36.53 -27.20
N GLY OA 245 36.98 37.59 -27.24
CA GLY OA 245 37.04 38.52 -28.36
C GLY OA 245 38.27 39.41 -28.33
N TYR OA 246 38.74 39.77 -27.13
CA TYR OA 246 39.93 40.61 -27.03
C TYR OA 246 41.17 39.86 -27.49
N VAL OA 247 41.28 38.58 -27.11
CA VAL OA 247 42.43 37.79 -27.53
C VAL OA 247 42.45 37.62 -29.04
N ASN OA 248 41.27 37.48 -29.65
CA ASN OA 248 41.21 37.33 -31.09
C ASN OA 248 41.67 38.60 -31.79
N ALA OA 249 41.25 39.76 -31.27
CA ALA OA 249 41.66 41.02 -31.89
C ALA OA 249 43.14 41.29 -31.68
N LEU OA 250 43.71 40.73 -30.61
CA LEU OA 250 45.13 40.92 -30.32
C LEU OA 250 46.02 40.14 -31.28
N THR OA 251 45.45 39.25 -32.08
CA THR OA 251 46.20 38.51 -33.08
C THR OA 251 46.43 39.33 -34.34
N GLU OA 252 45.69 40.44 -34.49
CA GLU OA 252 45.82 41.27 -35.68
C GLU OA 252 47.12 42.05 -35.65
N ILE OA 253 47.58 42.43 -34.46
CA ILE OA 253 48.77 43.24 -34.33
C ILE OA 253 49.99 42.43 -34.73
N ASN OA 254 50.80 43.00 -35.63
CA ASN OA 254 52.07 42.43 -36.03
C ASN OA 254 53.14 43.35 -35.44
N PHE OA 255 53.92 42.83 -34.51
CA PHE OA 255 54.85 43.67 -33.77
C PHE OA 255 55.99 44.18 -34.67
N LYS OA 256 56.31 43.46 -35.74
CA LYS OA 256 57.39 43.88 -36.61
C LYS OA 256 57.04 45.16 -37.36
N THR OA 257 55.85 45.21 -37.95
CA THR OA 257 55.46 46.34 -38.78
C THR OA 257 54.82 47.47 -37.99
N TRP OA 258 54.06 47.16 -36.94
CA TRP OA 258 53.33 48.19 -36.21
C TRP OA 258 54.27 48.97 -35.29
N SER OA 259 54.02 50.26 -35.18
CA SER OA 259 54.77 51.09 -34.26
C SER OA 259 54.10 51.08 -32.89
N ASP OA 260 54.77 51.71 -31.92
CA ASP OA 260 54.23 51.75 -30.57
C ASP OA 260 52.93 52.56 -30.52
N LYS OA 261 52.88 53.67 -31.26
CA LYS OA 261 51.66 54.46 -31.30
C LYS OA 261 50.52 53.72 -32.00
N ASP OA 262 50.84 52.85 -32.96
CA ASP OA 262 49.79 52.07 -33.60
C ASP OA 262 49.17 51.08 -32.62
N VAL OA 263 50.00 50.50 -31.74
CA VAL OA 263 49.50 49.53 -30.78
C VAL OA 263 48.63 50.21 -29.73
N LYS OA 264 49.05 51.38 -29.24
CA LYS OA 264 48.28 52.07 -28.22
C LYS OA 264 46.91 52.46 -28.73
N VAL OA 265 46.82 52.87 -29.99
CA VAL OA 265 45.53 53.24 -30.56
C VAL OA 265 44.67 52.01 -30.75
N PHE OA 266 45.26 50.91 -31.20
CA PHE OA 266 44.50 49.70 -31.44
C PHE OA 266 43.89 49.17 -30.15
N LEU OA 267 44.61 49.28 -29.05
CA LEU OA 267 44.11 48.73 -27.79
C LEU OA 267 43.00 49.58 -27.20
N LYS OA 268 43.13 50.90 -27.28
CA LYS OA 268 42.10 51.78 -26.74
C LYS OA 268 40.80 51.65 -27.52
N GLU OA 269 40.88 51.40 -28.83
CA GLU OA 269 39.68 51.35 -29.64
C GLU OA 269 39.00 49.99 -29.57
N ASN OA 270 39.79 48.93 -29.50
CA ASN OA 270 39.20 47.60 -29.55
C ASN OA 270 38.86 47.08 -28.16
N ILE OA 271 39.75 47.25 -27.21
CA ILE OA 271 39.53 46.75 -25.84
C ILE OA 271 38.88 47.87 -25.04
N LYS OA 272 37.56 47.76 -24.85
CA LYS OA 272 36.83 48.82 -24.16
C LYS OA 272 36.92 48.66 -22.64
N ASP OA 273 37.12 47.45 -22.16
CA ASP OA 273 37.25 47.25 -20.72
C ASP OA 273 38.55 47.88 -20.23
N PRO OA 274 38.50 48.75 -19.21
CA PRO OA 274 39.74 49.41 -18.78
C PRO OA 274 40.77 48.47 -18.17
N LYS OA 275 40.33 47.49 -17.39
CA LYS OA 275 41.25 46.57 -16.74
C LYS OA 275 41.90 45.62 -17.73
N TRP OA 276 41.11 45.03 -18.63
CA TRP OA 276 41.69 44.15 -19.63
C TRP OA 276 42.68 44.90 -20.50
N ARG OA 277 42.41 46.18 -20.76
CA ARG OA 277 43.31 46.99 -21.57
C ARG OA 277 44.64 47.17 -20.85
N SER OA 278 44.60 47.52 -19.56
CA SER OA 278 45.83 47.73 -18.82
C SER OA 278 46.61 46.44 -18.66
N ILE OA 279 45.92 45.32 -18.48
CA ILE OA 279 46.61 44.06 -18.31
C ILE OA 279 47.33 43.67 -19.59
N PHE OA 280 46.67 43.84 -20.73
CA PHE OA 280 47.27 43.45 -21.99
C PHE OA 280 48.44 44.35 -22.37
N THR OA 281 48.40 45.64 -21.98
CA THR OA 281 49.54 46.50 -22.22
C THR OA 281 50.76 46.07 -21.43
N ASN OA 282 50.57 45.69 -20.17
CA ASN OA 282 51.69 45.29 -19.33
C ASN OA 282 52.25 43.93 -19.75
N ASN OA 283 51.48 43.12 -20.47
CA ASN OA 283 51.99 41.86 -20.99
C ASN OA 283 52.92 42.08 -22.18
N ILE OA 284 52.83 43.23 -22.83
CA ILE OA 284 53.74 43.54 -23.93
C ILE OA 284 55.12 43.82 -23.38
N SER OA 285 56.12 43.12 -23.90
CA SER OA 285 57.49 43.29 -23.46
C SER OA 285 58.41 43.19 -24.67
N LYS OA 286 59.57 43.81 -24.53
CA LYS OA 286 60.58 43.85 -25.58
C LYS OA 286 61.66 42.82 -25.26
N ASN OA 287 62.08 42.08 -26.28
CA ASN OA 287 63.09 41.06 -26.09
C ASN OA 287 64.48 41.69 -26.00
N ALA OA 288 65.47 40.85 -25.74
CA ALA OA 288 66.84 41.31 -25.63
C ALA OA 288 67.34 41.84 -26.96
N LYS OA 289 68.29 42.78 -26.88
CA LYS OA 289 68.86 43.44 -28.05
C LYS OA 289 67.80 44.14 -28.87
N THR OA 290 66.77 44.66 -28.20
CA THR OA 290 65.64 45.34 -28.84
C THR OA 290 65.26 44.67 -30.16
N GLN OA 291 65.11 43.35 -30.12
CA GLN OA 291 64.71 42.62 -31.31
C GLN OA 291 63.32 43.07 -31.77
N SER OA 292 62.34 42.92 -30.89
CA SER OA 292 60.97 43.33 -31.19
C SER OA 292 60.17 43.26 -29.90
N ASP OA 293 58.89 43.57 -30.00
CA ASP OA 293 57.97 43.46 -28.88
C ASP OA 293 57.10 42.23 -29.06
N SER OA 294 56.57 41.73 -27.94
CA SER OA 294 55.71 40.56 -27.99
C SER OA 294 54.96 40.45 -26.67
N PHE OA 295 53.84 39.73 -26.70
CA PHE OA 295 53.11 39.48 -25.48
C PHE OA 295 53.82 38.42 -24.66
N ASN OA 296 53.73 38.56 -23.33
CA ASN OA 296 54.36 37.58 -22.46
C ASN OA 296 53.68 36.22 -22.58
N PHE OA 297 52.36 36.20 -22.73
CA PHE OA 297 51.65 34.96 -22.97
C PHE OA 297 51.67 34.60 -24.44
N GLU OA 298 51.56 33.30 -24.71
CA GLU OA 298 51.53 32.78 -26.08
C GLU OA 298 50.18 33.10 -26.70
N ILE OA 299 50.16 34.12 -27.55
CA ILE OA 299 48.90 34.60 -28.11
C ILE OA 299 48.35 33.63 -29.15
N ASN OA 300 49.22 32.96 -29.89
CA ASN OA 300 48.78 32.02 -30.91
C ASN OA 300 48.12 30.79 -30.30
N TYR OA 301 48.76 30.18 -29.31
CA TYR OA 301 48.22 28.98 -28.69
C TYR OA 301 46.93 29.27 -27.93
N LEU OA 302 46.83 30.45 -27.32
CA LEU OA 302 45.64 30.78 -26.56
C LEU OA 302 44.47 31.09 -27.48
N ASN OA 303 44.71 31.83 -28.56
CA ASN OA 303 43.63 32.19 -29.46
C ASN OA 303 42.99 30.95 -30.06
N HIS OA 304 43.80 29.99 -30.51
CA HIS OA 304 43.23 28.77 -31.08
C HIS OA 304 42.41 28.02 -30.05
N ASN OA 305 42.81 28.06 -28.78
CA ASN OA 305 42.04 27.40 -27.73
C ASN OA 305 40.70 28.08 -27.53
N LEU OA 306 40.69 29.40 -27.49
CA LEU OA 306 39.44 30.12 -27.26
C LEU OA 306 38.59 30.17 -28.52
N ASN OA 307 39.20 30.41 -29.67
CA ASN OA 307 38.44 30.56 -30.90
C ASN OA 307 37.78 29.26 -31.32
N PHE OA 308 38.43 28.13 -31.03
CA PHE OA 308 37.85 26.84 -31.40
C PHE OA 308 36.57 26.57 -30.61
N ASN OA 309 36.53 27.01 -29.36
CA ASN OA 309 35.30 26.97 -28.56
C ASN OA 309 34.78 25.55 -28.41
N LYS OA 310 35.69 24.61 -28.16
CA LYS OA 310 35.34 23.21 -27.99
C LYS OA 310 35.77 22.75 -26.60
N ALA OA 311 35.69 21.44 -26.38
CA ALA OA 311 35.82 20.88 -25.05
C ALA OA 311 37.11 21.29 -24.34
N ASP OA 312 38.20 21.45 -25.07
CA ASP OA 312 39.47 21.79 -24.43
C ASP OA 312 39.62 23.26 -24.13
N SER OA 313 38.62 24.08 -24.46
CA SER OA 313 38.71 25.50 -24.20
C SER OA 313 38.81 25.74 -22.69
N LEU OA 314 39.47 26.84 -22.33
CA LEU OA 314 39.63 27.18 -20.93
C LEU OA 314 38.32 27.61 -20.29
N GLY OA 315 37.33 28.00 -21.09
CA GLY OA 315 36.02 28.32 -20.56
C GLY OA 315 35.20 27.11 -20.20
N ASN OA 316 35.51 25.96 -20.80
CA ASN OA 316 34.77 24.73 -20.58
C ASN OA 316 35.31 23.98 -19.38
N TRP OA 317 34.42 23.26 -18.69
CA TRP OA 317 34.80 22.31 -17.65
C TRP OA 317 34.25 20.94 -18.03
N ALA OA 318 35.15 20.03 -18.38
CA ALA OA 318 34.74 18.72 -18.87
C ALA OA 318 34.41 17.77 -17.72
N VAL OA 319 33.55 16.80 -18.02
CA VAL OA 319 33.27 15.74 -17.07
C VAL OA 319 34.50 14.90 -16.80
N LYS OA 320 35.43 14.86 -17.76
CA LYS OA 320 36.66 14.09 -17.60
C LYS OA 320 37.45 14.50 -16.37
N ASN OA 321 37.29 15.75 -15.91
CA ASN OA 321 38.08 16.21 -14.78
C ASN OA 321 37.74 15.46 -13.51
N GLY OA 322 36.51 14.98 -13.38
CA GLY OA 322 36.14 14.16 -12.26
C GLY OA 322 35.60 14.91 -11.06
N ILE OA 323 35.97 14.46 -9.87
CA ILE OA 323 35.49 15.00 -8.62
C ILE OA 323 36.67 15.35 -7.73
N TYR OA 324 36.58 16.50 -7.07
CA TYR OA 324 37.55 16.87 -6.06
C TYR OA 324 37.05 16.40 -4.70
N THR OA 325 37.90 15.68 -3.97
CA THR OA 325 37.49 15.01 -2.75
C THR OA 325 37.87 15.76 -1.49
N GLY OA 326 38.64 16.84 -1.61
CA GLY OA 326 39.18 17.54 -0.47
C GLY OA 326 38.40 18.78 -0.10
N ARG OA 327 39.02 19.60 0.74
CA ARG OA 327 38.43 20.84 1.19
C ARG OA 327 38.43 21.88 0.07
N ALA OA 328 37.28 22.52 -0.13
CA ALA OA 328 37.13 23.53 -1.17
C ALA OA 328 36.32 24.68 -0.63
N HIS OA 329 36.78 25.90 -0.90
CA HIS OA 329 36.07 27.11 -0.52
C HIS OA 329 35.92 27.99 -1.73
N PHE OA 330 34.73 28.55 -1.92
CA PHE OA 330 34.42 29.39 -3.05
C PHE OA 330 33.91 30.75 -2.56
N ILE OA 331 34.44 31.81 -3.15
CA ILE OA 331 34.07 33.18 -2.85
C ILE OA 331 33.98 33.94 -4.15
N PHE OA 332 32.93 34.74 -4.30
CA PHE OA 332 32.71 35.49 -5.53
C PHE OA 332 31.82 36.68 -5.22
N PRO OA 333 31.87 37.73 -6.04
CA PRO OA 333 31.03 38.90 -5.77
C PRO OA 333 29.54 38.60 -5.87
N GLU OA 334 28.75 39.45 -5.23
CA GLU OA 334 27.30 39.28 -5.24
C GLU OA 334 26.75 39.41 -6.65
N TYR OA 335 27.17 40.44 -7.38
CA TYR OA 335 26.82 40.64 -8.77
C TYR OA 335 28.08 40.45 -9.61
N SER OA 336 28.37 39.19 -9.93
CA SER OA 336 29.56 38.85 -10.69
C SER OA 336 29.14 38.37 -12.08
N ARG OA 337 29.83 38.86 -13.10
CA ARG OA 337 29.50 38.45 -14.46
C ARG OA 337 29.96 37.03 -14.75
N TRP OA 338 30.80 36.46 -13.91
CA TRP OA 338 31.34 35.12 -14.13
C TRP OA 338 30.58 34.04 -13.39
N VAL OA 339 30.21 34.29 -12.14
CA VAL OA 339 29.48 33.33 -11.33
C VAL OA 339 28.14 33.94 -10.97
N HIS OA 340 27.07 33.39 -11.52
CA HIS OA 340 25.72 33.86 -11.25
C HIS OA 340 25.15 33.06 -10.07
N LEU OA 341 24.68 33.77 -9.05
CA LEU OA 341 24.26 33.12 -7.82
C LEU OA 341 23.06 32.22 -8.03
N ALA OA 342 22.30 32.43 -9.10
CA ALA OA 342 21.08 31.67 -9.32
C ALA OA 342 21.38 30.19 -9.52
N THR OA 343 22.26 29.88 -10.47
CA THR OA 343 22.54 28.49 -10.82
C THR OA 343 24.01 28.11 -10.83
N ASN OA 344 24.93 29.06 -10.80
CA ASN OA 344 26.34 28.74 -10.99
C ASN OA 344 26.99 28.18 -9.72
N THR OA 345 26.22 28.06 -8.65
CA THR OA 345 26.69 27.38 -7.45
C THR OA 345 26.52 25.87 -7.51
N LEU OA 346 25.51 25.40 -8.24
CA LEU OA 346 25.29 23.96 -8.39
C LEU OA 346 26.49 23.19 -8.92
N PRO OA 347 27.27 23.71 -9.86
CA PRO OA 347 28.49 23.01 -10.27
C PRO OA 347 29.45 22.76 -9.13
N MET OA 348 29.45 23.60 -8.11
CA MET OA 348 30.34 23.39 -6.98
C MET OA 348 29.97 22.14 -6.20
N HIS OA 349 28.66 21.94 -5.96
CA HIS OA 349 28.22 20.70 -5.36
C HIS OA 349 28.43 19.51 -6.28
N LYS OA 350 28.35 19.74 -7.59
CA LYS OA 350 28.45 18.64 -8.54
C LYS OA 350 29.88 18.10 -8.64
N VAL OA 351 30.87 18.95 -8.47
CA VAL OA 351 32.26 18.57 -8.63
C VAL OA 351 32.95 18.33 -7.29
N CYS OA 352 32.67 19.16 -6.30
CA CYS OA 352 33.31 19.05 -5.01
C CYS OA 352 32.46 18.21 -4.07
N ALA OA 353 33.05 17.12 -3.57
CA ALA OA 353 32.28 16.16 -2.79
C ALA OA 353 32.02 16.65 -1.37
N ARG OA 354 32.90 17.46 -0.80
CA ARG OA 354 32.81 17.86 0.58
C ARG OA 354 32.18 19.23 0.77
N VAL OA 355 31.72 19.88 -0.29
CA VAL OA 355 31.10 21.19 -0.13
C VAL OA 355 29.77 21.03 0.58
N LYS OA 356 29.60 21.77 1.67
CA LYS OA 356 28.35 21.69 2.43
C LYS OA 356 27.26 22.56 1.81
N GLY OA 357 27.62 23.74 1.37
CA GLY OA 357 26.68 24.61 0.71
C GLY OA 357 26.97 26.06 1.00
N PHE OA 358 25.99 26.89 0.70
CA PHE OA 358 26.10 28.33 0.90
C PHE OA 358 26.20 28.65 2.38
N GLY OA 359 27.01 29.65 2.70
CA GLY OA 359 27.21 30.09 4.07
C GLY OA 359 28.22 29.29 4.86
N HIS OA 360 28.67 28.15 4.35
CA HIS OA 360 29.68 27.33 5.02
C HIS OA 360 30.96 27.25 4.21
N ASP OA 361 30.86 26.89 2.94
CA ASP OA 361 32.00 26.85 2.04
C ASP OA 361 31.85 27.76 0.83
N ILE OA 362 30.65 28.31 0.60
CA ILE OA 362 30.36 29.16 -0.55
C ILE OA 362 29.79 30.47 -0.04
N PHE OA 363 30.52 31.56 -0.27
CA PHE OA 363 30.11 32.88 0.16
C PHE OA 363 30.09 33.81 -1.03
N TYR OA 364 29.26 34.85 -0.93
CA TYR OA 364 29.27 35.95 -1.89
C TYR OA 364 29.64 37.24 -1.18
N VAL OA 365 30.47 38.04 -1.82
CA VAL OA 365 30.85 39.35 -1.29
C VAL OA 365 29.77 40.35 -1.62
N GLN OA 366 29.24 41.02 -0.60
CA GLN OA 366 28.17 41.98 -0.78
C GLN OA 366 28.72 43.21 -1.49
N GLY OA 367 28.23 43.46 -2.70
CA GLY OA 367 28.71 44.58 -3.49
C GLY OA 367 27.69 45.01 -4.51
N ASP OA 368 28.04 46.05 -5.26
CA ASP OA 368 27.18 46.62 -6.28
C ASP OA 368 27.45 45.99 -7.64
N GLU OA 369 26.61 46.34 -8.60
CA GLU OA 369 26.83 45.92 -9.98
C GLU OA 369 27.92 46.78 -10.60
N ASN OA 370 29.04 46.15 -10.95
CA ASN OA 370 30.16 46.87 -11.55
C ASN OA 370 30.99 45.86 -12.34
N PRO OA 371 31.17 46.06 -13.65
CA PRO OA 371 31.89 45.06 -14.44
C PRO OA 371 33.32 44.84 -13.99
N LEU OA 372 33.88 45.73 -13.18
CA LEU OA 372 35.25 45.56 -12.68
C LEU OA 372 35.31 44.86 -11.33
N ASN OA 373 34.17 44.45 -10.78
CA ASN OA 373 34.16 43.78 -9.49
C ASN OA 373 34.77 42.39 -9.55
N HIS OA 374 35.10 41.90 -10.75
CA HIS OA 374 35.78 40.63 -10.90
C HIS OA 374 37.17 40.67 -10.27
N TRP OA 375 37.81 41.85 -10.30
CA TRP OA 375 39.16 42.03 -9.80
C TRP OA 375 39.10 42.48 -8.35
N VAL OA 376 38.96 41.50 -7.46
CA VAL OA 376 38.67 41.78 -6.07
C VAL OA 376 39.83 42.47 -5.38
N TYR OA 377 41.06 42.27 -5.87
CA TYR OA 377 42.21 42.85 -5.20
C TYR OA 377 42.31 44.36 -5.40
N ASP OA 378 41.59 44.93 -6.36
CA ASP OA 378 41.67 46.35 -6.59
C ASP OA 378 40.82 47.15 -5.60
N PHE OA 379 39.71 46.57 -5.15
CA PHE OA 379 38.79 47.25 -4.25
C PHE OA 379 38.95 46.72 -2.84
N GLU OA 380 39.14 47.62 -1.88
CA GLU OA 380 39.38 47.21 -0.51
C GLU OA 380 38.19 46.48 0.10
N ASN OA 381 36.96 46.87 -0.28
CA ASN OA 381 35.79 46.20 0.26
C ASN OA 381 35.77 44.73 -0.12
N TYR OA 382 35.99 44.43 -1.40
CA TYR OA 382 36.05 43.02 -1.80
C TYR OA 382 37.27 42.32 -1.25
N ALA OA 383 38.41 43.02 -1.17
CA ALA OA 383 39.64 42.38 -0.76
C ALA OA 383 39.64 42.04 0.73
N ASN OA 384 39.03 42.88 1.55
CA ASN OA 384 38.98 42.62 2.98
C ASN OA 384 38.19 41.35 3.29
N VAL OA 385 37.08 41.15 2.59
CA VAL OA 385 36.24 39.98 2.84
C VAL OA 385 36.91 38.72 2.31
N VAL OA 386 37.55 38.82 1.15
CA VAL OA 386 38.24 37.66 0.59
C VAL OA 386 39.40 37.25 1.49
N ALA OA 387 40.14 38.23 2.01
CA ALA OA 387 41.29 37.93 2.84
C ALA OA 387 40.87 37.30 4.17
N SER OA 388 39.80 37.79 4.77
CA SER OA 388 39.33 37.22 6.02
C SER OA 388 38.83 35.80 5.81
N LYS OA 389 38.10 35.57 4.73
CA LYS OA 389 37.64 34.21 4.42
C LYS OA 389 38.80 33.31 4.05
N LEU OA 390 39.83 33.87 3.42
CA LEU OA 390 41.02 33.08 3.11
C LEU OA 390 41.79 32.72 4.37
N ASN OA 391 41.94 33.67 5.29
CA ASN OA 391 42.61 33.36 6.55
C ASN OA 391 41.84 32.32 7.34
N LYS OA 392 40.51 32.37 7.29
CA LYS OA 392 39.72 31.38 8.00
C LYS OA 392 39.87 30.00 7.37
N PHE OA 393 40.01 29.94 6.05
CA PHE OA 393 40.19 28.67 5.37
C PHE OA 393 41.54 28.07 5.70
N LEU OA 394 42.60 28.86 5.58
CA LEU OA 394 43.95 28.35 5.83
C LEU OA 394 44.13 27.96 7.29
N HIS OA 395 43.46 28.66 8.20
CA HIS OA 395 43.74 28.47 9.62
C HIS OA 395 42.98 27.27 10.20
N SER OA 396 41.72 27.08 9.81
CA SER OA 396 40.87 26.11 10.47
C SER OA 396 40.32 25.01 9.57
N TYR OA 397 40.19 25.25 8.27
CA TYR OA 397 39.56 24.26 7.40
C TYR OA 397 40.51 23.59 6.42
N ASP OA 398 41.59 24.26 6.02
CA ASP OA 398 42.48 23.69 5.02
C ASP OA 398 43.29 22.54 5.62
N GLY OA 399 43.37 21.45 4.88
CA GLY OA 399 44.16 20.32 5.29
C GLY OA 399 43.63 19.61 6.51
N VAL OA 400 42.31 19.61 6.70
CA VAL OA 400 41.65 18.90 7.79
C VAL OA 400 40.89 17.74 7.20
N HIS OA 401 40.85 16.63 7.92
CA HIS OA 401 40.17 15.44 7.44
C HIS OA 401 38.71 15.75 7.11
N ALA OA 402 38.17 14.99 6.16
CA ALA OA 402 36.85 15.29 5.64
C ALA OA 402 35.77 15.22 6.70
N LEU OA 403 35.84 14.24 7.59
CA LEU OA 403 34.79 14.04 8.56
C LEU OA 403 34.99 14.83 9.84
N LEU OA 404 36.06 15.61 9.93
CA LEU OA 404 36.24 16.53 11.03
C LEU OA 404 35.61 17.86 10.66
N LYS OA 405 35.08 18.56 11.67
CA LYS OA 405 34.47 19.86 11.42
C LYS OA 405 35.54 20.90 11.11
N ASP OA 406 36.41 21.15 12.08
CA ASP OA 406 37.44 22.17 11.95
C ASP OA 406 38.78 21.59 12.37
N ARG OA 407 39.79 22.46 12.45
CA ARG OA 407 41.10 22.04 12.97
C ARG OA 407 41.06 21.85 14.47
N THR OA 408 40.09 22.46 15.15
CA THR OA 408 39.96 22.33 16.60
C THR OA 408 39.67 20.88 17.01
N GLU OA 409 39.08 20.08 16.12
CA GLU OA 409 38.76 18.70 16.42
C GLU OA 409 39.94 17.77 16.21
N ILE OA 410 41.08 18.26 15.75
CA ILE OA 410 42.25 17.42 15.53
C ILE OA 410 42.77 16.97 16.90
N GLY OA 411 42.67 15.68 17.17
CA GLY OA 411 43.13 15.09 18.41
C GLY OA 411 42.06 14.87 19.45
N ASN OA 412 40.84 15.34 19.23
CA ASN OA 412 39.78 15.12 20.20
C ASN OA 412 38.49 14.59 19.59
N PHE OA 413 38.41 14.42 18.28
CA PHE OA 413 37.24 13.82 17.66
C PHE OA 413 37.65 12.52 16.99
N MET OA 414 36.94 11.45 17.32
CA MET OA 414 37.23 10.12 16.82
C MET OA 414 36.28 9.76 15.70
N ILE OA 415 36.83 9.25 14.60
CA ILE OA 415 36.05 8.94 13.41
C ILE OA 415 35.75 7.45 13.39
N PRO OA 416 34.53 7.04 13.03
CA PRO OA 416 34.23 5.61 12.97
C PRO OA 416 35.06 4.91 11.91
N ASP OA 417 35.27 3.62 12.14
CA ASP OA 417 36.11 2.80 11.28
C ASP OA 417 35.23 1.77 10.58
N ARG OA 418 35.58 1.46 9.34
CA ARG OA 418 34.89 0.40 8.62
C ARG OA 418 35.52 -0.93 8.98
N ILE OA 419 34.68 -1.96 9.09
CA ILE OA 419 35.17 -3.26 9.51
C ILE OA 419 35.97 -3.92 8.40
N LYS OA 420 36.93 -4.76 8.79
CA LYS OA 420 37.80 -5.47 7.85
C LYS OA 420 38.53 -4.49 6.93
N SER OA 421 39.06 -3.42 7.51
CA SER OA 421 39.76 -2.39 6.77
C SER OA 421 41.23 -2.31 7.13
N ARG OA 422 41.69 -3.06 8.13
CA ARG OA 422 43.06 -3.02 8.58
C ARG OA 422 43.70 -4.40 8.40
N ASN OA 423 45.01 -4.39 8.15
CA ASN OA 423 45.71 -5.63 7.86
C ASN OA 423 45.81 -6.53 9.07
N ASP OA 424 45.87 -5.95 10.27
CA ASP OA 424 45.99 -6.73 11.49
C ASP OA 424 44.72 -7.54 11.73
N SER OA 425 44.87 -8.86 11.88
CA SER OA 425 43.73 -9.73 12.07
C SER OA 425 43.24 -9.68 13.51
N LYS OA 426 44.15 -9.53 14.48
CA LYS OA 426 43.78 -9.43 15.88
C LYS OA 426 43.59 -7.98 16.30
N HIS OA 427 42.78 -7.27 15.53
CA HIS OA 427 42.54 -5.84 15.72
C HIS OA 427 41.13 -5.62 16.23
N ILE OA 428 41.01 -4.95 17.37
CA ILE OA 428 39.72 -4.59 17.92
C ILE OA 428 39.27 -3.31 17.22
N TYR OA 429 38.24 -3.42 16.39
CA TYR OA 429 37.80 -2.27 15.61
C TYR OA 429 37.11 -1.26 16.51
N GLY OA 430 37.52 -0.01 16.38
CA GLY OA 430 36.94 1.07 17.14
C GLY OA 430 37.19 2.38 16.43
N ASP OA 431 36.70 3.46 17.05
CA ASP OA 431 36.90 4.78 16.49
C ASP OA 431 38.34 5.22 16.65
N TYR OA 432 38.78 6.09 15.75
CA TYR OA 432 40.14 6.58 15.74
C TYR OA 432 40.15 8.03 15.28
N SER OA 433 41.22 8.73 15.62
CA SER OA 433 41.45 10.06 15.10
C SER OA 433 42.38 9.98 13.90
N PRO OA 434 42.00 10.50 12.74
CA PRO OA 434 42.83 10.32 11.54
C PRO OA 434 44.16 11.02 11.68
N ALA OA 435 45.17 10.45 11.01
CA ALA OA 435 46.51 11.00 11.09
C ALA OA 435 46.63 12.22 10.20
N HIS OA 436 47.20 13.28 10.74
CA HIS OA 436 47.58 14.46 9.97
C HIS OA 436 49.09 14.52 9.93
N LEU OA 437 49.65 14.74 8.75
CA LEU OA 437 51.09 14.70 8.58
C LEU OA 437 51.67 16.10 8.40
N HIS OA 438 52.97 16.20 8.59
CA HIS OA 438 53.67 17.46 8.39
C HIS OA 438 53.61 17.85 6.92
N HIS OA 439 53.60 19.16 6.68
CA HIS OA 439 53.30 19.66 5.34
C HIS OA 439 54.36 19.29 4.31
N ASN OA 440 55.61 19.04 4.72
CA ASN OA 440 56.65 18.60 3.80
C ASN OA 440 57.40 17.42 4.38
N TRP OA 441 56.65 16.43 4.89
CA TRP OA 441 57.25 15.29 5.55
C TRP OA 441 58.07 14.43 4.60
N ARG OA 442 57.85 14.52 3.30
CA ARG OA 442 58.57 13.66 2.37
C ARG OA 442 60.01 14.10 2.22
N PHE OA 443 60.26 15.40 2.22
CA PHE OA 443 61.58 15.93 1.94
C PHE OA 443 62.33 16.40 3.17
N ASN OA 444 61.76 16.24 4.35
CA ASN OA 444 62.49 16.47 5.59
C ASN OA 444 62.44 15.21 6.45
N HIS OA 445 63.25 15.21 7.49
CA HIS OA 445 63.37 14.07 8.40
C HIS OA 445 62.78 14.39 9.78
N ILE OA 446 61.68 15.14 9.80
CA ILE OA 446 61.10 15.54 11.07
C ILE OA 446 60.55 14.35 11.83
N TYR OA 447 60.09 13.32 11.12
CA TYR OA 447 59.58 12.14 11.78
C TYR OA 447 60.72 11.27 12.32
N GLU OA 448 61.86 11.25 11.65
CA GLU OA 448 63.02 10.54 12.19
C GLU OA 448 63.62 11.29 13.37
N LYS OA 449 63.65 12.63 13.30
CA LYS OA 449 64.23 13.40 14.40
C LYS OA 449 63.36 13.33 15.65
N HIS OA 450 62.05 13.36 15.49
CA HIS OA 450 61.17 13.31 16.64
C HIS OA 450 61.03 11.91 17.21
N ASP OA 451 61.38 10.88 16.43
CA ASP OA 451 61.42 9.52 16.97
C ASP OA 451 62.55 9.38 17.97
N GLU OA 452 63.73 9.92 17.66
CA GLU OA 452 64.87 9.82 18.56
C GLU OA 452 64.65 10.66 19.81
N LEU OA 453 64.05 11.84 19.67
CA LEU OA 453 63.73 12.64 20.83
C LEU OA 453 62.66 11.97 21.69
N ASP OA 454 61.82 11.13 21.10
CA ASP OA 454 60.82 10.41 21.86
C ASP OA 454 61.44 9.29 22.68
N LYS OA 455 62.49 8.65 22.16
CA LYS OA 455 63.13 7.56 22.90
C LYS OA 455 63.91 8.09 24.09
N LYS OA 456 64.41 9.32 24.02
CA LYS OA 456 65.13 9.90 25.16
C LYS OA 456 64.21 10.08 26.35
N LEU OA 457 62.92 10.29 26.09
CA LEU OA 457 61.95 10.43 27.17
C LEU OA 457 61.71 9.10 27.87
N ASN OA 458 61.58 8.03 27.09
CA ASN OA 458 61.33 6.70 27.63
C ASN OA 458 62.63 5.96 27.86
C1 CDL PA . -7.79 3.51 23.62
O1 CDL PA . -8.51 3.00 24.70
CA2 CDL PA . -7.01 4.74 24.07
OA2 CDL PA . -5.90 4.34 24.84
PA1 CDL PA . -6.00 4.30 26.49
OA3 CDL PA . -7.43 4.08 26.91
OA4 CDL PA . -5.15 3.17 27.00
OA5 CDL PA . -5.46 5.71 27.14
CA3 CDL PA . -6.10 6.89 26.74
CA4 CDL PA . -5.12 8.05 26.73
OA6 CDL PA . -3.81 7.58 26.73
CA5 CDL PA . -3.27 7.41 25.46
OA7 CDL PA . -3.77 6.66 24.69
C11 CDL PA . -2.01 8.19 25.07
C12 CDL PA . -1.75 8.06 23.58
C13 CDL PA . -0.25 8.28 23.33
C14 CDL PA . 0.18 9.64 23.89
C15 CDL PA . 1.02 10.37 22.84
C16 CDL PA . 0.19 10.62 21.58
C17 CDL PA . 0.59 11.95 20.97
C18 CDL PA . 0.17 11.94 19.51
C19 CDL PA . 1.21 11.23 18.66
C20 CDL PA . 1.18 11.78 17.25
C21 CDL PA . 2.48 11.47 16.52
C22 CDL PA . 2.45 10.05 16.00
C23 CDL PA . 1.47 9.98 14.82
C24 CDL PA . 2.11 9.30 13.61
C25 CDL PA . 2.66 10.39 12.70
C26 CDL PA . 3.25 9.77 11.44
C27 CDL PA . 3.27 10.79 10.30
CA6 CDL PA . -5.35 8.90 27.98
OA8 CDL PA . -4.19 9.64 28.25
CA7 CDL PA . -4.33 11.04 28.24
OA9 CDL PA . -5.32 11.57 27.86
C31 CDL PA . -3.15 11.87 28.71
C32 CDL PA . -2.30 12.26 27.51
C33 CDL PA . -0.87 12.53 27.97
C34 CDL PA . 0.11 12.15 26.88
C35 CDL PA . 1.46 11.83 27.50
C36 CDL PA . 1.78 10.35 27.31
C37 CDL PA . 2.64 9.86 28.48
C38 CDL PA . 3.98 10.57 28.44
C39 CDL PA . 4.24 11.32 29.74
C40 CDL PA . 5.24 12.44 29.52
C41 CDL PA . 4.86 13.66 30.37
C42 CDL PA . 3.55 14.27 29.90
C43 CDL PA . 3.17 15.43 30.79
C44 CDL PA . 2.11 16.28 30.10
C45 CDL PA . 0.71 16.05 30.68
C46 CDL PA . 0.62 16.34 32.17
C47 CDL PA . -0.77 15.94 32.66
CB2 CDL PA . -8.76 3.89 22.50
OB2 CDL PA . -8.07 4.51 21.45
PB2 CDL PA . -7.35 3.55 20.34
OB3 CDL PA . -8.38 2.67 19.66
OB4 CDL PA . -6.67 4.39 19.29
OB5 CDL PA . -6.23 2.62 21.12
CB3 CDL PA . -6.07 1.28 20.76
CB4 CDL PA . -4.72 1.13 20.11
OB6 CDL PA . -4.40 2.36 19.54
CB5 CDL PA . -3.04 2.57 19.37
OB7 CDL PA . -2.56 2.53 18.29
C51 CDL PA . -2.17 2.87 20.58
C52 CDL PA . -1.01 3.76 20.17
C53 CDL PA . 0.14 2.94 19.62
C54 CDL PA . 0.47 3.45 18.21
C55 CDL PA . 1.48 2.54 17.54
C56 CDL PA . 0.81 1.22 17.17
C57 CDL PA . 1.63 0.50 16.11
C58 CDL PA . 2.37 -0.70 16.70
C59 CDL PA . 3.82 -0.74 16.20
C60 CDL PA . 4.61 0.48 16.69
C61 CDL PA . 4.62 0.58 18.22
C62 CDL PA . 5.15 1.93 18.66
C63 CDL PA . 6.66 2.02 18.48
C64 CDL PA . 6.99 3.30 17.74
C65 CDL PA . 8.48 3.60 17.87
C66 CDL PA . 8.73 5.08 17.58
C67 CDL PA . 10.20 5.41 17.86
CB6 CDL PA . -4.77 0.02 19.07
OB8 CDL PA . -3.53 -0.15 18.43
CB7 CDL PA . -3.59 -1.07 17.38
OB9 CDL PA . -4.41 -1.93 17.39
C71 CDL PA . -2.60 -0.99 16.23
C72 CDL PA . -2.07 -2.37 15.86
C73 CDL PA . -1.69 -2.40 14.38
C74 CDL PA . -0.60 -1.37 14.09
C75 CDL PA . -0.62 -0.93 12.63
C76 CDL PA . 0.75 -0.36 12.24
C77 CDL PA . 0.64 1.16 12.08
C78 CDL PA . 0.18 1.53 10.67
C79 CDL PA . 0.42 3.03 10.43
C80 CDL PA . 0.63 3.29 8.94
C81 CDL PA . 1.24 4.67 8.66
C82 CDL PA . 2.52 4.89 9.47
C83 CDL PA . 3.02 6.33 9.31
C84 CDL PA . 3.41 6.60 7.86
C85 CDL PA . 4.02 7.98 7.70
C86 CDL PA . 5.26 8.17 8.58
C87 CDL PA . 6.00 9.44 8.18
H1 CDL PA . -7.18 2.85 23.29
H1O1 CDL PA . -8.18 2.24 24.92
HA22 CDL PA . -6.70 5.23 23.29
HA21 CDL PA . -7.58 5.30 24.61
HA32 CDL PA . -6.44 6.77 25.84
HA31 CDL PA . -6.83 7.08 27.34
HA4 CDL PA . -5.26 8.59 25.95
H112 CDL PA . -1.26 7.82 25.56
H111 CDL PA . -2.14 9.12 25.30
H122 CDL PA . -2.26 8.72 23.09
H121 CDL PA . -1.99 7.17 23.28
H132 CDL PA . 0.25 7.59 23.79
H131 CDL PA . -0.07 8.22 22.39
H142 CDL PA . -0.61 10.16 24.09
H141 CDL PA . 0.71 9.50 24.68
H152 CDL PA . 1.79 9.82 22.61
H151 CDL PA . 1.31 11.22 23.20
H162 CDL PA . -0.75 10.65 21.81
H161 CDL PA . 0.33 9.91 20.95
H172 CDL PA . 1.55 12.07 21.03
H171 CDL PA . 0.14 12.67 21.43
H182 CDL PA . -0.67 11.48 19.42
H181 CDL PA . 0.07 12.85 19.20
H192 CDL PA . 1.04 10.28 18.66
H191 CDL PA . 2.10 11.38 19.04
H202 CDL PA . 1.08 12.75 17.31
H201 CDL PA . 0.42 11.40 16.78
H212 CDL PA . 2.60 12.10 15.79
H211 CDL PA . 3.22 11.57 17.15
H222 CDL PA . 3.33 9.80 15.69
H221 CDL PA . 2.17 9.44 16.69
H232 CDL PA . 0.68 9.49 15.09
H231 CDL PA . 1.22 10.88 14.57
H242 CDL PA . 1.44 8.80 13.14
H241 CDL PA . 2.82 8.71 13.89
H252 CDL PA . 1.94 10.99 12.45
H251 CDL PA . 3.34 10.88 13.16
H262 CDL PA . 4.15 9.47 11.63
H261 CDL PA . 2.71 9.01 11.18
H273 CDL PA . 3.58 10.36 9.49
H272 CDL PA . 2.37 11.13 10.16
H271 CDL PA . 3.86 11.52 10.53
HA62 CDL PA . -6.10 9.49 27.84
HA61 CDL PA . -5.52 8.32 28.73
H312 CDL PA . -2.62 11.32 29.31
H311 CDL PA . -3.47 12.66 29.18
H322 CDL PA . -2.67 13.07 27.12
H321 CDL PA . -2.31 11.55 26.87
H332 CDL PA . -0.76 13.46 28.19
H331 CDL PA . -0.68 12.00 28.76
H342 CDL PA . -0.22 11.37 26.40
H341 CDL PA . 0.20 12.88 26.25
H352 CDL PA . 1.46 12.04 28.44
H351 CDL PA . 2.14 12.35 27.07
H362 CDL PA . 2.25 10.21 26.49
H361 CDL PA . 0.96 9.84 27.31
H372 CDL PA . 2.19 10.07 29.31
H371 CDL PA . 2.76 8.91 28.43
H382 CDL PA . 4.68 9.90 28.31
H381 CDL PA . 4.00 11.18 27.69
H392 CDL PA . 3.40 11.65 30.09
H391 CDL PA . 4.61 10.69 30.37
H402 CDL PA . 6.13 12.13 29.80
H401 CDL PA . 5.26 12.70 28.60
H412 CDL PA . 4.77 13.38 31.30
H411 CDL PA . 5.57 14.32 30.31
H422 CDL PA . 2.83 13.63 29.94
H421 CDL PA . 3.65 14.58 28.99
H432 CDL PA . 3.95 15.98 30.98
H431 CDL PA . 2.85 15.05 31.62
H442 CDL PA . 2.33 17.21 30.20
H441 CDL PA . 2.09 16.04 29.16
H452 CDL PA . 0.10 16.65 30.22
H451 CDL PA . 0.45 15.13 30.52
H462 CDL PA . 1.28 15.84 32.67
H461 CDL PA . 0.75 17.29 32.33
H473 CDL PA . -1.44 16.37 32.12
H472 CDL PA . -0.88 16.20 33.58
H471 CDL PA . -0.87 14.97 32.59
HB22 CDL PA . -9.43 4.50 22.85
HB21 CDL PA . -9.20 3.09 22.16
HB32 CDL PA . -6.76 1.02 20.14
HB31 CDL PA . -6.12 0.72 21.56
HB4 CDL PA . -4.05 0.91 20.78
H512 CDL PA . -1.83 2.04 20.94
H511 CDL PA . -2.70 3.32 21.25
H522 CDL PA . -1.30 4.40 19.51
H521 CDL PA . -0.70 4.25 20.95
H532 CDL PA . -0.13 2.00 19.57
H531 CDL PA . 0.91 3.02 20.19
H542 CDL PA . 0.83 4.35 18.27
H541 CDL PA . -0.35 3.45 17.70
H552 CDL PA . 1.80 2.96 16.73
H551 CDL PA . 2.23 2.36 18.14
H562 CDL PA . -0.07 1.40 16.81
H561 CDL PA . 0.71 0.66 17.95
H572 CDL PA . 1.03 0.17 15.42
H571 CDL PA . 2.24 1.11 15.68
H582 CDL PA . 2.33 -0.67 17.66
H581 CDL PA . 1.93 -1.50 16.39
H592 CDL PA . 3.81 -0.74 15.23
H591 CDL PA . 4.25 -1.55 16.52
H602 CDL PA . 4.23 1.30 16.34
H601 CDL PA . 5.53 0.39 16.39
H612 CDL PA . 3.75 0.47 18.62
H611 CDL PA . 5.21 -0.11 18.56
H622 CDL PA . 4.93 2.09 19.60
H621 CDL PA . 4.73 2.61 18.12
H632 CDL PA . 7.10 2.01 19.35
H631 CDL PA . 6.98 1.26 17.97
H642 CDL PA . 6.75 3.21 16.80
H641 CDL PA . 6.48 4.04 18.14
H652 CDL PA . 8.78 3.40 18.77
H651 CDL PA . 8.98 3.06 17.24
H662 CDL PA . 8.53 5.27 16.65
H661 CDL PA . 8.17 5.62 18.15
H673 CDL PA . 10.44 5.07 18.73
H672 CDL PA . 10.33 6.37 17.84
H671 CDL PA . 10.75 5.00 17.18
HB62 CDL PA . -5.02 -0.82 19.48
HB61 CDL PA . -5.42 0.27 18.40
H712 CDL PA . -3.05 -0.60 15.45
H711 CDL PA . -1.86 -0.41 16.50
H722 CDL PA . -2.76 -3.03 16.03
H721 CDL PA . -1.29 -2.57 16.40
H732 CDL PA . -1.36 -3.28 14.15
H731 CDL PA . -2.46 -2.20 13.85
H742 CDL PA . -0.74 -0.58 14.62
H741 CDL PA . 0.26 -1.75 14.29
H752 CDL PA . -0.80 -1.69 12.06
H751 CDL PA . -1.31 -0.25 12.49
H762 CDL PA . 1.40 -0.56 12.92
H761 CDL PA . 1.02 -0.76 11.41
H772 CDL PA . 1.53 1.54 12.22
H771 CDL PA . 0.02 1.52 12.72
H782 CDL PA . -0.76 1.34 10.57
H781 CDL PA . 0.69 1.01 10.02
H792 CDL PA . 1.19 3.25 10.98
H791 CDL PA . -0.35 3.51 10.74
H802 CDL PA . -0.23 3.24 8.50
H801 CDL PA . 1.23 2.60 8.59
H812 CDL PA . 0.59 5.35 8.91
H811 CDL PA . 1.44 4.71 7.73
H822 CDL PA . 3.20 4.30 9.12
H821 CDL PA . 2.42 4.76 10.43
H832 CDL PA . 2.31 6.95 9.57
H831 CDL PA . 3.78 6.45 9.91
H842 CDL PA . 4.07 5.93 7.60
H841 CDL PA . 2.64 6.53 7.28
H852 CDL PA . 4.29 8.10 6.77
H851 CDL PA . 3.36 8.65 7.93
H862 CDL PA . 5.00 8.24 9.51
H861 CDL PA . 5.86 7.42 8.46
H873 CDL PA . 6.38 9.34 7.29
H872 CDL PA . 5.38 10.19 8.17
H871 CDL PA . 6.72 9.62 8.81
C1 CDL QA . 20.76 10.55 5.06
O1 CDL QA . 21.10 11.08 6.31
CA2 CDL QA . 19.25 10.40 4.98
OA2 CDL QA . 18.62 11.63 4.71
PA1 CDL QA . 18.99 12.45 3.33
OA3 CDL QA . 17.84 13.34 2.94
OA4 CDL QA . 20.20 13.32 3.55
OA5 CDL QA . 19.30 11.37 2.12
CA3 CDL QA . 18.24 10.91 1.30
CA4 CDL QA . 17.18 10.21 2.17
OA6 CDL QA . 17.33 8.82 2.13
CA5 CDL QA . 17.02 8.17 0.91
OA7 CDL QA . 17.71 8.31 -0.03
C11 CDL QA . 15.80 7.26 0.85
C12 CDL QA . 15.54 6.69 2.24
C13 CDL QA . 14.89 5.30 2.17
C14 CDL QA . 13.71 5.21 1.20
C15 CDL QA . 12.42 5.78 1.79
C16 CDL QA . 12.14 5.12 3.14
C17 CDL QA . 10.68 4.75 3.30
C18 CDL QA . 10.52 3.70 4.41
C19 CDL QA . 11.33 4.07 5.66
C20 CDL QA . 10.56 5.02 6.57
C21 CDL QA . 9.38 4.29 7.22
C22 CDL QA . 8.36 5.31 7.73
C23 CDL QA . 7.28 4.60 8.53
C24 CDL QA . 6.57 3.49 7.74
C25 CDL QA . 6.50 2.21 8.57
C26 CDL QA . 5.20 2.14 9.38
C27 CDL QA . 5.47 2.45 10.85
CA6 CDL QA . 15.78 10.60 1.70
OA8 CDL QA . 14.85 9.85 2.44
CA7 CDL QA . 14.43 10.49 3.61
OA9 CDL QA . 15.14 11.26 4.15
C31 CDL QA . 13.06 10.19 4.19
C32 CDL QA . 12.33 11.49 4.49
C33 CDL QA . 11.31 11.28 5.61
C34 CDL QA . 11.53 12.28 6.75
C35 CDL QA . 10.53 13.42 6.68
C36 CDL QA . 9.93 13.64 8.06
C37 CDL QA . 8.97 12.49 8.37
C38 CDL QA . 9.47 11.67 9.55
C39 CDL QA . 9.45 12.50 10.83
C40 CDL QA . 9.50 11.63 12.09
C41 CDL QA . 8.42 10.56 12.16
C42 CDL QA . 8.71 9.60 13.31
C43 CDL QA . 8.63 10.25 14.69
C44 CDL QA . 7.22 10.78 15.00
C45 CDL QA . 6.34 9.71 15.65
C46 CDL QA . 6.89 9.18 16.97
C47 CDL QA . 6.48 7.73 17.12
CB2 CDL QA . 21.37 9.16 4.92
OB2 CDL QA . 20.67 8.26 5.73
PB2 CDL QA . 20.82 6.65 5.44
OB3 CDL QA . 20.92 6.41 3.96
OB4 CDL QA . 22.06 6.14 6.12
OB5 CDL QA . 19.51 5.90 6.03
CB3 CDL QA . 18.37 6.68 6.26
CB4 CDL QA . 17.14 5.79 6.36
OB6 CDL QA . 16.40 6.17 7.49
CB5 CDL QA . 15.30 6.96 7.19
OB7 CDL QA . 15.22 7.54 6.15
C51 CDL QA . 14.16 7.09 8.19
C52 CDL QA . 13.76 5.71 8.70
C53 CDL QA . 14.21 5.57 10.15
C54 CDL QA . 13.87 4.17 10.67
C55 CDL QA . 12.36 4.07 10.92
C56 CDL QA . 11.79 2.85 10.22
C57 CDL QA . 12.45 1.57 10.74
C58 CDL QA . 11.93 0.33 10.01
C59 CDL QA . 12.09 0.46 8.49
C60 CDL QA . 12.03 -0.92 7.85
C61 CDL QA . 11.91 -0.84 6.33
C62 CDL QA . 10.66 -0.07 5.90
C63 CDL QA . 9.38 -0.83 6.24
C64 CDL QA . 8.15 -0.05 5.75
C65 CDL QA . 8.24 0.32 4.27
C66 CDL QA . 6.98 1.07 3.88
C67 CDL QA . 7.02 1.46 2.41
CB6 CDL QA . 17.56 4.33 6.50
OB8 CDL QA . 16.61 3.64 7.27
CB7 CDL QA . 15.92 2.66 6.56
OB9 CDL QA . 15.63 2.82 5.43
C71 CDL QA . 15.55 1.36 7.27
C72 CDL QA . 15.68 1.57 8.78
C73 CDL QA . 17.11 1.34 9.25
C74 CDL QA . 17.55 -0.13 9.14
C75 CDL QA . 16.57 -1.06 9.82
C76 CDL QA . 16.64 -2.43 9.16
C77 CDL QA . 15.25 -2.81 8.67
C78 CDL QA . 14.30 -2.89 9.86
C79 CDL QA . 13.26 -3.97 9.64
C80 CDL QA . 13.45 -5.08 10.68
C81 CDL QA . 12.96 -6.37 10.08
C82 CDL QA . 13.25 -7.53 11.03
C83 CDL QA . 12.22 -8.62 10.84
C84 CDL QA . 11.02 -8.43 11.77
C85 CDL QA . 9.79 -9.14 11.19
C86 CDL QA . 9.94 -10.65 11.29
C87 CDL QA . 9.60 -11.13 12.69
H1 CDL QA . 21.09 11.12 4.35
H1O1 CDL QA . 21.95 11.15 6.37
HA22 CDL QA . 18.91 10.06 5.82
HA21 CDL QA . 19.02 9.77 4.28
HA32 CDL QA . 17.84 11.66 0.85
HA31 CDL QA . 18.61 10.29 0.66
HA4 CDL QA . 17.26 10.49 3.09
H112 CDL QA . 15.98 6.53 0.22
H111 CDL QA . 15.03 7.76 0.55
H122 CDL QA . 16.38 6.63 2.74
H121 CDL QA . 14.94 7.30 2.70
H132 CDL QA . 15.57 4.70 1.86
H131 CDL QA . 14.64 5.06 3.08
H142 CDL QA . 13.90 5.67 0.37
H141 CDL QA . 13.57 4.27 1.02
H152 CDL QA . 12.50 6.74 1.91
H151 CDL QA . 11.69 5.59 1.19
H162 CDL QA . 12.39 5.76 3.82
H161 CDL QA . 12.67 4.30 3.23
H172 CDL QA . 10.36 4.35 2.47
H171 CDL QA . 10.15 5.53 3.51
H182 CDL QA . 10.82 2.84 4.09
H181 CDL QA . 9.59 3.66 4.63
H192 CDL QA . 11.47 3.25 6.17
H191 CDL QA . 12.22 4.44 5.47
H202 CDL QA . 10.23 5.77 6.05
H201 CDL QA . 11.15 5.36 7.26
H212 CDL QA . 9.72 3.79 7.98
H211 CDL QA . 8.99 3.69 6.59
H222 CDL QA . 8.81 5.94 8.30
H221 CDL QA . 7.96 5.76 6.96
H232 CDL QA . 7.70 4.19 9.30
H231 CDL QA . 6.62 5.24 8.84
H242 CDL QA . 5.66 3.80 7.57
H241 CDL QA . 6.99 3.31 6.89
H252 CDL QA . 7.26 2.18 9.19
H251 CDL QA . 6.53 1.44 7.99
H262 CDL QA . 4.83 1.25 9.30
H261 CDL QA . 4.55 2.77 9.02
H273 CDL QA . 5.69 3.39 10.94
H272 CDL QA . 4.68 2.25 11.36
H271 CDL QA . 6.21 1.91 11.16
HA62 CDL QA . 15.63 11.54 1.86
HA61 CDL QA . 15.67 10.40 0.75
H312 CDL QA . 12.54 9.67 3.56
H311 CDL QA . 13.17 9.67 5.01
H322 CDL QA . 12.98 12.16 4.75
H321 CDL QA . 11.86 11.79 3.69
H332 CDL QA . 10.41 11.35 5.27
H331 CDL QA . 11.43 10.37 5.98
H342 CDL QA . 11.40 11.80 7.59
H341 CDL QA . 12.44 12.62 6.73
H352 CDL QA . 9.83 13.22 6.04
H351 CDL QA . 10.99 14.23 6.39
H362 CDL QA . 9.45 14.48 8.08
H361 CDL QA . 10.65 13.67 8.71
H372 CDL QA . 8.91 11.91 7.60
H371 CDL QA . 8.10 12.85 8.57
H382 CDL QA . 8.90 10.89 9.59
H381 CDL QA . 10.38 11.39 9.39
H392 CDL QA . 8.61 13.01 10.84
H391 CDL QA . 10.20 13.11 10.84
H402 CDL QA . 10.37 11.20 12.13
H401 CDL QA . 9.39 12.22 12.85
H412 CDL QA . 7.54 10.97 12.24
H411 CDL QA . 8.42 10.01 11.37
H422 CDL QA . 9.62 9.28 13.19
H421 CDL QA . 8.08 8.86 13.27
H432 CDL QA . 9.27 10.98 14.75
H431 CDL QA . 8.90 9.55 15.31
H442 CDL QA . 7.30 11.51 15.63
H441 CDL QA . 6.78 11.10 14.20
H452 CDL QA . 6.25 8.98 15.03
H451 CDL QA . 5.47 10.10 15.83
H462 CDL QA . 6.48 9.69 17.68
H461 CDL QA . 7.85 9.28 17.02
H473 CDL QA . 6.75 7.23 16.34
H472 CDL QA . 5.52 7.67 17.22
H471 CDL QA . 6.91 7.36 17.91
HB22 CDL QA . 22.30 9.19 5.18
HB21 CDL QA . 21.28 8.88 4.01
HB32 CDL QA . 18.48 7.16 7.09
HB31 CDL QA . 18.25 7.31 5.53
HB4 CDL QA . 16.61 5.88 5.56
H512 CDL QA . 14.43 7.65 8.92
H511 CDL QA . 13.39 7.49 7.74
H522 CDL QA . 12.79 5.62 8.66
H521 CDL QA . 14.16 5.02 8.16
H532 CDL QA . 15.17 5.72 10.21
H531 CDL QA . 13.74 6.23 10.68
H542 CDL QA . 14.37 3.98 11.48
H541 CDL QA . 14.10 3.55 9.97
H552 CDL QA . 12.22 3.99 11.87
H551 CDL QA . 11.93 4.86 10.59
H562 CDL QA . 10.84 2.80 10.39
H561 CDL QA . 11.95 2.94 9.27
H572 CDL QA . 12.28 1.47 11.69
H571 CDL QA . 13.40 1.62 10.60
H582 CDL QA . 11.00 0.21 10.22
H581 CDL QA . 12.42 -0.45 10.31
H592 CDL QA . 12.94 0.89 8.31
H591 CDL QA . 11.38 1.04 8.18
H602 CDL QA . 11.26 -1.38 8.21
H601 CDL QA . 12.83 -1.42 8.07
H612 CDL QA . 11.86 -1.73 5.97
H611 CDL QA . 12.69 -0.37 5.99
H622 CDL QA . 10.74 0.01 4.93
H621 CDL QA . 10.63 0.82 6.27
H632 CDL QA . 9.31 -0.95 7.19
H631 CDL QA . 9.42 -1.69 5.81
H642 CDL QA . 7.37 -0.60 5.89
H641 CDL QA . 8.09 0.77 6.27
H652 CDL QA . 8.33 -0.48 3.74
H651 CDL QA . 8.99 0.89 4.10
H662 CDL QA . 6.21 0.50 4.03
H661 CDL QA . 6.91 1.85 4.43
H673 CDL QA . 7.87 1.89 2.22
H672 CDL QA . 6.93 0.68 1.85
H671 CDL QA . 6.31 2.09 2.22
HB62 CDL QA . 18.39 4.27 6.98
HB61 CDL QA . 17.64 3.92 5.64
H712 CDL QA . 16.15 0.66 6.98
H711 CDL QA . 14.65 1.11 7.02
H722 CDL QA . 15.02 1.04 9.25
H721 CDL QA . 15.49 2.50 8.93
H732 CDL QA . 17.70 1.88 8.70
H731 CDL QA . 17.18 1.61 10.18
H742 CDL QA . 18.41 -0.22 9.58
H741 CDL QA . 17.63 -0.35 8.20
H752 CDL QA . 15.66 -0.77 9.76
H751 CDL QA . 16.81 -1.15 10.76
H762 CDL QA . 16.96 -3.09 9.80
H761 CDL QA . 17.25 -2.39 8.40
H772 CDL QA . 14.93 -2.14 8.04
H771 CDL QA . 15.29 -3.67 8.23
H782 CDL QA . 13.87 -2.03 9.99
H781 CDL QA . 14.82 -3.10 10.65
H792 CDL QA . 12.38 -3.59 9.76
H791 CDL QA . 13.34 -4.34 8.76
H802 CDL QA . 12.95 -4.88 11.48
H801 CDL QA . 14.39 -5.16 10.90
H812 CDL QA . 12.01 -6.34 9.91
H811 CDL QA . 13.43 -6.54 9.25
H822 CDL QA . 14.13 -7.89 10.83
H821 CDL QA . 13.23 -7.21 11.95
H832 CDL QA . 11.90 -8.57 9.93
H831 CDL QA . 12.63 -9.47 11.00
H842 CDL QA . 10.84 -7.48 11.84
H841 CDL QA . 11.23 -8.79 12.65
H852 CDL QA . 9.01 -8.87 11.71
H851 CDL QA . 9.66 -8.88 10.28
H862 CDL QA . 10.84 -10.90 11.07
H861 CDL QA . 9.33 -11.06 10.66
H873 CDL QA . 8.72 -10.80 12.94
H872 CDL QA . 9.60 -12.09 12.72
H871 CDL QA . 10.25 -10.78 13.32
C1 CDL RA . -2.75 38.56 0.80
O1 CDL RA . -2.06 37.40 0.47
CA2 CDL RA . -3.16 39.26 -0.49
OA2 CDL RA . -2.45 40.47 -0.60
PA1 CDL RA . -3.31 41.87 -0.66
OA3 CDL RA . -2.37 43.03 -0.50
OA4 CDL RA . -4.02 41.95 -1.99
OA5 CDL RA . -4.43 41.89 0.55
CA3 CDL RA . -4.96 43.14 0.93
CA4 CDL RA . -6.33 42.94 1.57
OA6 CDL RA . -7.07 42.08 0.74
CA5 CDL RA . -7.76 42.69 -0.32
OA7 CDL RA . -7.17 43.28 -1.15
C11 CDL RA . -9.28 42.52 -0.39
C12 CDL RA . -9.77 42.75 -1.83
C13 CDL RA . -10.52 41.50 -2.31
C14 CDL RA . -10.39 41.38 -3.83
C15 CDL RA . -11.79 41.21 -4.42
C16 CDL RA . -11.71 41.20 -5.94
C17 CDL RA . -12.99 40.63 -6.56
C18 CDL RA . -13.11 39.15 -6.19
C19 CDL RA . -14.41 38.55 -6.71
C20 CDL RA . -14.45 37.05 -6.39
C21 CDL RA . -14.46 36.78 -4.89
C22 CDL RA . -14.30 35.29 -4.63
C23 CDL RA . -13.98 35.07 -3.14
C24 CDL RA . -14.25 33.63 -2.74
C25 CDL RA . -14.70 33.56 -1.27
C26 CDL RA . -13.63 34.14 -0.34
C27 CDL RA . -12.48 33.15 -0.18
CA6 CDL RA . -6.99 44.30 1.80
OA8 CDL RA . -7.97 44.19 2.80
CA7 CDL RA . -8.41 45.39 3.38
OA9 CDL RA . -7.71 46.35 3.38
C31 CDL RA . -9.80 45.46 4.01
C32 CDL RA . -10.78 46.37 3.26
C33 CDL RA . -11.05 47.63 4.08
C34 CDL RA . -12.15 47.45 5.12
C35 CDL RA . -13.49 46.93 4.57
C36 CDL RA . -14.26 46.24 5.71
C37 CDL RA . -15.10 47.25 6.48
C38 CDL RA . -15.60 46.62 7.78
C39 CDL RA . -16.56 47.55 8.52
C40 CDL RA . -17.98 47.36 7.97
C41 CDL RA . -18.63 46.14 8.60
C42 CDL RA . -20.15 46.32 8.71
C43 CDL RA . -20.72 45.17 9.53
C44 CDL RA . -22.02 45.55 10.23
C45 CDL RA . -21.81 46.68 11.24
C46 CDL RA . -21.55 46.09 12.62
C47 CDL RA . -21.71 47.18 13.67
CB2 CDL RA . -1.86 39.50 1.60
OB2 CDL RA . -1.63 38.94 2.85
PB2 CDL RA . -0.19 38.18 3.10
OB3 CDL RA . 0.12 37.27 1.95
OB4 CDL RA . 0.90 39.21 3.21
OB5 CDL RA . -0.34 37.34 4.50
CB3 CDL RA . -0.27 38.09 5.67
CB4 CDL RA . -1.66 38.21 6.29
OB6 CDL RA . -1.63 37.77 7.60
CB5 CDL RA . -1.95 38.72 8.59
OB7 CDL RA . -2.12 39.86 8.32
C51 CDL RA . -2.08 38.24 10.02
C52 CDL RA . -2.84 39.26 10.84
C53 CDL RA . -4.33 39.19 10.52
C54 CDL RA . -4.85 40.54 10.02
C55 CDL RA . -6.16 40.92 10.74
C56 CDL RA . -7.24 39.89 10.45
C57 CDL RA . -7.68 39.94 8.98
C58 CDL RA . -8.16 38.56 8.52
C59 CDL RA . -6.96 37.65 8.32
C60 CDL RA . -7.39 36.18 8.34
C61 CDL RA . -7.14 35.53 9.70
C62 CDL RA . -5.69 35.64 10.15
C63 CDL RA . -5.58 35.33 11.63
C64 CDL RA . -5.46 33.83 11.90
C65 CDL RA . -4.13 33.29 11.37
C66 CDL RA . -4.01 31.81 11.69
C67 CDL RA . -4.00 31.62 13.21
CB6 CDL RA . -2.66 37.34 5.54
OB8 CDL RA . -3.86 37.31 6.24
CB7 CDL RA . -4.97 37.04 5.46
OB9 CDL RA . -5.32 35.92 5.31
C71 CDL RA . -5.74 38.19 4.81
C72 CDL RA . -6.28 37.76 3.44
C73 CDL RA . -7.59 38.48 3.17
C74 CDL RA . -8.02 38.28 1.72
C75 CDL RA . -9.31 39.08 1.51
C76 CDL RA . -10.44 38.13 1.11
C77 CDL RA . -10.98 37.43 2.36
C78 CDL RA . -12.50 37.62 2.49
C79 CDL RA . -12.95 37.79 3.94
C80 CDL RA . -12.07 38.78 4.71
C81 CDL RA . -12.63 39.02 6.11
C82 CDL RA . -13.64 40.16 6.17
C83 CDL RA . -13.06 41.48 5.68
C84 CDL RA . -12.03 42.00 6.67
C85 CDL RA . -10.72 42.28 5.93
C86 CDL RA . -9.67 42.80 6.90
C87 CDL RA . -10.07 44.14 7.52
H1 CDL RA . -3.54 38.35 1.31
H1O1 CDL RA . -1.38 37.34 0.99
HA22 CDL RA . -4.10 39.46 -0.45
HA21 CDL RA . -2.96 38.71 -1.25
HA32 CDL RA . -4.36 43.57 1.54
HA31 CDL RA . -5.05 43.69 0.13
HA4 CDL RA . -6.21 42.50 2.42
H112 CDL RA . -9.70 43.18 0.18
H111 CDL RA . -9.53 41.63 -0.12
H122 CDL RA . -9.03 42.91 -2.42
H121 CDL RA . -10.38 43.51 -1.84
H132 CDL RA . -11.46 41.56 -2.07
H131 CDL RA . -10.14 40.71 -1.91
H142 CDL RA . -9.85 40.61 -4.05
H141 CDL RA . -9.98 42.18 -4.20
H152 CDL RA . -12.17 40.40 -4.06
H151 CDL RA . -12.33 41.97 -4.14
H162 CDL RA . -10.96 40.67 -6.23
H161 CDL RA . -11.61 42.12 -6.25
H172 CDL RA . -12.94 40.71 -7.53
H171 CDL RA . -13.76 41.12 -6.23
H182 CDL RA . -12.36 38.67 -6.58
H181 CDL RA . -13.10 39.05 -5.23
H192 CDL RA . -14.47 38.68 -7.67
H191 CDL RA . -15.15 38.99 -6.27
H202 CDL RA . -15.26 36.67 -6.78
H201 CDL RA . -13.67 36.63 -6.79
H212 CDL RA . -15.29 37.10 -4.51
H211 CDL RA . -13.72 37.24 -4.45
H222 CDL RA . -15.13 34.83 -4.86
H221 CDL RA . -13.59 34.92 -5.16
H232 CDL RA . -13.05 35.29 -2.98
H231 CDL RA . -14.56 35.65 -2.62
H242 CDL RA . -13.45 33.10 -2.86
H241 CDL RA . -14.96 33.27 -3.29
H252 CDL RA . -15.51 34.07 -1.18
H251 CDL RA . -14.85 32.63 -1.04
H262 CDL RA . -14.02 34.29 0.53
H261 CDL RA . -13.30 34.97 -0.68
H273 CDL RA . -12.00 33.07 -1.03
H272 CDL RA . -11.88 33.46 0.50
H271 CDL RA . -12.84 32.27 0.06
HA62 CDL RA . -6.30 44.90 2.13
HA61 CDL RA . -7.37 44.69 1.00
H312 CDL RA . -10.17 44.56 3.99
H311 CDL RA . -9.73 45.76 4.93
H322 CDL RA . -11.57 45.86 3.03
H321 CDL RA . -10.35 46.64 2.42
H332 CDL RA . -10.23 47.88 4.55
H331 CDL RA . -11.31 48.35 3.47
H342 CDL RA . -12.32 48.32 5.53
H341 CDL RA . -11.82 46.83 5.79
H352 CDL RA . -13.39 46.29 3.86
H351 CDL RA . -14.02 47.68 4.26
H362 CDL RA . -13.63 45.82 6.32
H361 CDL RA . -14.85 45.57 5.34
H372 CDL RA . -15.86 47.53 5.95
H371 CDL RA . -14.57 48.02 6.69
H382 CDL RA . -14.83 46.45 8.35
H381 CDL RA . -16.04 45.78 7.58
H392 CDL RA . -16.28 48.47 8.41
H391 CDL RA . -16.55 47.32 9.46
H402 CDL RA . -18.51 48.14 8.16
H401 CDL RA . -17.93 47.24 7.01
H412 CDL RA . -18.44 45.36 8.07
H411 CDL RA . -18.28 46.01 9.50
H422 CDL RA . -20.52 46.27 7.82
H421 CDL RA . -20.36 47.19 9.07
H432 CDL RA . -20.89 44.42 8.93
H431 CDL RA . -20.07 44.90 10.21
H442 CDL RA . -22.35 44.78 10.70
H441 CDL RA . -22.68 45.84 9.57
H452 CDL RA . -21.06 47.25 11.02
H451 CDL RA . -22.61 47.23 11.28
H462 CDL RA . -22.18 45.38 12.80
H461 CDL RA . -20.65 45.74 12.65
H473 CDL RA . -22.56 47.64 13.54
H472 CDL RA . -20.99 47.83 13.59
H471 CDL RA . -21.68 46.78 14.56
HB22 CDL RA . -1.01 39.62 1.15
HB21 CDL RA . -2.28 40.36 1.71
HB32 CDL RA . 0.07 38.97 5.47
HB31 CDL RA . 0.33 37.65 6.29
HB4 CDL RA . -1.93 39.13 6.23
H512 CDL RA . -1.19 38.13 10.40
H511 CDL RA . -2.53 37.39 10.04
H522 CDL RA . -2.71 39.05 11.77
H521 CDL RA . -2.48 40.15 10.67
H532 CDL RA . -4.82 38.91 11.30
H531 CDL RA . -4.43 38.55 9.79
H542 CDL RA . -4.99 40.49 9.07
H541 CDL RA . -4.20 41.24 10.19
H552 CDL RA . -6.46 41.78 10.42
H551 CDL RA . -5.98 40.94 11.69
H562 CDL RA . -8.02 40.10 11.00
H561 CDL RA . -6.94 38.99 10.68
H572 CDL RA . -8.42 40.56 8.93
H571 CDL RA . -6.97 40.23 8.40
H582 CDL RA . -8.65 38.65 7.68
H581 CDL RA . -8.75 38.19 9.19
H592 CDL RA . -6.32 37.87 9.01
H591 CDL RA . -6.57 37.85 7.47
H602 CDL RA . -8.33 36.14 8.13
H601 CDL RA . -6.87 35.69 7.67
H612 CDL RA . -7.38 34.59 9.65
H611 CDL RA . -7.71 35.97 10.36
H622 CDL RA . -5.17 35.00 9.63
H621 CDL RA . -5.29 36.50 10.01
H632 CDL RA . -6.34 35.69 12.10
H631 CDL RA . -4.77 35.75 11.97
H642 CDL RA . -6.20 33.38 11.47
H641 CDL RA . -5.50 33.68 12.86
H652 CDL RA . -4.06 33.40 10.41
H651 CDL RA . -3.41 33.77 11.81
H662 CDL RA . -4.78 31.33 11.32
H661 CDL RA . -3.19 31.46 11.33
H673 CDL RA . -4.90 31.65 13.55
H672 CDL RA . -3.47 32.32 13.62
H671 CDL RA . -3.61 30.75 13.42
HB62 CDL RA . -2.31 36.44 5.47
HB61 CDL RA . -2.81 37.71 4.65
H712 CDL RA . -6.50 38.43 5.37
H711 CDL RA . -5.16 38.95 4.70
H722 CDL RA . -5.63 37.99 2.76
H721 CDL RA . -6.43 36.80 3.44
H732 CDL RA . -7.48 39.43 3.36
H731 CDL RA . -8.26 38.12 3.75
H742 CDL RA . -7.33 38.61 1.13
H741 CDL RA . -8.17 37.35 1.54
H752 CDL RA . -9.54 39.56 2.32
H751 CDL RA . -9.14 39.70 0.78
H762 CDL RA . -10.10 37.46 0.50
H761 CDL RA . -11.14 38.62 0.66
H772 CDL RA . -10.82 36.48 2.25
H771 CDL RA . -10.46 37.73 3.11
H782 CDL RA . -12.95 36.85 2.11
H781 CDL RA . -12.74 38.43 2.01
H792 CDL RA . -12.91 36.94 4.39
H791 CDL RA . -13.85 38.13 3.94
H802 CDL RA . -11.94 39.59 4.19
H801 CDL RA . -11.20 38.37 4.88
H812 CDL RA . -11.88 39.25 6.69
H811 CDL RA . -13.05 38.20 6.42
H822 CDL RA . -13.90 40.28 7.10
H821 CDL RA . -14.44 39.93 5.66
H832 CDL RA . -12.67 41.40 4.79
H831 CDL RA . -13.78 42.13 5.61
H842 CDL RA . -11.88 41.33 7.36
H841 CDL RA . -12.37 42.81 7.07
H852 CDL RA . -10.88 42.94 5.24
H851 CDL RA . -10.41 41.46 5.54
H862 CDL RA . -9.55 42.16 7.62
H861 CDL RA . -8.83 42.92 6.43
H873 CDL RA . -10.79 44.00 8.15
H872 CDL RA . -10.36 44.74 6.82
H871 CDL RA . -9.31 44.53 7.98
O12 PC1 SA . -0.85 49.00 7.99
P PC1 SA . -1.49 47.71 8.45
O14 PC1 SA . -0.60 47.05 9.47
O13 PC1 SA . -1.75 46.70 7.18
C11 PC1 SA . -2.62 47.14 6.18
C12 PC1 SA . -2.56 46.14 5.03
N PC1 SA . -1.93 46.65 3.83
C13 PC1 SA . -1.99 45.65 2.78
C14 PC1 SA . -2.60 47.86 3.38
C15 PC1 SA . -0.54 46.96 4.11
O11 PC1 SA . -2.98 48.03 9.06
C1 PC1 SA . -3.69 46.90 9.41
C2 PC1 SA . -4.48 47.09 10.70
O21 PC1 SA . -4.81 48.46 10.83
C21 PC1 SA . -5.92 48.77 11.63
O22 PC1 SA . -5.90 49.75 12.28
C22 PC1 SA . -7.16 47.86 11.67
C23 PC1 SA . -7.62 47.69 13.12
C24 PC1 SA . -8.52 46.48 13.21
C25 PC1 SA . -8.03 45.62 14.35
C26 PC1 SA . -8.76 44.27 14.35
C27 PC1 SA . -8.15 43.40 15.43
C28 PC1 SA . -9.19 42.39 15.89
C29 PC1 SA . -8.52 41.24 16.63
C2A PC1 SA . -7.70 41.74 17.81
C2B PC1 SA . -8.36 41.31 19.12
C2C PC1 SA . -8.40 39.79 19.22
C2D PC1 SA . -8.51 39.37 20.68
C2E PC1 SA . -8.34 37.86 20.77
C2F PC1 SA . -7.90 37.47 22.18
C2G PC1 SA . -8.95 36.54 22.78
C2H PC1 SA . -8.69 36.40 24.27
C2I PC1 SA . -9.62 35.35 24.85
C3 PC1 SA . -3.65 46.64 11.90
O31 PC1 SA . -4.30 45.59 12.56
C31 PC1 SA . -3.41 44.62 13.01
O32 PC1 SA . -2.71 44.83 13.93
C32 PC1 SA . -3.37 43.26 12.31
C33 PC1 SA . -3.15 42.14 13.31
C34 PC1 SA . -4.39 41.97 14.20
C35 PC1 SA . -4.23 40.79 15.17
C36 PC1 SA . -4.05 39.47 14.43
C37 PC1 SA . -3.25 38.48 15.26
C38 PC1 SA . -2.50 37.52 14.34
C39 PC1 SA . -1.22 37.00 15.00
C3A PC1 SA . -1.18 35.48 14.92
C3B PC1 SA . -2.34 34.88 15.71
C3C PC1 SA . -2.09 33.39 15.92
C3D PC1 SA . -3.30 32.73 16.58
C3E PC1 SA . -2.88 31.40 17.21
C3F PC1 SA . -2.23 30.52 16.15
C3G PC1 SA . -1.90 29.14 16.74
C3H PC1 SA . -1.51 28.17 15.62
C3I PC1 SA . -2.58 28.10 14.54
H111 PC1 SA . -2.33 48.02 5.93
H112 PC1 SA . -3.51 47.19 6.53
H121 PC1 SA . -2.06 45.37 5.33
H122 PC1 SA . -3.47 45.88 4.81
H131 PC1 SA . -2.89 45.28 2.75
H132 PC1 SA . -1.36 44.94 2.98
H133 PC1 SA . -1.78 46.05 1.93
H141 PC1 SA . -2.34 48.06 2.47
H142 PC1 SA . -2.36 48.61 3.94
H143 PC1 SA . -3.57 47.71 3.40
H151 PC1 SA . -0.06 46.13 4.28
H152 PC1 SA . -0.47 47.55 4.87
H153 PC1 SA . -0.16 47.39 3.33
H11 PC1 SA . -3.08 46.15 9.53
H12 PC1 SA . -4.32 46.68 8.70
H2 PC1 SA . -5.25 46.54 10.64
H221 PC1 SA . -7.03 46.99 11.29
H222 PC1 SA . -7.87 48.31 11.18
H231 PC1 SA . -6.85 47.58 13.69
H232 PC1 SA . -8.10 48.49 13.40
H241 PC1 SA . -8.49 45.96 12.38
H242 PC1 SA . -9.44 46.75 13.36
H251 PC1 SA . -7.08 45.45 14.26
H252 PC1 SA . -8.21 46.06 15.19
H261 PC1 SA . -8.65 43.85 13.48
H262 PC1 SA . -9.70 44.40 14.51
H271 PC1 SA . -7.89 43.97 16.16
H272 PC1 SA . -7.37 42.94 15.09
H281 PC1 SA . -9.68 42.05 15.13
H282 PC1 SA . -9.79 42.83 16.51
H291 PC1 SA . -9.20 40.61 16.92
H292 PC1 SA . -7.91 40.80 16.01
H2A1 PC1 SA . -7.61 42.70 17.83
H2A2 PC1 SA . -6.82 41.34 17.77
H2B1 PC1 SA . -9.27 41.65 19.15
H2B2 PC1 SA . -7.86 41.67 19.87
H2C1 PC1 SA . -9.14 39.45 18.73
H2C2 PC1 SA . -7.57 39.43 18.85
H2D1 PC1 SA . -9.39 39.61 21.01
H2D2 PC1 SA . -7.84 39.82 21.21
H2E1 PC1 SA . -7.66 37.57 20.13
H2E2 PC1 SA . -9.18 37.44 20.57
H2F1 PC1 SA . -7.81 38.26 22.73
H2F2 PC1 SA . -7.05 37.01 22.14
H2G1 PC1 SA . -8.89 35.67 22.36
H2G2 PC1 SA . -9.83 36.92 22.64
H2H1 PC1 SA . -8.84 37.25 24.71
H2H2 PC1 SA . -7.77 36.12 24.41
H2I1 PC1 SA . -9.44 34.49 24.44
H2I2 PC1 SA . -10.53 35.60 24.68
H2I3 PC1 SA . -9.47 35.29 25.81
H31 PC1 SA . -3.54 47.39 12.51
H32 PC1 SA . -2.78 46.34 11.61
H321 PC1 SA . -2.62 43.27 11.69
H322 PC1 SA . -4.20 43.12 11.83
H331 PC1 SA . -2.96 41.34 12.80
H332 PC1 SA . -2.40 42.36 13.86
H341 PC1 SA . -5.17 41.83 13.64
H342 PC1 SA . -4.50 42.78 14.72
H351 PC1 SA . -3.46 40.97 15.73
H352 PC1 SA . -5.02 40.73 15.72
H361 PC1 SA . -3.61 39.59 13.58
H362 PC1 SA . -4.93 39.09 14.27
H371 PC1 SA . -3.85 37.98 15.83
H372 PC1 SA . -2.61 38.96 15.81
H381 PC1 SA . -3.07 36.79 14.07
H382 PC1 SA . -2.21 38.01 13.55
H391 PC1 SA . -1.20 37.27 15.94
H392 PC1 SA . -0.46 37.36 14.54
H3A1 PC1 SA . -0.34 35.16 15.29
H3A2 PC1 SA . -1.25 35.20 13.99
H3B1 PC1 SA . -3.17 34.99 15.23
H3B2 PC1 SA . -2.41 35.32 16.58
H3C1 PC1 SA . -1.31 33.27 16.48
H3C2 PC1 SA . -1.94 32.98 15.06
H3D1 PC1 SA . -3.98 32.56 15.90
H3D2 PC1 SA . -3.67 33.31 17.27
H3E1 PC1 SA . -3.66 30.95 17.55
H3E2 PC1 SA . -2.26 31.55 17.94
H3F1 PC1 SA . -2.84 30.44 15.40
H3F2 PC1 SA . -1.40 30.92 15.84
H3G1 PC1 SA . -2.69 28.80 17.18
H3G2 PC1 SA . -1.17 29.22 17.37
H3H1 PC1 SA . -1.37 27.29 15.99
H3H2 PC1 SA . -0.68 28.49 15.22
H3I1 PC1 SA . -3.46 28.18 14.95
H3I2 PC1 SA . -2.45 28.82 13.91
H3I3 PC1 SA . -2.50 27.26 14.09
P PO4 TA . 25.45 3.89 8.41
O1 PO4 TA . 24.02 4.28 8.66
O2 PO4 TA . 26.03 4.78 7.35
O3 PO4 TA . 25.51 2.45 7.95
O4 PO4 TA . 26.24 4.03 9.69
C1 CDL UA . 0.20 30.15 10.78
O1 CDL UA . -0.80 29.19 10.99
CA2 CDL UA . -0.09 30.92 9.50
OA2 CDL UA . -0.35 30.04 8.47
PA1 CDL UA . -0.83 30.68 7.02
OA3 CDL UA . 0.17 31.69 6.56
OA4 CDL UA . -0.94 29.58 6.00
OA5 CDL UA . -2.29 31.42 7.21
CA3 CDL UA . -3.39 30.96 6.47
CA4 CDL UA . -4.56 30.64 7.39
OA6 CDL UA . -4.69 29.26 7.49
CA5 CDL UA . -3.95 28.69 8.54
OA7 CDL UA . -2.78 28.56 8.44
C11 CDL UA . -4.66 28.25 9.80
C12 CDL UA . -3.67 27.67 10.80
C13 CDL UA . -4.42 26.90 11.88
C14 CDL UA . -5.31 27.85 12.67
C15 CDL UA . -5.90 27.16 13.90
C16 CDL UA . -6.47 28.18 14.88
C17 CDL UA . -7.43 29.13 14.17
C18 CDL UA . -8.04 30.14 15.13
C19 CDL UA . -7.02 30.77 16.07
C20 CDL UA . -7.73 31.75 17.00
C21 CDL UA . -6.69 32.48 17.85
C22 CDL UA . -7.18 33.88 18.24
C23 CDL UA . -7.16 34.79 17.01
C24 CDL UA . -7.57 36.20 17.41
C25 CDL UA . -7.30 37.16 16.25
C26 CDL UA . -8.46 37.11 15.26
C27 CDL UA . -8.33 38.23 14.23
CA6 CDL UA . -5.84 31.23 6.81
OA8 CDL UA . -6.80 31.42 7.81
CA7 CDL UA . -7.80 32.35 7.48
OA9 CDL UA . -7.68 33.03 6.53
C31 CDL UA . -9.07 32.47 8.33
C32 CDL UA . -9.22 31.30 9.29
C33 CDL UA . -10.70 31.25 9.71
C34 CDL UA . -10.99 29.98 10.51
C35 CDL UA . -12.44 29.56 10.29
C36 CDL UA . -12.92 28.80 11.53
C37 CDL UA . -14.18 28.01 11.21
C38 CDL UA . -14.55 27.18 12.44
C39 CDL UA . -15.61 26.14 12.11
C40 CDL UA . -15.72 25.19 13.30
C41 CDL UA . -17.01 24.38 13.18
C42 CDL UA . -17.00 23.19 14.15
C43 CDL UA . -17.11 23.67 15.60
C44 CDL UA . -17.90 22.65 16.42
C45 CDL UA . -18.05 23.15 17.85
C46 CDL UA . -19.17 22.41 18.59
C47 CDL UA . -20.54 22.76 18.01
CB2 CDL UA . 1.53 29.42 10.65
OB2 CDL UA . 1.35 28.22 9.98
PB2 CDL UA . 2.46 27.06 10.34
OB3 CDL UA . 2.32 25.92 9.35
OB4 CDL UA . 3.84 27.62 10.25
OB5 CDL UA . 2.17 26.53 11.86
CB3 CDL UA . 3.15 26.72 12.84
CB4 CDL UA . 3.12 25.58 13.82
OB6 CDL UA . 3.04 24.39 13.10
CB5 CDL UA . 4.14 23.52 13.21
OB7 CDL UA . 4.61 23.08 12.22
C51 CDL UA . 4.75 23.15 14.56
C52 CDL UA . 4.26 21.76 14.97
C53 CDL UA . 2.76 21.58 14.68
C54 CDL UA . 2.35 20.18 15.06
C55 CDL UA . 0.86 20.00 14.78
C56 CDL UA . 0.09 19.53 16.00
C57 CDL UA . 0.41 20.46 17.17
C58 CDL UA . -0.72 20.43 18.17
C59 CDL UA . -0.36 21.24 19.42
C60 CDL UA . -0.04 22.68 19.05
C61 CDL UA . 0.37 23.48 20.28
C62 CDL UA . -0.76 23.49 21.31
C63 CDL UA . -1.92 24.34 20.82
C64 CDL UA . -1.53 25.81 20.61
C65 CDL UA . -2.37 26.47 19.51
C66 CDL UA . -2.16 25.78 18.16
C67 CDL UA . -3.42 25.90 17.31
CB6 CDL UA . 1.92 25.73 14.74
OB8 CDL UA . 2.32 26.21 15.97
CB7 CDL UA . 2.90 25.26 16.81
OB9 CDL UA . 2.54 24.13 16.80
C71 CDL UA . 4.01 25.70 17.75
C72 CDL UA . 3.67 27.11 18.23
C73 CDL UA . 2.41 27.03 19.08
C74 CDL UA . 2.61 27.84 20.36
C75 CDL UA . 2.38 29.33 20.14
C76 CDL UA . 1.04 29.62 19.46
C77 CDL UA . 1.10 30.98 18.77
C78 CDL UA . 0.94 32.11 19.78
C79 CDL UA . 0.09 33.21 19.17
C80 CDL UA . -0.74 33.89 20.25
C81 CDL UA . -1.88 34.65 19.59
C82 CDL UA . -2.13 35.97 20.30
C83 CDL UA . -3.13 36.79 19.48
C84 CDL UA . -3.72 37.88 20.34
C85 CDL UA . -4.96 38.44 19.64
C86 CDL UA . -4.56 39.58 18.71
C87 CDL UA . -4.67 40.90 19.46
H1 CDL UA . 0.23 30.75 11.53
H1O1 CDL UA . -0.44 28.46 11.21
HA22 CDL UA . -0.85 31.50 9.64
HA21 CDL UA . 0.69 31.46 9.28
HA32 CDL UA . -3.66 31.65 5.84
HA31 CDL UA . -3.16 30.16 5.98
HA4 CDL UA . -4.40 31.02 8.27
H112 CDL UA . -5.11 29.01 10.20
H111 CDL UA . -5.31 27.57 9.58
H122 CDL UA . -3.05 27.08 10.35
H121 CDL UA . -3.18 28.40 11.22
H132 CDL UA . -4.97 26.20 11.49
H131 CDL UA . -3.78 26.49 12.49
H142 CDL UA . -4.79 28.61 12.97
H141 CDL UA . -6.03 28.15 12.10
H152 CDL UA . -5.19 26.65 14.34
H151 CDL UA . -6.60 26.56 13.62
H162 CDL UA . -5.72 28.67 15.24
H161 CDL UA . -6.93 27.72 15.60
H172 CDL UA . -6.95 29.63 13.49
H171 CDL UA . -8.14 28.61 13.77
H182 CDL UA . -8.45 30.85 14.62
H181 CDL UA . -8.71 29.70 15.67
H192 CDL UA . -6.34 31.23 15.56
H191 CDL UA . -6.61 30.09 16.64
H202 CDL UA . -8.22 32.37 16.46
H201 CDL UA . -8.34 31.28 17.58
H212 CDL UA . -6.54 31.97 18.65
H211 CDL UA . -5.87 32.56 17.34
H222 CDL UA . -8.08 33.82 18.57
H221 CDL UA . -6.60 34.24 18.92
H232 CDL UA . -7.77 34.47 16.34
H231 CDL UA . -6.26 34.82 16.65
H242 CDL UA . -7.05 36.48 18.18
H241 CDL UA . -8.51 36.22 17.62
H252 CDL UA . -7.22 38.07 16.59
H251 CDL UA . -6.48 36.92 15.80
H262 CDL UA . -8.46 36.26 14.80
H261 CDL UA . -9.30 37.23 15.73
H273 CDL UA . -8.24 39.09 14.68
H272 CDL UA . -7.53 38.08 13.69
H271 CDL UA . -9.10 38.25 13.65
HA62 CDL UA . -5.64 32.08 6.40
HA61 CDL UA . -6.20 30.62 6.14
H312 CDL UA . -9.83 32.51 7.73
H311 CDL UA . -9.03 33.30 8.83
H322 CDL UA . -8.66 31.42 10.06
H321 CDL UA . -8.99 30.49 8.83
H332 CDL UA . -11.25 31.25 8.92
H331 CDL UA . -10.90 32.02 10.27
H342 CDL UA . -10.83 30.13 11.45
H341 CDL UA . -10.42 29.27 10.19
H352 CDL UA . -12.99 30.34 10.16
H351 CDL UA . -12.50 28.98 9.52
H362 CDL UA . -13.11 29.44 12.22
H361 CDL UA . -12.24 28.20 11.81
H372 CDL UA . -14.91 28.61 11.02
H371 CDL UA . -14.04 27.42 10.46
H382 CDL UA . -14.89 27.77 13.14
H381 CDL UA . -13.77 26.73 12.76
H392 CDL UA . -16.46 26.57 11.96
H391 CDL UA . -15.35 25.64 11.32
H402 CDL UA . -15.74 25.69 14.12
H401 CDL UA . -14.97 24.58 13.31
H412 CDL UA . -17.77 24.95 13.39
H411 CDL UA . -17.09 24.04 12.28
H422 CDL UA . -17.74 22.60 13.95
H421 CDL UA . -16.17 22.70 14.04
H432 CDL UA . -17.57 24.53 15.61
H431 CDL UA . -16.22 23.77 15.98
H442 CDL UA . -17.43 21.81 16.41
H441 CDL UA . -18.77 22.53 16.01
H452 CDL UA . -17.22 23.02 18.33
H451 CDL UA . -18.27 24.09 17.82
H462 CDL UA . -19.16 22.68 19.52
H461 CDL UA . -19.02 21.46 18.52
H473 CDL UA . -21.24 22.43 18.59
H472 CDL UA . -20.63 23.72 17.92
H471 CDL UA . -20.64 22.35 17.13
HB22 CDL UA . 1.89 29.24 11.54
HB21 CDL UA . 2.15 29.98 10.16
HB32 CDL UA . 2.98 27.55 13.31
HB31 CDL UA . 4.02 26.77 12.42
HB4 CDL UA . 3.93 25.61 14.35
H512 CDL UA . 4.51 23.78 15.26
H511 CDL UA . 5.71 23.12 14.47
H522 CDL UA . 4.75 21.10 14.47
H521 CDL UA . 4.42 21.63 15.92
H532 CDL UA . 2.26 22.23 15.20
H531 CDL UA . 2.59 21.70 13.74
H542 CDL UA . 2.83 19.56 14.49
H541 CDL UA . 2.59 19.97 15.97
H552 CDL UA . 0.51 20.85 14.53
H551 CDL UA . 0.74 19.36 14.06
H562 CDL UA . -0.86 19.57 15.81
H561 CDL UA . 0.34 18.62 16.23
H572 CDL UA . 0.52 21.35 16.81
H571 CDL UA . 1.22 20.18 17.60
H582 CDL UA . -1.50 20.83 17.76
H581 CDL UA . -0.91 19.53 18.43
H592 CDL UA . -1.13 21.20 20.01
H591 CDL UA . 0.40 20.83 19.86
H602 CDL UA . -0.84 23.06 18.65
H601 CDL UA . 0.70 22.71 18.42
H612 CDL UA . 0.65 24.36 20.01
H611 CDL UA . 1.13 23.02 20.68
H622 CDL UA . -0.40 23.91 22.10
H621 CDL UA . -1.06 22.60 21.54
H632 CDL UA . -2.58 24.33 21.52
H631 CDL UA . -2.31 23.93 20.04
H642 CDL UA . -1.68 26.29 21.44
H641 CDL UA . -0.61 25.91 20.36
H652 CDL UA . -2.09 27.40 19.44
H651 CDL UA . -3.30 26.43 19.76
H662 CDL UA . -1.95 24.85 18.28
H661 CDL UA . -1.41 26.20 17.72
H673 CDL UA . -3.53 26.83 17.04
H672 CDL UA . -4.18 25.61 17.82
H671 CDL UA . -3.31 25.34 16.52
HB62 CDL UA . 1.30 26.35 14.33
HB61 CDL UA . 1.46 24.87 14.85
H712 CDL UA . 4.05 25.10 18.51
H711 CDL UA . 4.87 25.69 17.30
H722 CDL UA . 3.52 27.68 17.46
H721 CDL UA . 4.40 27.45 18.75
H732 CDL UA . 2.29 26.11 19.34
H731 CDL UA . 1.64 27.27 18.54
H742 CDL UA . 1.98 27.52 21.03
H741 CDL UA . 3.52 27.71 20.67
H752 CDL UA . 3.09 29.68 19.59
H751 CDL UA . 2.37 29.77 21.01
H762 CDL UA . 0.75 28.99 18.80
H761 CDL UA . 0.37 29.66 20.15
H772 CDL UA . 1.95 31.06 18.32
H771 CDL UA . 0.37 31.01 18.13
H782 CDL UA . 1.82 32.46 20.01
H781 CDL UA . 0.51 31.77 20.58
H792 CDL UA . -0.51 32.82 18.53
H791 CDL UA . 0.66 33.84 18.72
H802 CDL UA . -1.10 33.24 20.87
H801 CDL UA . -0.17 34.52 20.73
H812 CDL UA . -2.70 34.11 19.61
H811 CDL UA . -1.64 34.83 18.67
H822 CDL UA . -1.30 36.47 20.37
H821 CDL UA . -2.48 35.81 21.18
H832 CDL UA . -2.67 37.18 18.72
H831 CDL UA . -3.83 36.20 19.17
H842 CDL UA . -3.97 37.53 21.21
H841 CDL UA . -3.07 38.59 20.44
H852 CDL UA . -5.59 38.77 20.30
H851 CDL UA . -5.38 37.74 19.12
H862 CDL UA . -5.16 39.60 17.95
H861 CDL UA . -3.65 39.45 18.41
H873 CDL UA . -5.59 41.07 19.68
H872 CDL UA . -4.33 41.62 18.90
H871 CDL UA . -4.15 40.86 20.28
C1 CDL VA . 26.43 -9.52 4.11
O1 CDL VA . 27.43 -8.61 4.45
CA2 CDL VA . 25.08 -8.83 4.19
OA2 CDL VA . 24.85 -8.28 5.45
PA1 CDL VA . 23.65 -7.15 5.59
OA3 CDL VA . 23.92 -6.27 6.78
OA4 CDL VA . 23.63 -6.29 4.35
OA5 CDL VA . 22.21 -7.89 5.78
CA3 CDL VA . 21.72 -8.58 4.67
CA4 CDL VA . 21.75 -10.07 4.99
OA6 CDL VA . 21.38 -10.84 3.88
CA5 CDL VA . 21.72 -12.21 3.92
OA7 CDL VA . 20.96 -13.00 3.49
C11 CDL VA . 23.06 -12.68 4.49
C12 CDL VA . 23.06 -14.18 4.82
C13 CDL VA . 24.38 -14.84 4.40
C14 CDL VA . 24.54 -14.90 2.88
C15 CDL VA . 24.23 -16.29 2.34
C16 CDL VA . 23.35 -16.20 1.10
C17 CDL VA . 21.96 -15.78 1.53
C18 CDL VA . 21.08 -15.51 0.34
C19 CDL VA . 19.69 -16.05 0.65
C20 CDL VA . 19.05 -15.22 1.74
C21 CDL VA . 17.86 -15.99 2.31
C22 CDL VA . 18.25 -16.81 3.54
C23 CDL VA . 18.68 -15.89 4.69
C24 CDL VA . 18.90 -16.75 5.92
C25 CDL VA . 19.06 -15.89 7.16
C26 CDL VA . 20.17 -14.86 6.95
C27 CDL VA . 20.73 -14.43 8.30
CA6 CDL VA . 20.82 -10.32 6.15
OA8 CDL VA . 19.72 -9.46 6.13
CA7 CDL VA . 18.43 -10.02 6.06
OA9 CDL VA . 17.56 -9.35 5.65
C31 CDL VA . 18.14 -11.46 6.48
C32 CDL VA . 17.50 -11.46 7.86
C33 CDL VA . 17.39 -12.90 8.35
C34 CDL VA . 17.15 -12.87 9.86
C35 CDL VA . 15.75 -12.34 10.15
C36 CDL VA . 14.70 -13.33 9.63
C37 CDL VA . 13.30 -12.80 9.95
C38 CDL VA . 12.71 -13.64 11.08
C39 CDL VA . 13.28 -13.19 12.42
C40 CDL VA . 13.09 -11.68 12.65
C41 CDL VA . 14.34 -11.02 13.24
C42 CDL VA . 13.95 -9.70 13.90
C43 CDL VA . 15.03 -9.24 14.89
C44 CDL VA . 14.59 -7.93 15.52
C45 CDL VA . 13.41 -8.18 16.47
C46 CDL VA . 12.14 -7.44 16.04
C47 CDL VA . 12.44 -5.99 15.65
CB2 CDL VA . 26.49 -10.69 5.09
OB2 CDL VA . 27.59 -10.51 5.92
PB2 CDL VA . 28.72 -11.71 5.99
OB3 CDL VA . 29.72 -11.51 4.88
OB4 CDL VA . 29.42 -11.64 7.31
OB5 CDL VA . 28.02 -13.19 5.84
CB3 CDL VA . 28.69 -14.14 5.07
CB4 CDL VA . 28.08 -15.53 5.26
OB6 CDL VA . 28.30 -15.98 6.57
CB5 CDL VA . 27.27 -16.77 7.10
OB7 CDL VA . 26.13 -16.51 6.89
C51 CDL VA . 27.61 -17.99 7.96
C52 CDL VA . 26.49 -19.02 7.84
C53 CDL VA . 27.00 -20.44 8.14
C54 CDL VA . 27.15 -20.65 9.65
C55 CDL VA . 27.25 -22.16 9.93
C56 CDL VA . 26.96 -22.43 11.41
C57 CDL VA . 27.35 -23.87 11.79
C58 CDL VA . 26.48 -24.86 11.00
C59 CDL VA . 26.03 -26.01 11.90
C60 CDL VA . 25.07 -25.51 12.98
C61 CDL VA . 23.99 -26.54 13.29
C62 CDL VA . 22.80 -26.38 12.35
C63 CDL VA . 21.71 -27.39 12.71
C64 CDL VA . 20.55 -27.32 11.72
C65 CDL VA . 19.51 -28.35 12.12
C66 CDL VA . 18.54 -28.63 10.96
C67 CDL VA . 17.37 -27.66 10.99
CB6 CDL VA . 28.74 -16.50 4.30
OB8 CDL VA . 29.57 -17.39 5.00
CB7 CDL VA . 30.20 -18.32 4.16
OB9 CDL VA . 31.32 -18.14 3.82
C71 CDL VA . 29.45 -19.56 3.69
C72 CDL VA . 29.93 -20.80 4.45
C73 CDL VA . 28.72 -21.67 4.80
C74 CDL VA . 29.17 -23.07 5.19
C75 CDL VA . 28.00 -24.05 5.05
C76 CDL VA . 26.90 -23.65 6.03
C77 CDL VA . 25.89 -24.79 6.21
C78 CDL VA . 26.55 -26.07 6.73
C79 CDL VA . 25.67 -26.76 7.76
C80 CDL VA . 24.46 -27.40 7.07
C81 CDL VA . 23.34 -27.65 8.08
C82 CDL VA . 22.96 -29.13 8.08
C83 CDL VA . 23.99 -29.92 8.89
C84 CDL VA . 23.63 -31.40 8.87
C85 CDL VA . 24.63 -32.17 9.73
C86 CDL VA . 24.30 -33.66 9.76
C87 CDL VA . 24.51 -34.29 8.39
H1 CDL VA . 26.57 -9.84 3.21
H1O1 CDL VA . 27.45 -8.00 3.86
HA22 CDL VA . 25.05 -8.13 3.53
HA21 CDL VA . 24.39 -9.48 4.02
HA32 CDL VA . 20.83 -8.30 4.46
HA31 CDL VA . 22.30 -8.41 3.92
HA4 CDL VA . 22.65 -10.29 5.25
H112 CDL VA . 23.24 -12.24 5.34
H111 CDL VA . 23.77 -12.48 3.86
H122 CDL VA . 22.94 -14.30 5.78
H121 CDL VA . 22.34 -14.61 4.35
H132 CDL VA . 25.11 -14.34 4.78
H131 CDL VA . 24.40 -15.75 4.75
H142 CDL VA . 25.46 -14.68 2.66
H141 CDL VA . 23.96 -14.24 2.47
H152 CDL VA . 25.06 -16.73 2.12
H151 CDL VA . 23.76 -16.80 3.02
H162 CDL VA . 23.71 -15.54 0.49
H161 CDL VA . 23.32 -17.06 0.65
H172 CDL VA . 22.00 -14.98 2.08
H171 CDL VA . 21.56 -16.48 2.06
H182 CDL VA . 21.44 -15.94 -0.45
H181 CDL VA . 21.03 -14.55 0.18
H192 CDL VA . 19.77 -16.97 0.93
H191 CDL VA . 19.14 -16.01 -0.14
H202 CDL VA . 18.73 -14.39 1.37
H201 CDL VA . 19.70 -15.04 2.43
H212 CDL VA . 17.51 -16.59 1.63
H211 CDL VA . 17.18 -15.35 2.57
H222 CDL VA . 17.49 -17.33 3.84
H221 CDL VA . 18.98 -17.39 3.32
H232 CDL VA . 19.50 -15.43 4.48
H231 CDL VA . 17.98 -15.26 4.86
H242 CDL VA . 19.70 -17.29 5.80
H241 CDL VA . 18.14 -17.33 6.03
H252 CDL VA . 18.23 -15.42 7.33
H251 CDL VA . 19.28 -16.44 7.92
H262 CDL VA . 20.89 -15.26 6.43
H261 CDL VA . 19.82 -14.09 6.47
H273 CDL VA . 21.14 -13.56 8.21
H272 CDL VA . 20.01 -14.40 8.96
H271 CDL VA . 21.40 -15.07 8.59
HA62 CDL VA . 20.56 -11.24 6.05
HA61 CDL VA . 21.30 -10.19 6.97
H312 CDL VA . 18.88 -12.07 6.52
H311 CDL VA . 17.50 -11.81 5.86
H322 CDL VA . 16.62 -11.06 7.80
H321 CDL VA . 18.05 -10.96 8.47
H332 CDL VA . 18.22 -13.36 8.18
H331 CDL VA . 16.67 -13.35 7.88
H342 CDL VA . 17.81 -12.29 10.28
H341 CDL VA . 17.23 -13.77 10.21
H352 CDL VA . 15.61 -11.46 9.75
H351 CDL VA . 15.64 -12.27 11.11
H362 CDL VA . 14.83 -14.17 10.07
H361 CDL VA . 14.77 -13.45 8.68
H372 CDL VA . 13.38 -11.85 10.12
H371 CDL VA . 12.75 -12.90 9.17
H382 CDL VA . 11.76 -13.50 11.09
H381 CDL VA . 12.91 -14.58 10.93
H392 CDL VA . 14.22 -13.38 12.43
H391 CDL VA . 12.82 -13.67 13.12
H402 CDL VA . 12.80 -11.21 11.87
H401 CDL VA . 12.39 -11.58 13.31
H412 CDL VA . 15.00 -10.85 12.56
H411 CDL VA . 14.69 -11.60 13.93
H422 CDL VA . 13.11 -9.81 14.37
H421 CDL VA . 13.83 -9.03 13.22
H432 CDL VA . 15.87 -9.13 14.42
H431 CDL VA . 15.12 -9.91 15.58
H442 CDL VA . 14.34 -7.35 14.79
H441 CDL VA . 15.32 -7.53 16.01
H452 CDL VA . 13.65 -7.89 17.35
H451 CDL VA . 13.22 -9.13 16.48
H462 CDL VA . 11.74 -7.89 15.28
H461 CDL VA . 11.51 -7.42 16.78
H473 CDL VA . 11.66 -5.45 15.81
H472 CDL VA . 13.18 -5.66 16.17
H471 CDL VA . 12.65 -5.95 14.70
HB22 CDL VA . 26.58 -11.51 4.60
HB21 CDL VA . 25.67 -10.71 5.62
HB32 CDL VA . 29.62 -14.16 5.33
HB31 CDL VA . 28.62 -13.90 4.13
HB4 CDL VA . 27.13 -15.49 5.08
H512 CDL VA . 28.44 -18.37 7.66
H511 CDL VA . 27.70 -17.71 8.89
H522 CDL VA . 25.77 -18.80 8.46
H521 CDL VA . 26.16 -19.01 6.94
H532 CDL VA . 26.37 -21.08 7.78
H531 CDL VA . 27.86 -20.56 7.71
H542 CDL VA . 26.37 -20.30 10.10
H541 CDL VA . 27.95 -20.22 9.97
H552 CDL VA . 28.14 -22.48 9.72
H551 CDL VA . 26.61 -22.63 9.40
H562 CDL VA . 27.48 -21.81 11.96
H561 CDL VA . 26.02 -22.31 11.57
H572 CDL VA . 27.21 -23.98 12.74
H571 CDL VA . 28.28 -24.02 11.58
H582 CDL VA . 25.71 -24.38 10.68
H581 CDL VA . 26.99 -25.20 10.26
H592 CDL VA . 25.56 -26.66 11.35
H591 CDL VA . 26.80 -26.43 12.31
H602 CDL VA . 24.64 -24.71 12.64
H601 CDL VA . 25.57 -25.29 13.79
H612 CDL VA . 23.69 -26.42 14.20
H611 CDL VA . 24.36 -27.44 13.20
H622 CDL VA . 22.43 -25.48 12.43
H621 CDL VA . 23.08 -26.53 11.44
H632 CDL VA . 22.09 -28.28 12.69
H631 CDL VA . 21.39 -27.20 13.59
H642 CDL VA . 20.17 -26.43 11.74
H641 CDL VA . 20.88 -27.50 10.83
H652 CDL VA . 19.00 -28.03 12.87
H651 CDL VA . 19.95 -29.18 12.35
H662 CDL VA . 19.01 -28.55 10.12
H661 CDL VA . 18.19 -29.53 11.06
H673 CDL VA . 16.70 -27.94 10.36
H672 CDL VA . 17.00 -27.62 11.88
H671 CDL VA . 17.70 -26.77 10.74
HB62 CDL VA . 28.07 -16.99 3.82
HB61 CDL VA . 29.29 -16.00 3.67
H712 CDL VA . 29.61 -19.69 2.75
H711 CDL VA . 28.50 -19.45 3.83
H722 CDL VA . 30.38 -20.53 5.26
H721 CDL VA . 30.55 -21.31 3.89
H732 CDL VA . 28.24 -21.27 5.55
H731 CDL VA . 28.13 -21.72 4.04
H742 CDL VA . 29.89 -23.35 4.59
H741 CDL VA . 29.49 -23.07 6.11
H752 CDL VA . 28.31 -24.94 5.21
H751 CDL VA . 27.66 -23.99 4.14
H762 CDL VA . 27.30 -23.46 6.89
H761 CDL VA . 26.42 -22.88 5.70
H772 CDL VA . 25.52 -24.99 5.33
H771 CDL VA . 25.19 -24.52 6.82
H782 CDL VA . 26.71 -26.68 5.98
H781 CDL VA . 27.39 -25.84 7.14
H792 CDL VA . 26.17 -27.45 8.22
H791 CDL VA . 25.35 -26.11 8.41
H802 CDL VA . 24.13 -26.82 6.36
H801 CDL VA . 24.74 -28.24 6.69
H812 CDL VA . 23.63 -27.38 8.96
H811 CDL VA . 22.56 -27.13 7.81
H822 CDL VA . 22.09 -29.23 8.48
H821 CDL VA . 22.93 -29.47 7.17
H832 CDL VA . 24.86 -29.80 8.49
H831 CDL VA . 24.00 -29.60 9.81
H842 CDL VA . 22.73 -31.52 9.23
H841 CDL VA . 23.66 -31.73 7.96
H852 CDL VA . 24.61 -31.81 10.63
H851 CDL VA . 25.52 -32.05 9.36
H862 CDL VA . 24.87 -34.10 10.41
H861 CDL VA . 23.36 -33.77 10.03
H873 CDL VA . 23.81 -33.99 7.78
H872 CDL VA . 24.47 -35.25 8.47
H871 CDL VA . 25.38 -34.02 8.05
C1 CDL WA . 20.19 1.36 -10.72
O1 CDL WA . 19.74 1.02 -12.00
CA2 CDL WA . 20.62 0.11 -9.98
OA2 CDL WA . 20.39 0.25 -8.60
PA1 CDL WA . 20.93 -0.92 -7.57
OA3 CDL WA . 22.04 -1.70 -8.23
OA4 CDL WA . 21.45 -0.27 -6.31
OA5 CDL WA . 19.68 -1.92 -7.19
CA3 CDL WA . 18.88 -2.40 -8.23
CA4 CDL WA . 17.43 -1.94 -8.05
OA6 CDL WA . 17.30 -0.63 -8.53
CA5 CDL WA . 16.01 -0.11 -8.50
OA7 CDL WA . 15.12 -0.70 -9.02
C11 CDL WA . 15.74 1.22 -7.79
C12 CDL WA . 14.32 1.30 -7.25
C13 CDL WA . 14.32 0.99 -5.75
C14 CDL WA . 13.21 1.72 -4.99
C15 CDL WA . 11.85 1.57 -5.67
C16 CDL WA . 11.31 0.16 -5.45
C17 CDL WA . 9.79 0.18 -5.38
C18 CDL WA . 9.29 -1.24 -5.16
C19 CDL WA . 7.95 -1.26 -4.44
C20 CDL WA . 8.10 -1.44 -2.94
C21 CDL WA . 6.85 -2.10 -2.34
C22 CDL WA . 5.57 -1.46 -2.85
C23 CDL WA . 4.38 -2.34 -2.49
C24 CDL WA . 3.17 -1.93 -3.33
C25 CDL WA . 2.18 -1.16 -2.47
C26 CDL WA . 0.81 -1.15 -3.14
C27 CDL WA . -0.28 -1.00 -2.09
CA6 CDL WA . 17.01 -2.05 -6.59
OA8 CDL WA . 16.29 -3.23 -6.38
CA7 CDL WA . 14.90 -3.08 -6.33
OA9 CDL WA . 14.39 -2.04 -6.50
C31 CDL WA . 14.03 -4.29 -6.06
C32 CDL WA . 12.84 -4.30 -7.00
C33 CDL WA . 12.32 -5.74 -7.12
C34 CDL WA . 10.89 -5.82 -7.62
C35 CDL WA . 9.93 -5.05 -6.74
C36 CDL WA . 8.51 -5.23 -7.26
C37 CDL WA . 7.60 -4.25 -6.52
C38 CDL WA . 6.25 -4.88 -6.25
C39 CDL WA . 5.29 -4.56 -7.39
C40 CDL WA . 4.24 -5.67 -7.53
C41 CDL WA . 2.84 -5.15 -7.31
C42 CDL WA . 2.68 -4.62 -5.88
C43 CDL WA . 1.65 -5.45 -5.13
C44 CDL WA . 2.19 -6.87 -4.91
C45 CDL WA . 3.33 -6.92 -3.89
C46 CDL WA . 2.94 -6.36 -2.53
C47 CDL WA . 4.20 -5.91 -1.78
CB2 CDL WA . 19.06 2.10 -9.99
OB2 CDL WA . 19.38 3.45 -9.86
PB2 CDL WA . 18.20 4.41 -9.26
OB3 CDL WA . 18.11 4.25 -7.77
OB4 CDL WA . 18.51 5.86 -9.58
OB5 CDL WA . 16.78 3.97 -9.96
CB3 CDL WA . 16.22 4.76 -10.96
CB4 CDL WA . 14.75 4.95 -10.66
OB6 CDL WA . 13.96 4.63 -11.78
CB5 CDL WA . 13.96 3.29 -12.16
OB7 CDL WA . 14.22 3.01 -13.28
C51 CDL WA . 13.63 2.17 -11.17
C52 CDL WA . 12.12 1.97 -11.11
C53 CDL WA . 11.75 0.57 -11.58
C54 CDL WA . 12.05 0.44 -13.07
C55 CDL WA . 12.37 -1.01 -13.43
C56 CDL WA . 12.15 -1.27 -14.91
C57 CDL WA . 10.67 -1.15 -15.26
C58 CDL WA . 10.50 -1.32 -16.77
C59 CDL WA . 9.08 -1.76 -17.08
C60 CDL WA . 8.95 -1.98 -18.58
C61 CDL WA . 7.53 -2.41 -18.93
C62 CDL WA . 6.62 -1.17 -18.94
C63 CDL WA . 5.72 -1.20 -20.17
C64 CDL WA . 5.04 0.15 -20.36
C65 CDL WA . 3.65 0.13 -19.73
C66 CDL WA . 2.57 0.40 -20.77
C67 CDL WA . 2.74 1.77 -21.43
CB6 CDL WA . 14.50 6.42 -10.26
OB8 CDL WA . 13.89 6.43 -9.00
CB7 CDL WA . 12.49 6.48 -9.01
OB9 CDL WA . 11.90 6.98 -9.91
C71 CDL WA . 11.72 5.87 -7.84
C72 CDL WA . 10.82 4.74 -8.32
C73 CDL WA . 9.41 5.32 -8.40
C74 CDL WA . 8.77 5.24 -7.02
C75 CDL WA . 7.44 5.98 -7.02
C76 CDL WA . 7.73 7.49 -7.00
C77 CDL WA . 6.65 8.33 -6.32
C78 CDL WA . 6.28 7.78 -4.94
C79 CDL WA . 7.07 8.50 -3.84
C80 CDL WA . 6.15 8.79 -2.65
C81 CDL WA . 6.11 7.53 -1.78
C82 CDL WA . 4.72 6.93 -1.85
C83 CDL WA . 4.54 5.86 -0.77
C84 CDL WA . 4.76 4.46 -1.35
C85 CDL WA . 5.92 3.71 -0.66
C86 CDL WA . 7.23 3.85 -1.44
C87 CDL WA . 7.13 3.20 -2.82
H1 CDL WA . 20.95 1.97 -10.79
H1O1 CDL WA . 20.39 0.68 -12.43
HA22 CDL WA . 20.10 -0.63 -10.31
HA21 CDL WA . 21.56 -0.05 -10.14
HA32 CDL WA . 18.91 -3.37 -8.22
HA31 CDL WA . 19.21 -2.06 -9.07
HA4 CDL WA . 16.86 -2.52 -8.58
H112 CDL WA . 15.89 1.94 -8.43
H111 CDL WA . 16.38 1.30 -7.06
H122 CDL WA . 13.76 0.66 -7.71
H121 CDL WA . 13.97 2.19 -7.39
H132 CDL WA . 14.19 0.03 -5.62
H131 CDL WA . 15.16 1.26 -5.36
H142 CDL WA . 13.15 1.37 -4.09
H141 CDL WA . 13.43 2.67 -4.96
H152 CDL WA . 11.91 1.75 -6.63
H151 CDL WA . 11.24 2.20 -5.28
H162 CDL WA . 11.59 -0.41 -6.19
H161 CDL WA . 11.67 -0.20 -4.62
H172 CDL WA . 9.43 0.53 -6.21
H171 CDL WA . 9.51 0.75 -4.64
H182 CDL WA . 9.94 -1.70 -4.62
H181 CDL WA . 9.20 -1.69 -6.01
H192 CDL WA . 7.44 -2.02 -4.79
H191 CDL WA . 7.48 -0.43 -4.63
H202 CDL WA . 8.86 -2.00 -2.74
H201 CDL WA . 8.22 -0.56 -2.52
H212 CDL WA . 6.85 -3.03 -2.56
H211 CDL WA . 6.88 -2.01 -1.37
H222 CDL WA . 5.44 -0.59 -2.45
H221 CDL WA . 5.57 -1.36 -3.81
H232 CDL WA . 4.59 -3.27 -2.66
H231 CDL WA . 4.18 -2.22 -1.55
H242 CDL WA . 2.73 -2.74 -3.67
H241 CDL WA . 3.44 -1.38 -4.08
H252 CDL WA . 2.49 -0.26 -2.34
H251 CDL WA . 2.09 -1.60 -1.60
H262 CDL WA . 0.75 -0.41 -3.77
H261 CDL WA . 0.67 -1.98 -3.62
H273 CDL WA . -1.15 -1.08 -2.49
H272 CDL WA . -0.17 -1.69 -1.41
H271 CDL WA . -0.20 -0.13 -1.66
HA62 CDL WA . 16.49 -1.29 -6.31
HA61 CDL WA . 17.79 -2.07 -6.03
H312 CDL WA . 13.71 -4.26 -5.15
H311 CDL WA . 14.54 -5.10 -6.19
H322 CDL WA . 12.16 -3.70 -6.67
H321 CDL WA . 13.12 -4.00 -7.88
H332 CDL WA . 12.89 -6.22 -7.74
H331 CDL WA . 12.37 -6.15 -6.25
H342 CDL WA . 10.62 -6.75 -7.64
H341 CDL WA . 10.86 -5.46 -8.52
H352 CDL WA . 10.13 -4.10 -6.75
H351 CDL WA . 9.98 -5.38 -5.83
H362 CDL WA . 8.49 -5.05 -8.20
H361 CDL WA . 8.22 -6.14 -7.10
H372 CDL WA . 8.01 -3.99 -5.69
H371 CDL WA . 7.47 -3.48 -7.10
H382 CDL WA . 6.34 -5.84 -6.15
H381 CDL WA . 5.89 -4.53 -5.43
H392 CDL WA . 4.85 -3.72 -7.22
H391 CDL WA . 5.79 -4.52 -8.21
H402 CDL WA . 4.31 -6.03 -8.42
H401 CDL WA . 4.42 -6.37 -6.89
H412 CDL WA . 2.21 -5.86 -7.46
H411 CDL WA . 2.67 -4.42 -7.93
H422 CDL WA . 2.37 -3.70 -5.92
H421 CDL WA . 3.53 -4.65 -5.42
H432 CDL WA . 0.84 -5.51 -5.67
H431 CDL WA . 1.42 -5.01 -4.30
H442 CDL WA . 1.46 -7.43 -4.58
H441 CDL WA . 2.51 -7.22 -5.75
H452 CDL WA . 4.08 -6.41 -4.25
H451 CDL WA . 3.60 -7.84 -3.78
H462 CDL WA . 2.35 -5.60 -2.61
H461 CDL WA . 2.51 -7.05 -2.01
H473 CDL WA . 4.81 -5.46 -2.39
H472 CDL WA . 3.96 -5.31 -1.06
H471 CDL WA . 4.65 -6.68 -1.41
HB22 CDL WA . 18.25 2.01 -10.51
HB21 CDL WA . 18.90 1.73 -9.11
HB32 CDL WA . 16.32 4.32 -11.81
HB31 CDL WA . 16.68 5.60 -11.01
HB4 CDL WA . 14.51 4.38 -9.92
H512 CDL WA . 13.97 2.36 -10.28
H511 CDL WA . 14.05 1.35 -11.48
H522 CDL WA . 11.83 2.09 -10.20
H521 CDL WA . 11.68 2.63 -11.68
H532 CDL WA . 12.28 -0.08 -11.09
H531 CDL WA . 10.81 0.41 -11.42
H542 CDL WA . 11.29 0.79 -13.56
H541 CDL WA . 12.81 0.98 -13.30
H552 CDL WA . 13.29 -1.21 -13.20
H551 CDL WA . 11.75 -1.57 -12.93
H562 CDL WA . 12.64 -0.60 -15.43
H561 CDL WA . 12.46 -2.15 -15.13
H572 CDL WA . 10.30 -0.30 -15.01
H571 CDL WA . 10.18 -1.86 -14.81
H582 CDL WA . 11.12 -1.99 -17.08
H581 CDL WA . 10.70 -0.49 -17.21
H592 CDL WA . 8.46 -1.07 -16.80
H591 CDL WA . 8.88 -2.59 -16.62
H602 CDL WA . 9.18 -1.17 -19.06
H601 CDL WA . 9.57 -2.68 -18.84
H612 CDL WA . 7.53 -2.81 -19.81
H611 CDL WA . 7.22 -3.04 -18.28
H622 CDL WA . 7.17 -0.37 -18.97
H621 CDL WA . 6.07 -1.17 -18.14
H632 CDL WA . 6.27 -1.37 -20.95
H631 CDL WA . 5.06 -1.90 -20.09
H642 CDL WA . 4.98 0.34 -21.31
H641 CDL WA . 5.57 0.85 -19.93
H652 CDL WA . 3.60 0.82 -19.05
H651 CDL WA . 3.49 -0.73 -19.34
H662 CDL WA . 2.62 -0.29 -21.46
H661 CDL WA . 1.70 0.37 -20.34
H673 CDL WA . 2.80 2.44 -20.75
H672 CDL WA . 1.97 1.94 -21.98
H671 CDL WA . 3.54 1.78 -21.97
HB62 CDL WA . 13.94 6.83 -10.91
HB61 CDL WA . 15.33 6.90 -10.20
H712 CDL WA . 11.18 6.56 -7.43
H711 CDL WA . 12.35 5.53 -7.20
H722 CDL WA . 10.84 4.01 -7.70
H721 CDL WA . 11.10 4.44 -9.20
H732 CDL WA . 9.44 6.24 -8.69
H731 CDL WA . 8.88 4.81 -9.03
H742 CDL WA . 8.62 4.30 -6.81
H741 CDL WA . 9.37 5.61 -6.36
H752 CDL WA . 6.90 5.64 -6.30
H751 CDL WA . 6.98 5.77 -7.84
H762 CDL WA . 7.80 7.78 -7.92
H761 CDL WA . 8.57 7.64 -6.53
H772 CDL WA . 6.98 9.24 -6.24
H771 CDL WA . 5.85 8.33 -6.87
H782 CDL WA . 6.41 6.83 -4.82
H781 CDL WA . 5.33 7.97 -4.79
H792 CDL WA . 7.82 7.94 -3.56
H791 CDL WA . 7.41 9.33 -4.18
H802 CDL WA . 5.27 9.03 -2.95
H801 CDL WA . 6.52 9.53 -2.15
H812 CDL WA . 6.31 7.77 -0.86
H811 CDL WA . 6.76 6.90 -2.10
H822 CDL WA . 4.59 6.54 -2.73
H821 CDL WA . 4.05 7.61 -1.72
H832 CDL WA . 3.63 5.90 -0.44
H831 CDL WA . 5.15 6.02 -0.04
H842 CDL WA . 3.96 3.94 -1.23
H841 CDL WA . 4.95 4.54 -2.29
H852 CDL WA . 5.70 2.77 -0.63
H851 CDL WA . 6.04 4.06 0.22
H862 CDL WA . 7.94 3.43 -0.94
H861 CDL WA . 7.44 4.79 -1.56
H873 CDL WA . 8.02 3.01 -3.15
H872 CDL WA . 6.65 2.35 -2.73
H871 CDL WA . 6.67 3.78 -3.43
O12 PC1 XA . -6.01 44.52 49.51
P PC1 XA . -5.57 45.87 50.01
O14 PC1 XA . -6.43 46.94 49.37
O13 PC1 XA . -3.99 46.12 49.61
C11 PC1 XA . -3.22 46.85 50.50
C12 PC1 XA . -2.54 47.98 49.74
N PC1 XA . -1.14 47.72 49.49
C13 PC1 XA . -0.97 46.52 48.69
C14 PC1 XA . -0.58 48.84 48.77
C15 PC1 XA . -0.43 47.55 50.75
O11 PC1 XA . -5.73 45.95 51.64
C1 PC1 XA . -5.70 44.76 52.33
C2 PC1 XA . -7.10 44.33 52.74
O21 PC1 XA . -7.51 45.14 53.80
C21 PC1 XA . -8.91 45.27 53.92
O22 PC1 XA . -9.62 44.98 53.03
C22 PC1 XA . -9.50 45.82 55.21
C23 PC1 XA . -9.59 44.73 56.27
C24 PC1 XA . -10.54 43.63 55.83
C25 PC1 XA . -10.62 42.54 56.90
C26 PC1 XA . -10.89 41.19 56.26
C27 PC1 XA . -11.84 40.36 57.14
C28 PC1 XA . -11.29 40.17 58.55
C29 PC1 XA . -12.36 39.48 59.40
C2A PC1 XA . -11.80 39.18 60.80
C2B PC1 XA . -12.59 38.05 61.45
C2C PC1 XA . -11.88 37.60 62.72
C2D PC1 XA . -12.73 36.56 63.46
C2E PC1 XA . -12.68 35.21 62.75
C2F PC1 XA . -11.34 34.49 62.97
C2G PC1 XA . -11.06 34.36 64.47
C2H PC1 XA . -9.99 33.30 64.73
C2I PC1 XA . -10.50 31.91 64.33
C3 PC1 XA . -7.05 42.88 53.18
O31 PC1 XA . -7.31 42.03 52.11
C31 PC1 XA . -8.23 40.99 52.36
O32 PC1 XA . -8.76 40.87 53.41
C32 PC1 XA . -8.53 39.96 51.27
C33 PC1 XA . -9.88 40.27 50.63
C34 PC1 XA . -10.58 39.00 50.10
C35 PC1 XA . -10.77 37.97 51.21
C36 PC1 XA . -11.95 38.39 52.09
C37 PC1 XA . -11.89 37.67 53.44
C38 PC1 XA . -13.15 36.84 53.68
C39 PC1 XA . -12.83 35.75 54.70
C3A PC1 XA . -12.54 36.39 56.07
C3B PC1 XA . -13.83 36.85 56.75
C3C PC1 XA . -14.70 35.65 57.11
C3D PC1 XA . -15.83 36.10 58.03
C3E PC1 XA . -16.74 34.91 58.30
C3F PC1 XA . -17.93 35.35 59.15
C3G PC1 XA . -17.53 35.39 60.63
C3H PC1 XA . -18.68 34.90 61.49
C3I PC1 XA . -19.95 35.71 61.16
H111 PC1 XA . -3.79 47.23 51.17
H112 PC1 XA . -2.59 46.25 50.93
H121 PC1 XA . -2.98 48.08 48.89
H122 PC1 XA . -2.63 48.80 50.25
H131 PC1 XA . -1.64 46.52 47.99
H132 PC1 XA . -0.09 46.52 48.28
H133 PC1 XA . -1.08 45.73 49.24
H141 PC1 XA . -1.02 48.93 47.93
H142 PC1 XA . 0.38 48.70 48.64
H143 PC1 XA . -0.71 49.64 49.30
H151 PC1 XA . -0.76 48.20 51.38
H152 PC1 XA . 0.52 47.71 50.60
H153 PC1 XA . -0.54 46.66 51.09
H11 PC1 XA . -5.15 44.85 53.12
H12 PC1 XA . -5.34 44.07 51.75
H2 PC1 XA . -7.70 44.42 51.99
H221 PC1 XA . -8.92 46.52 55.53
H222 PC1 XA . -10.39 46.17 55.02
H231 PC1 XA . -8.70 44.36 56.41
H232 PC1 XA . -9.91 45.12 57.09
H241 PC1 XA . -11.42 44.00 55.69
H242 PC1 XA . -10.22 43.24 55.01
H251 PC1 XA . -11.31 42.76 57.53
H252 PC1 XA . -9.77 42.50 57.37
H261 PC1 XA . -10.06 40.71 56.13
H262 PC1 XA . -11.32 41.34 55.40
H271 PC1 XA . -12.69 40.81 57.19
H272 PC1 XA . -11.95 39.49 56.73
H281 PC1 XA . -11.07 41.02 58.96
H282 PC1 XA . -10.50 39.62 58.52
H291 PC1 XA . -13.15 40.03 59.48
H292 PC1 XA . -12.59 38.62 59.00
H2A1 PC1 XA . -11.86 39.98 61.34
H2A2 PC1 XA . -10.87 38.91 60.72
H2B1 PC1 XA . -13.49 38.36 61.66
H2B2 PC1 XA . -12.65 37.30 60.83
H2C1 PC1 XA . -11.76 38.37 63.30
H2C2 PC1 XA . -11.02 37.22 62.50
H2D1 PC1 XA . -12.44 36.50 64.37
H2D2 PC1 XA . -13.66 36.87 63.46
H2E1 PC1 XA . -12.84 35.33 61.80
H2E2 PC1 XA . -13.38 34.65 63.13
H2F1 PC1 XA . -11.41 33.62 62.56
H2F2 PC1 XA . -10.63 35.01 62.55
H2G1 PC1 XA . -10.75 35.20 64.84
H2G2 PC1 XA . -11.88 34.08 64.91
H2H1 PC1 XA . -9.76 33.30 65.67
H2H2 PC1 XA . -9.20 33.50 64.20
H2I1 PC1 XA . -11.42 31.81 64.64
H2I2 PC1 XA . -9.95 31.23 64.75
H2I3 PC1 XA . -10.47 31.81 63.38
H31 PC1 XA . -7.70 42.76 53.89
H32 PC1 XA . -6.17 42.70 53.54
H321 PC1 XA . -7.84 40.05 50.58
H322 PC1 XA . -8.45 39.09 51.65
H331 PC1 XA . -9.74 40.87 49.88
H332 PC1 XA . -10.45 40.68 51.28
H341 PC1 XA . -11.46 39.26 49.77
H342 PC1 XA . -10.06 38.61 49.38
H351 PC1 XA . -11.02 37.12 50.79
H352 PC1 XA . -9.99 37.80 51.75
H361 PC1 XA . -11.92 39.34 52.25
H362 PC1 XA . -12.78 38.16 51.64
H371 PC1 XA . -11.12 37.08 53.45
H372 PC1 XA . -11.79 38.33 54.14
H381 PC1 XA . -13.44 36.43 52.85
H382 PC1 XA . -13.85 37.42 54.02
H391 PC1 XA . -12.04 35.28 54.41
H392 PC1 XA . -13.57 35.13 54.76
H3A1 PC1 XA . -11.92 37.13 55.98
H3A2 PC1 XA . -12.14 35.71 56.62
H3B1 PC1 XA . -13.63 37.34 57.56
H3B2 PC1 XA . -14.33 37.43 56.15
H3C1 PC1 XA . -15.08 35.26 56.31
H3C2 PC1 XA . -14.16 34.99 57.56
H3D1 PC1 XA . -16.34 36.80 57.61
H3D2 PC1 XA . -15.46 36.42 58.86
H3E1 PC1 XA . -17.07 34.57 57.45
H3E2 PC1 XA . -16.25 34.21 58.76
H3F1 PC1 XA . -18.21 36.24 58.86
H3F2 PC1 XA . -18.66 34.73 59.04
H3G1 PC1 XA . -17.32 36.31 60.87
H3G2 PC1 XA . -16.75 34.84 60.79
H3H1 PC1 XA . -18.85 33.96 61.31
H3H2 PC1 XA . -18.46 35.01 62.43
H3I1 PC1 XA . -20.49 35.78 61.96
H3I2 PC1 XA . -19.68 36.59 60.85
H3I3 PC1 XA . -20.44 35.26 60.46
C1 CDL YA . -2.67 30.91 45.09
O1 CDL YA . -1.45 30.50 44.54
CA2 CDL YA . -3.65 31.23 43.97
OA2 CDL YA . -4.27 32.46 44.19
PA1 CDL YA . -5.53 32.89 43.22
OA3 CDL YA . -6.13 34.18 43.70
OA4 CDL YA . -5.04 33.07 41.80
OA5 CDL YA . -6.65 31.68 43.27
CA3 CDL YA . -7.93 31.94 42.75
CA4 CDL YA . -8.85 30.75 43.09
OA6 CDL YA . -10.19 31.14 42.97
CA5 CDL YA . -10.70 31.24 41.68
OA7 CDL YA . -10.24 30.61 40.79
C11 CDL YA . -11.87 32.20 41.44
C12 CDL YA . -12.50 31.98 40.07
C13 CDL YA . -13.41 30.76 40.12
C14 CDL YA . -13.99 30.45 38.74
C15 CDL YA . -15.41 31.03 38.56
C16 CDL YA . -16.39 30.54 39.64
C17 CDL YA . -17.47 31.60 39.88
C18 CDL YA . -18.44 31.74 38.70
C19 CDL YA . -19.35 30.52 38.57
C20 CDL YA . -20.62 30.77 39.39
C21 CDL YA . -21.55 29.57 39.31
C22 CDL YA . -22.87 29.84 40.03
C23 CDL YA . -23.63 31.01 39.40
C24 CDL YA . -25.03 31.17 40.00
C25 CDL YA . -25.01 31.19 41.52
C26 CDL YA . -26.44 31.14 42.06
C27 CDL YA . -27.04 32.54 42.09
CA6 CDL YA . -8.59 30.28 44.52
OA8 CDL YA . -9.13 28.99 44.64
CA7 CDL YA . -10.30 28.89 45.40
OA9 CDL YA . -10.40 29.50 46.40
C31 CDL YA . -11.43 27.99 44.92
C32 CDL YA . -12.71 28.82 44.83
C33 CDL YA . -13.85 27.97 44.30
C34 CDL YA . -15.14 28.36 45.02
C35 CDL YA . -15.72 29.65 44.44
C36 CDL YA . -17.10 29.85 45.04
C37 CDL YA . -17.90 30.87 44.22
C38 CDL YA . -19.07 31.43 45.05
C39 CDL YA . -19.97 30.31 45.59
C40 CDL YA . -20.95 30.86 46.62
C41 CDL YA . -21.66 29.75 47.40
C42 CDL YA . -20.68 28.79 48.10
C43 CDL YA . -21.43 27.54 48.57
C44 CDL YA . -20.41 26.43 48.88
C45 CDL YA . -21.13 25.10 49.08
C46 CDL YA . -20.14 23.95 48.93
C47 CDL YA . -20.87 22.70 48.42
CB2 CDL YA . -2.46 32.15 45.96
OB2 CDL YA . -1.52 32.98 45.36
PB2 CDL YA . -0.90 34.16 46.32
OB3 CDL YA . -0.19 35.20 45.48
OB4 CDL YA . 0.08 33.57 47.29
OB5 CDL YA . -2.16 34.85 47.12
CB3 CDL YA . -2.15 34.95 48.52
CB4 CDL YA . -3.20 34.04 49.14
OB6 CDL YA . -4.18 33.69 48.20
CB5 CDL YA . -4.99 32.61 48.59
OB7 CDL YA . -6.17 32.71 48.54
C51 CDL YA . -4.34 31.32 49.08
C52 CDL YA . -5.27 30.11 48.95
C53 CDL YA . -4.55 28.98 48.19
C54 CDL YA . -5.14 27.63 48.57
C55 CDL YA . -4.59 27.21 49.93
C56 CDL YA . -4.96 25.76 50.24
C57 CDL YA . -4.03 25.21 51.32
C58 CDL YA . -4.48 23.79 51.66
C59 CDL YA . -5.51 23.81 52.79
C60 CDL YA . -6.68 22.88 52.44
C61 CDL YA . -7.71 23.60 51.56
C62 CDL YA . -8.37 24.76 52.30
C63 CDL YA . -9.22 25.61 51.35
C64 CDL YA . -10.39 24.81 50.79
C65 CDL YA . -11.44 25.78 50.25
C66 CDL YA . -12.65 25.01 49.72
C67 CDL YA . -12.34 24.50 48.33
CB6 CDL YA . -3.88 34.74 50.31
OB8 CDL YA . -3.91 33.88 51.41
CB7 CDL YA . -4.23 34.49 52.62
OB9 CDL YA . -4.11 35.65 52.76
C71 CDL YA . -4.76 33.63 53.77
C72 CDL YA . -4.51 32.15 53.47
C73 CDL YA . -5.67 31.28 53.95
C74 CDL YA . -5.77 30.05 53.03
C75 CDL YA . -4.67 29.03 53.34
C76 CDL YA . -4.77 28.52 54.78
C77 CDL YA . -3.41 28.60 55.50
C78 CDL YA . -3.53 28.21 56.98
C79 CDL YA . -4.75 28.83 57.66
C80 CDL YA . -4.92 28.42 59.14
C81 CDL YA . -4.76 26.92 59.37
C82 CDL YA . -4.33 26.66 60.81
C83 CDL YA . -5.54 26.58 61.75
C84 CDL YA . -6.43 25.36 61.48
C85 CDL YA . -5.69 24.06 61.79
C86 CDL YA . -6.50 22.85 61.29
C87 CDL YA . -7.84 22.76 62.01
H1 CDL YA . -3.03 30.20 45.64
H1O1 CDL YA . -0.97 30.18 45.15
HA22 CDL YA . -4.32 30.53 43.92
HA21 CDL YA . -3.17 31.28 43.14
HA32 CDL YA . -7.89 32.03 41.80
HA31 CDL YA . -8.29 32.73 43.15
HA4 CDL YA . -8.66 30.03 42.47
H112 CDL YA . -11.54 33.11 41.49
H111 CDL YA . -12.53 32.05 42.12
H122 CDL YA . -13.02 32.76 39.83
H121 CDL YA . -11.81 31.84 39.39
H132 CDL YA . -12.90 30.00 40.43
H131 CDL YA . -14.10 30.96 40.78
H142 CDL YA . -13.41 30.84 38.07
H141 CDL YA . -14.04 29.48 38.62
H152 CDL YA . -15.34 31.99 38.61
H151 CDL YA . -15.74 30.76 37.69
H162 CDL YA . -16.81 29.74 39.30
H161 CDL YA . -15.98 30.32 40.48
H172 CDL YA . -17.99 31.36 40.66
H171 CDL YA . -17.03 32.46 40.03
H182 CDL YA . -17.95 31.88 37.88
H181 CDL YA . -19.01 32.51 38.88
H192 CDL YA . -19.59 30.39 37.64
H191 CDL YA . -18.91 29.72 38.89
H202 CDL YA . -21.06 31.56 39.04
H201 CDL YA . -20.38 30.93 40.31
H212 CDL YA . -21.13 28.78 39.69
H211 CDL YA . -21.74 29.40 38.37
H222 CDL YA . -23.43 29.05 40.01
H221 CDL YA . -22.64 30.06 40.95
H232 CDL YA . -23.73 30.84 38.44
H231 CDL YA . -23.14 31.84 39.54
H242 CDL YA . -25.40 32.02 39.69
H241 CDL YA . -25.59 30.44 39.69
H252 CDL YA . -24.59 32.01 41.82
H251 CDL YA . -24.54 30.43 41.90
H262 CDL YA . -26.43 30.77 42.95
H261 CDL YA . -26.98 30.57 41.49
H273 CDL YA . -27.95 32.50 42.42
H272 CDL YA . -26.50 33.10 42.69
H271 CDL YA . -27.02 32.92 41.20
HA62 CDL YA . -9.04 30.87 45.14
HA61 CDL YA . -7.66 30.26 44.72
H312 CDL YA . -11.56 27.26 45.55
H311 CDL YA . -11.21 27.63 44.05
H322 CDL YA . -12.93 29.16 45.72
H321 CDL YA . -12.56 29.58 44.24
H332 CDL YA . -13.67 27.03 44.43
H331 CDL YA . -13.95 28.15 43.35
H342 CDL YA . -15.79 27.64 44.92
H341 CDL YA . -14.95 28.49 45.97
H352 CDL YA . -15.15 30.40 44.66
H351 CDL YA . -15.78 29.58 43.48
H362 CDL YA . -17.01 30.17 45.95
H361 CDL YA . -17.57 29.00 45.03
H372 CDL YA . -18.24 30.45 43.42
H371 CDL YA . -17.32 31.60 43.99
H382 CDL YA . -18.72 31.94 45.79
H381 CDL YA . -19.61 32.01 44.47
H392 CDL YA . -20.47 29.92 44.85
H391 CDL YA . -19.40 29.63 45.98
H402 CDL YA . -21.62 31.40 46.17
H401 CDL YA . -20.45 31.41 47.24
H412 CDL YA . -22.21 30.15 48.08
H411 CDL YA . -22.21 29.23 46.80
H422 CDL YA . -19.97 28.49 47.51
H421 CDL YA . -20.29 29.24 48.87
H432 CDL YA . -22.03 27.24 47.86
H431 CDL YA . -21.94 27.74 49.36
H442 CDL YA . -19.78 26.36 48.14
H441 CDL YA . -19.93 26.66 49.69
H452 CDL YA . -21.52 25.08 49.97
H451 CDL YA . -21.83 25.01 48.41
H462 CDL YA . -19.45 24.20 48.29
H461 CDL YA . -19.73 23.75 49.78
H473 CDL YA . -21.47 22.39 49.11
H472 CDL YA . -20.22 22.02 48.21
H471 CDL YA . -21.37 22.93 47.61
HB22 CDL YA . -3.28 32.62 46.13
HB21 CDL YA . -2.10 31.86 46.81
HB32 CDL YA . -2.33 35.86 48.77
HB31 CDL YA . -1.27 34.69 48.85
HB4 CDL YA . -2.76 33.25 49.47
H512 CDL YA . -4.11 31.42 50.02
H511 CDL YA . -3.55 31.17 48.57
H522 CDL YA . -5.53 29.80 49.82
H521 CDL YA . -6.06 30.36 48.45
H532 CDL YA . -4.63 29.13 47.23
H531 CDL YA . -3.63 28.99 48.45
H542 CDL YA . -6.11 27.68 48.62
H541 CDL YA . -4.90 26.97 47.89
H552 CDL YA . -3.61 27.29 49.90
H551 CDL YA . -4.94 27.79 50.61
H562 CDL YA . -5.87 25.74 50.55
H561 CDL YA . -4.87 25.23 49.43
H572 CDL YA . -4.09 25.77 52.11
H571 CDL YA . -3.11 25.20 51.01
H582 CDL YA . -3.72 23.28 51.95
H581 CDL YA . -4.87 23.38 50.88
H592 CDL YA . -5.80 24.72 52.96
H591 CDL YA . -5.08 23.48 53.59
H602 CDL YA . -7.11 22.61 53.26
H601 CDL YA . -6.34 22.10 51.98
H612 CDL YA . -8.39 22.96 51.31
H611 CDL YA . -7.28 23.93 50.76
H622 CDL YA . -7.73 25.35 52.72
H621 CDL YA . -8.96 24.39 52.98
H632 CDL YA . -8.67 25.91 50.61
H631 CDL YA . -9.57 26.38 51.83
H642 CDL YA . -10.09 24.23 50.07
H641 CDL YA . -10.79 24.27 51.49
H652 CDL YA . -11.72 26.40 50.95
H651 CDL YA . -11.04 26.28 49.52
H662 CDL YA . -12.84 24.26 50.32
H661 CDL YA . -13.41 25.61 49.69
H673 CDL YA . -12.01 25.22 47.78
H672 CDL YA . -11.68 23.79 48.37
H671 CDL YA . -13.16 24.14 47.93
HB62 CDL YA . -4.79 34.99 50.05
HB61 CDL YA . -3.38 35.54 50.55
H712 CDL YA . -4.32 33.87 54.59
H711 CDL YA . -5.72 33.79 53.86
H722 CDL YA . -4.40 32.02 52.51
H721 CDL YA . -3.70 31.88 53.92
H732 CDL YA . -5.55 31.06 54.88
H731 CDL YA . -6.50 31.78 53.86
H742 CDL YA . -6.63 29.64 53.15
H741 CDL YA . -5.66 30.35 52.11
H752 CDL YA . -4.77 28.26 52.75
H751 CDL YA . -3.81 29.44 53.20
H762 CDL YA . -5.45 29.04 55.24
H761 CDL YA . -5.03 27.60 54.75
H772 CDL YA . -3.07 29.50 55.44
H771 CDL YA . -2.80 27.98 55.06
H782 CDL YA . -3.59 27.24 56.96
H781 CDL YA . -2.72 28.48 57.45
H792 CDL YA . -4.68 29.79 57.62
H791 CDL YA . -5.57 28.52 57.24
H802 CDL YA . -4.23 28.89 59.65
H801 CDL YA . -5.80 28.69 59.43
H812 CDL YA . -5.60 26.48 59.17
H811 CDL YA . -4.06 26.52 58.84
H822 CDL YA . -3.75 27.37 61.12
H821 CDL YA . -3.84 25.82 60.84
H832 CDL YA . -5.22 26.51 62.66
H831 CDL YA . -6.08 27.39 61.64
H842 CDL YA . -6.73 25.34 60.56
H841 CDL YA . -7.20 25.41 62.07
H852 CDL YA . -4.82 24.02 61.36
H851 CDL YA . -5.58 23.98 62.75
H862 CDL YA . -6.66 22.95 60.34
H861 CDL YA . -6.00 22.04 61.46
H873 CDL YA . -8.41 23.50 61.76
H872 CDL YA . -7.70 22.76 62.97
H871 CDL YA . -8.28 21.93 61.76
C45 UQ8 ZA . 17.80 -3.58 41.65
C44 UQ8 ZA . 16.99 -2.32 41.40
C46 UQ8 ZA . 17.43 -1.34 40.32
C43 UQ8 ZA . 15.91 -2.10 42.11
C42 UQ8 ZA . 15.05 -0.85 41.90
C41 UQ8 ZA . 14.05 -0.76 43.05
C39 UQ8 ZA . 13.15 0.48 42.89
C40 UQ8 ZA . 13.73 1.79 42.37
C38 UQ8 ZA . 11.87 0.44 43.21
C37 UQ8 ZA . 11.17 -0.81 43.75
C36 UQ8 ZA . 10.04 -1.24 42.81
C34 UQ8 ZA . 10.42 -2.53 42.06
C35 UQ8 ZA . 11.06 -3.70 42.80
C33 UQ8 ZA . 10.16 -2.60 40.77
C32 UQ8 ZA . 10.50 -3.83 39.92
C31 UQ8 ZA . 11.38 -3.35 38.76
C29 UQ8 ZA . 10.75 -3.64 37.39
C30 UQ8 ZA . 9.93 -4.91 37.18
C28 UQ8 ZA . 10.91 -2.78 36.41
C27 UQ8 ZA . 10.29 -3.03 35.03
C26 UQ8 ZA . 9.00 -2.24 34.96
C24 UQ8 ZA . 9.19 -0.73 35.09
C25 UQ8 ZA . 9.05 -0.03 36.44
C23 UQ8 ZA . 9.47 -0.05 34.00
C22 UQ8 ZA . 9.66 1.46 34.06
C21 UQ8 ZA . 9.04 2.03 32.79
C19 UQ8 ZA . 9.02 3.54 32.91
C20 UQ8 ZA . 10.31 4.30 33.12
C18 UQ8 ZA . 7.87 4.17 32.83
C17 UQ8 ZA . 7.82 5.68 32.94
C16 UQ8 ZA . 6.47 6.15 32.43
C14 UQ8 ZA . 6.51 7.63 32.09
C15 UQ8 ZA . 5.52 8.16 31.05
C13 UQ8 ZA . 7.39 8.43 32.66
C12 UQ8 ZA . 7.44 9.92 32.32
C11 UQ8 ZA . 8.08 10.64 33.51
C9 UQ8 ZA . 7.92 12.13 33.29
C10 UQ8 ZA . 8.90 12.84 32.38
C8 UQ8 ZA . 6.95 12.78 33.91
C7 UQ8 ZA . 6.76 14.29 33.72
C6 UQ8 ZA . 6.57 15.00 35.05
C1 UQ8 ZA . 5.20 15.17 35.69
C1M UQ8 ZA . 3.96 14.61 35.02
C2 UQ8 ZA . 5.06 15.89 37.03
O2 UQ8 ZA . 3.99 16.02 37.51
C3 UQ8 ZA . 6.29 16.46 37.71
O3 UQ8 ZA . 6.18 17.14 38.93
C3M UQ8 ZA . 6.20 16.32 40.05
C4 UQ8 ZA . 7.66 16.30 37.07
O4 UQ8 ZA . 8.79 16.81 37.69
C4M UQ8 ZA . 9.08 18.11 37.25
C5 UQ8 ZA . 7.81 15.58 35.73
O5 UQ8 ZA . 8.87 15.45 35.24
H45 UQ8 ZA . 18.62 -3.35 42.12
H45A UQ8 ZA . 17.29 -4.19 42.20
H45B UQ8 ZA . 18.02 -4.00 40.81
H46 UQ8 ZA . 16.75 -1.28 39.64
H46A UQ8 ZA . 17.57 -0.46 40.71
H46B UQ8 ZA . 18.25 -1.65 39.92
H43 UQ8 ZA . 15.66 -2.71 42.77
H42 UQ8 ZA . 15.63 -0.07 41.89
H42A UQ8 ZA . 14.58 -0.91 41.05
H41 UQ8 ZA . 14.54 -0.71 43.89
H41A UQ8 ZA . 13.54 -1.58 43.00
H40 UQ8 ZA . 14.70 1.77 42.39
H40A UQ8 ZA . 13.42 1.95 41.46
H40B UQ8 ZA . 13.43 2.52 42.93
H38 UQ8 ZA . 11.35 1.22 43.10
H37 UQ8 ZA . 10.76 -0.55 44.59
H37A UQ8 ZA . 11.78 -1.54 43.94
H36 UQ8 ZA . 9.84 -0.53 42.18
H36A UQ8 ZA . 9.25 -1.41 43.35
H35 UQ8 ZA . 10.52 -4.49 42.67
H35A UQ8 ZA . 11.11 -3.52 43.75
H35B UQ8 ZA . 11.95 -3.86 42.45
H33 UQ8 ZA . 9.75 -1.88 40.34
H32 UQ8 ZA . 10.97 -4.50 40.43
H32A UQ8 ZA . 9.67 -4.20 39.60
H31 UQ8 ZA . 12.21 -3.83 38.81
H31A UQ8 ZA . 11.53 -2.40 38.85
H30 UQ8 ZA . 10.26 -5.37 36.39
H30A UQ8 ZA . 9.00 -4.68 37.03
H30B UQ8 ZA . 10.01 -5.50 37.94
H28 UQ8 ZA . 11.40 -1.99 36.55
H27 UQ8 ZA . 10.90 -2.70 34.36
H27A UQ8 ZA . 10.12 -3.96 34.87
H26 UQ8 ZA . 8.42 -2.56 35.66
H26A UQ8 ZA . 8.59 -2.41 34.10
H25 UQ8 ZA . 9.84 0.50 36.62
H25A UQ8 ZA . 8.95 -0.70 37.14
H25B UQ8 ZA . 8.26 0.54 36.44
H23 UQ8 ZA . 9.55 -0.50 33.19
H22 UQ8 ZA . 9.22 1.88 34.81
H22A UQ8 ZA . 10.60 1.66 34.09
H21 UQ8 ZA . 8.14 1.69 32.69
H21A UQ8 ZA . 9.57 1.76 32.02
H20 UQ8 ZA . 10.41 4.99 32.45
H20A UQ8 ZA . 11.05 3.68 33.05
H20B UQ8 ZA . 10.31 4.70 34.00
H18 UQ8 ZA . 7.09 3.69 32.68
H17 UQ8 ZA . 7.94 5.94 33.86
H17A UQ8 ZA . 8.51 6.06 32.40
H16 UQ8 ZA . 5.81 6.01 33.13
H16A UQ8 ZA . 6.21 5.62 31.66
H15 UQ8 ZA . 5.98 8.69 30.40
H15A UQ8 ZA . 4.86 8.70 31.50
H15B UQ8 ZA . 5.08 7.41 30.61
H13 UQ8 ZA . 7.99 8.11 33.29
H12 UQ8 ZA . 7.97 10.06 31.53
H12A UQ8 ZA . 6.56 10.27 32.18
H11 UQ8 ZA . 7.63 10.37 34.31
H11A UQ8 ZA . 9.02 10.40 33.56
H10 UQ8 ZA . 8.42 13.27 31.66
H10A UQ8 ZA . 9.51 12.18 32.01
H10B UQ8 ZA . 9.41 13.49 32.88
H8 UQ8 ZA . 6.37 12.31 34.46
H7 UQ8 ZA . 5.96 14.42 33.19
H7A UQ8 ZA . 7.51 14.69 33.27
H1M UQ8 ZA . 3.95 14.86 34.09
H1MA UQ8 ZA . 3.96 13.65 35.10
H1MB UQ8 ZA . 3.16 14.97 35.46
H3M UQ8 ZA . 5.28 16.13 40.32
H3MA UQ8 ZA . 6.67 16.75 40.77
H3MB UQ8 ZA . 6.64 15.47 39.83
H4M UQ8 ZA . 9.98 18.12 36.89
H4MA UQ8 ZA . 8.45 18.35 36.57
H4MB UQ8 ZA . 9.01 18.72 37.99
C1 CDL AB . -38.87 62.02 41.96
O1 CDL AB . -37.58 61.55 42.22
CA2 CDL AB . -39.34 62.84 43.16
OA2 CDL AB . -39.05 64.18 42.92
PA1 CDL AB . -39.44 65.28 44.08
OA3 CDL AB . -39.21 64.69 45.44
OA4 CDL AB . -38.55 66.49 43.89
OA5 CDL AB . -41.01 65.76 43.94
CA3 CDL AB . -42.01 64.79 44.05
CA4 CDL AB . -43.39 65.43 44.00
OA6 CDL AB . -43.44 66.41 42.99
CA5 CDL AB . -44.21 66.15 41.82
OA7 CDL AB . -44.39 67.04 41.07
C11 CDL AB . -44.80 64.78 41.53
C12 CDL AB . -44.97 64.57 40.02
C13 CDL AB . -46.44 64.45 39.59
C14 CDL AB . -47.18 63.39 40.42
C15 CDL AB . -47.01 62.00 39.81
C16 CDL AB . -47.96 61.04 40.50
C17 CDL AB . -48.24 59.81 39.64
C18 CDL AB . -49.43 59.06 40.21
C19 CDL AB . -50.08 58.19 39.13
C20 CDL AB . -51.25 57.40 39.73
C21 CDL AB . -52.40 58.33 40.11
C22 CDL AB . -53.46 57.54 40.91
C23 CDL AB . -54.38 58.52 41.63
C24 CDL AB . -55.43 57.75 42.43
C25 CDL AB . -55.71 58.47 43.75
C26 CDL AB . -56.52 57.61 44.72
C27 CDL AB . -55.87 56.23 44.91
CA6 CDL AB . -43.68 66.11 45.34
OA8 CDL AB . -44.29 65.17 46.19
CA7 CDL AB . -44.55 65.67 47.48
OA9 CDL AB . -43.93 66.57 47.90
C31 CDL AB . -45.67 65.04 48.31
C32 CDL AB . -45.09 64.59 49.65
C33 CDL AB . -46.17 64.70 50.73
C34 CDL AB . -45.71 63.98 52.00
C35 CDL AB . -46.81 64.05 53.06
C36 CDL AB . -46.44 63.16 54.23
C37 CDL AB . -47.70 62.82 55.02
C38 CDL AB . -47.37 61.86 56.15
C39 CDL AB . -48.53 60.87 56.38
C40 CDL AB . -49.85 61.60 56.65
C41 CDL AB . -49.80 62.37 57.97
C42 CDL AB . -50.55 61.63 59.09
C43 CDL AB . -52.02 61.41 58.71
C44 CDL AB . -52.79 61.03 59.97
C45 CDL AB . -54.16 60.48 59.60
C46 CDL AB . -54.83 59.85 60.82
C47 CDL AB . -55.53 58.55 60.40
CB2 CDL AB . -39.81 60.84 41.73
OB2 CDL AB . -39.77 59.98 42.83
PB2 CDL AB . -38.83 58.64 42.70
OB3 CDL AB . -37.42 58.98 43.08
OB4 CDL AB . -38.85 58.15 41.27
OB5 CDL AB . -39.42 57.46 43.68
CB3 CDL AB . -38.67 57.12 44.82
CB4 CDL AB . -39.10 55.75 45.30
OB6 CDL AB . -40.45 55.80 45.68
CB5 CDL AB . -41.34 55.09 44.86
OB7 CDL AB . -40.94 54.32 44.05
C51 CDL AB . -42.84 55.30 44.99
C52 CDL AB . -43.58 54.15 44.32
C53 CDL AB . -43.76 54.48 42.85
C54 CDL AB . -44.10 53.21 42.07
C55 CDL AB . -44.39 53.57 40.63
C56 CDL AB . -45.00 52.37 39.91
C57 CDL AB . -46.52 52.38 40.01
C58 CDL AB . -47.11 53.60 39.29
C59 CDL AB . -48.11 54.33 40.20
C60 CDL AB . -49.42 53.54 40.27
C61 CDL AB . -50.28 53.85 39.05
C62 CDL AB . -51.73 53.41 39.31
C63 CDL AB . -51.83 51.89 39.38
C64 CDL AB . -53.25 51.48 39.80
C65 CDL AB . -54.27 52.00 38.80
C66 CDL AB . -55.65 51.41 39.11
C67 CDL AB . -56.12 51.81 40.51
CB6 CDL AB . -38.22 55.34 46.49
OB8 CDL AB . -37.17 54.55 46.04
CB7 CDL AB . -37.53 53.25 45.68
OB9 CDL AB . -37.66 52.96 44.54
C71 CDL AB . -37.74 52.17 46.74
C72 CDL AB . -39.06 51.45 46.47
C73 CDL AB . -40.22 52.28 47.01
C74 CDL AB . -41.55 51.73 46.51
C75 CDL AB . -42.20 50.81 47.55
C76 CDL AB . -43.68 50.67 47.23
C77 CDL AB . -44.48 50.29 48.47
C78 CDL AB . -44.31 48.79 48.77
C79 CDL AB . -45.63 48.11 49.14
C80 CDL AB . -46.68 48.25 48.03
C81 CDL AB . -46.42 47.21 46.94
C82 CDL AB . -47.39 47.41 45.78
C83 CDL AB . -48.65 46.57 46.01
C84 CDL AB . -49.79 46.96 45.06
C85 CDL AB . -50.15 48.43 45.16
C86 CDL AB . -51.22 48.76 44.12
C87 CDL AB . -51.43 50.26 44.04
H1 CDL AB . -38.87 62.59 41.18
H1O1 CDL AB . -37.02 62.14 41.98
HA22 CDL AB . -38.89 62.54 43.97
HA21 CDL AB . -40.30 62.73 43.26
HA32 CDL AB . -41.92 64.34 44.92
HA31 CDL AB . -41.93 64.15 43.35
HA4 CDL AB . -44.06 64.75 43.86
H112 CDL AB . -44.21 64.07 41.84
H111 CDL AB . -45.64 64.75 42.01
H122 CDL AB . -44.52 63.74 39.77
H121 CDL AB . -44.57 65.32 39.55
H132 CDL AB . -46.86 65.31 39.73
H131 CDL AB . -46.48 64.21 38.65
H142 CDL AB . -46.92 63.33 41.34
H141 CDL AB . -48.13 63.60 40.39
H152 CDL AB . -47.20 62.04 38.85
H151 CDL AB . -46.10 61.70 39.93
H162 CDL AB . -48.80 61.48 40.68
H161 CDL AB . -47.57 60.74 41.34
H172 CDL AB . -48.43 60.09 38.73
H171 CDL AB . -47.46 59.22 39.63
H182 CDL AB . -50.08 59.70 40.54
H181 CDL AB . -49.13 58.49 40.94
H192 CDL AB . -49.43 57.56 38.77
H191 CDL AB . -50.41 58.76 38.43
H202 CDL AB . -50.95 56.92 40.51
H201 CDL AB . -51.58 56.77 39.06
H212 CDL AB . -52.09 59.05 40.68
H211 CDL AB . -52.82 58.69 39.32
H222 CDL AB . -53.01 56.97 41.55
H221 CDL AB . -53.97 56.99 40.29
H232 CDL AB . -54.82 59.09 40.99
H231 CDL AB . -53.85 59.06 42.24
H242 CDL AB . -55.09 56.86 42.58
H241 CDL AB . -56.25 57.70 41.91
H252 CDL AB . -54.87 58.71 44.17
H251 CDL AB . -56.22 59.28 43.55
H262 CDL AB . -56.57 58.05 45.58
H261 CDL AB . -57.41 57.49 44.36
H273 CDL AB . -56.13 55.65 44.18
H272 CDL AB . -56.18 55.85 45.74
H271 CDL AB . -54.91 56.32 44.94
HA62 CDL AB . -44.28 66.86 45.20
HA61 CDL AB . -42.85 66.42 45.73
H312 CDL AB . -46.05 64.28 47.84
H311 CDL AB . -46.35 65.71 48.48
H322 CDL AB . -44.78 63.67 49.58
H321 CDL AB . -44.34 65.16 49.88
H332 CDL AB . -46.33 65.64 50.94
H331 CDL AB . -47.00 64.31 50.41
H342 CDL AB . -44.91 64.41 52.34
H341 CDL AB . -45.52 63.05 51.79
H352 CDL AB . -46.90 64.97 53.36
H351 CDL AB . -47.65 63.76 52.66
H362 CDL AB . -45.82 63.61 54.80
H361 CDL AB . -46.04 62.34 53.90
H372 CDL AB . -48.09 63.64 55.39
H371 CDL AB . -48.35 62.41 54.43
H382 CDL AB . -47.18 62.35 56.96
H381 CDL AB . -46.59 61.35 55.90
H392 CDL AB . -48.32 60.33 57.15
H391 CDL AB . -48.63 60.31 55.60
H402 CDL AB . -50.53 60.91 56.68
H401 CDL AB . -50.06 62.22 55.92
H412 CDL AB . -48.88 62.49 58.25
H411 CDL AB . -50.22 63.24 57.85
H422 CDL AB . -50.51 62.15 59.90
H421 CDL AB . -50.13 60.77 59.23
H432 CDL AB . -52.10 60.69 58.07
H431 CDL AB . -52.38 62.22 58.34
H442 CDL AB . -52.30 60.36 60.47
H441 CDL AB . -52.91 61.82 60.54
H452 CDL AB . -54.06 59.81 58.90
H451 CDL AB . -54.71 61.20 59.27
H462 CDL AB . -55.47 60.46 61.19
H461 CDL AB . -54.16 59.64 61.48
H473 CDL AB . -56.28 58.76 59.83
H472 CDL AB . -55.86 58.10 61.20
H471 CDL AB . -54.91 57.98 59.94
HB22 CDL AB . -40.71 61.18 41.63
HB21 CDL AB . -39.54 60.38 40.94
HB32 CDL AB . -38.84 57.77 45.51
HB31 CDL AB . -37.73 57.11 44.60
HB4 CDL AB . -38.97 55.12 44.58
H512 CDL AB . -43.09 55.36 45.93
H511 CDL AB . -43.09 56.14 44.56
H522 CDL AB . -44.45 54.04 44.75
H521 CDL AB . -43.07 53.33 44.43
H532 CDL AB . -44.48 55.12 42.74
H531 CDL AB . -42.94 54.86 42.50
H542 CDL AB . -43.34 52.60 42.11
H541 CDL AB . -44.87 52.77 42.47
H552 CDL AB . -45.02 54.32 40.63
H551 CDL AB . -43.58 53.84 40.18
H562 CDL AB . -44.66 51.56 40.33
H561 CDL AB . -44.75 52.39 38.98
H572 CDL AB . -46.88 51.59 39.59
H571 CDL AB . -46.79 52.40 40.95
H582 CDL AB . -46.41 54.21 39.00
H581 CDL AB . -47.58 53.28 38.52
H592 CDL AB . -48.29 55.20 39.83
H591 CDL AB . -47.73 54.42 41.08
H602 CDL AB . -49.90 53.80 41.08
H601 CDL AB . -49.23 52.58 40.30
H612 CDL AB . -50.26 54.80 38.87
H611 CDL AB . -49.94 53.36 38.29
H622 CDL AB . -52.05 53.79 40.13
H621 CDL AB . -52.28 53.73 38.57
H632 CDL AB . -51.20 51.54 40.03
H631 CDL AB . -51.64 51.53 38.51
H642 CDL AB . -53.29 50.51 39.82
H641 CDL AB . -53.43 51.84 40.68
H652 CDL AB . -54.00 51.72 37.91
H651 CDL AB . -54.32 52.97 38.85
H662 CDL AB . -55.61 50.44 39.06
H661 CDL AB . -56.29 51.73 38.46
H673 CDL AB . -56.06 52.78 40.60
H672 CDL AB . -55.55 51.40 41.17
H671 CDL AB . -57.03 51.53 40.64
HB62 CDL AB . -38.76 54.83 47.13
HB61 CDL AB . -37.87 56.13 46.93
H712 CDL AB . -37.00 51.54 46.74
H711 CDL AB . -37.80 52.61 47.61
H722 CDL AB . -39.04 50.59 46.92
H721 CDL AB . -39.16 51.31 45.52
H732 CDL AB . -40.13 53.20 46.72
H731 CDL AB . -40.20 52.24 47.98
H742 CDL AB . -42.15 52.47 46.33
H741 CDL AB . -41.41 51.22 45.69
H752 CDL AB . -41.77 49.94 47.53
H751 CDL AB . -42.10 51.20 48.43
H762 CDL AB . -44.03 51.50 46.87
H761 CDL AB . -43.78 49.97 46.56
H772 CDL AB . -45.41 50.54 48.37
H771 CDL AB . -44.13 50.78 49.22
H782 CDL AB . -43.94 48.34 48.00
H781 CDL AB . -43.70 48.71 49.53
H792 CDL AB . -45.47 47.18 49.30
H791 CDL AB . -45.97 48.54 49.95
H802 CDL AB . -47.55 48.10 48.41
H801 CDL AB . -46.67 49.13 47.62
H812 CDL AB . -46.57 46.33 47.33
H811 CDL AB . -45.51 47.27 46.63
H822 CDL AB . -46.96 47.13 44.96
H821 CDL AB . -47.58 48.36 45.74
H832 CDL AB . -48.44 45.63 45.89
H831 CDL AB . -48.95 46.73 46.92
H842 CDL AB . -49.51 46.76 44.15
H841 CDL AB . -50.57 46.43 45.29
H852 CDL AB . -49.40 49.01 44.97
H851 CDL AB . -50.49 48.64 46.05
H862 CDL AB . -52.05 48.33 44.38
H861 CDL AB . -50.94 48.43 43.25
H873 CDL AB . -51.79 50.59 44.88
H872 CDL AB . -52.05 50.47 43.33
H871 CDL AB . -50.59 50.70 43.87
C1 CDL BB . -17.11 54.78 46.87
O1 CDL BB . -15.85 54.98 47.42
CA2 CDL BB . -18.18 55.24 47.85
OA2 CDL BB . -18.52 56.56 47.56
PA1 CDL BB . -19.78 57.21 48.40
OA3 CDL BB . -19.43 57.29 49.86
OA4 CDL BB . -20.06 58.60 47.87
OA5 CDL BB . -21.12 56.26 48.19
CA3 CDL BB . -22.26 56.53 48.96
CA4 CDL BB . -23.10 55.27 49.13
OA6 CDL BB . -22.80 54.35 48.12
CA5 CDL BB . -22.02 53.30 48.61
OA7 CDL BB . -20.90 53.49 48.94
C11 CDL BB . -22.64 51.92 48.71
C12 CDL BB . -22.14 51.06 47.57
C13 CDL BB . -22.10 49.59 47.99
C14 CDL BB . -23.37 48.88 47.51
C15 CDL BB . -23.06 47.42 47.24
C16 CDL BB . -23.85 46.98 46.02
C17 CDL BB . -23.70 45.47 45.83
C18 CDL BB . -24.83 44.71 46.50
C19 CDL BB . -25.10 43.44 45.71
C20 CDL BB . -26.28 42.69 46.30
C21 CDL BB . -26.33 41.26 45.79
C22 CDL BB . -24.99 40.54 46.00
C23 CDL BB . -25.14 39.06 45.70
C24 CDL BB . -23.76 38.47 45.40
C25 CDL BB . -23.77 36.96 45.64
C26 CDL BB . -22.79 36.28 44.70
C27 CDL BB . -23.34 36.27 43.27
CA6 CDL BB . -24.59 55.60 49.04
OA8 CDL BB . -25.34 54.43 48.81
CA7 CDL BB . -26.72 54.68 48.73
OA9 CDL BB . -27.23 54.81 47.69
C31 CDL BB . -27.56 54.80 50.01
C32 CDL BB . -28.85 54.02 49.84
C33 CDL BB . -29.91 54.48 50.86
C34 CDL BB . -29.77 53.65 52.15
C35 CDL BB . -30.98 53.85 53.08
C36 CDL BB . -30.88 55.20 53.80
C37 CDL BB . -32.02 55.33 54.79
C38 CDL BB . -31.99 56.71 55.46
C39 CDL BB . -33.03 56.76 56.58
C40 CDL BB . -32.86 58.03 57.41
C41 CDL BB . -33.32 57.77 58.84
C42 CDL BB . -32.97 58.95 59.75
C43 CDL BB . -34.06 60.01 59.69
C44 CDL BB . -33.86 61.12 60.71
C45 CDL BB . -33.79 60.59 62.14
C46 CDL BB . -33.56 61.76 63.09
C47 CDL BB . -32.98 61.27 64.42
CB2 CDL BB . -17.32 53.28 46.65
OB2 CDL BB . -16.34 52.78 45.79
PB2 CDL BB . -16.64 51.30 45.15
OB3 CDL BB . -15.35 50.58 44.88
OB4 CDL BB . -17.40 51.45 43.86
OB5 CDL BB . -17.53 50.44 46.23
CB3 CDL BB . -18.74 49.87 45.84
CB4 CDL BB . -18.60 48.35 45.81
OB6 CDL BB . -19.73 47.78 45.22
CB5 CDL BB . -19.61 47.49 43.86
OB7 CDL BB . -18.58 47.63 43.29
C51 CDL BB . -20.81 46.97 43.08
C52 CDL BB . -20.35 46.49 41.71
C53 CDL BB . -21.47 45.72 41.02
C54 CDL BB . -21.12 45.50 39.55
C55 CDL BB . -21.47 44.09 39.10
C56 CDL BB . -22.79 44.06 38.33
C57 CDL BB . -22.80 42.83 37.43
C58 CDL BB . -24.08 42.80 36.59
C59 CDL BB . -25.21 42.12 37.36
C60 CDL BB . -26.54 42.25 36.61
C61 CDL BB . -26.48 41.62 35.21
C62 CDL BB . -27.75 42.02 34.44
C63 CDL BB . -27.72 41.44 33.03
C64 CDL BB . -27.75 39.91 33.06
C65 CDL BB . -27.70 39.36 31.65
C66 CDL BB . -27.61 37.82 31.68
C67 CDL BB . -26.23 37.40 32.15
CB6 CDL BB . -18.42 47.85 47.24
OB8 CDL BB . -17.73 46.63 47.19
CB7 CDL BB . -18.47 45.51 47.60
OB9 CDL BB . -19.19 45.58 48.53
C71 CDL BB . -18.34 44.21 46.82
C72 CDL BB . -19.55 44.08 45.90
C73 CDL BB . -19.26 43.06 44.81
C74 CDL BB . -20.54 42.76 44.04
C75 CDL BB . -20.53 41.28 43.68
C76 CDL BB . -21.61 40.96 42.65
C77 CDL BB . -20.97 40.56 41.31
C78 CDL BB . -22.01 40.09 40.28
C79 CDL BB . -23.04 39.12 40.89
C80 CDL BB . -24.38 39.16 40.15
C81 CDL BB . -24.78 37.75 39.71
C82 CDL BB . -25.64 37.81 38.45
C83 CDL BB . -26.72 36.72 38.46
C84 CDL BB . -27.68 36.94 39.63
C85 CDL BB . -28.99 36.16 39.43
C86 CDL BB . -28.75 34.67 39.23
C87 CDL BB . -30.07 33.98 38.93
H1 CDL BB . -17.20 55.25 46.04
H1O1 CDL BB . -15.38 54.29 47.31
HA22 CDL BB . -17.84 55.17 48.76
HA21 CDL BB . -18.96 54.67 47.76
HA32 CDL BB . -21.97 56.83 49.84
HA31 CDL BB . -22.78 57.22 48.54
HA4 CDL BB . -22.90 54.86 49.98
H112 CDL BB . -23.60 51.99 48.67
H111 CDL BB . -22.38 51.51 49.56
H122 CDL BB . -21.24 51.34 47.34
H121 CDL BB . -22.72 51.17 46.80
H132 CDL BB . -22.05 49.52 48.96
H131 CDL BB . -21.33 49.17 47.59
H142 CDL BB . -23.67 49.29 46.68
H141 CDL BB . -24.06 48.96 48.17
H152 CDL BB . -22.12 47.28 47.08
H151 CDL BB . -23.34 46.90 48.00
H162 CDL BB . -23.51 47.43 45.24
H161 CDL BB . -24.78 47.20 46.13
H172 CDL BB . -22.85 45.18 46.20
H171 CDL BB . -23.71 45.28 44.88
H182 CDL BB . -24.59 44.49 47.41
H181 CDL BB . -25.65 45.25 46.51
H192 CDL BB . -25.28 43.66 44.79
H191 CDL BB . -24.27 42.93 45.75
H202 CDL BB . -26.17 42.67 47.27
H201 CDL BB . -27.11 43.14 46.07
H212 CDL BB . -26.51 41.27 44.84
H211 CDL BB . -27.03 40.77 46.27
H222 CDL BB . -24.69 40.65 46.92
H221 CDL BB . -24.33 40.88 45.39
H232 CDL BB . -25.71 38.95 44.91
H231 CDL BB . -25.54 38.60 46.44
H242 CDL BB . -23.12 38.88 45.99
H241 CDL BB . -23.51 38.66 44.48
H252 CDL BB . -23.51 36.79 46.56
H251 CDL BB . -24.66 36.62 45.48
H262 CDL BB . -22.65 35.36 44.98
H261 CDL BB . -21.94 36.75 44.70
H273 CDL BB . -24.26 35.98 43.28
H272 CDL BB . -22.81 35.67 42.72
H271 CDL BB . -23.30 37.16 42.89
HA62 CDL BB . -24.87 56.00 49.87
HA61 CDL BB . -24.73 56.20 48.30
H312 CDL BB . -27.76 55.73 50.17
H311 CDL BB . -27.06 54.44 50.76
H322 CDL BB . -29.21 54.20 48.95
H321 CDL BB . -28.69 53.08 49.95
H332 CDL BB . -30.79 54.36 50.50
H331 CDL BB . -29.77 55.42 51.08
H342 CDL BB . -29.72 52.72 51.92
H341 CDL BB . -28.97 53.91 52.62
H352 CDL BB . -30.99 53.14 53.74
H351 CDL BB . -31.80 53.82 52.57
H362 CDL BB . -30.03 55.24 54.27
H361 CDL BB . -30.93 55.91 53.15
H372 CDL BB . -31.95 54.64 55.48
H371 CDL BB . -32.87 55.22 54.33
H382 CDL BB . -32.19 57.39 54.81
H381 CDL BB . -31.12 56.86 55.83
H392 CDL BB . -32.91 55.99 57.16
H391 CDL BB . -33.92 56.75 56.20
H402 CDL BB . -31.92 58.28 57.43
H401 CDL BB . -33.37 58.75 57.02
H412 CDL BB . -32.93 56.96 59.18
H411 CDL BB . -34.29 57.67 58.83
H422 CDL BB . -32.13 59.34 59.47
H421 CDL BB . -32.88 58.60 60.65
H432 CDL BB . -34.91 59.58 59.87
H431 CDL BB . -34.09 60.40 58.80
H442 CDL BB . -34.60 61.74 60.65
H441 CDL BB . -33.02 61.58 60.51
H452 CDL BB . -34.63 60.15 62.36
H451 CDL BB . -33.07 59.96 62.25
H462 CDL BB . -32.93 62.38 62.69
H461 CDL BB . -34.40 62.20 63.26
H473 CDL BB . -32.72 62.03 64.95
H472 CDL BB . -32.20 60.72 64.24
H471 CDL BB . -33.64 60.75 64.88
HB22 CDL BB . -18.19 53.14 46.25
HB21 CDL BB . -17.25 52.83 47.49
HB32 CDL BB . -18.95 50.16 44.95
HB31 CDL BB . -19.44 50.12 46.45
HB4 CDL BB . -17.81 48.12 45.31
H512 CDL BB . -21.45 47.68 42.96
H511 CDL BB . -21.22 46.23 43.56
H522 CDL BB . -20.10 47.24 41.16
H521 CDL BB . -19.58 45.90 41.81
H532 CDL BB . -22.28 46.24 41.07
H531 CDL BB . -21.61 44.87 41.47
H542 CDL BB . -20.17 45.65 39.42
H541 CDL BB . -21.62 46.14 39.02
H552 CDL BB . -20.77 43.76 38.51
H551 CDL BB . -21.54 43.49 39.86
H562 CDL BB . -23.54 44.03 38.95
H561 CDL BB . -22.86 44.86 37.78
H572 CDL BB . -22.04 42.87 36.84
H571 CDL BB . -22.75 42.03 37.97
H582 CDL BB . -23.89 42.30 35.78
H581 CDL BB . -24.35 43.70 36.36
H592 CDL BB . -25.29 42.53 38.22
H591 CDL BB . -25.00 41.17 37.47
H602 CDL BB . -26.75 43.19 36.52
H601 CDL BB . -27.23 41.80 37.12
H612 CDL BB . -25.71 41.93 34.72
H611 CDL BB . -26.45 40.66 35.32
H622 CDL BB . -28.52 41.69 34.91
H621 CDL BB . -27.79 42.98 34.38
H632 CDL BB . -26.91 41.73 32.58
H631 CDL BB . -28.50 41.76 32.54
H642 CDL BB . -26.98 39.58 33.55
H641 CDL BB . -28.57 39.61 33.50
H652 CDL BB . -28.48 39.63 31.14
H651 CDL BB . -26.90 39.70 31.20
H662 CDL BB . -28.28 37.48 32.29
H661 CDL BB . -27.77 37.48 30.79
H673 CDL BB . -26.10 36.45 31.95
H672 CDL BB . -26.14 37.53 33.10
H671 CDL BB . -25.55 37.91 31.68
HB62 CDL BB . -17.90 48.49 47.74
HB61 CDL BB . -19.28 47.73 47.65
H712 CDL BB . -17.53 44.23 46.29
H711 CDL BB . -18.31 43.46 47.44
H722 CDL BB . -19.73 44.93 45.48
H721 CDL BB . -20.31 43.79 46.41
H732 CDL BB . -18.94 42.24 45.21
H731 CDL BB . -18.60 43.41 44.20
H742 CDL BB . -20.57 43.29 43.22
H741 CDL BB . -21.32 42.97 44.58
H752 CDL BB . -19.66 41.04 43.34
H751 CDL BB . -20.71 40.77 44.49
H762 CDL BB . -22.20 41.73 42.54
H761 CDL BB . -22.10 40.24 43.06
H772 CDL BB . -20.49 41.33 40.94
H771 CDL BB . -20.36 39.84 41.48
H782 CDL BB . -22.48 40.87 39.94
H781 CDL BB . -21.55 39.63 39.56
H792 CDL BB . -23.28 39.27 41.81
H791 CDL BB . -22.67 38.23 40.81
H802 CDL BB . -25.06 39.52 40.73
H801 CDL BB . -24.28 39.73 39.36
H812 CDL BB . -23.98 37.24 39.49
H811 CDL BB . -25.25 37.31 40.43
H822 CDL BB . -26.08 38.67 38.39
H821 CDL BB . -25.07 37.68 37.67
H832 CDL BB . -26.28 35.86 38.57
H831 CDL BB . -27.21 36.73 37.64
H842 CDL BB . -27.90 37.88 39.68
H841 CDL BB . -27.27 36.64 40.46
H852 CDL BB . -29.45 36.51 38.66
H851 CDL BB . -29.55 36.28 40.22
H862 CDL BB . -28.36 34.29 40.03
H861 CDL BB . -28.14 34.54 38.48
H873 CDL BB . -30.50 34.43 38.18
H872 CDL BB . -29.91 33.06 38.70
H871 CDL BB . -30.64 34.03 39.71
C1 CDL CB . -68.82 26.99 3.14
O1 CDL CB . -70.18 26.73 3.31
CA2 CDL CB . -68.10 26.56 4.41
OA2 CDL CB . -68.58 25.32 4.83
PA1 CDL CB . -67.83 23.91 4.37
OA3 CDL CB . -67.74 23.84 2.87
OA4 CDL CB . -68.65 22.75 4.86
OA5 CDL CB . -66.33 23.84 5.03
CA3 CDL CB . -65.25 24.33 4.30
CA4 CDL CB . -64.02 24.29 5.23
OA6 CDL CB . -64.30 25.14 6.30
CA5 CDL CB . -64.15 26.52 6.09
OA7 CDL CB . -64.74 27.07 5.22
C11 CDL CB . -63.22 27.30 6.99
C12 CDL CB . -63.90 28.59 7.45
C13 CDL CB . -63.07 29.78 6.97
C14 CDL CB . -63.47 31.04 7.74
C15 CDL CB . -62.25 31.92 7.97
C16 CDL CB . -62.40 32.73 9.26
C17 CDL CB . -62.84 34.16 8.95
C18 CDL CB . -61.71 35.16 9.25
C19 CDL CB . -62.16 36.20 10.28
C20 CDL CB . -61.50 37.56 10.03
C21 CDL CB . -61.86 38.14 8.67
C22 CDL CB . -60.82 39.16 8.22
C23 CDL CB . -61.01 39.47 6.74
C24 CDL CB . -60.53 40.89 6.45
C25 CDL CB . -60.42 41.07 4.92
C26 CDL CB . -60.16 42.54 4.60
C27 CDL CB . -60.02 42.70 3.08
CA6 CDL CB . -62.75 24.69 4.47
OA8 CDL CB . -61.64 24.52 5.31
CA7 CDL CB . -60.47 25.17 4.88
OA9 CDL CB . -60.26 25.29 3.72
C31 CDL CB . -59.49 25.72 5.91
C32 CDL CB . -59.57 27.24 5.97
C33 CDL CB . -58.46 27.79 6.86
C34 CDL CB . -59.06 28.60 8.01
C35 CDL CB . -59.25 27.69 9.23
C36 CDL CB . -58.63 28.33 10.47
C37 CDL CB . -59.53 29.46 10.94
C38 CDL CB . -58.97 30.09 12.22
C39 CDL CB . -59.93 31.16 12.70
C40 CDL CB . -59.16 32.35 13.26
C41 CDL CB . -58.62 33.20 12.12
C42 CDL CB . -58.42 34.64 12.59
C43 CDL CB . -57.73 35.45 11.50
C44 CDL CB . -56.21 35.40 11.69
C45 CDL CB . -55.58 36.72 11.25
C46 CDL CB . -54.22 36.90 11.89
C47 CDL CB . -54.00 38.36 12.25
CB2 CDL CB . -68.64 28.47 2.87
OB2 CDL CB . -67.31 28.84 3.03
PB2 CDL CB . -66.94 30.40 2.69
OB3 CDL CB . -67.56 31.31 3.72
OB4 CDL CB . -67.46 30.77 1.33
OB5 CDL CB . -65.29 30.57 2.72
CB3 CDL CB . -64.74 31.18 3.85
CB4 CDL CB . -63.56 32.06 3.48
OB6 CDL CB . -63.91 32.91 2.44
CB5 CDL CB . -64.06 34.25 2.79
OB7 CDL CB . -63.90 34.62 3.91
C51 CDL CB . -64.44 35.29 1.73
C52 CDL CB . -63.91 36.65 2.18
C53 CDL CB . -64.96 37.41 2.99
C54 CDL CB . -66.09 37.89 2.08
C55 CDL CB . -66.17 39.41 2.09
C56 CDL CB . -65.48 39.98 0.87
C57 CDL CB . -64.06 40.42 1.25
C58 CDL CB . -63.22 40.59 -0.01
C59 CDL CB . -61.78 40.92 0.39
C60 CDL CB . -60.88 40.91 -0.85
C61 CDL CB . -59.45 41.25 -0.44
C62 CDL CB . -58.76 40.02 0.13
C63 CDL CB . -57.52 40.40 0.94
C64 CDL CB . -56.55 41.26 0.14
C65 CDL CB . -55.36 41.64 1.03
C66 CDL CB . -54.45 42.66 0.34
C67 CDL CB . -55.19 43.96 0.09
CB6 CDL CB . -62.38 31.17 3.08
OB8 CDL CB . -61.31 31.98 2.68
CB7 CDL CB . -60.10 31.68 3.32
OB9 CDL CB . -59.44 30.78 2.95
C71 CDL CB . -59.65 32.56 4.49
C72 CDL CB . -59.00 31.71 5.58
C73 CDL CB . -58.53 32.66 6.68
C74 CDL CB . -57.01 32.81 6.62
C75 CDL CB . -56.51 33.57 7.84
C76 CDL CB . -55.00 33.41 7.98
C77 CDL CB . -54.31 34.66 7.43
C78 CDL CB . -53.80 34.39 6.00
C79 CDL CB . -52.46 35.09 5.75
C80 CDL CB . -52.73 36.45 5.09
C81 CDL CB . -52.32 37.63 5.98
C82 CDL CB . -51.07 38.29 5.42
C83 CDL CB . -50.51 39.32 6.40
C84 CDL CB . -49.09 39.69 6.00
C85 CDL CB . -48.36 40.45 7.12
C86 CDL CB . -48.19 39.61 8.38
C87 CDL CB . -47.21 38.47 8.11
H1 CDL CB . -68.47 26.48 2.40
H1O1 CDL CB . -70.47 27.15 3.99
HA22 CDL CB . -67.14 26.51 4.23
HA21 CDL CB . -68.26 27.21 5.11
HA32 CDL CB . -65.41 25.24 4.03
HA31 CDL CB . -65.09 23.78 3.53
HA4 CDL CB . -63.92 23.39 5.56
H112 CDL CB . -62.44 27.53 6.49
H111 CDL CB . -63.00 26.76 7.77
H122 CDL CB . -64.80 28.64 7.08
H121 CDL CB . -63.96 28.60 8.41
H132 CDL CB . -63.23 29.92 6.03
H131 CDL CB . -62.14 29.59 7.13
H142 CDL CB . -64.13 31.53 7.23
H141 CDL CB . -63.86 30.79 8.59
H152 CDL CB . -62.14 32.53 7.21
H151 CDL CB . -61.47 31.37 8.05
H162 CDL CB . -61.55 32.72 9.74
H161 CDL CB . -63.07 32.32 9.84
H172 CDL CB . -63.07 34.23 8.02
H171 CDL CB . -63.61 34.36 9.49
H182 CDL CB . -60.96 34.69 9.63
H181 CDL CB . -61.42 35.56 8.43
H192 CDL CB . -61.94 35.90 11.18
H191 CDL CB . -63.12 36.34 10.19
H202 CDL CB . -61.78 38.18 10.72
H201 CDL CB . -60.53 37.44 10.07
H212 CDL CB . -61.95 37.47 7.97
H211 CDL CB . -62.71 38.60 8.74
H222 CDL CB . -60.89 39.97 8.74
H221 CDL CB . -59.93 38.79 8.35
H232 CDL CB . -60.52 38.84 6.20
H231 CDL CB . -61.96 39.41 6.53
H242 CDL CB . -61.18 41.53 6.79
H241 CDL CB . -59.67 41.05 6.86
H252 CDL CB . -59.69 40.53 4.59
H251 CDL CB . -61.25 40.79 4.50
H262 CDL CB . -60.90 43.08 4.90
H261 CDL CB . -59.35 42.83 5.03
H273 CDL CB . -59.58 43.54 2.88
H272 CDL CB . -59.50 41.97 2.73
H271 CDL CB . -60.89 42.69 2.67
HA62 CDL CB . -62.81 25.60 4.16
HA61 CDL CB . -62.65 24.10 3.70
H312 CDL CB . -58.59 25.45 5.67
H311 CDL CB . -59.71 25.36 6.78
H322 CDL CB . -60.42 27.50 6.33
H321 CDL CB . -59.47 27.60 5.08
H332 CDL CB . -57.92 27.07 7.20
H331 CDL CB . -57.90 28.39 6.33
H342 CDL CB . -58.45 29.31 8.24
H341 CDL CB . -59.92 28.97 7.75
H352 CDL CB . -60.19 27.57 9.38
H351 CDL CB . -58.84 26.83 9.08
H362 CDL CB . -57.76 28.68 10.25
H361 CDL CB . -58.54 27.66 11.17
H372 CDL CB . -59.58 30.14 10.25
H371 CDL CB . -60.42 29.12 11.12
H382 CDL CB . -58.85 29.42 12.90
H381 CDL CB . -58.11 30.50 12.00
H392 CDL CB . -60.52 30.80 13.38
H391 CDL CB . -60.46 31.46 11.94
H402 CDL CB . -59.74 32.89 13.82
H401 CDL CB . -58.41 32.03 13.80
H412 CDL CB . -57.78 32.85 11.80
H411 CDL CB . -59.26 33.21 11.38
H422 CDL CB . -57.89 34.64 13.40
H421 CDL CB . -59.29 35.03 12.79
H432 CDL CB . -58.03 36.38 11.57
H431 CDL CB . -57.97 35.09 10.63
H442 CDL CB . -55.85 34.67 11.15
H441 CDL CB . -56.01 35.24 12.62
H452 CDL CB . -55.49 36.73 10.29
H451 CDL CB . -56.16 37.46 11.53
H462 CDL CB . -53.52 36.61 11.27
H461 CDL CB . -54.16 36.36 12.70
H473 CDL CB . -53.94 38.88 11.45
H472 CDL CB . -54.74 38.67 12.79
H471 CDL CB . -53.18 38.45 12.76
HB22 CDL CB . -69.18 28.98 3.49
HB21 CDL CB . -68.92 28.65 1.96
HB32 CDL CB . -65.41 31.74 4.29
HB31 CDL CB . -64.45 30.50 4.47
HB4 CDL CB . -63.29 32.57 4.26
H512 CDL CB . -65.41 35.33 1.64
H511 CDL CB . -64.05 35.05 0.88
H522 CDL CB . -63.70 37.17 1.38
H521 CDL CB . -63.10 36.54 2.71
H532 CDL CB . -64.54 38.16 3.42
H531 CDL CB . -65.32 36.81 3.66
H542 CDL CB . -65.95 37.56 1.18
H541 CDL CB . -66.93 37.53 2.41
H552 CDL CB . -67.09 39.69 2.09
H551 CDL CB . -65.74 39.76 2.90
H562 CDL CB . -65.43 39.32 0.16
H561 CDL CB . -65.98 40.75 0.55
H572 CDL CB . -63.66 39.75 1.81
H571 CDL CB . -64.10 41.27 1.73
H582 CDL CB . -63.57 41.31 -0.57
H581 CDL CB . -63.22 39.76 -0.52
H592 CDL CB . -61.46 40.26 1.03
H591 CDL CB . -61.75 41.80 0.80
H602 CDL CB . -60.89 40.03 -1.25
H601 CDL CB . -61.20 41.58 -1.48
H612 CDL CB . -59.45 41.96 0.22
H611 CDL CB . -58.97 41.56 -1.23
H622 CDL CB . -58.49 39.46 -0.62
H621 CDL CB . -59.38 39.53 0.69
H632 CDL CB . -57.79 40.88 1.74
H631 CDL CB . -57.06 39.58 1.20
H642 CDL CB . -57.00 42.06 -0.16
H641 CDL CB . -56.23 40.77 -0.64
H652 CDL CB . -55.72 42.03 1.84
H651 CDL CB . -54.86 40.85 1.24
H662 CDL CB . -54.14 42.29 -0.50
H661 CDL CB . -53.69 42.83 0.91
H673 CDL CB . -55.67 44.23 0.89
H672 CDL CB . -54.55 44.65 -0.14
H671 CDL CB . -55.81 43.85 -0.64
HB62 CDL CB . -62.65 30.60 2.34
HB61 CDL CB . -62.11 30.63 3.83
H712 CDL CB . -60.41 33.03 4.85
H711 CDL CB . -59.00 33.20 4.16
H722 CDL CB . -58.26 31.22 5.22
H721 CDL CB . -59.65 31.09 5.95
H732 CDL CB . -58.78 32.32 7.55
H731 CDL CB . -58.94 33.53 6.55
H742 CDL CB . -56.60 31.93 6.58
H741 CDL CB . -56.77 33.31 5.82
H752 CDL CB . -56.94 33.22 8.64
H751 CDL CB . -56.74 34.50 7.74
H762 CDL CB . -54.76 33.29 8.91
H761 CDL CB . -54.72 32.62 7.47
H772 CDL CB . -53.55 34.88 8.00
H771 CDL CB . -54.92 35.41 7.42
H782 CDL CB . -53.66 33.44 5.89
H781 CDL CB . -54.46 34.68 5.36
H792 CDL CB . -51.92 34.55 5.16
H791 CDL CB . -51.99 35.22 6.59
H802 CDL CB . -52.18 36.50 4.29
H801 CDL CB . -53.65 36.55 4.85
H812 CDL CB . -52.15 37.32 6.89
H811 CDL CB . -53.04 38.27 6.00
H822 CDL CB . -51.28 38.73 4.59
H821 CDL CB . -50.39 37.61 5.26
H832 CDL CB . -50.55 38.95 7.28
H831 CDL CB . -51.07 40.12 6.37
H842 CDL CB . -49.14 40.28 5.22
H841 CDL CB . -48.59 38.89 5.79
H852 CDL CB . -47.48 40.69 6.79
H851 CDL CB . -48.86 41.26 7.34
H862 CDL CB . -47.80 40.17 9.07
H861 CDL CB . -49.04 39.27 8.69
H873 CDL CB . -46.93 38.07 8.95
H872 CDL CB . -46.43 38.81 7.65
H871 CDL CB . -47.63 37.80 7.55
PG ATP DB . -0.89 63.92 46.82
O1G ATP DB . -1.68 64.00 48.11
O2G ATP DB . 0.52 63.48 47.12
O3G ATP DB . -0.88 65.28 46.15
PB ATP DB . -2.05 61.33 46.32
O1B ATP DB . -2.63 61.43 47.69
O2B ATP DB . -0.85 60.45 46.33
O3B ATP DB . -1.63 62.83 45.81
PA ATP DB . -4.66 61.38 45.00
O1A ATP DB . -4.51 62.79 44.55
O2A ATP DB . -5.51 61.33 46.23
O3A ATP DB . -3.18 60.70 45.30
O5' ATP DB . -5.35 60.50 43.83
C5' ATP DB . -5.91 59.27 44.25
C4' ATP DB . -5.82 58.21 43.11
O4' ATP DB . -6.82 58.57 42.00
C3' ATP DB . -4.66 58.19 42.54
O3' ATP DB . -3.84 57.13 43.12
C2' ATP DB . -4.92 57.87 40.94
O2' ATP DB . -4.92 56.43 40.72
C1' ATP DB . -6.07 58.35 40.65
N9 ATP DB . -5.95 59.64 39.94
C8 ATP DB . -5.61 60.68 40.70
N7 ATP DB . -5.54 61.75 39.92
C5 ATP DB . -5.84 61.37 38.67
C6 ATP DB . -5.91 62.06 37.49
N6 ATP DB . -5.69 63.46 37.18
N1 ATP DB . -6.22 61.44 36.38
C2 ATP DB . -6.48 60.11 36.40
N3 ATP DB . -6.41 59.42 37.54
C4 ATP DB . -6.09 60.06 38.68
H5'1 ATP DB . -5.43 58.96 45.02
H5'2 ATP DB . -6.84 59.41 44.48
H4' ATP DB . -6.02 57.33 43.46
H3' ATP DB . -4.21 59.03 42.63
H2' ATP DB . -4.25 58.31 40.40
HO2' ATP DB . -4.13 56.18 40.53
H1' ATP DB . -6.57 57.72 40.11
H8 ATP DB . -5.46 60.65 41.62
HN61 ATP DB . -6.36 63.96 37.03
HN62 ATP DB . -4.89 63.77 37.14
H2 ATP DB . -6.70 59.67 35.61
MG MG EB . -2.67 62.62 49.42
O12 PC1 FB . -14.20 48.01 48.09
P PC1 FB . -13.19 46.90 47.94
O14 PC1 FB . -12.19 46.98 49.06
O13 PC1 FB . -12.41 47.04 46.50
C11 PC1 FB . -13.21 46.84 45.38
C12 PC1 FB . -13.24 48.11 44.52
N PC1 FB . -13.87 47.85 43.24
C13 PC1 FB . -15.25 47.46 43.47
C14 PC1 FB . -13.84 49.04 42.43
C15 PC1 FB . -13.17 46.79 42.56
O11 PC1 FB . -13.96 45.44 47.96
C1 PC1 FB . -13.20 44.27 47.83
C2 PC1 FB . -14.11 43.08 48.20
O21 PC1 FB . -14.00 42.81 49.57
C21 PC1 FB . -15.15 42.32 50.21
O22 PC1 FB . -15.05 41.41 50.96
C22 PC1 FB . -16.53 42.93 49.97
C23 PC1 FB . -17.63 41.97 50.45
C24 PC1 FB . -17.91 42.28 51.92
C25 PC1 FB . -19.20 41.60 52.38
C26 PC1 FB . -19.30 41.83 53.88
C27 PC1 FB . -20.75 41.71 54.35
C28 PC1 FB . -20.89 42.14 55.82
C29 PC1 FB . -20.32 43.54 56.08
C2A PC1 FB . -19.67 43.65 57.45
C2B PC1 FB . -20.73 43.41 58.52
C2C PC1 FB . -21.33 44.76 58.90
C2D PC1 FB . -22.30 44.61 60.07
C2E PC1 FB . -22.56 45.96 60.72
C2F PC1 FB . -21.26 46.54 61.29
C2G PC1 FB . -21.59 47.49 62.43
C2H PC1 FB . -20.42 48.44 62.68
C2I PC1 FB . -19.23 47.65 63.21
C3 PC1 FB . -13.71 41.85 47.41
O31 PC1 FB . -14.66 40.84 47.63
C31 PC1 FB . -15.02 40.05 46.53
O32 PC1 FB . -14.98 40.50 45.43
C32 PC1 FB . -15.44 38.61 46.75
C33 PC1 FB . -16.01 38.45 48.16
C34 PC1 FB . -16.26 36.98 48.45
C35 PC1 FB . -17.43 36.45 47.62
C36 PC1 FB . -18.07 35.19 48.24
C37 PC1 FB . -18.68 35.45 49.62
C38 PC1 FB . -19.95 36.30 49.49
C39 PC1 FB . -20.90 35.96 50.64
C3A PC1 FB . -22.15 36.83 50.54
C3B PC1 FB . -21.97 38.13 51.32
C3C PC1 FB . -22.23 37.88 52.81
C3D PC1 FB . -23.72 37.84 53.08
C3E PC1 FB . -24.02 37.12 54.40
C3F PC1 FB . -23.82 35.60 54.32
C3G PC1 FB . -24.72 34.97 53.26
C3H PC1 FB . -24.50 33.46 53.22
C3I PC1 FB . -25.18 32.78 54.42
H111 PC1 FB . -12.84 46.09 44.91
H112 PC1 FB . -14.10 46.62 45.68
H121 PC1 FB . -13.74 48.79 45.00
H122 PC1 FB . -12.33 48.41 44.36
H131 PC1 FB . -15.29 46.53 43.73
H132 PC1 FB . -15.75 47.59 42.66
H133 PC1 FB . -15.62 48.00 44.18
H141 PC1 FB . -12.92 49.33 42.33
H142 PC1 FB . -14.22 48.86 41.56
H143 PC1 FB . -14.35 49.74 42.86
H151 PC1 FB . -12.23 46.88 42.71
H152 PC1 FB . -13.48 45.92 42.87
H153 PC1 FB . -13.35 46.85 41.61
H11 PC1 FB . -12.89 44.17 46.93
H12 PC1 FB . -12.45 44.30 48.45
H2 PC1 FB . -15.01 43.33 47.96
H221 PC1 FB . -16.71 43.13 49.04
H222 PC1 FB . -16.59 43.74 50.49
H231 PC1 FB . -18.43 42.12 49.93
H232 PC1 FB . -17.33 41.05 50.35
H241 PC1 FB . -17.17 41.94 52.46
H242 PC1 FB . -18.00 43.22 52.04
H251 PC1 FB . -19.16 40.65 52.20
H252 PC1 FB . -19.96 41.97 51.92
H261 PC1 FB . -18.77 41.16 54.34
H262 PC1 FB . -18.92 42.70 54.03
H271 PC1 FB . -21.02 40.78 54.28
H272 PC1 FB . -21.32 42.27 53.80
H281 PC1 FB . -21.82 42.13 56.07
H282 PC1 FB . -20.41 41.50 56.37
H291 PC1 FB . -21.06 44.15 56.08
H292 PC1 FB . -19.69 43.86 55.41
H2A1 PC1 FB . -18.99 42.96 57.53
H2A2 PC1 FB . -19.28 44.51 57.56
H2B1 PC1 FB . -20.32 43.02 59.31
H2B2 PC1 FB . -21.43 42.82 58.22
H2C1 PC1 FB . -21.81 45.12 58.14
H2C2 PC1 FB . -20.61 45.37 59.14
H2D1 PC1 FB . -23.14 44.23 59.75
H2D2 PC1 FB . -21.90 44.02 60.72
H2E1 PC1 FB . -22.92 46.58 60.07
H2E2 PC1 FB . -23.19 45.86 61.45
H2F1 PC1 FB . -20.69 45.83 61.62
H2F2 PC1 FB . -20.79 47.03 60.59
H2G1 PC1 FB . -21.79 46.98 63.23
H2G2 PC1 FB . -22.37 48.01 62.18
H2H1 PC1 FB . -20.68 49.10 63.34
H2H2 PC1 FB . -20.18 48.88 61.85
H2I1 PC1 FB . -18.90 47.06 62.51
H2I2 PC1 FB . -19.50 47.12 63.97
H2I3 PC1 FB . -18.54 48.26 63.47
H31 PC1 FB . -13.66 42.07 46.47
H32 PC1 FB . -12.84 41.53 47.72
H321 PC1 FB . -16.12 38.37 46.09
H322 PC1 FB . -14.67 38.03 46.63
H331 PC1 FB . -15.36 38.80 48.79
H332 PC1 FB . -16.83 38.95 48.23
H341 PC1 FB . -16.41 36.88 49.41
H342 PC1 FB . -15.47 36.47 48.21
H351 PC1 FB . -17.13 36.24 46.73
H352 PC1 FB . -18.10 37.14 47.59
H361 PC1 FB . -18.78 34.90 47.64
H362 PC1 FB . -17.39 34.50 48.31
H371 PC1 FB . -18.06 35.90 50.22
H372 PC1 FB . -18.92 34.60 50.01
H381 PC1 FB . -19.73 37.24 49.52
H382 PC1 FB . -20.40 36.09 48.65
H391 PC1 FB . -21.14 35.03 50.62
H392 PC1 FB . -20.45 36.17 51.48
H3A1 PC1 FB . -22.31 37.04 49.60
H3A2 PC1 FB . -22.92 36.34 50.88
H3B1 PC1 FB . -21.07 38.47 51.20
H3B2 PC1 FB . -22.61 38.77 51.01
H3C1 PC1 FB . -21.83 38.60 53.33
H3C2 PC1 FB . -21.81 37.04 53.06
H3D1 PC1 FB . -24.03 38.75 53.16
H3D2 PC1 FB . -24.20 37.42 52.33
H3E1 PC1 FB . -23.42 37.47 55.07
H3E2 PC1 FB . -24.94 37.29 54.65
H3F1 PC1 FB . -22.88 35.40 54.10
H3F2 PC1 FB . -24.02 35.21 55.18
H3G1 PC1 FB . -24.54 35.32 52.38
H3G2 PC1 FB . -25.64 35.14 53.50
H3H1 PC1 FB . -23.55 33.27 53.25
H3H2 PC1 FB . -24.88 33.10 52.41
H3I1 PC1 FB . -25.02 31.83 54.38
H3I2 PC1 FB . -26.13 32.96 54.39
H3I3 PC1 FB . -24.81 33.14 55.25
C1 CDL GB . 16.59 -18.32 36.40
O1 CDL GB . 17.12 -17.66 35.29
CA2 CDL GB . 15.13 -17.94 36.55
OA2 CDL GB . 14.48 -18.11 35.32
PA1 CDL GB . 12.85 -18.35 35.30
OA3 CDL GB . 12.54 -19.68 35.96
OA4 CDL GB . 12.38 -18.39 33.87
OA5 CDL GB . 12.10 -17.14 36.12
CA3 CDL GB . 12.22 -15.83 35.65
CA4 CDL GB . 12.78 -14.94 36.76
OA6 CDL GB . 11.74 -14.34 37.44
CA5 CDL GB . 11.51 -14.87 38.71
OA7 CDL GB . 11.37 -16.04 38.84
C11 CDL GB . 11.43 -13.96 39.94
C12 CDL GB . 12.45 -12.84 39.81
C13 CDL GB . 12.24 -11.80 40.89
C14 CDL GB . 13.04 -12.15 42.13
C15 CDL GB . 13.07 -10.94 43.07
C16 CDL GB . 14.44 -10.27 43.02
C17 CDL GB . 15.17 -10.44 44.35
C18 CDL GB . 16.68 -10.47 44.11
C19 CDL GB . 17.44 -10.04 45.35
C20 CDL GB . 17.22 -8.55 45.62
C21 CDL GB . 18.28 -7.95 46.55
C22 CDL GB . 19.70 -8.15 46.00
C23 CDL GB . 20.34 -6.81 45.72
C24 CDL GB . 19.78 -6.22 44.43
C25 CDL GB . 20.45 -6.85 43.20
C26 CDL GB . 21.89 -6.39 43.05
C27 CDL GB . 21.93 -4.98 42.45
CA6 CDL GB . 13.66 -13.87 36.14
OA8 CDL GB . 14.95 -14.36 35.89
CA7 CDL GB . 15.57 -13.81 34.75
OA9 CDL GB . 14.91 -13.40 33.85
C31 CDL GB . 17.09 -13.72 34.66
C32 CDL GB . 17.58 -14.42 33.40
C33 CDL GB . 19.08 -14.22 33.24
C34 CDL GB . 19.36 -13.44 31.94
C35 CDL GB . 19.30 -14.39 30.73
C36 CDL GB . 20.70 -14.72 30.23
C37 CDL GB . 21.20 -15.98 30.92
C38 CDL GB . 22.60 -16.33 30.43
C39 CDL GB . 22.96 -17.75 30.93
C40 CDL GB . 24.31 -17.74 31.64
C41 CDL GB . 24.22 -16.90 32.91
C42 CDL GB . 25.45 -17.11 33.80
C43 CDL GB . 25.42 -16.07 34.91
C44 CDL GB . 26.25 -16.52 36.10
C45 CDL GB . 25.96 -15.58 37.28
C46 CDL GB . 26.50 -16.20 38.57
C47 CDL GB . 25.73 -15.64 39.75
CB2 CDL GB . 17.37 -17.91 37.64
OB2 CDL GB . 16.87 -18.52 38.79
PB2 CDL GB . 17.64 -19.84 39.37
OB3 CDL GB . 16.64 -20.69 40.10
OB4 CDL GB . 18.24 -20.62 38.23
OB5 CDL GB . 18.82 -19.40 40.42
CB3 CDL GB . 18.69 -18.18 41.07
CB4 CDL GB . 20.03 -17.68 41.61
OB6 CDL GB . 21.06 -17.81 40.68
CB5 CDL GB . 21.46 -16.58 40.13
OB7 CDL GB . 22.29 -15.95 40.67
C51 CDL GB . 20.82 -16.08 38.83
C52 CDL GB . 21.61 -14.88 38.31
C53 CDL GB . 20.97 -13.59 38.83
C54 CDL GB . 21.92 -12.40 38.69
C55 CDL GB . 22.68 -12.18 40.00
C56 CDL GB . 23.08 -10.71 40.13
C57 CDL GB . 22.90 -10.24 41.57
C58 CDL GB . 24.15 -10.53 42.40
C59 CDL GB . 24.17 -9.62 43.63
C60 CDL GB . 25.56 -9.59 44.26
C61 CDL GB . 25.70 -8.52 45.34
C62 CDL GB . 25.33 -7.12 44.87
C63 CDL GB . 26.60 -6.32 44.54
C64 CDL GB . 27.32 -5.92 45.84
C65 CDL GB . 28.69 -5.36 45.48
C66 CDL GB . 29.50 -5.04 46.74
C67 CDL GB . 29.71 -6.30 47.57
CB6 CDL GB . 20.38 -18.46 42.87
OB8 CDL GB . 20.16 -17.63 43.98
CB7 CDL GB . 20.35 -18.24 45.23
OB9 CDL GB . 20.24 -19.41 45.35
C71 CDL GB . 20.68 -17.39 46.45
C72 CDL GB . 20.40 -15.92 46.10
C73 CDL GB . 20.86 -15.05 47.26
C74 CDL GB . 20.97 -13.59 46.81
C75 CDL GB . 22.32 -13.00 47.25
C76 CDL GB . 23.49 -13.81 46.68
C77 CDL GB . 24.57 -14.02 47.74
C78 CDL GB . 25.43 -15.23 47.35
C79 CDL GB . 26.31 -14.93 46.12
C80 CDL GB . 27.29 -13.79 46.42
C81 CDL GB . 28.68 -14.37 46.71
C82 CDL GB . 29.62 -13.27 47.19
C83 CDL GB . 29.16 -12.77 48.56
C84 CDL GB . 30.20 -11.82 49.15
C85 CDL GB . 30.22 -10.53 48.34
C86 CDL GB . 30.71 -9.36 49.19
C87 CDL GB . 29.79 -9.14 50.39
H1 CDL GB . 16.66 -19.27 36.27
H1O1 CDL GB . 17.65 -18.18 34.87
HA22 CDL GB . 14.71 -18.48 37.23
HA21 CDL GB . 15.07 -17.01 36.80
HA32 CDL GB . 11.36 -15.50 35.37
HA31 CDL GB . 12.81 -15.82 34.89
HA4 CDL GB . 13.30 -15.49 37.36
H112 CDL GB . 10.54 -13.59 40.00
H111 CDL GB . 11.62 -14.47 40.74
H122 CDL GB . 12.38 -12.44 38.93
H121 CDL GB . 13.33 -13.21 39.92
H132 CDL GB . 11.29 -11.75 41.11
H131 CDL GB . 12.53 -10.93 40.55
H142 CDL GB . 13.93 -12.41 41.87
H141 CDL GB . 12.61 -12.89 42.59
H152 CDL GB . 12.40 -10.31 42.78
H151 CDL GB . 12.89 -11.23 43.97
H162 CDL GB . 14.98 -10.64 42.30
H161 CDL GB . 14.32 -9.31 42.85
H172 CDL GB . 14.94 -9.72 44.94
H171 CDL GB . 14.91 -11.30 44.74
H182 CDL GB . 16.94 -11.38 43.88
H181 CDL GB . 16.90 -9.88 43.37
H192 CDL GB . 17.09 -10.53 46.11
H191 CDL GB . 18.38 -10.27 45.24
H202 CDL GB . 17.29 -8.09 44.76
H201 CDL GB . 16.34 -8.40 46.00
H212 CDL GB . 18.21 -8.38 47.42
H211 CDL GB . 18.12 -7.00 46.63
H222 CDL GB . 20.23 -8.64 46.66
H221 CDL GB . 19.69 -8.66 45.16
H232 CDL GB . 20.17 -6.20 46.45
H231 CDL GB . 21.30 -6.94 45.65
H242 CDL GB . 19.92 -5.27 44.41
H241 CDL GB . 18.83 -6.41 44.38
H252 CDL GB . 20.43 -7.80 43.28
H251 CDL GB . 19.95 -6.58 42.41
H262 CDL GB . 22.35 -6.39 43.90
H261 CDL GB . 22.36 -6.99 42.44
H273 CDL GB . 21.58 -4.35 43.10
H272 CDL GB . 21.40 -4.95 41.64
H271 CDL GB . 22.85 -4.74 42.24
HA62 CDL GB . 13.25 -13.60 35.31
HA61 CDL GB . 13.71 -13.13 36.74
H312 CDL GB . 17.49 -14.14 35.43
H311 CDL GB . 17.34 -12.79 34.61
H322 CDL GB . 17.39 -15.37 33.46
H321 CDL GB . 17.11 -14.07 32.62
H332 CDL GB . 19.41 -13.70 33.99
H331 CDL GB . 19.53 -15.07 33.21
H342 CDL GB . 18.69 -12.75 31.83
H341 CDL GB . 20.22 -13.04 31.99
H352 CDL GB . 18.87 -15.22 31.01
H351 CDL GB . 18.79 -13.99 30.02
H362 CDL GB . 20.66 -14.88 29.27
H361 CDL GB . 21.31 -13.98 30.39
H372 CDL GB . 21.23 -15.82 31.88
H371 CDL GB . 20.59 -16.71 30.73
H382 CDL GB . 23.25 -15.69 30.76
H381 CDL GB . 22.61 -16.31 29.47
H392 CDL GB . 22.27 -18.05 31.54
H391 CDL GB . 23.01 -18.34 30.16
H402 CDL GB . 24.56 -18.64 31.87
H401 CDL GB . 24.98 -17.35 31.06
H412 CDL GB . 24.16 -15.96 32.70
H411 CDL GB . 23.43 -17.16 33.42
H422 CDL GB . 26.26 -16.99 33.27
H421 CDL GB . 25.44 -18.01 34.18
H432 CDL GB . 25.77 -15.23 34.57
H431 CDL GB . 24.50 -15.93 35.20
H442 CDL GB . 26.02 -17.43 36.34
H441 CDL GB . 27.20 -16.47 35.88
H452 CDL GB . 25.01 -15.44 37.36
H451 CDL GB . 26.40 -14.72 37.13
H462 CDL GB . 26.40 -17.15 38.53
H461 CDL GB . 27.44 -15.97 38.67
H473 CDL GB . 25.93 -14.70 39.87
H472 CDL GB . 24.76 -15.75 39.60
H471 CDL GB . 25.98 -16.12 40.57
HB22 CDL GB . 17.30 -16.95 37.74
HB21 CDL GB . 18.30 -18.17 37.53
HB32 CDL GB . 18.09 -18.29 41.82
HB31 CDL GB . 18.33 -17.53 40.45
HB4 CDL GB . 19.95 -16.74 41.85
H512 CDL GB . 19.92 -15.80 39.01
H511 CDL GB . 20.83 -16.79 38.18
H522 CDL GB . 21.59 -14.87 37.34
H521 CDL GB . 22.53 -14.93 38.59
H532 CDL GB . 20.71 -13.72 39.75
H531 CDL GB . 20.17 -13.42 38.30
H542 CDL GB . 22.55 -12.58 37.97
H541 CDL GB . 21.40 -11.61 38.47
H552 CDL GB . 22.10 -12.41 40.74
H551 CDL GB . 23.47 -12.74 40.02
H562 CDL GB . 24.01 -10.63 39.87
H561 CDL GB . 22.53 -10.16 39.54
H572 CDL GB . 22.13 -10.67 41.97
H571 CDL GB . 22.75 -9.28 41.56
H582 CDL GB . 24.14 -11.46 42.69
H581 CDL GB . 24.94 -10.36 41.87
H592 CDL GB . 23.54 -9.97 44.29
H591 CDL GB . 23.86 -8.75 43.36
H602 CDL GB . 25.73 -10.46 44.65
H601 CDL GB . 26.21 -9.42 43.55
H612 CDL GB . 26.62 -8.53 45.66
H611 CDL GB . 25.10 -8.77 46.07
H622 CDL GB . 24.88 -6.67 45.59
H621 CDL GB . 24.77 -7.09 44.08
H632 CDL GB . 26.35 -5.52 44.07
H631 CDL GB . 27.18 -6.87 44.00
H642 CDL GB . 26.80 -5.23 46.29
H641 CDL GB . 27.40 -6.69 46.41
H652 CDL GB . 28.57 -4.54 44.97
H651 CDL GB . 29.17 -6.01 44.94
H662 CDL GB . 30.37 -4.69 46.48
H661 CDL GB . 29.03 -4.38 47.26
H673 CDL GB . 28.88 -6.51 48.04
H672 CDL GB . 29.97 -7.04 47.00
H671 CDL GB . 30.41 -6.14 48.22
HB62 CDL GB . 19.81 -19.25 42.94
HB61 CDL GB . 21.31 -18.74 42.84
H712 CDL GB . 20.13 -17.66 47.20
H711 CDL GB . 21.62 -17.49 46.66
H722 CDL GB . 19.46 -15.81 45.95
H721 CDL GB . 20.88 -15.69 45.31
H732 CDL GB . 20.18 -15.10 47.96
H731 CDL GB . 21.69 -15.39 47.63
H742 CDL GB . 20.90 -13.54 45.85
H741 CDL GB . 20.25 -13.09 47.22
H752 CDL GB . 22.35 -13.01 48.22
H751 CDL GB . 22.38 -12.09 46.93
H762 CDL GB . 23.20 -14.67 46.33
H761 CDL GB . 23.88 -13.30 45.95
H772 CDL GB . 24.13 -14.24 48.57
H771 CDL GB . 25.08 -13.21 47.86
H782 CDL GB . 24.87 -15.99 47.15
H781 CDL GB . 26.02 -15.43 48.10
H792 CDL GB . 26.82 -15.73 45.89
H791 CDL GB . 25.74 -14.67 45.38
H802 CDL GB . 27.01 -13.25 47.15
H801 CDL GB . 27.35 -13.22 45.63
H812 CDL GB . 29.03 -14.78 45.91
H811 CDL GB . 28.59 -15.03 47.41
H822 CDL GB . 30.53 -13.63 47.26
H821 CDL GB . 29.62 -12.53 46.56
H832 CDL GB . 28.34 -12.28 48.46
H831 CDL GB . 29.03 -13.52 49.17
H842 CDL GB . 29.98 -11.66 50.08
H841 CDL GB . 31.08 -12.24 49.10
H852 CDL GB . 29.32 -10.34 48.03
H851 CDL GB . 30.82 -10.64 47.58
H862 CDL GB . 31.61 -9.54 49.50
H861 CDL GB . 30.71 -8.56 48.65
H873 CDL GB . 29.86 -8.22 50.70
H872 CDL GB . 28.88 -9.33 50.14
H871 CDL GB . 30.06 -9.73 51.12
C1 CDL HB . 17.38 -25.86 30.37
O1 CDL HB . 18.66 -25.38 30.08
CA2 CDL HB . 16.54 -25.79 29.11
OA2 CDL HB . 16.90 -26.80 28.21
PA1 CDL HB . 16.81 -26.44 26.62
OA3 CDL HB . 17.36 -27.57 25.80
OA4 CDL HB . 15.39 -26.18 26.21
OA5 CDL HB . 17.72 -25.08 26.40
CA3 CDL HB . 18.65 -25.05 25.36
CA4 CDL HB . 20.02 -24.77 25.96
OA6 CDL HB . 19.88 -23.76 26.92
CA5 CDL HB . 19.88 -22.45 26.41
OA7 CDL HB . 19.09 -22.12 25.61
C11 CDL HB . 20.94 -21.50 26.96
C12 CDL HB . 20.72 -20.09 26.44
C13 CDL HB . 21.06 -19.07 27.53
C14 CDL HB . 22.55 -18.68 27.51
C15 CDL HB . 23.10 -18.44 26.10
C16 CDL HB . 24.07 -17.26 26.06
C17 CDL HB . 25.07 -17.27 27.21
C18 CDL HB . 25.73 -15.90 27.34
C19 CDL HB . 26.89 -15.80 26.36
C20 CDL HB . 27.64 -14.48 26.57
C21 CDL HB . 28.62 -14.63 27.72
C22 CDL HB . 29.49 -13.38 27.80
C23 CDL HB . 30.47 -13.53 28.96
C24 CDL HB . 29.98 -12.71 30.15
C25 CDL HB . 30.07 -13.56 31.42
C26 CDL HB . 29.34 -12.93 32.60
C27 CDL HB . 27.91 -12.54 32.23
CA6 CDL HB . 21.03 -24.45 24.85
OA8 CDL HB . 22.12 -25.33 24.93
CA7 CDL HB . 23.22 -24.75 25.59
OA9 CDL HB . 23.35 -24.92 26.76
C31 CDL HB . 24.26 -23.93 24.83
C32 CDL HB . 25.66 -24.46 25.13
C33 CDL HB . 26.61 -24.19 23.96
C34 CDL HB . 27.79 -23.31 24.38
C35 CDL HB . 28.53 -23.92 25.57
C36 CDL HB . 29.88 -23.25 25.74
C37 CDL HB . 29.67 -21.79 26.12
C38 CDL HB . 30.99 -21.17 26.59
C39 CDL HB . 31.88 -20.84 25.38
C40 CDL HB . 33.19 -20.25 25.88
C41 CDL HB . 34.10 -21.36 26.42
C42 CDL HB . 35.45 -20.74 26.79
C43 CDL HB . 36.51 -21.81 27.04
C44 CDL HB . 36.66 -22.73 25.83
C45 CDL HB . 38.03 -23.39 25.89
C46 CDL HB . 38.09 -24.57 24.93
C47 CDL HB . 39.14 -25.57 25.40
CB2 CDL HB . 16.75 -24.97 31.44
OB2 CDL HB . 16.74 -23.64 31.01
PB2 CDL HB . 17.62 -22.55 31.86
OB3 CDL HB . 17.18 -21.15 31.47
OB4 CDL HB . 17.42 -22.73 33.33
OB5 CDL HB . 19.21 -22.73 31.50
CB3 CDL HB . 19.92 -21.69 30.88
CB4 CDL HB . 20.96 -21.11 31.81
OB6 CDL HB . 21.45 -22.12 32.65
CB5 CDL HB . 22.82 -22.35 32.48
OB7 CDL HB . 23.31 -22.27 31.40
C51 CDL HB . 23.70 -22.72 33.67
C52 CDL HB . 25.11 -22.21 33.44
C53 CDL HB . 26.02 -22.73 34.56
C54 CDL HB . 27.49 -22.45 34.24
C55 CDL HB . 27.92 -23.22 32.99
C56 CDL HB . 29.44 -23.16 32.84
C57 CDL HB . 29.88 -21.80 32.29
C58 CDL HB . 31.39 -21.83 32.08
C59 CDL HB . 31.88 -20.52 31.50
C60 CDL HB . 33.38 -20.61 31.25
C61 CDL HB . 33.95 -19.25 30.79
C62 CDL HB . 34.17 -18.30 31.96
C63 CDL HB . 35.16 -18.86 32.99
C64 CDL HB . 34.98 -18.17 34.34
C65 CDL HB . 35.99 -18.74 35.34
C66 CDL HB . 35.74 -18.17 36.74
C67 CDL HB . 36.87 -18.62 37.66
CB6 CDL HB . 20.33 -19.98 32.64
OB8 CDL HB . 20.96 -19.89 33.88
CB7 CDL HB . 20.89 -18.63 34.49
OB9 CDL HB . 20.70 -17.66 33.85
C71 CDL HB . 21.08 -18.49 36.00
C72 CDL HB . 21.83 -19.71 36.55
C73 CDL HB . 22.13 -19.50 38.03
C74 CDL HB . 23.14 -20.55 38.51
C75 CDL HB . 24.46 -19.87 38.86
C76 CDL HB . 25.53 -20.94 39.02
C77 CDL HB . 26.39 -20.65 40.26
C78 CDL HB . 27.19 -19.35 40.01
C79 CDL HB . 28.38 -19.28 40.96
C80 CDL HB . 28.84 -17.82 41.09
C81 CDL HB . 30.11 -17.75 41.94
C82 CDL HB . 29.83 -18.26 43.35
C83 CDL HB . 30.92 -17.84 44.33
C84 CDL HB . 31.09 -16.32 44.38
C85 CDL HB . 31.91 -15.90 45.61
C86 CDL HB . 33.29 -16.55 45.61
C87 CDL HB . 33.99 -16.21 46.92
H1 CDL HB . 17.43 -26.76 30.69
H1O1 CDL HB . 18.64 -24.53 30.12
HA22 CDL HB . 15.61 -25.88 29.35
HA21 CDL HB . 16.69 -24.93 28.68
HA32 CDL HB . 18.67 -25.90 24.90
HA31 CDL HB . 18.42 -24.35 24.72
HA4 CDL HB . 20.33 -25.57 26.41
H112 CDL HB . 21.80 -21.81 26.66
H111 CDL HB . 20.90 -21.51 27.92
H122 CDL HB . 19.78 -19.98 26.25
H121 CDL HB . 21.21 -19.97 25.62
H132 CDL HB . 20.54 -18.27 27.39
H131 CDL HB . 20.86 -19.46 28.40
H142 CDL HB . 22.61 -17.85 28.00
H141 CDL HB . 23.06 -19.37 27.95
H152 CDL HB . 23.56 -19.23 25.79
H151 CDL HB . 22.38 -18.20 25.51
H162 CDL HB . 24.57 -17.30 25.23
H161 CDL HB . 23.56 -16.44 26.10
H172 CDL HB . 24.68 -17.47 28.07
H171 CDL HB . 25.76 -17.93 27.02
H182 CDL HB . 25.08 -15.20 27.15
H181 CDL HB . 26.07 -15.78 28.24
H192 CDL HB . 26.56 -15.85 25.44
H191 CDL HB . 27.50 -16.54 26.52
H202 CDL HB . 28.13 -14.27 25.76
H201 CDL HB . 27.00 -13.78 26.76
H212 CDL HB . 29.18 -15.40 27.56
H211 CDL HB . 28.14 -14.74 28.55
H222 CDL HB . 30.00 -13.30 26.98
H221 CDL HB . 28.94 -12.59 27.89
H232 CDL HB . 31.34 -13.20 28.69
H231 CDL HB . 30.54 -14.46 29.21
H242 CDL HB . 29.06 -12.45 29.99
H241 CDL HB . 30.52 -11.91 30.26
H252 CDL HB . 29.68 -14.44 31.24
H251 CDL HB . 31.01 -13.65 31.65
H262 CDL HB . 29.30 -13.57 33.33
H261 CDL HB . 29.81 -12.14 32.88
H273 CDL HB . 27.52 -13.21 31.65
H272 CDL HB . 27.92 -11.68 31.77
H271 CDL HB . 27.37 -12.46 33.03
HA62 CDL HB . 21.38 -23.55 24.91
HA61 CDL HB . 20.60 -24.56 23.99
H312 CDL HB . 24.09 -24.00 23.87
H311 CDL HB . 24.20 -23.00 25.10
H322 CDL HB . 25.96 -24.00 25.93
H321 CDL HB . 25.62 -25.41 25.30
H332 CDL HB . 26.12 -23.75 23.25
H331 CDL HB . 26.95 -25.04 23.64
H342 CDL HB . 27.45 -22.44 24.63
H341 CDL HB . 28.40 -23.22 23.64
H352 CDL HB . 28.02 -23.76 26.38
H351 CDL HB . 28.64 -24.88 25.44
H362 CDL HB . 30.38 -23.70 26.43
H361 CDL HB . 30.36 -23.29 24.90
H372 CDL HB . 29.36 -21.30 25.34
H371 CDL HB . 29.00 -21.71 26.82
H382 CDL HB . 30.81 -20.35 27.08
H381 CDL HB . 31.45 -21.79 27.16
H392 CDL HB . 32.04 -21.65 24.88
H391 CDL HB . 31.42 -20.19 24.82
H402 CDL HB . 33.01 -19.62 26.59
H401 CDL HB . 33.64 -19.80 25.15
H412 CDL HB . 34.19 -22.03 25.73
H411 CDL HB . 33.70 -21.75 27.21
H422 CDL HB . 35.32 -20.23 27.61
H421 CDL HB . 35.73 -20.17 26.07
H432 CDL HB . 37.36 -21.37 27.21
H431 CDL HB . 36.27 -22.33 27.81
H442 CDL HB . 36.59 -22.21 25.02
H441 CDL HB . 35.97 -23.41 25.85
H452 CDL HB . 38.72 -22.74 25.64
H451 CDL HB . 38.20 -23.70 26.80
H462 CDL HB . 38.33 -24.26 24.04
H461 CDL HB . 37.22 -25.01 24.90
H473 CDL HB . 39.09 -26.38 24.86
H472 CDL HB . 38.97 -25.80 26.33
H471 CDL HB . 40.02 -25.18 25.32
HB22 CDL HB . 15.83 -25.27 31.59
HB21 CDL HB . 17.26 -25.04 32.26
HB32 CDL HB . 19.30 -21.00 30.62
HB31 CDL HB . 20.36 -22.03 30.09
HB4 CDL HB . 21.67 -20.74 31.29
H512 CDL HB . 23.33 -22.30 34.47
H511 CDL HB . 23.69 -23.68 33.78
H522 CDL HB . 25.12 -21.25 33.42
H521 CDL HB . 25.42 -22.55 32.58
H532 CDL HB . 25.79 -22.30 35.40
H531 CDL HB . 25.89 -23.68 34.64
H542 CDL HB . 28.03 -22.73 34.99
H541 CDL HB . 27.61 -21.50 34.08
H552 CDL HB . 27.63 -24.14 33.05
H551 CDL HB . 27.52 -22.80 32.21
H562 CDL HB . 29.73 -23.85 32.22
H561 CDL HB . 29.86 -23.32 33.70
H572 CDL HB . 29.43 -21.62 31.45
H571 CDL HB . 29.66 -21.11 32.93
H582 CDL HB . 31.60 -22.56 31.47
H581 CDL HB . 31.84 -22.00 32.92
H592 CDL HB . 31.70 -19.80 32.13
H591 CDL HB . 31.44 -20.33 30.66
H602 CDL HB . 33.83 -20.96 32.04
H601 CDL HB . 33.52 -21.23 30.53
H612 CDL HB . 33.30 -18.86 30.19
H611 CDL HB . 34.79 -19.40 30.34
H622 CDL HB . 33.33 -18.13 32.41
H621 CDL HB . 34.54 -17.46 31.62
H632 CDL HB . 36.06 -18.69 32.68
H631 CDL HB . 35.06 -19.82 33.13
H642 CDL HB . 34.08 -18.32 34.67
H641 CDL HB . 35.12 -17.22 34.25
H652 CDL HB . 36.88 -18.50 35.06
H651 CDL HB . 35.90 -19.70 35.37
H662 CDL HB . 35.72 -17.20 36.69
H661 CDL HB . 34.89 -18.50 37.08
H673 CDL HB . 37.01 -19.57 37.57
H672 CDL HB . 37.68 -18.14 37.43
H671 CDL HB . 36.63 -18.41 38.58
HB62 CDL HB . 20.43 -19.15 32.15
HB61 CDL HB . 19.39 -20.17 32.77
H712 CDL HB . 21.60 -17.70 36.19
H711 CDL HB . 20.22 -18.43 36.43
H722 CDL HB . 22.65 -19.83 36.06
H721 CDL HB . 21.28 -20.50 36.44
H732 CDL HB . 22.51 -18.61 38.15
H731 CDL HB . 21.30 -19.58 38.53
H742 CDL HB . 23.28 -21.19 37.80
H741 CDL HB . 22.78 -20.99 39.29
H752 CDL HB . 24.71 -19.26 38.15
H751 CDL HB . 24.36 -19.37 39.69
H762 CDL HB . 26.09 -20.96 38.24
H761 CDL HB . 25.10 -21.80 39.15
H772 CDL HB . 25.83 -20.53 41.03
H771 CDL HB . 27.01 -21.38 40.40
H782 CDL HB . 26.61 -18.60 40.18
H781 CDL HB . 27.50 -19.34 39.09
H792 CDL HB . 28.12 -19.61 41.83
H791 CDL HB . 29.11 -19.82 40.63
H802 CDL HB . 29.01 -17.45 40.21
H801 CDL HB . 28.14 -17.32 41.53
H812 CDL HB . 30.41 -16.82 41.95
H811 CDL HB . 30.80 -18.30 41.53
H822 CDL HB . 29.77 -19.23 43.34
H821 CDL HB . 28.99 -17.87 43.65
H832 CDL HB . 30.68 -18.16 45.22
H831 CDL HB . 31.76 -18.25 44.06
H842 CDL HB . 30.21 -15.92 44.43
H841 CDL HB . 31.54 -16.01 43.59
H852 CDL HB . 32.02 -14.94 45.59
H851 CDL HB . 31.43 -16.17 46.42
H862 CDL HB . 33.81 -16.23 44.86
H861 CDL HB . 33.20 -17.52 45.56
H873 CDL HB . 34.83 -16.69 46.98
H872 CDL HB . 33.43 -16.46 47.67
H871 CDL HB . 34.16 -15.26 46.95
C1 CDL IB . 20.92 -0.17 27.42
O1 CDL IB . 22.21 0.32 27.20
CA2 CDL IB . 20.78 -1.54 26.78
OA2 CDL IB . 21.95 -2.28 26.97
PA1 CDL IB . 22.88 -2.62 25.66
OA3 CDL IB . 23.03 -1.39 24.80
OA4 CDL IB . 24.24 -3.05 26.13
OA5 CDL IB . 22.18 -3.82 24.78
CA3 CDL IB . 22.31 -3.79 23.39
CA4 CDL IB . 21.06 -3.13 22.79
OA6 CDL IB . 19.93 -3.63 23.42
CA5 CDL IB . 18.96 -2.66 23.67
OA7 CDL IB . 18.92 -1.65 23.07
C11 CDL IB . 17.92 -2.94 24.74
C12 CDL IB . 17.56 -4.40 24.75
C13 CDL IB . 16.30 -4.66 23.93
C14 CDL IB . 15.36 -5.51 24.78
C15 CDL IB . 15.99 -6.85 25.13
C16 CDL IB . 15.08 -7.63 26.06
C17 CDL IB . 13.70 -7.91 25.46
C18 CDL IB . 12.69 -8.30 26.53
C19 CDL IB . 12.54 -7.22 27.60
C20 CDL IB . 12.22 -7.82 28.95
C21 CDL IB . 11.73 -6.71 29.85
C22 CDL IB . 10.24 -6.44 29.66
C23 CDL IB . 9.40 -7.68 29.98
C24 CDL IB . 8.41 -7.95 28.87
C25 CDL IB . 7.18 -7.06 29.04
C26 CDL IB . 5.91 -7.83 28.65
C27 CDL IB . 4.73 -7.22 29.38
CA6 CDL IB . 20.94 -3.42 21.30
OA8 CDL IB . 20.91 -4.80 21.07
CA7 CDL IB . 19.65 -5.30 20.72
OA9 CDL IB . 18.68 -4.88 21.25
C31 CDL IB . 19.53 -6.39 19.68
C32 CDL IB . 18.79 -7.58 20.26
C33 CDL IB . 17.30 -7.49 19.96
C34 CDL IB . 16.66 -8.85 20.21
C35 CDL IB . 15.36 -8.98 19.43
C36 CDL IB . 14.27 -8.16 20.11
C37 CDL IB . 12.91 -8.84 19.95
C38 CDL IB . 11.82 -7.94 20.54
C39 CDL IB . 12.05 -7.66 22.02
C40 CDL IB . 11.40 -8.67 22.96
C41 CDL IB . 9.88 -8.71 22.79
C42 CDL IB . 9.27 -7.41 23.34
C43 CDL IB . 9.62 -7.21 24.81
C44 CDL IB . 8.97 -5.95 25.40
C45 CDL IB . 9.46 -4.72 24.63
C46 CDL IB . 8.54 -3.53 24.92
C47 CDL IB . 8.98 -2.88 26.23
CB2 CDL IB . 19.92 0.78 26.75
OB2 CDL IB . 18.62 0.31 26.92
PB2 CDL IB . 17.50 1.38 27.48
OB3 CDL IB . 16.49 0.63 28.31
OB4 CDL IB . 18.17 2.42 28.34
OB5 CDL IB . 16.75 2.12 26.23
CB3 CDL IB . 16.73 1.48 24.99
CB4 CDL IB . 15.33 1.51 24.41
OB6 CDL IB . 15.26 0.71 23.26
CB5 CDL IB . 14.73 -0.57 23.47
OB7 CDL IB . 14.72 -1.03 24.56
C51 CDL IB . 14.18 -1.38 22.31
C52 CDL IB . 13.51 -0.48 21.27
C53 CDL IB . 12.21 -1.11 20.79
C54 CDL IB . 11.68 -0.43 19.53
C55 CDL IB . 12.59 -0.70 18.35
C56 CDL IB . 11.89 -0.31 17.06
C57 CDL IB . 11.37 1.11 17.18
C58 CDL IB . 11.13 1.73 15.80
C59 CDL IB . 10.25 0.85 14.92
C60 CDL IB . 9.99 1.56 13.59
C61 CDL IB . 9.31 2.90 13.84
C62 CDL IB . 8.45 3.30 12.64
C63 CDL IB . 7.67 4.56 13.00
C64 CDL IB . 8.61 5.77 12.93
C65 CDL IB . 8.54 6.39 11.54
C66 CDL IB . 9.87 7.07 11.23
C67 CDL IB . 9.75 7.94 9.98
CB6 CDL IB . 14.99 2.94 24.05
OB8 CDL IB . 13.66 2.98 23.64
CB7 CDL IB . 12.79 3.62 24.53
OB9 CDL IB . 13.06 4.70 24.95
C71 CDL IB . 11.51 2.91 24.94
C72 CDL IB . 11.57 1.49 24.42
C73 CDL IB . 10.23 0.80 24.65
C74 CDL IB . 10.10 -0.37 23.69
C75 CDL IB . 8.91 -0.14 22.76
C76 CDL IB . 8.57 -1.37 21.93
C77 CDL IB . 8.01 -0.96 20.57
C78 CDL IB . 8.11 -2.12 19.58
C79 CDL IB . 8.11 -1.59 18.15
C80 CDL IB . 8.57 -2.72 17.21
C81 CDL IB . 8.57 -2.24 15.76
C82 CDL IB . 7.15 -1.83 15.34
C83 CDL IB . 6.84 -2.37 13.96
C84 CDL IB . 7.46 -1.48 12.89
C85 CDL IB . 6.78 -1.74 11.55
C86 CDL IB . 7.37 -0.80 10.51
C87 CDL IB . 8.77 -1.29 10.12
H1 CDL IB . 20.73 -0.22 28.36
H1O1 CDL IB . 22.26 1.11 27.50
HA22 CDL IB . 20.64 -1.43 25.84
HA21 CDL IB . 20.03 -2.01 27.18
HA32 CDL IB . 23.09 -3.27 23.15
HA31 CDL IB . 22.39 -4.68 23.04
HA4 CDL IB . 21.13 -2.18 22.93
H112 CDL IB . 18.29 -2.70 25.60
H111 CDL IB . 17.14 -2.40 24.58
H122 CDL IB . 17.39 -4.68 25.67
H121 CDL IB . 18.28 -4.93 24.39
H132 CDL IB . 16.53 -5.15 23.13
H131 CDL IB . 15.87 -3.84 23.70
H142 CDL IB . 15.15 -5.03 25.59
H141 CDL IB . 14.55 -5.64 24.25
H152 CDL IB . 16.14 -7.35 24.32
H151 CDL IB . 16.83 -6.73 25.58
H162 CDL IB . 15.04 -7.15 26.90
H161 CDL IB . 15.49 -8.49 26.22
H172 CDL IB . 13.79 -8.64 24.84
H171 CDL IB . 13.34 -7.13 25.01
H182 CDL IB . 13.01 -9.12 26.96
H181 CDL IB . 11.83 -8.47 26.12
H192 CDL IB . 13.30 -6.64 27.69
H191 CDL IB . 11.79 -6.66 27.34
H202 CDL IB . 11.55 -8.51 28.81
H201 CDL IB . 13.00 -8.25 29.34
H212 CDL IB . 11.88 -6.96 30.77
H211 CDL IB . 12.24 -5.91 29.62
H222 CDL IB . 10.10 -6.20 28.73
H221 CDL IB . 9.96 -5.71 30.23
H232 CDL IB . 8.92 -7.49 30.80
H231 CDL IB . 9.96 -8.45 30.14
H242 CDL IB . 8.14 -8.89 28.91
H241 CDL IB . 8.81 -7.77 28.01
H252 CDL IB . 7.26 -6.28 28.48
H251 CDL IB . 7.10 -6.80 29.96
H262 CDL IB . 6.00 -8.76 28.90
H261 CDL IB . 5.78 -7.76 27.70
H273 CDL IB . 4.58 -6.32 29.08
H272 CDL IB . 3.93 -7.75 29.21
H271 CDL IB . 4.90 -7.21 30.34
HA62 CDL IB . 20.12 -3.03 20.97
HA61 CDL IB . 21.70 -3.03 20.83
H312 CDL IB . 19.05 -6.07 18.91
H311 CDL IB . 20.41 -6.67 19.41
H322 CDL IB . 19.14 -8.40 19.87
H321 CDL IB . 18.92 -7.60 21.23
H332 CDL IB . 16.89 -6.83 20.53
H331 CDL IB . 17.16 -7.24 19.04
H342 CDL IB . 17.26 -9.55 19.93
H341 CDL IB . 16.48 -8.95 21.16
H352 CDL IB . 15.09 -9.90 19.38
H351 CDL IB . 15.48 -8.66 18.52
H362 CDL IB . 14.52 -8.11 21.04
H361 CDL IB . 14.24 -7.28 19.72
H372 CDL IB . 12.91 -9.69 20.40
H371 CDL IB . 12.74 -8.97 19.00
H382 CDL IB . 10.96 -8.36 20.37
H381 CDL IB . 11.86 -7.10 20.06
H392 CDL IB . 11.65 -6.79 22.20
H391 CDL IB . 12.98 -7.60 22.24
H402 CDL IB . 11.74 -9.54 22.71
H401 CDL IB . 11.65 -8.48 23.87
H412 CDL IB . 9.61 -8.81 21.87
H411 CDL IB . 9.54 -9.45 23.30
H422 CDL IB . 9.60 -6.69 22.79
H421 CDL IB . 8.31 -7.48 23.25
H432 CDL IB . 10.57 -7.08 24.90
H431 CDL IB . 9.32 -7.98 25.33
H442 CDL IB . 8.02 -6.02 25.34
H441 CDL IB . 9.23 -5.86 26.33
H452 CDL IB . 9.43 -4.85 23.68
H451 CDL IB . 10.35 -4.50 24.91
H462 CDL IB . 7.63 -3.85 25.03
H461 CDL IB . 8.58 -2.91 24.19
H473 CDL IB . 8.83 -3.50 26.96
H472 CDL IB . 8.45 -2.08 26.37
H471 CDL IB . 9.92 -2.66 26.17
HB22 CDL IB . 20.00 1.65 27.15
HB21 CDL IB . 20.11 0.83 25.81
HB32 CDL IB . 17.02 0.58 25.09
HB31 CDL IB . 17.32 1.95 24.39
HB4 CDL IB . 14.70 1.19 25.08
H512 CDL IB . 13.51 -2.00 22.65
H511 CDL IB . 14.89 -1.88 21.89
H522 CDL IB . 14.11 -0.36 20.53
H521 CDL IB . 13.32 0.37 21.67
H532 CDL IB . 12.40 -2.04 20.56
H531 CDL IB . 11.53 -1.10 21.47
H542 CDL IB . 10.79 -0.76 19.33
H541 CDL IB . 11.64 0.53 19.69
H552 CDL IB . 13.39 -0.18 18.44
H551 CDL IB . 12.83 -1.65 18.32
H562 CDL IB . 11.16 -0.91 16.87
H561 CDL IB . 12.52 -0.37 16.31
H572 CDL IB . 10.54 1.12 17.68
H571 CDL IB . 12.03 1.64 17.66
H582 CDL IB . 10.70 2.59 15.94
H581 CDL IB . 11.99 1.86 15.37
H592 CDL IB . 10.67 0.00 14.75
H591 CDL IB . 9.41 0.70 15.37
H602 CDL IB . 10.84 1.73 13.17
H601 CDL IB . 9.42 1.01 13.03
H612 CDL IB . 8.74 2.83 14.63
H611 CDL IB . 9.99 3.58 14.00
H622 CDL IB . 9.02 3.48 11.88
H621 CDL IB . 7.84 2.58 12.45
H632 CDL IB . 6.93 4.69 12.38
H631 CDL IB . 7.30 4.48 13.90
H642 CDL IB . 9.51 5.49 13.12
H641 CDL IB . 8.33 6.43 13.58
H652 CDL IB . 7.81 7.04 11.49
H651 CDL IB . 8.37 5.69 10.88
H662 CDL IB . 10.12 7.63 11.97
H661 CDL IB . 10.54 6.40 11.08
H673 CDL IB . 9.85 8.88 10.23
H672 CDL IB . 10.43 7.69 9.35
H671 CDL IB . 8.87 7.83 9.58
HB62 CDL IB . 15.10 3.51 24.82
HB61 CDL IB . 15.56 3.24 23.33
H712 CDL IB . 11.42 2.90 25.91
H711 CDL IB . 10.76 3.36 24.55
H722 CDL IB . 12.28 1.00 24.87
H721 CDL IB . 11.75 1.51 23.46
H732 CDL IB . 9.52 1.43 24.49
H731 CDL IB . 10.17 0.49 25.57
H742 CDL IB . 9.97 -1.18 24.22
H741 CDL IB . 10.92 -0.46 23.20
H752 CDL IB . 9.14 0.58 22.16
H751 CDL IB . 8.15 0.10 23.28
H762 CDL IB . 9.37 -1.90 21.80
H761 CDL IB . 7.90 -1.90 22.40
H772 CDL IB . 8.50 -0.20 20.23
H771 CDL IB . 7.08 -0.71 20.67
H782 CDL IB . 7.36 -2.71 19.70
H781 CDL IB . 8.93 -2.60 19.74
H792 CDL IB . 8.73 -0.84 18.07
H791 CDL IB . 7.22 -1.30 17.92
H802 CDL IB . 9.46 -3.01 17.46
H801 CDL IB . 7.95 -3.45 17.30
H812 CDL IB . 9.15 -1.47 15.68
H811 CDL IB . 8.88 -2.94 15.18
H822 CDL IB . 6.52 -2.20 15.97
H821 CDL IB . 7.07 -0.86 15.34
H832 CDL IB . 5.87 -2.38 13.82
H831 CDL IB . 7.18 -3.27 13.87
H842 CDL IB . 8.42 -1.67 12.82
H841 CDL IB . 7.36 -0.54 13.13
H852 CDL IB . 5.84 -1.56 11.64
H851 CDL IB . 6.92 -2.66 11.28
H862 CDL IB . 6.80 -0.79 9.72
H861 CDL IB . 7.44 0.09 10.86
H873 CDL IB . 9.36 -1.16 10.86
H872 CDL IB . 9.09 -0.78 9.35
H871 CDL IB . 8.73 -2.23 9.89
C24 PEE JB . 16.47 -10.94 1.09
C23 PEE JB . 16.66 -11.67 2.41
C22 PEE JB . 15.55 -12.70 2.60
C21 PEE JB . 15.33 -12.95 4.09
C20 PEE JB . 14.60 -14.26 4.30
C19 PEE JB . 13.81 -14.24 5.62
C18 PEE JB . 12.33 -14.39 5.34
C17 PEE JB . 11.52 -13.97 6.57
C16 PEE JB . 10.60 -15.10 7.01
C15 PEE JB . 9.71 -14.62 8.15
C14 PEE JB . 9.29 -15.79 9.05
C13 PEE JB . 9.26 -15.36 10.52
C12 PEE JB . 10.02 -16.36 11.38
C11 PEE JB . 9.30 -17.71 11.42
C10 PEE JB . 8.19 -17.66 12.45
O4 PEE JB . 7.17 -17.14 12.19
O2 PEE JB . 8.40 -18.24 13.72
C2 PEE JB . 7.28 -18.26 14.55
C1 PEE JB . 7.31 -19.47 15.46
O3P PEE JB . 6.91 -19.10 16.74
P PEE JB . 5.74 -19.98 17.51
O2P PEE JB . 5.85 -21.42 17.09
O1P PEE JB . 4.37 -19.48 17.15
O4P PEE JB . 6.01 -19.86 19.13
C4 PEE JB . 4.93 -19.68 19.98
C5 PEE JB . 5.42 -19.61 21.42
N PEE JB . 4.29 -19.74 22.32
C3 PEE JB . 7.27 -16.97 15.39
O3 PEE JB . 8.52 -16.76 15.97
C30 PEE JB . 8.69 -15.40 16.27
O5 PEE JB . 8.42 -14.99 17.34
C31 PEE JB . 9.22 -14.46 15.20
C32 PEE JB . 9.62 -13.13 15.81
C33 PEE JB . 10.87 -13.33 16.67
C34 PEE JB . 12.11 -13.35 15.78
C35 PEE JB . 13.14 -12.31 16.24
C36 PEE JB . 14.59 -12.83 16.28
C37 PEE JB . 14.88 -14.03 15.36
C38 PEE JB . 16.21 -13.85 14.64
C39 PEE JB . 16.61 -15.18 14.00
C40 PEE JB . 18.12 -15.23 13.82
C41 PEE JB . 18.44 -15.69 12.40
C42 PEE JB . 19.91 -15.51 12.09
C43 PEE JB . 20.67 -16.83 12.16
C44 PEE JB . 21.50 -17.05 10.90
C45 PEE JB . 23.00 -17.03 11.21
C46 PEE JB . 23.67 -15.90 10.42
C47 PEE JB . 23.48 -14.57 11.16
H7 PEE JB . 6.60 -17.02 16.09
H8 PEE JB . 7.06 -16.23 14.83
H82 PEE JB . 23.68 -14.69 12.11
H5 PEE JB . 3.93 -20.54 22.21
H6 PEE JB . 3.69 -19.12 22.13
H12 PEE JB . 5.86 -18.76 21.57
H4 PEE JB . 4.57 -19.65 23.16
H10 PEE JB . 4.46 -18.87 19.75
H11 PEE JB . 6.05 -20.32 21.58
H9 PEE JB . 4.32 -20.44 19.89
H2 PEE JB . 8.20 -19.85 15.50
H3 PEE JB . 6.69 -20.14 15.12
H14 PEE JB . 8.93 -17.92 10.55
H1 PEE JB . 6.48 -18.29 14.02
H16 PEE JB . 10.08 -16.02 12.29
H13 PEE JB . 9.94 -18.40 11.67
H18 PEE JB . 9.68 -14.50 10.61
H20 PEE JB . 9.91 -16.52 8.94
H22 PEE JB . 8.91 -14.21 7.78
H19 PEE JB . 8.39 -16.08 8.79
H21 PEE JB . 10.20 -13.97 8.66
H28 PEE JB . 12.12 -15.31 5.12
H23 PEE JB . 10.05 -15.37 6.26
H24 PEE JB . 11.13 -15.85 7.29
H25 PEE JB . 12.14 -13.76 7.29
H26 PEE JB . 11.00 -13.19 6.36
H17 PEE JB . 8.34 -15.31 10.82
H27 PEE JB . 12.07 -13.82 4.60
H15 PEE JB . 10.91 -16.47 11.02
H29 PEE JB . 13.97 -13.40 6.08
H30 PEE JB . 14.10 -14.98 6.17
H31 PEE JB . 15.25 -14.98 4.34
H32 PEE JB . 14.00 -14.42 3.56
H33 PEE JB . 14.81 -12.22 4.45
H34 PEE JB . 16.20 -12.98 4.52
H35 PEE JB . 14.73 -12.37 2.20
H36 PEE JB . 15.79 -13.53 2.16
H37 PEE JB . 17.52 -12.11 2.41
H38 PEE JB . 16.62 -11.04 3.14
H39 PEE JB . 15.59 -10.54 1.06
H40 PEE JB . 16.57 -11.57 0.36
H48 PEE JB . 8.53 -14.31 14.54
H49 PEE JB . 9.99 -14.86 14.76
H50 PEE JB . 8.90 -12.78 16.35
H51 PEE JB . 9.82 -12.51 15.10
H52 PEE JB . 10.81 -14.15 17.16
H53 PEE JB . 10.93 -12.59 17.31
H54 PEE JB . 12.45 -14.25 15.87
H55 PEE JB . 11.85 -13.17 14.86
H56 PEE JB . 12.92 -12.00 17.13
H57 PEE JB . 13.11 -11.57 15.62
H58 PEE JB . 14.78 -13.10 17.18
H59 PEE JB . 15.18 -12.11 16.01
H60 PEE JB . 14.90 -14.84 15.88
H81 PEE JB . 22.57 -14.27 11.07
H61 PEE JB . 14.23 -14.10 14.65
H80 PEE JB . 24.07 -13.90 10.80
H62 PEE JB . 16.90 -13.58 15.28
H63 PEE JB . 16.14 -13.18 13.94
H64 PEE JB . 16.17 -15.25 13.14
H65 PEE JB . 16.32 -15.91 14.57
H66 PEE JB . 18.49 -14.34 13.95
H67 PEE JB . 18.50 -15.85 14.46
H68 PEE JB . 17.92 -15.15 11.78
H69 PEE JB . 18.18 -16.62 12.29
H70 PEE JB . 19.99 -15.13 11.20
H71 PEE JB . 20.30 -14.89 12.73
H72 PEE JB . 20.05 -17.58 12.24
H73 PEE JB . 21.24 -16.81 12.94
H74 PEE JB . 21.30 -16.36 10.25
H75 PEE JB . 21.28 -17.92 10.51
H76 PEE JB . 23.40 -17.87 10.95
H77 PEE JB . 23.14 -16.88 12.16
H78 PEE JB . 24.61 -16.08 10.35
H79 PEE JB . 23.29 -15.85 9.53
C27 PEE KB . 15.62 -12.97 50.18
C26 PEE KB . 15.91 -11.49 49.90
C25 PEE KB . 14.88 -10.91 48.94
C24 PEE KB . 15.20 -9.46 48.67
C23 PEE KB . 13.93 -8.68 48.31
C22 PEE KB . 14.21 -7.19 48.32
C21 PEE KB . 12.88 -6.40 48.34
C20 PEE KB . 12.50 -5.95 46.93
C19 PEE KB . 11.32 -6.76 46.39
C18 PEE KB . 10.08 -5.90 46.21
C17 PEE KB . 8.84 -6.73 46.54
C16 PEE KB . 7.66 -5.83 46.92
C15 PEE KB . 6.46 -6.72 47.26
C14 PEE KB . 5.15 -6.01 46.91
C13 PEE KB . 3.94 -6.76 47.48
C12 PEE KB . 3.97 -8.25 47.18
C11 PEE KB . 3.60 -9.05 48.42
C10 PEE KB . 2.09 -8.98 48.60
O4 PEE KB . 1.42 -9.74 47.99
O2 PEE KB . 1.51 -8.03 49.44
C2 PEE KB . 0.12 -8.11 49.54
C1 PEE KB . -0.24 -8.98 50.75
O3P PEE KB . -0.26 -10.31 50.33
P PEE KB . -1.42 -11.30 50.95
O2P PEE KB . -0.97 -11.88 52.26
O1P PEE KB . -1.69 -12.42 49.98
O4P PEE KB . -2.81 -10.44 51.15
C4 PEE KB . -3.30 -10.22 52.44
C5 PEE KB . -4.19 -8.99 52.46
N PEE KB . -4.48 -8.63 53.83
C3 PEE KB . -0.47 -6.70 49.67
O3 PEE KB . -0.91 -6.28 48.41
C30 PEE KB . -1.79 -5.20 48.43
O5 PEE KB . -2.88 -5.34 48.01
C31 PEE KB . -1.35 -3.85 49.01
C32 PEE KB . -2.56 -2.99 49.33
C33 PEE KB . -2.22 -1.52 49.11
C34 PEE KB . -3.20 -0.67 49.92
C35 PEE KB . -2.92 0.82 49.71
C36 PEE KB . -1.65 1.24 50.44
C37 PEE KB . -1.29 2.67 50.05
C38 PEE KB . 0.20 2.77 49.71
C39 PEE KB . 0.59 4.24 49.54
C40 PEE KB . 2.10 4.41 49.76
C41 PEE KB . 2.77 4.86 48.47
C42 PEE KB . 4.22 4.40 48.49
C43 PEE KB . 4.31 2.91 48.15
C44 PEE KB . 5.76 2.50 47.89
C45 PEE KB . 5.89 1.14 47.20
C46 PEE KB . 5.07 1.03 45.91
C47 PEE KB . 4.99 -0.44 45.47
H7 PEE KB . 0.21 -6.09 49.99
H8 PEE KB . -1.21 -6.70 50.29
H82 PEE KB . 4.80 -0.99 46.24
H5 PEE KB . -5.05 -7.93 53.85
H6 PEE KB . -4.86 -9.32 54.25
H12 PEE KB . -3.73 -8.26 52.02
H4 PEE KB . -3.73 -8.40 54.25
H10 PEE KB . -2.55 -10.09 53.05
H11 PEE KB . -5.02 -9.18 51.99
H9 PEE KB . -3.80 -11.00 52.75
H2 PEE KB . -1.12 -8.73 51.09
H3 PEE KB . 0.42 -8.86 51.45
H14 PEE KB . 3.86 -9.97 48.32
H1 PEE KB . -0.25 -8.52 48.75
H16 PEE KB . 3.31 -8.44 46.50
H13 PEE KB . 4.03 -8.67 49.20
H18 PEE KB . 3.94 -6.63 48.44
H20 PEE KB . 5.18 -5.11 47.29
H22 PEE KB . 6.57 -7.52 46.72
H19 PEE KB . 5.06 -5.96 45.94
H21 PEE KB . 6.47 -6.94 48.20
H28 PEE KB . 10.02 -5.59 45.30
H23 PEE KB . 7.89 -5.28 47.69
H24 PEE KB . 7.44 -5.25 46.17
H25 PEE KB . 9.03 -7.30 47.31
H26 PEE KB . 8.60 -7.28 45.78
H17 PEE KB . 3.13 -6.37 47.10
H27 PEE KB . 10.11 -5.13 46.80
H15 PEE KB . 4.82 -8.58 46.87
H29 PEE KB . 11.13 -7.50 46.98
H30 PEE KB . 11.58 -7.12 45.52
H31 PEE KB . 12.28 -5.01 46.95
H32 PEE KB . 13.25 -6.09 46.33
H33 PEE KB . 12.19 -6.96 48.72
H34 PEE KB . 13.00 -5.62 48.91
H35 PEE KB . 14.73 -6.94 47.54
H36 PEE KB . 14.70 -6.97 49.12
H37 PEE KB . 13.63 -8.96 47.43
H38 PEE KB . 13.24 -8.90 48.95
H39 PEE KB . 15.83 -9.40 47.93
H40 PEE KB . 15.59 -9.06 49.46
H41 PEE KB . 14.90 -11.42 48.11
H43 PEE KB . 15.87 -10.99 50.74
H44 PEE KB . 16.79 -11.41 49.52
H45 PEE KB . 16.10 -13.25 50.98
H46 PEE KB . 15.90 -13.50 49.44
H47 PEE KB . 14.67 -13.09 50.33
H48 PEE KB . -0.85 -4.00 49.82
H49 PEE KB . -0.79 -3.40 48.35
H50 PEE KB . -3.30 -3.21 48.75
H51 PEE KB . -2.82 -3.12 50.25
H52 PEE KB . -1.32 -1.36 49.41
H53 PEE KB . -2.30 -1.30 48.17
H54 PEE KB . -4.10 -0.86 49.65
H55 PEE KB . -3.08 -0.88 50.86
H56 PEE KB . -2.81 0.98 48.77
H57 PEE KB . -3.67 1.34 50.04
H58 PEE KB . -1.78 1.19 51.40
H59 PEE KB . -0.92 0.66 50.18
H60 PEE KB . -1.47 3.25 50.80
H81 PEE KB . 4.28 -0.54 44.83
H61 PEE KB . -1.82 2.95 49.29
H80 PEE KB . 5.84 -0.70 45.08
H62 PEE KB . 0.71 2.37 50.42
H63 PEE KB . 0.36 2.28 48.88
H64 PEE KB . 0.12 4.77 50.20
H65 PEE KB . 0.36 4.52 48.65
H66 PEE KB . 2.23 5.10 50.43
H67 PEE KB . 2.48 3.58 50.07
H68 PEE KB . 2.73 5.82 48.40
H69 PEE KB . 2.32 4.46 47.70
H70 PEE KB . 4.60 4.55 49.37
H71 PEE KB . 4.72 4.90 47.84
H72 PEE KB . 3.98 2.39 48.91
H73 PEE KB . 3.72 2.76 47.41
H74 PEE KB . 6.25 2.47 48.72
H75 PEE KB . 6.15 3.17 47.30
H42 PEE KB . 13.99 -11.00 49.32
H76 PEE KB . 6.82 1.00 46.96
H77 PEE KB . 5.60 0.44 47.81
H78 PEE KB . 5.48 1.56 45.21
H79 PEE KB . 4.16 1.32 46.06
C1 CDL LB . 11.35 -71.67 11.96
O1 CDL LB . 10.83 -72.95 12.17
CA2 CDL LB . 10.76 -71.10 10.68
OA2 CDL LB . 9.38 -71.34 10.67
PA1 CDL LB . 8.34 -70.17 11.16
OA3 CDL LB . 8.67 -69.71 12.56
OA4 CDL LB . 6.94 -70.74 11.16
OA5 CDL LB . 8.39 -68.89 10.12
CA3 CDL LB . 9.25 -67.82 10.37
CA4 CDL LB . 9.21 -66.88 9.17
OA6 CDL LB . 9.66 -67.64 8.07
CA5 CDL LB . 11.03 -67.75 7.89
OA7 CDL LB . 11.70 -68.23 8.75
C11 CDL LB . 11.65 -67.31 6.58
C12 CDL LB . 13.14 -67.64 6.53
C13 CDL LB . 13.39 -68.90 5.73
C14 CDL LB . 14.86 -68.95 5.32
C15 CDL LB . 15.09 -68.14 4.04
C16 CDL LB . 16.50 -68.41 3.51
C17 CDL LB . 17.55 -67.99 4.54
C18 CDL LB . 18.71 -67.27 3.87
C19 CDL LB . 19.52 -68.29 3.06
C20 CDL LB . 21.03 -68.06 3.23
C21 CDL LB . 21.44 -68.26 4.69
C22 CDL LB . 22.96 -68.48 4.77
C23 CDL LB . 23.73 -67.30 4.22
C24 CDL LB . 25.20 -67.46 4.59
C25 CDL LB . 26.07 -66.65 3.63
C26 CDL LB . 27.53 -66.68 4.10
C27 CDL LB . 27.71 -65.79 5.33
CA6 CDL LB . 10.03 -65.63 9.47
OA8 CDL LB . 10.11 -64.78 8.37
CA7 CDL LB . 10.69 -63.52 8.67
OA9 CDL LB . 10.58 -63.07 9.77
C31 CDL LB . 11.46 -62.72 7.63
C32 CDL LB . 11.49 -63.49 6.31
C33 CDL LB . 12.66 -63.07 5.44
C34 CDL LB . 12.94 -64.15 4.40
C35 CDL LB . 12.18 -63.87 3.12
C36 CDL LB . 12.66 -64.79 2.01
C37 CDL LB . 12.17 -64.27 0.66
C38 CDL LB . 12.37 -65.31 -0.44
C39 CDL LB . 13.84 -65.65 -0.62
C40 CDL LB . 13.98 -66.71 -1.71
C41 CDL LB . 15.37 -67.34 -1.75
C42 CDL LB . 15.84 -67.81 -0.37
C43 CDL LB . 17.09 -68.69 -0.47
C44 CDL LB . 18.17 -68.09 -1.37
C45 CDL LB . 18.92 -66.98 -0.63
C46 CDL LB . 19.96 -66.36 -1.57
C47 CDL LB . 19.30 -65.25 -2.38
CB2 CDL LB . 12.86 -71.76 11.88
OB2 CDL LB . 13.38 -70.63 11.25
PB2 CDL LB . 14.98 -70.65 10.91
OB3 CDL LB . 15.27 -71.65 9.83
OB4 CDL LB . 15.76 -71.02 12.15
OB5 CDL LB . 15.44 -69.15 10.41
CB3 CDL LB . 15.54 -68.95 9.03
CB4 CDL LB . 16.88 -68.34 8.64
OB6 CDL LB . 17.88 -68.85 9.47
CB5 CDL LB . 18.55 -69.96 8.94
OB7 CDL LB . 18.26 -70.40 7.88
C51 CDL LB . 19.65 -70.63 9.75
C52 CDL LB . 20.98 -70.17 9.17
C53 CDL LB . 20.93 -68.64 9.07
C54 CDL LB . 22.31 -68.03 9.29
C55 CDL LB . 22.63 -68.04 10.79
C56 CDL LB . 23.94 -67.31 11.06
C57 CDL LB . 25.14 -68.00 10.38
C58 CDL LB . 26.32 -67.05 10.30
C59 CDL LB . 25.98 -65.80 9.48
C60 CDL LB . 27.23 -64.94 9.29
C61 CDL LB . 26.81 -63.54 8.85
C62 CDL LB . 26.38 -62.73 10.08
C63 CDL LB . 25.94 -61.32 9.65
C64 CDL LB . 26.62 -60.24 10.50
C65 CDL LB . 28.12 -60.19 10.26
C66 CDL LB . 28.76 -59.11 11.14
C67 CDL LB . 28.68 -59.47 12.62
CB6 CDL LB . 16.79 -66.82 8.73
OB8 CDL LB . 18.04 -66.26 8.46
CB7 CDL LB . 17.98 -64.94 7.99
OB9 CDL LB . 18.17 -64.03 8.71
C71 CDL LB . 17.69 -64.71 6.50
C72 CDL LB . 17.37 -63.24 6.24
C73 CDL LB . 18.64 -62.49 5.84
C74 CDL LB . 18.27 -61.17 5.15
C75 CDL LB . 19.44 -60.66 4.31
C76 CDL LB . 19.03 -59.37 3.61
C77 CDL LB . 19.38 -58.16 4.48
C78 CDL LB . 20.85 -57.77 4.30
C79 CDL LB . 20.96 -56.33 3.78
C80 CDL LB . 22.30 -55.71 4.21
C81 CDL LB . 23.19 -55.49 2.99
C82 CDL LB . 24.32 -54.52 3.32
C83 CDL LB . 25.01 -54.08 2.03
C84 CDL LB . 25.83 -52.82 2.27
C85 CDL LB . 25.85 -51.97 0.99
C86 CDL LB . 26.89 -52.49 0.00
C87 CDL LB . 28.30 -52.16 0.50
H1 CDL LB . 11.11 -71.09 12.69
H1O1 CDL LB . 11.31 -73.52 11.78
HA22 CDL LB . 10.95 -70.15 10.63
HA21 CDL LB . 11.16 -71.55 9.92
HA32 CDL LB . 8.97 -67.36 11.17
HA31 CDL LB . 10.15 -68.15 10.49
HA4 CDL LB . 8.29 -66.61 9.03
H112 CDL LB . 11.20 -67.76 5.85
H111 CDL LB . 11.52 -66.36 6.49
H122 CDL LB . 13.59 -66.89 6.09
H121 CDL LB . 13.48 -67.71 7.43
H132 CDL LB . 13.19 -69.68 6.28
H131 CDL LB . 12.84 -68.92 4.94
H142 CDL LB . 15.40 -68.57 6.03
H141 CDL LB . 15.13 -69.86 5.17
H152 CDL LB . 15.00 -67.20 4.24
H151 CDL LB . 14.44 -68.39 3.38
H162 CDL LB . 16.64 -67.93 2.68
H161 CDL LB . 16.60 -69.36 3.34
H172 CDL LB . 17.13 -67.38 5.18
H171 CDL LB . 17.87 -68.77 5.01
H182 CDL LB . 18.36 -66.61 3.26
H181 CDL LB . 19.25 -66.81 4.53
H192 CDL LB . 19.30 -69.17 3.38
H191 CDL LB . 19.28 -68.20 2.13
H202 CDL LB . 21.24 -67.16 2.95
H201 CDL LB . 21.51 -68.69 2.66
H212 CDL LB . 21.21 -67.48 5.21
H211 CDL LB . 20.99 -69.04 5.04
H222 CDL LB . 23.20 -68.60 5.71
H221 CDL LB . 23.19 -69.28 4.27
H232 CDL LB . 23.39 -66.48 4.59
H231 CDL LB . 23.65 -67.26 3.25
H242 CDL LB . 25.44 -68.39 4.54
H241 CDL LB . 25.34 -67.14 5.49
H252 CDL LB . 25.76 -65.73 3.63
H251 CDL LB . 26.01 -67.02 2.73
H262 CDL LB . 27.78 -67.59 4.32
H261 CDL LB . 28.10 -66.35 3.39
H273 CDL LB . 27.30 -66.21 6.10
H272 CDL LB . 27.29 -64.93 5.18
H271 CDL LB . 28.65 -65.68 5.50
HA62 CDL LB . 10.93 -65.91 9.74
HA61 CDL LB . 9.61 -65.16 10.21
H312 CDL LB . 11.02 -61.87 7.48
H311 CDL LB . 12.36 -62.56 7.93
H322 CDL LB . 10.65 -63.37 5.84
H321 CDL LB . 11.61 -64.42 6.55
H332 CDL LB . 13.46 -62.91 5.98
H331 CDL LB . 12.42 -62.25 4.98
H342 CDL LB . 13.89 -64.16 4.21
H341 CDL LB . 12.67 -65.01 4.75
H352 CDL LB . 11.23 -64.02 3.27
H351 CDL LB . 12.31 -62.95 2.85
H362 CDL LB . 12.31 -65.68 2.16
H361 CDL LB . 13.63 -64.83 2.02
H372 CDL LB . 11.23 -64.04 0.72
H371 CDL LB . 12.68 -63.48 0.44
H382 CDL LB . 12.03 -64.96 -1.28
H381 CDL LB . 11.88 -66.12 -0.21
H392 CDL LB . 14.18 -65.98 0.23
H391 CDL LB . 14.34 -64.86 -0.87
H402 CDL LB . 13.32 -67.41 -1.56
H401 CDL LB . 13.82 -66.28 -2.57
H412 CDL LB . 15.37 -68.10 -2.36
H411 CDL LB . 15.97 -66.66 -2.07
H422 CDL LB . 15.13 -68.33 0.04
H421 CDL LB . 16.06 -67.05 0.18
H432 CDL LB . 16.85 -69.56 -0.80
H431 CDL LB . 17.45 -68.77 0.43
H442 CDL LB . 17.82 -67.75 -2.21
H441 CDL LB . 18.81 -68.78 -1.58
H452 CDL LB . 19.37 -67.36 0.13
H451 CDL LB . 18.29 -66.29 -0.34
H462 CDL LB . 20.29 -67.04 -2.17
H461 CDL LB . 20.69 -66.00 -1.05
H473 CDL LB . 19.99 -64.77 -2.88
H472 CDL LB . 18.86 -64.63 -1.78
H471 CDL LB . 18.65 -65.64 -3.00
HB22 CDL LB . 13.11 -72.54 11.37
HB21 CDL LB . 13.23 -71.82 12.77
HB32 CDL LB . 14.85 -68.32 8.78
HB31 CDL LB . 15.40 -69.78 8.56
HB4 CDL LB . 17.06 -68.56 7.71
H512 CDL LB . 19.57 -71.59 9.68
H511 CDL LB . 19.59 -70.38 10.69
H522 CDL LB . 21.13 -70.55 8.29
H521 CDL LB . 21.71 -70.44 9.74
H532 CDL LB . 20.59 -68.36 8.21
H531 CDL LB . 20.35 -68.31 9.77
H542 CDL LB . 22.95 -68.58 8.81
H541 CDL LB . 22.34 -67.14 8.95
H552 CDL LB . 21.92 -67.58 11.28
H551 CDL LB . 22.71 -68.96 11.09
H562 CDL LB . 24.10 -67.32 12.02
H561 CDL LB . 23.84 -66.40 10.76
H572 CDL LB . 25.38 -68.77 10.90
H571 CDL LB . 24.92 -68.28 9.47
H582 CDL LB . 26.56 -66.77 11.19
H581 CDL LB . 27.07 -67.51 9.89
H592 CDL LB . 25.33 -65.26 9.93
H591 CDL LB . 25.64 -66.07 8.61
H602 CDL LB . 27.73 -64.89 10.13
H601 CDL LB . 27.80 -65.35 8.61
H612 CDL LB . 26.07 -63.60 8.23
H611 CDL LB . 27.55 -63.10 8.42
H622 CDL LB . 27.12 -62.67 10.70
H621 CDL LB . 25.63 -63.17 10.52
H632 CDL LB . 24.97 -61.24 9.73
H631 CDL LB . 26.21 -61.20 8.73
H642 CDL LB . 26.24 -59.38 10.25
H641 CDL LB . 26.43 -60.41 11.43
H652 CDL LB . 28.29 -59.98 9.34
H651 CDL LB . 28.53 -61.05 10.47
H662 CDL LB . 29.69 -59.01 10.90
H661 CDL LB . 28.28 -58.27 11.00
H673 CDL LB . 27.75 -59.50 12.91
H672 CDL LB . 29.10 -60.34 12.76
H671 CDL LB . 29.16 -58.81 13.14
HB62 CDL LB . 16.15 -66.49 8.08
HB61 CDL LB . 16.51 -66.57 9.62
H712 CDL LB . 16.94 -65.25 6.24
H711 CDL LB . 18.48 -64.96 5.98
H722 CDL LB . 16.72 -63.19 5.51
H721 CDL LB . 16.99 -62.84 7.04
H732 CDL LB . 19.16 -63.02 5.22
H731 CDL LB . 19.17 -62.30 6.63
H742 CDL LB . 18.05 -60.51 5.82
H741 CDL LB . 17.50 -61.31 4.58
H752 CDL LB . 19.70 -61.33 3.66
H751 CDL LB . 20.18 -60.47 4.91
H762 CDL LB . 18.07 -59.38 3.46
H761 CDL LB . 19.49 -59.30 2.75
H772 CDL LB . 19.21 -58.37 5.40
H771 CDL LB . 18.82 -57.41 4.22
H782 CDL LB . 21.28 -58.38 3.67
H781 CDL LB . 21.29 -57.84 5.16
H792 CDL LB . 20.24 -55.79 4.13
H791 CDL LB . 20.91 -56.35 2.82
H802 CDL LB . 22.75 -56.29 4.85
H801 CDL LB . 22.13 -54.85 4.63
H812 CDL LB . 23.57 -56.35 2.71
H811 CDL LB . 22.66 -55.13 2.26
H822 CDL LB . 24.97 -54.96 3.90
H821 CDL LB . 23.94 -53.74 3.77
H832 CDL LB . 24.34 -53.91 1.35
H831 CDL LB . 25.60 -54.79 1.73
H842 CDL LB . 25.45 -52.29 2.98
H841 CDL LB . 26.74 -53.08 2.51
H852 CDL LB . 24.98 -51.98 0.57
H851 CDL LB . 26.09 -51.07 1.24
H862 CDL LB . 26.77 -52.05 -0.86
H861 CDL LB . 26.80 -53.44 -0.12
H873 CDL LB . 28.37 -51.22 0.71
H872 CDL LB . 28.95 -52.39 -0.18
H871 CDL LB . 28.49 -52.69 1.30
C1 CDL MB . -16.93 52.20 74.14
O1 CDL MB . -17.58 51.20 74.86
CA2 CDL MB . -17.69 52.45 72.85
OA2 CDL MB . -18.90 53.10 73.14
PA1 CDL MB . -20.06 53.25 71.97
OA3 CDL MB . -19.50 53.98 70.78
OA4 CDL MB . -21.22 54.04 72.52
OA5 CDL MB . -20.57 51.76 71.51
CA3 CDL MB . -19.89 51.12 70.46
CA4 CDL MB . -20.45 49.72 70.23
OA6 CDL MB . -20.18 49.31 68.92
CA5 CDL MB . -20.06 47.93 68.77
OA7 CDL MB . -19.21 47.35 69.35
C11 CDL MB . -21.03 47.16 67.89
C12 CDL MB . -20.34 46.74 66.59
C13 CDL MB . -21.26 45.90 65.69
C14 CDL MB . -22.09 44.84 66.44
C15 CDL MB . -23.35 44.49 65.66
C16 CDL MB . -23.09 43.44 64.58
C17 CDL MB . -24.43 43.02 63.97
C18 CDL MB . -24.35 41.62 63.39
C19 CDL MB . -25.76 41.12 63.04
C20 CDL MB . -25.80 39.59 62.93
C21 CDL MB . -25.63 38.94 64.31
C22 CDL MB . -25.42 37.43 64.18
C23 CDL MB . -25.02 36.86 65.54
C24 CDL MB . -24.83 35.34 65.46
C25 CDL MB . -26.15 34.63 65.76
C26 CDL MB . -26.54 33.70 64.61
C27 CDL MB . -25.46 32.63 64.38
CA6 CDL MB . -21.96 49.69 70.43
OA8 CDL MB . -22.32 48.39 70.83
CA7 CDL MB . -23.70 48.22 70.98
OA9 CDL MB . -24.38 49.14 71.31
C31 CDL MB . -24.36 46.87 70.71
C32 CDL MB . -25.14 46.90 69.40
C33 CDL MB . -25.26 45.48 68.83
C34 CDL MB . -26.41 45.46 67.84
C35 CDL MB . -26.68 44.02 67.38
C36 CDL MB . -28.11 43.94 66.84
C37 CDL MB . -28.28 44.87 65.65
C38 CDL MB . -29.76 44.93 65.24
C39 CDL MB . -30.57 45.56 66.37
C40 CDL MB . -31.72 46.37 65.77
C41 CDL MB . -32.79 46.58 66.83
C42 CDL MB . -33.78 47.66 66.35
C43 CDL MB . -34.64 47.20 65.16
C44 CDL MB . -35.39 45.90 65.46
C45 CDL MB . -35.96 45.33 64.16
C46 CDL MB . -36.13 43.82 64.27
C47 CDL MB . -36.14 43.20 62.87
CB2 CDL MB . -15.50 51.76 73.85
OB2 CDL MB . -15.49 50.47 73.32
PB2 CDL MB . -14.18 50.02 72.44
OB3 CDL MB . -13.00 49.79 73.37
OB4 CDL MB . -13.83 51.11 71.46
OB5 CDL MB . -14.49 48.64 71.60
CB3 CDL MB . -15.82 48.20 71.49
CB4 CDL MB . -15.82 46.78 70.95
OB6 CDL MB . -16.30 46.77 69.64
CB5 CDL MB . -15.64 45.90 68.76
OB7 CDL MB . -14.61 45.40 69.07
C51 CDL MB . -16.24 45.60 67.40
C52 CDL MB . -15.67 44.27 66.89
C53 CDL MB . -16.10 44.03 65.45
C54 CDL MB . -17.63 43.93 65.31
C55 CDL MB . -18.07 42.52 65.64
C56 CDL MB . -19.54 42.34 65.28
C57 CDL MB . -19.71 41.17 64.31
C58 CDL MB . -19.04 41.51 62.97
C59 CDL MB . -18.98 40.31 62.04
C60 CDL MB . -19.78 40.56 60.75
C61 CDL MB . -20.79 39.44 60.52
C62 CDL MB . -21.88 39.46 61.60
C63 CDL MB . -22.68 38.15 61.57
C64 CDL MB . -23.42 37.97 60.24
C65 CDL MB . -23.82 36.50 60.10
C66 CDL MB . -24.94 36.35 59.07
C67 CDL MB . -24.51 36.92 57.71
CB6 CDL MB . -16.71 45.89 71.81
OB8 CDL MB . -16.55 44.56 71.40
CB7 CDL MB . -16.65 43.62 72.44
OB9 CDL MB . -16.51 43.93 73.57
C71 CDL MB . -16.92 42.15 72.12
C72 CDL MB . -16.77 41.86 70.63
C73 CDL MB . -16.69 40.34 70.43
C74 CDL MB . -17.39 39.95 69.12
C75 CDL MB . -17.12 38.48 68.77
C76 CDL MB . -17.63 37.55 69.86
C77 CDL MB . -18.91 36.83 69.43
C78 CDL MB . -18.65 35.84 68.28
C79 CDL MB . -18.28 34.48 68.87
C80 CDL MB . -18.26 33.40 67.80
C81 CDL MB . -18.43 32.03 68.46
C82 CDL MB . -18.81 30.96 67.44
C83 CDL MB . -17.57 30.20 66.99
C84 CDL MB . -17.17 29.19 68.07
C85 CDL MB . -16.03 28.31 67.57
C86 CDL MB . -15.48 27.47 68.72
C87 CDL MB . -16.49 26.39 69.10
H1 CDL MB . -16.92 53.02 74.67
H1O1 CDL MB . -17.22 51.11 75.62
HA22 CDL MB . -17.15 53.00 72.25
HA21 CDL MB . -17.88 51.60 72.42
HA32 CDL MB . -20.00 51.65 69.65
HA31 CDL MB . -18.95 51.05 70.68
HA4 CDL MB . -20.03 49.10 70.84
H112 CDL MB . -21.80 47.72 67.70
H111 CDL MB . -21.29 46.40 68.42
H122 CDL MB . -19.55 46.22 66.81
H121 CDL MB . -20.09 47.54 66.11
H132 CDL MB . -21.89 46.50 65.26
H131 CDL MB . -20.72 45.45 65.02
H142 CDL MB . -22.39 45.11 67.31
H141 CDL MB . -21.54 44.03 66.52
H152 CDL MB . -23.72 45.29 65.25
H151 CDL MB . -23.99 44.11 66.30
H162 CDL MB . -22.53 43.83 63.89
H161 CDL MB . -22.64 42.67 64.96
H172 CDL MB . -24.68 43.65 63.28
H171 CDL MB . -25.11 43.03 64.68
H182 CDL MB . -23.82 41.64 62.57
H181 CDL MB . -23.91 41.02 64.02
H192 CDL MB . -26.05 41.52 62.21
H191 CDL MB . -26.35 41.39 63.76
H202 CDL MB . -25.09 39.29 62.35
H201 CDL MB . -26.65 39.31 62.57
H212 CDL MB . -24.86 39.32 64.78
H211 CDL MB . -26.43 39.10 64.84
H222 CDL MB . -26.24 37.01 63.90
H221 CDL MB . -24.74 37.22 63.52
H232 CDL MB . -24.18 37.26 65.83
H231 CDL MB . -25.71 37.07 66.18
H242 CDL MB . -24.55 35.13 64.56
H241 CDL MB . -24.15 35.06 66.10
H252 CDL MB . -26.86 35.27 65.91
H251 CDL MB . -26.03 34.09 66.56
H262 CDL MB . -27.37 33.26 64.83
H261 CDL MB . -26.65 34.22 63.81
H273 CDL MB . -24.66 33.03 64.01
H272 CDL MB . -25.80 31.97 63.77
H271 CDL MB . -25.25 32.21 65.23
HA62 CDL MB . -22.41 49.91 69.60
HA61 CDL MB . -22.23 50.31 71.12
H312 CDL MB . -24.94 46.64 71.45
H311 CDL MB . -23.66 46.20 70.63
H322 CDL MB . -26.03 47.25 69.56
H321 CDL MB . -24.68 47.46 68.76
H332 CDL MB . -24.43 45.25 68.38
H331 CDL MB . -25.42 44.85 69.54
H342 CDL MB . -26.18 46.00 67.08
H341 CDL MB . -27.21 45.81 68.27
H352 CDL MB . -26.60 43.42 68.14
H351 CDL MB . -26.07 43.77 66.68
H362 CDL MB . -28.72 44.19 67.56
H361 CDL MB . -28.29 43.03 66.57
H372 CDL MB . -28.02 45.78 65.89
H371 CDL MB . -27.75 44.56 64.91
H382 CDL MB . -29.85 45.46 64.44
H381 CDL MB . -30.08 44.03 65.07
H392 CDL MB . -30.92 44.87 66.95
H391 CDL MB . -30.00 46.16 66.88
H402 CDL MB . -31.40 47.22 65.46
H401 CDL MB . -32.10 45.88 65.02
H412 CDL MB . -33.23 45.75 67.06
H411 CDL MB . -32.35 46.92 67.62
H422 CDL MB . -33.26 48.43 66.08
H421 CDL MB . -34.37 47.90 67.09
H432 CDL MB . -34.06 47.07 64.40
H431 CDL MB . -35.29 47.89 64.97
H442 CDL MB . -34.81 45.21 65.83
H441 CDL MB . -36.11 46.07 66.07
H452 CDL MB . -35.36 45.53 63.42
H451 CDL MB . -36.82 45.74 63.97
H462 CDL MB . -35.41 43.44 64.78
H461 CDL MB . -36.97 43.62 64.71
H473 CDL MB . -36.12 42.24 62.95
H472 CDL MB . -35.35 43.50 62.39
H471 CDL MB . -36.93 43.48 62.39
HB22 CDL MB . -15.10 52.37 73.22
HB21 CDL MB . -15.00 51.76 74.68
HB32 CDL MB . -16.29 48.78 70.87
HB31 CDL MB . -16.25 48.24 72.35
HB4 CDL MB . -14.91 46.44 70.98
H512 CDL MB . -17.20 45.53 67.52
H511 CDL MB . -16.02 46.31 66.78
H522 CDL MB . -16.00 43.56 67.45
H521 CDL MB . -14.71 44.29 66.93
H532 CDL MB . -15.71 43.20 65.13
H531 CDL MB . -15.79 44.77 64.91
H542 CDL MB . -17.86 44.12 64.38
H541 CDL MB . -18.09 44.56 65.88
H552 CDL MB . -17.97 42.37 66.58
H551 CDL MB . -17.53 41.87 65.16
H562 CDL MB . -19.87 43.15 64.85
H561 CDL MB . -20.04 42.16 66.09
H572 CDL MB . -20.65 41.00 64.17
H571 CDL MB . -19.29 40.38 64.68
H582 CDL MB . -18.13 41.81 63.12
H581 CDL MB . -19.53 42.24 62.56
H592 CDL MB . -18.07 40.13 61.80
H591 CDL MB . -19.35 39.54 62.50
H602 CDL MB . -19.17 40.61 60.00
H601 CDL MB . -20.27 41.40 60.82
H612 CDL MB . -20.33 38.59 60.53
H611 CDL MB . -21.20 39.58 59.64
H622 CDL MB . -22.49 40.19 61.39
H621 CDL MB . -21.51 39.58 62.47
H632 CDL MB . -22.07 37.41 61.70
H631 CDL MB . -23.32 38.18 62.28
H642 CDL MB . -24.21 38.51 60.24
H641 CDL MB . -22.86 38.21 59.49
H652 CDL MB . -24.13 36.18 60.95
H651 CDL MB . -23.04 35.98 59.82
H662 CDL MB . -25.72 36.83 59.38
H661 CDL MB . -25.15 35.41 58.96
H673 CDL MB . -23.68 36.51 57.43
H672 CDL MB . -24.39 37.88 57.79
H671 CDL MB . -25.20 36.73 57.06
HB62 CDL MB . -17.64 46.16 71.69
HB61 CDL MB . -16.46 46.00 72.74
H712 CDL MB . -16.30 41.59 72.62
H711 CDL MB . -17.83 41.93 72.39
H722 CDL MB . -15.96 42.27 70.30
H721 CDL MB . -17.54 42.22 70.15
H732 CDL MB . -17.12 39.92 71.19
H731 CDL MB . -15.76 40.08 70.39
H742 CDL MB . -17.07 40.52 68.40
H741 CDL MB . -18.35 40.06 69.24
H752 CDL MB . -17.56 38.28 67.92
H751 CDL MB . -16.16 38.37 68.67
H762 CDL MB . -17.84 38.03 70.66
H761 CDL MB . -16.94 36.88 70.05
H772 CDL MB . -19.54 37.49 69.14
H771 CDL MB . -19.26 36.33 70.18
H782 CDL MB . -19.45 35.75 67.74
H781 CDL MB . -17.92 36.15 67.72
H792 CDL MB . -18.92 34.24 69.56
H791 CDL MB . -17.40 34.54 69.27
H802 CDL MB . -17.43 33.43 67.31
H801 CDL MB . -18.99 33.55 67.17
H812 CDL MB . -19.12 32.08 69.15
H811 CDL MB . -17.58 31.80 68.86
H822 CDL MB . -19.44 30.35 67.83
H821 CDL MB . -19.22 31.39 66.67
H832 CDL MB . -17.78 29.71 66.18
H831 CDL MB . -16.84 30.80 66.83
H842 CDL MB . -17.93 28.63 68.29
H841 CDL MB . -16.89 29.67 68.87
H852 CDL MB . -15.32 28.88 67.23
H851 CDL MB . -16.35 27.73 66.85
H862 CDL MB . -15.31 28.04 69.48
H861 CDL MB . -14.66 27.04 68.44
H873 CDL MB . -16.76 25.91 68.32
H872 CDL MB . -16.09 25.79 69.74
H871 CDL MB . -17.27 26.81 69.52
C1 CDL NB . 23.22 10.29 34.18
O1 CDL NB . 24.60 10.45 34.30
CA2 CDL NB . 22.53 11.41 34.96
OA2 CDL NB . 22.31 11.07 36.29
PA1 CDL NB . 20.79 11.23 36.91
OA3 CDL NB . 20.78 10.82 38.36
OA4 CDL NB . 20.33 12.66 36.79
OA5 CDL NB . 19.78 10.24 36.06
CA3 CDL NB . 18.64 9.76 36.71
CA4 CDL NB . 18.34 8.38 36.12
OA6 CDL NB . 17.16 8.45 35.36
CA5 CDL NB . 15.96 8.29 36.03
OA7 CDL NB . 15.65 9.02 36.90
C11 CDL NB . 15.05 7.14 35.62
C12 CDL NB . 13.67 7.30 36.24
C13 CDL NB . 12.59 6.86 35.26
C14 CDL NB . 11.32 7.68 35.45
C15 CDL NB . 10.51 7.11 36.62
C16 CDL NB . 9.51 8.17 37.08
C17 CDL NB . 8.16 7.53 37.39
C18 CDL NB . 7.08 8.60 37.46
C19 CDL NB . 5.89 8.21 36.58
C20 CDL NB . 5.07 7.14 37.26
C21 CDL NB . 4.99 5.91 36.36
C22 CDL NB . 4.46 4.72 37.15
C23 CDL NB . 5.56 3.69 37.35
C24 CDL NB . 6.39 4.03 38.58
C25 CDL NB . 7.16 2.79 39.05
C26 CDL NB . 7.75 3.06 40.43
C27 CDL NB . 8.28 1.75 41.01
CA6 CDL NB . 18.27 7.32 37.23
OA8 CDL NB . 17.89 7.87 38.46
CA7 CDL NB . 17.63 6.92 39.47
OA9 CDL NB . 18.23 6.95 40.48
C31 CDL NB . 16.55 5.86 39.25
C32 CDL NB . 15.52 5.92 40.38
C33 CDL NB . 14.22 5.28 39.88
C34 CDL NB . 13.20 5.20 41.00
C35 CDL NB . 11.79 5.18 40.40
C36 CDL NB . 10.71 5.41 41.46
C37 CDL NB . 10.86 4.44 42.63
C38 CDL NB . 10.55 5.11 43.97
C39 CDL NB . 11.28 4.34 45.07
C40 CDL NB . 10.41 3.20 45.58
C41 CDL NB . 11.16 2.41 46.64
C42 CDL NB . 10.19 1.50 47.41
C43 CDL NB . 10.97 0.73 48.47
C44 CDL NB . 10.00 0.16 49.52
C45 CDL NB . 10.71 -0.26 50.81
C46 CDL NB . 11.60 0.82 51.43
C47 CDL NB . 10.77 1.79 52.28
CB2 CDL NB . 22.83 8.93 34.75
OB2 CDL NB . 23.58 7.95 34.11
PB2 CDL NB . 22.94 6.43 34.10
OB3 CDL NB . 22.06 6.24 32.91
OB4 CDL NB . 24.06 5.42 34.07
OB5 CDL NB . 22.07 6.25 35.48
CB3 CDL NB . 22.68 5.65 36.58
CB4 CDL NB . 21.69 4.82 37.38
OB6 CDL NB . 22.22 4.54 38.64
CB5 CDL NB . 21.96 5.47 39.65
OB7 CDL NB . 21.32 6.45 39.43
C51 CDL NB . 22.50 5.21 41.03
C52 CDL NB . 21.62 5.90 42.06
C53 CDL NB . 22.17 5.70 43.47
C54 CDL NB . 21.43 6.61 44.45
C55 CDL NB . 19.93 6.33 44.45
C56 CDL NB . 19.52 5.73 45.78
C57 CDL NB . 18.02 5.46 45.79
C58 CDL NB . 17.20 6.74 45.70
C59 CDL NB . 15.84 6.40 45.10
C60 CDL NB . 15.01 7.65 44.92
C61 CDL NB . 14.20 7.95 46.18
C62 CDL NB . 13.04 8.85 45.80
C63 CDL NB . 12.08 9.06 46.97
C64 CDL NB . 11.41 7.75 47.39
C65 CDL NB . 10.08 7.60 46.65
C66 CDL NB . 9.26 6.45 47.25
C67 CDL NB . 9.07 6.62 48.75
CB6 CDL NB . 21.44 3.49 36.70
OB8 CDL NB . 20.18 3.43 36.15
CB7 CDL NB . 19.16 3.24 37.09
OB9 CDL NB . 18.57 4.16 37.52
C71 CDL NB . 18.84 1.82 37.56
C72 CDL NB . 17.41 1.54 37.15
C73 CDL NB . 16.42 2.00 38.23
C74 CDL NB . 15.02 2.25 37.64
C75 CDL NB . 15.08 3.10 36.37
C76 CDL NB . 13.69 3.23 35.76
C77 CDL NB . 13.79 3.54 34.26
C78 CDL NB . 14.36 2.35 33.49
C79 CDL NB . 13.25 1.43 33.03
C80 CDL NB . 13.83 0.45 32.01
C81 CDL NB . 12.71 -0.27 31.29
C82 CDL NB . 12.17 -1.41 32.16
C83 CDL NB . 11.29 -2.31 31.29
C84 CDL NB . 12.17 -3.05 30.29
C85 CDL NB . 11.76 -2.72 28.86
C86 CDL NB . 13.03 -2.60 28.04
C87 CDL NB . 12.70 -2.37 26.57
H1 CDL NB . 22.95 10.33 33.26
H1O1 CDL NB . 24.81 11.23 34.05
HA22 CDL NB . 23.08 12.19 34.92
HA21 CDL NB . 21.67 11.57 34.54
HA32 CDL NB . 17.90 10.35 36.56
HA31 CDL NB . 18.83 9.70 37.65
HA4 CDL NB . 19.06 8.14 35.52
H112 CDL NB . 14.98 7.13 34.65
H111 CDL NB . 15.44 6.31 35.93
H122 CDL NB . 13.61 6.75 37.05
H121 CDL NB . 13.51 8.22 36.48
H132 CDL NB . 12.38 5.92 35.41
H131 CDL NB . 12.89 6.99 34.35
H142 CDL NB . 11.53 8.60 35.64
H141 CDL NB . 10.78 7.63 34.66
H152 CDL NB . 10.04 6.32 36.34
H151 CDL NB . 11.10 6.89 37.35
H162 CDL NB . 9.39 8.82 36.38
H161 CDL NB . 9.84 8.60 37.88
H172 CDL NB . 8.21 7.07 38.24
H171 CDL NB . 7.94 6.91 36.69
H182 CDL NB . 6.78 8.70 38.38
H181 CDL NB . 7.44 9.44 37.15
H192 CDL NB . 5.34 8.99 36.43
H191 CDL NB . 6.21 7.90 35.72
H202 CDL NB . 4.17 7.47 37.43
H201 CDL NB . 5.48 6.89 38.11
H212 CDL NB . 5.89 5.71 36.05
H211 CDL NB . 4.42 6.09 35.60
H222 CDL NB . 4.12 5.01 38.01
H221 CDL NB . 3.74 4.31 36.65
H232 CDL NB . 5.16 2.83 37.49
H231 CDL NB . 6.13 3.65 36.57
H242 CDL NB . 7.01 4.73 38.36
H241 CDL NB . 5.80 4.33 39.29
H252 CDL NB . 6.57 2.04 39.09
H251 CDL NB . 7.88 2.60 38.42
H262 CDL NB . 7.06 3.41 41.01
H261 CDL NB . 8.47 3.71 40.36
H273 CDL NB . 9.06 1.46 40.49
H272 CDL NB . 8.56 1.90 41.93
H271 CDL NB . 7.60 1.08 40.98
HA62 CDL NB . 19.16 6.94 37.33
HA61 CDL NB . 17.66 6.61 36.97
H312 CDL NB . 16.95 4.99 39.23
H311 CDL NB . 16.10 6.03 38.41
H322 CDL NB . 15.85 5.46 41.16
H321 CDL NB . 15.35 6.85 40.60
H332 CDL NB . 13.86 5.80 39.15
H331 CDL NB . 14.41 4.39 39.57
H342 CDL NB . 13.38 4.39 41.50
H341 CDL NB . 13.29 5.97 41.58
H352 CDL NB . 11.72 5.86 39.71
H351 CDL NB . 11.65 4.31 40.00
H362 CDL NB . 10.79 6.33 41.78
H361 CDL NB . 9.84 5.27 41.05
H372 CDL NB . 11.73 4.02 42.68
H371 CDL NB . 10.20 3.74 42.51
H382 CDL NB . 9.61 5.12 44.13
H381 CDL NB . 10.89 6.02 43.96
H392 CDL NB . 12.11 3.97 44.73
H391 CDL NB . 11.47 4.93 45.80
H402 CDL NB . 9.59 3.56 45.96
H401 CDL NB . 10.17 2.61 44.85
H412 CDL NB . 11.58 3.02 47.26
H411 CDL NB . 11.82 1.86 46.20
H422 CDL NB . 9.50 2.04 47.82
H421 CDL NB . 9.78 0.87 46.79
H432 CDL NB . 11.61 1.36 48.83
H431 CDL NB . 11.45 0.01 48.05
H442 CDL NB . 9.34 0.83 49.73
H441 CDL NB . 9.58 -0.63 49.14
H452 CDL NB . 10.02 -0.47 51.46
H451 CDL NB . 11.25 -1.04 50.64
H462 CDL NB . 12.21 0.38 52.04
H461 CDL NB . 12.13 1.29 50.77
H473 CDL NB . 10.19 2.30 51.70
H472 CDL NB . 11.35 2.39 52.76
H471 CDL NB . 10.23 1.28 52.90
HB22 CDL NB . 23.03 8.90 35.70
HB21 CDL NB . 21.89 8.77 34.61
HB32 CDL NB . 23.05 6.34 37.16
HB31 CDL NB . 23.39 5.08 36.28
HB4 CDL NB . 20.85 5.30 37.47
H512 CDL NB . 23.40 5.54 41.10
H511 CDL NB . 22.50 4.25 41.20
H522 CDL NB . 21.58 6.85 41.86
H521 CDL NB . 20.73 5.53 41.98
H532 CDL NB . 22.02 4.78 43.73
H531 CDL NB . 23.12 5.90 43.48
H542 CDL NB . 21.58 7.53 44.20
H541 CDL NB . 21.77 6.45 45.34
H552 CDL NB . 19.47 7.16 44.29
H551 CDL NB . 19.70 5.69 43.75
H562 CDL NB . 20.00 4.90 45.94
H561 CDL NB . 19.73 6.37 46.49
H572 CDL NB . 17.78 4.98 46.60
H571 CDL NB . 17.82 4.91 45.01
H582 CDL NB . 17.06 7.09 46.60
H581 CDL NB . 17.62 7.41 45.17
H592 CDL NB . 15.38 5.76 45.66
H591 CDL NB . 15.99 6.00 44.22
H602 CDL NB . 14.39 7.51 44.18
H601 CDL NB . 15.58 8.40 44.71
H612 CDL NB . 13.92 7.10 46.55
H611 CDL NB . 14.78 8.39 46.82
H622 CDL NB . 13.40 9.71 45.54
H621 CDL NB . 12.55 8.46 45.06
H632 CDL NB . 11.39 9.68 46.68
H631 CDL NB . 12.55 9.43 47.73
H642 CDL NB . 11.95 6.98 47.19
H641 CDL NB . 11.27 7.80 48.33
H652 CDL NB . 10.27 7.39 45.72
H651 CDL NB . 9.58 8.41 46.72
H662 CDL NB . 8.39 6.43 46.83
H661 CDL NB . 9.71 5.61 47.08
H673 CDL NB . 8.30 6.10 49.04
H672 CDL NB . 8.92 7.55 48.95
H671 CDL NB . 9.86 6.29 49.21
HB62 CDL NB . 22.10 3.38 36.00
HB61 CDL NB . 21.55 2.78 37.34
H712 CDL NB . 18.93 1.76 38.52
H711 CDL NB . 19.43 1.19 37.14
H722 CDL NB . 17.31 1.97 36.29
H721 CDL NB . 17.31 0.58 37.04
H732 CDL NB . 16.36 1.30 38.89
H731 CDL NB . 16.74 2.82 38.63
H742 CDL NB . 14.61 1.39 37.43
H741 CDL NB . 14.48 2.72 38.29
H752 CDL NB . 15.40 3.99 36.59
H751 CDL NB . 15.65 2.72 35.69
H762 CDL NB . 13.23 2.39 35.87
H761 CDL NB . 13.20 3.94 36.21
H772 CDL NB . 14.38 4.30 34.16
H771 CDL NB . 12.91 3.76 33.93
H782 CDL NB . 14.97 1.83 34.03
H781 CDL NB . 14.83 2.69 32.72
H792 CDL NB . 12.88 0.93 33.79
H791 CDL NB . 12.53 1.94 32.62
H802 CDL NB . 14.39 0.93 31.38
H801 CDL NB . 14.37 -0.19 32.49
H812 CDL NB . 13.05 -0.62 30.47
H811 CDL NB . 12.00 0.36 31.10
H822 CDL NB . 12.90 -1.92 32.53
H821 CDL NB . 11.64 -1.03 32.88
H832 CDL NB . 10.62 -1.78 30.84
H831 CDL NB . 10.86 -2.96 31.86
H842 CDL NB . 13.09 -2.79 30.41
H841 CDL NB . 12.08 -4.00 30.44
H852 CDL NB . 11.28 -1.87 28.82
H851 CDL NB . 11.19 -3.41 28.50
H862 CDL NB . 13.53 -3.42 28.12
H861 CDL NB . 13.56 -1.85 28.36
H873 CDL NB . 12.16 -1.57 26.48
H872 CDL NB . 12.22 -3.13 26.22
H871 CDL NB . 13.53 -2.25 26.08
PA NAD OB . -39.94 96.96 29.04
O1A NAD OB . -39.89 95.46 28.93
O2A NAD OB . -38.61 97.46 29.55
O5B NAD OB . -40.27 97.62 27.55
C5B NAD OB . -39.58 98.81 27.18
C4B NAD OB . -39.28 98.81 25.65
O4B NAD OB . -39.02 100.32 25.16
C3B NAD OB . -38.22 98.12 25.41
O3B NAD OB . -38.33 97.44 24.08
C2B NAD OB . -37.08 99.17 25.36
O2B NAD OB . -36.10 98.79 24.50
C1B NAD OB . -37.76 100.44 24.83
N9A NAD OB . -37.17 101.62 25.46
C8A NAD OB . -36.82 102.02 26.66
N7A NAD OB . -36.32 103.27 26.54
C5A NAD OB . -36.39 103.62 25.24
C6A NAD OB . -36.02 104.79 24.57
N6A NAD OB . -35.42 106.07 25.03
N1A NAD OB . -36.19 104.88 23.25
C2A NAD OB . -36.74 103.82 22.56
N3A NAD OB . -37.09 102.69 23.20
C4A NAD OB . -36.92 102.59 24.55
O3 NAD OB . -41.14 97.41 30.07
PN NAD OB . -42.74 96.90 29.85
O1N NAD OB . -43.69 97.91 30.50
O2N NAD OB . -43.04 96.79 28.38
O5D NAD OB . -42.93 95.44 30.56
C5D NAD OB . -44.24 95.01 30.83
C4D NAD OB . -44.19 93.97 31.93
O4D NAD OB . -42.88 93.04 31.74
C3D NAD OB . -44.06 94.54 33.09
O3D NAD OB . -45.44 94.89 33.67
C2D NAD OB . -43.39 93.49 33.92
O2D NAD OB . -44.31 92.57 34.39
C1D NAD OB . -42.42 92.79 32.90
N1N NAD OB . -41.05 93.38 33.03
C2N NAD OB . -40.30 93.11 34.16
C3N NAD OB . -39.03 93.65 34.29
C7N NAD OB . -38.19 93.33 35.58
O7N NAD OB . -37.14 93.84 35.77
N7N NAD OB . -38.75 92.37 36.57
C4N NAD OB . -38.50 94.44 33.30
C5N NAD OB . -39.26 94.71 32.18
C6N NAD OB . -40.54 94.17 32.04
H51A NAD OB . -40.13 99.58 27.39
H52A NAD OB . -38.74 98.88 27.68
H4B NAD OB . -40.04 98.43 25.16
H3B NAD OB . -38.06 97.49 26.12
HO3A NAD OB . -38.20 96.60 24.18
H2B NAD OB . -36.72 99.34 26.24
HO2A NAD OB . -35.35 98.94 24.84
H1B NAD OB . -37.66 100.46 23.86
H8A NAD OB . -36.89 101.53 27.45
H61A NAD OB . -35.91 106.77 25.10
H62A NAD OB . -34.59 106.11 25.22
H2A NAD OB . -36.85 103.92 21.63
H51N NAD OB . -44.76 95.78 31.13
H52N NAD OB . -44.64 94.64 30.03
H4D NAD OB . -44.99 93.42 31.91
H3D NAD OB . -43.50 95.32 33.03
HO3N NAD OB . -45.36 95.59 34.16
H2D NAD OB . -42.90 93.89 34.65
HO2N NAD OB . -43.92 91.83 34.53
H1D NAD OB . -42.40 91.84 33.06
H2N NAD OB . -40.65 92.58 34.83
H71N NAD OB . -39.52 92.00 36.43
H72N NAD OB . -38.31 92.18 37.28
H4N NAD OB . -37.66 94.80 33.39
H5N NAD OB . -38.90 95.25 31.50
H6N NAD OB . -41.05 94.34 31.29
C1 CDL PB . -5.65 -14.30 -20.78
O1 CDL PB . -4.35 -14.73 -21.07
CA2 CDL PB . -5.86 -12.88 -21.26
OA2 CDL PB . -6.75 -12.86 -22.34
PA1 CDL PB . -6.31 -13.56 -23.77
OA3 CDL PB . -6.48 -15.05 -23.70
OA4 CDL PB . -7.19 -13.02 -24.88
OA5 CDL PB . -4.74 -13.18 -24.10
CA3 CDL PB . -4.10 -13.97 -25.06
CA4 CDL PB . -2.77 -13.34 -25.42
OA6 CDL PB . -2.95 -11.99 -25.71
CA5 CDL PB . -2.39 -11.15 -24.75
OA7 CDL PB . -2.68 -11.28 -23.61
C11 CDL PB . -1.40 -10.08 -25.18
C12 CDL PB . -0.90 -9.34 -23.95
C13 CDL PB . 0.00 -8.19 -24.41
C14 CDL PB . 1.03 -7.87 -23.35
C15 CDL PB . 2.21 -7.14 -24.00
C16 CDL PB . 3.50 -7.95 -23.91
C17 CDL PB . 4.45 -7.32 -22.89
C18 CDL PB . 4.26 -7.94 -21.52
C19 CDL PB . 3.68 -6.95 -20.53
C20 CDL PB . 4.73 -5.91 -20.13
C21 CDL PB . 4.04 -4.63 -19.67
C22 CDL PB . 3.20 -4.89 -18.42
C23 CDL PB . 4.10 -5.10 -17.20
C24 CDL PB . 4.65 -3.75 -16.75
C25 CDL PB . 5.48 -3.89 -15.49
C26 CDL PB . 6.07 -2.52 -15.17
C27 CDL PB . 6.73 -2.49 -13.80
CA6 CDL PB . -2.21 -14.03 -26.66
OA8 CDL PB . -0.91 -13.56 -26.88
CA7 CDL PB . -0.16 -14.34 -27.75
OA9 CDL PB . -0.43 -15.49 -27.91
C31 CDL PB . 1.00 -13.71 -28.52
C32 CDL PB . 1.43 -12.42 -27.86
C33 CDL PB . 1.82 -11.41 -28.93
C34 CDL PB . 2.04 -10.06 -28.28
C35 CDL PB . 1.53 -8.93 -29.18
C36 CDL PB . 0.93 -7.83 -28.32
C37 CDL PB . -0.07 -7.04 -29.15
C38 CDL PB . 0.71 -6.18 -30.14
C39 CDL PB . 0.42 -6.65 -31.55
C40 CDL PB . 0.88 -5.57 -32.52
C41 CDL PB . 2.40 -5.59 -32.69
C42 CDL PB . 2.88 -6.91 -33.29
C43 CDL PB . 4.40 -6.96 -33.29
C44 CDL PB . 4.85 -8.34 -33.79
C45 CDL PB . 4.51 -9.44 -32.79
C46 CDL PB . 5.31 -10.70 -33.16
C47 CDL PB . 4.37 -11.90 -33.26
CB2 CDL PB . -5.88 -14.37 -19.27
OB2 CDL PB . -4.79 -13.81 -18.58
PB2 CDL PB . -5.16 -12.64 -17.48
OB3 CDL PB . -5.94 -13.25 -16.35
OB4 CDL PB . -3.89 -12.04 -16.95
OB5 CDL PB . -6.06 -11.48 -18.24
CB3 CDL PB . -7.18 -10.96 -17.59
CB4 CDL PB . -7.13 -9.44 -17.66
OB6 CDL PB . -5.79 -9.07 -17.59
CB5 CDL PB . -5.31 -8.61 -18.83
OB7 CDL PB . -5.09 -9.37 -19.70
C51 CDL PB . -5.07 -7.12 -19.02
C52 CDL PB . -3.70 -6.73 -18.50
C53 CDL PB . -3.58 -5.22 -18.28
C54 CDL PB . -4.71 -4.72 -17.40
C55 CDL PB . -4.46 -3.27 -17.01
C56 CDL PB . -5.76 -2.73 -16.40
C57 CDL PB . -5.52 -1.40 -15.69
C58 CDL PB . -6.26 -0.26 -16.38
C59 CDL PB . -5.30 0.90 -16.70
C60 CDL PB . -4.24 0.48 -17.72
C61 CDL PB . -4.88 0.19 -19.08
C62 CDL PB . -3.85 0.29 -20.21
C63 CDL PB . -3.08 1.60 -20.12
C64 CDL PB . -2.82 2.14 -21.52
C65 CDL PB . -1.92 3.39 -21.40
C66 CDL PB . -0.45 2.98 -21.38
C67 CDL PB . 0.40 4.25 -21.57
CB6 CDL PB . -7.94 -8.85 -16.50
OB8 CDL PB . -7.32 -7.69 -16.03
CB7 CDL PB . -8.05 -7.05 -15.03
OB9 CDL PB . -9.22 -7.21 -14.92
C71 CDL PB . -7.30 -6.15 -14.05
C72 CDL PB . -8.09 -4.88 -13.72
C73 CDL PB . -7.40 -4.12 -12.59
C74 CDL PB . -5.95 -3.77 -12.93
C75 CDL PB . -5.07 -3.82 -11.68
C76 CDL PB . -5.14 -2.52 -10.87
C77 CDL PB . -3.80 -1.79 -10.84
C78 CDL PB . -2.61 -2.71 -10.64
C79 CDL PB . -1.44 -1.95 -10.03
C80 CDL PB . -0.14 -2.69 -10.32
C81 CDL PB . 0.72 -2.76 -9.04
C82 CDL PB . 1.25 -1.39 -8.59
C83 CDL PB . 2.50 -0.98 -9.37
C84 CDL PB . 3.66 -1.91 -9.02
C85 CDL PB . 5.00 -1.30 -9.46
C86 CDL PB . 5.44 -0.17 -8.54
C87 CDL PB . 5.64 -0.68 -7.11
H1 CDL PB . -6.28 -14.90 -21.22
H1O1 CDL PB . -4.14 -15.38 -20.56
HA22 CDL PB . -5.01 -12.51 -21.53
HA21 CDL PB . -6.24 -12.36 -20.54
HA32 CDL PB . -4.65 -14.02 -25.86
HA31 CDL PB . -3.96 -14.87 -24.71
HA4 CDL PB . -2.15 -13.44 -24.68
H112 CDL PB . -1.85 -9.46 -25.76
H111 CDL PB . -0.65 -10.49 -25.64
H122 CDL PB . -0.41 -9.94 -23.37
H121 CDL PB . -1.65 -8.98 -23.45
H132 CDL PB . -0.56 -7.40 -24.57
H131 CDL PB . 0.43 -8.46 -25.23
H142 CDL PB . 1.33 -8.69 -22.93
H141 CDL PB . 0.64 -7.30 -22.66
H152 CDL PB . 2.33 -6.29 -23.55
H151 CDL PB . 1.99 -6.99 -24.93
H162 CDL PB . 3.30 -8.86 -23.66
H161 CDL PB . 3.93 -7.98 -24.77
H172 CDL PB . 5.37 -7.48 -23.18
H171 CDL PB . 4.29 -6.36 -22.85
H182 CDL PB . 3.66 -8.71 -21.60
H181 CDL PB . 5.12 -8.25 -21.18
H192 CDL PB . 2.92 -6.50 -20.92
H191 CDL PB . 3.40 -7.43 -19.74
H202 CDL PB . 5.26 -5.72 -20.90
H201 CDL PB . 5.28 -6.28 -19.43
H212 CDL PB . 4.72 -3.97 -19.48
H211 CDL PB . 3.47 -4.32 -20.38
H222 CDL PB . 2.62 -5.65 -18.54
H221 CDL PB . 2.67 -4.09 -18.26
H232 CDL PB . 3.59 -5.48 -16.47
H231 CDL PB . 4.84 -5.69 -17.42
H242 CDL PB . 3.91 -3.15 -16.57
H241 CDL PB . 5.19 -3.37 -17.45
H252 CDL PB . 4.94 -4.20 -14.75
H251 CDL PB . 6.20 -4.53 -15.63
H262 CDL PB . 5.35 -1.89 -15.19
H261 CDL PB . 6.73 -2.29 -15.85
H273 CDL PB . 7.23 -1.66 -13.69
H272 CDL PB . 7.33 -3.24 -13.72
H271 CDL PB . 6.05 -2.56 -13.10
HA62 CDL PB . -2.77 -13.83 -27.43
HA61 CDL PB . -2.20 -14.99 -26.51
H312 CDL PB . 1.74 -14.32 -28.51
H311 CDL PB . 0.73 -13.54 -29.44
H322 CDL PB . 2.18 -12.59 -27.27
H321 CDL PB . 0.70 -12.05 -27.34
H332 CDL PB . 2.64 -11.69 -29.36
H331 CDL PB . 1.12 -11.36 -29.60
H342 CDL PB . 1.55 -10.02 -27.44
H341 CDL PB . 2.98 -9.93 -28.11
H352 CDL PB . 2.26 -8.59 -29.71
H351 CDL PB . 0.84 -9.28 -29.78
H362 CDL PB . 1.64 -7.24 -28.02
H361 CDL PB . 0.47 -8.21 -27.57
H372 CDL PB . -0.59 -6.47 -28.57
H371 CDL PB . -0.67 -7.63 -29.62
H382 CDL PB . 1.65 -6.25 -29.96
H381 CDL PB . 0.44 -5.26 -30.06
H392 CDL PB . 0.84 -7.51 -31.71
H391 CDL PB . -0.53 -6.75 -31.65
H402 CDL PB . 0.48 -5.73 -33.39
H401 CDL PB . 0.60 -4.71 -32.19
H412 CDL PB . 2.67 -4.87 -33.29
H411 CDL PB . 2.82 -5.46 -31.82
H422 CDL PB . 2.56 -6.98 -34.19
H421 CDL PB . 2.56 -7.66 -32.77
H432 CDL PB . 4.73 -6.29 -33.88
H431 CDL PB . 4.74 -6.82 -32.40
H442 CDL PB . 4.40 -8.53 -34.63
H441 CDL PB . 5.80 -8.32 -33.92
H452 CDL PB . 3.57 -9.65 -32.81
H451 CDL PB . 4.76 -9.16 -31.91
H462 CDL PB . 5.74 -10.56 -34.02
H461 CDL PB . 5.98 -10.86 -32.49
H473 CDL PB . 3.74 -11.77 -33.98
H472 CDL PB . 3.89 -12.01 -32.42
H471 CDL PB . 4.89 -12.70 -33.44
HB22 CDL PB . -6.70 -13.88 -19.03
HB21 CDL PB . -5.99 -15.29 -19.00
HB32 CDL PB . -7.18 -11.26 -16.66
HB31 CDL PB . -7.99 -11.28 -18.02
HB4 CDL PB . -7.50 -9.15 -18.50
H512 CDL PB . -5.12 -6.93 -19.97
H511 CDL PB . -5.80 -6.67 -18.58
H522 CDL PB . -3.55 -7.18 -17.66
H521 CDL PB . -3.03 -7.00 -19.15
H532 CDL PB . -2.73 -5.03 -17.85
H531 CDL PB . -3.62 -4.78 -19.14
H542 CDL PB . -4.79 -5.27 -16.61
H541 CDL PB . -5.54 -4.72 -17.90
H552 CDL PB . -3.75 -3.23 -16.35
H551 CDL PB . -4.23 -2.75 -17.78
H562 CDL PB . -6.40 -2.62 -17.12
H561 CDL PB . -6.11 -3.37 -15.76
H572 CDL PB . -5.87 -1.46 -14.79
H571 CDL PB . -4.56 -1.21 -15.65
H582 CDL PB . -6.62 -0.58 -17.21
H581 CDL PB . -6.97 0.06 -15.81
H592 CDL PB . -4.87 1.18 -15.88
H591 CDL PB . -5.82 1.62 -17.07
H602 CDL PB . -3.77 -0.32 -17.41
H601 CDL PB . -3.61 1.20 -17.75
H612 CDL PB . -5.28 -0.69 -19.08
H611 CDL PB . -5.56 0.87 -19.23
H622 CDL PB . -4.32 0.24 -21.06
H621 CDL PB . -3.24 -0.46 -20.13
H632 CDL PB . -3.61 2.25 -19.64
H631 CDL PB . -2.24 1.47 -19.66
H642 CDL PB . -3.66 2.40 -21.93
H641 CDL PB . -2.39 1.48 -22.07
H652 CDL PB . -2.12 3.85 -20.58
H651 CDL PB . -2.08 3.97 -22.15
H662 CDL PB . -0.26 2.37 -22.11
H661 CDL PB . -0.23 2.56 -20.54
H673 CDL PB . 0.13 4.70 -22.37
H672 CDL PB . 1.34 3.99 -21.67
H671 CDL PB . 0.30 4.82 -20.80
HB62 CDL PB . -8.83 -8.64 -16.82
HB61 CDL PB . -8.00 -9.50 -15.79
H712 CDL PB . -6.47 -5.93 -14.47
H711 CDL PB . -7.15 -6.63 -13.22
H722 CDL PB . -8.14 -4.31 -14.51
H721 CDL PB . -8.99 -5.12 -13.45
H732 CDL PB . -7.43 -4.66 -11.79
H731 CDL PB . -7.88 -3.29 -12.44
H742 CDL PB . -5.57 -4.36 -13.58
H741 CDL PB . -5.93 -2.87 -13.27
H752 CDL PB . -4.18 -4.00 -12.02
H751 CDL PB . -5.34 -4.56 -11.13
H762 CDL PB . -5.39 -2.75 -9.96
H761 CDL PB . -5.81 -1.96 -11.27
H772 CDL PB . -3.81 -1.13 -10.12
H771 CDL PB . -3.69 -1.32 -11.69
H782 CDL PB . -2.32 -3.05 -11.51
H781 CDL PB . -2.86 -3.46 -10.08
H792 CDL PB . -1.58 -1.85 -9.08
H791 CDL PB . -1.43 -1.10 -10.47
H802 CDL PB . -0.31 -3.59 -10.63
H801 CDL PB . 0.35 -2.20 -11.00
H812 CDL PB . 0.16 -3.11 -8.33
H811 CDL PB . 1.45 -3.36 -9.21
H822 CDL PB . 1.48 -1.45 -7.66
H821 CDL PB . 0.56 -0.71 -8.71
H832 CDL PB . 2.74 -0.07 -9.14
H831 CDL PB . 2.33 -1.03 -10.32
H842 CDL PB . 3.66 -2.06 -8.06
H841 CDL PB . 3.54 -2.76 -9.46
H852 CDL PB . 4.89 -0.96 -10.35
H851 CDL PB . 5.68 -1.99 -9.45
H862 CDL PB . 4.76 0.53 -8.54
H861 CDL PB . 6.28 0.19 -8.86
H873 CDL PB . 4.78 -0.71 -6.65
H872 CDL PB . 6.03 -1.56 -7.14
H871 CDL PB . 6.23 -0.08 -6.64
C1 CDL QB . 8.27 21.04 2.15
O1 CDL QB . 8.71 20.67 3.41
CA2 CDL QB . 7.08 21.98 2.28
OA2 CDL QB . 5.94 21.40 1.72
PA1 CDL QB . 5.29 22.05 0.36
OA3 CDL QB . 4.71 23.41 0.65
OA4 CDL QB . 6.35 22.18 -0.70
OA5 CDL QB . 4.10 21.03 -0.16
CA3 CDL QB . 3.12 20.71 0.79
CA4 CDL QB . 3.14 19.22 1.10
OA6 CDL QB . 4.32 18.63 0.65
CA5 CDL QB . 4.94 17.76 1.57
OA7 CDL QB . 5.16 18.11 2.68
C11 CDL QB . 5.33 16.35 1.13
C12 CDL QB . 4.30 15.83 0.14
C13 CDL QB . 4.85 14.66 -0.66
C14 CDL QB . 3.94 13.45 -0.54
C15 CDL QB . 4.16 12.73 0.80
C16 CDL QB . 4.36 11.25 0.52
C17 CDL QB . 3.04 10.58 0.11
C18 CDL QB . 1.96 10.76 1.17
C19 CDL QB . 2.19 9.79 2.33
C20 CDL QB . 2.04 8.34 1.86
C21 CDL QB . 0.89 7.66 2.61
C22 CDL QB . 1.12 6.15 2.69
C23 CDL QB . 0.64 5.64 4.06
C24 CDL QB . -0.40 4.53 3.95
C25 CDL QB . 0.12 3.39 3.08
C26 CDL QB . -0.80 2.18 3.25
C27 CDL QB . -0.39 1.06 2.31
CA6 CDL QB . 1.96 18.54 0.43
OA8 CDL QB . 1.06 18.07 1.39
CA7 CDL QB . 1.31 16.73 1.70
OA9 CDL QB . 2.23 16.45 2.39
C31 CDL QB . 0.39 15.64 1.17
C32 CDL QB . 0.15 14.59 2.24
C33 CDL QB . -0.73 15.14 3.37
C34 CDL QB . -1.27 14.02 4.27
C35 CDL QB . -1.87 12.87 3.46
C36 CDL QB . -2.54 11.83 4.35
C37 CDL QB . -1.56 11.17 5.31
C38 CDL QB . -1.03 9.86 4.72
C39 CDL QB . -0.56 8.88 5.80
C40 CDL QB . -1.72 8.36 6.66
C41 CDL QB . -2.31 7.08 6.06
C42 CDL QB . -3.67 7.41 5.43
C43 CDL QB . -4.58 6.20 5.43
C44 CDL QB . -4.44 5.41 4.14
C45 CDL QB . -5.68 4.55 3.94
C46 CDL QB . -5.55 3.74 2.66
C47 CDL QB . -4.39 2.76 2.78
CB2 CDL QB . 7.89 19.79 1.35
OB2 CDL QB . 8.96 19.38 0.56
PB2 CDL QB . 9.70 17.97 0.94
OB3 CDL QB . 11.04 17.91 0.27
OB4 CDL QB . 9.89 17.85 2.44
OB5 CDL QB . 8.76 16.74 0.39
CB3 CDL QB . 9.11 16.09 -0.79
CB4 CDL QB . 9.33 14.60 -0.54
OB6 CDL QB . 8.26 13.87 -1.06
CB5 CDL QB . 8.67 12.92 -2.00
OB7 CDL QB . 9.22 11.93 -1.66
C51 CDL QB . 8.40 13.16 -3.48
C52 CDL QB . 7.63 11.98 -4.07
C53 CDL QB . 6.43 12.44 -4.89
C54 CDL QB . 5.36 13.00 -3.96
C55 CDL QB . 4.26 13.69 -4.76
C56 CDL QB . 3.38 12.72 -5.55
C57 CDL QB . 2.82 11.62 -4.66
C58 CDL QB . 2.20 10.49 -5.47
C59 CDL QB . 1.96 9.32 -4.52
C60 CDL QB . 1.03 9.72 -3.38
C61 CDL QB . 0.81 8.53 -2.45
C62 CDL QB . -0.35 8.85 -1.52
C63 CDL QB . -0.67 7.63 -0.67
C64 CDL QB . -1.99 7.85 0.05
C65 CDL QB . -2.23 6.71 1.04
C66 CDL QB . -3.52 6.00 0.68
C67 CDL QB . -4.73 6.89 0.92
CB6 CDL QB . 9.42 14.32 0.95
OB8 CDL QB . 9.79 12.99 1.14
CB7 CDL QB . 8.75 12.18 1.58
OB9 CDL QB . 7.76 12.07 0.93
C71 CDL QB . 8.90 11.42 2.90
C72 CDL QB . 9.59 10.07 2.65
C73 CDL QB . 8.73 9.13 1.79
C74 CDL QB . 7.29 9.03 2.32
C75 CDL QB . 6.91 7.55 2.47
C76 CDL QB . 5.45 7.45 2.91
C77 CDL QB . 5.34 7.00 4.38
C78 CDL QB . 5.40 5.48 4.57
C79 CDL QB . 4.45 4.76 3.60
C80 CDL QB . 4.31 3.29 3.94
C81 CDL QB . 3.27 3.05 5.03
C82 CDL QB . 2.86 1.58 5.00
C83 CDL QB . 1.67 1.35 5.94
C84 CDL QB . 1.12 -0.06 5.76
C85 CDL QB . 2.09 -1.13 6.28
C86 CDL QB . 2.32 -0.98 7.77
C87 CDL QB . 3.32 -2.03 8.22
H1 CDL QB . 8.97 21.50 1.67
H1O1 CDL QB . 9.04 21.35 3.80
HA22 CDL QB . 7.27 22.81 1.81
HA21 CDL QB . 6.92 22.17 3.22
HA32 CDL QB . 2.26 20.98 0.46
HA31 CDL QB . 3.33 21.20 1.60
HA4 CDL QB . 3.07 19.10 2.06
H112 CDL QB . 6.20 16.40 0.69
H111 CDL QB . 5.39 15.77 1.90
H122 CDL QB . 3.54 15.51 0.66
H121 CDL QB . 4.01 16.53 -0.45
H132 CDL QB . 5.74 14.44 -0.34
H131 CDL QB . 4.90 14.92 -1.59
H142 CDL QB . 3.02 13.74 -0.58
H141 CDL QB . 4.12 12.83 -1.26
H152 CDL QB . 3.45 12.94 1.41
H151 CDL QB . 4.98 13.07 1.18
H162 CDL QB . 4.69 10.82 1.33
H161 CDL QB . 4.99 11.15 -0.20
H172 CDL QB . 2.74 10.98 -0.72
H171 CDL QB . 3.22 9.64 -0.05
H182 CDL QB . 1.13 10.51 0.75
H181 CDL QB . 1.88 11.66 1.49
H192 CDL QB . 1.50 9.98 2.99
H191 CDL QB . 3.06 9.93 2.71
H202 CDL QB . 2.87 7.87 2.05
H201 CDL QB . 1.86 8.31 0.92
H212 CDL QB . 0.85 8.03 3.50
H211 CDL QB . 0.04 7.85 2.16
H222 CDL QB . 0.62 5.73 1.98
H221 CDL QB . 2.05 5.97 2.58
H232 CDL QB . 0.23 6.36 4.54
H231 CDL QB . 1.40 5.31 4.56
H242 CDL QB . -1.22 4.89 3.56
H241 CDL QB . -0.60 4.18 4.83
H252 CDL QB . 1.02 3.15 3.35
H251 CDL QB . 0.12 3.64 2.14
H262 CDL QB . -0.74 1.87 4.17
H261 CDL QB . -1.71 2.44 3.06
H273 CDL QB . -1.04 0.34 2.36
H272 CDL QB . 0.48 0.73 2.57
H271 CDL QB . -0.34 1.40 1.40
HA62 CDL QB . 2.28 17.78 -0.08
HA61 CDL QB . 1.50 19.16 -0.16
H312 CDL QB . 0.79 15.23 0.40
H311 CDL QB . -0.46 16.05 0.92
H322 CDL QB . -0.28 13.85 1.78
H321 CDL QB . 1.00 14.29 2.60
H332 CDL QB . -0.17 15.72 3.91
H331 CDL QB . -1.46 15.63 2.99
H342 CDL QB . -1.95 14.40 4.84
H341 CDL QB . -0.53 13.71 4.80
H352 CDL QB . -1.18 12.40 2.99
H351 CDL QB . -2.53 13.23 2.85
H362 CDL QB . -2.94 11.16 3.79
H361 CDL QB . -3.22 12.28 4.87
H372 CDL QB . -2.00 11.01 6.15
H371 CDL QB . -0.79 11.73 5.47
H382 CDL QB . -1.75 9.43 4.23
H381 CDL QB . -0.29 10.05 4.12
H392 CDL QB . 0.09 9.33 6.37
H391 CDL QB . -0.15 8.15 5.36
H402 CDL QB . -1.35 8.13 7.54
H401 CDL QB . -2.41 9.02 6.76
H412 CDL QB . -1.72 6.71 5.38
H411 CDL QB . -2.42 6.42 6.76
H422 CDL QB . -4.10 8.11 5.92
H421 CDL QB . -3.51 7.69 4.52
H432 CDL QB . -5.51 6.51 5.50
H431 CDL QB . -4.39 5.63 6.19
H442 CDL QB . -3.65 4.85 4.21
H441 CDL QB . -4.34 6.01 3.39
H452 CDL QB . -6.46 5.13 3.89
H451 CDL QB . -5.78 3.95 4.69
H462 CDL QB . -5.39 4.34 1.92
H461 CDL QB . -6.38 3.27 2.51
H473 CDL QB . -3.57 3.23 2.58
H472 CDL QB . -4.35 2.39 3.67
H471 CDL QB . -4.50 2.04 2.13
HB22 CDL QB . 7.64 19.07 1.97
HB21 CDL QB . 7.16 19.96 0.74
HB32 CDL QB . 9.93 16.48 -1.14
HB31 CDL QB . 8.40 16.20 -1.44
HB4 CDL QB . 10.14 14.31 -0.96
H512 CDL QB . 9.24 13.29 -3.95
H511 CDL QB . 7.86 13.97 -3.56
H522 CDL QB . 7.31 11.43 -3.33
H521 CDL QB . 8.23 11.46 -4.64
H532 CDL QB . 6.07 11.70 -5.38
H531 CDL QB . 6.70 13.14 -5.51
H542 CDL QB . 5.75 13.68 -3.38
H541 CDL QB . 5.03 12.30 -3.38
H552 CDL QB . 3.68 14.16 -4.12
H551 CDL QB . 4.66 14.33 -5.38
H562 CDL QB . 3.90 12.32 -6.26
H561 CDL QB . 2.64 13.21 -5.94
H572 CDL QB . 2.15 12.01 -4.09
H571 CDL QB . 3.51 11.20 -4.13
H582 CDL QB . 1.35 10.80 -5.83
H581 CDL QB . 2.78 10.22 -6.20
H592 CDL QB . 2.81 9.03 -4.15
H591 CDL QB . 1.57 8.58 -5.01
H602 CDL QB . 0.17 9.99 -3.74
H601 CDL QB . 1.42 10.43 -2.86
H612 CDL QB . 0.62 7.74 -2.96
H611 CDL QB . 1.62 8.39 -1.92
H622 CDL QB . -1.13 9.07 -2.05
H621 CDL QB . -0.12 9.59 -0.95
H632 CDL QB . -0.73 6.85 -1.22
H631 CDL QB . 0.04 7.49 -0.01
H642 CDL QB . -2.71 7.89 -0.59
H641 CDL QB . -1.95 8.69 0.53
H652 CDL QB . -1.48 6.09 1.01
H651 CDL QB . -2.31 7.09 1.92
H662 CDL QB . -3.49 5.74 -0.25
H661 CDL QB . -3.60 5.20 1.23
H673 CDL QB . -4.82 7.51 0.19
H672 CDL QB . -4.62 7.38 1.74
H671 CDL QB . -5.53 6.35 0.97
HB62 CDL QB . 10.09 14.91 1.35
HB61 CDL QB . 8.56 14.49 1.38
H712 CDL QB . 8.04 11.34 3.34
H711 CDL QB . 9.47 11.96 3.46
H722 CDL QB . 9.76 9.64 3.50
H721 CDL QB . 10.42 10.25 2.19
H732 CDL QB . 9.13 8.25 1.81
H731 CDL QB . 8.71 9.47 0.88
H742 CDL QB . 7.22 9.42 3.19
H741 CDL QB . 6.68 9.46 1.71
H752 CDL QB . 7.48 7.14 3.13
H751 CDL QB . 7.02 7.09 1.62
H762 CDL QB . 5.06 8.33 2.84
H761 CDL QB . 4.97 6.87 2.30
H772 CDL QB . 6.05 7.42 4.89
H771 CDL QB . 4.47 7.31 4.70
H782 CDL QB . 5.11 5.28 5.48
H781 CDL QB . 6.29 5.17 4.43
H792 CDL QB . 3.59 5.19 3.65
H791 CDL QB . 4.81 4.82 2.70
H802 CDL QB . 4.03 2.81 3.15
H801 CDL QB . 5.16 2.95 4.23
H812 CDL QB . 2.50 3.60 4.88
H811 CDL QB . 3.66 3.26 5.90
H822 CDL QB . 3.61 1.03 5.28
H821 CDL QB . 2.61 1.34 4.09
H832 CDL QB . 1.96 1.49 6.84
H831 CDL QB . 0.97 1.99 5.73
H842 CDL QB . 0.30 -0.12 6.27
H841 CDL QB . 0.92 -0.22 4.83
H852 CDL QB . 1.71 -2.00 6.10
H851 CDL QB . 2.94 -1.04 5.81
H862 CDL QB . 1.49 -1.11 8.25
H861 CDL QB . 2.69 -0.11 7.98
H873 CDL QB . 2.93 -2.92 8.09
H872 CDL QB . 4.13 -1.96 7.69
H871 CDL QB . 3.53 -1.92 9.16
C1 CDL RB . 11.25 15.01 -14.96
O1 CDL RB . 11.21 14.10 -16.01
CA2 CDL RB . 11.18 14.24 -13.64
OA2 CDL RB . 12.06 13.17 -13.62
PA1 CDL RB . 13.14 13.13 -12.38
OA3 CDL RB . 13.66 11.73 -12.23
OA4 CDL RB . 14.28 14.05 -12.68
OA5 CDL RB . 12.39 13.62 -10.99
CA3 CDL RB . 11.70 12.74 -10.16
CA4 CDL RB . 10.60 11.99 -10.93
OA6 CDL RB . 9.29 12.44 -10.70
CA5 CDL RB . 9.02 13.38 -9.71
OA7 CDL RB . 9.18 14.53 -9.92
C11 CDL RB . 8.46 12.94 -8.35
C12 CDL RB . 7.58 11.72 -8.54
C13 CDL RB . 6.14 12.16 -8.76
C14 CDL RB . 5.24 10.94 -8.75
C15 CDL RB . 5.39 10.22 -10.08
C16 CDL RB . 5.45 8.72 -9.85
C17 CDL RB . 4.13 8.30 -9.22
C18 CDL RB . 3.66 7.00 -9.83
C19 CDL RB . 2.97 7.28 -11.16
C20 CDL RB . 2.74 5.95 -11.86
C21 CDL RB . 1.25 5.65 -11.77
C22 CDL RB . 0.93 4.24 -12.23
C23 CDL RB . 1.47 3.23 -11.23
C24 CDL RB . 0.90 3.47 -9.82
C25 CDL RB . 0.32 2.22 -9.17
C26 CDL RB . -0.74 1.56 -10.05
C27 CDL RB . -2.04 2.36 -9.97
CA6 CDL RB . 10.64 10.52 -10.54
OA8 CDL RB . 9.58 9.86 -11.14
CA7 CDL RB . 9.96 9.17 -12.30
OA9 CDL RB . 10.75 9.65 -13.04
C31 CDL RB . 9.35 7.80 -12.57
C32 CDL RB . 8.45 7.44 -11.40
C33 CDL RB . 7.88 6.04 -11.61
C34 CDL RB . 6.94 6.07 -12.81
C35 CDL RB . 5.87 5.00 -12.68
C36 CDL RB . 6.53 3.62 -12.75
C37 CDL RB . 5.43 2.59 -12.97
C38 CDL RB . 5.98 1.36 -13.68
C39 CDL RB . 4.82 0.67 -14.39
C40 CDL RB . 4.05 -0.22 -13.41
C41 CDL RB . 2.67 0.35 -13.07
C42 CDL RB . 1.94 0.89 -14.30
C43 CDL RB . 0.51 1.26 -13.93
C44 CDL RB . -0.51 0.58 -14.83
C45 CDL RB . -0.25 -0.94 -14.84
C46 CDL RB . -1.54 -1.72 -15.01
C47 CDL RB . -2.52 -1.33 -13.91
CB2 CDL RB . 10.01 15.90 -15.03
OB2 CDL RB . 9.50 16.11 -13.76
PB2 CDL RB . 7.93 16.61 -13.64
OB3 CDL RB . 7.72 17.27 -12.30
OB4 CDL RB . 7.64 17.59 -14.74
OB5 CDL RB . 6.93 15.32 -13.76
CB3 CDL RB . 7.37 14.14 -13.17
CB4 CDL RB . 6.20 13.15 -13.04
OB6 CDL RB . 6.09 12.40 -14.22
CB5 CDL RB . 6.06 11.00 -14.05
OB7 CDL RB . 6.28 10.50 -13.00
C51 CDL RB . 5.73 10.12 -15.24
C52 CDL RB . 5.23 8.75 -14.79
C53 CDL RB . 4.16 8.23 -15.73
C54 CDL RB . 3.00 9.22 -15.86
C55 CDL RB . 1.71 8.49 -16.19
C56 CDL RB . 1.34 7.56 -15.04
C57 CDL RB . -0.17 7.41 -14.91
C58 CDL RB . -0.82 8.67 -14.31
C59 CDL RB . -0.13 9.07 -13.02
C60 CDL RB . -1.11 9.53 -11.93
C61 CDL RB . -0.31 9.63 -10.63
C62 CDL RB . -1.17 9.58 -9.38
C63 CDL RB . -2.07 8.35 -9.34
C64 CDL RB . -1.28 7.06 -9.15
C65 CDL RB . -0.39 7.10 -7.92
C66 CDL RB . -0.34 5.72 -7.26
C67 CDL RB . 0.67 5.76 -6.10
CB6 CDL RB . 4.91 13.91 -12.77
OB8 CDL RB . 3.82 13.19 -13.25
CB7 CDL RB . 3.00 12.63 -12.27
OB9 CDL RB . 3.42 12.39 -11.18
C71 CDL RB . 1.55 12.34 -12.60
C72 CDL RB . 1.40 12.26 -14.12
C73 CDL RB . 0.01 12.64 -14.64
C74 CDL RB . -0.50 13.95 -14.01
C75 CDL RB . -1.92 14.31 -14.43
C76 CDL RB . -2.86 13.11 -14.35
C77 CDL RB . -3.39 12.91 -12.94
C78 CDL RB . -4.26 11.65 -12.93
C79 CDL RB . -5.49 11.92 -12.08
C80 CDL RB . -6.73 11.24 -12.65
C81 CDL RB . -7.82 12.29 -12.84
C82 CDL RB . -9.03 11.63 -13.48
C83 CDL RB . -9.91 11.09 -12.37
C84 CDL RB . -10.59 9.81 -12.84
C85 CDL RB . -11.15 9.06 -11.63
C86 CDL RB . -12.46 9.71 -11.19
C87 CDL RB . -13.58 9.05 -11.98
H1 CDL RB . 12.04 15.54 -14.98
H1O1 CDL RB . 11.23 14.54 -16.74
HA22 CDL RB . 11.39 14.85 -12.90
HA21 CDL RB . 10.29 13.90 -13.53
HA32 CDL RB . 11.37 13.20 -9.39
HA31 CDL RB . 12.34 12.07 -9.87
HA4 CDL RB . 10.76 12.05 -11.88
H112 CDL RB . 7.96 13.67 -7.95
H111 CDL RB . 9.21 12.70 -7.77
H122 CDL RB . 7.88 11.23 -9.32
H121 CDL RB . 7.62 11.16 -7.76
H132 CDL RB . 5.88 12.76 -8.05
H131 CDL RB . 6.07 12.62 -9.61
H142 CDL RB . 4.32 11.20 -8.60
H141 CDL RB . 5.53 10.35 -8.03
H152 CDL RB . 6.19 10.52 -10.53
H151 CDL RB . 4.63 10.43 -10.65
H162 CDL RB . 6.19 8.51 -9.26
H161 CDL RB . 5.58 8.25 -10.68
H172 CDL RB . 4.21 8.19 -8.26
H171 CDL RB . 3.46 8.98 -9.40
H182 CDL RB . 4.40 6.40 -9.97
H181 CDL RB . 3.03 6.57 -9.23
H192 CDL RB . 2.12 7.74 -11.02
H191 CDL RB . 3.54 7.84 -11.71
H202 CDL RB . 3.00 6.01 -12.79
H201 CDL RB . 3.27 5.27 -11.44
H212 CDL RB . 0.96 5.80 -10.87
H211 CDL RB . 0.77 6.25 -12.37
H222 CDL RB . 1.32 4.08 -13.11
H221 CDL RB . -0.04 4.14 -12.28
H232 CDL RB . 2.43 3.33 -11.16
H231 CDL RB . 1.31 2.32 -11.54
H242 CDL RB . 0.18 4.12 -9.88
H241 CDL RB . 1.62 3.80 -9.26
H252 CDL RB . -0.09 2.48 -8.33
H251 CDL RB . 1.04 1.58 -9.01
H262 CDL RB . -0.46 1.51 -10.97
H261 CDL RB . -0.89 0.67 -9.71
H273 CDL RB . -2.74 1.90 -10.47
H272 CDL RB . -1.90 3.24 -10.35
H271 CDL RB . -2.32 2.45 -9.04
HA62 CDL RB . 11.47 10.13 -10.85
HA61 CDL RB . 10.58 10.43 -9.58
H312 CDL RB . 8.83 7.83 -13.39
H311 CDL RB . 10.05 7.14 -12.66
H322 CDL RB . 7.73 8.09 -11.34
H321 CDL RB . 8.95 7.46 -10.58
H332 CDL RB . 8.60 5.42 -11.79
H331 CDL RB . 7.40 5.75 -10.83
H342 CDL RB . 7.46 5.92 -13.61
H341 CDL RB . 6.51 6.94 -12.86
H352 CDL RB . 5.41 5.09 -11.84
H351 CDL RB . 5.23 5.09 -13.41
H362 CDL RB . 7.17 3.60 -13.49
H361 CDL RB . 6.99 3.44 -11.92
H372 CDL RB . 4.72 2.97 -13.50
H371 CDL RB . 5.07 2.32 -12.12
H382 CDL RB . 6.41 0.76 -13.04
H381 CDL RB . 6.64 1.62 -14.34
H392 CDL RB . 4.31 1.37 -14.81
H391 CDL RB . 5.20 0.11 -15.08
H402 CDL RB . 3.93 -1.09 -13.81
H401 CDL RB . 4.56 -0.29 -12.59
H412 CDL RB . 2.79 1.07 -12.44
H411 CDL RB . 2.14 -0.36 -12.68
H422 CDL RB . 1.98 0.25 -15.03
H421 CDL RB . 2.33 1.73 -14.58
H432 CDL RB . 0.40 2.22 -13.96
H431 CDL RB . 0.36 0.94 -13.02
H442 CDL RB . -1.40 0.80 -14.54
H441 CDL RB . -0.39 0.91 -15.73
H452 CDL RB . 0.17 -1.20 -14.01
H451 CDL RB . 0.34 -1.14 -15.59
H462 CDL RB . -1.35 -2.67 -14.96
H461 CDL RB . -1.94 -1.51 -15.88
H473 CDL RB . -2.02 -1.12 -13.11
H472 CDL RB . -3.05 -0.58 -14.19
H471 CDL RB . -3.11 -2.08 -13.72
HB22 CDL RB . 10.26 16.75 -15.42
HB21 CDL RB . 9.35 15.46 -15.57
HB32 CDL RB . 7.71 14.34 -12.30
HB31 CDL RB . 8.05 13.74 -13.72
HB4 CDL RB . 6.38 12.58 -12.30
H512 CDL RB . 5.10 10.59 -15.80
H511 CDL RB . 6.55 9.99 -15.73
H522 CDL RB . 4.84 8.85 -13.91
H521 CDL RB . 5.97 8.13 -14.76
H532 CDL RB . 3.85 7.37 -15.41
H531 CDL RB . 4.56 8.11 -16.61
H542 CDL RB . 3.19 9.86 -16.56
H541 CDL RB . 2.90 9.67 -15.00
H552 CDL RB . 1.83 7.97 -17.00
H551 CDL RB . 1.00 9.13 -16.33
H562 CDL RB . 1.71 6.69 -15.22
H561 CDL RB . 1.75 7.91 -14.23
H572 CDL RB . -0.54 7.27 -15.79
H571 CDL RB . -0.36 6.65 -14.33
H582 CDL RB . -0.76 9.39 -14.93
H581 CDL RB . -1.75 8.46 -14.12
H592 CDL RB . 0.35 8.32 -12.66
H591 CDL RB . 0.49 9.78 -13.22
H602 CDL RB . -1.47 10.40 -12.17
H601 CDL RB . -1.84 8.90 -11.90
H612 CDL RB . 0.27 8.86 -10.59
H611 CDL RB . 0.21 10.45 -10.63
H622 CDL RB . -1.72 10.37 -9.35
H621 CDL RB . -0.58 9.58 -8.60
H632 CDL RB . -2.67 8.29 -10.10
H631 CDL RB . -2.63 8.45 -8.55
H642 CDL RB . -0.73 6.93 -9.94
H641 CDL RB . -1.90 6.31 -9.08
H652 CDL RB . -0.74 7.74 -7.27
H651 CDL RB . 0.50 7.37 -8.17
H662 CDL RB . -0.05 5.07 -7.90
H661 CDL RB . -1.20 5.48 -6.92
H673 CDL RB . 0.30 6.28 -5.37
H672 CDL RB . 0.84 4.86 -5.79
H671 CDL RB . 1.50 6.17 -6.40
HB62 CDL RB . 4.91 14.76 -13.23
HB61 CDL RB . 4.82 14.06 -11.83
H712 CDL RB . 1.02 13.02 -12.16
H711 CDL RB . 1.30 11.49 -12.20
H722 CDL RB . 2.02 12.88 -14.53
H721 CDL RB . 1.59 11.36 -14.41
H732 CDL RB . 0.03 12.74 -15.60
H731 CDL RB . -0.55 11.89 -14.39
H742 CDL RB . -0.55 13.88 -13.04
H741 CDL RB . 0.08 14.66 -14.28
H752 CDL RB . -2.24 15.01 -13.87
H751 CDL RB . -1.88 14.60 -15.36
H762 CDL RB . -2.52 12.28 -14.71
H761 CDL RB . -3.63 13.35 -14.89
H772 CDL RB . -3.88 13.68 -12.67
H771 CDL RB . -2.65 12.78 -12.33
H782 CDL RB . -3.77 10.90 -12.58
H781 CDL RB . -4.53 11.46 -13.85
H792 CDL RB . -5.67 12.87 -12.06
H791 CDL RB . -5.34 11.59 -11.18
H802 CDL RB . -6.53 10.83 -13.51
H801 CDL RB . -7.05 10.57 -12.04
H812 CDL RB . -8.07 12.67 -11.97
H811 CDL RB . -7.49 12.99 -13.41
H822 CDL RB . -9.52 12.29 -13.99
H821 CDL RB . -8.75 10.91 -14.07
H832 CDL RB . -9.36 10.89 -11.60
H831 CDL RB . -10.56 11.75 -12.10
H842 CDL RB . -11.33 10.04 -13.42
H841 CDL RB . -9.97 9.24 -13.30
H852 CDL RB . -10.50 9.11 -10.90
H851 CDL RB . -11.30 8.14 -11.84
H862 CDL RB . -12.59 9.57 -10.25
H861 CDL RB . -12.44 10.66 -11.37
H873 CDL RB . -13.44 9.21 -12.92
H872 CDL RB . -13.57 8.09 -11.82
H871 CDL RB . -14.42 9.42 -11.70
C1 CDL SB . 23.97 -10.45 -18.13
O1 CDL SB . 23.10 -10.96 -17.17
CA2 CDL SB . 25.36 -10.31 -17.53
OA2 CDL SB . 25.27 -9.61 -16.32
PA1 CDL SB . 25.83 -10.42 -15.01
OA3 CDL SB . 27.26 -10.84 -15.23
OA4 CDL SB . 25.75 -9.53 -13.79
OA5 CDL SB . 24.93 -11.78 -14.76
CA3 CDL SB . 25.37 -12.68 -13.79
CA4 CDL SB . 24.79 -14.06 -14.08
OA6 CDL SB . 23.51 -14.19 -13.59
CA5 CDL SB . 22.55 -13.45 -14.31
OA7 CDL SB . 22.03 -12.52 -13.80
C11 CDL SB . 22.22 -13.88 -15.73
C12 CDL SB . 21.10 -13.03 -16.31
C13 CDL SB . 19.89 -13.89 -16.69
C14 CDL SB . 20.33 -14.96 -17.69
C15 CDL SB . 19.11 -15.64 -18.33
C16 CDL SB . 19.54 -16.77 -19.27
C17 CDL SB . 20.44 -17.79 -18.59
C18 CDL SB . 20.89 -18.90 -19.55
C19 CDL SB . 21.53 -18.35 -20.82
C20 CDL SB . 21.45 -19.37 -21.95
C21 CDL SB . 22.64 -19.18 -22.88
C22 CDL SB . 23.69 -20.25 -22.63
C23 CDL SB . 24.89 -20.01 -23.54
C24 CDL SB . 25.99 -20.99 -23.18
C25 CDL SB . 26.96 -20.34 -22.20
C26 CDL SB . 27.90 -21.41 -21.64
C27 CDL SB . 29.10 -20.73 -20.96
CA6 CDL SB . 25.66 -15.15 -13.43
OA8 CDL SB . 25.19 -16.40 -13.84
CA7 CDL SB . 26.00 -17.46 -13.42
OA9 CDL SB . 27.04 -17.23 -12.89
C31 CDL SB . 25.57 -18.91 -13.63
C32 CDL SB . 24.17 -18.98 -14.23
C33 CDL SB . 23.65 -20.41 -14.12
C34 CDL SB . 22.16 -20.47 -14.41
C35 CDL SB . 21.52 -21.59 -13.61
C36 CDL SB . 20.36 -22.19 -14.39
C37 CDL SB . 19.46 -23.02 -13.47
C38 CDL SB . 18.36 -23.67 -14.30
C39 CDL SB . 17.24 -24.20 -13.40
C40 CDL SB . 15.97 -24.32 -14.23
C41 CDL SB . 14.84 -24.86 -13.37
C42 CDL SB . 13.50 -24.52 -14.01
C43 CDL SB . 13.46 -25.08 -15.43
C44 CDL SB . 12.01 -25.40 -15.84
C45 CDL SB . 11.98 -25.79 -17.32
C46 CDL SB . 11.00 -26.95 -17.58
C47 CDL SB . 11.33 -28.14 -16.69
CB2 CDL SB . 23.48 -9.08 -18.55
OB2 CDL SB . 22.90 -8.40 -17.49
PB2 CDL SB . 22.19 -7.00 -17.92
OB3 CDL SB . 21.74 -6.25 -16.69
OB4 CDL SB . 23.19 -6.15 -18.69
OB5 CDL SB . 20.88 -7.34 -18.84
CB3 CDL SB . 20.89 -6.99 -20.19
CB4 CDL SB . 19.47 -6.59 -20.59
OB6 CDL SB . 18.86 -6.00 -19.48
CB5 CDL SB . 17.48 -5.82 -19.61
OB7 CDL SB . 16.75 -6.46 -18.93
C51 CDL SB . 16.88 -4.81 -20.58
C52 CDL SB . 16.01 -5.56 -21.57
C53 CDL SB . 14.65 -5.82 -20.96
C54 CDL SB . 14.49 -7.31 -20.76
C55 CDL SB . 13.28 -7.65 -19.91
C56 CDL SB . 12.47 -8.79 -20.52
C57 CDL SB . 13.36 -9.93 -20.99
C58 CDL SB . 12.65 -10.83 -21.98
C59 CDL SB . 12.84 -10.39 -23.43
C60 CDL SB . 14.32 -10.43 -23.78
C61 CDL SB . 14.57 -10.56 -25.28
C62 CDL SB . 13.94 -11.84 -25.84
C63 CDL SB . 14.62 -13.06 -25.23
C64 CDL SB . 16.14 -13.12 -25.48
C65 CDL SB . 16.90 -13.92 -24.42
C66 CDL SB . 16.67 -13.36 -23.01
C67 CDL SB . 16.67 -14.45 -21.95
CB6 CDL SB . 18.76 -7.86 -21.05
OB8 CDL SB . 18.93 -7.99 -22.43
CB7 CDL SB . 17.79 -8.54 -23.04
OB9 CDL SB . 17.17 -9.39 -22.48
C71 CDL SB . 17.34 -8.01 -24.39
C72 CDL SB . 18.52 -8.08 -25.34
C73 CDL SB . 18.87 -9.56 -25.54
C74 CDL SB . 19.13 -9.85 -27.01
C75 CDL SB . 20.59 -10.27 -27.23
C76 CDL SB . 20.95 -11.49 -26.38
C77 CDL SB . 22.44 -11.47 -26.09
C78 CDL SB . 23.21 -12.15 -27.22
C79 CDL SB . 24.14 -13.21 -26.65
C80 CDL SB . 24.38 -14.30 -27.69
C81 CDL SB . 25.01 -15.50 -27.00
C82 CDL SB . 25.93 -16.22 -27.98
C83 CDL SB . 27.08 -16.87 -27.23
C84 CDL SB . 26.98 -18.38 -27.32
C85 CDL SB . 27.88 -19.00 -26.25
C86 CDL SB . 29.35 -18.82 -26.60
C87 CDL SB . 29.66 -19.45 -27.96
H1 CDL SB . 23.99 -11.06 -18.89
H1O1 CDL SB . 22.49 -10.39 -17.03
HA22 CDL SB . 25.93 -9.83 -18.15
HA21 CDL SB . 25.75 -11.19 -17.37
HA32 CDL SB . 25.07 -12.38 -12.91
HA31 CDL SB . 26.34 -12.72 -13.80
HA4 CDL SB . 24.79 -14.20 -15.03
H112 CDL SB . 21.93 -14.80 -15.68
H111 CDL SB . 23.01 -13.79 -16.28
H122 CDL SB . 20.81 -12.34 -15.69
H121 CDL SB . 21.42 -12.61 -17.12
H132 CDL SB . 19.21 -13.34 -17.10
H131 CDL SB . 19.54 -14.31 -15.90
H142 CDL SB . 20.86 -15.62 -17.23
H141 CDL SB . 20.86 -14.55 -18.39
H152 CDL SB . 18.61 -14.98 -18.83
H151 CDL SB . 18.56 -16.00 -17.62
H162 CDL SB . 18.73 -17.21 -19.58
H161 CDL SB . 19.99 -16.32 -20.00
H172 CDL SB . 21.25 -17.38 -18.27
H171 CDL SB . 19.96 -18.20 -17.85
H182 CDL SB . 20.11 -19.42 -19.79
H181 CDL SB . 21.53 -19.45 -19.09
H192 CDL SB . 21.10 -17.55 -21.16
H191 CDL SB . 22.46 -18.14 -20.65
H202 CDL SB . 21.49 -20.25 -21.55
H201 CDL SB . 20.62 -19.29 -22.44
H212 CDL SB . 22.33 -19.25 -23.80
H211 CDL SB . 23.02 -18.31 -22.74
H222 CDL SB . 23.31 -21.13 -22.81
H221 CDL SB . 23.98 -20.21 -21.71
H232 CDL SB . 24.63 -20.12 -24.47
H231 CDL SB . 25.21 -19.10 -23.39
H242 CDL SB . 26.47 -21.25 -23.98
H241 CDL SB . 25.61 -21.79 -22.78
H252 CDL SB . 26.45 -19.95 -21.46
H251 CDL SB . 27.47 -19.66 -22.64
H262 CDL SB . 27.44 -21.94 -20.99
H261 CDL SB . 28.22 -21.97 -22.36
H273 CDL SB . 29.52 -20.12 -21.58
H272 CDL SB . 28.81 -20.26 -20.18
H271 CDL SB . 29.74 -21.42 -20.71
HA62 CDL SB . 25.60 -15.08 -12.47
HA61 CDL SB . 26.58 -15.04 -13.71
H312 CDL SB . 25.57 -19.36 -12.78
H311 CDL SB . 26.20 -19.34 -14.23
H322 CDL SB . 23.58 -18.38 -13.75
H321 CDL SB . 24.20 -18.72 -15.16
H332 CDL SB . 23.81 -20.74 -13.22
H331 CDL SB . 24.11 -20.97 -14.76
H342 CDL SB . 21.99 -20.60 -15.35
H341 CDL SB . 21.76 -19.62 -14.13
H352 CDL SB . 22.17 -22.28 -13.44
H351 CDL SB . 21.18 -21.25 -12.77
H362 CDL SB . 19.84 -21.48 -14.78
H361 CDL SB . 20.71 -22.76 -15.09
H372 CDL SB . 19.08 -22.46 -12.79
H371 CDL SB . 19.99 -23.72 -13.07
H382 CDL SB . 17.99 -23.00 -14.90
H381 CDL SB . 18.73 -24.40 -14.81
H392 CDL SB . 17.09 -23.58 -12.66
H391 CDL SB . 17.49 -25.07 -13.05
H402 CDL SB . 15.72 -23.46 -14.59
H401 CDL SB . 16.13 -24.93 -14.97
H412 CDL SB . 14.92 -25.82 -13.29
H411 CDL SB . 14.89 -24.44 -12.50
H422 CDL SB . 12.78 -24.90 -13.49
H421 CDL SB . 13.39 -23.56 -14.04
H432 CDL SB . 13.98 -25.90 -15.46
H431 CDL SB . 13.82 -24.43 -16.04
H442 CDL SB . 11.64 -26.08 -15.26
H441 CDL SB . 11.48 -24.59 -15.74
H452 CDL SB . 11.72 -25.02 -17.86
H451 CDL SB . 12.86 -26.09 -17.56
H462 CDL SB . 11.08 -27.21 -18.50
H461 CDL SB . 10.11 -26.64 -17.39
H473 CDL SB . 10.85 -28.08 -15.86
H472 CDL SB . 12.28 -28.16 -16.52
H471 CDL SB . 11.07 -28.96 -17.14
HB22 CDL SB . 24.24 -8.58 -18.86
HB21 CDL SB . 22.82 -9.18 -19.25
HB32 CDL SB . 21.50 -6.26 -20.34
HB31 CDL SB . 21.17 -7.75 -20.72
HB4 CDL SB . 19.52 -5.96 -21.32
H512 CDL SB . 16.35 -4.16 -20.10
H511 CDL SB . 17.59 -4.33 -21.04
H522 CDL SB . 16.43 -6.41 -21.76
H521 CDL SB . 15.91 -5.05 -22.38
H532 CDL SB . 13.96 -5.50 -21.55
H531 CDL SB . 14.55 -5.37 -20.11
H542 CDL SB . 14.39 -7.66 -21.67
H541 CDL SB . 15.29 -7.68 -20.37
H552 CDL SB . 13.59 -7.93 -19.04
H551 CDL SB . 12.71 -6.87 -19.84
H562 CDL SB . 11.97 -8.45 -21.28
H561 CDL SB . 11.86 -9.13 -19.85
H572 CDL SB . 14.22 -9.68 -21.35
H571 CDL SB . 13.54 -10.48 -20.21
H582 CDL SB . 11.71 -10.75 -21.79
H581 CDL SB . 12.96 -11.73 -21.88
H592 CDL SB . 12.31 -10.98 -23.98
H591 CDL SB . 12.51 -9.48 -23.53
H602 CDL SB . 14.71 -11.19 -23.32
H601 CDL SB . 14.74 -9.62 -23.47
H612 CDL SB . 15.51 -10.52 -25.47
H611 CDL SB . 14.14 -9.81 -25.71
H622 CDL SB . 12.99 -11.88 -25.67
H621 CDL SB . 14.09 -11.85 -26.79
H632 CDL SB . 14.37 -13.14 -24.30
H631 CDL SB . 14.25 -13.84 -25.69
H642 CDL SB . 16.30 -13.54 -26.33
H641 CDL SB . 16.53 -12.24 -25.46
H652 CDL SB . 16.58 -14.83 -24.43
H651 CDL SB . 17.84 -13.88 -24.61
H662 CDL SB . 17.39 -12.75 -22.80
H661 CDL SB . 15.83 -12.89 -22.95
H673 CDL SB . 16.09 -15.17 -22.23
H672 CDL SB . 17.57 -14.78 -21.84
H671 CDL SB . 16.35 -14.09 -21.11
HB62 CDL SB . 19.16 -8.62 -20.61
HB61 CDL SB . 17.82 -7.84 -20.85
H712 CDL SB . 17.04 -7.10 -24.30
H711 CDL SB . 16.62 -8.57 -24.73
H722 CDL SB . 18.27 -7.67 -26.18
H721 CDL SB . 19.28 -7.61 -24.97
H732 CDL SB . 19.65 -9.72 -24.99
H731 CDL SB . 18.12 -10.09 -25.24
H742 CDL SB . 18.57 -10.58 -27.30
H741 CDL SB . 18.96 -9.06 -27.55
H752 CDL SB . 21.16 -9.54 -27.00
H751 CDL SB . 20.71 -10.52 -28.17
H762 CDL SB . 20.73 -12.30 -26.88
H761 CDL SB . 20.47 -11.53 -25.55
H772 CDL SB . 22.74 -10.56 -26.00
H771 CDL SB . 22.60 -11.94 -25.27
H782 CDL SB . 23.72 -11.50 -27.71
H781 CDL SB . 22.58 -12.58 -27.81
H792 CDL SB . 23.75 -13.62 -25.88
H791 CDL SB . 24.97 -12.79 -26.41
H802 CDL SB . 24.96 -13.97 -28.39
H801 CDL SB . 23.53 -14.57 -28.08
H812 CDL SB . 25.52 -15.20 -26.23
H811 CDL SB . 24.32 -16.10 -26.70
H822 CDL SB . 26.28 -15.59 -28.63
H821 CDL SB . 25.42 -16.90 -28.44
H832 CDL SB . 27.07 -16.60 -26.30
H831 CDL SB . 27.92 -16.59 -27.63
H842 CDL SB . 26.07 -18.66 -27.16
H841 CDL SB . 27.25 -18.67 -28.21
H852 CDL SB . 27.67 -19.95 -26.18
H851 CDL SB . 27.70 -18.56 -25.41
H862 CDL SB . 29.89 -19.26 -25.92
H861 CDL SB . 29.56 -17.89 -26.63
H873 CDL SB . 30.52 -19.90 -27.93
H872 CDL SB . 29.70 -18.75 -28.63
H871 CDL SB . 28.97 -20.08 -28.20
C1 CDL TB . 34.64 -12.55 -10.31
O1 CDL TB . 33.88 -11.41 -10.07
CA2 CDL TB . 35.74 -12.64 -9.26
OA2 CDL TB . 36.98 -12.40 -9.84
PA1 CDL TB . 38.12 -13.59 -9.72
OA3 CDL TB . 39.30 -13.25 -10.59
OA4 CDL TB . 38.54 -13.72 -8.28
OA5 CDL TB . 37.46 -15.00 -10.24
CA3 CDL TB . 38.32 -16.02 -10.66
CA4 CDL TB . 37.52 -17.29 -10.90
OA6 CDL TB . 36.98 -17.73 -9.69
CA5 CDL TB . 37.80 -18.52 -8.89
OA7 CDL TB . 38.82 -18.09 -8.47
C11 CDL TB . 37.37 -19.95 -8.54
C12 CDL TB . 38.03 -20.40 -7.23
C13 CDL TB . 36.98 -20.93 -6.25
C14 CDL TB . 37.14 -20.27 -4.88
C15 CDL TB . 37.08 -21.33 -3.78
C16 CDL TB . 37.32 -20.68 -2.42
C17 CDL TB . 37.20 -21.73 -1.32
C18 CDL TB . 35.74 -21.85 -0.90
C19 CDL TB . 35.66 -22.59 0.43
C20 CDL TB . 34.19 -22.72 0.86
C21 CDL TB . 33.47 -23.75 -0.01
C22 CDL TB . 31.96 -23.50 0.07
C23 CDL TB . 31.29 -24.05 -1.21
C24 CDL TB . 29.82 -23.64 -1.21
C25 CDL TB . 29.33 -23.45 -2.66
C26 CDL TB . 29.99 -22.25 -3.32
C27 CDL TB . 29.05 -21.05 -3.27
CA6 CDL TB . 38.43 -18.35 -11.54
OA8 CDL TB . 37.72 -19.53 -11.74
CA7 CDL TB . 38.45 -20.54 -12.38
OA9 CDL TB . 39.41 -20.28 -12.99
C31 CDL TB . 37.97 -21.99 -12.26
C32 CDL TB . 39.07 -22.90 -11.69
C33 CDL TB . 39.66 -23.76 -12.80
C34 CDL TB . 38.70 -24.90 -13.17
C35 CDL TB . 38.73 -26.02 -12.12
C36 CDL TB . 37.87 -27.18 -12.64
C37 CDL TB . 38.71 -28.07 -13.56
C38 CDL TB . 37.84 -28.64 -14.67
C39 CDL TB . 38.57 -29.78 -15.39
C40 CDL TB . 38.59 -31.04 -14.53
C41 CDL TB . 37.17 -31.61 -14.40
C42 CDL TB . 37.22 -33.14 -14.38
C43 CDL TB . 35.80 -33.70 -14.34
C44 CDL TB . 35.74 -35.09 -14.94
C45 CDL TB . 36.09 -35.09 -16.43
C46 CDL TB . 34.82 -34.94 -17.27
C47 CDL TB . 35.07 -35.55 -18.64
CB2 CDL TB . 35.29 -12.44 -11.68
OB2 CDL TB . 34.32 -12.31 -12.67
PB2 CDL TB . 34.00 -10.80 -13.24
OB3 CDL TB . 33.66 -9.88 -12.10
OB4 CDL TB . 35.19 -10.27 -13.97
OB5 CDL TB . 32.73 -10.96 -14.26
CB3 CDL TB . 33.02 -11.46 -15.53
CB4 CDL TB . 32.52 -12.90 -15.62
OB6 CDL TB . 31.75 -13.09 -16.78
CB5 CDL TB . 32.37 -13.79 -17.81
OB7 CDL TB . 33.51 -14.12 -17.75
C51 CDL TB . 31.53 -14.15 -19.02
C52 CDL TB . 32.17 -15.32 -19.78
C53 CDL TB . 31.82 -16.65 -19.12
C54 CDL TB . 33.05 -17.28 -18.48
C55 CDL TB . 33.06 -18.80 -18.69
C56 CDL TB . 31.84 -19.47 -18.07
C57 CDL TB . 31.96 -19.50 -16.55
C58 CDL TB . 30.58 -19.35 -15.90
C59 CDL TB . 30.14 -17.90 -16.04
C60 CDL TB . 28.71 -17.70 -15.55
C61 CDL TB . 27.73 -18.21 -16.59
C62 CDL TB . 27.95 -17.52 -17.94
C63 CDL TB . 26.72 -17.63 -18.83
C64 CDL TB . 25.64 -16.64 -18.37
C65 CDL TB . 26.04 -15.25 -18.86
C66 CDL TB . 24.87 -14.27 -18.80
C67 CDL TB . 23.67 -14.82 -19.55
CB6 CDL TB . 31.63 -13.28 -14.45
OB8 CDL TB . 30.90 -14.42 -14.76
CB7 CDL TB . 30.69 -15.24 -13.65
OB9 CDL TB . 29.68 -15.18 -13.04
C71 CDL TB . 31.79 -16.23 -13.25
C72 CDL TB . 32.02 -16.18 -11.74
C73 CDL TB . 31.99 -17.60 -11.17
C74 CDL TB . 32.84 -17.66 -9.90
C75 CDL TB . 32.95 -19.11 -9.41
C76 CDL TB . 31.81 -19.46 -8.45
C77 CDL TB . 30.85 -20.48 -9.08
C78 CDL TB . 31.08 -21.88 -8.52
C79 CDL TB . 31.08 -22.93 -9.64
C80 CDL TB . 32.18 -22.64 -10.68
C81 CDL TB . 31.66 -22.86 -12.10
C82 CDL TB . 31.97 -24.26 -12.64
C83 CDL TB . 33.48 -24.50 -12.77
C84 CDL TB . 33.96 -24.01 -14.13
C85 CDL TB . 34.79 -22.73 -13.97
C86 CDL TB . 34.85 -21.96 -15.28
C87 CDL TB . 35.42 -22.83 -16.40
H1 CDL TB . 34.10 -13.34 -10.27
H1O1 CDL TB . 33.43 -11.23 -10.76
HA22 CDL TB . 35.59 -11.97 -8.57
HA21 CDL TB . 35.75 -13.52 -8.87
HA32 CDL TB . 38.98 -16.19 -9.98
HA31 CDL TB . 38.77 -15.76 -11.48
HA4 CDL TB . 36.80 -17.09 -11.52
H112 CDL TB . 37.65 -20.55 -9.26
H111 CDL TB . 36.41 -19.97 -8.47
H122 CDL TB . 38.50 -19.66 -6.83
H121 CDL TB . 38.66 -21.11 -7.42
H132 CDL TB . 37.09 -21.89 -6.15
H131 CDL TB . 36.09 -20.74 -6.57
H142 CDL TB . 36.44 -19.63 -4.74
H141 CDL TB . 37.99 -19.81 -4.82
H152 CDL TB . 37.77 -22.00 -3.94
H151 CDL TB . 36.21 -21.75 -3.79
H162 CDL TB . 38.21 -20.28 -2.39
H161 CDL TB . 36.66 -19.99 -2.28
H172 CDL TB . 37.72 -21.45 -0.55
H171 CDL TB . 37.53 -22.59 -1.65
H182 CDL TB . 35.25 -22.33 -1.59
H181 CDL TB . 35.37 -20.97 -0.79
H192 CDL TB . 36.16 -22.12 1.11
H191 CDL TB . 36.02 -23.49 0.31
H202 CDL TB . 33.76 -21.86 0.79
H201 CDL TB . 34.15 -23.02 1.78
H212 CDL TB . 33.75 -23.68 -0.93
H211 CDL TB . 33.66 -24.64 0.31
H222 CDL TB . 31.80 -22.55 0.13
H221 CDL TB . 31.60 -23.95 0.84
H232 CDL TB . 31.35 -25.01 -1.20
H231 CDL TB . 31.75 -23.70 -1.98
H242 CDL TB . 29.70 -22.81 -0.73
H241 CDL TB . 29.30 -24.34 -0.79
H252 CDL TB . 28.37 -23.29 -2.62
H251 CDL TB . 29.51 -24.25 -3.17
H262 CDL TB . 30.19 -22.46 -4.24
H261 CDL TB . 30.81 -22.02 -2.86
H273 CDL TB . 29.43 -20.31 -3.77
H272 CDL TB . 28.90 -20.79 -2.35
H271 CDL TB . 28.19 -21.30 -3.68
HA62 CDL TB . 39.21 -18.51 -10.97
HA61 CDL TB . 38.73 -18.00 -12.40
H312 CDL TB . 37.74 -22.30 -13.15
H311 CDL TB . 37.18 -22.04 -11.70
H322 CDL TB . 39.76 -22.34 -11.31
H321 CDL TB . 38.69 -23.47 -11.00
H332 CDL TB . 39.80 -23.21 -13.59
H331 CDL TB . 40.51 -24.13 -12.51
H342 CDL TB . 38.98 -25.27 -14.02
H341 CDL TB . 37.80 -24.55 -13.22
H352 CDL TB . 38.36 -25.69 -11.28
H351 CDL TB . 39.64 -26.32 -11.98
H362 CDL TB . 37.13 -26.82 -13.14
H361 CDL TB . 37.55 -27.70 -11.89
H372 CDL TB . 39.11 -28.78 -13.03
H371 CDL TB . 39.41 -27.54 -13.96
H382 CDL TB . 37.64 -27.94 -15.30
H381 CDL TB . 37.00 -28.98 -14.29
H392 CDL TB . 39.47 -29.51 -15.61
H391 CDL TB . 38.08 -29.97 -16.22
H402 CDL TB . 38.94 -30.84 -13.65
H401 CDL TB . 39.16 -31.71 -14.96
H412 CDL TB . 36.65 -31.32 -15.16
H411 CDL TB . 36.77 -31.28 -13.58
H422 CDL TB . 37.72 -33.46 -15.14
H421 CDL TB . 37.68 -33.42 -13.57
H432 CDL TB . 35.24 -33.12 -14.86
H431 CDL TB . 35.49 -33.72 -13.42
H442 CDL TB . 36.39 -35.66 -14.47
H441 CDL TB . 34.85 -35.46 -14.82
H452 CDL TB . 36.52 -35.93 -16.66
H451 CDL TB . 36.69 -34.37 -16.66
H462 CDL TB . 34.61 -34.00 -17.36
H461 CDL TB . 34.09 -35.40 -16.83
H473 CDL TB . 35.72 -35.01 -19.12
H472 CDL TB . 34.23 -35.56 -19.14
H471 CDL TB . 35.40 -36.45 -18.55
HB22 CDL TB . 35.82 -13.24 -11.85
HB21 CDL TB . 35.87 -11.66 -11.71
HB32 CDL TB . 33.97 -11.45 -15.67
HB31 CDL TB . 32.58 -10.93 -16.21
HB4 CDL TB . 33.27 -13.50 -15.63
H512 CDL TB . 30.64 -14.41 -18.73
H511 CDL TB . 31.47 -13.40 -19.61
H522 CDL TB . 33.13 -15.19 -19.80
H521 CDL TB . 31.85 -15.30 -20.69
H532 CDL TB . 31.14 -16.50 -18.45
H531 CDL TB . 31.48 -17.25 -19.80
H542 CDL TB . 33.85 -16.92 -18.89
H541 CDL TB . 33.07 -17.08 -17.53
H552 CDL TB . 33.86 -19.18 -18.29
H551 CDL TB . 33.06 -18.97 -19.65
H562 CDL TB . 31.03 -19.00 -18.34
H561 CDL TB . 31.78 -20.38 -18.39
H572 CDL TB . 32.51 -18.77 -16.25
H571 CDL TB . 32.35 -20.34 -16.27
H582 CDL TB . 29.95 -19.93 -16.35
H581 CDL TB . 30.63 -19.58 -14.96
H592 CDL TB . 30.73 -17.34 -15.51
H591 CDL TB . 30.23 -17.63 -16.96
H602 CDL TB . 28.56 -16.75 -15.44
H601 CDL TB . 28.58 -18.15 -14.71
H612 CDL TB . 26.82 -18.04 -16.29
H611 CDL TB . 27.84 -19.16 -16.71
H622 CDL TB . 28.69 -17.93 -18.41
H621 CDL TB . 28.14 -16.59 -17.77
H632 CDL TB . 26.96 -17.44 -19.75
H631 CDL TB . 26.37 -18.53 -18.76
H642 CDL TB . 25.57 -16.64 -17.41
H641 CDL TB . 24.79 -16.93 -18.74
H652 CDL TB . 26.77 -14.92 -18.32
H651 CDL TB . 26.31 -15.32 -19.78
H662 CDL TB . 24.62 -14.13 -17.86
H661 CDL TB . 25.14 -13.43 -19.19
H673 CDL TB . 23.97 -15.36 -20.29
H672 CDL TB . 23.13 -14.08 -19.88
H671 CDL TB . 23.12 -15.37 -18.96
HB62 CDL TB . 31.00 -12.55 -14.27
HB61 CDL TB . 32.17 -13.44 -13.67
H712 CDL TB . 31.51 -17.12 -13.50
H711 CDL TB . 32.62 -16.01 -13.71
H722 CDL TB . 31.32 -15.65 -11.32
H721 CDL TB . 32.88 -15.78 -11.56
H732 CDL TB . 32.34 -18.23 -11.81
H731 CDL TB . 31.08 -17.83 -10.96
H742 CDL TB . 33.74 -17.32 -10.10
H741 CDL TB . 32.45 -17.10 -9.21
H752 CDL TB . 32.95 -19.69 -10.18
H751 CDL TB . 33.79 -19.19 -8.94
H762 CDL TB . 31.31 -18.66 -8.23
H761 CDL TB . 32.19 -19.84 -7.64
H772 CDL TB . 29.94 -20.21 -8.85
H771 CDL TB . 30.92 -20.45 -10.05
H782 CDL TB . 31.92 -21.92 -8.06
H781 CDL TB . 30.36 -22.08 -7.91
H792 CDL TB . 31.25 -23.80 -9.25
H791 CDL TB . 30.21 -22.94 -10.08
H802 CDL TB . 32.91 -23.25 -10.48
H801 CDL TB . 32.50 -21.74 -10.61
H812 CDL TB . 32.12 -22.24 -12.68
H811 CDL TB . 30.71 -22.70 -12.14
H822 CDL TB . 31.62 -24.92 -12.00
H821 CDL TB . 31.54 -24.38 -13.50
H832 CDL TB . 33.65 -25.45 -12.70
H831 CDL TB . 33.99 -24.05 -12.07
H842 CDL TB . 33.21 -23.82 -14.71
H841 CDL TB . 34.51 -24.69 -14.54
H852 CDL TB . 34.41 -22.18 -13.28
H851 CDL TB . 35.69 -22.99 -13.71
H862 CDL TB . 33.96 -21.67 -15.52
H861 CDL TB . 35.42 -21.19 -15.17
H873 CDL TB . 35.55 -22.29 -17.19
H872 CDL TB . 36.26 -23.20 -16.13
H871 CDL TB . 34.80 -23.54 -16.61
C1 CDL UB . -6.05 26.67 -10.72
O1 CDL UB . -5.07 27.24 -11.54
CA2 CDL UB . -5.68 25.22 -10.46
OA2 CDL UB . -5.50 24.54 -11.67
PA1 CDL UB . -4.79 23.06 -11.62
OA3 CDL UB . -4.33 22.71 -13.01
OA4 CDL UB . -3.62 23.10 -10.69
OA5 CDL UB . -5.85 21.89 -11.15
CA3 CDL UB . -6.22 21.89 -9.80
CA4 CDL UB . -7.67 22.33 -9.67
OA6 CDL UB . -8.03 22.59 -8.35
CA5 CDL UB . -9.32 23.11 -8.21
OA7 CDL UB . -10.13 22.49 -7.61
C11 CDL UB . -9.69 24.47 -8.82
C12 CDL UB . -11.19 24.76 -8.69
C13 CDL UB . -11.49 26.23 -8.36
C14 CDL UB . -10.91 26.62 -6.99
C15 CDL UB . -12.03 26.61 -5.95
C16 CDL UB . -11.57 25.92 -4.67
C17 CDL UB . -11.32 24.46 -4.98
C18 CDL UB . -11.46 23.61 -3.72
C19 CDL UB . -12.65 22.67 -3.88
C20 CDL UB . -12.19 21.41 -4.59
C21 CDL UB . -13.41 20.51 -4.83
C22 CDL UB . -14.14 20.87 -6.12
C23 CDL UB . -13.28 20.56 -7.33
C24 CDL UB . -14.07 20.83 -8.60
C25 CDL UB . -13.12 21.02 -9.78
C26 CDL UB . -13.85 21.58 -10.99
C27 CDL UB . -12.84 22.26 -11.92
CA6 CDL UB . -8.53 21.19 -10.22
OA8 CDL UB . -7.79 20.01 -10.36
CA7 CDL UB . -8.45 18.85 -9.95
OA9 CDL UB . -7.82 17.94 -9.52
C31 CDL UB . -9.97 18.75 -10.03
C32 CDL UB . -10.35 17.61 -10.93
C33 CDL UB . -11.82 17.77 -11.33
C34 CDL UB . -12.07 16.94 -12.58
C35 CDL UB . -11.99 15.46 -12.23
C36 CDL UB . -13.23 15.08 -11.43
C37 CDL UB . -13.14 13.61 -11.06
C38 CDL UB . -14.35 12.88 -11.67
C39 CDL UB . -14.26 12.87 -13.20
C40 CDL UB . -12.98 12.16 -13.68
C41 CDL UB . -12.35 12.83 -14.90
C42 CDL UB . -11.66 11.77 -15.76
C43 CDL UB . -10.92 12.42 -16.92
C44 CDL UB . -9.77 11.51 -17.34
C45 CDL UB . -10.31 10.21 -17.94
C46 CDL UB . -9.74 8.99 -17.24
C47 CDL UB . -8.21 8.97 -17.30
CB2 CDL UB . -7.40 26.78 -11.41
OB2 CDL UB . -7.26 27.59 -12.53
PB2 CDL UB . -8.13 28.97 -12.59
OB3 CDL UB . -7.44 30.05 -11.81
OB4 CDL UB . -8.28 29.42 -14.03
OB5 CDL UB . -9.63 28.72 -11.95
CB3 CDL UB . -10.16 29.74 -11.15
CB4 CDL UB . -11.61 29.44 -10.83
OB6 CDL UB . -12.35 29.28 -12.01
CB5 CDL UB . -13.54 28.56 -11.87
OB7 CDL UB . -13.76 27.97 -10.87
C51 CDL UB . -14.53 28.52 -13.02
C52 CDL UB . -15.92 28.13 -12.48
C53 CDL UB . -17.03 28.96 -13.16
C54 CDL UB . -17.84 28.11 -14.13
C55 CDL UB . -19.19 28.80 -14.39
C56 CDL UB . -20.13 27.84 -15.12
C57 CDL UB . -21.52 28.45 -15.26
C58 CDL UB . -22.18 28.66 -13.89
C59 CDL UB . -23.59 28.09 -13.86
C60 CDL UB . -23.56 26.57 -13.95
C61 CDL UB . -24.94 25.98 -13.65
C62 CDL UB . -24.80 24.76 -12.74
C63 CDL UB . -26.15 24.33 -12.20
C64 CDL UB . -25.99 23.38 -11.01
C65 CDL UB . -27.37 22.85 -10.60
C66 CDL UB . -27.35 22.33 -9.17
C67 CDL UB . -26.72 20.94 -9.12
CB6 CDL UB . -12.16 30.62 -10.04
OB8 CDL UB . -12.99 31.41 -10.85
CB7 CDL UB . -13.68 32.40 -10.14
OB9 CDL UB . -13.44 33.54 -10.34
C71 CDL UB . -14.74 32.02 -9.11
C72 CDL UB . -16.13 32.23 -9.68
C73 CDL UB . -17.14 31.38 -8.90
C74 CDL UB . -18.55 31.89 -9.17
C75 CDL UB . -19.54 31.19 -8.22
C76 CDL UB . -19.52 29.68 -8.44
C77 CDL UB . -20.94 29.09 -8.52
C78 CDL UB . -21.78 29.75 -9.61
C79 CDL UB . -23.18 29.15 -9.71
C80 CDL UB . -23.91 29.08 -8.37
C81 CDL UB . -24.64 27.75 -8.18
C82 CDL UB . -26.09 28.00 -7.81
C83 CDL UB . -26.86 28.51 -9.02
C84 CDL UB . -28.35 28.60 -8.70
C85 CDL UB . -29.11 29.14 -9.92
C86 CDL UB . -30.58 29.34 -9.57
C87 CDL UB . -30.72 30.37 -8.45
H1 CDL UB . -6.07 27.15 -9.88
H1O1 CDL UB . -4.32 27.09 -11.19
HA22 CDL UB . -4.88 25.18 -9.92
HA21 CDL UB . -6.41 24.81 -9.97
HA32 CDL UB . -5.65 22.54 -9.34
HA31 CDL UB . -6.08 21.03 -9.41
HA4 CDL UB . -7.82 23.12 -10.22
H112 CDL UB . -9.50 24.43 -9.77
H111 CDL UB . -9.17 25.16 -8.41
H122 CDL UB . -11.64 24.53 -9.51
H121 CDL UB . -11.56 24.23 -7.95
H132 CDL UB . -11.10 26.78 -9.05
H131 CDL UB . -12.44 26.36 -8.35
H142 CDL UB . -10.53 27.51 -7.04
H141 CDL UB . -10.21 26.01 -6.73
H152 CDL UB . -12.26 27.52 -5.75
H151 CDL UB . -12.80 26.15 -6.29
H162 CDL UB . -12.25 26.02 -3.99
H161 CDL UB . -10.75 26.33 -4.34
H172 CDL UB . -10.43 24.34 -5.34
H171 CDL UB . -11.96 24.15 -5.63
H182 CDL UB . -10.65 23.08 -3.59
H181 CDL UB . -11.59 24.19 -2.96
H192 CDL UB . -12.99 22.43 -3.00
H191 CDL UB . -13.36 23.10 -4.37
H202 CDL UB . -11.57 20.94 -4.01
H201 CDL UB . -11.74 21.64 -5.40
H212 CDL UB . -13.11 19.59 -4.88
H211 CDL UB . -14.01 20.61 -4.09
H222 CDL UB . -14.95 20.34 -6.17
H221 CDL UB . -14.37 21.80 -6.11
H232 CDL UB . -12.50 21.14 -7.34
H231 CDL UB . -13.01 19.64 -7.32
H242 CDL UB . -14.61 21.63 -8.50
H241 CDL UB . -14.65 20.08 -8.79
H252 CDL UB . -12.41 21.63 -9.52
H251 CDL UB . -12.72 20.16 -10.00
H262 CDL UB . -14.51 22.23 -10.70
H261 CDL UB . -14.29 20.85 -11.46
H273 CDL UB . -13.31 22.70 -12.64
H272 CDL UB . -12.31 22.90 -11.42
H271 CDL UB . -12.26 21.58 -12.30
HA62 CDL UB . -8.90 21.45 -11.07
HA61 CDL UB . -9.23 21.04 -9.56
H312 CDL UB . -10.37 19.54 -10.41
H311 CDL UB . -10.33 18.60 -9.15
H322 CDL UB . -9.80 17.61 -11.73
H321 CDL UB . -10.23 16.76 -10.46
H332 CDL UB . -12.39 17.50 -10.60
H331 CDL UB . -11.98 18.70 -11.54
H342 CDL UB . -12.95 17.14 -12.92
H341 CDL UB . -11.40 17.15 -13.25
H352 CDL UB . -11.19 15.25 -11.73
H351 CDL UB . -12.00 14.94 -13.05
H362 CDL UB . -14.02 15.24 -11.96
H361 CDL UB . -13.28 15.60 -10.61
H372 CDL UB . -12.29 13.25 -11.35
H371 CDL UB . -13.19 13.52 -10.09
H382 CDL UB . -14.34 11.97 -11.35
H381 CDL UB . -15.16 13.33 -11.39
H392 CDL UB . -15.03 12.39 -13.51
H391 CDL UB . -14.27 13.77 -13.54
H402 CDL UB . -12.32 12.10 -12.99
H401 CDL UB . -13.23 11.26 -13.94
H412 CDL UB . -11.68 13.49 -14.62
H411 CDL UB . -13.04 13.26 -15.43
H422 CDL UB . -11.01 11.29 -15.21
H421 CDL UB . -12.30 11.11 -16.08
H432 CDL UB . -10.57 13.29 -16.64
H431 CDL UB . -11.53 12.54 -17.66
H442 CDL UB . -9.25 11.31 -16.55
H441 CDL UB . -9.21 11.96 -18.00
H452 CDL UB . -10.06 10.17 -18.88
H451 CDL UB . -11.28 10.20 -17.85
H462 CDL UB . -10.01 9.00 -16.31
H461 CDL UB . -10.08 8.19 -17.67
H473 CDL UB . -7.89 8.11 -17.01
H472 CDL UB . -7.93 9.12 -18.22
H471 CDL UB . -7.85 9.66 -16.73
HB22 CDL UB . -7.68 25.90 -11.68
HB21 CDL UB . -8.05 27.16 -10.81
HB32 CDL UB . -9.66 29.80 -10.33
HB31 CDL UB . -10.10 30.58 -11.63
HB4 CDL UB . -11.66 28.65 -10.28
H512 CDL UB . -14.56 29.39 -13.45
H511 CDL UB . -14.25 27.86 -13.67
H522 CDL UB . -16.08 27.19 -12.65
H521 CDL UB . -15.95 28.31 -11.54
H532 CDL UB . -16.65 29.72 -13.62
H531 CDL UB . -17.63 29.30 -12.46
H542 CDL UB . -18.00 27.24 -13.75
H541 CDL UB . -17.36 28.03 -14.96
H552 CDL UB . -19.05 29.60 -14.93
H551 CDL UB . -19.58 29.06 -13.54
H562 CDL UB . -20.18 27.01 -14.63
H561 CDL UB . -19.77 27.68 -16.00
H572 CDL UB . -22.07 27.85 -15.79
H571 CDL UB . -21.45 29.31 -15.71
H582 CDL UB . -21.64 28.18 -13.23
H581 CDL UB . -22.18 29.60 -13.67
H592 CDL UB . -24.02 28.35 -13.01
H591 CDL UB . -24.10 28.46 -14.59
H602 CDL UB . -22.93 26.22 -13.31
H601 CDL UB . -23.31 26.30 -14.85
H612 CDL UB . -25.48 26.64 -13.19
H611 CDL UB . -25.38 25.72 -14.48
H622 CDL UB . -24.40 24.02 -13.24
H621 CDL UB . -24.22 24.97 -11.99
H632 CDL UB . -26.65 25.10 -11.92
H631 CDL UB . -26.65 23.87 -12.91
H642 CDL UB . -25.43 22.64 -11.26
H641 CDL UB . -25.60 23.86 -10.28
H652 CDL UB . -28.03 23.56 -10.68
H651 CDL UB . -27.60 22.12 -11.20
H662 CDL UB . -28.26 22.26 -8.85
H661 CDL UB . -26.85 22.94 -8.62
H673 CDL UB . -25.76 21.02 -9.29
H672 CDL UB . -27.12 20.37 -9.80
H671 CDL UB . -26.86 20.55 -8.25
HB62 CDL UB . -11.41 31.17 -9.73
HB61 CDL UB . -12.65 30.29 -9.28
H712 CDL UB . -14.64 31.08 -8.87
H711 CDL UB . -14.63 32.58 -8.32
H722 CDL UB . -16.14 31.96 -10.61
H721 CDL UB . -16.38 33.17 -9.62
H732 CDL UB . -16.94 31.44 -7.96
H731 CDL UB . -17.06 30.47 -9.20
H742 CDL UB . -18.80 31.67 -10.08
H741 CDL UB . -18.60 32.84 -9.05
H752 CDL UB . -20.42 31.58 -8.31
H751 CDL UB . -19.23 31.36 -7.32
H762 CDL UB . -19.08 29.50 -9.29
H761 CDL UB . -19.04 29.25 -7.72
H772 CDL UB . -20.87 28.15 -8.68
H771 CDL UB . -21.32 29.28 -7.64
H782 CDL UB . -21.35 29.65 -10.47
H781 CDL UB . -21.91 30.70 -9.43
H792 CDL UB . -23.71 29.69 -10.31
H791 CDL UB . -23.11 28.25 -10.08
H802 CDL UB . -24.58 29.78 -8.36
H801 CDL UB . -23.34 29.21 -7.60
H812 CDL UB . -24.59 27.22 -8.99
H811 CDL UB . -24.20 27.25 -7.46
H822 CDL UB . -26.13 28.66 -7.10
H821 CDL UB . -26.50 27.17 -7.50
H832 CDL UB . -26.73 27.90 -9.77
H831 CDL UB . -26.54 29.39 -9.28
H842 CDL UB . -28.47 29.19 -7.95
H841 CDL UB . -28.68 27.72 -8.47
H852 CDL UB . -28.73 29.99 -10.16
H851 CDL UB . -29.02 28.52 -10.66
H862 CDL UB . -31.05 29.66 -10.36
H861 CDL UB . -30.96 28.49 -9.29
H873 CDL UB . -31.61 30.71 -8.44
H872 CDL UB . -30.53 29.93 -7.60
H871 CDL UB . -30.09 31.09 -8.59
O12 PC1 VB . 42.28 -15.47 -20.46
P PC1 VB . 40.86 -15.92 -20.28
O14 PC1 VB . 39.98 -15.25 -21.31
O13 PC1 VB . 40.33 -15.54 -18.77
C11 PC1 VB . 41.18 -15.82 -17.71
C12 PC1 VB . 40.35 -15.79 -16.42
N PC1 VB . 41.00 -15.07 -15.33
C13 PC1 VB . 40.24 -15.24 -14.12
C14 PC1 VB . 42.34 -15.59 -15.12
C15 PC1 VB . 41.08 -13.67 -15.66
O11 PC1 VB . 40.78 -17.56 -20.41
C1 PC1 VB . 39.59 -18.14 -19.95
C2 PC1 VB . 39.04 -19.16 -20.95
O21 PC1 VB . 40.08 -19.89 -21.55
C21 PC1 VB . 39.67 -21.06 -22.22
O22 PC1 VB . 40.10 -21.27 -23.31
C22 PC1 VB . 38.69 -22.05 -21.61
C23 PC1 VB . 37.66 -22.47 -22.65
C24 PC1 VB . 36.47 -23.10 -21.94
C25 PC1 VB . 35.21 -23.00 -22.80
C26 PC1 VB . 34.01 -22.69 -21.92
C27 PC1 VB . 32.82 -22.30 -22.80
C28 PC1 VB . 32.30 -23.52 -23.54
C29 PC1 VB . 30.87 -23.27 -24.03
C2A PC1 VB . 30.89 -22.22 -25.13
C2B PC1 VB . 30.07 -22.72 -26.32
C2C PC1 VB . 28.58 -22.69 -25.97
C2D PC1 VB . 27.77 -22.68 -27.26
C2E PC1 VB . 26.30 -22.96 -26.93
C2F PC1 VB . 25.45 -22.80 -28.19
C2G PC1 VB . 24.12 -23.50 -28.00
C2H PC1 VB . 23.41 -23.63 -29.33
C2I PC1 VB . 22.30 -24.68 -29.22
C3 PC1 VB . 38.28 -18.44 -22.05
O31 PC1 VB . 36.97 -18.92 -22.12
C31 PC1 VB . 36.10 -17.98 -22.66
O32 PC1 VB . 36.21 -17.64 -23.79
C32 PC1 VB . 35.03 -17.36 -21.78
C33 PC1 VB . 33.79 -17.03 -22.61
C34 PC1 VB . 33.05 -18.31 -22.98
C35 PC1 VB . 31.70 -18.01 -23.65
C36 PC1 VB . 30.75 -17.33 -22.66
C37 PC1 VB . 29.62 -16.62 -23.39
C38 PC1 VB . 29.05 -15.51 -22.51
C39 PC1 VB . 28.38 -14.45 -23.39
C3A PC1 VB . 27.05 -14.02 -22.76
C3B PC1 VB . 26.04 -15.15 -22.84
C3C PC1 VB . 24.63 -14.58 -22.92
C3D PC1 VB . 23.66 -15.71 -23.29
C3E PC1 VB . 22.32 -15.12 -23.72
C3F PC1 VB . 21.53 -14.71 -22.49
C3G PC1 VB . 20.40 -13.74 -22.88
C3H PC1 VB . 19.86 -13.05 -21.63
C3I PC1 VB . 20.96 -12.32 -20.87
H111 PC1 VB . 41.88 -15.17 -17.72
H112 PC1 VB . 41.56 -16.70 -17.83
H121 PC1 VB . 40.20 -16.71 -16.13
H122 PC1 VB . 39.52 -15.35 -16.61
H131 PC1 VB . 39.44 -14.69 -14.16
H132 PC1 VB . 40.77 -14.97 -13.35
H133 PC1 VB . 39.99 -16.17 -14.02
H141 PC1 VB . 42.31 -16.55 -15.04
H142 PC1 VB . 42.92 -15.33 -15.85
H143 PC1 VB . 42.70 -15.22 -14.30
H151 PC1 VB . 40.18 -13.31 -15.74
H152 PC1 VB . 41.55 -13.53 -16.49
H153 PC1 VB . 41.54 -13.20 -14.94
H11 PC1 VB . 39.76 -18.60 -19.12
H12 PC1 VB . 38.93 -17.45 -19.82
H2 PC1 VB . 38.44 -19.73 -20.48
H221 PC1 VB . 39.19 -22.84 -21.33
H222 PC1 VB . 38.23 -21.71 -20.83
H231 PC1 VB . 38.05 -23.11 -23.27
H232 PC1 VB . 37.37 -21.69 -23.13
H241 PC1 VB . 36.30 -22.65 -21.10
H242 PC1 VB . 36.66 -24.04 -21.76
H251 PC1 VB . 35.32 -22.29 -23.46
H252 PC1 VB . 35.07 -23.85 -23.26
H261 PC1 VB . 34.23 -21.95 -21.34
H262 PC1 VB . 33.78 -23.47 -21.39
H271 PC1 VB . 33.11 -21.63 -23.46
H272 PC1 VB . 32.13 -21.92 -22.26
H281 PC1 VB . 32.30 -24.29 -22.94
H282 PC1 VB . 32.88 -23.69 -24.29
H291 PC1 VB . 30.49 -24.09 -24.37
H292 PC1 VB . 30.34 -22.95 -23.30
H2A1 PC1 VB . 30.53 -21.39 -24.81
H2A2 PC1 VB . 31.80 -22.09 -25.43
H2B1 PC1 VB . 30.23 -22.14 -27.07
H2B2 PC1 VB . 30.33 -23.62 -26.54
H2C1 PC1 VB . 28.39 -21.89 -25.47
H2C2 PC1 VB . 28.35 -23.47 -25.45
H2D1 PC1 VB . 28.09 -23.37 -27.86
H2D2 PC1 VB . 27.84 -21.82 -27.71
H2E1 PC1 VB . 26.20 -23.84 -26.58
H2E2 PC1 VB . 26.00 -22.31 -26.27
H2F1 PC1 VB . 25.92 -23.18 -28.95
H2F2 PC1 VB . 25.31 -21.85 -28.37
H2G1 PC1 VB . 24.28 -24.39 -27.63
H2G2 PC1 VB . 23.57 -22.99 -27.38
H2H1 PC1 VB . 24.04 -23.92 -30.01
H2H2 PC1 VB . 23.02 -22.78 -29.59
H2I1 PC1 VB . 21.83 -24.74 -30.07
H2I2 PC1 VB . 22.69 -25.54 -29.00
H2I3 PC1 VB . 21.67 -24.41 -28.53
H31 PC1 VB . 38.25 -17.49 -21.86
H32 PC1 VB . 38.72 -18.60 -22.90
H321 PC1 VB . 34.79 -18.01 -21.10
H322 PC1 VB . 35.36 -16.56 -21.36
H331 PC1 VB . 33.24 -16.43 -22.09
H332 PC1 VB . 34.08 -16.58 -23.42
H341 PC1 VB . 33.59 -18.84 -23.59
H342 PC1 VB . 32.88 -18.80 -22.17
H351 PC1 VB . 31.30 -18.84 -23.94
H352 PC1 VB . 31.85 -17.43 -24.41
H361 PC1 VB . 30.37 -17.99 -22.08
H362 PC1 VB . 31.22 -16.66 -22.14
H371 PC1 VB . 29.95 -16.22 -24.22
H372 PC1 VB . 28.92 -17.26 -23.61
H381 PC1 VB . 29.77 -15.09 -22.00
H382 PC1 VB . 28.41 -15.89 -21.90
H391 PC1 VB . 28.22 -14.82 -24.27
H392 PC1 VB . 28.97 -13.68 -23.45
H3A1 PC1 VB . 27.21 -13.79 -21.83
H3A2 PC1 VB . 26.72 -13.24 -23.23
H3B1 PC1 VB . 26.11 -15.72 -22.07
H3B2 PC1 VB . 26.21 -15.68 -23.64
H3C1 PC1 VB . 24.38 -14.20 -22.07
H3C2 PC1 VB . 24.59 -13.89 -23.60
H3D1 PC1 VB . 23.51 -16.24 -22.49
H3D2 PC1 VB . 24.03 -16.26 -23.98
H3E1 PC1 VB . 21.81 -15.80 -24.21
H3E2 PC1 VB . 22.47 -14.36 -24.30
H3F1 PC1 VB . 22.14 -14.29 -21.87
H3F2 PC1 VB . 21.15 -15.48 -22.08
H3G1 PC1 VB . 19.69 -14.21 -23.33
H3G2 PC1 VB . 20.78 -13.06 -23.47
H3H1 PC1 VB . 19.18 -12.41 -21.89
H3H2 PC1 VB . 19.46 -13.72 -21.05
H3I1 PC1 VB . 21.66 -12.06 -21.47
H3I2 PC1 VB . 20.57 -11.53 -20.46
H3I3 PC1 VB . 21.30 -12.90 -20.18
P PO4 WB . 4.89 20.78 -17.52
O1 PO4 WB . 4.60 19.30 -17.60
O2 PO4 WB . 5.16 21.33 -18.89
O3 PO4 WB . 6.09 21.00 -16.63
O4 PO4 WB . 3.69 21.48 -16.92
C1 CDL XB . 1.90 10.12 -41.86
O1 CDL XB . 2.32 11.43 -42.11
CA2 CDL XB . 2.60 9.17 -42.82
OA2 CDL XB . 1.79 8.81 -43.89
PA1 CDL XB . 1.47 7.20 -44.07
OA3 CDL XB . 0.68 6.98 -45.33
OA4 CDL XB . 2.74 6.41 -44.13
OA5 CDL XB . 0.58 6.72 -42.76
CA3 CDL XB . -0.36 5.71 -42.94
CA4 CDL XB . -1.42 5.88 -41.85
OA6 CDL XB . -1.10 5.02 -40.79
CA5 CDL XB . -1.62 3.74 -40.86
OA7 CDL XB . -1.33 3.03 -41.77
C11 CDL XB . -2.53 3.26 -39.73
C12 CDL XB . -2.92 1.81 -39.96
C13 CDL XB . -3.03 1.07 -38.63
C14 CDL XB . -2.91 -0.43 -38.85
C15 CDL XB . -4.10 -0.95 -39.66
C16 CDL XB . -3.88 -2.41 -40.05
C17 CDL XB . -3.76 -3.30 -38.83
C18 CDL XB . -3.36 -4.70 -39.24
C19 CDL XB . -3.52 -5.64 -38.05
C20 CDL XB . -4.85 -6.37 -38.11
C21 CDL XB . -5.80 -5.77 -37.07
C22 CDL XB . -7.19 -6.36 -37.23
C23 CDL XB . -8.22 -5.26 -37.43
C24 CDL XB . -7.93 -4.49 -38.71
C25 CDL XB . -9.23 -3.90 -39.28
C26 CDL XB . -8.99 -3.43 -40.71
C27 CDL XB . -10.33 -3.16 -41.39
CA6 CDL XB . -2.83 5.66 -42.41
OA8 CDL XB . -2.83 4.81 -43.52
CA7 CDL XB . -4.12 4.46 -43.96
OA9 CDL XB . -4.50 4.81 -45.03
C31 CDL XB . -5.05 3.65 -43.07
C32 CDL XB . -5.39 2.34 -43.78
C33 CDL XB . -6.11 1.38 -42.81
C34 CDL XB . -6.78 0.19 -43.50
C35 CDL XB . -7.65 0.62 -44.68
C36 CDL XB . -7.91 -0.54 -45.63
C37 CDL XB . -9.07 -1.40 -45.12
C38 CDL XB . -9.46 -2.39 -46.21
C39 CDL XB . -10.98 -2.57 -46.22
C40 CDL XB . -11.36 -3.57 -47.33
C41 CDL XB . -12.82 -3.37 -47.71
C42 CDL XB . -13.75 -4.03 -46.68
C43 CDL XB . -15.19 -4.18 -47.21
C44 CDL XB . -15.26 -4.98 -48.52
C45 CDL XB . -16.59 -4.68 -49.23
C46 CDL XB . -17.47 -5.93 -49.29
C47 CDL XB . -18.47 -5.90 -48.14
CB2 CDL XB . 0.39 10.04 -42.02
OB2 CDL XB . -0.23 10.81 -41.06
PB2 CDL XB . -1.80 10.46 -40.70
OB3 CDL XB . -1.90 9.46 -39.56
OB4 CDL XB . -2.50 11.73 -40.31
OB5 CDL XB . -2.50 9.81 -42.04
CB3 CDL XB . -3.55 10.48 -42.66
CB4 CDL XB . -4.66 9.49 -42.93
OB6 CDL XB . -5.22 9.74 -44.19
CB5 CDL XB . -4.71 8.99 -45.24
OB7 CDL XB . -3.82 8.22 -45.07
C51 CDL XB . -5.33 9.16 -46.62
C52 CDL XB . -5.05 7.95 -47.49
C53 CDL XB . -5.08 8.38 -48.95
C54 CDL XB . -5.06 7.17 -49.88
C55 CDL XB . -6.18 6.20 -49.52
C56 CDL XB . -6.43 5.23 -50.66
C57 CDL XB . -7.09 3.99 -50.08
C58 CDL XB . -6.02 3.10 -49.44
C59 CDL XB . -6.71 2.00 -48.62
C60 CDL XB . -5.75 0.84 -48.39
C61 CDL XB . -5.67 -0.01 -49.66
C62 CDL XB . -4.74 -1.19 -49.42
C63 CDL XB . -5.10 -2.37 -50.32
C64 CDL XB . -6.46 -2.95 -49.93
C65 CDL XB . -6.30 -3.83 -48.69
C66 CDL XB . -7.62 -4.51 -48.34
C67 CDL XB . -8.10 -5.39 -49.50
CB6 CDL XB . -5.77 9.62 -41.90
OB8 CDL XB . -5.81 8.48 -41.10
CB7 CDL XB . -6.46 7.39 -41.68
OB9 CDL XB . -5.85 6.58 -42.29
C71 CDL XB . -7.96 7.27 -41.50
C72 CDL XB . -8.20 6.18 -40.47
C73 CDL XB . -8.20 4.79 -41.12
C74 CDL XB . -7.75 3.70 -40.14
C75 CDL XB . -6.44 4.07 -39.47
C76 CDL XB . -6.08 3.05 -38.38
C77 CDL XB . -5.33 3.73 -37.23
C78 CDL XB . -6.16 4.83 -36.57
C79 CDL XB . -7.19 4.21 -35.64
C80 CDL XB . -7.29 5.09 -34.39
C81 CDL XB . -8.15 4.42 -33.33
C82 CDL XB . -9.60 4.88 -33.43
C83 CDL XB . -10.50 4.27 -32.35
C84 CDL XB . -9.82 4.20 -30.97
C85 CDL XB . -9.97 5.51 -30.21
C86 CDL XB . -8.98 5.52 -29.05
C87 CDL XB . -9.25 6.69 -28.13
H1 CDL XB . 2.13 9.88 -40.95
H1O1 CDL XB . 2.87 11.66 -41.51
HA22 CDL XB . 2.85 8.38 -42.33
HA21 CDL XB . 3.40 9.59 -43.16
HA32 CDL XB . -0.77 5.80 -43.81
HA31 CDL XB . 0.06 4.85 -42.86
HA4 CDL XB . -1.37 6.79 -41.52
H112 CDL XB . -2.06 3.35 -38.89
H111 CDL XB . -3.33 3.80 -39.74
H122 CDL XB . -3.77 1.77 -40.41
H121 CDL XB . -2.26 1.36 -40.50
H132 CDL XB . -2.31 1.36 -38.04
H131 CDL XB . -3.87 1.26 -38.21
H142 CDL XB . -2.10 -0.63 -39.32
H141 CDL XB . -2.89 -0.86 -37.98
H152 CDL XB . -4.91 -0.87 -39.13
H151 CDL XB . -4.20 -0.43 -40.47
H162 CDL XB . -3.07 -2.48 -40.58
H161 CDL XB . -4.63 -2.72 -40.58
H172 CDL XB . -4.62 -3.33 -38.37
H171 CDL XB . -3.09 -2.97 -38.22
H182 CDL XB . -2.45 -4.73 -39.57
H181 CDL XB . -3.95 -4.99 -39.97
H192 CDL XB . -2.81 -6.30 -38.07
H191 CDL XB . -3.45 -5.14 -37.23
H202 CDL XB . -4.72 -7.30 -37.91
H201 CDL XB . -5.25 -6.29 -38.99
H212 CDL XB . -5.83 -4.81 -37.19
H211 CDL XB . -5.46 -5.96 -36.18
H222 CDL XB . -7.41 -6.90 -36.46
H221 CDL XB . -7.17 -6.92 -38.03
H232 CDL XB . -9.10 -5.67 -37.49
H231 CDL XB . -8.19 -4.66 -36.67
H242 CDL XB . -7.32 -3.76 -38.52
H241 CDL XB . -7.54 -5.08 -39.37
H252 CDL XB . -9.51 -3.16 -38.72
H251 CDL XB . -9.91 -4.58 -39.27
H262 CDL XB . -8.47 -2.61 -40.69
H261 CDL XB . -8.51 -4.11 -41.20
H273 CDL XB . -10.18 -2.95 -42.33
H272 CDL XB . -10.90 -3.94 -41.31
H271 CDL XB . -10.76 -2.40 -40.96
HA62 CDL XB . -3.17 6.52 -42.69
HA61 CDL XB . -3.41 5.31 -41.72
H312 CDL XB . -5.86 4.15 -42.89
H311 CDL XB . -4.61 3.44 -42.23
H322 CDL XB . -4.57 1.93 -44.09
H321 CDL XB . -5.93 2.61 -44.53
H332 CDL XB . -5.44 1.04 -42.20
H331 CDL XB . -6.78 1.88 -42.33
H342 CDL XB . -6.09 -0.41 -43.82
H341 CDL XB . -7.34 -0.27 -42.85
H352 CDL XB . -7.25 1.31 -45.24
H351 CDL XB . -8.51 0.94 -44.34
H362 CDL XB . -7.12 -1.09 -45.69
H361 CDL XB . -8.14 -0.19 -46.50
H372 CDL XB . -9.83 -0.83 -44.89
H371 CDL XB . -8.80 -1.89 -44.32
H382 CDL XB . -9.18 -2.05 -47.07
H381 CDL XB . -9.03 -3.24 -46.04
H392 CDL XB . -11.41 -1.72 -46.38
H391 CDL XB . -11.27 -2.92 -45.36
H402 CDL XB . -11.24 -4.47 -46.98
H401 CDL XB . -10.80 -3.44 -48.10
H412 CDL XB . -13.02 -2.42 -47.73
H411 CDL XB . -12.93 -3.72 -48.60
H422 CDL XB . -13.77 -3.48 -45.89
H421 CDL XB . -13.40 -4.91 -46.47
H432 CDL XB . -15.54 -3.30 -47.38
H431 CDL XB . -15.71 -4.64 -46.54
H442 CDL XB . -14.57 -4.75 -49.15
H441 CDL XB . -15.21 -5.93 -48.32
H452 CDL XB . -16.39 -4.39 -50.14
H451 CDL XB . -17.06 -3.97 -48.77
H462 CDL XB . -17.96 -5.91 -50.13
H461 CDL XB . -16.94 -6.72 -49.25
H473 CDL XB . -18.95 -5.05 -48.14
H472 CDL XB . -19.11 -6.62 -48.26
H471 CDL XB . -18.00 -6.01 -47.30
HB22 CDL XB . 0.15 10.37 -42.91
HB21 CDL XB . 0.12 9.12 -41.93
HB32 CDL XB . -3.24 10.84 -43.49
HB31 CDL XB . -3.86 11.20 -42.09
HB4 CDL XB . -4.32 8.59 -42.91
H512 CDL XB . -4.93 9.94 -47.04
H511 CDL XB . -6.28 9.29 -46.53
H522 CDL XB . -5.74 7.29 -47.30
H521 CDL XB . -4.19 7.57 -47.28
H532 CDL XB . -4.29 8.92 -49.12
H531 CDL XB . -5.87 8.90 -49.12
H542 CDL XB . -5.17 7.46 -50.79
H541 CDL XB . -4.21 6.71 -49.78
H552 CDL XB . -6.99 6.71 -49.35
H551 CDL XB . -5.94 5.70 -48.73
H562 CDL XB . -5.60 5.01 -51.09
H561 CDL XB . -7.03 5.65 -51.30
H572 CDL XB . -7.74 4.23 -49.42
H571 CDL XB . -7.52 3.48 -50.79
H582 CDL XB . -5.49 2.70 -50.14
H581 CDL XB . -5.46 3.62 -48.86
H592 CDL XB . -7.50 1.70 -49.10
H591 CDL XB . -6.97 2.38 -47.76
H602 CDL XB . -4.87 1.17 -48.17
H601 CDL XB . -6.09 0.29 -47.67
H612 CDL XB . -5.29 0.53 -50.37
H611 CDL XB . -6.55 -0.27 -49.93
H622 CDL XB . -3.84 -0.92 -49.61
H621 CDL XB . -4.82 -1.47 -48.50
H632 CDL XB . -4.43 -3.05 -50.20
H631 CDL XB . -5.11 -2.09 -51.24
H642 CDL XB . -7.11 -2.27 -49.75
H641 CDL XB . -6.77 -3.49 -50.67
H652 CDL XB . -5.64 -4.50 -48.87
H651 CDL XB . -6.02 -3.28 -47.94
H662 CDL XB . -8.30 -3.85 -48.17
H661 CDL XB . -7.49 -5.07 -47.57
H673 CDL XB . -7.35 -5.90 -49.85
H672 CDL XB . -8.78 -6.00 -49.18
H671 CDL XB . -8.47 -4.83 -50.20
HB62 CDL XB . -5.60 10.39 -41.34
HB61 CDL XB . -6.63 9.73 -42.34
H712 CDL XB . -8.38 7.04 -42.34
H711 CDL XB . -8.32 8.11 -41.18
H722 CDL XB . -7.56 6.32 -39.77
H721 CDL XB . -9.09 6.32 -40.11
H732 CDL XB . -9.11 4.59 -41.39
H731 CDL XB . -7.62 4.79 -41.88
H742 CDL XB . -8.45 3.58 -39.46
H741 CDL XB . -7.64 2.86 -40.62
H752 CDL XB . -5.75 3.99 -40.14
H751 CDL XB . -6.40 4.95 -39.11
H762 CDL XB . -5.53 2.37 -38.78
H761 CDL XB . -6.90 2.65 -38.03
H772 CDL XB . -5.12 3.05 -36.57
H771 CDL XB . -4.51 4.11 -37.57
H782 CDL XB . -5.57 5.39 -36.06
H781 CDL XB . -6.63 5.39 -37.20
H792 CDL XB . -8.05 4.16 -36.06
H791 CDL XB . -6.91 3.33 -35.38
H802 CDL XB . -6.40 5.26 -34.03
H801 CDL XB . -7.71 5.93 -34.64
H812 CDL XB . -8.08 3.45 -33.37
H811 CDL XB . -7.76 4.73 -32.50
H822 CDL XB . -9.61 5.85 -33.35
H821 CDL XB . -9.93 4.61 -34.29
H832 CDL XB . -11.27 4.84 -32.27
H831 CDL XB . -10.76 3.38 -32.62
H842 CDL XB . -10.31 3.54 -30.47
H841 CDL XB . -8.91 3.91 -30.99
H852 CDL XB . -10.86 5.58 -29.85
H851 CDL XB . -9.78 6.27 -30.80
H862 CDL XB . -9.06 4.69 -28.55
H861 CDL XB . -8.07 5.59 -29.40
H873 CDL XB . -10.18 6.68 -27.85
H872 CDL XB . -8.68 6.63 -27.35
H871 CDL XB . -9.07 7.52 -28.59
C1 CDL YB . 13.20 -21.85 -48.91
O1 CDL YB . 13.24 -20.51 -48.53
CA2 CDL YB . 13.52 -22.72 -47.69
OA2 CDL YB . 14.62 -23.54 -47.94
PA1 CDL YB . 15.12 -24.54 -46.74
OA3 CDL YB . 16.18 -25.47 -47.25
OA4 CDL YB . 15.66 -23.75 -45.58
OA5 CDL YB . 13.80 -25.39 -46.24
CA3 CDL YB . 13.97 -26.42 -45.31
CA4 CDL YB . 12.62 -27.09 -45.07
OA6 CDL YB . 12.84 -28.37 -44.55
CA5 CDL YB . 13.32 -28.39 -43.24
OA7 CDL YB . 13.01 -27.55 -42.47
C11 CDL YB . 14.28 -29.49 -42.80
C12 CDL YB . 14.18 -29.72 -41.29
C13 CDL YB . 12.85 -30.40 -40.97
C14 CDL YB . 12.66 -30.45 -39.44
C15 CDL YB . 12.81 -31.88 -38.91
C16 CDL YB . 11.79 -32.82 -39.55
C17 CDL YB . 12.46 -34.12 -40.01
C18 CDL YB . 12.36 -35.22 -38.96
C19 CDL YB . 10.90 -35.71 -38.84
C20 CDL YB . 10.85 -36.80 -37.78
C21 CDL YB . 9.38 -37.11 -37.43
C22 CDL YB . 8.99 -38.52 -37.86
C23 CDL YB . 9.90 -39.59 -37.24
C24 CDL YB . 9.38 -41.00 -37.52
C25 CDL YB . 9.07 -41.23 -39.00
C26 CDL YB . 8.17 -42.45 -39.15
C27 CDL YB . 8.91 -43.71 -38.71
CA6 CDL YB . 11.83 -27.20 -46.38
OA8 CDL YB . 10.48 -27.39 -46.07
CA7 CDL YB . 9.96 -28.61 -46.51
OA9 CDL YB . 10.28 -29.08 -47.54
C31 CDL YB . 8.95 -29.35 -45.62
C32 CDL YB . 9.56 -30.69 -45.24
C33 CDL YB . 8.53 -31.55 -44.53
C34 CDL YB . 8.84 -33.02 -44.80
C35 CDL YB . 10.23 -33.39 -44.26
C36 CDL YB . 10.49 -34.85 -44.57
C37 CDL YB . 11.37 -35.49 -43.49
C38 CDL YB . 11.80 -36.91 -43.88
C39 CDL YB . 10.58 -37.76 -44.22
C40 CDL YB . 11.01 -39.10 -44.84
C41 CDL YB . 9.79 -39.92 -45.31
C42 CDL YB . 8.86 -39.13 -46.25
C43 CDL YB . 7.46 -39.74 -46.21
C44 CDL YB . 6.42 -38.60 -46.30
C45 CDL YB . 5.02 -39.17 -46.09
C46 CDL YB . 4.03 -38.02 -45.92
C47 CDL YB . 2.78 -38.52 -45.21
CB2 CDL YB . 14.21 -22.10 -50.02
OB2 CDL YB . 15.27 -21.20 -49.96
PB2 CDL YB . 16.25 -21.19 -51.27
OB3 CDL YB . 17.58 -20.56 -50.92
OB4 CDL YB . 15.62 -20.39 -52.38
OB5 CDL YB . 16.46 -22.75 -51.74
CB3 CDL YB . 16.15 -23.14 -53.05
CB4 CDL YB . 14.92 -24.04 -53.10
OB6 CDL YB . 14.74 -24.72 -51.89
CB5 CDL YB . 13.48 -25.30 -51.73
OB7 CDL YB . 13.39 -26.44 -51.42
C51 CDL YB . 12.22 -24.48 -51.98
C52 CDL YB . 11.05 -24.96 -51.13
C53 CDL YB . 9.96 -23.90 -51.17
C54 CDL YB . 8.69 -24.40 -50.50
C55 CDL YB . 7.78 -25.08 -51.54
C56 CDL YB . 6.42 -25.40 -50.94
C57 CDL YB . 5.65 -24.14 -50.52
C58 CDL YB . 4.33 -24.55 -49.87
C59 CDL YB . 3.33 -25.09 -50.90
C60 CDL YB . 2.24 -25.92 -50.21
C61 CDL YB . 2.81 -27.21 -49.60
C62 CDL YB . 3.41 -28.12 -50.68
C63 CDL YB . 4.59 -28.90 -50.09
C64 CDL YB . 4.12 -29.82 -48.98
C65 CDL YB . 5.22 -30.83 -48.69
C66 CDL YB . 4.70 -31.96 -47.81
C67 CDL YB . 4.74 -31.51 -46.35
CB6 CDL YB . 15.07 -25.06 -54.22
OB8 CDL YB . 13.88 -25.11 -54.94
CB7 CDL YB . 13.89 -25.93 -56.06
OB9 CDL YB . 14.91 -26.13 -56.64
C71 CDL YB . 12.60 -26.60 -56.52
C72 CDL YB . 11.43 -25.94 -55.80
C73 CDL YB . 10.24 -26.89 -55.70
C74 CDL YB . 9.22 -26.29 -54.74
C75 CDL YB . 8.48 -25.11 -55.38
C76 CDL YB . 7.67 -25.54 -56.59
C77 CDL YB . 8.04 -24.70 -57.82
C78 CDL YB . 7.16 -25.05 -59.02
C79 CDL YB . 7.10 -26.57 -59.26
C80 CDL YB . 6.20 -26.98 -60.44
C81 CDL YB . 4.81 -26.34 -60.34
C82 CDL YB . 4.11 -26.36 -61.70
C83 CDL YB . 3.62 -27.76 -62.07
C84 CDL YB . 2.62 -28.33 -61.06
C85 CDL YB . 1.30 -27.56 -61.06
C86 CDL YB . 0.34 -28.18 -60.05
C87 CDL YB . 0.02 -29.63 -60.39
H1 CDL YB . 12.32 -22.07 -49.23
H1O1 CDL YB . 12.48 -20.16 -48.68
HA22 CDL YB . 13.71 -22.15 -46.94
HA21 CDL YB . 12.75 -23.28 -47.50
HA32 CDL YB . 14.59 -27.07 -45.65
HA31 CDL YB . 14.28 -26.05 -44.48
HA4 CDL YB . 12.11 -26.56 -44.44
H112 CDL YB . 15.18 -29.24 -43.03
H111 CDL YB . 14.04 -30.31 -43.26
H122 CDL YB . 14.23 -28.87 -40.84
H121 CDL YB . 14.91 -30.28 -41.00
H132 CDL YB . 12.13 -29.91 -41.37
H131 CDL YB . 12.88 -31.30 -41.34
H142 CDL YB . 11.76 -30.15 -39.25
H141 CDL YB . 13.30 -29.88 -39.01
H152 CDL YB . 12.65 -31.87 -37.95
H151 CDL YB . 13.71 -32.19 -39.08
H162 CDL YB . 11.13 -33.03 -38.88
H161 CDL YB . 11.35 -32.41 -40.31
H172 CDL YB . 12.02 -34.43 -40.81
H171 CDL YB . 13.41 -33.96 -40.20
H182 CDL YB . 12.65 -34.88 -38.10
H181 CDL YB . 12.92 -35.97 -39.21
H192 CDL YB . 10.32 -34.98 -38.59
H191 CDL YB . 10.62 -36.07 -39.69
H202 CDL YB . 11.28 -37.58 -38.17
H201 CDL YB . 11.32 -36.53 -36.98
H212 CDL YB . 8.79 -36.46 -37.85
H211 CDL YB . 9.29 -37.06 -36.46
H222 CDL YB . 8.07 -38.69 -37.60
H221 CDL YB . 9.07 -38.54 -38.83
H232 CDL YB . 9.92 -39.45 -36.28
H231 CDL YB . 10.80 -39.53 -37.60
H242 CDL YB . 8.57 -41.15 -37.01
H241 CDL YB . 10.06 -41.64 -37.25
H252 CDL YB . 9.90 -41.40 -39.47
H251 CDL YB . 8.61 -40.50 -39.43
H262 CDL YB . 7.91 -42.55 -40.08
H261 CDL YB . 7.37 -42.34 -38.61
H273 CDL YB . 9.78 -43.74 -39.15
H272 CDL YB . 8.41 -44.49 -38.96
H271 CDL YB . 9.03 -43.69 -37.75
HA62 CDL YB . 12.17 -27.95 -46.89
HA61 CDL YB . 11.93 -26.39 -46.91
H312 CDL YB . 8.78 -28.83 -44.82
H311 CDL YB . 8.12 -29.48 -46.10
H322 CDL YB . 10.32 -30.54 -44.66
H321 CDL YB . 9.86 -31.15 -46.05
H332 CDL YB . 8.56 -31.38 -43.57
H331 CDL YB . 7.65 -31.35 -44.86
H342 CDL YB . 8.17 -33.58 -44.37
H341 CDL YB . 8.82 -33.17 -45.75
H352 CDL YB . 10.91 -32.84 -44.69
H351 CDL YB . 10.26 -33.24 -43.30
H362 CDL YB . 9.61 -35.28 -44.58
H361 CDL YB . 10.91 -34.94 -45.45
H372 CDL YB . 12.16 -34.94 -43.36
H371 CDL YB . 10.86 -35.53 -42.67
H382 CDL YB . 12.38 -36.86 -44.66
H381 CDL YB . 12.27 -37.31 -43.13
H392 CDL YB . 10.06 -37.28 -44.86
H391 CDL YB . 10.08 -37.94 -43.41
H402 CDL YB . 11.59 -38.93 -45.60
H401 CDL YB . 11.47 -39.61 -44.15
H412 CDL YB . 10.11 -40.69 -45.79
H411 CDL YB . 9.29 -40.19 -44.53
H422 CDL YB . 8.74 -38.20 -46.01
H421 CDL YB . 9.19 -39.20 -47.15
H432 CDL YB . 7.31 -40.23 -45.40
H431 CDL YB . 7.34 -40.34 -46.97
H442 CDL YB . 6.48 -38.19 -47.18
H441 CDL YB . 6.61 -37.95 -45.61
H452 CDL YB . 4.76 -39.70 -46.86
H451 CDL YB . 5.01 -39.72 -45.29
H462 CDL YB . 3.79 -37.67 -46.80
H461 CDL YB . 4.44 -37.31 -45.40
H473 CDL YB . 2.30 -39.12 -45.80
H472 CDL YB . 3.03 -38.98 -44.40
H471 CDL YB . 2.20 -37.77 -44.99
HB22 CDL YB . 13.76 -21.94 -50.87
HB21 CDL YB . 14.53 -23.00 -50.02
HB32 CDL YB . 16.91 -23.63 -53.41
HB31 CDL YB . 15.98 -22.36 -53.59
HB4 CDL YB . 14.15 -23.49 -53.27
H512 CDL YB . 12.40 -23.56 -51.76
H511 CDL YB . 11.98 -24.56 -52.92
H522 CDL YB . 10.71 -25.80 -51.47
H521 CDL YB . 11.34 -25.08 -50.22
H532 CDL YB . 9.76 -23.67 -52.10
H531 CDL YB . 10.27 -23.12 -50.71
H542 CDL YB . 8.92 -25.03 -49.80
H541 CDL YB . 8.24 -23.64 -50.11
H552 CDL YB . 8.21 -25.91 -51.81
H551 CDL YB . 7.68 -24.50 -52.31
H562 CDL YB . 5.90 -25.87 -51.61
H561 CDL YB . 6.55 -25.95 -50.16
H572 CDL YB . 5.47 -23.60 -51.32
H571 CDL YB . 6.15 -23.61 -49.88
H582 CDL YB . 4.54 -25.23 -49.21
H581 CDL YB . 3.94 -23.78 -49.45
H592 CDL YB . 2.91 -24.34 -51.35
H591 CDL YB . 3.79 -25.61 -51.57
H602 CDL YB . 1.87 -25.38 -49.49
H601 CDL YB . 1.56 -26.15 -50.86
H612 CDL YB . 2.07 -27.70 -49.18
H611 CDL YB . 3.48 -27.02 -48.93
H622 CDL YB . 2.73 -28.75 -50.96
H621 CDL YB . 3.71 -27.63 -51.45
H632 CDL YB . 5.01 -29.42 -50.79
H631 CDL YB . 5.24 -28.28 -49.73
H642 CDL YB . 3.93 -29.31 -48.18
H641 CDL YB . 3.32 -30.29 -49.26
H652 CDL YB . 5.97 -30.39 -48.25
H651 CDL YB . 5.53 -31.20 -49.53
H662 CDL YB . 3.78 -32.16 -48.05
H661 CDL YB . 5.25 -32.74 -47.93
H673 CDL YB . 5.62 -31.17 -46.14
H672 CDL YB . 4.07 -30.83 -46.20
H671 CDL YB . 4.56 -32.27 -45.78
HB62 CDL YB . 15.26 -25.94 -53.85
HB61 CDL YB . 15.77 -24.78 -54.81
H712 CDL YB . 12.51 -26.49 -57.48
H711 CDL YB . 12.64 -27.54 -56.30
H722 CDL YB . 11.18 -25.14 -56.28
H721 CDL YB . 11.71 -25.71 -54.89
H732 CDL YB . 10.53 -27.74 -55.37
H731 CDL YB . 9.87 -27.00 -56.60
H742 CDL YB . 8.57 -26.96 -54.48
H741 CDL YB . 9.70 -25.96 -53.95
H752 CDL YB . 9.13 -24.44 -55.64
H751 CDL YB . 7.87 -24.73 -54.71
H762 CDL YB . 7.82 -26.48 -56.75
H761 CDL YB . 6.73 -25.40 -56.39
H772 CDL YB . 8.98 -24.86 -58.04
H771 CDL YB . 7.91 -23.77 -57.60
H782 CDL YB . 7.53 -24.63 -59.81
H781 CDL YB . 6.29 -24.69 -58.82
H792 CDL YB . 6.70 -26.99 -58.48
H791 CDL YB . 7.98 -26.91 -59.41
H802 CDL YB . 6.10 -27.94 -60.43
H801 CDL YB . 6.62 -26.68 -61.26
H812 CDL YB . 4.84 -25.40 -60.09
H811 CDL YB . 4.30 -26.82 -59.66
H822 CDL YB . 4.72 -26.04 -62.38
H821 CDL YB . 3.34 -25.75 -61.65
H832 CDL YB . 3.17 -27.69 -62.93
H831 CDL YB . 4.38 -28.35 -62.14
H842 CDL YB . 2.98 -28.36 -60.16
H841 CDL YB . 2.45 -29.24 -61.33
H852 CDL YB . 0.91 -27.60 -61.96
H851 CDL YB . 1.46 -26.64 -60.80
H862 CDL YB . -0.49 -27.68 -60.05
H861 CDL YB . 0.75 -28.15 -59.17
H873 CDL YB . -0.74 -29.93 -59.87
H872 CDL YB . -0.19 -29.71 -61.33
H871 CDL YB . 0.79 -30.20 -60.18
C45 UQ8 ZB . -10.13 8.26 -46.26
C44 UQ8 ZB . -9.99 6.92 -45.52
C46 UQ8 ZB . -8.77 6.06 -45.83
C43 UQ8 ZB . -10.90 6.54 -44.65
C42 UQ8 ZB . -10.75 5.19 -43.92
C41 UQ8 ZB . -12.07 4.82 -43.24
C39 UQ8 ZB . -12.36 3.31 -43.25
C40 UQ8 ZB . -11.71 2.34 -44.25
C38 UQ8 ZB . -13.20 2.86 -42.33
C37 UQ8 ZB . -13.60 1.39 -42.18
C36 UQ8 ZB . -15.03 1.30 -41.64
C34 UQ8 ZB . -15.16 0.09 -40.70
C35 UQ8 ZB . -15.39 -1.27 -41.32
C33 UQ8 ZB . -15.07 0.18 -39.40
C32 UQ8 ZB . -14.85 1.50 -38.65
C31 UQ8 ZB . -13.36 1.59 -38.34
C29 UQ8 ZB . -13.08 1.84 -36.86
C30 UQ8 ZB . -12.17 3.01 -36.48
C28 UQ8 ZB . -13.57 1.05 -35.93
C27 UQ8 ZB . -13.24 1.33 -34.46
C26 UQ8 ZB . -12.34 0.21 -33.94
C24 UQ8 ZB . -10.96 0.30 -34.59
C25 UQ8 ZB . -10.70 -0.33 -35.95
C23 UQ8 ZB . -9.97 0.89 -33.94
C22 UQ8 ZB . -8.57 0.96 -34.55
C21 UQ8 ZB . -7.60 0.36 -33.54
C19 UQ8 ZB . -6.31 -0.14 -34.19
C20 UQ8 ZB . -5.39 0.82 -34.93
C18 UQ8 ZB . -5.97 -1.40 -34.06
C17 UQ8 ZB . -4.66 -1.88 -34.67
C16 UQ8 ZB . -4.44 -3.31 -34.21
C14 UQ8 ZB . -2.95 -3.66 -34.23
C15 UQ8 ZB . -2.43 -4.56 -33.12
C13 UQ8 ZB . -2.16 -3.18 -35.17
C12 UQ8 ZB . -0.66 -3.50 -35.22
C11 UQ8 ZB . -0.17 -3.44 -36.65
C9 UQ8 ZB . 1.27 -3.94 -36.74
C10 UQ8 ZB . 2.39 -2.96 -36.41
C8 UQ8 ZB . 1.51 -5.18 -37.11
C7 UQ8 ZB . 2.95 -5.71 -37.21
C6 UQ8 ZB . 3.21 -6.38 -38.55
C1 UQ8 ZB . 2.95 -7.88 -38.74
C1M UQ8 ZB . 2.41 -8.72 -37.60
C2 UQ8 ZB . 3.24 -8.54 -40.08
O2 UQ8 ZB . 3.02 -9.70 -40.22
C3 UQ8 ZB . 3.78 -7.72 -41.24
O3 UQ8 ZB . 4.04 -8.33 -42.47
C3M UQ8 ZB . 2.94 -8.46 -43.31
C4 UQ8 ZB . 4.05 -6.23 -41.04
O4 UQ8 ZB . 4.54 -5.47 -42.11
C4M UQ8 ZB . 5.93 -5.55 -42.21
C5 UQ8 ZB . 3.77 -5.56 -39.70
O5 UQ8 ZB . 3.97 -4.41 -39.57
H45 UQ8 ZB . -10.78 8.81 -45.79
H45A UQ8 ZB . -9.27 8.71 -46.26
H45B UQ8 ZB . -10.42 8.10 -47.16
H46 UQ8 ZB . -8.22 6.51 -46.50
H46A UQ8 ZB . -8.27 5.93 -45.02
H46B UQ8 ZB . -9.07 5.20 -46.18
H43 UQ8 ZB . -11.63 7.08 -44.48
H42 UQ8 ZB . -10.44 4.55 -44.55
H42A UQ8 ZB . -10.07 5.32 -43.23
H41 UQ8 ZB . -12.06 5.13 -42.33
H41A UQ8 ZB . -12.78 5.25 -43.74
H40 UQ8 ZB . -11.45 2.83 -45.05
H40A UQ8 ZB . -12.36 1.69 -44.53
H40B UQ8 ZB . -10.95 1.90 -43.85
H38 UQ8 ZB . -13.57 3.48 -41.74
H37 UQ8 ZB . -13.58 0.91 -43.02
H37A UQ8 ZB . -12.99 0.95 -41.56
H36 UQ8 ZB . -15.64 1.18 -42.39
H36A UQ8 ZB . -15.26 2.13 -41.21
H35 UQ8 ZB . -16.27 -1.61 -41.07
H35A UQ8 ZB . -14.71 -1.89 -41.00
H35B UQ8 ZB . -15.32 -1.21 -42.29
H33 UQ8 ZB . -15.17 -0.60 -38.90
H32 UQ8 ZB . -15.36 1.49 -37.82
H32A UQ8 ZB . -15.11 2.26 -39.16
H31 UQ8 ZB . -13.00 2.33 -38.85
H31A UQ8 ZB . -12.92 0.77 -38.63
H30 UQ8 ZB . -12.66 3.65 -35.95
H30A UQ8 ZB . -11.40 2.68 -35.98
H30B UQ8 ZB . -11.86 3.43 -37.28
H28 UQ8 ZB . -14.12 0.33 -36.15
H27 UQ8 ZB . -12.84 2.18 -34.29
H27A UQ8 ZB . -14.07 1.29 -33.96
H26 UQ8 ZB . -12.26 0.32 -32.98
H26A UQ8 ZB . -12.73 -0.66 -34.10
H25 UQ8 ZB . -10.08 -1.08 -35.86
H25A UQ8 ZB . -10.34 0.33 -36.55
H25B UQ8 ZB . -11.53 -0.65 -36.32
H23 UQ8 ZB . -10.13 1.26 -33.11
H22 UQ8 ZB . -8.46 0.48 -35.39
H22A UQ8 ZB . -8.34 1.89 -34.70
H21 UQ8 ZB . -8.02 -0.39 -33.11
H21A UQ8 ZB . -7.39 1.04 -32.89
H20 UQ8 ZB . -5.39 0.60 -35.88
H20A UQ8 ZB . -5.70 1.73 -34.80
H20B UQ8 ZB . -4.48 0.75 -34.58
H18 UQ8 ZB . -6.51 -1.98 -33.60
H17 UQ8 ZB . -4.71 -1.85 -35.64
H17A UQ8 ZB . -3.94 -1.33 -34.37
H16 UQ8 ZB . -4.91 -3.91 -34.80
H16A UQ8 ZB . -4.79 -3.42 -33.31
H15 UQ8 ZB . -1.59 -4.23 -32.79
H15A UQ8 ZB . -3.07 -4.59 -32.41
H15B UQ8 ZB . -2.31 -5.45 -33.48
H13 UQ8 ZB . -2.51 -2.63 -35.83
H12 UQ8 ZB . -0.18 -2.86 -34.68
H12A UQ8 ZB . -0.51 -4.39 -34.88
H11 UQ8 ZB . -0.22 -2.53 -36.97
H11A UQ8 ZB . -0.74 -4.00 -37.20
H10 UQ8 ZB . 2.92 -3.32 -35.68
H10A UQ8 ZB . 2.94 -2.83 -37.18
H10B UQ8 ZB . 2.00 -2.11 -36.14
H8 UQ8 ZB . 0.81 -5.75 -37.31
H7 UQ8 ZB . 3.07 -6.36 -36.51
H7A UQ8 ZB . 3.61 -5.01 -37.09
H1M UQ8 ZB . 1.49 -8.49 -37.44
H1MA UQ8 ZB . 2.48 -9.65 -37.84
H1MB UQ8 ZB . 2.92 -8.56 -36.80
H3M UQ8 ZB . 2.28 -7.79 -43.08
H3MA UQ8 ZB . 2.56 -9.34 -43.20
H3MB UQ8 ZB . 3.22 -8.34 -44.22
H4M UQ8 ZB . 6.27 -6.10 -41.48
H4MA UQ8 ZB . 6.17 -5.95 -43.05
H4MB UQ8 ZB . 6.32 -4.66 -42.15
C1 CDL AC . 36.81 -62.69 -42.42
O1 CDL AC . 36.44 -61.52 -43.08
CA2 CDL AC . 37.14 -63.76 -43.47
OA2 CDL AC . 38.53 -63.82 -43.59
PA1 CDL AC . 39.16 -64.80 -44.74
OA3 CDL AC . 38.26 -64.84 -45.94
OA4 CDL AC . 40.51 -64.27 -45.14
OA5 CDL AC . 39.37 -66.34 -44.16
CA3 CDL AC . 38.31 -66.94 -43.46
CA4 CDL AC . 38.72 -68.35 -43.05
OA6 CDL AC . 39.88 -68.33 -42.26
CA5 CDL AC . 39.78 -68.83 -40.95
OA7 CDL AC . 40.71 -69.38 -40.47
C11 CDL AC . 38.48 -68.68 -40.15
C12 CDL AC . 38.76 -68.70 -38.65
C13 CDL AC . 38.35 -70.01 -37.99
C14 CDL AC . 36.85 -70.29 -38.18
C15 CDL AC . 36.01 -69.51 -37.18
C16 CDL AC . 34.61 -70.12 -37.15
C17 CDL AC . 33.86 -69.69 -35.88
C18 CDL AC . 32.72 -70.67 -35.61
C19 CDL AC . 32.43 -70.73 -34.12
C20 CDL AC . 31.45 -71.85 -33.80
C21 CDL AC . 32.10 -73.22 -34.04
C22 CDL AC . 31.11 -74.32 -33.67
C23 CDL AC . 31.42 -75.59 -34.46
C24 CDL AC . 30.23 -76.54 -34.39
C25 CDL AC . 30.02 -77.18 -35.77
C26 CDL AC . 28.77 -78.06 -35.78
C27 CDL AC . 27.54 -77.24 -35.38
CA6 CDL AC . 38.97 -69.18 -44.30
OA8 CDL AC . 37.76 -69.75 -44.72
CA7 CDL AC . 37.89 -70.59 -45.83
OA9 CDL AC . 38.74 -70.39 -46.63
C31 CDL AC . 36.94 -71.77 -46.00
C32 CDL AC . 36.26 -71.67 -47.35
C33 CDL AC . 35.45 -72.94 -47.62
C34 CDL AC . 34.70 -72.77 -48.95
C35 CDL AC . 34.01 -74.07 -49.33
C36 CDL AC . 33.27 -73.89 -50.65
C37 CDL AC . 32.32 -75.07 -50.83
C38 CDL AC . 31.49 -74.87 -52.10
C39 CDL AC . 30.35 -75.90 -52.14
C40 CDL AC . 30.88 -77.33 -52.30
C41 CDL AC . 31.60 -77.53 -53.63
C42 CDL AC . 30.66 -77.96 -54.77
C43 CDL AC . 29.86 -79.22 -54.40
C44 CDL AC . 28.82 -79.50 -55.49
C45 CDL AC . 27.85 -80.57 -55.00
C46 CDL AC . 26.59 -80.58 -55.86
C47 CDL AC . 25.44 -81.18 -55.07
CB2 CDL AC . 35.65 -63.16 -41.55
OB2 CDL AC . 34.47 -63.16 -42.28
PB2 CDL AC . 33.31 -62.09 -41.83
OB3 CDL AC . 33.55 -60.78 -42.54
OB4 CDL AC . 33.37 -61.87 -40.34
OB5 CDL AC . 31.83 -62.68 -42.25
CB3 CDL AC . 31.19 -62.10 -43.34
CB4 CDL AC . 29.73 -62.51 -43.35
OB6 CDL AC . 29.66 -63.86 -42.98
CB5 CDL AC . 28.96 -64.15 -41.81
OB7 CDL AC . 28.17 -63.38 -41.35
C51 CDL AC . 29.22 -65.47 -41.09
C52 CDL AC . 28.32 -65.62 -39.87
C53 CDL AC . 28.99 -65.00 -38.64
C54 CDL AC . 28.12 -65.23 -37.42
C55 CDL AC . 28.92 -64.92 -36.15
C56 CDL AC . 28.12 -65.24 -34.88
C57 CDL AC . 27.72 -66.71 -34.81
C58 CDL AC . 28.95 -67.59 -34.57
C59 CDL AC . 28.70 -69.01 -35.07
C60 CDL AC . 27.55 -69.69 -34.33
C61 CDL AC . 28.09 -70.43 -33.10
C62 CDL AC . 27.25 -71.66 -32.78
C63 CDL AC . 26.26 -71.33 -31.66
C64 CDL AC . 25.35 -72.52 -31.32
C65 CDL AC . 26.14 -73.79 -30.98
C66 CDL AC . 25.27 -75.03 -31.18
C67 CDL AC . 25.02 -75.29 -32.66
CB6 CDL AC . 29.19 -62.33 -44.77
OB8 CDL AC . 29.13 -60.96 -45.06
CB7 CDL AC . 27.89 -60.34 -44.84
OB9 CDL AC . 27.64 -59.90 -43.77
C71 CDL AC . 26.86 -60.22 -45.97
C72 CDL AC . 25.50 -60.72 -45.48
C73 CDL AC . 25.49 -62.25 -45.48
C74 CDL AC . 24.98 -62.82 -44.16
C75 CDL AC . 23.61 -63.48 -44.34
C76 CDL AC . 23.31 -64.34 -43.12
C77 CDL AC . 22.67 -65.66 -43.53
C78 CDL AC . 21.18 -65.47 -43.85
C79 CDL AC . 20.40 -66.80 -43.79
C80 CDL AC . 20.55 -67.51 -42.44
C81 CDL AC . 19.67 -66.84 -41.38
C82 CDL AC . 19.34 -67.80 -40.24
C83 CDL AC . 18.53 -69.01 -40.69
C84 CDL AC . 18.41 -70.03 -39.55
C85 CDL AC . 19.75 -70.62 -39.15
C86 CDL AC . 19.63 -71.36 -37.83
C87 CDL AC . 20.98 -71.98 -37.46
H1 CDL AC . 37.59 -62.53 -41.87
H1O1 CDL AC . 36.80 -61.51 -43.86
HA22 CDL AC . 36.73 -63.54 -44.31
HA21 CDL AC . 36.81 -64.62 -43.16
HA32 CDL AC . 38.10 -66.42 -42.67
HA31 CDL AC . 37.54 -66.99 -44.04
HA4 CDL AC . 37.99 -68.76 -42.57
H112 CDL AC . 38.06 -67.85 -40.39
H111 CDL AC . 37.91 -69.41 -40.41
H122 CDL AC . 39.71 -68.53 -38.49
H121 CDL AC . 38.24 -67.99 -38.25
H132 CDL AC . 38.86 -70.73 -38.39
H131 CDL AC . 38.53 -69.96 -37.04
H142 CDL AC . 36.70 -71.23 -38.03
H141 CDL AC . 36.54 -70.07 -39.07
H152 CDL AC . 36.42 -69.56 -36.30
H151 CDL AC . 35.95 -68.58 -37.45
H162 CDL AC . 34.68 -71.09 -37.17
H161 CDL AC . 34.12 -69.83 -37.92
H172 CDL AC . 33.50 -68.80 -36.01
H171 CDL AC . 34.47 -69.69 -35.13
H182 CDL AC . 31.92 -70.37 -36.08
H181 CDL AC . 32.98 -71.55 -35.94
H192 CDL AC . 32.07 -69.88 -33.82
H191 CDL AC . 33.27 -70.91 -33.65
H202 CDL AC . 31.19 -71.79 -32.86
H201 CDL AC . 30.68 -71.77 -34.38
H212 CDL AC . 32.35 -73.32 -34.97
H211 CDL AC . 32.89 -73.30 -33.49
H222 CDL AC . 30.21 -74.02 -33.87
H221 CDL AC . 31.18 -74.51 -32.72
H232 CDL AC . 31.58 -75.35 -35.39
H231 CDL AC . 32.21 -76.02 -34.09
H242 CDL AC . 30.42 -77.24 -33.74
H241 CDL AC . 29.45 -76.05 -34.12
H252 CDL AC . 29.93 -76.48 -36.43
H251 CDL AC . 30.79 -77.73 -35.97
H262 CDL AC . 28.88 -78.80 -35.16
H261 CDL AC . 28.63 -78.41 -36.68
H273 CDL AC . 26.74 -77.72 -35.66
H272 CDL AC . 27.52 -77.14 -34.42
H271 CDL AC . 27.56 -76.38 -35.82
HA62 CDL AC . 39.32 -68.61 -45.01
HA61 CDL AC . 39.61 -69.88 -44.11
H312 CDL AC . 37.45 -72.60 -45.95
H311 CDL AC . 36.28 -71.77 -45.29
H322 CDL AC . 36.93 -71.57 -48.05
H321 CDL AC . 35.67 -70.90 -47.35
H332 CDL AC . 34.81 -73.08 -46.90
H331 CDL AC . 36.04 -73.69 -47.68
H342 CDL AC . 35.34 -72.52 -49.64
H341 CDL AC . 34.04 -72.06 -48.85
H352 CDL AC . 33.39 -74.33 -48.64
H351 CDL AC . 34.69 -74.77 -49.44
H362 CDL AC . 32.76 -73.07 -50.63
H361 CDL AC . 33.90 -73.87 -51.38
H372 CDL AC . 32.84 -75.89 -50.91
H371 CDL AC . 31.73 -75.14 -50.06
H382 CDL AC . 32.05 -74.91 -52.88
H381 CDL AC . 31.08 -73.98 -52.05
H392 CDL AC . 29.78 -75.70 -52.90
H391 CDL AC . 29.84 -75.85 -51.32
H402 CDL AC . 30.12 -77.91 -52.18
H401 CDL AC . 31.51 -77.52 -51.59
H412 CDL AC . 32.05 -76.72 -53.92
H411 CDL AC . 32.26 -78.24 -53.53
H422 CDL AC . 30.05 -77.24 -54.95
H421 CDL AC . 31.19 -78.16 -55.55
H432 CDL AC . 30.45 -79.98 -54.34
H431 CDL AC . 29.36 -79.14 -53.58
H442 CDL AC . 28.33 -78.68 -55.69
H441 CDL AC . 29.27 -79.80 -56.29
H452 CDL AC . 27.60 -80.39 -54.09
H451 CDL AC . 28.28 -81.43 -55.05
H462 CDL AC . 26.36 -79.67 -56.13
H461 CDL AC . 26.75 -81.12 -56.66
H473 CDL AC . 25.61 -82.12 -54.91
H472 CDL AC . 24.61 -81.07 -55.56
H471 CDL AC . 25.37 -80.73 -54.22
HB22 CDL AC . 35.84 -64.06 -41.23
HB21 CDL AC . 35.57 -62.56 -40.80
HB32 CDL AC . 31.61 -62.39 -44.15
HB31 CDL AC . 31.25 -61.13 -43.28
HB4 CDL AC . 29.24 -61.96 -42.74
H512 CDL AC . 29.07 -66.21 -41.71
H511 CDL AC . 30.14 -65.50 -40.80
H522 CDL AC . 27.47 -65.18 -40.02
H521 CDL AC . 28.16 -66.55 -39.69
H532 CDL AC . 29.86 -65.43 -38.51
H531 CDL AC . 29.12 -64.05 -38.78
H542 CDL AC . 27.34 -64.64 -37.46
H541 CDL AC . 27.82 -66.15 -37.42
H552 CDL AC . 29.12 -63.97 -36.15
H551 CDL AC . 29.74 -65.42 -36.16
H562 CDL AC . 27.32 -64.69 -34.87
H561 CDL AC . 28.67 -65.02 -34.10
H572 CDL AC . 27.13 -66.81 -34.04
H571 CDL AC . 27.25 -67.00 -35.61
H582 CDL AC . 29.73 -67.23 -35.02
H581 CDL AC . 29.10 -67.62 -33.61
H592 CDL AC . 29.52 -69.53 -34.96
H591 CDL AC . 28.47 -68.96 -36.01
H602 CDL AC . 27.15 -70.35 -34.93
H601 CDL AC . 26.88 -69.06 -34.05
H612 CDL AC . 29.01 -70.70 -33.24
H611 CDL AC . 28.05 -69.82 -32.34
H622 CDL AC . 27.87 -72.35 -32.50
H621 CDL AC . 26.77 -71.95 -33.57
H632 CDL AC . 25.70 -70.58 -31.92
H631 CDL AC . 26.77 -71.11 -30.86
H642 CDL AC . 24.81 -72.28 -30.55
H641 CDL AC . 24.78 -72.69 -32.09
H652 CDL AC . 26.40 -73.74 -30.04
H651 CDL AC . 26.93 -73.90 -31.52
H662 CDL AC . 24.43 -74.91 -30.73
H661 CDL AC . 25.73 -75.80 -30.81
H673 CDL AC . 24.47 -74.56 -33.04
H672 CDL AC . 25.86 -75.34 -33.14
H671 CDL AC . 24.54 -76.13 -32.77
HB62 CDL AC . 29.77 -62.78 -45.40
HB61 CDL AC . 28.30 -62.71 -44.82
H712 CDL AC . 27.15 -60.75 -46.72
H711 CDL AC . 26.79 -59.30 -46.23
H722 CDL AC . 24.80 -60.39 -46.06
H721 CDL AC . 25.36 -60.38 -44.57
H732 CDL AC . 24.92 -62.56 -46.20
H731 CDL AC . 26.40 -62.57 -45.62
H742 CDL AC . 24.89 -62.12 -43.49
H741 CDL AC . 25.60 -63.49 -43.85
H752 CDL AC . 22.93 -62.80 -44.45
H751 CDL AC . 23.62 -64.04 -45.14
H762 CDL AC . 24.12 -64.50 -42.62
H761 CDL AC . 22.68 -63.85 -42.56
H772 CDL AC . 23.12 -65.99 -44.33
H771 CDL AC . 22.83 -66.28 -42.81
H782 CDL AC . 20.79 -64.85 -43.21
H781 CDL AC . 21.11 -65.12 -44.75
H792 CDL AC . 19.46 -66.62 -43.95
H791 CDL AC . 20.76 -67.38 -44.48
H802 CDL AC . 20.27 -68.42 -42.59
H801 CDL AC . 21.47 -67.55 -42.12
H812 CDL AC . 20.16 -66.08 -41.02
H811 CDL AC . 18.86 -66.55 -41.80
H822 CDL AC . 18.82 -67.31 -39.58
H821 CDL AC . 20.19 -68.08 -39.85
H832 CDL AC . 18.94 -69.47 -41.43
H831 CDL AC . 17.64 -68.72 -40.93
H842 CDL AC . 17.82 -70.76 -39.83
H841 CDL AC . 18.01 -69.60 -38.78
H852 CDL AC . 20.05 -71.24 -39.84
H851 CDL AC . 20.43 -69.95 -39.05
H862 CDL AC . 19.36 -70.74 -37.13
H861 CDL AC . 18.97 -72.07 -37.90
H873 CDL AC . 20.93 -72.37 -36.57
H872 CDL AC . 21.66 -71.30 -37.47
H871 CDL AC . 21.21 -72.67 -38.11
C1 CDL BC . 32.34 -42.10 -51.78
O1 CDL BC . 32.36 -41.15 -52.79
CA2 CDL BC . 32.27 -43.50 -52.39
OA2 CDL BC . 33.55 -44.01 -52.60
PA1 CDL BC . 33.63 -45.55 -53.18
OA3 CDL BC . 33.12 -45.58 -54.59
OA4 CDL BC . 35.06 -46.01 -53.16
OA5 CDL BC . 32.71 -46.52 -52.24
CA3 CDL BC . 32.33 -47.78 -52.73
CA4 CDL BC . 30.99 -48.19 -52.14
OA6 CDL BC . 30.54 -47.19 -51.29
CA5 CDL BC . 29.33 -46.65 -51.75
OA7 CDL BC . 29.30 -46.06 -52.78
C11 CDL BC . 28.09 -46.83 -50.91
C12 CDL BC . 27.89 -45.62 -50.02
C13 CDL BC . 26.40 -45.40 -49.84
C14 CDL BC . 25.86 -46.56 -49.00
C15 CDL BC . 24.45 -46.23 -48.56
C16 CDL BC . 24.48 -45.63 -47.16
C17 CDL BC . 23.06 -45.31 -46.72
C18 CDL BC . 22.31 -46.62 -46.51
C19 CDL BC . 21.15 -46.40 -45.55
C20 CDL BC . 20.23 -47.62 -45.59
C21 CDL BC . 19.02 -47.41 -44.68
C22 CDL BC . 18.31 -46.12 -45.06
C23 CDL BC . 16.91 -46.07 -44.44
C24 CDL BC . 16.42 -44.63 -44.49
C25 CDL BC . 14.95 -44.59 -44.89
C26 CDL BC . 14.49 -43.13 -44.97
C27 CDL BC . 14.12 -42.62 -43.58
CA6 CDL BC . 31.13 -49.48 -51.33
OA8 CDL BC . 29.90 -49.93 -50.85
CA7 CDL BC . 29.95 -51.23 -50.32
OA9 CDL BC . 30.33 -51.39 -49.22
C31 CDL BC . 29.52 -52.43 -51.16
C32 CDL BC . 28.62 -53.34 -50.33
C33 CDL BC . 28.49 -54.72 -50.98
C34 CDL BC . 27.45 -54.65 -52.10
C35 CDL BC . 27.05 -56.04 -52.59
C36 CDL BC . 28.19 -56.66 -53.39
C37 CDL BC . 27.65 -57.88 -54.14
C38 CDL BC . 28.77 -58.64 -54.83
C39 CDL BC . 28.18 -59.49 -55.96
C40 CDL BC . 29.29 -60.05 -56.84
C41 CDL BC . 28.74 -60.38 -58.22
C42 CDL BC . 29.89 -60.63 -59.19
C43 CDL BC . 30.13 -62.13 -59.35
C44 CDL BC . 31.02 -62.46 -60.55
C45 CDL BC . 30.46 -61.96 -61.88
C46 CDL BC . 29.60 -63.04 -62.55
C47 CDL BC . 29.88 -63.07 -64.04
CB2 CDL BC . 31.08 -41.92 -50.93
OB2 CDL BC . 31.09 -40.65 -50.35
PB2 CDL BC . 29.79 -40.28 -49.42
OB3 CDL BC . 29.60 -38.80 -49.37
OB4 CDL BC . 30.02 -40.82 -48.03
OB5 CDL BC . 28.46 -40.99 -50.08
CB3 CDL BC . 27.71 -41.89 -49.35
CB4 CDL BC . 26.35 -41.30 -48.96
OB6 CDL BC . 25.83 -42.03 -47.89
CB5 CDL BC . 26.17 -41.55 -46.62
OB7 CDL BC . 26.74 -40.52 -46.50
C51 CDL BC . 25.79 -42.35 -45.38
C52 CDL BC . 25.95 -41.47 -44.15
C53 CDL BC . 25.33 -42.15 -42.94
C54 CDL BC . 25.50 -41.24 -41.72
C55 CDL BC . 24.24 -41.24 -40.85
C56 CDL BC . 24.35 -42.32 -39.77
C57 CDL BC . 23.59 -41.86 -38.53
C58 CDL BC . 23.65 -42.95 -37.47
C59 CDL BC . 22.35 -43.75 -37.48
C60 CDL BC . 22.35 -44.76 -36.33
C61 CDL BC . 22.28 -44.05 -35.00
C62 CDL BC . 22.08 -45.06 -33.86
C63 CDL BC . 21.97 -44.35 -32.51
C64 CDL BC . 20.72 -43.48 -32.47
C65 CDL BC . 20.64 -42.73 -31.15
C66 CDL BC . 19.35 -41.92 -31.07
C67 CDL BC . 19.28 -40.91 -32.22
CB6 CDL BC . 25.44 -41.42 -50.18
OB8 CDL BC . 24.37 -40.53 -50.06
CB7 CDL BC . 23.15 -41.10 -49.69
OB9 CDL BC . 22.86 -42.20 -50.05
C71 CDL BC . 22.19 -40.34 -48.79
C72 CDL BC . 22.30 -40.91 -47.38
C73 CDL BC . 21.32 -40.21 -46.44
C74 CDL BC . 21.32 -40.95 -45.11
C75 CDL BC . 20.03 -40.62 -44.38
C76 CDL BC . 20.04 -41.34 -43.02
C77 CDL BC . 20.50 -40.40 -41.89
C78 CDL BC . 20.02 -40.90 -40.52
C79 CDL BC . 18.50 -41.08 -40.48
C80 CDL BC . 18.12 -42.46 -39.91
C81 CDL BC . 17.29 -42.34 -38.63
C82 CDL BC . 18.16 -42.33 -37.37
C83 CDL BC . 17.53 -43.17 -36.25
C84 CDL BC . 17.31 -44.63 -36.69
C85 CDL BC . 16.34 -45.38 -35.76
C86 CDL BC . 14.92 -44.81 -35.91
C87 CDL BC . 13.97 -45.60 -35.02
H1 CDL BC . 33.13 -42.03 -51.22
H1O1 CDL BC . 31.77 -40.56 -52.63
HA22 CDL BC . 31.80 -43.45 -53.23
HA21 CDL BC . 31.79 -44.07 -51.79
HA32 CDL BC . 33.00 -48.43 -52.50
HA31 CDL BC . 32.24 -47.72 -53.69
HA4 CDL BC . 30.36 -48.33 -52.85
H112 CDL BC . 27.32 -46.93 -51.49
H111 CDL BC . 28.18 -47.63 -50.36
H122 CDL BC . 28.29 -45.79 -49.16
H121 CDL BC . 28.30 -44.84 -50.42
H132 CDL BC . 26.24 -44.57 -49.37
H131 CDL BC . 25.96 -45.39 -50.69
H142 CDL BC . 25.83 -47.36 -49.55
H141 CDL BC . 26.42 -46.71 -48.23
H152 CDL BC . 23.91 -47.04 -48.56
H151 CDL BC . 24.07 -45.58 -49.17
H162 CDL BC . 24.87 -46.27 -46.55
H161 CDL BC . 25.02 -44.82 -47.15
H172 CDL BC . 23.08 -44.81 -45.89
H171 CDL BC . 22.63 -44.79 -47.41
H182 CDL BC . 21.97 -46.95 -47.35
H181 CDL BC . 22.90 -47.28 -46.13
H192 CDL BC . 20.68 -45.61 -45.84
H191 CDL BC . 21.48 -46.26 -44.65
H202 CDL BC . 20.73 -48.38 -45.27
H201 CDL BC . 19.93 -47.76 -46.49
H212 CDL BC . 18.41 -48.16 -44.78
H211 CDL BC . 19.31 -47.36 -43.75
H222 CDL BC . 18.80 -45.36 -44.72
H221 CDL BC . 18.24 -46.06 -46.02
H232 CDL BC . 16.31 -46.64 -44.96
H231 CDL BC . 16.94 -46.38 -43.52
H242 CDL BC . 16.94 -44.12 -45.13
H241 CDL BC . 16.53 -44.22 -43.61
H252 CDL BC . 14.44 -45.04 -44.21
H251 CDL BC . 14.82 -45.03 -45.75
H262 CDL BC . 15.21 -42.59 -45.34
H261 CDL BC . 13.71 -43.08 -45.55
H273 CDL BC . 13.74 -41.74 -43.65
H272 CDL BC . 14.91 -42.59 -43.03
H271 CDL BC . 13.47 -43.23 -43.18
HA62 CDL BC . 31.53 -50.17 -51.90
HA61 CDL BC . 31.71 -49.31 -50.57
H312 CDL BC . 30.31 -52.93 -51.42
H311 CDL BC . 29.05 -52.13 -51.94
H322 CDL BC . 29.02 -53.44 -49.45
H321 CDL BC . 27.75 -52.93 -50.24
H332 CDL BC . 28.21 -55.36 -50.31
H331 CDL BC . 29.35 -54.99 -51.35
H342 CDL BC . 27.83 -54.15 -52.84
H341 CDL BC . 26.65 -54.19 -51.77
H352 CDL BC . 26.85 -56.60 -51.83
H351 CDL BC . 26.26 -55.96 -53.16
H362 CDL BC . 28.89 -56.94 -52.79
H361 CDL BC . 28.54 -56.02 -54.03
H372 CDL BC . 26.99 -57.59 -54.80
H371 CDL BC . 27.21 -58.48 -53.50
H382 CDL BC . 29.22 -59.22 -54.20
H381 CDL BC . 29.41 -58.01 -55.20
H392 CDL BC . 27.60 -58.93 -56.51
H391 CDL BC . 27.67 -60.21 -55.59
H402 CDL BC . 30.00 -59.41 -56.92
H401 CDL BC . 29.64 -60.86 -56.44
H412 CDL BC . 28.19 -59.64 -58.54
H411 CDL BC . 28.20 -61.18 -58.16
H422 CDL BC . 30.70 -60.22 -58.85
H421 CDL BC . 29.67 -60.20 -60.03
H432 CDL BC . 30.57 -62.44 -58.54
H431 CDL BC . 29.28 -62.58 -59.47
H442 CDL BC . 31.11 -63.42 -60.59
H441 CDL BC . 31.88 -62.05 -60.40
H452 CDL BC . 29.93 -61.16 -61.82
H451 CDL BC . 31.21 -61.79 -62.47
H462 CDL BC . 28.67 -62.84 -62.40
H461 CDL BC . 29.80 -63.91 -62.17
H473 CDL BC . 29.58 -62.25 -64.45
H472 CDL BC . 30.84 -63.17 -64.19
H471 CDL BC . 29.42 -63.82 -64.44
HB22 CDL BC . 30.31 -42.00 -51.50
HB21 CDL BC . 31.07 -42.58 -50.24
HB32 CDL BC . 27.55 -42.68 -49.87
HB31 CDL BC . 28.17 -42.12 -48.54
HB4 CDL BC . 26.46 -40.37 -48.73
H512 CDL BC . 24.87 -42.64 -45.45
H511 CDL BC . 26.38 -43.11 -45.31
H522 CDL BC . 25.52 -40.62 -44.30
H521 CDL BC . 26.89 -41.33 -43.97
H532 CDL BC . 25.76 -42.99 -42.77
H531 CDL BC . 24.39 -42.30 -43.11
H542 CDL BC . 26.26 -41.55 -41.20
H541 CDL BC . 25.65 -40.34 -42.04
H552 CDL BC . 23.46 -41.40 -41.39
H551 CDL BC . 24.16 -40.38 -40.42
H562 CDL BC . 25.28 -42.46 -39.54
H561 CDL BC . 23.98 -43.14 -40.10
H572 CDL BC . 22.67 -41.70 -38.78
H571 CDL BC . 23.97 -41.04 -38.18
H582 CDL BC . 24.39 -43.54 -37.66
H581 CDL BC . 23.77 -42.54 -36.61
H592 CDL BC . 22.27 -44.22 -38.32
H591 CDL BC . 21.59 -43.14 -37.37
H602 CDL BC . 23.16 -45.29 -36.38
H601 CDL BC . 21.59 -45.35 -36.43
H612 CDL BC . 21.53 -43.44 -35.03
H611 CDL BC . 23.09 -43.55 -34.83
H622 CDL BC . 22.84 -45.67 -33.84
H621 CDL BC . 21.27 -45.56 -34.03
H632 CDL BC . 21.91 -45.02 -31.80
H631 CDL BC . 22.74 -43.80 -32.36
H642 CDL BC . 19.92 -44.02 -32.58
H641 CDL BC . 20.75 -42.82 -33.19
H652 CDL BC . 20.67 -43.36 -30.41
H651 CDL BC . 21.39 -42.13 -31.09
H662 CDL BC . 18.59 -42.51 -31.13
H661 CDL BC . 19.33 -41.43 -30.23
H673 CDL BC . 18.64 -40.21 -32.01
H672 CDL BC . 20.16 -40.52 -32.37
H671 CDL BC . 19.00 -41.37 -33.03
HB62 CDL BC . 25.95 -41.20 -50.97
HB61 CDL BC . 25.11 -42.32 -50.25
H712 CDL BC . 22.42 -39.40 -48.79
H711 CDL BC . 21.29 -40.45 -49.12
H722 CDL BC . 22.09 -41.85 -47.40
H721 CDL BC . 23.20 -40.78 -47.06
H732 CDL BC . 20.44 -40.22 -46.83
H731 CDL BC . 21.61 -39.29 -46.30
H742 CDL BC . 22.08 -40.67 -44.58
H741 CDL BC . 21.38 -41.90 -45.27
H752 CDL BC . 19.95 -39.68 -44.24
H751 CDL BC . 19.28 -40.95 -44.90
H762 CDL BC . 20.69 -42.06 -43.07
H761 CDL BC . 19.18 -41.73 -42.87
H772 CDL BC . 20.14 -39.52 -42.04
H771 CDL BC . 21.47 -40.37 -41.89
H782 CDL BC . 20.47 -41.73 -40.33
H781 CDL BC . 20.25 -40.23 -39.86
H792 CDL BC . 18.15 -40.40 -39.89
H791 CDL BC . 18.08 -40.96 -41.35
H802 CDL BC . 18.91 -42.98 -39.74
H801 CDL BC . 17.57 -42.90 -40.58
H812 CDL BC . 16.63 -43.04 -38.63
H811 CDL BC . 16.81 -41.49 -38.65
H822 CDL BC . 19.03 -42.71 -37.58
H821 CDL BC . 18.24 -41.42 -37.07
H832 CDL BC . 16.70 -42.77 -35.99
H831 CDL BC . 18.14 -43.18 -35.49
H842 CDL BC . 18.17 -45.08 -36.62
H841 CDL BC . 16.98 -44.72 -37.59
H852 CDL BC . 16.33 -46.31 -36.02
H851 CDL BC . 16.63 -45.29 -34.85
H862 CDL BC . 14.92 -43.89 -35.64
H861 CDL BC . 14.64 -44.89 -36.83
H873 CDL BC . 13.91 -46.51 -35.34
H872 CDL BC . 14.31 -45.60 -34.11
H871 CDL BC . 13.10 -45.18 -35.03
PG ATP CC . 43.76 -29.38 -59.26
O1G ATP CC . 43.13 -30.28 -60.29
O2G ATP CC . 43.67 -27.95 -59.71
O3G ATP CC . 45.20 -29.76 -59.04
PB ATP CC . 41.29 -29.57 -57.79
O1B ATP CC . 40.76 -30.41 -58.92
O2B ATP CC . 40.77 -28.18 -57.93
O3B ATP CC . 42.92 -29.57 -57.84
PA ATP CC . 41.16 -31.71 -55.82
O1A ATP CC . 42.63 -31.94 -55.86
O2A ATP CC . 40.48 -32.74 -56.67
O3A ATP CC . 40.78 -30.20 -56.36
O5' ATP CC . 40.63 -31.84 -54.30
C5' ATP CC . 39.24 -32.01 -54.15
C4' ATP CC . 38.75 -31.33 -52.82
O4' ATP CC . 39.33 -32.11 -51.62
C3' ATP CC . 39.18 -30.14 -52.70
O3' ATP CC . 38.19 -29.18 -53.19
C2' ATP CC . 39.42 -29.91 -51.07
O2' ATP CC . 38.19 -29.40 -50.46
C1' ATP CC . 39.73 -31.03 -50.57
N9 ATP CC . 41.19 -31.10 -50.33
C8 ATP CC . 41.92 -31.31 -51.42
N7 ATP CC . 43.21 -31.33 -51.05
C5 ATP CC . 43.25 -31.15 -49.71
C6 ATP CC . 44.30 -31.10 -48.84
N6 ATP CC . 45.73 -31.21 -49.03
N1 ATP CC . 44.07 -30.89 -47.55
C2 ATP CC . 42.81 -30.75 -47.11
N3 ATP CC . 41.77 -30.81 -47.97
C4 ATP CC . 42.01 -31.01 -49.27
H5'1 ATP CC . 39.03 -32.95 -54.12
H5'2 ATP CC . 38.79 -31.59 -54.89
H4' ATP CC . 37.79 -31.34 -52.78
H3' ATP CC . 40.01 -30.02 -53.17
H2' ATP CC . 40.14 -29.27 -50.94
HO2' ATP CC . 38.23 -28.56 -50.43
H1' ATP CC . 39.25 -31.18 -49.74
H8 ATP CC . 41.60 -31.40 -52.28
HN61 ATP CC . 46.24 -30.52 -48.91
HN62 ATP CC . 46.07 -31.95 -49.27
H2 ATP CC . 42.65 -30.61 -46.20
MG MG DC . 41.23 -31.24 -60.81
O12 PC1 EC . 23.87 -29.41 -55.31
P PC1 EC . 25.07 -29.63 -56.18
O14 PC1 EC . 25.97 -30.65 -55.54
O13 PC1 EC . 25.88 -28.21 -56.37
C11 PC1 EC . 26.39 -27.92 -57.64
C12 PC1 EC . 27.80 -27.35 -57.51
N PC1 EC . 27.85 -25.91 -57.64
C13 PC1 EC . 27.19 -25.28 -56.52
C14 PC1 EC . 29.22 -25.48 -57.66
C15 PC1 EC . 27.21 -25.49 -58.87
O11 PC1 EC . 24.61 -30.18 -57.66
C1 PC1 EC . 23.25 -30.13 -57.98
C2 PC1 EC . 22.59 -31.49 -57.79
O21 PC1 EC . 22.99 -32.35 -58.81
C21 PC1 EC . 22.75 -33.70 -58.57
O22 PC1 EC . 22.66 -34.11 -57.46
C22 PC1 EC . 22.59 -34.65 -59.75
C23 PC1 EC . 21.17 -34.61 -60.30
C24 PC1 EC . 20.18 -35.10 -59.25
C25 PC1 EC . 18.91 -35.60 -59.94
C26 PC1 EC . 17.72 -35.47 -58.99
C27 PC1 EC . 16.61 -36.43 -59.41
C28 PC1 EC . 16.06 -36.06 -60.78
C29 PC1 EC . 14.94 -37.02 -61.18
C2A PC1 EC . 14.52 -36.75 -62.62
C2B PC1 EC . 13.41 -37.71 -63.03
C2C PC1 EC . 13.12 -37.54 -64.52
C2D PC1 EC . 12.07 -38.55 -64.99
C2E PC1 EC . 10.68 -38.23 -64.43
C2F PC1 EC . 10.17 -36.86 -64.89
C2G PC1 EC . 9.90 -36.86 -66.40
C2H PC1 EC . 9.48 -35.47 -66.88
C2I PC1 EC . 8.27 -34.95 -66.09
C3 PC1 EC . 21.10 -31.29 -57.85
O31 PC1 EC . 20.58 -30.95 -56.60
C31 PC1 EC . 19.23 -31.31 -56.44
O32 PC1 EC . 18.54 -31.47 -57.38
C32 PC1 EC . 18.65 -31.48 -55.04
C33 PC1 EC . 18.79 -32.94 -54.62
C34 PC1 EC . 17.60 -33.38 -53.77
C35 PC1 EC . 16.30 -33.39 -54.57
C36 PC1 EC . 16.36 -34.45 -55.67
C37 PC1 EC . 15.04 -34.55 -56.42
C38 PC1 EC . 13.94 -35.18 -55.57
C39 PC1 EC . 12.57 -34.88 -56.19
C3A PC1 EC . 12.45 -35.49 -57.59
C3B PC1 EC . 12.47 -37.01 -57.57
C3C PC1 EC . 11.23 -37.54 -56.83
C3D PC1 EC . 11.12 -39.05 -57.00
C3E PC1 EC . 9.89 -39.55 -56.24
C3F PC1 EC . 9.43 -40.91 -56.75
C3G PC1 EC . 9.11 -40.85 -58.24
C3H PC1 EC . 8.13 -41.97 -58.62
C3I PC1 EC . 8.70 -43.33 -58.19
H111 PC1 EC . 26.45 -28.75 -58.13
H112 PC1 EC . 25.78 -27.34 -58.09
H121 PC1 EC . 28.36 -27.74 -58.20
H122 PC1 EC . 28.14 -27.59 -56.63
H131 PC1 EC . 26.23 -25.35 -56.62
H132 PC1 EC . 27.46 -25.71 -55.70
H133 PC1 EC . 27.44 -24.35 -56.48
H141 PC1 EC . 29.68 -25.92 -58.40
H142 PC1 EC . 29.27 -24.53 -57.79
H143 PC1 EC . 29.65 -25.72 -56.82
H151 PC1 EC . 27.57 -24.65 -59.15
H152 PC1 EC . 27.39 -26.16 -59.56
H153 PC1 EC . 26.26 -25.40 -58.74
H11 PC1 EC . 23.15 -29.87 -58.91
H12 PC1 EC . 22.82 -29.50 -57.40
H2 PC1 EC . 22.84 -31.85 -56.92
H221 PC1 EC . 22.77 -35.55 -59.44
H222 PC1 EC . 23.21 -34.41 -60.45
H231 PC1 EC . 21.12 -35.19 -61.07
H232 PC1 EC . 20.94 -33.71 -60.56
H241 PC1 EC . 20.57 -35.82 -58.75
H242 PC1 EC . 19.96 -34.37 -58.65
H251 PC1 EC . 19.02 -36.54 -60.19
H252 PC1 EC . 18.75 -35.07 -60.72
H261 PC1 EC . 18.00 -35.67 -58.08
H262 PC1 EC . 17.40 -34.56 -59.03
H271 PC1 EC . 15.87 -36.42 -58.77
H272 PC1 EC . 16.96 -37.33 -59.45
H281 PC1 EC . 16.78 -36.12 -61.44
H282 PC1 EC . 15.72 -35.15 -60.76
H291 PC1 EC . 15.26 -37.94 -61.11
H292 PC1 EC . 14.18 -36.90 -60.58
H2A1 PC1 EC . 14.18 -35.84 -62.69
H2A2 PC1 EC . 15.27 -36.85 -63.21
H2B1 PC1 EC . 12.61 -37.54 -62.52
H2B2 PC1 EC . 13.70 -38.63 -62.88
H2C1 PC1 EC . 13.94 -37.72 -65.01
H2C2 PC1 EC . 12.85 -36.63 -64.71
H2D1 PC1 EC . 12.04 -38.54 -65.95
H2D2 PC1 EC . 12.33 -39.44 -64.68
H2E1 PC1 EC . 10.05 -38.91 -64.75
H2E2 PC1 EC . 10.71 -38.25 -63.46
H2F1 PC1 EC . 9.34 -36.69 -64.43
H2F2 PC1 EC . 10.79 -36.15 -64.67
H2G1 PC1 EC . 9.19 -37.49 -66.59
H2G2 PC1 EC . 10.71 -37.10 -66.87
H2H1 PC1 EC . 10.22 -34.85 -66.76
H2H2 PC1 EC . 9.24 -35.51 -67.82
H2I1 PC1 EC . 7.61 -35.65 -66.02
H2I2 PC1 EC . 7.89 -34.19 -66.57
H2I3 PC1 EC . 8.55 -34.67 -65.21
H31 PC1 EC . 20.90 -30.57 -58.47
H32 PC1 EC . 20.68 -32.10 -58.17
H321 PC1 EC . 19.15 -30.93 -54.42
H322 PC1 EC . 17.73 -31.18 -55.04
H331 PC1 EC . 19.59 -33.03 -54.09
H332 PC1 EC . 18.86 -33.50 -55.41
H341 PC1 EC . 17.77 -34.28 -53.46
H342 PC1 EC . 17.51 -32.79 -53.00
H351 PC1 EC . 16.13 -32.52 -54.98
H352 PC1 EC . 15.57 -33.59 -53.96
H361 PC1 EC . 16.57 -35.30 -55.28
H362 PC1 EC . 17.04 -34.21 -56.31
H371 PC1 EC . 15.17 -35.11 -57.21
H372 PC1 EC . 14.76 -33.67 -56.71
H381 PC1 EC . 14.08 -36.13 -55.50
H382 PC1 EC . 13.95 -34.79 -54.69
H391 PC1 EC . 11.88 -35.25 -55.61
H392 PC1 EC . 12.46 -33.92 -56.26
H3A1 PC1 EC . 13.16 -35.16 -58.16
H3A2 PC1 EC . 11.59 -35.21 -57.96
H3B1 PC1 EC . 12.44 -37.34 -58.47
H3B2 PC1 EC . 13.27 -37.34 -57.12
H3C1 PC1 EC . 11.30 -37.35 -55.88
H3C2 PC1 EC . 10.44 -37.12 -57.19
H3D1 PC1 EC . 11.92 -39.48 -56.64
H3D2 PC1 EC . 11.07 -39.24 -57.95
H3E1 PC1 EC . 10.13 -39.63 -55.30
H3E2 PC1 EC . 9.17 -38.91 -56.36
H3F1 PC1 EC . 10.13 -41.56 -56.61
H3F2 PC1 EC . 8.63 -41.18 -56.27
H3G1 PC1 EC . 8.70 -39.99 -58.45
H3G2 PC1 EC . 9.92 -40.95 -58.76
H3H1 PC1 EC . 8.01 -41.98 -59.58
H3H2 PC1 EC . 7.29 -41.83 -58.17
H3I1 PC1 EC . 8.61 -43.43 -57.22
H3I2 PC1 EC . 8.20 -44.03 -58.63
H3I3 PC1 EC . 9.63 -43.39 -58.44
O12 PC1 FC . 26.09 -38.14 -51.89
P PC1 FC . 25.26 -36.88 -51.95
O14 PC1 FC . 24.95 -36.57 -53.39
O13 PC1 FC . 26.09 -35.63 -51.28
C11 PC1 FC . 26.09 -35.55 -49.88
C12 PC1 FC . 27.47 -35.94 -49.34
N PC1 FC . 27.41 -36.20 -47.91
C13 PC1 FC . 26.61 -37.37 -47.67
C14 PC1 FC . 28.75 -36.41 -47.40
C15 PC1 FC . 26.83 -35.06 -47.21
O11 PC1 FC . 23.85 -37.09 -51.13
C1 PC1 FC . 22.90 -36.08 -51.17
C2 PC1 FC . 21.50 -36.68 -51.03
O21 PC1 FC . 20.97 -36.86 -52.31
C21 PC1 FC . 20.05 -37.89 -52.47
O22 PC1 FC . 18.98 -37.66 -52.93
C22 PC1 FC . 20.39 -39.33 -52.06
C23 PC1 FC . 19.11 -40.14 -51.86
C24 PC1 FC . 18.72 -40.76 -53.20
C25 PC1 FC . 17.74 -41.91 -53.01
C26 PC1 FC . 17.38 -42.46 -54.38
C27 PC1 FC . 17.12 -43.96 -54.29
C28 PC1 FC . 17.12 -44.62 -55.68
C29 PC1 FC . 18.38 -44.31 -56.49
C2A PC1 FC . 18.04 -43.85 -57.91
C2B PC1 FC . 17.45 -45.02 -58.70
C2C PC1 FC . 18.52 -46.08 -58.92
C2D PC1 FC . 18.08 -47.08 -59.98
C2E PC1 FC . 19.30 -47.60 -60.73
C2F PC1 FC . 18.85 -48.21 -62.06
C2G PC1 FC . 20.03 -48.53 -62.96
C2H PC1 FC . 20.84 -47.27 -63.32
C2I PC1 FC . 19.98 -46.32 -64.13
C3 PC1 FC . 20.60 -35.77 -50.21
O31 PC1 FC . 19.49 -36.51 -49.77
C31 PC1 FC . 19.07 -36.25 -48.45
O32 PC1 FC . 19.87 -36.12 -47.58
C32 PC1 FC . 17.59 -36.13 -48.12
C33 PC1 FC . 16.74 -36.85 -49.17
C34 PC1 FC . 15.29 -36.34 -49.12
C35 PC1 FC . 14.65 -36.77 -47.81
C36 PC1 FC . 13.12 -36.91 -47.93
C37 PC1 FC . 12.75 -38.05 -48.87
C38 PC1 FC . 13.28 -39.37 -48.31
C39 PC1 FC . 12.47 -40.56 -48.82
C3A PC1 FC . 13.04 -41.83 -48.16
C3B PC1 FC . 14.23 -42.36 -48.98
C3C PC1 FC . 13.83 -42.82 -50.40
C3D PC1 FC . 13.17 -44.20 -50.35
C3E PC1 FC . 11.95 -44.24 -51.25
C3F PC1 FC . 10.68 -43.72 -50.57
C3G PC1 FC . 10.41 -44.49 -49.26
C3H PC1 FC . 9.07 -44.08 -48.67
C3I PC1 FC . 7.92 -44.52 -49.57
H111 PC1 FC . 25.40 -36.13 -49.55
H112 PC1 FC . 25.90 -34.64 -49.64
H121 PC1 FC . 28.09 -35.21 -49.50
H122 PC1 FC . 27.78 -36.74 -49.79
H131 PC1 FC . 25.67 -37.14 -47.64
H132 PC1 FC . 26.77 -38.02 -48.36
H133 PC1 FC . 26.86 -37.76 -46.82
H141 PC1 FC . 28.72 -36.52 -46.44
H142 PC1 FC . 29.13 -37.20 -47.81
H143 PC1 FC . 29.30 -35.65 -47.62
H151 PC1 FC . 27.04 -35.13 -46.27
H152 PC1 FC . 25.87 -35.05 -47.34
H153 PC1 FC . 27.21 -34.25 -47.58
H11 PC1 FC . 22.96 -35.61 -52.02
H12 PC1 FC . 23.07 -35.45 -50.46
H2 PC1 FC . 21.59 -37.52 -50.58
H221 PC1 FC . 20.91 -39.76 -52.76
H222 PC1 FC . 20.89 -39.36 -51.23
H231 PC1 FC . 19.25 -40.83 -51.21
H232 PC1 FC . 18.39 -39.55 -51.56
H241 PC1 FC . 19.52 -41.11 -53.63
H242 PC1 FC . 18.32 -40.09 -53.77
H251 PC1 FC . 18.14 -42.60 -52.47
H252 PC1 FC . 16.93 -41.59 -52.57
H261 PC1 FC . 18.10 -42.20 -54.99
H262 PC1 FC . 16.57 -42.02 -54.69
H271 PC1 FC . 16.26 -44.10 -53.88
H272 PC1 FC . 17.83 -44.37 -53.77
H281 PC1 FC . 17.04 -45.58 -55.60
H282 PC1 FC . 16.35 -44.29 -56.18
H291 PC1 FC . 18.94 -43.65 -56.07
H292 PC1 FC . 18.90 -45.13 -56.54
H2A1 PC1 FC . 17.38 -43.14 -57.85
H2A2 PC1 FC . 18.83 -43.53 -58.34
H2B1 PC1 FC . 16.69 -45.40 -58.23
H2B2 PC1 FC . 17.16 -44.68 -59.56
H2C1 PC1 FC . 19.34 -45.65 -59.21
H2C2 PC1 FC . 18.68 -46.56 -58.09
H2D1 PC1 FC . 17.47 -46.65 -60.60
H2D2 PC1 FC . 17.61 -47.82 -59.56
H2E1 PC1 FC . 19.90 -46.86 -60.89
H2E2 PC1 FC . 19.75 -48.27 -60.21
H2F1 PC1 FC . 18.25 -47.59 -62.51
H2F2 PC1 FC . 18.38 -49.03 -61.87
H2G1 PC1 FC . 20.63 -49.16 -62.52
H2G2 PC1 FC . 19.70 -48.91 -63.79
H2H1 PC1 FC . 21.18 -46.85 -62.53
H2H2 PC1 FC . 21.59 -47.55 -63.88
H2I1 PC1 FC . 19.32 -45.90 -63.55
H2I2 PC1 FC . 19.53 -46.80 -64.83
H2I3 PC1 FC . 20.54 -45.63 -64.52
H31 PC1 FC . 21.08 -35.41 -49.46
H32 PC1 FC . 20.30 -35.03 -50.77
H321 PC1 FC . 17.33 -35.19 -48.08
H322 PC1 FC . 17.43 -36.53 -47.25
H331 PC1 FC . 16.75 -37.79 -48.99
H332 PC1 FC . 17.10 -36.67 -50.05
H341 PC1 FC . 14.81 -36.67 -49.90
H342 PC1 FC . 15.30 -35.37 -49.16
H351 PC1 FC . 15.03 -37.62 -47.52
H352 PC1 FC . 14.84 -36.09 -47.14
H361 PC1 FC . 12.76 -37.11 -47.05
H362 PC1 FC . 12.74 -36.08 -48.26
H371 PC1 FC . 13.12 -37.91 -49.76
H372 PC1 FC . 11.79 -38.10 -48.95
H381 PC1 FC . 13.23 -39.35 -47.34
H382 PC1 FC . 14.21 -39.48 -48.59
H391 PC1 FC . 11.54 -40.46 -48.58
H392 PC1 FC . 12.54 -40.57 -49.78
H3A1 PC1 FC . 13.35 -41.60 -47.27
H3A2 PC1 FC . 12.35 -42.50 -48.11
H3B1 PC1 FC . 14.90 -41.68 -49.05
H3B2 PC1 FC . 14.58 -43.14 -48.52
H3C1 PC1 FC . 14.63 -42.89 -50.94
H3C2 PC1 FC . 13.22 -42.21 -50.82
H3D1 PC1 FC . 13.83 -44.83 -50.70
H3D2 PC1 FC . 12.99 -44.45 -49.44
H3E1 PC1 FC . 12.13 -43.70 -52.03
H3E2 PC1 FC . 11.79 -45.17 -51.51
H3F1 PC1 FC . 9.94 -43.83 -51.17
H3F2 PC1 FC . 10.81 -42.79 -50.35
H3G1 PC1 FC . 11.09 -44.34 -48.60
H3G2 PC1 FC . 10.37 -45.44 -49.48
H3H1 PC1 FC . 8.97 -44.50 -47.79
H3H2 PC1 FC . 9.04 -43.11 -48.57
H3I1 PC1 FC . 8.04 -45.46 -49.80
H3I2 PC1 FC . 7.08 -44.40 -49.10
H3I3 PC1 FC . 7.91 -43.98 -50.38
C1 CDL GC . -26.45 11.40 -34.46
O1 CDL GC . -25.51 12.10 -33.71
CA2 CDL GC . -26.24 9.91 -34.26
OA2 CDL GC . -26.17 9.64 -32.89
PA1 CDL GC . -26.75 8.20 -32.34
OA3 CDL GC . -28.19 8.07 -32.69
OA4 CDL GC . -26.58 8.15 -30.85
OA5 CDL GC . -25.91 6.94 -33.01
CA3 CDL GC . -24.53 6.89 -32.81
CA4 CDL GC . -23.79 7.05 -34.14
OA6 CDL GC . -23.57 5.78 -34.67
CA5 CDL GC . -24.49 5.41 -35.65
OA7 CDL GC . -25.64 5.65 -35.50
C11 CDL GC . -24.03 4.68 -36.91
C12 CDL GC . -22.81 5.37 -37.51
C13 CDL GC . -22.16 4.46 -38.54
C14 CDL GC . -23.14 4.21 -39.68
C15 CDL GC . -22.46 4.39 -41.02
C16 CDL GC . -22.30 5.88 -41.32
C17 CDL GC . -21.80 6.05 -42.76
C18 CDL GC . -21.75 7.54 -43.08
C19 CDL GC . -21.28 7.79 -44.52
C20 CDL GC . -19.96 7.10 -44.81
C21 CDL GC . -19.41 7.55 -46.16
C22 CDL GC . -18.94 9.01 -46.10
C23 CDL GC . -17.44 9.09 -46.39
C24 CDL GC . -16.63 9.14 -45.10
C25 CDL GC . -16.39 10.57 -44.62
C26 CDL GC . -15.48 11.35 -45.59
C27 CDL GC . -14.03 10.94 -45.37
CA6 CDL GC . -22.45 7.74 -33.93
OA8 CDL GC . -22.53 9.10 -34.27
CA7 CDL GC . -21.69 9.94 -33.52
OA9 CDL GC . -21.24 9.59 -32.49
C31 CDL GC . -21.35 11.34 -34.04
C32 CDL GC . -21.97 12.41 -33.13
C33 CDL GC . -21.38 13.77 -33.49
C34 CDL GC . -20.34 14.23 -32.46
C35 CDL GC . -20.94 14.40 -31.06
C36 CDL GC . -20.99 15.87 -30.67
C37 CDL GC . -22.30 16.49 -31.14
C38 CDL GC . -22.03 17.85 -31.79
C39 CDL GC . -23.31 18.68 -31.82
C40 CDL GC . -23.14 19.88 -32.76
C41 CDL GC . -23.07 19.42 -34.21
C42 CDL GC . -23.98 20.29 -35.07
C43 CDL GC . -23.68 20.01 -36.54
C44 CDL GC . -24.88 20.40 -37.40
C45 CDL GC . -24.54 20.11 -38.86
C46 CDL GC . -25.83 20.08 -39.68
C47 CDL GC . -25.59 19.32 -40.98
CB2 CDL GC . -26.28 11.74 -35.93
OB2 CDL GC . -27.23 11.08 -36.70
PB2 CDL GC . -28.57 11.90 -37.16
OB3 CDL GC . -29.74 10.95 -37.20
OB4 CDL GC . -28.84 13.00 -36.16
OB5 CDL GC . -28.37 12.58 -38.66
CB3 CDL GC . -27.37 12.09 -39.49
CB4 CDL GC . -26.79 13.22 -40.34
OB6 CDL GC . -26.33 14.28 -39.54
CB5 CDL GC . -25.02 14.66 -39.85
OB7 CDL GC . -24.82 15.70 -40.37
C51 CDL GC . -23.85 13.74 -39.51
C52 CDL GC . -22.54 14.53 -39.56
C53 CDL GC . -21.36 13.56 -39.39
C54 CDL GC . -20.07 14.14 -39.97
C55 CDL GC . -20.17 14.20 -41.50
C56 CDL GC . -18.82 14.54 -42.11
C57 CDL GC . -18.74 13.99 -43.53
C58 CDL GC . -19.77 14.66 -44.45
C59 CDL GC . -19.77 13.97 -45.80
C60 CDL GC . -19.80 15.01 -46.93
C61 CDL GC . -19.46 14.40 -48.30
C62 CDL GC . -18.11 13.68 -48.30
C63 CDL GC . -16.96 14.69 -48.32
C64 CDL GC . -16.80 15.31 -49.70
C65 CDL GC . -15.56 16.20 -49.70
C66 CDL GC . -15.57 17.17 -50.89
C67 CDL GC . -16.80 18.08 -50.83
CB6 CDL GC . -27.89 13.74 -41.26
OB8 CDL GC . -27.89 13.03 -42.46
CB7 CDL GC . -28.81 13.51 -43.39
OB9 CDL GC . -29.69 14.22 -43.04
C71 CDL GC . -28.69 13.14 -44.87
C72 CDL GC . -27.66 12.03 -45.07
C73 CDL GC . -27.43 11.86 -46.57
C74 CDL GC . -25.93 11.63 -46.87
C75 CDL GC . -25.43 12.61 -47.94
C76 CDL GC . -25.60 14.07 -47.47
C77 CDL GC . -25.89 14.97 -48.68
C78 CDL GC . -26.62 16.24 -48.22
C79 CDL GC . -25.66 17.23 -47.52
C80 CDL GC . -24.57 17.72 -48.46
C81 CDL GC . -25.00 19.01 -49.15
C82 CDL GC . -23.87 19.51 -50.06
C83 CDL GC . -23.84 18.65 -51.32
C84 CDL GC . -22.74 19.16 -52.26
C85 CDL GC . -21.37 18.80 -51.67
C86 CDL GC . -20.29 18.83 -52.75
C87 CDL GC . -20.57 17.78 -53.82
H1 CDL GC . -27.34 11.64 -34.17
H1O1 CDL GC . -25.84 12.32 -32.96
HA22 CDL GC . -25.41 9.63 -34.67
HA21 CDL GC . -26.98 9.42 -34.66
HA32 CDL GC . -24.30 6.04 -32.42
HA31 CDL GC . -24.27 7.61 -32.21
HA4 CDL GC . -24.33 7.57 -34.75
H112 CDL GC . -23.80 3.78 -36.68
H111 CDL GC . -24.74 4.68 -37.55
H122 CDL GC . -23.12 6.16 -37.97
H121 CDL GC . -22.18 5.64 -36.83
H132 CDL GC . -21.94 3.62 -38.13
H131 CDL GC . -21.36 4.88 -38.89
H142 CDL GC . -23.86 4.86 -39.61
H141 CDL GC . -23.51 3.32 -39.62
H152 CDL GC . -23.00 3.98 -41.71
H151 CDL GC . -21.59 3.96 -41.00
H162 CDL GC . -23.15 6.31 -41.22
H161 CDL GC . -21.66 6.27 -40.70
H172 CDL GC . -22.41 5.61 -43.36
H171 CDL GC . -20.92 5.66 -42.83
H182 CDL GC . -22.65 7.90 -42.99
H181 CDL GC . -21.15 7.99 -42.46
H192 CDL GC . -21.18 8.76 -44.64
H191 CDL GC . -21.95 7.46 -45.13
H202 CDL GC . -20.11 6.14 -44.85
H201 CDL GC . -19.31 7.30 -44.11
H212 CDL GC . -20.11 7.47 -46.83
H211 CDL GC . -18.66 6.98 -46.39
H222 CDL GC . -19.41 9.52 -46.77
H221 CDL GC . -19.11 9.38 -45.22
H232 CDL GC . -17.16 8.34 -46.93
H231 CDL GC . -17.31 9.90 -46.90
H242 CDL GC . -15.77 8.70 -45.24
H241 CDL GC . -17.14 8.66 -44.41
H252 CDL GC . -17.24 11.02 -44.56
H251 CDL GC . -15.96 10.54 -43.75
H262 CDL GC . -15.73 11.17 -46.51
H261 CDL GC . -15.57 12.29 -45.41
H273 CDL GC . -13.45 11.51 -45.90
H272 CDL GC . -13.90 10.02 -45.64
H271 CDL GC . -13.80 11.04 -44.43
HA62 CDL GC . -21.79 7.32 -34.49
HA61 CDL GC . -22.19 7.65 -33.00
H312 CDL GC . -21.70 11.46 -34.93
H311 CDL GC . -20.38 11.45 -34.04
H322 CDL GC . -21.77 12.17 -32.21
H321 CDL GC . -22.93 12.41 -33.26
H332 CDL GC . -22.11 14.41 -33.48
H331 CDL GC . -20.98 13.74 -34.36
H342 CDL GC . -19.64 13.57 -32.42
H341 CDL GC . -19.98 15.08 -32.75
H352 CDL GC . -21.85 14.05 -31.06
H351 CDL GC . -20.42 13.91 -30.41
H362 CDL GC . -20.25 16.34 -31.07
H361 CDL GC . -20.94 15.95 -29.70
H372 CDL GC . -22.90 16.61 -30.39
H371 CDL GC . -22.73 15.91 -31.80
H382 CDL GC . -21.35 18.32 -31.28
H381 CDL GC . -21.72 17.71 -32.70
H392 CDL GC . -23.54 18.98 -30.93
H391 CDL GC . -24.02 18.12 -32.17
H402 CDL GC . -23.89 20.50 -32.65
H401 CDL GC . -22.32 20.34 -32.54
H412 CDL GC . -22.16 19.48 -34.53
H411 CDL GC . -23.38 18.50 -34.27
H422 CDL GC . -24.90 20.10 -34.88
H421 CDL GC . -23.80 21.24 -34.88
H432 CDL GC . -23.50 19.07 -36.65
H431 CDL GC . -22.91 20.54 -36.81
H442 CDL GC . -25.06 21.35 -37.29
H441 CDL GC . -25.65 19.89 -37.13
H452 CDL GC . -24.10 19.25 -38.92
H451 CDL GC . -23.96 20.80 -39.20
H462 CDL GC . -26.53 19.64 -39.17
H461 CDL GC . -26.10 20.99 -39.89
H473 CDL GC . -25.19 18.45 -40.78
H472 CDL GC . -24.99 19.82 -41.55
H471 CDL GC . -26.44 19.18 -41.44
HB22 CDL GC . -26.39 12.70 -36.05
HB21 CDL GC . -25.39 11.48 -36.23
HB32 CDL GC . -26.67 11.71 -38.95
HB31 CDL GC . -27.74 11.42 -40.08
HB4 CDL GC . -26.06 12.88 -40.88
H512 CDL GC . -23.98 13.38 -38.61
H511 CDL GC . -23.81 13.02 -40.15
H522 CDL GC . -22.53 15.19 -38.86
H521 CDL GC . -22.49 14.97 -40.42
H532 CDL GC . -21.24 13.37 -38.44
H531 CDL GC . -21.57 12.74 -39.86
H542 CDL GC . -19.93 15.03 -39.62
H541 CDL GC . -19.32 13.57 -39.72
H552 CDL GC . -20.46 13.33 -41.83
H551 CDL GC . -20.81 14.88 -41.75
H562 CDL GC . -18.73 15.50 -42.13
H561 CDL GC . -18.10 14.15 -41.58
H572 CDL GC . -17.86 14.17 -43.89
H571 CDL GC . -18.90 13.03 -43.52
H582 CDL GC . -20.66 14.60 -44.06
H581 CDL GC . -19.54 15.60 -44.55
H592 CDL GC . -18.98 13.41 -45.82
H591 CDL GC . -20.56 13.40 -45.86
H602 CDL GC . -20.70 15.37 -46.97
H601 CDL GC . -19.17 15.70 -46.73
H612 CDL GC . -20.16 13.78 -48.56
H611 CDL GC . -19.43 15.13 -48.93
H622 CDL GC . -18.00 13.06 -47.58
H621 CDL GC . -18.06 13.18 -49.13
H632 CDL GC . -17.13 15.38 -47.66
H631 CDL GC . -16.14 14.24 -48.08
H642 CDL GC . -16.69 14.61 -50.35
H641 CDL GC . -17.60 15.82 -49.90
H652 CDL GC . -14.78 15.63 -49.78
H651 CDL GC . -15.54 16.72 -48.88
H662 CDL GC . -14.77 17.72 -50.86
H661 CDL GC . -15.59 16.67 -51.71
H673 CDL GC . -17.57 17.63 -51.19
H672 CDL GC . -16.97 18.34 -49.91
H671 CDL GC . -16.63 18.88 -51.36
HB62 CDL GC . -28.75 13.65 -40.82
HB61 CDL GC . -27.73 14.68 -41.44
H712 CDL GC . -28.41 13.92 -45.37
H711 CDL GC . -29.55 12.85 -45.20
H722 CDL GC . -26.85 12.27 -44.61
H721 CDL GC . -28.01 11.20 -44.69
H732 CDL GC . -27.76 12.62 -47.04
H731 CDL GC . -27.91 11.07 -46.86
H742 CDL GC . -25.80 10.72 -47.18
H741 CDL GC . -25.41 11.78 -46.07
H752 CDL GC . -25.94 12.46 -48.75
H751 CDL GC . -24.49 12.44 -48.09
H762 CDL GC . -26.30 14.17 -46.82
H761 CDL GC . -24.76 14.36 -47.08
H772 CDL GC . -26.49 14.49 -49.27
H771 CDL GC . -25.07 15.15 -49.16
H782 CDL GC . -27.01 16.68 -48.98
H781 CDL GC . -27.30 15.98 -47.58
H792 CDL GC . -26.17 18.00 -47.21
H791 CDL GC . -25.25 16.77 -46.77
H802 CDL GC . -23.76 17.90 -47.95
H801 CDL GC . -24.35 17.07 -49.15
H812 CDL GC . -25.22 19.68 -48.49
H811 CDL GC . -25.78 18.82 -49.70
H822 CDL GC . -23.03 19.42 -49.59
H821 CDL GC . -24.02 20.44 -50.29
H832 CDL GC . -24.70 18.73 -51.76
H831 CDL GC . -23.67 17.73 -51.10
H842 CDL GC . -22.88 18.74 -53.13
H841 CDL GC . -22.82 20.12 -52.36
H852 CDL GC . -21.15 19.44 -50.97
H851 CDL GC . -21.42 17.90 -51.31
H862 CDL GC . -19.43 18.64 -52.33
H861 CDL GC . -20.27 19.71 -53.17
H873 CDL GC . -19.74 17.59 -54.30
H872 CDL GC . -20.89 16.96 -53.40
H871 CDL GC . -21.23 18.10 -54.44
C1 CDL HC . -31.27 15.52 -27.28
O1 CDL HC . -30.58 16.71 -27.52
CA2 CDL HC . -30.94 15.02 -25.88
OA2 CDL HC . -31.58 15.82 -24.93
PA1 CDL HC . -30.73 16.19 -23.56
OA3 CDL HC . -31.46 17.25 -22.79
OA4 CDL HC . -30.59 14.98 -22.69
OA5 CDL HC . -29.26 16.74 -24.04
CA3 CDL HC . -28.68 17.79 -23.34
CA4 CDL HC . -28.36 18.89 -24.34
OA6 CDL HC . -27.76 18.29 -25.46
CA5 CDL HC . -26.40 18.02 -25.33
OA7 CDL HC . -25.99 17.33 -24.46
C11 CDL HC . -25.47 18.64 -26.35
C12 CDL HC . -24.07 18.03 -26.26
C13 CDL HC . -23.51 17.78 -27.66
C14 CDL HC . -22.86 19.03 -28.25
C15 CDL HC . -21.98 19.80 -27.27
C16 CDL HC . -20.67 20.27 -27.91
C17 CDL HC . -20.88 20.83 -29.32
C18 CDL HC . -19.55 21.31 -29.87
C19 CDL HC . -19.34 22.75 -29.43
C20 CDL HC . -18.06 23.33 -30.05
C21 CDL HC . -18.23 23.45 -31.56
C22 CDL HC . -17.03 24.14 -32.19
C23 CDL HC . -17.41 24.57 -33.60
C24 CDL HC . -16.56 23.80 -34.61
C25 CDL HC . -17.23 23.84 -35.99
C26 CDL HC . -17.16 22.47 -36.67
C27 CDL HC . -17.75 21.37 -35.77
CA6 CDL HC . -27.52 19.96 -23.66
OA8 CDL HC . -28.17 21.19 -23.71
CA7 CDL HC . -27.99 21.85 -24.93
OA9 CDL HC . -28.77 21.72 -25.80
C31 CDL HC . -26.75 22.73 -25.12
C32 CDL HC . -27.17 24.10 -25.65
C33 CDL HC . -26.17 25.16 -25.18
C34 CDL HC . -25.48 25.81 -26.39
C35 CDL HC . -26.40 26.85 -27.02
C36 CDL HC . -25.57 27.97 -27.65
C37 CDL HC . -24.86 27.44 -28.90
C38 CDL HC . -24.45 28.61 -29.79
C39 CDL HC . -23.25 29.35 -29.21
C40 CDL HC . -22.62 30.20 -30.31
C41 CDL HC . -23.51 31.40 -30.61
C42 CDL HC . -22.82 32.29 -31.65
C43 CDL HC . -23.63 33.55 -31.96
C44 CDL HC . -23.98 34.33 -30.70
C45 CDL HC . -25.02 35.40 -31.03
C46 CDL HC . -25.50 36.07 -29.73
C47 CDL HC . -26.81 36.80 -29.97
CB2 CDL HC . -30.85 14.47 -28.30
OB2 CDL HC . -29.45 14.30 -28.25
PB2 CDL HC . -28.60 14.45 -29.65
OB3 CDL HC . -27.26 13.78 -29.48
OB4 CDL HC . -29.34 13.79 -30.77
OB5 CDL HC . -28.37 16.05 -29.98
CB3 CDL HC . -27.07 16.55 -30.04
CB4 CDL HC . -26.82 17.21 -31.39
OB6 CDL HC . -27.95 17.91 -31.77
CB5 CDL HC . -27.81 19.30 -31.66
OB7 CDL HC . -27.09 19.76 -30.84
C51 CDL HC . -28.59 20.23 -32.59
C52 CDL HC . -27.74 21.45 -32.90
C53 CDL HC . -28.38 22.25 -34.04
C54 CDL HC . -27.45 23.38 -34.48
C55 CDL HC . -27.27 24.37 -33.33
C56 CDL HC . -26.73 25.69 -33.88
C57 CDL HC . -25.20 25.70 -33.86
C58 CDL HC . -24.72 27.13 -34.11
C59 CDL HC . -23.20 27.21 -33.94
C60 CDL HC . -22.74 28.67 -34.07
C61 CDL HC . -21.26 28.74 -34.44
C62 CDL HC . -21.00 28.43 -35.92
C63 CDL HC . -21.83 29.29 -36.87
C64 CDL HC . -21.74 28.72 -38.27
C65 CDL HC . -22.67 29.49 -39.21
C66 CDL HC . -22.88 28.69 -40.49
C67 CDL HC . -23.85 29.45 -41.41
CB6 CDL HC . -26.46 16.13 -32.41
OB8 CDL HC . -26.90 16.55 -33.68
CB7 CDL HC . -26.23 15.97 -34.77
OB9 CDL HC . -25.16 15.48 -34.63
C71 CDL HC . -26.88 16.00 -36.15
C72 CDL HC . -27.95 17.08 -36.18
C73 CDL HC . -28.40 17.32 -37.61
C74 CDL HC . -29.60 18.25 -37.66
C75 CDL HC . -29.14 19.60 -38.20
C76 CDL HC . -30.32 20.54 -38.42
C77 CDL HC . -30.30 21.03 -39.87
C78 CDL HC . -29.05 21.90 -40.05
C79 CDL HC . -29.20 22.85 -41.23
C80 CDL HC . -27.83 23.11 -41.85
C81 CDL HC . -27.93 23.67 -43.27
C82 CDL HC . -28.58 22.66 -44.21
C83 CDL HC . -28.48 23.08 -45.67
C84 CDL HC . -27.03 23.29 -46.11
C85 CDL HC . -26.95 23.90 -47.52
C86 CDL HC . -27.68 25.23 -47.63
C87 CDL HC . -27.66 25.69 -49.09
H1 CDL HC . -32.22 15.67 -27.36
H1O1 CDL HC . -31.11 17.26 -27.90
HA22 CDL HC . -31.25 14.11 -25.79
HA21 CDL HC . -29.99 15.06 -25.75
HA32 CDL HC . -27.86 17.49 -22.91
HA31 CDL HC . -29.29 18.12 -22.68
HA4 CDL HC . -29.19 19.29 -24.63
H112 CDL HC . -25.41 19.59 -26.18
H111 CDL HC . -25.82 18.49 -27.24
H122 CDL HC . -23.54 18.61 -25.71
H121 CDL HC . -24.12 17.18 -25.82
H132 CDL HC . -24.22 17.49 -28.24
H131 CDL HC . -22.83 17.09 -27.60
H142 CDL HC . -22.34 18.71 -29.00
H141 CDL HC . -23.57 19.62 -28.57
H152 CDL HC . -21.71 19.22 -26.55
H151 CDL HC . -22.46 20.57 -26.93
H162 CDL HC . -20.28 20.96 -27.35
H161 CDL HC . -20.06 19.51 -27.97
H172 CDL HC . -21.51 21.58 -29.28
H171 CDL HC . -21.22 20.16 -29.92
H182 CDL HC . -19.58 21.25 -30.84
H181 CDL HC . -18.84 20.75 -29.54
H192 CDL HC . -19.28 22.80 -28.46
H191 CDL HC . -20.09 23.28 -29.74
H202 CDL HC . -17.31 22.75 -29.85
H201 CDL HC . -17.89 24.21 -29.68
H212 CDL HC . -18.32 22.57 -31.95
H211 CDL HC . -19.03 23.97 -31.75
H222 CDL HC . -16.29 23.51 -32.22
H221 CDL HC . -16.78 24.91 -31.67
H232 CDL HC . -17.25 25.51 -33.71
H231 CDL HC . -18.34 24.38 -33.76
H242 CDL HC . -16.39 22.90 -34.31
H241 CDL HC . -15.71 24.26 -34.69
H252 CDL HC . -18.16 24.09 -35.90
H251 CDL HC . -16.76 24.48 -36.54
H262 CDL HC . -16.23 22.26 -36.85
H261 CDL HC . -17.66 22.50 -37.49
H273 CDL HC . -18.12 20.66 -36.33
H272 CDL HC . -17.05 20.99 -35.22
H271 CDL HC . -18.45 21.74 -35.21
HA62 CDL HC . -26.65 20.07 -24.08
HA61 CDL HC . -27.37 19.71 -22.74
H312 CDL HC . -26.15 22.31 -25.75
H311 CDL HC . -26.31 22.83 -24.26
H322 CDL HC . -27.19 24.07 -26.61
H321 CDL HC . -28.05 24.33 -25.31
H332 CDL HC . -25.49 24.76 -24.61
H331 CDL HC . -26.65 25.84 -24.68
H342 CDL HC . -24.67 26.25 -26.09
H341 CDL HC . -25.26 25.13 -27.04
H352 CDL HC . -26.93 26.43 -27.71
H351 CDL HC . -26.99 27.23 -26.36
H362 CDL HC . -26.15 28.70 -27.91
H361 CDL HC . -24.91 28.28 -27.01
H372 CDL HC . -24.06 26.96 -28.61
H371 CDL HC . -25.44 26.83 -29.39
H382 CDL HC . -24.22 28.27 -30.66
H381 CDL HC . -25.20 29.22 -29.86
H392 CDL HC . -22.60 28.72 -28.86
H391 CDL HC . -23.56 29.93 -28.50
H402 CDL HC . -22.52 29.66 -31.10
H401 CDL HC . -21.74 30.50 -30.02
H412 CDL HC . -23.62 31.87 -29.77
H411 CDL HC . -24.36 31.10 -30.94
H422 CDL HC . -21.96 32.55 -31.30
H421 CDL HC . -22.71 31.78 -32.47
H432 CDL HC . -24.44 33.31 -32.42
H431 CDL HC . -23.09 34.13 -32.54
H442 CDL HC . -24.38 33.78 -30.01
H441 CDL HC . -23.19 34.76 -30.33
H452 CDL HC . -24.63 36.07 -31.61
H451 CDL HC . -25.77 34.99 -31.48
H462 CDL HC . -24.84 36.71 -29.44
H461 CDL HC . -25.62 35.40 -29.05
H473 CDL HC . -26.67 37.57 -30.55
H472 CDL HC . -27.18 37.10 -29.12
H471 CDL HC . -27.46 36.20 -30.40
HB22 CDL HC . -31.28 13.63 -28.10
HB21 CDL HC . -31.10 14.78 -29.19
HB32 CDL HC . -26.96 17.22 -29.34
HB31 CDL HC . -26.43 15.84 -29.91
HB4 CDL HC . -26.07 17.80 -31.30
H512 CDL HC . -28.79 19.76 -33.41
H511 CDL HC . -29.41 20.50 -32.16
H522 CDL HC . -26.85 21.16 -33.18
H521 CDL HC . -27.66 22.01 -32.12
H532 CDL HC . -29.22 22.61 -33.73
H531 CDL HC . -28.54 21.65 -34.78
H542 CDL HC . -27.84 23.82 -35.24
H541 CDL HC . -26.59 23.01 -34.72
H552 CDL HC . -26.66 24.01 -32.68
H551 CDL HC . -28.14 24.54 -32.92
H562 CDL HC . -27.04 25.83 -34.80
H561 CDL HC . -27.05 26.41 -33.32
H572 CDL HC . -24.88 25.40 -32.99
H571 CDL HC . -24.86 25.11 -34.55
H582 CDL HC . -25.14 27.72 -33.48
H581 CDL HC . -24.95 27.39 -35.01
H592 CDL HC . -22.76 26.68 -34.63
H591 CDL HC . -22.95 26.88 -33.08
H602 CDL HC . -22.87 29.10 -33.22
H601 CDL HC . -23.31 29.12 -34.70
H612 CDL HC . -20.78 28.09 -33.89
H611 CDL HC . -20.93 29.63 -34.24
H622 CDL HC . -20.06 28.59 -36.10
H621 CDL HC . -21.21 27.50 -36.08
H632 CDL HC . -21.48 30.20 -36.87
H631 CDL HC . -22.77 29.30 -36.64
H642 CDL HC . -22.00 27.78 -38.26
H641 CDL HC . -20.83 28.79 -38.60
H652 CDL HC . -23.53 29.62 -38.77
H651 CDL HC . -22.27 30.34 -39.42
H662 CDL HC . -22.04 28.58 -40.95
H661 CDL HC . -23.25 27.82 -40.29
H673 CDL HC . -24.63 29.72 -40.89
H672 CDL HC . -24.13 28.87 -42.13
H671 CDL HC . -23.41 30.24 -41.77
HB62 CDL HC . -26.91 15.31 -32.17
HB61 CDL HC . -25.50 16.01 -32.41
H712 CDL HC . -26.20 16.19 -36.82
H711 CDL HC . -27.27 15.14 -36.34
H722 CDL HC . -28.71 16.79 -35.64
H721 CDL HC . -27.59 17.90 -35.81
H732 CDL HC . -27.66 17.70 -38.11
H731 CDL HC . -28.65 16.46 -38.01
H742 CDL HC . -30.28 17.89 -38.22
H741 CDL HC . -29.96 18.37 -36.75
H752 CDL HC . -28.52 20.01 -37.58
H751 CDL HC . -28.70 19.46 -39.05
H762 CDL HC . -31.16 20.07 -38.24
H761 CDL HC . -30.24 21.30 -37.82
H772 CDL HC . -30.26 20.27 -40.47
H771 CDL HC . -31.09 21.56 -40.05
H782 CDL HC . -28.30 21.30 -40.22
H781 CDL HC . -28.88 22.40 -39.25
H792 CDL HC . -29.80 22.45 -41.87
H791 CDL HC . -29.57 23.68 -40.91
H802 CDL HC . -27.33 23.73 -41.29
H801 CDL HC . -27.35 22.27 -41.90
H812 CDL HC . -27.03 23.89 -43.54
H811 CDL HC . -28.47 24.48 -43.24
H822 CDL HC . -29.51 22.55 -43.99
H821 CDL HC . -28.11 21.81 -44.10
H832 CDL HC . -28.88 22.40 -46.22
H831 CDL HC . -28.99 23.91 -45.74
H842 CDL HC . -26.58 23.92 -45.54
H841 CDL HC . -26.55 22.45 -46.11
H852 CDL HC . -27.33 23.28 -48.16
H851 CDL HC . -26.01 24.04 -47.74
H862 CDL HC . -27.26 25.90 -47.08
H861 CDL HC . -28.61 25.12 -47.38
H873 CDL HC . -28.01 24.98 -49.65
H872 CDL HC . -26.74 25.88 -49.35
H871 CDL HC . -28.20 26.48 -49.19
C24 PEE IC . -7.86 18.36 -3.90
C23 PEE IC . -8.86 18.48 -5.04
C22 PEE IC . -10.08 17.59 -4.78
C21 PEE IC . -10.78 17.29 -6.11
C20 PEE IC . -12.25 16.97 -5.86
C19 PEE IC . -12.75 15.81 -6.72
C18 PEE IC . -13.17 14.63 -5.85
C17 PEE IC . -13.41 13.43 -6.75
C16 PEE IC . -14.79 12.84 -6.48
C15 PEE IC . -14.95 11.56 -7.28
C14 PEE IC . -16.34 11.53 -7.92
C13 PEE IC . -16.45 10.33 -8.85
C12 PEE IC . -17.23 10.70 -10.10
C11 PEE IC . -18.70 10.94 -9.77
C10 PEE IC . -19.49 9.70 -10.13
O4 PEE IC . -19.44 8.75 -9.43
O2 PEE IC . -20.27 9.71 -11.29
C2 PEE IC . -20.74 8.45 -11.69
C1 PEE IC . -22.00 8.59 -12.54
O3P PEE IC . -22.25 7.38 -13.20
P PEE IC . -23.79 6.81 -13.25
O2P PEE IC . -24.71 7.87 -12.68
O1P PEE IC . -23.90 5.56 -12.40
O4P PEE IC . -24.22 6.47 -14.80
C4 PEE IC . -24.09 5.17 -15.28
C5 PEE IC . -24.88 5.03 -16.58
N PEE IC . -24.99 3.63 -16.94
C3 PEE IC . -19.68 7.77 -12.54
O3 PEE IC . -19.59 8.39 -13.78
C30 PEE IC . -18.32 8.25 -14.35
O5 PEE IC . -18.15 7.44 -15.20
C31 PEE IC . -17.16 9.10 -13.86
C32 PEE IC . -15.95 8.91 -14.77
C33 PEE IC . -16.21 9.67 -16.07
C34 PEE IC . -15.93 11.17 -15.89
C35 PEE IC . -15.07 11.69 -17.03
C36 PEE IC . -15.18 13.22 -17.23
C37 PEE IC . -15.83 14.00 -16.08
C38 PEE IC . -15.08 15.32 -15.91
C39 PEE IC . -15.86 16.25 -14.96
C40 PEE IC . -15.63 17.70 -15.38
C41 PEE IC . -15.43 18.61 -14.17
C42 PEE IC . -15.03 19.99 -14.67
C43 PEE IC . -16.26 20.91 -14.71
C44 PEE IC . -15.89 22.32 -14.27
C45 PEE IC . -16.26 23.31 -15.37
C46 PEE IC . -15.26 23.30 -16.54
C47 PEE IC . -13.82 23.54 -16.10
H7 PEE IC . -18.82 7.84 -12.09
H8 PEE IC . -19.91 6.84 -12.66
H82 PEE IC . -13.79 24.25 -15.43
H5 PEE IC . -25.46 3.20 -16.31
H6 PEE IC . -24.18 3.27 -16.99
H12 PEE IC . -24.42 5.51 -17.29
H4 PEE IC . -25.41 3.55 -17.72
H10 PEE IC . -23.16 4.96 -15.44
H11 PEE IC . -25.76 5.41 -16.46
H9 PEE IC . -24.45 4.54 -14.62
H2 PEE IC . -22.74 8.80 -11.95
H3 PEE IC . -21.88 9.30 -13.19
H14 PEE IC . -19.02 11.69 -10.29
H1 PEE IC . -20.94 7.92 -10.92
H16 PEE IC . -16.86 11.52 -10.46
H13 PEE IC . -18.80 11.14 -8.82
H18 PEE IC . -16.91 9.60 -8.39
H20 PEE IC . -16.47 12.34 -8.43
H22 PEE IC . -14.28 11.54 -7.98
H19 PEE IC . -17.01 11.46 -7.23
H21 PEE IC . -14.84 10.80 -6.70
H28 PEE IC . -13.98 14.85 -5.37
H23 PEE IC . -14.88 12.65 -5.54
H24 PEE IC . -15.46 13.48 -6.75
H25 PEE IC . -13.34 13.70 -7.67
H26 PEE IC . -12.73 12.77 -6.58
H17 PEE IC . -15.56 10.03 -9.09
H27 PEE IC . -12.48 14.43 -5.21
H15 PEE IC . -17.16 9.99 -10.76
H29 PEE IC . -13.51 16.11 -7.23
H30 PEE IC . -12.05 15.52 -7.32
H31 PEE IC . -12.77 17.75 -6.08
H32 PEE IC . -12.37 16.74 -4.92
H33 PEE IC . -10.34 16.53 -6.53
H34 PEE IC . -10.71 18.06 -6.68
H35 PEE IC . -10.69 18.06 -4.20
H36 PEE IC . -9.81 16.76 -4.36
H37 PEE IC . -9.14 19.40 -5.12
H38 PEE IC . -8.45 18.20 -5.87
H39 PEE IC . -8.26 18.71 -3.09
H40 PEE IC . -7.62 17.43 -3.77
H48 PEE IC . -17.42 10.04 -13.86
H49 PEE IC . -16.92 8.85 -12.96
H50 PEE IC . -15.79 7.98 -14.94
H51 PEE IC . -15.17 9.28 -14.33
H52 PEE IC . -15.63 9.33 -16.76
H53 PEE IC . -17.14 9.55 -16.32
H54 PEE IC . -15.45 11.29 -15.06
H55 PEE IC . -16.78 11.63 -15.85
H56 PEE IC . -14.15 11.44 -16.90
H57 PEE IC . -15.39 11.27 -17.85
H58 PEE IC . -14.29 13.56 -17.34
H59 PEE IC . -15.69 13.36 -18.03
H60 PEE IC . -16.76 14.18 -16.29
H81 PEE IC . -13.46 22.72 -15.73
H61 PEE IC . -15.76 13.55 -15.23
H80 PEE IC . -13.28 23.81 -16.86
H62 PEE IC . -14.99 15.75 -16.78
H63 PEE IC . -14.20 15.17 -15.53
H64 PEE IC . -15.55 16.12 -14.06
H65 PEE IC . -16.82 16.05 -15.02
H66 PEE IC . -14.83 17.74 -15.92
H67 PEE IC . -16.39 18.01 -15.88
H68 PEE IC . -14.72 18.24 -13.61
H69 PEE IC . -16.24 18.64 -13.64
H70 PEE IC . -14.66 19.90 -15.56
H71 PEE IC . -14.38 20.36 -14.06
H72 PEE IC . -16.96 20.56 -14.13
H73 PEE IC . -16.58 20.94 -15.63
H74 PEE IC . -16.42 22.53 -13.49
H75 PEE IC . -14.95 22.37 -14.04
H76 PEE IC . -16.26 24.20 -14.98
H77 PEE IC . -17.14 23.11 -15.72
H78 PEE IC . -15.30 22.45 -16.99
H79 PEE IC . -15.50 24.01 -17.17
C27 PEE JC . -21.72 4.75 -48.27
C26 PEE JC . -21.04 3.55 -47.63
C25 PEE JC . -20.32 2.73 -48.70
C24 PEE JC . -19.35 1.75 -48.05
C23 PEE JC . -17.95 1.89 -48.67
C22 PEE JC . -16.89 1.31 -47.73
C21 PEE JC . -17.28 -0.07 -47.21
C20 PEE JC . -16.29 -0.52 -46.14
C19 PEE JC . -17.01 -0.69 -44.80
C18 PEE JC . -17.44 -2.15 -44.60
C17 PEE JC . -18.97 -2.18 -44.57
C16 PEE JC . -19.47 -3.62 -44.69
C15 PEE JC . -19.35 -4.33 -43.36
C14 PEE JC . -19.41 -5.85 -43.60
C13 PEE JC . -20.77 -6.29 -44.12
C12 PEE JC . -21.91 -5.81 -43.20
C11 PEE JC . -23.24 -6.30 -43.74
C10 PEE JC . -23.60 -7.60 -43.02
O4 PEE JC . -24.01 -7.56 -41.93
O2 PEE JC . -23.40 -8.82 -43.69
C2 PEE JC . -24.17 -9.89 -43.21
C1 PEE JC . -25.29 -10.17 -44.20
O3P PEE JC . -26.51 -9.78 -43.64
P PEE JC . -27.73 -10.89 -43.64
O2P PEE JC . -28.59 -10.74 -44.88
O1P PEE JC . -28.58 -10.68 -42.43
O4P PEE JC . -27.06 -12.39 -43.59
C4 PEE JC . -27.24 -13.23 -44.68
C5 PEE JC . -26.38 -14.48 -44.51
N PEE JC . -26.46 -15.28 -45.71
C3 PEE JC . -23.28 -11.12 -43.02
O3 PEE JC . -22.05 -10.97 -43.64
C30 PEE JC . -21.16 -12.00 -43.31
O5 PEE JC . -21.42 -12.73 -42.42
C31 PEE JC . -19.85 -12.18 -44.08
C32 PEE JC . -19.40 -13.63 -43.95
C33 PEE JC . -17.94 -13.76 -44.37
C34 PEE JC . -17.72 -15.12 -45.02
C35 PEE JC . -16.25 -15.35 -45.37
C36 PEE JC . -15.80 -14.41 -46.50
C37 PEE JC . -14.29 -14.25 -46.48
C38 PEE JC . -13.94 -12.79 -46.72
C39 PEE JC . -12.42 -12.61 -46.82
C40 PEE JC . -12.09 -11.49 -47.80
C41 PEE JC . -11.22 -10.43 -47.13
C42 PEE JC . -11.03 -9.28 -48.12
C43 PEE JC . -12.09 -8.20 -47.84
C44 PEE JC . -12.77 -7.78 -49.14
C45 PEE JC . -11.86 -6.89 -49.99
C46 PEE JC . -12.51 -6.70 -51.36
C47 PEE JC . -11.72 -5.66 -52.17
H7 PEE JC . -23.15 -11.23 -42.07
H8 PEE JC . -23.72 -11.92 -43.37
H82 PEE JC . -11.98 -5.73 -53.11
H5 PEE JC . -26.12 -14.83 -46.39
H6 PEE JC . -26.01 -16.04 -45.59
H12 PEE JC . -25.46 -14.22 -44.35
H4 PEE JC . -27.32 -15.47 -45.88
H10 PEE JC . -26.97 -12.76 -45.50
H11 PEE JC . -26.70 -14.99 -43.76
H9 PEE JC . -28.17 -13.48 -44.76
H2 PEE JC . -25.33 -11.12 -44.44
H3 PEE JC . -25.14 -9.66 -45.01
H14 PEE JC . -23.93 -5.64 -43.56
H1 PEE JC . -24.57 -9.65 -42.37
H16 PEE JC . -21.93 -4.84 -43.19
H13 PEE JC . -23.17 -6.46 -44.69
H18 PEE JC . -20.80 -7.25 -44.16
H20 PEE JC . -18.73 -6.09 -44.24
H22 PEE JC . -20.03 -4.04 -42.74
H19 PEE JC . -19.24 -6.31 -42.75
H21 PEE JC . -18.49 -4.12 -42.97
H28 PEE JC . -17.12 -2.70 -45.32
H23 PEE JC . -20.41 -3.59 -44.95
H24 PEE JC . -18.97 -4.09 -45.37
H25 PEE JC . -19.30 -1.69 -45.34
H26 PEE JC . -19.29 -1.78 -43.75
H17 PEE JC . -20.91 -5.92 -45.00
H27 PEE JC . -17.09 -2.49 -43.77
H15 PEE JC . -21.76 -6.15 -42.31
H29 PEE JC . -17.79 -0.12 -44.75
H30 PEE JC . -16.39 -0.45 -44.08
H31 PEE JC . -15.60 0.16 -46.04
H32 PEE JC . -15.89 -1.37 -46.41
H33 PEE JC . -18.17 -0.07 -46.82
H34 PEE JC . -17.26 -0.71 -47.95
H35 PEE JC . -16.04 1.26 -48.20
H36 PEE JC . -16.80 1.91 -46.96
H37 PEE JC . -17.92 1.43 -49.51
H38 PEE JC . -17.77 2.84 -48.79
H39 PEE JC . -19.31 1.93 -47.10
H40 PEE JC . -19.68 0.85 -48.20
H41 PEE JC . -20.97 2.25 -49.22
H43 PEE JC . -20.39 3.86 -46.97
H44 PEE JC . -21.69 2.99 -47.19
H45 PEE JC . -22.51 4.46 -48.73
H46 PEE JC . -21.96 5.39 -47.58
H47 PEE JC . -21.11 5.18 -48.90
H48 PEE JC . -19.17 -11.59 -43.70
H49 PEE JC . -19.99 -11.96 -45.00
H50 PEE JC . -19.48 -13.92 -43.03
H51 PEE JC . -19.95 -14.20 -44.51
H52 PEE JC . -17.74 -13.05 -45.00
H53 PEE JC . -17.36 -13.68 -43.59
H54 PEE JC . -18.02 -15.82 -44.43
H55 PEE JC . -18.25 -15.15 -45.84
H56 PEE JC . -16.14 -16.26 -45.66
H57 PEE JC . -15.72 -15.17 -44.59
H58 PEE JC . -16.08 -14.78 -47.35
H59 PEE JC . -16.20 -13.54 -46.37
H60 PEE JC . -13.92 -14.55 -45.64
H81 PEE JC . -11.94 -4.77 -51.84
H61 PEE JC . -13.91 -14.79 -47.19
H80 PEE JC . -10.78 -5.84 -52.08
H62 PEE JC . -14.35 -12.50 -47.54
H63 PEE JC . -14.28 -12.25 -45.98
H64 PEE JC . -12.01 -13.44 -47.12
H65 PEE JC . -12.08 -12.38 -45.94
H66 PEE JC . -12.91 -11.07 -48.11
H67 PEE JC . -11.61 -11.86 -48.56
H68 PEE JC . -10.36 -10.82 -46.92
H69 PEE JC . -11.64 -10.12 -46.32
H70 PEE JC . -11.13 -9.62 -49.03
H71 PEE JC . -10.15 -8.90 -48.01
H72 PEE JC . -12.76 -8.55 -47.23
H73 PEE JC . -11.65 -7.43 -47.45
H74 PEE JC . -13.01 -8.57 -49.66
H75 PEE JC . -13.58 -7.29 -48.94
H42 PEE JC . -19.83 3.33 -49.30
H76 PEE JC . -11.75 -6.03 -49.56
H77 PEE JC . -11.00 -7.30 -50.10
H78 PEE JC . -12.53 -7.53 -51.84
H79 PEE JC . -13.42 -6.37 -51.24
C1 CDL KC . -5.76 12.77 -32.28
O1 CDL KC . -5.04 13.92 -32.64
CA2 CDL KC . -7.08 13.18 -31.65
OA2 CDL KC . -7.46 14.45 -32.08
PA1 CDL KC . -7.17 15.74 -31.09
OA3 CDL KC . -5.75 15.72 -30.62
OA4 CDL KC . -7.43 16.99 -31.86
OA5 CDL KC . -8.18 15.67 -29.79
CA3 CDL KC . -7.75 16.31 -28.63
CA4 CDL KC . -7.08 15.28 -27.73
OA6 CDL KC . -7.88 14.14 -27.62
CA5 CDL KC . -7.19 12.94 -27.83
OA7 CDL KC . -6.04 12.85 -27.60
C11 CDL KC . -7.94 11.74 -28.35
C12 CDL KC . -9.34 11.74 -27.78
C13 CDL KC . -9.44 10.78 -26.60
C14 CDL KC . -10.70 9.91 -26.75
C15 CDL KC . -11.95 10.78 -26.83
C16 CDL KC . -13.13 9.96 -27.34
C17 CDL KC . -13.50 8.84 -26.39
C18 CDL KC . -14.36 7.79 -27.10
C19 CDL KC . -13.61 7.09 -28.23
C20 CDL KC . -14.61 6.45 -29.18
C21 CDL KC . -13.94 5.34 -29.97
C22 CDL KC . -14.12 3.97 -29.30
C23 CDL KC . -15.60 3.63 -29.08
C24 CDL KC . -15.79 3.03 -27.70
C25 CDL KC . -15.18 1.64 -27.67
C26 CDL KC . -15.77 0.84 -26.51
C27 CDL KC . -15.73 -0.65 -26.85
CA6 CDL KC . -6.86 15.85 -26.35
OA8 CDL KC . -8.07 16.03 -25.68
CA7 CDL KC . -8.28 15.20 -24.57
OA9 CDL KC . -7.56 14.29 -24.36
C31 CDL KC . -9.44 15.48 -23.64
C32 CDL KC . -10.53 14.45 -23.85
C33 CDL KC . -10.84 13.73 -22.55
C34 CDL KC . -12.24 13.15 -22.65
C35 CDL KC . -12.52 12.26 -21.45
C36 CDL KC . -11.79 10.94 -21.71
C37 CDL KC . -12.37 9.85 -20.81
C38 CDL KC . -11.87 8.47 -21.27
C39 CDL KC . -12.20 8.20 -22.73
C40 CDL KC . -13.68 7.85 -22.95
C41 CDL KC . -14.05 6.54 -22.25
C42 CDL KC . -13.45 5.33 -22.99
C43 CDL KC . -13.85 5.33 -24.46
C44 CDL KC . -13.23 4.15 -25.22
C45 CDL KC . -11.72 4.09 -25.01
C46 CDL KC . -11.20 2.79 -25.61
C47 CDL KC . -10.97 3.01 -27.09
CB2 CDL KC . -4.97 11.98 -31.25
OB2 CDL KC . -5.63 10.80 -30.95
PB2 CDL KC . -5.03 9.42 -31.60
OB3 CDL KC . -6.15 8.45 -31.83
OB4 CDL KC . -4.37 9.74 -32.92
OB5 CDL KC . -3.91 8.74 -30.59
CB3 CDL KC . -3.86 9.12 -29.25
CB4 CDL KC . -4.36 7.97 -28.38
OB6 CDL KC . -4.74 8.49 -27.14
CB5 CDL KC . -6.11 8.49 -26.91
OB7 CDL KC . -6.88 8.52 -27.80
C51 CDL KC . -6.61 8.44 -25.47
C52 CDL KC . -5.61 7.66 -24.63
C53 CDL KC . -6.09 7.55 -23.19
C54 CDL KC . -5.28 6.48 -22.47
C55 CDL KC . -4.14 7.09 -21.67
C56 CDL KC . -4.60 7.36 -20.24
C57 CDL KC . -3.42 7.69 -19.32
C58 CDL KC . -2.40 6.56 -19.21
C59 CDL KC . -2.95 5.40 -18.38
C60 CDL KC . -2.07 5.21 -17.15
C61 CDL KC . -0.73 4.59 -17.57
C62 CDL KC . -0.06 3.93 -16.36
C63 CDL KC . 1.17 3.14 -16.84
C64 CDL KC . 2.45 3.84 -16.41
C65 CDL KC . 3.64 3.05 -16.94
C66 CDL KC . 4.94 3.66 -16.45
C67 CDL KC . 6.14 2.91 -17.05
CB6 CDL KC . -3.26 6.91 -28.22
OB8 CDL KC . -3.73 5.92 -27.35
CB7 CDL KC . -3.72 4.62 -27.89
OB9 CDL KC . -2.97 4.32 -28.75
C71 CDL KC . -4.71 3.59 -27.35
C72 CDL KC . -5.61 4.26 -26.32
C73 CDL KC . -6.96 3.54 -26.24
C74 CDL KC . -7.61 3.74 -24.88
C75 CDL KC . -6.69 3.24 -23.76
C76 CDL KC . -7.54 3.00 -22.52
C77 CDL KC . -6.69 3.21 -21.27
C78 CDL KC . -7.60 3.60 -20.10
C79 CDL KC . -6.82 4.52 -19.19
C80 CDL KC . -7.71 5.14 -18.11
C81 CDL KC . -6.90 5.55 -16.88
C82 CDL KC . -6.01 4.39 -16.42
C83 CDL KC . -6.02 4.25 -14.89
C84 CDL KC . -4.83 5.00 -14.30
C85 CDL KC . -4.57 4.48 -12.89
C86 CDL KC . -3.23 5.00 -12.36
C87 CDL KC . -3.23 6.52 -12.29
H1 CDL KC . -5.91 12.23 -33.06
H1O1 CDL KC . -4.42 13.69 -33.16
HA22 CDL KC . -6.97 13.19 -30.70
HA21 CDL KC . -7.77 12.53 -31.89
HA32 CDL KC . -8.50 16.70 -28.17
HA31 CDL KC . -7.12 17.00 -28.87
HA4 CDL KC . -6.23 15.04 -28.12
H112 CDL KC . -7.47 10.92 -28.12
H111 CDL KC . -8.00 11.80 -29.32
H122 CDL KC . -9.96 11.46 -28.47
H121 CDL KC . -9.58 12.63 -27.48
H132 CDL KC . -9.51 11.28 -25.79
H131 CDL KC . -8.66 10.21 -26.57
H142 CDL KC . -10.61 9.39 -27.56
H141 CDL KC . -10.75 9.33 -25.98
H152 CDL KC . -11.83 11.52 -27.43
H151 CDL KC . -12.16 11.10 -25.95
H162 CDL KC . -13.88 10.56 -27.43
H161 CDL KC . -12.89 9.63 -28.22
H172 CDL KC . -14.02 9.21 -25.65
H171 CDL KC . -12.72 8.40 -26.04
H182 CDL KC . -14.64 7.12 -26.46
H181 CDL KC . -15.15 8.23 -27.48
H192 CDL KC . -13.06 6.39 -27.85
H191 CDL KC . -13.04 7.68 -28.75
H202 CDL KC . -14.90 7.11 -29.82
H201 CDL KC . -15.36 6.17 -28.65
H212 CDL KC . -12.99 5.54 -30.07
H211 CDL KC . -14.36 5.29 -30.84
H222 CDL KC . -13.68 4.00 -28.45
H221 CDL KC . -13.73 3.28 -29.86
H232 CDL KC . -15.83 2.97 -29.74
H231 CDL KC . -16.19 4.39 -29.21
H242 CDL KC . -15.36 3.59 -27.03
H241 CDL KC . -16.73 2.97 -27.51
H252 CDL KC . -14.21 1.71 -27.56
H251 CDL KC . -15.38 1.18 -28.50
H262 CDL KC . -16.68 1.11 -26.36
H261 CDL KC . -15.25 1.01 -25.71
H273 CDL KC . -16.18 -1.15 -26.16
H272 CDL KC . -14.82 -0.95 -26.93
H271 CDL KC . -16.18 -0.80 -27.70
HA62 CDL KC . -6.44 16.72 -26.46
HA61 CDL KC . -6.26 15.28 -25.84
H312 CDL KC . -9.13 15.45 -22.72
H311 CDL KC . -9.80 16.34 -23.83
H322 CDL KC . -11.32 14.91 -24.16
H321 CDL KC . -10.24 13.81 -24.52
H332 CDL KC . -10.19 13.03 -22.41
H331 CDL KC . -10.79 14.35 -21.80
H342 CDL KC . -12.31 12.63 -23.47
H341 CDL KC . -12.88 13.87 -22.66
H352 CDL KC . -12.19 12.66 -20.63
H351 CDL KC . -13.47 12.11 -21.37
H362 CDL KC . -10.86 11.06 -21.52
H361 CDL KC . -11.91 10.76 -22.65
H372 CDL KC . -13.34 9.87 -20.85
H371 CDL KC . -12.06 10.01 -19.92
H382 CDL KC . -10.90 8.43 -21.16
H381 CDL KC . -12.27 7.80 -20.69
H392 CDL KC . -11.97 8.92 -23.32
H391 CDL KC . -11.68 7.43 -23.01
H402 CDL KC . -13.85 7.81 -23.90
H401 CDL KC . -14.21 8.55 -22.56
H412 CDL KC . -15.01 6.46 -22.31
H411 CDL KC . -13.80 6.51 -21.33
H422 CDL KC . -12.50 5.39 -22.86
H421 CDL KC . -13.78 4.52 -22.56
H432 CDL KC . -14.81 5.26 -24.52
H431 CDL KC . -13.51 6.12 -24.90
H442 CDL KC . -13.40 4.28 -26.16
H441 CDL KC . -13.62 3.32 -24.92
H452 CDL KC . -11.48 4.06 -24.08
H451 CDL KC . -11.29 4.85 -25.43
H462 CDL KC . -10.38 2.53 -25.16
H461 CDL KC . -11.86 2.10 -25.47
H473 CDL KC . -10.42 2.30 -27.45
H472 CDL KC . -10.54 3.86 -27.22
H471 CDL KC . -11.83 3.01 -27.55
HB22 CDL KC . -4.10 11.77 -31.63
HB21 CDL KC . -4.86 12.51 -30.45
HB32 CDL KC . -2.95 9.32 -29.01
HB31 CDL KC . -4.42 9.89 -29.11
HB4 CDL KC . -5.12 7.55 -28.80
H512 CDL KC . -7.48 8.00 -25.44
H511 CDL KC . -6.69 9.34 -25.13
H522 CDL KC . -5.52 6.77 -25.00
H521 CDL KC . -4.76 8.10 -24.64
H532 CDL KC . -7.03 7.30 -23.18
H531 CDL KC . -5.98 8.40 -22.73
H542 CDL KC . -4.93 5.83 -23.11
H541 CDL KC . -5.88 6.03 -21.85
H552 CDL KC . -3.87 7.92 -22.08
H551 CDL KC . -3.40 6.47 -21.69
H562 CDL KC . -5.23 8.09 -20.22
H561 CDL KC . -4.98 6.55 -19.89
H572 CDL KC . -3.78 7.88 -18.43
H571 CDL KC . -2.99 8.48 -19.66
H582 CDL KC . -1.61 6.91 -18.76
H581 CDL KC . -2.14 6.23 -20.08
H592 CDL KC . -3.85 5.63 -18.07
H591 CDL KC . -3.00 4.58 -18.88
H602 CDL KC . -1.92 6.05 -16.71
H601 CDL KC . -2.52 4.61 -16.53
H612 CDL KC . -0.15 5.29 -17.91
H611 CDL KC . -0.90 3.92 -18.25
H622 CDL KC . 0.21 4.60 -15.72
H621 CDL KC . -0.69 3.32 -15.95
H632 CDL KC . 1.14 2.25 -16.45
H631 CDL KC . 1.15 3.07 -17.80
H642 CDL KC . 2.47 4.73 -16.76
H641 CDL KC . 2.50 3.88 -15.44
H652 CDL KC . 3.62 3.07 -17.91
H651 CDL KC . 3.58 2.12 -16.66
H662 CDL KC . 4.99 4.60 -16.74
H661 CDL KC . 4.98 3.62 -15.49
H673 CDL KC . 6.01 1.95 -16.92
H672 CDL KC . 6.95 3.18 -16.60
H671 CDL KC . 6.21 3.11 -17.99
HB62 CDL KC . -3.06 6.54 -29.07
HB61 CDL KC . -2.47 7.32 -27.84
H712 CDL KC . -5.25 3.25 -28.08
H711 CDL KC . -4.23 2.86 -26.94
H722 CDL KC . -5.14 4.26 -25.48
H721 CDL KC . -5.78 5.17 -26.59
H732 CDL KC . -6.79 2.60 -26.36
H731 CDL KC . -7.54 3.87 -26.93
H742 CDL KC . -8.41 3.21 -24.84
H741 CDL KC . -7.81 4.67 -24.74
H752 CDL KC . -6.26 2.41 -24.03
H751 CDL KC . -6.01 3.89 -23.55
H762 CDL KC . -8.29 3.62 -22.53
H761 CDL KC . -7.88 2.09 -22.52
H772 CDL KC . -6.24 2.38 -21.05
H771 CDL KC . -6.05 3.91 -21.42
H782 CDL KC . -8.40 4.05 -20.41
H781 CDL KC . -7.86 2.81 -19.61
H792 CDL KC . -6.49 5.24 -19.74
H791 CDL KC . -6.07 4.02 -18.84
H802 CDL KC . -8.37 4.48 -17.85
H801 CDL KC . -8.14 5.92 -18.49
H812 CDL KC . -6.33 6.30 -17.13
H811 CDL KC . -7.50 5.81 -16.17
H822 CDL KC . -6.39 3.57 -16.76
H821 CDL KC . -5.10 4.51 -16.73
H832 CDL KC . -6.84 4.59 -14.53
H831 CDL KC . -5.93 3.31 -14.68
H842 CDL KC . -5.04 5.95 -14.26
H841 CDL KC . -4.04 4.87 -14.84
H852 CDL KC . -5.28 4.80 -12.31
H851 CDL KC . -4.56 3.51 -12.89
H862 CDL KC . -2.52 4.70 -12.95
H861 CDL KC . -3.08 4.65 -11.46
H873 CDL KC . -4.03 6.83 -11.84
H872 CDL KC . -2.45 6.81 -11.79
H871 CDL KC . -3.19 6.89 -13.19
C1 CDL LC . 21.41 -48.19 -76.08
O1 CDL LC . 20.14 -48.71 -76.32
CA2 CDL LC . 21.87 -48.57 -74.67
OA2 CDL LC . 22.14 -49.95 -74.63
PA1 CDL LC . 22.32 -50.70 -73.18
OA3 CDL LC . 23.43 -50.04 -72.40
OA4 CDL LC . 22.68 -52.15 -73.41
OA5 CDL LC . 20.91 -50.60 -72.34
CA3 CDL LC . 20.68 -49.51 -71.49
CA4 CDL LC . 19.37 -49.68 -70.73
OA6 CDL LC . 19.44 -48.97 -69.53
CA5 CDL LC . 18.20 -48.44 -69.14
OA7 CDL LC . 17.65 -47.63 -69.80
C11 CDL LC . 17.56 -48.94 -67.85
C12 CDL LC . 17.71 -47.88 -66.75
C13 CDL LC . 17.31 -48.45 -65.39
C14 CDL LC . 16.00 -49.25 -65.44
C15 CDL LC . 15.83 -50.05 -64.15
C16 CDL LC . 15.20 -49.19 -63.05
C17 CDL LC . 14.76 -50.12 -61.92
C18 CDL LC . 13.64 -49.48 -61.10
C19 CDL LC . 12.85 -50.57 -60.38
C20 CDL LC . 11.47 -50.04 -59.99
C21 CDL LC . 10.58 -49.90 -61.22
C22 CDL LC . 9.14 -49.61 -60.80
C23 CDL LC . 8.34 -49.12 -61.99
C24 CDL LC . 6.98 -48.58 -61.54
C25 CDL LC . 5.94 -49.71 -61.49
C26 CDL LC . 5.42 -49.89 -60.06
C27 CDL LC . 4.72 -48.63 -59.57
CA6 CDL LC . 19.09 -51.15 -70.43
OA8 CDL LC . 17.71 -51.35 -70.32
CA7 CDL LC . 17.33 -52.65 -70.01
OA9 CDL LC . 18.04 -53.55 -70.31
C31 CDL LC . 16.02 -52.92 -69.27
C32 CDL LC . 16.29 -53.38 -67.84
C33 CDL LC . 15.13 -52.96 -66.93
C34 CDL LC . 15.19 -53.78 -65.66
C35 CDL LC . 14.00 -53.47 -64.75
C36 CDL LC . 13.78 -54.65 -63.82
C37 CDL LC . 15.04 -54.97 -63.02
C38 CDL LC . 14.72 -56.06 -62.01
C39 CDL LC . 14.81 -57.43 -62.68
C40 CDL LC . 15.73 -58.33 -61.87
C41 CDL LC . 15.74 -59.74 -62.49
C42 CDL LC . 16.95 -60.53 -61.98
C43 CDL LC . 16.83 -60.86 -60.48
C44 CDL LC . 15.54 -61.62 -60.14
C45 CDL LC . 15.17 -61.42 -58.68
C46 CDL LC . 13.66 -61.53 -58.50
C47 CDL LC . 13.22 -60.76 -57.26
CB2 CDL LC . 21.34 -46.66 -76.20
OB2 CDL LC . 20.29 -46.17 -75.44
PB2 CDL LC . 20.22 -44.55 -75.17
OB3 CDL LC . 19.62 -43.85 -76.37
OB4 CDL LC . 21.62 -44.03 -74.93
OB5 CDL LC . 19.30 -44.22 -73.84
CB3 CDL LC . 18.83 -45.27 -73.05
CB4 CDL LC . 17.64 -44.78 -72.24
OB6 CDL LC . 17.93 -44.79 -70.87
CB5 CDL LC . 17.27 -43.80 -70.14
OB7 CDL LC . 16.85 -42.82 -70.67
C51 CDL LC . 17.06 -43.96 -68.63
C52 CDL LC . 15.73 -43.32 -68.23
C53 CDL LC . 15.69 -43.12 -66.72
C54 CDL LC . 15.88 -44.44 -65.97
C55 CDL LC . 14.67 -44.66 -65.06
C56 CDL LC . 14.98 -45.77 -64.06
C57 CDL LC . 14.24 -45.58 -62.72
C58 CDL LC . 14.69 -44.28 -62.04
C59 CDL LC . 13.67 -43.82 -60.99
C60 CDL LC . 13.55 -44.82 -59.85
C61 CDL LC . 12.07 -44.95 -59.46
C62 CDL LC . 11.34 -45.86 -60.45
C63 CDL LC . 9.91 -46.17 -59.99
C64 CDL LC . 9.88 -46.82 -58.60
C65 CDL LC . 8.42 -47.01 -58.16
C66 CDL LC . 8.35 -47.53 -56.73
C67 CDL LC . 8.92 -46.50 -55.75
CB6 CDL LC . 16.44 -45.68 -72.49
OB8 CDL LC . 15.30 -45.16 -71.86
CB7 CDL LC . 14.14 -45.14 -72.65
OB9 CDL LC . 14.21 -45.11 -73.82
C71 CDL LC . 12.77 -45.15 -71.97
C72 CDL LC . 12.88 -44.62 -70.54
C73 CDL LC . 11.47 -44.40 -69.99
C74 CDL LC . 11.56 -44.08 -68.50
C75 CDL LC . 10.61 -42.92 -68.15
C76 CDL LC . 9.17 -43.29 -68.48
C77 CDL LC . 8.54 -44.06 -67.32
C78 CDL LC . 8.12 -43.06 -66.24
C79 CDL LC . 6.61 -42.81 -66.34
C80 CDL LC . 6.09 -42.19 -65.04
C81 CDL LC . 4.58 -42.40 -64.95
C82 CDL LC . 4.09 -41.97 -63.56
C83 CDL LC . 3.49 -40.57 -63.64
C84 CDL LC . 2.04 -40.67 -64.09
C85 CDL LC . 1.53 -39.28 -64.49
C86 CDL LC . 0.13 -39.39 -65.09
C87 CDL LC . -0.83 -39.99 -64.07
H1 CDL LC . 22.03 -48.53 -76.73
H1O1 CDL LC . 20.14 -49.13 -77.06
HA22 CDL LC . 22.66 -48.07 -74.43
HA21 CDL LC . 21.16 -48.36 -74.05
HA32 CDL LC . 21.41 -49.44 -70.87
HA31 CDL LC . 20.63 -48.70 -72.03
HA4 CDL LC . 18.65 -49.32 -71.27
H112 CDL LC . 16.62 -49.06 -68.04
H111 CDL LC . 17.96 -49.77 -67.57
H122 CDL LC . 18.63 -47.58 -66.71
H121 CDL LC . 17.13 -47.14 -66.97
H132 CDL LC . 17.20 -47.71 -64.76
H131 CDL LC . 18.01 -49.04 -65.08
H142 CDL LC . 15.98 -49.88 -66.17
H141 CDL LC . 15.27 -48.63 -65.53
H152 CDL LC . 16.69 -50.38 -63.87
H151 CDL LC . 15.24 -50.78 -64.34
H162 CDL LC . 15.85 -48.55 -62.72
H161 CDL LC . 14.44 -48.71 -63.41
H172 CDL LC . 14.44 -50.95 -62.30
H171 CDL LC . 15.51 -50.30 -61.34
H182 CDL LC . 13.06 -48.98 -61.69
H181 CDL LC . 14.03 -48.87 -60.45
H192 CDL LC . 12.75 -51.34 -60.96
H191 CDL LC . 13.33 -50.82 -59.58
H202 CDL LC . 11.58 -49.18 -59.57
H201 CDL LC . 11.06 -50.66 -59.37
H212 CDL LC . 10.59 -50.74 -61.73
H211 CDL LC . 10.90 -49.18 -61.79
H222 CDL LC . 8.74 -50.41 -60.44
H221 CDL LC . 9.15 -48.94 -60.10
H232 CDL LC . 8.22 -49.84 -62.62
H231 CDL LC . 8.82 -48.39 -62.41
H242 CDL LC . 6.68 -47.92 -62.17
H241 CDL LC . 7.08 -48.18 -60.66
H252 CDL LC . 6.33 -50.53 -61.80
H251 CDL LC . 5.21 -49.45 -62.05
H262 CDL LC . 6.15 -50.11 -59.47
H261 CDL LC . 4.77 -50.62 -60.06
H273 CDL LC . 4.22 -48.83 -58.75
H272 CDL LC . 4.10 -48.31 -60.25
H271 CDL LC . 5.38 -47.95 -59.37
HA62 CDL LC . 19.43 -51.72 -71.14
HA61 CDL LC . 19.52 -51.39 -69.60
H312 CDL LC . 15.52 -53.60 -69.75
H311 CDL LC . 15.52 -52.10 -69.24
H322 CDL LC . 17.10 -52.96 -67.52
H321 CDL LC . 16.39 -54.34 -67.82
H332 CDL LC . 15.19 -52.01 -66.73
H331 CDL LC . 14.29 -53.12 -67.39
H342 CDL LC . 16.01 -53.56 -65.18
H341 CDL LC . 15.18 -54.73 -65.89
H352 CDL LC . 13.21 -53.35 -65.30
H351 CDL LC . 14.18 -52.68 -64.23
H362 CDL LC . 13.06 -54.44 -63.20
H361 CDL LC . 13.54 -55.43 -64.35
H372 CDL LC . 15.73 -55.29 -63.62
H371 CDL LC . 15.36 -54.18 -62.56
H382 CDL LC . 15.37 -56.03 -61.29
H381 CDL LC . 13.83 -55.93 -61.63
H392 CDL LC . 15.15 -57.34 -63.58
H391 CDL LC . 13.93 -57.82 -62.73
H402 CDL LC . 15.39 -58.39 -60.96
H401 CDL LC . 16.63 -57.97 -61.87
H412 CDL LC . 14.90 -60.18 -62.35
H411 CDL LC . 15.86 -59.61 -63.45
H422 CDL LC . 16.99 -61.36 -62.47
H421 CDL LC . 17.75 -60.01 -62.12
H432 CDL LC . 17.59 -61.43 -60.24
H431 CDL LC . 16.87 -60.04 -59.97
H442 CDL LC . 15.69 -62.57 -60.30
H441 CDL LC . 14.79 -61.33 -60.68
H452 CDL LC . 15.61 -62.10 -58.15
H451 CDL LC . 15.45 -60.54 -58.39
H462 CDL LC . 13.21 -61.16 -59.27
H461 CDL LC . 13.42 -62.47 -58.40
H473 CDL LC . 12.25 -60.74 -57.22
H472 CDL LC . 13.56 -59.86 -57.30
H471 CDL LC . 13.56 -61.21 -56.47
HB22 CDL LC . 22.18 -46.27 -75.90
HB21 CDL LC . 21.19 -46.42 -77.14
HB32 CDL LC . 19.52 -45.57 -72.46
HB31 CDL LC . 18.55 -46.00 -73.63
HB4 CDL LC . 17.42 -43.88 -72.54
H512 CDL LC . 17.04 -44.90 -68.43
H511 CDL LC . 17.79 -43.53 -68.16
H522 CDL LC . 15.66 -42.46 -68.67
H521 CDL LC . 15.00 -43.89 -68.52
H532 CDL LC . 14.83 -42.73 -66.48
H531 CDL LC . 16.40 -42.51 -66.48
H542 CDL LC . 16.67 -44.38 -65.43
H541 CDL LC . 15.94 -45.18 -66.58
H552 CDL LC . 14.43 -43.82 -64.65
H551 CDL LC . 13.92 -44.95 -65.60
H562 CDL LC . 15.94 -45.77 -63.87
H561 CDL LC . 14.71 -46.61 -64.45
H572 CDL LC . 13.30 -45.54 -62.89
H571 CDL LC . 14.45 -46.33 -62.15
H582 CDL LC . 14.80 -43.55 -62.67
H581 CDL LC . 15.53 -44.44 -61.59
H592 CDL LC . 12.80 -43.70 -61.41
H591 CDL LC . 13.97 -42.97 -60.63
H602 CDL LC . 13.90 -45.69 -60.10
H601 CDL LC . 14.05 -44.48 -59.09
H612 CDL LC . 11.66 -44.08 -59.44
H611 CDL LC . 12.06 -45.32 -58.56
H622 CDL LC . 11.83 -46.69 -60.51
H621 CDL LC . 11.30 -45.42 -61.32
H632 CDL LC . 9.51 -46.79 -60.62
H631 CDL LC . 9.41 -45.35 -59.96
H642 CDL LC . 10.33 -47.68 -58.61
H641 CDL LC . 10.30 -46.24 -57.95
H652 CDL LC . 8.01 -47.67 -58.75
H651 CDL LC . 7.95 -46.17 -58.22
H662 CDL LC . 8.86 -48.34 -56.65
H661 CDL LC . 7.42 -47.70 -56.50
H673 CDL LC . 8.58 -45.62 -55.98
H672 CDL LC . 8.65 -46.73 -54.86
H671 CDL LC . 9.88 -46.50 -55.81
HB62 CDL LC . 16.29 -45.79 -73.44
HB61 CDL LC . 16.63 -46.55 -72.11
H712 CDL LC . 12.17 -44.58 -72.47
H711 CDL LC . 12.43 -46.05 -71.96
H722 CDL LC . 13.37 -43.78 -70.54
H721 CDL LC . 13.35 -45.27 -69.99
H732 CDL LC . 10.93 -45.19 -70.13
H731 CDL LC . 11.08 -43.65 -70.46
H742 CDL LC . 12.46 -43.86 -68.25
H741 CDL LC . 11.26 -44.86 -68.01
H752 CDL LC . 10.87 -42.14 -68.64
H751 CDL LC . 10.68 -42.75 -67.20
H762 CDL LC . 8.67 -42.47 -68.62
H761 CDL LC . 9.10 -43.82 -69.28
H772 CDL LC . 7.76 -44.52 -67.65
H771 CDL LC . 9.17 -44.69 -66.96
H782 CDL LC . 8.32 -43.42 -65.37
H781 CDL LC . 8.59 -42.23 -66.35
H792 CDL LC . 6.15 -43.65 -66.49
H791 CDL LC . 6.44 -42.21 -67.08
H802 CDL LC . 6.29 -41.25 -65.04
H801 CDL LC . 6.53 -42.61 -64.28
H812 CDL LC . 4.36 -43.32 -65.10
H811 CDL LC . 4.15 -41.84 -65.61
H822 CDL LC . 3.42 -42.60 -63.25
H821 CDL LC . 4.85 -41.97 -62.94
H832 CDL LC . 3.54 -40.15 -62.77
H831 CDL LC . 4.00 -40.04 -64.28
H842 CDL LC . 1.98 -41.26 -64.86
H841 CDL LC . 1.51 -41.02 -63.36
H852 CDL LC . 2.14 -38.90 -65.15
H851 CDL LC . 1.51 -38.70 -63.70
H862 CDL LC . 0.16 -39.95 -65.87
H861 CDL LC . -0.18 -38.50 -65.34
H873 CDL LC . -0.68 -40.94 -63.99
H872 CDL LC . -0.70 -39.57 -63.20
H871 CDL LC . -1.74 -39.83 -64.36
PA NAD MC . 73.56 -70.24 -39.21
O1A NAD MC . 72.36 -69.76 -38.44
O2A NAD MC . 73.74 -69.40 -40.44
O5B NAD MC . 74.93 -70.11 -38.25
C5B NAD MC . 75.38 -68.78 -37.99
C4B NAD MC . 75.96 -68.69 -36.55
O4B NAD MC . 77.53 -69.02 -36.58
C3B NAD MC . 75.87 -67.48 -36.10
O3B NAD MC . 76.00 -67.47 -34.61
C2B NAD MC . 77.10 -66.81 -36.75
O2B NAD MC . 77.44 -65.67 -36.10
C1B NAD MC . 78.18 -67.87 -36.57
N9A NAD MC . 79.12 -67.79 -37.67
C8A NAD MC . 79.11 -67.99 -38.99
N7A NAD MC . 80.36 -67.74 -39.43
C5A NAD MC . 81.12 -67.40 -38.37
C6A NAD MC . 82.48 -67.05 -38.27
N6A NAD MC . 83.56 -66.93 -39.29
N1A NAD MC . 83.00 -66.75 -37.09
C2A NAD MC . 82.22 -66.79 -35.96
N3A NAD MC . 80.91 -67.12 -36.05
C4A NAD MC . 80.37 -67.43 -37.27
O3 NAD MC . 73.36 -71.82 -39.64
PN NAD MC . 72.64 -72.95 -38.62
O1N NAD MC . 73.09 -74.37 -39.02
O2N NAD MC . 73.04 -72.69 -37.19
O5D NAD MC . 71.03 -72.82 -38.78
C5D NAD MC . 70.24 -73.98 -38.62
C4D NAD MC . 68.96 -73.82 -39.42
O4D NAD MC . 68.52 -72.28 -39.48
C3D NAD MC . 69.16 -74.18 -40.66
O3D NAD MC . 68.99 -75.70 -40.82
C2D NAD MC . 68.07 -73.46 -41.38
O2D NAD MC . 66.87 -74.15 -41.31
C1D NAD MC . 67.96 -72.10 -40.60
N1N NAD MC . 68.67 -71.01 -41.36
C2N NAD MC . 68.11 -70.52 -42.52
C3N NAD MC . 68.77 -69.51 -43.23
C7N NAD MC . 68.12 -68.96 -44.56
O7N NAD MC . 68.69 -68.13 -45.19
N7N NAD MC . 66.80 -69.45 -44.99
C4N NAD MC . 69.97 -69.03 -42.78
C5N NAD MC . 70.52 -69.53 -41.62
C6N NAD MC . 69.86 -70.53 -40.92
H51A NAD MC . 74.64 -68.17 -38.10
H52A NAD MC . 76.08 -68.57 -38.62
H4B NAD MC . 75.50 -69.30 -35.95
H3B NAD MC . 75.05 -67.05 -36.39
HO3A NAD MC . 75.85 -66.68 -34.32
H2B NAD MC . 76.95 -66.64 -37.68
HO2A NAD MC . 77.66 -65.08 -36.67
H1B NAD MC . 78.62 -67.75 -35.71
H8A NAD MC . 78.38 -68.24 -39.50
H61A NAD MC . 84.28 -67.40 -39.21
H62A NAD MC . 83.47 -66.39 -39.96
H2A NAD MC . 82.61 -66.56 -35.16
H51N NAD MC . 70.03 -74.10 -37.68
H52N NAD MC . 70.74 -74.75 -38.94
H4D NAD MC . 68.25 -74.36 -39.03
H3D NAD MC . 70.02 -73.89 -40.96
HO3N NAD MC . 69.46 -75.97 -41.47
H2D NAD MC . 68.33 -73.29 -42.31
HO2N NAD MC . 66.24 -73.65 -41.56
H1D NAD MC . 67.02 -71.86 -40.48
H2N NAD MC . 67.30 -70.85 -42.83
H71N NAD MC . 66.44 -69.16 -45.71
H72N NAD MC . 66.39 -70.05 -44.53
H4N NAD MC . 70.41 -68.36 -43.26
H5N NAD MC . 71.34 -69.20 -41.32
H6N NAD MC . 70.24 -70.88 -40.14
#